data_6R7Q
#
_entry.id   6R7Q
#
_cell.length_a   1
_cell.length_b   1
_cell.length_c   1
_cell.angle_alpha   90
_cell.angle_beta   90
_cell.angle_gamma   90
#
_symmetry.space_group_name_H-M   'P 1'
#
loop_
_entity.id
_entity.type
_entity.pdbx_description
1 polymer '40S ribosomal protein S30'
2 polymer '40S ribosomal protein S7'
3 polymer '40S ribosomal protein S8'
4 polymer 'Ribosomal protein S9 (Predicted)'
5 polymer 'Ribosomal protein S11'
6 polymer 'Ribosomal protein S28'
7 polymer uS10
8 polymer eS21
9 polymer uS13
10 polymer '40S ribosomal protein S27'
11 polymer eS17
12 polymer eS26
13 polymer uS11
14 polymer eS31
15 polymer 'X-box-binding protein 1'
16 polymer P-tRNA
17 polymer E-tRNA
18 polymer 'messenger RNA'
19 polymer '28S ribosomal RNA'
20 polymer 'ribosomal protein RACK1'
21 polymer '5S ribosomal RNA'
22 polymer '5.8S ribosomal RNA'
23 polymer uS14
24 polymer eS24
25 polymer 'ribosomal protein eS25'
26 polymer eS19
27 polymer 'ribosomal protein uS15'
28 polymer '40S ribosomal protein S12'
29 polymer uL2
30 polymer uL3
31 polymer uL4
32 polymer '60S ribosomal protein L5'
33 polymer '60S ribosomal protein L6'
34 polymer uL30
35 polymer eL8
36 polymer uL6
37 polymer 'Ribosomal protein L10 (Predicted)'
38 polymer 'Ribosomal protein L11'
39 polymer '18S ribosomal RNA'
40 polymer '60S ribosomal protein L13'
41 polymer 'Ribosomal protein L14'
42 polymer 'Ribosomal protein L15'
43 polymer uL13
44 polymer uL22
45 polymer eL18
46 polymer eL19
47 polymer eL20
48 polymer eL21
49 polymer eL22
50 polymer eL14
51 polymer 'Ribosomal protein L24'
52 polymer uL23
53 polymer 'Ribosomal protein L26'
54 polymer '60S ribosomal protein L27'
55 polymer eS10
56 polymer uL15
57 polymer eL29
58 polymer eL30
59 polymer eL31
60 polymer eL32
61 polymer eL33
62 polymer eL34
63 polymer uL29
64 polymer '60S ribosomal protein L36'
65 polymer 'Ribosomal protein L37'
66 polymer eL38
67 polymer eL39
68 polymer eL40
69 polymer '60s ribosomal protein l41'
70 polymer eL42
71 polymer 'ribosomal protein eL43'
72 polymer uS2
73 polymer eL28
74 polymer '60S acidic ribosomal protein P0'
75 polymer uL11
76 polymer '40S ribosomal protein S3a'
77 polymer uS5
78 polymer 'Ribosomal protein S3'
79 polymer '40S ribosomal protein S4'
80 polymer 'Ribosomal protein S5'
81 polymer '40S ribosomal protein S6'
82 polymer 'Ribosomal protein S15a'
83 polymer 'Ribosomal protein S16'
84 polymer 'Ribosomal protein S23'
85 polymer uS19
86 polymer 'Protein transport protein Sec61 subunit alpha isoform 1'
87 polymer 'Protein transport protein Sec61 subunit gamma'
88 polymer 'Protein transport protein Sec61 subunit beta'
89 non-polymer 'ZINC ION'
90 non-polymer 'MAGNESIUM ION'
#
loop_
_entity_poly.entity_id
_entity_poly.type
_entity_poly.pdbx_seq_one_letter_code
_entity_poly.pdbx_strand_id
1 'polypeptide(L)' SLARVGKVRGQTLKVAKQEKKKKRTGRAKRRMQYNRRFVNVVPTFGKKKGPNANS AA
2 'polypeptide(L)'
;AKIVKPNGEKPDEFESGISQALLELEMNSDLKAQLRELNITAAKEIEVGGGRKAIIIFVPVPQLKSFQKIQVRLVRELEK
KFSGKHVVFIAQRRILPKPTRKSRTKNKQKRPRSRTLTAVHDAILEDLVFPSEIVGKRIRVKLDGSRLIKVHLDKAQQNN
VEHKVETFSGVYKKLTGKDVNFEFPEFQL
;
BB
3 'polypeptide(L)'
;GISRDNWHKRRKTGGKRKPYHKKRKYELGRPAANTKIGPRRIHTVRVRGGNKKYRALRLDVGNFSWGSECCTRKTRIIDV
VYNASNNELVRTKTLVKNCIVLIDSTPYRQWYESHYALPLGRKKGAKLTPEEEEILNKKRSKKIQKKYDERKKNAKISSL
LEEQFQQGKLLACIASRPGQCGRADGYVLEGKELEFYLRKIKARKG
;
CC
4 'polypeptide(L)'
;PVARSWVCRKTYVTPRRPFEKSRLDQELKLIGEYGLRNKREVWRVKFTLAKIRKAARELLTLDEKDPRRLFEGNALLRRL
VRIGVLDEGKMKLDYILGLKIEDFLERRLQTQVFKLGLAKSIHHARVLIRQRHIRVRKQVVNIPSFIVRLDSQKHIDFSL
RSPYGGGRPGRVKRKNAKKGQGGAG
;
DD
5 'polypeptide(L)'
;DIQTERAYQKQPTIFQNKKRVLLGETGKEKLPRYYKNIGLGFKTPKEAIEGTYIDKKCPFTGNVSIRGRILSGVVTKMKM
QRTIVIRRDYLHYIRKYNRFEKRHKNMSVHLSPCFRDVQIGDIVTVGECRPLSKTVRFNVLKVTKAAGTKK
;
EE
6 'polypeptide(L)' QPIKLARVTKVLGRTGSQGQCTQVRVEFMDDTSRSIIRNVKGPVREGDVLTLLESEREARRL FF
7 'polypeptide(L)'
;HRIRITLTSRNVKSLEKVCADLIRGAKEKNLKVKGPVRMPTKTLRITTRKTPCGEGSKTWDRFQMRIHKRLIDLHSPSEI
VKQITSISIEPGVEVEVTIA
;
GG
8 'polypeptide(L)'
;MQNDAGEFVDLYVPRKCSASNRIIGAKDHASIQMNVAEVDKVTGRFNGQFKTYAICGAIRRMGESDDSILRLAKADGIVS
KNF
;
HH
9 'polypeptide(L)'
;SLVIPEKFQHILRVLNTNIDGRRKIAFAITAIKGVGRRYAHVVLRKADIDLTKRAGELTEDEVERVITIMQNPRQYKIPD
WFLNRQKDVKDGKYSQVLANGLDNKLREDLERLKKIRAHRGLRHFWGLRVRGQHTKTTGRRGRT
;
II
10 'polypeptide(L)'
;PLAKDLLHPSPEEEKRKHKKKRLVQSPNSYFMDVKCPGCYKITTVFSHAQTVVLCVGCSTVLCQPTGGKARLTEGCSFRR
KQH
;
JJ
11 'polypeptide(L)'
;GRVRTKTVKKAARVIIEKYYTRLGNDFHTNKRVCEEIAIIPSKKLRNKIAGYVTHLMKRIQRGPVRGISIKLQEEERERR
DNYVPEVSALDQEIIEVDPDTKEMLKLLDFGSLSNLQVTQPTVGMNFKTPRG
;
KK
12 'polypeptide(L)'
;TKKRRNNGRAKKGRGHVQPIRCTNCARCVPKDKAIKKFVIRNIVEAAAVRDISEASVFDAYVLPKLYVKLHYCVSCAIHS
KVVRNRSREARKDRTPPPRFR
;
LL
13 'polypeptide(L)'
;SLGPQVAEGENVFGVCHIFASFNDTFVHVTDLSGKETICRVTGGMKVKADRDESSPYAAMLAAQDVAQRCKELGITALHI
KLRATGGNRTKTPGPGAQSALRALARSGMKIGRIEDVTPIPSDSTRRKGGRRGRRL
;
MM
14 'polypeptide(L)' KSYTTPKKNKHKRKKVKLAVLKYYKVDENGKISRLRRECPSDECGAGVFMASHFDRHYCGKCCLTYCF 0
15 'polypeptide(L)' DPVPYQPPFLCQWGRHQPAWKPLM 1
16 'polyribonucleotide' GCUUCCGUAGUGCAGCGGCAGCACGUUAGGCUCAUAAUCUAAAGGUCCUUGGUUCGAAACCAUCCGGGGGCACCA 2
17 'polyribonucleotide' GCCCGGAUAGCUCAGCUGUAGAGCAUCAGACUUAAAAUCUGAGGGUCCAGGGUUCAAGUCCCUGUUCGGGCGCCA 3
18 'polyribonucleotide' UUAAUG 4
19 'polyribonucleotide'
;CGCGACCUCAGAUCAGACGUGGCGACCCGCUGAAUUUAAGCAUAUUAGUCAGCGGAGGAAAAGAAACUAACCAGGAUUCC
CUCAGUAACGGCGAGUGAACAGGGAAGAGCCCAGCGCCGAAUCCCCGCCCCGCGGCGGGGCGCGGGAAAUGUGGCGUACG
GAAGACCCACUCCCCGGCGCCGGGGGGCCCAAGUCCUUCUGAUCGAGGCCCAGCCCGUGGACGGUGUGAGGCCGGUAGCG
GCCCCCGGCGCGCCGGGCCCGGGUCUUCCCGGAGUCGGGUUGCUUGGGAAUGCAGCCCAAAGCGGGUGGUAAACUCCAUC
UAAGGCUAAAUACCGGCACGAGACCGAUAGUCAACAAGUACCGUAAGGGAAAGUUGAAAAGAACUUUGAAGAGAGAGUUC
AAGAGGGCGUGAAACCGUUAAGAGGUAAACGGGUGGGGUCCGCGCAGUCCGCCCGGAGGAUUCAACCCGGCGGCGCGGUC
CGGCCGUGCCGGCGGGGCGGAUCUCCCGCUCCCGUCGGCGGGGGACCGCCCCCCGGCCGGCGACCGGCCGCCGCCGGGCG
CAUUUCCACCGCGGCGGUGCGCCGCGACCGGCUCCGGGACGGCUGGGAAGGCCCCGGCGGGGAAGGUGGCCCGGGGGCCC
CGGGUGUUACAGCCCCGCCCCGGCAGCAGCAGCUCGCCGAAUCCCGGGGCCGAGGGAGCGAGACCCGUGCGCCGCGCUCU
CCCCCCUCGGGGGGGCCGGGCCACCCCUCCCACGGCGCGACCGCUGGGGCGGACUGUCCAGUGCGCCCCGGGCGGGUCGC
GCCGUCGGGCCCGGGGGGCCACGCGUCCCCCGCGAGCGCACGGGGUCGGCGGCGAUGUCGGCUACCCACCCGACCCGUCU
UGAAACACGGACCAAGGAGUCUAACACGUGCGCGAGUCGGGGGCUACGAAAGCCGCCGUGGCGCAAUGAAGGUGAAGGCC
GGCGGCGGCGCCGCCGGCCGAGGUGGGAUCCCGAGGCCUUCCAGUCCGCCGAGGGCGCACCACCGGCCCGUCUCGCCCGC
CGCGCCGGGGAGGUGGAGCACGAGCGCACGUGUUAGGACCCGAAAGAUGGUGAACUAUGCCUGGGCAGGGCGAAGCCAGA
GGAAACUCUGGUGGAGGUCCGUAGCGGUCCUGACGUGCGAAUCGGUCGUCCGACCUGGGUAUAGGGGCGAAAGACUAAUC
GAACCAUCUAGUAGCUGGUUCCCUCCAAAGUUUCCCUCAGGAUAGCUGGCGCUCUCCGCAGUUUUAUCCGGUAAAGCGAA
UGAUUAGAGGUCUUGGGGCCGAAACGAUCUCAACCUAUUCUCAAACUUUAAAUGGGUAAGAAGCCCGGCUCGCUGGUGUG
GAGCCGGGCGUGGAAUGCGAGUGCCUAGUGGGCCACUUUUGGUAAGCAGAACUGGCGCUGCGGGAUGAACCGAACGCCGG
GUUAAGGCGCCCGAUGCCGACGCUCAUCAGACCCCAGAAAAGGUGUUGGUUGAUAUAGACAGCAGGAUGGUGGCCAUGGA
AGUCGGAAUCCGCUAAGGAGUGUGUAACAACUCACCUGCCGAAUCAACUAGCCCUGAAAAUGGAUGGCGCUGGAGCGUCG
GGCCCAUACCCGGCCGUCGCUGGCAGUCGGCAGAGCGAGAAAGAGAGUGGCGCGGACGCUACGCCGCGACGAGUAGGAGG
GCCGCUGCGGUGAGCCUUGAAGCCUAGGGCGCGGGCCCGGGUGGAGCCGCCGCAGGUGCAGAUCUUGGUGGUAGUAGCAA
AUAUUCAAACGAGAACUUUGAAGGCCGAAGUGGAGAAGGGUUCCAUGUGAACAGCAGUUGAACAUGGGUCAGUCGGUCCU
GAGAGAUGGGCGAGCGCCGUUCCGAAGGGACGGGCGAUGGCCUCCGUUGCCCUCAGCCGAUCGAAAGGGAGUCGGGUUCA
GAUCCCCGAAUCCGGAGUGGCGGAGAUGGGCGCCGCGAGGCGUCCAGUGCGGUAACGCGACCGAUCCCGGAGAAGCCGGC
GGGAGCCCCGGGGAGAGUUCUCUUUUCUUUGUGAAGGGCAGGGCGCCCUGGAAUGGGUUCGCCCCGAGAGAGGGGCCCGU
GCCUUGGAAAGCGUCGCGGUUCCGGCGGCGUCCGGUGAGCUCUCGCUGGCCCUUGAAAAUCCGGGGGAGAGGGUGUAAAU
CUCGCGCCGGGCCGUACCCAUAUCCGCAGCAGGUCUCCAAGGUGAACAGCCUCUGGCAUGUUGGAACAAUGUAGGUAAGG
GAAGUCGGCAAGCCGGAUCCGUAACUUCGGGAUAAGGAUUGGCUCUAAGGGCUGGCAGCCGACUUAGAACUGGUGCGGAC
CAGGGGAAUCCGACUGUUUAAUUAAAACAAAGCAUCGCGAAGGCCCGCGGCGGGUGUUGACGCGAUGUGAUUUCUGCCCA
GUGCUCUGAAUGUCAAAGUGAAGAAAUUCAAUGAAGCGCGGGUAAACGGCGGGAGUAACUAUGACUCUCUUAAGGUAGCC
AAAUGCCUCGUCAUCUAAUUAGUGACGCGCAUGAAUGGAUGAACGAGAUUCCCACUGUCCCUACCUACUAUCCAGCGAAA
CCACAGCCAAGGGAACGGGCUUGGCGGAAUCAGCGGGGAAAGAAGACCCUGUUGAGCUUGACUCUAGUCUGGCACGGUGA
AGAGACGUUUUUUCACUGACCCGGUGAGGCGGGGGGGCGAGCCGGGCUCUCGCUUCUGGCGCCAAGCGCCCGGCCGGCCG
GGCGCGACCCGCUCCGGGGACAGUGCCAGGUGGGGAGUUUGACUGGGGCGGUACACCUGUCAAACGGUAACGCAGGUGUC
CUAAGGCGAGCUCAGGGAGGACAGAAACCUCCCGUGGAGCAGAAGGGCAAAAGCUCGCUUGAUCUUGAUUUUCAGUACGA
AUACAGACCGUGAAAGCGGGGCCUCACGAUCCUUCUGACCUUUUGGGUUUUAAGCAGGAGGUGUCAGAAAAGUUACCACA
GGGAUAACUGGCUUGUGGCGGCCAAGCGUUCAUAGCGACGUCGCUUUUUGAUCCUUCGAUGUCGGCUCUUCCUAUCAUUG
UGAAGCAGAAUUCACCAAGCGUUGGAUUGUUCACCCACUAAUAGGGAACGUGAGCUGGGUUUAGACCGUCGUGAGACAGG
UUAGUUUUACCCUACUGAUGAUGUGUUGUUGCCAUGGUAAUCCUGCUCAGUACGAGAGGAACCGCAGGUUCAGACAUUUG
GUGUAUGUGCUUGGCUGAGGAGCCAAUGGGGCGAAGCUACCAUCUGUGGGAUUAUGACUGAACGCCUCUAAGUCAGAAUC
CCGCCCAGGCGGAACGAUAGCGCCGGAGCCUCGGUUGGCCUCGGAUAGCCGGUCCCCCGCCGGGGUCCGGUGCGGAGAGC
CCUUCGUCCCGGGAAACGGGGCGGCCGGAAAGGGGGCCGCCCUCUCGCCCGUCACGCACCGCACGUUCGUGGGGAACCUG
GCGCUAAACCAUUCGUAGACGACCUGCUUCUGGGUCGGGGUUUCGUACGUAGCAGAGCAGCUGCUGCGAUCUAUUGAAAG
UCAGCCCUCGACACAAGGGUUUGU
;
5
20 'polypeptide(L)'
;TEQMTLRGTLKGHNGWVTQIATTPQFPDMILSASRDKTIIMWKLTRDETNYGIPQRALRGHSHFVSDVVISSDGQFALSG
SWDGTLRLWDLTTGTTTRRFVGHTKDVLSVAFSSDNRQIVSGSRDKTIKLWNTLGVCKYTVQDESHSEWVSCVRFSPNSS
NPIIVSCGWDKLVKVWNLANCKLKTNHIGHTGYLNTVTVSPDGSLCASGGKDGQAMLWDLNEGKHLYTLDGGDIINALCF
SPNRYWLCAATGPSIKIWDLEGKIIVDELKQEVISTSSKAEPPQCTSLAWSADGQTLFAGYTDNLVRVWQVTI
;
6
21 'polyribonucleotide'
;GUCUACGGCCAUACCACCCUGAACGCGCCCGAUCUCGUCUGAUCUCGGAAGCUAAGCAGGGUCGGGCCUGGUUAGUACUU
GGAUGGGAGACCGCCUGGGAAUACCGGGUGCUGUAGGCUU
;
7
22 'polyribonucleotide'
;CGACUCUUAGCGGUGGAUCACUCGGCUCGUGCGUCGAUGAAGAACGCAGCUAGCUGCGAGAAUUAAUGUGAAUUGCAGGU
UGAUCAUCGACACUUCGAACGCACUUGCGGCCCCGGGUUCCUCCCGGGGCUACGCCUGUCUGAGCGUCGCU
;
8
23 'polypeptide(L)' GHQQLYWSHPRKFGQGSRSCRVCSNRHGLIRKYGLNMCRQCFRQYAKDIGFIKLD 9
24 'polypeptide(L)'
;TVTIRTRKFMTNRLLQRKQMVIDVLHPGKATVPKTEIREKLAKMYKTTPDVIFVFGFRTHFGGGKTTGFGMIYDSLDYAK
KNEPKHRLARHGLYEKKKTSRKQRKERKNRMKKVRGTAKANVGA
;
NN
25 'polypeptide(L)' RDKLNNLVLFDKATYDKLCKEVPNYKLITPAVVSERLKIRGSLARAALQELLSKGLIKLVSKHRAQVIYTRNTKG OO
26 'polypeptide(L)'
;GVTVKDVNQQEFVRALAAFLKKSGKLKVPEWVDTVKLAKHKELAPYDENWFYTRAASTARHLYLRGGAGVGSMTKIYGGR
QRNGVMPSHFSRGSKSVARRVLQALEGLKMVEKDQDGGRKLTPQGQRDLDRIAGQVAAAKK
;
PP
27 'polypeptide(L)'
;GRMHAPGKGLSQSALPYRRSVPTWLKLTSDDVKEQIYKLAKKGLTPSQIGVILRDSHGVAQVRFVTGNKILRILKSKGLA
PDLPEDLYHLIKKAVAVRKHLERNRKDKDAKFRLILIESRIHRLARYYKTKRVLPPNWKYESSTASALV
;
QQ
28 'polypeptide(L)'
;VNTALQEVLKTALIHDGLARGIREAAKALDKRQAHLCVLASNCDEPMYVKLVEALCAEHQINLIKVDDNKKLGEWVGLCK
IDREGKPRKVVGCSCVVVKDYGKESQAKDVIEEYFKC
;
RR
29 'polypeptide(L)'
;GRVIRGQRKGAGSVFRAHVKHRKGAARLRAVDFAERHGYIKGIVKDIIHDPGRGAPLAKVVFRDPYRFKKRTELFIAAEG
IHTGQFVYCGKKAQLNIGNVLPVGTMPEGTIVCCLEEKPGDRGKLARASGNYATVISHNPETKKTRVKLPSGSKKVISSA
NRAVVGVVAGGGRIDKPILKAGRAYHKYKAKRNCWPRVRGVAMNPVEHPFGGGNHQHIGKPSTIRRDAPAGRKVGLIAAR
RTGRLRGT
;
A
30 'polypeptide(L)'
;SHRKFSAPRHGSLGFLPRKRSSRHRGKVKSFPKDDPSKPVHLTAFLGYKAGMTHIVREVDRPGSKVNKKEVVEAVTIVET
PPMVVVGIVGYVETPRGLRTFKTVFAEHISDECKRRFYKNWHKSKKKAFTKYCKKWQDDAGKRQLDKDFSSMKKYCQVIR
VLAHTQMRLLPLRQKKAHLMEIQVNGGTVAEKLDWARERLEQQVPVSQVFGQDEMIDVIGVTKGKGYKGVTSRWHTKKLP
RKTHRGLRKVACIGAWHPARVAFSVARAGQKGYHHRTEINKKIYKIGQGYLIKDGKLIKNNASTDYDLSDKSINPLGGFV
HYGEVTNDFVMLKGCVVGTKKRVLTLRKSLLVQTKRRALEKIDLKFIDTTSKFGHGRFQTVEEKKAFMGPLKKD
;
B
31 'polypeptide(L)'
;ACARPLISVYSEKGESSGKNVTLPAVFKAPIRPDIVNFVHTNLRKNNRQPYAVSELAGHQTSAESWGTGRAVARIPRVRG
GGTHRSGQGAFGNMCRGGRMFAPTKTWRRWHRRVNTTQKRYAICSALAASALPALVMSKGHRIEEVPELPLVVEDKVEGY
KKTKEAVLLLKKLKAWNDIKKVYASQRMRAGKGKMRNRRRIQRRGPCVIYNEDNGIVKAFRNIPGITLLNVTKLNILKLA
PGGHVGRFCIWTESAFRKLDDLYGTWRKAASLKSNYNLPMHKMLNTDLSRILKSPEIQRALRAPRKKIHRRVLKKNPLKN
LRIMLKLNPYAKTMRRNTILRQARNHKLRVERAAAALAAKSD
;
C
32 'polypeptide(L)'
;FVKVVKNKAYFKRYQVKFRRRREGKTDYYARKRLVIQDKNKYNTPKYRMIVRVTNRDIICQIAYARIEGDMIVCAAYAHE
LPKYGVKVGLTNYAAAYCTGLLLARRLLNRFGMDKIYEGQVEVTGDEYNVESIDGQPGAFTCYLDAGLARTTTGNKVFGA
LKGAVDGGLSIPHSTKRFPGYDSESKEFNAEVHRKHIMGQNVADYMRYLMEEDEDAYKKQFSQYIKNNVTPDMMEEMYKK
AHAAIRENPVYEKKPKREVKKKRWNRPKMSLAQKKDRVAQKKASFLRAQERAA
;
D
33 'polypeptide(L)'
;KGKPHCSRNPVLVRGIGRYSRSAMYSRKALYKRKYAAPKSRIERKKKREKVLATVTKPVGGDKNGGTRVVKLRKMPRYYP
TEDVPRKLLSHGKKPFSQHVRKLRASITPGTILIILTGRHRGKRVVFLKQLSSGLLLVTGPLSLNRVPLRRTHQKFVIAT
STKIDISGVKIPKHLTDAYFKKKKLRKPRHQEGEIFDTEKEKYEITEQRKVDQKAVDSQILPKIKAVPQLQGYLRSVFAL
TNGVYPHKLVF
;
E
34 'polypeptide(L)'
;NFAELKIKRLRKKFAQKMLRKARRKLIYEKAKHYHKEYRQMYRTEIRMARMARKAGNFYVPAEPKLAFVIRIRGINGVSP
KVRKVLQLLRLRQIFNGTFVKLNKASINMLRIVEPYIAWGYPNLKSVNELIYKRGYGKINKKRIALTDNTLIARSLGKYN
IICMEDLIHEIYTVGKHFKEANNFLWPFKLSSPRGGMKKKTTHFVEGGDAGNREDQINRLIRRMN
;
F
35 'polypeptide(L)'
;VVNPLFEKRPKNFGIGQDIQPKRDLTRFVKWPRYIRLQRQRAILYKRLKVPPAINQFTQVLDRQTATQLLKLAHKYRPET
KQEKKQRLLARAEKKAAGKGDVPTKRPPVLRAGVNTVTTLVENKKAQLVVIAHDVDPIELVVFLPALCRKMGVPYCILKG
KARLGRLVHRKTCTTVAFTQVNSEDKGALAKLVEAIRTNYNDRYDEIRRHWGGNVLGPKSVARIAKLEKAKAKELATKLG
;
G
36 'polypeptide(L)'
;MKTILSNQTVDIPENVDISLKGRTVIVKGPRGTLRRDFNHINVELSLLGKKKKRLRVDKWWGNRKELATVRTICSHVQNM
IKGVTLGFRYKMRSVYAHFPINVVIQENGSLVEIRNFLGEKYIRRVRMRPGVACSVSQAQKDELVLEGNDIELVSNSAAL
IQQATTVKNKDIRKFLDGIYVSEKGTVQQA
;
H
37 'polypeptide(L)'
;GRRPARCYRYCKNKPYPKSRFCRGVPDAKIRIFDLGRKKAKVDEFPLCGHMVSDEYEQLSSEALEAARICANKYMVKSCG
KDGFHIRVRLHPFHVIRINKMLSCAGADRLQTGMRGAFGKPQGTVARVHIGQVIMSIRTKLQNKEHVVEALRRAKFKFPG
RQKIHISKKWGFTKFNADEFEDMVAEKRLIPDGCGVKYIPNRGPLDKWRALHS
;
I
38 'polypeptide(L)'
;KENPMRELRIRKLCLNICVGESGDRLTRAAKVLEQLTGQTPVFSKARYTVRSFGIRRNEKIAVHCTVRGAKAEEILEKGL
KVREYELRKNNFSDTGNFGFGIQEHIDLGIKYDPSIGIYGLDFYVVLGRPGFSIADKKRRTGCIGAKHRISKEEAMRWFQ
QKYDGIILPG
;
J
39 'polyribonucleotide'
;UACCUGGUUGAUCCUGCCAGUAGCAUAUGCUUGUCUCAAAGAUUAAGCCAUGCAUGUCUAAGUACGCACGGCCGGUACAG
UGAAACUGCGAAUGGCUCAUUAAAUCAGUUAUGGUUCCUUUGGUCGCUCGUACUUGGAUAACUGUGGUAAUUCUAGAGCU
AAUACAUGCCGACGGGCGCUGACCCCCUUCGCGGGGGGGAUGCGUGCAUUUAUCAGUGGUGACUCUAGAUAACCUCGGGC
CGAUCGCACGCCCGGCGGCGACGACCCAUUCGAACGUCUGCCCUAUCAACUUUCGAUGGUAGUCGCCGUGCCUACCAUGG
UGACCACGGGUGACGGGGAAUCAGGGUUCGAUUCCGGAGAGGGAGCCUGAGAAACGGCUACCACAUCCAAGGAAGGCAGC
AGGCGCGCAAAUUACCCACUCCCGACCCGGGGAGGUAGUGACGAAAAAUAACAAUACAGGACUCUUUCGAGGCCCUGUAA
UUGGAAUGAGUCCACUUUAAAUCCUUUAACGAGGAUCCAUUGGAGGGCAAGUCUGGUGCCAGCAGCCGCGGUAAUUCCAG
CUCCAAUAGCGUAUAUUAAAGUUGCUGCAGUUAAAAAGCUCGUAGUUGGAUCUUGGGAGCGGCCGUCCCCUGCUCGGCGC
CGGCCCGAAGCGUUUACUUUGAAAAAAUUAGAGUGUUCAAAGCAGGCCGCCUGGAUACCGCAGCUAGGAAUAAUGGAAUA
GGACCGCGGUUCUAUUUUGUUGGUUUUCGGAACUGAGGCCAUGAUUAAGAGGGACGGCCGGGGGCAUUCGUAUUGCGCCG
CUAGAGGUGAAAUUCUUGGACCGGCGCAAGACGGACCAGAGCGAAAGCAUUUGCCAAGAAUGUUUUCAUUAAUCAAGAAC
GAAAGUCGGAGGUUCGAAGACGAUCAGAUACCGUCGUAGUUCCGACCAUAAACGAUGCCGACUGGCGAUGCGGCGGCGUU
AUUCCCAUGACCCGCCGGGCAGCUUCCGGGAAACCAAAGUCUUUGGGUUCCGGGGGGAGUAUGGUUGCAAAGCUGAAACU
UAAAGGAAUUGACGGAAGGGCACCACCAGGAGUGGAGCCUGCGGCUUAAUUUGACUCAACACGGGAAACCUCACCCGGCC
CGGACACGGACAGGAUUGACAGAUUGAUAGCUCUUUCUCGAUUCCGUGGGUGGUGGUGCAUGGCCGUUCUUAGUUGGUGG
AGCGAUUUGUCUGGUUAAUUCCGAUAACGAACGAGACUCUGGCAUGCUAACUAGUUACGCGACCCCGGUCGGCGUAACUU
CUUAGAGGGACAAGUGGCGUUCAGCCACCCGAGAUUGAGCAAUAACAGGUCUGUGAUGCCCUUAGAUGUCCGGGGCUGCA
CGCGCGCUACACUGACUGGCUCAGCGUGUGCCUACCCUACGCCGGCAGGCGCGGGUAACCCGUUGAACCCCAUUCGUGAU
GGGGAUCGGGGAUUGCAAUUAUUCCCCAUGAACGAGGAAUUCCCAGUAAGUGCGGGUCAUAAGCUUGCGUUGAUUAAGUC
CCUGCCCUUUGUACACACCGCCCGUCGCUACUACCGAUUGGAUGGUUUAGUGAGGCCCUCGGAUCGGCCCCGCCGGGGUG
CCCUGGCGGAGCGCUGAGAAGACGGUCGAACUUGACUAUCUAGAGGAAGUAAAAGUCGUAACAAGGUUUCCGUAGGUGAA
CCUGCGGAAGGAUCAUUA
;
K
40 'polypeptide(L)'
;APSRNGMILKPHFHKDWQRRVATWFNQPARKIRRRKARQARARRIAPRPAAGPIRPIVRCPTVRYHTKVRAGRGFSLEEL
RVAGIHKKVARTIGISVDPRRRNKSTESLQANVQRLKEYRSKLVLFPRKPSAPKKGDSSAEELKLATQLTGPVMPIRNVF
KKEKARVITEEEKNFKAFASLRMARANARLFGIRAKRAKEAAEQDVEKKK
;
L
41 'polypeptide(L)'
;VFRRFVEVGRVAYVSFGPHAGKLVAIVDVIDQNRALVDGPCTRVRRQAMPFKCMQLTDFILKFPHSARQKYVRKAWEKAD
INTKWAATRWAKKIEARERKAKMTDFDRYKVMKAKKMRNRIIKNEVKKLQRAALLKAS
;
M
42 'polypeptide(L)'
;GAYKYIQELWRKKQSDVMRFLLRVRCWQYRQLSALHRAPRPTRPDKARRLGYKAKQGYVIYRIRVRRGGRKRPVPKGATY
GKPVHHGVNQLKFARSLQSVAEERAGRHCGALRVLNSYWVGEDSTYKFFEVILIDPFHKAIRRNPDTQWITKPVHKHREM
RGLTSAGRKSRGLGKGHKFHHTIGGSRRAAWRRRNTLQLHRYR
;
N
43 'polypeptide(L)'
;QVLVLDGRGHLLGRLAAIVAKQVLLGRKVVVVRCEGINISGNFYRNKLKYLAFLRKRMNTNPSRGPYHFRAPSRIFWRTV
RGMLPHKTKRGQAALDRLKVFDGIPPPYDKKKRMVVPAALKVVRLKPTRKFAYLGRLAHEVGWKYQAVTATLEEKRKEKA
KIHYRKKKQLMRLRKQAEKNVEKKISKFTDVLKTHGLLV
;
O
44 'polypeptide(L)'
;VRYSLDPENPTKSCKSRGSNLRVHFKNTRETAQAIKGMHIRKATKYLKDVTLKKQCVPFRRYNGGVGRCAQAKQWGWTQG
RWPKKSAEFLLHMLKNAESNAELKGLDVDSLVIEHIQVNKAPKMRRRTYRAHGRINPYMSSPCHIEMILTEKE
;
P
45 'polypeptide(L)'
;GVDIRHNKDRKVRRKEPKSQDIYLRLLVKLYRFLARRTNSTFNQVVLKRLFMSRTNRPPLSLSRMIRKMKLPGRENKTAV
VVGTVTDDVRVQEVPKLKVCALRVTSRARSRILKAGGKILTFDQLALDSPKGRGTVLLSGPRKGREVYRHFGKAPGTPHS
HTKPYVRSKGRKFERARGRRASRGYKN
;
Q
46 'polypeptide(L)'
;SMLRLQKRLASSVLRCGKKKVWLDPNETNEIANANSRQQIRKLIKDGLIIRKPVTVHSRARCRKNTLARRKGRHMGIGKR
KGTANARMPEKVTWMRRMRILRRLLRRYRESKKIDRHMYHSLYLKVKGNVFKNKRILMEHIHKLKADKARKKLLADQAEA
RRSKTKEARKRREERLQAKK
;
R
47 'polypeptide(L)'
;MKASGTLREYKVVGRCLPTPKCRTPPLYRMRIFAPNHVVAKSRFWYFVSQLKKMKKSSGEIVYCGQVFEKSPLRVKNFGI
WLRYDSRSGTHNMYREYRDLTTAGAVTQCYRDMGARHRARAHSIQIMKVEEIAASKCRRPAVKQFHDSKIKFPLPHRVLR
RQHKPRFTTKRPNTFF
;
S
48 'polypeptide(L)'
;TNTKGKRRGTRYMFSRPFRKHGVVPLATYMRIYKKGDIVDIKGMGTVQKGMPHKCYHGKTGRVYNVTQHAVGIVVNKQVK
GKILAKRINVRIEHIKHSKSRDSFLKRVKENDQKKKEAKEKGTWVQLKRQPAPPREAHFVRTNGKEPELLEPIPYEFMA
;
T
49 'polypeptide(L)'
;QLLKFTLDCTHPVEDGIMDAANFEQFLQERIKVNGKAGNLGGGVVSLERSKSKITVTSEVPFSKRYLKYLTKKYLKKNNL
RDWLRVVANTKESYELRYF
;
U
50 'polypeptide(L)'
;SGAKFRISLGLPVGAVINCADNTGAKNLYIISVKGIKGRLNRLPAAGVGDMVMATVKKGKPELRKKVHPAVVIRQRKSYR
RKDGVFLYFEDNAGVIVNNKGEMKGSAITGPVAKECADLWPRIASNAGSIA
;
V
51 'polypeptide(L)'
;MKVELCSFSGYKIYPGHGRRYARTDGKVFQFLNAKCESAFLSKRNPRQINWTVLYRRKHKKGQSEEIQKKRTRRAVKFQR
AITGASLADIMAKRNQKPEVRKAQREQAIRAAKEAKKAKQA
;
W
52 'polypeptide(L)'
;KIRTSPTFRRPKTLRLRRQPKYPRKSAPRRNKLDHYAIIKFPLTTESAMKKIEDNNTLVFIVDVKANKHQIKQAVKKLYD
IDVAKVNTLIRPDGEKKAYVRLAPDYDALDVANKIGII
;
X
53 'polypeptide(L)'
;MKFNPFVTSDRSKNRKRHFNAPSHIRRKIMSSPLSKELRQKYNVRSMPIRKDDEVQVVRGHYKGQQIGKVVQVYRKKYVI
YIERVQREKANGTTVHVGIHPSKVVITRLKLDKDRKKILERKAKSRQVGKEKGK
;
Y
54 'polypeptide(L)'
;GKFMKPGKVVLVLAGRYSGRKAVIVKNIDDGTSDRPYSHALVAGIDRYPRKVTAAMGKKKIAKRSKIKSFVKVYNYNHLM
PTRYSVDIPLDKTVVNKDVFRDPALKRKARREAKVKFEERYKTGKNKWFFQKLRF
;
Z
55 'polypeptide(L)'
;MLMPKKNRIAIYELLFKEGVMVAKKDVHMPKHPELADKNVPNLHVMKAMQSLKSRGYVKEQFAWRHFYWYLTNEGIQYLR
DYLHLPPEIVPATLRR
;
SS
56 'polypeptide(L)'
;PSRLRKTRKLRGHVSHGHGRIGKHRKHPGGRGNAGGMHHHRINFDKYHPGYFGKVGMRHYHLKRNQSFCPTVNLDKLWTL
VSEQTRVNAAKNKTGAAPIIDVVRSGYYKVLGKGKLPKQPVIVKAKFFSRRAEEKIKGVGGACVLVA
;
a
57 'polypeptide(L)'
;AKSKNHTTHNQSRKWHRNGIKKPRSQRYESLKGVDPKFLRNMRFAKKHNKKGLKKMQANNAKAMAARAEAIKALVKPKEV
KPTIPKGVSRKLHRLAYIAHPKLGRRARARIARGLR
;
b
58 'polypeptide(L)'
;SLESINSRLQLVMKSGKYVLGYKQSLKMIRQGKAKLVILANNCPALRKSEIEYYAMLAKTGVHHYSGNNIELGTACGKYY
RVCTLSIIDPGDSDIIRS
;
c
59 'polypeptide(L)'
;NEVVTREYTINIHKRIHGVGFKKRAPRALKEIRKFAMKEMGTPDVRIDTRLNKAVWAKGIRNVPYRIRVRLSRKRNEDED
SPNKLYTLVTYVPVTTFKNLQTVNVDE
;
d
60 'polypeptide(L)'
;AALRPLVKPKIVKKRTKKFIRHQSDRYVKIKRNWRKPRGIDNRVRRRFKGQILMPNIGYGSNKKTKHMLPSGFRKFLVHN
VKELEVLLMCNKSYCAEIAHNVSSKNRKAIVERAAQLAIRVTNPNARL
;
e
61 'polypeptide(L)'
;SGRLWCKAIFAGYKRGLRNQREHTALLKIEGVYARDETEFYLGKRCAYVYKAKNNTVTPGGKPNKTRVIWGKVTRAHGNS
GMVRAKFRSNLPAKAIGHRIRVMLYPSRI
;
f
62 'polypeptide(L)'
;VQRLTYRRRLSYNTASNKTRLSRTPGNRIVYLYTKKVGKAPKSACGVCPGRLRGVRAVRPKVLMRLSKTKKHVSRAYGGS
MCAKCVRDRIKRAFLIEEQKIVVKVLKAQAQSQK
;
g
63 'polypeptide(L)'
;AKIKARDLRGKKKEELLKQLDDLKVELSQLRVAKVTGGAASKLSKIRVVRKSIARVLTVINQTQKENLRKFYKGKKYKPL
DLRPKKTRAMRRRLNKHEESLKTKKQQRKERLYPLRKYAVKA
;
h
64 'polypeptide(L)'
;ALRYPMAVGLNKGHKVTKNVSKPRHSRRRGRLTKHTKFVRDMIREVCGFAPYERRAMELLKVSKDKRALKFIKKRVGTHI
RAKRKREELSSVLAAMRKAAAK
;
i
65 'polypeptide(L)'
;TKGTSSFGKRRNKTHTLCRRCGSKAYHLQKSTCGKCGYPAKRKRKYNWSAKAKRRNTTGTGRMRHLKIVYRRFRHGFREG
TTPKPK
;
j
66 'polypeptide(L)' PRKIEEIKDFLLTARRKDAKSVKIKKNKDNVKFKVRCSRYLYTLVITDKEKAEKLKQSLPPGLAVKELK k
67 'polypeptide(L)' SSHKTFRIKRFLAKKQKQNRPIPQWIWMKTGNKIRYNSKRRHWRRTKLGL l
68 'polypeptide(L)' IIEPSLRQLAQKYNCDKMICRKCYARLHPRAVNCRKKKCGHTNNLRPKKKVK m
69 'polypeptide(L)' MRAKWRKKRMRRLKRKRRKMRQRSK n
70 'polypeptide(L)'
;VNVPKTRRTFCKKCGKHQPHKVTQYKKGKDSLYAQGKRRYDRKQSGYGGQTKPIFRKKAKTTKKIVLRLECVEPNCRSKR
MLAIKRCKHFELGGDKKRKGQVIQ
;
o
71 'polypeptide(L)'
;AKRTKKVGIVGKYGTRYGASLRKMVKKIEISQHAKYTCSFCGKTKMKRRAVGIWHCGSCMKTVAGGAWTYNTTSAVTVKS
AIRRLKELKDQ
;
p
72 'polypeptide(L)'
;SGALDVLQMKEEDVLKFLAAGTHLGGTNLDFQMEQYIYKRKSDGIYIINLKRTWEKLLLAARAIVAIENPADVSVISSRN
TGQRAVLKFAAATGATPIAGRFTPGTFTNQIQTAFREPRLLVVTDPRADHQPLTEASYVNLPTIALCNTDSPLRYVDIAI
PCNNKGAHSVGLMWWMLAREVLRMRGTISREHPWEVMPDLYFYRDPEEIEKEEQAAA
;
q
73 'polypeptide(L)'
;SAHLQWMVVRNCSSFLIKRNKQTYSTEPNNLKARNSFRYNGLIHRKTVGVEPAADGKGVVVVMKRRSGQRKPATSYVRTT
INKNARATLSSIRHMIRKNKYHPDLRMAAIRRASAILRSQKPVM
;
r
74 'polypeptide(L)'
;DRATWKSNYFLKIIQLLDDYPKCFIVGADNVGSKQMQQIRMSLRGKAVVLMGKNTMMRKAIRGHLENNPALEKLLPHIRG
NVGFVFTKEDLTEIRDMLLANKVPAAARAGAIAPCEVTVPAQNTGLGPEKTSFFQALGITTKISRGTIEILSDVQLIKTG
DKVGASEATLLNMLNISPFSFGLIIQQVFDNGSIYN
;
s
75 'polypeptide(L)'
;EIKVVYLRCTGGEVGATSALAPKIGPLGLSPKKVGDDIAKATGDWKGLRITVKLTIQNRQAQIEVVPSASALIIKALKEP
PRDRKKQKNIKHSGNITFDEIVNIARQMRHRSLARELSGTIKEILGTAQSVGCNVDGRHPHDIIDDINSGAVE
;
t
76 'polypeptide(L)'
;VVDPFSKKDWYDVKAPAMFNIRNIGKTLVTRTQGTKIASDGLKGRVFEVSLADLQNDEVAFRKFKLITEDVQGKNCLTNF
HGMDLTRDKMCSMVKKWQTMIEAHVDVKTTDGYLLRLFCVGFTKKRNNQIRKTSYAQHQQVRQIRKKMMEIMTREVQTND
LKEVVNKLIPDSIGKDIEKACQSIYPLHDVFVRKVKMLKKPKFELGKLMELHG
;
u
77 'polypeptide(L)'
;KEWLPVTKLGRLVKDMKIKSLEEIYLFSLPIKESEIIDFFLGASLKDEVLKIMPVQKQTRAGQRTRFKAFVAIGDYNGHV
GLGVKCSKEVATAIRGAIILAKLSIVPVRRGYWGNKIGKPHTVPCKVTGRCGSVLVRLIPAPRGTGIVSAPVPKKLLMMA
GIDDCYTSARGCTATLGNFAKATFDAISKTYSYLTPDLWKETVFTKSPYQEFTDHLVKTHT
;
v
78 'polypeptide(L)'
;MAVQISKKRKFVADGIFKAELNEFLTRELAEDGYSGVEVRVTPTRTEIIILATRTQNVLGEKGRRIRELTAVVQKRFGFP
EGSVELYAEKVATRGLCAIAQAESLRYKLLGGLAVRRACYGVLRFIMESGAKGCEVVVSGKLRGQRAKSMKFVDGLMIHS
GDPVNYYVDTAVRHVLLRQGVLGIKVKIMLPWDPSGKIGPKKPLPDHVSIVEPKDEILPTTPISEQKG
;
w
79 'polypeptide(L)'
;ARGPKKHLKRVAAPKHWMLDKLTGVFAPRPSTGPHKLRECLPLIIFLRNRLKYALTGDEVKKICMQRFIKIDGKVRTDIT
YPAGFMDVISIDKTGENFRLIYDTKGRFAVHRITPEEAKYKLCKVRKIFVGTKGIPHLVTHDARTIRYPDPLIKVNDTIQ
IDLETGKITDFIKFDTGNLCMVTGGANLGRIGVITNRERHPGSFDVVHVKDANGNSFATRLSNIFVIGKGNKPWISLPRG
KGIRLTIAEERDKRLAAKQSSG
;
x
80 'polypeptide(L)'
;TPDIKLFGKWSTDDVQINDISLQDYIAVKEKYAKYLPHSAGRYAAKRFRKAQCPIVERLTNSMMMHGRNNGKKLMTVRIV
KHAFEIIHLLTGENPLQVLVNAIINSGPREDSTRIGRAGTVRRQAVDVSPLRRVNQAIWLLCTGAREAAFRNIKTIAECL
ADELINAAKGSSNSYAIKKKDELERVAKSNR
;
y
81 'polypeptide(L)'
;MKLNISFPATGCQKLIEVDDERKLRTFYEKRMATEVAADALGEEWKGYVVRISGGNDKQGFPMKQGVLTHGRVRLLLSKG
HSCYRPRRTGERKRKSVRGCIVDANLSVLNLVIVKKGEKDIPGLTDTTVPRRLGPKRASRIRKLFNLSKEDDVRQYVVRK
PLNKEGKKPRTKAPKIQRLVTPRVLQHKRRRIALKKQRTKKNKEEAAEYAKLLAKRMKEAKEKRQEQIAKRRRLSSL
;
z
82 'polypeptide(L)'
;VRMNVLADALKSINNAEKRGKRQVLIRPCSKVIVRFLTVMMKHGYIGEFEIIDDHRAGKIVVNLTGRLNKCGVISPRFDV
QLKDLEKWQNNLLPSRQFGFIVLTTSAGIMDHEEARRKHTGGKILGFFF
;
TT
83 'polypeptide(L)'
;GPLQSVQVFGRKKTATAVAHCKRGNGLIKVNGRPLEMIEPRTLQYKLLEPVLLLGKERFAGVDIRVRVKGGGHVAQIYAI
RQSISKALVAYYQKYVDEASKKEIKDILIQYDRTLLVADPRRCESKKFGGPGARARYQKSYR
;
UU
84 'polypeptide(L)'
;GKCRGLRTARKLRSHRRDQKWHDKQYKKAHLGTALKANPFGGASHAKGIVLEKVGVEAKQPNSAIRKCVRVQLIKNGKKI
TAFVPNDGCLNFIEENDEVLVAGFGRKGHAVGDIPGVRFKVVKVANVSLLALYKGKKERPR
;
VV
85 'polypeptide(L)'
;FRKFTYRGVDLDQLLDMSYEQLMQLYSARQRRRLSRGLRRKQHSLLKRLRKAKKEAPPMEKPEVVKTHLRDMIILPEMVG
SMVGVYNGKTFNQVEIKPEMIGHYLGEFSITYKPVKHGRP
;
WW
86 'polypeptide(L)'
;FLEVIKPFCVILPEIQKPERKIQFKEKVLWTAITLFIFLVCCQIPLFGIMSSDSADPFYWMRVILASNRGTLMELGISPI
VTSGLIMQLLAGAKIIEVGDTPKDRALFNGAQKLFGMIITIGQSIVYVMSGMYGDPSEMGAGICLLITIQLFVAGLIVLL
LDELLQKGYGLGSGISLFIATNICETIVWKAFSPTTVNTGRGMEFEGAIIALFHLLATRTDKVRALREAFYRQNLPNLMN
LIATIFVFAVVIYFQGFRVDLPIKSARYRGQYNTYPIKLFYTSNIPIILQSALVSNLYVISQMLSARFSGNLLVSLLGTW
SDTSSGGPARAYPVGGLCHYLSPPESFGSVLEDPVHAVVYIVFMLGSCAFFSKTWIEVSGSSAKDVAKQLKEQQMVMRGH
RETSMVHELNRYIPTAAAFGGLCIGALSVLADFLGAIGSGTGILLAVTIIYQYFEIFVKEQ
;
XX
87 'polypeptide(L)' FVEPSRQFVKDSIRLVKRCTKPDRKEFQKIAMATAIGFAIMGFIGFFVKLIHIPINNIIVGG YY
88 'polypeptide(L)' VGPVPVLVMSLLFIASVFMLHIWGKYTRS ZZ
#
loop_
_chem_comp.id
_chem_comp.type
_chem_comp.name
_chem_comp.formula
A RNA linking ADENOSINE-5'-MONOPHOSPHATE 'C10 H14 N5 O7 P'
C RNA linking CYTIDINE-5'-MONOPHOSPHATE 'C9 H14 N3 O8 P'
G RNA linking GUANOSINE-5'-MONOPHOSPHATE 'C10 H14 N5 O8 P'
MG non-polymer 'MAGNESIUM ION' 'Mg 2'
U RNA linking URIDINE-5'-MONOPHOSPHATE 'C9 H13 N2 O9 P'
ZN non-polymer 'ZINC ION' 'Zn 2'
#
# COMPACT_ATOMS: atom_id res chain seq x y z
N SER A 1 42.74 14.87 33.79
CA SER A 1 43.70 15.93 33.51
C SER A 1 45.11 15.47 33.82
N LEU A 2 46.06 15.88 32.99
CA LEU A 2 47.47 15.59 33.21
C LEU A 2 48.24 16.83 33.63
N ALA A 3 47.60 17.75 34.34
CA ALA A 3 48.25 18.99 34.72
C ALA A 3 49.13 18.83 35.95
N ARG A 4 48.92 17.79 36.73
CA ARG A 4 49.62 17.62 38.00
C ARG A 4 50.81 16.68 37.91
N VAL A 5 51.35 16.46 36.73
CA VAL A 5 52.52 15.59 36.56
C VAL A 5 53.72 16.23 37.21
N GLY A 6 54.42 15.45 38.03
CA GLY A 6 55.59 15.95 38.73
C GLY A 6 55.26 16.94 39.82
N LYS A 7 54.12 16.75 40.49
CA LYS A 7 53.69 17.68 41.52
C LYS A 7 54.58 17.57 42.75
N VAL A 8 54.58 16.40 43.38
CA VAL A 8 55.21 16.27 44.70
C VAL A 8 56.72 16.25 44.58
N ARG A 9 57.27 15.52 43.60
CA ARG A 9 58.71 15.48 43.41
C ARG A 9 59.26 16.86 43.05
N GLY A 10 58.44 17.69 42.39
CA GLY A 10 58.84 19.06 42.14
C GLY A 10 58.77 19.94 43.38
N GLN A 11 57.78 19.71 44.25
CA GLN A 11 57.59 20.61 45.38
C GLN A 11 58.22 20.14 46.69
N THR A 12 59.05 19.10 46.67
CA THR A 12 59.72 18.73 47.90
C THR A 12 60.88 19.67 48.20
N LEU A 13 61.25 19.71 49.49
CA LEU A 13 62.35 20.55 49.95
C LEU A 13 63.67 19.91 49.53
N LYS A 14 64.42 20.62 48.69
CA LYS A 14 65.62 20.06 48.08
C LYS A 14 66.76 19.97 49.09
N VAL A 15 67.00 18.79 49.63
CA VAL A 15 68.00 18.60 50.67
C VAL A 15 69.30 18.13 50.03
N ALA A 16 70.36 18.91 50.26
CA ALA A 16 71.68 18.51 49.80
C ALA A 16 72.17 17.31 50.60
N LYS A 17 72.85 16.40 49.92
CA LYS A 17 73.25 15.14 50.52
C LYS A 17 74.44 15.34 51.46
N GLN A 18 74.43 14.64 52.59
CA GLN A 18 75.50 14.75 53.58
C GLN A 18 76.74 14.01 53.11
N GLU A 19 77.91 14.64 53.31
CA GLU A 19 79.19 13.99 53.09
C GLU A 19 79.46 12.98 54.18
N LYS A 20 80.19 11.92 53.86
CA LYS A 20 80.35 10.81 54.79
C LYS A 20 81.64 10.06 54.50
N LYS A 21 82.24 9.54 55.58
CA LYS A 21 83.36 8.61 55.46
C LYS A 21 82.92 7.36 54.70
N LYS A 22 83.68 7.04 53.65
CA LYS A 22 83.30 5.96 52.74
C LYS A 22 83.40 4.61 53.44
N LYS A 23 82.50 3.71 53.06
CA LYS A 23 82.50 2.38 53.66
C LYS A 23 83.60 1.53 53.04
N ARG A 24 84.25 0.74 53.89
CA ARG A 24 85.08 -0.36 53.44
C ARG A 24 84.23 -1.36 52.66
N THR A 25 84.84 -1.98 51.66
CA THR A 25 84.14 -2.91 50.78
C THR A 25 84.94 -4.19 50.61
N GLY A 26 84.21 -5.28 50.45
CA GLY A 26 84.81 -6.59 50.27
C GLY A 26 84.75 -7.44 51.52
N ARG A 27 85.83 -8.21 51.76
CA ARG A 27 85.92 -9.00 52.99
C ARG A 27 86.03 -8.08 54.20
N ALA A 28 86.51 -6.86 54.00
CA ALA A 28 86.61 -5.92 55.12
C ALA A 28 85.24 -5.41 55.55
N LYS A 29 84.37 -5.13 54.57
CA LYS A 29 82.97 -4.85 54.88
C LYS A 29 82.30 -6.02 55.55
N ARG A 30 82.56 -7.22 55.04
CA ARG A 30 81.93 -8.40 55.61
C ARG A 30 82.49 -8.71 57.00
N ARG A 31 83.74 -8.31 57.25
CA ARG A 31 84.38 -8.46 58.54
C ARG A 31 83.79 -7.52 59.57
N MET A 32 83.63 -6.25 59.20
CA MET A 32 83.03 -5.26 60.08
C MET A 32 81.57 -5.62 60.37
N GLN A 33 80.89 -6.18 59.37
CA GLN A 33 79.53 -6.69 59.55
C GLN A 33 79.51 -7.88 60.50
N TYR A 34 80.49 -8.79 60.38
CA TYR A 34 80.59 -9.93 61.29
C TYR A 34 80.83 -9.49 62.72
N ASN A 35 81.63 -8.45 62.91
CA ASN A 35 81.92 -7.99 64.26
C ASN A 35 80.70 -7.30 64.87
N ARG A 36 79.96 -6.52 64.08
CA ARG A 36 78.78 -5.91 64.66
C ARG A 36 77.63 -6.89 64.81
N ARG A 37 77.68 -8.04 64.14
CA ARG A 37 76.68 -9.08 64.41
C ARG A 37 77.02 -9.87 65.66
N PHE A 38 78.18 -10.54 65.68
CA PHE A 38 78.39 -11.63 66.63
C PHE A 38 79.26 -11.27 67.81
N VAL A 39 80.47 -10.77 67.58
CA VAL A 39 81.49 -10.82 68.61
C VAL A 39 81.29 -9.70 69.65
N ASN A 40 80.53 -8.67 69.31
CA ASN A 40 80.39 -7.53 70.20
C ASN A 40 79.34 -7.78 71.28
N VAL A 41 78.08 -7.94 70.88
CA VAL A 41 76.96 -7.86 71.81
C VAL A 41 76.82 -9.13 72.65
N VAL A 42 76.08 -9.01 73.76
CA VAL A 42 75.91 -10.11 74.70
C VAL A 42 74.42 -10.47 74.76
N PRO A 43 74.09 -11.69 75.16
CA PRO A 43 72.68 -12.01 75.44
C PRO A 43 72.20 -11.35 76.72
N THR A 44 71.11 -10.60 76.61
CA THR A 44 70.47 -9.95 77.76
C THR A 44 69.01 -10.36 77.83
N PHE A 45 68.35 -9.97 78.91
CA PHE A 45 66.96 -10.31 79.13
C PHE A 45 66.05 -9.42 78.30
N GLY A 46 64.78 -9.83 78.20
CA GLY A 46 63.80 -9.08 77.46
C GLY A 46 63.88 -9.33 75.96
N LYS A 47 63.04 -8.63 75.22
CA LYS A 47 63.02 -8.73 73.78
C LYS A 47 64.17 -7.92 73.19
N LYS A 48 64.90 -8.53 72.26
CA LYS A 48 66.09 -7.90 71.68
C LYS A 48 65.69 -6.90 70.60
N LYS A 49 66.59 -5.97 70.31
CA LYS A 49 66.30 -4.90 69.37
C LYS A 49 66.91 -5.20 68.01
N GLY A 50 66.53 -4.39 67.01
CA GLY A 50 66.95 -4.61 65.65
C GLY A 50 68.23 -3.90 65.26
N PRO A 51 68.67 -4.12 64.03
CA PRO A 51 69.88 -3.43 63.55
C PRO A 51 69.69 -1.94 63.31
N ASN A 52 68.48 -1.53 62.91
CA ASN A 52 68.18 -0.12 62.70
C ASN A 52 67.08 0.34 63.65
N ALA A 53 66.84 -0.38 64.74
CA ALA A 53 65.73 -0.06 65.62
C ALA A 53 66.02 1.20 66.41
N ASN A 54 65.34 2.28 66.05
CA ASN A 54 65.52 3.57 66.70
C ASN A 54 64.21 4.00 67.36
N SER A 55 64.34 4.73 68.45
CA SER A 55 63.19 5.15 69.25
C SER A 55 63.55 6.35 70.10
N ALA B 1 55.56 -117.49 35.21
CA ALA B 1 54.82 -117.43 36.46
C ALA B 1 53.59 -116.53 36.30
N LYS B 2 53.23 -115.83 37.39
CA LYS B 2 52.25 -114.75 37.32
C LYS B 2 52.90 -113.38 37.42
N ILE B 3 54.17 -113.31 37.77
CA ILE B 3 54.94 -112.08 37.67
C ILE B 3 55.25 -111.82 36.20
N VAL B 4 54.86 -110.64 35.72
CA VAL B 4 55.07 -110.26 34.33
C VAL B 4 55.79 -108.91 34.35
N LYS B 5 57.09 -108.93 34.18
CA LYS B 5 57.80 -107.67 34.07
C LYS B 5 57.74 -107.17 32.63
N PRO B 6 57.65 -105.84 32.45
CA PRO B 6 57.55 -105.30 31.08
C PRO B 6 58.86 -105.38 30.32
N ASN B 7 59.98 -105.26 31.04
CA ASN B 7 61.28 -105.53 30.44
C ASN B 7 61.62 -107.00 30.63
N GLY B 8 62.38 -107.54 29.67
CA GLY B 8 62.75 -108.94 29.71
C GLY B 8 63.83 -109.24 30.73
N GLU B 9 63.48 -109.09 32.01
CA GLU B 9 64.43 -109.21 33.10
C GLU B 9 63.79 -110.06 34.19
N LYS B 10 64.62 -110.81 34.90
CA LYS B 10 64.08 -111.79 35.80
C LYS B 10 63.66 -111.15 37.14
N PRO B 11 62.56 -111.61 37.71
CA PRO B 11 62.16 -111.16 39.04
C PRO B 11 63.10 -111.68 40.12
N ASP B 12 63.07 -111.00 41.26
CA ASP B 12 64.00 -111.24 42.34
C ASP B 12 63.61 -112.49 43.12
N GLU B 13 64.35 -112.73 44.22
CA GLU B 13 63.99 -113.80 45.13
C GLU B 13 62.68 -113.48 45.84
N PHE B 14 62.42 -112.19 46.07
CA PHE B 14 61.25 -111.81 46.85
C PHE B 14 59.98 -111.82 45.98
N GLU B 15 60.10 -111.42 44.72
CA GLU B 15 58.93 -111.34 43.87
C GLU B 15 58.42 -112.72 43.49
N SER B 16 59.33 -113.64 43.16
CA SER B 16 58.95 -114.92 42.59
C SER B 16 58.31 -115.83 43.64
N GLY B 17 58.67 -115.65 44.91
CA GLY B 17 58.05 -116.43 45.97
C GLY B 17 56.61 -116.05 46.24
N ILE B 18 56.24 -114.83 45.87
CA ILE B 18 54.85 -114.40 46.00
C ILE B 18 54.01 -114.99 44.88
N SER B 19 54.61 -115.16 43.70
CA SER B 19 53.90 -115.71 42.55
C SER B 19 53.55 -117.16 42.75
N GLN B 20 54.41 -117.92 43.43
CA GLN B 20 54.09 -119.30 43.77
C GLN B 20 53.02 -119.36 44.85
N ALA B 21 52.91 -118.30 45.66
CA ALA B 21 51.85 -118.26 46.67
C ALA B 21 50.49 -118.03 46.02
N LEU B 22 50.44 -117.20 44.98
CA LEU B 22 49.16 -116.90 44.34
C LEU B 22 48.72 -118.01 43.41
N LEU B 23 49.64 -118.91 43.04
CA LEU B 23 49.23 -120.18 42.45
C LEU B 23 48.50 -121.02 43.49
N GLU B 24 49.08 -121.12 44.69
CA GLU B 24 48.52 -121.95 45.75
C GLU B 24 47.24 -121.36 46.32
N LEU B 25 46.98 -120.08 46.06
CA LEU B 25 45.72 -119.49 46.47
C LEU B 25 44.66 -119.63 45.40
N GLU B 26 45.08 -119.84 44.15
CA GLU B 26 44.11 -120.02 43.07
C GLU B 26 43.69 -121.48 42.96
N MET B 27 44.66 -122.40 43.04
CA MET B 27 44.39 -123.80 42.78
C MET B 27 43.62 -124.44 43.94
N ASN B 28 43.67 -123.83 45.11
CA ASN B 28 43.01 -124.38 46.29
C ASN B 28 41.70 -123.69 46.62
N SER B 29 41.72 -122.37 46.77
CA SER B 29 40.56 -121.66 47.28
C SER B 29 39.51 -121.47 46.19
N ASP B 30 38.43 -120.75 46.54
CA ASP B 30 37.26 -120.67 45.69
C ASP B 30 37.32 -119.52 44.70
N LEU B 31 38.36 -118.69 44.77
CA LEU B 31 38.57 -117.61 43.81
C LEU B 31 39.44 -118.09 42.67
N LYS B 32 39.09 -119.24 42.09
CA LYS B 32 39.97 -119.92 41.14
C LYS B 32 39.87 -119.31 39.76
N ALA B 33 38.80 -118.58 39.48
CA ALA B 33 38.57 -118.08 38.13
C ALA B 33 39.07 -116.66 37.97
N GLN B 34 39.05 -115.88 39.06
CA GLN B 34 39.37 -114.46 38.98
C GLN B 34 40.86 -114.22 39.15
N LEU B 35 41.67 -115.29 39.18
CA LEU B 35 43.10 -115.11 39.36
C LEU B 35 43.91 -115.56 38.13
N ARG B 36 43.28 -116.30 37.22
CA ARG B 36 43.99 -116.77 36.03
C ARG B 36 44.26 -115.62 35.07
N GLU B 37 43.46 -114.55 35.14
CA GLU B 37 43.56 -113.44 34.21
C GLU B 37 44.26 -112.22 34.80
N LEU B 38 44.80 -112.33 36.01
CA LEU B 38 45.37 -111.21 36.75
C LEU B 38 46.87 -111.40 36.95
N ASN B 39 47.60 -110.29 36.94
CA ASN B 39 49.06 -110.34 36.95
C ASN B 39 49.63 -109.29 37.88
N ILE B 40 50.94 -109.35 38.06
CA ILE B 40 51.71 -108.48 38.94
C ILE B 40 52.95 -108.02 38.18
N THR B 41 53.18 -106.70 38.14
CA THR B 41 54.38 -106.18 37.49
C THR B 41 55.63 -106.36 38.34
N ALA B 42 55.55 -106.06 39.63
CA ALA B 42 56.66 -106.21 40.57
C ALA B 42 56.09 -106.22 41.98
N ALA B 43 56.94 -106.57 42.93
CA ALA B 43 56.60 -106.53 44.34
C ALA B 43 57.85 -106.17 45.13
N LYS B 44 57.66 -105.41 46.20
CA LYS B 44 58.79 -104.91 46.98
C LYS B 44 58.49 -105.09 48.46
N GLU B 45 59.51 -105.49 49.21
CA GLU B 45 59.47 -105.42 50.66
C GLU B 45 60.15 -104.15 51.11
N ILE B 46 59.47 -103.37 51.93
CA ILE B 46 60.01 -102.12 52.44
C ILE B 46 60.12 -102.21 53.95
N GLU B 47 60.92 -101.32 54.52
CA GLU B 47 60.92 -101.15 55.96
C GLU B 47 59.98 -100.02 56.34
N VAL B 48 59.10 -100.29 57.31
CA VAL B 48 58.22 -99.26 57.85
C VAL B 48 58.82 -98.90 59.19
N GLY B 49 58.32 -97.84 59.83
CA GLY B 49 58.82 -97.37 61.11
C GLY B 49 58.69 -98.36 62.25
N GLY B 50 59.78 -98.56 62.97
CA GLY B 50 59.81 -99.51 64.06
C GLY B 50 60.16 -100.91 63.62
N GLY B 51 60.01 -101.83 64.56
CA GLY B 51 60.26 -103.23 64.29
C GLY B 51 59.10 -103.89 63.59
N ARG B 52 58.91 -103.57 62.31
CA ARG B 52 57.80 -104.09 61.53
C ARG B 52 58.17 -104.02 60.05
N LYS B 53 57.78 -105.06 59.32
CA LYS B 53 57.94 -105.08 57.88
C LYS B 53 56.69 -104.53 57.22
N ALA B 54 56.78 -104.33 55.91
CA ALA B 54 55.65 -103.98 55.07
C ALA B 54 55.95 -104.42 53.64
N ILE B 55 54.93 -104.89 52.95
CA ILE B 55 55.04 -105.37 51.57
C ILE B 55 54.16 -104.50 50.68
N ILE B 56 54.69 -104.13 49.51
CA ILE B 56 53.95 -103.43 48.49
C ILE B 56 54.02 -104.27 47.21
N ILE B 57 52.87 -104.47 46.57
CA ILE B 57 52.80 -105.24 45.34
C ILE B 57 52.25 -104.36 44.23
N PHE B 58 53.00 -104.27 43.13
CA PHE B 58 52.66 -103.37 42.03
C PHE B 58 51.87 -104.11 40.95
N VAL B 59 50.87 -103.42 40.40
CA VAL B 59 49.81 -104.03 39.59
C VAL B 59 49.73 -103.29 38.26
N PRO B 60 49.48 -103.99 37.13
CA PRO B 60 49.12 -103.29 35.90
C PRO B 60 47.80 -102.54 36.05
N VAL B 61 47.80 -101.30 35.58
CA VAL B 61 46.67 -100.36 35.65
C VAL B 61 45.35 -100.87 35.03
N PRO B 62 45.31 -101.52 33.84
CA PRO B 62 43.99 -102.00 33.36
C PRO B 62 43.39 -103.12 34.19
N GLN B 63 44.22 -103.95 34.80
CA GLN B 63 43.73 -105.04 35.63
C GLN B 63 43.41 -104.60 37.05
N LEU B 64 43.72 -103.35 37.40
CA LEU B 64 43.74 -102.92 38.79
C LEU B 64 42.36 -102.90 39.40
N LYS B 65 41.36 -102.47 38.63
CA LYS B 65 40.00 -102.36 39.16
C LYS B 65 39.39 -103.74 39.39
N SER B 66 39.91 -104.76 38.69
CA SER B 66 39.54 -106.14 38.98
C SER B 66 40.21 -106.64 40.28
N PHE B 67 41.40 -106.11 40.60
CA PHE B 67 42.01 -106.43 41.88
C PHE B 67 41.26 -105.82 43.05
N GLN B 68 40.64 -104.66 42.83
CA GLN B 68 39.97 -103.98 43.93
C GLN B 68 38.69 -104.71 44.32
N LYS B 69 38.07 -105.39 43.36
CA LYS B 69 36.88 -106.18 43.67
C LYS B 69 37.23 -107.42 44.48
N ILE B 70 38.45 -107.91 44.31
CA ILE B 70 38.90 -109.13 44.96
C ILE B 70 39.80 -108.79 46.16
N GLN B 71 39.89 -107.51 46.50
CA GLN B 71 40.91 -106.99 47.41
C GLN B 71 40.67 -107.45 48.85
N VAL B 72 39.43 -107.34 49.32
CA VAL B 72 39.13 -107.51 50.74
C VAL B 72 39.29 -108.98 51.14
N ARG B 73 39.00 -109.90 50.22
CA ARG B 73 39.32 -111.29 50.43
C ARG B 73 40.83 -111.52 50.38
N LEU B 74 41.49 -111.06 49.32
CA LEU B 74 42.82 -111.54 48.99
C LEU B 74 43.89 -110.95 49.90
N VAL B 75 43.58 -109.85 50.58
CA VAL B 75 44.50 -109.31 51.59
C VAL B 75 44.57 -110.26 52.79
N ARG B 76 43.46 -110.94 53.08
CA ARG B 76 43.38 -111.76 54.29
C ARG B 76 44.26 -112.99 54.21
N GLU B 77 44.25 -113.72 53.08
CA GLU B 77 45.00 -114.96 53.01
C GLU B 77 46.50 -114.71 52.87
N LEU B 78 46.89 -113.57 52.30
CA LEU B 78 48.30 -113.24 52.27
C LEU B 78 48.78 -112.77 53.64
N GLU B 79 47.88 -112.21 54.44
CA GLU B 79 48.26 -111.72 55.76
C GLU B 79 48.39 -112.86 56.75
N LYS B 80 47.66 -113.97 56.54
CA LYS B 80 47.87 -115.14 57.37
C LYS B 80 49.01 -116.01 56.85
N LYS B 81 49.45 -115.77 55.61
CA LYS B 81 50.66 -116.42 55.11
C LYS B 81 51.90 -115.65 55.53
N PHE B 82 52.03 -114.41 55.05
CA PHE B 82 53.11 -113.52 55.46
C PHE B 82 52.63 -112.86 56.75
N SER B 83 53.23 -113.29 57.87
CA SER B 83 52.61 -113.15 59.19
C SER B 83 52.46 -111.70 59.63
N GLY B 84 53.56 -110.97 59.74
CA GLY B 84 53.50 -109.61 60.25
C GLY B 84 53.65 -108.54 59.19
N LYS B 85 53.03 -108.75 58.02
CA LYS B 85 53.25 -107.86 56.89
C LYS B 85 51.92 -107.43 56.30
N HIS B 86 51.65 -106.13 56.30
CA HIS B 86 50.43 -105.61 55.70
C HIS B 86 50.62 -105.53 54.19
N VAL B 87 49.71 -106.16 53.45
CA VAL B 87 49.79 -106.18 52.00
C VAL B 87 48.86 -105.09 51.45
N VAL B 88 49.32 -104.42 50.40
CA VAL B 88 48.60 -103.29 49.83
C VAL B 88 48.92 -103.27 48.33
N PHE B 89 47.90 -102.99 47.53
CA PHE B 89 48.03 -103.05 46.08
C PHE B 89 47.97 -101.65 45.47
N ILE B 90 49.00 -101.33 44.68
CA ILE B 90 49.10 -100.03 44.01
C ILE B 90 49.41 -100.28 42.54
N ALA B 91 48.65 -99.61 41.67
CA ALA B 91 48.82 -99.72 40.23
C ALA B 91 50.18 -99.18 39.80
N GLN B 92 50.69 -99.69 38.69
CA GLN B 92 51.98 -99.23 38.17
C GLN B 92 51.71 -98.22 37.05
N ARG B 93 51.54 -96.97 37.46
CA ARG B 93 51.29 -95.88 36.53
C ARG B 93 52.60 -95.28 36.05
N ARG B 94 52.77 -95.21 34.73
CA ARG B 94 54.01 -94.74 34.14
C ARG B 94 54.07 -93.23 34.25
N ILE B 95 55.23 -92.71 34.61
CA ILE B 95 55.43 -91.29 34.83
C ILE B 95 56.05 -90.67 33.59
N LEU B 96 55.61 -89.46 33.23
CA LEU B 96 56.25 -88.81 32.11
C LEU B 96 56.72 -87.42 32.51
N PRO B 97 57.88 -86.96 32.03
CA PRO B 97 58.40 -85.67 32.48
C PRO B 97 57.68 -84.48 31.84
N LYS B 98 57.83 -83.32 32.47
CA LYS B 98 57.31 -82.09 31.90
C LYS B 98 58.14 -81.73 30.68
N PRO B 99 57.52 -81.31 29.58
CA PRO B 99 58.31 -80.91 28.41
C PRO B 99 59.04 -79.60 28.61
N THR B 100 60.37 -79.68 28.60
CA THR B 100 61.23 -78.53 28.82
C THR B 100 61.38 -77.77 27.50
N ARG B 101 62.06 -76.63 27.53
CA ARG B 101 62.42 -75.91 26.32
C ARG B 101 63.28 -76.76 25.41
N LYS B 102 64.22 -77.50 25.99
CA LYS B 102 65.19 -78.25 25.21
C LYS B 102 64.58 -79.49 24.59
N SER B 103 63.83 -80.25 25.38
CA SER B 103 63.28 -81.53 24.95
C SER B 103 62.23 -81.39 23.85
N LYS B 108 56.74 -85.56 19.28
CA LYS B 108 56.35 -86.15 20.54
C LYS B 108 54.93 -85.72 20.90
N GLN B 109 54.12 -86.68 21.34
CA GLN B 109 52.73 -86.42 21.66
C GLN B 109 52.57 -85.57 22.92
N LYS B 110 51.42 -84.91 22.98
CA LYS B 110 51.04 -84.13 24.15
C LYS B 110 50.87 -85.05 25.34
N ARG B 111 51.55 -84.71 26.43
CA ARG B 111 51.60 -85.58 27.59
C ARG B 111 50.24 -85.55 28.28
N PRO B 112 49.54 -86.68 28.40
CA PRO B 112 48.23 -86.67 29.05
C PRO B 112 48.35 -86.43 30.55
N ARG B 113 47.36 -85.73 31.07
CA ARG B 113 47.36 -85.30 32.46
C ARG B 113 47.02 -86.41 33.43
N SER B 114 46.71 -87.62 32.96
CA SER B 114 46.69 -88.76 33.86
C SER B 114 48.08 -89.28 34.12
N ARG B 115 48.99 -89.03 33.19
CA ARG B 115 50.36 -89.50 33.28
C ARG B 115 51.29 -88.47 33.88
N THR B 116 50.75 -87.40 34.47
CA THR B 116 51.61 -86.41 35.09
C THR B 116 51.81 -86.74 36.55
N LEU B 117 52.76 -86.03 37.17
CA LEU B 117 53.26 -86.39 38.49
C LEU B 117 52.23 -86.13 39.58
N THR B 118 51.43 -85.07 39.41
CA THR B 118 50.43 -84.75 40.42
C THR B 118 49.29 -85.77 40.36
N ALA B 119 49.06 -86.36 39.20
CA ALA B 119 47.95 -87.30 39.07
C ALA B 119 48.36 -88.69 39.50
N VAL B 120 49.63 -89.04 39.34
CA VAL B 120 50.11 -90.35 39.77
C VAL B 120 50.15 -90.42 41.28
N HIS B 121 50.66 -89.37 41.93
CA HIS B 121 50.76 -89.35 43.38
C HIS B 121 49.38 -89.27 44.04
N ASP B 122 48.37 -88.77 43.32
CA ASP B 122 47.03 -88.76 43.88
C ASP B 122 46.32 -90.08 43.61
N ALA B 123 46.80 -90.85 42.64
CA ALA B 123 46.20 -92.15 42.37
C ALA B 123 46.84 -93.24 43.22
N ILE B 124 48.09 -93.05 43.62
CA ILE B 124 48.74 -93.97 44.55
C ILE B 124 48.10 -93.88 45.92
N LEU B 125 47.75 -92.65 46.33
CA LEU B 125 47.19 -92.46 47.66
C LEU B 125 45.77 -93.01 47.76
N GLU B 126 45.08 -93.11 46.62
CA GLU B 126 43.78 -93.76 46.63
C GLU B 126 43.93 -95.28 46.68
N ASP B 127 45.09 -95.79 46.25
CA ASP B 127 45.30 -97.24 46.22
C ASP B 127 45.73 -97.78 47.57
N LEU B 128 46.37 -96.96 48.41
CA LEU B 128 46.67 -97.36 49.77
C LEU B 128 45.39 -97.61 50.55
N VAL B 129 44.61 -96.56 50.76
CA VAL B 129 43.36 -96.68 51.48
C VAL B 129 42.25 -97.04 50.50
N PHE B 130 42.16 -98.32 50.12
CA PHE B 130 41.02 -98.72 49.29
C PHE B 130 39.74 -99.00 50.07
N PRO B 131 39.73 -99.79 51.18
CA PRO B 131 38.44 -100.00 51.86
C PRO B 131 37.86 -98.73 52.47
N SER B 132 38.69 -97.76 52.79
CA SER B 132 38.24 -96.45 53.27
C SER B 132 38.65 -95.42 52.23
N GLU B 133 37.68 -94.94 51.45
CA GLU B 133 37.98 -93.90 50.46
C GLU B 133 38.30 -92.58 51.15
N ILE B 134 39.07 -91.75 50.46
CA ILE B 134 39.56 -90.51 51.03
C ILE B 134 38.44 -89.48 51.09
N VAL B 135 38.19 -88.97 52.30
CA VAL B 135 37.13 -88.00 52.52
C VAL B 135 37.66 -86.57 52.42
N GLY B 136 38.95 -86.36 52.64
CA GLY B 136 39.51 -85.03 52.46
C GLY B 136 41.01 -85.00 52.58
N LYS B 137 41.63 -83.98 51.98
CA LYS B 137 43.04 -83.72 52.19
C LYS B 137 43.24 -82.36 52.82
N ARG B 138 44.25 -82.28 53.68
CA ARG B 138 44.82 -81.02 54.14
C ARG B 138 46.31 -81.11 53.91
N ILE B 139 46.92 -80.00 53.56
CA ILE B 139 48.36 -79.97 53.32
C ILE B 139 48.95 -78.95 54.28
N ARG B 140 49.38 -79.42 55.44
CA ARG B 140 49.86 -78.55 56.51
C ARG B 140 51.29 -78.11 56.19
N VAL B 141 51.45 -76.90 55.67
CA VAL B 141 52.77 -76.38 55.36
C VAL B 141 53.43 -75.97 56.66
N LYS B 142 54.48 -76.71 57.05
CA LYS B 142 55.13 -76.44 58.32
C LYS B 142 56.08 -75.25 58.21
N LEU B 143 56.70 -74.92 59.34
CA LEU B 143 57.31 -73.61 59.53
C LEU B 143 58.57 -73.43 58.71
N ASP B 144 59.32 -74.51 58.50
CA ASP B 144 60.57 -74.38 57.75
C ASP B 144 60.36 -74.45 56.25
N GLY B 145 59.13 -74.66 55.80
CA GLY B 145 58.84 -74.68 54.38
C GLY B 145 58.32 -76.03 53.93
N SER B 146 58.60 -77.06 54.71
CA SER B 146 58.21 -78.41 54.36
C SER B 146 56.72 -78.62 54.58
N ARG B 147 56.12 -79.47 53.76
CA ARG B 147 54.70 -79.70 53.81
C ARG B 147 54.38 -81.00 54.54
N LEU B 148 53.08 -81.24 54.72
CA LEU B 148 52.60 -82.38 55.48
C LEU B 148 51.17 -82.63 55.06
N ILE B 149 50.93 -83.76 54.41
CA ILE B 149 49.60 -84.10 53.92
C ILE B 149 48.81 -84.73 55.05
N LYS B 150 47.56 -84.32 55.21
CA LYS B 150 46.66 -84.88 56.22
C LYS B 150 45.48 -85.54 55.50
N VAL B 151 45.44 -86.86 55.51
CA VAL B 151 44.47 -87.60 54.70
C VAL B 151 43.30 -88.04 55.57
N HIS B 152 42.08 -87.69 55.14
CA HIS B 152 40.88 -87.95 55.92
C HIS B 152 40.13 -89.13 55.32
N LEU B 153 39.77 -90.08 56.17
CA LEU B 153 39.20 -91.35 55.76
C LEU B 153 37.80 -91.53 56.33
N ASP B 154 37.05 -92.46 55.77
CA ASP B 154 35.65 -92.63 56.16
C ASP B 154 35.54 -93.55 57.37
N LYS B 155 34.52 -93.29 58.20
CA LYS B 155 34.25 -94.13 59.36
C LYS B 155 33.72 -95.50 58.96
N ALA B 156 33.11 -95.60 57.78
CA ALA B 156 32.89 -96.92 57.21
C ALA B 156 34.24 -97.49 56.79
N GLN B 157 34.46 -98.77 57.13
CA GLN B 157 35.77 -99.41 57.11
C GLN B 157 36.82 -98.62 57.89
N GLN B 158 36.47 -98.12 59.08
CA GLN B 158 37.48 -97.51 59.94
C GLN B 158 38.38 -98.56 60.57
N ASN B 159 37.80 -99.70 60.97
CA ASN B 159 38.55 -100.69 61.74
C ASN B 159 39.60 -101.40 60.91
N ASN B 160 39.35 -101.61 59.62
CA ASN B 160 40.31 -102.32 58.78
C ASN B 160 41.50 -101.45 58.42
N VAL B 161 41.34 -100.13 58.51
CA VAL B 161 42.34 -99.20 58.03
C VAL B 161 42.99 -98.52 59.23
N GLU B 162 42.52 -98.87 60.42
CA GLU B 162 42.97 -98.21 61.65
C GLU B 162 44.42 -98.56 61.96
N HIS B 163 44.79 -99.82 61.78
CA HIS B 163 46.12 -100.26 62.16
C HIS B 163 47.15 -100.06 61.06
N LYS B 164 46.72 -99.85 59.82
CA LYS B 164 47.65 -99.71 58.71
C LYS B 164 48.04 -98.26 58.45
N VAL B 165 47.72 -97.35 59.37
CA VAL B 165 48.03 -95.94 59.19
C VAL B 165 49.53 -95.71 59.20
N GLU B 166 50.23 -96.39 60.13
CA GLU B 166 51.68 -96.31 60.15
C GLU B 166 52.28 -96.99 58.92
N THR B 167 51.64 -98.06 58.45
CA THR B 167 52.14 -98.79 57.29
C THR B 167 51.95 -97.99 56.01
N PHE B 168 50.78 -97.35 55.86
CA PHE B 168 50.50 -96.59 54.65
C PHE B 168 51.39 -95.35 54.55
N SER B 169 51.79 -94.79 55.69
CA SER B 169 52.68 -93.65 55.66
C SER B 169 54.09 -94.05 55.24
N GLY B 170 54.46 -95.31 55.49
CA GLY B 170 55.76 -95.78 55.06
C GLY B 170 55.79 -96.16 53.59
N VAL B 171 54.67 -96.63 53.06
CA VAL B 171 54.61 -96.98 51.64
C VAL B 171 54.61 -95.71 50.79
N TYR B 172 53.81 -94.72 51.17
CA TYR B 172 53.69 -93.51 50.37
C TYR B 172 54.94 -92.65 50.47
N LYS B 173 55.69 -92.79 51.57
CA LYS B 173 57.01 -92.18 51.64
C LYS B 173 58.00 -92.90 50.73
N LYS B 174 57.87 -94.22 50.63
CA LYS B 174 58.79 -95.01 49.81
C LYS B 174 58.60 -94.72 48.33
N LEU B 175 57.37 -94.40 47.92
CA LEU B 175 57.10 -94.14 46.51
C LEU B 175 57.29 -92.68 46.16
N THR B 176 56.75 -91.79 47.00
CA THR B 176 56.76 -90.36 46.69
C THR B 176 57.86 -89.62 47.43
N GLY B 177 57.91 -89.77 48.75
CA GLY B 177 58.84 -89.02 49.56
C GLY B 177 58.16 -87.87 50.27
N LYS B 178 56.88 -88.07 50.61
CA LYS B 178 56.06 -87.02 51.20
C LYS B 178 55.49 -87.49 52.53
N ASP B 179 55.68 -86.68 53.56
CA ASP B 179 55.21 -87.03 54.89
C ASP B 179 53.69 -86.99 54.93
N VAL B 180 53.07 -88.05 55.42
CA VAL B 180 51.62 -88.21 55.39
C VAL B 180 51.13 -88.77 56.72
N ASN B 181 50.20 -88.06 57.34
CA ASN B 181 49.46 -88.56 58.49
C ASN B 181 48.00 -88.74 58.09
N PHE B 182 47.27 -89.57 58.85
CA PHE B 182 45.86 -89.81 58.58
C PHE B 182 45.02 -89.27 59.72
N GLU B 183 43.75 -89.01 59.44
CA GLU B 183 42.76 -88.66 60.45
C GLU B 183 41.45 -89.36 60.13
N PHE B 184 40.57 -89.42 61.12
CA PHE B 184 39.24 -90.03 60.98
C PHE B 184 38.20 -88.98 61.37
N PRO B 185 37.77 -88.14 60.42
CA PRO B 185 36.83 -87.07 60.75
C PRO B 185 35.42 -87.59 60.97
N GLU B 186 34.60 -86.73 61.59
CA GLU B 186 33.26 -87.11 62.03
C GLU B 186 32.20 -86.05 61.75
N PHE B 187 32.58 -84.83 61.38
CA PHE B 187 31.67 -83.69 61.38
C PHE B 187 30.66 -83.76 60.24
N GLN B 188 31.06 -84.27 59.07
CA GLN B 188 30.10 -84.65 58.03
C GLN B 188 29.98 -86.16 57.93
N LEU B 189 31.12 -86.85 57.92
CA LEU B 189 31.19 -88.30 57.80
C LEU B 189 32.55 -88.77 58.27
N GLY C 1 66.12 -34.02 -15.82
CA GLY C 1 65.57 -34.35 -17.11
C GLY C 1 64.52 -35.43 -16.99
N ILE C 2 64.50 -36.37 -17.92
CA ILE C 2 63.71 -37.57 -17.71
C ILE C 2 64.36 -38.36 -16.59
N SER C 3 63.68 -38.49 -15.46
CA SER C 3 64.33 -39.00 -14.26
C SER C 3 63.67 -40.28 -13.76
N ARG C 4 64.50 -41.18 -13.25
CA ARG C 4 64.04 -42.44 -12.68
C ARG C 4 64.20 -42.36 -11.17
N ASP C 5 63.10 -42.09 -10.47
CA ASP C 5 63.22 -41.84 -9.05
C ASP C 5 61.99 -42.38 -8.34
N ASN C 6 62.17 -42.74 -7.08
CA ASN C 6 61.05 -43.31 -6.35
C ASN C 6 60.28 -42.26 -5.58
N TRP C 7 60.87 -41.08 -5.38
CA TRP C 7 60.23 -40.08 -4.52
C TRP C 7 59.20 -39.27 -5.28
N HIS C 8 59.11 -39.41 -6.59
CA HIS C 8 58.15 -38.57 -7.30
C HIS C 8 56.77 -39.19 -7.34
N LYS C 9 56.56 -40.30 -6.65
CA LYS C 9 55.31 -41.02 -6.75
C LYS C 9 54.86 -41.50 -5.38
N ARG C 10 53.61 -41.99 -5.31
CA ARG C 10 52.90 -42.09 -4.05
C ARG C 10 53.39 -43.26 -3.20
N ARG C 11 53.04 -43.21 -1.92
CA ARG C 11 53.43 -44.24 -0.98
C ARG C 11 52.62 -45.51 -1.18
N LYS C 12 52.93 -46.51 -0.33
CA LYS C 12 52.14 -47.72 -0.23
C LYS C 12 50.71 -47.43 0.21
N THR C 13 50.55 -46.45 1.11
CA THR C 13 49.24 -46.09 1.63
C THR C 13 48.38 -45.41 0.58
N GLY C 14 48.99 -44.60 -0.28
CA GLY C 14 48.28 -43.84 -1.28
C GLY C 14 48.43 -42.34 -1.12
N GLY C 15 49.31 -41.87 -0.26
CA GLY C 15 49.52 -40.46 -0.12
C GLY C 15 50.70 -39.97 -0.93
N LYS C 16 50.71 -38.66 -1.18
CA LYS C 16 51.78 -38.03 -1.92
C LYS C 16 53.04 -37.94 -1.07
N ARG C 17 54.20 -38.10 -1.71
CA ARG C 17 55.44 -37.68 -1.10
C ARG C 17 55.68 -36.21 -1.39
N LYS C 18 56.48 -35.60 -0.60
CA LYS C 18 56.94 -34.27 -0.96
C LYS C 18 58.44 -34.26 -1.06
N PRO C 19 59.00 -33.74 -2.15
CA PRO C 19 60.44 -33.89 -2.42
C PRO C 19 61.28 -33.06 -1.45
N TYR C 20 62.32 -33.69 -0.90
CA TYR C 20 63.28 -32.95 -0.10
C TYR C 20 64.47 -32.51 -0.92
N HIS C 21 64.65 -33.04 -2.13
CA HIS C 21 65.72 -32.60 -3.00
C HIS C 21 65.22 -32.57 -4.43
N LYS C 22 65.90 -31.76 -5.25
CA LYS C 22 65.60 -31.68 -6.67
C LYS C 22 66.20 -32.88 -7.39
N LYS C 23 66.07 -32.88 -8.72
CA LYS C 23 66.47 -34.05 -9.50
C LYS C 23 67.99 -34.19 -9.54
N ARG C 24 68.45 -35.34 -9.07
CA ARG C 24 69.85 -35.70 -9.03
C ARG C 24 70.26 -36.27 -10.39
N LYS C 25 71.57 -36.31 -10.61
CA LYS C 25 72.05 -36.79 -11.89
C LYS C 25 72.10 -38.31 -11.96
N TYR C 26 72.15 -39.00 -10.82
CA TYR C 26 72.05 -40.45 -10.84
C TYR C 26 70.63 -40.93 -11.07
N GLU C 27 69.63 -40.19 -10.60
CA GLU C 27 68.23 -40.43 -10.93
C GLU C 27 67.95 -39.94 -12.34
N LEU C 28 68.29 -40.78 -13.32
CA LEU C 28 68.40 -40.34 -14.69
C LEU C 28 67.80 -41.37 -15.63
N GLY C 29 67.00 -40.89 -16.58
CA GLY C 29 66.61 -41.66 -17.73
C GLY C 29 67.09 -41.00 -19.01
N ARG C 30 66.91 -41.71 -20.12
CA ARG C 30 67.32 -41.19 -21.41
C ARG C 30 66.22 -41.50 -22.41
N PRO C 31 66.23 -40.86 -23.59
CA PRO C 31 65.34 -41.32 -24.65
C PRO C 31 65.71 -42.73 -25.08
N ALA C 32 64.69 -43.51 -25.41
CA ALA C 32 64.91 -44.90 -25.78
C ALA C 32 65.60 -44.99 -27.13
N ALA C 33 66.21 -46.13 -27.40
CA ALA C 33 66.94 -46.29 -28.65
C ALA C 33 65.97 -46.41 -29.83
N ASN C 34 64.96 -47.26 -29.67
CA ASN C 34 64.03 -47.67 -30.74
C ASN C 34 64.81 -48.15 -31.95
N THR C 35 65.73 -49.07 -31.70
CA THR C 35 66.60 -49.63 -32.72
C THR C 35 65.80 -50.43 -33.73
N LYS C 36 65.77 -49.93 -34.97
CA LYS C 36 65.01 -50.48 -36.07
C LYS C 36 65.88 -51.35 -36.96
N ILE C 37 65.27 -51.92 -37.98
CA ILE C 37 65.99 -52.69 -38.97
C ILE C 37 66.42 -51.78 -40.11
N GLY C 38 67.72 -51.74 -40.36
CA GLY C 38 68.29 -50.92 -41.41
C GLY C 38 69.79 -51.01 -41.39
N PRO C 39 70.46 -50.24 -42.26
CA PRO C 39 71.93 -50.24 -42.27
C PRO C 39 72.49 -49.59 -41.01
N ARG C 40 73.59 -50.16 -40.52
CA ARG C 40 74.06 -49.99 -39.14
C ARG C 40 74.34 -48.52 -38.78
N ARG C 41 73.83 -48.12 -37.61
CA ARG C 41 73.97 -46.78 -37.05
C ARG C 41 73.96 -46.92 -35.53
N ILE C 42 75.13 -46.86 -34.92
CA ILE C 42 75.31 -47.04 -33.48
C ILE C 42 75.99 -45.82 -32.91
N HIS C 43 75.34 -45.18 -31.93
CA HIS C 43 75.86 -43.99 -31.28
C HIS C 43 76.42 -44.39 -29.92
N THR C 44 77.62 -43.92 -29.60
CA THR C 44 78.17 -44.13 -28.28
C THR C 44 77.53 -43.17 -27.29
N VAL C 45 77.44 -43.62 -26.04
CA VAL C 45 76.87 -42.83 -24.96
C VAL C 45 77.80 -42.93 -23.77
N ARG C 46 78.20 -41.79 -23.23
CA ARG C 46 78.88 -41.81 -21.93
C ARG C 46 77.86 -42.01 -20.81
N VAL C 47 78.10 -43.00 -19.98
CA VAL C 47 77.23 -43.36 -18.89
C VAL C 47 78.00 -43.21 -17.58
N ARG C 48 77.36 -43.63 -16.48
CA ARG C 48 77.86 -43.36 -15.13
C ARG C 48 79.18 -44.08 -14.88
N GLY C 49 80.23 -43.30 -14.63
CA GLY C 49 81.55 -43.85 -14.49
C GLY C 49 82.46 -43.60 -15.67
N GLY C 50 81.95 -42.97 -16.73
CA GLY C 50 82.73 -42.80 -17.94
C GLY C 50 82.74 -44.01 -18.84
N ASN C 51 81.82 -44.95 -18.62
CA ASN C 51 81.75 -46.15 -19.43
C ASN C 51 81.01 -45.85 -20.72
N LYS C 52 80.66 -46.90 -21.46
CA LYS C 52 79.93 -46.75 -22.70
C LYS C 52 78.74 -47.69 -22.76
N LYS C 53 77.63 -47.15 -23.25
CA LYS C 53 76.52 -47.95 -23.76
C LYS C 53 76.46 -47.68 -25.25
N TYR C 54 76.09 -48.69 -26.02
CA TYR C 54 76.07 -48.57 -27.46
C TYR C 54 74.63 -48.53 -27.93
N ARG C 55 74.11 -47.32 -28.11
CA ARG C 55 72.77 -47.13 -28.66
C ARG C 55 72.76 -47.54 -30.11
N ALA C 56 72.27 -48.74 -30.38
CA ALA C 56 71.96 -49.07 -31.76
C ALA C 56 70.73 -48.29 -32.15
N LEU C 57 70.74 -47.80 -33.37
CA LEU C 57 69.56 -47.13 -33.90
C LEU C 57 69.02 -47.86 -35.10
N ARG C 58 69.90 -48.44 -35.89
CA ARG C 58 69.59 -49.33 -36.98
C ARG C 58 70.57 -50.48 -36.95
N LEU C 59 70.07 -51.69 -37.16
CA LEU C 59 70.89 -52.88 -36.89
C LEU C 59 70.35 -54.05 -37.70
N ASP C 60 71.06 -54.42 -38.76
CA ASP C 60 70.55 -55.43 -39.68
C ASP C 60 71.07 -56.84 -39.44
N VAL C 61 72.32 -57.01 -39.02
CA VAL C 61 72.87 -58.34 -38.82
C VAL C 61 72.92 -58.64 -37.32
N GLY C 62 72.86 -59.93 -37.01
CA GLY C 62 72.89 -60.38 -35.64
C GLY C 62 73.47 -61.76 -35.53
N ASN C 63 74.12 -62.05 -34.41
CA ASN C 63 74.76 -63.34 -34.16
C ASN C 63 73.74 -64.25 -33.48
N PHE C 64 73.03 -65.03 -34.29
CA PHE C 64 71.98 -65.89 -33.78
C PHE C 64 72.47 -67.33 -33.67
N SER C 65 71.97 -68.04 -32.66
CA SER C 65 72.41 -69.38 -32.32
C SER C 65 71.38 -70.42 -32.69
N TRP C 66 71.85 -71.52 -33.28
CA TRP C 66 71.00 -72.69 -33.50
C TRP C 66 71.44 -73.74 -32.49
N GLY C 67 70.78 -73.74 -31.33
CA GLY C 67 71.40 -74.27 -30.13
C GLY C 67 71.43 -75.78 -30.07
N SER C 68 70.50 -76.45 -30.76
CA SER C 68 70.47 -77.90 -30.74
C SER C 68 71.63 -78.48 -31.56
N GLU C 69 72.23 -77.66 -32.42
CA GLU C 69 73.42 -78.03 -33.16
C GLU C 69 74.67 -77.30 -32.67
N CYS C 70 74.51 -76.35 -31.75
CA CYS C 70 75.59 -75.51 -31.20
C CYS C 70 76.37 -74.82 -32.31
N CYS C 71 75.65 -74.35 -33.32
CA CYS C 71 76.22 -73.58 -34.42
C CYS C 71 75.54 -72.22 -34.37
N THR C 72 76.34 -71.19 -34.18
CA THR C 72 75.84 -69.85 -34.34
C THR C 72 76.57 -69.15 -35.47
N ARG C 73 75.82 -68.37 -36.23
CA ARG C 73 76.40 -67.62 -37.33
C ARG C 73 75.86 -66.21 -37.29
N LYS C 74 76.64 -65.28 -37.84
CA LYS C 74 76.14 -63.93 -38.05
C LYS C 74 75.12 -63.96 -39.17
N THR C 75 73.94 -63.41 -38.90
CA THR C 75 72.80 -63.60 -39.79
C THR C 75 72.03 -62.30 -39.92
N ARG C 76 71.63 -61.99 -41.15
CA ARG C 76 70.83 -60.80 -41.42
C ARG C 76 69.42 -60.94 -40.83
N ILE C 77 68.97 -59.91 -40.13
CA ILE C 77 67.61 -59.84 -39.59
C ILE C 77 66.75 -59.24 -40.70
N ILE C 78 65.57 -59.81 -40.96
CA ILE C 78 64.85 -59.37 -42.14
C ILE C 78 63.46 -58.84 -41.78
N ASP C 79 62.89 -59.25 -40.64
CA ASP C 79 61.50 -58.96 -40.34
C ASP C 79 61.26 -59.18 -38.86
N VAL C 80 60.51 -58.29 -38.24
CA VAL C 80 59.99 -58.50 -36.89
C VAL C 80 58.59 -59.07 -37.01
N VAL C 81 58.33 -60.19 -36.34
CA VAL C 81 57.11 -60.94 -36.54
C VAL C 81 56.24 -60.92 -35.28
N TYR C 82 56.84 -60.97 -34.10
CA TYR C 82 56.06 -60.97 -32.88
C TYR C 82 56.81 -60.20 -31.79
N ASN C 83 56.04 -59.54 -30.93
CA ASN C 83 56.56 -58.89 -29.74
C ASN C 83 55.53 -59.05 -28.64
N ALA C 84 55.97 -59.56 -27.49
CA ALA C 84 55.05 -59.88 -26.41
C ALA C 84 54.58 -58.65 -25.67
N SER C 85 55.24 -57.51 -25.88
CA SER C 85 54.88 -56.31 -25.13
C SER C 85 53.89 -55.46 -25.91
N ASN C 86 54.30 -54.97 -27.07
CA ASN C 86 53.49 -54.03 -27.84
C ASN C 86 53.39 -54.57 -29.25
N ASN C 87 52.18 -54.57 -29.81
CA ASN C 87 52.02 -54.88 -31.22
C ASN C 87 52.46 -53.74 -32.12
N GLU C 88 52.67 -52.56 -31.54
CA GLU C 88 53.16 -51.42 -32.31
C GLU C 88 54.67 -51.50 -32.50
N LEU C 89 55.35 -52.30 -31.68
CA LEU C 89 56.77 -52.52 -31.92
C LEU C 89 56.99 -53.55 -33.01
N VAL C 90 55.97 -54.35 -33.33
CA VAL C 90 56.00 -55.17 -34.52
C VAL C 90 55.79 -54.31 -35.77
N ARG C 91 54.84 -53.38 -35.68
CA ARG C 91 54.40 -52.64 -36.86
C ARG C 91 55.43 -51.61 -37.28
N THR C 92 55.93 -50.84 -36.32
CA THR C 92 57.12 -50.02 -36.50
C THR C 92 58.30 -50.87 -36.06
N LYS C 93 58.93 -51.57 -37.02
CA LYS C 93 59.69 -52.79 -36.74
C LYS C 93 60.91 -52.56 -35.85
N THR C 94 60.77 -52.91 -34.59
CA THR C 94 61.66 -52.46 -33.53
C THR C 94 62.27 -53.66 -32.84
N LEU C 95 63.59 -53.73 -32.86
CA LEU C 95 64.33 -54.81 -32.24
C LEU C 95 64.50 -54.51 -30.76
N VAL C 96 63.72 -55.17 -29.91
CA VAL C 96 64.00 -55.18 -28.49
C VAL C 96 64.29 -56.61 -28.09
N LYS C 97 64.68 -56.80 -26.85
CA LYS C 97 64.89 -58.13 -26.32
C LYS C 97 63.56 -58.87 -26.29
N ASN C 98 63.62 -60.18 -26.55
CA ASN C 98 62.47 -61.09 -26.69
C ASN C 98 61.58 -60.72 -27.87
N CYS C 99 62.14 -60.19 -28.96
CA CYS C 99 61.42 -60.10 -30.22
C CYS C 99 61.57 -61.40 -30.98
N ILE C 100 60.51 -61.79 -31.67
CA ILE C 100 60.51 -63.03 -32.44
C ILE C 100 60.68 -62.63 -33.89
N VAL C 101 61.92 -62.63 -34.37
CA VAL C 101 62.24 -62.09 -35.69
C VAL C 101 62.50 -63.20 -36.70
N LEU C 102 62.39 -62.88 -37.98
CA LEU C 102 62.82 -63.75 -39.07
C LEU C 102 64.26 -63.42 -39.46
N ILE C 103 65.05 -64.47 -39.63
CA ILE C 103 66.45 -64.33 -40.04
C ILE C 103 66.70 -65.22 -41.25
N ASP C 104 67.87 -65.01 -41.86
CA ASP C 104 68.25 -65.72 -43.08
C ASP C 104 68.62 -67.16 -42.74
N SER C 105 68.15 -68.11 -43.54
CA SER C 105 68.42 -69.50 -43.20
C SER C 105 69.70 -70.02 -43.82
N THR C 106 70.28 -69.31 -44.79
CA THR C 106 71.43 -69.82 -45.55
C THR C 106 72.73 -70.07 -44.78
N PRO C 107 73.10 -69.35 -43.70
CA PRO C 107 74.29 -69.79 -42.96
C PRO C 107 74.08 -71.09 -42.21
N TYR C 108 72.84 -71.46 -41.93
CA TYR C 108 72.57 -72.70 -41.23
C TYR C 108 72.33 -73.84 -42.22
N ARG C 109 71.80 -73.51 -43.40
CA ARG C 109 71.70 -74.49 -44.47
C ARG C 109 73.07 -74.88 -44.99
N GLN C 110 73.99 -73.91 -45.04
CA GLN C 110 75.33 -74.19 -45.51
C GLN C 110 76.14 -74.96 -44.47
N TRP C 111 75.84 -74.77 -43.19
CA TRP C 111 76.52 -75.51 -42.14
C TRP C 111 76.05 -76.96 -42.10
N TYR C 112 74.74 -77.17 -42.28
CA TYR C 112 74.18 -78.51 -42.19
C TYR C 112 74.62 -79.38 -43.35
N GLU C 113 74.71 -78.80 -44.54
CA GLU C 113 75.12 -79.56 -45.73
C GLU C 113 76.62 -79.84 -45.71
N SER C 114 77.36 -79.08 -44.92
CA SER C 114 78.79 -79.35 -44.79
C SER C 114 79.07 -80.35 -43.68
N HIS C 115 78.21 -80.41 -42.68
CA HIS C 115 78.47 -81.24 -41.51
C HIS C 115 77.76 -82.59 -41.59
N TYR C 116 76.55 -82.62 -42.16
CA TYR C 116 75.80 -83.85 -42.28
C TYR C 116 75.69 -84.36 -43.72
N ALA C 117 76.06 -83.52 -44.70
CA ALA C 117 76.12 -83.88 -46.13
C ALA C 117 74.77 -84.33 -46.69
N LEU C 118 73.69 -83.74 -46.20
CA LEU C 118 72.33 -84.07 -46.61
C LEU C 118 71.61 -82.80 -47.07
N PRO C 119 70.73 -82.90 -48.07
CA PRO C 119 69.98 -81.72 -48.51
C PRO C 119 68.96 -81.27 -47.50
N LEU C 120 68.97 -79.97 -47.23
CA LEU C 120 68.17 -79.37 -46.18
C LEU C 120 67.54 -78.09 -46.71
N GLY C 121 66.22 -78.07 -46.76
CA GLY C 121 65.51 -77.16 -47.64
C GLY C 121 65.37 -77.88 -48.96
N ARG C 122 65.65 -77.18 -50.07
CA ARG C 122 65.88 -77.79 -51.38
C ARG C 122 64.73 -78.63 -51.92
N LYS C 123 63.62 -77.97 -52.28
CA LYS C 123 62.46 -78.56 -52.93
C LYS C 123 62.87 -79.42 -54.12
N LYS C 124 62.15 -80.54 -54.29
CA LYS C 124 62.51 -81.60 -55.22
C LYS C 124 62.47 -81.10 -56.66
N GLY C 125 63.62 -81.12 -57.33
CA GLY C 125 63.68 -80.71 -58.72
C GLY C 125 64.90 -79.87 -59.07
N ALA C 126 65.47 -79.19 -58.10
CA ALA C 126 66.56 -78.28 -58.37
C ALA C 126 67.91 -78.98 -58.28
N LYS C 127 68.88 -78.49 -59.07
CA LYS C 127 70.27 -78.93 -59.00
C LYS C 127 71.15 -77.69 -58.93
N LEU C 128 72.35 -77.85 -58.40
CA LEU C 128 73.26 -76.72 -58.25
C LEU C 128 74.21 -76.64 -59.44
N THR C 129 74.06 -75.57 -60.23
CA THR C 129 74.99 -75.32 -61.32
C THR C 129 76.35 -74.75 -60.87
N PRO C 130 76.49 -73.95 -59.79
CA PRO C 130 77.84 -73.72 -59.25
C PRO C 130 78.59 -74.96 -58.78
N GLU C 131 77.88 -76.07 -58.49
CA GLU C 131 78.38 -77.43 -58.33
C GLU C 131 79.19 -77.63 -57.03
N GLU C 132 79.44 -76.56 -56.27
CA GLU C 132 80.39 -76.64 -55.17
C GLU C 132 79.79 -77.31 -53.94
N GLU C 133 78.47 -77.20 -53.77
CA GLU C 133 77.83 -77.86 -52.64
C GLU C 133 77.69 -79.34 -52.91
N GLU C 134 77.62 -79.73 -54.18
CA GLU C 134 77.63 -81.14 -54.53
C GLU C 134 79.00 -81.75 -54.30
N ILE C 135 80.05 -80.93 -54.43
CA ILE C 135 81.40 -81.36 -54.06
C ILE C 135 81.49 -81.62 -52.56
N LEU C 136 80.83 -80.78 -51.76
CA LEU C 136 80.79 -81.00 -50.31
C LEU C 136 79.93 -82.21 -49.96
N ASN C 137 78.97 -82.54 -50.83
CA ASN C 137 78.19 -83.76 -50.64
C ASN C 137 78.98 -85.00 -51.08
N LYS C 138 79.55 -84.97 -52.28
CA LYS C 138 80.15 -86.13 -52.92
C LYS C 138 81.65 -86.16 -52.69
N LYS C 139 82.33 -87.03 -53.45
CA LYS C 139 83.79 -87.12 -53.56
C LYS C 139 84.47 -87.50 -52.24
N ARG C 140 83.81 -88.30 -51.40
CA ARG C 140 84.36 -88.69 -50.12
C ARG C 140 85.46 -89.74 -50.29
N SER C 141 86.19 -90.01 -49.22
CA SER C 141 87.26 -91.00 -49.25
C SER C 141 86.75 -92.36 -48.82
N LYS C 142 87.70 -93.27 -48.55
CA LYS C 142 87.34 -94.62 -48.13
C LYS C 142 86.94 -94.66 -46.66
N LYS C 143 87.84 -94.23 -45.77
CA LYS C 143 87.61 -94.39 -44.34
C LYS C 143 86.85 -93.22 -43.75
N ILE C 144 86.67 -92.13 -44.51
CA ILE C 144 86.10 -90.95 -43.88
C ILE C 144 84.65 -90.75 -44.31
N GLN C 145 84.16 -91.60 -45.22
CA GLN C 145 82.71 -91.73 -45.41
C GLN C 145 82.03 -92.28 -44.17
N LYS C 146 82.75 -93.10 -43.40
CA LYS C 146 82.19 -93.69 -42.18
C LYS C 146 81.88 -92.63 -41.14
N LYS C 147 82.71 -91.58 -41.05
CA LYS C 147 82.47 -90.51 -40.10
C LYS C 147 81.24 -89.70 -40.50
N TYR C 148 81.00 -89.59 -41.81
CA TYR C 148 79.78 -88.95 -42.28
C TYR C 148 78.62 -89.94 -42.35
N ASP C 149 78.91 -91.22 -42.11
CA ASP C 149 77.85 -92.23 -42.06
C ASP C 149 77.25 -92.31 -40.67
N GLU C 150 77.99 -91.82 -39.66
CA GLU C 150 77.49 -91.89 -38.29
C GLU C 150 76.75 -90.61 -37.90
N ARG C 151 77.15 -89.49 -38.48
CA ARG C 151 76.46 -88.23 -38.20
C ARG C 151 75.07 -88.22 -38.81
N LYS C 152 74.89 -88.96 -39.92
CA LYS C 152 73.59 -89.04 -40.59
C LYS C 152 72.55 -89.72 -39.71
N LYS C 153 73.00 -90.57 -38.78
CA LYS C 153 72.09 -91.19 -37.83
C LYS C 153 71.52 -90.16 -36.86
N ASN C 154 72.27 -89.11 -36.58
CA ASN C 154 71.82 -88.01 -35.73
C ASN C 154 71.48 -86.77 -36.54
N ALA C 155 71.00 -86.93 -37.77
CA ALA C 155 70.76 -85.81 -38.67
C ALA C 155 69.28 -85.49 -38.80
N LYS C 156 68.45 -86.09 -37.97
CA LYS C 156 67.02 -85.86 -38.06
C LYS C 156 66.68 -84.48 -37.52
N ILE C 157 66.02 -83.69 -38.37
CA ILE C 157 65.65 -82.32 -38.08
C ILE C 157 64.13 -82.23 -38.08
N SER C 158 63.59 -81.47 -37.13
CA SER C 158 62.16 -81.44 -36.91
C SER C 158 61.44 -80.75 -38.06
N SER C 159 60.21 -81.21 -38.33
CA SER C 159 59.48 -80.75 -39.50
C SER C 159 58.97 -79.32 -39.33
N LEU C 160 58.94 -78.83 -38.09
CA LEU C 160 58.60 -77.43 -37.88
C LEU C 160 59.72 -76.52 -38.36
N LEU C 161 60.97 -76.96 -38.22
CA LEU C 161 62.09 -76.22 -38.80
C LEU C 161 62.23 -76.52 -40.29
N GLU C 162 61.82 -77.71 -40.69
CA GLU C 162 62.10 -78.16 -42.06
C GLU C 162 61.17 -77.47 -43.05
N GLU C 163 60.06 -76.90 -42.56
CA GLU C 163 59.27 -75.99 -43.38
C GLU C 163 59.96 -74.66 -43.56
N GLN C 164 60.87 -74.30 -42.64
CA GLN C 164 61.40 -72.95 -42.60
C GLN C 164 62.64 -72.79 -43.46
N PHE C 165 63.46 -73.83 -43.55
CA PHE C 165 64.62 -73.76 -44.43
C PHE C 165 64.19 -73.82 -45.88
N GLN C 166 63.05 -74.45 -46.13
CA GLN C 166 62.50 -74.52 -47.48
C GLN C 166 61.98 -73.16 -47.93
N GLN C 167 61.56 -72.33 -46.97
CA GLN C 167 61.06 -71.01 -47.28
C GLN C 167 62.17 -69.96 -47.25
N GLY C 168 63.27 -70.28 -46.59
CA GLY C 168 64.42 -69.40 -46.64
C GLY C 168 64.63 -68.56 -45.39
N LYS C 169 63.69 -68.64 -44.46
CA LYS C 169 63.64 -67.75 -43.30
C LYS C 169 63.38 -68.57 -42.03
N LEU C 170 64.16 -68.31 -40.98
CA LEU C 170 64.00 -68.96 -39.70
C LEU C 170 63.49 -67.98 -38.65
N LEU C 171 62.60 -68.44 -37.78
CA LEU C 171 62.19 -67.63 -36.64
C LEU C 171 63.24 -67.71 -35.54
N ALA C 172 63.79 -66.55 -35.16
CA ALA C 172 64.79 -66.46 -34.11
C ALA C 172 64.28 -65.51 -33.04
N CYS C 173 64.94 -65.51 -31.90
CA CYS C 173 64.58 -64.63 -30.79
C CYS C 173 65.75 -63.70 -30.50
N ILE C 174 65.46 -62.46 -30.13
CA ILE C 174 66.50 -61.55 -29.68
C ILE C 174 66.72 -61.78 -28.19
N ALA C 175 67.96 -62.02 -27.80
CA ALA C 175 68.30 -62.25 -26.41
C ALA C 175 69.18 -61.17 -25.82
N SER C 176 69.78 -60.33 -26.64
CA SER C 176 70.51 -59.19 -26.14
C SER C 176 69.58 -57.99 -26.04
N ARG C 177 70.02 -56.98 -25.32
CA ARG C 177 69.34 -55.70 -25.30
C ARG C 177 70.08 -54.73 -26.23
N PRO C 178 69.60 -54.54 -27.46
CA PRO C 178 70.42 -53.86 -28.47
C PRO C 178 70.52 -52.36 -28.29
N GLY C 179 69.67 -51.74 -27.48
CA GLY C 179 69.87 -50.34 -27.15
C GLY C 179 70.86 -50.14 -26.03
N GLN C 180 71.47 -51.22 -25.54
CA GLN C 180 72.40 -51.17 -24.44
C GLN C 180 73.78 -51.65 -24.87
N CYS C 181 73.84 -52.87 -25.42
CA CYS C 181 75.09 -53.45 -25.88
C CYS C 181 75.39 -53.08 -27.31
N GLY C 182 74.37 -52.90 -28.14
CA GLY C 182 74.52 -52.58 -29.54
C GLY C 182 74.38 -53.78 -30.44
N ARG C 183 74.37 -54.98 -29.88
CA ARG C 183 74.25 -56.20 -30.64
C ARG C 183 72.82 -56.73 -30.58
N ALA C 184 72.45 -57.48 -31.62
CA ALA C 184 71.16 -58.16 -31.66
C ALA C 184 71.40 -59.67 -31.73
N ASP C 185 72.23 -60.15 -30.81
CA ASP C 185 72.50 -61.57 -30.71
C ASP C 185 71.26 -62.30 -30.20
N GLY C 186 71.21 -63.60 -30.47
CA GLY C 186 70.05 -64.35 -30.05
C GLY C 186 70.10 -65.82 -30.37
N TYR C 187 68.94 -66.47 -30.42
CA TYR C 187 68.87 -67.90 -30.65
C TYR C 187 67.68 -68.23 -31.53
N VAL C 188 67.74 -69.38 -32.19
CA VAL C 188 66.68 -69.82 -33.08
C VAL C 188 65.66 -70.61 -32.27
N LEU C 189 64.37 -70.33 -32.49
CA LEU C 189 63.32 -71.02 -31.75
C LEU C 189 63.16 -72.46 -32.21
N GLU C 190 62.97 -73.38 -31.25
CA GLU C 190 62.74 -74.78 -31.55
C GLU C 190 61.83 -75.39 -30.49
N GLY C 191 61.20 -76.51 -30.85
CA GLY C 191 60.45 -77.28 -29.90
C GLY C 191 59.14 -76.64 -29.49
N LYS C 192 58.87 -76.63 -28.18
CA LYS C 192 57.62 -76.07 -27.70
C LYS C 192 57.64 -74.55 -27.80
N GLU C 193 58.83 -73.96 -27.74
CA GLU C 193 59.01 -72.53 -27.97
C GLU C 193 58.53 -72.15 -29.36
N LEU C 194 58.93 -72.93 -30.36
CA LEU C 194 58.56 -72.63 -31.74
C LEU C 194 57.07 -72.91 -31.98
N GLU C 195 56.53 -73.94 -31.34
CA GLU C 195 55.11 -74.23 -31.50
C GLU C 195 54.25 -73.17 -30.82
N PHE C 196 54.79 -72.53 -29.79
CA PHE C 196 54.07 -71.48 -29.06
C PHE C 196 53.84 -70.27 -29.94
N TYR C 197 54.92 -69.76 -30.56
CA TYR C 197 54.78 -68.54 -31.34
C TYR C 197 54.11 -68.77 -32.67
N LEU C 198 54.33 -69.92 -33.31
CA LEU C 198 53.62 -70.24 -34.55
C LEU C 198 52.13 -70.42 -34.31
N ARG C 199 51.75 -70.76 -33.08
CA ARG C 199 50.35 -70.71 -32.69
C ARG C 199 49.88 -69.27 -32.51
N LYS C 200 50.76 -68.40 -32.01
CA LYS C 200 50.38 -67.01 -31.76
C LYS C 200 50.24 -66.23 -33.05
N ILE C 201 51.12 -66.47 -34.01
CA ILE C 201 51.14 -65.68 -35.24
C ILE C 201 49.96 -66.04 -36.12
N LYS C 202 49.57 -67.31 -36.15
CA LYS C 202 48.40 -67.72 -36.92
C LYS C 202 47.12 -67.19 -36.30
N ALA C 203 47.09 -67.02 -34.98
CA ALA C 203 45.95 -66.39 -34.32
C ALA C 203 45.88 -64.90 -34.66
N ARG C 204 47.05 -64.27 -34.78
CA ARG C 204 47.11 -62.87 -35.22
C ARG C 204 46.73 -62.76 -36.68
N LYS C 205 47.07 -63.76 -37.49
CA LYS C 205 46.91 -63.67 -38.94
C LYS C 205 45.45 -63.76 -39.34
N GLY C 206 44.78 -64.84 -38.95
CA GLY C 206 43.38 -65.00 -39.27
C GLY C 206 43.12 -65.45 -40.68
N PRO D 1 83.75 -23.42 12.49
CA PRO D 1 84.57 -24.35 13.26
C PRO D 1 85.88 -23.75 13.70
N VAL D 2 86.00 -23.42 14.98
CA VAL D 2 87.24 -22.94 15.55
C VAL D 2 87.70 -23.94 16.60
N ALA D 3 89.02 -24.03 16.77
CA ALA D 3 89.63 -25.09 17.60
C ALA D 3 89.82 -24.60 19.03
N ARG D 4 88.74 -24.67 19.80
CA ARG D 4 88.73 -24.20 21.16
C ARG D 4 87.63 -24.90 21.95
N SER D 5 87.73 -24.83 23.28
CA SER D 5 87.17 -25.88 24.13
C SER D 5 85.67 -25.71 24.38
N TRP D 6 85.29 -24.57 24.97
CA TRP D 6 83.95 -24.22 25.46
C TRP D 6 83.43 -25.16 26.55
N VAL D 7 84.29 -25.92 27.21
CA VAL D 7 83.85 -26.75 28.31
C VAL D 7 84.08 -25.96 29.58
N CYS D 8 83.00 -25.53 30.20
CA CYS D 8 83.10 -24.75 31.42
C CYS D 8 81.96 -25.14 32.34
N ARG D 9 82.19 -24.95 33.63
CA ARG D 9 81.28 -25.43 34.66
C ARG D 9 81.20 -24.40 35.76
N LYS D 10 79.98 -24.11 36.20
CA LYS D 10 79.80 -23.29 37.38
C LYS D 10 80.25 -24.06 38.62
N THR D 11 80.88 -23.35 39.54
CA THR D 11 81.42 -23.95 40.74
C THR D 11 80.64 -23.58 41.99
N TYR D 12 79.47 -22.95 41.86
CA TYR D 12 78.67 -22.60 43.02
C TYR D 12 77.20 -22.77 42.68
N VAL D 13 76.37 -22.85 43.73
CA VAL D 13 74.92 -22.85 43.61
C VAL D 13 74.36 -21.96 44.71
N THR D 14 73.66 -20.90 44.31
CA THR D 14 72.91 -20.06 45.23
C THR D 14 71.75 -20.83 45.85
N PRO D 15 71.41 -20.57 47.11
CA PRO D 15 70.41 -21.41 47.78
C PRO D 15 68.99 -21.08 47.34
N ARG D 16 68.08 -21.98 47.73
CA ARG D 16 66.68 -21.88 47.32
C ARG D 16 65.93 -20.77 48.05
N ARG D 17 66.18 -20.59 49.34
CA ARG D 17 65.56 -19.49 50.07
C ARG D 17 66.50 -18.30 50.15
N PRO D 18 66.09 -17.13 49.64
CA PRO D 18 67.03 -16.01 49.61
C PRO D 18 67.22 -15.32 50.95
N PHE D 19 66.17 -15.20 51.77
CA PHE D 19 66.25 -14.37 52.97
C PHE D 19 65.85 -15.15 54.19
N GLU D 20 66.35 -16.38 54.33
CA GLU D 20 66.27 -17.07 55.62
C GLU D 20 67.13 -16.31 56.62
N LYS D 21 66.59 -16.07 57.80
CA LYS D 21 67.38 -15.42 58.84
C LYS D 21 68.41 -16.40 59.41
N SER D 22 68.08 -17.69 59.42
CA SER D 22 68.94 -18.67 60.08
C SER D 22 70.10 -19.10 59.19
N ARG D 23 69.91 -19.09 57.88
CA ARG D 23 70.99 -19.44 56.97
C ARG D 23 72.04 -18.33 56.91
N LEU D 24 71.58 -17.08 57.00
CA LEU D 24 72.49 -15.95 57.07
C LEU D 24 73.17 -15.91 58.43
N ASP D 25 72.48 -16.41 59.45
CA ASP D 25 73.07 -16.54 60.78
C ASP D 25 74.18 -17.58 60.77
N GLN D 26 74.02 -18.60 59.93
CA GLN D 26 74.99 -19.69 59.86
C GLN D 26 76.16 -19.34 58.94
N GLU D 27 75.87 -18.81 57.75
CA GLU D 27 76.92 -18.65 56.75
C GLU D 27 77.81 -17.46 57.04
N LEU D 28 77.35 -16.52 57.87
CA LEU D 28 78.16 -15.35 58.17
C LEU D 28 79.14 -15.65 59.29
N LYS D 29 78.88 -16.70 60.07
CA LYS D 29 79.91 -17.22 60.96
C LYS D 29 81.07 -17.80 60.17
N LEU D 30 80.79 -18.38 58.99
CA LEU D 30 81.83 -19.03 58.21
C LEU D 30 82.74 -18.01 57.53
N ILE D 31 82.26 -16.79 57.35
CA ILE D 31 83.08 -15.78 56.72
C ILE D 31 83.96 -15.10 57.76
N GLY D 32 83.42 -14.88 58.96
CA GLY D 32 84.21 -14.29 60.01
C GLY D 32 85.27 -15.22 60.56
N GLU D 33 84.93 -16.49 60.72
CA GLU D 33 85.84 -17.44 61.35
C GLU D 33 87.00 -17.80 60.43
N TYR D 34 86.78 -17.75 59.12
CA TYR D 34 87.77 -18.22 58.17
C TYR D 34 88.19 -17.17 57.15
N GLY D 35 87.78 -15.91 57.34
CA GLY D 35 88.34 -14.80 56.58
C GLY D 35 87.97 -14.77 55.12
N LEU D 36 86.76 -15.16 54.78
CA LEU D 36 86.34 -15.33 53.39
C LEU D 36 85.91 -13.99 52.81
N ARG D 37 85.65 -13.99 51.51
CA ARG D 37 85.50 -12.73 50.80
C ARG D 37 84.05 -12.36 50.54
N ASN D 38 83.18 -13.37 50.44
CA ASN D 38 81.76 -13.20 50.15
C ASN D 38 81.03 -14.50 50.45
N LYS D 39 79.73 -14.51 50.18
CA LYS D 39 78.95 -15.73 50.35
C LYS D 39 79.20 -16.72 49.24
N ARG D 40 79.65 -16.26 48.06
CA ARG D 40 79.92 -17.16 46.95
C ARG D 40 81.09 -18.09 47.27
N GLU D 41 81.98 -17.65 48.16
CA GLU D 41 83.06 -18.51 48.63
C GLU D 41 82.52 -19.58 49.58
N VAL D 42 81.53 -19.22 50.40
CA VAL D 42 80.81 -20.21 51.19
C VAL D 42 80.02 -21.14 50.29
N TRP D 43 79.34 -20.56 49.29
CA TRP D 43 78.43 -21.32 48.44
C TRP D 43 79.17 -22.27 47.51
N ARG D 44 80.47 -22.06 47.30
CA ARG D 44 81.16 -22.94 46.38
C ARG D 44 81.82 -24.10 47.10
N VAL D 45 82.07 -23.97 48.40
CA VAL D 45 82.60 -25.09 49.16
C VAL D 45 81.49 -26.07 49.50
N LYS D 46 80.29 -25.54 49.80
CA LYS D 46 79.11 -26.37 50.01
C LYS D 46 78.76 -27.15 48.75
N PHE D 47 79.05 -26.59 47.58
CA PHE D 47 78.72 -27.23 46.32
C PHE D 47 79.72 -28.31 45.94
N THR D 48 80.99 -28.14 46.31
CA THR D 48 81.97 -29.22 46.13
C THR D 48 81.72 -30.34 47.14
N LEU D 49 81.32 -29.99 48.35
CA LEU D 49 81.05 -31.01 49.35
C LEU D 49 79.75 -31.75 49.05
N ALA D 50 78.83 -31.09 48.34
CA ALA D 50 77.62 -31.78 47.91
C ALA D 50 77.91 -32.78 46.81
N LYS D 51 78.87 -32.46 45.94
CA LYS D 51 79.25 -33.37 44.86
C LYS D 51 79.90 -34.64 45.39
N ILE D 52 80.71 -34.50 46.44
CA ILE D 52 81.39 -35.65 47.00
C ILE D 52 80.40 -36.56 47.71
N ARG D 53 79.43 -35.95 48.40
CA ARG D 53 78.39 -36.71 49.05
C ARG D 53 77.43 -37.34 48.05
N LYS D 54 77.21 -36.68 46.92
CA LYS D 54 76.32 -37.21 45.89
C LYS D 54 76.93 -38.42 45.21
N ALA D 55 78.26 -38.42 45.01
CA ALA D 55 78.93 -39.62 44.53
C ALA D 55 79.07 -40.64 45.64
N ALA D 56 78.99 -40.20 46.89
CA ALA D 56 79.05 -41.14 48.01
C ALA D 56 77.77 -41.94 48.13
N ARG D 57 76.61 -41.29 47.96
CA ARG D 57 75.33 -42.00 48.02
C ARG D 57 75.20 -42.96 46.84
N GLU D 58 75.81 -42.62 45.71
CA GLU D 58 75.69 -43.45 44.51
C GLU D 58 76.49 -44.73 44.65
N LEU D 59 77.55 -44.73 45.48
CA LEU D 59 78.33 -45.93 45.68
C LEU D 59 77.74 -46.81 46.77
N LEU D 60 77.03 -46.21 47.73
CA LEU D 60 76.45 -47.00 48.81
C LEU D 60 75.22 -47.79 48.33
N THR D 61 74.61 -47.39 47.23
CA THR D 61 73.50 -48.17 46.69
C THR D 61 74.00 -49.36 45.88
N LEU D 62 75.27 -49.35 45.49
CA LEU D 62 75.85 -50.49 44.80
C LEU D 62 76.09 -51.63 45.77
N ASP D 63 76.09 -52.84 45.23
CA ASP D 63 76.34 -54.03 46.02
C ASP D 63 77.80 -54.07 46.46
N GLU D 64 78.04 -54.63 47.64
CA GLU D 64 79.41 -54.71 48.14
C GLU D 64 80.20 -55.73 47.31
N LYS D 65 81.50 -55.47 47.18
CA LYS D 65 82.40 -56.15 46.25
C LYS D 65 81.95 -56.05 44.80
N ASP D 66 81.40 -54.90 44.41
CA ASP D 66 81.18 -54.58 43.01
C ASP D 66 82.49 -54.13 42.39
N PRO D 67 82.78 -54.49 41.14
CA PRO D 67 84.02 -54.01 40.51
C PRO D 67 84.09 -52.51 40.29
N ARG D 68 82.96 -51.80 40.28
CA ARG D 68 83.02 -50.34 40.19
C ARG D 68 83.13 -49.73 41.58
N ARG D 69 82.44 -50.30 42.57
CA ARG D 69 82.28 -49.63 43.85
C ARG D 69 83.57 -49.65 44.65
N LEU D 70 84.41 -50.66 44.41
CA LEU D 70 85.69 -50.74 45.08
C LEU D 70 86.68 -49.72 44.50
N PHE D 71 86.75 -49.67 43.17
CA PHE D 71 87.72 -48.80 42.49
C PHE D 71 87.35 -47.33 42.67
N GLU D 72 86.08 -46.99 42.44
CA GLU D 72 85.63 -45.62 42.65
C GLU D 72 85.63 -45.25 44.13
N GLY D 73 85.34 -46.22 45.00
CA GLY D 73 85.37 -45.95 46.42
C GLY D 73 86.77 -45.74 46.97
N ASN D 74 87.74 -46.53 46.51
CA ASN D 74 89.11 -46.36 46.97
C ASN D 74 89.71 -45.06 46.48
N ALA D 75 89.30 -44.62 45.30
CA ALA D 75 89.84 -43.39 44.74
C ALA D 75 89.29 -42.18 45.48
N LEU D 76 88.01 -42.23 45.85
CA LEU D 76 87.38 -41.07 46.48
C LEU D 76 87.86 -40.91 47.91
N LEU D 77 88.23 -42.01 48.57
CA LEU D 77 88.81 -41.91 49.91
C LEU D 77 90.22 -41.34 49.84
N ARG D 78 91.03 -41.83 48.89
CA ARG D 78 92.39 -41.35 48.71
C ARG D 78 92.43 -39.87 48.34
N ARG D 79 91.43 -39.41 47.56
CA ARG D 79 91.37 -37.98 47.23
C ARG D 79 90.95 -37.14 48.42
N LEU D 80 90.38 -37.76 49.45
CA LEU D 80 90.04 -37.01 50.65
C LEU D 80 91.11 -37.17 51.72
N VAL D 81 91.87 -38.26 51.67
CA VAL D 81 92.98 -38.43 52.61
C VAL D 81 94.14 -37.52 52.26
N ARG D 82 94.44 -37.39 50.95
CA ARG D 82 95.61 -36.62 50.53
C ARG D 82 95.41 -35.13 50.75
N ILE D 83 94.16 -34.66 50.74
CA ILE D 83 93.94 -33.24 51.03
C ILE D 83 93.91 -33.02 52.53
N GLY D 84 93.67 -34.06 53.32
CA GLY D 84 93.71 -33.93 54.76
C GLY D 84 92.42 -33.52 55.40
N VAL D 85 91.30 -34.00 54.87
CA VAL D 85 89.98 -33.67 55.40
C VAL D 85 89.45 -34.92 56.08
N LEU D 86 89.80 -36.08 55.52
CA LEU D 86 89.42 -37.35 56.12
C LEU D 86 90.63 -37.99 56.80
N ASP D 87 90.38 -38.62 57.95
CA ASP D 87 91.43 -39.27 58.71
C ASP D 87 91.89 -40.54 58.03
N GLU D 88 93.19 -40.80 58.14
CA GLU D 88 93.83 -41.86 57.36
C GLU D 88 93.47 -43.25 57.87
N GLY D 89 92.96 -43.36 59.10
CA GLY D 89 92.40 -44.62 59.54
C GLY D 89 90.92 -44.71 59.29
N LYS D 90 90.24 -43.56 59.20
CA LYS D 90 88.81 -43.46 59.01
C LYS D 90 88.40 -43.64 57.54
N MET D 91 89.35 -43.96 56.65
CA MET D 91 89.03 -44.02 55.23
C MET D 91 88.15 -45.22 54.90
N LYS D 92 86.85 -44.97 54.99
CA LYS D 92 85.80 -45.90 54.60
C LYS D 92 84.67 -45.03 54.09
N LEU D 93 84.06 -45.42 52.99
CA LEU D 93 83.19 -44.53 52.22
C LEU D 93 81.86 -44.24 52.91
N ASP D 94 81.59 -44.91 54.03
CA ASP D 94 80.40 -44.61 54.82
C ASP D 94 80.65 -43.43 55.74
N TYR D 95 81.91 -43.00 55.90
CA TYR D 95 82.21 -41.84 56.72
C TYR D 95 82.27 -40.54 55.93
N ILE D 96 82.16 -40.61 54.60
CA ILE D 96 82.12 -39.42 53.78
C ILE D 96 80.82 -38.65 54.03
N LEU D 97 79.76 -39.37 54.40
CA LEU D 97 78.48 -38.72 54.69
C LEU D 97 78.54 -37.91 55.98
N GLY D 98 79.36 -38.35 56.93
CA GLY D 98 79.56 -37.58 58.14
C GLY D 98 80.69 -36.58 58.02
N LEU D 99 80.51 -35.58 57.16
CA LEU D 99 81.58 -34.64 56.86
C LEU D 99 80.95 -33.30 56.50
N LYS D 100 81.55 -32.22 57.00
CA LYS D 100 80.90 -30.92 57.01
C LYS D 100 81.84 -29.85 56.45
N ILE D 101 81.31 -28.63 56.32
CA ILE D 101 81.93 -27.63 55.47
C ILE D 101 83.16 -27.03 56.13
N GLU D 102 83.17 -26.98 57.48
CA GLU D 102 84.28 -26.38 58.21
C GLU D 102 85.58 -27.18 58.08
N ASP D 103 85.47 -28.43 57.63
CA ASP D 103 86.65 -29.25 57.42
C ASP D 103 87.37 -28.87 56.13
N PHE D 104 86.63 -28.46 55.10
CA PHE D 104 87.30 -27.96 53.90
C PHE D 104 87.93 -26.59 54.12
N LEU D 105 87.28 -25.74 54.91
CA LEU D 105 87.80 -24.39 55.12
C LEU D 105 89.04 -24.41 56.02
N GLU D 106 89.27 -25.50 56.73
CA GLU D 106 90.55 -25.67 57.39
C GLU D 106 91.68 -25.84 56.39
N ARG D 107 91.52 -26.72 55.39
CA ARG D 107 92.60 -27.06 54.48
C ARG D 107 92.84 -26.02 53.40
N ARG D 108 92.04 -24.96 53.41
CA ARG D 108 92.34 -23.73 52.69
C ARG D 108 93.68 -23.17 53.18
N LEU D 109 94.47 -22.68 52.22
CA LEU D 109 95.82 -22.20 52.55
C LEU D 109 95.79 -20.95 53.43
N GLN D 110 94.71 -20.17 53.34
CA GLN D 110 94.58 -18.98 54.18
C GLN D 110 94.49 -19.35 55.65
N THR D 111 93.80 -20.44 55.95
CA THR D 111 93.71 -20.86 57.34
C THR D 111 94.92 -21.67 57.76
N GLN D 112 95.59 -22.33 56.81
CA GLN D 112 96.82 -23.02 57.15
C GLN D 112 97.93 -22.05 57.49
N VAL D 113 98.03 -20.96 56.73
CA VAL D 113 98.98 -19.88 57.04
C VAL D 113 98.68 -19.26 58.40
N PHE D 114 97.40 -19.17 58.74
CA PHE D 114 97.02 -18.70 60.06
C PHE D 114 97.37 -19.71 61.15
N LYS D 115 97.09 -21.00 60.91
CA LYS D 115 97.32 -21.99 61.97
C LYS D 115 98.78 -22.41 62.05
N LEU D 116 99.56 -22.21 60.99
CA LEU D 116 101.01 -22.42 61.08
C LEU D 116 101.69 -21.29 61.84
N GLY D 117 100.96 -20.22 62.13
CA GLY D 117 101.46 -19.19 63.00
C GLY D 117 102.32 -18.15 62.34
N LEU D 118 102.50 -18.22 61.02
CA LEU D 118 103.25 -17.18 60.34
C LEU D 118 102.35 -16.03 59.91
N ALA D 119 101.10 -16.01 60.37
CA ALA D 119 100.16 -14.93 60.11
C ALA D 119 99.70 -14.29 61.42
N LYS D 120 99.40 -12.99 61.37
CA LYS D 120 98.94 -12.30 62.57
C LYS D 120 97.47 -12.57 62.83
N SER D 121 96.63 -12.34 61.82
CA SER D 121 95.20 -12.62 61.90
C SER D 121 94.78 -13.40 60.67
N ILE D 122 93.49 -13.78 60.64
CA ILE D 122 92.93 -14.46 59.48
C ILE D 122 92.80 -13.46 58.32
N HIS D 123 92.55 -12.20 58.66
CA HIS D 123 92.44 -11.18 57.63
C HIS D 123 93.79 -10.57 57.29
N HIS D 124 94.80 -10.83 58.13
CA HIS D 124 96.16 -10.46 57.77
C HIS D 124 96.76 -11.45 56.79
N ALA D 125 96.35 -12.72 56.91
CA ALA D 125 96.93 -13.79 56.09
C ALA D 125 96.57 -13.63 54.62
N ARG D 126 95.35 -13.14 54.35
CA ARG D 126 94.92 -12.97 52.98
C ARG D 126 95.63 -11.80 52.32
N VAL D 127 96.08 -10.84 53.12
CA VAL D 127 96.92 -9.76 52.59
C VAL D 127 98.29 -10.30 52.22
N LEU D 128 98.79 -11.27 52.99
CA LEU D 128 100.08 -11.88 52.69
C LEU D 128 100.03 -12.67 51.40
N ILE D 129 98.93 -13.38 51.17
CA ILE D 129 98.81 -14.22 49.97
C ILE D 129 98.70 -13.35 48.73
N ARG D 130 97.94 -12.27 48.82
CA ARG D 130 97.71 -11.40 47.67
C ARG D 130 98.95 -10.59 47.31
N GLN D 131 99.79 -10.30 48.28
CA GLN D 131 101.00 -9.52 48.04
C GLN D 131 102.21 -10.39 47.75
N ARG D 132 101.99 -11.67 47.44
CA ARG D 132 103.02 -12.62 46.96
C ARG D 132 104.14 -12.81 47.98
N HIS D 133 103.77 -12.88 49.26
CA HIS D 133 104.74 -13.03 50.34
C HIS D 133 105.08 -14.47 50.66
N ILE D 134 104.24 -15.42 50.34
CA ILE D 134 104.46 -16.80 50.76
C ILE D 134 104.58 -17.70 49.55
N ARG D 135 105.27 -18.81 49.73
CA ARG D 135 105.42 -19.80 48.68
C ARG D 135 105.15 -21.18 49.26
N VAL D 136 104.90 -22.12 48.36
CA VAL D 136 104.69 -23.52 48.71
C VAL D 136 105.56 -24.34 47.77
N ARG D 137 106.64 -24.92 48.31
CA ARG D 137 107.61 -25.75 47.59
C ARG D 137 108.21 -25.01 46.39
N LYS D 138 108.93 -23.93 46.69
CA LYS D 138 109.59 -23.05 45.71
C LYS D 138 108.62 -22.48 44.68
N GLN D 139 107.37 -22.24 45.06
CA GLN D 139 106.35 -21.76 44.13
C GLN D 139 105.50 -20.72 44.83
N VAL D 140 105.64 -19.46 44.41
CA VAL D 140 104.90 -18.36 45.03
C VAL D 140 103.43 -18.47 44.65
N VAL D 141 102.58 -18.65 45.65
CA VAL D 141 101.13 -18.83 45.48
C VAL D 141 100.45 -17.52 45.82
N ASN D 142 99.60 -17.04 44.92
CA ASN D 142 99.01 -15.72 45.03
C ASN D 142 97.54 -15.77 45.43
N ILE D 143 96.99 -16.96 45.68
CA ILE D 143 95.54 -17.19 45.69
C ILE D 143 95.17 -17.93 46.96
N PRO D 144 94.28 -17.38 47.78
CA PRO D 144 94.09 -17.93 49.13
C PRO D 144 93.27 -19.19 49.17
N SER D 145 92.54 -19.54 48.12
CA SER D 145 91.72 -20.74 48.15
C SER D 145 92.48 -22.01 47.78
N PHE D 146 93.81 -21.95 47.82
CA PHE D 146 94.68 -23.08 47.50
C PHE D 146 94.45 -24.21 48.48
N ILE D 147 93.96 -25.35 48.00
CA ILE D 147 93.73 -26.48 48.89
C ILE D 147 95.06 -27.18 49.14
N VAL D 148 95.64 -26.95 50.31
CA VAL D 148 96.94 -27.52 50.66
C VAL D 148 96.76 -29.00 50.94
N ARG D 149 97.47 -29.83 50.19
CA ARG D 149 97.43 -31.25 50.44
C ARG D 149 98.20 -31.60 51.70
N LEU D 150 97.93 -32.79 52.22
CA LEU D 150 98.62 -33.26 53.41
C LEU D 150 100.09 -33.49 53.13
N ASP D 151 100.43 -33.84 51.88
CA ASP D 151 101.81 -34.04 51.48
C ASP D 151 102.61 -32.75 51.52
N SER D 152 101.99 -31.65 51.11
CA SER D 152 102.69 -30.37 50.99
C SER D 152 102.24 -29.35 52.02
N GLN D 153 102.04 -29.77 53.28
CA GLN D 153 101.68 -28.81 54.31
C GLN D 153 102.90 -28.26 55.03
N LYS D 154 103.92 -29.08 55.23
CA LYS D 154 105.09 -28.67 56.02
C LYS D 154 106.06 -27.83 55.22
N HIS D 155 105.71 -27.41 54.01
CA HIS D 155 106.58 -26.61 53.16
C HIS D 155 106.08 -25.19 52.97
N ILE D 156 105.02 -24.79 53.67
CA ILE D 156 104.56 -23.41 53.57
C ILE D 156 105.51 -22.50 54.34
N ASP D 157 106.05 -21.51 53.65
CA ASP D 157 106.94 -20.52 54.26
C ASP D 157 106.81 -19.23 53.47
N PHE D 158 107.56 -18.23 53.91
CA PHE D 158 107.58 -16.96 53.19
C PHE D 158 108.37 -17.09 51.89
N SER D 159 107.94 -16.34 50.89
CA SER D 159 108.60 -16.38 49.60
C SER D 159 109.95 -15.68 49.66
N LEU D 160 110.84 -16.08 48.75
CA LEU D 160 112.23 -15.61 48.80
C LEU D 160 112.34 -14.17 48.37
N ARG D 161 111.47 -13.72 47.45
CA ARG D 161 111.36 -12.30 47.13
C ARG D 161 110.23 -11.73 47.98
N SER D 162 110.57 -11.48 49.24
CA SER D 162 109.67 -10.81 50.18
C SER D 162 110.51 -10.22 51.30
N PRO D 163 110.17 -9.02 51.76
CA PRO D 163 110.86 -8.48 52.94
C PRO D 163 110.46 -9.18 54.21
N TYR D 164 109.31 -9.85 54.23
CA TYR D 164 108.94 -10.68 55.37
C TYR D 164 109.77 -11.96 55.38
N GLY D 165 110.30 -12.35 54.23
CA GLY D 165 111.36 -13.32 54.15
C GLY D 165 112.70 -12.64 53.97
N GLY D 166 113.67 -13.41 53.50
CA GLY D 166 115.00 -12.87 53.29
C GLY D 166 115.19 -12.16 51.96
N GLY D 167 114.69 -10.95 51.83
CA GLY D 167 114.80 -10.24 50.57
C GLY D 167 114.97 -8.74 50.73
N ARG D 168 114.72 -8.04 49.64
CA ARG D 168 114.79 -6.58 49.65
C ARG D 168 113.60 -6.00 50.41
N PRO D 169 113.74 -4.81 51.00
CA PRO D 169 112.57 -4.17 51.60
C PRO D 169 111.62 -3.66 50.53
N GLY D 170 110.43 -3.27 50.96
CA GLY D 170 109.38 -2.87 50.04
C GLY D 170 109.60 -1.48 49.48
N ARG D 171 108.55 -0.99 48.81
CA ARG D 171 108.56 0.35 48.23
C ARG D 171 108.67 1.41 49.32
N VAL D 172 108.08 1.15 50.49
CA VAL D 172 107.91 2.19 51.49
C VAL D 172 109.23 2.49 52.20
N LYS D 173 109.91 1.45 52.68
CA LYS D 173 111.14 1.65 53.46
C LYS D 173 112.28 2.13 52.57
N ARG D 174 112.26 1.78 51.28
CA ARG D 174 113.22 2.34 50.34
C ARG D 174 113.03 3.85 50.18
N LYS D 175 111.78 4.32 50.29
CA LYS D 175 111.55 5.76 50.22
C LYS D 175 111.81 6.43 51.55
N ASN D 176 111.62 5.70 52.66
CA ASN D 176 111.88 6.28 53.97
C ASN D 176 113.38 6.45 54.21
N ALA D 177 114.20 5.58 53.62
CA ALA D 177 115.65 5.78 53.69
C ALA D 177 116.09 6.91 52.76
N LYS D 178 115.40 7.06 51.62
CA LYS D 178 115.79 8.09 50.66
C LYS D 178 115.44 9.49 51.17
N LYS D 179 114.38 9.61 51.96
CA LYS D 179 114.09 10.91 52.56
C LYS D 179 114.92 11.12 53.83
N GLY D 180 115.35 10.01 54.46
CA GLY D 180 116.27 10.13 55.58
C GLY D 180 117.67 10.53 55.12
N GLN D 181 118.13 9.94 54.01
CA GLN D 181 119.41 10.34 53.45
C GLN D 181 119.29 11.67 52.72
N GLY D 182 118.09 12.00 52.26
CA GLY D 182 117.86 13.34 51.74
C GLY D 182 117.81 14.39 52.83
N GLY D 183 117.37 14.00 54.02
CA GLY D 183 117.31 14.94 55.13
C GLY D 183 118.65 15.22 55.76
N ALA D 184 119.49 14.20 55.90
CA ALA D 184 120.83 14.40 56.47
C ALA D 184 121.77 14.99 55.43
N GLY D 185 121.71 14.50 54.20
CA GLY D 185 122.56 15.03 53.13
C GLY D 185 123.40 13.94 52.48
N ASP E 1 47.24 -74.92 -18.56
CA ASP E 1 47.97 -75.02 -17.30
C ASP E 1 48.86 -73.81 -17.09
N ILE E 2 50.02 -73.84 -17.73
CA ILE E 2 50.95 -72.74 -17.66
C ILE E 2 51.02 -72.09 -19.05
N GLN E 3 51.87 -71.07 -19.17
CA GLN E 3 52.11 -70.32 -20.40
C GLN E 3 50.83 -69.68 -20.92
N THR E 4 50.38 -68.71 -20.13
CA THR E 4 49.15 -67.96 -20.37
C THR E 4 49.42 -66.49 -20.68
N GLU E 5 50.68 -66.09 -20.79
CA GLU E 5 51.02 -64.72 -21.15
C GLU E 5 51.36 -64.67 -22.64
N ARG E 6 51.79 -63.48 -23.07
CA ARG E 6 52.15 -63.31 -24.47
C ARG E 6 53.48 -63.95 -24.80
N ALA E 7 54.44 -63.87 -23.88
CA ALA E 7 55.73 -64.47 -24.11
C ALA E 7 55.73 -65.91 -23.63
N TYR E 8 56.65 -66.69 -24.18
CA TYR E 8 56.84 -68.08 -23.78
C TYR E 8 57.44 -68.11 -22.38
N GLN E 9 56.76 -68.76 -21.46
CA GLN E 9 57.25 -68.86 -20.10
C GLN E 9 58.19 -70.06 -19.98
N LYS E 10 59.42 -69.79 -19.56
CA LYS E 10 60.39 -70.87 -19.42
C LYS E 10 61.35 -70.56 -18.29
N GLN E 11 61.88 -71.61 -17.69
CA GLN E 11 63.04 -71.46 -16.83
C GLN E 11 64.24 -71.12 -17.72
N PRO E 12 64.93 -70.00 -17.47
CA PRO E 12 65.94 -69.55 -18.43
C PRO E 12 67.22 -70.35 -18.38
N THR E 13 67.42 -71.18 -17.35
CA THR E 13 68.69 -71.90 -17.22
C THR E 13 68.63 -73.23 -17.98
N ILE E 14 67.57 -74.00 -17.80
CA ILE E 14 67.51 -75.32 -18.42
C ILE E 14 67.13 -75.18 -19.90
N PHE E 15 67.90 -75.85 -20.74
CA PHE E 15 67.67 -75.88 -22.18
C PHE E 15 66.88 -77.11 -22.55
N GLN E 16 65.76 -76.90 -23.22
CA GLN E 16 64.75 -77.93 -23.37
C GLN E 16 64.59 -78.39 -24.81
N ASN E 17 65.54 -78.06 -25.67
CA ASN E 17 65.43 -78.37 -27.09
C ASN E 17 66.59 -79.24 -27.56
N LYS E 18 67.13 -80.07 -26.68
CA LYS E 18 68.24 -80.94 -27.06
C LYS E 18 67.71 -82.14 -27.83
N LYS E 19 68.53 -82.63 -28.76
CA LYS E 19 68.13 -83.73 -29.62
C LYS E 19 68.10 -85.03 -28.83
N ARG E 20 66.89 -85.49 -28.50
CA ARG E 20 66.75 -86.80 -27.89
C ARG E 20 66.97 -87.88 -28.94
N VAL E 21 67.72 -88.92 -28.55
CA VAL E 21 68.21 -90.06 -29.37
C VAL E 21 68.62 -89.69 -30.78
N LYS E 30 59.69 -85.37 -20.22
CA LYS E 30 59.48 -84.37 -19.18
C LYS E 30 60.71 -83.47 -19.13
N LEU E 31 60.49 -82.19 -18.83
CA LEU E 31 61.57 -81.22 -18.84
C LEU E 31 62.43 -81.39 -17.58
N PRO E 32 63.74 -81.24 -17.69
CA PRO E 32 64.58 -81.22 -16.48
C PRO E 32 64.38 -79.93 -15.70
N ARG E 33 63.97 -80.02 -14.46
CA ARG E 33 63.57 -78.81 -13.74
C ARG E 33 64.75 -78.21 -12.98
N TYR E 34 64.90 -76.90 -13.09
CA TYR E 34 65.80 -76.17 -12.20
C TYR E 34 65.15 -75.97 -10.84
N TYR E 35 65.89 -76.28 -9.80
CA TYR E 35 65.56 -75.88 -8.44
C TYR E 35 66.87 -75.74 -7.70
N LYS E 36 66.82 -75.16 -6.51
CA LYS E 36 68.02 -74.99 -5.71
C LYS E 36 67.66 -75.10 -4.24
N ASN E 37 68.69 -75.33 -3.42
CA ASN E 37 68.55 -75.17 -1.98
C ASN E 37 68.79 -73.71 -1.64
N ILE E 38 68.14 -73.23 -0.59
CA ILE E 38 67.98 -71.82 -0.33
C ILE E 38 68.94 -71.39 0.77
N GLY E 39 69.45 -72.35 1.53
CA GLY E 39 70.28 -72.04 2.68
C GLY E 39 69.45 -71.91 3.93
N LEU E 40 70.14 -71.66 5.04
CA LEU E 40 69.54 -71.39 6.36
C LEU E 40 68.66 -72.52 6.87
N GLY E 41 68.91 -73.75 6.42
CA GLY E 41 68.19 -74.90 6.93
C GLY E 41 66.74 -75.02 6.51
N PHE E 42 66.31 -74.32 5.44
CA PHE E 42 64.95 -74.47 4.95
C PHE E 42 64.88 -75.60 3.95
N LYS E 43 63.93 -76.50 4.14
CA LYS E 43 63.71 -77.62 3.24
C LYS E 43 62.98 -77.11 2.00
N THR E 44 63.54 -77.39 0.83
CA THR E 44 62.82 -77.06 -0.39
C THR E 44 61.62 -77.99 -0.54
N PRO E 45 60.44 -77.48 -0.88
CA PRO E 45 59.24 -78.30 -0.84
C PRO E 45 59.20 -79.28 -2.00
N LYS E 46 58.39 -80.33 -1.83
CA LYS E 46 58.26 -81.35 -2.86
C LYS E 46 57.58 -80.79 -4.11
N GLU E 47 56.70 -79.81 -3.92
CA GLU E 47 55.97 -79.25 -5.05
C GLU E 47 56.87 -78.39 -5.92
N ALA E 48 57.98 -77.90 -5.36
CA ALA E 48 58.92 -77.08 -6.14
C ALA E 48 59.74 -77.93 -7.10
N ILE E 49 59.80 -79.23 -6.85
CA ILE E 49 60.58 -80.11 -7.72
C ILE E 49 59.67 -80.80 -8.73
N GLU E 50 58.52 -81.27 -8.29
CA GLU E 50 57.60 -81.94 -9.20
C GLU E 50 56.84 -80.96 -10.07
N GLY E 51 56.72 -79.70 -9.61
CA GLY E 51 55.80 -78.77 -10.22
C GLY E 51 56.22 -78.32 -11.61
N THR E 52 55.24 -77.77 -12.31
CA THR E 52 55.39 -77.39 -13.71
C THR E 52 55.27 -75.90 -13.92
N TYR E 53 55.00 -75.13 -12.87
CA TYR E 53 54.96 -73.68 -12.97
C TYR E 53 56.36 -73.15 -13.25
N ILE E 54 56.43 -71.96 -13.83
CA ILE E 54 57.68 -71.23 -13.69
C ILE E 54 57.37 -70.01 -12.85
N ASP E 55 58.38 -69.48 -12.18
CA ASP E 55 58.24 -68.29 -11.36
C ASP E 55 59.63 -67.72 -11.19
N LYS E 56 59.88 -66.57 -11.80
CA LYS E 56 61.20 -65.97 -11.75
C LYS E 56 61.50 -65.39 -10.37
N LYS E 57 60.48 -65.20 -9.56
CA LYS E 57 60.61 -64.63 -8.24
C LYS E 57 60.50 -65.68 -7.14
N CYS E 58 60.42 -66.95 -7.51
CA CYS E 58 60.40 -68.03 -6.53
C CYS E 58 61.76 -68.14 -5.87
N PRO E 59 61.81 -68.31 -4.55
CA PRO E 59 63.11 -68.46 -3.89
C PRO E 59 63.73 -69.82 -4.10
N PHE E 60 63.02 -70.77 -4.71
CA PHE E 60 63.58 -72.09 -4.97
C PHE E 60 63.85 -72.30 -6.44
N THR E 61 62.97 -71.80 -7.32
CA THR E 61 63.08 -72.03 -8.75
C THR E 61 63.11 -70.72 -9.52
N GLY E 62 63.86 -69.74 -9.04
CA GLY E 62 63.93 -68.46 -9.72
C GLY E 62 65.24 -67.79 -9.39
N ASN E 63 65.43 -66.61 -9.99
CA ASN E 63 66.66 -65.85 -9.83
C ASN E 63 66.49 -64.85 -8.70
N VAL E 64 66.47 -65.37 -7.47
CA VAL E 64 66.43 -64.52 -6.30
C VAL E 64 67.13 -65.26 -5.15
N SER E 65 67.87 -64.53 -4.34
CA SER E 65 68.60 -65.11 -3.23
C SER E 65 68.16 -64.48 -1.92
N ILE E 66 68.02 -65.32 -0.89
CA ILE E 66 67.61 -64.88 0.43
C ILE E 66 68.84 -64.46 1.20
N ARG E 67 68.78 -63.27 1.79
CA ARG E 67 69.95 -62.59 2.29
C ARG E 67 69.47 -61.54 3.29
N GLY E 68 70.14 -61.46 4.43
CA GLY E 68 69.74 -60.47 5.41
C GLY E 68 68.72 -60.97 6.42
N ARG E 69 67.60 -60.27 6.57
CA ARG E 69 66.69 -60.53 7.68
C ARG E 69 65.71 -61.65 7.34
N ILE E 70 65.31 -62.39 8.36
CA ILE E 70 64.30 -63.43 8.23
C ILE E 70 63.22 -63.10 9.24
N LEU E 71 62.00 -62.94 8.77
CA LEU E 71 60.89 -62.49 9.58
C LEU E 71 59.78 -63.52 9.51
N SER E 72 58.71 -63.25 10.24
CA SER E 72 57.56 -64.15 10.27
C SER E 72 56.31 -63.36 10.60
N GLY E 73 55.25 -63.64 9.86
CA GLY E 73 54.01 -62.92 10.03
C GLY E 73 52.85 -63.86 9.83
N VAL E 74 51.65 -63.31 9.88
CA VAL E 74 50.43 -64.08 9.69
C VAL E 74 49.72 -63.57 8.44
N VAL E 75 49.35 -64.51 7.57
CA VAL E 75 48.73 -64.19 6.28
C VAL E 75 47.33 -63.65 6.53
N THR E 76 47.03 -62.50 5.92
CA THR E 76 45.70 -61.91 6.08
C THR E 76 45.02 -61.57 4.77
N LYS E 77 45.73 -61.52 3.65
CA LYS E 77 45.13 -61.29 2.33
C LYS E 77 45.85 -62.12 1.29
N MET E 78 45.08 -62.72 0.41
CA MET E 78 45.61 -63.54 -0.69
C MET E 78 44.94 -63.15 -1.98
N LYS E 79 44.97 -61.86 -2.31
CA LYS E 79 44.16 -61.36 -3.42
C LYS E 79 44.99 -60.83 -4.57
N MET E 80 46.13 -60.21 -4.27
CA MET E 80 47.15 -59.93 -5.27
C MET E 80 47.62 -61.25 -5.85
N GLN E 81 47.90 -61.28 -7.15
CA GLN E 81 48.28 -62.55 -7.76
C GLN E 81 49.77 -62.82 -7.56
N ARG E 82 50.07 -64.03 -7.08
CA ARG E 82 51.41 -64.52 -6.71
C ARG E 82 52.06 -63.75 -5.57
N THR E 83 51.29 -62.98 -4.80
CA THR E 83 51.84 -62.29 -3.63
C THR E 83 50.74 -62.03 -2.61
N ILE E 84 51.11 -62.11 -1.35
CA ILE E 84 50.19 -62.05 -0.21
C ILE E 84 50.54 -60.87 0.67
N VAL E 85 49.59 -60.48 1.50
CA VAL E 85 49.81 -59.50 2.55
C VAL E 85 49.85 -60.22 3.88
N ILE E 86 50.99 -60.16 4.56
CA ILE E 86 51.13 -60.77 5.87
C ILE E 86 51.04 -59.65 6.88
N ARG E 87 50.91 -59.99 8.15
CA ARG E 87 50.73 -59.00 9.21
C ARG E 87 51.65 -59.33 10.37
N ARG E 88 52.48 -58.37 10.75
CA ARG E 88 53.45 -58.55 11.81
C ARG E 88 53.04 -57.72 13.02
N ASP E 89 52.66 -58.40 14.10
CA ASP E 89 52.23 -57.76 15.32
C ASP E 89 53.38 -57.73 16.30
N TYR E 90 53.42 -56.70 17.13
CA TYR E 90 54.49 -56.53 18.10
C TYR E 90 54.01 -55.58 19.18
N LEU E 91 54.86 -55.35 20.17
CA LEU E 91 54.55 -54.43 21.26
C LEU E 91 55.61 -53.34 21.24
N HIS E 92 55.17 -52.09 21.37
CA HIS E 92 56.13 -51.00 21.48
C HIS E 92 56.08 -50.34 22.85
N TYR E 93 57.26 -50.11 23.42
CA TYR E 93 57.41 -49.64 24.79
C TYR E 93 57.56 -48.12 24.79
N ILE E 94 56.56 -47.45 25.32
CA ILE E 94 56.68 -46.06 25.73
C ILE E 94 57.29 -46.03 27.12
N ARG E 95 58.38 -45.30 27.29
CA ARG E 95 59.15 -45.44 28.51
C ARG E 95 58.68 -44.55 29.66
N LYS E 96 57.83 -43.55 29.40
CA LYS E 96 57.24 -42.76 30.48
C LYS E 96 56.23 -43.58 31.27
N TYR E 97 55.17 -44.01 30.62
CA TYR E 97 54.18 -44.90 31.21
C TYR E 97 54.74 -46.29 31.00
N ASN E 98 55.20 -46.95 32.07
CA ASN E 98 56.05 -48.15 31.92
C ASN E 98 55.26 -49.35 31.38
N ARG E 99 54.87 -49.21 30.11
CA ARG E 99 53.86 -50.01 29.45
C ARG E 99 54.20 -50.19 27.98
N PHE E 100 53.49 -51.11 27.36
CA PHE E 100 53.62 -51.47 25.96
C PHE E 100 52.42 -50.92 25.21
N GLU E 101 52.44 -51.06 23.89
CA GLU E 101 51.26 -50.76 23.08
C GLU E 101 51.29 -51.68 21.87
N LYS E 102 50.11 -52.09 21.41
CA LYS E 102 50.08 -52.94 20.22
C LYS E 102 50.24 -52.08 18.99
N ARG E 103 51.16 -52.50 18.12
CA ARG E 103 51.30 -51.95 16.79
C ARG E 103 51.32 -53.09 15.81
N HIS E 104 51.13 -52.79 14.53
CA HIS E 104 51.29 -53.80 13.48
C HIS E 104 51.97 -53.17 12.29
N LYS E 105 52.70 -53.99 11.54
CA LYS E 105 53.13 -53.67 10.19
C LYS E 105 52.61 -54.76 9.30
N ASN E 106 52.07 -54.39 8.15
CA ASN E 106 51.75 -55.36 7.12
C ASN E 106 52.65 -55.09 5.91
N MET E 107 53.28 -56.15 5.43
CA MET E 107 54.15 -56.06 4.27
C MET E 107 53.67 -56.97 3.16
N SER E 108 53.75 -56.48 1.93
CA SER E 108 53.40 -57.28 0.77
C SER E 108 54.54 -58.24 0.45
N VAL E 109 54.26 -59.54 0.51
CA VAL E 109 55.28 -60.57 0.41
C VAL E 109 54.93 -61.50 -0.74
N HIS E 110 55.90 -61.77 -1.61
CA HIS E 110 55.67 -62.64 -2.76
C HIS E 110 55.53 -64.09 -2.34
N LEU E 111 54.52 -64.76 -2.89
CA LEU E 111 54.17 -66.14 -2.57
C LEU E 111 54.34 -66.99 -3.81
N SER E 112 55.37 -67.83 -3.84
CA SER E 112 55.59 -68.74 -4.95
C SER E 112 54.54 -69.84 -4.93
N PRO E 113 54.12 -70.35 -6.10
CA PRO E 113 53.03 -71.33 -6.11
C PRO E 113 53.43 -72.75 -5.78
N CYS E 114 54.61 -72.96 -5.18
CA CYS E 114 54.89 -74.26 -4.55
C CYS E 114 54.09 -74.40 -3.26
N PHE E 115 53.87 -73.29 -2.56
CA PHE E 115 52.99 -73.26 -1.40
C PHE E 115 51.57 -73.10 -1.90
N ARG E 116 50.82 -74.21 -1.97
CA ARG E 116 49.44 -74.19 -2.46
C ARG E 116 48.42 -74.16 -1.33
N ASP E 117 48.65 -74.91 -0.26
CA ASP E 117 47.78 -74.87 0.91
C ASP E 117 48.18 -73.68 1.77
N VAL E 118 47.78 -72.49 1.32
CA VAL E 118 48.02 -71.27 2.07
C VAL E 118 46.66 -70.67 2.36
N GLN E 119 46.42 -70.32 3.61
CA GLN E 119 45.16 -69.73 4.04
C GLN E 119 45.43 -68.45 4.81
N ILE E 120 44.37 -67.72 5.10
CA ILE E 120 44.47 -66.65 6.08
C ILE E 120 44.67 -67.27 7.46
N GLY E 121 45.36 -66.54 8.33
CA GLY E 121 45.62 -67.06 9.64
C GLY E 121 46.84 -67.93 9.75
N ASP E 122 47.46 -68.29 8.63
CA ASP E 122 48.62 -69.17 8.64
C ASP E 122 49.85 -68.37 9.02
N ILE E 123 50.60 -68.89 9.99
CA ILE E 123 51.85 -68.28 10.38
C ILE E 123 52.87 -68.58 9.29
N VAL E 124 53.29 -67.58 8.62
CA VAL E 124 54.16 -67.71 7.46
C VAL E 124 55.56 -67.29 7.90
N THR E 125 56.56 -67.66 7.12
CA THR E 125 57.94 -67.26 7.38
C THR E 125 58.55 -66.74 6.10
N VAL E 126 59.09 -65.53 6.17
CA VAL E 126 59.52 -64.81 4.98
C VAL E 126 61.02 -64.61 5.05
N GLY E 127 61.61 -64.18 3.95
CA GLY E 127 63.03 -63.91 3.91
C GLY E 127 63.38 -62.72 3.06
N GLU E 128 64.28 -61.87 3.53
CA GLU E 128 64.63 -60.65 2.81
C GLU E 128 65.39 -60.97 1.53
N CYS E 129 65.04 -60.24 0.48
CA CYS E 129 65.68 -60.37 -0.81
C CYS E 129 65.74 -59.00 -1.45
N ARG E 130 66.11 -58.97 -2.73
CA ARG E 130 66.09 -57.73 -3.48
C ARG E 130 64.64 -57.27 -3.67
N PRO E 131 64.41 -55.97 -3.88
CA PRO E 131 63.06 -55.53 -4.22
C PRO E 131 62.50 -56.15 -5.49
N LEU E 132 61.37 -56.86 -5.36
CA LEU E 132 60.76 -57.48 -6.53
C LEU E 132 59.79 -56.54 -7.21
N SER E 133 59.24 -55.60 -6.47
CA SER E 133 58.33 -54.62 -7.01
C SER E 133 58.44 -53.36 -6.14
N LYS E 134 57.45 -52.49 -6.22
CA LYS E 134 57.48 -51.22 -5.50
C LYS E 134 57.41 -51.44 -3.99
N THR E 135 56.62 -52.40 -3.53
CA THR E 135 56.47 -52.63 -2.11
C THR E 135 56.89 -54.01 -1.64
N VAL E 136 57.22 -54.94 -2.53
CA VAL E 136 57.60 -56.28 -2.13
C VAL E 136 59.12 -56.37 -2.01
N ARG E 137 59.60 -56.79 -0.84
CA ARG E 137 61.02 -57.07 -0.64
C ARG E 137 61.24 -58.38 0.10
N PHE E 138 60.22 -59.23 0.15
CA PHE E 138 60.28 -60.49 0.92
C PHE E 138 59.60 -61.58 0.11
N ASN E 139 60.18 -62.78 0.13
CA ASN E 139 59.55 -63.98 -0.42
C ASN E 139 59.15 -64.90 0.72
N VAL E 140 58.17 -65.75 0.45
CA VAL E 140 57.74 -66.74 1.44
C VAL E 140 58.69 -67.93 1.42
N LEU E 141 59.21 -68.30 2.59
CA LEU E 141 60.18 -69.37 2.75
C LEU E 141 59.60 -70.65 3.31
N LYS E 142 58.74 -70.58 4.33
CA LYS E 142 57.99 -71.76 4.74
C LYS E 142 56.66 -71.32 5.31
N VAL E 143 55.64 -72.15 5.13
CA VAL E 143 54.29 -71.86 5.57
C VAL E 143 53.93 -72.89 6.64
N THR E 144 53.81 -72.44 7.88
CA THR E 144 53.22 -73.28 8.91
C THR E 144 51.72 -73.07 8.92
N LYS E 145 50.97 -74.17 8.84
CA LYS E 145 49.53 -74.15 8.91
C LYS E 145 49.08 -73.73 10.30
N ALA E 146 47.93 -73.06 10.37
CA ALA E 146 47.46 -72.51 11.63
C ALA E 146 46.98 -73.60 12.56
N ALA E 147 46.81 -73.23 13.83
CA ALA E 147 46.39 -74.18 14.85
C ALA E 147 44.94 -74.60 14.61
N GLY E 148 44.66 -75.88 14.84
CA GLY E 148 43.35 -76.41 14.47
C GLY E 148 43.25 -76.48 12.96
N THR E 149 42.00 -76.41 12.47
CA THR E 149 41.66 -76.35 11.03
C THR E 149 42.26 -77.51 10.25
N LYS E 150 42.22 -78.70 10.84
CA LYS E 150 42.83 -79.88 10.23
C LYS E 150 41.99 -80.41 9.07
N LYS E 151 40.71 -80.05 9.00
CA LYS E 151 39.86 -80.42 7.88
C LYS E 151 40.21 -79.61 6.64
N GLN F 1 -36.52 -15.71 71.34
CA GLN F 1 -35.33 -15.99 72.12
C GLN F 1 -35.38 -15.26 73.48
N PRO F 2 -36.00 -15.86 74.49
CA PRO F 2 -36.07 -15.23 75.80
C PRO F 2 -34.80 -15.47 76.62
N ILE F 3 -34.68 -14.68 77.69
CA ILE F 3 -33.42 -14.46 78.39
C ILE F 3 -33.22 -15.51 79.47
N LYS F 4 -32.01 -16.06 79.54
CA LYS F 4 -31.65 -17.03 80.57
C LYS F 4 -30.48 -16.48 81.37
N LEU F 5 -30.34 -16.94 82.61
CA LEU F 5 -29.20 -16.57 83.44
C LEU F 5 -28.29 -17.77 83.63
N ALA F 6 -27.00 -17.52 83.84
CA ALA F 6 -26.07 -18.62 84.05
C ALA F 6 -25.03 -18.24 85.08
N ARG F 7 -24.59 -19.21 85.86
CA ARG F 7 -23.62 -19.01 86.92
C ARG F 7 -22.27 -19.56 86.52
N VAL F 8 -21.21 -18.78 86.79
CA VAL F 8 -19.84 -19.18 86.51
C VAL F 8 -19.47 -20.32 87.45
N THR F 9 -19.05 -21.45 86.87
CA THR F 9 -18.66 -22.58 87.70
C THR F 9 -17.19 -22.91 87.57
N LYS F 10 -16.53 -22.38 86.54
CA LYS F 10 -15.10 -22.61 86.32
C LYS F 10 -14.60 -21.54 85.36
N VAL F 11 -13.68 -20.70 85.82
CA VAL F 11 -13.04 -19.74 84.93
C VAL F 11 -11.80 -20.39 84.33
N LEU F 12 -11.67 -20.31 83.00
CA LEU F 12 -10.71 -21.13 82.30
C LEU F 12 -9.45 -20.35 81.90
N GLY F 13 -9.63 -19.29 81.12
CA GLY F 13 -8.48 -18.54 80.67
C GLY F 13 -8.80 -17.28 79.91
N ARG F 14 -7.77 -16.59 79.46
CA ARG F 14 -7.95 -15.33 78.76
C ARG F 14 -7.95 -15.53 77.25
N THR F 15 -9.02 -15.08 76.62
CA THR F 15 -9.10 -15.11 75.17
C THR F 15 -9.05 -13.67 74.68
N GLY F 16 -9.28 -13.48 73.40
CA GLY F 16 -9.15 -12.18 72.78
C GLY F 16 -7.71 -11.92 72.39
N SER F 17 -7.55 -10.91 71.54
CA SER F 17 -6.23 -10.56 71.03
C SER F 17 -5.35 -9.99 72.14
N GLN F 18 -5.84 -8.98 72.85
CA GLN F 18 -5.08 -8.35 73.93
C GLN F 18 -5.26 -9.01 75.27
N GLY F 19 -5.88 -10.19 75.32
CA GLY F 19 -6.12 -10.85 76.59
C GLY F 19 -7.20 -10.14 77.38
N GLN F 20 -8.18 -9.64 76.64
CA GLN F 20 -9.19 -8.74 77.16
C GLN F 20 -10.47 -9.44 77.59
N CYS F 21 -10.56 -10.75 77.35
CA CYS F 21 -11.81 -11.48 77.59
C CYS F 21 -11.48 -12.78 78.30
N THR F 22 -12.25 -13.11 79.34
CA THR F 22 -12.12 -14.39 80.01
C THR F 22 -12.98 -15.44 79.33
N GLN F 23 -12.55 -16.69 79.39
CA GLN F 23 -13.34 -17.81 78.93
C GLN F 23 -13.83 -18.59 80.15
N VAL F 24 -15.12 -18.94 80.16
CA VAL F 24 -15.81 -19.36 81.37
C VAL F 24 -16.75 -20.52 81.06
N ARG F 25 -16.65 -21.60 81.84
CA ARG F 25 -17.65 -22.65 81.91
C ARG F 25 -18.79 -22.18 82.80
N VAL F 26 -20.01 -22.13 82.26
CA VAL F 26 -21.15 -21.69 83.04
C VAL F 26 -22.03 -22.88 83.37
N GLU F 27 -22.91 -22.69 84.36
CA GLU F 27 -24.02 -23.57 84.61
C GLU F 27 -25.28 -22.74 84.57
N PHE F 28 -26.27 -23.17 83.80
CA PHE F 28 -27.56 -22.49 83.77
C PHE F 28 -28.26 -22.69 85.11
N MET F 29 -28.88 -21.64 85.62
CA MET F 29 -29.51 -21.75 86.93
C MET F 29 -31.00 -22.02 86.83
N ASP F 30 -31.55 -22.12 85.63
CA ASP F 30 -32.92 -22.60 85.47
C ASP F 30 -32.94 -24.12 85.39
N ASP F 31 -32.26 -24.68 84.39
CA ASP F 31 -31.94 -26.10 84.32
C ASP F 31 -30.48 -26.24 84.71
N THR F 32 -30.24 -26.89 85.86
CA THR F 32 -28.93 -26.82 86.50
C THR F 32 -27.88 -27.67 85.80
N SER F 33 -28.28 -28.61 84.95
CA SER F 33 -27.33 -29.58 84.42
C SER F 33 -26.80 -29.16 83.05
N ARG F 34 -27.57 -28.37 82.31
CA ARG F 34 -27.14 -27.91 81.00
C ARG F 34 -26.06 -26.85 81.17
N SER F 35 -24.94 -27.04 80.48
CA SER F 35 -23.76 -26.24 80.77
C SER F 35 -22.96 -26.02 79.51
N ILE F 36 -22.56 -24.76 79.27
CA ILE F 36 -21.80 -24.39 78.09
C ILE F 36 -20.60 -23.53 78.48
N ILE F 37 -19.85 -23.12 77.46
CA ILE F 37 -18.64 -22.30 77.61
C ILE F 37 -18.80 -21.04 76.77
N ARG F 38 -18.70 -19.88 77.42
CA ARG F 38 -18.83 -18.63 76.69
C ARG F 38 -17.75 -17.66 77.13
N ASN F 39 -17.44 -16.69 76.27
CA ASN F 39 -16.39 -15.71 76.52
C ASN F 39 -16.97 -14.45 77.12
N VAL F 40 -16.25 -13.86 78.07
CA VAL F 40 -16.80 -12.79 78.91
C VAL F 40 -15.84 -11.61 78.94
N LYS F 41 -16.36 -10.40 78.71
CA LYS F 41 -15.64 -9.18 79.03
C LYS F 41 -15.82 -8.79 80.49
N GLY F 42 -14.80 -8.17 81.06
CA GLY F 42 -14.86 -7.71 82.43
C GLY F 42 -14.23 -8.69 83.40
N PRO F 43 -14.02 -8.26 84.64
CA PRO F 43 -13.44 -9.15 85.64
C PRO F 43 -14.47 -10.13 86.18
N VAL F 44 -14.13 -11.42 86.15
CA VAL F 44 -15.05 -12.50 86.50
C VAL F 44 -14.41 -13.36 87.59
N ARG F 45 -15.18 -13.64 88.62
CA ARG F 45 -14.80 -14.62 89.65
C ARG F 45 -15.69 -15.84 89.47
N GLU F 46 -15.39 -16.90 90.21
CA GLU F 46 -16.21 -18.09 90.14
C GLU F 46 -17.47 -17.90 90.98
N GLY F 47 -18.62 -18.02 90.35
CA GLY F 47 -19.88 -17.86 91.06
C GLY F 47 -20.46 -16.47 90.99
N ASP F 48 -20.60 -15.92 89.80
CA ASP F 48 -21.37 -14.69 89.62
C ASP F 48 -22.24 -14.82 88.38
N VAL F 49 -23.51 -14.45 88.54
CA VAL F 49 -24.56 -14.78 87.59
C VAL F 49 -24.46 -13.85 86.40
N LEU F 50 -24.17 -14.40 85.24
CA LEU F 50 -24.24 -13.68 83.98
C LEU F 50 -25.68 -13.64 83.48
N THR F 51 -25.96 -12.70 82.59
CA THR F 51 -27.25 -12.62 81.92
C THR F 51 -27.00 -12.90 80.44
N LEU F 52 -27.22 -14.14 80.02
CA LEU F 52 -27.01 -14.51 78.64
C LEU F 52 -28.22 -14.09 77.82
N LEU F 53 -28.00 -13.24 76.81
CA LEU F 53 -29.12 -12.81 75.98
C LEU F 53 -29.59 -13.90 75.04
N GLU F 54 -28.79 -14.93 74.80
CA GLU F 54 -29.29 -16.20 74.29
C GLU F 54 -28.40 -17.31 74.80
N SER F 55 -28.95 -18.52 74.87
CA SER F 55 -28.23 -19.67 75.36
C SER F 55 -27.53 -20.44 74.26
N GLU F 56 -27.78 -20.12 73.00
CA GLU F 56 -27.53 -21.07 71.94
C GLU F 56 -26.13 -20.93 71.35
N ARG F 57 -25.56 -19.71 71.37
CA ARG F 57 -24.19 -19.55 70.95
C ARG F 57 -23.24 -20.20 71.94
N GLU F 58 -22.16 -20.78 71.42
CA GLU F 58 -21.12 -21.32 72.28
C GLU F 58 -19.77 -20.92 71.72
N ALA F 59 -18.91 -20.43 72.60
CA ALA F 59 -17.57 -20.04 72.20
C ALA F 59 -16.72 -21.26 71.92
N ARG F 60 -15.79 -21.12 70.97
CA ARG F 60 -14.90 -22.21 70.58
C ARG F 60 -13.75 -22.29 71.57
N ARG F 61 -13.53 -23.47 72.14
CA ARG F 61 -12.54 -23.61 73.20
C ARG F 61 -11.16 -23.94 72.63
N LEU F 62 -10.19 -23.13 73.02
CA LEU F 62 -8.80 -23.36 72.60
C LEU F 62 -8.07 -24.14 73.68
N HIS G 1 28.26 27.03 137.30
CA HIS G 1 27.36 25.88 137.29
C HIS G 1 26.79 25.61 135.90
N ARG G 2 25.89 26.48 135.46
CA ARG G 2 24.99 26.19 134.34
C ARG G 2 25.67 26.28 132.98
N ILE G 3 26.57 25.34 132.67
CA ILE G 3 27.41 25.38 131.48
C ILE G 3 26.88 24.36 130.47
N ARG G 4 26.89 24.74 129.19
CA ARG G 4 26.16 24.01 128.15
C ARG G 4 27.12 23.57 127.06
N ILE G 5 27.24 22.25 126.87
CA ILE G 5 28.08 21.69 125.80
C ILE G 5 27.22 21.51 124.56
N THR G 6 27.73 21.96 123.41
CA THR G 6 27.01 21.87 122.13
C THR G 6 27.87 21.05 121.16
N LEU G 7 27.29 19.97 120.64
CA LEU G 7 28.02 19.00 119.83
C LEU G 7 27.40 18.94 118.44
N THR G 8 28.23 19.09 117.41
CA THR G 8 27.81 18.93 116.02
C THR G 8 28.75 17.96 115.32
N SER G 9 28.20 17.02 114.56
CA SER G 9 29.01 16.14 113.75
C SER G 9 28.17 15.55 112.62
N ARG G 10 28.88 15.07 111.60
CA ARG G 10 28.22 14.52 110.42
C ARG G 10 27.96 13.03 110.59
N ASN G 11 28.93 12.32 111.14
CA ASN G 11 28.75 10.93 111.51
C ASN G 11 27.83 10.83 112.72
N VAL G 12 27.01 9.79 112.74
CA VAL G 12 26.02 9.61 113.78
C VAL G 12 26.59 8.90 114.99
N LYS G 13 27.15 7.70 114.77
CA LYS G 13 27.53 6.86 115.89
C LYS G 13 28.79 7.35 116.58
N SER G 14 29.61 8.14 115.88
CA SER G 14 30.74 8.77 116.55
C SER G 14 30.28 9.97 117.38
N LEU G 15 29.31 10.73 116.87
CA LEU G 15 28.70 11.79 117.67
C LEU G 15 27.87 11.20 118.80
N GLU G 16 27.30 10.02 118.57
CA GLU G 16 26.60 9.32 119.64
C GLU G 16 27.58 8.79 120.67
N LYS G 17 28.78 8.39 120.24
CA LYS G 17 29.76 7.82 121.15
C LYS G 17 30.29 8.86 122.12
N VAL G 18 30.52 10.09 121.63
CA VAL G 18 31.10 11.12 122.47
C VAL G 18 30.09 11.63 123.49
N CYS G 19 28.84 11.83 123.05
CA CYS G 19 27.82 12.33 123.96
C CYS G 19 27.39 11.26 124.96
N ALA G 20 27.55 9.99 124.61
CA ALA G 20 27.35 8.92 125.60
C ALA G 20 28.58 8.76 126.47
N ASP G 21 29.70 9.38 126.08
CA ASP G 21 30.90 9.34 126.91
C ASP G 21 30.97 10.56 127.82
N LEU G 22 30.37 11.68 127.40
CA LEU G 22 30.34 12.86 128.26
C LEU G 22 29.36 12.69 129.40
N ILE G 23 28.33 11.86 129.21
CA ILE G 23 27.45 11.49 130.30
C ILE G 23 28.20 10.60 131.29
N ARG G 24 29.02 9.69 130.77
CA ARG G 24 29.86 8.86 131.63
C ARG G 24 30.90 9.68 132.36
N GLY G 25 31.34 10.78 131.75
CA GLY G 25 32.22 11.70 132.46
C GLY G 25 31.49 12.46 133.56
N ALA G 26 30.17 12.63 133.40
CA ALA G 26 29.39 13.27 134.45
C ALA G 26 28.87 12.26 135.47
N LYS G 27 28.71 10.99 135.06
CA LYS G 27 28.31 9.95 136.01
C LYS G 27 29.45 9.57 136.94
N GLU G 28 30.70 9.62 136.45
CA GLU G 28 31.84 9.34 137.30
C GLU G 28 32.10 10.47 138.28
N LYS G 29 31.87 11.71 137.84
CA LYS G 29 32.20 12.86 138.66
C LYS G 29 31.02 13.36 139.49
N ASN G 30 29.96 12.55 139.60
CA ASN G 30 28.91 12.65 140.63
C ASN G 30 28.17 13.98 140.62
N LEU G 31 27.41 14.26 139.56
CA LEU G 31 26.69 15.52 139.47
C LEU G 31 25.33 15.30 138.83
N LYS G 32 24.52 16.36 138.84
CA LYS G 32 23.25 16.38 138.14
C LYS G 32 23.45 16.95 136.73
N VAL G 33 23.03 16.19 135.72
CA VAL G 33 23.26 16.51 134.32
C VAL G 33 21.94 16.33 133.57
N LYS G 34 21.71 17.16 132.55
CA LYS G 34 20.57 16.95 131.67
C LYS G 34 20.97 16.08 130.49
N GLY G 35 19.99 15.36 129.96
CA GLY G 35 20.22 14.33 128.96
C GLY G 35 20.61 14.86 127.60
N PRO G 36 20.95 13.96 126.69
CA PRO G 36 21.29 14.38 125.31
C PRO G 36 20.05 14.80 124.54
N VAL G 37 19.91 16.10 124.32
CA VAL G 37 18.72 16.63 123.67
C VAL G 37 18.95 16.57 122.16
N ARG G 38 18.26 15.65 121.49
CA ARG G 38 18.43 15.47 120.05
C ARG G 38 17.83 16.64 119.29
N MET G 39 18.68 17.53 118.81
CA MET G 39 18.26 18.57 117.90
C MET G 39 17.87 17.97 116.55
N PRO G 40 16.96 18.60 115.82
CA PRO G 40 16.56 18.05 114.50
C PRO G 40 17.69 18.15 113.50
N THR G 41 17.88 17.09 112.72
CA THR G 41 19.01 17.03 111.82
C THR G 41 18.73 17.81 110.54
N LYS G 42 19.69 18.64 110.15
CA LYS G 42 19.60 19.36 108.90
C LYS G 42 20.25 18.57 107.79
N THR G 43 19.51 18.38 106.71
CA THR G 43 19.97 17.64 105.54
C THR G 43 20.34 18.66 104.47
N LEU G 44 21.59 18.63 104.03
CA LEU G 44 22.05 19.58 103.03
C LEU G 44 21.94 18.94 101.64
N ARG G 45 20.96 19.36 100.85
CA ARG G 45 20.64 18.76 99.58
C ARG G 45 21.20 19.60 98.44
N ILE G 46 22.00 18.98 97.58
CA ILE G 46 22.43 19.58 96.32
C ILE G 46 22.10 18.60 95.21
N THR G 47 21.25 19.02 94.26
CA THR G 47 20.89 18.19 93.11
C THR G 47 21.39 18.88 91.85
N THR G 48 22.31 18.22 91.14
CA THR G 48 22.83 18.73 89.88
C THR G 48 22.55 17.75 88.74
N ARG G 49 22.64 18.25 87.51
CA ARG G 49 22.73 17.37 86.35
C ARG G 49 24.01 16.55 86.43
N LYS G 50 23.93 15.31 85.96
CA LYS G 50 25.12 14.46 85.96
C LYS G 50 26.07 14.83 84.84
N THR G 51 25.56 15.45 83.80
CA THR G 51 26.31 15.53 82.56
C THR G 51 27.21 16.76 82.59
N PRO G 52 28.50 16.63 82.22
CA PRO G 52 29.34 17.83 82.08
C PRO G 52 28.86 18.76 80.97
N CYS G 53 28.48 18.20 79.83
CA CYS G 53 27.74 18.93 78.81
C CYS G 53 26.25 18.89 79.18
N GLY G 54 25.38 19.16 78.22
CA GLY G 54 23.97 19.03 78.52
C GLY G 54 23.25 18.00 77.70
N GLU G 55 24.01 17.15 77.02
CA GLU G 55 23.49 16.36 75.92
C GLU G 55 23.33 14.89 76.31
N GLY G 56 22.14 14.53 76.76
CA GLY G 56 21.80 13.16 77.04
C GLY G 56 20.44 13.06 77.68
N SER G 57 20.06 11.90 78.21
CA SER G 57 18.85 11.86 79.01
C SER G 57 19.12 12.50 80.36
N LYS G 58 18.15 13.27 80.84
CA LYS G 58 18.38 14.19 81.96
C LYS G 58 18.31 13.41 83.26
N THR G 59 19.44 12.89 83.71
CA THR G 59 19.55 12.22 84.99
C THR G 59 20.14 13.19 86.01
N TRP G 60 19.58 13.17 87.21
CA TRP G 60 19.92 14.12 88.25
C TRP G 60 20.54 13.38 89.43
N ASP G 61 21.62 13.91 89.95
CA ASP G 61 22.19 13.48 91.21
C ASP G 61 21.36 13.96 92.39
N ARG G 62 21.52 13.29 93.53
CA ARG G 62 20.87 13.67 94.78
C ARG G 62 21.92 13.51 95.89
N PHE G 63 22.64 14.58 96.19
CA PHE G 63 23.69 14.52 97.20
C PHE G 63 23.14 15.00 98.54
N GLN G 64 23.22 14.14 99.55
CA GLN G 64 22.82 14.49 100.91
C GLN G 64 24.04 14.77 101.77
N MET G 65 23.89 15.71 102.70
CA MET G 65 24.79 15.85 103.84
C MET G 65 23.91 16.08 105.06
N ARG G 66 23.66 15.02 105.82
CA ARG G 66 22.93 15.16 107.06
C ARG G 66 23.88 15.63 108.14
N ILE G 67 23.47 16.67 108.86
CA ILE G 67 24.29 17.19 109.95
C ILE G 67 23.49 17.04 111.24
N HIS G 68 24.15 16.58 112.30
CA HIS G 68 23.48 16.20 113.53
C HIS G 68 23.99 17.10 114.65
N LYS G 69 23.08 17.58 115.50
CA LYS G 69 23.45 18.47 116.58
C LYS G 69 22.94 17.89 117.89
N ARG G 70 23.81 17.86 118.89
CA ARG G 70 23.46 17.45 120.25
C ARG G 70 23.87 18.53 121.24
N LEU G 71 23.12 18.61 122.34
CA LEU G 71 23.46 19.54 123.41
C LEU G 71 23.23 18.85 124.75
N ILE G 72 24.09 19.17 125.72
CA ILE G 72 24.04 18.61 127.07
C ILE G 72 24.25 19.74 128.07
N ASP G 73 23.34 19.87 129.02
CA ASP G 73 23.42 20.88 130.07
C ASP G 73 24.18 20.31 131.25
N LEU G 74 25.07 21.11 131.84
CA LEU G 74 25.83 20.73 133.02
C LEU G 74 25.56 21.69 134.17
N HIS G 75 25.78 21.20 135.39
CA HIS G 75 25.77 22.02 136.60
C HIS G 75 27.07 21.71 137.36
N SER G 76 28.14 22.39 136.98
CA SER G 76 29.46 22.07 137.50
C SER G 76 30.39 23.25 137.24
N PRO G 77 31.46 23.41 138.06
CA PRO G 77 32.43 24.48 137.79
C PRO G 77 33.25 24.23 136.53
N SER G 78 33.87 25.30 136.02
CA SER G 78 34.48 25.34 134.70
C SER G 78 35.65 24.38 134.53
N GLU G 79 36.52 24.27 135.54
CA GLU G 79 37.66 23.37 135.45
C GLU G 79 37.22 21.92 135.45
N ILE G 80 36.09 21.62 136.10
CA ILE G 80 35.52 20.28 136.05
C ILE G 80 34.96 19.98 134.66
N VAL G 81 34.43 21.01 134.00
CA VAL G 81 33.99 20.87 132.61
C VAL G 81 35.19 20.68 131.68
N LYS G 82 36.30 21.36 131.97
CA LYS G 82 37.48 21.27 131.11
C LYS G 82 38.13 19.89 131.18
N GLN G 83 37.91 19.16 132.28
CA GLN G 83 38.40 17.79 132.35
C GLN G 83 37.57 16.87 131.47
N ILE G 84 36.29 17.20 131.30
CA ILE G 84 35.40 16.37 130.48
C ILE G 84 35.57 16.72 129.01
N THR G 85 35.71 18.00 128.69
CA THR G 85 35.66 18.45 127.30
C THR G 85 37.03 18.37 126.62
N SER G 86 38.06 17.95 127.36
CA SER G 86 39.37 17.81 126.75
C SER G 86 39.59 16.37 126.26
N ILE G 87 39.41 15.41 127.15
CA ILE G 87 39.67 14.00 126.88
C ILE G 87 38.44 13.46 126.15
N SER G 88 38.62 12.34 125.43
CA SER G 88 37.60 11.61 124.68
C SER G 88 36.97 12.47 123.59
N ILE G 89 37.77 12.91 122.62
CA ILE G 89 37.27 13.58 121.43
C ILE G 89 37.87 12.90 120.22
N GLU G 90 37.05 12.68 119.20
CA GLU G 90 37.39 11.97 117.99
C GLU G 90 37.01 12.82 116.77
N PRO G 91 37.79 12.74 115.65
CA PRO G 91 37.88 13.87 114.70
C PRO G 91 36.59 14.30 113.99
N GLY G 92 35.57 13.44 113.99
CA GLY G 92 34.32 13.82 113.38
C GLY G 92 33.53 14.83 114.19
N VAL G 93 33.67 14.80 115.51
CA VAL G 93 32.79 15.56 116.41
C VAL G 93 33.34 16.96 116.58
N GLU G 94 32.48 17.96 116.41
CA GLU G 94 32.81 19.34 116.72
C GLU G 94 32.18 19.75 118.04
N VAL G 95 32.98 20.32 118.93
CA VAL G 95 32.63 20.56 120.33
C VAL G 95 32.54 22.07 120.56
N GLU G 96 31.45 22.51 121.19
CA GLU G 96 31.31 23.91 121.62
C GLU G 96 30.76 23.91 123.05
N VAL G 97 31.35 24.75 123.90
CA VAL G 97 31.02 24.81 125.32
C VAL G 97 30.64 26.24 125.66
N THR G 98 29.37 26.49 125.95
CA THR G 98 28.90 27.82 126.31
C THR G 98 28.75 27.96 127.82
N ILE G 99 29.31 29.04 128.38
CA ILE G 99 29.35 29.23 129.83
C ILE G 99 27.96 29.50 130.40
N ALA G 100 27.30 30.55 129.90
CA ALA G 100 26.00 30.95 130.45
C ALA G 100 24.87 30.08 129.90
N MET H 1 67.73 -53.60 67.78
CA MET H 1 67.98 -52.19 68.04
C MET H 1 69.46 -51.94 68.19
N GLN H 2 70.26 -52.97 67.91
CA GLN H 2 71.69 -52.88 68.05
C GLN H 2 72.26 -52.04 66.91
N ASN H 3 73.40 -51.42 67.18
CA ASN H 3 74.17 -50.79 66.11
C ASN H 3 75.18 -51.81 65.59
N ASP H 4 76.16 -51.34 64.81
CA ASP H 4 77.19 -52.25 64.31
C ASP H 4 78.13 -52.67 65.44
N ALA H 5 78.24 -51.83 66.48
CA ALA H 5 78.98 -52.23 67.67
C ALA H 5 78.23 -53.28 68.49
N GLY H 6 76.91 -53.34 68.35
CA GLY H 6 76.08 -54.22 69.15
C GLY H 6 75.41 -53.54 70.31
N GLU H 7 75.51 -52.22 70.43
CA GLU H 7 74.98 -51.51 71.57
C GLU H 7 73.49 -51.26 71.41
N PHE H 8 72.71 -51.56 72.44
CA PHE H 8 71.32 -51.13 72.52
C PHE H 8 71.27 -49.62 72.50
N VAL H 9 70.55 -49.06 71.54
CA VAL H 9 70.71 -47.65 71.19
C VAL H 9 69.39 -46.90 71.16
N ASP H 10 68.28 -47.61 71.25
CA ASP H 10 67.00 -46.91 71.42
C ASP H 10 66.80 -46.58 72.89
N LEU H 11 65.86 -45.68 73.17
CA LEU H 11 65.79 -45.13 74.52
C LEU H 11 64.79 -45.84 75.41
N TYR H 12 63.84 -46.60 74.86
CA TYR H 12 63.15 -47.63 75.64
C TYR H 12 62.59 -48.68 74.69
N VAL H 13 62.61 -49.93 75.10
CA VAL H 13 61.95 -51.01 74.37
C VAL H 13 60.50 -51.04 74.82
N PRO H 14 59.55 -50.71 73.97
CA PRO H 14 58.16 -50.55 74.40
C PRO H 14 57.48 -51.88 74.68
N ARG H 15 56.33 -51.79 75.33
CA ARG H 15 55.49 -52.97 75.53
C ARG H 15 54.85 -53.41 74.22
N LYS H 16 54.02 -54.43 74.34
CA LYS H 16 53.49 -55.11 73.17
C LYS H 16 52.31 -55.94 73.65
N CYS H 17 51.20 -55.86 72.92
CA CYS H 17 49.96 -56.47 73.35
C CYS H 17 50.08 -57.99 73.35
N SER H 18 49.52 -58.62 74.37
CA SER H 18 49.58 -60.06 74.45
C SER H 18 48.42 -60.72 73.70
N ALA H 19 47.54 -59.93 73.09
CA ALA H 19 46.42 -60.45 72.32
C ALA H 19 46.62 -60.26 70.82
N SER H 20 47.24 -59.17 70.41
CA SER H 20 47.38 -58.89 68.99
C SER H 20 48.81 -58.87 68.51
N ASN H 21 49.78 -58.97 69.44
CA ASN H 21 51.22 -58.88 69.16
C ASN H 21 51.55 -57.54 68.50
N ARG H 22 50.96 -56.48 69.03
CA ARG H 22 51.12 -55.13 68.49
C ARG H 22 51.57 -54.22 69.62
N ILE H 23 52.47 -53.28 69.32
CA ILE H 23 53.13 -52.55 70.40
C ILE H 23 52.22 -51.46 70.92
N ILE H 24 52.28 -51.25 72.24
CA ILE H 24 51.53 -50.19 72.89
C ILE H 24 52.37 -48.91 72.85
N GLY H 25 51.77 -47.84 72.35
CA GLY H 25 52.47 -46.58 72.27
C GLY H 25 52.67 -45.93 73.62
N ALA H 26 53.40 -44.82 73.61
CA ALA H 26 53.66 -44.08 74.83
C ALA H 26 52.42 -43.38 75.37
N LYS H 27 51.39 -43.20 74.55
CA LYS H 27 50.18 -42.51 74.96
C LYS H 27 48.95 -43.27 74.53
N ASP H 28 49.06 -44.60 74.53
CA ASP H 28 47.89 -45.46 74.43
C ASP H 28 47.35 -45.59 75.85
N HIS H 29 46.57 -44.59 76.26
CA HIS H 29 46.10 -44.52 77.63
C HIS H 29 44.95 -45.48 77.92
N ALA H 30 44.45 -46.18 76.91
CA ALA H 30 43.49 -47.25 77.17
C ALA H 30 44.16 -48.61 77.27
N SER H 31 45.34 -48.70 77.87
CA SER H 31 46.03 -49.96 77.99
C SER H 31 45.77 -50.60 79.37
N ILE H 32 46.26 -51.83 79.53
CA ILE H 32 46.10 -52.60 80.75
C ILE H 32 47.47 -53.18 81.10
N GLN H 33 47.64 -53.51 82.39
CA GLN H 33 48.38 -54.72 82.80
C GLN H 33 47.50 -55.45 83.83
N MET H 34 46.71 -56.41 83.35
CA MET H 34 45.99 -57.34 84.20
C MET H 34 46.99 -58.23 84.92
N ASN H 35 47.00 -58.17 86.25
CA ASN H 35 47.83 -59.08 87.03
C ASN H 35 46.94 -60.19 87.58
N VAL H 36 47.21 -61.42 87.12
CA VAL H 36 46.45 -62.60 87.51
C VAL H 36 47.26 -63.32 88.57
N ALA H 37 46.62 -63.65 89.68
CA ALA H 37 47.32 -64.22 90.82
C ALA H 37 47.57 -65.71 90.61
N GLU H 38 48.73 -66.18 91.07
CA GLU H 38 48.96 -67.61 91.18
C GLU H 38 48.35 -68.15 92.45
N VAL H 39 47.91 -69.40 92.37
CA VAL H 39 47.22 -70.06 93.47
C VAL H 39 47.95 -71.35 93.78
N ASP H 40 48.25 -71.55 95.08
CA ASP H 40 48.83 -72.80 95.55
C ASP H 40 47.86 -73.94 95.30
N LYS H 41 48.37 -75.06 94.77
CA LYS H 41 47.48 -76.09 94.27
C LYS H 41 46.86 -76.90 95.40
N VAL H 42 47.44 -76.83 96.59
CA VAL H 42 46.89 -77.56 97.72
C VAL H 42 46.16 -76.61 98.66
N THR H 43 46.62 -75.35 98.75
CA THR H 43 46.10 -74.45 99.77
C THR H 43 44.95 -73.61 99.22
N GLY H 44 45.07 -73.17 97.97
CA GLY H 44 44.05 -72.31 97.40
C GLY H 44 44.28 -70.84 97.65
N ARG H 45 45.48 -70.45 98.06
CA ARG H 45 45.75 -69.10 98.49
C ARG H 45 46.84 -68.46 97.65
N PHE H 46 47.03 -67.17 97.88
CA PHE H 46 47.91 -66.34 97.08
C PHE H 46 49.37 -66.61 97.43
N ASN H 47 50.11 -67.18 96.47
CA ASN H 47 51.55 -67.39 96.64
C ASN H 47 52.27 -66.05 96.72
N GLY H 48 52.13 -65.21 95.70
CA GLY H 48 52.84 -63.95 95.67
C GLY H 48 53.28 -63.52 94.29
N GLN H 49 53.21 -64.44 93.34
CA GLN H 49 53.68 -64.17 91.99
C GLN H 49 52.50 -64.06 91.01
N PHE H 50 52.76 -63.39 89.89
CA PHE H 50 51.70 -62.93 89.00
C PHE H 50 51.85 -63.60 87.63
N LYS H 51 50.82 -63.44 86.81
CA LYS H 51 50.84 -63.76 85.39
C LYS H 51 50.31 -62.54 84.66
N THR H 52 51.20 -61.61 84.33
CA THR H 52 50.76 -60.34 83.78
C THR H 52 50.43 -60.44 82.30
N TYR H 53 49.52 -59.59 81.85
CA TYR H 53 49.14 -59.48 80.45
C TYR H 53 48.82 -58.02 80.16
N ALA H 54 49.38 -57.48 79.08
CA ALA H 54 48.98 -56.18 78.59
C ALA H 54 48.05 -56.35 77.40
N ILE H 55 47.13 -55.41 77.25
CA ILE H 55 46.25 -55.34 76.09
C ILE H 55 46.24 -53.91 75.57
N CYS H 56 46.49 -53.77 74.27
CA CYS H 56 46.55 -52.45 73.66
C CYS H 56 45.15 -51.85 73.53
N GLY H 57 45.12 -50.54 73.28
CA GLY H 57 43.89 -49.79 73.45
C GLY H 57 42.85 -50.04 72.37
N ALA H 58 43.28 -50.57 71.23
CA ALA H 58 42.34 -50.78 70.14
C ALA H 58 41.54 -52.05 70.34
N ILE H 59 41.96 -52.92 71.25
CA ILE H 59 41.23 -54.15 71.53
C ILE H 59 40.18 -53.91 72.61
N ARG H 60 40.43 -52.96 73.51
CA ARG H 60 39.43 -52.64 74.52
C ARG H 60 38.25 -51.91 73.90
N ARG H 61 38.52 -50.96 72.99
CA ARG H 61 37.42 -50.29 72.32
C ARG H 61 36.81 -51.11 71.20
N MET H 62 37.39 -52.27 70.89
CA MET H 62 36.73 -53.20 69.99
C MET H 62 35.84 -54.18 70.76
N GLY H 63 36.16 -54.40 72.03
CA GLY H 63 35.41 -55.31 72.86
C GLY H 63 35.95 -56.72 72.93
N GLU H 64 37.05 -57.02 72.24
CA GLU H 64 37.67 -58.33 72.26
C GLU H 64 38.71 -58.44 73.37
N SER H 65 38.61 -57.59 74.38
CA SER H 65 39.60 -57.53 75.43
C SER H 65 39.47 -58.68 76.44
N ASP H 66 38.24 -59.06 76.79
CA ASP H 66 38.10 -60.07 77.84
C ASP H 66 38.15 -61.49 77.30
N ASP H 67 37.67 -61.68 76.07
CA ASP H 67 37.82 -62.99 75.43
C ASP H 67 39.28 -63.29 75.17
N SER H 68 40.08 -62.25 74.95
CA SER H 68 41.51 -62.42 74.83
C SER H 68 42.15 -62.76 76.18
N ILE H 69 41.64 -62.20 77.27
CA ILE H 69 42.09 -62.60 78.61
C ILE H 69 41.71 -64.06 78.87
N LEU H 70 40.49 -64.44 78.49
CA LEU H 70 40.03 -65.81 78.66
C LEU H 70 40.80 -66.78 77.76
N ARG H 71 41.41 -66.27 76.69
CA ARG H 71 42.32 -67.11 75.92
C ARG H 71 43.70 -67.16 76.55
N LEU H 72 44.16 -66.03 77.09
CA LEU H 72 45.49 -65.99 77.69
C LEU H 72 45.51 -66.70 79.02
N ALA H 73 44.40 -66.67 79.76
CA ALA H 73 44.34 -67.36 81.04
C ALA H 73 44.22 -68.86 80.84
N LYS H 74 43.46 -69.27 79.82
CA LYS H 74 43.28 -70.69 79.56
C LYS H 74 44.57 -71.30 79.01
N ALA H 75 45.40 -70.49 78.35
CA ALA H 75 46.66 -71.00 77.83
C ALA H 75 47.65 -71.26 78.94
N ASP H 76 47.74 -70.37 79.92
CA ASP H 76 48.72 -70.49 80.99
C ASP H 76 48.21 -71.26 82.21
N GLY H 77 47.14 -72.03 82.05
CA GLY H 77 46.68 -72.89 83.13
C GLY H 77 45.92 -72.19 84.23
N ILE H 78 45.57 -70.92 84.06
CA ILE H 78 44.73 -70.23 85.03
C ILE H 78 43.32 -70.79 85.00
N VAL H 79 42.73 -70.87 83.82
CA VAL H 79 41.39 -71.39 83.60
C VAL H 79 41.51 -72.86 83.19
N SER H 80 40.52 -73.66 83.63
CA SER H 80 40.43 -75.06 83.23
C SER H 80 40.28 -75.18 81.72
N LYS H 81 40.91 -76.22 81.16
CA LYS H 81 40.81 -76.44 79.72
C LYS H 81 39.45 -76.98 79.32
N ASN H 82 38.67 -77.47 80.30
CA ASN H 82 37.26 -77.75 80.03
C ASN H 82 36.53 -76.48 79.65
N PHE H 83 36.38 -75.56 80.60
CA PHE H 83 35.65 -74.29 80.48
C PHE H 83 34.25 -74.45 79.89
N SER I 1 -41.05 46.10 91.37
CA SER I 1 -39.61 46.11 91.17
C SER I 1 -39.18 44.89 90.38
N LEU I 2 -40.13 44.02 90.07
CA LEU I 2 -39.82 42.81 89.33
C LEU I 2 -40.47 42.83 87.94
N VAL I 3 -41.67 43.39 87.84
CA VAL I 3 -42.32 43.51 86.55
C VAL I 3 -41.68 44.65 85.76
N ILE I 4 -41.95 44.67 84.46
CA ILE I 4 -41.40 45.73 83.59
C ILE I 4 -42.07 47.06 83.93
N PRO I 5 -41.31 48.10 84.25
CA PRO I 5 -41.93 49.39 84.53
C PRO I 5 -42.33 50.08 83.22
N GLU I 6 -42.96 51.24 83.36
CA GLU I 6 -43.12 52.12 82.23
C GLU I 6 -41.78 52.78 81.92
N LYS I 7 -41.65 53.26 80.68
CA LYS I 7 -40.45 53.86 80.08
C LYS I 7 -39.16 53.08 80.38
N PHE I 8 -39.27 51.76 80.31
CA PHE I 8 -38.11 50.88 80.43
C PHE I 8 -37.28 50.98 79.16
N GLN I 9 -36.12 51.64 79.25
CA GLN I 9 -35.26 51.82 78.09
C GLN I 9 -34.53 50.51 77.79
N HIS I 10 -34.85 49.88 76.67
CA HIS I 10 -34.16 48.66 76.28
C HIS I 10 -32.73 48.94 75.87
N ILE I 11 -32.50 50.07 75.18
CA ILE I 11 -31.17 50.54 74.85
C ILE I 11 -31.08 52.03 75.16
N LEU I 12 -30.14 52.40 76.03
CA LEU I 12 -29.80 53.79 76.30
C LEU I 12 -28.80 54.30 75.28
N ARG I 13 -28.73 55.62 75.16
CA ARG I 13 -27.81 56.28 74.24
C ARG I 13 -26.99 57.31 75.01
N VAL I 14 -25.70 57.02 75.20
CA VAL I 14 -24.78 57.85 75.98
C VAL I 14 -23.46 57.91 75.24
N LEU I 15 -23.00 59.13 74.90
CA LEU I 15 -21.66 59.39 74.35
C LEU I 15 -21.41 58.63 73.05
N ASN I 16 -22.30 58.85 72.07
CA ASN I 16 -22.51 58.12 70.81
C ASN I 16 -22.22 56.61 70.91
N THR I 17 -22.78 55.99 71.94
CA THR I 17 -22.56 54.59 72.25
C THR I 17 -23.86 54.01 72.80
N ASN I 18 -24.28 52.86 72.27
CA ASN I 18 -25.49 52.22 72.73
C ASN I 18 -25.22 51.36 73.95
N ILE I 19 -26.12 51.45 74.94
CA ILE I 19 -25.96 50.77 76.22
C ILE I 19 -27.16 49.87 76.43
N ASP I 20 -26.90 48.58 76.64
CA ASP I 20 -27.97 47.60 76.76
C ASP I 20 -28.68 47.74 78.10
N GLY I 21 -29.97 48.05 78.06
CA GLY I 21 -30.73 48.22 79.29
C GLY I 21 -31.09 46.90 79.96
N ARG I 22 -30.82 45.79 79.31
CA ARG I 22 -31.07 44.48 79.91
C ARG I 22 -29.96 44.11 80.88
N ARG I 23 -28.86 44.84 80.85
CA ARG I 23 -27.67 44.54 81.64
C ARG I 23 -27.61 45.48 82.85
N LYS I 24 -27.05 44.97 83.95
CA LYS I 24 -26.94 45.72 85.20
C LYS I 24 -26.01 46.92 85.02
N ILE I 25 -26.33 48.01 85.73
CA ILE I 25 -25.77 49.34 85.47
C ILE I 25 -24.26 49.35 85.63
N ALA I 26 -23.74 48.52 86.53
CA ALA I 26 -22.29 48.48 86.74
C ALA I 26 -21.57 47.84 85.57
N PHE I 27 -22.30 47.09 84.75
CA PHE I 27 -21.69 46.40 83.61
C PHE I 27 -22.26 46.87 82.29
N ALA I 28 -23.37 47.61 82.31
CA ALA I 28 -23.91 48.16 81.07
C ALA I 28 -23.13 49.38 80.62
N ILE I 29 -22.60 50.16 81.57
CA ILE I 29 -21.82 51.35 81.24
C ILE I 29 -20.48 50.96 80.64
N THR I 30 -20.01 49.73 80.95
CA THR I 30 -18.73 49.23 80.46
C THR I 30 -18.68 49.06 78.94
N ALA I 31 -19.82 49.13 78.26
CA ALA I 31 -19.84 49.13 76.80
C ALA I 31 -19.28 50.43 76.22
N ILE I 32 -19.12 51.47 77.05
CA ILE I 32 -18.42 52.67 76.63
C ILE I 32 -16.92 52.46 76.76
N LYS I 33 -16.18 52.85 75.73
CA LYS I 33 -14.72 52.79 75.79
C LYS I 33 -14.19 53.85 76.73
N GLY I 34 -13.31 53.45 77.64
CA GLY I 34 -12.82 54.35 78.65
C GLY I 34 -13.37 54.12 80.04
N VAL I 35 -14.39 53.28 80.19
CA VAL I 35 -14.90 52.88 81.49
C VAL I 35 -14.99 51.36 81.52
N GLY I 36 -14.33 50.75 82.50
CA GLY I 36 -14.37 49.32 82.68
C GLY I 36 -15.15 48.96 83.93
N ARG I 37 -14.87 47.76 84.44
CA ARG I 37 -15.58 47.26 85.61
C ARG I 37 -15.23 48.06 86.85
N ARG I 38 -13.96 48.46 86.95
CA ARG I 38 -13.50 49.16 88.14
C ARG I 38 -13.98 50.60 88.16
N TYR I 39 -13.84 51.31 87.04
CA TYR I 39 -14.17 52.73 87.00
C TYR I 39 -15.67 52.96 86.99
N ALA I 40 -16.45 51.98 86.56
CA ALA I 40 -17.90 52.13 86.60
C ALA I 40 -18.43 52.06 88.02
N HIS I 41 -17.87 51.15 88.82
CA HIS I 41 -18.32 51.01 90.21
C HIS I 41 -17.95 52.24 91.03
N VAL I 42 -16.88 52.92 90.65
CA VAL I 42 -16.48 54.14 91.36
C VAL I 42 -17.36 55.30 90.93
N VAL I 43 -17.67 55.38 89.63
CA VAL I 43 -18.57 56.42 89.12
C VAL I 43 -19.97 56.26 89.70
N LEU I 44 -20.48 55.04 89.75
CA LEU I 44 -21.83 54.83 90.27
C LEU I 44 -21.90 55.00 91.77
N ARG I 45 -20.77 54.86 92.47
CA ARG I 45 -20.81 55.01 93.92
C ARG I 45 -20.77 56.49 94.30
N LYS I 46 -20.17 57.33 93.44
CA LYS I 46 -20.17 58.77 93.69
C LYS I 46 -21.54 59.38 93.44
N ALA I 47 -22.41 58.66 92.73
CA ALA I 47 -23.79 59.08 92.62
C ALA I 47 -24.67 58.24 93.55
N ASP I 48 -25.93 58.64 93.65
CA ASP I 48 -26.86 58.09 94.64
C ASP I 48 -27.71 57.02 93.95
N ILE I 49 -27.06 55.90 93.65
CA ILE I 49 -27.62 54.88 92.76
C ILE I 49 -27.57 53.53 93.45
N ASP I 50 -28.72 52.85 93.49
CA ASP I 50 -28.76 51.45 93.87
C ASP I 50 -28.20 50.66 92.70
N LEU I 51 -27.24 49.77 92.97
CA LEU I 51 -26.63 49.00 91.90
C LEU I 51 -27.23 47.61 91.72
N THR I 52 -28.41 47.34 92.27
CA THR I 52 -29.13 46.14 91.86
C THR I 52 -30.02 46.39 90.66
N LYS I 53 -30.17 47.65 90.26
CA LYS I 53 -31.10 47.99 89.19
C LYS I 53 -30.48 47.72 87.83
N ARG I 54 -31.33 47.40 86.87
CA ARG I 54 -30.89 47.26 85.48
C ARG I 54 -30.75 48.63 84.85
N ALA I 55 -30.19 48.65 83.65
CA ALA I 55 -29.93 49.93 83.00
C ALA I 55 -31.13 50.53 82.30
N GLY I 56 -32.30 49.90 82.39
CA GLY I 56 -33.49 50.53 81.86
C GLY I 56 -34.43 50.97 82.97
N GLU I 57 -34.15 50.49 84.18
CA GLU I 57 -35.04 50.76 85.30
C GLU I 57 -34.88 52.18 85.83
N LEU I 58 -33.74 52.79 85.54
CA LEU I 58 -33.42 54.08 86.15
C LEU I 58 -33.88 55.22 85.26
N THR I 59 -34.24 56.33 85.90
CA THR I 59 -34.94 57.42 85.24
C THR I 59 -33.99 58.24 84.39
N GLU I 60 -34.57 58.98 83.45
CA GLU I 60 -33.80 59.57 82.36
C GLU I 60 -33.22 60.92 82.74
N ASP I 61 -33.72 61.52 83.83
CA ASP I 61 -33.04 62.71 84.34
C ASP I 61 -31.85 62.31 85.19
N GLU I 62 -31.89 61.10 85.74
CA GLU I 62 -30.91 60.67 86.72
C GLU I 62 -29.68 60.09 86.03
N VAL I 63 -29.81 59.68 84.76
CA VAL I 63 -28.66 59.17 84.03
C VAL I 63 -27.74 60.32 83.63
N GLU I 64 -28.24 61.55 83.67
CA GLU I 64 -27.40 62.72 83.36
C GLU I 64 -26.35 62.92 84.44
N ARG I 65 -26.69 62.59 85.68
CA ARG I 65 -25.75 62.73 86.79
C ARG I 65 -24.61 61.74 86.67
N VAL I 66 -24.87 60.58 86.06
CA VAL I 66 -23.83 59.57 85.88
C VAL I 66 -22.83 60.03 84.84
N ILE I 67 -23.30 60.75 83.83
CA ILE I 67 -22.43 61.20 82.75
C ILE I 67 -21.53 62.34 83.24
N THR I 68 -22.07 63.24 84.06
CA THR I 68 -21.29 64.38 84.55
C THR I 68 -20.22 63.94 85.53
N ILE I 69 -20.40 62.76 86.14
CA ILE I 69 -19.31 62.17 86.91
C ILE I 69 -18.28 61.55 85.96
N MET I 70 -18.76 60.87 84.91
CA MET I 70 -17.86 60.29 83.91
C MET I 70 -17.10 61.36 83.13
N GLN I 71 -17.77 62.47 82.79
CA GLN I 71 -17.11 63.53 82.05
C GLN I 71 -16.16 64.33 82.94
N ASN I 72 -16.55 64.55 84.20
CA ASN I 72 -15.76 65.29 85.16
C ASN I 72 -15.42 64.38 86.33
N PRO I 73 -14.34 63.59 86.22
CA PRO I 73 -14.01 62.67 87.31
C PRO I 73 -13.44 63.37 88.52
N ARG I 74 -12.75 64.49 88.33
CA ARG I 74 -12.05 65.15 89.43
C ARG I 74 -13.02 65.86 90.36
N GLN I 75 -14.06 66.48 89.80
CA GLN I 75 -14.91 67.36 90.61
C GLN I 75 -15.97 66.58 91.38
N TYR I 76 -16.01 65.26 91.25
CA TYR I 76 -16.86 64.42 92.09
C TYR I 76 -16.04 63.49 92.97
N LYS I 77 -14.77 63.84 93.18
CA LYS I 77 -13.83 63.13 94.06
C LYS I 77 -13.63 61.68 93.60
N ILE I 78 -13.13 61.53 92.38
CA ILE I 78 -12.45 60.31 91.95
C ILE I 78 -10.98 60.69 91.93
N PRO I 79 -10.09 59.87 92.48
CA PRO I 79 -8.69 60.27 92.61
C PRO I 79 -7.97 60.34 91.27
N ASP I 80 -6.73 60.83 91.32
CA ASP I 80 -5.94 61.00 90.12
C ASP I 80 -5.43 59.66 89.60
N TRP I 81 -5.36 58.65 90.46
CA TRP I 81 -4.79 57.37 90.04
C TRP I 81 -5.79 56.44 89.36
N PHE I 82 -7.05 56.84 89.23
CA PHE I 82 -8.01 56.09 88.41
C PHE I 82 -8.01 56.46 86.94
N LEU I 83 -7.38 57.56 86.58
CA LEU I 83 -7.63 58.14 85.27
C LEU I 83 -6.75 57.46 84.22
N ASN I 84 -7.23 57.40 82.99
CA ASN I 84 -6.49 56.75 81.93
C ASN I 84 -5.61 57.71 81.15
N ARG I 85 -5.68 59.01 81.45
CA ARG I 85 -4.83 60.02 80.86
C ARG I 85 -4.29 60.85 82.03
N GLN I 86 -3.67 60.16 82.98
CA GLN I 86 -2.91 60.80 84.04
C GLN I 86 -1.72 61.50 83.42
N LYS I 87 -1.62 62.82 83.66
CA LYS I 87 -0.47 63.65 83.31
C LYS I 87 -0.18 63.59 81.81
N ASP I 88 -1.13 64.13 81.04
CA ASP I 88 -1.07 64.08 79.58
C ASP I 88 0.16 64.82 79.08
N VAL I 89 0.66 64.41 77.92
CA VAL I 89 1.96 64.92 77.48
C VAL I 89 1.83 66.33 76.93
N LYS I 90 0.71 66.64 76.28
CA LYS I 90 0.61 67.92 75.58
C LYS I 90 -0.05 69.00 76.43
N ASP I 91 -1.06 68.65 77.22
CA ASP I 91 -1.76 69.65 78.03
C ASP I 91 -1.78 69.36 79.52
N GLY I 92 -1.27 68.21 79.96
CA GLY I 92 -0.92 68.02 81.37
C GLY I 92 -2.07 67.89 82.34
N LYS I 93 -3.28 67.66 81.85
CA LYS I 93 -4.48 67.63 82.69
C LYS I 93 -4.93 66.20 82.89
N TYR I 94 -5.08 65.81 84.16
CA TYR I 94 -5.54 64.49 84.53
C TYR I 94 -7.00 64.34 84.14
N SER I 95 -7.35 63.27 83.42
CA SER I 95 -8.71 63.08 82.95
C SER I 95 -8.95 61.63 82.59
N GLN I 96 -10.22 61.24 82.64
CA GLN I 96 -10.69 59.99 82.06
C GLN I 96 -11.28 60.31 80.70
N VAL I 97 -10.93 59.51 79.69
CA VAL I 97 -11.19 59.83 78.29
C VAL I 97 -12.14 58.77 77.72
N LEU I 98 -13.25 59.20 77.13
CA LEU I 98 -14.41 58.34 76.95
C LEU I 98 -14.85 58.24 75.49
N ALA I 99 -14.36 57.20 74.82
CA ALA I 99 -15.02 56.49 73.70
C ALA I 99 -14.99 57.28 72.40
N ASN I 100 -14.66 58.55 72.38
CA ASN I 100 -14.46 59.19 71.08
C ASN I 100 -13.17 59.98 71.08
N GLY I 101 -12.82 60.56 72.22
CA GLY I 101 -11.47 61.05 72.40
C GLY I 101 -10.49 59.93 72.60
N LEU I 102 -10.96 58.79 73.12
CA LEU I 102 -10.07 57.66 73.39
C LEU I 102 -9.57 57.04 72.09
N ASP I 103 -10.42 57.03 71.07
CA ASP I 103 -9.92 56.69 69.74
C ASP I 103 -9.16 57.84 69.12
N ASN I 104 -9.43 59.07 69.57
CA ASN I 104 -8.73 60.23 69.04
C ASN I 104 -7.36 60.40 69.69
N LYS I 105 -7.29 60.25 71.02
CA LYS I 105 -6.02 60.45 71.70
C LYS I 105 -5.09 59.26 71.50
N LEU I 106 -5.64 58.12 71.07
CA LEU I 106 -4.78 56.98 70.74
C LEU I 106 -4.00 57.24 69.47
N ARG I 107 -4.65 57.78 68.44
CA ARG I 107 -3.96 58.06 67.18
C ARG I 107 -3.18 59.36 67.25
N GLU I 108 -3.38 60.14 68.32
CA GLU I 108 -2.47 61.25 68.57
C GLU I 108 -1.27 60.81 69.41
N ASP I 109 -1.39 59.66 70.08
CA ASP I 109 -0.23 59.08 70.73
C ASP I 109 0.61 58.29 69.72
N LEU I 110 0.01 57.90 68.61
CA LEU I 110 0.78 57.18 67.59
C LEU I 110 1.41 58.15 66.60
N GLU I 111 0.70 59.22 66.27
CA GLU I 111 1.25 60.21 65.33
C GLU I 111 2.37 61.00 65.99
N ARG I 112 2.35 61.10 67.31
CA ARG I 112 3.43 61.75 68.03
C ARG I 112 4.72 60.93 67.96
N LEU I 113 4.60 59.62 68.18
CA LEU I 113 5.76 58.74 68.06
C LEU I 113 6.16 58.54 66.60
N LYS I 114 5.21 58.73 65.69
CA LYS I 114 5.54 58.72 64.26
C LYS I 114 6.36 59.94 63.88
N LYS I 115 6.01 61.10 64.45
CA LYS I 115 6.58 62.36 63.98
C LYS I 115 8.01 62.52 64.43
N ILE I 116 8.35 62.00 65.62
CA ILE I 116 9.71 62.12 66.13
C ILE I 116 10.58 60.97 65.68
N ARG I 117 10.06 60.09 64.80
CA ARG I 117 10.75 58.92 64.26
C ARG I 117 11.23 57.98 65.37
N ALA I 118 10.44 57.86 66.43
CA ALA I 118 10.79 56.99 67.55
C ALA I 118 10.63 55.53 67.17
N HIS I 119 11.41 54.67 67.83
CA HIS I 119 11.37 53.24 67.53
C HIS I 119 10.03 52.62 67.91
N ARG I 120 9.44 53.09 69.00
CA ARG I 120 8.13 52.60 69.41
C ARG I 120 7.05 53.03 68.43
N GLY I 121 7.29 54.11 67.70
CA GLY I 121 6.35 54.51 66.67
C GLY I 121 6.58 53.82 65.35
N LEU I 122 7.82 53.40 65.10
CA LEU I 122 8.11 52.66 63.87
C LEU I 122 7.52 51.26 63.92
N ARG I 123 7.50 50.65 65.11
CA ARG I 123 6.99 49.29 65.22
C ARG I 123 5.47 49.25 65.04
N HIS I 124 4.79 50.35 65.35
CA HIS I 124 3.37 50.45 65.00
C HIS I 124 3.20 50.61 63.49
N PHE I 125 4.05 51.42 62.88
CA PHE I 125 4.02 51.61 61.44
C PHE I 125 4.38 50.32 60.71
N TRP I 126 5.28 49.53 61.30
CA TRP I 126 5.64 48.25 60.71
C TRP I 126 4.64 47.17 61.09
N GLY I 127 3.75 47.46 62.04
CA GLY I 127 2.72 46.54 62.43
C GLY I 127 3.24 45.42 63.30
N LEU I 128 4.37 45.66 63.95
CA LEU I 128 5.05 44.64 64.72
C LEU I 128 4.83 44.90 66.20
N ARG I 129 5.17 43.92 67.02
CA ARG I 129 4.98 43.99 68.46
C ARG I 129 5.90 45.04 69.06
N VAL I 130 5.38 45.83 70.01
CA VAL I 130 6.09 47.04 70.38
C VAL I 130 6.59 46.98 71.81
N ARG I 131 6.09 46.04 72.61
CA ARG I 131 6.49 45.95 74.01
C ARG I 131 7.58 44.93 74.26
N GLY I 132 8.41 44.66 73.27
CA GLY I 132 9.57 43.82 73.45
C GLY I 132 9.31 42.33 73.48
N GLN I 133 8.33 41.85 72.73
CA GLN I 133 8.04 40.43 72.70
C GLN I 133 8.96 39.73 71.71
N HIS I 134 8.91 38.41 71.74
CA HIS I 134 9.63 37.57 70.79
C HIS I 134 8.75 37.29 69.58
N THR I 135 9.02 37.98 68.48
CA THR I 135 8.21 37.86 67.28
C THR I 135 8.54 36.67 66.43
N LYS I 136 9.46 35.80 66.86
CA LYS I 136 9.95 34.71 66.02
C LYS I 136 8.88 33.64 65.82
N THR I 137 8.19 33.26 66.89
CA THR I 137 7.33 32.09 66.87
C THR I 137 5.87 32.40 67.11
N THR I 138 5.53 33.61 67.52
CA THR I 138 4.16 33.96 67.83
C THR I 138 3.70 35.08 66.93
N GLY I 139 2.39 35.33 66.95
CA GLY I 139 1.83 36.44 66.21
C GLY I 139 1.82 36.21 64.72
N ARG I 140 1.34 35.05 64.29
CA ARG I 140 1.21 34.79 62.87
C ARG I 140 -0.20 35.04 62.36
N ARG I 141 -1.20 35.06 63.24
CA ARG I 141 -2.59 35.05 62.81
C ARG I 141 -3.01 36.39 62.22
N GLY I 142 -2.25 37.45 62.48
CA GLY I 142 -2.55 38.71 61.84
C GLY I 142 -2.03 38.75 60.41
N ARG I 143 -0.78 38.32 60.21
CA ARG I 143 -0.11 38.42 58.91
C ARG I 143 -0.07 37.04 58.26
N THR I 144 -1.20 36.65 57.67
CA THR I 144 -1.42 35.35 57.02
C THR I 144 -1.05 34.14 57.89
N PRO J 1 34.80 -62.47 67.67
CA PRO J 1 35.89 -63.24 68.25
C PRO J 1 37.13 -63.25 67.36
N LEU J 2 38.28 -62.90 67.94
CA LEU J 2 39.52 -62.81 67.19
C LEU J 2 40.06 -64.17 66.77
N ALA J 3 40.33 -65.04 67.74
CA ALA J 3 40.77 -66.39 67.43
C ALA J 3 39.55 -67.24 67.12
N LYS J 4 39.54 -67.86 65.94
CA LYS J 4 38.46 -68.73 65.50
C LYS J 4 39.08 -69.90 64.77
N ASP J 5 38.63 -71.10 65.12
CA ASP J 5 39.11 -72.31 64.46
C ASP J 5 38.44 -72.43 63.09
N LEU J 6 39.02 -71.76 62.10
CA LEU J 6 38.58 -71.91 60.72
C LEU J 6 39.00 -73.27 60.17
N LEU J 7 40.09 -73.83 60.69
CA LEU J 7 40.55 -75.16 60.33
C LEU J 7 39.58 -76.23 60.75
N HIS J 8 39.06 -76.15 61.97
CA HIS J 8 38.24 -77.20 62.54
C HIS J 8 36.92 -76.60 63.05
N PRO J 9 35.96 -76.36 62.15
CA PRO J 9 34.67 -75.86 62.60
C PRO J 9 33.84 -76.99 63.18
N SER J 10 32.98 -76.63 64.12
CA SER J 10 32.08 -77.61 64.70
C SER J 10 30.95 -77.92 63.71
N PRO J 11 30.47 -79.18 63.69
CA PRO J 11 29.44 -79.53 62.69
C PRO J 11 28.09 -78.91 62.95
N GLU J 12 27.85 -78.43 64.18
CA GLU J 12 26.66 -77.63 64.43
C GLU J 12 26.78 -76.25 63.78
N GLU J 13 28.00 -75.79 63.52
CA GLU J 13 28.19 -74.56 62.76
C GLU J 13 28.20 -74.82 61.26
N GLU J 14 28.56 -76.05 60.86
CA GLU J 14 28.72 -76.34 59.44
C GLU J 14 27.46 -76.87 58.77
N LYS J 15 26.46 -77.30 59.53
CA LYS J 15 25.15 -77.50 58.92
C LYS J 15 24.54 -76.15 58.56
N ARG J 16 24.87 -75.12 59.34
CA ARG J 16 24.25 -73.81 59.27
C ARG J 16 24.95 -72.89 58.26
N LYS J 17 25.66 -73.46 57.30
CA LYS J 17 26.29 -72.66 56.26
C LYS J 17 25.69 -72.99 54.90
N HIS J 18 25.93 -72.11 53.95
CA HIS J 18 25.48 -72.37 52.59
C HIS J 18 26.34 -73.47 51.99
N LYS J 19 25.74 -74.24 51.09
CA LYS J 19 26.38 -75.43 50.51
C LYS J 19 27.66 -75.11 49.76
N LYS J 20 27.77 -73.91 49.20
CA LYS J 20 29.00 -73.48 48.57
C LYS J 20 29.96 -72.87 49.58
N LYS J 21 29.43 -72.24 50.61
CA LYS J 21 30.24 -71.43 51.51
C LYS J 21 30.85 -72.22 52.66
N ARG J 22 30.71 -73.54 52.67
CA ARG J 22 31.34 -74.34 53.73
C ARG J 22 32.85 -74.39 53.52
N LEU J 23 33.52 -75.07 54.45
CA LEU J 23 34.97 -75.19 54.34
C LEU J 23 35.33 -76.10 53.17
N VAL J 24 34.93 -77.37 53.25
CA VAL J 24 34.94 -78.26 52.10
C VAL J 24 33.50 -78.37 51.61
N GLN J 25 33.31 -78.08 50.33
CA GLN J 25 31.99 -77.92 49.75
C GLN J 25 31.24 -79.25 49.67
N SER J 26 30.00 -79.25 50.17
CA SER J 26 29.21 -80.45 50.27
C SER J 26 27.75 -80.14 49.98
N PRO J 27 27.06 -81.01 49.26
CA PRO J 27 25.63 -80.78 49.00
C PRO J 27 24.77 -81.09 50.22
N ASN J 28 23.55 -80.56 50.18
CA ASN J 28 22.56 -80.81 51.21
C ASN J 28 21.50 -81.82 50.79
N SER J 29 21.80 -82.63 49.77
CA SER J 29 20.82 -83.56 49.26
C SER J 29 21.28 -85.00 49.49
N TYR J 30 20.48 -85.93 48.98
CA TYR J 30 20.70 -87.35 49.16
C TYR J 30 19.82 -88.12 48.18
N PHE J 31 20.15 -89.39 48.01
CA PHE J 31 19.31 -90.37 47.36
C PHE J 31 18.51 -91.09 48.42
N MET J 32 17.36 -91.64 48.05
CA MET J 32 16.57 -92.34 49.05
C MET J 32 15.80 -93.51 48.43
N ASP J 33 15.74 -94.61 49.18
CA ASP J 33 15.02 -95.82 48.81
C ASP J 33 13.53 -95.68 49.11
N VAL J 34 12.77 -95.42 48.07
CA VAL J 34 11.33 -95.26 48.19
C VAL J 34 10.65 -96.57 47.79
N LYS J 35 9.75 -97.05 48.64
CA LYS J 35 8.93 -98.19 48.28
C LYS J 35 7.46 -97.82 48.37
N CYS J 36 6.69 -98.27 47.39
CA CYS J 36 5.25 -98.14 47.42
C CYS J 36 4.65 -99.41 48.00
N PRO J 37 3.47 -99.32 48.64
CA PRO J 37 2.90 -100.54 49.24
C PRO J 37 2.36 -101.54 48.23
N GLY J 38 2.14 -101.12 46.98
CA GLY J 38 1.63 -102.05 46.00
C GLY J 38 2.72 -102.93 45.41
N CYS J 39 3.75 -102.32 44.83
CA CYS J 39 4.82 -103.12 44.25
C CYS J 39 5.82 -103.52 45.33
N TYR J 40 6.49 -104.63 45.08
CA TYR J 40 7.39 -105.25 46.04
C TYR J 40 8.73 -104.54 46.10
N LYS J 41 9.28 -104.21 44.95
CA LYS J 41 10.66 -103.73 44.86
C LYS J 41 10.75 -102.24 45.16
N ILE J 42 11.99 -101.76 45.20
CA ILE J 42 12.34 -100.44 45.69
C ILE J 42 13.10 -99.70 44.59
N THR J 43 12.77 -98.43 44.38
CA THR J 43 13.52 -97.57 43.46
C THR J 43 14.42 -96.61 44.23
N THR J 44 15.28 -95.92 43.48
CA THR J 44 16.23 -94.96 44.05
C THR J 44 15.83 -93.57 43.58
N VAL J 45 15.34 -92.75 44.50
CA VAL J 45 14.82 -91.42 44.16
C VAL J 45 15.70 -90.36 44.79
N PHE J 46 16.14 -89.40 43.99
CA PHE J 46 16.89 -88.25 44.49
C PHE J 46 15.93 -87.35 45.27
N SER J 47 16.46 -86.64 46.27
CA SER J 47 15.61 -85.86 47.16
C SER J 47 15.01 -84.64 46.46
N HIS J 48 15.82 -83.91 45.70
CA HIS J 48 15.36 -82.73 44.97
C HIS J 48 15.07 -83.17 43.54
N ALA J 49 14.03 -84.00 43.40
CA ALA J 49 13.91 -84.87 42.23
C ALA J 49 13.49 -84.13 40.98
N GLN J 50 12.51 -83.22 41.09
CA GLN J 50 11.95 -82.35 40.05
C GLN J 50 11.47 -83.04 38.77
N THR J 51 11.33 -84.36 38.78
CA THR J 51 10.58 -85.04 37.72
C THR J 51 9.52 -85.89 38.38
N VAL J 52 8.43 -86.14 37.65
CA VAL J 52 7.38 -87.01 38.15
C VAL J 52 7.86 -88.45 38.09
N VAL J 53 8.16 -89.03 39.25
CA VAL J 53 8.76 -90.34 39.31
C VAL J 53 7.67 -91.41 39.28
N LEU J 54 7.85 -92.40 38.42
CA LEU J 54 6.94 -93.54 38.35
C LEU J 54 7.65 -94.81 38.77
N CYS J 55 6.85 -95.80 39.17
CA CYS J 55 7.36 -97.14 39.38
C CYS J 55 7.41 -97.89 38.05
N VAL J 56 8.09 -99.04 38.06
CA VAL J 56 8.16 -99.85 36.85
C VAL J 56 6.80 -100.51 36.59
N GLY J 57 6.42 -100.57 35.33
CA GLY J 57 5.05 -100.88 34.97
C GLY J 57 4.12 -99.68 35.03
N CYS J 58 4.66 -98.51 35.43
CA CYS J 58 3.92 -97.24 35.57
C CYS J 58 2.71 -97.41 36.49
N SER J 59 2.96 -97.97 37.66
CA SER J 59 1.89 -98.35 38.58
C SER J 59 1.23 -97.12 39.20
N THR J 60 2.00 -96.36 39.97
CA THR J 60 1.49 -95.18 40.64
C THR J 60 2.60 -94.15 40.73
N VAL J 61 2.23 -92.94 41.16
CA VAL J 61 3.20 -91.86 41.24
C VAL J 61 3.93 -91.92 42.58
N LEU J 62 5.23 -91.65 42.55
CA LEU J 62 6.08 -91.72 43.73
C LEU J 62 6.37 -90.35 44.31
N CYS J 63 6.92 -89.46 43.49
CA CYS J 63 7.19 -88.09 43.90
C CYS J 63 6.46 -87.11 43.01
N GLN J 64 6.14 -85.96 43.59
CA GLN J 64 5.61 -84.84 42.85
C GLN J 64 6.63 -83.72 43.00
N PRO J 65 7.02 -83.05 41.94
CA PRO J 65 8.04 -82.00 42.06
C PRO J 65 7.51 -80.77 42.77
N THR J 66 8.35 -80.24 43.66
CA THR J 66 8.05 -79.00 44.36
C THR J 66 9.28 -78.11 44.22
N GLY J 67 9.32 -77.04 45.01
CA GLY J 67 10.36 -76.04 44.93
C GLY J 67 11.74 -76.55 45.28
N GLY J 68 11.83 -77.28 46.38
CA GLY J 68 13.08 -77.92 46.76
C GLY J 68 12.96 -79.42 46.76
N LYS J 69 12.82 -79.99 47.95
CA LYS J 69 12.66 -81.43 48.10
C LYS J 69 11.32 -81.89 47.54
N ALA J 70 11.30 -83.10 47.00
CA ALA J 70 10.09 -83.62 46.37
C ALA J 70 9.19 -84.31 47.39
N ARG J 71 7.89 -84.08 47.26
CA ARG J 71 6.92 -84.69 48.16
C ARG J 71 6.66 -86.12 47.73
N LEU J 72 6.84 -87.05 48.67
CA LEU J 72 6.46 -88.43 48.43
C LEU J 72 4.95 -88.57 48.41
N THR J 73 4.48 -89.61 47.74
CA THR J 73 3.06 -89.91 47.72
C THR J 73 2.65 -90.47 49.08
N GLU J 74 1.37 -90.33 49.41
CA GLU J 74 0.84 -90.71 50.72
C GLU J 74 0.99 -92.21 50.98
N GLY J 75 1.74 -92.54 52.03
CA GLY J 75 1.96 -93.93 52.37
C GLY J 75 3.13 -94.54 51.62
N CYS J 76 4.20 -93.77 51.45
CA CYS J 76 5.41 -94.22 50.78
C CYS J 76 6.56 -93.97 51.73
N SER J 77 7.26 -95.02 52.14
CA SER J 77 8.36 -94.87 53.07
C SER J 77 9.65 -94.57 52.31
N PHE J 78 10.61 -94.00 53.03
CA PHE J 78 11.89 -93.67 52.42
C PHE J 78 13.00 -93.90 53.44
N ARG J 79 14.12 -94.42 52.96
CA ARG J 79 15.32 -94.60 53.77
C ARG J 79 16.47 -94.00 52.97
N ARG J 80 17.10 -92.95 53.51
CA ARG J 80 18.16 -92.30 52.75
C ARG J 80 19.45 -93.11 52.84
N LYS J 81 20.14 -93.22 51.71
CA LYS J 81 21.31 -94.07 51.61
C LYS J 81 22.59 -93.24 51.61
N GLN J 82 23.68 -93.87 52.08
CA GLN J 82 24.95 -93.20 52.25
C GLN J 82 26.07 -94.18 51.93
N HIS J 83 27.22 -93.64 51.54
CA HIS J 83 28.38 -94.47 51.18
C HIS J 83 29.67 -93.94 51.77
N GLY K 1 8.24 -12.62 93.64
CA GLY K 1 8.23 -13.92 94.28
C GLY K 1 9.11 -14.00 95.50
N ARG K 2 8.74 -14.87 96.44
CA ARG K 2 9.45 -15.01 97.70
C ARG K 2 10.38 -16.21 97.61
N VAL K 3 11.37 -16.11 96.72
CA VAL K 3 12.27 -17.21 96.43
C VAL K 3 13.55 -17.00 97.21
N ARG K 4 14.00 -18.05 97.89
CA ARG K 4 15.19 -17.97 98.72
C ARG K 4 16.42 -18.22 97.86
N THR K 5 17.36 -17.27 97.88
CA THR K 5 18.52 -17.40 97.02
C THR K 5 19.50 -18.41 97.59
N LYS K 6 20.62 -18.59 96.87
CA LYS K 6 21.58 -19.61 97.25
C LYS K 6 22.39 -19.21 98.47
N THR K 7 22.41 -17.93 98.82
CA THR K 7 23.02 -17.57 100.09
C THR K 7 22.12 -17.97 101.26
N VAL K 8 20.82 -17.94 101.06
CA VAL K 8 19.89 -18.35 102.10
C VAL K 8 19.84 -19.87 102.20
N LYS K 9 19.74 -20.55 101.05
CA LYS K 9 19.46 -21.98 101.07
C LYS K 9 20.70 -22.80 101.41
N LYS K 10 21.89 -22.29 101.13
CA LYS K 10 23.10 -23.01 101.52
C LYS K 10 23.32 -22.93 103.03
N ALA K 11 23.23 -21.72 103.59
CA ALA K 11 23.55 -21.53 104.99
C ALA K 11 22.51 -22.16 105.89
N ALA K 12 21.26 -22.23 105.43
CA ALA K 12 20.22 -22.81 106.26
C ALA K 12 20.31 -24.34 106.29
N ARG K 13 20.99 -24.92 105.30
CA ARG K 13 21.24 -26.35 105.35
C ARG K 13 22.46 -26.68 106.20
N VAL K 14 23.31 -25.68 106.45
CA VAL K 14 24.47 -25.89 107.31
C VAL K 14 24.05 -25.84 108.78
N ILE K 15 23.11 -24.97 109.11
CA ILE K 15 22.67 -24.79 110.49
C ILE K 15 21.88 -26.01 110.95
N ILE K 16 21.12 -26.62 110.05
CA ILE K 16 20.37 -27.81 110.43
C ILE K 16 21.29 -29.03 110.47
N GLU K 17 22.33 -29.03 109.64
CA GLU K 17 23.27 -30.15 109.65
C GLU K 17 24.13 -30.14 110.91
N LYS K 18 24.55 -28.96 111.36
CA LYS K 18 25.47 -28.90 112.49
C LYS K 18 24.74 -28.72 113.82
N TYR K 19 23.53 -28.17 113.82
CA TYR K 19 22.82 -27.85 115.05
C TYR K 19 21.40 -28.37 115.01
N TYR K 20 21.22 -29.65 114.64
CA TYR K 20 19.87 -30.21 114.50
C TYR K 20 19.13 -30.28 115.83
N THR K 21 19.86 -30.41 116.93
CA THR K 21 19.22 -30.63 118.22
C THR K 21 18.70 -29.32 118.81
N ARG K 22 19.34 -28.20 118.47
CA ARG K 22 18.92 -26.91 119.02
C ARG K 22 17.66 -26.40 118.33
N LEU K 23 17.49 -26.71 117.05
CA LEU K 23 16.46 -26.07 116.25
C LEU K 23 15.09 -26.67 116.52
N GLY K 24 14.05 -25.92 116.17
CA GLY K 24 12.70 -26.31 116.51
C GLY K 24 11.59 -25.83 115.60
N ASN K 25 10.35 -26.05 116.03
CA ASN K 25 9.20 -25.88 115.14
C ASN K 25 8.81 -24.41 115.01
N ASP K 26 8.80 -23.67 116.11
CA ASP K 26 8.43 -22.26 116.06
C ASP K 26 9.52 -21.42 115.41
N PHE K 27 9.11 -20.45 114.61
CA PHE K 27 10.06 -19.56 113.93
C PHE K 27 10.84 -18.70 114.92
N HIS K 28 10.16 -18.19 115.93
CA HIS K 28 10.79 -17.22 116.82
C HIS K 28 11.81 -17.86 117.74
N THR K 29 11.66 -19.16 118.01
CA THR K 29 12.60 -19.86 118.87
C THR K 29 13.93 -20.09 118.17
N ASN K 30 13.89 -20.64 116.96
CA ASN K 30 15.11 -20.93 116.24
C ASN K 30 15.60 -19.75 115.41
N LYS K 31 14.91 -18.61 115.47
CA LYS K 31 15.49 -17.35 115.02
C LYS K 31 16.59 -16.92 115.98
N ARG K 32 16.36 -17.10 117.28
CA ARG K 32 17.35 -16.71 118.27
C ARG K 32 18.50 -17.70 118.33
N VAL K 33 18.26 -18.94 117.93
CA VAL K 33 19.33 -19.93 117.85
C VAL K 33 20.35 -19.53 116.80
N CYS K 34 19.87 -19.06 115.65
CA CYS K 34 20.75 -18.65 114.56
C CYS K 34 21.54 -17.39 114.91
N GLU K 35 20.95 -16.49 115.68
CA GLU K 35 21.65 -15.28 116.07
C GLU K 35 22.75 -15.57 117.08
N GLU K 36 22.61 -16.69 117.82
CA GLU K 36 23.68 -17.13 118.69
C GLU K 36 24.85 -17.71 117.90
N ILE K 37 24.59 -18.80 117.16
CA ILE K 37 25.71 -19.59 116.62
C ILE K 37 26.24 -18.99 115.32
N ALA K 38 25.36 -18.40 114.52
CA ALA K 38 25.75 -17.95 113.18
C ALA K 38 25.94 -16.45 113.17
N ILE K 39 26.99 -16.02 112.47
CA ILE K 39 27.30 -14.59 112.35
C ILE K 39 26.59 -14.07 111.12
N ILE K 40 25.41 -13.48 111.32
CA ILE K 40 24.62 -12.94 110.23
C ILE K 40 24.67 -11.42 110.35
N PRO K 41 25.17 -10.70 109.35
CA PRO K 41 25.40 -9.26 109.51
C PRO K 41 24.15 -8.38 109.50
N SER K 42 23.06 -8.84 108.90
CA SER K 42 21.85 -8.03 108.87
C SER K 42 20.65 -8.81 109.39
N LYS K 43 19.68 -8.07 109.92
CA LYS K 43 18.47 -8.68 110.47
C LYS K 43 17.63 -9.31 109.37
N LYS K 44 17.58 -8.69 108.19
CA LYS K 44 16.75 -9.21 107.11
C LYS K 44 17.28 -10.52 106.57
N LEU K 45 18.60 -10.66 106.47
CA LEU K 45 19.19 -11.95 106.12
C LEU K 45 19.02 -12.95 107.26
N ARG K 46 18.99 -12.46 108.50
CA ARG K 46 18.82 -13.32 109.66
C ARG K 46 17.43 -13.93 109.68
N ASN K 47 16.45 -13.24 109.10
CA ASN K 47 15.08 -13.73 109.15
C ASN K 47 14.81 -14.70 108.01
N LYS K 48 15.53 -14.55 106.89
CA LYS K 48 15.36 -15.47 105.77
C LYS K 48 15.89 -16.86 106.11
N ILE K 49 17.06 -16.91 106.73
CA ILE K 49 17.69 -18.19 107.04
C ILE K 49 16.90 -18.91 108.12
N ALA K 50 16.41 -18.16 109.10
CA ALA K 50 15.66 -18.76 110.20
C ALA K 50 14.28 -19.21 109.78
N GLY K 51 13.78 -18.68 108.66
CA GLY K 51 12.50 -19.15 108.15
C GLY K 51 12.64 -20.41 107.32
N TYR K 52 13.74 -20.54 106.58
CA TYR K 52 13.95 -21.74 105.78
C TYR K 52 14.42 -22.90 106.65
N VAL K 53 14.94 -22.59 107.84
CA VAL K 53 15.21 -23.63 108.84
C VAL K 53 13.91 -24.24 109.33
N THR K 54 12.90 -23.41 109.58
CA THR K 54 11.59 -23.91 109.96
C THR K 54 10.91 -24.61 108.79
N HIS K 55 11.28 -24.24 107.57
CA HIS K 55 10.66 -24.85 106.40
C HIS K 55 11.19 -26.27 106.19
N LEU K 56 12.41 -26.56 106.66
CA LEU K 56 12.97 -27.88 106.46
C LEU K 56 12.68 -28.80 107.64
N MET K 57 12.50 -28.22 108.83
CA MET K 57 12.15 -29.04 109.99
C MET K 57 10.74 -29.58 109.88
N LYS K 58 9.88 -28.92 109.11
CA LYS K 58 8.61 -29.51 108.73
C LYS K 58 8.82 -30.70 107.81
N ARG K 59 9.84 -30.63 106.95
CA ARG K 59 10.13 -31.71 106.02
C ARG K 59 10.88 -32.85 106.70
N ILE K 60 11.73 -32.51 107.68
CA ILE K 60 12.57 -33.53 108.32
C ILE K 60 11.74 -34.40 109.25
N GLN K 61 10.74 -33.82 109.92
CA GLN K 61 9.81 -34.63 110.70
C GLN K 61 8.88 -35.45 109.80
N ARG K 62 8.77 -35.10 108.52
CA ARG K 62 8.03 -35.95 107.60
C ARG K 62 8.90 -37.07 107.03
N GLY K 63 10.17 -36.77 106.76
CA GLY K 63 11.06 -37.76 106.18
C GLY K 63 12.46 -37.22 105.96
N PRO K 64 13.28 -37.95 105.20
CA PRO K 64 14.64 -37.48 104.93
C PRO K 64 14.70 -36.48 103.78
N VAL K 65 15.57 -35.49 103.94
CA VAL K 65 15.80 -34.44 102.95
C VAL K 65 17.09 -34.76 102.20
N ARG K 66 17.08 -34.54 100.89
CA ARG K 66 18.17 -34.90 99.98
C ARG K 66 19.52 -34.29 100.34
N GLY K 67 19.62 -32.96 100.32
CA GLY K 67 20.90 -32.32 100.55
C GLY K 67 21.24 -32.05 102.00
N ILE K 68 21.14 -33.08 102.85
CA ILE K 68 21.40 -32.88 104.28
C ILE K 68 21.89 -34.21 104.87
N SER K 69 22.56 -34.14 106.01
CA SER K 69 23.09 -35.31 106.71
C SER K 69 22.85 -35.14 108.20
N ILE K 70 21.90 -35.90 108.73
CA ILE K 70 21.58 -35.90 110.15
C ILE K 70 22.07 -37.22 110.75
N LYS K 71 22.59 -37.19 111.99
CA LYS K 71 23.14 -38.39 112.63
C LYS K 71 22.09 -39.46 112.87
N LEU K 72 20.90 -39.06 113.35
CA LEU K 72 19.89 -40.05 113.68
C LEU K 72 19.25 -40.64 112.43
N GLN K 73 19.29 -39.90 111.32
CA GLN K 73 18.79 -40.46 110.07
C GLN K 73 19.86 -41.28 109.37
N GLU K 74 21.14 -40.92 109.56
CA GLU K 74 22.23 -41.77 109.10
C GLU K 74 22.30 -43.05 109.91
N GLU K 75 22.01 -42.97 111.21
CA GLU K 75 21.90 -44.15 112.05
C GLU K 75 20.76 -45.07 111.59
N GLU K 76 19.61 -44.47 111.28
CA GLU K 76 18.46 -45.26 110.84
C GLU K 76 18.70 -45.83 109.44
N ARG K 77 19.49 -45.13 108.63
CA ARG K 77 19.86 -45.64 107.31
C ARG K 77 20.85 -46.78 107.43
N GLU K 78 21.80 -46.67 108.36
CA GLU K 78 22.80 -47.71 108.53
C GLU K 78 22.19 -48.96 109.17
N ARG K 79 21.16 -48.77 109.99
CA ARG K 79 20.51 -49.89 110.66
C ARG K 79 19.77 -50.79 109.68
N ARG K 80 19.10 -50.21 108.70
CA ARG K 80 18.35 -50.99 107.73
C ARG K 80 19.28 -51.68 106.74
N ASP K 81 20.49 -51.14 106.60
CA ASP K 81 21.49 -51.78 105.76
C ASP K 81 22.07 -53.01 106.45
N ASN K 82 22.12 -52.99 107.79
CA ASN K 82 22.73 -54.09 108.52
C ASN K 82 21.73 -55.20 108.77
N TYR K 83 20.48 -55.03 108.35
CA TYR K 83 19.44 -56.03 108.57
C TYR K 83 19.70 -57.29 107.78
N VAL K 84 19.80 -58.41 108.48
CA VAL K 84 19.87 -59.74 107.90
C VAL K 84 18.75 -60.52 108.58
N PRO K 85 17.89 -61.24 107.84
CA PRO K 85 16.74 -61.89 108.48
C PRO K 85 17.10 -63.12 109.28
N GLU K 86 16.07 -63.84 109.76
CA GLU K 86 16.29 -65.08 110.50
C GLU K 86 16.92 -66.15 109.62
N VAL K 87 16.18 -66.57 108.58
CA VAL K 87 16.67 -67.60 107.67
C VAL K 87 16.89 -66.97 106.29
N SER K 88 17.75 -67.62 105.51
CA SER K 88 18.14 -67.09 104.22
C SER K 88 17.14 -67.49 103.14
N ALA K 89 16.91 -66.57 102.19
CA ALA K 89 15.95 -66.83 101.13
C ALA K 89 16.52 -67.75 100.07
N LEU K 90 17.85 -67.89 100.01
CA LEU K 90 18.45 -68.78 99.03
C LEU K 90 18.37 -70.23 99.48
N ASP K 91 18.29 -70.47 100.79
CA ASP K 91 18.01 -71.81 101.30
C ASP K 91 16.56 -72.12 101.02
N GLN K 92 16.32 -73.06 100.11
CA GLN K 92 14.96 -73.46 99.78
C GLN K 92 14.88 -74.98 99.73
N GLU K 93 13.74 -75.50 100.17
CA GLU K 93 13.54 -76.94 100.25
C GLU K 93 13.22 -77.53 98.89
N ILE K 94 12.46 -76.81 98.08
CA ILE K 94 12.17 -77.19 96.70
C ILE K 94 12.55 -76.01 95.82
N ILE K 95 13.31 -76.27 94.77
CA ILE K 95 13.80 -75.23 93.87
C ILE K 95 13.28 -75.51 92.47
N GLU K 96 12.60 -74.52 91.88
CA GLU K 96 12.04 -74.64 90.53
C GLU K 96 13.14 -74.77 89.49
N VAL K 97 12.95 -75.68 88.54
CA VAL K 97 13.92 -75.96 87.48
C VAL K 97 13.18 -76.21 86.18
N ASP K 98 13.52 -75.44 85.16
CA ASP K 98 13.09 -75.74 83.79
C ASP K 98 13.96 -76.84 83.22
N PRO K 99 13.40 -77.73 82.38
CA PRO K 99 14.16 -78.92 81.96
C PRO K 99 15.40 -78.61 81.14
N ASP K 100 15.45 -77.46 80.48
CA ASP K 100 16.66 -77.06 79.79
C ASP K 100 17.74 -76.62 80.79
N THR K 101 17.32 -76.06 81.93
CA THR K 101 18.27 -75.78 83.00
C THR K 101 18.70 -77.07 83.70
N LYS K 102 17.88 -78.11 83.59
CA LYS K 102 18.23 -79.39 84.21
C LYS K 102 19.31 -80.11 83.43
N GLU K 103 19.28 -79.98 82.09
CA GLU K 103 20.20 -80.74 81.26
C GLU K 103 21.59 -80.14 81.28
N MET K 104 21.71 -78.84 81.59
CA MET K 104 23.05 -78.27 81.67
C MET K 104 23.74 -78.70 82.95
N LEU K 105 22.97 -78.93 84.01
CA LEU K 105 23.54 -79.39 85.26
C LEU K 105 24.02 -80.83 85.17
N LYS K 106 23.32 -81.67 84.40
CA LYS K 106 23.74 -83.05 84.21
C LYS K 106 25.01 -83.13 83.39
N LEU K 107 25.19 -82.22 82.42
CA LEU K 107 26.42 -82.19 81.65
C LEU K 107 27.55 -81.53 82.44
N LEU K 108 27.21 -80.84 83.51
CA LEU K 108 28.20 -80.50 84.52
C LEU K 108 28.36 -81.65 85.52
N ASP K 109 29.01 -81.36 86.63
CA ASP K 109 29.19 -82.37 87.66
C ASP K 109 27.88 -82.67 88.39
N PHE K 110 27.00 -81.69 88.48
CA PHE K 110 25.88 -81.73 89.43
C PHE K 110 24.62 -82.26 88.74
N GLY K 111 24.65 -83.58 88.50
CA GLY K 111 23.57 -84.25 87.84
C GLY K 111 22.36 -84.48 88.72
N SER K 112 22.59 -85.07 89.88
CA SER K 112 21.50 -85.41 90.80
C SER K 112 21.66 -84.60 92.08
N LEU K 113 20.70 -83.71 92.33
CA LEU K 113 20.68 -82.88 93.51
C LEU K 113 19.54 -83.32 94.41
N SER K 114 19.64 -82.94 95.68
CA SER K 114 18.63 -83.34 96.66
C SER K 114 17.34 -82.55 96.52
N ASN K 115 17.43 -81.30 96.06
CA ASN K 115 16.29 -80.39 96.14
C ASN K 115 15.96 -79.65 94.85
N LEU K 116 15.95 -80.36 93.73
CA LEU K 116 15.53 -79.76 92.47
C LEU K 116 14.12 -80.20 92.12
N GLN K 117 13.50 -79.49 91.19
CA GLN K 117 12.14 -79.80 90.77
C GLN K 117 12.02 -79.43 89.30
N VAL K 118 12.21 -80.43 88.44
CA VAL K 118 12.05 -80.20 87.00
C VAL K 118 10.56 -80.06 86.68
N THR K 119 10.14 -78.82 86.43
CA THR K 119 8.75 -78.56 86.11
C THR K 119 8.52 -78.77 84.61
N GLN K 120 7.25 -78.77 84.22
CA GLN K 120 6.92 -79.03 82.84
C GLN K 120 7.24 -77.80 81.99
N PRO K 121 7.83 -78.01 80.81
CA PRO K 121 8.25 -76.86 79.98
C PRO K 121 7.07 -76.15 79.35
N THR K 122 7.23 -74.85 79.16
CA THR K 122 6.13 -73.99 78.70
C THR K 122 5.93 -74.19 77.21
N VAL K 123 4.72 -74.59 76.84
CA VAL K 123 4.43 -74.82 75.43
C VAL K 123 3.71 -73.59 74.88
N GLY K 124 3.86 -73.37 73.57
CA GLY K 124 3.32 -72.17 72.97
C GLY K 124 4.45 -71.16 73.05
N MET K 125 5.12 -70.90 71.94
CA MET K 125 6.39 -70.21 71.98
C MET K 125 6.14 -68.73 71.72
N ASN K 126 5.37 -68.09 72.63
CA ASN K 126 4.75 -66.78 72.40
C ASN K 126 5.32 -65.80 73.43
N PHE K 127 6.42 -65.15 73.08
CA PHE K 127 7.12 -64.31 74.04
C PHE K 127 7.59 -62.96 73.52
N LYS K 128 7.35 -62.63 72.25
CA LYS K 128 7.77 -61.33 71.74
C LYS K 128 6.59 -60.37 71.68
N THR K 129 6.92 -59.10 71.49
CA THR K 129 5.90 -58.05 71.48
C THR K 129 5.49 -57.75 70.04
N PRO K 130 4.19 -57.58 69.77
CA PRO K 130 3.75 -57.18 68.44
C PRO K 130 4.23 -55.78 68.06
N ARG K 131 4.33 -55.55 66.75
CA ARG K 131 5.03 -54.39 66.25
C ARG K 131 4.04 -53.29 65.87
N GLY K 132 4.51 -52.05 65.95
CA GLY K 132 3.65 -50.91 65.70
C GLY K 132 2.85 -50.52 66.93
N THR L 1 24.23 -28.18 52.02
CA THR L 1 24.41 -29.51 52.58
C THR L 1 23.17 -30.35 52.39
N LYS L 2 23.35 -31.67 52.53
CA LYS L 2 22.22 -32.57 52.54
C LYS L 2 21.63 -32.59 53.94
N LYS L 3 20.31 -32.59 54.02
CA LYS L 3 19.65 -32.36 55.30
C LYS L 3 19.06 -33.65 55.85
N ARG L 4 18.62 -34.53 54.96
CA ARG L 4 17.87 -35.72 55.31
C ARG L 4 18.39 -36.91 54.51
N ARG L 5 18.41 -38.08 55.16
CA ARG L 5 18.93 -39.26 54.48
C ARG L 5 17.90 -39.85 53.53
N ASN L 6 16.66 -40.03 53.99
CA ASN L 6 15.57 -40.11 53.04
C ASN L 6 15.18 -38.69 52.65
N ASN L 7 15.18 -38.40 51.36
CA ASN L 7 15.21 -37.01 50.90
C ASN L 7 13.86 -36.32 51.12
N GLY L 8 13.51 -36.18 52.39
CA GLY L 8 12.21 -35.69 52.81
C GLY L 8 11.04 -36.57 52.45
N ARG L 9 11.26 -37.86 52.21
CA ARG L 9 10.24 -38.70 51.57
C ARG L 9 10.47 -40.16 51.97
N ALA L 10 9.83 -41.08 51.25
CA ALA L 10 9.92 -42.51 51.57
C ALA L 10 10.10 -43.38 50.34
N LYS L 11 10.64 -42.83 49.26
CA LYS L 11 10.94 -43.59 48.05
C LYS L 11 12.35 -44.15 48.16
N LYS L 12 12.45 -45.48 48.18
CA LYS L 12 13.75 -46.13 48.28
C LYS L 12 14.05 -47.09 47.13
N GLY L 13 13.05 -47.77 46.59
CA GLY L 13 13.31 -48.66 45.48
C GLY L 13 12.45 -48.40 44.26
N ARG L 14 11.87 -47.20 44.17
CA ARG L 14 10.96 -46.85 43.10
C ARG L 14 11.59 -46.05 41.96
N GLY L 15 11.98 -44.82 42.23
CA GLY L 15 12.25 -43.87 41.17
C GLY L 15 11.04 -43.04 40.78
N HIS L 16 9.85 -43.60 40.88
CA HIS L 16 8.65 -42.79 40.68
C HIS L 16 7.49 -43.34 41.50
N VAL L 17 6.84 -42.44 42.25
CA VAL L 17 5.59 -42.71 42.93
C VAL L 17 4.55 -41.70 42.47
N GLN L 18 3.30 -42.11 42.50
CA GLN L 18 2.22 -41.30 41.95
C GLN L 18 1.94 -40.10 42.85
N PRO L 19 1.50 -38.98 42.29
CA PRO L 19 1.28 -37.80 43.12
C PRO L 19 -0.15 -37.67 43.63
N ILE L 20 -0.29 -37.03 44.80
CA ILE L 20 -1.58 -36.68 45.38
C ILE L 20 -1.72 -35.17 45.27
N ARG L 21 -2.95 -34.68 45.19
CA ARG L 21 -3.21 -33.27 45.41
C ARG L 21 -3.31 -33.05 46.91
N CYS L 22 -2.87 -31.88 47.38
CA CYS L 22 -3.02 -31.53 48.78
C CYS L 22 -4.49 -31.31 49.12
N THR L 23 -4.82 -31.35 50.40
CA THR L 23 -6.20 -31.13 50.78
C THR L 23 -6.45 -29.69 51.19
N ASN L 24 -5.40 -28.99 51.61
CA ASN L 24 -5.51 -27.55 51.87
C ASN L 24 -5.38 -26.77 50.58
N CYS L 25 -4.24 -26.85 49.92
CA CYS L 25 -4.03 -26.37 48.56
C CYS L 25 -4.52 -27.42 47.58
N ALA L 26 -4.12 -27.30 46.33
CA ALA L 26 -4.27 -28.40 45.39
C ALA L 26 -2.90 -28.82 44.89
N ARG L 27 -1.92 -28.72 45.78
CA ARG L 27 -0.52 -28.90 45.44
C ARG L 27 -0.26 -30.36 45.10
N CYS L 28 0.40 -30.61 43.98
CA CYS L 28 0.78 -31.97 43.63
C CYS L 28 1.98 -32.40 44.46
N VAL L 29 1.74 -33.31 45.40
CA VAL L 29 2.80 -33.81 46.27
C VAL L 29 2.95 -35.28 45.91
N PRO L 30 4.16 -35.84 45.88
CA PRO L 30 4.30 -37.31 45.82
C PRO L 30 3.63 -37.98 47.02
N LYS L 31 3.21 -39.23 46.83
CA LYS L 31 2.36 -39.88 47.81
C LYS L 31 3.12 -40.18 49.11
N ASP L 32 4.41 -40.43 49.00
CA ASP L 32 5.18 -40.75 50.18
C ASP L 32 5.74 -39.49 50.85
N LYS L 33 5.82 -38.39 50.11
CA LYS L 33 6.33 -37.16 50.70
C LYS L 33 5.28 -36.49 51.57
N ALA L 34 4.01 -36.66 51.22
CA ALA L 34 2.92 -35.92 51.86
C ALA L 34 2.74 -36.34 53.31
N ILE L 35 2.41 -35.36 54.15
CA ILE L 35 2.08 -35.62 55.54
C ILE L 35 0.63 -36.04 55.60
N LYS L 36 0.37 -37.19 56.22
CA LYS L 36 -0.93 -37.84 56.14
C LYS L 36 -1.51 -38.03 57.53
N LYS L 37 -2.63 -37.37 57.81
CA LYS L 37 -3.41 -37.60 59.01
C LYS L 37 -4.67 -38.35 58.65
N PHE L 38 -4.93 -39.45 59.32
CA PHE L 38 -6.21 -40.14 59.23
C PHE L 38 -7.02 -39.78 60.46
N VAL L 39 -8.05 -38.96 60.28
CA VAL L 39 -8.77 -38.36 61.39
C VAL L 39 -10.04 -39.16 61.66
N ILE L 40 -10.07 -39.88 62.76
CA ILE L 40 -11.30 -40.44 63.31
C ILE L 40 -11.85 -39.42 64.29
N ARG L 41 -13.14 -39.09 64.15
CA ARG L 41 -13.68 -37.90 64.77
C ARG L 41 -15.20 -38.00 64.72
N ASN L 42 -15.86 -37.69 65.83
CA ASN L 42 -17.31 -37.83 65.91
C ASN L 42 -17.99 -36.75 65.09
N ILE L 43 -19.26 -36.96 64.77
CA ILE L 43 -19.99 -35.98 63.96
C ILE L 43 -20.30 -34.72 64.76
N VAL L 44 -20.32 -34.83 66.09
CA VAL L 44 -20.44 -33.70 67.00
C VAL L 44 -19.40 -33.85 68.09
N GLU L 45 -18.92 -32.72 68.63
CA GLU L 45 -17.81 -32.85 69.57
C GLU L 45 -18.18 -32.83 71.05
N ALA L 46 -18.74 -31.73 71.56
CA ALA L 46 -18.82 -31.57 73.01
C ALA L 46 -20.24 -31.39 73.52
N ALA L 47 -20.94 -30.40 72.97
CA ALA L 47 -22.21 -29.98 73.55
C ALA L 47 -23.38 -30.75 72.99
N ALA L 48 -23.27 -31.23 71.76
CA ALA L 48 -24.43 -31.84 71.11
C ALA L 48 -24.60 -33.29 71.53
N VAL L 49 -23.53 -33.92 72.03
CA VAL L 49 -23.59 -35.32 72.44
C VAL L 49 -24.43 -35.46 73.72
N ARG L 50 -24.58 -34.36 74.46
CA ARG L 50 -25.56 -34.28 75.53
C ARG L 50 -26.95 -33.95 74.98
N ASP L 51 -27.00 -33.25 73.85
CA ASP L 51 -28.26 -32.73 73.31
C ASP L 51 -28.88 -33.66 72.27
N ILE L 52 -28.07 -34.48 71.59
CA ILE L 52 -28.61 -35.42 70.61
C ILE L 52 -29.23 -36.63 71.30
N SER L 53 -28.51 -37.19 72.27
CA SER L 53 -28.95 -38.44 72.87
C SER L 53 -30.17 -38.25 73.76
N GLU L 54 -30.44 -37.02 74.18
CA GLU L 54 -31.71 -36.73 74.83
C GLU L 54 -32.79 -36.44 73.81
N ALA L 55 -32.41 -36.00 72.61
CA ALA L 55 -33.38 -35.84 71.53
C ALA L 55 -33.47 -37.10 70.67
N SER L 56 -32.70 -38.13 70.99
CA SER L 56 -32.69 -39.32 70.17
C SER L 56 -33.96 -40.14 70.35
N VAL L 57 -34.48 -40.63 69.23
CA VAL L 57 -35.60 -41.57 69.26
C VAL L 57 -35.17 -42.90 69.83
N PHE L 58 -34.09 -43.46 69.29
CA PHE L 58 -33.65 -44.80 69.65
C PHE L 58 -32.98 -44.78 71.00
N ASP L 59 -33.26 -45.80 71.81
CA ASP L 59 -32.70 -45.90 73.14
C ASP L 59 -31.22 -46.28 73.03
N ALA L 60 -30.34 -45.36 73.44
CA ALA L 60 -28.88 -45.50 73.42
C ALA L 60 -28.38 -45.81 72.00
N TYR L 61 -28.61 -44.86 71.11
CA TYR L 61 -28.11 -44.90 69.75
C TYR L 61 -26.68 -44.39 69.76
N VAL L 62 -25.74 -45.27 69.40
CA VAL L 62 -24.34 -44.88 69.31
C VAL L 62 -24.15 -43.89 68.16
N LEU L 63 -23.39 -42.84 68.41
CA LEU L 63 -23.24 -41.85 67.36
C LEU L 63 -22.12 -42.26 66.40
N PRO L 64 -22.32 -42.10 65.10
CA PRO L 64 -21.30 -42.53 64.13
C PRO L 64 -20.07 -41.64 64.11
N LYS L 65 -19.03 -42.10 63.44
CA LYS L 65 -17.78 -41.37 63.33
C LYS L 65 -17.55 -40.98 61.89
N LEU L 66 -16.70 -40.00 61.69
CA LEU L 66 -16.48 -39.34 60.41
C LEU L 66 -15.02 -39.53 60.02
N TYR L 67 -14.77 -40.45 59.09
CA TYR L 67 -13.43 -40.95 58.78
C TYR L 67 -12.89 -40.19 57.59
N VAL L 68 -11.96 -39.26 57.83
CA VAL L 68 -11.36 -38.47 56.77
C VAL L 68 -9.85 -38.66 56.83
N LYS L 69 -9.27 -39.03 55.68
CA LYS L 69 -7.82 -39.18 55.56
C LYS L 69 -7.29 -37.93 54.86
N LEU L 70 -6.54 -37.13 55.60
CA LEU L 70 -6.01 -35.87 55.09
C LEU L 70 -4.65 -36.09 54.45
N HIS L 71 -4.37 -35.30 53.41
CA HIS L 71 -3.06 -35.25 52.80
C HIS L 71 -2.63 -33.79 52.80
N TYR L 72 -1.37 -33.53 53.08
CA TYR L 72 -0.87 -32.17 53.10
C TYR L 72 0.37 -32.04 52.25
N CYS L 73 0.62 -30.85 51.75
CA CYS L 73 1.96 -30.59 51.27
C CYS L 73 2.82 -30.22 52.45
N VAL L 74 4.12 -30.08 52.19
CA VAL L 74 5.06 -29.74 53.26
C VAL L 74 4.80 -28.33 53.77
N SER L 75 4.40 -27.43 52.87
CA SER L 75 4.26 -26.03 53.25
C SER L 75 2.92 -25.75 53.92
N CYS L 76 1.97 -26.70 53.85
CA CYS L 76 0.70 -26.51 54.53
C CYS L 76 0.71 -27.21 55.89
N ALA L 77 1.53 -28.24 56.05
CA ALA L 77 1.65 -28.88 57.35
C ALA L 77 2.36 -27.98 58.35
N ILE L 78 3.24 -27.11 57.88
CA ILE L 78 4.01 -26.29 58.79
C ILE L 78 3.29 -24.96 59.05
N HIS L 79 2.52 -24.48 58.06
CA HIS L 79 1.72 -23.28 58.27
C HIS L 79 0.55 -23.56 59.20
N SER L 80 -0.09 -24.71 59.04
CA SER L 80 -1.19 -25.09 59.91
C SER L 80 -0.73 -25.77 61.17
N LYS L 81 0.58 -25.85 61.39
CA LYS L 81 1.20 -26.36 62.61
C LYS L 81 0.83 -27.82 62.86
N VAL L 82 0.71 -28.58 61.77
CA VAL L 82 0.69 -30.03 61.89
C VAL L 82 2.04 -30.52 62.36
N VAL L 83 3.09 -30.18 61.63
CA VAL L 83 4.45 -30.53 62.01
C VAL L 83 5.22 -29.23 62.17
N ARG L 84 6.32 -29.29 62.91
CA ARG L 84 7.17 -28.14 63.12
C ARG L 84 8.59 -28.44 62.65
N ASN L 85 9.45 -27.43 62.69
CA ASN L 85 10.87 -27.68 62.54
C ASN L 85 11.40 -28.40 63.77
N ARG L 86 12.52 -29.11 63.59
CA ARG L 86 13.17 -29.76 64.71
C ARG L 86 14.68 -29.57 64.62
N SER L 87 15.35 -29.93 65.71
CA SER L 87 16.81 -29.90 65.79
C SER L 87 17.40 -31.18 65.21
N ARG L 88 18.70 -31.12 64.89
CA ARG L 88 19.39 -32.21 64.21
C ARG L 88 19.40 -33.51 65.01
N GLU L 89 19.45 -33.44 66.32
CA GLU L 89 19.32 -34.66 67.11
C GLU L 89 17.88 -35.13 67.13
N ALA L 90 16.94 -34.20 67.07
CA ALA L 90 15.53 -34.54 67.16
C ALA L 90 14.91 -34.81 65.81
N ARG L 91 15.57 -34.42 64.72
CA ARG L 91 15.03 -34.70 63.39
C ARG L 91 15.05 -36.20 63.10
N LYS L 92 16.05 -36.90 63.62
CA LYS L 92 16.20 -38.32 63.35
C LYS L 92 15.19 -39.18 64.11
N ASP L 93 14.49 -38.62 65.08
CA ASP L 93 13.58 -39.39 65.93
C ASP L 93 12.23 -39.50 65.25
N ARG L 94 11.97 -40.63 64.60
CA ARG L 94 10.73 -40.80 63.84
C ARG L 94 9.70 -41.68 64.54
N THR L 95 9.54 -41.54 65.84
CA THR L 95 8.38 -42.11 66.51
C THR L 95 7.23 -41.09 66.48
N PRO L 96 5.98 -41.54 66.42
CA PRO L 96 4.87 -40.59 66.44
C PRO L 96 4.69 -39.97 67.81
N PRO L 97 4.16 -38.75 67.89
CA PRO L 97 3.91 -38.11 69.19
C PRO L 97 2.82 -38.86 69.95
N PRO L 98 2.79 -38.76 71.29
CA PRO L 98 1.97 -39.70 72.07
C PRO L 98 0.47 -39.45 71.95
N ARG L 99 -0.29 -40.49 72.23
CA ARG L 99 -1.73 -40.51 72.06
C ARG L 99 -2.43 -40.61 73.42
N PHE L 100 -1.95 -39.82 74.38
CA PHE L 100 -2.56 -39.84 75.71
C PHE L 100 -3.80 -38.96 75.76
N ARG L 101 -3.84 -37.91 74.95
CA ARG L 101 -5.04 -37.09 74.83
C ARG L 101 -5.16 -36.53 73.41
N SER M 1 -51.15 -28.29 55.68
CA SER M 1 -50.57 -28.34 57.01
C SER M 1 -51.15 -29.49 57.83
N LEU M 2 -51.03 -30.72 57.31
CA LEU M 2 -51.82 -31.84 57.84
C LEU M 2 -50.92 -33.05 58.03
N GLY M 3 -50.95 -33.63 59.23
CA GLY M 3 -50.39 -34.93 59.47
C GLY M 3 -51.47 -35.91 59.90
N PRO M 4 -51.60 -37.03 59.17
CA PRO M 4 -52.69 -37.98 59.48
C PRO M 4 -52.36 -38.96 60.60
N GLN M 5 -51.23 -38.80 61.27
CA GLN M 5 -50.82 -39.65 62.39
C GLN M 5 -51.72 -39.53 63.61
N VAL M 6 -51.83 -40.60 64.39
CA VAL M 6 -52.45 -40.46 65.70
C VAL M 6 -51.46 -39.78 66.64
N ALA M 7 -51.96 -38.76 67.35
CA ALA M 7 -51.18 -37.63 67.88
C ALA M 7 -50.08 -38.01 68.86
N GLU M 8 -50.35 -38.91 69.79
CA GLU M 8 -49.37 -39.25 70.81
C GLU M 8 -48.47 -40.42 70.39
N GLY M 9 -48.96 -41.30 69.51
CA GLY M 9 -48.41 -42.64 69.40
C GLY M 9 -47.04 -42.71 68.75
N GLU M 10 -46.87 -42.05 67.61
CA GLU M 10 -45.66 -42.26 66.84
C GLU M 10 -45.20 -40.94 66.23
N ASN M 11 -43.95 -40.95 65.77
CA ASN M 11 -43.29 -39.81 65.17
C ASN M 11 -43.38 -39.91 63.65
N VAL M 12 -43.53 -38.76 62.99
CA VAL M 12 -43.47 -38.69 61.54
C VAL M 12 -42.06 -38.28 61.17
N PHE M 13 -41.33 -39.17 60.52
CA PHE M 13 -39.95 -38.91 60.17
C PHE M 13 -39.83 -38.14 58.87
N GLY M 14 -38.73 -37.40 58.75
CA GLY M 14 -38.27 -36.88 57.48
C GLY M 14 -36.77 -37.02 57.50
N VAL M 15 -36.07 -36.39 56.56
CA VAL M 15 -34.62 -36.35 56.70
C VAL M 15 -34.12 -34.97 56.31
N CYS M 16 -33.31 -34.38 57.18
CA CYS M 16 -32.61 -33.16 56.81
C CYS M 16 -31.32 -33.51 56.10
N HIS M 17 -31.10 -32.88 54.96
CA HIS M 17 -29.84 -32.98 54.23
C HIS M 17 -29.08 -31.71 54.58
N ILE M 18 -28.19 -31.82 55.57
CA ILE M 18 -27.42 -30.66 56.02
C ILE M 18 -26.15 -30.64 55.17
N PHE M 19 -26.17 -29.80 54.15
CA PHE M 19 -24.98 -29.57 53.35
C PHE M 19 -24.29 -28.29 53.80
N ALA M 20 -23.18 -28.44 54.50
CA ALA M 20 -22.40 -27.34 55.04
C ALA M 20 -21.08 -27.28 54.31
N SER M 21 -20.96 -26.32 53.39
CA SER M 21 -19.70 -25.98 52.78
C SER M 21 -19.01 -24.88 53.59
N PHE M 22 -17.84 -24.49 53.12
CA PHE M 22 -17.06 -23.47 53.81
C PHE M 22 -17.45 -22.05 53.46
N ASN M 23 -18.48 -21.88 52.65
CA ASN M 23 -18.97 -20.55 52.33
C ASN M 23 -20.49 -20.44 52.26
N ASP M 24 -21.21 -21.50 52.64
CA ASP M 24 -22.63 -21.49 53.00
C ASP M 24 -22.96 -22.82 53.65
N THR M 25 -24.10 -22.87 54.33
CA THR M 25 -24.65 -24.09 54.93
C THR M 25 -26.12 -24.21 54.53
N PHE M 26 -26.52 -25.38 54.07
CA PHE M 26 -27.91 -25.66 53.75
C PHE M 26 -28.49 -26.56 54.82
N VAL M 27 -29.75 -26.31 55.18
CA VAL M 27 -30.53 -27.22 56.01
C VAL M 27 -31.81 -27.48 55.24
N HIS M 28 -32.03 -28.72 54.81
CA HIS M 28 -32.99 -29.06 53.77
C HIS M 28 -33.73 -30.33 54.17
N VAL M 29 -34.99 -30.18 54.57
CA VAL M 29 -35.77 -31.30 55.08
C VAL M 29 -36.70 -31.83 54.01
N THR M 30 -36.58 -33.13 53.73
CA THR M 30 -37.45 -33.83 52.81
C THR M 30 -38.22 -34.90 53.57
N ASP M 31 -38.87 -35.78 52.82
CA ASP M 31 -39.55 -36.94 53.37
C ASP M 31 -38.58 -38.09 53.59
N LEU M 32 -39.13 -39.29 53.75
CA LEU M 32 -38.30 -40.48 53.79
C LEU M 32 -37.77 -40.76 52.39
N SER M 33 -38.51 -40.31 51.38
CA SER M 33 -38.13 -40.53 49.99
C SER M 33 -36.97 -39.63 49.59
N GLY M 34 -37.08 -38.35 49.90
CA GLY M 34 -36.20 -37.34 49.36
C GLY M 34 -36.73 -36.67 48.12
N LYS M 35 -37.74 -37.25 47.48
CA LYS M 35 -38.27 -36.68 46.25
C LYS M 35 -39.12 -35.46 46.51
N GLU M 36 -39.92 -35.49 47.57
CA GLU M 36 -40.73 -34.35 47.99
C GLU M 36 -40.02 -33.66 49.14
N THR M 37 -39.72 -32.38 48.96
CA THR M 37 -39.08 -31.59 49.98
C THR M 37 -40.11 -30.72 50.68
N ILE M 38 -39.75 -30.25 51.88
CA ILE M 38 -40.67 -29.56 52.75
C ILE M 38 -40.21 -28.15 53.05
N CYS M 39 -39.05 -28.01 53.67
CA CYS M 39 -38.52 -26.68 53.95
C CYS M 39 -37.03 -26.68 53.68
N ARG M 40 -36.56 -25.70 52.93
CA ARG M 40 -35.15 -25.43 52.80
C ARG M 40 -34.88 -23.99 53.15
N VAL M 41 -34.07 -23.79 54.18
CA VAL M 41 -33.53 -22.46 54.47
C VAL M 41 -32.03 -22.62 54.60
N THR M 42 -31.30 -21.65 54.07
CA THR M 42 -29.87 -21.73 53.94
C THR M 42 -29.21 -20.80 54.94
N GLY M 43 -27.89 -20.84 55.00
CA GLY M 43 -27.18 -19.88 55.82
C GLY M 43 -27.20 -18.48 55.24
N GLY M 44 -27.38 -18.36 53.93
CA GLY M 44 -27.36 -17.06 53.30
C GLY M 44 -28.70 -16.36 53.33
N MET M 45 -29.75 -17.08 53.74
CA MET M 45 -31.06 -16.46 53.87
C MET M 45 -31.18 -15.70 55.18
N LYS M 46 -30.43 -16.13 56.19
CA LYS M 46 -30.61 -15.62 57.54
C LYS M 46 -29.65 -14.49 57.90
N VAL M 47 -28.47 -14.45 57.31
CA VAL M 47 -27.46 -13.46 57.66
C VAL M 47 -27.04 -12.75 56.39
N LYS M 48 -27.16 -11.42 56.38
CA LYS M 48 -26.97 -10.64 55.17
C LYS M 48 -25.58 -10.03 55.12
N ALA M 49 -24.59 -10.91 54.97
CA ALA M 49 -23.26 -10.56 54.47
C ALA M 49 -22.71 -11.84 53.85
N ASP M 50 -21.84 -11.72 52.85
CA ASP M 50 -21.40 -12.90 52.12
C ASP M 50 -20.45 -13.75 52.94
N ARG M 51 -19.68 -13.12 53.83
CA ARG M 51 -18.55 -13.77 54.47
C ARG M 51 -18.96 -14.63 55.65
N ASP M 52 -20.15 -14.42 56.18
CA ASP M 52 -20.58 -15.17 57.35
C ASP M 52 -21.84 -15.98 57.06
N GLU M 53 -22.01 -16.37 55.79
CA GLU M 53 -23.03 -17.33 55.43
C GLU M 53 -22.68 -18.71 55.99
N SER M 54 -21.39 -19.02 56.03
CA SER M 54 -20.96 -20.30 56.58
C SER M 54 -20.70 -20.25 58.08
N SER M 55 -20.84 -19.08 58.70
CA SER M 55 -20.64 -18.89 60.13
C SER M 55 -21.64 -19.76 60.89
N PRO M 56 -21.26 -20.31 62.05
CA PRO M 56 -22.14 -21.25 62.74
C PRO M 56 -23.37 -20.62 63.35
N TYR M 57 -23.40 -19.30 63.51
CA TYR M 57 -24.61 -18.63 63.97
C TYR M 57 -25.67 -18.61 62.87
N ALA M 58 -25.23 -18.49 61.61
CA ALA M 58 -26.16 -18.43 60.49
C ALA M 58 -26.80 -19.78 60.22
N ALA M 59 -26.04 -20.86 60.44
CA ALA M 59 -26.60 -22.19 60.32
C ALA M 59 -27.46 -22.53 61.53
N MET M 60 -27.23 -21.84 62.64
CA MET M 60 -28.04 -22.05 63.83
C MET M 60 -29.40 -21.41 63.64
N LEU M 61 -29.45 -20.26 62.96
CA LEU M 61 -30.72 -19.63 62.63
C LEU M 61 -31.50 -20.44 61.62
N ALA M 62 -30.79 -21.13 60.73
CA ALA M 62 -31.45 -21.92 59.69
C ALA M 62 -32.10 -23.16 60.29
N ALA M 63 -31.47 -23.76 61.29
CA ALA M 63 -32.06 -24.95 61.91
C ALA M 63 -33.28 -24.58 62.74
N GLN M 64 -33.28 -23.39 63.34
CA GLN M 64 -34.45 -22.91 64.05
C GLN M 64 -35.59 -22.59 63.09
N ASP M 65 -35.24 -22.06 61.91
CA ASP M 65 -36.24 -21.65 60.94
C ASP M 65 -36.90 -22.85 60.29
N VAL M 66 -36.11 -23.91 60.03
CA VAL M 66 -36.66 -25.16 59.53
C VAL M 66 -37.63 -25.75 60.55
N ALA M 67 -37.20 -25.87 61.81
CA ALA M 67 -37.88 -26.71 62.77
C ALA M 67 -39.22 -26.13 63.18
N GLN M 68 -39.38 -24.81 63.11
CA GLN M 68 -40.69 -24.23 63.31
C GLN M 68 -41.59 -24.50 62.11
N ARG M 69 -41.04 -24.38 60.90
CA ARG M 69 -41.78 -24.68 59.68
C ARG M 69 -42.04 -26.18 59.55
N CYS M 70 -41.17 -27.00 60.12
CA CYS M 70 -41.28 -28.44 60.00
C CYS M 70 -42.26 -29.01 61.02
N LYS M 71 -42.61 -28.22 62.03
CA LYS M 71 -43.72 -28.59 62.90
C LYS M 71 -45.06 -28.15 62.32
N GLU M 72 -45.05 -27.21 61.37
CA GLU M 72 -46.31 -26.74 60.79
C GLU M 72 -46.93 -27.77 59.88
N LEU M 73 -46.14 -28.74 59.41
CA LEU M 73 -46.67 -29.87 58.67
C LEU M 73 -46.89 -31.10 59.52
N GLY M 74 -46.31 -31.16 60.70
CA GLY M 74 -46.43 -32.35 61.51
C GLY M 74 -45.35 -33.37 61.30
N ILE M 75 -44.12 -32.94 61.06
CA ILE M 75 -42.96 -33.83 61.11
C ILE M 75 -42.29 -33.63 62.46
N THR M 76 -42.13 -34.71 63.21
CA THR M 76 -41.60 -34.59 64.57
C THR M 76 -40.13 -34.97 64.62
N ALA M 77 -39.75 -36.06 63.96
CA ALA M 77 -38.39 -36.55 64.03
C ALA M 77 -37.71 -36.43 62.68
N LEU M 78 -36.39 -36.51 62.71
CA LEU M 78 -35.55 -36.30 61.54
C LEU M 78 -34.40 -37.28 61.55
N HIS M 79 -34.11 -37.86 60.39
CA HIS M 79 -32.80 -38.44 60.15
C HIS M 79 -31.85 -37.35 59.67
N ILE M 80 -30.56 -37.59 59.83
CA ILE M 80 -29.55 -36.59 59.49
C ILE M 80 -28.62 -37.17 58.45
N LYS M 81 -28.55 -36.52 57.29
CA LYS M 81 -27.62 -36.88 56.22
C LYS M 81 -26.63 -35.73 56.10
N LEU M 82 -25.55 -35.79 56.87
CA LEU M 82 -24.56 -34.75 56.84
C LEU M 82 -23.66 -34.91 55.62
N ARG M 83 -23.43 -33.79 54.92
CA ARG M 83 -22.76 -33.86 53.65
C ARG M 83 -21.88 -32.63 53.48
N ALA M 84 -20.62 -32.89 53.11
CA ALA M 84 -19.61 -31.88 52.87
C ALA M 84 -19.57 -31.60 51.38
N THR M 85 -18.55 -30.84 50.96
CA THR M 85 -18.49 -30.40 49.56
C THR M 85 -18.19 -31.57 48.64
N GLY M 86 -17.23 -32.41 49.03
CA GLY M 86 -17.05 -33.70 48.41
C GLY M 86 -16.54 -33.63 46.97
N GLY M 87 -16.49 -34.81 46.36
CA GLY M 87 -15.85 -34.90 45.05
C GLY M 87 -14.36 -34.76 45.22
N ASN M 88 -13.74 -34.08 44.26
CA ASN M 88 -12.32 -33.80 44.39
C ASN M 88 -12.03 -32.66 45.35
N ARG M 89 -13.05 -31.92 45.78
CA ARG M 89 -12.86 -30.88 46.77
C ARG M 89 -12.89 -31.46 48.18
N THR M 90 -13.04 -30.60 49.20
CA THR M 90 -12.83 -31.01 50.59
C THR M 90 -13.92 -31.96 51.06
N LYS M 91 -13.55 -32.87 51.95
CA LYS M 91 -14.47 -33.90 52.43
C LYS M 91 -14.83 -33.72 53.89
N THR M 92 -14.35 -32.69 54.53
CA THR M 92 -14.61 -32.32 55.92
C THR M 92 -15.74 -31.30 55.97
N PRO M 93 -16.77 -31.51 56.79
CA PRO M 93 -17.91 -30.59 56.79
C PRO M 93 -17.56 -29.24 57.38
N GLY M 94 -18.29 -28.21 56.94
CA GLY M 94 -17.98 -26.84 57.25
C GLY M 94 -18.29 -26.46 58.68
N PRO M 95 -18.02 -25.20 59.03
CA PRO M 95 -18.21 -24.78 60.43
C PRO M 95 -19.66 -24.69 60.86
N GLY M 96 -20.60 -24.62 59.92
CA GLY M 96 -22.00 -24.64 60.28
C GLY M 96 -22.62 -26.02 60.23
N ALA M 97 -21.82 -27.07 60.32
CA ALA M 97 -22.37 -28.42 60.27
C ALA M 97 -23.02 -28.79 61.60
N GLN M 98 -22.28 -28.62 62.70
CA GLN M 98 -22.75 -29.11 63.98
C GLN M 98 -23.71 -28.13 64.63
N SER M 99 -23.49 -26.84 64.41
CA SER M 99 -24.37 -25.83 64.99
C SER M 99 -25.75 -25.88 64.35
N ALA M 100 -25.83 -26.28 63.08
CA ALA M 100 -27.11 -26.57 62.47
C ALA M 100 -27.67 -27.88 62.98
N LEU M 101 -26.78 -28.80 63.35
CA LEU M 101 -27.22 -30.12 63.78
C LEU M 101 -27.69 -30.09 65.23
N ARG M 102 -27.09 -29.20 66.02
CA ARG M 102 -27.45 -29.09 67.42
C ARG M 102 -28.71 -28.25 67.61
N ALA M 103 -28.90 -27.25 66.74
CA ALA M 103 -29.98 -26.30 66.96
C ALA M 103 -31.33 -26.88 66.59
N LEU M 104 -31.36 -27.88 65.71
CA LEU M 104 -32.63 -28.56 65.47
C LEU M 104 -32.88 -29.65 66.50
N ALA M 105 -31.83 -30.12 67.17
CA ALA M 105 -32.05 -31.00 68.31
C ALA M 105 -32.53 -30.19 69.52
N ARG M 106 -32.20 -28.91 69.57
CA ARG M 106 -32.67 -28.06 70.66
C ARG M 106 -34.07 -27.54 70.39
N SER M 107 -34.45 -27.39 69.12
CA SER M 107 -35.69 -26.72 68.78
C SER M 107 -36.92 -27.60 68.93
N GLY M 108 -36.75 -28.85 69.36
CA GLY M 108 -37.85 -29.73 69.61
C GLY M 108 -38.00 -30.88 68.65
N MET M 109 -37.07 -31.03 67.71
CA MET M 109 -37.13 -32.14 66.78
C MET M 109 -36.42 -33.34 67.39
N LYS M 110 -37.07 -34.49 67.34
CA LYS M 110 -36.42 -35.73 67.73
C LYS M 110 -35.40 -36.09 66.65
N ILE M 111 -34.38 -36.86 67.02
CA ILE M 111 -33.29 -37.17 66.09
C ILE M 111 -33.34 -38.65 65.76
N GLY M 112 -33.36 -38.99 64.48
CA GLY M 112 -33.25 -40.37 64.06
C GLY M 112 -31.79 -40.77 63.93
N ARG M 113 -31.38 -41.23 62.76
CA ARG M 113 -30.00 -41.65 62.57
C ARG M 113 -29.20 -40.62 61.80
N ILE M 114 -27.91 -40.58 62.06
CA ILE M 114 -26.98 -39.62 61.49
C ILE M 114 -25.99 -40.38 60.62
N GLU M 115 -25.65 -39.84 59.45
CA GLU M 115 -24.68 -40.51 58.58
C GLU M 115 -23.99 -39.50 57.68
N ASP M 116 -22.90 -39.96 57.06
CA ASP M 116 -22.15 -39.19 56.07
C ASP M 116 -22.56 -39.60 54.66
N VAL M 117 -22.97 -38.61 53.88
CA VAL M 117 -23.32 -38.86 52.49
C VAL M 117 -22.53 -37.93 51.58
N THR M 118 -21.31 -37.58 51.98
CA THR M 118 -20.46 -36.73 51.18
C THR M 118 -20.10 -37.47 49.90
N PRO M 119 -20.17 -36.83 48.74
CA PRO M 119 -19.89 -37.55 47.49
C PRO M 119 -18.40 -37.82 47.31
N ILE M 120 -17.90 -38.85 47.98
CA ILE M 120 -16.49 -39.23 47.86
C ILE M 120 -16.30 -40.01 46.57
N PRO M 121 -15.42 -39.55 45.68
CA PRO M 121 -15.12 -40.34 44.48
C PRO M 121 -14.34 -41.57 44.86
N SER M 122 -14.51 -42.62 44.06
CA SER M 122 -13.46 -43.61 44.11
C SER M 122 -12.29 -42.89 43.51
N ASP M 123 -12.36 -42.55 42.24
CA ASP M 123 -11.22 -41.96 41.53
C ASP M 123 -11.74 -40.84 40.66
N SER M 124 -11.26 -39.63 40.91
CA SER M 124 -11.94 -38.43 40.46
C SER M 124 -11.27 -37.85 39.22
N THR M 125 -11.80 -36.71 38.80
CA THR M 125 -11.18 -35.86 37.80
C THR M 125 -10.11 -35.01 38.45
N ARG M 126 -9.62 -34.03 37.70
CA ARG M 126 -8.52 -33.22 38.20
C ARG M 126 -9.04 -32.06 39.05
N ARG M 127 -8.46 -31.91 40.23
CA ARG M 127 -8.81 -30.84 41.15
C ARG M 127 -8.39 -29.48 40.63
N LYS M 128 -9.27 -28.48 40.80
CA LYS M 128 -8.99 -27.10 40.39
C LYS M 128 -7.87 -26.51 41.23
N GLY M 129 -6.84 -26.04 40.56
CA GLY M 129 -5.65 -25.53 41.20
C GLY M 129 -4.52 -25.86 40.27
N GLY M 130 -3.38 -25.23 40.53
CA GLY M 130 -2.23 -25.58 39.74
C GLY M 130 -1.66 -26.92 40.16
N ARG M 131 -0.67 -27.35 39.39
CA ARG M 131 0.26 -28.37 39.86
C ARG M 131 1.08 -27.83 41.02
N ARG M 132 1.30 -26.52 41.04
CA ARG M 132 1.99 -25.80 42.08
C ARG M 132 1.02 -25.27 43.13
N GLY M 133 -0.25 -25.66 43.04
CA GLY M 133 -1.22 -25.45 44.10
C GLY M 133 -1.76 -24.03 44.17
N ARG M 134 -2.80 -23.87 44.99
CA ARG M 134 -3.33 -22.55 45.30
C ARG M 134 -2.42 -21.89 46.33
N ARG M 135 -1.40 -21.18 45.87
CA ARG M 135 -0.40 -20.59 46.77
C ARG M 135 -0.74 -19.14 47.00
N LEU M 136 -0.73 -18.75 48.28
CA LEU M 136 -1.06 -17.42 48.72
C LEU M 136 -0.58 -17.32 50.16
N LYS N 1 47.02 39.17 57.82
CA LYS N 1 46.28 39.59 56.64
C LYS N 1 46.50 41.06 56.35
N SER N 2 46.23 41.46 55.11
CA SER N 2 46.36 42.84 54.67
C SER N 2 45.13 43.62 55.10
N TYR N 3 45.30 44.92 55.32
CA TYR N 3 44.25 45.81 55.78
C TYR N 3 44.00 46.90 54.74
N THR N 4 42.99 47.72 55.02
CA THR N 4 42.73 48.89 54.18
C THR N 4 43.35 50.14 54.77
N THR N 5 42.97 50.47 56.00
CA THR N 5 43.46 51.63 56.74
C THR N 5 44.81 51.30 57.39
N PRO N 6 45.80 52.20 57.29
CA PRO N 6 47.06 51.97 58.01
C PRO N 6 46.90 52.11 59.51
N LYS N 7 47.94 51.69 60.22
CA LYS N 7 47.91 51.68 61.67
C LYS N 7 48.30 53.05 62.23
N LYS N 8 47.88 53.30 63.46
CA LYS N 8 48.31 54.49 64.18
C LYS N 8 49.67 54.23 64.82
N ASN N 9 50.56 55.21 64.74
CA ASN N 9 51.94 54.95 65.08
C ASN N 9 52.18 54.93 66.59
N LYS N 10 53.19 54.14 66.99
CA LYS N 10 53.72 54.20 68.34
C LYS N 10 54.44 55.53 68.53
N HIS N 11 54.35 56.07 69.75
CA HIS N 11 54.86 57.42 69.98
C HIS N 11 56.37 57.43 70.11
N LYS N 12 57.05 58.05 69.15
CA LYS N 12 58.49 58.27 69.25
C LYS N 12 58.75 59.48 70.14
N ARG N 13 59.52 59.27 71.20
CA ARG N 13 59.75 60.31 72.20
C ARG N 13 60.72 61.37 71.70
N LYS N 14 60.77 62.50 72.39
CA LYS N 14 61.65 63.61 72.04
C LYS N 14 62.90 63.51 72.92
N LYS N 15 63.83 62.65 72.53
CA LYS N 15 65.03 62.47 73.33
C LYS N 15 65.99 63.64 73.09
N VAL N 16 66.53 64.18 74.19
CA VAL N 16 67.35 65.39 74.17
C VAL N 16 68.59 65.13 75.02
N LYS N 17 69.77 65.31 74.41
CA LYS N 17 71.04 65.12 75.10
C LYS N 17 71.33 66.36 75.94
N LEU N 18 71.70 66.14 77.20
CA LEU N 18 72.12 67.18 78.16
C LEU N 18 70.98 68.18 78.42
N ALA N 19 69.84 67.63 78.85
CA ALA N 19 68.67 68.46 79.08
C ALA N 19 68.73 69.18 80.43
N VAL N 20 69.68 68.81 81.28
CA VAL N 20 69.78 69.46 82.59
C VAL N 20 70.57 70.77 82.46
N LEU N 21 71.32 70.93 81.37
CA LEU N 21 72.07 72.16 81.13
C LEU N 21 71.12 73.31 80.80
N LYS N 22 69.90 73.01 80.33
CA LYS N 22 68.89 74.04 80.11
C LYS N 22 68.11 74.41 81.36
N TYR N 23 68.50 73.90 82.53
CA TYR N 23 67.76 74.19 83.76
C TYR N 23 68.34 75.38 84.50
N TYR N 24 69.62 75.34 84.83
CA TYR N 24 70.28 76.34 85.63
C TYR N 24 71.02 77.35 84.76
N LYS N 25 71.42 78.45 85.38
CA LYS N 25 72.39 79.38 84.80
C LYS N 25 73.65 79.40 85.65
N VAL N 26 74.79 79.23 84.99
CA VAL N 26 76.08 79.26 85.68
C VAL N 26 76.57 80.69 85.75
N ASP N 27 77.53 80.95 86.63
CA ASP N 27 78.13 82.28 86.74
C ASP N 27 79.60 82.13 87.13
N GLU N 28 80.44 83.03 86.60
CA GLU N 28 81.84 83.07 86.99
C GLU N 28 82.01 83.82 88.31
N ASN N 29 80.95 84.45 88.79
CA ASN N 29 80.91 85.01 90.12
C ASN N 29 80.34 83.97 91.09
N GLY N 30 80.15 84.38 92.35
CA GLY N 30 79.76 83.43 93.37
C GLY N 30 78.29 83.27 93.62
N LYS N 31 77.54 82.77 92.63
CA LYS N 31 76.10 82.62 92.75
C LYS N 31 75.60 81.56 91.77
N ILE N 32 74.35 81.15 91.96
CA ILE N 32 73.65 80.23 91.07
C ILE N 32 72.25 80.75 90.80
N SER N 33 71.67 80.34 89.67
CA SER N 33 70.37 80.86 89.21
C SER N 33 69.42 79.69 88.93
N ARG N 34 68.16 79.87 89.31
CA ARG N 34 67.11 78.90 89.00
C ARG N 34 66.14 79.51 87.99
N LEU N 35 66.02 78.89 86.82
CA LEU N 35 65.23 79.49 85.75
C LEU N 35 63.74 79.20 85.91
N ARG N 36 63.38 77.94 86.07
CA ARG N 36 61.96 77.62 86.05
C ARG N 36 61.44 77.28 87.45
N ARG N 37 60.12 77.35 87.57
CA ARG N 37 59.43 77.43 88.85
C ARG N 37 59.51 76.10 89.61
N GLU N 38 59.48 76.17 90.94
CA GLU N 38 59.47 75.01 91.81
C GLU N 38 58.06 74.78 92.36
N CYS N 39 57.75 73.54 92.63
CA CYS N 39 56.40 73.15 93.01
C CYS N 39 56.21 73.17 94.53
N PRO N 40 55.07 73.65 95.02
CA PRO N 40 54.83 73.70 96.46
C PRO N 40 54.28 72.42 97.07
N SER N 41 54.35 71.29 96.36
CA SER N 41 53.72 70.07 96.84
C SER N 41 54.53 69.43 97.96
N ASP N 42 53.83 68.71 98.83
CA ASP N 42 54.48 67.98 99.91
C ASP N 42 55.30 66.81 99.38
N GLU N 43 54.88 66.23 98.24
CA GLU N 43 55.62 65.14 97.63
C GLU N 43 56.94 65.62 97.05
N CYS N 44 56.92 66.75 96.35
CA CYS N 44 58.10 67.32 95.70
C CYS N 44 58.40 68.69 96.33
N GLY N 45 59.31 68.68 97.30
CA GLY N 45 59.58 69.88 98.08
C GLY N 45 60.33 70.99 97.36
N ALA N 46 61.61 70.79 97.10
CA ALA N 46 62.40 71.90 96.60
C ALA N 46 63.20 71.58 95.35
N GLY N 47 63.71 70.35 95.22
CA GLY N 47 64.60 70.03 94.11
C GLY N 47 63.93 69.86 92.77
N VAL N 48 62.61 69.92 92.73
CA VAL N 48 61.84 69.58 91.53
C VAL N 48 61.40 70.84 90.81
N PHE N 49 61.72 70.91 89.52
CA PHE N 49 61.32 72.02 88.67
C PHE N 49 59.95 71.76 88.06
N MET N 50 59.55 72.69 87.20
CA MET N 50 58.26 72.61 86.50
C MET N 50 58.47 72.75 85.00
N ALA N 51 57.36 72.65 84.27
CA ALA N 51 57.38 72.82 82.81
C ALA N 51 57.16 74.28 82.48
N SER N 52 57.60 74.70 81.29
CA SER N 52 57.39 76.05 80.79
C SER N 52 56.89 75.96 79.35
N HIS N 53 55.57 75.95 79.19
CA HIS N 53 54.99 75.77 77.87
C HIS N 53 54.95 77.09 77.11
N PHE N 54 54.18 77.08 76.02
CA PHE N 54 54.02 78.29 75.20
C PHE N 54 53.14 79.31 75.91
N ASP N 55 52.26 78.86 76.80
CA ASP N 55 51.27 79.72 77.41
C ASP N 55 51.35 79.79 78.93
N ARG N 56 51.52 78.66 79.62
CA ARG N 56 51.62 78.67 81.08
C ARG N 56 52.31 77.41 81.57
N HIS N 57 52.62 77.38 82.87
CA HIS N 57 53.51 76.39 83.45
C HIS N 57 52.73 75.23 84.07
N TYR N 58 53.47 74.19 84.49
CA TYR N 58 52.92 72.94 84.99
C TYR N 58 54.00 72.11 85.66
N CYS N 59 53.64 71.44 86.76
CA CYS N 59 54.53 70.52 87.46
C CYS N 59 54.19 69.09 87.10
N GLY N 60 55.22 68.30 86.80
CA GLY N 60 55.04 66.99 86.22
C GLY N 60 54.38 65.96 87.11
N LYS N 61 55.07 65.50 88.15
CA LYS N 61 54.67 64.22 88.75
C LYS N 61 53.69 64.38 89.89
N CYS N 62 53.11 65.56 90.09
CA CYS N 62 52.05 65.71 91.07
C CYS N 62 50.79 66.38 90.52
N CYS N 63 50.78 66.74 89.23
CA CYS N 63 49.64 67.33 88.52
C CYS N 63 49.17 68.64 89.17
N LEU N 64 49.99 69.68 89.09
CA LEU N 64 49.62 70.99 89.63
C LEU N 64 49.85 72.03 88.55
N THR N 65 48.79 72.79 88.23
CA THR N 65 48.79 73.66 87.06
C THR N 65 48.51 75.10 87.47
N TYR N 66 49.36 76.01 87.01
CA TYR N 66 49.20 77.44 87.26
C TYR N 66 49.05 78.15 85.91
N CYS N 67 47.88 78.74 85.68
CA CYS N 67 47.60 79.40 84.42
C CYS N 67 48.03 80.87 84.47
N PHE N 68 48.03 81.49 83.31
CA PHE N 68 48.33 82.92 83.18
C PHE N 68 47.13 83.71 82.65
N ASP O 1 -25.19 -13.22 -62.08
CA ASP O 1 -24.19 -13.17 -61.03
C ASP O 1 -24.76 -12.71 -59.70
N PRO O 2 -24.10 -13.08 -58.61
CA PRO O 2 -24.54 -12.70 -57.26
C PRO O 2 -24.13 -11.25 -56.93
N VAL O 3 -25.12 -10.38 -56.90
CA VAL O 3 -24.90 -8.97 -56.60
C VAL O 3 -24.24 -8.90 -55.23
N PRO O 4 -23.04 -8.35 -55.18
CA PRO O 4 -22.30 -8.27 -53.92
C PRO O 4 -23.11 -7.56 -52.86
N TYR O 5 -23.20 -8.14 -51.67
CA TYR O 5 -23.93 -7.50 -50.59
C TYR O 5 -23.09 -6.32 -50.10
N GLN O 6 -23.76 -5.28 -49.60
CA GLN O 6 -23.07 -4.08 -49.12
C GLN O 6 -21.90 -4.34 -48.17
N PRO O 7 -20.81 -3.60 -48.39
CA PRO O 7 -19.56 -3.68 -47.63
C PRO O 7 -19.70 -4.00 -46.15
N PRO O 8 -19.07 -5.10 -45.78
CA PRO O 8 -19.08 -5.64 -44.43
C PRO O 8 -18.18 -4.89 -43.45
N PHE O 9 -18.74 -3.89 -42.80
CA PHE O 9 -17.99 -3.13 -41.83
C PHE O 9 -17.71 -3.96 -40.59
N LEU O 10 -16.45 -3.91 -40.17
CA LEU O 10 -15.97 -4.57 -38.97
C LEU O 10 -15.05 -3.51 -38.35
N CYS O 11 -15.60 -2.75 -37.40
CA CYS O 11 -14.90 -1.63 -36.74
C CYS O 11 -13.40 -1.67 -36.34
N GLN O 12 -12.80 -0.48 -36.38
CA GLN O 12 -11.41 -0.29 -36.01
C GLN O 12 -11.35 1.06 -35.24
N TRP O 13 -12.11 2.05 -35.66
CA TRP O 13 -12.09 3.26 -34.86
C TRP O 13 -12.51 2.91 -33.41
N GLY O 14 -12.94 3.90 -32.65
CA GLY O 14 -13.38 3.60 -31.30
C GLY O 14 -12.23 3.49 -30.34
N ARG O 15 -12.51 2.97 -29.16
CA ARG O 15 -11.49 2.86 -28.15
C ARG O 15 -10.43 1.77 -28.37
N HIS O 16 -10.70 0.76 -29.20
CA HIS O 16 -9.70 -0.28 -29.35
C HIS O 16 -8.47 0.12 -30.16
N GLN O 17 -8.73 0.80 -31.27
CA GLN O 17 -7.70 1.26 -32.21
C GLN O 17 -6.71 2.21 -31.57
N PRO O 18 -5.43 1.87 -31.65
CA PRO O 18 -4.40 2.70 -31.05
C PRO O 18 -3.75 3.65 -32.04
N ALA O 19 -4.19 3.66 -33.30
CA ALA O 19 -3.58 4.54 -34.27
C ALA O 19 -4.04 5.97 -34.08
N TRP O 20 -5.21 6.27 -34.64
CA TRP O 20 -5.75 7.60 -34.55
C TRP O 20 -6.61 7.81 -33.32
N LYS O 21 -5.99 8.23 -32.24
CA LYS O 21 -6.74 8.49 -31.03
C LYS O 21 -6.52 9.94 -30.72
N PRO O 22 -7.57 10.61 -30.28
CA PRO O 22 -7.46 12.04 -29.98
C PRO O 22 -6.80 12.36 -28.62
N LEU O 23 -7.30 13.42 -28.02
CA LEU O 23 -6.77 13.80 -26.73
C LEU O 23 -7.56 13.00 -25.71
N MET O 24 -8.45 13.72 -25.09
CA MET O 24 -9.33 13.24 -24.03
C MET O 24 -8.92 13.71 -22.65
N THR T 1 -9.33 -44.07 139.67
CA THR T 1 -10.76 -44.02 139.93
C THR T 1 -11.35 -42.66 139.56
N GLU T 2 -10.54 -41.80 138.94
CA GLU T 2 -10.99 -40.47 138.60
C GLU T 2 -10.39 -40.09 137.24
N GLN T 3 -11.08 -39.19 136.54
CA GLN T 3 -10.73 -38.89 135.15
C GLN T 3 -11.18 -37.48 134.81
N MET T 4 -10.36 -36.76 134.07
CA MET T 4 -10.59 -35.35 133.85
C MET T 4 -11.44 -35.12 132.61
N THR T 5 -12.10 -33.96 132.56
CA THR T 5 -12.84 -33.51 131.39
C THR T 5 -12.87 -32.00 131.43
N LEU T 6 -13.29 -31.40 130.31
CA LEU T 6 -13.28 -29.94 130.15
C LEU T 6 -14.55 -29.36 130.72
N ARG T 7 -14.45 -28.17 131.31
CA ARG T 7 -15.64 -27.36 131.53
C ARG T 7 -15.81 -26.32 130.42
N GLY T 8 -14.70 -25.80 129.91
CA GLY T 8 -14.79 -24.84 128.82
C GLY T 8 -13.42 -24.39 128.36
N THR T 9 -13.42 -23.32 127.56
CA THR T 9 -12.18 -22.70 127.09
C THR T 9 -12.19 -21.21 127.42
N LEU T 10 -11.04 -20.57 127.22
CA LEU T 10 -10.85 -19.16 127.52
C LEU T 10 -10.22 -18.50 126.29
N LYS T 11 -10.92 -17.56 125.68
CA LYS T 11 -10.47 -16.93 124.44
C LYS T 11 -10.19 -15.45 124.72
N GLY T 12 -8.92 -15.12 124.92
CA GLY T 12 -8.52 -13.74 125.07
C GLY T 12 -7.15 -13.43 124.50
N HIS T 13 -6.70 -14.19 123.52
CA HIS T 13 -5.32 -14.13 123.07
C HIS T 13 -5.23 -14.10 121.56
N ASN T 14 -4.24 -13.37 121.05
CA ASN T 14 -3.92 -13.37 119.63
C ASN T 14 -2.67 -14.16 119.35
N GLY T 15 -1.60 -13.89 120.09
CA GLY T 15 -0.51 -14.83 120.24
C GLY T 15 -0.83 -15.81 121.35
N TRP T 16 -0.25 -16.99 121.24
CA TRP T 16 -0.69 -18.08 122.10
C TRP T 16 -0.06 -18.01 123.49
N VAL T 17 -0.58 -18.85 124.38
CA VAL T 17 -0.37 -18.72 125.82
C VAL T 17 1.05 -19.20 126.11
N THR T 18 1.83 -18.36 126.79
CA THR T 18 3.18 -18.78 127.14
C THR T 18 3.29 -19.23 128.58
N GLN T 19 2.40 -18.73 129.46
CA GLN T 19 2.45 -19.10 130.87
C GLN T 19 1.09 -18.85 131.50
N ILE T 20 0.67 -19.75 132.38
CA ILE T 20 -0.50 -19.58 133.22
C ILE T 20 -0.08 -19.66 134.67
N ALA T 21 -0.31 -18.58 135.42
CA ALA T 21 0.12 -18.48 136.81
C ALA T 21 -1.08 -18.30 137.72
N THR T 22 -1.05 -18.99 138.85
CA THR T 22 -2.17 -19.05 139.78
C THR T 22 -1.80 -18.34 141.08
N THR T 23 -2.72 -18.43 142.05
CA THR T 23 -2.49 -17.95 143.40
C THR T 23 -3.41 -18.73 144.33
N PRO T 24 -3.00 -18.97 145.58
CA PRO T 24 -3.93 -19.58 146.54
C PRO T 24 -4.90 -18.59 147.14
N GLN T 25 -4.56 -17.30 147.18
CA GLN T 25 -5.40 -16.30 147.85
C GLN T 25 -6.65 -15.98 147.05
N PHE T 26 -6.55 -15.85 145.73
CA PHE T 26 -7.70 -15.51 144.89
C PHE T 26 -8.04 -16.66 143.95
N PRO T 27 -8.98 -17.54 144.32
CA PRO T 27 -9.31 -18.67 143.45
C PRO T 27 -10.17 -18.29 142.25
N ASP T 28 -10.98 -17.25 142.38
CA ASP T 28 -11.79 -16.77 141.26
C ASP T 28 -11.07 -15.70 140.45
N MET T 29 -9.82 -16.01 140.07
CA MET T 29 -8.99 -15.14 139.26
C MET T 29 -7.82 -15.97 138.75
N ILE T 30 -7.72 -16.11 137.43
CA ILE T 30 -6.56 -16.74 136.82
C ILE T 30 -5.84 -15.72 135.95
N LEU T 31 -4.52 -15.70 136.05
CA LEU T 31 -3.67 -14.81 135.28
C LEU T 31 -2.92 -15.65 134.25
N SER T 32 -2.88 -15.17 133.01
CA SER T 32 -2.27 -15.91 131.91
C SER T 32 -1.35 -15.00 131.13
N ALA T 33 -0.15 -15.49 130.83
CA ALA T 33 0.74 -14.79 129.92
C ALA T 33 0.38 -15.14 128.47
N SER T 34 1.03 -14.47 127.54
CA SER T 34 0.63 -14.63 126.14
C SER T 34 1.81 -14.30 125.23
N ARG T 35 1.74 -14.83 124.01
CA ARG T 35 2.77 -14.51 123.03
C ARG T 35 2.65 -13.07 122.55
N ASP T 36 1.43 -12.57 122.35
CA ASP T 36 1.32 -11.13 122.17
C ASP T 36 1.51 -10.42 123.50
N LYS T 37 1.56 -9.10 123.44
CA LYS T 37 2.26 -8.35 124.49
C LYS T 37 1.41 -8.14 125.74
N THR T 38 0.24 -8.77 125.82
CA THR T 38 -0.69 -8.58 126.92
C THR T 38 -0.61 -9.74 127.92
N ILE T 39 -1.09 -9.47 129.13
CA ILE T 39 -1.17 -10.45 130.20
C ILE T 39 -2.62 -10.45 130.68
N ILE T 40 -3.41 -11.39 130.20
CA ILE T 40 -4.85 -11.37 130.46
C ILE T 40 -5.13 -11.81 131.89
N MET T 41 -5.66 -10.89 132.69
CA MET T 41 -6.22 -11.21 134.00
C MET T 41 -7.68 -11.61 133.77
N TRP T 42 -8.02 -12.83 134.16
CA TRP T 42 -9.34 -13.33 133.85
C TRP T 42 -10.31 -13.10 135.02
N LYS T 43 -11.58 -13.22 134.71
CA LYS T 43 -12.65 -13.23 135.72
C LYS T 43 -13.50 -14.46 135.44
N LEU T 44 -13.35 -15.49 136.28
CA LEU T 44 -13.92 -16.81 136.01
C LEU T 44 -15.37 -16.81 136.48
N THR T 45 -16.29 -16.67 135.52
CA THR T 45 -17.71 -16.59 135.86
C THR T 45 -18.31 -17.97 136.08
N ARG T 46 -17.65 -19.02 135.57
CA ARG T 46 -18.02 -20.43 135.73
C ARG T 46 -19.40 -20.75 135.18
N ASP T 47 -19.82 -20.06 134.12
CA ASP T 47 -21.15 -20.27 133.57
C ASP T 47 -21.08 -21.08 132.27
N GLU T 48 -22.25 -21.22 131.64
CA GLU T 48 -22.40 -22.18 130.54
C GLU T 48 -21.73 -21.69 129.27
N THR T 49 -21.88 -20.40 128.97
CA THR T 49 -21.33 -19.85 127.73
C THR T 49 -19.81 -19.76 127.80
N ASN T 50 -19.30 -19.13 128.85
CA ASN T 50 -17.87 -18.99 129.04
C ASN T 50 -17.51 -19.46 130.45
N TYR T 51 -16.41 -20.20 130.55
CA TYR T 51 -15.86 -20.52 131.86
C TYR T 51 -15.31 -19.27 132.53
N GLY T 52 -14.82 -18.33 131.75
CA GLY T 52 -14.27 -17.09 132.29
C GLY T 52 -14.38 -15.97 131.30
N ILE T 53 -14.17 -14.76 131.79
CA ILE T 53 -14.25 -13.53 131.00
C ILE T 53 -12.98 -12.72 131.26
N PRO T 54 -12.32 -12.20 130.23
CA PRO T 54 -11.11 -11.39 130.45
C PRO T 54 -11.44 -10.07 131.11
N GLN T 55 -10.57 -9.63 132.01
CA GLN T 55 -10.84 -8.44 132.81
C GLN T 55 -9.82 -7.33 132.58
N ARG T 56 -8.54 -7.65 132.74
CA ARG T 56 -7.48 -6.66 132.68
C ARG T 56 -6.30 -7.25 131.93
N ALA T 57 -5.66 -6.41 131.10
CA ALA T 57 -4.51 -6.81 130.31
C ALA T 57 -3.38 -5.85 130.60
N LEU T 58 -2.18 -6.39 130.85
CA LEU T 58 -1.08 -5.58 131.36
C LEU T 58 -0.17 -5.20 130.19
N ARG T 59 -0.63 -4.29 129.34
CA ARG T 59 0.14 -3.83 128.20
C ARG T 59 1.30 -2.97 128.67
N GLY T 60 2.39 -2.97 127.91
CA GLY T 60 3.59 -2.27 128.33
C GLY T 60 4.86 -2.98 127.93
N HIS T 61 4.73 -4.16 127.34
CA HIS T 61 5.89 -4.90 126.88
C HIS T 61 6.22 -4.56 125.43
N SER T 62 7.52 -4.56 125.11
CA SER T 62 7.94 -4.42 123.73
C SER T 62 7.88 -5.75 122.99
N HIS T 63 8.06 -6.87 123.68
CA HIS T 63 8.20 -8.13 122.97
C HIS T 63 7.48 -9.24 123.73
N PHE T 64 7.80 -10.48 123.41
CA PHE T 64 6.97 -11.63 123.73
C PHE T 64 7.09 -11.99 125.20
N VAL T 65 5.97 -12.00 125.91
CA VAL T 65 5.95 -12.31 127.34
C VAL T 65 6.17 -13.80 127.53
N SER T 66 7.25 -14.17 128.22
CA SER T 66 7.62 -15.58 128.33
C SER T 66 7.05 -16.26 129.56
N ASP T 67 7.17 -15.64 130.73
CA ASP T 67 6.78 -16.25 131.99
C ASP T 67 6.18 -15.18 132.88
N VAL T 68 5.20 -15.57 133.69
CA VAL T 68 4.51 -14.67 134.62
C VAL T 68 4.30 -15.43 135.92
N VAL T 69 4.22 -14.70 137.04
CA VAL T 69 3.99 -15.31 138.34
C VAL T 69 3.36 -14.28 139.28
N ILE T 70 2.40 -14.75 140.08
CA ILE T 70 1.65 -13.92 141.03
C ILE T 70 2.31 -14.08 142.40
N SER T 71 2.36 -12.99 143.17
CA SER T 71 2.90 -13.04 144.52
C SER T 71 1.99 -13.80 145.48
N SER T 72 2.42 -13.86 146.74
CA SER T 72 1.58 -14.43 147.78
C SER T 72 0.45 -13.49 148.18
N ASP T 73 0.60 -12.20 147.91
CA ASP T 73 -0.44 -11.24 148.26
C ASP T 73 -1.69 -11.43 147.41
N GLY T 74 -1.52 -11.65 146.11
CA GLY T 74 -2.62 -11.59 145.18
C GLY T 74 -2.93 -10.19 144.69
N GLN T 75 -2.16 -9.20 145.12
CA GLN T 75 -2.27 -7.85 144.61
C GLN T 75 -1.10 -7.49 143.70
N PHE T 76 -0.18 -8.43 143.48
CA PHE T 76 1.04 -8.18 142.75
C PHE T 76 1.32 -9.34 141.80
N ALA T 77 1.95 -9.00 140.67
CA ALA T 77 2.32 -9.98 139.67
C ALA T 77 3.53 -9.46 138.91
N LEU T 78 4.38 -10.37 138.49
CA LEU T 78 5.59 -10.04 137.77
C LEU T 78 5.68 -10.93 136.55
N SER T 79 6.18 -10.39 135.44
CA SER T 79 6.26 -11.11 134.19
C SER T 79 7.64 -10.98 133.57
N GLY T 80 8.02 -11.99 132.81
CA GLY T 80 9.26 -11.98 132.04
C GLY T 80 8.94 -11.96 130.56
N SER T 81 9.61 -11.07 129.84
CA SER T 81 9.38 -10.91 128.41
C SER T 81 10.69 -10.86 127.68
N TRP T 82 10.63 -11.11 126.36
CA TRP T 82 11.84 -11.26 125.58
C TRP T 82 12.52 -9.94 125.26
N ASP T 83 11.93 -8.81 125.64
CA ASP T 83 12.61 -7.53 125.38
C ASP T 83 13.70 -7.26 126.41
N GLY T 84 13.79 -8.08 127.45
CA GLY T 84 14.87 -8.02 128.42
C GLY T 84 14.44 -7.47 129.77
N THR T 85 13.30 -6.81 129.84
CA THR T 85 12.86 -6.19 131.08
C THR T 85 11.74 -6.99 131.73
N LEU T 86 11.65 -6.83 133.04
CA LEU T 86 10.60 -7.39 133.88
C LEU T 86 9.65 -6.28 134.29
N ARG T 87 8.40 -6.64 134.55
CA ARG T 87 7.41 -5.64 134.93
C ARG T 87 6.69 -6.09 136.19
N LEU T 88 6.86 -5.34 137.28
CA LEU T 88 6.16 -5.61 138.54
C LEU T 88 4.85 -4.83 138.51
N TRP T 89 3.75 -5.55 138.30
CA TRP T 89 2.46 -4.91 138.04
C TRP T 89 1.68 -4.76 139.34
N ASP T 90 1.13 -3.57 139.56
CA ASP T 90 0.06 -3.38 140.53
C ASP T 90 -1.20 -3.99 139.95
N LEU T 91 -1.72 -5.03 140.58
CA LEU T 91 -2.76 -5.84 139.96
C LEU T 91 -4.14 -5.20 140.08
N THR T 92 -4.29 -4.19 140.95
CA THR T 92 -5.53 -3.43 141.00
C THR T 92 -5.61 -2.45 139.83
N THR T 93 -4.69 -1.49 139.79
CA THR T 93 -4.72 -0.43 138.79
C THR T 93 -4.19 -0.87 137.44
N GLY T 94 -3.23 -1.78 137.38
CA GLY T 94 -2.61 -2.11 136.13
C GLY T 94 -1.54 -1.11 135.72
N THR T 95 -0.48 -1.01 136.51
CA THR T 95 0.61 -0.10 136.18
C THR T 95 1.94 -0.75 136.50
N THR T 96 2.96 -0.32 135.77
CA THR T 96 4.32 -0.75 136.05
C THR T 96 4.87 0.09 137.21
N THR T 97 5.11 -0.56 138.34
CA THR T 97 5.73 0.12 139.46
C THR T 97 7.24 -0.07 139.42
N ARG T 98 7.70 -1.31 139.30
CA ARG T 98 9.13 -1.58 139.31
C ARG T 98 9.50 -2.35 138.06
N ARG T 99 10.40 -1.77 137.26
CA ARG T 99 10.84 -2.37 136.01
C ARG T 99 12.31 -2.75 136.14
N PHE T 100 12.58 -4.04 136.09
CA PHE T 100 13.89 -4.59 136.43
C PHE T 100 14.77 -4.59 135.19
N VAL T 101 15.70 -3.63 135.13
CA VAL T 101 16.47 -3.33 133.93
C VAL T 101 17.89 -3.85 134.14
N GLY T 102 18.46 -4.45 133.09
CA GLY T 102 19.81 -4.96 133.16
C GLY T 102 20.11 -6.21 132.36
N HIS T 103 19.09 -7.03 132.06
CA HIS T 103 19.33 -8.21 131.23
C HIS T 103 19.68 -7.83 129.80
N THR T 104 20.60 -8.59 129.22
CA THR T 104 20.93 -8.41 127.81
C THR T 104 19.84 -8.98 126.91
N LYS T 105 19.63 -10.29 126.99
CA LYS T 105 18.79 -10.99 126.04
C LYS T 105 17.43 -11.35 126.64
N ASP T 106 16.72 -12.24 125.93
CA ASP T 106 15.32 -12.54 126.19
C ASP T 106 15.14 -13.21 127.56
N VAL T 107 14.30 -12.60 128.40
CA VAL T 107 14.06 -13.11 129.74
C VAL T 107 13.04 -14.24 129.64
N LEU T 108 13.48 -15.46 129.96
CA LEU T 108 12.63 -16.64 129.78
C LEU T 108 11.80 -16.99 131.00
N SER T 109 12.33 -16.82 132.21
CA SER T 109 11.59 -17.24 133.39
C SER T 109 12.00 -16.41 134.59
N VAL T 110 11.09 -16.35 135.57
CA VAL T 110 11.24 -15.56 136.78
C VAL T 110 10.20 -16.07 137.79
N ALA T 111 10.54 -16.00 139.09
CA ALA T 111 9.65 -16.52 140.12
C ALA T 111 9.84 -15.80 141.45
N PHE T 112 8.77 -15.75 142.25
CA PHE T 112 8.81 -15.15 143.58
C PHE T 112 9.20 -16.16 144.64
N SER T 113 9.40 -15.66 145.87
CA SER T 113 9.64 -16.47 147.04
C SER T 113 8.43 -16.46 147.96
N SER T 114 8.60 -17.09 149.13
CA SER T 114 7.58 -17.01 150.17
C SER T 114 7.53 -15.61 150.79
N ASP T 115 8.68 -14.97 150.94
CA ASP T 115 8.76 -13.65 151.52
C ASP T 115 8.25 -12.55 150.60
N ASN T 116 8.27 -12.80 149.28
CA ASN T 116 8.18 -11.75 148.26
C ASN T 116 9.19 -10.65 148.54
N ARG T 117 10.44 -11.04 148.73
CA ARG T 117 11.57 -10.14 148.94
C ARG T 117 12.66 -10.33 147.90
N GLN T 118 13.05 -11.57 147.64
CA GLN T 118 14.11 -11.91 146.70
C GLN T 118 13.51 -12.35 145.38
N ILE T 119 14.10 -11.90 144.28
CA ILE T 119 13.65 -12.21 142.93
C ILE T 119 14.83 -12.67 142.09
N VAL T 120 14.71 -13.84 141.47
CA VAL T 120 15.77 -14.43 140.66
C VAL T 120 15.22 -14.67 139.25
N SER T 121 16.00 -14.29 138.24
CA SER T 121 15.55 -14.31 136.86
C SER T 121 16.37 -15.31 136.05
N GLY T 122 15.79 -15.80 134.96
CA GLY T 122 16.49 -16.63 134.00
C GLY T 122 16.23 -16.13 132.60
N SER T 123 17.31 -15.83 131.87
CA SER T 123 17.22 -15.14 130.59
C SER T 123 18.14 -15.79 129.57
N ARG T 124 17.98 -15.38 128.29
CA ARG T 124 18.75 -16.00 127.20
C ARG T 124 20.17 -15.49 127.08
N ASP T 125 20.57 -14.50 127.86
CA ASP T 125 22.00 -14.26 128.03
C ASP T 125 22.52 -15.25 129.06
N LYS T 126 23.84 -15.34 129.19
CA LYS T 126 24.41 -16.37 130.03
C LYS T 126 24.56 -15.88 131.47
N THR T 127 23.47 -15.33 132.03
CA THR T 127 23.48 -14.75 133.37
C THR T 127 22.26 -15.27 134.13
N ILE T 128 22.35 -15.22 135.45
CA ILE T 128 21.22 -15.44 136.36
C ILE T 128 21.32 -14.32 137.40
N LYS T 129 20.39 -13.38 137.36
CA LYS T 129 20.44 -12.22 138.25
C LYS T 129 19.61 -12.46 139.51
N LEU T 130 19.97 -11.75 140.57
CA LEU T 130 19.27 -11.79 141.85
C LEU T 130 18.83 -10.37 142.20
N TRP T 131 17.56 -10.21 142.57
CA TRP T 131 16.95 -8.90 142.63
C TRP T 131 16.32 -8.65 143.99
N ASN T 132 15.57 -7.56 144.06
CA ASN T 132 14.77 -7.16 145.19
C ASN T 132 13.36 -6.85 144.74
N THR T 133 12.58 -6.21 145.62
CA THR T 133 11.29 -5.70 145.18
C THR T 133 11.40 -4.29 144.62
N LEU T 134 12.39 -3.50 145.06
CA LEU T 134 12.50 -2.13 144.59
C LEU T 134 13.48 -1.97 143.43
N GLY T 135 13.71 -3.03 142.65
CA GLY T 135 14.43 -2.89 141.39
C GLY T 135 15.92 -2.65 141.50
N VAL T 136 16.62 -3.46 142.30
CA VAL T 136 18.05 -3.32 142.51
C VAL T 136 18.72 -4.63 142.10
N CYS T 137 19.68 -4.56 141.18
CA CYS T 137 20.45 -5.74 140.81
C CYS T 137 21.45 -6.10 141.90
N LYS T 138 21.12 -7.11 142.71
CA LYS T 138 21.95 -7.41 143.87
C LYS T 138 23.17 -8.24 143.49
N TYR T 139 22.97 -9.34 142.76
CA TYR T 139 24.06 -10.27 142.49
C TYR T 139 23.76 -11.06 141.23
N THR T 140 24.79 -11.29 140.42
CA THR T 140 24.65 -11.95 139.13
C THR T 140 25.81 -12.91 138.92
N VAL T 141 25.50 -14.16 138.60
CA VAL T 141 26.51 -15.17 138.31
C VAL T 141 26.75 -15.20 136.81
N GLN T 142 28.02 -15.17 136.42
CA GLN T 142 28.40 -15.30 135.02
C GLN T 142 29.30 -16.51 134.79
N ASP T 143 30.39 -16.64 135.57
CA ASP T 143 31.37 -17.69 135.33
C ASP T 143 30.83 -19.06 135.69
N GLU T 144 30.52 -19.27 136.96
CA GLU T 144 29.91 -20.52 137.40
C GLU T 144 28.43 -20.37 137.10
N SER T 145 28.02 -20.91 135.95
CA SER T 145 26.67 -20.75 135.43
C SER T 145 26.46 -21.77 134.32
N HIS T 146 25.36 -21.61 133.61
CA HIS T 146 25.15 -22.37 132.38
C HIS T 146 26.01 -21.77 131.28
N SER T 147 26.45 -22.61 130.34
CA SER T 147 27.20 -22.10 129.21
C SER T 147 26.29 -21.58 128.12
N GLU T 148 25.00 -21.88 128.21
CA GLU T 148 23.98 -21.52 127.24
C GLU T 148 22.83 -20.78 127.94
N TRP T 149 21.69 -20.72 127.26
CA TRP T 149 20.52 -19.99 127.74
C TRP T 149 20.02 -20.60 129.04
N VAL T 150 19.48 -19.75 129.90
CA VAL T 150 18.93 -20.17 131.18
C VAL T 150 17.42 -20.25 131.00
N SER T 151 16.88 -21.46 130.96
CA SER T 151 15.51 -21.64 130.51
C SER T 151 14.50 -21.38 131.61
N CYS T 152 14.73 -21.92 132.80
CA CYS T 152 13.74 -21.84 133.86
C CYS T 152 14.41 -21.59 135.20
N VAL T 153 13.77 -20.76 136.02
CA VAL T 153 14.15 -20.57 137.42
C VAL T 153 12.89 -20.66 138.28
N ARG T 154 12.92 -21.52 139.29
CA ARG T 154 11.85 -21.67 140.25
C ARG T 154 12.46 -21.85 141.64
N PHE T 155 11.66 -21.58 142.68
CA PHE T 155 12.20 -21.57 144.03
C PHE T 155 11.76 -22.80 144.83
N SER T 156 12.42 -22.99 145.96
CA SER T 156 12.02 -24.02 146.92
C SER T 156 11.10 -23.39 147.95
N PRO T 157 9.83 -23.81 148.04
CA PRO T 157 8.90 -23.15 148.99
C PRO T 157 9.19 -23.47 150.45
N ASN T 158 9.92 -24.53 150.73
CA ASN T 158 10.27 -24.86 152.11
C ASN T 158 11.37 -23.93 152.59
N SER T 159 11.21 -23.37 153.79
CA SER T 159 12.18 -22.43 154.33
C SER T 159 13.41 -23.13 154.89
N SER T 160 13.36 -24.46 155.00
CA SER T 160 14.51 -25.20 155.51
C SER T 160 15.64 -25.27 154.50
N ASN T 161 15.33 -25.09 153.22
CA ASN T 161 16.33 -25.18 152.16
C ASN T 161 16.42 -23.85 151.42
N PRO T 162 17.47 -23.06 151.62
CA PRO T 162 17.66 -21.81 150.84
C PRO T 162 18.16 -22.10 149.43
N ILE T 163 17.29 -22.67 148.60
CA ILE T 163 17.67 -23.29 147.35
C ILE T 163 16.82 -22.74 146.21
N ILE T 164 17.49 -22.31 145.14
CA ILE T 164 16.85 -22.00 143.87
C ILE T 164 17.40 -22.96 142.82
N VAL T 165 16.56 -23.36 141.88
CA VAL T 165 16.92 -24.37 140.89
C VAL T 165 16.83 -23.74 139.50
N SER T 166 17.86 -23.94 138.69
CA SER T 166 17.93 -23.30 137.38
C SER T 166 18.47 -24.29 136.36
N CYS T 167 17.67 -24.60 135.34
CA CYS T 167 18.10 -25.46 134.25
C CYS T 167 18.66 -24.64 133.09
N GLY T 168 18.83 -25.30 131.95
CA GLY T 168 19.35 -24.58 130.80
C GLY T 168 19.52 -25.46 129.59
N TRP T 169 20.05 -24.84 128.53
CA TRP T 169 20.38 -25.46 127.27
C TRP T 169 21.78 -26.08 127.25
N ASP T 170 22.45 -26.11 128.41
CA ASP T 170 23.66 -26.92 128.58
C ASP T 170 23.35 -28.35 128.99
N LYS T 171 22.07 -28.73 128.97
CA LYS T 171 21.55 -30.04 129.39
C LYS T 171 21.90 -30.37 130.84
N LEU T 172 21.85 -29.36 131.73
CA LEU T 172 22.25 -29.50 133.12
C LEU T 172 21.19 -28.88 134.01
N VAL T 173 20.73 -29.62 135.02
CA VAL T 173 19.90 -29.06 136.07
C VAL T 173 20.83 -28.67 137.22
N LYS T 174 21.02 -27.37 137.41
CA LYS T 174 21.84 -26.89 138.51
C LYS T 174 20.97 -26.49 139.70
N VAL T 175 21.50 -26.71 140.89
CA VAL T 175 20.86 -26.36 142.14
C VAL T 175 21.78 -25.42 142.92
N TRP T 176 21.24 -24.26 143.29
CA TRP T 176 22.02 -23.14 143.81
C TRP T 176 21.69 -22.93 145.28
N ASN T 177 22.25 -21.86 145.84
CA ASN T 177 22.02 -21.50 147.22
C ASN T 177 21.51 -20.07 147.29
N LEU T 178 20.54 -19.81 148.18
CA LEU T 178 20.19 -18.42 148.46
C LEU T 178 21.23 -17.73 149.32
N ALA T 179 21.98 -18.50 150.11
CA ALA T 179 22.93 -17.91 151.05
C ALA T 179 24.27 -17.64 150.38
N ASN T 180 24.95 -18.69 149.92
CA ASN T 180 26.29 -18.55 149.38
C ASN T 180 26.27 -18.16 147.91
N CYS T 181 25.13 -18.36 147.26
CA CYS T 181 24.80 -17.84 145.92
C CYS T 181 25.71 -18.41 144.84
N LYS T 182 26.22 -19.62 145.09
CA LYS T 182 26.78 -20.46 144.05
C LYS T 182 26.25 -21.86 144.28
N LEU T 183 26.52 -22.76 143.34
CA LEU T 183 25.69 -23.95 143.23
C LEU T 183 26.09 -25.03 144.22
N LYS T 184 25.08 -25.67 144.80
CA LYS T 184 25.29 -26.82 145.67
C LYS T 184 25.69 -28.05 144.86
N THR T 185 24.98 -28.31 143.76
CA THR T 185 25.18 -29.54 143.01
C THR T 185 24.75 -29.35 141.56
N ASN T 186 25.37 -30.12 140.68
CA ASN T 186 24.90 -30.27 139.30
C ASN T 186 24.12 -31.58 139.20
N HIS T 187 23.38 -31.74 138.12
CA HIS T 187 22.64 -33.00 137.89
C HIS T 187 22.78 -33.36 136.42
N ILE T 188 23.87 -34.04 136.09
CA ILE T 188 24.14 -34.41 134.71
C ILE T 188 23.35 -35.66 134.36
N GLY T 189 22.89 -35.76 133.12
CA GLY T 189 22.20 -36.96 132.71
C GLY T 189 21.11 -36.75 131.68
N HIS T 190 20.62 -35.52 131.56
CA HIS T 190 19.42 -35.29 130.76
C HIS T 190 19.82 -34.97 129.32
N THR T 191 19.37 -35.80 128.38
CA THR T 191 19.66 -35.53 126.97
C THR T 191 18.63 -34.57 126.40
N GLY T 192 19.07 -33.72 125.47
CA GLY T 192 18.23 -32.68 124.93
C GLY T 192 18.21 -31.45 125.82
N TYR T 193 17.96 -30.28 125.22
CA TYR T 193 17.91 -29.04 125.99
C TYR T 193 16.69 -29.03 126.91
N LEU T 194 16.85 -28.38 128.07
CA LEU T 194 15.82 -28.35 129.10
C LEU T 194 14.89 -27.18 128.89
N ASN T 195 13.59 -27.43 129.03
CA ASN T 195 12.60 -26.36 128.90
C ASN T 195 12.19 -25.81 130.25
N THR T 196 11.86 -26.68 131.20
CA THR T 196 11.35 -26.24 132.49
C THR T 196 11.99 -27.03 133.63
N VAL T 197 11.75 -26.51 134.82
CA VAL T 197 12.03 -27.13 136.11
C VAL T 197 10.91 -26.75 137.05
N THR T 198 10.30 -27.73 137.71
CA THR T 198 9.35 -27.40 138.75
C THR T 198 9.63 -28.25 139.99
N VAL T 199 9.29 -27.71 141.15
CA VAL T 199 9.64 -28.29 142.45
C VAL T 199 8.35 -28.74 143.12
N SER T 200 8.44 -29.81 143.90
CA SER T 200 7.30 -30.32 144.65
C SER T 200 6.88 -29.33 145.73
N PRO T 201 5.63 -29.44 146.23
CA PRO T 201 5.24 -28.59 147.37
C PRO T 201 6.01 -28.87 148.65
N ASP T 202 6.40 -30.12 148.92
CA ASP T 202 7.20 -30.42 150.10
C ASP T 202 8.61 -29.87 149.98
N GLY T 203 9.10 -29.71 148.75
CA GLY T 203 10.42 -29.14 148.54
C GLY T 203 11.56 -30.12 148.64
N SER T 204 11.33 -31.38 148.26
CA SER T 204 12.38 -32.39 148.22
C SER T 204 12.66 -32.84 146.80
N LEU T 205 11.65 -33.34 146.10
CA LEU T 205 11.82 -33.90 144.77
C LEU T 205 11.48 -32.85 143.70
N CYS T 206 12.19 -32.95 142.58
CA CYS T 206 12.13 -31.96 141.51
C CYS T 206 12.29 -32.66 140.17
N ALA T 207 11.48 -32.27 139.20
CA ALA T 207 11.57 -32.84 137.87
C ALA T 207 12.13 -31.81 136.89
N SER T 208 12.38 -32.28 135.65
CA SER T 208 12.81 -31.43 134.55
C SER T 208 12.59 -32.15 133.24
N GLY T 209 11.84 -31.52 132.33
CA GLY T 209 11.58 -32.11 131.02
C GLY T 209 12.26 -31.38 129.90
N GLY T 210 12.53 -32.07 128.80
CA GLY T 210 13.23 -31.46 127.70
C GLY T 210 12.84 -32.04 126.36
N LYS T 211 13.78 -31.95 125.41
CA LYS T 211 13.52 -32.40 124.04
C LYS T 211 13.39 -33.91 123.98
N ASP T 212 14.10 -34.65 124.83
CA ASP T 212 14.00 -36.10 124.82
C ASP T 212 12.66 -36.57 125.37
N GLY T 213 11.97 -35.73 126.13
CA GLY T 213 10.73 -36.13 126.75
C GLY T 213 10.93 -36.95 128.00
N GLN T 214 11.97 -36.63 128.79
CA GLN T 214 12.33 -37.41 129.96
C GLN T 214 12.29 -36.50 131.17
N ALA T 215 11.30 -36.70 132.03
CA ALA T 215 11.16 -35.94 133.27
C ALA T 215 11.99 -36.66 134.34
N MET T 216 13.25 -36.26 134.47
CA MET T 216 14.13 -36.85 135.46
C MET T 216 13.82 -36.28 136.83
N LEU T 217 13.45 -37.15 137.77
CA LEU T 217 13.12 -36.73 139.12
C LEU T 217 14.40 -36.58 139.92
N TRP T 218 14.73 -35.35 140.31
CA TRP T 218 15.90 -35.04 141.09
C TRP T 218 15.48 -34.67 142.50
N ASP T 219 16.40 -34.85 143.45
CA ASP T 219 16.13 -34.63 144.86
C ASP T 219 16.98 -33.48 145.38
N LEU T 220 16.45 -32.74 146.34
CA LEU T 220 17.09 -31.54 146.87
C LEU T 220 17.73 -31.75 148.24
N ASN T 221 17.22 -32.70 149.04
CA ASN T 221 17.86 -32.99 150.32
C ASN T 221 19.19 -33.70 150.12
N GLU T 222 19.26 -34.54 149.10
CA GLU T 222 20.52 -35.09 148.64
C GLU T 222 20.52 -35.10 147.12
N GLY T 223 21.65 -34.77 146.51
CA GLY T 223 21.74 -34.70 145.07
C GLY T 223 21.79 -36.06 144.41
N LYS T 224 20.65 -36.76 144.37
CA LYS T 224 20.57 -38.08 143.75
C LYS T 224 19.38 -38.15 142.82
N HIS T 225 19.61 -38.76 141.65
CA HIS T 225 18.54 -39.10 140.73
C HIS T 225 17.63 -40.18 141.33
N LEU T 226 16.34 -40.11 140.99
CA LEU T 226 15.41 -41.08 141.54
C LEU T 226 14.91 -42.06 140.49
N TYR T 227 14.20 -41.56 139.47
CA TYR T 227 13.66 -42.37 138.39
C TYR T 227 13.10 -41.44 137.32
N THR T 228 13.14 -41.91 136.08
CA THR T 228 12.89 -41.08 134.91
C THR T 228 11.67 -41.63 134.18
N LEU T 229 10.73 -40.74 133.86
CA LEU T 229 9.49 -41.11 133.19
C LEU T 229 9.53 -40.50 131.80
N ASP T 230 9.18 -41.30 130.79
CA ASP T 230 9.21 -40.84 129.40
C ASP T 230 7.90 -40.14 129.06
N GLY T 231 8.00 -38.90 128.59
CA GLY T 231 6.84 -38.18 128.12
C GLY T 231 6.38 -38.57 126.73
N GLY T 232 7.21 -39.30 126.00
CA GLY T 232 6.90 -39.65 124.63
C GLY T 232 7.28 -38.53 123.68
N ASP T 233 6.51 -37.46 123.69
CA ASP T 233 6.84 -36.28 122.91
C ASP T 233 7.69 -35.34 123.78
N ILE T 234 8.02 -34.17 123.25
CA ILE T 234 8.80 -33.17 123.98
C ILE T 234 8.00 -32.66 125.17
N ILE T 235 8.64 -32.62 126.34
CA ILE T 235 8.02 -32.08 127.54
C ILE T 235 8.32 -30.58 127.56
N ASN T 236 7.26 -29.78 127.58
CA ASN T 236 7.43 -28.33 127.50
C ASN T 236 7.27 -27.68 128.85
N ALA T 237 6.34 -28.18 129.66
CA ALA T 237 6.11 -27.65 130.99
C ALA T 237 5.76 -28.80 131.93
N LEU T 238 6.07 -28.59 133.21
CA LEU T 238 5.79 -29.56 134.26
C LEU T 238 5.20 -28.81 135.45
N CYS T 239 4.32 -29.49 136.18
CA CYS T 239 3.70 -28.88 137.35
C CYS T 239 3.20 -29.98 138.28
N PHE T 240 3.46 -29.83 139.58
CA PHE T 240 3.00 -30.79 140.58
C PHE T 240 1.63 -30.37 141.11
N SER T 241 0.80 -31.37 141.46
CA SER T 241 -0.48 -31.08 142.09
C SER T 241 -0.27 -30.61 143.54
N PRO T 242 -0.97 -29.56 143.95
CA PRO T 242 -0.71 -28.99 145.28
C PRO T 242 -1.28 -29.81 146.42
N ASN T 243 -2.44 -30.47 146.23
CA ASN T 243 -2.93 -31.37 147.26
C ASN T 243 -2.51 -32.82 146.98
N ARG T 244 -2.71 -33.28 145.74
CA ARG T 244 -2.40 -34.64 145.35
C ARG T 244 -0.90 -34.83 145.19
N TYR T 245 -0.50 -36.09 145.09
CA TYR T 245 0.91 -36.45 144.90
C TYR T 245 1.15 -36.81 143.43
N TRP T 246 0.96 -35.82 142.56
CA TRP T 246 1.02 -36.00 141.12
C TRP T 246 2.09 -35.12 140.48
N LEU T 247 2.54 -35.55 139.30
CA LEU T 247 3.35 -34.74 138.40
C LEU T 247 2.60 -34.62 137.07
N CYS T 248 2.22 -33.41 136.71
CA CYS T 248 1.56 -33.19 135.44
C CYS T 248 2.55 -32.65 134.42
N ALA T 249 2.21 -32.80 133.15
CA ALA T 249 3.18 -32.56 132.10
C ALA T 249 2.53 -31.91 130.88
N ALA T 250 3.33 -31.15 130.13
CA ALA T 250 2.95 -30.63 128.83
C ALA T 250 3.74 -31.36 127.76
N THR T 251 3.17 -32.45 127.24
CA THR T 251 3.88 -33.33 126.30
C THR T 251 3.23 -33.25 124.94
N GLY T 252 3.64 -32.25 124.15
CA GLY T 252 3.16 -32.08 122.80
C GLY T 252 1.67 -31.75 122.76
N PRO T 253 0.95 -32.35 121.82
CA PRO T 253 -0.48 -32.03 121.68
C PRO T 253 -1.38 -32.62 122.75
N SER T 254 -0.85 -33.36 123.73
CA SER T 254 -1.68 -33.93 124.78
C SER T 254 -1.04 -33.67 126.14
N ILE T 255 -1.89 -33.65 127.16
CA ILE T 255 -1.46 -33.53 128.55
C ILE T 255 -1.44 -34.93 129.15
N LYS T 256 -0.33 -35.27 129.80
CA LYS T 256 -0.09 -36.63 130.28
C LYS T 256 0.22 -36.57 131.78
N ILE T 257 -0.73 -37.02 132.59
CA ILE T 257 -0.66 -36.91 134.05
C ILE T 257 -0.09 -38.20 134.59
N TRP T 258 0.86 -38.09 135.53
CA TRP T 258 1.43 -39.24 136.19
C TRP T 258 1.28 -39.15 137.70
N ASP T 259 1.27 -40.32 138.32
CA ASP T 259 1.41 -40.46 139.77
C ASP T 259 2.83 -40.88 140.10
N LEU T 260 3.34 -40.39 141.23
CA LEU T 260 4.70 -40.73 141.64
C LEU T 260 4.73 -41.95 142.56
N GLU T 261 3.70 -42.17 143.36
CA GLU T 261 3.68 -43.34 144.24
C GLU T 261 3.32 -44.59 143.47
N GLY T 262 2.22 -44.55 142.72
CA GLY T 262 1.93 -45.61 141.77
C GLY T 262 2.61 -45.31 140.46
N LYS T 263 3.70 -46.02 140.18
CA LYS T 263 4.58 -45.69 139.05
C LYS T 263 3.93 -46.05 137.73
N ILE T 264 2.99 -45.22 137.29
CA ILE T 264 2.21 -45.51 136.09
C ILE T 264 1.66 -44.19 135.56
N ILE T 265 1.27 -44.19 134.28
CA ILE T 265 0.46 -43.11 133.75
C ILE T 265 -0.93 -43.18 134.37
N VAL T 266 -1.45 -42.03 134.80
CA VAL T 266 -2.80 -41.98 135.34
C VAL T 266 -3.82 -42.01 134.22
N ASP T 267 -3.83 -40.96 133.39
CA ASP T 267 -4.76 -40.77 132.30
C ASP T 267 -4.08 -39.96 131.22
N GLU T 268 -4.78 -39.78 130.10
CA GLU T 268 -4.32 -38.91 129.01
C GLU T 268 -5.39 -37.87 128.72
N LEU T 269 -4.97 -36.63 128.47
CA LEU T 269 -5.89 -35.54 128.18
C LEU T 269 -5.73 -35.16 126.72
N LYS T 270 -6.77 -35.41 125.92
CA LYS T 270 -6.84 -35.03 124.52
C LYS T 270 -8.18 -34.37 124.23
N GLN T 271 -8.22 -33.51 123.22
CA GLN T 271 -9.49 -32.91 122.83
C GLN T 271 -10.19 -33.76 121.77
N GLU T 272 -11.52 -33.82 121.86
CA GLU T 272 -12.31 -34.59 120.89
C GLU T 272 -12.72 -33.73 119.72
N VAL T 273 -12.26 -32.48 119.69
CA VAL T 273 -12.74 -31.52 118.70
C VAL T 273 -11.71 -31.36 117.58
N ILE T 274 -10.94 -32.43 117.34
CA ILE T 274 -9.89 -32.53 116.32
C ILE T 274 -10.38 -32.12 114.94
N SER T 275 -9.77 -31.07 114.38
CA SER T 275 -10.23 -30.52 113.11
C SER T 275 -9.14 -30.59 112.06
N THR T 276 -7.87 -30.55 112.48
CA THR T 276 -6.74 -30.75 111.58
C THR T 276 -6.68 -32.25 111.21
N SER T 277 -7.33 -32.56 110.10
CA SER T 277 -7.49 -33.94 109.66
C SER T 277 -6.84 -34.22 108.31
N SER T 278 -6.01 -33.29 107.82
CA SER T 278 -5.36 -33.44 106.52
C SER T 278 -3.99 -32.76 106.57
N LYS T 279 -2.95 -33.55 106.85
CA LYS T 279 -1.54 -33.20 106.66
C LYS T 279 -1.13 -32.00 107.52
N ALA T 280 -1.60 -31.98 108.76
CA ALA T 280 -1.37 -30.87 109.67
C ALA T 280 -1.02 -31.38 111.06
N GLU T 281 -0.39 -30.51 111.85
CA GLU T 281 -0.06 -30.87 113.22
C GLU T 281 -1.06 -30.23 114.19
N PRO T 282 -1.56 -30.98 115.17
CA PRO T 282 -2.40 -30.40 116.22
C PRO T 282 -1.60 -29.47 117.11
N PRO T 283 -2.26 -28.51 117.78
CA PRO T 283 -1.52 -27.57 118.64
C PRO T 283 -0.98 -28.27 119.88
N GLN T 284 0.23 -27.88 120.29
CA GLN T 284 0.96 -28.61 121.32
C GLN T 284 0.93 -27.84 122.64
N CYS T 285 0.93 -28.58 123.75
CA CYS T 285 0.77 -27.96 125.05
C CYS T 285 2.09 -27.38 125.53
N THR T 286 2.06 -26.11 125.93
CA THR T 286 3.26 -25.36 126.27
C THR T 286 3.32 -24.86 127.70
N SER T 287 2.19 -24.59 128.35
CA SER T 287 2.23 -24.14 129.73
C SER T 287 0.93 -24.55 130.42
N LEU T 288 1.07 -24.95 131.69
CA LEU T 288 -0.06 -25.43 132.46
C LEU T 288 0.29 -25.40 133.93
N ALA T 289 -0.72 -25.16 134.76
CA ALA T 289 -0.52 -25.00 136.18
C ALA T 289 -1.81 -25.39 136.91
N TRP T 290 -1.66 -26.11 138.00
CA TRP T 290 -2.79 -26.51 138.82
C TRP T 290 -3.38 -25.31 139.55
N SER T 291 -4.61 -25.47 140.01
CA SER T 291 -5.34 -24.37 140.65
C SER T 291 -4.83 -24.14 142.08
N ALA T 292 -5.58 -23.31 142.80
CA ALA T 292 -5.28 -23.03 144.20
C ALA T 292 -5.43 -24.28 145.06
N ASP T 293 -6.61 -24.90 144.99
CA ASP T 293 -6.85 -26.08 145.82
C ASP T 293 -6.32 -27.35 145.17
N GLY T 294 -6.22 -27.37 143.84
CA GLY T 294 -5.92 -28.59 143.14
C GLY T 294 -7.12 -29.25 142.51
N GLN T 295 -8.05 -28.46 141.97
CA GLN T 295 -9.29 -29.00 141.43
C GLN T 295 -9.47 -28.76 139.93
N THR T 296 -9.10 -27.60 139.42
CA THR T 296 -9.20 -27.29 138.00
C THR T 296 -7.81 -27.12 137.43
N LEU T 297 -7.55 -27.77 136.30
CA LEU T 297 -6.22 -27.76 135.69
C LEU T 297 -6.19 -26.71 134.59
N PHE T 298 -5.33 -25.70 134.75
CA PHE T 298 -5.33 -24.51 133.91
C PHE T 298 -4.22 -24.62 132.86
N ALA T 299 -4.58 -25.02 131.65
CA ALA T 299 -3.63 -25.33 130.59
C ALA T 299 -3.93 -24.50 129.35
N GLY T 300 -2.87 -24.07 128.67
CA GLY T 300 -3.01 -23.34 127.42
C GLY T 300 -2.16 -23.95 126.31
N TYR T 301 -2.73 -24.04 125.11
CA TYR T 301 -2.08 -24.67 123.98
C TYR T 301 -1.58 -23.59 123.02
N THR T 302 -1.01 -24.01 121.89
CA THR T 302 -0.55 -23.07 120.89
C THR T 302 -1.65 -22.61 119.93
N ASP T 303 -2.91 -22.95 120.18
CA ASP T 303 -4.01 -22.50 119.35
C ASP T 303 -4.80 -21.35 119.97
N ASN T 304 -4.11 -20.46 120.69
CA ASN T 304 -4.66 -19.21 121.24
C ASN T 304 -5.81 -19.47 122.21
N LEU T 305 -5.68 -20.52 123.02
CA LEU T 305 -6.75 -20.89 123.93
C LEU T 305 -6.18 -21.30 125.27
N VAL T 306 -7.07 -21.33 126.27
CA VAL T 306 -6.78 -21.89 127.59
C VAL T 306 -7.86 -22.93 127.87
N ARG T 307 -7.45 -24.18 127.97
CA ARG T 307 -8.37 -25.28 128.27
C ARG T 307 -8.31 -25.66 129.74
N VAL T 308 -9.47 -25.95 130.32
CA VAL T 308 -9.55 -26.32 131.73
C VAL T 308 -9.93 -27.79 131.86
N TRP T 309 -9.59 -28.37 133.01
CA TRP T 309 -9.70 -29.82 133.24
C TRP T 309 -10.03 -30.02 134.71
N GLN T 310 -11.13 -30.70 135.00
CA GLN T 310 -11.57 -30.83 136.38
C GLN T 310 -11.73 -32.28 136.83
N VAL T 311 -11.64 -32.49 138.13
CA VAL T 311 -11.87 -33.79 138.74
C VAL T 311 -13.35 -34.03 138.89
N THR T 312 -13.86 -35.09 138.24
CA THR T 312 -15.27 -35.40 138.34
C THR T 312 -15.56 -36.27 139.56
N ILE T 313 -14.79 -37.34 139.72
CA ILE T 313 -14.91 -38.20 140.89
C ILE T 313 -14.27 -37.52 142.10
N GLY W 1 43.13 57.54 81.13
CA GLY W 1 44.35 56.77 81.25
C GLY W 1 44.11 55.29 81.26
N HIS W 2 45.19 54.51 81.08
CA HIS W 2 45.05 53.06 81.12
C HIS W 2 44.81 52.56 82.54
N GLN W 3 45.21 53.34 83.55
CA GLN W 3 44.91 52.98 84.93
C GLN W 3 43.47 53.28 85.30
N GLN W 4 42.77 54.03 84.45
CA GLN W 4 41.39 54.42 84.72
C GLN W 4 40.40 53.76 83.78
N LEU W 5 40.85 52.92 82.86
CA LEU W 5 39.96 52.19 81.96
C LEU W 5 40.05 50.69 82.11
N TYR W 6 41.19 50.16 82.58
CA TYR W 6 41.52 48.75 82.37
C TYR W 6 40.61 47.77 83.10
N TRP W 7 40.11 48.14 84.27
CA TRP W 7 39.13 47.30 84.94
C TRP W 7 38.06 48.18 85.56
N SER W 8 37.56 49.14 84.78
CA SER W 8 36.70 50.18 85.29
C SER W 8 35.22 49.91 85.11
N HIS W 9 34.85 48.81 84.48
CA HIS W 9 33.45 48.42 84.48
C HIS W 9 33.13 47.74 85.81
N PRO W 10 31.96 48.01 86.40
CA PRO W 10 31.64 47.44 87.72
C PRO W 10 31.50 45.93 87.68
N ARG W 11 31.97 45.28 88.75
CA ARG W 11 31.91 43.83 88.92
C ARG W 11 31.24 43.50 90.24
N LYS W 12 30.12 44.17 90.53
CA LYS W 12 29.56 44.11 91.86
C LYS W 12 28.46 43.07 91.99
N PHE W 13 27.86 42.67 90.87
CA PHE W 13 26.73 41.75 90.85
C PHE W 13 26.77 41.00 89.51
N GLY W 14 25.75 40.18 89.28
CA GLY W 14 25.70 39.35 88.10
C GLY W 14 26.60 38.14 88.24
N GLN W 15 26.65 37.33 87.18
CA GLN W 15 27.47 36.13 87.24
C GLN W 15 28.86 36.39 86.66
N GLY W 16 29.10 37.57 86.08
CA GLY W 16 30.45 37.91 85.68
C GLY W 16 31.27 38.44 86.84
N SER W 17 30.62 38.78 87.95
CA SER W 17 31.33 39.16 89.16
C SER W 17 31.98 37.96 89.83
N ARG W 18 31.25 36.84 89.89
CA ARG W 18 31.70 35.65 90.57
C ARG W 18 32.15 34.59 89.56
N SER W 19 32.79 33.54 90.08
CA SER W 19 33.25 32.44 89.25
C SER W 19 33.42 31.20 90.10
N CYS W 20 33.79 30.10 89.45
CA CYS W 20 34.17 28.89 90.15
C CYS W 20 35.49 29.12 90.88
N ARG W 21 35.59 28.56 92.08
CA ARG W 21 36.82 28.70 92.85
C ARG W 21 37.87 27.67 92.47
N VAL W 22 37.59 26.84 91.47
CA VAL W 22 38.51 25.82 91.00
C VAL W 22 38.85 26.10 89.55
N CYS W 23 37.83 26.30 88.71
CA CYS W 23 38.04 26.44 87.28
C CYS W 23 38.22 27.88 86.86
N SER W 24 37.77 28.82 87.69
CA SER W 24 37.63 30.24 87.37
C SER W 24 36.77 30.48 86.13
N ASN W 25 35.71 29.70 85.94
CA ASN W 25 34.74 29.98 84.90
C ASN W 25 33.41 30.41 85.50
N ARG W 26 32.52 30.87 84.63
CA ARG W 26 31.37 31.64 85.06
C ARG W 26 30.03 30.96 84.79
N HIS W 27 30.00 29.63 84.74
CA HIS W 27 28.81 28.91 84.30
C HIS W 27 28.53 27.74 85.22
N GLY W 28 27.27 27.58 85.62
CA GLY W 28 26.83 26.43 86.37
C GLY W 28 27.34 26.38 87.79
N LEU W 29 27.30 27.51 88.49
CA LEU W 29 27.91 27.62 89.80
C LEU W 29 26.93 27.20 90.90
N ILE W 30 27.43 26.47 91.88
CA ILE W 30 26.64 26.15 93.05
C ILE W 30 26.92 27.24 94.07
N ARG W 31 26.06 28.23 94.15
CA ARG W 31 26.26 29.32 95.09
C ARG W 31 25.63 29.02 96.43
N LYS W 32 24.97 27.88 96.55
CA LYS W 32 24.32 27.47 97.78
C LYS W 32 25.35 26.99 98.79
N TYR W 33 25.16 27.39 100.05
CA TYR W 33 26.04 27.13 101.21
C TYR W 33 27.45 27.66 101.02
N GLY W 34 27.65 28.63 100.13
CA GLY W 34 28.97 29.19 99.90
C GLY W 34 29.94 28.26 99.22
N LEU W 35 29.44 27.30 98.43
CA LEU W 35 30.31 26.43 97.66
C LEU W 35 31.07 27.21 96.59
N ASN W 36 30.35 27.99 95.78
CA ASN W 36 30.91 28.87 94.74
C ASN W 36 31.76 28.11 93.72
N MET W 37 31.39 26.85 93.48
CA MET W 37 32.15 26.03 92.56
C MET W 37 31.19 25.47 91.53
N CYS W 38 31.72 25.22 90.32
CA CYS W 38 30.88 24.85 89.20
C CYS W 38 30.32 23.45 89.40
N ARG W 39 29.22 23.19 88.68
CA ARG W 39 28.49 21.94 88.87
C ARG W 39 29.26 20.73 88.40
N GLN W 40 30.27 20.94 87.54
CA GLN W 40 31.12 19.83 87.14
C GLN W 40 32.14 19.50 88.22
N CYS W 41 32.63 20.52 88.93
CA CYS W 41 33.65 20.27 89.95
C CYS W 41 33.04 19.88 91.28
N PHE W 42 31.79 20.27 91.53
CA PHE W 42 31.12 19.78 92.72
C PHE W 42 30.93 18.26 92.66
N ARG W 43 30.69 17.74 91.45
CA ARG W 43 30.61 16.30 91.27
C ARG W 43 31.98 15.66 91.46
N GLN W 44 33.05 16.38 91.15
CA GLN W 44 34.39 15.85 91.33
C GLN W 44 34.75 15.78 92.81
N TYR W 45 34.37 16.80 93.58
CA TYR W 45 34.78 16.90 94.98
C TYR W 45 33.62 16.71 95.95
N ALA W 46 32.59 15.95 95.58
CA ALA W 46 31.52 15.70 96.53
C ALA W 46 31.94 14.67 97.57
N LYS W 47 32.79 13.72 97.17
CA LYS W 47 33.26 12.71 98.11
C LYS W 47 34.27 13.30 99.08
N ASP W 48 35.07 14.27 98.61
CA ASP W 48 36.06 14.90 99.47
C ASP W 48 35.41 15.82 100.49
N ILE W 49 34.25 16.39 100.15
CA ILE W 49 33.57 17.25 101.10
C ILE W 49 32.76 16.45 102.10
N GLY W 50 31.83 15.62 101.63
CA GLY W 50 30.97 14.91 102.56
C GLY W 50 29.56 14.73 102.06
N PHE W 51 29.24 15.36 100.93
CA PHE W 51 27.99 15.06 100.25
C PHE W 51 28.03 13.66 99.66
N ILE W 52 26.97 12.89 99.88
CA ILE W 52 26.95 11.50 99.47
C ILE W 52 25.55 11.18 98.96
N LYS W 53 25.47 10.37 97.91
CA LYS W 53 24.19 9.88 97.39
C LYS W 53 23.77 8.67 98.22
N LEU W 54 23.22 8.95 99.42
CA LEU W 54 22.57 7.91 100.19
C LEU W 54 21.30 7.45 99.49
N ASP W 55 20.63 8.38 98.82
CA ASP W 55 19.38 8.11 98.15
C ASP W 55 19.24 9.11 97.01
N THR X 1 125.16 -16.70 38.01
CA THR X 1 123.93 -16.89 38.75
C THR X 1 122.82 -17.43 37.86
N VAL X 2 123.12 -17.55 36.56
CA VAL X 2 122.19 -18.14 35.61
C VAL X 2 122.62 -19.56 35.32
N THR X 3 121.80 -20.52 35.75
CA THR X 3 122.05 -21.93 35.54
C THR X 3 121.04 -22.47 34.54
N ILE X 4 121.53 -23.18 33.54
CA ILE X 4 120.70 -23.72 32.48
C ILE X 4 120.90 -25.22 32.43
N ARG X 5 119.83 -25.98 32.63
CA ARG X 5 119.84 -27.42 32.49
C ARG X 5 118.92 -27.83 31.35
N THR X 6 119.14 -29.03 30.83
CA THR X 6 118.38 -29.55 29.71
C THR X 6 117.58 -30.78 30.13
N ARG X 7 116.35 -30.85 29.68
CA ARG X 7 115.48 -31.99 29.90
C ARG X 7 115.06 -32.56 28.56
N LYS X 8 114.70 -33.85 28.56
CA LYS X 8 114.14 -34.56 27.40
C LYS X 8 115.07 -34.50 26.19
N PHE X 9 116.27 -35.06 26.34
CA PHE X 9 117.25 -35.00 25.28
C PHE X 9 117.01 -36.09 24.26
N MET X 10 117.22 -35.77 22.99
CA MET X 10 117.01 -36.71 21.90
C MET X 10 117.84 -36.28 20.70
N THR X 11 118.43 -37.26 20.01
CA THR X 11 119.22 -37.02 18.81
C THR X 11 118.36 -37.37 17.61
N ASN X 12 118.17 -36.40 16.71
CA ASN X 12 117.44 -36.63 15.47
C ASN X 12 118.46 -36.81 14.35
N ARG X 13 118.65 -38.05 13.90
CA ARG X 13 119.50 -38.26 12.74
C ARG X 13 118.80 -37.95 11.45
N LEU X 14 117.50 -38.23 11.37
CA LEU X 14 116.67 -37.88 10.23
C LEU X 14 116.30 -36.42 10.14
N LEU X 15 116.70 -35.60 11.12
CA LEU X 15 116.60 -34.15 11.03
C LEU X 15 117.92 -33.46 11.27
N GLN X 16 118.99 -34.22 11.55
CA GLN X 16 120.37 -33.75 11.76
C GLN X 16 120.46 -32.68 12.86
N ARG X 17 119.88 -33.00 14.01
CA ARG X 17 119.83 -32.03 15.08
C ARG X 17 119.87 -32.77 16.42
N LYS X 18 120.12 -31.99 17.48
CA LYS X 18 119.81 -32.40 18.83
C LYS X 18 118.50 -31.73 19.23
N GLN X 19 117.91 -32.18 20.32
CA GLN X 19 116.73 -31.49 20.85
C GLN X 19 116.62 -31.73 22.34
N MET X 20 116.20 -30.70 23.06
CA MET X 20 116.06 -30.78 24.51
C MET X 20 115.08 -29.73 24.98
N VAL X 21 114.63 -29.87 26.22
CA VAL X 21 113.78 -28.89 26.87
C VAL X 21 114.68 -28.02 27.75
N ILE X 22 114.86 -26.76 27.37
CA ILE X 22 115.76 -25.88 28.09
C ILE X 22 115.10 -25.39 29.37
N ASP X 23 115.81 -25.49 30.48
CA ASP X 23 115.27 -25.18 31.80
C ASP X 23 116.17 -24.13 32.45
N VAL X 24 115.88 -22.86 32.20
CA VAL X 24 116.70 -21.75 32.68
C VAL X 24 116.24 -21.33 34.06
N LEU X 25 117.18 -21.15 34.97
CA LEU X 25 116.89 -20.71 36.33
C LEU X 25 117.48 -19.33 36.53
N HIS X 26 116.62 -18.31 36.61
CA HIS X 26 117.16 -16.98 36.92
C HIS X 26 116.48 -16.30 38.10
N PRO X 27 116.61 -16.81 39.34
CA PRO X 27 115.96 -16.13 40.47
C PRO X 27 116.71 -14.85 40.84
N GLY X 28 116.17 -13.72 40.39
CA GLY X 28 116.80 -12.46 40.68
C GLY X 28 116.91 -11.49 39.53
N LYS X 29 116.40 -11.85 38.36
CA LYS X 29 116.38 -10.93 37.23
C LYS X 29 115.27 -11.32 36.28
N ALA X 30 115.22 -10.62 35.15
CA ALA X 30 114.21 -10.84 34.13
C ALA X 30 114.47 -12.15 33.39
N THR X 31 113.59 -12.45 32.44
CA THR X 31 113.78 -13.60 31.57
C THR X 31 114.98 -13.33 30.67
N VAL X 32 116.03 -14.12 30.83
CA VAL X 32 117.32 -13.78 30.21
C VAL X 32 117.25 -14.00 28.71
N PRO X 33 117.84 -13.13 27.89
CA PRO X 33 117.55 -13.15 26.46
C PRO X 33 118.19 -14.33 25.75
N LYS X 34 117.65 -14.64 24.57
CA LYS X 34 118.00 -15.88 23.88
C LYS X 34 119.41 -15.84 23.33
N THR X 35 119.98 -14.64 23.15
CA THR X 35 121.38 -14.53 22.79
C THR X 35 122.27 -15.04 23.91
N GLU X 36 121.87 -14.81 25.16
CA GLU X 36 122.64 -15.31 26.29
C GLU X 36 122.37 -16.80 26.53
N ILE X 37 121.29 -17.32 25.96
CA ILE X 37 121.00 -18.74 26.09
C ILE X 37 121.91 -19.53 25.15
N ARG X 38 122.06 -19.06 23.91
CA ARG X 38 122.80 -19.80 22.89
C ARG X 38 124.29 -19.86 23.22
N GLU X 39 124.83 -18.79 23.79
CA GLU X 39 126.24 -18.78 24.17
C GLU X 39 126.52 -19.72 25.31
N LYS X 40 125.53 -19.99 26.16
CA LYS X 40 125.76 -20.86 27.31
C LYS X 40 125.49 -22.31 26.94
N LEU X 41 124.62 -22.55 25.95
CA LEU X 41 124.54 -23.87 25.33
C LEU X 41 125.78 -24.18 24.52
N ALA X 42 126.48 -23.14 24.03
CA ALA X 42 127.70 -23.34 23.26
C ALA X 42 128.81 -23.90 24.15
N LYS X 43 128.97 -23.33 25.34
CA LYS X 43 130.01 -23.80 26.24
C LYS X 43 129.58 -25.07 27.00
N MET X 44 128.30 -25.42 26.94
CA MET X 44 127.84 -26.61 27.65
C MET X 44 128.05 -27.86 26.81
N TYR X 45 127.71 -27.80 25.53
CA TYR X 45 127.86 -28.94 24.62
C TYR X 45 129.13 -28.84 23.78
N LYS X 46 129.97 -27.83 24.04
CA LYS X 46 131.25 -27.60 23.36
C LYS X 46 131.08 -27.44 21.84
N THR X 47 130.14 -26.59 21.43
CA THR X 47 129.78 -26.41 20.04
C THR X 47 129.76 -24.92 19.70
N THR X 48 129.65 -24.63 18.41
CA THR X 48 129.53 -23.26 17.95
C THR X 48 128.13 -22.72 18.29
N PRO X 49 127.98 -21.41 18.44
CA PRO X 49 126.63 -20.86 18.72
C PRO X 49 125.74 -20.73 17.50
N ASP X 50 126.26 -20.86 16.29
CA ASP X 50 125.42 -20.60 15.11
C ASP X 50 124.56 -21.80 14.74
N VAL X 51 124.93 -22.98 15.22
CA VAL X 51 124.10 -24.16 14.99
C VAL X 51 123.06 -24.32 16.08
N ILE X 52 122.92 -23.35 16.97
CA ILE X 52 122.02 -23.44 18.11
C ILE X 52 120.80 -22.58 17.83
N PHE X 53 119.62 -23.19 17.84
CA PHE X 53 118.35 -22.51 17.64
C PHE X 53 117.46 -22.75 18.84
N VAL X 54 117.03 -21.67 19.49
CA VAL X 54 116.40 -21.68 20.80
C VAL X 54 115.13 -20.85 20.77
N PHE X 55 114.02 -21.44 21.22
CA PHE X 55 112.72 -20.77 21.13
C PHE X 55 111.77 -21.37 22.17
N GLY X 56 110.74 -20.59 22.52
CA GLY X 56 109.61 -21.12 23.26
C GLY X 56 109.65 -20.96 24.77
N PHE X 57 110.05 -19.78 25.26
CA PHE X 57 110.16 -19.61 26.69
C PHE X 57 108.89 -19.05 27.31
N ARG X 58 108.43 -19.73 28.36
CA ARG X 58 107.35 -19.22 29.20
C ARG X 58 107.79 -19.32 30.65
N THR X 59 107.93 -18.17 31.29
CA THR X 59 108.38 -18.11 32.67
C THR X 59 107.23 -18.44 33.61
N HIS X 60 107.53 -19.24 34.64
CA HIS X 60 106.54 -19.63 35.64
C HIS X 60 106.08 -18.43 36.47
N PHE X 61 104.99 -18.61 37.19
CA PHE X 61 104.56 -17.62 38.16
C PHE X 61 105.44 -17.73 39.40
N GLY X 62 105.86 -16.59 39.93
CA GLY X 62 106.92 -16.58 40.93
C GLY X 62 108.27 -16.28 40.33
N GLY X 63 108.60 -16.93 39.22
CA GLY X 63 109.73 -16.53 38.40
C GLY X 63 111.11 -16.92 38.89
N GLY X 64 111.31 -18.20 39.16
CA GLY X 64 112.64 -18.69 39.46
C GLY X 64 113.01 -19.81 38.51
N LYS X 65 112.25 -19.92 37.43
CA LYS X 65 112.36 -21.03 36.50
C LYS X 65 111.62 -20.71 35.21
N THR X 66 112.20 -21.07 34.07
CA THR X 66 111.47 -21.03 32.80
C THR X 66 111.45 -22.42 32.18
N THR X 67 110.93 -22.48 30.95
CA THR X 67 110.91 -23.70 30.17
C THR X 67 110.92 -23.29 28.70
N GLY X 68 111.87 -23.82 27.95
CA GLY X 68 111.97 -23.49 26.54
C GLY X 68 112.34 -24.72 25.74
N PHE X 69 112.43 -24.54 24.43
CA PHE X 69 112.88 -25.59 23.55
C PHE X 69 114.15 -25.17 22.85
N GLY X 70 114.97 -26.14 22.48
CA GLY X 70 116.17 -25.84 21.71
C GLY X 70 116.55 -26.99 20.82
N MET X 71 117.08 -26.64 19.65
CA MET X 71 117.74 -27.62 18.80
C MET X 71 119.14 -27.14 18.45
N ILE X 72 120.04 -28.12 18.30
CA ILE X 72 121.44 -27.87 17.95
C ILE X 72 121.77 -28.75 16.76
N TYR X 73 122.01 -28.13 15.61
CA TYR X 73 122.26 -28.87 14.38
C TYR X 73 123.72 -29.29 14.27
N ASP X 74 124.04 -29.93 13.15
CA ASP X 74 125.43 -30.31 12.90
C ASP X 74 126.22 -29.14 12.30
N SER X 75 125.71 -28.55 11.24
CA SER X 75 126.33 -27.39 10.60
C SER X 75 125.23 -26.45 10.13
N LEU X 76 125.65 -25.31 9.54
CA LEU X 76 124.68 -24.38 8.99
C LEU X 76 124.12 -24.88 7.66
N ASP X 77 124.77 -25.86 7.04
CA ASP X 77 124.21 -26.44 5.82
C ASP X 77 123.18 -27.52 6.16
N TYR X 78 123.01 -27.82 7.44
CA TYR X 78 121.79 -28.48 7.89
C TYR X 78 120.85 -27.48 8.55
N ALA X 79 121.42 -26.53 9.29
CA ALA X 79 120.60 -25.58 10.05
C ALA X 79 119.86 -24.61 9.13
N LYS X 80 120.30 -24.48 7.89
CA LYS X 80 119.51 -23.74 6.91
C LYS X 80 118.69 -24.68 6.04
N LYS X 81 118.93 -25.99 6.17
CA LYS X 81 118.26 -26.93 5.29
C LYS X 81 116.91 -27.36 5.87
N ASN X 82 116.90 -27.88 7.08
CA ASN X 82 115.66 -28.26 7.77
C ASN X 82 115.48 -27.40 9.03
N GLU X 83 114.81 -26.27 8.85
CA GLU X 83 114.54 -25.26 9.87
C GLU X 83 113.50 -24.31 9.30
N PRO X 84 112.54 -23.85 10.12
CA PRO X 84 111.59 -22.83 9.65
C PRO X 84 112.26 -21.51 9.31
N LYS X 85 111.80 -20.89 8.22
CA LYS X 85 112.45 -19.70 7.69
C LYS X 85 112.27 -18.49 8.59
N HIS X 86 111.23 -18.49 9.43
CA HIS X 86 111.02 -17.37 10.34
C HIS X 86 112.02 -17.40 11.49
N ARG X 87 112.52 -18.59 11.83
CA ARG X 87 113.53 -18.69 12.87
C ARG X 87 114.94 -18.61 12.28
N LEU X 88 115.06 -18.68 10.96
CA LEU X 88 116.30 -18.28 10.31
C LEU X 88 116.36 -16.78 10.10
N ALA X 89 115.20 -16.12 10.10
CA ALA X 89 115.18 -14.68 9.91
C ALA X 89 115.35 -13.92 11.22
N ARG X 90 115.42 -14.63 12.35
CA ARG X 90 115.56 -13.97 13.64
C ARG X 90 116.96 -13.43 13.84
N HIS X 91 117.96 -14.25 13.53
CA HIS X 91 119.35 -13.90 13.76
C HIS X 91 119.88 -12.95 12.70
N GLY X 92 119.40 -13.08 11.46
CA GLY X 92 119.77 -12.18 10.40
C GLY X 92 120.16 -12.85 9.09
N LEU X 93 120.02 -14.18 8.97
CA LEU X 93 120.53 -14.85 7.78
C LEU X 93 119.44 -15.11 6.75
N TYR X 94 118.21 -14.68 7.01
CA TYR X 94 117.12 -14.79 6.05
C TYR X 94 116.31 -13.50 6.01
N GLU X 95 115.90 -13.11 4.81
CA GLU X 95 115.24 -11.83 4.59
C GLU X 95 114.02 -12.03 3.70
N LYS X 96 112.84 -11.68 4.21
CA LYS X 96 111.65 -11.66 3.38
C LYS X 96 111.46 -10.28 2.76
N LYS X 97 110.75 -10.25 1.65
CA LYS X 97 110.48 -9.00 0.95
C LYS X 97 109.40 -8.22 1.67
N LYS X 98 109.26 -6.94 1.29
CA LYS X 98 108.38 -6.03 2.02
C LYS X 98 107.06 -5.81 1.31
N THR X 99 106.74 -6.64 0.33
CA THR X 99 105.43 -6.65 -0.31
C THR X 99 104.47 -7.41 0.61
N SER X 100 103.39 -6.75 1.02
CA SER X 100 102.49 -7.39 1.97
C SER X 100 101.45 -8.22 1.25
N ARG X 101 100.66 -8.95 2.03
CA ARG X 101 99.82 -10.02 1.52
C ARG X 101 98.64 -9.49 0.71
N LYS X 102 98.16 -8.30 1.05
CA LYS X 102 97.04 -7.74 0.31
C LYS X 102 97.50 -7.19 -1.05
N GLN X 103 98.73 -6.70 -1.13
CA GLN X 103 99.28 -6.28 -2.42
C GLN X 103 99.56 -7.48 -3.33
N ARG X 104 99.73 -8.67 -2.77
CA ARG X 104 99.99 -9.84 -3.61
C ARG X 104 98.70 -10.40 -4.18
N LYS X 105 97.61 -10.36 -3.40
CA LYS X 105 96.34 -10.85 -3.90
C LYS X 105 95.74 -9.89 -4.91
N GLU X 106 95.95 -8.59 -4.71
CA GLU X 106 95.36 -7.58 -5.60
C GLU X 106 96.00 -7.63 -6.98
N ARG X 107 97.28 -8.00 -7.04
CA ARG X 107 97.97 -8.09 -8.33
C ARG X 107 97.62 -9.38 -9.04
N LYS X 108 97.41 -10.46 -8.27
CA LYS X 108 97.07 -11.76 -8.86
C LYS X 108 95.68 -11.72 -9.49
N ASN X 109 94.79 -10.88 -8.95
CA ASN X 109 93.49 -10.71 -9.58
C ASN X 109 93.56 -9.74 -10.75
N ARG X 110 94.57 -8.86 -10.77
CA ARG X 110 94.77 -8.02 -11.95
C ARG X 110 95.51 -8.77 -13.05
N MET X 111 96.44 -9.65 -12.68
CA MET X 111 97.12 -10.46 -13.67
C MET X 111 96.20 -11.50 -14.28
N LYS X 112 95.11 -11.80 -13.57
CA LYS X 112 94.11 -12.72 -14.10
C LYS X 112 93.26 -12.04 -15.17
N LYS X 113 93.26 -10.72 -15.19
CA LYS X 113 92.47 -9.98 -16.18
C LYS X 113 93.13 -10.01 -17.55
N VAL X 114 94.45 -10.04 -17.57
CA VAL X 114 95.22 -9.76 -18.78
C VAL X 114 95.78 -11.07 -19.32
N ARG X 115 95.67 -11.26 -20.62
CA ARG X 115 96.10 -12.48 -21.28
C ARG X 115 97.46 -12.31 -21.94
N GLY X 116 98.36 -13.25 -21.66
CA GLY X 116 99.56 -13.40 -22.46
C GLY X 116 100.82 -12.94 -21.76
N THR X 117 101.70 -12.33 -22.57
CA THR X 117 102.98 -11.85 -22.06
C THR X 117 102.81 -10.59 -21.23
N ALA X 118 101.72 -9.87 -21.43
CA ALA X 118 101.48 -8.62 -20.71
C ALA X 118 101.14 -8.83 -19.24
N LYS X 119 101.00 -10.08 -18.78
CA LYS X 119 100.91 -10.41 -17.37
C LYS X 119 102.16 -9.98 -16.60
N ALA X 120 103.32 -10.04 -17.24
CA ALA X 120 104.53 -9.52 -16.62
C ALA X 120 104.51 -8.01 -16.50
N ASN X 121 103.72 -7.35 -17.35
CA ASN X 121 103.65 -5.90 -17.36
C ASN X 121 102.43 -5.34 -16.64
N VAL X 122 101.70 -6.16 -15.88
CA VAL X 122 100.53 -5.64 -15.17
C VAL X 122 100.96 -4.74 -14.01
N GLY X 123 101.67 -5.31 -13.04
CA GLY X 123 102.26 -4.53 -11.98
C GLY X 123 103.52 -3.82 -12.42
N ALA X 124 103.59 -2.51 -12.15
CA ALA X 124 104.65 -1.59 -12.60
C ALA X 124 104.87 -1.64 -14.11
N ARG Y 1 -25.51 30.41 66.49
CA ARG Y 1 -26.64 29.73 65.85
C ARG Y 1 -27.90 29.99 66.66
N ASP Y 2 -28.19 29.14 67.63
CA ASP Y 2 -29.32 29.31 68.52
C ASP Y 2 -28.96 30.33 69.59
N LYS Y 3 -29.93 31.16 69.95
CA LYS Y 3 -29.72 32.16 70.99
C LYS Y 3 -30.96 32.25 71.86
N LEU Y 4 -30.74 32.30 73.17
CA LEU Y 4 -31.81 32.43 74.15
C LEU Y 4 -32.06 33.91 74.39
N ASN Y 5 -33.28 34.36 74.10
CA ASN Y 5 -33.69 35.73 74.42
C ASN Y 5 -34.60 35.71 75.65
N ASN Y 6 -33.97 35.57 76.81
CA ASN Y 6 -34.69 35.45 78.06
C ASN Y 6 -35.21 36.81 78.53
N LEU Y 7 -36.11 36.76 79.52
CA LEU Y 7 -36.72 37.98 80.04
C LEU Y 7 -35.98 38.48 81.28
N VAL Y 8 -35.61 39.76 81.24
CA VAL Y 8 -34.95 40.41 82.36
C VAL Y 8 -35.93 40.76 83.46
N LEU Y 9 -37.12 41.21 83.09
CA LEU Y 9 -38.18 41.56 84.02
C LEU Y 9 -39.49 40.96 83.53
N PHE Y 10 -40.47 40.88 84.43
CA PHE Y 10 -41.71 40.18 84.12
C PHE Y 10 -42.62 40.97 83.19
N ASP Y 11 -43.21 40.25 82.24
CA ASP Y 11 -44.34 40.73 81.46
C ASP Y 11 -45.61 40.71 82.30
N LYS Y 12 -46.73 41.06 81.68
CA LYS Y 12 -48.00 40.87 82.37
C LYS Y 12 -48.45 39.42 82.28
N ALA Y 13 -48.20 38.76 81.15
CA ALA Y 13 -48.57 37.36 81.01
C ALA Y 13 -47.68 36.45 81.86
N THR Y 14 -46.37 36.73 81.87
CA THR Y 14 -45.44 35.82 82.53
C THR Y 14 -45.42 36.04 84.04
N TYR Y 15 -45.85 37.22 84.49
CA TYR Y 15 -46.00 37.41 85.94
C TYR Y 15 -47.26 36.72 86.44
N ASP Y 16 -48.34 36.75 85.64
CA ASP Y 16 -49.55 36.02 86.00
C ASP Y 16 -49.31 34.52 85.90
N LYS Y 17 -48.46 34.09 84.96
CA LYS Y 17 -48.25 32.66 84.75
C LYS Y 17 -47.36 32.06 85.83
N LEU Y 18 -46.38 32.83 86.32
CA LEU Y 18 -45.58 32.37 87.44
C LEU Y 18 -46.39 32.31 88.72
N CYS Y 19 -47.44 33.15 88.81
CA CYS Y 19 -48.32 33.06 89.97
C CYS Y 19 -49.48 32.10 89.70
N LYS Y 20 -49.49 31.46 88.53
CA LYS Y 20 -50.55 30.51 88.23
C LYS Y 20 -50.08 29.08 88.41
N GLU Y 21 -48.98 28.72 87.76
CA GLU Y 21 -48.60 27.31 87.62
C GLU Y 21 -47.29 26.96 88.32
N VAL Y 22 -46.46 27.95 88.62
CA VAL Y 22 -45.17 27.66 89.27
C VAL Y 22 -45.30 27.18 90.71
N PRO Y 23 -46.21 27.69 91.56
CA PRO Y 23 -46.45 27.02 92.84
C PRO Y 23 -47.16 25.68 92.73
N ASN Y 24 -47.40 25.14 91.53
CA ASN Y 24 -47.91 23.81 91.35
C ASN Y 24 -46.85 22.82 90.89
N TYR Y 25 -45.61 23.29 90.68
CA TYR Y 25 -44.53 22.41 90.24
C TYR Y 25 -43.93 21.65 91.42
N LYS Y 26 -43.49 20.42 91.16
CA LYS Y 26 -42.82 19.65 92.20
C LYS Y 26 -41.36 20.09 92.36
N LEU Y 27 -40.61 20.18 91.28
CA LEU Y 27 -39.34 20.89 91.24
C LEU Y 27 -39.60 22.36 91.04
N ILE Y 28 -39.16 23.18 91.99
CA ILE Y 28 -39.19 24.63 91.83
C ILE Y 28 -37.77 25.11 92.15
N THR Y 29 -36.93 25.16 91.13
CA THR Y 29 -35.56 25.67 91.24
C THR Y 29 -35.39 26.73 90.16
N PRO Y 30 -34.48 27.70 90.35
CA PRO Y 30 -34.36 28.78 89.35
C PRO Y 30 -33.80 28.33 88.00
N ALA Y 31 -33.24 27.14 87.91
CA ALA Y 31 -32.86 26.64 86.59
C ALA Y 31 -34.04 25.96 85.89
N VAL Y 32 -35.00 25.45 86.66
CA VAL Y 32 -36.21 24.89 86.08
C VAL Y 32 -37.13 26.01 85.58
N VAL Y 33 -37.29 27.07 86.40
CA VAL Y 33 -38.24 28.12 86.08
C VAL Y 33 -37.74 28.95 84.90
N SER Y 34 -36.43 29.10 84.78
CA SER Y 34 -35.85 29.80 83.65
C SER Y 34 -36.02 29.02 82.35
N GLU Y 35 -36.15 27.70 82.47
CA GLU Y 35 -36.44 26.87 81.30
C GLU Y 35 -37.89 27.03 80.87
N ARG Y 36 -38.81 27.05 81.83
CA ARG Y 36 -40.23 27.04 81.49
C ARG Y 36 -40.71 28.40 81.02
N LEU Y 37 -40.28 29.47 81.69
CA LEU Y 37 -40.86 30.78 81.47
C LEU Y 37 -39.99 31.70 80.62
N LYS Y 38 -38.85 31.20 80.13
CA LYS Y 38 -37.92 31.91 79.25
C LYS Y 38 -37.43 33.21 79.88
N ILE Y 39 -36.92 33.08 81.12
CA ILE Y 39 -36.49 34.21 81.93
C ILE Y 39 -35.06 33.99 82.35
N ARG Y 40 -34.46 35.03 82.91
CA ARG Y 40 -33.09 34.95 83.41
C ARG Y 40 -33.00 34.02 84.62
N GLY Y 41 -31.78 33.68 85.00
CA GLY Y 41 -31.58 32.98 86.26
C GLY Y 41 -31.66 33.93 87.45
N SER Y 42 -31.16 35.14 87.28
CA SER Y 42 -31.25 36.15 88.34
C SER Y 42 -32.67 36.63 88.52
N LEU Y 43 -33.42 36.74 87.42
CA LEU Y 43 -34.84 37.06 87.53
C LEU Y 43 -35.59 35.91 88.19
N ALA Y 44 -35.16 34.68 87.94
CA ALA Y 44 -35.79 33.53 88.58
C ALA Y 44 -35.41 33.44 90.05
N ARG Y 45 -34.19 33.83 90.39
CA ARG Y 45 -33.80 33.85 91.80
C ARG Y 45 -34.54 34.93 92.56
N ALA Y 46 -34.72 36.09 91.95
CA ALA Y 46 -35.46 37.17 92.59
C ALA Y 46 -36.95 36.86 92.68
N ALA Y 47 -37.45 36.05 91.75
CA ALA Y 47 -38.89 35.77 91.74
C ALA Y 47 -39.28 34.78 92.83
N LEU Y 48 -38.44 33.78 93.07
CA LEU Y 48 -38.79 32.72 94.00
C LEU Y 48 -38.66 33.19 95.44
N GLN Y 49 -37.87 34.24 95.68
CA GLN Y 49 -37.81 34.83 97.00
C GLN Y 49 -39.13 35.50 97.37
N GLU Y 50 -39.80 36.11 96.39
CA GLU Y 50 -41.08 36.74 96.67
C GLU Y 50 -42.19 35.70 96.83
N LEU Y 51 -42.03 34.53 96.20
CA LEU Y 51 -42.99 33.46 96.45
C LEU Y 51 -42.74 32.83 97.80
N LEU Y 52 -41.54 33.00 98.35
CA LEU Y 52 -41.31 32.67 99.75
C LEU Y 52 -41.78 33.81 100.63
N SER Y 53 -41.67 35.05 100.13
CA SER Y 53 -42.13 36.20 100.88
C SER Y 53 -43.65 36.28 100.89
N LYS Y 54 -44.30 35.73 99.89
CA LYS Y 54 -45.74 35.51 99.99
C LYS Y 54 -46.03 34.23 100.76
N GLY Y 55 -45.22 33.19 100.58
CA GLY Y 55 -45.32 31.99 101.37
C GLY Y 55 -46.09 30.86 100.71
N LEU Y 56 -46.10 30.84 99.39
CA LEU Y 56 -46.83 29.82 98.65
C LEU Y 56 -46.07 28.51 98.48
N ILE Y 57 -44.76 28.53 98.68
CA ILE Y 57 -43.90 27.37 98.42
C ILE Y 57 -43.15 27.02 99.69
N LYS Y 58 -42.51 25.85 99.67
CA LYS Y 58 -41.75 25.34 100.80
C LYS Y 58 -40.29 25.18 100.39
N LEU Y 59 -39.39 25.77 101.16
CA LEU Y 59 -37.96 25.61 100.88
C LEU Y 59 -37.52 24.24 101.39
N VAL Y 60 -36.83 23.49 100.53
CA VAL Y 60 -36.37 22.16 100.90
C VAL Y 60 -34.92 22.26 101.38
N SER Y 61 -34.06 22.83 100.56
CA SER Y 61 -32.69 23.14 100.99
C SER Y 61 -32.17 24.25 100.10
N LYS Y 62 -31.53 25.25 100.69
CA LYS Y 62 -30.81 26.24 99.91
C LYS Y 62 -29.31 26.03 100.11
N HIS Y 63 -28.54 26.49 99.12
CA HIS Y 63 -27.10 26.33 99.09
C HIS Y 63 -26.58 27.36 98.12
N ARG Y 64 -25.29 27.71 98.24
CA ARG Y 64 -24.70 28.75 97.42
C ARG Y 64 -24.66 28.39 95.94
N ALA Y 65 -24.73 27.09 95.63
CA ALA Y 65 -24.79 26.66 94.24
C ALA Y 65 -26.22 26.48 93.78
N GLN Y 66 -27.09 25.97 94.64
CA GLN Y 66 -28.43 25.60 94.24
C GLN Y 66 -29.40 25.77 95.39
N VAL Y 67 -30.56 26.36 95.11
CA VAL Y 67 -31.67 26.36 96.05
C VAL Y 67 -32.75 25.44 95.49
N ILE Y 68 -33.54 24.85 96.38
CA ILE Y 68 -34.57 23.88 96.00
C ILE Y 68 -35.86 24.27 96.71
N TYR Y 69 -36.96 24.33 95.97
CA TYR Y 69 -38.28 24.54 96.54
C TYR Y 69 -39.23 23.46 96.06
N THR Y 70 -40.36 23.33 96.74
CA THR Y 70 -41.45 22.47 96.29
C THR Y 70 -42.77 23.21 96.41
N ARG Y 71 -43.84 22.46 96.22
CA ARG Y 71 -45.16 22.96 96.57
C ARG Y 71 -45.31 23.07 98.08
N ASN Y 72 -46.35 23.75 98.52
CA ASN Y 72 -46.60 23.78 99.95
C ASN Y 72 -47.34 22.49 100.34
N THR Y 73 -47.76 22.42 101.60
CA THR Y 73 -48.25 21.17 102.20
C THR Y 73 -49.53 20.68 101.53
N LYS Y 74 -49.61 19.34 101.40
CA LYS Y 74 -50.67 18.72 100.62
C LYS Y 74 -52.02 18.79 101.34
N GLY Y 75 -52.09 18.24 102.54
CA GLY Y 75 -53.28 18.37 103.37
C GLY Y 75 -53.23 19.60 104.24
N GLY Z 1 -21.50 31.61 130.40
CA GLY Z 1 -22.46 30.87 129.60
C GLY Z 1 -21.87 30.35 128.32
N VAL Z 2 -21.81 31.22 127.30
CA VAL Z 2 -21.25 30.86 126.00
C VAL Z 2 -20.08 31.79 125.72
N THR Z 3 -19.26 31.37 124.75
CA THR Z 3 -18.15 32.16 124.23
C THR Z 3 -18.33 32.27 122.73
N VAL Z 4 -17.30 32.71 122.02
CA VAL Z 4 -17.41 32.80 120.57
C VAL Z 4 -17.27 31.41 119.95
N LYS Z 5 -16.70 30.46 120.69
CA LYS Z 5 -16.30 29.19 120.08
C LYS Z 5 -17.39 28.15 120.22
N ASP Z 6 -18.46 28.47 120.93
CA ASP Z 6 -19.66 27.63 120.89
C ASP Z 6 -20.54 28.04 119.72
N VAL Z 7 -20.24 29.20 119.14
CA VAL Z 7 -21.06 29.84 118.12
C VAL Z 7 -20.52 29.48 116.74
N ASN Z 8 -21.44 29.31 115.78
CA ASN Z 8 -21.08 29.25 114.37
C ASN Z 8 -20.37 30.54 113.96
N GLN Z 9 -19.13 30.39 113.48
CA GLN Z 9 -18.27 31.54 113.24
C GLN Z 9 -18.67 32.31 111.99
N GLN Z 10 -19.50 31.73 111.12
CA GLN Z 10 -19.88 32.40 109.89
C GLN Z 10 -20.87 33.53 110.18
N GLU Z 11 -21.92 33.24 110.95
CA GLU Z 11 -22.89 34.25 111.33
C GLU Z 11 -22.47 35.04 112.56
N PHE Z 12 -21.30 34.77 113.12
CA PHE Z 12 -20.81 35.55 114.25
C PHE Z 12 -20.17 36.85 113.77
N VAL Z 13 -19.62 36.84 112.55
CA VAL Z 13 -19.03 38.06 112.01
C VAL Z 13 -20.09 38.88 111.27
N ARG Z 14 -21.25 38.28 111.02
CA ARG Z 14 -22.37 39.07 110.50
C ARG Z 14 -23.15 39.72 111.62
N ALA Z 15 -22.96 39.26 112.85
CA ALA Z 15 -23.64 39.89 113.98
C ALA Z 15 -22.81 41.05 114.53
N LEU Z 16 -21.48 40.92 114.48
CA LEU Z 16 -20.64 42.02 114.94
C LEU Z 16 -20.57 43.14 113.92
N ALA Z 17 -20.86 42.82 112.65
CA ALA Z 17 -20.86 43.85 111.62
C ALA Z 17 -22.05 44.77 111.77
N ALA Z 18 -23.23 44.21 112.05
CA ALA Z 18 -24.40 45.05 112.27
C ALA Z 18 -24.35 45.72 113.64
N PHE Z 19 -23.60 45.13 114.57
CA PHE Z 19 -23.42 45.75 115.89
C PHE Z 19 -22.63 47.04 115.80
N LEU Z 20 -21.64 47.09 114.91
CA LEU Z 20 -20.81 48.29 114.78
C LEU Z 20 -21.53 49.34 113.94
N LYS Z 21 -22.61 48.95 113.25
CA LYS Z 21 -23.48 49.91 112.57
C LYS Z 21 -24.20 50.79 113.57
N LYS Z 22 -24.72 50.18 114.64
CA LYS Z 22 -25.61 50.89 115.56
C LYS Z 22 -24.83 51.87 116.42
N SER Z 23 -23.54 51.59 116.64
CA SER Z 23 -22.73 52.47 117.47
C SER Z 23 -22.37 53.75 116.73
N GLY Z 24 -21.87 53.62 115.51
CA GLY Z 24 -21.59 54.77 114.67
C GLY Z 24 -20.36 55.56 115.09
N LYS Z 25 -19.35 54.89 115.65
CA LYS Z 25 -18.16 55.59 116.11
C LYS Z 25 -16.90 54.79 115.78
N LEU Z 26 -16.81 54.26 114.56
CA LEU Z 26 -15.58 53.56 114.18
C LEU Z 26 -14.59 54.41 113.41
N LYS Z 27 -15.01 55.57 112.90
CA LYS Z 27 -14.18 56.48 112.10
C LYS Z 27 -13.62 55.78 110.86
N VAL Z 28 -14.50 55.47 109.92
CA VAL Z 28 -14.11 54.83 108.66
C VAL Z 28 -13.26 55.80 107.85
N PRO Z 29 -12.38 55.30 106.98
CA PRO Z 29 -11.63 56.20 106.09
C PRO Z 29 -12.53 56.87 105.06
N GLU Z 30 -11.95 57.85 104.37
CA GLU Z 30 -12.68 58.53 103.32
C GLU Z 30 -12.69 57.71 102.04
N TRP Z 31 -11.66 56.86 101.85
CA TRP Z 31 -11.53 56.03 100.67
C TRP Z 31 -12.17 54.66 100.80
N VAL Z 32 -13.26 54.53 101.56
CA VAL Z 32 -13.95 53.24 101.65
C VAL Z 32 -14.64 52.89 100.34
N ASP Z 33 -15.22 53.90 99.67
CA ASP Z 33 -15.88 53.67 98.40
C ASP Z 33 -14.90 53.33 97.29
N THR Z 34 -13.76 54.03 97.25
CA THR Z 34 -12.99 54.12 96.01
C THR Z 34 -11.87 53.10 95.95
N VAL Z 35 -11.70 52.27 96.98
CA VAL Z 35 -10.52 51.44 97.06
C VAL Z 35 -10.85 50.00 96.67
N LYS Z 36 -9.82 49.25 96.30
CA LYS Z 36 -9.87 47.80 96.15
C LYS Z 36 -9.05 47.15 97.26
N LEU Z 37 -9.60 46.08 97.83
CA LEU Z 37 -9.10 45.57 99.11
C LEU Z 37 -7.81 44.80 99.01
N ALA Z 38 -7.35 44.45 97.81
CA ALA Z 38 -6.05 43.81 97.64
C ALA Z 38 -5.57 44.03 96.22
N LYS Z 39 -4.28 43.78 96.01
CA LYS Z 39 -3.71 43.85 94.68
C LYS Z 39 -4.15 42.68 93.81
N HIS Z 40 -4.53 41.55 94.43
CA HIS Z 40 -4.96 40.40 93.67
C HIS Z 40 -6.46 40.41 93.38
N LYS Z 41 -7.22 41.25 94.07
CA LYS Z 41 -8.61 41.44 93.72
C LYS Z 41 -8.71 42.17 92.39
N GLU Z 42 -9.84 41.99 91.70
CA GLU Z 42 -10.04 42.69 90.44
C GLU Z 42 -11.03 43.83 90.60
N LEU Z 43 -11.99 43.69 91.50
CA LEU Z 43 -13.02 44.69 91.72
C LEU Z 43 -13.10 45.10 93.19
N ALA Z 44 -13.94 46.08 93.45
CA ALA Z 44 -14.32 46.51 94.79
C ALA Z 44 -15.36 45.54 95.33
N PRO Z 45 -15.57 45.50 96.65
CA PRO Z 45 -16.59 44.61 97.21
C PRO Z 45 -18.00 44.99 96.78
N TYR Z 46 -18.83 43.95 96.65
CA TYR Z 46 -20.24 44.15 96.31
C TYR Z 46 -20.98 44.79 97.47
N ASP Z 47 -20.49 44.60 98.69
CA ASP Z 47 -21.14 45.20 99.85
C ASP Z 47 -20.61 46.60 100.09
N GLU Z 48 -21.52 47.53 100.37
CA GLU Z 48 -21.15 48.94 100.46
C GLU Z 48 -20.59 49.29 101.83
N ASN Z 49 -20.76 48.41 102.81
CA ASN Z 49 -20.21 48.65 104.14
C ASN Z 49 -19.26 47.53 104.54
N TRP Z 50 -18.31 47.22 103.64
CA TRP Z 50 -17.33 46.17 103.88
C TRP Z 50 -16.41 46.48 105.04
N PHE Z 51 -16.16 47.76 105.32
CA PHE Z 51 -15.28 48.14 106.41
C PHE Z 51 -15.89 47.74 107.75
N TYR Z 52 -17.21 47.81 107.84
CA TYR Z 52 -17.92 47.40 109.03
C TYR Z 52 -17.93 45.87 109.17
N THR Z 53 -17.74 45.16 108.05
CA THR Z 53 -17.74 43.70 108.09
C THR Z 53 -16.36 43.17 108.43
N ARG Z 54 -15.31 43.79 107.90
CA ARG Z 54 -13.97 43.28 108.17
C ARG Z 54 -13.45 43.74 109.53
N ALA Z 55 -13.84 44.93 110.00
CA ALA Z 55 -13.47 45.34 111.35
C ALA Z 55 -14.17 44.48 112.37
N ALA Z 56 -15.36 43.97 112.03
CA ALA Z 56 -15.95 42.88 112.79
C ALA Z 56 -15.12 41.63 112.69
N SER Z 57 -14.56 41.37 111.51
CA SER Z 57 -13.83 40.13 111.29
C SER Z 57 -12.43 40.20 111.88
N THR Z 58 -11.87 41.40 111.98
CA THR Z 58 -10.51 41.54 112.49
C THR Z 58 -10.44 41.25 113.98
N ALA Z 59 -11.50 41.58 114.71
CA ALA Z 59 -11.50 41.39 116.16
C ALA Z 59 -11.50 39.92 116.53
N ARG Z 60 -12.22 39.10 115.78
CA ARG Z 60 -12.25 37.68 116.11
C ARG Z 60 -10.99 36.96 115.66
N HIS Z 61 -10.10 37.62 114.92
CA HIS Z 61 -8.76 37.07 114.73
C HIS Z 61 -7.86 37.47 115.90
N LEU Z 62 -8.26 38.48 116.67
CA LEU Z 62 -7.48 38.86 117.84
C LEU Z 62 -8.02 38.19 119.10
N TYR Z 63 -9.27 37.73 119.06
CA TYR Z 63 -9.80 36.92 120.15
C TYR Z 63 -9.11 35.57 120.21
N LEU Z 64 -8.61 35.10 119.06
CA LEU Z 64 -8.06 33.76 118.97
C LEU Z 64 -6.54 33.76 119.17
N ARG Z 65 -5.84 34.67 118.52
CA ARG Z 65 -4.38 34.74 118.66
C ARG Z 65 -3.96 36.20 118.59
N GLY Z 66 -3.05 36.58 119.49
CA GLY Z 66 -2.74 37.97 119.71
C GLY Z 66 -1.43 38.40 119.07
N GLY Z 67 -1.22 39.72 119.10
CA GLY Z 67 -0.01 40.30 118.56
C GLY Z 67 0.01 40.35 117.05
N ALA Z 68 -1.13 40.25 116.40
CA ALA Z 68 -1.20 40.24 114.94
C ALA Z 68 -1.11 41.67 114.45
N GLY Z 69 0.03 42.03 113.87
CA GLY Z 69 0.23 43.36 113.35
C GLY Z 69 -0.35 43.54 111.97
N VAL Z 70 0.14 44.59 111.29
CA VAL Z 70 -0.36 44.94 109.96
C VAL Z 70 0.03 43.89 108.94
N GLY Z 71 1.25 43.37 109.02
CA GLY Z 71 1.70 42.40 108.05
C GLY Z 71 1.05 41.04 108.22
N SER Z 72 0.59 40.72 109.41
CA SER Z 72 -0.09 39.44 109.61
C SER Z 72 -1.56 39.53 109.21
N MET Z 73 -2.10 40.74 109.12
CA MET Z 73 -3.47 40.86 108.64
C MET Z 73 -3.52 40.89 107.12
N THR Z 74 -2.37 41.13 106.48
CA THR Z 74 -2.29 40.98 105.05
C THR Z 74 -2.03 39.52 104.66
N LYS Z 75 -1.74 38.68 105.66
CA LYS Z 75 -1.49 37.28 105.38
C LYS Z 75 -2.76 36.46 105.49
N ILE Z 76 -3.60 36.77 106.49
CA ILE Z 76 -4.88 36.08 106.62
C ILE Z 76 -5.83 36.49 105.52
N TYR Z 77 -5.77 37.75 105.08
CA TYR Z 77 -6.66 38.22 104.03
C TYR Z 77 -5.98 38.30 102.67
N GLY Z 78 -5.10 37.34 102.37
CA GLY Z 78 -4.55 37.18 101.04
C GLY Z 78 -5.27 36.09 100.26
N GLY Z 79 -4.80 35.86 99.04
CA GLY Z 79 -5.43 34.87 98.20
C GLY Z 79 -4.65 34.69 96.92
N ARG Z 80 -5.33 34.16 95.91
CA ARG Z 80 -4.71 33.94 94.61
C ARG Z 80 -4.53 35.24 93.85
N GLN Z 81 -3.32 35.48 93.37
CA GLN Z 81 -3.12 36.50 92.34
C GLN Z 81 -3.21 35.79 91.01
N ARG Z 82 -4.43 35.76 90.47
CA ARG Z 82 -4.73 35.12 89.20
C ARG Z 82 -4.05 35.92 88.10
N ASN Z 83 -2.88 35.46 87.65
CA ASN Z 83 -1.96 36.26 86.86
C ASN Z 83 -2.33 36.33 85.38
N GLY Z 84 -3.48 35.80 85.00
CA GLY Z 84 -3.83 35.82 83.59
C GLY Z 84 -3.16 34.73 82.81
N VAL Z 85 -2.15 35.08 82.03
CA VAL Z 85 -1.50 34.12 81.14
C VAL Z 85 -0.39 33.36 81.88
N MET Z 86 0.02 33.82 83.05
CA MET Z 86 1.02 33.17 83.87
C MET Z 86 0.35 32.35 84.98
N PRO Z 87 1.06 31.44 85.65
CA PRO Z 87 0.47 30.74 86.78
C PRO Z 87 0.18 31.66 87.95
N SER Z 88 -0.80 31.28 88.74
CA SER Z 88 -1.22 32.15 89.82
C SER Z 88 -0.43 31.88 91.07
N HIS Z 89 -0.20 32.94 91.83
CA HIS Z 89 0.58 32.86 93.05
C HIS Z 89 -0.20 33.49 94.18
N PHE Z 90 0.18 33.13 95.41
CA PHE Z 90 -0.40 33.76 96.58
C PHE Z 90 0.06 35.20 96.65
N SER Z 91 -0.85 36.09 97.04
CA SER Z 91 -0.58 37.50 97.13
C SER Z 91 -1.10 37.99 98.45
N ARG Z 92 -0.33 38.84 99.13
CA ARG Z 92 -0.78 39.41 100.39
C ARG Z 92 -1.84 40.47 100.15
N GLY Z 93 -2.59 40.78 101.20
CA GLY Z 93 -3.58 41.81 101.13
C GLY Z 93 -2.98 43.19 101.21
N SER Z 94 -3.84 44.19 101.07
CA SER Z 94 -3.42 45.57 101.22
C SER Z 94 -3.17 45.89 102.68
N LYS Z 95 -2.09 46.64 102.95
CA LYS Z 95 -1.73 46.96 104.33
C LYS Z 95 -2.65 48.05 104.88
N SER Z 96 -2.91 49.08 104.08
CA SER Z 96 -3.61 50.27 104.57
C SER Z 96 -5.06 49.97 104.88
N VAL Z 97 -5.64 48.98 104.21
CA VAL Z 97 -7.00 48.59 104.56
C VAL Z 97 -6.98 47.75 105.84
N ALA Z 98 -5.82 47.20 106.20
CA ALA Z 98 -5.76 46.39 107.41
C ALA Z 98 -5.30 47.23 108.59
N ARG Z 99 -4.58 48.32 108.32
CA ARG Z 99 -4.03 49.14 109.39
C ARG Z 99 -5.07 50.12 109.90
N ARG Z 100 -5.90 50.66 109.00
CA ARG Z 100 -6.92 51.61 109.41
C ARG Z 100 -8.05 50.92 110.14
N VAL Z 101 -8.17 49.60 109.98
CA VAL Z 101 -9.07 48.83 110.83
C VAL Z 101 -8.53 48.78 112.26
N LEU Z 102 -7.24 48.52 112.40
CA LEU Z 102 -6.63 48.46 113.73
C LEU Z 102 -6.58 49.86 114.36
N GLN Z 103 -6.48 50.89 113.54
CA GLN Z 103 -6.62 52.25 114.05
C GLN Z 103 -8.08 52.60 114.31
N ALA Z 104 -9.02 51.85 113.73
CA ALA Z 104 -10.43 52.04 114.05
C ALA Z 104 -10.82 51.27 115.30
N LEU Z 105 -10.28 50.07 115.47
CA LEU Z 105 -10.64 49.25 116.62
C LEU Z 105 -9.88 49.69 117.86
N GLU Z 106 -8.93 50.61 117.71
CA GLU Z 106 -8.30 51.22 118.88
C GLU Z 106 -9.02 52.51 119.27
N GLY Z 107 -9.75 53.11 118.32
CA GLY Z 107 -10.50 54.33 118.56
C GLY Z 107 -11.57 54.19 119.62
N LEU Z 108 -12.61 53.42 119.34
CA LEU Z 108 -13.37 52.82 120.42
C LEU Z 108 -12.56 51.66 120.97
N LYS Z 109 -12.37 51.63 122.29
CA LYS Z 109 -11.32 50.80 122.89
C LYS Z 109 -11.74 49.33 122.91
N MET Z 110 -11.38 48.64 121.84
CA MET Z 110 -11.52 47.19 121.79
C MET Z 110 -10.18 46.48 121.66
N VAL Z 111 -9.19 47.11 121.06
CA VAL Z 111 -7.86 46.54 120.93
C VAL Z 111 -6.84 47.51 121.52
N GLU Z 112 -5.66 46.98 121.83
CA GLU Z 112 -4.63 47.74 122.53
C GLU Z 112 -3.29 47.12 122.15
N LYS Z 113 -2.38 47.94 121.63
CA LYS Z 113 -1.12 47.45 121.04
C LYS Z 113 -0.22 46.89 122.13
N ASP Z 114 0.22 45.65 121.93
CA ASP Z 114 0.84 44.84 122.97
C ASP Z 114 2.36 44.96 122.91
N GLN Z 115 2.98 44.79 124.07
CA GLN Z 115 4.44 44.75 124.19
C GLN Z 115 5.00 43.54 123.43
N ASP Z 116 6.28 43.65 123.06
CA ASP Z 116 6.94 42.78 122.08
C ASP Z 116 6.18 42.75 120.76
N GLY Z 117 5.61 43.89 120.36
CA GLY Z 117 5.00 44.07 119.06
C GLY Z 117 3.62 43.46 118.86
N GLY Z 118 2.79 44.16 118.09
CA GLY Z 118 1.52 43.60 117.67
C GLY Z 118 0.33 44.05 118.50
N ARG Z 119 -0.83 44.01 117.85
CA ARG Z 119 -2.11 44.34 118.46
C ARG Z 119 -2.67 43.12 119.19
N LYS Z 120 -2.95 43.26 120.48
CA LYS Z 120 -3.79 42.30 121.18
C LYS Z 120 -5.10 42.97 121.54
N LEU Z 121 -6.07 42.15 121.94
CA LEU Z 121 -7.42 42.65 122.12
C LEU Z 121 -7.66 42.97 123.59
N THR Z 122 -8.25 44.14 123.83
CA THR Z 122 -8.36 44.70 125.18
C THR Z 122 -9.48 43.99 125.92
N PRO Z 123 -9.48 44.01 127.26
CA PRO Z 123 -10.56 43.32 127.99
C PRO Z 123 -11.94 43.92 127.80
N GLN Z 124 -12.02 45.24 127.52
CA GLN Z 124 -13.29 45.85 127.19
C GLN Z 124 -13.85 45.27 125.89
N GLY Z 125 -12.99 45.06 124.91
CA GLY Z 125 -13.43 44.47 123.65
C GLY Z 125 -13.70 42.98 123.76
N GLN Z 126 -13.07 42.31 124.72
CA GLN Z 126 -13.38 40.90 124.94
C GLN Z 126 -14.76 40.73 125.53
N ARG Z 127 -15.21 41.70 126.33
CA ARG Z 127 -16.58 41.73 126.79
C ARG Z 127 -17.54 42.00 125.62
N ASP Z 128 -17.12 42.85 124.68
CA ASP Z 128 -17.95 43.20 123.54
C ASP Z 128 -18.11 42.03 122.58
N LEU Z 129 -17.07 41.21 122.45
CA LEU Z 129 -17.12 40.05 121.57
C LEU Z 129 -17.96 38.93 122.16
N ASP Z 130 -18.24 38.99 123.47
CA ASP Z 130 -18.96 37.90 124.11
C ASP Z 130 -20.44 38.24 124.29
N ARG Z 131 -20.78 39.53 124.26
CA ARG Z 131 -22.18 39.91 124.42
C ARG Z 131 -22.99 39.55 123.18
N ILE Z 132 -22.37 39.65 122.01
CA ILE Z 132 -23.05 39.27 120.78
C ILE Z 132 -23.07 37.75 120.63
N ALA Z 133 -22.18 37.04 121.33
CA ALA Z 133 -22.10 35.59 121.15
C ALA Z 133 -23.29 34.89 121.79
N GLY Z 134 -23.84 35.49 122.84
CA GLY Z 134 -25.08 34.99 123.39
C GLY Z 134 -26.27 35.33 122.51
N GLN Z 135 -26.14 36.39 121.71
CA GLN Z 135 -27.23 36.79 120.84
C GLN Z 135 -27.36 35.85 119.64
N VAL Z 136 -26.23 35.31 119.17
CA VAL Z 136 -26.27 34.40 118.03
C VAL Z 136 -26.72 33.01 118.50
N ALA Z 137 -26.35 32.64 119.73
CA ALA Z 137 -26.90 31.43 120.33
C ALA Z 137 -28.41 31.56 120.53
N ALA Z 138 -28.87 32.73 120.96
CA ALA Z 138 -30.31 32.95 121.08
C ALA Z 138 -30.97 33.09 119.71
N ALA Z 139 -30.20 33.46 118.69
CA ALA Z 139 -30.74 33.51 117.33
C ALA Z 139 -30.91 32.13 116.74
N LYS Z 140 -30.01 31.19 117.06
CA LYS Z 140 -30.09 29.85 116.50
C LYS Z 140 -30.97 28.93 117.32
N LYS Z 141 -31.68 29.47 118.30
CA LYS Z 141 -32.65 28.71 119.07
C LYS Z 141 -34.08 29.15 118.70
N GLY AA 1 26.70 -62.55 39.60
CA GLY AA 1 26.50 -61.43 38.69
C GLY AA 1 26.14 -61.89 37.29
N ARG AA 2 24.89 -61.69 36.90
CA ARG AA 2 24.40 -62.20 35.63
C ARG AA 2 25.01 -61.46 34.46
N MET AA 3 24.78 -62.01 33.27
CA MET AA 3 25.23 -61.34 32.05
C MET AA 3 24.33 -60.16 31.71
N HIS AA 4 23.07 -60.41 31.42
CA HIS AA 4 22.18 -59.37 30.92
C HIS AA 4 21.08 -59.08 31.92
N ALA AA 5 21.42 -59.13 33.19
CA ALA AA 5 20.48 -58.87 34.28
C ALA AA 5 21.27 -58.27 35.43
N PRO AA 6 20.61 -57.53 36.33
CA PRO AA 6 21.31 -57.06 37.52
C PRO AA 6 21.37 -58.09 38.64
N GLY AA 7 21.03 -59.34 38.37
CA GLY AA 7 20.98 -60.32 39.42
C GLY AA 7 22.36 -60.74 39.87
N LYS AA 8 22.43 -61.21 41.11
CA LYS AA 8 23.66 -61.66 41.73
C LYS AA 8 23.44 -62.98 42.44
N GLY AA 9 22.79 -63.91 41.75
CA GLY AA 9 22.35 -65.13 42.40
C GLY AA 9 23.49 -66.09 42.64
N LEU AA 10 23.50 -66.70 43.81
CA LEU AA 10 24.43 -67.76 44.18
C LEU AA 10 23.59 -69.00 44.45
N SER AA 11 23.28 -69.73 43.39
CA SER AA 11 22.49 -70.96 43.53
C SER AA 11 22.86 -71.88 42.40
N GLN AA 12 23.68 -72.88 42.70
CA GLN AA 12 24.03 -73.88 41.71
C GLN AA 12 24.29 -75.20 42.41
N SER AA 13 24.65 -76.21 41.63
CA SER AA 13 24.90 -77.53 42.18
C SER AA 13 26.23 -77.56 42.92
N ALA AA 14 26.31 -78.38 43.97
CA ALA AA 14 27.54 -78.56 44.74
C ALA AA 14 27.93 -80.04 44.69
N LEU AA 15 28.92 -80.36 43.87
CA LEU AA 15 29.35 -81.73 43.73
C LEU AA 15 30.06 -82.19 45.00
N PRO AA 16 29.89 -83.45 45.40
CA PRO AA 16 30.58 -83.96 46.58
C PRO AA 16 32.07 -84.14 46.31
N TYR AA 17 32.82 -84.30 47.40
CA TYR AA 17 34.27 -84.45 47.28
C TYR AA 17 34.63 -85.80 46.70
N ARG AA 18 33.92 -86.85 47.10
CA ARG AA 18 34.27 -88.21 46.73
C ARG AA 18 33.73 -88.52 45.35
N ARG AA 19 34.64 -88.64 44.37
CA ARG AA 19 34.27 -88.92 43.00
C ARG AA 19 33.96 -90.38 42.74
N SER AA 20 34.14 -91.25 43.72
CA SER AA 20 33.95 -92.67 43.55
C SER AA 20 32.47 -93.00 43.40
N VAL AA 21 32.18 -94.08 42.67
CA VAL AA 21 30.80 -94.52 42.49
C VAL AA 21 30.30 -95.10 43.80
N PRO AA 22 29.02 -94.97 44.12
CA PRO AA 22 28.53 -95.51 45.40
C PRO AA 22 28.34 -97.01 45.34
N THR AA 23 28.16 -97.58 46.53
CA THR AA 23 28.02 -99.03 46.63
C THR AA 23 26.67 -99.49 46.12
N TRP AA 24 25.62 -98.70 46.36
CA TRP AA 24 24.27 -99.15 46.05
C TRP AA 24 24.00 -99.20 44.55
N LEU AA 25 24.72 -98.41 43.77
CA LEU AA 25 24.46 -98.35 42.33
C LEU AA 25 24.99 -99.61 41.66
N LYS AA 26 24.06 -100.44 41.19
CA LYS AA 26 24.42 -101.70 40.56
C LYS AA 26 24.28 -101.62 39.05
N LEU AA 27 24.11 -100.40 38.53
CA LEU AA 27 24.19 -100.15 37.10
C LEU AA 27 25.66 -100.01 36.72
N THR AA 28 26.12 -100.86 35.81
CA THR AA 28 27.49 -100.74 35.34
C THR AA 28 27.58 -99.63 34.30
N SER AA 29 28.82 -99.30 33.92
CA SER AA 29 29.05 -98.14 33.05
C SER AA 29 28.52 -98.39 31.65
N ASP AA 30 28.55 -99.63 31.18
CA ASP AA 30 27.92 -99.93 29.90
C ASP AA 30 26.41 -99.95 30.01
N ASP AA 31 25.88 -100.30 31.18
CA ASP AA 31 24.43 -100.29 31.36
C ASP AA 31 23.91 -98.87 31.48
N VAL AA 32 24.74 -97.96 31.97
CA VAL AA 32 24.36 -96.54 31.97
C VAL AA 32 24.43 -95.98 30.56
N LYS AA 33 25.40 -96.45 29.76
CA LYS AA 33 25.51 -95.97 28.38
C LYS AA 33 24.34 -96.44 27.52
N GLU AA 34 23.72 -97.56 27.89
CA GLU AA 34 22.54 -97.99 27.16
C GLU AA 34 21.33 -97.11 27.45
N GLN AA 35 21.26 -96.58 28.67
CA GLN AA 35 20.13 -95.72 29.03
C GLN AA 35 20.28 -94.35 28.40
N ILE AA 36 21.52 -93.88 28.29
CA ILE AA 36 21.81 -92.62 27.60
C ILE AA 36 21.49 -92.76 26.12
N TYR AA 37 21.81 -93.92 25.55
CA TYR AA 37 21.47 -94.17 24.14
C TYR AA 37 19.98 -94.35 23.97
N LYS AA 38 19.29 -94.85 25.00
CA LYS AA 38 17.86 -95.05 24.90
C LYS AA 38 17.11 -93.73 24.89
N LEU AA 39 17.56 -92.77 25.70
CA LEU AA 39 16.85 -91.53 25.86
C LEU AA 39 17.13 -90.54 24.72
N ALA AA 40 18.38 -90.53 24.23
CA ALA AA 40 18.72 -89.64 23.11
C ALA AA 40 18.08 -90.10 21.81
N LYS AA 41 17.99 -91.42 21.61
CA LYS AA 41 17.26 -91.95 20.46
C LYS AA 41 15.77 -91.66 20.60
N LYS AA 42 15.27 -91.61 21.83
CA LYS AA 42 13.88 -91.22 22.05
C LYS AA 42 13.70 -89.72 21.83
N GLY AA 43 14.80 -88.98 21.87
CA GLY AA 43 14.80 -87.57 21.53
C GLY AA 43 14.75 -86.69 22.75
N LEU AA 44 15.92 -86.26 23.22
CA LEU AA 44 16.05 -85.68 24.55
C LEU AA 44 17.44 -85.09 24.64
N THR AA 45 17.54 -83.86 25.16
CA THR AA 45 18.81 -83.15 25.19
C THR AA 45 19.72 -83.74 26.27
N PRO AA 46 21.04 -83.50 26.19
CA PRO AA 46 21.94 -83.94 27.28
C PRO AA 46 21.64 -83.31 28.64
N SER AA 47 21.01 -82.15 28.69
CA SER AA 47 20.62 -81.57 29.97
C SER AA 47 19.43 -82.33 30.57
N GLN AA 48 18.67 -83.02 29.73
CA GLN AA 48 17.48 -83.71 30.21
C GLN AA 48 17.76 -85.17 30.53
N ILE AA 49 18.75 -85.77 29.86
CA ILE AA 49 19.15 -87.13 30.19
C ILE AA 49 19.76 -87.17 31.57
N GLY AA 50 20.53 -86.14 31.92
CA GLY AA 50 21.22 -86.13 33.20
C GLY AA 50 20.29 -85.93 34.38
N VAL AA 51 19.05 -85.51 34.12
CA VAL AA 51 18.07 -85.37 35.19
C VAL AA 51 17.29 -86.67 35.36
N ILE AA 52 16.96 -87.33 34.25
CA ILE AA 52 16.28 -88.63 34.28
C ILE AA 52 17.16 -89.67 34.93
N LEU AA 53 18.48 -89.53 34.78
CA LEU AA 53 19.38 -90.54 35.33
C LEU AA 53 19.52 -90.43 36.85
N ARG AA 54 19.39 -89.23 37.41
CA ARG AA 54 19.50 -89.17 38.87
C ARG AA 54 18.15 -89.33 39.57
N ASP AA 55 17.05 -89.41 38.85
CA ASP AA 55 15.77 -89.48 39.53
C ASP AA 55 15.25 -90.90 39.65
N SER AA 56 15.30 -91.66 38.56
CA SER AA 56 14.81 -93.03 38.63
C SER AA 56 15.95 -94.03 38.73
N HIS AA 57 17.08 -93.72 38.11
CA HIS AA 57 18.19 -94.66 38.06
C HIS AA 57 19.19 -94.45 39.18
N GLY AA 58 19.18 -93.29 39.82
CA GLY AA 58 20.02 -93.05 40.97
C GLY AA 58 21.49 -92.87 40.67
N VAL AA 59 21.83 -92.46 39.46
CA VAL AA 59 23.20 -92.15 39.08
C VAL AA 59 23.29 -90.63 38.94
N ALA AA 60 24.14 -90.02 39.76
CA ALA AA 60 24.21 -88.56 39.78
C ALA AA 60 25.08 -88.04 38.66
N GLN AA 61 26.31 -88.52 38.57
CA GLN AA 61 27.25 -88.05 37.57
C GLN AA 61 27.61 -89.19 36.64
N VAL AA 62 27.44 -88.96 35.35
CA VAL AA 62 27.85 -89.91 34.33
C VAL AA 62 29.37 -89.87 34.17
N ARG AA 63 29.99 -88.74 34.50
CA ARG AA 63 31.44 -88.59 34.40
C ARG AA 63 32.17 -89.50 35.38
N PHE AA 64 31.47 -89.94 36.43
CA PHE AA 64 32.04 -90.78 37.46
C PHE AA 64 31.80 -92.26 37.19
N VAL AA 65 30.59 -92.61 36.73
CA VAL AA 65 30.28 -93.98 36.38
C VAL AA 65 30.95 -94.38 35.07
N THR AA 66 30.68 -93.64 34.01
CA THR AA 66 31.42 -93.84 32.77
C THR AA 66 32.73 -93.06 32.86
N GLY AA 67 33.48 -93.08 31.77
CA GLY AA 67 34.64 -92.23 31.71
C GLY AA 67 34.24 -90.83 31.32
N ASN AA 68 33.22 -90.72 30.48
CA ASN AA 68 32.96 -89.47 29.79
C ASN AA 68 31.67 -88.83 30.27
N LYS AA 69 31.49 -87.58 29.87
CA LYS AA 69 30.26 -86.83 30.12
C LYS AA 69 29.26 -87.08 29.00
N ILE AA 70 28.05 -86.53 29.16
CA ILE AA 70 26.89 -87.09 28.48
C ILE AA 70 26.90 -86.77 26.98
N LEU AA 71 27.14 -85.51 26.62
CA LEU AA 71 27.18 -85.15 25.19
C LEU AA 71 28.37 -85.80 24.50
N ARG AA 72 29.41 -86.09 25.27
CA ARG AA 72 30.57 -86.81 24.75
C ARG AA 72 30.24 -88.28 24.48
N ILE AA 73 29.22 -88.82 25.15
CA ILE AA 73 28.77 -90.17 24.86
C ILE AA 73 27.80 -90.17 23.69
N LEU AA 74 26.95 -89.14 23.59
CA LEU AA 74 26.11 -88.97 22.42
C LEU AA 74 26.94 -88.73 21.17
N LYS AA 75 28.09 -88.06 21.31
CA LYS AA 75 28.94 -87.78 20.16
C LYS AA 75 29.68 -89.03 19.70
N SER AA 76 30.04 -89.92 20.62
CA SER AA 76 30.91 -91.03 20.27
C SER AA 76 30.13 -92.14 19.56
N LYS AA 77 28.81 -92.03 19.54
CA LYS AA 77 27.97 -92.91 18.73
C LYS AA 77 27.34 -92.15 17.56
N GLY AA 78 27.28 -90.83 17.64
CA GLY AA 78 26.67 -90.04 16.59
C GLY AA 78 25.26 -89.64 16.88
N LEU AA 79 24.93 -89.37 18.14
CA LEU AA 79 23.58 -89.02 18.54
C LEU AA 79 23.42 -87.56 18.90
N ALA AA 80 24.49 -86.77 18.80
CA ALA AA 80 24.45 -85.38 19.20
C ALA AA 80 23.66 -84.56 18.18
N PRO AA 81 22.92 -83.56 18.62
CA PRO AA 81 22.12 -82.76 17.67
C PRO AA 81 22.95 -81.86 16.76
N ASP AA 82 22.26 -81.13 15.89
CA ASP AA 82 22.93 -80.39 14.83
C ASP AA 82 23.70 -79.18 15.35
N LEU AA 83 23.19 -78.54 16.39
CA LEU AA 83 23.82 -77.40 17.04
C LEU AA 83 23.51 -77.49 18.52
N PRO AA 84 24.41 -76.98 19.39
CA PRO AA 84 24.34 -77.32 20.82
C PRO AA 84 23.11 -76.78 21.52
N GLU AA 85 22.79 -77.37 22.67
CA GLU AA 85 21.51 -77.13 23.30
C GLU AA 85 21.44 -75.75 23.95
N ASP AA 86 22.56 -75.23 24.44
CA ASP AA 86 22.52 -73.87 24.96
C ASP AA 86 22.46 -72.85 23.83
N LEU AA 87 22.89 -73.24 22.63
CA LEU AA 87 22.62 -72.41 21.45
C LEU AA 87 21.23 -72.68 20.92
N TYR AA 88 20.74 -73.92 21.04
CA TYR AA 88 19.42 -74.27 20.53
C TYR AA 88 18.31 -73.58 21.32
N HIS AA 89 18.42 -73.56 22.64
CA HIS AA 89 17.35 -72.99 23.45
C HIS AA 89 17.37 -71.47 23.45
N LEU AA 90 18.46 -70.87 22.96
CA LEU AA 90 18.47 -69.43 22.78
C LEU AA 90 17.84 -69.03 21.46
N ILE AA 91 18.11 -69.79 20.40
CA ILE AA 91 17.46 -69.54 19.11
C ILE AA 91 15.96 -69.76 19.24
N LYS AA 92 15.57 -70.81 19.97
CA LYS AA 92 14.16 -71.13 20.17
C LYS AA 92 13.46 -70.06 21.02
N LYS AA 93 14.21 -69.39 21.89
CA LYS AA 93 13.62 -68.31 22.68
C LYS AA 93 13.46 -67.05 21.85
N ALA AA 94 14.43 -66.76 20.99
CA ALA AA 94 14.35 -65.57 20.16
C ALA AA 94 13.23 -65.68 19.13
N VAL AA 95 13.01 -66.89 18.61
CA VAL AA 95 11.91 -67.11 17.67
C VAL AA 95 10.57 -66.93 18.36
N ALA AA 96 10.47 -67.40 19.61
CA ALA AA 96 9.21 -67.31 20.34
C ALA AA 96 8.91 -65.88 20.75
N VAL AA 97 9.94 -65.06 20.93
CA VAL AA 97 9.74 -63.65 21.25
C VAL AA 97 9.50 -62.85 19.98
N ARG AA 98 10.23 -63.15 18.89
CA ARG AA 98 10.07 -62.34 17.68
C ARG AA 98 8.73 -62.63 17.00
N LYS AA 99 8.17 -63.82 17.24
CA LYS AA 99 6.79 -64.08 16.85
C LYS AA 99 5.81 -63.27 17.70
N HIS AA 100 6.13 -63.07 18.97
CA HIS AA 100 5.29 -62.29 19.88
C HIS AA 100 5.26 -60.81 19.49
N LEU AA 101 6.35 -60.30 18.92
CA LEU AA 101 6.35 -58.91 18.47
C LEU AA 101 5.62 -58.74 17.15
N GLU AA 102 5.30 -59.85 16.46
CA GLU AA 102 4.65 -59.74 15.17
C GLU AA 102 3.21 -59.27 15.33
N ARG AA 103 2.58 -59.60 16.46
CA ARG AA 103 1.26 -59.07 16.73
C ARG AA 103 1.32 -57.84 17.62
N ASN AA 104 2.18 -57.86 18.62
CA ASN AA 104 2.26 -56.82 19.64
C ASN AA 104 3.39 -55.87 19.27
N ARG AA 105 3.07 -54.88 18.44
CA ARG AA 105 4.09 -53.92 18.02
C ARG AA 105 4.44 -52.95 19.13
N LYS AA 106 3.51 -52.68 20.04
CA LYS AA 106 3.75 -51.71 21.10
C LYS AA 106 4.55 -52.29 22.25
N ASP AA 107 4.85 -53.58 22.23
CA ASP AA 107 5.53 -54.22 23.35
C ASP AA 107 7.00 -53.83 23.33
N LYS AA 108 7.33 -52.72 23.98
CA LYS AA 108 8.70 -52.22 23.96
C LYS AA 108 9.59 -52.98 24.92
N ASP AA 109 9.00 -53.76 25.83
CA ASP AA 109 9.80 -54.57 26.73
C ASP AA 109 10.28 -55.84 26.04
N ALA AA 110 9.43 -56.45 25.23
CA ALA AA 110 9.84 -57.63 24.48
C ALA AA 110 10.73 -57.25 23.30
N LYS AA 111 10.72 -55.98 22.91
CA LYS AA 111 11.70 -55.49 21.96
C LYS AA 111 13.07 -55.37 22.61
N PHE AA 112 13.09 -55.00 23.90
CA PHE AA 112 14.34 -54.88 24.63
C PHE AA 112 14.92 -56.24 24.94
N ARG AA 113 14.07 -57.19 25.35
CA ARG AA 113 14.52 -58.52 25.69
C ARG AA 113 15.01 -59.26 24.46
N LEU AA 114 14.43 -58.98 23.29
CA LEU AA 114 14.81 -59.65 22.06
C LEU AA 114 16.26 -59.36 21.70
N ILE AA 115 16.67 -58.10 21.86
CA ILE AA 115 18.06 -57.69 21.67
C ILE AA 115 18.97 -58.39 22.67
N LEU AA 116 18.48 -58.60 23.90
CA LEU AA 116 19.27 -59.29 24.90
C LEU AA 116 19.39 -60.78 24.58
N ILE AA 117 18.37 -61.36 23.95
CA ILE AA 117 18.48 -62.73 23.48
C ILE AA 117 19.38 -62.80 22.27
N GLU AA 118 19.19 -61.88 21.32
CA GLU AA 118 20.00 -61.81 20.10
C GLU AA 118 21.47 -61.58 20.42
N SER AA 119 21.75 -60.90 21.52
CA SER AA 119 23.13 -60.69 21.94
C SER AA 119 23.75 -61.99 22.42
N ARG AA 120 23.01 -62.78 23.19
CA ARG AA 120 23.54 -64.03 23.75
C ARG AA 120 23.70 -65.10 22.67
N ILE AA 121 22.95 -64.99 21.58
CA ILE AA 121 23.11 -65.93 20.48
C ILE AA 121 24.41 -65.66 19.73
N HIS AA 122 24.69 -64.37 19.45
CA HIS AA 122 25.90 -64.04 18.73
C HIS AA 122 27.13 -64.15 19.62
N ARG AA 123 26.93 -64.11 20.94
CA ARG AA 123 28.02 -64.26 21.88
C ARG AA 123 28.38 -65.72 22.08
N LEU AA 124 27.41 -66.63 21.95
CA LEU AA 124 27.73 -68.05 21.86
C LEU AA 124 28.20 -68.45 20.48
N ALA AA 125 27.67 -67.81 19.44
CA ALA AA 125 28.02 -68.20 18.08
C ALA AA 125 29.47 -67.87 17.77
N ARG AA 126 29.98 -66.76 18.28
CA ARG AA 126 31.41 -66.50 18.12
C ARG AA 126 32.25 -67.39 19.01
N TYR AA 127 31.64 -68.02 20.01
CA TYR AA 127 32.35 -69.01 20.82
C TYR AA 127 32.42 -70.36 20.11
N TYR AA 128 31.30 -70.83 19.57
CA TYR AA 128 31.30 -72.17 19.01
C TYR AA 128 32.02 -72.24 17.67
N LYS AA 129 32.21 -71.09 17.01
CA LYS AA 129 33.03 -71.07 15.81
C LYS AA 129 34.50 -71.28 16.14
N THR AA 130 34.98 -70.65 17.22
CA THR AA 130 36.40 -70.76 17.56
C THR AA 130 36.74 -72.16 18.08
N LYS AA 131 35.76 -72.85 18.64
CA LYS AA 131 35.95 -74.24 19.04
C LYS AA 131 35.77 -75.20 17.88
N ARG AA 132 35.35 -74.69 16.71
CA ARG AA 132 35.18 -75.42 15.46
C ARG AA 132 34.15 -76.53 15.60
N VAL AA 133 32.98 -76.18 16.15
CA VAL AA 133 31.84 -77.08 16.17
C VAL AA 133 30.65 -76.49 15.42
N LEU AA 134 30.70 -75.27 15.12
CA LEU AA 134 29.90 -74.66 14.09
C LEU AA 134 30.80 -74.28 12.91
N PRO AA 135 30.31 -74.34 11.68
CA PRO AA 135 31.13 -73.94 10.54
C PRO AA 135 31.34 -72.43 10.53
N PRO AA 136 32.42 -71.95 9.92
CA PRO AA 136 32.62 -70.49 9.86
C PRO AA 136 31.65 -69.78 8.92
N ASN AA 137 30.92 -70.51 8.09
CA ASN AA 137 29.87 -69.91 7.30
C ASN AA 137 28.52 -69.94 7.99
N TRP AA 138 28.46 -70.39 9.25
CA TRP AA 138 27.21 -70.35 10.00
C TRP AA 138 26.90 -68.91 10.34
N LYS AA 139 25.62 -68.56 10.28
CA LYS AA 139 25.22 -67.21 10.65
C LYS AA 139 23.79 -67.28 11.14
N TYR AA 140 23.55 -66.72 12.32
CA TYR AA 140 22.18 -66.59 12.79
C TYR AA 140 21.47 -65.51 12.00
N GLU AA 141 20.59 -65.92 11.10
CA GLU AA 141 19.74 -64.99 10.36
C GLU AA 141 18.33 -65.24 10.84
N SER AA 142 17.66 -64.20 11.32
CA SER AA 142 16.40 -64.39 12.02
C SER AA 142 15.25 -64.72 11.09
N SER AA 143 15.45 -64.53 9.78
CA SER AA 143 14.42 -64.91 8.81
C SER AA 143 14.31 -66.42 8.70
N THR AA 144 15.44 -67.09 8.49
CA THR AA 144 15.49 -68.53 8.31
C THR AA 144 15.72 -69.28 9.61
N ALA AA 145 15.64 -68.60 10.74
CA ALA AA 145 15.91 -69.23 12.01
C ALA AA 145 14.73 -70.03 12.53
N SER AA 146 13.55 -69.78 11.98
CA SER AA 146 12.34 -70.35 12.55
C SER AA 146 12.19 -71.83 12.19
N ALA AA 147 12.73 -72.24 11.03
CA ALA AA 147 12.71 -73.65 10.66
C ALA AA 147 13.65 -74.47 11.53
N LEU AA 148 14.74 -73.85 11.96
CA LEU AA 148 15.62 -74.44 12.96
C LEU AA 148 14.97 -74.28 14.33
N VAL AA 149 14.13 -75.25 14.69
CA VAL AA 149 13.11 -75.08 15.74
C VAL AA 149 13.68 -74.78 17.11
N VAL BA 1 93.89 57.57 99.52
CA VAL BA 1 92.64 57.24 100.17
C VAL BA 1 91.55 56.97 99.14
N ASN BA 2 91.97 56.67 97.91
CA ASN BA 2 91.00 56.27 96.89
C ASN BA 2 90.54 54.84 97.09
N THR BA 3 91.39 53.97 97.63
CA THR BA 3 90.94 52.63 97.99
C THR BA 3 90.03 52.66 99.21
N ALA BA 4 90.23 53.65 100.09
CA ALA BA 4 89.28 53.88 101.18
C ALA BA 4 88.01 54.55 100.67
N LEU BA 5 88.11 55.25 99.53
CA LEU BA 5 86.92 55.77 98.87
C LEU BA 5 86.11 54.65 98.21
N GLN BA 6 86.77 53.53 97.89
CA GLN BA 6 86.14 52.47 97.13
C GLN BA 6 85.05 51.76 97.93
N GLU BA 7 85.26 51.59 99.23
CA GLU BA 7 84.29 50.88 100.06
C GLU BA 7 83.04 51.71 100.29
N VAL BA 8 83.22 53.01 100.56
CA VAL BA 8 82.08 53.88 100.85
C VAL BA 8 81.25 54.12 99.59
N LEU BA 9 81.92 54.19 98.43
CA LEU BA 9 81.23 54.33 97.15
C LEU BA 9 80.45 53.05 96.82
N LYS BA 10 80.93 51.91 97.30
CA LYS BA 10 80.17 50.66 97.20
C LYS BA 10 79.04 50.59 98.21
N THR BA 11 79.29 50.93 99.48
CA THR BA 11 78.26 50.78 100.52
C THR BA 11 77.15 51.80 100.40
N ALA BA 12 77.35 52.86 99.61
CA ALA BA 12 76.25 53.77 99.33
C ALA BA 12 75.19 53.12 98.45
N LEU BA 13 75.59 52.15 97.62
CA LEU BA 13 74.63 51.31 96.90
C LEU BA 13 74.07 50.21 97.80
N ILE BA 14 74.91 49.70 98.72
CA ILE BA 14 74.55 48.53 99.52
C ILE BA 14 73.40 48.85 100.47
N HIS BA 15 73.47 50.01 101.12
CA HIS BA 15 72.31 50.51 101.84
C HIS BA 15 71.44 51.43 100.99
N ASP BA 16 71.80 51.60 99.71
CA ASP BA 16 70.98 52.26 98.67
C ASP BA 16 70.67 53.72 99.02
N GLY BA 17 71.73 54.52 99.17
CA GLY BA 17 71.58 55.91 99.55
C GLY BA 17 71.92 56.91 98.47
N LEU BA 18 72.77 56.51 97.52
CA LEU BA 18 73.28 57.45 96.53
C LEU BA 18 72.23 57.83 95.50
N ALA BA 19 72.41 59.01 94.91
CA ALA BA 19 71.57 59.55 93.85
C ALA BA 19 72.49 60.00 92.73
N ARG BA 20 72.86 59.08 91.85
CA ARG BA 20 73.89 59.30 90.86
C ARG BA 20 73.30 59.75 89.53
N GLY BA 21 73.98 60.69 88.91
CA GLY BA 21 73.51 61.26 87.66
C GLY BA 21 73.39 62.77 87.72
N ILE BA 22 73.35 63.37 86.52
CA ILE BA 22 73.29 64.83 86.43
C ILE BA 22 71.91 65.35 86.83
N ARG BA 23 70.89 64.49 86.72
CA ARG BA 23 69.57 64.90 87.16
C ARG BA 23 69.30 64.44 88.58
N GLU BA 24 69.89 63.30 88.98
CA GLU BA 24 69.66 62.79 90.33
C GLU BA 24 70.48 63.55 91.37
N ALA BA 25 71.51 64.28 90.93
CA ALA BA 25 72.30 65.06 91.88
C ALA BA 25 71.53 66.29 92.34
N ALA BA 26 70.98 67.06 91.39
CA ALA BA 26 70.33 68.32 91.72
C ALA BA 26 69.06 68.12 92.55
N LYS BA 27 68.48 66.93 92.49
CA LYS BA 27 67.46 66.56 93.47
C LYS BA 27 68.08 66.36 94.85
N ALA BA 28 69.17 65.60 94.92
CA ALA BA 28 69.80 65.29 96.20
C ALA BA 28 70.49 66.52 96.78
N LEU BA 29 71.02 67.38 95.91
CA LEU BA 29 71.66 68.61 96.35
C LEU BA 29 70.66 69.63 96.88
N ASP BA 30 69.46 69.68 96.29
CA ASP BA 30 68.52 70.73 96.70
C ASP BA 30 67.54 70.23 97.76
N LYS BA 31 67.37 68.91 97.88
CA LYS BA 31 66.72 68.37 99.06
C LYS BA 31 67.67 68.22 100.24
N ARG BA 32 68.97 68.50 100.02
CA ARG BA 32 70.05 68.32 100.98
C ARG BA 32 70.12 66.88 101.48
N GLN BA 33 70.12 65.94 100.54
CA GLN BA 33 70.36 64.54 100.85
C GLN BA 33 71.82 64.16 100.66
N ALA BA 34 72.65 65.07 100.17
CA ALA BA 34 74.00 64.77 99.71
C ALA BA 34 74.99 64.87 100.86
N HIS BA 35 76.09 64.11 100.75
CA HIS BA 35 77.22 64.26 101.65
C HIS BA 35 78.56 64.20 100.95
N LEU BA 36 78.61 63.72 99.70
CA LEU BA 36 79.86 63.57 98.98
C LEU BA 36 79.57 63.53 97.49
N CYS BA 37 80.50 64.06 96.68
CA CYS BA 37 80.38 64.04 95.24
C CYS BA 37 81.71 63.60 94.64
N VAL BA 38 81.63 62.98 93.48
CA VAL BA 38 82.80 62.66 92.68
C VAL BA 38 82.50 63.00 91.23
N LEU BA 39 83.47 63.60 90.55
CA LEU BA 39 83.26 64.19 89.23
C LEU BA 39 84.35 63.74 88.28
N ALA BA 40 83.97 63.44 87.05
CA ALA BA 40 84.93 62.99 86.05
C ALA BA 40 85.72 64.16 85.47
N SER BA 41 86.88 63.84 84.93
CA SER BA 41 87.82 64.80 84.37
C SER BA 41 88.15 64.41 82.94
N ASN BA 42 89.20 65.03 82.38
CA ASN BA 42 89.90 64.75 81.10
C ASN BA 42 88.97 64.31 79.96
N CYS BA 43 87.82 64.96 79.86
CA CYS BA 43 86.84 64.66 78.84
C CYS BA 43 86.20 65.96 78.38
N ASP BA 44 85.87 66.03 77.09
CA ASP BA 44 85.23 67.21 76.55
C ASP BA 44 83.77 67.26 76.99
N GLU BA 45 83.54 67.80 78.18
CA GLU BA 45 82.18 68.01 78.69
C GLU BA 45 82.07 69.44 79.20
N PRO BA 46 82.30 70.45 78.35
CA PRO BA 46 82.76 71.76 78.87
C PRO BA 46 81.72 72.55 79.66
N MET BA 47 80.50 72.68 79.14
CA MET BA 47 79.48 73.40 79.88
C MET BA 47 78.75 72.46 80.82
N TYR BA 48 78.84 71.16 80.51
CA TYR BA 48 78.41 70.13 81.46
C TYR BA 48 79.19 70.19 82.75
N VAL BA 49 80.52 70.25 82.64
CA VAL BA 49 81.35 70.21 83.84
C VAL BA 49 81.37 71.57 84.53
N LYS BA 50 80.95 72.62 83.83
CA LYS BA 50 80.95 73.95 84.45
C LYS BA 50 79.78 74.11 85.41
N LEU BA 51 78.64 73.50 85.09
CA LEU BA 51 77.47 73.61 85.97
C LEU BA 51 77.64 72.77 87.23
N VAL BA 52 78.05 71.51 87.07
CA VAL BA 52 78.04 70.52 88.13
C VAL BA 52 79.04 70.86 89.24
N GLU BA 53 80.11 71.58 88.90
CA GLU BA 53 80.97 72.15 89.93
C GLU BA 53 80.27 73.27 90.69
N ALA BA 54 79.56 74.14 89.97
CA ALA BA 54 79.00 75.34 90.58
C ALA BA 54 77.85 75.02 91.52
N LEU BA 55 77.15 73.91 91.28
CA LEU BA 55 76.17 73.44 92.25
C LEU BA 55 76.86 72.82 93.46
N CYS BA 56 78.03 72.22 93.27
CA CYS BA 56 78.76 71.66 94.39
C CYS BA 56 79.42 72.74 95.23
N ALA BA 57 79.64 73.91 94.64
CA ALA BA 57 80.25 75.01 95.40
C ALA BA 57 79.21 75.81 96.16
N GLU BA 58 77.95 75.35 96.18
CA GLU BA 58 76.89 76.05 96.89
C GLU BA 58 77.08 75.95 98.40
N HIS BA 59 76.97 74.74 98.96
CA HIS BA 59 77.10 74.54 100.41
C HIS BA 59 77.46 73.10 100.73
N GLN BA 60 78.68 72.92 101.27
CA GLN BA 60 79.10 71.73 102.03
C GLN BA 60 79.04 70.46 101.17
N ILE BA 61 79.78 70.47 100.07
CA ILE BA 61 79.83 69.35 99.14
C ILE BA 61 81.29 69.08 98.80
N ASN BA 62 81.72 67.85 99.03
CA ASN BA 62 83.13 67.51 98.85
C ASN BA 62 83.34 66.83 97.50
N LEU BA 63 84.54 66.96 96.95
CA LEU BA 63 84.81 66.57 95.57
C LEU BA 63 86.07 65.74 95.47
N ILE BA 64 85.92 64.51 95.00
CA ILE BA 64 87.02 63.71 94.49
C ILE BA 64 87.06 63.92 92.99
N LYS BA 65 88.24 64.24 92.47
CA LYS BA 65 88.41 64.57 91.05
C LYS BA 65 89.03 63.37 90.34
N VAL BA 66 88.18 62.42 89.94
CA VAL BA 66 88.63 61.23 89.21
C VAL BA 66 88.70 61.60 87.74
N ASP BA 67 89.67 61.02 87.03
CA ASP BA 67 89.84 61.28 85.61
C ASP BA 67 88.76 60.62 84.75
N ASP BA 68 88.70 59.29 84.76
CA ASP BA 68 88.07 58.55 83.67
C ASP BA 68 86.63 58.19 83.97
N ASN BA 69 85.78 58.36 82.94
CA ASN BA 69 84.42 57.80 82.95
C ASN BA 69 84.47 56.28 82.99
N LYS BA 70 85.44 55.71 82.29
CA LYS BA 70 85.53 54.26 82.19
C LYS BA 70 85.99 53.65 83.51
N LYS BA 71 86.78 54.40 84.28
CA LYS BA 71 87.13 53.98 85.63
C LYS BA 71 85.99 54.29 86.60
N LEU BA 72 85.21 55.32 86.31
CA LEU BA 72 84.12 55.72 87.21
C LEU BA 72 83.00 54.68 87.17
N GLY BA 73 82.61 54.23 85.98
CA GLY BA 73 81.62 53.18 85.87
C GLY BA 73 82.13 51.85 86.38
N GLU BA 74 83.44 51.63 86.30
CA GLU BA 74 84.03 50.41 86.83
C GLU BA 74 84.02 50.41 88.35
N TRP BA 75 84.38 51.54 88.97
CA TRP BA 75 84.46 51.62 90.42
C TRP BA 75 83.09 51.61 91.07
N VAL BA 76 82.06 52.03 90.33
CA VAL BA 76 80.71 51.96 90.88
C VAL BA 76 80.10 50.59 90.60
N GLY BA 77 80.59 49.89 89.58
CA GLY BA 77 80.14 48.54 89.26
C GLY BA 77 78.70 48.43 88.81
N LEU BA 78 78.34 49.06 87.70
CA LEU BA 78 76.95 49.04 87.24
C LEU BA 78 76.60 47.72 86.53
N CYS BA 79 77.32 47.39 85.47
CA CYS BA 79 76.87 46.29 84.62
C CYS BA 79 77.92 45.19 84.60
N LYS BA 80 78.41 44.81 85.79
CA LYS BA 80 79.39 43.75 85.94
C LYS BA 80 78.70 42.41 85.71
N ILE BA 81 78.97 41.80 84.55
CA ILE BA 81 78.42 40.49 84.20
C ILE BA 81 79.61 39.55 84.05
N ASP BA 82 79.40 38.27 84.42
CA ASP BA 82 80.42 37.22 84.45
C ASP BA 82 81.56 37.62 85.40
N ARG BA 83 81.21 37.65 86.69
CA ARG BA 83 82.16 37.96 87.76
C ARG BA 83 83.20 36.88 88.00
N GLU BA 84 83.11 35.73 87.31
CA GLU BA 84 84.22 34.79 87.22
C GLU BA 84 85.08 35.14 86.02
N GLY BA 85 85.63 36.34 86.08
CA GLY BA 85 86.31 36.94 84.96
C GLY BA 85 86.13 38.44 84.97
N LYS BA 86 86.40 39.05 83.82
CA LYS BA 86 86.36 40.50 83.71
C LYS BA 86 84.93 40.99 83.46
N PRO BA 87 84.63 42.23 83.84
CA PRO BA 87 83.31 42.81 83.49
C PRO BA 87 83.12 42.92 81.98
N ARG BA 88 82.05 42.28 81.50
CA ARG BA 88 81.84 42.11 80.07
C ARG BA 88 81.46 43.42 79.39
N LYS BA 89 80.70 44.27 80.09
CA LYS BA 89 80.19 45.50 79.47
C LYS BA 89 80.17 46.58 80.56
N VAL BA 90 81.21 47.40 80.60
CA VAL BA 90 81.24 48.53 81.51
C VAL BA 90 80.68 49.77 80.82
N VAL BA 91 79.78 50.46 81.49
CA VAL BA 91 79.11 51.63 80.93
C VAL BA 91 79.83 52.87 81.46
N GLY BA 92 79.53 54.02 80.87
CA GLY BA 92 80.18 55.25 81.27
C GLY BA 92 79.24 56.14 82.05
N CYS BA 93 79.68 56.60 83.22
CA CYS BA 93 78.99 57.64 83.98
C CYS BA 93 79.99 58.71 84.37
N SER BA 94 79.50 59.94 84.57
CA SER BA 94 80.38 61.08 84.77
C SER BA 94 80.14 61.78 86.11
N CYS BA 95 79.02 61.50 86.77
CA CYS BA 95 78.66 62.17 88.01
C CYS BA 95 78.04 61.18 88.98
N VAL BA 96 78.59 61.10 90.19
CA VAL BA 96 78.03 60.30 91.26
C VAL BA 96 78.03 61.14 92.54
N VAL BA 97 76.86 61.26 93.17
CA VAL BA 97 76.71 61.96 94.43
C VAL BA 97 76.05 60.99 95.41
N VAL BA 98 76.70 60.76 96.56
CA VAL BA 98 76.27 59.69 97.45
C VAL BA 98 75.69 60.28 98.73
N LYS BA 99 74.77 59.52 99.32
CA LYS BA 99 74.48 59.56 100.74
C LYS BA 99 74.84 58.18 101.29
N ASP BA 100 75.44 58.15 102.48
CA ASP BA 100 75.84 56.90 103.10
C ASP BA 100 74.94 56.67 104.32
N TYR BA 101 74.37 55.47 104.40
CA TYR BA 101 73.72 55.07 105.65
C TYR BA 101 74.70 54.33 106.56
N GLY BA 102 75.47 53.39 106.00
CA GLY BA 102 76.42 52.63 106.79
C GLY BA 102 77.68 53.40 107.09
N LYS BA 103 77.53 54.52 107.81
CA LYS BA 103 78.63 55.45 108.04
C LYS BA 103 79.60 54.94 109.10
N GLU BA 104 79.22 53.90 109.84
CA GLU BA 104 80.09 53.27 110.84
C GLU BA 104 81.10 52.41 110.08
N SER BA 105 82.19 53.05 109.66
CA SER BA 105 83.25 52.39 108.92
C SER BA 105 84.53 53.19 109.10
N GLN BA 106 85.65 52.49 109.15
CA GLN BA 106 86.94 53.17 109.32
C GLN BA 106 87.40 53.79 108.00
N ALA BA 107 86.96 53.24 106.88
CA ALA BA 107 87.24 53.87 105.59
C ALA BA 107 86.38 55.11 105.39
N LYS BA 108 85.25 55.17 106.10
CA LYS BA 108 84.44 56.38 106.09
C LYS BA 108 85.09 57.47 106.93
N ASP BA 109 85.79 57.08 107.99
CA ASP BA 109 86.35 58.04 108.94
C ASP BA 109 87.52 58.80 108.32
N VAL BA 110 88.27 58.16 107.43
CA VAL BA 110 89.47 58.79 106.89
C VAL BA 110 89.13 59.73 105.73
N ILE BA 111 87.93 59.59 105.17
CA ILE BA 111 87.55 60.47 104.05
C ILE BA 111 87.20 61.87 104.57
N GLU BA 112 86.51 61.94 105.71
CA GLU BA 112 86.25 63.24 106.33
C GLU BA 112 87.53 63.87 106.85
N GLU BA 113 88.48 63.05 107.26
CA GLU BA 113 89.78 63.56 107.70
C GLU BA 113 90.60 64.03 106.50
N TYR BA 114 90.25 63.57 105.30
CA TYR BA 114 90.95 64.04 104.09
C TYR BA 114 90.50 65.44 103.70
N PHE BA 115 89.19 65.72 103.79
CA PHE BA 115 88.71 67.02 103.34
C PHE BA 115 88.95 68.09 104.39
N LYS BA 116 89.10 67.70 105.65
CA LYS BA 116 89.43 68.69 106.68
C LYS BA 116 90.88 69.14 106.56
N CYS BA 117 91.75 68.24 106.09
CA CYS BA 117 93.15 68.58 105.85
C CYS BA 117 93.32 69.22 104.48
N GLY CA 1 -27.90 -10.64 -11.96
CA GLY CA 1 -28.32 -10.47 -13.34
C GLY CA 1 -28.57 -11.75 -14.08
N ARG CA 2 -27.52 -12.53 -14.31
CA ARG CA 2 -27.66 -13.87 -14.85
C ARG CA 2 -28.21 -14.82 -13.80
N VAL CA 3 -28.68 -15.97 -14.28
CA VAL CA 3 -28.91 -17.13 -13.42
C VAL CA 3 -27.54 -17.65 -12.99
N ILE CA 4 -27.34 -17.79 -11.69
CA ILE CA 4 -26.05 -18.19 -11.17
C ILE CA 4 -25.90 -19.70 -11.34
N ARG CA 5 -24.70 -20.23 -11.10
CA ARG CA 5 -24.36 -21.59 -11.48
C ARG CA 5 -25.05 -22.62 -10.59
N GLY CA 6 -25.20 -22.29 -9.31
CA GLY CA 6 -25.88 -23.19 -8.40
C GLY CA 6 -27.33 -23.36 -8.72
N GLN CA 7 -27.94 -22.34 -9.33
CA GLN CA 7 -29.30 -22.51 -9.82
C GLN CA 7 -29.30 -23.34 -11.09
N ARG CA 8 -28.25 -23.22 -11.91
CA ARG CA 8 -28.21 -23.94 -13.17
C ARG CA 8 -28.04 -25.43 -12.98
N LYS CA 9 -27.48 -25.84 -11.85
CA LYS CA 9 -27.20 -27.26 -11.64
C LYS CA 9 -28.49 -28.09 -11.49
N GLY CA 10 -29.57 -27.47 -11.06
CA GLY CA 10 -30.79 -28.22 -10.82
C GLY CA 10 -31.56 -28.59 -12.08
N ALA CA 11 -31.28 -27.90 -13.19
CA ALA CA 11 -31.99 -28.23 -14.42
C ALA CA 11 -31.42 -29.48 -15.06
N GLY CA 12 -30.14 -29.77 -14.81
CA GLY CA 12 -29.52 -30.96 -15.34
C GLY CA 12 -28.82 -30.68 -16.65
N SER CA 13 -28.74 -31.71 -17.48
CA SER CA 13 -28.36 -31.72 -18.89
C SER CA 13 -26.89 -31.46 -19.18
N VAL CA 14 -26.17 -30.88 -18.21
CA VAL CA 14 -24.71 -30.83 -18.24
C VAL CA 14 -24.19 -31.24 -16.88
N PHE CA 15 -25.03 -31.10 -15.87
CA PHE CA 15 -24.70 -31.39 -14.49
C PHE CA 15 -25.32 -32.68 -14.00
N ARG CA 16 -25.82 -33.49 -14.92
CA ARG CA 16 -26.33 -34.80 -14.55
C ARG CA 16 -25.17 -35.74 -14.25
N ALA CA 17 -25.51 -36.84 -13.61
CA ALA CA 17 -24.52 -37.82 -13.21
C ALA CA 17 -24.02 -38.60 -14.42
N HIS CA 18 -22.79 -39.09 -14.31
CA HIS CA 18 -22.15 -39.85 -15.37
C HIS CA 18 -22.30 -41.30 -14.99
N VAL CA 19 -23.38 -41.93 -15.46
CA VAL CA 19 -23.77 -43.24 -14.96
C VAL CA 19 -23.60 -44.29 -16.04
N LYS CA 20 -22.71 -44.05 -16.99
CA LYS CA 20 -22.55 -44.94 -18.14
C LYS CA 20 -21.94 -46.26 -17.74
N HIS CA 21 -20.80 -46.21 -17.05
CA HIS CA 21 -20.12 -47.46 -16.74
C HIS CA 21 -20.40 -47.94 -15.33
N ARG CA 22 -21.43 -47.41 -14.68
CA ARG CA 22 -21.80 -47.89 -13.37
C ARG CA 22 -22.50 -49.23 -13.48
N LYS CA 23 -22.61 -49.92 -12.35
CA LYS CA 23 -22.88 -51.34 -12.38
C LYS CA 23 -24.33 -51.64 -12.00
N GLY CA 24 -24.90 -50.84 -11.12
CA GLY CA 24 -26.27 -51.03 -10.69
C GLY CA 24 -26.53 -50.24 -9.43
N ALA CA 25 -27.80 -50.16 -9.07
CA ALA CA 25 -28.16 -49.68 -7.76
C ALA CA 25 -27.79 -50.75 -6.75
N ALA CA 26 -26.89 -50.40 -5.83
CA ALA CA 26 -26.39 -51.35 -4.83
C ALA CA 26 -27.38 -51.42 -3.66
N ARG CA 27 -28.20 -52.46 -3.69
CA ARG CA 27 -29.35 -52.57 -2.80
C ARG CA 27 -29.25 -53.84 -1.99
N LEU CA 28 -29.97 -53.88 -0.88
CA LEU CA 28 -30.19 -55.15 -0.23
C LEU CA 28 -31.21 -55.97 -1.01
N ARG CA 29 -31.36 -57.21 -0.61
CA ARG CA 29 -32.38 -58.07 -1.18
C ARG CA 29 -33.75 -57.61 -0.68
N ALA CA 30 -34.78 -57.83 -1.49
CA ALA CA 30 -36.12 -57.42 -1.13
C ALA CA 30 -36.65 -58.26 0.03
N VAL CA 31 -37.72 -57.77 0.65
CA VAL CA 31 -38.34 -58.53 1.73
C VAL CA 31 -39.16 -59.67 1.14
N ASP CA 32 -39.04 -60.85 1.74
CA ASP CA 32 -39.93 -61.96 1.45
C ASP CA 32 -40.02 -62.82 2.69
N PHE CA 33 -40.55 -64.03 2.53
CA PHE CA 33 -40.83 -64.90 3.66
C PHE CA 33 -39.56 -65.40 4.33
N ALA CA 34 -38.52 -65.66 3.53
CA ALA CA 34 -37.26 -66.18 4.08
C ALA CA 34 -36.52 -65.12 4.87
N GLU CA 35 -36.52 -63.88 4.39
CA GLU CA 35 -35.94 -62.76 5.13
C GLU CA 35 -36.67 -62.51 6.44
N ARG CA 36 -37.96 -62.81 6.46
CA ARG CA 36 -38.83 -62.36 7.55
C ARG CA 36 -38.94 -63.43 8.63
N HIS CA 37 -38.67 -64.69 8.29
CA HIS CA 37 -38.95 -65.81 9.18
C HIS CA 37 -37.71 -66.63 9.48
N GLY CA 38 -36.97 -67.00 8.45
CA GLY CA 38 -35.79 -67.81 8.63
C GLY CA 38 -34.55 -67.09 8.17
N TYR CA 39 -33.82 -67.69 7.24
CA TYR CA 39 -32.71 -67.03 6.57
C TYR CA 39 -32.60 -67.69 5.20
N ILE CA 40 -31.67 -67.20 4.39
CA ILE CA 40 -31.42 -67.75 3.07
C ILE CA 40 -29.97 -67.49 2.67
N LYS CA 41 -29.33 -68.53 2.15
CA LYS CA 41 -27.91 -68.53 1.79
C LYS CA 41 -27.70 -67.97 0.39
N GLY CA 42 -26.61 -67.23 0.22
CA GLY CA 42 -26.15 -66.86 -1.09
C GLY CA 42 -24.65 -66.74 -1.15
N ILE CA 43 -24.01 -67.13 -2.25
CA ILE CA 43 -22.57 -67.05 -2.28
C ILE CA 43 -22.14 -65.74 -2.93
N VAL CA 44 -20.94 -65.28 -2.58
CA VAL CA 44 -20.37 -64.08 -3.18
C VAL CA 44 -19.69 -64.52 -4.47
N LYS CA 45 -20.21 -64.03 -5.58
CA LYS CA 45 -19.73 -64.50 -6.87
C LYS CA 45 -18.44 -63.80 -7.27
N ASP CA 46 -18.44 -62.46 -7.28
CA ASP CA 46 -17.20 -61.70 -7.38
C ASP CA 46 -17.39 -60.32 -6.77
N ILE CA 47 -16.30 -59.72 -6.35
CA ILE CA 47 -16.29 -58.39 -5.75
C ILE CA 47 -15.75 -57.40 -6.75
N ILE CA 48 -16.47 -56.31 -6.97
CA ILE CA 48 -16.28 -55.51 -8.17
C ILE CA 48 -16.20 -54.04 -7.81
N HIS CA 49 -15.60 -53.26 -8.70
CA HIS CA 49 -15.41 -51.83 -8.52
C HIS CA 49 -16.44 -51.07 -9.35
N ASP CA 50 -17.16 -50.21 -8.70
CA ASP CA 50 -18.16 -49.35 -9.34
C ASP CA 50 -17.56 -47.98 -9.57
N PRO CA 51 -17.72 -47.39 -10.76
CA PRO CA 51 -17.20 -46.05 -10.99
C PRO CA 51 -17.96 -45.00 -10.21
N GLY CA 52 -17.23 -44.03 -9.69
CA GLY CA 52 -17.85 -42.99 -8.88
C GLY CA 52 -18.28 -43.48 -7.52
N ARG CA 53 -17.51 -44.38 -6.93
CA ARG CA 53 -17.87 -45.00 -5.65
C ARG CA 53 -16.61 -45.53 -5.03
N GLY CA 54 -16.33 -45.12 -3.79
CA GLY CA 54 -15.15 -45.63 -3.12
C GLY CA 54 -15.34 -47.03 -2.57
N ALA CA 55 -16.60 -47.44 -2.43
CA ALA CA 55 -16.89 -48.76 -1.93
C ALA CA 55 -16.87 -49.80 -3.05
N PRO CA 56 -16.37 -50.98 -2.78
CA PRO CA 56 -16.52 -52.07 -3.75
C PRO CA 56 -17.84 -52.79 -3.59
N LEU CA 57 -18.41 -53.24 -4.69
CA LEU CA 57 -19.67 -53.94 -4.65
C LEU CA 57 -19.43 -55.44 -4.63
N ALA CA 58 -20.50 -56.20 -4.62
CA ALA CA 58 -20.40 -57.64 -4.50
C ALA CA 58 -21.59 -58.30 -5.18
N LYS CA 59 -21.35 -59.02 -6.26
CA LYS CA 59 -22.37 -59.86 -6.88
C LYS CA 59 -22.63 -61.03 -5.95
N VAL CA 60 -23.77 -61.01 -5.28
CA VAL CA 60 -24.17 -62.09 -4.39
C VAL CA 60 -25.34 -62.81 -5.03
N VAL CA 61 -25.22 -64.10 -5.25
CA VAL CA 61 -26.20 -64.87 -6.01
C VAL CA 61 -27.05 -65.70 -5.06
N PHE CA 62 -28.35 -65.49 -5.09
CA PHE CA 62 -29.31 -66.22 -4.28
C PHE CA 62 -30.14 -67.12 -5.17
N ARG CA 63 -30.68 -68.15 -4.56
CA ARG CA 63 -31.54 -69.10 -5.23
C ARG CA 63 -32.96 -68.66 -4.94
N ASP CA 64 -33.76 -68.48 -5.98
CA ASP CA 64 -35.09 -67.93 -5.78
C ASP CA 64 -35.98 -68.97 -5.11
N PRO CA 65 -36.74 -68.60 -4.08
CA PRO CA 65 -37.46 -69.61 -3.31
C PRO CA 65 -38.71 -70.12 -3.96
N TYR CA 66 -39.18 -69.52 -5.05
CA TYR CA 66 -40.44 -69.93 -5.64
C TYR CA 66 -40.29 -70.48 -7.04
N ARG CA 67 -39.16 -70.16 -7.67
CA ARG CA 67 -38.88 -70.54 -9.04
C ARG CA 67 -37.50 -71.15 -9.10
N PHE CA 68 -37.32 -72.07 -10.03
CA PHE CA 68 -36.00 -72.59 -10.30
C PHE CA 68 -35.25 -71.58 -11.11
N LYS CA 69 -34.53 -70.69 -10.43
CA LYS CA 69 -33.93 -69.53 -11.05
C LYS CA 69 -32.98 -68.94 -10.03
N LYS CA 70 -31.78 -68.55 -10.45
CA LYS CA 70 -30.83 -67.96 -9.53
C LYS CA 70 -30.97 -66.44 -9.61
N ARG CA 71 -31.14 -65.80 -8.46
CA ARG CA 71 -31.21 -64.36 -8.41
C ARG CA 71 -29.89 -63.76 -7.95
N THR CA 72 -29.45 -62.73 -8.66
CA THR CA 72 -28.14 -62.13 -8.37
C THR CA 72 -28.32 -60.68 -7.92
N GLU CA 73 -27.51 -60.30 -6.94
CA GLU CA 73 -27.72 -59.08 -6.17
C GLU CA 73 -26.43 -58.29 -6.08
N LEU CA 74 -26.53 -56.97 -6.07
CA LEU CA 74 -25.39 -56.11 -5.77
C LEU CA 74 -25.51 -55.57 -4.35
N PHE CA 75 -24.82 -56.22 -3.43
CA PHE CA 75 -24.67 -55.63 -2.11
C PHE CA 75 -23.50 -54.66 -2.14
N ILE CA 76 -23.36 -53.90 -1.08
CA ILE CA 76 -22.14 -53.14 -0.84
C ILE CA 76 -21.26 -54.02 0.05
N ALA CA 77 -20.02 -54.23 -0.36
CA ALA CA 77 -19.18 -55.19 0.32
C ALA CA 77 -18.73 -54.64 1.66
N ALA CA 78 -19.11 -55.32 2.73
CA ALA CA 78 -18.47 -55.06 4.00
C ALA CA 78 -17.04 -55.57 3.96
N GLU CA 79 -16.22 -55.03 4.84
CA GLU CA 79 -14.79 -55.25 4.75
C GLU CA 79 -14.42 -56.62 5.30
N GLY CA 80 -13.72 -57.40 4.50
CA GLY CA 80 -13.33 -58.74 4.86
C GLY CA 80 -14.11 -59.81 4.11
N ILE CA 81 -15.10 -59.42 3.34
CA ILE CA 81 -15.86 -60.34 2.51
C ILE CA 81 -14.99 -60.77 1.35
N HIS CA 82 -15.00 -62.06 1.06
CA HIS CA 82 -14.24 -62.60 -0.05
C HIS CA 82 -15.18 -63.34 -0.98
N THR CA 83 -14.64 -63.78 -2.11
CA THR CA 83 -15.46 -64.46 -3.08
C THR CA 83 -15.55 -65.93 -2.71
N GLY CA 84 -16.69 -66.54 -3.01
CA GLY CA 84 -16.90 -67.90 -2.59
C GLY CA 84 -17.25 -68.01 -1.13
N GLN CA 85 -17.79 -66.96 -0.56
CA GLN CA 85 -18.20 -66.90 0.83
C GLN CA 85 -19.72 -66.95 0.86
N PHE CA 86 -20.27 -67.75 1.76
CA PHE CA 86 -21.72 -67.84 1.88
C PHE CA 86 -22.20 -66.63 2.66
N VAL CA 87 -23.26 -66.00 2.18
CA VAL CA 87 -23.80 -64.80 2.80
C VAL CA 87 -25.26 -65.10 3.15
N TYR CA 88 -25.61 -64.88 4.41
CA TYR CA 88 -26.92 -65.24 4.89
C TYR CA 88 -27.74 -63.98 5.11
N CYS CA 89 -29.05 -64.14 5.01
CA CYS CA 89 -29.92 -62.98 5.16
C CYS CA 89 -31.28 -63.41 5.65
N GLY CA 90 -31.68 -62.89 6.79
CA GLY CA 90 -32.95 -63.27 7.38
C GLY CA 90 -32.97 -62.97 8.85
N LYS CA 91 -34.10 -63.33 9.46
CA LYS CA 91 -34.28 -63.04 10.88
C LYS CA 91 -33.46 -64.00 11.74
N LYS CA 92 -33.22 -65.20 11.25
CA LYS CA 92 -32.52 -66.23 12.00
C LYS CA 92 -31.06 -66.38 11.64
N ALA CA 93 -30.52 -65.45 10.85
CA ALA CA 93 -29.12 -65.54 10.45
C ALA CA 93 -28.21 -65.23 11.63
N GLN CA 94 -26.95 -65.60 11.49
CA GLN CA 94 -26.00 -65.44 12.59
C GLN CA 94 -25.38 -64.06 12.56
N LEU CA 95 -24.72 -63.70 13.67
CA LEU CA 95 -24.15 -62.37 13.82
C LEU CA 95 -22.67 -62.44 13.50
N ASN CA 96 -22.35 -62.54 12.21
CA ASN CA 96 -20.99 -62.38 11.75
C ASN CA 96 -21.01 -61.48 10.52
N ILE CA 97 -19.87 -61.32 9.88
CA ILE CA 97 -19.66 -60.15 9.03
C ILE CA 97 -20.13 -60.42 7.61
N GLY CA 98 -20.96 -59.52 7.10
CA GLY CA 98 -21.43 -59.61 5.74
C GLY CA 98 -22.61 -60.54 5.68
N ASN CA 99 -23.57 -60.24 6.54
CA ASN CA 99 -24.61 -61.17 6.92
C ASN CA 99 -25.71 -60.26 7.40
N VAL CA 100 -26.77 -60.09 6.61
CA VAL CA 100 -27.72 -59.01 6.84
C VAL CA 100 -28.94 -59.55 7.54
N LEU CA 101 -29.14 -59.09 8.77
CA LEU CA 101 -30.21 -59.52 9.65
C LEU CA 101 -30.86 -58.26 10.19
N PRO CA 102 -32.12 -58.34 10.66
CA PRO CA 102 -32.78 -57.13 11.15
C PRO CA 102 -32.13 -56.60 12.42
N VAL CA 103 -32.26 -55.31 12.61
CA VAL CA 103 -31.48 -54.60 13.61
C VAL CA 103 -31.98 -54.93 15.01
N GLY CA 104 -33.28 -55.20 15.15
CA GLY CA 104 -33.81 -55.52 16.46
C GLY CA 104 -33.34 -56.87 17.01
N THR CA 105 -32.84 -57.73 16.13
CA THR CA 105 -32.35 -59.03 16.57
C THR CA 105 -30.93 -58.95 17.09
N MET CA 106 -30.06 -58.21 16.39
CA MET CA 106 -28.67 -58.16 16.75
C MET CA 106 -28.47 -57.32 18.01
N PRO CA 107 -27.44 -57.61 18.81
CA PRO CA 107 -27.33 -56.97 20.12
C PRO CA 107 -26.86 -55.53 20.04
N GLU CA 108 -26.80 -54.93 21.23
CA GLU CA 108 -26.32 -53.57 21.42
C GLU CA 108 -24.81 -53.50 21.15
N GLY CA 109 -24.36 -52.35 20.67
CA GLY CA 109 -22.95 -52.18 20.38
C GLY CA 109 -22.51 -52.86 19.11
N THR CA 110 -23.43 -53.12 18.19
CA THR CA 110 -23.14 -53.86 16.97
C THR CA 110 -22.85 -52.88 15.84
N ILE CA 111 -21.70 -53.05 15.20
CA ILE CA 111 -21.31 -52.25 14.06
C ILE CA 111 -21.98 -52.80 12.81
N VAL CA 112 -22.83 -51.97 12.19
CA VAL CA 112 -23.56 -52.37 11.00
C VAL CA 112 -23.17 -51.44 9.88
N CYS CA 113 -23.58 -51.77 8.67
CA CYS CA 113 -23.57 -50.82 7.57
C CYS CA 113 -24.69 -51.16 6.61
N CYS CA 114 -24.86 -50.29 5.61
CA CYS CA 114 -25.91 -50.36 4.58
C CYS CA 114 -27.28 -50.54 5.23
N LEU CA 115 -27.58 -49.63 6.15
CA LEU CA 115 -28.74 -49.74 7.02
C LEU CA 115 -29.96 -49.09 6.37
N GLU CA 116 -31.11 -49.70 6.58
CA GLU CA 116 -32.36 -49.17 6.08
C GLU CA 116 -32.85 -48.07 7.01
N GLU CA 117 -33.49 -47.05 6.45
CA GLU CA 117 -34.09 -46.03 7.31
C GLU CA 117 -35.56 -46.33 7.57
N LYS CA 118 -36.22 -47.02 6.65
CA LYS CA 118 -37.57 -47.51 6.84
C LYS CA 118 -37.59 -49.01 6.57
N PRO CA 119 -38.52 -49.75 7.18
CA PRO CA 119 -38.53 -51.20 6.95
C PRO CA 119 -38.94 -51.60 5.56
N GLY CA 120 -37.96 -51.98 4.76
CA GLY CA 120 -38.22 -52.44 3.41
C GLY CA 120 -37.35 -51.84 2.34
N ASP CA 121 -36.77 -50.65 2.58
CA ASP CA 121 -36.25 -49.90 1.45
C ASP CA 121 -34.81 -50.24 1.07
N ARG CA 122 -34.32 -51.42 1.41
CA ARG CA 122 -33.16 -52.06 0.78
C ARG CA 122 -31.84 -51.32 1.02
N GLY CA 123 -31.72 -50.55 2.09
CA GLY CA 123 -30.41 -50.12 2.55
C GLY CA 123 -30.02 -48.73 2.13
N LYS CA 124 -30.10 -47.78 3.06
CA LYS CA 124 -29.99 -46.36 2.76
C LYS CA 124 -28.94 -45.64 3.60
N LEU CA 125 -28.62 -46.15 4.77
CA LEU CA 125 -27.75 -45.42 5.69
C LEU CA 125 -26.40 -46.11 5.81
N ALA CA 126 -25.36 -45.30 6.04
CA ALA CA 126 -24.01 -45.74 6.42
C ALA CA 126 -23.40 -46.67 5.37
N ARG CA 127 -23.44 -46.22 4.13
CA ARG CA 127 -23.09 -47.11 3.04
C ARG CA 127 -22.20 -46.42 2.01
N ALA CA 128 -21.45 -45.42 2.47
CA ALA CA 128 -20.30 -44.90 1.75
C ALA CA 128 -19.07 -45.57 2.34
N SER CA 129 -17.93 -45.38 1.69
CA SER CA 129 -16.74 -46.19 1.93
C SER CA 129 -16.17 -45.93 3.31
N GLY CA 130 -15.99 -46.99 4.08
CA GLY CA 130 -15.42 -46.90 5.41
C GLY CA 130 -16.41 -46.64 6.51
N ASN CA 131 -17.63 -46.25 6.16
CA ASN CA 131 -18.62 -45.83 7.14
C ASN CA 131 -19.34 -47.02 7.74
N TYR CA 132 -19.98 -46.76 8.87
CA TYR CA 132 -20.71 -47.77 9.62
C TYR CA 132 -21.71 -47.06 10.51
N ALA CA 133 -22.49 -47.84 11.25
CA ALA CA 133 -23.39 -47.32 12.26
C ALA CA 133 -23.49 -48.34 13.38
N THR CA 134 -23.89 -47.88 14.57
CA THR CA 134 -23.96 -48.76 15.73
C THR CA 134 -25.40 -48.91 16.20
N VAL CA 135 -25.66 -49.98 16.94
CA VAL CA 135 -26.92 -50.14 17.65
C VAL CA 135 -26.74 -49.65 19.08
N ILE CA 136 -27.63 -48.77 19.53
CA ILE CA 136 -27.48 -48.10 20.82
C ILE CA 136 -28.38 -48.74 21.88
N SER CA 137 -29.64 -48.98 21.54
CA SER CA 137 -30.57 -49.57 22.49
C SER CA 137 -31.74 -50.14 21.71
N HIS CA 138 -32.47 -51.04 22.34
CA HIS CA 138 -33.71 -51.55 21.77
C HIS CA 138 -34.87 -51.14 22.66
N ASN CA 139 -36.03 -50.99 22.02
CA ASN CA 139 -37.28 -50.76 22.74
C ASN CA 139 -38.24 -51.81 22.25
N PRO CA 140 -38.36 -52.94 22.97
CA PRO CA 140 -39.11 -54.08 22.42
C PRO CA 140 -40.60 -53.87 22.40
N GLU CA 141 -41.14 -53.16 23.39
CA GLU CA 141 -42.44 -52.53 23.20
C GLU CA 141 -42.24 -51.30 22.32
N THR CA 142 -43.19 -51.08 21.40
CA THR CA 142 -43.22 -50.13 20.27
C THR CA 142 -42.28 -50.52 19.14
N LYS CA 143 -41.43 -51.54 19.36
CA LYS CA 143 -40.61 -52.21 18.35
C LYS CA 143 -39.68 -51.23 17.62
N LYS CA 144 -38.86 -50.53 18.39
CA LYS CA 144 -37.95 -49.55 17.82
C LYS CA 144 -36.57 -49.63 18.46
N THR CA 145 -35.61 -49.01 17.78
CA THR CA 145 -34.19 -49.19 18.03
C THR CA 145 -33.49 -47.87 17.78
N ARG CA 146 -32.56 -47.48 18.66
CA ARG CA 146 -31.74 -46.31 18.41
C ARG CA 146 -30.45 -46.70 17.71
N VAL CA 147 -30.08 -45.90 16.72
CA VAL CA 147 -28.85 -46.06 15.94
C VAL CA 147 -28.15 -44.72 15.95
N LYS CA 148 -26.82 -44.71 16.17
CA LYS CA 148 -26.07 -43.51 15.83
C LYS CA 148 -25.46 -43.66 14.43
N LEU CA 149 -25.61 -42.63 13.65
CA LEU CA 149 -25.23 -42.62 12.25
C LEU CA 149 -23.80 -42.13 12.13
N PRO CA 150 -23.14 -42.27 10.97
CA PRO CA 150 -21.74 -41.82 10.87
C PRO CA 150 -21.52 -40.31 11.03
N SER CA 151 -22.57 -39.49 11.02
CA SER CA 151 -22.39 -38.08 11.33
C SER CA 151 -22.34 -37.85 12.83
N GLY CA 152 -22.76 -38.82 13.61
CA GLY CA 152 -22.83 -38.71 15.04
C GLY CA 152 -24.22 -38.44 15.55
N SER CA 153 -25.18 -38.24 14.65
CA SER CA 153 -26.56 -38.07 15.08
C SER CA 153 -27.11 -39.42 15.47
N LYS CA 154 -27.81 -39.46 16.59
CA LYS CA 154 -28.48 -40.68 17.02
C LYS CA 154 -29.90 -40.64 16.49
N LYS CA 155 -30.41 -41.80 16.06
CA LYS CA 155 -31.67 -41.84 15.34
C LYS CA 155 -32.52 -43.01 15.80
N VAL CA 156 -33.81 -42.76 15.98
CA VAL CA 156 -34.77 -43.81 16.33
C VAL CA 156 -35.32 -44.43 15.05
N ILE CA 157 -35.18 -45.73 14.94
CA ILE CA 157 -35.46 -46.51 13.75
C ILE CA 157 -36.19 -47.76 14.19
N SER CA 158 -37.11 -48.25 13.38
CA SER CA 158 -37.87 -49.44 13.71
C SER CA 158 -36.97 -50.66 13.78
N SER CA 159 -37.45 -51.68 14.49
CA SER CA 159 -36.61 -52.85 14.70
C SER CA 159 -36.80 -53.89 13.62
N ALA CA 160 -37.64 -53.59 12.63
CA ALA CA 160 -37.87 -54.52 11.55
C ALA CA 160 -36.83 -54.39 10.45
N ASN CA 161 -36.22 -53.22 10.32
CA ASN CA 161 -35.34 -53.02 9.19
C ASN CA 161 -33.93 -53.51 9.52
N ARG CA 162 -33.11 -53.63 8.49
CA ARG CA 162 -31.95 -54.49 8.52
C ARG CA 162 -30.72 -53.83 7.91
N ALA CA 163 -29.60 -54.54 7.99
CA ALA CA 163 -28.29 -54.00 7.69
C ALA CA 163 -27.29 -55.14 7.63
N VAL CA 164 -26.30 -55.04 6.72
CA VAL CA 164 -25.15 -55.94 6.78
C VAL CA 164 -24.29 -55.58 7.97
N VAL CA 165 -23.46 -56.52 8.38
CA VAL CA 165 -22.66 -56.37 9.58
C VAL CA 165 -21.22 -56.10 9.22
N GLY CA 166 -20.67 -55.00 9.73
CA GLY CA 166 -19.30 -54.62 9.50
C GLY CA 166 -19.18 -53.22 8.92
N VAL CA 167 -17.94 -52.78 8.75
CA VAL CA 167 -17.69 -51.50 8.10
C VAL CA 167 -17.73 -51.69 6.59
N VAL CA 168 -18.04 -50.63 5.87
CA VAL CA 168 -17.99 -50.66 4.41
C VAL CA 168 -16.54 -50.72 3.97
N ALA CA 169 -16.24 -51.56 2.98
CA ALA CA 169 -14.88 -51.74 2.52
C ALA CA 169 -14.39 -50.50 1.78
N GLY CA 170 -13.07 -50.43 1.63
CA GLY CA 170 -12.45 -49.26 1.04
C GLY CA 170 -12.25 -48.14 2.03
N GLY CA 171 -11.96 -48.47 3.28
CA GLY CA 171 -11.88 -47.45 4.30
C GLY CA 171 -10.57 -46.69 4.26
N GLY CA 172 -10.63 -45.45 4.69
CA GLY CA 172 -9.46 -44.60 4.71
C GLY CA 172 -9.09 -44.04 3.36
N ARG CA 173 -10.05 -43.96 2.43
CA ARG CA 173 -9.77 -43.44 1.09
C ARG CA 173 -9.43 -41.96 1.13
N ILE CA 174 -10.00 -41.22 2.06
CA ILE CA 174 -9.74 -39.79 2.17
C ILE CA 174 -8.41 -39.45 2.81
N ASP CA 175 -7.61 -40.45 3.20
CA ASP CA 175 -6.33 -40.16 3.85
C ASP CA 175 -5.27 -39.75 2.85
N LYS CA 176 -5.31 -40.31 1.65
CA LYS CA 176 -4.30 -39.99 0.65
C LYS CA 176 -4.55 -38.61 0.09
N PRO CA 177 -3.55 -37.73 0.05
CA PRO CA 177 -3.70 -36.47 -0.66
C PRO CA 177 -3.88 -36.71 -2.14
N ILE CA 178 -4.87 -36.04 -2.71
CA ILE CA 178 -4.88 -35.83 -4.14
C ILE CA 178 -3.67 -34.96 -4.39
N LEU CA 179 -2.69 -35.43 -5.14
CA LEU CA 179 -1.50 -34.61 -5.26
C LEU CA 179 -1.67 -33.53 -6.31
N LYS CA 180 -2.27 -33.89 -7.42
CA LYS CA 180 -2.25 -33.05 -8.59
C LYS CA 180 -3.67 -32.91 -9.11
N ALA CA 181 -3.89 -31.81 -9.84
CA ALA CA 181 -5.23 -31.44 -10.29
C ALA CA 181 -5.82 -32.45 -11.25
N GLY CA 182 -4.98 -33.19 -11.96
CA GLY CA 182 -5.50 -34.21 -12.85
C GLY CA 182 -6.12 -35.39 -12.13
N ARG CA 183 -5.63 -35.70 -10.92
CA ARG CA 183 -6.25 -36.76 -10.13
C ARG CA 183 -7.66 -36.35 -9.69
N ALA CA 184 -7.87 -35.07 -9.42
CA ALA CA 184 -9.21 -34.59 -9.11
C ALA CA 184 -10.08 -34.55 -10.35
N TYR CA 185 -9.48 -34.24 -11.50
CA TYR CA 185 -10.16 -34.33 -12.79
C TYR CA 185 -10.70 -35.73 -13.01
N HIS CA 186 -9.86 -36.74 -12.80
CA HIS CA 186 -10.31 -38.11 -13.01
C HIS CA 186 -11.20 -38.60 -11.89
N LYS CA 187 -11.14 -38.00 -10.71
CA LYS CA 187 -12.09 -38.35 -9.66
C LYS CA 187 -13.49 -37.86 -10.02
N TYR CA 188 -13.62 -36.61 -10.43
CA TYR CA 188 -14.96 -36.10 -10.69
C TYR CA 188 -15.43 -36.33 -12.13
N LYS CA 189 -14.58 -36.84 -13.01
CA LYS CA 189 -15.05 -37.20 -14.34
C LYS CA 189 -15.92 -38.44 -14.28
N ALA CA 190 -15.69 -39.29 -13.29
CA ALA CA 190 -16.54 -40.46 -13.11
C ALA CA 190 -17.82 -40.10 -12.36
N LYS CA 191 -17.84 -38.97 -11.65
CA LYS CA 191 -19.02 -38.70 -10.83
C LYS CA 191 -20.05 -37.75 -11.45
N ARG CA 192 -19.72 -36.48 -11.67
CA ARG CA 192 -20.57 -35.52 -12.39
C ARG CA 192 -19.76 -34.28 -12.67
N ASN CA 193 -20.31 -33.38 -13.50
CA ASN CA 193 -19.71 -32.09 -13.82
C ASN CA 193 -19.80 -31.17 -12.61
N CYS CA 194 -18.76 -31.19 -11.78
CA CYS CA 194 -18.73 -30.24 -10.69
C CYS CA 194 -17.35 -29.70 -10.37
N TRP CA 195 -16.31 -30.09 -11.10
CA TRP CA 195 -15.05 -29.94 -10.43
C TRP CA 195 -14.33 -28.59 -10.56
N PRO CA 196 -14.08 -27.99 -11.75
CA PRO CA 196 -13.32 -26.73 -11.72
C PRO CA 196 -14.19 -25.63 -11.17
N ARG CA 197 -14.13 -25.52 -9.85
CA ARG CA 197 -14.94 -24.66 -8.99
C ARG CA 197 -14.40 -23.23 -9.02
N VAL CA 198 -14.98 -22.38 -9.84
CA VAL CA 198 -14.66 -20.95 -9.78
C VAL CA 198 -15.29 -20.38 -8.53
N ARG CA 199 -14.53 -19.65 -7.74
CA ARG CA 199 -15.11 -18.98 -6.60
C ARG CA 199 -15.79 -17.72 -7.09
N GLY CA 200 -17.00 -17.47 -6.60
CA GLY CA 200 -17.85 -16.37 -7.06
C GLY CA 200 -17.31 -15.01 -6.73
N VAL CA 201 -16.33 -14.94 -5.86
CA VAL CA 201 -15.54 -13.74 -5.64
C VAL CA 201 -14.85 -13.29 -6.94
N ALA CA 202 -14.47 -14.23 -7.79
CA ALA CA 202 -13.72 -13.92 -9.00
C ALA CA 202 -14.63 -13.58 -10.18
N MET CA 203 -15.94 -13.57 -9.98
CA MET CA 203 -16.87 -13.40 -11.08
C MET CA 203 -17.30 -11.94 -11.22
N ASN CA 204 -18.13 -11.69 -12.22
CA ASN CA 204 -18.79 -10.41 -12.37
C ASN CA 204 -20.11 -10.46 -11.64
N PRO CA 205 -20.70 -9.31 -11.27
CA PRO CA 205 -21.91 -9.38 -10.44
C PRO CA 205 -23.20 -9.68 -11.18
N VAL CA 206 -23.19 -9.94 -12.49
CA VAL CA 206 -24.29 -10.71 -13.07
C VAL CA 206 -24.39 -12.09 -12.46
N GLU CA 207 -23.37 -12.93 -12.64
CA GLU CA 207 -23.52 -14.35 -12.41
C GLU CA 207 -23.28 -14.77 -10.98
N HIS CA 208 -23.18 -13.83 -10.04
CA HIS CA 208 -23.00 -14.19 -8.64
C HIS CA 208 -23.36 -13.02 -7.74
N PRO CA 209 -23.86 -13.28 -6.53
CA PRO CA 209 -24.06 -12.19 -5.56
C PRO CA 209 -22.78 -11.69 -4.92
N PHE CA 210 -21.64 -12.33 -5.18
CA PHE CA 210 -20.40 -11.85 -4.57
C PHE CA 210 -19.45 -11.18 -5.57
N GLY CA 211 -19.78 -11.13 -6.85
CA GLY CA 211 -18.81 -10.71 -7.84
C GLY CA 211 -18.68 -9.21 -7.93
N GLY CA 212 -17.62 -8.78 -8.59
CA GLY CA 212 -17.42 -7.38 -8.86
C GLY CA 212 -16.53 -6.69 -7.84
N GLY CA 213 -16.34 -5.40 -8.06
CA GLY CA 213 -15.49 -4.61 -7.20
C GLY CA 213 -14.06 -4.58 -7.69
N ASN CA 214 -13.35 -3.53 -7.29
CA ASN CA 214 -12.00 -3.33 -7.79
C ASN CA 214 -11.00 -4.16 -7.00
N HIS CA 215 -11.41 -4.66 -5.84
CA HIS CA 215 -10.71 -5.74 -5.15
C HIS CA 215 -11.56 -7.00 -5.22
N GLN CA 216 -11.00 -8.11 -4.78
CA GLN CA 216 -11.81 -9.31 -4.65
C GLN CA 216 -12.20 -9.45 -3.19
N HIS CA 217 -13.34 -8.86 -2.85
CA HIS CA 217 -13.88 -8.92 -1.51
C HIS CA 217 -15.32 -9.37 -1.61
N ILE CA 218 -15.85 -9.93 -0.53
CA ILE CA 218 -17.25 -10.33 -0.55
C ILE CA 218 -18.16 -9.12 -0.44
N GLY CA 219 -17.91 -8.27 0.54
CA GLY CA 219 -18.61 -7.01 0.66
C GLY CA 219 -19.80 -7.05 1.59
N LYS CA 220 -20.55 -8.12 1.51
CA LYS CA 220 -21.72 -8.43 2.32
C LYS CA 220 -21.38 -9.63 3.18
N PRO CA 221 -22.10 -9.85 4.28
CA PRO CA 221 -21.80 -11.04 5.11
C PRO CA 221 -22.03 -12.34 4.36
N SER CA 222 -21.08 -13.26 4.48
CA SER CA 222 -21.14 -14.49 3.71
C SER CA 222 -22.09 -15.48 4.33
N THR CA 223 -22.45 -15.27 5.59
CA THR CA 223 -23.50 -16.05 6.22
C THR CA 223 -24.86 -15.51 5.80
N ILE CA 224 -25.78 -16.41 5.49
CA ILE CA 224 -27.07 -15.98 4.95
C ILE CA 224 -28.18 -16.86 5.52
N ARG CA 225 -29.37 -16.28 5.63
CA ARG CA 225 -30.56 -16.96 6.10
C ARG CA 225 -31.00 -18.01 5.10
N ARG CA 226 -31.94 -18.87 5.50
CA ARG CA 226 -32.45 -19.82 4.52
C ARG CA 226 -33.86 -19.49 4.07
N ASP CA 227 -34.47 -18.45 4.62
CA ASP CA 227 -35.67 -17.87 4.01
C ASP CA 227 -35.18 -16.87 2.97
N ALA CA 228 -34.50 -17.39 1.95
CA ALA CA 228 -33.73 -16.61 1.02
C ALA CA 228 -33.83 -17.26 -0.34
N PRO CA 229 -34.04 -16.48 -1.38
CA PRO CA 229 -34.28 -17.08 -2.69
C PRO CA 229 -33.05 -17.73 -3.28
N ALA CA 230 -33.28 -18.47 -4.34
CA ALA CA 230 -32.19 -19.08 -5.09
C ALA CA 230 -31.55 -17.99 -5.95
N GLY CA 231 -30.26 -17.80 -5.78
CA GLY CA 231 -29.57 -16.72 -6.44
C GLY CA 231 -28.86 -15.89 -5.42
N ARG CA 232 -29.50 -15.72 -4.27
CA ARG CA 232 -28.86 -15.08 -3.16
C ARG CA 232 -28.35 -16.10 -2.17
N LYS CA 233 -28.98 -17.28 -2.12
CA LYS CA 233 -28.63 -18.27 -1.11
C LYS CA 233 -27.28 -18.91 -1.44
N VAL CA 234 -26.22 -18.25 -1.01
CA VAL CA 234 -24.84 -18.52 -1.41
C VAL CA 234 -23.93 -18.21 -0.23
N GLY CA 235 -23.04 -19.13 0.06
CA GLY CA 235 -22.03 -18.89 1.09
C GLY CA 235 -22.24 -19.86 2.23
N LEU CA 236 -22.23 -19.33 3.44
CA LEU CA 236 -22.44 -20.15 4.62
C LEU CA 236 -23.93 -20.17 4.89
N ILE CA 237 -24.61 -21.22 4.44
CA ILE CA 237 -26.07 -21.27 4.44
C ILE CA 237 -26.52 -21.53 5.88
N ALA CA 238 -27.26 -20.58 6.46
CA ALA CA 238 -27.95 -20.71 7.75
C ALA CA 238 -27.00 -21.06 8.88
N ALA CA 239 -25.85 -20.40 8.86
CA ALA CA 239 -24.71 -20.77 9.70
C ALA CA 239 -24.97 -20.41 11.15
N ARG CA 240 -24.89 -21.41 12.03
CA ARG CA 240 -25.16 -21.15 13.45
C ARG CA 240 -23.94 -20.53 14.12
N ARG CA 241 -22.86 -21.29 14.19
CA ARG CA 241 -21.53 -20.83 14.49
C ARG CA 241 -20.83 -20.64 13.16
N THR CA 242 -19.91 -19.70 13.08
CA THR CA 242 -19.11 -19.57 11.86
C THR CA 242 -17.70 -19.05 12.09
N GLY CA 243 -16.76 -19.96 12.30
CA GLY CA 243 -15.37 -19.57 12.47
C GLY CA 243 -14.52 -20.80 12.63
N ARG CA 244 -13.24 -20.58 12.90
CA ARG CA 244 -12.33 -21.70 13.17
C ARG CA 244 -12.79 -22.42 14.43
N LEU CA 245 -13.06 -23.71 14.31
CA LEU CA 245 -13.83 -24.43 15.31
C LEU CA 245 -12.93 -24.83 16.46
N ARG CA 246 -12.91 -24.03 17.52
CA ARG CA 246 -12.11 -24.29 18.69
C ARG CA 246 -12.93 -25.10 19.69
N GLY CA 247 -12.46 -26.29 20.03
CA GLY CA 247 -13.18 -27.13 20.97
C GLY CA 247 -14.11 -28.10 20.26
N THR CA 248 -15.07 -28.64 21.00
CA THR CA 248 -16.03 -29.61 20.48
C THR CA 248 -16.95 -29.03 19.41
N SER DA 1 8.42 24.49 -30.38
CA SER DA 1 9.49 24.95 -29.51
C SER DA 1 10.77 24.85 -30.29
N HIS DA 2 11.89 25.18 -29.67
CA HIS DA 2 13.13 25.22 -30.42
C HIS DA 2 13.71 23.82 -30.54
N ARG DA 3 14.62 23.68 -31.49
CA ARG DA 3 15.51 22.52 -31.53
C ARG DA 3 16.33 22.46 -30.25
N LYS DA 4 16.31 21.30 -29.59
CA LYS DA 4 16.91 21.11 -28.27
C LYS DA 4 18.39 21.37 -28.26
N PHE DA 5 19.13 20.52 -28.96
CA PHE DA 5 20.57 20.61 -29.06
C PHE DA 5 20.87 21.16 -30.43
N SER DA 6 21.57 22.28 -30.47
CA SER DA 6 21.95 22.91 -31.73
C SER DA 6 22.95 22.05 -32.48
N ALA DA 7 22.90 22.13 -33.80
CA ALA DA 7 23.78 21.39 -34.67
C ALA DA 7 24.05 22.20 -35.92
N PRO DA 8 25.21 21.99 -36.57
CA PRO DA 8 25.40 22.56 -37.89
C PRO DA 8 24.51 21.90 -38.93
N ARG DA 9 24.49 22.48 -40.11
CA ARG DA 9 23.53 22.08 -41.12
C ARG DA 9 24.17 21.14 -42.13
N HIS DA 10 23.40 20.17 -42.62
CA HIS DA 10 23.90 19.20 -43.58
C HIS DA 10 23.90 19.81 -44.97
N GLY DA 11 25.08 19.97 -45.55
CA GLY DA 11 25.20 20.42 -46.91
C GLY DA 11 25.41 21.92 -46.98
N SER DA 12 25.76 22.36 -48.18
CA SER DA 12 25.98 23.77 -48.41
C SER DA 12 24.91 24.25 -49.37
N LEU DA 13 24.36 25.44 -49.10
CA LEU DA 13 23.38 26.00 -50.03
C LEU DA 13 24.05 26.89 -51.06
N GLY DA 14 25.38 26.95 -51.07
CA GLY DA 14 26.05 27.67 -52.13
C GLY DA 14 26.11 26.90 -53.41
N PHE DA 15 26.02 25.58 -53.35
CA PHE DA 15 26.04 24.72 -54.51
C PHE DA 15 24.65 24.19 -54.85
N LEU DA 16 23.59 24.88 -54.43
CA LEU DA 16 22.30 24.20 -54.25
C LEU DA 16 21.50 23.80 -55.47
N PRO DA 17 21.64 24.40 -56.68
CA PRO DA 17 20.86 23.72 -57.75
C PRO DA 17 21.58 22.45 -58.16
N ARG DA 18 21.36 21.39 -57.37
CA ARG DA 18 22.13 20.17 -57.50
C ARG DA 18 21.53 19.32 -58.61
N LYS DA 19 21.78 19.78 -59.82
CA LYS DA 19 21.26 19.20 -61.03
C LYS DA 19 22.42 18.62 -61.82
N ARG DA 20 22.10 17.92 -62.88
CA ARG DA 20 23.13 17.54 -63.83
C ARG DA 20 23.66 18.79 -64.49
N SER DA 21 24.97 18.81 -64.70
CA SER DA 21 25.62 19.92 -65.37
C SER DA 21 25.08 20.06 -66.78
N SER DA 22 24.81 21.31 -67.18
CA SER DA 22 24.32 21.57 -68.54
C SER DA 22 25.45 21.52 -69.54
N ARG DA 23 26.68 21.43 -69.06
CA ARG DA 23 27.86 21.34 -69.90
C ARG DA 23 28.65 20.10 -69.51
N HIS DA 24 29.28 19.48 -70.50
CA HIS DA 24 30.18 18.38 -70.20
C HIS DA 24 31.57 18.88 -69.88
N ARG DA 25 32.00 19.93 -70.55
CA ARG DA 25 33.30 20.51 -70.33
C ARG DA 25 33.22 21.72 -69.41
N GLY DA 26 34.05 21.73 -68.38
CA GLY DA 26 34.08 22.79 -67.40
C GLY DA 26 34.35 24.19 -67.93
N LYS DA 27 33.37 25.07 -67.79
CA LYS DA 27 33.51 26.46 -68.20
C LYS DA 27 34.36 27.23 -67.21
N VAL DA 28 35.28 28.03 -67.73
CA VAL DA 28 35.96 29.04 -66.93
C VAL DA 28 34.95 30.14 -66.65
N LYS DA 29 34.42 30.17 -65.42
CA LYS DA 29 33.43 31.18 -65.06
C LYS DA 29 34.07 32.55 -64.92
N SER DA 30 35.36 32.59 -64.61
CA SER DA 30 36.08 33.84 -64.44
C SER DA 30 37.53 33.63 -64.83
N PHE DA 31 38.01 34.44 -65.74
CA PHE DA 31 39.41 34.47 -66.09
C PHE DA 31 40.16 35.42 -65.18
N PRO DA 32 41.48 35.25 -65.02
CA PRO DA 32 42.24 36.20 -64.20
C PRO DA 32 42.26 37.60 -64.79
N LYS DA 33 42.29 38.58 -63.91
CA LYS DA 33 42.27 39.98 -64.31
C LYS DA 33 43.65 40.37 -64.83
N ASP DA 34 43.70 40.98 -66.01
CA ASP DA 34 45.01 41.26 -66.57
C ASP DA 34 45.55 42.60 -66.10
N ASP DA 35 46.86 42.77 -66.31
CA ASP DA 35 47.53 44.03 -66.23
C ASP DA 35 48.47 44.07 -67.42
N PRO DA 36 48.61 45.22 -68.08
CA PRO DA 36 49.53 45.29 -69.24
C PRO DA 36 51.01 45.30 -68.87
N SER DA 37 51.37 45.20 -67.59
CA SER DA 37 52.77 45.08 -67.22
C SER DA 37 53.32 43.71 -67.61
N LYS DA 38 52.46 42.70 -67.61
CA LYS DA 38 52.87 41.35 -67.96
C LYS DA 38 53.04 41.23 -69.48
N PRO DA 39 53.76 40.22 -69.95
CA PRO DA 39 53.75 39.91 -71.38
C PRO DA 39 52.49 39.14 -71.73
N VAL DA 40 52.26 38.94 -73.03
CA VAL DA 40 51.03 38.27 -73.45
C VAL DA 40 51.18 36.77 -73.29
N HIS DA 41 50.12 36.14 -72.77
CA HIS DA 41 50.15 34.72 -72.47
C HIS DA 41 48.74 34.17 -72.46
N LEU DA 42 48.65 32.84 -72.42
CA LEU DA 42 47.39 32.18 -72.17
C LEU DA 42 47.17 32.01 -70.67
N THR DA 43 45.91 31.91 -70.28
CA THR DA 43 45.50 31.80 -68.89
C THR DA 43 44.75 30.51 -68.60
N ALA DA 44 44.72 29.58 -69.54
CA ALA DA 44 43.94 28.37 -69.38
C ALA DA 44 44.43 27.31 -70.36
N PHE DA 45 44.14 26.06 -70.03
CA PHE DA 45 44.50 24.96 -70.89
C PHE DA 45 43.51 23.84 -70.65
N LEU DA 46 43.45 22.87 -71.57
CA LEU DA 46 42.38 21.88 -71.58
C LEU DA 46 42.99 20.49 -71.68
N GLY DA 47 42.92 19.74 -70.57
CA GLY DA 47 43.50 18.41 -70.49
C GLY DA 47 42.52 17.36 -70.02
N TYR DA 48 43.03 16.13 -69.87
CA TYR DA 48 42.19 14.95 -69.71
C TYR DA 48 42.68 14.13 -68.55
N LYS DA 49 41.77 13.80 -67.63
CA LYS DA 49 42.17 13.06 -66.44
C LYS DA 49 42.56 11.65 -66.79
N ALA DA 50 43.86 11.37 -66.74
CA ALA DA 50 44.39 10.06 -67.07
C ALA DA 50 44.21 9.09 -65.92
N GLY DA 51 44.86 9.36 -64.80
CA GLY DA 51 44.72 8.51 -63.64
C GLY DA 51 45.43 9.10 -62.45
N MET DA 52 45.87 8.24 -61.54
CA MET DA 52 46.40 8.59 -60.25
C MET DA 52 47.65 7.76 -59.99
N THR DA 53 48.55 8.26 -59.13
CA THR DA 53 49.65 7.45 -58.57
C THR DA 53 50.18 8.12 -57.31
N HIS DA 54 51.26 7.56 -56.76
CA HIS DA 54 51.97 8.18 -55.65
C HIS DA 54 53.08 9.07 -56.17
N ILE DA 55 53.69 9.79 -55.24
CA ILE DA 55 54.95 10.46 -55.49
C ILE DA 55 55.72 10.32 -54.20
N VAL DA 56 57.04 10.40 -54.26
CA VAL DA 56 57.84 10.51 -53.03
C VAL DA 56 58.76 11.71 -53.21
N ARG DA 57 58.82 12.57 -52.21
CA ARG DA 57 59.60 13.78 -52.34
C ARG DA 57 60.05 14.24 -50.98
N GLU DA 58 61.15 14.99 -50.94
CA GLU DA 58 61.60 15.63 -49.72
C GLU DA 58 60.74 16.87 -49.47
N VAL DA 59 60.45 17.14 -48.22
CA VAL DA 59 59.70 18.33 -47.84
C VAL DA 59 60.66 19.32 -47.22
N ASP DA 60 60.66 20.54 -47.73
CA ASP DA 60 61.42 21.63 -47.11
C ASP DA 60 60.45 22.71 -46.68
N ARG DA 61 59.86 22.54 -45.50
CA ARG DA 61 59.17 23.64 -44.83
C ARG DA 61 59.73 23.69 -43.41
N PRO DA 62 60.25 24.83 -43.00
CA PRO DA 62 60.90 24.91 -41.69
C PRO DA 62 59.88 25.02 -40.56
N GLY DA 63 60.11 24.27 -39.50
CA GLY DA 63 59.24 24.31 -38.35
C GLY DA 63 58.33 23.12 -38.24
N SER DA 64 58.10 22.43 -39.36
CA SER DA 64 57.23 21.27 -39.32
C SER DA 64 57.94 20.06 -38.75
N LYS DA 65 57.14 19.04 -38.47
CA LYS DA 65 57.68 17.79 -37.97
C LYS DA 65 58.10 16.89 -39.12
N VAL DA 66 57.87 17.34 -40.34
CA VAL DA 66 58.13 16.56 -41.55
C VAL DA 66 59.11 17.36 -42.40
N ASN DA 67 59.86 18.25 -41.75
CA ASN DA 67 60.93 18.98 -42.41
C ASN DA 67 62.05 18.00 -42.75
N LYS DA 68 62.50 18.07 -44.00
CA LYS DA 68 63.58 17.25 -44.55
C LYS DA 68 63.27 15.76 -44.44
N LYS DA 69 61.99 15.43 -44.59
CA LYS DA 69 61.52 14.05 -44.56
C LYS DA 69 60.86 13.74 -45.89
N GLU DA 70 60.70 12.46 -46.17
CA GLU DA 70 60.15 11.98 -47.45
C GLU DA 70 58.71 11.58 -47.22
N VAL DA 71 57.78 12.33 -47.82
CA VAL DA 71 56.36 12.02 -47.79
C VAL DA 71 55.96 11.20 -49.00
N VAL DA 72 54.77 10.59 -48.96
CA VAL DA 72 54.14 10.20 -50.20
C VAL DA 72 52.90 11.08 -50.40
N GLU DA 73 52.63 11.38 -51.66
CA GLU DA 73 51.58 12.31 -52.04
C GLU DA 73 50.82 11.67 -53.18
N ALA DA 74 49.51 11.55 -53.03
CA ALA DA 74 48.67 11.17 -54.16
C ALA DA 74 48.68 12.29 -55.18
N VAL DA 75 48.84 11.93 -56.45
CA VAL DA 75 48.85 12.89 -57.55
C VAL DA 75 47.88 12.39 -58.61
N THR DA 76 47.30 13.31 -59.39
CA THR DA 76 46.58 12.97 -60.60
C THR DA 76 47.48 13.26 -61.78
N ILE DA 77 47.35 12.50 -62.84
CA ILE DA 77 48.02 12.81 -64.11
C ILE DA 77 46.96 13.28 -65.08
N VAL DA 78 47.20 14.41 -65.70
CA VAL DA 78 46.27 15.00 -66.66
C VAL DA 78 46.98 14.98 -68.01
N GLU DA 79 46.49 14.17 -68.94
CA GLU DA 79 47.16 14.11 -70.24
C GLU DA 79 46.77 15.32 -71.08
N THR DA 80 47.76 16.12 -71.42
CA THR DA 80 47.55 17.40 -72.08
C THR DA 80 48.33 17.48 -73.38
N PRO DA 81 47.82 16.88 -74.46
CA PRO DA 81 48.40 17.12 -75.77
C PRO DA 81 48.18 18.56 -76.17
N PRO DA 82 49.05 19.14 -77.00
CA PRO DA 82 49.02 20.59 -77.23
C PRO DA 82 47.79 21.03 -78.01
N MET DA 83 47.21 22.16 -77.61
CA MET DA 83 46.02 22.66 -78.27
C MET DA 83 46.39 23.45 -79.51
N VAL DA 84 45.45 23.52 -80.45
CA VAL DA 84 45.65 24.17 -81.74
C VAL DA 84 44.73 25.38 -81.80
N VAL DA 85 45.30 26.53 -82.15
CA VAL DA 85 44.57 27.79 -82.10
C VAL DA 85 43.96 28.09 -83.48
N VAL DA 86 42.63 28.18 -83.53
CA VAL DA 86 41.91 28.26 -84.80
C VAL DA 86 40.97 29.46 -84.87
N GLY DA 87 41.08 30.39 -83.94
CA GLY DA 87 40.18 31.51 -83.96
C GLY DA 87 40.47 32.46 -82.83
N ILE DA 88 40.09 33.70 -83.04
CA ILE DA 88 40.17 34.75 -82.02
C ILE DA 88 38.78 35.34 -81.88
N VAL DA 89 38.50 35.91 -80.72
CA VAL DA 89 37.24 36.62 -80.52
C VAL DA 89 37.49 37.78 -79.57
N GLY DA 90 36.90 38.93 -79.87
CA GLY DA 90 37.03 40.07 -78.98
C GLY DA 90 35.74 40.45 -78.34
N TYR DA 91 35.85 41.04 -77.15
CA TYR DA 91 34.70 41.36 -76.32
C TYR DA 91 34.73 42.85 -76.03
N VAL DA 92 33.63 43.52 -76.27
CA VAL DA 92 33.51 44.93 -75.97
C VAL DA 92 32.91 45.06 -74.57
N GLU DA 93 33.34 46.08 -73.84
CA GLU DA 93 32.80 46.33 -72.51
C GLU DA 93 31.57 47.22 -72.63
N THR DA 94 30.44 46.71 -72.18
CA THR DA 94 29.13 47.33 -72.31
C THR DA 94 28.57 47.61 -70.93
N PRO DA 95 27.58 48.49 -70.80
CA PRO DA 95 26.94 48.65 -69.48
C PRO DA 95 25.96 47.54 -69.13
N ARG DA 96 25.76 46.57 -70.02
CA ARG DA 96 24.88 45.44 -69.72
C ARG DA 96 25.70 44.19 -69.43
N GLY DA 97 26.96 44.18 -69.84
CA GLY DA 97 27.82 43.04 -69.59
C GLY DA 97 29.10 43.16 -70.37
N LEU DA 98 29.41 42.09 -71.11
CA LEU DA 98 30.62 42.04 -71.91
C LEU DA 98 30.33 41.24 -73.17
N ARG DA 99 29.95 41.96 -74.21
CA ARG DA 99 29.32 41.32 -75.36
C ARG DA 99 30.37 40.85 -76.36
N THR DA 100 30.15 39.68 -76.93
CA THR DA 100 31.06 39.21 -77.96
C THR DA 100 30.90 40.04 -79.23
N PHE DA 101 31.99 40.66 -79.65
CA PHE DA 101 31.99 41.71 -80.66
C PHE DA 101 32.12 41.13 -82.06
N LYS DA 102 33.16 40.32 -82.29
CA LYS DA 102 33.44 39.80 -83.62
C LYS DA 102 34.33 38.58 -83.48
N THR DA 103 33.96 37.48 -84.13
CA THR DA 103 34.76 36.27 -84.12
C THR DA 103 35.42 36.10 -85.48
N VAL DA 104 36.71 35.83 -85.46
CA VAL DA 104 37.50 35.62 -86.67
C VAL DA 104 38.15 34.25 -86.54
N PHE DA 105 37.81 33.35 -87.44
CA PHE DA 105 38.40 32.02 -87.48
C PHE DA 105 39.62 31.98 -88.38
N ALA DA 106 40.24 30.82 -88.43
CA ALA DA 106 41.43 30.60 -89.24
C ALA DA 106 41.05 30.11 -90.63
N GLU DA 107 42.06 29.95 -91.48
CA GLU DA 107 41.82 29.39 -92.79
C GLU DA 107 41.65 27.88 -92.72
N HIS DA 108 42.70 27.18 -92.33
CA HIS DA 108 42.68 25.73 -92.29
C HIS DA 108 42.31 25.26 -90.88
N ILE DA 109 41.13 24.70 -90.76
CA ILE DA 109 40.64 24.09 -89.53
C ILE DA 109 40.53 22.59 -89.78
N SER DA 110 41.17 21.80 -88.92
CA SER DA 110 41.23 20.36 -89.08
C SER DA 110 39.88 19.72 -88.85
N ASP DA 111 39.75 18.46 -89.32
CA ASP DA 111 38.51 17.69 -89.17
C ASP DA 111 38.17 17.42 -87.71
N GLU DA 112 39.18 17.40 -86.83
CA GLU DA 112 38.96 17.22 -85.40
C GLU DA 112 38.09 18.32 -84.83
N CYS DA 113 38.42 19.57 -85.15
CA CYS DA 113 37.59 20.70 -84.75
C CYS DA 113 36.28 20.71 -85.50
N LYS DA 114 36.29 20.23 -86.74
CA LYS DA 114 35.09 20.22 -87.57
C LYS DA 114 34.05 19.22 -87.06
N ARG DA 115 34.47 18.20 -86.31
CA ARG DA 115 33.52 17.26 -85.73
C ARG DA 115 32.58 17.94 -84.76
N ARG DA 116 33.07 18.96 -84.06
CA ARG DA 116 32.30 19.63 -83.01
C ARG DA 116 31.07 20.34 -83.56
N PHE DA 117 31.13 20.77 -84.81
CA PHE DA 117 30.04 21.55 -85.39
C PHE DA 117 28.92 20.69 -85.94
N TYR DA 118 28.83 19.42 -85.53
CA TYR DA 118 27.97 18.42 -86.15
C TYR DA 118 27.46 17.43 -85.12
N LYS DA 119 26.13 17.32 -85.01
CA LYS DA 119 25.55 16.30 -84.15
C LYS DA 119 25.63 14.92 -84.78
N ASN DA 120 25.84 14.83 -86.10
CA ASN DA 120 25.98 13.57 -86.79
C ASN DA 120 26.92 13.77 -87.97
N TRP DA 121 28.18 13.35 -87.80
CA TRP DA 121 29.23 13.59 -88.77
C TRP DA 121 29.25 12.51 -89.84
N HIS DA 122 28.64 11.36 -89.56
CA HIS DA 122 28.49 10.33 -90.56
C HIS DA 122 27.53 10.75 -91.67
N LYS DA 123 26.36 11.28 -91.30
CA LYS DA 123 25.33 11.55 -92.29
C LYS DA 123 25.59 12.83 -93.06
N SER DA 124 26.53 13.65 -92.60
CA SER DA 124 26.63 15.00 -93.14
C SER DA 124 27.59 15.05 -94.32
N LYS DA 125 27.45 16.11 -95.11
CA LYS DA 125 28.30 16.40 -96.25
C LYS DA 125 29.49 17.28 -95.90
N LYS DA 126 29.63 17.66 -94.62
CA LYS DA 126 30.86 18.24 -94.06
C LYS DA 126 31.18 19.61 -94.69
N LYS DA 127 30.24 20.54 -94.57
CA LYS DA 127 30.25 21.77 -95.33
C LYS DA 127 30.63 22.99 -94.50
N ALA DA 128 31.04 22.81 -93.25
CA ALA DA 128 31.33 23.93 -92.37
C ALA DA 128 32.60 24.64 -92.78
N PHE DA 129 32.57 25.97 -92.68
CA PHE DA 129 33.69 26.88 -92.99
C PHE DA 129 34.21 26.70 -94.42
N THR DA 130 33.32 26.37 -95.34
CA THR DA 130 33.74 26.22 -96.73
C THR DA 130 33.48 27.49 -97.53
N LYS DA 131 32.51 28.28 -97.11
CA LYS DA 131 32.37 29.62 -97.63
C LYS DA 131 33.15 30.62 -96.82
N TYR DA 132 33.51 30.28 -95.57
CA TYR DA 132 34.32 31.19 -94.76
C TYR DA 132 35.74 31.23 -95.26
N CYS DA 133 36.24 30.12 -95.78
CA CYS DA 133 37.63 30.05 -96.20
C CYS DA 133 37.86 30.72 -97.54
N LYS DA 134 36.79 31.11 -98.25
CA LYS DA 134 36.98 31.92 -99.46
C LYS DA 134 37.37 33.35 -99.13
N LYS DA 135 37.29 33.73 -97.86
CA LYS DA 135 37.79 35.02 -97.43
C LYS DA 135 39.31 35.02 -97.32
N TRP DA 136 39.93 33.85 -97.29
CA TRP DA 136 41.36 33.78 -97.02
C TRP DA 136 42.21 33.50 -98.26
N GLN DA 137 41.64 33.35 -99.44
CA GLN DA 137 42.44 33.18 -100.65
C GLN DA 137 41.93 34.10 -101.78
N ASP DA 138 41.66 35.35 -101.42
CA ASP DA 138 41.44 36.37 -102.43
C ASP DA 138 42.10 37.66 -101.96
N ASP DA 139 41.72 38.77 -102.58
CA ASP DA 139 42.17 40.06 -102.09
C ASP DA 139 41.09 40.76 -101.29
N ALA DA 140 39.83 40.67 -101.73
CA ALA DA 140 38.75 41.38 -101.07
C ALA DA 140 38.42 40.80 -99.70
N GLY DA 141 38.42 39.47 -99.60
CA GLY DA 141 38.19 38.84 -98.32
C GLY DA 141 39.30 39.11 -97.33
N LYS DA 142 40.55 39.19 -97.81
CA LYS DA 142 41.65 39.54 -96.93
C LYS DA 142 41.57 40.99 -96.49
N ARG DA 143 41.06 41.87 -97.34
CA ARG DA 143 40.83 43.26 -96.92
C ARG DA 143 39.77 43.33 -95.85
N GLN DA 144 38.70 42.54 -95.98
CA GLN DA 144 37.69 42.52 -94.92
C GLN DA 144 38.20 41.88 -93.64
N LEU DA 145 39.10 40.90 -93.76
CA LEU DA 145 39.75 40.31 -92.59
C LEU DA 145 40.63 41.33 -91.86
N ASP DA 146 41.43 42.08 -92.62
CA ASP DA 146 42.25 43.12 -92.03
C ASP DA 146 41.41 44.21 -91.39
N LYS DA 147 40.27 44.54 -92.01
CA LYS DA 147 39.37 45.54 -91.42
C LYS DA 147 38.68 45.00 -90.18
N ASP DA 148 38.48 43.69 -90.09
CA ASP DA 148 37.93 43.10 -88.88
C ASP DA 148 38.93 43.13 -87.73
N PHE DA 149 40.19 42.80 -88.01
CA PHE DA 149 41.22 42.95 -86.97
C PHE DA 149 41.43 44.39 -86.56
N SER DA 150 41.37 45.32 -87.52
CA SER DA 150 41.52 46.74 -87.18
C SER DA 150 40.31 47.25 -86.41
N SER DA 151 39.12 46.71 -86.69
CA SER DA 151 37.92 47.06 -85.95
C SER DA 151 37.92 46.41 -84.57
N MET DA 152 38.76 45.41 -84.37
CA MET DA 152 38.93 44.87 -83.03
C MET DA 152 40.02 45.59 -82.26
N LYS DA 153 40.98 46.22 -82.96
CA LYS DA 153 42.01 47.01 -82.27
C LYS DA 153 41.39 48.17 -81.51
N LYS DA 154 40.34 48.78 -82.07
CA LYS DA 154 39.72 49.94 -81.45
C LYS DA 154 38.82 49.52 -80.30
N TYR DA 155 37.92 48.58 -80.55
CA TYR DA 155 36.73 48.47 -79.72
C TYR DA 155 36.77 47.32 -78.72
N CYS DA 156 37.65 46.35 -78.89
CA CYS DA 156 37.65 45.21 -78.00
C CYS DA 156 38.48 45.47 -76.76
N GLN DA 157 37.98 44.97 -75.62
CA GLN DA 157 38.61 45.15 -74.33
C GLN DA 157 39.20 43.83 -73.85
N VAL DA 158 38.48 42.74 -74.07
CA VAL DA 158 38.90 41.39 -73.77
C VAL DA 158 39.06 40.66 -75.09
N ILE DA 159 40.21 40.00 -75.26
CA ILE DA 159 40.46 39.18 -76.43
C ILE DA 159 40.62 37.75 -75.95
N ARG DA 160 39.79 36.86 -76.46
CA ARG DA 160 39.92 35.45 -76.18
C ARG DA 160 40.28 34.72 -77.47
N VAL DA 161 40.94 33.62 -77.32
CA VAL DA 161 41.41 32.88 -78.47
C VAL DA 161 40.66 31.56 -78.49
N LEU DA 162 40.35 31.05 -79.67
CA LEU DA 162 39.67 29.76 -79.79
C LEU DA 162 40.71 28.70 -80.05
N ALA DA 163 40.77 27.72 -79.17
CA ALA DA 163 41.70 26.62 -79.29
C ALA DA 163 40.94 25.33 -79.08
N HIS DA 164 41.37 24.28 -79.75
CA HIS DA 164 40.77 22.97 -79.58
C HIS DA 164 41.85 21.97 -79.25
N THR DA 165 41.43 20.94 -78.52
CA THR DA 165 42.33 19.85 -78.19
C THR DA 165 42.56 18.95 -79.39
N GLN DA 166 43.80 18.52 -79.53
CA GLN DA 166 44.22 17.73 -80.67
C GLN DA 166 43.89 16.28 -80.34
N MET DA 167 42.61 15.93 -80.56
CA MET DA 167 41.95 14.74 -80.04
C MET DA 167 42.49 13.44 -80.62
N ARG DA 168 43.17 13.50 -81.77
CA ARG DA 168 43.70 12.30 -82.41
C ARG DA 168 44.80 11.63 -81.59
N LEU DA 169 45.45 12.40 -80.72
CA LEU DA 169 46.64 11.93 -80.02
C LEU DA 169 46.29 11.09 -78.80
N LEU DA 170 45.05 11.16 -78.33
CA LEU DA 170 44.66 10.55 -77.08
C LEU DA 170 44.30 9.08 -77.27
N PRO DA 171 44.26 8.30 -76.19
CA PRO DA 171 43.75 6.92 -76.29
C PRO DA 171 42.24 6.81 -76.29
N LEU DA 172 41.51 7.90 -76.39
CA LEU DA 172 40.07 7.90 -76.22
C LEU DA 172 39.36 7.38 -77.46
N ARG DA 173 38.09 7.03 -77.28
CA ARG DA 173 37.26 6.56 -78.38
C ARG DA 173 36.88 7.71 -79.30
N GLN DA 174 36.71 8.91 -78.76
CA GLN DA 174 36.13 9.98 -79.54
C GLN DA 174 37.17 10.70 -80.39
N LYS DA 175 36.70 11.25 -81.50
CA LYS DA 175 37.52 11.94 -82.48
C LYS DA 175 37.16 13.40 -82.56
N LYS DA 176 36.19 13.84 -81.76
CA LYS DA 176 35.58 15.16 -81.76
C LYS DA 176 36.26 16.06 -80.74
N ALA DA 177 36.85 17.16 -81.20
CA ALA DA 177 37.65 18.01 -80.34
C ALA DA 177 36.78 18.92 -79.47
N HIS DA 178 37.33 19.32 -78.33
CA HIS DA 178 36.70 20.28 -77.46
C HIS DA 178 37.22 21.68 -77.74
N LEU DA 179 36.33 22.58 -78.14
CA LEU DA 179 36.74 23.97 -78.29
C LEU DA 179 36.57 24.71 -76.98
N MET DA 180 37.26 25.84 -76.88
CA MET DA 180 37.37 26.57 -75.64
C MET DA 180 37.94 27.94 -75.94
N GLU DA 181 37.31 28.98 -75.41
CA GLU DA 181 37.88 30.30 -75.42
C GLU DA 181 38.79 30.46 -74.22
N ILE DA 182 40.01 30.92 -74.47
CA ILE DA 182 41.00 31.17 -73.45
C ILE DA 182 41.30 32.65 -73.50
N GLN DA 183 41.14 33.35 -72.37
CA GLN DA 183 41.38 34.77 -72.40
C GLN DA 183 42.86 35.06 -72.46
N VAL DA 184 43.27 35.79 -73.49
CA VAL DA 184 44.64 36.22 -73.64
C VAL DA 184 44.83 37.41 -72.72
N ASN DA 185 45.57 37.22 -71.65
CA ASN DA 185 45.88 38.29 -70.71
C ASN DA 185 47.33 38.68 -70.92
N GLY DA 186 47.58 39.96 -71.11
CA GLY DA 186 48.90 40.42 -71.43
C GLY DA 186 48.97 41.90 -71.54
N GLY DA 187 49.65 42.40 -72.58
CA GLY DA 187 49.89 43.82 -72.71
C GLY DA 187 48.69 44.57 -73.25
N THR DA 188 48.92 45.47 -74.20
CA THR DA 188 47.80 46.20 -74.75
C THR DA 188 47.06 45.31 -75.75
N VAL DA 189 45.83 45.73 -76.06
CA VAL DA 189 44.91 44.92 -76.86
C VAL DA 189 45.42 44.76 -78.29
N ALA DA 190 46.13 45.76 -78.81
CA ALA DA 190 46.73 45.66 -80.13
C ALA DA 190 47.87 44.65 -80.15
N GLU DA 191 48.74 44.71 -79.14
CA GLU DA 191 49.82 43.73 -79.01
C GLU DA 191 49.29 42.33 -78.79
N LYS DA 192 48.24 42.21 -77.98
CA LYS DA 192 47.52 40.96 -77.74
C LYS DA 192 46.95 40.38 -79.03
N LEU DA 193 46.38 41.23 -79.87
CA LEU DA 193 45.72 40.76 -81.08
C LEU DA 193 46.74 40.41 -82.16
N ASP DA 194 47.86 41.16 -82.23
CA ASP DA 194 48.96 40.77 -83.10
C ASP DA 194 49.56 39.44 -82.68
N TRP DA 195 49.68 39.23 -81.37
CA TRP DA 195 50.24 37.99 -80.84
C TRP DA 195 49.34 36.81 -81.16
N ALA DA 196 48.02 36.98 -81.03
CA ALA DA 196 47.11 35.88 -81.28
C ALA DA 196 46.94 35.63 -82.77
N ARG DA 197 47.02 36.69 -83.57
CA ARG DA 197 47.00 36.56 -85.03
C ARG DA 197 48.25 35.84 -85.53
N GLU DA 198 49.36 35.97 -84.79
CA GLU DA 198 50.55 35.17 -85.12
C GLU DA 198 50.33 33.69 -84.88
N ARG DA 199 49.61 33.34 -83.83
CA ARG DA 199 49.45 31.97 -83.36
C ARG DA 199 48.35 31.21 -84.08
N LEU DA 200 47.87 31.71 -85.19
CA LEU DA 200 46.68 31.13 -85.80
C LEU DA 200 47.09 29.92 -86.62
N GLU DA 201 46.39 28.79 -86.39
CA GLU DA 201 46.74 27.44 -86.88
C GLU DA 201 48.09 26.99 -86.35
N GLN DA 202 48.34 27.22 -85.06
CA GLN DA 202 49.61 26.82 -84.48
C GLN DA 202 49.35 25.98 -83.24
N GLN DA 203 50.34 25.15 -82.91
CA GLN DA 203 50.29 24.33 -81.70
C GLN DA 203 50.66 25.17 -80.49
N VAL DA 204 49.88 25.02 -79.43
CA VAL DA 204 50.25 25.66 -78.16
C VAL DA 204 50.41 24.58 -77.11
N PRO DA 205 51.63 24.26 -76.70
CA PRO DA 205 51.84 23.25 -75.64
C PRO DA 205 51.63 23.83 -74.25
N VAL DA 206 51.80 22.96 -73.27
CA VAL DA 206 51.32 23.24 -71.92
C VAL DA 206 52.37 23.98 -71.13
N SER DA 207 53.64 23.74 -71.43
CA SER DA 207 54.74 24.49 -70.86
C SER DA 207 54.69 25.96 -71.26
N GLN DA 208 53.98 26.28 -72.35
CA GLN DA 208 53.72 27.68 -72.70
C GLN DA 208 52.76 28.33 -71.70
N VAL DA 209 51.79 27.57 -71.20
CA VAL DA 209 50.76 28.16 -70.35
C VAL DA 209 51.20 28.07 -68.90
N PHE DA 210 51.67 26.91 -68.49
CA PHE DA 210 51.94 26.66 -67.07
C PHE DA 210 53.42 26.41 -66.82
N GLY DA 211 53.71 26.10 -65.56
CA GLY DA 211 55.07 25.84 -65.13
C GLY DA 211 55.04 24.91 -63.93
N GLN DA 212 56.22 24.51 -63.49
CA GLN DA 212 56.30 23.69 -62.30
C GLN DA 212 56.06 24.56 -61.08
N ASP DA 213 55.68 23.91 -59.97
CA ASP DA 213 55.26 24.45 -58.67
C ASP DA 213 54.38 25.70 -58.79
N GLU DA 214 53.42 25.61 -59.69
CA GLU DA 214 52.40 26.62 -59.88
C GLU DA 214 51.08 26.09 -59.35
N MET DA 215 50.33 26.96 -58.67
CA MET DA 215 49.02 26.63 -58.16
C MET DA 215 47.97 26.99 -59.20
N ILE DA 216 47.21 26.00 -59.65
CA ILE DA 216 46.22 26.25 -60.70
C ILE DA 216 44.82 26.01 -60.16
N ASP DA 217 43.83 26.38 -60.95
CA ASP DA 217 42.44 26.08 -60.67
C ASP DA 217 42.00 24.99 -61.63
N VAL DA 218 41.36 23.96 -61.12
CA VAL DA 218 40.97 22.84 -61.96
C VAL DA 218 39.46 22.80 -62.06
N ILE DA 219 38.93 23.05 -63.25
CA ILE DA 219 37.51 23.18 -63.48
C ILE DA 219 37.03 21.96 -64.23
N GLY DA 220 35.93 21.37 -63.79
CA GLY DA 220 35.38 20.25 -64.50
C GLY DA 220 34.07 19.83 -63.91
N VAL DA 221 33.51 18.80 -64.49
CA VAL DA 221 32.25 18.23 -64.02
C VAL DA 221 32.54 17.00 -63.18
N THR DA 222 31.90 16.92 -62.01
CA THR DA 222 32.02 15.84 -61.04
C THR DA 222 31.59 14.51 -61.65
N LYS DA 223 32.19 13.42 -61.15
CA LYS DA 223 31.76 12.06 -61.48
C LYS DA 223 30.31 11.85 -61.06
N GLY DA 224 29.50 11.32 -61.98
CA GLY DA 224 28.07 11.28 -61.77
C GLY DA 224 27.65 10.03 -61.03
N LYS DA 225 26.70 10.18 -60.10
CA LYS DA 225 26.33 9.09 -59.21
C LYS DA 225 24.85 8.78 -59.24
N GLY DA 226 24.05 9.53 -59.98
CA GLY DA 226 22.70 9.05 -60.21
C GLY DA 226 21.65 9.76 -59.38
N TYR DA 227 20.47 9.16 -59.39
CA TYR DA 227 19.41 9.58 -58.49
C TYR DA 227 19.67 8.95 -57.14
N LYS DA 228 19.98 9.78 -56.14
CA LYS DA 228 20.38 9.25 -54.86
C LYS DA 228 19.49 9.82 -53.78
N GLY DA 229 19.43 9.12 -52.66
CA GLY DA 229 18.62 9.54 -51.55
C GLY DA 229 19.27 10.62 -50.74
N VAL DA 230 18.53 11.07 -49.74
CA VAL DA 230 18.97 12.21 -48.95
C VAL DA 230 20.02 11.79 -47.94
N THR DA 231 20.21 10.49 -47.74
CA THR DA 231 21.31 10.02 -46.91
C THR DA 231 22.59 9.93 -47.72
N SER DA 232 22.49 9.75 -49.03
CA SER DA 232 23.66 9.77 -49.87
C SER DA 232 23.92 11.17 -50.41
N ARG DA 233 22.87 11.86 -50.86
CA ARG DA 233 23.07 13.13 -51.53
C ARG DA 233 23.33 14.23 -50.52
N TRP DA 234 22.82 14.08 -49.30
CA TRP DA 234 22.96 15.14 -48.31
C TRP DA 234 23.62 14.70 -47.02
N HIS DA 235 23.84 13.40 -46.82
CA HIS DA 235 24.55 12.81 -45.69
C HIS DA 235 23.90 13.14 -44.35
N THR DA 236 22.60 12.97 -44.28
CA THR DA 236 21.89 13.14 -43.04
C THR DA 236 21.96 11.86 -42.21
N LYS DA 237 21.42 11.92 -40.99
CA LYS DA 237 21.45 10.76 -40.12
C LYS DA 237 20.50 9.70 -40.65
N LYS DA 238 20.96 8.46 -40.67
CA LYS DA 238 20.02 7.37 -40.85
C LYS DA 238 19.12 7.30 -39.62
N LEU DA 239 17.85 7.15 -39.87
CA LEU DA 239 16.86 7.01 -38.82
C LEU DA 239 17.07 5.66 -38.15
N PRO DA 240 16.57 5.46 -36.91
CA PRO DA 240 16.79 4.18 -36.23
C PRO DA 240 16.18 2.98 -36.93
N ARG DA 241 16.53 1.78 -36.47
CA ARG DA 241 16.13 0.56 -37.16
C ARG DA 241 14.63 0.35 -37.14
N LYS DA 242 13.95 0.90 -36.15
CA LYS DA 242 12.53 0.64 -35.91
C LYS DA 242 11.60 1.50 -36.74
N THR DA 243 12.09 2.33 -37.66
CA THR DA 243 11.19 3.22 -38.37
C THR DA 243 10.40 2.45 -39.41
N HIS DA 244 9.15 2.89 -39.64
CA HIS DA 244 8.19 2.08 -40.39
C HIS DA 244 8.42 2.18 -41.89
N ARG DA 245 8.34 3.39 -42.43
CA ARG DA 245 8.26 3.58 -43.87
C ARG DA 245 9.64 3.80 -44.48
N GLY DA 246 10.68 3.45 -43.74
CA GLY DA 246 12.01 3.70 -44.22
C GLY DA 246 12.84 4.61 -43.36
N LEU DA 247 14.16 4.47 -43.46
CA LEU DA 247 15.08 5.15 -42.55
C LEU DA 247 16.15 5.96 -43.23
N ARG DA 248 16.32 5.88 -44.55
CA ARG DA 248 17.34 6.67 -45.23
C ARG DA 248 16.69 7.94 -45.75
N LYS DA 249 16.00 8.64 -44.85
CA LYS DA 249 15.07 9.70 -45.19
C LYS DA 249 15.39 10.86 -44.27
N VAL DA 250 14.79 12.01 -44.55
CA VAL DA 250 14.74 13.11 -43.60
C VAL DA 250 13.37 13.08 -42.98
N ALA DA 251 13.34 12.98 -41.66
CA ALA DA 251 12.11 12.64 -40.97
C ALA DA 251 11.15 13.83 -40.94
N CYS DA 252 11.57 14.93 -40.33
CA CYS DA 252 10.78 16.15 -40.39
C CYS DA 252 11.27 17.00 -41.54
N ILE DA 253 10.37 17.34 -42.46
CA ILE DA 253 10.69 18.31 -43.50
C ILE DA 253 10.72 19.72 -42.91
N GLY DA 254 9.58 20.20 -42.44
CA GLY DA 254 9.52 21.52 -41.87
C GLY DA 254 8.46 21.57 -40.81
N ALA DA 255 8.16 22.79 -40.39
CA ALA DA 255 7.13 23.01 -39.41
C ALA DA 255 5.77 22.97 -40.08
N TRP DA 256 4.74 23.24 -39.28
CA TRP DA 256 3.40 23.40 -39.83
C TRP DA 256 3.37 24.64 -40.71
N HIS DA 257 3.72 25.79 -40.14
CA HIS DA 257 3.10 27.04 -40.54
C HIS DA 257 3.68 27.81 -41.71
N PRO DA 258 5.00 27.81 -41.96
CA PRO DA 258 5.38 28.12 -43.34
C PRO DA 258 4.90 26.90 -44.09
N ALA DA 259 3.77 27.03 -44.76
CA ALA DA 259 3.05 25.86 -45.24
C ALA DA 259 3.58 25.39 -46.58
N ARG DA 260 4.81 25.78 -46.90
CA ARG DA 260 5.60 25.23 -47.97
C ARG DA 260 6.79 24.51 -47.34
N VAL DA 261 7.34 23.55 -48.05
CA VAL DA 261 8.65 23.03 -47.73
C VAL DA 261 9.69 23.97 -48.31
N ALA DA 262 10.69 24.33 -47.51
CA ALA DA 262 11.66 25.32 -47.92
C ALA DA 262 12.67 24.71 -48.89
N PHE DA 263 13.37 25.58 -49.61
CA PHE DA 263 14.43 25.16 -50.50
C PHE DA 263 15.64 24.64 -49.73
N SER DA 264 15.76 25.01 -48.46
CA SER DA 264 16.87 24.64 -47.61
C SER DA 264 16.71 23.26 -47.03
N VAL DA 265 15.51 22.68 -47.12
CA VAL DA 265 15.29 21.32 -46.66
C VAL DA 265 15.82 20.36 -47.72
N ALA DA 266 16.46 19.28 -47.27
CA ALA DA 266 17.19 18.38 -48.15
C ALA DA 266 16.26 17.31 -48.71
N ARG DA 267 16.20 17.18 -50.03
CA ARG DA 267 15.35 16.19 -50.67
C ARG DA 267 16.23 15.29 -51.53
N ALA DA 268 15.65 14.24 -52.06
CA ALA DA 268 16.38 13.27 -52.88
C ALA DA 268 16.51 13.77 -54.31
N GLY DA 269 17.50 13.24 -55.02
CA GLY DA 269 17.61 13.56 -56.43
C GLY DA 269 18.96 13.30 -57.04
N GLN DA 270 19.35 14.11 -58.02
CA GLN DA 270 20.57 13.92 -58.78
C GLN DA 270 21.80 14.21 -57.93
N LYS DA 271 22.58 13.18 -57.64
CA LYS DA 271 23.86 13.32 -56.96
C LYS DA 271 24.99 13.13 -57.96
N GLY DA 272 25.94 14.04 -57.94
CA GLY DA 272 27.05 13.97 -58.85
C GLY DA 272 26.70 14.55 -60.20
N TYR DA 273 27.70 14.56 -61.06
CA TYR DA 273 27.71 15.20 -62.38
C TYR DA 273 27.47 16.70 -62.24
N HIS DA 274 28.11 17.31 -61.26
CA HIS DA 274 27.95 18.72 -61.01
C HIS DA 274 29.19 19.44 -61.49
N HIS DA 275 29.01 20.68 -61.93
CA HIS DA 275 30.15 21.48 -62.34
C HIS DA 275 30.84 22.05 -61.12
N ARG DA 276 32.16 21.89 -61.03
CA ARG DA 276 32.91 22.38 -59.89
C ARG DA 276 34.12 23.17 -60.35
N THR DA 277 34.65 23.99 -59.45
CA THR DA 277 35.93 24.68 -59.60
C THR DA 277 36.68 24.48 -58.29
N GLU DA 278 37.74 23.68 -58.31
CA GLU DA 278 38.47 23.39 -57.11
C GLU DA 278 39.88 23.96 -57.26
N ILE DA 279 40.28 24.79 -56.32
CA ILE DA 279 41.43 25.66 -56.50
C ILE DA 279 42.62 25.15 -55.72
N ASN DA 280 43.76 25.80 -55.99
CA ASN DA 280 45.04 25.59 -55.30
C ASN DA 280 45.56 24.17 -55.49
N LYS DA 281 45.71 23.79 -56.74
CA LYS DA 281 46.26 22.50 -57.10
C LYS DA 281 47.67 22.73 -57.62
N LYS DA 282 48.65 22.23 -56.88
CA LYS DA 282 50.03 22.47 -57.20
C LYS DA 282 50.48 21.57 -58.34
N ILE DA 283 51.09 22.17 -59.36
CA ILE DA 283 51.69 21.40 -60.44
C ILE DA 283 53.01 20.87 -59.90
N TYR DA 284 53.02 19.58 -59.53
CA TYR DA 284 54.24 18.95 -59.07
C TYR DA 284 55.24 18.73 -60.18
N LYS DA 285 54.77 18.55 -61.40
CA LYS DA 285 55.63 18.14 -62.50
C LYS DA 285 54.88 18.33 -63.80
N ILE DA 286 55.50 18.97 -64.77
CA ILE DA 286 55.00 18.96 -66.13
C ILE DA 286 55.83 17.92 -66.85
N GLY DA 287 55.16 16.94 -67.43
CA GLY DA 287 55.85 15.87 -68.08
C GLY DA 287 55.99 16.09 -69.58
N GLN DA 288 56.75 15.21 -70.19
CA GLN DA 288 57.09 15.31 -71.60
C GLN DA 288 56.54 14.10 -72.35
N GLY DA 289 56.27 14.29 -73.63
CA GLY DA 289 55.74 13.21 -74.43
C GLY DA 289 56.80 12.19 -74.79
N TYR DA 290 56.36 11.11 -75.42
CA TYR DA 290 57.30 10.22 -76.07
C TYR DA 290 57.76 10.89 -77.35
N LEU DA 291 59.04 10.78 -77.67
CA LEU DA 291 59.51 11.39 -78.90
C LEU DA 291 60.68 10.60 -79.43
N ILE DA 292 60.83 10.59 -80.75
CA ILE DA 292 61.84 9.81 -81.44
C ILE DA 292 62.97 10.73 -81.84
N LYS DA 293 64.17 10.43 -81.36
CA LYS DA 293 65.36 11.08 -81.90
C LYS DA 293 66.50 10.07 -81.84
N ASP DA 294 67.42 10.17 -82.82
CA ASP DA 294 68.52 9.23 -83.04
C ASP DA 294 67.98 7.81 -83.24
N GLY DA 295 66.86 7.74 -83.96
CA GLY DA 295 66.26 6.47 -84.30
C GLY DA 295 65.37 5.87 -83.24
N LYS DA 296 65.92 5.65 -82.04
CA LYS DA 296 65.18 5.03 -80.96
C LYS DA 296 64.50 6.08 -80.10
N LEU DA 297 63.24 5.85 -79.74
CA LEU DA 297 62.47 6.84 -79.00
C LEU DA 297 62.94 6.90 -77.55
N ILE DA 298 62.67 8.03 -76.92
CA ILE DA 298 62.98 8.26 -75.51
C ILE DA 298 61.66 8.50 -74.79
N LYS DA 299 61.35 7.65 -73.81
CA LYS DA 299 60.05 7.68 -73.18
C LYS DA 299 60.08 7.90 -71.68
N ASN DA 300 61.25 8.11 -71.07
CA ASN DA 300 61.38 8.03 -69.60
C ASN DA 300 60.75 9.23 -68.90
N ASN DA 301 59.43 9.17 -68.72
CA ASN DA 301 58.68 10.25 -68.10
C ASN DA 301 58.83 10.24 -66.59
N ALA DA 302 58.71 9.06 -65.97
CA ALA DA 302 58.82 8.94 -64.53
C ALA DA 302 60.26 8.90 -64.05
N SER DA 303 61.22 9.04 -64.95
CA SER DA 303 62.62 9.12 -64.57
C SER DA 303 62.88 10.41 -63.81
N THR DA 304 63.43 10.29 -62.62
CA THR DA 304 63.83 11.44 -61.82
C THR DA 304 65.33 11.41 -61.58
N ASP DA 305 65.80 12.36 -60.77
CA ASP DA 305 67.24 12.49 -60.55
C ASP DA 305 67.76 11.44 -59.57
N TYR DA 306 66.85 10.79 -58.85
CA TYR DA 306 67.23 9.82 -57.84
C TYR DA 306 66.82 8.42 -58.25
N ASP DA 307 66.06 8.31 -59.34
CA ASP DA 307 65.59 7.06 -59.90
C ASP DA 307 66.51 6.57 -61.02
N LEU DA 308 66.71 7.43 -62.04
CA LEU DA 308 67.55 7.19 -63.22
C LEU DA 308 67.24 5.85 -63.89
N SER DA 309 65.95 5.55 -63.97
CA SER DA 309 65.43 4.37 -64.66
C SER DA 309 64.56 4.82 -65.82
N ASP DA 310 64.52 4.01 -66.87
CA ASP DA 310 63.92 4.47 -68.12
C ASP DA 310 62.42 4.24 -68.20
N LYS DA 311 61.70 4.29 -67.08
CA LYS DA 311 60.26 4.07 -67.12
C LYS DA 311 59.52 5.37 -67.40
N SER DA 312 58.39 5.23 -68.07
CA SER DA 312 57.41 6.28 -68.27
C SER DA 312 56.40 6.21 -67.13
N ILE DA 313 55.57 7.25 -67.02
CA ILE DA 313 54.56 7.30 -65.97
C ILE DA 313 53.43 6.30 -66.17
N ASN DA 314 53.35 5.69 -67.33
CA ASN DA 314 52.37 4.66 -67.61
C ASN DA 314 52.63 3.46 -66.71
N PRO DA 315 51.70 3.09 -65.87
CA PRO DA 315 51.89 1.93 -65.00
C PRO DA 315 51.81 0.63 -65.78
N LEU DA 316 51.99 -0.48 -65.07
CA LEU DA 316 51.95 -1.77 -65.72
C LEU DA 316 50.52 -2.12 -66.09
N GLY DA 317 50.33 -2.53 -67.34
CA GLY DA 317 48.99 -2.70 -67.85
C GLY DA 317 48.29 -1.40 -68.15
N GLY DA 318 49.03 -0.31 -68.28
CA GLY DA 318 48.49 0.99 -68.65
C GLY DA 318 47.66 1.61 -67.56
N PHE DA 319 47.09 2.77 -67.81
CA PHE DA 319 46.14 3.33 -66.86
C PHE DA 319 44.83 2.58 -66.96
N VAL DA 320 44.21 2.35 -65.81
CA VAL DA 320 43.01 1.53 -65.76
C VAL DA 320 41.83 2.38 -66.21
N HIS DA 321 41.06 1.85 -67.18
CA HIS DA 321 39.94 2.53 -67.82
C HIS DA 321 40.35 3.82 -68.51
N TYR DA 322 41.63 4.03 -68.78
CA TYR DA 322 42.00 5.18 -69.58
C TYR DA 322 42.78 4.80 -70.83
N GLY DA 323 43.91 4.14 -70.66
CA GLY DA 323 44.82 3.97 -71.76
C GLY DA 323 46.24 4.44 -71.48
N GLU DA 324 47.03 4.65 -72.53
CA GLU DA 324 48.43 5.05 -72.38
C GLU DA 324 48.62 6.55 -72.58
N VAL DA 325 49.43 7.14 -71.73
CA VAL DA 325 49.73 8.57 -71.79
C VAL DA 325 51.04 8.74 -72.54
N THR DA 326 50.95 8.93 -73.85
CA THR DA 326 52.13 9.10 -74.69
C THR DA 326 52.43 10.57 -74.96
N ASN DA 327 51.65 11.48 -74.39
CA ASN DA 327 51.83 12.89 -74.63
C ASN DA 327 52.34 13.57 -73.37
N ASP DA 328 52.68 14.84 -73.50
CA ASP DA 328 53.07 15.64 -72.36
C ASP DA 328 51.89 15.84 -71.43
N PHE DA 329 52.18 15.93 -70.14
CA PHE DA 329 51.16 15.88 -69.12
C PHE DA 329 51.52 16.83 -67.99
N VAL DA 330 50.52 17.17 -67.19
CA VAL DA 330 50.74 17.86 -65.93
C VAL DA 330 50.35 16.93 -64.81
N MET DA 331 51.14 16.96 -63.75
CA MET DA 331 50.94 16.07 -62.61
C MET DA 331 50.63 16.96 -61.42
N LEU DA 332 49.46 16.77 -60.85
CA LEU DA 332 48.84 17.69 -59.91
C LEU DA 332 48.67 17.03 -58.55
N LYS DA 333 49.08 17.74 -57.51
CA LYS DA 333 49.01 17.21 -56.15
C LYS DA 333 47.59 16.97 -55.71
N GLY DA 334 47.32 15.77 -55.22
CA GLY DA 334 46.02 15.49 -54.71
C GLY DA 334 45.09 15.10 -55.83
N CYS DA 335 43.84 14.93 -55.47
CA CYS DA 335 42.84 14.48 -56.41
C CYS DA 335 42.13 15.66 -57.05
N VAL DA 336 41.68 15.45 -58.28
CA VAL DA 336 40.95 16.47 -59.01
C VAL DA 336 39.55 15.91 -59.26
N VAL DA 337 38.70 16.74 -59.86
CA VAL DA 337 37.30 16.38 -60.01
C VAL DA 337 37.14 15.50 -61.23
N GLY DA 338 36.06 14.73 -61.26
CA GLY DA 338 35.66 14.06 -62.48
C GLY DA 338 36.01 12.58 -62.49
N THR DA 339 35.51 11.90 -63.51
CA THR DA 339 35.78 10.49 -63.76
C THR DA 339 37.05 10.40 -64.62
N LYS DA 340 37.45 9.19 -65.01
CA LYS DA 340 38.52 9.06 -65.99
C LYS DA 340 38.00 9.45 -67.37
N LYS DA 341 38.92 9.78 -68.26
CA LYS DA 341 38.68 10.29 -69.62
C LYS DA 341 37.92 11.60 -69.64
N ARG DA 342 37.84 12.31 -68.52
CA ARG DA 342 36.99 13.48 -68.38
C ARG DA 342 37.77 14.70 -68.79
N VAL DA 343 37.21 15.51 -69.68
CA VAL DA 343 37.91 16.71 -70.11
C VAL DA 343 37.92 17.72 -68.97
N LEU DA 344 39.08 18.29 -68.73
CA LEU DA 344 39.38 18.85 -67.43
C LEU DA 344 40.08 20.18 -67.65
N THR DA 345 39.33 21.26 -67.50
CA THR DA 345 39.83 22.61 -67.73
C THR DA 345 40.83 22.99 -66.65
N LEU DA 346 42.00 23.45 -67.08
CA LEU DA 346 42.98 24.03 -66.19
C LEU DA 346 42.94 25.54 -66.32
N ARG DA 347 43.05 26.22 -65.18
CA ARG DA 347 42.98 27.68 -65.16
C ARG DA 347 44.11 28.18 -64.29
N LYS DA 348 44.78 29.24 -64.74
CA LYS DA 348 45.75 29.90 -63.87
C LYS DA 348 45.03 30.54 -62.70
N SER DA 349 45.73 30.68 -61.60
CA SER DA 349 45.07 31.04 -60.35
C SER DA 349 44.65 32.51 -60.35
N LEU DA 350 43.42 32.75 -59.91
CA LEU DA 350 42.87 34.09 -59.77
C LEU DA 350 43.55 34.88 -58.68
N LEU DA 351 44.16 34.19 -57.72
CA LEU DA 351 44.55 34.81 -56.47
C LEU DA 351 46.04 35.07 -56.43
N VAL DA 352 46.44 36.09 -55.67
CA VAL DA 352 47.85 36.42 -55.52
C VAL DA 352 48.46 35.42 -54.56
N GLN DA 353 49.23 34.49 -55.11
CA GLN DA 353 49.61 33.27 -54.41
C GLN DA 353 50.86 33.55 -53.59
N THR DA 354 50.68 33.79 -52.28
CA THR DA 354 51.81 34.14 -51.39
C THR DA 354 51.61 33.44 -50.05
N LYS DA 355 52.14 32.23 -49.95
CA LYS DA 355 52.21 31.49 -48.69
C LYS DA 355 53.58 30.84 -48.60
N ARG DA 356 53.81 30.13 -47.51
CA ARG DA 356 55.01 29.29 -47.43
C ARG DA 356 54.80 28.01 -48.20
N ARG DA 357 53.62 27.41 -48.07
CA ARG DA 357 53.32 26.13 -48.70
C ARG DA 357 53.07 26.30 -50.20
N ALA DA 358 52.51 27.44 -50.60
CA ALA DA 358 52.16 27.66 -51.99
C ALA DA 358 53.34 28.10 -52.84
N LEU DA 359 54.43 28.52 -52.21
CA LEU DA 359 55.64 28.91 -52.92
C LEU DA 359 56.74 27.88 -52.82
N GLU DA 360 56.43 26.68 -52.38
CA GLU DA 360 57.42 25.65 -52.16
C GLU DA 360 57.88 25.08 -53.50
N LYS DA 361 59.18 24.82 -53.60
CA LYS DA 361 59.75 24.23 -54.80
C LYS DA 361 59.75 22.71 -54.65
N ILE DA 362 59.75 22.00 -55.77
CA ILE DA 362 59.52 20.57 -55.75
C ILE DA 362 60.65 19.84 -56.47
N ASP DA 363 61.26 18.88 -55.76
CA ASP DA 363 62.18 17.90 -56.34
C ASP DA 363 61.65 16.54 -55.88
N LEU DA 364 61.21 15.74 -56.84
CA LEU DA 364 60.63 14.44 -56.55
C LEU DA 364 61.70 13.38 -56.47
N LYS DA 365 61.46 12.37 -55.64
CA LYS DA 365 62.43 11.29 -55.49
C LYS DA 365 61.98 10.02 -56.19
N PHE DA 366 60.67 9.84 -56.40
CA PHE DA 366 60.13 8.58 -56.86
C PHE DA 366 58.72 8.80 -57.39
N ILE DA 367 58.52 8.50 -58.68
CA ILE DA 367 57.19 8.45 -59.28
C ILE DA 367 56.83 6.98 -59.38
N ASP DA 368 55.69 6.62 -58.81
CA ASP DA 368 55.30 5.22 -58.68
C ASP DA 368 54.56 4.75 -59.91
N THR DA 369 55.14 3.79 -60.63
CA THR DA 369 54.48 3.25 -61.82
C THR DA 369 54.10 1.80 -61.63
N THR DA 370 53.74 1.42 -60.42
CA THR DA 370 53.23 0.10 -60.16
C THR DA 370 51.84 -0.06 -60.77
N SER DA 371 51.39 -1.30 -60.92
CA SER DA 371 50.13 -1.55 -61.61
C SER DA 371 48.95 -1.21 -60.72
N LYS DA 372 47.97 -0.50 -61.28
CA LYS DA 372 46.82 -0.10 -60.49
C LYS DA 372 45.61 -0.98 -60.77
N PHE DA 373 45.76 -1.97 -61.65
CA PHE DA 373 44.70 -2.92 -62.00
C PHE DA 373 44.87 -4.15 -61.12
N GLY DA 374 44.82 -3.94 -59.82
CA GLY DA 374 45.15 -4.94 -58.84
C GLY DA 374 46.31 -4.47 -57.99
N HIS DA 375 46.64 -5.28 -57.00
CA HIS DA 375 47.76 -4.92 -56.15
C HIS DA 375 49.07 -5.17 -56.87
N GLY DA 376 49.51 -4.20 -57.68
CA GLY DA 376 50.77 -4.34 -58.38
C GLY DA 376 51.93 -4.24 -57.41
N ARG DA 377 53.02 -4.93 -57.76
CA ARG DA 377 54.18 -4.98 -56.87
C ARG DA 377 55.49 -4.91 -57.63
N PHE DA 378 55.46 -4.49 -58.89
CA PHE DA 378 56.69 -4.31 -59.66
C PHE DA 378 56.60 -3.01 -60.42
N GLN DA 379 57.70 -2.27 -60.45
CA GLN DA 379 57.66 -0.92 -60.99
C GLN DA 379 57.76 -0.90 -62.50
N THR DA 380 58.56 -1.81 -63.07
CA THR DA 380 58.71 -1.90 -64.50
C THR DA 380 58.70 -3.37 -64.89
N VAL DA 381 58.74 -3.61 -66.20
CA VAL DA 381 58.57 -4.96 -66.72
C VAL DA 381 59.83 -5.78 -66.51
N GLU DA 382 60.99 -5.20 -66.76
CA GLU DA 382 62.24 -5.95 -66.66
C GLU DA 382 62.63 -6.23 -65.22
N GLU DA 383 62.17 -5.39 -64.29
CA GLU DA 383 62.27 -5.72 -62.86
C GLU DA 383 61.51 -6.99 -62.53
N LYS DA 384 60.29 -7.09 -63.04
CA LYS DA 384 59.47 -8.28 -62.85
C LYS DA 384 60.11 -9.49 -63.50
N LYS DA 385 60.67 -9.32 -64.69
CA LYS DA 385 61.30 -10.44 -65.39
C LYS DA 385 62.58 -10.88 -64.70
N ALA DA 386 63.28 -9.96 -64.03
CA ALA DA 386 64.51 -10.32 -63.34
C ALA DA 386 64.22 -10.93 -61.97
N PHE DA 387 63.11 -10.55 -61.35
CA PHE DA 387 62.77 -11.11 -60.05
C PHE DA 387 62.11 -12.48 -60.19
N MET DA 388 61.11 -12.58 -61.05
CA MET DA 388 60.36 -13.82 -61.22
C MET DA 388 61.22 -14.90 -61.87
N GLY DA 389 62.12 -14.51 -62.75
CA GLY DA 389 62.86 -15.47 -63.53
C GLY DA 389 62.03 -15.93 -64.71
N PRO DA 390 62.54 -16.91 -65.46
CA PRO DA 390 61.87 -17.33 -66.70
C PRO DA 390 60.64 -18.20 -66.42
N LEU DA 391 59.61 -18.03 -67.23
CA LEU DA 391 58.34 -18.71 -67.05
C LEU DA 391 58.17 -19.84 -68.05
N LYS DA 392 56.98 -20.41 -68.08
CA LYS DA 392 56.71 -21.55 -68.95
C LYS DA 392 56.53 -21.08 -70.39
N LYS DA 393 55.98 -19.89 -70.56
CA LYS DA 393 55.68 -19.38 -71.89
C LYS DA 393 56.94 -18.88 -72.60
N ASP DA 394 58.03 -18.72 -71.86
CA ASP DA 394 59.30 -18.41 -72.48
C ASP DA 394 59.87 -19.63 -73.20
N ALA EA 1 -89.65 41.01 -64.81
CA ALA EA 1 -90.81 41.88 -64.94
C ALA EA 1 -92.05 41.23 -64.36
N CYS EA 2 -93.13 42.01 -64.31
CA CYS EA 2 -94.38 41.48 -63.81
C CYS EA 2 -95.07 40.60 -64.85
N ALA EA 3 -95.01 41.02 -66.12
CA ALA EA 3 -95.87 40.44 -67.14
C ALA EA 3 -95.38 39.07 -67.59
N ARG EA 4 -96.33 38.17 -67.80
CA ARG EA 4 -96.07 36.84 -68.32
C ARG EA 4 -96.77 36.67 -69.65
N PRO EA 5 -96.03 36.71 -70.76
CA PRO EA 5 -96.65 36.66 -72.09
C PRO EA 5 -97.23 35.30 -72.44
N LEU EA 6 -97.71 35.21 -73.67
CA LEU EA 6 -98.50 34.09 -74.12
C LEU EA 6 -97.68 33.30 -75.14
N ILE EA 7 -97.39 32.04 -74.81
CA ILE EA 7 -96.40 31.23 -75.52
C ILE EA 7 -97.13 30.20 -76.37
N SER EA 8 -96.77 30.13 -77.65
CA SER EA 8 -97.52 29.30 -78.60
C SER EA 8 -96.96 27.89 -78.66
N VAL EA 9 -97.85 26.94 -78.87
CA VAL EA 9 -97.54 25.52 -79.00
C VAL EA 9 -97.41 25.21 -80.48
N TYR EA 10 -96.32 24.58 -80.89
CA TYR EA 10 -96.06 24.32 -82.29
C TYR EA 10 -96.47 22.89 -82.66
N SER EA 11 -97.02 22.75 -83.86
CA SER EA 11 -97.45 21.44 -84.35
C SER EA 11 -96.25 20.60 -84.67
N GLU EA 12 -96.46 19.28 -84.78
CA GLU EA 12 -95.34 18.36 -84.91
C GLU EA 12 -94.78 18.38 -86.33
N LYS EA 13 -95.50 19.01 -87.25
CA LYS EA 13 -94.96 19.39 -88.54
C LYS EA 13 -94.31 20.76 -88.53
N GLY EA 14 -94.09 21.34 -87.35
CA GLY EA 14 -93.27 22.52 -87.24
C GLY EA 14 -93.99 23.86 -87.17
N GLU EA 15 -95.18 23.94 -87.76
CA GLU EA 15 -95.89 25.21 -87.82
C GLU EA 15 -96.57 25.53 -86.50
N SER EA 16 -97.13 26.74 -86.44
CA SER EA 16 -97.77 27.21 -85.23
C SER EA 16 -99.20 26.70 -85.16
N SER EA 17 -99.48 25.92 -84.13
CA SER EA 17 -100.85 25.54 -83.83
C SER EA 17 -101.57 26.72 -83.18
N GLY EA 18 -102.88 26.60 -83.01
CA GLY EA 18 -103.64 27.70 -82.45
C GLY EA 18 -103.47 27.87 -80.95
N LYS EA 19 -102.96 26.83 -80.29
CA LYS EA 19 -102.96 26.80 -78.83
C LYS EA 19 -101.87 27.68 -78.25
N ASN EA 20 -102.16 28.24 -77.08
CA ASN EA 20 -101.30 29.22 -76.40
C ASN EA 20 -101.26 28.88 -74.92
N VAL EA 21 -100.09 28.72 -74.40
CA VAL EA 21 -99.92 28.59 -72.96
C VAL EA 21 -99.33 29.89 -72.45
N THR EA 22 -99.87 30.41 -71.36
CA THR EA 22 -99.26 31.56 -70.72
C THR EA 22 -97.90 31.16 -70.17
N LEU EA 23 -96.93 32.07 -70.25
CA LEU EA 23 -95.59 31.81 -69.75
C LEU EA 23 -95.67 31.54 -68.26
N PRO EA 24 -95.10 30.45 -67.77
CA PRO EA 24 -95.09 30.22 -66.33
C PRO EA 24 -94.22 31.25 -65.62
N ALA EA 25 -94.48 31.42 -64.32
CA ALA EA 25 -93.71 32.36 -63.54
C ALA EA 25 -92.33 31.85 -63.20
N VAL EA 26 -92.03 30.59 -63.54
CA VAL EA 26 -90.70 30.02 -63.44
C VAL EA 26 -89.71 30.80 -64.30
N PHE EA 27 -90.16 31.25 -65.47
CA PHE EA 27 -89.29 31.91 -66.43
C PHE EA 27 -89.15 33.39 -66.16
N LYS EA 28 -89.78 33.88 -65.10
CA LYS EA 28 -89.55 35.23 -64.61
C LYS EA 28 -88.85 35.24 -63.27
N ALA EA 29 -88.43 34.08 -62.77
CA ALA EA 29 -87.63 33.98 -61.57
C ALA EA 29 -86.26 34.61 -61.81
N PRO EA 30 -85.54 35.03 -60.76
CA PRO EA 30 -84.27 35.71 -60.99
C PRO EA 30 -83.15 34.79 -61.51
N ILE EA 31 -82.33 35.33 -62.39
CA ILE EA 31 -81.17 34.65 -62.92
C ILE EA 31 -80.01 34.93 -62.00
N ARG EA 32 -79.73 34.04 -61.05
CA ARG EA 32 -78.60 34.27 -60.15
C ARG EA 32 -77.61 33.15 -60.43
N PRO EA 33 -76.58 33.43 -61.25
CA PRO EA 33 -75.72 32.34 -61.74
C PRO EA 33 -74.69 31.86 -60.74
N ASP EA 34 -74.42 32.61 -59.66
CA ASP EA 34 -73.50 32.12 -58.65
C ASP EA 34 -74.12 30.99 -57.84
N ILE EA 35 -75.43 31.04 -57.62
CA ILE EA 35 -76.15 29.94 -57.00
C ILE EA 35 -76.11 28.72 -57.89
N VAL EA 36 -76.25 28.92 -59.20
CA VAL EA 36 -76.23 27.81 -60.14
C VAL EA 36 -74.87 27.15 -60.17
N ASN EA 37 -73.81 27.96 -60.12
CA ASN EA 37 -72.45 27.42 -60.07
C ASN EA 37 -72.18 26.68 -58.77
N PHE EA 38 -72.64 27.25 -57.65
CA PHE EA 38 -72.46 26.63 -56.34
C PHE EA 38 -73.14 25.27 -56.26
N VAL EA 39 -74.42 25.22 -56.64
CA VAL EA 39 -75.20 24.00 -56.56
C VAL EA 39 -74.69 22.97 -57.57
N HIS EA 40 -74.27 23.42 -58.75
CA HIS EA 40 -73.73 22.51 -59.76
C HIS EA 40 -72.43 21.88 -59.29
N THR EA 41 -71.52 22.67 -58.71
CA THR EA 41 -70.22 22.13 -58.38
C THR EA 41 -70.24 21.43 -57.03
N ASN EA 42 -71.32 21.53 -56.28
CA ASN EA 42 -71.42 20.68 -55.10
C ASN EA 42 -72.22 19.41 -55.36
N LEU EA 43 -73.16 19.44 -56.30
CA LEU EA 43 -73.90 18.22 -56.59
C LEU EA 43 -73.21 17.39 -57.67
N ARG EA 44 -72.23 17.98 -58.35
CA ARG EA 44 -71.47 17.28 -59.38
C ARG EA 44 -70.33 16.49 -58.75
N LYS EA 45 -70.25 16.50 -57.42
CA LYS EA 45 -69.32 15.67 -56.66
C LYS EA 45 -69.99 14.44 -56.07
N ASN EA 46 -71.30 14.35 -56.12
CA ASN EA 46 -71.99 13.26 -55.44
C ASN EA 46 -72.05 12.01 -56.28
N ASN EA 47 -71.77 12.10 -57.57
CA ASN EA 47 -71.83 10.97 -58.46
C ASN EA 47 -70.45 10.38 -58.67
N ARG EA 48 -69.65 10.42 -57.62
CA ARG EA 48 -68.20 10.29 -57.72
C ARG EA 48 -67.77 9.10 -56.88
N GLN EA 49 -67.03 8.17 -57.49
CA GLN EA 49 -66.57 7.00 -56.78
C GLN EA 49 -65.28 7.29 -56.03
N PRO EA 50 -65.01 6.57 -54.95
CA PRO EA 50 -63.75 6.75 -54.24
C PRO EA 50 -62.55 6.23 -55.00
N TYR EA 51 -61.40 6.82 -54.73
CA TYR EA 51 -60.13 6.22 -55.08
C TYR EA 51 -59.22 6.25 -53.87
N ALA EA 52 -58.36 5.25 -53.79
CA ALA EA 52 -57.35 5.20 -52.73
C ALA EA 52 -56.25 4.26 -53.14
N VAL EA 53 -55.03 4.66 -52.84
CA VAL EA 53 -53.89 3.77 -52.77
C VAL EA 53 -54.15 2.80 -51.63
N SER EA 54 -53.72 1.54 -51.79
CA SER EA 54 -53.94 0.55 -50.75
C SER EA 54 -53.17 0.90 -49.47
N GLU EA 55 -53.69 0.38 -48.36
CA GLU EA 55 -53.15 0.70 -47.04
C GLU EA 55 -51.79 0.08 -46.84
N LEU EA 56 -51.51 -1.04 -47.51
CA LEU EA 56 -50.28 -1.79 -47.30
C LEU EA 56 -49.19 -1.38 -48.27
N ALA EA 57 -49.44 -0.41 -49.13
CA ALA EA 57 -48.50 -0.06 -50.20
C ALA EA 57 -47.27 0.67 -49.65
N GLY EA 58 -46.11 0.06 -49.82
CA GLY EA 58 -44.87 0.66 -49.34
C GLY EA 58 -44.42 0.14 -48.01
N HIS EA 59 -45.31 -0.52 -47.28
CA HIS EA 59 -45.02 -1.05 -45.94
C HIS EA 59 -44.95 -2.54 -45.87
N GLN EA 60 -44.68 -3.23 -46.97
CA GLN EA 60 -44.60 -4.68 -46.91
C GLN EA 60 -43.16 -5.13 -46.80
N THR EA 61 -42.23 -4.21 -46.71
CA THR EA 61 -40.86 -4.57 -46.41
C THR EA 61 -40.63 -4.62 -44.91
N SER EA 62 -39.64 -5.40 -44.51
CA SER EA 62 -39.01 -5.20 -43.21
C SER EA 62 -37.70 -4.49 -43.48
N ALA EA 63 -37.51 -3.36 -42.79
CA ALA EA 63 -36.42 -2.47 -43.15
C ALA EA 63 -36.06 -1.60 -41.95
N GLU EA 64 -34.92 -1.90 -41.35
CA GLU EA 64 -34.38 -1.08 -40.29
C GLU EA 64 -33.39 -0.12 -40.91
N SER EA 65 -33.28 1.08 -40.35
CA SER EA 65 -32.23 1.96 -40.82
C SER EA 65 -30.89 1.49 -40.31
N TRP EA 66 -29.84 1.86 -41.02
CA TRP EA 66 -28.52 1.41 -40.60
C TRP EA 66 -27.96 2.26 -39.48
N GLY EA 67 -28.63 3.37 -39.18
CA GLY EA 67 -28.19 4.20 -38.08
C GLY EA 67 -27.04 5.08 -38.50
N THR EA 68 -26.37 5.64 -37.51
CA THR EA 68 -25.19 6.43 -37.77
C THR EA 68 -23.99 5.52 -37.97
N GLY EA 69 -22.87 6.13 -38.29
CA GLY EA 69 -21.78 5.41 -38.93
C GLY EA 69 -22.13 5.14 -40.37
N ARG EA 70 -21.28 4.37 -41.03
CA ARG EA 70 -21.56 3.70 -42.31
C ARG EA 70 -21.78 4.63 -43.50
N ALA EA 71 -21.78 5.95 -43.31
CA ALA EA 71 -21.69 6.97 -44.36
C ALA EA 71 -22.85 6.91 -45.36
N VAL EA 72 -24.02 6.52 -44.86
CA VAL EA 72 -25.24 6.50 -45.64
C VAL EA 72 -26.29 7.31 -44.91
N ALA EA 73 -27.35 7.66 -45.62
CA ALA EA 73 -28.17 8.79 -45.22
C ALA EA 73 -29.38 8.43 -44.39
N ARG EA 74 -29.31 7.34 -43.62
CA ARG EA 74 -30.11 7.17 -42.41
C ARG EA 74 -31.60 6.99 -42.72
N ILE EA 75 -31.87 6.30 -43.82
CA ILE EA 75 -33.21 5.89 -44.26
C ILE EA 75 -33.33 4.43 -43.87
N PRO EA 76 -34.55 3.91 -43.66
CA PRO EA 76 -34.69 2.46 -43.56
C PRO EA 76 -34.36 1.77 -44.86
N ARG EA 77 -33.51 0.75 -44.76
CA ARG EA 77 -32.98 0.05 -45.90
C ARG EA 77 -33.34 -1.43 -45.82
N VAL EA 78 -33.45 -2.08 -46.97
CA VAL EA 78 -34.00 -3.43 -47.02
C VAL EA 78 -32.98 -4.43 -46.51
N ARG EA 79 -33.44 -5.38 -45.69
CA ARG EA 79 -32.61 -6.23 -44.85
C ARG EA 79 -32.03 -7.39 -45.65
N GLY EA 80 -30.74 -7.30 -45.95
CA GLY EA 80 -29.90 -8.42 -46.36
C GLY EA 80 -30.25 -9.06 -47.69
N GLY EA 81 -29.45 -10.05 -48.02
CA GLY EA 81 -29.64 -10.84 -49.23
C GLY EA 81 -28.86 -10.41 -50.45
N GLY EA 82 -28.80 -11.32 -51.41
CA GLY EA 82 -28.14 -11.08 -52.67
C GLY EA 82 -29.13 -10.74 -53.76
N THR EA 83 -29.74 -9.58 -53.62
CA THR EA 83 -30.67 -9.07 -54.61
C THR EA 83 -30.38 -7.58 -54.75
N HIS EA 84 -30.96 -6.97 -55.80
CA HIS EA 84 -30.81 -5.53 -55.98
C HIS EA 84 -31.46 -4.78 -54.83
N ARG EA 85 -32.68 -5.15 -54.47
CA ARG EA 85 -33.37 -4.45 -53.40
C ARG EA 85 -32.91 -5.06 -52.09
N SER EA 86 -31.79 -4.57 -51.61
CA SER EA 86 -31.25 -4.95 -50.32
C SER EA 86 -30.33 -3.83 -49.89
N GLY EA 87 -30.60 -3.26 -48.71
CA GLY EA 87 -29.91 -2.07 -48.29
C GLY EA 87 -30.25 -0.86 -49.12
N GLN EA 88 -31.49 -0.74 -49.58
CA GLN EA 88 -31.76 0.11 -50.72
C GLN EA 88 -32.75 1.25 -50.46
N GLY EA 89 -33.19 1.46 -49.23
CA GLY EA 89 -34.01 2.64 -49.03
C GLY EA 89 -35.46 2.27 -49.20
N ALA EA 90 -36.21 2.15 -48.11
CA ALA EA 90 -37.46 1.41 -48.20
C ALA EA 90 -38.72 2.15 -47.77
N PHE EA 91 -38.76 2.72 -46.57
CA PHE EA 91 -39.97 3.43 -46.22
C PHE EA 91 -39.80 4.91 -46.54
N GLY EA 92 -40.90 5.63 -46.59
CA GLY EA 92 -40.76 7.06 -46.77
C GLY EA 92 -41.11 7.48 -48.18
N ASN EA 93 -41.57 8.73 -48.30
CA ASN EA 93 -42.18 9.17 -49.54
C ASN EA 93 -41.16 9.40 -50.65
N MET EA 94 -39.89 9.58 -50.30
CA MET EA 94 -38.92 9.97 -51.32
C MET EA 94 -38.16 8.78 -51.88
N CYS EA 95 -38.38 7.58 -51.35
CA CYS EA 95 -37.65 6.42 -51.82
C CYS EA 95 -38.32 5.83 -53.05
N ARG EA 96 -37.54 5.09 -53.83
CA ARG EA 96 -38.11 4.22 -54.85
C ARG EA 96 -38.80 3.06 -54.16
N GLY EA 97 -40.03 2.77 -54.59
CA GLY EA 97 -40.86 1.94 -53.75
C GLY EA 97 -41.39 2.81 -52.63
N GLY EA 98 -41.78 2.19 -51.53
CA GLY EA 98 -42.16 3.03 -50.41
C GLY EA 98 -43.53 3.67 -50.54
N ARG EA 99 -44.05 4.12 -49.41
CA ARG EA 99 -45.34 4.76 -49.39
C ARG EA 99 -45.21 6.14 -49.98
N MET EA 100 -46.33 6.76 -50.31
CA MET EA 100 -46.29 8.17 -50.61
C MET EA 100 -46.82 8.98 -49.45
N PHE EA 101 -46.59 10.28 -49.50
CA PHE EA 101 -46.99 11.16 -48.43
C PHE EA 101 -48.49 11.24 -48.34
N ALA EA 102 -49.01 10.91 -47.13
CA ALA EA 102 -50.42 10.90 -46.78
C ALA EA 102 -51.20 10.08 -47.79
N PRO EA 103 -51.16 8.74 -47.70
CA PRO EA 103 -51.95 7.91 -48.59
C PRO EA 103 -53.42 8.30 -48.59
N THR EA 104 -53.95 8.41 -49.80
CA THR EA 104 -55.33 8.80 -50.00
C THR EA 104 -56.22 7.73 -49.39
N LYS EA 105 -57.17 8.16 -48.58
CA LYS EA 105 -58.07 7.25 -47.90
C LYS EA 105 -59.42 7.27 -48.57
N THR EA 106 -60.18 6.18 -48.43
CA THR EA 106 -61.52 6.18 -48.96
C THR EA 106 -62.49 6.91 -48.06
N TRP EA 107 -62.06 7.34 -46.89
CA TRP EA 107 -62.94 8.19 -46.11
C TRP EA 107 -62.63 9.67 -46.30
N ARG EA 108 -62.15 10.04 -47.47
CA ARG EA 108 -62.23 11.43 -47.92
C ARG EA 108 -63.71 11.82 -48.03
N ARG EA 109 -64.00 13.09 -47.90
CA ARG EA 109 -65.40 13.50 -48.00
C ARG EA 109 -65.68 13.74 -49.47
N TRP EA 110 -66.43 12.82 -50.05
CA TRP EA 110 -66.66 12.85 -51.48
C TRP EA 110 -67.93 13.59 -51.82
N HIS EA 111 -68.88 13.63 -50.87
CA HIS EA 111 -70.25 13.99 -51.17
C HIS EA 111 -70.62 15.28 -50.47
N ARG EA 112 -71.39 16.11 -51.15
CA ARG EA 112 -71.79 17.42 -50.65
C ARG EA 112 -73.31 17.51 -50.65
N ARG EA 113 -73.87 17.92 -49.52
CA ARG EA 113 -75.28 18.21 -49.46
C ARG EA 113 -75.52 19.70 -49.59
N VAL EA 114 -76.46 20.06 -50.45
CA VAL EA 114 -76.89 21.43 -50.66
C VAL EA 114 -78.27 21.50 -50.04
N ASN EA 115 -78.65 22.68 -49.55
CA ASN EA 115 -79.99 22.85 -49.02
C ASN EA 115 -81.00 22.70 -50.15
N THR EA 116 -82.19 22.23 -49.79
CA THR EA 116 -83.24 21.98 -50.78
C THR EA 116 -83.68 23.28 -51.44
N THR EA 117 -83.75 24.37 -50.68
CA THR EA 117 -84.17 25.64 -51.25
C THR EA 117 -83.08 26.24 -52.13
N GLN EA 118 -81.81 25.98 -51.84
CA GLN EA 118 -80.74 26.37 -52.76
C GLN EA 118 -80.79 25.57 -54.06
N LYS EA 119 -81.03 24.25 -53.96
CA LYS EA 119 -81.16 23.41 -55.14
C LYS EA 119 -82.33 23.86 -56.00
N ARG EA 120 -83.44 24.23 -55.38
CA ARG EA 120 -84.61 24.69 -56.11
C ARG EA 120 -84.43 26.07 -56.68
N TYR EA 121 -83.68 26.94 -55.99
CA TYR EA 121 -83.30 28.24 -56.55
C TYR EA 121 -82.52 28.04 -57.83
N ALA EA 122 -81.58 27.10 -57.82
CA ALA EA 122 -80.74 26.87 -58.99
C ALA EA 122 -81.52 26.27 -60.14
N ILE EA 123 -82.50 25.41 -59.85
CA ILE EA 123 -83.40 24.93 -60.90
C ILE EA 123 -84.21 26.08 -61.49
N CYS EA 124 -84.70 26.98 -60.64
CA CYS EA 124 -85.51 28.10 -61.12
C CYS EA 124 -84.68 29.08 -61.94
N SER EA 125 -83.43 29.31 -61.56
CA SER EA 125 -82.56 30.17 -62.35
C SER EA 125 -82.19 29.53 -63.68
N ALA EA 126 -81.96 28.21 -63.67
CA ALA EA 126 -81.61 27.50 -64.89
C ALA EA 126 -82.80 27.41 -65.84
N LEU EA 127 -84.02 27.42 -65.31
CA LEU EA 127 -85.18 27.45 -66.20
C LEU EA 127 -85.45 28.85 -66.69
N ALA EA 128 -85.26 29.85 -65.83
CA ALA EA 128 -85.58 31.22 -66.21
C ALA EA 128 -84.62 31.75 -67.24
N ALA EA 129 -83.38 31.25 -67.26
CA ALA EA 129 -82.45 31.74 -68.26
C ALA EA 129 -82.42 30.87 -69.52
N SER EA 130 -83.18 29.79 -69.55
CA SER EA 130 -83.31 29.04 -70.78
C SER EA 130 -84.39 29.60 -71.68
N ALA EA 131 -85.02 30.71 -71.28
CA ALA EA 131 -86.04 31.35 -72.10
C ALA EA 131 -85.55 32.65 -72.69
N LEU EA 132 -84.27 32.93 -72.55
CA LEU EA 132 -83.70 34.15 -73.08
C LEU EA 132 -82.75 33.82 -74.22
N PRO EA 133 -82.92 34.42 -75.40
CA PRO EA 133 -82.06 34.03 -76.54
C PRO EA 133 -80.60 34.39 -76.40
N ALA EA 134 -80.29 35.50 -75.74
CA ALA EA 134 -78.91 35.89 -75.54
C ALA EA 134 -78.15 34.86 -74.73
N LEU EA 135 -78.79 34.33 -73.69
CA LEU EA 135 -78.11 33.42 -72.79
C LEU EA 135 -78.00 32.02 -73.37
N VAL EA 136 -79.00 31.62 -74.16
CA VAL EA 136 -78.97 30.32 -74.81
C VAL EA 136 -77.94 30.30 -75.93
N MET EA 137 -77.80 31.42 -76.64
CA MET EA 137 -76.75 31.50 -77.65
C MET EA 137 -75.38 31.68 -77.03
N SER EA 138 -75.29 32.30 -75.86
CA SER EA 138 -74.01 32.42 -75.19
C SER EA 138 -73.59 31.11 -74.57
N LYS EA 139 -74.54 30.23 -74.29
CA LYS EA 139 -74.18 28.86 -73.95
C LYS EA 139 -73.65 28.14 -75.17
N GLY EA 140 -74.12 28.50 -76.35
CA GLY EA 140 -73.49 28.06 -77.57
C GLY EA 140 -74.41 27.48 -78.60
N HIS EA 141 -75.72 27.47 -78.34
CA HIS EA 141 -76.64 26.73 -79.18
C HIS EA 141 -76.94 27.47 -80.47
N ARG EA 142 -77.12 26.71 -81.54
CA ARG EA 142 -77.44 27.28 -82.84
C ARG EA 142 -78.96 27.36 -82.96
N ILE EA 143 -79.49 28.57 -82.81
CA ILE EA 143 -80.90 28.71 -82.48
C ILE EA 143 -81.58 29.78 -83.35
N GLU EA 144 -80.82 30.35 -84.28
CA GLU EA 144 -81.25 31.49 -85.09
C GLU EA 144 -82.48 31.22 -85.96
N GLU EA 145 -82.81 29.95 -86.20
CA GLU EA 145 -83.99 29.62 -86.98
C GLU EA 145 -85.15 29.07 -86.14
N VAL EA 146 -84.99 28.98 -84.84
CA VAL EA 146 -86.03 28.43 -83.96
C VAL EA 146 -87.19 29.42 -83.89
N PRO EA 147 -88.44 28.98 -84.02
CA PRO EA 147 -89.55 29.94 -84.13
C PRO EA 147 -89.80 30.76 -82.88
N GLU EA 148 -89.89 30.16 -81.70
CA GLU EA 148 -90.06 30.91 -80.46
C GLU EA 148 -89.35 30.15 -79.35
N LEU EA 149 -88.68 30.89 -78.46
CA LEU EA 149 -87.60 30.26 -77.69
C LEU EA 149 -88.10 29.42 -76.51
N PRO EA 150 -89.14 29.80 -75.75
CA PRO EA 150 -89.78 28.76 -74.95
C PRO EA 150 -90.54 27.82 -75.88
N LEU EA 151 -89.81 26.85 -76.43
CA LEU EA 151 -90.25 26.11 -77.62
C LEU EA 151 -91.08 24.93 -77.18
N VAL EA 152 -92.38 25.05 -77.40
CA VAL EA 152 -93.35 24.08 -76.91
C VAL EA 152 -93.94 23.37 -78.11
N VAL EA 153 -94.06 22.05 -78.03
CA VAL EA 153 -94.58 21.24 -79.11
C VAL EA 153 -95.86 20.56 -78.62
N GLU EA 154 -96.62 20.00 -79.54
CA GLU EA 154 -97.81 19.21 -79.21
C GLU EA 154 -97.45 17.98 -78.40
N ASP EA 155 -98.47 17.40 -77.76
CA ASP EA 155 -98.26 16.21 -76.94
C ASP EA 155 -98.29 14.93 -77.75
N LYS EA 156 -98.37 15.02 -79.07
CA LYS EA 156 -98.17 13.86 -79.94
C LYS EA 156 -96.72 13.42 -80.00
N VAL EA 157 -95.80 14.23 -79.47
CA VAL EA 157 -94.38 13.91 -79.50
C VAL EA 157 -94.06 12.82 -78.48
N GLU EA 158 -94.87 12.72 -77.40
CA GLU EA 158 -94.67 11.59 -76.49
C GLU EA 158 -95.17 10.29 -77.09
N GLY EA 159 -95.83 10.33 -78.25
CA GLY EA 159 -96.25 9.09 -78.89
C GLY EA 159 -95.27 8.54 -79.89
N TYR EA 160 -94.21 9.29 -80.21
CA TYR EA 160 -93.24 8.83 -81.21
C TYR EA 160 -92.49 7.61 -80.70
N LYS EA 161 -92.11 6.73 -81.62
CA LYS EA 161 -91.42 5.50 -81.26
C LYS EA 161 -90.23 5.20 -82.16
N LYS EA 162 -89.95 6.06 -83.13
CA LYS EA 162 -88.87 5.84 -84.07
C LYS EA 162 -87.96 7.06 -84.05
N THR EA 163 -86.66 6.84 -84.19
CA THR EA 163 -85.76 7.98 -84.21
C THR EA 163 -85.84 8.73 -85.53
N LYS EA 164 -86.43 8.12 -86.55
CA LYS EA 164 -86.64 8.80 -87.81
C LYS EA 164 -87.68 9.90 -87.66
N GLU EA 165 -88.70 9.64 -86.84
CA GLU EA 165 -89.71 10.63 -86.50
C GLU EA 165 -89.13 11.76 -85.65
N ALA EA 166 -88.22 11.41 -84.74
CA ALA EA 166 -87.60 12.42 -83.88
C ALA EA 166 -86.64 13.30 -84.66
N VAL EA 167 -85.85 12.70 -85.56
CA VAL EA 167 -85.00 13.47 -86.46
C VAL EA 167 -85.84 14.40 -87.32
N LEU EA 168 -86.98 13.90 -87.81
CA LEU EA 168 -87.87 14.74 -88.62
C LEU EA 168 -88.47 15.90 -87.82
N LEU EA 169 -88.82 15.67 -86.56
CA LEU EA 169 -89.34 16.74 -85.71
C LEU EA 169 -88.27 17.81 -85.48
N LEU EA 170 -87.04 17.38 -85.21
CA LEU EA 170 -85.95 18.32 -85.01
C LEU EA 170 -85.60 19.08 -86.29
N LYS EA 171 -85.83 18.49 -87.46
CA LYS EA 171 -85.75 19.23 -88.70
C LYS EA 171 -86.82 20.31 -88.77
N LYS EA 172 -88.08 19.93 -88.55
CA LYS EA 172 -89.19 20.85 -88.81
C LYS EA 172 -89.26 21.96 -87.77
N LEU EA 173 -88.78 21.71 -86.55
CA LEU EA 173 -88.69 22.78 -85.56
C LEU EA 173 -87.51 23.70 -85.78
N LYS EA 174 -86.64 23.39 -86.77
CA LYS EA 174 -85.39 24.10 -87.03
C LYS EA 174 -84.50 24.12 -85.81
N ALA EA 175 -84.47 22.99 -85.11
CA ALA EA 175 -83.54 22.72 -84.04
C ALA EA 175 -82.50 21.68 -84.43
N TRP EA 176 -82.43 21.33 -85.71
CA TRP EA 176 -81.54 20.28 -86.17
C TRP EA 176 -80.11 20.75 -86.33
N ASN EA 177 -79.89 22.05 -86.56
CA ASN EA 177 -78.53 22.58 -86.67
C ASN EA 177 -77.77 22.46 -85.36
N ASP EA 178 -78.46 22.38 -84.24
CA ASP EA 178 -77.75 22.13 -82.99
C ASP EA 178 -77.27 20.70 -82.91
N ILE EA 179 -78.04 19.75 -83.48
CA ILE EA 179 -77.58 18.37 -83.50
C ILE EA 179 -76.45 18.21 -84.51
N LYS EA 180 -76.50 18.96 -85.60
CA LYS EA 180 -75.41 18.96 -86.56
C LYS EA 180 -74.15 19.58 -85.97
N LYS EA 181 -74.31 20.56 -85.10
CA LYS EA 181 -73.18 21.13 -84.38
C LYS EA 181 -72.61 20.15 -83.38
N VAL EA 182 -73.47 19.31 -82.79
CA VAL EA 182 -73.00 18.24 -81.90
C VAL EA 182 -72.19 17.22 -82.69
N TYR EA 183 -72.65 16.85 -83.88
CA TYR EA 183 -71.90 15.92 -84.73
C TYR EA 183 -70.56 16.49 -85.16
N ALA EA 184 -70.48 17.80 -85.40
CA ALA EA 184 -69.20 18.38 -85.77
C ALA EA 184 -68.23 18.42 -84.60
N SER EA 185 -68.75 18.42 -83.39
CA SER EA 185 -67.95 18.51 -82.17
C SER EA 185 -67.53 17.17 -81.62
N GLN EA 186 -67.78 16.07 -82.32
CA GLN EA 186 -67.40 14.76 -81.82
C GLN EA 186 -65.93 14.54 -82.13
N ARG EA 187 -65.08 14.62 -81.11
CA ARG EA 187 -63.66 14.47 -81.30
C ARG EA 187 -63.12 13.62 -80.17
N MET EA 188 -61.81 13.39 -80.18
CA MET EA 188 -61.19 12.52 -79.22
C MET EA 188 -60.76 13.32 -78.00
N ARG EA 189 -60.68 12.67 -76.85
CA ARG EA 189 -60.28 13.35 -75.63
C ARG EA 189 -58.76 13.47 -75.58
N ALA EA 190 -58.27 14.56 -74.99
CA ALA EA 190 -56.86 14.69 -74.65
C ALA EA 190 -56.65 14.09 -73.27
N GLY EA 191 -55.62 13.26 -73.12
CA GLY EA 191 -55.11 12.93 -71.82
C GLY EA 191 -55.28 11.47 -71.48
N LYS EA 192 -55.09 11.16 -70.19
CA LYS EA 192 -55.21 9.80 -69.67
C LYS EA 192 -56.64 9.35 -69.50
N GLY EA 193 -57.61 10.21 -69.81
CA GLY EA 193 -58.99 9.79 -69.75
C GLY EA 193 -59.40 8.88 -70.89
N LYS EA 194 -58.51 8.62 -71.84
CA LYS EA 194 -58.85 7.71 -72.93
C LYS EA 194 -58.67 6.26 -72.51
N MET EA 195 -57.72 5.99 -71.63
CA MET EA 195 -57.56 4.67 -71.03
C MET EA 195 -58.34 4.53 -69.74
N ARG EA 196 -59.36 5.36 -69.55
CA ARG EA 196 -60.21 5.35 -68.38
C ARG EA 196 -61.66 5.42 -68.79
N ASN EA 197 -61.91 4.93 -70.01
CA ASN EA 197 -63.25 4.72 -70.58
C ASN EA 197 -63.98 6.03 -70.83
N ARG EA 198 -63.23 7.09 -71.06
CA ARG EA 198 -63.78 8.38 -71.40
C ARG EA 198 -63.14 8.79 -72.73
N ARG EA 199 -63.19 7.87 -73.69
CA ARG EA 199 -62.46 7.96 -74.94
C ARG EA 199 -62.98 9.08 -75.85
N ARG EA 200 -64.27 9.05 -76.16
CA ARG EA 200 -64.88 10.02 -77.05
C ARG EA 200 -65.59 11.10 -76.25
N ILE EA 201 -65.52 12.33 -76.73
CA ILE EA 201 -66.28 13.44 -76.14
C ILE EA 201 -67.04 14.19 -77.22
N GLN EA 202 -68.11 14.85 -76.80
CA GLN EA 202 -68.93 15.63 -77.72
C GLN EA 202 -69.64 16.73 -76.95
N ARG EA 203 -70.51 17.43 -77.65
CA ARG EA 203 -71.20 18.58 -77.13
C ARG EA 203 -72.57 18.18 -76.59
N ARG EA 204 -73.08 18.96 -75.65
CA ARG EA 204 -74.46 18.83 -75.22
C ARG EA 204 -75.41 19.31 -76.30
N GLY EA 205 -76.60 18.76 -76.33
CA GLY EA 205 -77.56 19.12 -77.34
C GLY EA 205 -78.77 19.81 -76.74
N PRO EA 206 -79.88 19.80 -77.46
CA PRO EA 206 -81.13 20.34 -76.90
C PRO EA 206 -81.69 19.41 -75.85
N CYS EA 207 -82.49 19.96 -74.96
CA CYS EA 207 -83.11 19.14 -73.94
C CYS EA 207 -84.59 19.03 -74.21
N VAL EA 208 -85.09 17.79 -74.23
CA VAL EA 208 -86.48 17.52 -74.53
C VAL EA 208 -87.14 17.14 -73.23
N ILE EA 209 -88.03 17.99 -72.72
CA ILE EA 209 -88.67 17.76 -71.43
C ILE EA 209 -90.08 17.24 -71.68
N TYR EA 210 -90.28 15.95 -71.37
CA TYR EA 210 -91.55 15.26 -71.56
C TYR EA 210 -92.27 15.17 -70.23
N ASN EA 211 -93.60 15.03 -70.29
CA ASN EA 211 -94.34 14.76 -69.06
C ASN EA 211 -94.50 13.26 -68.84
N GLU EA 212 -95.11 12.55 -69.78
CA GLU EA 212 -95.27 11.12 -69.65
C GLU EA 212 -94.46 10.41 -70.74
N ASP EA 213 -93.64 9.47 -70.32
CA ASP EA 213 -92.74 8.77 -71.23
C ASP EA 213 -93.53 7.66 -71.91
N ASN EA 214 -94.24 8.00 -72.97
CA ASN EA 214 -95.06 7.01 -73.64
C ASN EA 214 -94.38 6.63 -74.95
N GLY EA 215 -93.06 6.68 -74.95
CA GLY EA 215 -92.27 6.31 -76.10
C GLY EA 215 -91.27 7.34 -76.57
N ILE EA 216 -91.31 8.56 -76.03
CA ILE EA 216 -90.46 9.65 -76.50
C ILE EA 216 -88.99 9.39 -76.15
N VAL EA 217 -88.72 8.63 -75.10
CA VAL EA 217 -87.33 8.41 -74.70
C VAL EA 217 -86.65 7.43 -75.64
N LYS EA 218 -87.32 6.31 -75.97
CA LYS EA 218 -86.78 5.40 -76.99
C LYS EA 218 -86.59 6.10 -78.33
N ALA EA 219 -87.50 7.01 -78.68
CA ALA EA 219 -87.43 7.68 -79.96
C ALA EA 219 -86.34 8.74 -80.01
N PHE EA 220 -85.95 9.32 -78.88
CA PHE EA 220 -84.97 10.39 -78.91
C PHE EA 220 -83.59 10.00 -78.41
N ARG EA 221 -83.43 8.84 -77.76
CA ARG EA 221 -82.18 8.59 -77.06
C ARG EA 221 -81.03 8.26 -78.00
N ASN EA 222 -81.33 7.88 -79.23
CA ASN EA 222 -80.24 7.53 -80.14
C ASN EA 222 -79.57 8.76 -80.72
N ILE EA 223 -80.29 9.87 -80.83
CA ILE EA 223 -79.75 11.06 -81.48
C ILE EA 223 -78.73 11.70 -80.54
N PRO EA 224 -77.49 11.90 -80.97
CA PRO EA 224 -76.44 12.38 -80.06
C PRO EA 224 -76.67 13.82 -79.66
N GLY EA 225 -76.59 14.08 -78.35
CA GLY EA 225 -76.75 15.41 -77.80
C GLY EA 225 -78.00 15.56 -76.94
N ILE EA 226 -79.12 15.01 -77.39
CA ILE EA 226 -80.39 15.16 -76.70
C ILE EA 226 -80.35 14.39 -75.39
N THR EA 227 -80.52 15.09 -74.28
CA THR EA 227 -80.86 14.48 -73.02
C THR EA 227 -82.35 14.68 -72.80
N LEU EA 228 -82.98 13.70 -72.20
CA LEU EA 228 -84.40 13.75 -71.94
C LEU EA 228 -84.61 14.05 -70.47
N LEU EA 229 -85.64 14.84 -70.17
CA LEU EA 229 -85.95 15.11 -68.78
C LEU EA 229 -87.44 14.97 -68.54
N ASN EA 230 -87.78 14.50 -67.36
CA ASN EA 230 -89.14 14.51 -66.86
C ASN EA 230 -89.30 15.75 -66.00
N VAL EA 231 -90.48 16.37 -66.09
CA VAL EA 231 -90.66 17.71 -65.52
C VAL EA 231 -90.63 17.63 -64.00
N THR EA 232 -91.15 16.55 -63.45
CA THR EA 232 -91.21 16.39 -62.01
C THR EA 232 -89.83 16.14 -61.42
N LYS EA 233 -88.89 15.69 -62.24
CA LYS EA 233 -87.57 15.33 -61.79
C LYS EA 233 -86.48 16.11 -62.51
N LEU EA 234 -86.63 17.43 -62.61
CA LEU EA 234 -85.66 18.24 -63.34
C LEU EA 234 -84.33 18.33 -62.61
N ASN EA 235 -83.25 18.24 -63.39
CA ASN EA 235 -81.91 18.00 -62.88
C ASN EA 235 -81.01 19.18 -63.23
N ILE EA 236 -80.30 19.69 -62.22
CA ILE EA 236 -79.43 20.85 -62.35
C ILE EA 236 -78.24 20.51 -63.22
N LEU EA 237 -77.82 19.25 -63.20
CA LEU EA 237 -76.64 18.83 -63.94
C LEU EA 237 -76.94 18.66 -65.41
N LYS EA 238 -78.19 18.87 -65.82
CA LYS EA 238 -78.71 18.73 -67.16
C LYS EA 238 -79.42 19.99 -67.62
N LEU EA 239 -79.97 20.77 -66.70
CA LEU EA 239 -80.51 22.08 -67.08
C LEU EA 239 -79.41 23.12 -67.19
N ALA EA 240 -78.30 22.92 -66.49
CA ALA EA 240 -77.16 23.83 -66.54
C ALA EA 240 -75.91 22.98 -66.66
N PRO EA 241 -75.53 22.62 -67.89
CA PRO EA 241 -74.37 21.75 -68.06
C PRO EA 241 -73.08 22.54 -67.89
N GLY EA 242 -72.18 22.01 -67.09
CA GLY EA 242 -70.95 22.72 -66.88
C GLY EA 242 -71.02 23.86 -65.91
N GLY EA 243 -72.15 24.05 -65.26
CA GLY EA 243 -72.32 25.15 -64.32
C GLY EA 243 -72.84 26.40 -64.98
N HIS EA 244 -73.00 26.38 -66.30
CA HIS EA 244 -73.34 27.56 -67.08
C HIS EA 244 -74.80 27.48 -67.47
N VAL EA 245 -75.42 28.63 -67.58
CA VAL EA 245 -76.87 28.70 -67.61
C VAL EA 245 -77.31 28.99 -69.03
N GLY EA 246 -78.45 28.44 -69.44
CA GLY EA 246 -78.96 28.69 -70.77
C GLY EA 246 -78.88 27.53 -71.73
N ARG EA 247 -79.20 26.33 -71.29
CA ARG EA 247 -79.33 25.24 -72.25
C ARG EA 247 -80.62 25.40 -73.03
N PHE EA 248 -80.54 25.16 -74.34
CA PHE EA 248 -81.71 25.13 -75.20
C PHE EA 248 -82.58 23.94 -74.83
N CYS EA 249 -83.80 24.23 -74.38
CA CYS EA 249 -84.73 23.24 -73.89
C CYS EA 249 -86.01 23.25 -74.72
N ILE EA 250 -86.50 22.06 -75.05
CA ILE EA 250 -87.69 21.87 -75.87
C ILE EA 250 -88.74 21.20 -74.99
N TRP EA 251 -89.90 21.83 -74.88
CA TRP EA 251 -90.93 21.38 -73.97
C TRP EA 251 -92.08 20.77 -74.74
N THR EA 252 -92.82 19.89 -74.09
CA THR EA 252 -94.12 19.51 -74.60
C THR EA 252 -95.17 20.36 -73.92
N GLU EA 253 -96.41 20.26 -74.42
CA GLU EA 253 -97.46 21.15 -73.94
C GLU EA 253 -97.86 20.81 -72.51
N SER EA 254 -97.94 19.52 -72.19
CA SER EA 254 -98.28 19.13 -70.83
C SER EA 254 -97.14 19.41 -69.87
N ALA EA 255 -95.90 19.26 -70.34
CA ALA EA 255 -94.73 19.66 -69.58
C ALA EA 255 -94.73 21.15 -69.29
N PHE EA 256 -95.16 21.95 -70.24
CA PHE EA 256 -95.11 23.39 -70.07
C PHE EA 256 -96.29 23.84 -69.22
N ARG EA 257 -97.35 23.04 -69.16
CA ARG EA 257 -98.49 23.37 -68.31
C ARG EA 257 -98.32 22.83 -66.89
N LYS EA 258 -97.33 21.98 -66.68
CA LYS EA 258 -97.10 21.50 -65.31
C LYS EA 258 -96.16 22.43 -64.52
N LEU EA 259 -95.53 23.42 -65.16
CA LEU EA 259 -94.49 24.20 -64.48
C LEU EA 259 -95.07 25.17 -63.45
N ASP EA 260 -96.23 25.74 -63.74
CA ASP EA 260 -96.88 26.62 -62.76
C ASP EA 260 -97.39 25.83 -61.58
N ASP EA 261 -97.63 24.53 -61.76
CA ASP EA 261 -98.03 23.68 -60.66
C ASP EA 261 -96.83 23.19 -59.87
N LEU EA 262 -95.68 23.02 -60.53
CA LEU EA 262 -94.48 22.54 -59.85
C LEU EA 262 -93.77 23.62 -59.08
N TYR EA 263 -93.74 24.84 -59.58
CA TYR EA 263 -92.93 25.87 -58.94
C TYR EA 263 -93.76 27.01 -58.40
N GLY EA 264 -95.02 27.10 -58.76
CA GLY EA 264 -95.87 28.14 -58.25
C GLY EA 264 -95.73 29.41 -59.05
N THR EA 265 -96.68 30.31 -58.91
CA THR EA 265 -96.45 31.69 -59.27
C THR EA 265 -96.10 32.44 -57.99
N TRP EA 266 -96.04 33.77 -58.04
CA TRP EA 266 -95.66 34.48 -56.83
C TRP EA 266 -96.83 34.71 -55.90
N ARG EA 267 -98.06 34.47 -56.36
CA ARG EA 267 -99.21 34.63 -55.50
C ARG EA 267 -99.87 33.31 -55.14
N LYS EA 268 -99.54 32.23 -55.82
CA LYS EA 268 -100.00 30.89 -55.45
C LYS EA 268 -98.76 30.04 -55.20
N ALA EA 269 -98.76 29.27 -54.11
CA ALA EA 269 -97.61 28.40 -53.87
C ALA EA 269 -97.64 27.20 -54.80
N ALA EA 270 -96.56 26.44 -54.77
CA ALA EA 270 -96.47 25.25 -55.61
C ALA EA 270 -97.35 24.15 -55.04
N SER EA 271 -98.28 23.64 -55.86
CA SER EA 271 -99.22 22.64 -55.37
C SER EA 271 -98.63 21.24 -55.44
N LEU EA 272 -97.42 21.10 -55.98
CA LEU EA 272 -96.79 19.80 -56.11
C LEU EA 272 -95.58 19.66 -55.19
N LYS EA 273 -95.18 20.75 -54.56
CA LYS EA 273 -94.27 20.66 -53.41
C LYS EA 273 -95.04 20.78 -52.11
N SER EA 274 -94.32 20.62 -51.00
CA SER EA 274 -94.95 20.73 -49.69
C SER EA 274 -95.15 22.19 -49.30
N ASN EA 275 -94.05 22.95 -49.28
CA ASN EA 275 -94.13 24.39 -49.03
C ASN EA 275 -93.00 25.02 -49.84
N TYR EA 276 -93.30 25.40 -51.07
CA TYR EA 276 -92.30 26.07 -51.89
C TYR EA 276 -92.96 27.22 -52.63
N ASN EA 277 -92.36 28.40 -52.52
CA ASN EA 277 -92.67 29.56 -53.34
C ASN EA 277 -91.46 29.97 -54.14
N LEU EA 278 -91.70 30.61 -55.29
CA LEU EA 278 -90.63 31.12 -56.10
C LEU EA 278 -89.85 32.19 -55.36
N PRO EA 279 -88.53 32.26 -55.58
CA PRO EA 279 -87.74 33.26 -54.88
C PRO EA 279 -88.01 34.67 -55.38
N MET EA 280 -87.76 35.62 -54.51
CA MET EA 280 -88.21 36.99 -54.71
C MET EA 280 -87.07 37.80 -55.33
N HIS EA 281 -87.43 38.75 -56.19
CA HIS EA 281 -86.41 39.58 -56.83
C HIS EA 281 -85.82 40.59 -55.86
N LYS EA 282 -84.51 40.80 -55.97
CA LYS EA 282 -83.87 41.81 -55.14
C LYS EA 282 -84.08 43.19 -55.76
N MET EA 283 -84.44 43.22 -57.03
CA MET EA 283 -84.80 44.44 -57.74
C MET EA 283 -85.70 44.05 -58.89
N LEU EA 284 -86.75 44.85 -59.14
CA LEU EA 284 -87.70 44.47 -60.17
C LEU EA 284 -87.30 45.02 -61.54
N ASN EA 285 -87.04 46.32 -61.63
CA ASN EA 285 -86.43 46.88 -62.85
C ASN EA 285 -84.94 46.61 -62.78
N THR EA 286 -84.50 45.58 -63.48
CA THR EA 286 -83.07 45.33 -63.60
C THR EA 286 -82.46 46.14 -64.73
N ASP EA 287 -83.29 46.72 -65.59
CA ASP EA 287 -82.84 47.60 -66.66
C ASP EA 287 -82.39 48.92 -66.08
N LEU EA 288 -81.09 49.07 -65.77
CA LEU EA 288 -80.70 50.29 -65.11
C LEU EA 288 -80.46 51.43 -66.09
N SER EA 289 -80.39 51.17 -67.39
CA SER EA 289 -80.29 52.28 -68.34
C SER EA 289 -81.55 53.13 -68.32
N ARG EA 290 -82.71 52.48 -68.34
CA ARG EA 290 -83.97 53.20 -68.33
C ARG EA 290 -84.21 53.87 -66.98
N ILE EA 291 -83.62 53.32 -65.92
CA ILE EA 291 -83.73 53.95 -64.62
C ILE EA 291 -82.88 55.20 -64.55
N LEU EA 292 -81.63 55.12 -65.05
CA LEU EA 292 -80.71 56.23 -64.87
C LEU EA 292 -81.08 57.43 -65.74
N LYS EA 293 -81.50 57.20 -66.98
CA LYS EA 293 -81.98 58.31 -67.80
C LYS EA 293 -83.51 58.41 -67.75
N SER EA 294 -84.02 58.41 -66.53
CA SER EA 294 -85.40 58.72 -66.25
C SER EA 294 -85.49 60.13 -65.73
N PRO EA 295 -86.58 60.86 -66.04
CA PRO EA 295 -86.65 62.27 -65.65
C PRO EA 295 -86.77 62.50 -64.15
N GLU EA 296 -87.14 61.48 -63.38
CA GLU EA 296 -87.11 61.59 -61.93
C GLU EA 296 -85.67 61.71 -61.43
N ILE EA 297 -84.80 60.82 -61.89
CA ILE EA 297 -83.41 60.84 -61.45
C ILE EA 297 -82.65 61.98 -62.12
N GLN EA 298 -82.90 62.21 -63.42
CA GLN EA 298 -82.16 63.23 -64.17
C GLN EA 298 -82.48 64.65 -63.71
N ARG EA 299 -83.60 64.84 -63.02
CA ARG EA 299 -83.86 66.13 -62.41
C ARG EA 299 -83.03 66.33 -61.16
N ALA EA 300 -82.83 65.25 -60.40
CA ALA EA 300 -82.20 65.35 -59.08
C ALA EA 300 -80.71 64.98 -59.16
N LEU EA 301 -80.00 65.62 -60.08
CA LEU EA 301 -78.57 65.39 -60.20
C LEU EA 301 -77.88 66.73 -60.34
N ARG EA 302 -76.56 66.71 -60.20
CA ARG EA 302 -75.79 67.89 -60.51
C ARG EA 302 -75.25 67.80 -61.94
N ALA EA 303 -74.50 68.82 -62.33
CA ALA EA 303 -73.95 68.84 -63.66
C ALA EA 303 -72.71 67.96 -63.75
N PRO EA 304 -72.44 67.36 -64.90
CA PRO EA 304 -71.27 66.49 -65.04
C PRO EA 304 -69.98 67.27 -65.19
N ARG EA 305 -69.01 66.99 -64.33
CA ARG EA 305 -67.71 67.66 -64.35
C ARG EA 305 -66.79 66.90 -65.28
N LYS EA 306 -66.98 67.09 -66.58
CA LYS EA 306 -66.28 66.30 -67.59
C LYS EA 306 -65.17 67.02 -68.31
N LYS EA 307 -64.60 68.06 -67.72
CA LYS EA 307 -63.40 68.68 -68.28
C LYS EA 307 -62.17 68.03 -67.66
N ILE EA 308 -61.18 67.71 -68.48
CA ILE EA 308 -59.99 67.03 -68.00
C ILE EA 308 -58.94 68.07 -67.62
N HIS EA 309 -58.55 68.08 -66.36
CA HIS EA 309 -57.53 69.01 -65.88
C HIS EA 309 -56.24 68.22 -65.64
N ARG EA 310 -55.24 68.49 -66.47
CA ARG EA 310 -53.99 67.78 -66.42
C ARG EA 310 -52.99 68.57 -65.59
N ARG EA 311 -51.84 67.95 -65.32
CA ARG EA 311 -50.80 68.66 -64.59
C ARG EA 311 -50.23 69.76 -65.47
N VAL EA 312 -50.06 70.92 -64.89
CA VAL EA 312 -49.55 72.06 -65.63
C VAL EA 312 -48.04 72.11 -65.43
N LEU EA 313 -47.31 72.41 -66.49
CA LEU EA 313 -45.86 72.53 -66.39
C LEU EA 313 -45.54 73.78 -65.61
N LYS EA 314 -44.87 73.62 -64.47
CA LYS EA 314 -44.50 74.76 -63.66
C LYS EA 314 -43.41 75.56 -64.35
N LYS EA 315 -43.78 76.70 -64.92
CA LYS EA 315 -42.79 77.60 -65.47
C LYS EA 315 -42.35 78.56 -64.37
N ASN EA 316 -41.08 78.93 -64.41
CA ASN EA 316 -40.50 79.74 -63.35
C ASN EA 316 -40.91 81.19 -63.53
N PRO EA 317 -41.58 81.82 -62.56
CA PRO EA 317 -41.91 83.24 -62.70
C PRO EA 317 -40.72 84.15 -62.69
N LEU EA 318 -39.60 83.70 -62.15
CA LEU EA 318 -38.40 84.52 -62.10
C LEU EA 318 -37.67 84.49 -63.42
N LYS EA 319 -37.95 83.48 -64.24
CA LYS EA 319 -37.43 83.43 -65.60
C LYS EA 319 -38.47 83.96 -66.58
N ASN EA 320 -39.66 83.38 -66.55
CA ASN EA 320 -40.68 83.69 -67.51
C ASN EA 320 -41.34 84.99 -67.11
N LEU EA 321 -41.33 85.96 -68.00
CA LEU EA 321 -41.91 87.27 -67.72
C LEU EA 321 -43.42 87.18 -67.59
N ARG EA 322 -44.05 86.34 -68.38
CA ARG EA 322 -45.51 86.40 -68.46
C ARG EA 322 -46.19 85.48 -67.46
N ILE EA 323 -45.50 84.45 -67.00
CA ILE EA 323 -45.97 83.70 -65.84
C ILE EA 323 -45.96 84.59 -64.61
N MET EA 324 -44.93 85.44 -64.50
CA MET EA 324 -44.88 86.45 -63.45
C MET EA 324 -46.03 87.44 -63.59
N LEU EA 325 -46.32 87.88 -64.82
CA LEU EA 325 -47.40 88.85 -65.01
C LEU EA 325 -48.77 88.23 -64.78
N LYS EA 326 -48.90 86.93 -65.01
CA LYS EA 326 -50.12 86.24 -64.65
C LYS EA 326 -50.27 86.19 -63.13
N LEU EA 327 -49.17 86.04 -62.41
CA LEU EA 327 -49.22 85.98 -60.96
C LEU EA 327 -49.17 87.36 -60.31
N ASN EA 328 -48.32 88.25 -60.81
CA ASN EA 328 -48.22 89.60 -60.28
C ASN EA 328 -48.19 90.57 -61.45
N PRO EA 329 -49.28 91.29 -61.71
CA PRO EA 329 -49.26 92.26 -62.80
C PRO EA 329 -48.49 93.51 -62.47
N TYR EA 330 -48.25 93.81 -61.20
CA TYR EA 330 -47.45 94.97 -60.81
C TYR EA 330 -45.97 94.76 -61.05
N ALA EA 331 -45.55 93.54 -61.35
CA ALA EA 331 -44.17 93.32 -61.77
C ALA EA 331 -43.89 93.93 -63.13
N LYS EA 332 -44.94 94.18 -63.93
CA LYS EA 332 -44.79 94.88 -65.20
C LYS EA 332 -44.30 96.31 -64.99
N THR EA 333 -44.82 97.00 -63.97
CA THR EA 333 -44.36 98.35 -63.73
C THR EA 333 -43.16 98.39 -62.79
N MET EA 334 -42.98 97.35 -61.98
CA MET EA 334 -41.75 97.28 -61.21
C MET EA 334 -40.56 96.96 -62.09
N ARG EA 335 -40.81 96.39 -63.27
CA ARG EA 335 -39.74 96.12 -64.18
C ARG EA 335 -39.65 97.16 -65.28
N ARG EA 336 -40.75 97.84 -65.64
CA ARG EA 336 -40.66 98.98 -66.54
C ARG EA 336 -39.89 100.13 -65.92
N ASN EA 337 -40.26 100.53 -64.72
CA ASN EA 337 -39.35 101.25 -63.85
C ASN EA 337 -38.18 100.32 -63.52
N THR EA 338 -36.99 100.89 -63.34
CA THR EA 338 -35.70 100.20 -63.32
C THR EA 338 -35.38 99.49 -64.62
N ILE EA 339 -35.85 100.00 -65.75
CA ILE EA 339 -35.11 99.93 -67.00
C ILE EA 339 -34.87 101.38 -67.31
N LEU EA 340 -35.94 102.15 -67.18
CA LEU EA 340 -35.91 103.59 -67.37
C LEU EA 340 -35.01 104.24 -66.33
N ARG EA 341 -35.09 103.77 -65.08
CA ARG EA 341 -34.30 104.33 -63.99
C ARG EA 341 -32.82 104.08 -64.20
N GLN EA 342 -32.48 102.85 -64.58
CA GLN EA 342 -31.08 102.48 -64.70
C GLN EA 342 -30.44 103.07 -65.94
N ALA EA 343 -31.21 103.18 -67.03
CA ALA EA 343 -30.68 103.85 -68.22
C ALA EA 343 -30.51 105.35 -67.99
N ARG EA 344 -31.44 105.95 -67.24
CA ARG EA 344 -31.31 107.37 -66.90
C ARG EA 344 -30.13 107.62 -65.98
N ASN EA 345 -29.92 106.74 -64.99
CA ASN EA 345 -28.78 106.90 -64.11
C ASN EA 345 -27.47 106.60 -64.82
N HIS EA 346 -27.48 105.74 -65.82
CA HIS EA 346 -26.27 105.51 -66.60
C HIS EA 346 -25.95 106.71 -67.49
N LYS EA 347 -27.00 107.38 -68.00
CA LYS EA 347 -26.76 108.64 -68.70
C LYS EA 347 -26.17 109.69 -67.78
N LEU EA 348 -26.68 109.79 -66.55
CA LEU EA 348 -26.14 110.78 -65.62
C LEU EA 348 -24.71 110.45 -65.21
N ARG EA 349 -24.38 109.17 -65.14
CA ARG EA 349 -23.02 108.74 -64.85
C ARG EA 349 -22.06 109.14 -65.97
N VAL EA 350 -22.45 108.89 -67.23
CA VAL EA 350 -21.62 109.26 -68.36
C VAL EA 350 -21.49 110.78 -68.47
N GLU EA 351 -22.55 111.52 -68.14
CA GLU EA 351 -22.49 112.97 -68.21
C GLU EA 351 -21.60 113.58 -67.13
N ARG EA 352 -21.65 113.03 -65.91
CA ARG EA 352 -20.73 113.50 -64.87
C ARG EA 352 -19.28 113.16 -65.22
N ALA EA 353 -19.05 112.00 -65.85
CA ALA EA 353 -17.70 111.68 -66.29
C ALA EA 353 -17.21 112.62 -67.38
N ALA EA 354 -18.10 113.02 -68.30
CA ALA EA 354 -17.71 113.94 -69.36
C ALA EA 354 -17.44 115.34 -68.82
N ALA EA 355 -18.21 115.78 -67.82
CA ALA EA 355 -17.90 117.05 -67.17
C ALA EA 355 -16.59 116.98 -66.39
N ALA EA 356 -16.27 115.82 -65.79
CA ALA EA 356 -15.00 115.70 -65.09
C ALA EA 356 -13.81 115.70 -66.06
N LEU EA 357 -13.99 115.12 -67.25
CA LEU EA 357 -12.92 115.16 -68.24
C LEU EA 357 -12.76 116.57 -68.81
N ALA EA 358 -13.87 117.30 -68.96
CA ALA EA 358 -13.78 118.70 -69.38
C ALA EA 358 -13.11 119.55 -68.32
N ALA EA 359 -13.33 119.23 -67.03
CA ALA EA 359 -12.63 119.95 -65.97
C ALA EA 359 -11.16 119.53 -65.90
N LYS EA 360 -10.83 118.32 -66.35
CA LYS EA 360 -9.43 117.96 -66.52
C LYS EA 360 -8.80 118.74 -67.66
N SER EA 361 -9.57 119.09 -68.69
CA SER EA 361 -9.07 120.00 -69.70
C SER EA 361 -9.10 121.44 -69.22
N ASP EA 362 -10.25 121.88 -68.70
CA ASP EA 362 -10.38 123.24 -68.16
C ASP EA 362 -9.76 123.33 -66.77
N PHE FA 1 -14.40 68.80 33.70
CA PHE FA 1 -15.23 69.48 32.72
C PHE FA 1 -15.96 68.48 31.86
N VAL FA 2 -17.20 68.78 31.53
CA VAL FA 2 -18.02 67.95 30.65
C VAL FA 2 -18.53 68.82 29.51
N LYS FA 3 -18.95 68.15 28.44
CA LYS FA 3 -19.33 68.82 27.21
C LYS FA 3 -20.62 69.60 27.42
N VAL FA 4 -20.68 70.80 26.85
CA VAL FA 4 -21.86 71.64 26.93
C VAL FA 4 -22.97 70.99 26.12
N VAL FA 5 -24.14 70.86 26.74
CA VAL FA 5 -25.28 70.22 26.07
C VAL FA 5 -25.83 71.12 24.98
N LYS FA 6 -25.81 72.43 25.20
CA LYS FA 6 -26.52 73.37 24.33
C LYS FA 6 -25.49 74.17 23.53
N ASN FA 7 -25.12 73.62 22.37
CA ASN FA 7 -24.09 74.14 21.50
C ASN FA 7 -24.72 74.97 20.38
N LYS FA 8 -23.91 75.34 19.39
CA LYS FA 8 -24.46 75.74 18.10
C LYS FA 8 -25.17 74.57 17.44
N ALA FA 9 -24.63 73.37 17.59
CA ALA FA 9 -25.19 72.20 16.93
C ALA FA 9 -26.52 71.80 17.54
N TYR FA 10 -26.67 72.04 18.85
CA TYR FA 10 -27.94 71.81 19.54
C TYR FA 10 -29.04 72.67 18.96
N PHE FA 11 -28.77 73.96 18.78
CA PHE FA 11 -29.80 74.85 18.26
C PHE FA 11 -29.94 74.76 16.75
N LYS FA 12 -28.91 74.28 16.04
CA LYS FA 12 -29.07 74.04 14.62
C LYS FA 12 -30.00 72.86 14.38
N ARG FA 13 -29.92 71.84 15.24
CA ARG FA 13 -30.76 70.67 15.02
C ARG FA 13 -32.12 70.78 15.71
N TYR FA 14 -32.39 71.88 16.41
CA TYR FA 14 -33.49 71.94 17.37
C TYR FA 14 -34.80 72.26 16.67
N GLN FA 15 -35.76 71.36 16.77
CA GLN FA 15 -37.09 71.61 16.25
C GLN FA 15 -38.04 72.04 17.36
N VAL FA 16 -38.57 73.25 17.26
CA VAL FA 16 -39.47 73.77 18.27
C VAL FA 16 -40.83 73.09 18.14
N LYS FA 17 -41.50 72.92 19.27
CA LYS FA 17 -42.88 72.45 19.23
C LYS FA 17 -43.80 73.62 18.92
N PHE FA 18 -45.08 73.32 18.80
CA PHE FA 18 -46.05 74.32 18.40
C PHE FA 18 -46.19 75.37 19.49
N ARG FA 19 -46.69 76.55 19.11
CA ARG FA 19 -46.67 77.67 20.04
C ARG FA 19 -47.59 77.43 21.22
N ARG FA 20 -48.72 76.78 20.99
CA ARG FA 20 -49.62 76.50 22.10
C ARG FA 20 -49.18 75.29 22.91
N ARG FA 21 -48.26 74.48 22.37
CA ARG FA 21 -47.63 73.43 23.16
C ARG FA 21 -46.48 73.98 23.99
N ARG FA 22 -45.74 74.96 23.44
CA ARG FA 22 -44.71 75.65 24.20
C ARG FA 22 -45.30 76.51 25.31
N GLU FA 23 -46.49 77.08 25.07
CA GLU FA 23 -47.19 77.81 26.12
C GLU FA 23 -47.85 76.86 27.09
N GLY FA 24 -48.23 75.69 26.62
CA GLY FA 24 -48.89 74.72 27.45
C GLY FA 24 -50.39 74.82 27.40
N LYS FA 25 -50.94 75.52 26.41
CA LYS FA 25 -52.37 75.79 26.41
C LYS FA 25 -53.16 74.75 25.63
N THR FA 26 -52.51 73.98 24.76
CA THR FA 26 -53.24 73.05 23.91
C THR FA 26 -52.60 71.66 23.92
N ASP FA 27 -53.44 70.64 24.02
CA ASP FA 27 -53.07 69.25 23.80
C ASP FA 27 -53.57 68.91 22.40
N TYR FA 28 -52.67 68.96 21.41
CA TYR FA 28 -53.05 68.77 20.02
C TYR FA 28 -53.45 67.33 19.70
N TYR FA 29 -53.02 66.39 20.53
CA TYR FA 29 -53.52 65.02 20.44
C TYR FA 29 -55.02 64.97 20.61
N ALA FA 30 -55.54 65.72 21.58
CA ALA FA 30 -56.99 65.74 21.78
C ALA FA 30 -57.68 66.68 20.81
N ARG FA 31 -56.98 67.71 20.32
CA ARG FA 31 -57.63 68.66 19.41
C ARG FA 31 -57.90 68.02 18.07
N LYS FA 32 -56.98 67.16 17.59
CA LYS FA 32 -57.23 66.40 16.37
C LYS FA 32 -58.49 65.55 16.48
N ARG FA 33 -58.64 64.82 17.58
CA ARG FA 33 -59.78 63.93 17.75
C ARG FA 33 -61.06 64.72 17.94
N LEU FA 34 -61.00 65.82 18.70
CA LEU FA 34 -62.17 66.63 18.98
C LEU FA 34 -62.69 67.36 17.75
N VAL FA 35 -61.85 68.17 17.14
CA VAL FA 35 -62.42 69.30 16.43
C VAL FA 35 -62.46 69.11 14.92
N ILE FA 36 -61.80 68.09 14.38
CA ILE FA 36 -61.87 67.94 12.94
C ILE FA 36 -63.14 67.16 12.58
N GLN FA 37 -63.64 67.44 11.40
CA GLN FA 37 -64.88 66.89 10.90
C GLN FA 37 -64.57 65.74 9.96
N ASP FA 38 -65.52 64.82 9.82
CA ASP FA 38 -65.46 63.82 8.77
C ASP FA 38 -65.47 64.50 7.41
N LYS FA 39 -64.81 63.87 6.44
CA LYS FA 39 -64.66 64.54 5.16
C LYS FA 39 -65.92 64.49 4.33
N ASN FA 40 -66.78 63.49 4.54
CA ASN FA 40 -68.06 63.51 3.85
C ASN FA 40 -69.13 64.28 4.61
N LYS FA 41 -68.75 65.15 5.54
CA LYS FA 41 -69.70 66.08 6.13
C LYS FA 41 -69.59 67.47 5.51
N TYR FA 42 -68.45 67.78 4.89
CA TYR FA 42 -68.34 68.86 3.90
C TYR FA 42 -68.71 70.26 4.38
N ASN FA 43 -67.87 70.92 5.19
CA ASN FA 43 -68.11 72.26 5.75
C ASN FA 43 -69.24 72.29 6.75
N THR FA 44 -69.67 71.15 7.25
CA THR FA 44 -70.56 71.16 8.38
C THR FA 44 -69.77 71.52 9.62
N PRO FA 45 -70.15 72.59 10.33
CA PRO FA 45 -69.40 73.00 11.52
C PRO FA 45 -69.55 71.98 12.64
N LYS FA 46 -68.44 71.61 13.23
CA LYS FA 46 -68.41 70.66 14.33
C LYS FA 46 -68.23 71.48 15.59
N TYR FA 47 -69.30 71.62 16.36
CA TYR FA 47 -69.28 72.53 17.48
C TYR FA 47 -68.72 71.84 18.71
N ARG FA 48 -67.94 72.56 19.49
CA ARG FA 48 -67.50 72.06 20.78
C ARG FA 48 -67.80 73.11 21.83
N MET FA 49 -67.78 72.70 23.09
CA MET FA 49 -68.14 73.60 24.18
C MET FA 49 -66.93 73.69 25.10
N ILE FA 50 -66.23 74.81 25.02
CA ILE FA 50 -64.97 75.01 25.72
C ILE FA 50 -65.27 75.48 27.14
N VAL FA 51 -64.66 74.83 28.13
CA VAL FA 51 -64.77 75.22 29.52
C VAL FA 51 -63.36 75.35 30.06
N ARG FA 52 -63.02 76.51 30.62
CA ARG FA 52 -61.70 76.76 31.16
C ARG FA 52 -61.86 77.41 32.52
N VAL FA 53 -61.66 76.64 33.59
CA VAL FA 53 -61.77 77.18 34.94
C VAL FA 53 -60.44 77.84 35.29
N THR FA 54 -60.51 79.10 35.69
CA THR FA 54 -59.34 79.92 35.96
C THR FA 54 -59.14 79.98 37.47
N ASN FA 55 -58.24 80.83 37.97
CA ASN FA 55 -58.15 81.03 39.41
C ASN FA 55 -59.33 81.83 39.93
N ARG FA 56 -59.95 82.63 39.08
CA ARG FA 56 -60.98 83.58 39.51
C ARG FA 56 -62.18 83.61 38.60
N ASP FA 57 -62.16 82.84 37.51
CA ASP FA 57 -63.21 83.00 36.52
C ASP FA 57 -63.57 81.62 36.00
N ILE FA 58 -64.73 81.51 35.37
CA ILE FA 58 -65.12 80.33 34.62
C ILE FA 58 -65.54 80.79 33.24
N ILE FA 59 -64.82 80.35 32.24
CA ILE FA 59 -65.07 80.72 30.86
C ILE FA 59 -65.81 79.58 30.19
N CYS FA 60 -66.85 79.91 29.43
CA CYS FA 60 -67.57 78.94 28.63
C CYS FA 60 -67.78 79.51 27.24
N GLN FA 61 -67.33 78.80 26.22
CA GLN FA 61 -67.36 79.25 24.84
C GLN FA 61 -67.79 78.11 23.94
N ILE FA 62 -68.51 78.44 22.87
CA ILE FA 62 -68.88 77.48 21.84
C ILE FA 62 -68.14 77.84 20.56
N ALA FA 63 -67.43 76.88 19.99
CA ALA FA 63 -66.53 77.15 18.89
C ALA FA 63 -66.53 76.00 17.90
N TYR FA 64 -65.94 76.25 16.75
CA TYR FA 64 -65.77 75.25 15.70
C TYR FA 64 -64.59 75.66 14.83
N ALA FA 65 -63.78 74.68 14.45
CA ALA FA 65 -62.53 74.95 13.78
C ALA FA 65 -62.75 75.37 12.34
N ARG FA 66 -62.47 76.62 12.04
CA ARG FA 66 -62.23 77.03 10.67
C ARG FA 66 -60.72 77.17 10.48
N ILE FA 67 -60.32 77.36 9.23
CA ILE FA 67 -58.94 77.09 8.85
C ILE FA 67 -58.04 78.26 9.21
N GLU FA 68 -58.62 79.40 9.57
CA GLU FA 68 -57.83 80.55 10.00
C GLU FA 68 -57.78 80.64 11.51
N GLY FA 69 -58.44 79.72 12.18
CA GLY FA 69 -58.60 79.78 13.61
C GLY FA 69 -60.04 79.51 13.94
N ASP FA 70 -60.30 78.88 15.09
CA ASP FA 70 -61.66 78.46 15.37
C ASP FA 70 -62.51 79.64 15.83
N MET FA 71 -63.74 79.69 15.35
CA MET FA 71 -64.57 80.87 15.53
C MET FA 71 -65.56 80.64 16.66
N ILE FA 72 -65.52 81.55 17.63
CA ILE FA 72 -66.39 81.51 18.80
C ILE FA 72 -67.74 82.05 18.39
N VAL FA 73 -68.78 81.22 18.49
CA VAL FA 73 -70.10 81.72 18.13
C VAL FA 73 -70.81 82.30 19.35
N CYS FA 74 -70.54 81.78 20.55
CA CYS FA 74 -71.15 82.32 21.75
C CYS FA 74 -70.19 82.09 22.92
N ALA FA 75 -70.05 83.12 23.76
CA ALA FA 75 -69.16 83.04 24.92
C ALA FA 75 -69.93 83.40 26.18
N ALA FA 76 -69.38 82.99 27.31
CA ALA FA 76 -70.03 83.17 28.60
C ALA FA 76 -68.97 83.21 29.69
N TYR FA 77 -69.08 84.20 30.56
CA TYR FA 77 -68.09 84.46 31.58
C TYR FA 77 -68.76 84.44 32.94
N ALA FA 78 -68.07 83.87 33.92
CA ALA FA 78 -68.64 83.80 35.26
C ALA FA 78 -68.52 85.14 35.98
N HIS FA 79 -67.72 86.07 35.46
CA HIS FA 79 -67.75 87.40 36.04
C HIS FA 79 -68.98 88.19 35.62
N GLU FA 80 -69.77 87.70 34.68
CA GLU FA 80 -71.03 88.32 34.30
C GLU FA 80 -72.16 88.00 35.24
N LEU FA 81 -72.00 87.01 36.10
CA LEU FA 81 -73.00 86.59 37.07
C LEU FA 81 -73.47 87.59 38.13
N PRO FA 82 -72.70 88.61 38.56
CA PRO FA 82 -73.33 89.61 39.45
C PRO FA 82 -74.47 90.43 38.84
N LYS FA 83 -74.68 90.39 37.52
CA LYS FA 83 -75.92 90.96 36.98
C LYS FA 83 -77.09 90.05 37.24
N TYR FA 84 -76.84 88.80 37.57
CA TYR FA 84 -77.93 87.85 37.77
C TYR FA 84 -78.13 87.48 39.23
N GLY FA 85 -77.36 88.08 40.13
CA GLY FA 85 -77.56 87.92 41.55
C GLY FA 85 -76.54 87.06 42.26
N VAL FA 86 -75.40 86.82 41.62
CA VAL FA 86 -74.36 86.02 42.24
C VAL FA 86 -73.15 86.91 42.46
N LYS FA 87 -72.98 87.40 43.69
CA LYS FA 87 -71.90 88.34 43.93
C LYS FA 87 -70.57 87.63 44.12
N VAL FA 88 -70.59 86.47 44.78
CA VAL FA 88 -69.39 85.77 45.19
C VAL FA 88 -69.54 84.28 44.89
N GLY FA 89 -68.42 83.57 45.01
CA GLY FA 89 -68.31 82.22 44.52
C GLY FA 89 -68.44 82.25 43.03
N LEU FA 90 -67.49 82.90 42.36
CA LEU FA 90 -67.51 83.02 40.93
C LEU FA 90 -66.60 82.02 40.25
N THR FA 91 -66.07 81.08 41.01
CA THR FA 91 -65.28 79.98 40.51
C THR FA 91 -65.56 78.69 41.27
N ASN FA 92 -66.80 78.44 41.66
CA ASN FA 92 -67.17 77.17 42.27
C ASN FA 92 -68.12 76.40 41.38
N TYR FA 93 -68.57 75.23 41.86
CA TYR FA 93 -69.38 74.33 41.04
C TYR FA 93 -70.73 74.94 40.70
N ALA FA 94 -71.27 75.74 41.62
CA ALA FA 94 -72.55 76.40 41.39
C ALA FA 94 -72.43 77.46 40.29
N ALA FA 95 -71.35 78.22 40.30
CA ALA FA 95 -71.15 79.23 39.26
C ALA FA 95 -70.76 78.58 37.94
N ALA FA 96 -70.15 77.40 37.99
CA ALA FA 96 -69.95 76.63 36.77
C ALA FA 96 -71.28 76.24 36.17
N TYR FA 97 -72.21 75.77 37.00
CA TYR FA 97 -73.56 75.44 36.55
C TYR FA 97 -74.27 76.66 35.97
N CYS FA 98 -74.09 77.82 36.61
CA CYS FA 98 -74.79 79.00 36.14
C CYS FA 98 -74.18 79.53 34.85
N THR FA 99 -72.88 79.39 34.66
CA THR FA 99 -72.27 79.85 33.42
C THR FA 99 -72.58 78.92 32.27
N GLY FA 100 -72.63 77.60 32.53
CA GLY FA 100 -73.09 76.67 31.51
C GLY FA 100 -74.52 76.91 31.10
N LEU FA 101 -75.40 77.14 32.10
CA LEU FA 101 -76.79 77.54 31.83
C LEU FA 101 -76.86 78.81 31.01
N LEU FA 102 -76.01 79.78 31.32
CA LEU FA 102 -76.06 81.06 30.64
C LEU FA 102 -75.60 80.94 29.19
N LEU FA 103 -74.55 80.16 28.95
CA LEU FA 103 -74.10 79.89 27.59
C LEU FA 103 -75.18 79.17 26.79
N ALA FA 104 -75.85 78.21 27.43
CA ALA FA 104 -76.90 77.46 26.76
C ALA FA 104 -78.09 78.33 26.39
N ARG FA 105 -78.59 79.11 27.35
CA ARG FA 105 -79.77 79.95 27.08
C ARG FA 105 -79.43 81.09 26.12
N ARG FA 106 -78.21 81.61 26.17
CA ARG FA 106 -77.80 82.66 25.24
C ARG FA 106 -77.66 82.14 23.82
N LEU FA 107 -77.12 80.94 23.65
CA LEU FA 107 -76.98 80.37 22.32
C LEU FA 107 -78.35 80.03 21.72
N LEU FA 108 -79.21 79.41 22.52
CA LEU FA 108 -80.59 79.15 22.08
C LEU FA 108 -81.37 80.44 21.85
N ASN FA 109 -80.96 81.55 22.47
CA ASN FA 109 -81.61 82.81 22.14
C ASN FA 109 -81.12 83.34 20.81
N ARG FA 110 -79.82 83.21 20.52
CA ARG FA 110 -79.29 83.70 19.25
C ARG FA 110 -79.84 82.88 18.08
N PHE FA 111 -80.09 81.60 18.30
CA PHE FA 111 -80.55 80.76 17.22
C PHE FA 111 -82.06 80.82 17.01
N GLY FA 112 -82.79 81.53 17.87
CA GLY FA 112 -84.22 81.62 17.74
C GLY FA 112 -84.92 80.38 18.25
N MET FA 113 -84.25 79.64 19.12
CA MET FA 113 -84.81 78.42 19.69
C MET FA 113 -84.95 78.59 21.19
N ASP FA 114 -85.44 79.74 21.61
CA ASP FA 114 -85.55 80.01 23.04
C ASP FA 114 -86.79 79.35 23.62
N LYS FA 115 -87.92 79.44 22.91
CA LYS FA 115 -89.17 78.90 23.41
C LYS FA 115 -89.18 77.38 23.31
N ILE FA 116 -88.69 76.84 22.22
CA ILE FA 116 -88.43 75.42 22.05
C ILE FA 116 -87.21 75.12 22.91
N TYR FA 117 -87.06 73.86 23.34
CA TYR FA 117 -85.88 73.37 24.07
C TYR FA 117 -85.64 74.15 25.36
N GLU FA 118 -86.58 74.01 26.29
CA GLU FA 118 -86.44 74.65 27.59
C GLU FA 118 -85.38 73.95 28.44
N GLY FA 119 -85.34 72.63 28.38
CA GLY FA 119 -84.44 71.90 29.24
C GLY FA 119 -85.05 71.62 30.59
N GLN FA 120 -84.17 71.42 31.57
CA GLN FA 120 -84.60 71.33 32.96
C GLN FA 120 -84.83 72.74 33.47
N VAL FA 121 -86.02 73.03 33.94
CA VAL FA 121 -86.26 74.26 34.69
C VAL FA 121 -86.40 73.96 36.17
N GLU FA 122 -87.00 72.80 36.48
CA GLU FA 122 -86.91 72.24 37.84
C GLU FA 122 -85.65 71.43 38.04
N VAL FA 123 -84.54 72.07 38.43
CA VAL FA 123 -83.25 71.44 38.66
C VAL FA 123 -83.36 70.27 39.62
N THR FA 124 -82.92 69.10 39.16
CA THR FA 124 -83.07 67.90 39.99
C THR FA 124 -81.72 67.26 40.26
N GLY FA 125 -80.86 67.21 39.24
CA GLY FA 125 -79.59 66.53 39.34
C GLY FA 125 -79.53 65.21 38.60
N ASP FA 126 -80.64 64.74 38.06
CA ASP FA 126 -80.74 63.46 37.37
C ASP FA 126 -79.99 63.47 36.05
N GLU FA 127 -79.89 62.29 35.45
CA GLU FA 127 -79.44 62.16 34.08
C GLU FA 127 -80.45 62.77 33.12
N TYR FA 128 -80.15 63.98 32.64
CA TYR FA 128 -81.02 64.64 31.68
C TYR FA 128 -80.25 64.78 30.37
N ASN FA 129 -80.99 64.65 29.26
CA ASN FA 129 -80.44 64.88 27.93
C ASN FA 129 -81.57 65.25 26.99
N VAL FA 130 -81.30 66.25 26.15
CA VAL FA 130 -82.33 66.93 25.36
C VAL FA 130 -82.76 66.03 24.21
N GLU FA 131 -84.05 65.75 24.13
CA GLU FA 131 -84.62 65.13 22.94
C GLU FA 131 -85.11 66.20 21.99
N SER FA 132 -84.70 66.11 20.74
CA SER FA 132 -85.14 67.07 19.74
C SER FA 132 -86.59 66.78 19.33
N ILE FA 133 -87.30 67.83 18.94
CA ILE FA 133 -88.74 67.76 18.70
C ILE FA 133 -88.98 67.70 17.19
N ASP FA 134 -89.94 66.87 16.79
CA ASP FA 134 -90.25 66.69 15.38
C ASP FA 134 -91.08 67.86 14.84
N GLY FA 135 -90.77 68.25 13.61
CA GLY FA 135 -91.38 69.43 13.02
C GLY FA 135 -90.74 70.72 13.46
N GLN FA 136 -89.80 70.66 14.40
CA GLN FA 136 -89.12 71.79 14.99
C GLN FA 136 -87.68 71.76 14.48
N PRO FA 137 -86.91 72.84 14.58
CA PRO FA 137 -85.49 72.73 14.26
C PRO FA 137 -84.80 71.83 15.27
N GLY FA 138 -83.78 71.12 14.80
CA GLY FA 138 -83.11 70.13 15.64
C GLY FA 138 -82.35 70.78 16.77
N ALA FA 139 -82.08 69.97 17.79
CA ALA FA 139 -81.39 70.46 18.96
C ALA FA 139 -79.93 70.72 18.63
N PHE FA 140 -79.39 71.77 19.23
CA PHE FA 140 -77.98 72.07 19.07
C PHE FA 140 -77.14 70.99 19.74
N THR FA 141 -76.34 70.30 18.94
CA THR FA 141 -75.43 69.29 19.47
C THR FA 141 -74.01 69.82 19.41
N CYS FA 142 -73.27 69.60 20.50
CA CYS FA 142 -71.88 70.00 20.61
C CYS FA 142 -71.22 69.05 21.59
N TYR FA 143 -69.90 69.18 21.72
CA TYR FA 143 -69.10 68.22 22.44
C TYR FA 143 -68.23 68.94 23.45
N LEU FA 144 -68.02 68.35 24.61
CA LEU FA 144 -67.31 69.06 25.65
C LEU FA 144 -65.80 69.00 25.42
N ASP FA 145 -65.17 70.17 25.34
CA ASP FA 145 -63.71 70.31 25.31
C ASP FA 145 -63.29 70.68 26.73
N ALA FA 146 -62.78 69.70 27.47
CA ALA FA 146 -62.31 69.98 28.81
C ALA FA 146 -60.93 70.59 28.79
N GLY FA 147 -60.10 70.19 27.83
CA GLY FA 147 -58.78 70.75 27.71
C GLY FA 147 -57.72 69.96 28.46
N LEU FA 148 -57.05 70.61 29.40
CA LEU FA 148 -56.06 69.93 30.23
C LEU FA 148 -56.53 69.69 31.64
N ALA FA 149 -57.84 69.70 31.89
CA ALA FA 149 -58.35 69.34 33.20
C ALA FA 149 -58.28 67.84 33.39
N ARG FA 150 -57.83 67.40 34.55
CA ARG FA 150 -57.96 66.00 34.93
C ARG FA 150 -59.43 65.74 35.24
N THR FA 151 -60.14 65.15 34.30
CA THR FA 151 -61.57 64.96 34.42
C THR FA 151 -61.85 63.82 35.39
N THR FA 152 -61.76 64.15 36.68
CA THR FA 152 -62.20 63.27 37.74
C THR FA 152 -63.66 63.58 38.07
N THR FA 153 -64.18 62.89 39.07
CA THR FA 153 -65.56 63.10 39.47
C THR FA 153 -65.69 64.39 40.28
N GLY FA 154 -66.46 65.33 39.75
CA GLY FA 154 -66.70 66.56 40.46
C GLY FA 154 -65.90 67.74 39.96
N ASN FA 155 -65.23 67.54 38.83
CA ASN FA 155 -64.54 68.60 38.10
C ASN FA 155 -65.60 69.59 37.64
N LYS FA 156 -65.29 70.89 37.76
CA LYS FA 156 -66.26 71.94 37.49
C LYS FA 156 -66.54 72.09 36.01
N VAL FA 157 -65.73 71.48 35.16
CA VAL FA 157 -66.04 71.34 33.75
C VAL FA 157 -67.35 70.56 33.57
N PHE FA 158 -67.59 69.59 34.45
CA PHE FA 158 -68.85 68.86 34.37
C PHE FA 158 -69.99 69.63 34.99
N GLY FA 159 -69.70 70.61 35.84
CA GLY FA 159 -70.75 71.52 36.26
C GLY FA 159 -71.20 72.46 35.17
N ALA FA 160 -70.25 72.98 34.39
CA ALA FA 160 -70.62 73.75 33.21
C ALA FA 160 -71.32 72.90 32.17
N LEU FA 161 -70.91 71.63 32.07
CA LEU FA 161 -71.60 70.66 31.23
C LEU FA 161 -73.04 70.46 31.65
N LYS FA 162 -73.28 70.31 32.95
CA LYS FA 162 -74.64 70.09 33.42
C LYS FA 162 -75.49 71.33 33.27
N GLY FA 163 -74.89 72.52 33.42
CA GLY FA 163 -75.63 73.73 33.15
C GLY FA 163 -76.00 73.88 31.69
N ALA FA 164 -75.08 73.52 30.80
CA ALA FA 164 -75.36 73.61 29.37
C ALA FA 164 -76.36 72.57 28.93
N VAL FA 165 -76.35 71.40 29.56
CA VAL FA 165 -77.36 70.38 29.27
C VAL FA 165 -78.72 70.82 29.76
N ASP FA 166 -78.81 71.32 31.00
CA ASP FA 166 -80.10 71.72 31.54
C ASP FA 166 -80.59 73.03 30.94
N GLY FA 167 -79.75 73.74 30.20
CA GLY FA 167 -80.22 74.90 29.48
C GLY FA 167 -80.75 74.56 28.10
N GLY FA 168 -80.50 73.35 27.64
CA GLY FA 168 -81.10 72.89 26.41
C GLY FA 168 -80.16 72.62 25.25
N LEU FA 169 -78.90 72.27 25.52
CA LEU FA 169 -77.97 71.80 24.50
C LEU FA 169 -77.91 70.29 24.56
N SER FA 170 -77.63 69.65 23.42
CA SER FA 170 -77.51 68.20 23.39
C SER FA 170 -76.03 67.85 23.34
N ILE FA 171 -75.43 67.74 24.51
CA ILE FA 171 -74.04 67.29 24.63
C ILE FA 171 -74.06 65.83 25.05
N PRO FA 172 -73.30 64.95 24.41
CA PRO FA 172 -73.21 63.57 24.89
C PRO FA 172 -72.37 63.52 26.16
N HIS FA 173 -72.87 62.81 27.16
CA HIS FA 173 -72.20 62.76 28.45
C HIS FA 173 -72.69 61.54 29.21
N SER FA 174 -72.01 61.25 30.32
CA SER FA 174 -72.44 60.26 31.29
C SER FA 174 -72.50 60.90 32.67
N THR FA 175 -73.26 60.29 33.56
CA THR FA 175 -73.32 60.73 34.95
C THR FA 175 -72.33 59.97 35.81
N LYS FA 176 -71.10 59.88 35.32
CA LYS FA 176 -70.03 59.19 36.04
C LYS FA 176 -69.08 60.17 36.66
N ARG FA 177 -68.96 61.35 36.07
CA ARG FA 177 -68.11 62.41 36.57
C ARG FA 177 -68.87 63.49 37.31
N PHE FA 178 -70.20 63.43 37.33
CA PHE FA 178 -70.90 64.37 38.19
C PHE FA 178 -70.70 63.96 39.64
N PRO FA 179 -70.62 64.93 40.56
CA PRO FA 179 -70.50 64.57 41.98
C PRO FA 179 -71.77 63.91 42.47
N GLY FA 180 -71.65 62.87 43.26
CA GLY FA 180 -72.81 62.09 43.60
C GLY FA 180 -72.68 60.68 43.08
N TYR FA 181 -71.91 60.52 42.02
CA TYR FA 181 -71.55 59.20 41.53
C TYR FA 181 -70.68 58.52 42.57
N ASP FA 182 -71.24 57.51 43.23
CA ASP FA 182 -70.51 56.75 44.22
C ASP FA 182 -69.46 55.89 43.53
N SER FA 183 -68.21 56.05 43.94
CA SER FA 183 -67.11 55.37 43.27
C SER FA 183 -67.09 53.88 43.58
N GLU FA 184 -67.56 53.49 44.78
CA GLU FA 184 -67.47 52.09 45.17
C GLU FA 184 -68.61 51.28 44.57
N SER FA 185 -69.85 51.63 44.92
CA SER FA 185 -70.98 50.78 44.61
C SER FA 185 -71.55 51.07 43.23
N LYS FA 186 -71.05 52.13 42.59
CA LYS FA 186 -71.31 52.52 41.20
C LYS FA 186 -72.76 52.87 40.92
N GLU FA 187 -73.40 53.63 41.81
CA GLU FA 187 -74.70 54.22 41.52
C GLU FA 187 -74.60 55.72 41.69
N PHE FA 188 -75.58 56.44 41.14
CA PHE FA 188 -75.52 57.90 41.11
C PHE FA 188 -76.59 58.49 42.01
N ASN FA 189 -76.15 59.21 43.04
CA ASN FA 189 -77.03 60.05 43.84
C ASN FA 189 -77.25 61.36 43.09
N ALA FA 190 -78.51 61.65 42.78
CA ALA FA 190 -78.80 62.93 42.15
C ALA FA 190 -79.04 64.01 43.18
N GLU FA 191 -79.25 63.65 44.44
CA GLU FA 191 -79.47 64.67 45.45
C GLU FA 191 -78.15 65.28 45.91
N VAL FA 192 -77.09 64.46 45.99
CA VAL FA 192 -75.74 64.97 46.21
C VAL FA 192 -75.33 65.91 45.07
N HIS FA 193 -75.66 65.54 43.84
CA HIS FA 193 -75.37 66.41 42.71
C HIS FA 193 -76.18 67.70 42.78
N ARG FA 194 -77.44 67.62 43.19
CA ARG FA 194 -78.25 68.83 43.33
C ARG FA 194 -77.69 69.76 44.41
N LYS FA 195 -77.20 69.18 45.53
CA LYS FA 195 -76.57 69.98 46.57
C LYS FA 195 -75.30 70.68 46.06
N HIS FA 196 -74.50 69.99 45.27
CA HIS FA 196 -73.31 70.62 44.70
C HIS FA 196 -73.67 71.67 43.65
N ILE FA 197 -74.77 71.47 42.93
CA ILE FA 197 -75.24 72.46 41.97
C ILE FA 197 -75.70 73.72 42.69
N MET FA 198 -76.41 73.57 43.81
CA MET FA 198 -76.96 74.71 44.50
C MET FA 198 -76.03 75.27 45.56
N GLY FA 199 -74.91 74.61 45.86
CA GLY FA 199 -73.89 75.19 46.70
C GLY FA 199 -73.98 74.86 48.16
N GLN FA 200 -74.48 73.68 48.52
CA GLN FA 200 -74.58 73.33 49.93
C GLN FA 200 -73.31 72.70 50.48
N ASN FA 201 -72.35 72.34 49.63
CA ASN FA 201 -71.01 72.08 50.13
C ASN FA 201 -70.38 73.34 50.71
N VAL FA 202 -70.53 74.46 50.03
CA VAL FA 202 -70.02 75.74 50.48
C VAL FA 202 -70.77 76.22 51.71
N ALA FA 203 -72.10 76.04 51.74
CA ALA FA 203 -72.88 76.47 52.89
C ALA FA 203 -72.57 75.62 54.12
N ASP FA 204 -72.36 74.31 53.93
CA ASP FA 204 -71.98 73.47 55.06
C ASP FA 204 -70.59 73.78 55.56
N TYR FA 205 -69.67 74.15 54.67
CA TYR FA 205 -68.35 74.56 55.13
C TYR FA 205 -68.41 75.90 55.86
N MET FA 206 -69.29 76.78 55.41
CA MET FA 206 -69.50 78.06 56.06
C MET FA 206 -70.05 77.88 57.47
N ARG FA 207 -71.01 76.97 57.62
CA ARG FA 207 -71.55 76.66 58.94
C ARG FA 207 -70.52 75.96 59.83
N TYR FA 208 -69.72 75.06 59.26
CA TYR FA 208 -68.73 74.34 60.03
C TYR FA 208 -67.64 75.27 60.56
N LEU FA 209 -67.18 76.22 59.74
CA LEU FA 209 -66.18 77.16 60.23
C LEU FA 209 -66.81 78.20 61.15
N MET FA 210 -68.08 78.53 60.92
CA MET FA 210 -68.75 79.51 61.77
C MET FA 210 -68.96 78.97 63.17
N GLU FA 211 -69.27 77.68 63.28
CA GLU FA 211 -69.33 77.03 64.57
C GLU FA 211 -67.93 76.88 65.17
N GLU FA 212 -66.97 76.40 64.38
CA GLU FA 212 -65.68 75.94 64.90
C GLU FA 212 -64.84 77.09 65.46
N ASP FA 213 -64.45 78.02 64.60
CA ASP FA 213 -63.67 79.18 65.02
C ASP FA 213 -63.88 80.32 64.02
N GLU FA 214 -64.25 81.48 64.55
CA GLU FA 214 -64.57 82.63 63.71
C GLU FA 214 -63.37 83.20 62.98
N ASP FA 215 -62.15 82.90 63.43
CA ASP FA 215 -60.98 83.44 62.75
C ASP FA 215 -60.76 82.76 61.41
N ALA FA 216 -60.83 81.43 61.36
CA ALA FA 216 -60.73 80.72 60.09
C ALA FA 216 -61.95 80.97 59.22
N TYR FA 217 -63.10 81.23 59.85
CA TYR FA 217 -64.30 81.59 59.12
C TYR FA 217 -64.13 82.92 58.40
N LYS FA 218 -63.56 83.91 59.08
CA LYS FA 218 -63.40 85.22 58.46
C LYS FA 218 -62.19 85.24 57.53
N LYS FA 219 -61.23 84.34 57.75
CA LYS FA 219 -60.09 84.25 56.85
C LYS FA 219 -60.47 83.50 55.58
N GLN FA 220 -61.53 82.67 55.65
CA GLN FA 220 -61.91 81.84 54.52
C GLN FA 220 -62.96 82.49 53.65
N PHE FA 221 -64.03 83.00 54.25
CA PHE FA 221 -65.13 83.61 53.50
C PHE FA 221 -65.20 85.09 53.87
N SER FA 222 -64.34 85.89 53.27
CA SER FA 222 -64.23 87.29 53.65
C SER FA 222 -65.13 88.18 52.81
N GLN FA 223 -65.32 87.85 51.54
CA GLN FA 223 -66.22 88.64 50.71
C GLN FA 223 -67.62 88.05 50.64
N TYR FA 224 -67.92 87.02 51.43
CA TYR FA 224 -69.32 86.69 51.63
C TYR FA 224 -69.88 87.47 52.81
N ILE FA 225 -69.04 87.69 53.82
CA ILE FA 225 -69.42 88.54 54.94
C ILE FA 225 -69.57 89.98 54.47
N LYS FA 226 -68.75 90.39 53.50
CA LYS FA 226 -68.86 91.74 52.95
C LYS FA 226 -70.15 91.89 52.16
N ASN FA 227 -70.58 90.84 51.48
CA ASN FA 227 -71.73 90.91 50.60
C ASN FA 227 -72.97 90.30 51.23
N ASN FA 228 -72.97 90.08 52.54
CA ASN FA 228 -74.11 89.62 53.32
C ASN FA 228 -74.65 88.28 52.84
N VAL FA 229 -73.75 87.40 52.42
CA VAL FA 229 -74.15 86.07 51.97
C VAL FA 229 -74.13 85.13 53.17
N THR FA 230 -75.30 84.66 53.56
CA THR FA 230 -75.48 83.74 54.66
C THR FA 230 -75.75 82.37 54.07
N PRO FA 231 -75.50 81.29 54.83
CA PRO FA 231 -75.76 79.95 54.28
C PRO FA 231 -77.22 79.63 54.00
N ASP FA 232 -78.17 80.37 54.59
CA ASP FA 232 -79.56 80.17 54.21
C ASP FA 232 -79.92 80.95 52.96
N MET FA 233 -79.16 82.00 52.65
CA MET FA 233 -79.39 82.79 51.44
C MET FA 233 -78.93 82.07 50.19
N MET FA 234 -78.14 80.99 50.34
CA MET FA 234 -77.35 80.43 49.27
C MET FA 234 -78.20 79.82 48.16
N GLU FA 235 -79.06 78.85 48.53
CA GLU FA 235 -79.80 78.08 47.54
C GLU FA 235 -80.87 78.93 46.88
N GLU FA 236 -81.51 79.81 47.65
CA GLU FA 236 -82.46 80.73 47.06
C GLU FA 236 -81.77 81.72 46.13
N MET FA 237 -80.53 82.10 46.46
CA MET FA 237 -79.76 83.00 45.61
C MET FA 237 -79.43 82.34 44.27
N TYR FA 238 -79.09 81.06 44.29
CA TYR FA 238 -78.82 80.40 43.01
C TYR FA 238 -80.11 80.05 42.27
N LYS FA 239 -81.24 79.87 42.96
CA LYS FA 239 -82.50 79.70 42.25
C LYS FA 239 -82.93 80.98 41.56
N LYS FA 240 -82.77 82.13 42.23
CA LYS FA 240 -83.03 83.41 41.57
C LYS FA 240 -82.05 83.66 40.45
N ALA FA 241 -80.81 83.16 40.59
CA ALA FA 241 -79.83 83.26 39.52
C ALA FA 241 -80.25 82.46 38.30
N HIS FA 242 -80.76 81.25 38.50
CA HIS FA 242 -81.23 80.43 37.39
C HIS FA 242 -82.43 81.08 36.70
N ALA FA 243 -83.37 81.61 37.49
CA ALA FA 243 -84.55 82.25 36.92
C ALA FA 243 -84.20 83.51 36.15
N ALA FA 244 -83.26 84.31 36.67
CA ALA FA 244 -82.91 85.55 35.99
C ALA FA 244 -82.00 85.31 34.80
N ILE FA 245 -81.23 84.22 34.81
CA ILE FA 245 -80.47 83.86 33.62
C ILE FA 245 -81.40 83.41 32.50
N ARG FA 246 -82.39 82.56 32.83
CA ARG FA 246 -83.32 82.13 31.81
C ARG FA 246 -84.26 83.25 31.37
N GLU FA 247 -84.46 84.26 32.20
CA GLU FA 247 -85.45 85.29 31.89
C GLU FA 247 -84.89 86.34 30.95
N ASN FA 248 -83.59 86.62 31.02
CA ASN FA 248 -82.92 87.51 30.07
C ASN FA 248 -81.48 87.03 29.89
N PRO FA 249 -81.23 86.15 28.92
CA PRO FA 249 -79.87 85.65 28.73
C PRO FA 249 -79.02 86.41 27.71
N VAL FA 250 -79.56 87.45 27.06
CA VAL FA 250 -78.82 88.11 26.01
C VAL FA 250 -77.73 88.97 26.63
N TYR FA 251 -76.65 89.21 25.89
CA TYR FA 251 -75.50 89.95 26.39
C TYR FA 251 -75.36 91.28 25.68
N GLU FA 252 -75.58 92.37 26.41
CA GLU FA 252 -75.31 93.70 25.90
C GLU FA 252 -73.86 94.04 26.17
N LYS FA 253 -73.13 94.45 25.13
CA LYS FA 253 -71.71 94.70 25.26
C LYS FA 253 -71.43 95.97 26.04
N LYS FA 254 -70.17 96.22 26.25
CA LYS FA 254 -69.81 97.43 26.96
C LYS FA 254 -69.53 98.55 25.94
N PRO FA 255 -69.91 99.79 26.25
CA PRO FA 255 -69.67 100.88 25.31
C PRO FA 255 -68.19 101.26 25.30
N LYS FA 256 -67.63 101.41 24.11
CA LYS FA 256 -66.22 101.74 23.98
C LYS FA 256 -66.05 103.24 23.86
N ARG FA 257 -65.47 103.85 24.88
CA ARG FA 257 -65.06 105.24 24.81
C ARG FA 257 -63.90 105.37 23.82
N GLU FA 258 -63.80 106.56 23.23
CA GLU FA 258 -62.63 106.93 22.42
C GLU FA 258 -61.36 106.82 23.27
N VAL FA 259 -60.34 106.24 22.68
CA VAL FA 259 -59.15 105.83 23.41
C VAL FA 259 -58.27 107.06 23.62
N LYS FA 260 -57.62 107.13 24.80
CA LYS FA 260 -56.67 108.20 25.06
C LYS FA 260 -55.38 108.01 24.27
N LYS FA 261 -55.14 106.78 23.78
CA LYS FA 261 -54.06 106.42 22.85
C LYS FA 261 -52.65 106.75 23.32
N LYS FA 262 -52.21 106.20 24.45
CA LYS FA 262 -50.81 106.31 24.81
C LYS FA 262 -50.19 104.94 24.78
N ARG FA 263 -48.86 104.90 24.82
CA ARG FA 263 -48.12 103.67 24.82
C ARG FA 263 -47.59 103.41 26.21
N TRP FA 264 -48.12 102.38 26.88
CA TRP FA 264 -47.60 101.96 28.17
C TRP FA 264 -46.38 101.07 27.99
N ASN FA 265 -46.01 100.85 26.75
CA ASN FA 265 -44.99 99.90 26.38
C ASN FA 265 -43.75 100.65 25.95
N ARG FA 266 -42.66 99.93 25.74
CA ARG FA 266 -41.44 100.58 25.29
C ARG FA 266 -41.13 100.09 23.88
N PRO FA 267 -41.06 100.98 22.89
CA PRO FA 267 -40.98 100.52 21.50
C PRO FA 267 -39.61 99.96 21.17
N LYS FA 268 -39.51 99.42 19.96
CA LYS FA 268 -38.34 98.65 19.58
C LYS FA 268 -37.24 99.57 19.08
N MET FA 269 -36.02 99.30 19.54
CA MET FA 269 -34.87 100.15 19.32
C MET FA 269 -34.38 100.01 17.89
N SER FA 270 -34.17 101.12 17.21
CA SER FA 270 -33.91 101.09 15.77
C SER FA 270 -32.50 100.59 15.48
N LEU FA 271 -32.18 100.51 14.19
CA LEU FA 271 -30.86 100.04 13.78
C LEU FA 271 -29.78 101.07 14.09
N ALA FA 272 -30.08 102.35 13.87
CA ALA FA 272 -29.09 103.38 14.13
C ALA FA 272 -28.85 103.57 15.61
N GLN FA 273 -29.88 103.33 16.43
CA GLN FA 273 -29.71 103.42 17.88
C GLN FA 273 -28.82 102.31 18.42
N LYS FA 274 -28.97 101.08 17.92
CA LYS FA 274 -28.06 100.01 18.31
C LYS FA 274 -26.65 100.26 17.79
N LYS FA 275 -26.56 100.72 16.54
CA LYS FA 275 -25.29 100.97 15.88
C LYS FA 275 -24.52 102.09 16.56
N ASP FA 276 -25.22 103.08 17.10
CA ASP FA 276 -24.56 104.16 17.82
C ASP FA 276 -24.35 103.81 19.27
N ARG FA 277 -25.14 102.87 19.82
CA ARG FA 277 -24.86 102.38 21.17
C ARG FA 277 -23.54 101.65 21.24
N VAL FA 278 -23.24 100.80 20.25
CA VAL FA 278 -21.98 100.07 20.31
C VAL FA 278 -20.80 101.00 20.05
N ALA FA 279 -20.99 102.05 19.26
CA ALA FA 279 -19.95 103.05 19.06
C ALA FA 279 -19.67 103.83 20.34
N GLN FA 280 -20.73 104.23 21.05
CA GLN FA 280 -20.57 104.92 22.32
C GLN FA 280 -19.93 104.03 23.38
N LYS FA 281 -20.30 102.75 23.44
CA LYS FA 281 -19.71 101.84 24.41
C LYS FA 281 -18.23 101.60 24.14
N LYS FA 282 -17.87 101.42 22.86
CA LYS FA 282 -16.45 101.20 22.53
C LYS FA 282 -15.62 102.44 22.78
N ALA FA 283 -16.16 103.62 22.44
CA ALA FA 283 -15.43 104.87 22.67
C ALA FA 283 -15.26 105.14 24.15
N SER FA 284 -16.28 104.82 24.95
CA SER FA 284 -16.18 105.06 26.39
C SER FA 284 -15.25 104.05 27.06
N PHE FA 285 -15.22 102.81 26.58
CA PHE FA 285 -14.22 101.84 27.04
C PHE FA 285 -12.80 102.31 26.72
N LEU FA 286 -12.59 102.83 25.51
CA LEU FA 286 -11.25 103.25 25.13
C LEU FA 286 -10.79 104.46 25.92
N ARG FA 287 -11.69 105.41 26.19
CA ARG FA 287 -11.26 106.56 26.99
C ARG FA 287 -11.08 106.20 28.46
N ALA FA 288 -11.82 105.22 28.98
CA ALA FA 288 -11.57 104.82 30.36
C ALA FA 288 -10.26 104.04 30.50
N GLN FA 289 -9.92 103.27 29.48
CA GLN FA 289 -8.62 102.58 29.47
C GLN FA 289 -7.48 103.56 29.32
N GLU FA 290 -7.69 104.63 28.55
CA GLU FA 290 -6.73 105.73 28.51
C GLU FA 290 -6.62 106.43 29.86
N ARG FA 291 -7.74 106.55 30.57
CA ARG FA 291 -7.74 107.24 31.87
C ARG FA 291 -6.99 106.44 32.93
N ALA FA 292 -7.13 105.12 32.92
CA ALA FA 292 -6.40 104.31 33.89
C ALA FA 292 -4.90 104.28 33.59
N ALA FA 293 -4.54 104.36 32.31
CA ALA FA 293 -3.13 104.36 31.90
C ALA FA 293 -2.77 105.60 31.10
N LYS GA 1 -62.36 101.78 -91.84
CA LYS GA 1 -61.40 102.15 -92.87
C LYS GA 1 -60.42 103.20 -92.34
N GLY GA 2 -59.14 102.86 -92.37
CA GLY GA 2 -58.10 103.76 -91.92
C GLY GA 2 -56.73 103.23 -92.30
N LYS GA 3 -55.72 104.09 -92.23
CA LYS GA 3 -54.36 103.63 -92.47
C LYS GA 3 -53.74 103.14 -91.17
N PRO GA 4 -52.95 102.07 -91.20
CA PRO GA 4 -52.35 101.56 -89.95
C PRO GA 4 -51.20 102.43 -89.49
N HIS GA 5 -51.23 102.83 -88.23
CA HIS GA 5 -50.08 103.43 -87.60
C HIS GA 5 -49.14 102.32 -87.21
N CYS GA 6 -47.90 102.67 -86.91
CA CYS GA 6 -47.04 101.66 -86.31
C CYS GA 6 -47.35 101.57 -84.81
N SER GA 7 -46.66 100.68 -84.11
CA SER GA 7 -46.86 100.58 -82.67
C SER GA 7 -46.25 101.79 -82.02
N ARG GA 8 -47.03 102.47 -81.17
CA ARG GA 8 -46.62 103.76 -80.64
C ARG GA 8 -45.46 103.62 -79.66
N ASN GA 9 -45.63 102.86 -78.58
CA ASN GA 9 -44.53 102.76 -77.63
C ASN GA 9 -43.43 101.85 -78.16
N PRO GA 10 -42.17 102.19 -77.98
CA PRO GA 10 -41.10 101.35 -78.49
C PRO GA 10 -40.92 100.09 -77.67
N VAL GA 11 -40.20 99.15 -78.26
CA VAL GA 11 -39.84 97.93 -77.55
C VAL GA 11 -38.75 98.32 -76.56
N LEU GA 12 -39.14 98.49 -75.30
CA LEU GA 12 -38.20 98.88 -74.26
C LEU GA 12 -37.34 97.70 -73.85
N VAL GA 13 -37.94 96.63 -73.34
CA VAL GA 13 -37.32 95.31 -73.31
C VAL GA 13 -38.27 94.45 -74.14
N ARG GA 14 -37.85 93.22 -74.47
CA ARG GA 14 -38.71 92.27 -75.16
C ARG GA 14 -39.94 91.98 -74.32
N GLY GA 15 -41.11 92.28 -74.87
CA GLY GA 15 -42.34 92.06 -74.15
C GLY GA 15 -42.68 93.08 -73.09
N ILE GA 16 -41.92 94.18 -73.00
CA ILE GA 16 -42.20 95.26 -72.08
C ILE GA 16 -42.17 96.57 -72.83
N GLY GA 17 -43.29 97.27 -72.87
CA GLY GA 17 -43.35 98.54 -73.55
C GLY GA 17 -42.84 99.67 -72.69
N ARG GA 18 -42.42 100.73 -73.37
CA ARG GA 18 -41.82 101.86 -72.66
C ARG GA 18 -42.88 102.71 -71.96
N TYR GA 19 -44.08 102.77 -72.51
CA TYR GA 19 -45.13 103.57 -71.88
C TYR GA 19 -46.13 102.69 -71.17
N SER GA 20 -46.48 103.09 -69.95
CA SER GA 20 -47.55 102.45 -69.20
C SER GA 20 -48.89 102.73 -69.85
N ARG GA 21 -49.90 101.98 -69.43
CA ARG GA 21 -51.14 101.93 -70.20
C ARG GA 21 -52.04 103.13 -69.96
N SER GA 22 -51.73 103.98 -68.98
CA SER GA 22 -52.43 105.27 -68.93
C SER GA 22 -51.80 106.28 -69.85
N ALA GA 23 -50.46 106.34 -69.88
CA ALA GA 23 -49.78 107.13 -70.89
C ALA GA 23 -50.07 106.60 -72.28
N MET GA 24 -50.30 105.30 -72.39
CA MET GA 24 -50.67 104.73 -73.69
C MET GA 24 -52.12 105.04 -74.03
N TYR GA 25 -53.00 105.09 -73.01
CA TYR GA 25 -54.38 105.52 -73.22
C TYR GA 25 -54.43 106.96 -73.71
N SER GA 26 -53.55 107.81 -73.20
CA SER GA 26 -53.51 109.20 -73.66
C SER GA 26 -52.86 109.30 -75.03
N ARG GA 27 -51.87 108.46 -75.30
CA ARG GA 27 -51.16 108.55 -76.57
C ARG GA 27 -52.01 108.03 -77.73
N LYS GA 28 -52.77 106.95 -77.50
CA LYS GA 28 -53.71 106.48 -78.52
C LYS GA 28 -54.85 107.46 -78.74
N ALA GA 29 -55.08 108.36 -77.77
CA ALA GA 29 -56.24 109.25 -77.70
C ALA GA 29 -57.54 108.47 -77.74
N LEU GA 30 -57.71 107.63 -76.72
CA LEU GA 30 -58.93 106.83 -76.58
C LEU GA 30 -60.03 107.59 -75.87
N TYR GA 31 -59.74 108.78 -75.37
CA TYR GA 31 -60.77 109.61 -74.74
C TYR GA 31 -61.75 110.15 -75.76
N LYS GA 32 -61.33 110.25 -77.02
CA LYS GA 32 -62.15 110.77 -78.10
C LYS GA 32 -62.42 109.72 -79.18
N ARG GA 33 -62.17 108.45 -78.86
CA ARG GA 33 -62.39 107.39 -79.83
C ARG GA 33 -63.30 106.34 -79.19
N LYS GA 34 -64.39 106.79 -78.58
CA LYS GA 34 -65.34 105.92 -77.91
C LYS GA 34 -66.33 105.32 -78.89
N TYR GA 35 -66.79 104.10 -78.60
CA TYR GA 35 -67.68 103.36 -79.48
C TYR GA 35 -68.69 102.56 -78.67
N ALA GA 36 -69.90 102.47 -79.20
CA ALA GA 36 -70.98 101.72 -78.56
C ALA GA 36 -71.98 101.30 -79.63
N ALA GA 37 -72.71 100.22 -79.32
CA ALA GA 37 -73.76 99.72 -80.20
C ALA GA 37 -74.84 98.98 -79.41
N LEU GA 52 -72.95 77.38 -99.07
CA LEU GA 52 -71.73 77.51 -99.85
C LEU GA 52 -71.29 76.14 -100.31
N ALA GA 53 -71.90 75.11 -99.72
CA ALA GA 53 -71.55 73.74 -100.07
C ALA GA 53 -72.29 73.28 -101.31
N THR GA 54 -73.26 74.06 -101.78
CA THR GA 54 -74.13 73.66 -102.87
C THR GA 54 -74.00 74.65 -104.02
N VAL GA 55 -73.93 74.13 -105.25
CA VAL GA 55 -73.96 74.91 -106.48
C VAL GA 55 -74.97 74.27 -107.42
N THR GA 56 -75.94 75.05 -107.88
CA THR GA 56 -76.96 74.53 -108.79
C THR GA 56 -76.41 74.51 -110.21
N LYS GA 57 -76.53 73.36 -110.87
CA LYS GA 57 -76.01 73.21 -112.22
C LYS GA 57 -77.09 72.71 -113.16
N PRO GA 58 -77.16 73.24 -114.38
CA PRO GA 58 -78.14 72.76 -115.34
C PRO GA 58 -77.74 71.42 -115.94
N VAL GA 59 -78.74 70.59 -116.21
CA VAL GA 59 -78.54 69.25 -116.77
C VAL GA 59 -79.52 69.06 -117.91
N GLY GA 60 -79.02 68.61 -119.06
CA GLY GA 60 -79.86 68.27 -120.18
C GLY GA 60 -80.04 66.77 -120.34
N GLY GA 65 -84.72 65.84 -117.14
CA GLY GA 65 -83.94 66.27 -115.99
C GLY GA 65 -84.38 67.61 -115.44
N GLY GA 66 -83.43 68.54 -115.36
CA GLY GA 66 -83.68 69.85 -114.82
C GLY GA 66 -82.40 70.53 -114.42
N THR GA 67 -82.36 71.08 -113.21
CA THR GA 67 -81.15 71.64 -112.64
C THR GA 67 -80.80 70.86 -111.38
N ARG GA 68 -79.65 70.20 -111.38
CA ARG GA 68 -79.17 69.48 -110.21
C ARG GA 68 -78.51 70.46 -109.26
N VAL GA 69 -78.49 70.11 -107.98
CA VAL GA 69 -77.80 70.89 -106.96
C VAL GA 69 -76.62 70.04 -106.53
N VAL GA 70 -75.47 70.27 -107.16
CA VAL GA 70 -74.30 69.47 -106.87
C VAL GA 70 -73.71 69.92 -105.53
N LYS GA 71 -72.84 69.09 -104.99
CA LYS GA 71 -72.34 69.26 -103.64
C LYS GA 71 -70.84 69.33 -103.67
N LEU GA 72 -70.28 70.37 -103.06
CA LEU GA 72 -68.85 70.53 -102.97
C LEU GA 72 -68.35 69.90 -101.67
N ARG GA 73 -67.24 69.17 -101.78
CA ARG GA 73 -66.73 68.29 -100.72
C ARG GA 73 -67.78 67.28 -100.28
N LYS GA 74 -68.09 66.35 -101.16
CA LYS GA 74 -68.98 65.25 -100.82
C LYS GA 74 -68.32 64.32 -99.81
N MET GA 75 -69.17 63.63 -99.03
CA MET GA 75 -68.74 62.87 -97.87
C MET GA 75 -67.88 61.67 -98.30
N PRO GA 76 -66.88 61.28 -97.50
CA PRO GA 76 -65.84 60.37 -98.00
C PRO GA 76 -66.33 58.94 -98.22
N ARG GA 77 -65.68 58.27 -99.16
CA ARG GA 77 -66.15 56.96 -99.57
C ARG GA 77 -65.46 55.85 -98.78
N TYR GA 78 -64.34 56.15 -98.14
CA TYR GA 78 -63.60 55.18 -97.35
C TYR GA 78 -63.25 55.81 -96.02
N TYR GA 79 -63.55 55.13 -94.98
CA TYR GA 79 -63.22 55.38 -93.59
C TYR GA 79 -62.30 54.29 -93.06
N PRO GA 80 -61.10 54.65 -92.62
CA PRO GA 80 -60.17 53.66 -92.08
C PRO GA 80 -60.67 53.10 -90.76
N THR GA 81 -60.18 51.90 -90.44
CA THR GA 81 -60.72 51.12 -89.33
C THR GA 81 -60.47 51.79 -87.97
N GLU GA 82 -59.43 52.62 -87.88
CA GLU GA 82 -59.20 53.39 -86.67
C GLU GA 82 -58.55 54.71 -87.05
N ASP GA 83 -58.94 55.78 -86.35
CA ASP GA 83 -58.32 57.09 -86.46
C ASP GA 83 -57.58 57.46 -85.19
N VAL GA 84 -56.56 58.29 -85.35
CA VAL GA 84 -55.83 58.90 -84.24
C VAL GA 84 -56.63 60.10 -83.76
N PRO GA 85 -56.47 60.55 -82.52
CA PRO GA 85 -57.15 61.78 -82.09
C PRO GA 85 -56.37 63.00 -82.54
N ARG GA 86 -57.07 64.14 -82.56
CA ARG GA 86 -56.42 65.42 -82.76
C ARG GA 86 -55.52 65.74 -81.58
N LYS GA 87 -54.53 66.57 -81.81
CA LYS GA 87 -53.61 66.89 -80.73
C LYS GA 87 -53.85 68.31 -80.23
N LEU GA 88 -53.25 68.61 -79.08
CA LEU GA 88 -53.53 69.85 -78.37
C LEU GA 88 -52.86 71.04 -79.04
N LEU GA 89 -53.01 72.20 -78.43
CA LEU GA 89 -52.60 73.46 -79.04
C LEU GA 89 -51.41 74.03 -78.29
N SER GA 90 -50.22 73.84 -78.84
CA SER GA 90 -49.03 74.55 -78.38
C SER GA 90 -49.02 75.93 -79.01
N HIS GA 91 -48.14 76.82 -78.54
CA HIS GA 91 -48.22 78.18 -79.07
C HIS GA 91 -46.95 78.69 -79.72
N GLY GA 92 -45.77 78.47 -79.17
CA GLY GA 92 -44.61 79.13 -79.73
C GLY GA 92 -43.88 78.34 -80.79
N LYS GA 93 -44.59 77.43 -81.44
CA LYS GA 93 -43.96 76.44 -82.31
C LYS GA 93 -44.19 76.89 -83.74
N LYS GA 94 -43.34 77.80 -84.19
CA LYS GA 94 -43.37 78.36 -85.52
C LYS GA 94 -42.68 77.41 -86.51
N PRO GA 95 -43.05 77.45 -87.78
CA PRO GA 95 -42.29 76.72 -88.80
C PRO GA 95 -40.97 77.42 -89.07
N PHE GA 96 -40.15 76.78 -89.92
CA PHE GA 96 -38.78 77.24 -90.14
C PHE GA 96 -38.75 78.56 -90.88
N SER GA 97 -39.75 78.82 -91.73
CA SER GA 97 -39.73 80.01 -92.56
C SER GA 97 -40.18 81.24 -91.79
N GLN GA 98 -40.52 81.09 -90.51
CA GLN GA 98 -40.85 82.22 -89.67
C GLN GA 98 -39.94 82.37 -88.46
N HIS GA 99 -38.85 81.61 -88.39
CA HIS GA 99 -37.91 81.73 -87.28
C HIS GA 99 -37.12 83.02 -87.39
N VAL GA 100 -36.61 83.48 -86.27
CA VAL GA 100 -35.74 84.65 -86.30
C VAL GA 100 -34.34 84.18 -86.62
N ARG GA 101 -33.60 84.98 -87.42
CA ARG GA 101 -32.35 84.54 -88.00
C ARG GA 101 -31.21 85.35 -87.41
N LYS GA 102 -30.31 84.65 -86.72
CA LYS GA 102 -29.23 85.28 -85.98
C LYS GA 102 -27.99 85.40 -86.85
N LEU GA 103 -27.07 86.23 -86.39
CA LEU GA 103 -25.66 86.16 -86.78
C LEU GA 103 -24.82 86.37 -85.55
N ARG GA 104 -23.52 86.17 -85.73
CA ARG GA 104 -22.55 86.61 -84.76
C ARG GA 104 -22.22 88.07 -85.01
N ALA GA 105 -21.56 88.69 -84.03
CA ALA GA 105 -21.04 90.02 -84.28
C ALA GA 105 -19.76 89.98 -85.09
N SER GA 106 -19.14 88.80 -85.19
CA SER GA 106 -17.87 88.68 -85.89
C SER GA 106 -18.06 88.47 -87.39
N ILE GA 107 -19.25 88.05 -87.82
CA ILE GA 107 -19.53 87.85 -89.25
C ILE GA 107 -20.25 89.10 -89.74
N THR GA 108 -19.55 89.93 -90.51
CA THR GA 108 -20.03 91.14 -91.15
C THR GA 108 -19.74 91.06 -92.64
N PRO GA 109 -20.57 91.69 -93.51
CA PRO GA 109 -20.32 91.58 -94.97
C PRO GA 109 -19.00 92.18 -95.43
N GLY GA 110 -18.11 91.29 -95.85
CA GLY GA 110 -16.76 91.68 -96.17
C GLY GA 110 -15.75 90.86 -95.41
N THR GA 111 -16.20 90.13 -94.39
CA THR GA 111 -15.26 89.35 -93.59
C THR GA 111 -14.80 88.13 -94.36
N ILE GA 112 -13.66 87.59 -93.94
CA ILE GA 112 -13.08 86.41 -94.55
C ILE GA 112 -13.29 85.24 -93.60
N LEU GA 113 -13.82 84.15 -94.14
CA LEU GA 113 -14.23 83.02 -93.34
C LEU GA 113 -13.37 81.81 -93.69
N ILE GA 114 -13.44 80.81 -92.84
CA ILE GA 114 -12.72 79.56 -93.03
C ILE GA 114 -13.78 78.47 -93.00
N ILE GA 115 -14.14 77.94 -94.17
CA ILE GA 115 -15.14 76.89 -94.22
C ILE GA 115 -14.48 75.57 -93.85
N LEU GA 116 -15.11 74.85 -92.91
CA LEU GA 116 -14.45 73.84 -92.09
C LEU GA 116 -14.80 72.41 -92.46
N THR GA 117 -15.95 72.17 -93.07
CA THR GA 117 -16.50 70.83 -92.98
C THR GA 117 -16.74 70.19 -94.35
N GLY GA 118 -16.91 70.99 -95.40
CA GLY GA 118 -17.43 70.47 -96.65
C GLY GA 118 -16.40 69.72 -97.49
N ARG GA 119 -16.49 69.92 -98.80
CA ARG GA 119 -15.39 69.46 -99.64
C ARG GA 119 -14.41 70.60 -99.87
N HIS GA 120 -14.79 71.81 -99.47
CA HIS GA 120 -13.88 72.95 -99.42
C HIS GA 120 -13.44 73.16 -97.97
N ARG GA 121 -12.75 72.17 -97.43
CA ARG GA 121 -12.29 72.24 -96.05
C ARG GA 121 -11.11 73.18 -95.95
N GLY GA 122 -11.15 74.10 -95.01
CA GLY GA 122 -9.99 74.89 -94.70
C GLY GA 122 -9.71 76.03 -95.63
N LYS GA 123 -10.63 76.34 -96.53
CA LYS GA 123 -10.36 77.36 -97.52
C LYS GA 123 -10.79 78.73 -97.01
N ARG GA 124 -9.85 79.67 -97.04
CA ARG GA 124 -10.13 81.05 -96.62
C ARG GA 124 -10.88 81.75 -97.74
N VAL GA 125 -12.04 82.28 -97.42
CA VAL GA 125 -13.15 82.47 -98.36
C VAL GA 125 -14.00 83.64 -97.89
N VAL GA 126 -14.47 84.48 -98.85
CA VAL GA 126 -15.07 85.79 -98.58
C VAL GA 126 -16.58 85.67 -98.41
N PHE GA 127 -17.09 86.31 -97.36
CA PHE GA 127 -18.50 86.35 -96.99
C PHE GA 127 -19.25 87.48 -97.69
N LEU GA 128 -20.41 87.17 -98.26
CA LEU GA 128 -21.20 88.17 -98.97
C LEU GA 128 -22.43 88.65 -98.20
N LYS GA 129 -23.37 87.77 -97.91
CA LYS GA 129 -24.62 88.19 -97.29
C LYS GA 129 -25.27 87.01 -96.56
N GLN GA 130 -26.05 87.37 -95.55
CA GLN GA 130 -26.95 86.47 -94.85
C GLN GA 130 -28.21 86.26 -95.68
N LEU GA 131 -28.49 85.02 -96.03
CA LEU GA 131 -29.65 84.77 -96.89
C LEU GA 131 -30.92 84.65 -96.06
N SER GA 132 -32.00 84.25 -96.74
CA SER GA 132 -33.31 84.26 -96.10
C SER GA 132 -33.47 83.07 -95.18
N SER GA 133 -32.82 81.95 -95.50
CA SER GA 133 -32.92 80.75 -94.69
C SER GA 133 -31.91 80.73 -93.56
N GLY GA 134 -31.18 81.81 -93.36
CA GLY GA 134 -30.17 81.88 -92.34
C GLY GA 134 -28.79 81.57 -92.83
N LEU GA 135 -28.67 81.00 -94.02
CA LEU GA 135 -27.39 80.55 -94.49
C LEU GA 135 -26.55 81.72 -94.99
N LEU GA 136 -25.25 81.49 -95.05
CA LEU GA 136 -24.32 82.52 -95.44
C LEU GA 136 -24.05 82.37 -96.93
N LEU GA 137 -24.38 83.40 -97.71
CA LEU GA 137 -23.91 83.49 -99.08
C LEU GA 137 -22.44 83.86 -99.02
N VAL GA 138 -21.59 82.99 -99.54
CA VAL GA 138 -20.18 82.95 -99.22
C VAL GA 138 -19.42 82.56 -100.47
N THR GA 139 -18.49 83.43 -100.88
CA THR GA 139 -17.84 83.26 -102.17
C THR GA 139 -16.40 83.75 -102.04
N GLY GA 140 -15.48 82.84 -101.82
CA GLY GA 140 -14.08 83.13 -101.90
C GLY GA 140 -13.71 82.78 -103.30
N PRO GA 141 -13.19 83.75 -104.05
CA PRO GA 141 -13.39 83.78 -105.52
C PRO GA 141 -12.95 82.56 -106.30
N LEU GA 142 -13.65 82.31 -107.40
CA LEU GA 142 -13.40 81.12 -108.21
C LEU GA 142 -12.04 81.21 -108.89
N SER GA 143 -11.53 82.42 -109.06
CA SER GA 143 -10.17 82.62 -109.54
C SER GA 143 -9.14 82.14 -108.53
N LEU GA 144 -9.38 82.37 -107.25
CA LEU GA 144 -8.37 82.11 -106.23
C LEU GA 144 -8.56 80.76 -105.55
N ASN GA 145 -9.71 80.58 -104.88
CA ASN GA 145 -9.93 79.42 -104.02
C ASN GA 145 -10.38 78.20 -104.78
N ARG GA 146 -10.94 78.38 -105.98
CA ARG GA 146 -11.79 77.41 -106.67
C ARG GA 146 -12.98 77.09 -105.77
N VAL GA 147 -13.69 78.14 -105.35
CA VAL GA 147 -14.92 78.06 -104.56
C VAL GA 147 -15.97 78.95 -105.23
N PRO GA 148 -17.12 78.43 -105.59
CA PRO GA 148 -18.11 79.23 -106.33
C PRO GA 148 -18.95 80.14 -105.45
N LEU GA 149 -19.98 80.76 -106.02
CA LEU GA 149 -21.06 81.33 -105.24
C LEU GA 149 -21.81 80.19 -104.59
N ARG GA 150 -21.65 80.03 -103.28
CA ARG GA 150 -22.02 78.82 -102.59
C ARG GA 150 -22.59 79.21 -101.23
N ARG GA 151 -23.56 78.44 -100.75
CA ARG GA 151 -24.04 78.68 -99.40
C ARG GA 151 -23.17 77.93 -98.40
N THR GA 152 -23.09 78.47 -97.19
CA THR GA 152 -22.47 77.80 -96.06
C THR GA 152 -23.32 78.04 -94.83
N HIS GA 153 -22.92 77.47 -93.71
CA HIS GA 153 -23.66 77.60 -92.47
C HIS GA 153 -22.84 78.39 -91.47
N GLN GA 154 -23.53 79.13 -90.59
CA GLN GA 154 -22.85 79.97 -89.60
C GLN GA 154 -22.03 79.14 -88.63
N LYS GA 155 -22.59 78.03 -88.18
CA LYS GA 155 -21.98 77.20 -87.16
C LYS GA 155 -20.71 76.55 -87.68
N PHE GA 156 -20.70 76.09 -88.92
CA PHE GA 156 -19.63 75.30 -89.52
C PHE GA 156 -18.59 76.17 -90.20
N VAL GA 157 -18.39 77.37 -89.69
CA VAL GA 157 -17.52 78.38 -90.27
C VAL GA 157 -16.82 79.12 -89.14
N ILE GA 158 -15.48 79.25 -89.24
CA ILE GA 158 -14.68 80.10 -88.37
C ILE GA 158 -14.53 81.45 -89.04
N ALA GA 159 -14.64 82.53 -88.26
CA ALA GA 159 -14.57 83.89 -88.78
C ALA GA 159 -13.19 84.48 -88.52
N THR GA 160 -12.45 84.78 -89.57
CA THR GA 160 -11.19 85.50 -89.46
C THR GA 160 -11.46 86.99 -89.42
N SER GA 161 -10.77 87.71 -88.53
CA SER GA 161 -10.84 89.17 -88.48
C SER GA 161 -9.95 89.77 -89.56
N THR GA 162 -10.37 89.57 -90.81
CA THR GA 162 -9.69 90.16 -91.96
C THR GA 162 -10.80 90.52 -92.95
N LYS GA 163 -10.97 91.81 -93.18
CA LYS GA 163 -12.15 92.30 -93.88
C LYS GA 163 -11.76 93.09 -95.11
N ILE GA 164 -12.69 93.12 -96.06
CA ILE GA 164 -12.60 93.98 -97.24
C ILE GA 164 -13.78 94.93 -97.17
N ASP GA 165 -13.64 96.09 -97.82
CA ASP GA 165 -14.71 97.07 -97.81
C ASP GA 165 -15.62 96.77 -99.00
N ILE GA 166 -16.45 95.75 -98.85
CA ILE GA 166 -17.29 95.25 -99.93
C ILE GA 166 -18.63 96.00 -99.99
N SER GA 167 -18.79 97.04 -99.16
CA SER GA 167 -20.06 97.74 -98.98
C SER GA 167 -20.53 98.40 -100.27
N GLY GA 168 -19.61 98.76 -101.15
CA GLY GA 168 -19.99 99.27 -102.46
C GLY GA 168 -19.96 98.28 -103.61
N VAL GA 169 -20.57 97.10 -103.47
CA VAL GA 169 -20.76 96.20 -104.61
C VAL GA 169 -22.25 95.94 -104.78
N LYS GA 170 -22.61 95.54 -105.98
CA LYS GA 170 -23.99 95.27 -106.35
C LYS GA 170 -24.16 93.76 -106.40
N ILE GA 171 -24.40 93.15 -105.25
CA ILE GA 171 -24.81 91.75 -105.23
C ILE GA 171 -26.22 91.65 -105.81
N PRO GA 172 -26.48 90.74 -106.74
CA PRO GA 172 -27.78 90.71 -107.43
C PRO GA 172 -28.92 90.33 -106.51
N LYS GA 173 -30.09 90.88 -106.81
CA LYS GA 173 -31.29 90.60 -106.03
C LYS GA 173 -31.93 89.28 -106.42
N HIS GA 174 -31.64 88.77 -107.62
CA HIS GA 174 -32.35 87.59 -108.09
C HIS GA 174 -31.83 86.32 -107.42
N LEU GA 175 -30.60 86.33 -106.94
CA LEU GA 175 -30.06 85.14 -106.32
C LEU GA 175 -30.35 85.13 -104.83
N THR GA 176 -31.03 84.09 -104.40
CA THR GA 176 -31.58 84.00 -103.06
C THR GA 176 -31.53 82.53 -102.67
N ASP GA 177 -32.29 82.16 -101.64
CA ASP GA 177 -32.18 80.81 -101.10
C ASP GA 177 -32.77 79.77 -102.06
N ALA GA 178 -33.72 80.20 -102.91
CA ALA GA 178 -34.27 79.29 -103.91
C ALA GA 178 -33.34 79.13 -105.09
N TYR GA 179 -32.39 80.06 -105.27
CA TYR GA 179 -31.47 79.99 -106.38
C TYR GA 179 -30.42 78.91 -106.16
N PHE GA 180 -30.05 78.67 -104.91
CA PHE GA 180 -28.98 77.73 -104.58
C PHE GA 180 -29.50 76.40 -104.09
N LYS GA 181 -30.81 76.25 -103.91
CA LYS GA 181 -31.37 74.99 -103.44
C LYS GA 181 -31.29 73.97 -104.56
N LYS GA 182 -31.06 72.70 -104.21
CA LYS GA 182 -30.76 71.67 -105.19
C LYS GA 182 -31.98 71.31 -106.03
N LYS GA 183 -31.73 70.70 -107.19
CA LYS GA 183 -32.82 70.30 -108.07
C LYS GA 183 -33.17 68.83 -107.90
N LYS GA 184 -32.26 67.94 -108.28
CA LYS GA 184 -32.55 66.50 -108.31
C LYS GA 184 -31.28 65.66 -108.34
N LYS GA 202 -25.52 63.68 -112.43
CA LYS GA 202 -24.53 64.63 -112.89
C LYS GA 202 -25.04 66.06 -112.80
N TYR GA 203 -24.35 66.87 -112.00
CA TYR GA 203 -24.66 68.29 -111.84
C TYR GA 203 -23.96 69.08 -112.93
N GLU GA 204 -24.74 69.75 -113.77
CA GLU GA 204 -24.20 70.52 -114.87
C GLU GA 204 -24.29 72.01 -114.55
N ILE GA 205 -23.17 72.71 -114.67
CA ILE GA 205 -23.10 74.13 -114.33
C ILE GA 205 -23.91 74.90 -115.37
N THR GA 206 -25.00 75.50 -114.94
CA THR GA 206 -25.81 76.32 -115.81
C THR GA 206 -25.06 77.58 -116.19
N GLU GA 207 -25.50 78.24 -117.26
CA GLU GA 207 -24.80 79.46 -117.68
C GLU GA 207 -25.11 80.60 -116.72
N GLN GA 208 -26.23 80.53 -116.00
CA GLN GA 208 -26.56 81.59 -115.06
C GLN GA 208 -25.61 81.57 -113.89
N ARG GA 209 -25.16 80.38 -113.47
CA ARG GA 209 -24.12 80.27 -112.45
C ARG GA 209 -22.83 80.92 -112.90
N LYS GA 210 -22.46 80.75 -114.18
CA LYS GA 210 -21.23 81.36 -114.70
C LYS GA 210 -21.35 82.88 -114.79
N VAL GA 211 -22.50 83.38 -115.27
CA VAL GA 211 -22.69 84.82 -115.42
C VAL GA 211 -22.76 85.51 -114.06
N ASP GA 212 -23.40 84.88 -113.08
CA ASP GA 212 -23.46 85.45 -111.73
C ASP GA 212 -22.11 85.39 -111.05
N GLN GA 213 -21.38 84.28 -111.23
CA GLN GA 213 -20.03 84.15 -110.70
C GLN GA 213 -19.10 85.22 -111.24
N LYS GA 214 -19.17 85.49 -112.54
CA LYS GA 214 -18.35 86.55 -113.12
C LYS GA 214 -18.80 87.93 -112.64
N ALA GA 215 -20.10 88.19 -112.58
CA ALA GA 215 -20.58 89.53 -112.27
C ALA GA 215 -20.38 89.87 -110.81
N VAL GA 216 -20.16 88.88 -109.96
CA VAL GA 216 -19.82 89.18 -108.57
C VAL GA 216 -18.30 89.11 -108.36
N ASP GA 217 -17.63 88.20 -109.07
CA ASP GA 217 -16.18 88.03 -108.98
C ASP GA 217 -15.44 89.29 -109.45
N SER GA 218 -15.92 89.90 -110.52
CA SER GA 218 -15.26 91.10 -111.04
C SER GA 218 -15.52 92.33 -110.18
N GLN GA 219 -16.51 92.26 -109.28
CA GLN GA 219 -16.75 93.35 -108.36
C GLN GA 219 -15.94 93.18 -107.08
N ILE GA 220 -15.71 91.93 -106.68
CA ILE GA 220 -14.97 91.70 -105.45
C ILE GA 220 -13.47 91.78 -105.67
N LEU GA 221 -12.98 91.15 -106.75
CA LEU GA 221 -11.55 90.91 -106.94
C LEU GA 221 -10.63 92.13 -107.00
N PRO GA 222 -11.01 93.31 -107.52
CA PRO GA 222 -10.14 94.48 -107.32
C PRO GA 222 -10.02 94.92 -105.88
N LYS GA 223 -11.01 94.64 -105.04
CA LYS GA 223 -10.92 95.08 -103.64
C LYS GA 223 -10.04 94.15 -102.82
N ILE GA 224 -9.83 92.92 -103.28
CA ILE GA 224 -8.88 92.05 -102.59
C ILE GA 224 -7.52 92.14 -103.23
N LYS GA 225 -7.44 92.68 -104.45
CA LYS GA 225 -6.13 93.07 -104.96
C LYS GA 225 -5.66 94.39 -104.39
N ALA GA 226 -6.58 95.20 -103.87
CA ALA GA 226 -6.20 96.47 -103.27
C ALA GA 226 -5.61 96.30 -101.88
N VAL GA 227 -5.65 95.10 -101.34
CA VAL GA 227 -4.97 94.79 -100.07
C VAL GA 227 -3.70 94.02 -100.38
N PRO GA 228 -2.57 94.36 -99.76
CA PRO GA 228 -1.34 93.58 -99.96
C PRO GA 228 -1.47 92.15 -99.45
N GLN GA 229 -1.09 91.20 -100.31
CA GLN GA 229 -0.94 89.77 -100.04
C GLN GA 229 -2.23 89.10 -99.60
N LEU GA 230 -3.39 89.68 -99.88
CA LEU GA 230 -4.62 89.04 -99.47
C LEU GA 230 -5.01 87.91 -100.43
N GLN GA 231 -4.65 88.02 -101.71
CA GLN GA 231 -5.03 87.00 -102.67
C GLN GA 231 -4.24 85.71 -102.44
N GLY GA 232 -2.99 85.82 -102.00
CA GLY GA 232 -2.24 84.63 -101.66
C GLY GA 232 -2.72 84.00 -100.37
N TYR GA 233 -3.25 84.82 -99.46
CA TYR GA 233 -3.90 84.30 -98.27
C TYR GA 233 -5.16 83.55 -98.61
N LEU GA 234 -5.90 84.04 -99.61
CA LEU GA 234 -7.11 83.34 -100.03
C LEU GA 234 -6.80 82.07 -100.79
N ARG GA 235 -5.66 82.02 -101.50
CA ARG GA 235 -5.31 80.78 -102.20
C ARG GA 235 -4.87 79.69 -101.23
N SER GA 236 -4.41 80.07 -100.04
CA SER GA 236 -3.90 79.09 -99.09
C SER GA 236 -5.03 78.37 -98.38
N VAL GA 237 -4.70 77.28 -97.74
CA VAL GA 237 -5.67 76.47 -97.03
C VAL GA 237 -5.30 76.49 -95.55
N PHE GA 238 -6.30 76.34 -94.69
CA PHE GA 238 -6.05 76.35 -93.26
C PHE GA 238 -5.70 74.96 -92.77
N ALA GA 239 -4.72 74.90 -91.88
CA ALA GA 239 -4.24 73.64 -91.36
C ALA GA 239 -3.75 73.88 -89.95
N LEU GA 240 -4.14 73.03 -89.03
CA LEU GA 240 -3.50 73.00 -87.74
C LEU GA 240 -2.22 72.19 -87.81
N THR GA 241 -1.17 72.72 -87.19
CA THR GA 241 0.12 72.04 -87.21
C THR GA 241 0.56 71.84 -85.77
N ASN GA 242 1.78 71.33 -85.59
CA ASN GA 242 2.26 70.95 -84.27
C ASN GA 242 2.46 72.17 -83.39
N GLY GA 243 1.91 72.11 -82.18
CA GLY GA 243 2.03 73.21 -81.24
C GLY GA 243 1.09 74.35 -81.52
N VAL GA 244 0.14 74.17 -82.43
CA VAL GA 244 -0.86 75.19 -82.74
C VAL GA 244 -2.16 74.70 -82.13
N TYR GA 245 -2.65 75.43 -81.14
CA TYR GA 245 -3.85 75.08 -80.43
C TYR GA 245 -4.90 76.15 -80.69
N PRO GA 246 -6.11 75.78 -81.05
CA PRO GA 246 -7.09 76.77 -81.49
C PRO GA 246 -7.63 77.66 -80.39
N HIS GA 247 -7.51 77.21 -79.13
CA HIS GA 247 -7.87 78.07 -78.03
C HIS GA 247 -6.82 79.14 -77.80
N LYS GA 248 -5.63 78.96 -78.37
CA LYS GA 248 -4.53 79.86 -78.09
C LYS GA 248 -4.35 80.87 -79.21
N LEU GA 249 -4.36 80.42 -80.46
CA LEU GA 249 -4.15 81.38 -81.54
C LEU GA 249 -5.45 82.08 -81.85
N VAL GA 250 -5.36 83.41 -81.95
CA VAL GA 250 -6.51 84.27 -82.18
C VAL GA 250 -6.50 84.66 -83.65
N PHE GA 251 -7.66 84.96 -84.18
CA PHE GA 251 -7.81 85.38 -85.57
C PHE GA 251 -8.98 86.32 -85.75
N ASN HA 1 -87.24 79.38 -79.24
CA ASN HA 1 -87.05 80.80 -79.50
C ASN HA 1 -85.57 81.18 -79.51
N PHE HA 2 -84.91 81.07 -78.35
CA PHE HA 2 -83.46 81.24 -78.19
C PHE HA 2 -83.01 82.66 -78.58
N ALA HA 3 -83.79 83.65 -78.17
CA ALA HA 3 -83.38 85.04 -78.28
C ALA HA 3 -82.96 85.59 -76.93
N GLU HA 4 -83.81 85.42 -75.92
CA GLU HA 4 -83.46 85.83 -74.56
C GLU HA 4 -82.40 84.93 -73.96
N LEU HA 5 -82.32 83.67 -74.42
CA LEU HA 5 -81.47 82.70 -73.74
C LEU HA 5 -80.00 82.89 -74.10
N LYS HA 6 -79.69 83.07 -75.40
CA LYS HA 6 -78.32 83.32 -75.81
C LYS HA 6 -77.84 84.69 -75.34
N ILE HA 7 -78.72 85.68 -75.29
CA ILE HA 7 -78.33 87.00 -74.80
C ILE HA 7 -78.11 86.96 -73.29
N LYS HA 8 -78.90 86.16 -72.57
CA LYS HA 8 -78.66 85.98 -71.14
C LYS HA 8 -77.34 85.25 -70.89
N ARG HA 9 -76.98 84.31 -71.78
CA ARG HA 9 -75.66 83.68 -71.74
C ARG HA 9 -74.53 84.69 -71.98
N LEU HA 10 -74.68 85.55 -72.98
CA LEU HA 10 -73.67 86.58 -73.24
C LEU HA 10 -73.54 87.56 -72.09
N ARG HA 11 -74.64 87.86 -71.41
CA ARG HA 11 -74.59 88.79 -70.29
C ARG HA 11 -73.93 88.16 -69.07
N LYS HA 12 -74.16 86.86 -68.85
CA LYS HA 12 -73.42 86.16 -67.81
C LYS HA 12 -71.93 86.10 -68.14
N LYS HA 13 -71.60 85.92 -69.41
CA LYS HA 13 -70.21 85.90 -69.85
C LYS HA 13 -69.53 87.23 -69.59
N PHE HA 14 -70.22 88.33 -69.89
CA PHE HA 14 -69.69 89.66 -69.65
C PHE HA 14 -69.57 89.95 -68.16
N ALA HA 15 -70.49 89.42 -67.35
CA ALA HA 15 -70.40 89.61 -65.90
C ALA HA 15 -69.19 88.90 -65.30
N GLN HA 16 -68.94 87.65 -65.73
CA GLN HA 16 -67.74 86.97 -65.28
C GLN HA 16 -66.47 87.67 -65.75
N LYS HA 17 -66.46 88.20 -66.98
CA LYS HA 17 -65.27 88.87 -67.49
C LYS HA 17 -64.99 90.17 -66.75
N MET HA 18 -66.04 90.93 -66.41
CA MET HA 18 -65.83 92.16 -65.67
C MET HA 18 -65.42 91.92 -64.22
N LEU HA 19 -65.96 90.87 -63.60
CA LEU HA 19 -65.49 90.52 -62.26
C LEU HA 19 -64.04 90.07 -62.29
N ARG HA 20 -63.61 89.40 -63.36
CA ARG HA 20 -62.22 89.01 -63.50
C ARG HA 20 -61.31 90.23 -63.66
N LYS HA 21 -61.72 91.22 -64.46
CA LYS HA 21 -60.92 92.44 -64.60
C LYS HA 21 -60.84 93.23 -63.30
N ALA HA 22 -61.95 93.28 -62.54
CA ALA HA 22 -61.93 93.98 -61.26
C ALA HA 22 -61.01 93.29 -60.26
N ARG HA 23 -61.01 91.96 -60.25
CA ARG HA 23 -60.10 91.23 -59.37
C ARG HA 23 -58.65 91.37 -59.77
N ARG HA 24 -58.36 91.46 -61.07
CA ARG HA 24 -56.99 91.72 -61.49
C ARG HA 24 -56.52 93.10 -61.06
N LYS HA 25 -57.40 94.09 -61.15
CA LYS HA 25 -57.08 95.43 -60.67
C LYS HA 25 -56.83 95.46 -59.16
N LEU HA 26 -57.61 94.71 -58.40
CA LEU HA 26 -57.41 94.63 -56.96
C LEU HA 26 -56.07 93.99 -56.61
N ILE HA 27 -55.72 92.90 -57.29
CA ILE HA 27 -54.42 92.24 -57.13
C ILE HA 27 -53.27 93.18 -57.43
N TYR HA 28 -53.39 93.95 -58.54
CA TYR HA 28 -52.36 94.91 -58.92
C TYR HA 28 -52.17 95.98 -57.84
N GLU HA 29 -53.27 96.54 -57.34
CA GLU HA 29 -53.13 97.65 -56.42
C GLU HA 29 -52.73 97.20 -55.02
N LYS HA 30 -53.08 95.97 -54.65
CA LYS HA 30 -52.52 95.38 -53.43
C LYS HA 30 -51.02 95.25 -53.54
N ALA HA 31 -50.52 94.81 -54.69
CA ALA HA 31 -49.07 94.69 -54.84
C ALA HA 31 -48.38 96.04 -54.84
N LYS HA 32 -49.04 97.08 -55.37
CA LYS HA 32 -48.45 98.42 -55.33
C LYS HA 32 -48.37 98.96 -53.91
N HIS HA 33 -49.44 98.78 -53.14
CA HIS HA 33 -49.44 99.17 -51.73
C HIS HA 33 -48.41 98.38 -50.93
N TYR HA 34 -48.18 97.12 -51.30
CA TYR HA 34 -47.17 96.33 -50.61
C TYR HA 34 -45.77 96.80 -50.91
N HIS HA 35 -45.51 97.20 -52.16
CA HIS HA 35 -44.21 97.77 -52.51
C HIS HA 35 -43.93 99.05 -51.73
N LYS HA 36 -44.96 99.89 -51.57
CA LYS HA 36 -44.84 101.07 -50.73
C LYS HA 36 -44.56 100.72 -49.28
N GLU HA 37 -45.22 99.68 -48.76
CA GLU HA 37 -45.00 99.29 -47.37
C GLU HA 37 -43.61 98.71 -47.16
N TYR HA 38 -43.08 97.97 -48.13
CA TYR HA 38 -41.73 97.44 -47.93
C TYR HA 38 -40.68 98.54 -48.02
N ARG HA 39 -40.89 99.53 -48.91
CA ARG HA 39 -40.06 100.74 -48.87
C ARG HA 39 -40.07 101.39 -47.50
N GLN HA 40 -41.26 101.58 -46.94
CA GLN HA 40 -41.39 102.31 -45.69
C GLN HA 40 -40.77 101.55 -44.52
N MET HA 41 -40.92 100.22 -44.51
CA MET HA 41 -40.27 99.39 -43.51
C MET HA 41 -38.76 99.42 -43.64
N TYR HA 42 -38.22 99.33 -44.86
CA TYR HA 42 -36.77 99.30 -45.01
C TYR HA 42 -36.16 100.65 -44.71
N ARG HA 43 -36.90 101.73 -44.94
CA ARG HA 43 -36.34 103.05 -44.70
C ARG HA 43 -36.45 103.48 -43.25
N THR HA 44 -37.48 102.99 -42.54
CA THR HA 44 -37.64 103.46 -41.17
C THR HA 44 -36.59 102.86 -40.25
N GLU HA 45 -36.00 101.72 -40.61
CA GLU HA 45 -34.92 101.17 -39.81
C GLU HA 45 -33.64 101.98 -39.93
N ILE HA 46 -33.30 102.38 -41.15
CA ILE HA 46 -32.20 103.29 -41.42
C ILE HA 46 -32.43 104.64 -40.73
N ARG HA 47 -33.68 105.10 -40.71
CA ARG HA 47 -34.03 106.34 -40.03
C ARG HA 47 -33.82 106.25 -38.53
N MET HA 48 -34.38 105.22 -37.90
CA MET HA 48 -34.25 105.02 -36.46
C MET HA 48 -32.80 104.80 -36.06
N ALA HA 49 -31.99 104.22 -36.95
CA ALA HA 49 -30.59 104.01 -36.62
C ALA HA 49 -29.80 105.28 -36.75
N ARG HA 50 -30.11 106.12 -37.75
CA ARG HA 50 -29.37 107.36 -37.92
C ARG HA 50 -29.70 108.36 -36.82
N MET HA 51 -30.95 108.36 -36.33
CA MET HA 51 -31.26 109.32 -35.28
C MET HA 51 -30.60 108.96 -33.96
N ALA HA 52 -30.44 107.67 -33.68
CA ALA HA 52 -29.78 107.25 -32.45
C ALA HA 52 -28.28 107.50 -32.52
N ARG HA 53 -27.70 107.36 -33.71
CA ARG HA 53 -26.28 107.66 -33.85
C ARG HA 53 -26.02 109.15 -33.81
N LYS HA 54 -26.94 109.96 -34.33
CA LYS HA 54 -26.83 111.41 -34.18
C LYS HA 54 -26.90 111.82 -32.72
N ALA HA 55 -27.84 111.26 -31.98
CA ALA HA 55 -28.01 111.64 -30.58
C ALA HA 55 -26.89 111.11 -29.70
N GLY HA 56 -26.08 110.19 -30.20
CA GLY HA 56 -25.06 109.53 -29.41
C GLY HA 56 -25.47 108.18 -28.87
N ASN HA 57 -26.75 107.86 -28.92
CA ASN HA 57 -27.30 106.67 -28.31
C ASN HA 57 -27.16 105.48 -29.26
N PHE HA 58 -27.86 104.40 -28.94
CA PHE HA 58 -27.92 103.23 -29.82
C PHE HA 58 -29.37 102.88 -30.10
N TYR HA 59 -29.63 102.46 -31.33
CA TYR HA 59 -30.93 101.89 -31.67
C TYR HA 59 -30.77 100.38 -31.76
N VAL HA 60 -31.48 99.66 -30.90
CA VAL HA 60 -31.56 98.21 -30.98
C VAL HA 60 -32.80 97.86 -31.77
N PRO HA 61 -32.67 97.25 -32.95
CA PRO HA 61 -33.84 96.94 -33.77
C PRO HA 61 -34.65 95.81 -33.15
N ALA HA 62 -35.84 95.62 -33.71
CA ALA HA 62 -36.74 94.61 -33.19
C ALA HA 62 -36.16 93.24 -33.47
N GLU HA 63 -36.37 92.33 -32.55
CA GLU HA 63 -35.88 90.98 -32.76
C GLU HA 63 -36.71 90.31 -33.84
N PRO HA 64 -36.09 89.56 -34.73
CA PRO HA 64 -36.76 89.09 -35.94
C PRO HA 64 -37.86 88.10 -35.67
N LYS HA 65 -38.98 88.31 -36.36
CA LYS HA 65 -40.21 87.60 -36.07
C LYS HA 65 -40.34 86.32 -36.87
N LEU HA 66 -39.49 86.12 -37.87
CA LEU HA 66 -39.69 85.08 -38.85
C LEU HA 66 -38.37 84.43 -39.21
N ALA HA 67 -38.38 83.10 -39.29
CA ALA HA 67 -37.18 82.33 -39.56
C ALA HA 67 -37.47 81.28 -40.61
N PHE HA 68 -36.54 81.09 -41.51
CA PHE HA 68 -36.61 80.00 -42.47
C PHE HA 68 -35.67 78.92 -41.94
N VAL HA 69 -36.22 77.73 -41.74
CA VAL HA 69 -35.49 76.64 -41.12
C VAL HA 69 -35.26 75.56 -42.16
N ILE HA 70 -34.01 75.22 -42.41
CA ILE HA 70 -33.64 74.20 -43.39
C ILE HA 70 -33.08 73.01 -42.62
N ARG HA 71 -33.50 71.81 -42.98
CA ARG HA 71 -32.98 70.62 -42.34
C ARG HA 71 -31.74 70.16 -43.09
N ILE HA 72 -30.60 70.09 -42.41
CA ILE HA 72 -29.36 69.76 -43.09
C ILE HA 72 -28.90 68.32 -42.92
N ARG HA 73 -29.37 67.63 -41.89
CA ARG HA 73 -28.93 66.26 -41.66
C ARG HA 73 -30.05 65.29 -42.00
N GLY HA 74 -29.67 64.05 -42.26
CA GLY HA 74 -30.51 63.09 -42.90
C GLY HA 74 -31.49 62.44 -41.95
N ILE HA 75 -31.84 61.20 -42.28
CA ILE HA 75 -33.00 60.59 -41.67
C ILE HA 75 -32.59 59.41 -40.76
N ASN HA 76 -31.30 59.12 -40.70
CA ASN HA 76 -30.82 57.90 -40.06
C ASN HA 76 -30.17 58.19 -38.70
N GLY HA 77 -30.61 57.45 -37.68
CA GLY HA 77 -30.04 57.56 -36.36
C GLY HA 77 -30.39 58.84 -35.63
N VAL HA 78 -31.68 59.12 -35.53
CA VAL HA 78 -32.18 60.36 -34.94
C VAL HA 78 -32.91 60.03 -33.64
N SER HA 79 -32.58 60.79 -32.59
CA SER HA 79 -33.21 60.71 -31.28
C SER HA 79 -34.72 60.94 -31.39
N PRO HA 80 -35.52 60.31 -30.51
CA PRO HA 80 -36.98 60.37 -30.69
C PRO HA 80 -37.57 61.75 -30.45
N LYS HA 81 -37.00 62.53 -29.55
CA LYS HA 81 -37.51 63.87 -29.32
C LYS HA 81 -37.09 64.81 -30.44
N VAL HA 82 -35.89 64.62 -30.99
CA VAL HA 82 -35.45 65.37 -32.15
C VAL HA 82 -36.29 65.02 -33.37
N ARG HA 83 -36.60 63.74 -33.54
CA ARG HA 83 -37.43 63.29 -34.65
C ARG HA 83 -38.85 63.84 -34.55
N LYS HA 84 -39.39 63.90 -33.33
CA LYS HA 84 -40.72 64.45 -33.13
C LYS HA 84 -40.75 65.95 -33.43
N VAL HA 85 -39.75 66.69 -32.98
CA VAL HA 85 -39.75 68.13 -33.23
C VAL HA 85 -39.51 68.42 -34.71
N LEU HA 86 -38.68 67.61 -35.37
CA LEU HA 86 -38.47 67.77 -36.81
C LEU HA 86 -39.70 67.42 -37.60
N GLN HA 87 -40.56 66.55 -37.09
CA GLN HA 87 -41.78 66.31 -37.83
C GLN HA 87 -42.91 67.24 -37.40
N LEU HA 88 -42.72 68.03 -36.34
CA LEU HA 88 -43.66 69.10 -36.03
C LEU HA 88 -43.33 70.38 -36.77
N LEU HA 89 -42.10 70.55 -37.21
CA LEU HA 89 -41.75 71.66 -38.07
C LEU HA 89 -41.92 71.33 -39.53
N ARG HA 90 -42.50 70.15 -39.82
CA ARG HA 90 -42.73 69.62 -41.16
C ARG HA 90 -41.42 69.50 -41.94
N LEU HA 91 -40.38 69.02 -41.27
CA LEU HA 91 -39.08 68.82 -41.89
C LEU HA 91 -38.82 67.32 -41.90
N ARG HA 92 -39.22 66.66 -42.97
CA ARG HA 92 -39.20 65.21 -43.01
C ARG HA 92 -38.14 64.67 -43.96
N GLN HA 93 -37.58 65.51 -44.81
CA GLN HA 93 -36.40 65.16 -45.58
C GLN HA 93 -35.21 66.03 -45.19
N ILE HA 94 -34.03 65.61 -45.65
CA ILE HA 94 -32.90 66.52 -45.71
C ILE HA 94 -33.19 67.59 -46.76
N PHE HA 95 -32.74 68.81 -46.47
CA PHE HA 95 -32.86 70.01 -47.32
C PHE HA 95 -34.32 70.34 -47.61
N ASN HA 96 -35.20 70.04 -46.67
CA ASN HA 96 -36.54 70.61 -46.62
C ASN HA 96 -36.48 71.90 -45.83
N GLY HA 97 -37.35 72.84 -46.19
CA GLY HA 97 -37.38 74.12 -45.54
C GLY HA 97 -38.79 74.54 -45.19
N THR HA 98 -38.93 75.23 -44.06
CA THR HA 98 -40.19 75.85 -43.70
C THR HA 98 -39.92 77.22 -43.11
N PHE HA 99 -40.93 78.08 -43.18
CA PHE HA 99 -40.93 79.33 -42.45
C PHE HA 99 -41.49 79.11 -41.06
N VAL HA 100 -40.81 79.63 -40.06
CA VAL HA 100 -41.23 79.53 -38.67
C VAL HA 100 -41.33 80.93 -38.11
N LYS HA 101 -42.45 81.27 -37.47
CA LYS HA 101 -42.51 82.52 -36.72
C LYS HA 101 -41.93 82.29 -35.33
N LEU HA 102 -41.24 83.30 -34.82
CA LEU HA 102 -40.49 83.12 -33.58
C LEU HA 102 -41.31 83.60 -32.39
N ASN HA 103 -41.24 82.84 -31.32
CA ASN HA 103 -41.74 83.16 -29.99
C ASN HA 103 -41.07 82.16 -29.06
N LYS HA 104 -41.45 82.21 -27.78
CA LYS HA 104 -40.74 81.43 -26.76
C LYS HA 104 -40.91 79.93 -26.96
N ALA HA 105 -42.05 79.51 -27.49
CA ALA HA 105 -42.26 78.10 -27.76
C ALA HA 105 -41.45 77.64 -28.96
N SER HA 106 -41.51 78.41 -30.04
CA SER HA 106 -40.82 78.10 -31.29
C SER HA 106 -39.30 78.10 -31.14
N ILE HA 107 -38.76 79.08 -30.41
CA ILE HA 107 -37.31 79.20 -30.28
C ILE HA 107 -36.75 78.04 -29.47
N ASN HA 108 -37.48 77.57 -28.47
CA ASN HA 108 -37.00 76.41 -27.73
C ASN HA 108 -37.18 75.13 -28.52
N MET HA 109 -38.20 75.05 -29.39
CA MET HA 109 -38.30 73.93 -30.32
C MET HA 109 -37.15 73.94 -31.33
N LEU HA 110 -36.64 75.11 -31.69
CA LEU HA 110 -35.49 75.14 -32.58
C LEU HA 110 -34.19 74.90 -31.84
N ARG HA 111 -34.18 75.17 -30.52
CA ARG HA 111 -33.00 74.89 -29.71
C ARG HA 111 -32.84 73.40 -29.48
N ILE HA 112 -33.96 72.67 -29.48
CA ILE HA 112 -33.90 71.25 -29.19
C ILE HA 112 -33.46 70.46 -30.41
N VAL HA 113 -33.46 71.06 -31.60
CA VAL HA 113 -33.04 70.38 -32.83
C VAL HA 113 -31.93 71.13 -33.56
N GLU HA 114 -31.09 71.87 -32.84
CA GLU HA 114 -30.02 72.67 -33.47
C GLU HA 114 -28.98 71.94 -34.31
N PRO HA 115 -28.50 70.73 -33.97
CA PRO HA 115 -27.53 70.10 -34.87
C PRO HA 115 -28.11 69.65 -36.19
N TYR HA 116 -29.42 69.48 -36.30
CA TYR HA 116 -29.97 68.90 -37.52
C TYR HA 116 -30.54 69.94 -38.44
N ILE HA 117 -30.70 71.18 -37.98
CA ILE HA 117 -31.25 72.25 -38.79
C ILE HA 117 -30.19 73.33 -38.97
N ALA HA 118 -30.30 74.04 -40.08
CA ALA HA 118 -29.65 75.32 -40.28
C ALA HA 118 -30.77 76.32 -40.46
N TRP HA 119 -30.72 77.43 -39.75
CA TRP HA 119 -31.76 78.42 -39.87
C TRP HA 119 -31.21 79.81 -39.63
N GLY HA 120 -31.99 80.78 -40.02
CA GLY HA 120 -31.62 82.16 -39.79
C GLY HA 120 -32.80 83.04 -40.08
N TYR HA 121 -32.51 84.32 -40.31
CA TYR HA 121 -33.59 85.26 -40.50
C TYR HA 121 -33.60 85.67 -41.96
N PRO HA 122 -34.62 85.28 -42.72
CA PRO HA 122 -34.55 85.45 -44.17
C PRO HA 122 -34.87 86.87 -44.62
N ASN HA 123 -34.39 87.15 -45.82
CA ASN HA 123 -34.52 88.42 -46.50
C ASN HA 123 -35.93 88.54 -47.05
N LEU HA 124 -36.24 89.69 -47.65
CA LEU HA 124 -37.46 89.75 -48.45
C LEU HA 124 -37.26 89.04 -49.77
N LYS HA 125 -36.08 89.18 -50.36
CA LYS HA 125 -35.80 88.52 -51.63
C LYS HA 125 -35.77 87.01 -51.47
N SER HA 126 -35.37 86.51 -50.31
CA SER HA 126 -35.42 85.09 -50.05
C SER HA 126 -36.85 84.59 -49.99
N VAL HA 127 -37.75 85.37 -49.38
CA VAL HA 127 -39.18 85.02 -49.38
C VAL HA 127 -39.72 85.04 -50.81
N ASN HA 128 -39.29 86.01 -51.62
CA ASN HA 128 -39.74 86.09 -53.01
C ASN HA 128 -39.32 84.87 -53.82
N GLU HA 129 -38.03 84.53 -53.78
CA GLU HA 129 -37.57 83.38 -54.55
C GLU HA 129 -38.12 82.06 -54.04
N LEU HA 130 -38.32 81.92 -52.73
CA LEU HA 130 -38.89 80.67 -52.24
C LEU HA 130 -40.34 80.51 -52.67
N ILE HA 131 -41.15 81.56 -52.53
CA ILE HA 131 -42.58 81.46 -52.88
C ILE HA 131 -42.75 81.35 -54.39
N TYR HA 132 -41.90 82.02 -55.18
CA TYR HA 132 -42.12 81.98 -56.62
C TYR HA 132 -41.49 80.77 -57.28
N LYS HA 133 -40.33 80.32 -56.82
CA LYS HA 133 -39.67 79.22 -57.53
C LYS HA 133 -39.94 77.87 -56.87
N ARG HA 134 -39.99 77.79 -55.55
CA ARG HA 134 -40.25 76.51 -54.92
C ARG HA 134 -41.63 76.51 -54.27
N GLY HA 135 -42.54 77.33 -54.75
CA GLY HA 135 -43.80 77.51 -54.08
C GLY HA 135 -44.90 76.60 -54.55
N TYR HA 136 -45.37 75.76 -53.64
CA TYR HA 136 -46.40 74.75 -53.90
C TYR HA 136 -47.44 74.93 -52.81
N GLY HA 137 -48.67 74.50 -53.06
CA GLY HA 137 -49.69 74.64 -52.05
C GLY HA 137 -50.26 73.29 -51.63
N LYS HA 138 -50.64 73.21 -50.37
CA LYS HA 138 -51.26 72.00 -49.84
C LYS HA 138 -52.77 72.07 -50.07
N ILE HA 139 -53.15 71.74 -51.30
CA ILE HA 139 -54.52 71.86 -51.76
C ILE HA 139 -55.11 70.46 -51.79
N ASN HA 140 -56.18 70.25 -51.02
CA ASN HA 140 -56.89 68.96 -50.89
C ASN HA 140 -55.94 67.86 -50.42
N LYS HA 141 -55.04 68.22 -49.50
CA LYS HA 141 -53.95 67.37 -49.01
C LYS HA 141 -53.08 66.83 -50.15
N LYS HA 142 -52.79 67.68 -51.13
CA LYS HA 142 -51.97 67.34 -52.28
C LYS HA 142 -51.04 68.50 -52.61
N ARG HA 143 -49.86 68.19 -53.13
CA ARG HA 143 -48.83 69.18 -53.44
C ARG HA 143 -49.03 69.69 -54.86
N ILE HA 144 -49.69 70.83 -54.96
CA ILE HA 144 -50.09 71.39 -56.24
C ILE HA 144 -49.43 72.75 -56.43
N ALA HA 145 -48.80 72.94 -57.58
CA ALA HA 145 -47.93 74.08 -57.82
C ALA HA 145 -48.68 75.38 -57.91
N LEU HA 146 -48.15 76.41 -57.28
CA LEU HA 146 -48.76 77.73 -57.27
C LEU HA 146 -48.50 78.39 -58.63
N THR HA 147 -49.37 78.07 -59.58
CA THR HA 147 -49.23 78.63 -60.92
C THR HA 147 -50.33 79.63 -61.25
N ASP HA 148 -51.26 79.84 -60.34
CA ASP HA 148 -52.37 80.75 -60.55
C ASP HA 148 -52.84 81.28 -59.21
N ASN HA 149 -53.33 82.51 -59.20
CA ASN HA 149 -53.82 83.11 -57.97
C ASN HA 149 -55.17 82.58 -57.59
N THR HA 150 -55.87 81.92 -58.51
CA THR HA 150 -57.15 81.31 -58.18
C THR HA 150 -56.97 80.16 -57.20
N LEU HA 151 -55.81 79.50 -57.27
CA LEU HA 151 -55.46 78.45 -56.31
C LEU HA 151 -55.29 79.00 -54.91
N ILE HA 152 -54.58 80.13 -54.78
CA ILE HA 152 -54.34 80.71 -53.47
C ILE HA 152 -55.63 81.31 -52.93
N ALA HA 153 -56.43 81.91 -53.80
CA ALA HA 153 -57.72 82.46 -53.41
C ALA HA 153 -58.73 81.39 -53.04
N ARG HA 154 -58.69 80.24 -53.71
CA ARG HA 154 -59.68 79.19 -53.51
C ARG HA 154 -59.51 78.52 -52.15
N SER HA 155 -58.31 78.63 -51.57
CA SER HA 155 -58.04 78.01 -50.28
C SER HA 155 -57.99 79.05 -49.16
N LEU HA 156 -57.35 80.19 -49.41
CA LEU HA 156 -57.02 81.17 -48.40
C LEU HA 156 -57.70 82.50 -48.63
N GLY HA 157 -58.78 82.52 -49.40
CA GLY HA 157 -59.48 83.76 -49.63
C GLY HA 157 -60.29 84.21 -48.45
N LYS HA 158 -60.60 83.28 -47.54
CA LYS HA 158 -61.31 83.64 -46.32
C LYS HA 158 -60.43 84.38 -45.32
N TYR HA 159 -59.13 84.50 -45.60
CA TYR HA 159 -58.23 85.34 -44.83
C TYR HA 159 -57.83 86.60 -45.57
N ASN HA 160 -58.55 86.91 -46.66
CA ASN HA 160 -58.21 87.98 -47.62
C ASN HA 160 -56.79 87.81 -48.15
N ILE HA 161 -56.45 86.61 -48.59
CA ILE HA 161 -55.17 86.30 -49.22
C ILE HA 161 -55.52 85.74 -50.59
N ILE HA 162 -55.49 86.58 -51.61
CA ILE HA 162 -56.06 86.25 -52.91
C ILE HA 162 -55.04 86.26 -54.03
N CYS HA 163 -53.78 86.47 -53.73
CA CYS HA 163 -52.75 86.48 -54.77
C CYS HA 163 -51.45 86.03 -54.14
N MET HA 164 -50.42 85.93 -54.97
CA MET HA 164 -49.12 85.54 -54.48
C MET HA 164 -48.53 86.63 -53.60
N GLU HA 165 -48.85 87.89 -53.90
CA GLU HA 165 -48.31 89.00 -53.14
C GLU HA 165 -48.91 89.07 -51.75
N ASP HA 166 -50.19 88.73 -51.60
CA ASP HA 166 -50.81 88.64 -50.28
C ASP HA 166 -50.14 87.59 -49.43
N LEU HA 167 -49.83 86.43 -50.01
CA LEU HA 167 -49.17 85.37 -49.27
C LEU HA 167 -47.73 85.74 -48.91
N ILE HA 168 -47.01 86.41 -49.81
CA ILE HA 168 -45.65 86.86 -49.50
C ILE HA 168 -45.67 87.91 -48.40
N HIS HA 169 -46.63 88.82 -48.44
CA HIS HA 169 -46.78 89.83 -47.39
C HIS HA 169 -47.12 89.19 -46.06
N GLU HA 170 -47.94 88.14 -46.10
CA GLU HA 170 -48.36 87.47 -44.88
C GLU HA 170 -47.20 86.71 -44.25
N ILE HA 171 -46.36 86.08 -45.09
CA ILE HA 171 -45.21 85.35 -44.57
C ILE HA 171 -44.15 86.31 -44.06
N TYR HA 172 -43.78 87.31 -44.86
CA TYR HA 172 -42.68 88.19 -44.50
C TYR HA 172 -43.03 89.11 -43.35
N THR HA 173 -44.04 89.96 -43.55
CA THR HA 173 -44.54 90.72 -42.41
C THR HA 173 -45.56 89.90 -41.65
N VAL HA 174 -45.13 89.12 -40.64
CA VAL HA 174 -45.87 87.98 -40.10
C VAL HA 174 -47.24 88.42 -39.59
N GLY HA 175 -48.27 87.97 -40.27
CA GLY HA 175 -49.56 88.59 -40.20
C GLY HA 175 -50.41 87.97 -39.13
N LYS HA 176 -51.67 88.38 -39.10
CA LYS HA 176 -52.64 87.73 -38.23
C LYS HA 176 -52.81 86.28 -38.66
N HIS HA 177 -52.95 86.05 -39.96
CA HIS HA 177 -53.16 84.70 -40.49
C HIS HA 177 -51.86 84.14 -41.06
N PHE HA 178 -50.82 84.10 -40.24
CA PHE HA 178 -49.56 83.48 -40.66
C PHE HA 178 -49.64 81.97 -40.63
N LYS HA 179 -50.38 81.42 -39.66
CA LYS HA 179 -50.46 79.97 -39.49
C LYS HA 179 -51.09 79.31 -40.71
N GLU HA 180 -52.12 79.93 -41.26
CA GLU HA 180 -52.85 79.31 -42.37
C GLU HA 180 -52.16 79.55 -43.70
N ALA HA 181 -51.51 80.70 -43.86
CA ALA HA 181 -50.75 80.92 -45.08
C ALA HA 181 -49.50 80.06 -45.09
N ASN HA 182 -48.92 79.80 -43.92
CA ASN HA 182 -47.73 78.96 -43.86
C ASN HA 182 -48.10 77.50 -44.02
N ASN HA 183 -49.18 77.06 -43.38
CA ASN HA 183 -49.58 75.67 -43.46
C ASN HA 183 -50.20 75.35 -44.81
N PHE HA 184 -50.66 76.38 -45.54
CA PHE HA 184 -51.00 76.22 -46.94
C PHE HA 184 -49.77 75.83 -47.76
N LEU HA 185 -48.65 76.47 -47.49
CA LEU HA 185 -47.41 76.14 -48.16
C LEU HA 185 -46.95 74.76 -47.73
N TRP HA 186 -46.74 73.89 -48.71
CA TRP HA 186 -46.06 72.63 -48.47
C TRP HA 186 -44.60 72.94 -48.10
N PRO HA 187 -43.93 72.07 -47.35
CA PRO HA 187 -42.49 72.25 -47.12
C PRO HA 187 -41.68 72.36 -48.40
N PHE HA 188 -40.66 73.19 -48.39
CA PHE HA 188 -39.94 73.51 -49.61
C PHE HA 188 -38.98 72.38 -49.93
N LYS HA 189 -38.92 71.97 -51.18
CA LYS HA 189 -38.01 70.90 -51.59
C LYS HA 189 -36.82 71.59 -52.23
N LEU HA 190 -35.78 71.79 -51.45
CA LEU HA 190 -34.61 72.50 -51.94
C LEU HA 190 -33.54 71.51 -52.37
N SER HA 191 -32.64 71.97 -53.23
CA SER HA 191 -31.62 71.05 -53.72
C SER HA 191 -30.44 71.06 -52.76
N SER HA 192 -29.39 70.34 -53.13
CA SER HA 192 -28.14 70.40 -52.40
C SER HA 192 -27.52 71.79 -52.59
N PRO HA 193 -26.74 72.26 -51.62
CA PRO HA 193 -26.11 73.58 -51.78
C PRO HA 193 -24.98 73.55 -52.79
N ARG HA 194 -25.14 74.33 -53.86
CA ARG HA 194 -24.13 74.44 -54.90
C ARG HA 194 -22.93 75.25 -54.43
N GLY HA 195 -21.75 74.66 -54.56
CA GLY HA 195 -20.62 75.18 -53.83
C GLY HA 195 -20.33 74.33 -52.61
N GLY HA 196 -21.35 74.02 -51.85
CA GLY HA 196 -21.22 72.99 -50.86
C GLY HA 196 -21.52 73.52 -49.48
N MET HA 197 -21.27 72.66 -48.50
CA MET HA 197 -21.40 72.99 -47.10
C MET HA 197 -20.00 73.21 -46.53
N LYS HA 198 -19.91 74.00 -45.47
CA LYS HA 198 -18.65 74.06 -44.74
C LYS HA 198 -18.43 72.76 -43.99
N LYS HA 199 -19.31 72.45 -43.05
CA LYS HA 199 -19.25 71.21 -42.30
C LYS HA 199 -20.64 70.95 -41.73
N LYS HA 200 -21.21 69.80 -42.01
CA LYS HA 200 -22.61 69.58 -41.67
C LYS HA 200 -22.79 69.34 -40.18
N THR HA 201 -21.74 68.87 -39.51
CA THR HA 201 -21.91 68.21 -38.23
C THR HA 201 -21.74 69.16 -37.05
N THR HA 202 -21.11 70.31 -37.26
CA THR HA 202 -20.89 71.24 -36.16
C THR HA 202 -21.74 72.51 -36.35
N HIS HA 203 -21.67 73.40 -35.38
CA HIS HA 203 -22.45 74.62 -35.38
C HIS HA 203 -21.84 75.62 -36.37
N PHE HA 204 -22.65 76.59 -36.79
CA PHE HA 204 -22.18 77.67 -37.65
C PHE HA 204 -21.10 78.50 -36.99
N VAL HA 205 -21.17 78.62 -35.67
CA VAL HA 205 -20.22 79.42 -34.92
C VAL HA 205 -18.87 78.74 -34.85
N GLU HA 206 -18.86 77.42 -34.69
CA GLU HA 206 -17.61 76.66 -34.63
C GLU HA 206 -17.21 76.14 -36.00
N GLY HA 207 -17.59 76.86 -37.06
CA GLY HA 207 -17.11 76.62 -38.41
C GLY HA 207 -17.85 75.55 -39.18
N GLY HA 208 -19.16 75.53 -39.09
CA GLY HA 208 -19.93 74.48 -39.72
C GLY HA 208 -21.16 75.06 -40.38
N ASP HA 209 -22.27 74.35 -40.25
CA ASP HA 209 -23.50 74.83 -40.85
C ASP HA 209 -24.74 74.69 -40.01
N ALA HA 210 -24.70 73.96 -38.91
CA ALA HA 210 -25.90 73.84 -38.09
C ALA HA 210 -26.15 75.11 -37.29
N GLY HA 211 -27.31 75.16 -36.67
CA GLY HA 211 -27.66 76.24 -35.77
C GLY HA 211 -28.02 77.52 -36.48
N ASN HA 212 -28.20 78.57 -35.67
CA ASN HA 212 -28.59 79.87 -36.17
C ASN HA 212 -27.43 80.55 -36.88
N ARG HA 213 -27.62 80.79 -38.16
CA ARG HA 213 -26.73 81.61 -38.98
C ARG HA 213 -27.56 82.78 -39.47
N GLU HA 214 -27.60 83.84 -38.66
CA GLU HA 214 -28.73 84.74 -38.54
C GLU HA 214 -29.18 85.44 -39.82
N ASP HA 215 -28.38 86.38 -40.29
CA ASP HA 215 -28.59 87.04 -41.55
C ASP HA 215 -28.04 86.22 -42.69
N GLN HA 216 -27.18 85.26 -42.36
CA GLN HA 216 -26.39 84.49 -43.28
C GLN HA 216 -27.13 83.30 -43.85
N ILE HA 217 -28.43 83.17 -43.54
CA ILE HA 217 -29.21 82.11 -44.15
C ILE HA 217 -29.60 82.48 -45.56
N ASN HA 218 -29.46 83.77 -45.91
CA ASN HA 218 -29.79 84.20 -47.26
C ASN HA 218 -28.72 83.80 -48.25
N ARG HA 219 -27.49 83.64 -47.79
CA ARG HA 219 -26.44 83.20 -48.69
C ARG HA 219 -26.63 81.73 -49.04
N LEU HA 220 -27.30 80.98 -48.18
CA LEU HA 220 -27.46 79.56 -48.38
C LEU HA 220 -28.83 79.22 -48.96
N ILE HA 221 -29.81 80.12 -48.82
CA ILE HA 221 -31.05 80.00 -49.59
C ILE HA 221 -30.75 80.16 -51.07
N ARG HA 222 -29.91 81.11 -51.42
CA ARG HA 222 -29.58 81.36 -52.81
C ARG HA 222 -28.66 80.27 -53.34
N ARG HA 223 -27.87 79.68 -52.45
CA ARG HA 223 -27.02 78.55 -52.76
C ARG HA 223 -27.82 77.28 -52.96
N MET HA 224 -28.99 77.17 -52.31
CA MET HA 224 -29.77 75.94 -52.38
C MET HA 224 -30.99 76.07 -53.28
N ASN HA 225 -31.77 77.13 -53.15
CA ASN HA 225 -32.83 77.40 -54.12
C ASN HA 225 -32.20 77.82 -55.46
N VAL IA 1 -45.79 -108.98 -4.90
CA VAL IA 1 -46.67 -108.10 -5.65
C VAL IA 1 -46.03 -106.73 -5.84
N VAL IA 2 -45.53 -106.15 -4.75
CA VAL IA 2 -45.03 -104.78 -4.77
C VAL IA 2 -43.69 -104.72 -5.51
N ASN IA 3 -43.38 -103.54 -6.00
CA ASN IA 3 -42.15 -103.31 -6.75
C ASN IA 3 -41.17 -102.54 -5.89
N PRO IA 4 -39.96 -103.07 -5.65
CA PRO IA 4 -38.97 -102.30 -4.88
C PRO IA 4 -38.34 -101.16 -5.65
N LEU IA 5 -38.67 -100.99 -6.93
CA LEU IA 5 -38.20 -99.84 -7.68
C LEU IA 5 -38.99 -98.58 -7.36
N PHE IA 6 -40.19 -98.71 -6.80
CA PHE IA 6 -41.05 -97.56 -6.54
C PHE IA 6 -40.62 -96.96 -5.21
N GLU IA 7 -40.21 -95.70 -5.26
CA GLU IA 7 -39.67 -95.03 -4.09
C GLU IA 7 -40.59 -93.91 -3.66
N LYS IA 8 -40.70 -93.70 -2.35
CA LYS IA 8 -41.38 -92.54 -1.83
C LYS IA 8 -40.37 -91.40 -1.67
N ARG IA 9 -40.60 -90.31 -2.39
CA ARG IA 9 -39.63 -89.21 -2.51
C ARG IA 9 -40.25 -87.92 -2.00
N PRO IA 10 -40.17 -87.66 -0.70
CA PRO IA 10 -40.85 -86.48 -0.14
C PRO IA 10 -40.07 -85.21 -0.39
N LYS IA 11 -40.80 -84.09 -0.41
CA LYS IA 11 -40.19 -82.78 -0.57
C LYS IA 11 -40.30 -81.99 0.73
N ASN IA 12 -39.22 -81.31 1.11
CA ASN IA 12 -39.17 -80.59 2.37
C ASN IA 12 -39.33 -79.12 2.08
N PHE IA 13 -40.56 -78.62 2.12
CA PHE IA 13 -40.84 -77.22 1.81
C PHE IA 13 -40.54 -76.30 3.00
N GLY IA 14 -39.34 -76.41 3.54
CA GLY IA 14 -38.87 -75.50 4.55
C GLY IA 14 -38.22 -74.28 3.92
N ILE IA 15 -37.84 -73.33 4.77
CA ILE IA 15 -37.24 -72.09 4.30
C ILE IA 15 -35.86 -72.44 3.77
N GLY IA 16 -35.58 -72.06 2.52
CA GLY IA 16 -34.30 -72.34 1.92
C GLY IA 16 -34.06 -73.79 1.55
N GLN IA 17 -35.04 -74.65 1.79
CA GLN IA 17 -34.82 -76.08 1.71
C GLN IA 17 -35.24 -76.65 0.35
N ASP IA 18 -36.45 -76.35 -0.08
CA ASP IA 18 -36.94 -76.85 -1.34
C ASP IA 18 -37.88 -75.79 -1.88
N ILE IA 19 -38.06 -75.83 -3.20
CA ILE IA 19 -38.80 -74.79 -3.91
C ILE IA 19 -40.29 -74.91 -3.62
N GLN IA 20 -40.93 -73.76 -3.50
CA GLN IA 20 -42.30 -73.75 -3.01
C GLN IA 20 -43.27 -74.21 -4.09
N PRO IA 21 -44.30 -74.96 -3.71
CA PRO IA 21 -45.27 -75.43 -4.71
C PRO IA 21 -46.18 -74.30 -5.17
N LYS IA 22 -46.77 -74.51 -6.34
CA LYS IA 22 -47.71 -73.54 -6.88
C LYS IA 22 -49.00 -73.68 -6.09
N ARG IA 23 -49.06 -72.97 -4.97
CA ARG IA 23 -50.24 -72.99 -4.14
C ARG IA 23 -51.12 -71.78 -4.43
N ASP IA 24 -52.30 -71.77 -3.80
CA ASP IA 24 -53.32 -70.77 -4.08
C ASP IA 24 -52.92 -69.42 -3.53
N LEU IA 25 -53.00 -68.39 -4.36
CA LEU IA 25 -52.54 -67.07 -4.01
C LEU IA 25 -53.53 -65.99 -4.42
N THR IA 26 -54.82 -66.24 -4.28
CA THR IA 26 -55.81 -65.24 -4.67
C THR IA 26 -55.80 -64.05 -3.73
N ARG IA 27 -55.28 -64.22 -2.52
CA ARG IA 27 -55.30 -63.12 -1.56
C ARG IA 27 -54.23 -62.08 -1.87
N PHE IA 28 -53.21 -62.46 -2.64
CA PHE IA 28 -52.09 -61.56 -2.89
C PHE IA 28 -51.97 -61.18 -4.36
N VAL IA 29 -53.06 -61.20 -5.12
CA VAL IA 29 -53.01 -60.85 -6.53
C VAL IA 29 -52.98 -59.33 -6.65
N LYS IA 30 -52.24 -58.82 -7.63
CA LYS IA 30 -52.41 -57.42 -8.03
C LYS IA 30 -53.60 -57.38 -8.97
N TRP IA 31 -54.74 -57.04 -8.42
CA TRP IA 31 -55.96 -57.02 -9.18
C TRP IA 31 -56.01 -55.76 -10.02
N PRO IA 32 -56.82 -55.75 -11.08
CA PRO IA 32 -57.07 -54.50 -11.81
C PRO IA 32 -57.74 -53.46 -10.94
N ARG IA 33 -57.72 -52.24 -11.44
CA ARG IA 33 -58.13 -51.12 -10.61
C ARG IA 33 -59.64 -51.09 -10.40
N TYR IA 34 -60.42 -51.69 -11.31
CA TYR IA 34 -61.86 -51.68 -11.11
C TYR IA 34 -62.26 -52.68 -10.04
N ILE IA 35 -61.55 -53.82 -9.97
CA ILE IA 35 -61.80 -54.81 -8.94
C ILE IA 35 -61.37 -54.29 -7.59
N ARG IA 36 -60.19 -53.69 -7.54
CA ARG IA 36 -59.67 -53.07 -6.33
C ARG IA 36 -60.59 -51.97 -5.84
N LEU IA 37 -61.20 -51.23 -6.76
CA LEU IA 37 -62.12 -50.16 -6.40
C LEU IA 37 -63.42 -50.72 -5.86
N GLN IA 38 -64.00 -51.72 -6.52
CA GLN IA 38 -65.31 -52.19 -6.09
C GLN IA 38 -65.22 -53.05 -4.84
N ARG IA 39 -64.02 -53.54 -4.48
CA ARG IA 39 -63.89 -54.23 -3.21
C ARG IA 39 -63.79 -53.25 -2.05
N GLN IA 40 -62.96 -52.23 -2.17
CA GLN IA 40 -62.83 -51.35 -1.04
C GLN IA 40 -63.91 -50.29 -0.99
N ARG IA 41 -64.77 -50.20 -2.01
CA ARG IA 41 -66.05 -49.52 -1.83
C ARG IA 41 -66.90 -50.24 -0.79
N ALA IA 42 -67.00 -51.57 -0.89
CA ALA IA 42 -67.74 -52.34 0.10
C ALA IA 42 -67.07 -52.29 1.47
N ILE IA 43 -65.74 -52.28 1.48
CA ILE IA 43 -65.00 -52.13 2.73
C ILE IA 43 -65.30 -50.77 3.37
N LEU IA 44 -65.47 -49.72 2.57
CA LEU IA 44 -65.82 -48.42 3.15
C LEU IA 44 -67.25 -48.39 3.64
N TYR IA 45 -68.15 -49.14 3.01
CA TYR IA 45 -69.51 -49.23 3.53
C TYR IA 45 -69.55 -50.01 4.84
N LYS IA 46 -68.53 -50.83 5.10
CA LYS IA 46 -68.43 -51.44 6.42
C LYS IA 46 -67.69 -50.53 7.43
N ARG IA 47 -66.73 -49.73 6.97
CA ARG IA 47 -65.98 -48.85 7.86
C ARG IA 47 -66.78 -47.65 8.31
N LEU IA 48 -67.35 -46.94 7.35
CA LEU IA 48 -67.95 -45.64 7.65
C LEU IA 48 -69.27 -45.81 8.35
N LYS IA 49 -69.67 -44.74 9.02
CA LYS IA 49 -70.89 -44.70 9.82
C LYS IA 49 -72.04 -44.39 8.85
N VAL IA 50 -72.70 -45.44 8.39
CA VAL IA 50 -73.73 -45.32 7.35
C VAL IA 50 -75.01 -44.80 8.00
N PRO IA 51 -75.61 -43.73 7.47
CA PRO IA 51 -76.85 -43.20 8.04
C PRO IA 51 -78.00 -44.17 7.91
N PRO IA 52 -79.01 -44.07 8.77
CA PRO IA 52 -80.06 -45.10 8.81
C PRO IA 52 -80.98 -45.14 7.60
N ALA IA 53 -81.07 -44.06 6.83
CA ALA IA 53 -81.91 -44.07 5.63
C ALA IA 53 -81.25 -44.86 4.51
N ILE IA 54 -79.94 -45.04 4.58
CA ILE IA 54 -79.21 -45.93 3.68
C ILE IA 54 -79.03 -47.30 4.32
N ASN IA 55 -78.84 -47.33 5.64
CA ASN IA 55 -78.67 -48.59 6.37
C ASN IA 55 -79.91 -49.46 6.31
N GLN IA 56 -81.10 -48.87 6.20
CA GLN IA 56 -82.33 -49.64 6.25
C GLN IA 56 -82.47 -50.60 5.06
N PHE IA 57 -81.79 -50.32 3.95
CA PHE IA 57 -81.80 -51.20 2.79
C PHE IA 57 -80.96 -52.45 3.01
N THR IA 58 -80.08 -52.47 4.01
CA THR IA 58 -79.35 -53.68 4.31
C THR IA 58 -80.27 -54.75 4.90
N GLN IA 59 -81.28 -54.32 5.66
CA GLN IA 59 -82.30 -55.25 6.14
C GLN IA 59 -83.15 -55.71 4.98
N VAL IA 60 -83.06 -56.95 4.68
CA VAL IA 60 -83.76 -57.54 3.56
C VAL IA 60 -84.74 -58.57 4.07
N LEU IA 61 -85.94 -58.58 3.49
CA LEU IA 61 -86.89 -59.66 3.63
C LEU IA 61 -86.22 -61.01 3.39
N ASP IA 62 -86.37 -61.92 4.34
CA ASP IA 62 -85.58 -63.14 4.32
C ASP IA 62 -86.08 -64.12 3.25
N ARG IA 63 -85.45 -65.29 3.23
CA ARG IA 63 -85.54 -66.18 2.07
C ARG IA 63 -86.91 -66.83 1.97
N GLN IA 64 -87.42 -67.39 3.08
CA GLN IA 64 -88.69 -68.10 3.07
C GLN IA 64 -89.85 -67.15 2.86
N THR IA 65 -89.67 -65.87 3.15
CA THR IA 65 -90.69 -64.87 2.83
C THR IA 65 -90.57 -64.41 1.39
N ALA IA 66 -89.33 -64.32 0.89
CA ALA IA 66 -89.10 -63.86 -0.47
C ALA IA 66 -89.65 -64.84 -1.49
N THR IA 67 -89.60 -66.14 -1.17
CA THR IA 67 -90.20 -67.13 -2.06
C THR IA 67 -91.70 -66.98 -2.15
N GLN IA 68 -92.38 -66.71 -1.03
CA GLN IA 68 -93.83 -66.52 -1.06
C GLN IA 68 -94.21 -65.23 -1.76
N LEU IA 69 -93.42 -64.17 -1.59
CA LEU IA 69 -93.73 -62.92 -2.28
C LEU IA 69 -93.52 -63.05 -3.78
N LEU IA 70 -92.46 -63.72 -4.22
CA LEU IA 70 -92.25 -63.87 -5.65
C LEU IA 70 -93.20 -64.88 -6.26
N LYS IA 71 -93.66 -65.86 -5.47
CA LYS IA 71 -94.72 -66.74 -5.92
C LYS IA 71 -96.02 -65.98 -6.13
N LEU IA 72 -96.33 -65.04 -5.25
CA LEU IA 72 -97.56 -64.27 -5.45
C LEU IA 72 -97.40 -63.25 -6.56
N ALA IA 73 -96.18 -62.75 -6.76
CA ALA IA 73 -95.97 -61.74 -7.79
C ALA IA 73 -95.79 -62.34 -9.17
N HIS IA 74 -95.58 -63.65 -9.24
CA HIS IA 74 -95.55 -64.30 -10.55
C HIS IA 74 -96.95 -64.42 -11.16
N LYS IA 75 -97.98 -64.38 -10.32
CA LYS IA 75 -99.36 -64.47 -10.80
C LYS IA 75 -99.74 -63.24 -11.60
N TYR IA 76 -99.15 -62.10 -11.26
CA TYR IA 76 -99.57 -60.80 -11.76
C TYR IA 76 -98.46 -60.12 -12.54
N ARG IA 77 -97.72 -60.87 -13.32
CA ARG IA 77 -96.69 -60.28 -14.13
C ARG IA 77 -97.32 -59.47 -15.25
N PRO IA 78 -96.68 -58.39 -15.69
CA PRO IA 78 -97.16 -57.69 -16.87
C PRO IA 78 -97.01 -58.55 -18.11
N GLU IA 79 -97.84 -58.24 -19.10
CA GLU IA 79 -97.84 -58.97 -20.35
C GLU IA 79 -96.54 -58.77 -21.11
N THR IA 80 -96.10 -59.82 -21.79
CA THR IA 80 -94.90 -59.76 -22.58
C THR IA 80 -95.24 -59.11 -23.92
N LYS IA 81 -94.20 -58.73 -24.67
CA LYS IA 81 -94.37 -58.03 -25.94
C LYS IA 81 -95.11 -58.89 -26.97
N GLN IA 82 -94.89 -60.21 -26.91
CA GLN IA 82 -95.63 -61.12 -27.78
C GLN IA 82 -97.08 -61.22 -27.37
N GLU IA 83 -97.34 -61.21 -26.05
CA GLU IA 83 -98.70 -61.38 -25.54
C GLU IA 83 -99.53 -60.13 -25.78
N LYS IA 84 -98.88 -58.97 -25.81
CA LYS IA 84 -99.51 -57.73 -26.27
C LYS IA 84 -100.06 -57.89 -27.68
N LYS IA 85 -99.23 -58.42 -28.59
CA LYS IA 85 -99.67 -58.61 -29.98
C LYS IA 85 -100.75 -59.68 -30.08
N GLN IA 86 -100.67 -60.71 -29.24
CA GLN IA 86 -101.72 -61.73 -29.22
C GLN IA 86 -103.06 -61.17 -28.73
N ARG IA 87 -103.04 -60.31 -27.71
CA ARG IA 87 -104.30 -59.73 -27.25
C ARG IA 87 -104.85 -58.73 -28.27
N LEU IA 88 -103.97 -58.02 -28.97
CA LEU IA 88 -104.44 -57.11 -30.00
C LEU IA 88 -105.03 -57.87 -31.18
N LEU IA 89 -104.49 -59.06 -31.50
CA LEU IA 89 -105.11 -59.89 -32.52
C LEU IA 89 -106.44 -60.46 -32.03
N ALA IA 90 -106.57 -60.73 -30.73
CA ALA IA 90 -107.84 -61.22 -30.18
C ALA IA 90 -108.93 -60.16 -30.26
N ARG IA 91 -108.62 -58.94 -29.86
CA ARG IA 91 -109.58 -57.85 -29.98
C ARG IA 91 -109.83 -57.49 -31.45
N ALA IA 92 -108.84 -57.74 -32.32
CA ALA IA 92 -109.03 -57.56 -33.75
C ALA IA 92 -110.05 -58.55 -34.30
N GLU IA 93 -109.98 -59.82 -33.87
CA GLU IA 93 -110.98 -60.80 -34.26
C GLU IA 93 -112.35 -60.45 -33.69
N LYS IA 94 -112.41 -59.94 -32.47
CA LYS IA 94 -113.71 -59.57 -31.89
C LYS IA 94 -114.32 -58.36 -32.60
N LYS IA 95 -113.48 -57.42 -33.04
CA LYS IA 95 -113.96 -56.30 -33.84
C LYS IA 95 -114.39 -56.75 -35.22
N ALA IA 96 -113.70 -57.76 -35.77
CA ALA IA 96 -114.06 -58.27 -37.10
C ALA IA 96 -115.35 -59.07 -37.05
N ALA IA 97 -115.73 -59.56 -35.88
CA ALA IA 97 -117.00 -60.24 -35.70
C ALA IA 97 -118.14 -59.22 -35.70
N LYS IA 105 -113.10 -55.44 -18.96
CA LYS IA 105 -112.45 -55.54 -17.65
C LYS IA 105 -111.04 -56.12 -17.78
N ARG IA 106 -110.05 -55.28 -17.51
CA ARG IA 106 -108.66 -55.67 -17.64
C ARG IA 106 -108.12 -56.27 -16.33
N PRO IA 107 -107.32 -57.32 -16.40
CA PRO IA 107 -106.87 -57.99 -15.19
C PRO IA 107 -105.76 -57.20 -14.51
N PRO IA 108 -105.60 -57.36 -13.20
CA PRO IA 108 -104.56 -56.59 -12.48
C PRO IA 108 -103.16 -57.10 -12.77
N VAL IA 109 -102.22 -56.16 -12.74
CA VAL IA 109 -100.81 -56.41 -13.03
C VAL IA 109 -99.97 -55.84 -11.89
N LEU IA 110 -98.66 -55.98 -12.03
CA LEU IA 110 -97.74 -55.24 -11.18
C LEU IA 110 -97.42 -53.89 -11.78
N ARG IA 111 -97.40 -52.88 -10.93
CA ARG IA 111 -96.91 -51.56 -11.30
C ARG IA 111 -95.43 -51.54 -10.98
N ALA IA 112 -94.65 -50.81 -11.77
CA ALA IA 112 -93.20 -50.87 -11.69
C ALA IA 112 -92.58 -49.51 -11.99
N GLY IA 113 -91.46 -49.25 -11.34
CA GLY IA 113 -90.76 -47.98 -11.47
C GLY IA 113 -90.96 -47.17 -10.22
N VAL IA 114 -90.04 -46.27 -9.86
CA VAL IA 114 -90.26 -45.44 -8.68
C VAL IA 114 -91.37 -44.42 -8.92
N ASN IA 115 -91.51 -43.94 -10.15
CA ASN IA 115 -92.45 -42.85 -10.41
C ASN IA 115 -93.89 -43.30 -10.25
N THR IA 116 -94.28 -44.40 -10.91
CA THR IA 116 -95.66 -44.87 -10.79
C THR IA 116 -95.95 -45.37 -9.39
N VAL IA 117 -94.98 -46.03 -8.76
CA VAL IA 117 -95.20 -46.62 -7.44
C VAL IA 117 -95.33 -45.53 -6.38
N THR IA 118 -94.53 -44.46 -6.46
CA THR IA 118 -94.73 -43.34 -5.52
C THR IA 118 -96.05 -42.62 -5.75
N THR IA 119 -96.47 -42.45 -7.01
CA THR IA 119 -97.72 -41.74 -7.25
C THR IA 119 -98.92 -42.57 -6.81
N LEU IA 120 -98.80 -43.89 -6.79
CA LEU IA 120 -99.89 -44.65 -6.19
C LEU IA 120 -99.59 -45.09 -4.77
N VAL IA 121 -98.51 -44.59 -4.17
CA VAL IA 121 -98.43 -44.61 -2.71
C VAL IA 121 -99.12 -43.38 -2.12
N GLU IA 122 -98.89 -42.19 -2.71
CA GLU IA 122 -99.59 -41.01 -2.17
C GLU IA 122 -101.10 -41.09 -2.39
N ASN IA 123 -101.53 -41.70 -3.46
CA ASN IA 123 -102.95 -41.86 -3.73
C ASN IA 123 -103.54 -43.04 -2.98
N LYS IA 124 -102.69 -43.80 -2.27
CA LYS IA 124 -103.06 -44.96 -1.45
C LYS IA 124 -103.71 -46.06 -2.29
N LYS IA 125 -103.25 -46.19 -3.52
CA LYS IA 125 -103.66 -47.26 -4.41
C LYS IA 125 -102.78 -48.49 -4.28
N ALA IA 126 -101.64 -48.35 -3.61
CA ALA IA 126 -100.75 -49.48 -3.40
C ALA IA 126 -101.20 -50.28 -2.19
N GLN IA 127 -101.14 -51.60 -2.31
CA GLN IA 127 -101.43 -52.47 -1.17
C GLN IA 127 -100.19 -53.12 -0.61
N LEU IA 128 -99.12 -53.19 -1.40
CA LEU IA 128 -97.81 -53.61 -0.94
C LEU IA 128 -96.80 -53.01 -1.90
N VAL IA 129 -95.63 -52.62 -1.38
CA VAL IA 129 -94.58 -52.04 -2.19
C VAL IA 129 -93.31 -52.84 -1.96
N VAL IA 130 -92.81 -53.46 -3.00
CA VAL IA 130 -91.55 -54.18 -2.95
C VAL IA 130 -90.44 -53.24 -3.40
N ILE IA 131 -89.36 -53.17 -2.64
CA ILE IA 131 -88.25 -52.29 -2.91
C ILE IA 131 -86.98 -53.12 -3.07
N ALA IA 132 -86.22 -52.86 -4.13
CA ALA IA 132 -84.92 -53.50 -4.31
C ALA IA 132 -83.93 -52.91 -3.33
N HIS IA 133 -82.91 -53.69 -2.96
CA HIS IA 133 -82.00 -53.20 -1.93
C HIS IA 133 -80.70 -52.65 -2.53
N ASP IA 134 -80.42 -52.94 -3.79
CA ASP IA 134 -79.16 -52.57 -4.41
C ASP IA 134 -79.33 -51.59 -5.56
N VAL IA 135 -80.19 -50.59 -5.39
CA VAL IA 135 -80.37 -49.61 -6.45
C VAL IA 135 -79.18 -48.65 -6.46
N ASP IA 136 -78.62 -48.42 -7.65
CA ASP IA 136 -77.20 -48.09 -7.74
C ASP IA 136 -76.93 -46.62 -7.44
N PRO IA 137 -77.67 -45.62 -7.97
CA PRO IA 137 -77.84 -44.40 -7.15
C PRO IA 137 -78.97 -44.58 -6.15
N ILE IA 138 -78.62 -44.63 -4.87
CA ILE IA 138 -79.58 -44.97 -3.82
C ILE IA 138 -80.59 -43.83 -3.62
N GLU IA 139 -80.27 -42.62 -4.06
CA GLU IA 139 -81.14 -41.46 -3.89
C GLU IA 139 -82.47 -41.59 -4.62
N LEU IA 140 -82.59 -42.57 -5.52
CA LEU IA 140 -83.84 -42.82 -6.22
C LEU IA 140 -84.90 -43.37 -5.30
N VAL IA 141 -84.51 -44.12 -4.26
CA VAL IA 141 -85.49 -44.84 -3.44
C VAL IA 141 -85.30 -44.57 -1.94
N VAL IA 142 -84.45 -43.62 -1.54
CA VAL IA 142 -84.16 -43.37 -0.12
C VAL IA 142 -85.40 -42.90 0.63
N PHE IA 143 -86.15 -41.99 0.03
CA PHE IA 143 -87.40 -41.49 0.59
C PHE IA 143 -88.49 -42.53 0.69
N LEU IA 144 -88.53 -43.50 -0.21
CA LEU IA 144 -89.70 -44.33 -0.45
C LEU IA 144 -90.15 -45.22 0.72
N PRO IA 145 -89.25 -45.81 1.55
CA PRO IA 145 -89.75 -46.46 2.77
C PRO IA 145 -90.46 -45.53 3.74
N ALA IA 146 -89.95 -44.31 3.91
CA ALA IA 146 -90.59 -43.37 4.82
C ALA IA 146 -91.92 -42.87 4.27
N LEU IA 147 -92.04 -42.78 2.95
CA LEU IA 147 -93.29 -42.36 2.34
C LEU IA 147 -94.33 -43.46 2.44
N CYS IA 148 -93.89 -44.71 2.31
CA CYS IA 148 -94.80 -45.83 2.52
C CYS IA 148 -95.21 -45.94 3.98
N ARG IA 149 -94.33 -45.57 4.90
CA ARG IA 149 -94.69 -45.48 6.31
C ARG IA 149 -95.75 -44.41 6.55
N LYS IA 150 -95.59 -43.23 5.96
CA LYS IA 150 -96.57 -42.16 6.17
C LYS IA 150 -97.92 -42.50 5.55
N MET IA 151 -97.93 -42.97 4.30
CA MET IA 151 -99.21 -43.24 3.66
C MET IA 151 -99.84 -44.53 4.18
N GLY IA 152 -99.11 -45.30 4.97
CA GLY IA 152 -99.67 -46.48 5.58
C GLY IA 152 -99.56 -47.72 4.72
N VAL IA 153 -98.72 -47.69 3.71
CA VAL IA 153 -98.63 -48.77 2.75
C VAL IA 153 -97.58 -49.75 3.24
N PRO IA 154 -97.87 -51.05 3.26
CA PRO IA 154 -96.85 -52.07 3.59
C PRO IA 154 -95.72 -52.08 2.58
N TYR IA 155 -94.50 -51.89 3.06
CA TYR IA 155 -93.34 -51.96 2.21
C TYR IA 155 -92.44 -53.09 2.68
N CYS IA 156 -91.77 -53.75 1.74
CA CYS IA 156 -90.75 -54.73 2.05
C CYS IA 156 -89.50 -54.38 1.25
N ILE IA 157 -88.41 -55.08 1.53
CA ILE IA 157 -87.16 -54.90 0.81
C ILE IA 157 -86.60 -56.26 0.41
N LEU IA 158 -86.50 -56.52 -0.89
CA LEU IA 158 -85.96 -57.77 -1.41
C LEU IA 158 -84.51 -57.62 -1.82
N LYS IA 159 -83.79 -58.74 -1.83
CA LYS IA 159 -82.51 -58.79 -2.50
C LYS IA 159 -82.68 -58.97 -3.99
N GLY IA 160 -82.17 -58.00 -4.73
CA GLY IA 160 -82.14 -58.04 -6.18
C GLY IA 160 -82.97 -56.96 -6.82
N LYS IA 161 -82.31 -55.99 -7.46
CA LYS IA 161 -82.99 -55.25 -8.51
C LYS IA 161 -83.00 -56.07 -9.78
N ALA IA 162 -82.07 -57.01 -9.89
CA ALA IA 162 -81.98 -57.92 -11.01
C ALA IA 162 -83.18 -58.83 -11.08
N ARG IA 163 -83.56 -59.41 -9.94
CA ARG IA 163 -84.63 -60.40 -9.94
C ARG IA 163 -85.98 -59.75 -9.75
N LEU IA 164 -85.98 -58.50 -9.29
CA LEU IA 164 -87.19 -57.70 -9.33
C LEU IA 164 -87.40 -57.15 -10.73
N GLY IA 165 -86.35 -57.11 -11.52
CA GLY IA 165 -86.45 -56.87 -12.94
C GLY IA 165 -86.72 -58.09 -13.78
N ARG IA 166 -87.00 -59.23 -13.17
CA ARG IA 166 -87.41 -60.42 -13.90
C ARG IA 166 -88.88 -60.74 -13.75
N LEU IA 167 -89.58 -60.12 -12.80
CA LEU IA 167 -91.03 -60.16 -12.79
C LEU IA 167 -91.57 -59.42 -13.99
N VAL IA 168 -91.25 -58.14 -14.09
CA VAL IA 168 -91.33 -57.42 -15.34
C VAL IA 168 -90.25 -57.94 -16.26
N HIS IA 169 -90.40 -57.78 -17.57
CA HIS IA 169 -89.50 -58.48 -18.47
C HIS IA 169 -88.38 -57.54 -18.92
N ARG IA 170 -87.49 -57.27 -17.98
CA ARG IA 170 -86.44 -56.28 -18.18
C ARG IA 170 -85.15 -56.75 -17.53
N LYS IA 171 -84.23 -55.80 -17.34
CA LYS IA 171 -82.96 -56.10 -16.68
C LYS IA 171 -83.05 -55.81 -15.19
N THR IA 172 -83.29 -54.56 -14.83
CA THR IA 172 -83.48 -54.18 -13.43
C THR IA 172 -84.83 -53.52 -13.28
N CYS IA 173 -85.24 -53.35 -12.03
CA CYS IA 173 -86.38 -52.55 -11.68
C CYS IA 173 -86.20 -52.14 -10.22
N THR IA 174 -86.42 -50.85 -9.94
CA THR IA 174 -86.25 -50.34 -8.59
C THR IA 174 -87.32 -50.86 -7.65
N THR IA 175 -88.58 -50.52 -7.92
CA THR IA 175 -89.68 -50.89 -7.05
C THR IA 175 -90.78 -51.55 -7.85
N VAL IA 176 -91.62 -52.31 -7.15
CA VAL IA 176 -92.75 -53.06 -7.71
C VAL IA 176 -93.88 -53.01 -6.70
N ALA IA 177 -95.07 -52.61 -7.14
CA ALA IA 177 -96.19 -52.42 -6.22
C ALA IA 177 -97.29 -53.42 -6.47
N PHE IA 178 -98.14 -53.63 -5.47
CA PHE IA 178 -99.38 -54.36 -5.60
C PHE IA 178 -100.53 -53.37 -5.48
N THR IA 179 -101.32 -53.24 -6.54
CA THR IA 179 -102.52 -52.41 -6.49
C THR IA 179 -103.77 -53.25 -6.26
N GLN IA 180 -103.94 -54.30 -7.05
CA GLN IA 180 -105.08 -55.20 -6.96
C GLN IA 180 -104.62 -56.62 -7.14
N VAL IA 181 -105.32 -57.55 -6.48
CA VAL IA 181 -105.12 -58.99 -6.68
C VAL IA 181 -106.48 -59.62 -6.86
N ASN IA 182 -106.48 -60.93 -7.08
CA ASN IA 182 -107.73 -61.63 -7.33
C ASN IA 182 -108.24 -62.29 -6.05
N SER IA 183 -109.48 -62.78 -6.11
CA SER IA 183 -110.11 -63.35 -4.92
C SER IA 183 -109.50 -64.69 -4.54
N GLU IA 184 -108.99 -65.43 -5.52
CA GLU IA 184 -108.31 -66.68 -5.20
C GLU IA 184 -106.96 -66.42 -4.55
N ASP IA 185 -106.36 -65.27 -4.83
CA ASP IA 185 -105.04 -64.93 -4.30
C ASP IA 185 -105.15 -63.67 -3.45
N LYS IA 186 -106.15 -63.62 -2.58
CA LYS IA 186 -106.43 -62.47 -1.73
C LYS IA 186 -105.94 -62.67 -0.30
N GLY IA 187 -106.16 -63.86 0.25
CA GLY IA 187 -105.73 -64.11 1.62
C GLY IA 187 -104.24 -64.36 1.72
N ALA IA 188 -103.63 -64.83 0.63
CA ALA IA 188 -102.18 -64.98 0.61
C ALA IA 188 -101.48 -63.64 0.58
N LEU IA 189 -102.07 -62.65 -0.09
CA LEU IA 189 -101.54 -61.30 -0.01
C LEU IA 189 -101.70 -60.74 1.39
N ALA IA 190 -102.79 -61.09 2.08
CA ALA IA 190 -102.94 -60.64 3.46
C ALA IA 190 -101.93 -61.29 4.38
N LYS IA 191 -101.61 -62.56 4.14
CA LYS IA 191 -100.59 -63.24 4.93
C LYS IA 191 -99.21 -62.69 4.67
N LEU IA 192 -98.96 -62.18 3.47
CA LEU IA 192 -97.73 -61.43 3.24
C LEU IA 192 -97.75 -60.07 3.93
N VAL IA 193 -98.88 -59.37 3.83
CA VAL IA 193 -98.98 -57.99 4.34
C VAL IA 193 -98.83 -57.97 5.85
N GLU IA 194 -99.32 -59.00 6.54
CA GLU IA 194 -99.19 -59.07 7.99
C GLU IA 194 -97.72 -59.17 8.42
N ALA IA 195 -96.99 -60.13 7.88
CA ALA IA 195 -95.59 -60.33 8.27
C ALA IA 195 -94.72 -59.17 7.82
N ILE IA 196 -94.95 -58.67 6.61
CA ILE IA 196 -94.14 -57.59 6.06
C ILE IA 196 -94.42 -56.30 6.82
N ARG IA 197 -95.67 -56.08 7.21
CA ARG IA 197 -96.04 -54.89 7.95
C ARG IA 197 -95.46 -54.90 9.35
N THR IA 198 -95.48 -56.06 10.02
CA THR IA 198 -94.94 -56.10 11.37
C THR IA 198 -93.41 -56.18 11.36
N ASN IA 199 -92.81 -56.49 10.21
CA ASN IA 199 -91.35 -56.51 10.14
C ASN IA 199 -90.79 -55.15 9.74
N TYR IA 200 -91.56 -54.36 8.99
CA TYR IA 200 -91.06 -53.09 8.48
C TYR IA 200 -91.78 -51.87 9.06
N ASN IA 201 -93.11 -51.79 8.90
CA ASN IA 201 -93.81 -50.55 9.21
C ASN IA 201 -93.99 -50.34 10.70
N ASP IA 202 -94.31 -51.41 11.42
CA ASP IA 202 -94.60 -51.29 12.84
C ASP IA 202 -93.33 -51.12 13.65
N ARG IA 203 -92.18 -51.34 13.04
CA ARG IA 203 -90.91 -51.37 13.72
C ARG IA 203 -90.05 -50.26 13.12
N TYR IA 204 -90.62 -49.07 12.98
CA TYR IA 204 -90.01 -48.10 12.08
C TYR IA 204 -89.18 -47.05 12.79
N ASP IA 205 -89.47 -46.73 14.05
CA ASP IA 205 -88.61 -45.80 14.77
C ASP IA 205 -87.25 -46.43 15.04
N GLU IA 206 -87.24 -47.73 15.29
CA GLU IA 206 -86.00 -48.49 15.42
C GLU IA 206 -85.21 -48.50 14.12
N ILE IA 207 -85.89 -48.44 12.99
CA ILE IA 207 -85.22 -48.29 11.70
C ILE IA 207 -84.66 -46.88 11.55
N ARG IA 208 -85.42 -45.86 11.97
CA ARG IA 208 -84.99 -44.47 11.81
C ARG IA 208 -83.79 -44.13 12.69
N ARG IA 209 -83.58 -44.87 13.78
CA ARG IA 209 -82.45 -44.53 14.62
C ARG IA 209 -81.24 -45.44 14.40
N HIS IA 210 -81.34 -46.44 13.53
CA HIS IA 210 -80.34 -47.51 13.46
C HIS IA 210 -79.21 -47.13 12.51
N TRP IA 211 -78.15 -46.55 13.04
CA TRP IA 211 -76.96 -46.25 12.27
C TRP IA 211 -76.24 -47.55 11.91
N GLY IA 212 -75.50 -47.51 10.82
CA GLY IA 212 -74.88 -48.71 10.28
C GLY IA 212 -73.40 -48.59 10.12
N GLY IA 213 -72.81 -49.69 9.61
CA GLY IA 213 -71.39 -49.74 9.40
C GLY IA 213 -70.62 -49.69 10.70
N ASN IA 214 -69.53 -48.92 10.67
CA ASN IA 214 -68.68 -48.61 11.83
C ASN IA 214 -68.10 -49.86 12.48
N VAL IA 215 -67.67 -50.80 11.65
CA VAL IA 215 -67.03 -52.03 12.10
C VAL IA 215 -65.63 -52.04 11.54
N LEU IA 216 -64.65 -52.26 12.40
CA LEU IA 216 -63.26 -52.22 11.97
C LEU IA 216 -62.87 -53.53 11.30
N GLY IA 217 -61.63 -53.58 10.83
CA GLY IA 217 -61.14 -54.74 10.12
C GLY IA 217 -60.93 -55.91 11.06
N PRO IA 218 -61.02 -57.13 10.54
CA PRO IA 218 -60.84 -58.31 11.41
C PRO IA 218 -59.45 -58.40 12.00
N LYS IA 219 -58.45 -57.89 11.27
CA LYS IA 219 -57.10 -57.76 11.80
C LYS IA 219 -57.04 -56.71 12.90
N SER IA 220 -57.74 -55.59 12.71
CA SER IA 220 -57.76 -54.54 13.72
C SER IA 220 -58.61 -54.91 14.92
N VAL IA 221 -59.77 -55.54 14.67
CA VAL IA 221 -60.60 -56.08 15.74
C VAL IA 221 -59.85 -57.13 16.53
N ALA IA 222 -59.03 -57.94 15.86
CA ALA IA 222 -58.25 -58.96 16.56
C ALA IA 222 -57.15 -58.36 17.40
N ARG IA 223 -56.57 -57.25 16.96
CA ARG IA 223 -55.51 -56.61 17.76
C ARG IA 223 -56.09 -55.92 18.99
N ILE IA 224 -57.23 -55.24 18.82
CA ILE IA 224 -57.94 -54.65 19.96
C ILE IA 224 -58.40 -55.74 20.92
N ALA IA 225 -58.86 -56.87 20.39
CA ALA IA 225 -59.31 -57.96 21.24
C ALA IA 225 -58.16 -58.59 22.01
N LYS IA 226 -56.99 -58.69 21.38
CA LYS IA 226 -55.81 -59.21 22.07
C LYS IA 226 -55.39 -58.30 23.21
N LEU IA 227 -55.39 -56.98 22.98
CA LEU IA 227 -55.08 -56.04 24.07
C LEU IA 227 -56.11 -56.09 25.20
N GLU IA 228 -57.39 -56.17 24.87
CA GLU IA 228 -58.42 -56.17 25.90
C GLU IA 228 -58.43 -57.48 26.68
N LYS IA 229 -58.20 -58.61 26.02
CA LYS IA 229 -58.14 -59.88 26.72
C LYS IA 229 -56.88 -59.99 27.56
N ALA IA 230 -55.77 -59.39 27.11
CA ALA IA 230 -54.55 -59.35 27.92
C ALA IA 230 -54.75 -58.50 29.16
N LYS IA 231 -55.39 -57.33 29.02
CA LYS IA 231 -55.68 -56.50 30.19
C LYS IA 231 -56.66 -57.17 31.14
N ALA IA 232 -57.64 -57.90 30.61
CA ALA IA 232 -58.60 -58.59 31.46
C ALA IA 232 -57.95 -59.74 32.22
N LYS IA 233 -57.09 -60.52 31.56
CA LYS IA 233 -56.38 -61.60 32.23
C LYS IA 233 -55.40 -61.06 33.28
N GLU IA 234 -54.66 -60.00 32.94
CA GLU IA 234 -53.66 -59.44 33.85
C GLU IA 234 -54.28 -58.58 34.93
N LEU IA 235 -55.58 -58.26 34.83
CA LEU IA 235 -56.25 -57.68 35.99
C LEU IA 235 -56.96 -58.74 36.83
N ALA IA 236 -57.45 -59.82 36.20
CA ALA IA 236 -58.21 -60.82 36.94
C ALA IA 236 -57.28 -61.78 37.70
N THR IA 237 -56.03 -61.94 37.23
CA THR IA 237 -55.13 -62.84 37.95
C THR IA 237 -54.59 -62.22 39.23
N LYS IA 238 -54.80 -60.93 39.44
CA LYS IA 238 -54.26 -60.27 40.62
C LYS IA 238 -55.18 -60.44 41.82
N LEU IA 239 -56.48 -60.56 41.57
CA LEU IA 239 -57.44 -60.66 42.67
C LEU IA 239 -57.45 -62.06 43.26
N GLY IA 240 -57.37 -63.08 42.40
CA GLY IA 240 -57.43 -64.47 42.84
C GLY IA 240 -58.84 -64.91 43.22
N MET JA 1 15.31 82.71 -35.58
CA MET JA 1 14.51 83.19 -36.70
C MET JA 1 15.43 83.46 -37.89
N LYS JA 2 14.87 83.75 -39.05
CA LYS JA 2 15.65 84.07 -40.24
C LYS JA 2 16.30 85.44 -40.07
N THR JA 3 17.59 85.45 -39.76
CA THR JA 3 18.32 86.70 -39.64
C THR JA 3 18.64 87.26 -41.02
N ILE JA 4 18.31 88.53 -41.22
CA ILE JA 4 18.35 89.16 -42.52
C ILE JA 4 19.76 89.19 -43.11
N LEU JA 5 20.78 89.39 -42.28
CA LEU JA 5 22.15 89.40 -42.76
C LEU JA 5 23.12 89.13 -41.62
N SER JA 6 24.02 88.18 -41.82
CA SER JA 6 25.20 88.06 -40.99
C SER JA 6 26.42 88.03 -41.90
N ASN JA 7 27.41 88.83 -41.57
CA ASN JA 7 28.62 88.86 -42.38
C ASN JA 7 29.84 88.84 -41.49
N GLN JA 8 30.98 88.56 -42.11
CA GLN JA 8 32.25 88.52 -41.40
C GLN JA 8 33.35 88.75 -42.42
N THR JA 9 34.31 89.58 -42.05
CA THR JA 9 35.42 89.87 -42.95
C THR JA 9 36.70 89.20 -42.48
N VAL JA 10 37.56 88.89 -43.44
CA VAL JA 10 38.91 88.37 -43.19
C VAL JA 10 39.87 89.36 -43.84
N ASP JA 11 40.79 89.91 -43.05
CA ASP JA 11 41.86 90.72 -43.60
C ASP JA 11 42.94 89.79 -44.16
N ILE JA 12 43.35 90.02 -45.40
CA ILE JA 12 44.43 89.23 -45.97
C ILE JA 12 45.67 90.11 -45.97
N PRO JA 13 46.86 89.56 -45.78
CA PRO JA 13 48.06 90.40 -45.83
C PRO JA 13 48.60 90.52 -47.24
N GLU JA 14 49.54 91.46 -47.42
CA GLU JA 14 50.01 91.80 -48.75
C GLU JA 14 50.90 90.71 -49.35
N ASN JA 15 51.38 89.79 -48.52
CA ASN JA 15 52.18 88.68 -49.02
C ASN JA 15 51.30 87.63 -49.71
N VAL JA 16 49.98 87.74 -49.55
CA VAL JA 16 49.04 86.78 -50.08
C VAL JA 16 48.26 87.44 -51.22
N ASP JA 17 47.89 86.64 -52.23
CA ASP JA 17 46.96 87.08 -53.26
C ASP JA 17 45.87 86.04 -53.39
N ILE JA 18 44.80 86.17 -52.60
CA ILE JA 18 43.70 85.24 -52.78
C ILE JA 18 42.86 85.69 -53.96
N SER JA 19 42.24 84.72 -54.62
CA SER JA 19 41.25 85.02 -55.63
C SER JA 19 40.20 83.93 -55.54
N LEU JA 20 39.04 84.21 -56.13
CA LEU JA 20 37.92 83.33 -55.94
C LEU JA 20 37.17 83.18 -57.25
N LYS JA 21 36.84 81.93 -57.57
CA LYS JA 21 36.02 81.60 -58.72
C LYS JA 21 34.84 80.80 -58.21
N GLY JA 22 33.67 81.43 -58.22
CA GLY JA 22 32.48 80.82 -57.65
C GLY JA 22 32.54 80.87 -56.15
N ARG JA 23 32.14 79.78 -55.51
CA ARG JA 23 32.19 79.69 -54.07
C ARG JA 23 33.50 79.07 -53.61
N THR JA 24 34.52 79.13 -54.44
CA THR JA 24 35.80 78.45 -54.23
C THR JA 24 36.91 79.47 -54.10
N VAL JA 25 37.60 79.47 -52.96
CA VAL JA 25 38.70 80.39 -52.75
C VAL JA 25 40.00 79.66 -53.07
N ILE JA 26 40.91 80.36 -53.73
CA ILE JA 26 42.27 79.87 -53.92
C ILE JA 26 43.18 80.88 -53.25
N VAL JA 27 44.19 80.40 -52.54
CA VAL JA 27 45.07 81.24 -51.74
C VAL JA 27 46.49 80.93 -52.16
N LYS JA 28 47.18 81.91 -52.72
CA LYS JA 28 48.56 81.71 -53.10
C LYS JA 28 49.47 82.72 -52.42
N GLY JA 29 50.72 82.33 -52.24
CA GLY JA 29 51.69 83.18 -51.60
C GLY JA 29 53.06 82.53 -51.55
N PRO JA 30 53.74 82.62 -50.41
CA PRO JA 30 55.13 82.17 -50.36
C PRO JA 30 55.32 80.66 -50.45
N ARG JA 31 54.47 79.88 -49.78
CA ARG JA 31 54.75 78.46 -49.65
C ARG JA 31 53.97 77.64 -50.66
N GLY JA 32 53.06 78.26 -51.40
CA GLY JA 32 52.38 77.55 -52.46
C GLY JA 32 50.95 78.04 -52.61
N THR JA 33 50.14 77.23 -53.28
CA THR JA 33 48.73 77.50 -53.42
C THR JA 33 47.93 76.53 -52.57
N LEU JA 34 46.76 76.98 -52.12
CA LEU JA 34 45.81 76.10 -51.44
C LEU JA 34 44.42 76.42 -51.96
N ARG JA 35 43.83 75.50 -52.69
CA ARG JA 35 42.47 75.65 -53.17
C ARG JA 35 41.50 75.08 -52.16
N ARG JA 36 40.30 75.65 -52.13
CA ARG JA 36 39.26 75.13 -51.24
C ARG JA 36 37.91 75.41 -51.85
N ASP JA 37 37.22 74.35 -52.23
CA ASP JA 37 35.90 74.46 -52.81
C ASP JA 37 34.83 74.44 -51.72
N PHE JA 38 34.22 75.59 -51.47
CA PHE JA 38 33.18 75.69 -50.46
C PHE JA 38 31.79 75.59 -51.07
N ASN JA 39 31.61 74.75 -52.08
CA ASN JA 39 30.31 74.65 -52.75
C ASN JA 39 29.22 74.02 -51.89
N HIS JA 40 29.57 73.42 -50.76
CA HIS JA 40 28.59 72.84 -49.87
C HIS JA 40 27.95 73.88 -48.94
N ILE JA 41 28.44 75.11 -48.94
CA ILE JA 41 28.20 75.95 -47.78
C ILE JA 41 27.17 77.03 -48.08
N ASN JA 42 26.94 77.33 -49.35
CA ASN JA 42 25.85 78.18 -49.85
C ASN JA 42 25.85 79.60 -49.28
N VAL JA 43 26.89 80.39 -49.55
CA VAL JA 43 27.00 81.76 -49.09
C VAL JA 43 27.52 82.64 -50.22
N GLU JA 44 27.70 83.91 -49.89
CA GLU JA 44 28.23 84.92 -50.80
C GLU JA 44 29.64 85.29 -50.34
N LEU JA 45 30.63 85.00 -51.19
CA LEU JA 45 32.02 85.31 -50.89
C LEU JA 45 32.44 86.50 -51.74
N SER JA 46 32.51 87.67 -51.11
CA SER JA 46 32.88 88.91 -51.79
C SER JA 46 34.31 89.27 -51.43
N LEU JA 47 35.09 89.56 -52.45
CA LEU JA 47 36.49 89.95 -52.28
C LEU JA 47 36.58 91.45 -52.48
N LEU JA 48 36.38 92.20 -51.40
CA LEU JA 48 36.24 93.63 -51.57
C LEU JA 48 37.53 94.34 -51.18
N GLY JA 49 37.56 95.65 -51.43
CA GLY JA 49 38.78 96.41 -51.28
C GLY JA 49 39.63 96.33 -52.52
N LYS JA 50 40.14 97.47 -53.00
CA LYS JA 50 41.06 97.44 -54.12
C LYS JA 50 42.42 96.93 -53.67
N LYS JA 51 43.07 96.18 -54.57
CA LYS JA 51 44.16 95.21 -54.38
C LYS JA 51 43.70 93.98 -53.62
N LYS JA 52 42.40 93.80 -53.44
CA LYS JA 52 41.74 92.62 -52.85
C LYS JA 52 42.24 92.37 -51.44
N LYS JA 53 42.15 93.40 -50.60
CA LYS JA 53 42.75 93.33 -49.28
C LYS JA 53 41.86 92.64 -48.25
N ARG JA 54 40.62 92.30 -48.57
CA ARG JA 54 39.78 91.68 -47.55
C ARG JA 54 38.71 90.81 -48.18
N LEU JA 55 38.16 89.91 -47.38
CA LEU JA 55 37.22 88.90 -47.82
C LEU JA 55 36.00 88.88 -46.91
N ARG JA 56 34.87 89.32 -47.43
CA ARG JA 56 33.63 89.37 -46.67
C ARG JA 56 32.75 88.20 -47.05
N VAL JA 57 32.28 87.47 -46.05
CA VAL JA 57 31.41 86.34 -46.34
C VAL JA 57 30.02 86.60 -45.77
N ASP JA 58 29.02 86.58 -46.63
CA ASP JA 58 27.66 86.94 -46.26
C ASP JA 58 26.83 85.71 -45.96
N LYS JA 59 25.69 85.95 -45.32
CA LYS JA 59 24.61 84.96 -45.30
C LYS JA 59 23.32 85.76 -45.23
N TRP JA 60 22.45 85.54 -46.19
CA TRP JA 60 21.20 86.25 -46.28
C TRP JA 60 20.06 85.30 -45.94
N TRP JA 61 19.27 85.67 -44.93
CA TRP JA 61 18.08 84.95 -44.47
C TRP JA 61 18.41 83.51 -44.06
N GLY JA 62 19.23 83.40 -43.04
CA GLY JA 62 19.68 82.11 -42.56
C GLY JA 62 19.24 81.90 -41.11
N ASN JA 63 18.86 80.66 -40.80
CA ASN JA 63 18.51 80.32 -39.43
C ASN JA 63 19.78 80.09 -38.62
N ARG JA 64 19.60 79.59 -37.39
CA ARG JA 64 20.72 79.46 -36.46
C ARG JA 64 21.78 78.48 -36.96
N LYS JA 65 21.35 77.42 -37.64
CA LYS JA 65 22.29 76.44 -38.16
C LYS JA 65 22.98 76.92 -39.42
N GLU JA 66 22.30 77.72 -40.25
CA GLU JA 66 23.06 78.29 -41.36
C GLU JA 66 23.88 79.50 -40.96
N LEU JA 67 23.51 80.18 -39.87
CA LEU JA 67 24.40 81.24 -39.38
C LEU JA 67 25.60 80.67 -38.66
N ALA JA 68 25.56 79.39 -38.28
CA ALA JA 68 26.74 78.76 -37.70
C ALA JA 68 27.91 78.64 -38.68
N THR JA 69 27.67 78.77 -39.98
CA THR JA 69 28.69 78.48 -40.96
C THR JA 69 29.37 79.71 -41.54
N VAL JA 70 29.06 80.91 -41.07
CA VAL JA 70 29.74 82.09 -41.60
C VAL JA 70 31.15 82.18 -41.05
N ARG JA 71 31.30 81.87 -39.76
CA ARG JA 71 32.61 81.97 -39.12
C ARG JA 71 33.48 80.76 -39.42
N THR JA 72 32.88 79.62 -39.82
CA THR JA 72 33.71 78.48 -40.15
C THR JA 72 34.46 78.70 -41.46
N ILE JA 73 33.88 79.44 -42.40
CA ILE JA 73 34.57 79.75 -43.65
C ILE JA 73 35.64 80.79 -43.39
N CYS JA 74 35.35 81.75 -42.52
CA CYS JA 74 36.32 82.71 -42.04
C CYS JA 74 37.55 82.01 -41.46
N SER JA 75 37.32 81.03 -40.58
CA SER JA 75 38.42 80.33 -39.95
C SER JA 75 39.17 79.43 -40.93
N HIS JA 76 38.47 78.87 -41.91
CA HIS JA 76 39.19 78.06 -42.90
C HIS JA 76 40.04 78.92 -43.81
N VAL JA 77 39.55 80.10 -44.20
CA VAL JA 77 40.37 80.98 -45.02
C VAL JA 77 41.53 81.55 -44.20
N GLN JA 78 41.34 81.75 -42.90
CA GLN JA 78 42.43 82.21 -42.06
C GLN JA 78 43.49 81.14 -41.87
N ASN JA 79 43.08 79.87 -41.73
CA ASN JA 79 44.06 78.79 -41.70
C ASN JA 79 44.75 78.63 -43.05
N MET JA 80 44.05 78.95 -44.13
CA MET JA 80 44.60 78.79 -45.45
C MET JA 80 45.66 79.85 -45.74
N ILE JA 81 45.37 81.09 -45.36
CA ILE JA 81 46.34 82.18 -45.38
C ILE JA 81 47.51 81.88 -44.46
N LYS JA 82 47.25 81.31 -43.28
CA LYS JA 82 48.31 81.04 -42.32
C LYS JA 82 49.22 79.92 -42.80
N GLY JA 83 48.67 78.97 -43.54
CA GLY JA 83 49.48 77.87 -44.04
C GLY JA 83 50.25 78.24 -45.28
N VAL JA 84 49.70 79.14 -46.07
CA VAL JA 84 50.42 79.64 -47.25
C VAL JA 84 51.54 80.61 -46.85
N THR JA 85 51.33 81.42 -45.81
CA THR JA 85 52.43 82.27 -45.35
C THR JA 85 53.41 81.52 -44.46
N LEU JA 86 52.94 81.08 -43.30
CA LEU JA 86 53.83 80.58 -42.26
C LEU JA 86 54.08 79.09 -42.42
N GLY JA 87 53.02 78.31 -42.45
CA GLY JA 87 53.11 76.87 -42.49
C GLY JA 87 52.43 76.27 -41.29
N PHE JA 88 52.51 74.95 -41.19
CA PHE JA 88 52.02 74.26 -40.01
C PHE JA 88 53.05 73.22 -39.61
N ARG JA 89 53.59 73.37 -38.40
CA ARG JA 89 54.56 72.45 -37.85
C ARG JA 89 53.94 71.79 -36.62
N TYR JA 90 53.42 70.58 -36.78
CA TYR JA 90 52.97 69.83 -35.60
C TYR JA 90 54.11 68.97 -35.08
N LYS JA 91 54.65 69.34 -33.93
CA LYS JA 91 55.60 68.49 -33.25
C LYS JA 91 54.87 67.47 -32.39
N MET JA 92 55.44 66.28 -32.31
CA MET JA 92 54.79 65.21 -31.55
C MET JA 92 55.81 64.26 -30.96
N ARG JA 93 55.73 64.06 -29.65
CA ARG JA 93 56.67 63.29 -28.86
C ARG JA 93 56.28 61.82 -28.83
N SER JA 94 57.31 60.98 -28.74
CA SER JA 94 57.13 59.56 -28.48
C SER JA 94 57.30 59.33 -26.99
N VAL JA 95 56.30 58.73 -26.37
CA VAL JA 95 56.27 58.54 -24.92
C VAL JA 95 56.28 57.04 -24.64
N TYR JA 96 57.18 56.60 -23.78
CA TYR JA 96 57.23 55.19 -23.43
C TYR JA 96 57.81 55.00 -22.03
N ALA JA 97 57.51 53.84 -21.45
CA ALA JA 97 58.08 53.45 -20.16
C ALA JA 97 59.32 52.58 -20.35
N HIS JA 98 59.16 51.43 -20.99
CA HIS JA 98 60.24 50.46 -21.15
C HIS JA 98 60.76 50.40 -22.57
N PHE JA 99 59.90 50.16 -23.55
CA PHE JA 99 60.36 49.88 -24.90
C PHE JA 99 60.51 51.16 -25.70
N PRO JA 100 61.70 51.46 -26.23
CA PRO JA 100 61.85 52.62 -27.10
C PRO JA 100 61.10 52.44 -28.40
N ILE JA 101 60.21 53.38 -28.69
CA ILE JA 101 59.47 53.36 -29.95
C ILE JA 101 60.43 53.80 -31.04
N ASN JA 102 60.71 52.89 -31.97
CA ASN JA 102 61.70 53.11 -33.02
C ASN JA 102 61.00 53.66 -34.26
N VAL JA 103 61.19 54.92 -34.54
CA VAL JA 103 60.55 55.58 -35.67
C VAL JA 103 61.60 55.93 -36.72
N VAL JA 104 61.41 55.41 -37.93
CA VAL JA 104 62.24 55.78 -39.06
C VAL JA 104 61.32 56.18 -40.22
N ILE JA 105 61.71 57.21 -40.95
CA ILE JA 105 60.91 57.76 -42.04
C ILE JA 105 61.49 57.29 -43.36
N GLN JA 106 60.67 56.57 -44.12
CA GLN JA 106 61.00 56.10 -45.45
C GLN JA 106 60.37 57.05 -46.46
N GLU JA 107 61.09 57.28 -47.54
CA GLU JA 107 60.64 58.02 -48.72
C GLU JA 107 60.22 59.44 -48.36
N ASN JA 108 61.23 60.22 -47.96
CA ASN JA 108 61.27 61.67 -47.69
C ASN JA 108 60.02 62.29 -47.08
N GLY JA 109 59.50 61.66 -46.03
CA GLY JA 109 58.37 62.22 -45.31
C GLY JA 109 57.02 61.66 -45.71
N SER JA 110 56.99 60.69 -46.61
CA SER JA 110 55.71 60.17 -47.07
C SER JA 110 55.25 59.00 -46.23
N LEU JA 111 56.18 58.22 -45.67
CA LEU JA 111 55.81 57.06 -44.87
C LEU JA 111 56.63 57.02 -43.61
N VAL JA 112 55.98 56.61 -42.51
CA VAL JA 112 56.61 56.49 -41.21
C VAL JA 112 56.54 55.03 -40.78
N GLU JA 113 57.70 54.42 -40.58
CA GLU JA 113 57.79 53.10 -39.97
C GLU JA 113 57.83 53.26 -38.46
N ILE JA 114 57.07 52.45 -37.75
CA ILE JA 114 57.05 52.49 -36.29
C ILE JA 114 57.39 51.09 -35.81
N ARG JA 115 58.48 50.97 -35.05
CA ARG JA 115 58.98 49.68 -34.61
C ARG JA 115 59.13 49.68 -33.09
N ASN JA 116 59.04 48.48 -32.52
CA ASN JA 116 59.31 48.21 -31.10
C ASN JA 116 58.35 48.99 -30.19
N PHE JA 117 57.14 49.23 -30.68
CA PHE JA 117 56.10 49.82 -29.87
C PHE JA 117 55.57 48.72 -28.97
N LEU JA 118 55.86 48.84 -27.67
CA LEU JA 118 55.52 47.86 -26.63
C LEU JA 118 56.13 46.50 -26.89
N GLY JA 119 57.27 46.45 -27.58
CA GLY JA 119 57.93 45.18 -27.81
C GLY JA 119 57.25 44.29 -28.83
N GLU JA 120 56.40 44.86 -29.67
CA GLU JA 120 55.66 44.11 -30.66
C GLU JA 120 56.52 43.88 -31.89
N LYS JA 121 56.39 42.68 -32.49
CA LYS JA 121 57.15 42.36 -33.68
C LYS JA 121 56.52 42.94 -34.93
N TYR JA 122 55.25 43.31 -34.88
CA TYR JA 122 54.60 44.00 -35.98
C TYR JA 122 55.17 45.39 -36.12
N ILE JA 123 55.43 45.80 -37.36
CA ILE JA 123 55.84 47.16 -37.67
C ILE JA 123 54.64 47.87 -38.30
N ARG JA 124 54.53 49.16 -38.06
CA ARG JA 124 53.42 49.95 -38.59
C ARG JA 124 53.93 50.89 -39.66
N ARG JA 125 53.20 50.94 -40.76
CA ARG JA 125 53.56 51.80 -41.89
C ARG JA 125 52.41 52.77 -42.10
N VAL JA 126 52.64 54.01 -41.71
CA VAL JA 126 51.62 55.04 -41.77
C VAL JA 126 52.01 56.04 -42.83
N ARG JA 127 51.12 56.28 -43.79
CA ARG JA 127 51.41 57.20 -44.87
C ARG JA 127 50.88 58.59 -44.56
N MET JA 128 51.76 59.58 -44.61
CA MET JA 128 51.33 60.97 -44.58
C MET JA 128 50.50 61.31 -45.81
N ARG JA 129 49.51 62.14 -45.60
CA ARG JA 129 48.63 62.61 -46.66
C ARG JA 129 49.39 63.61 -47.51
N PRO JA 130 49.29 63.53 -48.85
CA PRO JA 130 50.28 64.17 -49.75
C PRO JA 130 50.35 65.69 -49.63
N GLY JA 131 51.57 66.19 -49.42
CA GLY JA 131 51.84 67.53 -48.97
C GLY JA 131 52.53 67.57 -47.62
N VAL JA 132 52.28 66.58 -46.78
CA VAL JA 132 52.80 66.54 -45.42
C VAL JA 132 54.07 65.71 -45.41
N ALA JA 133 55.10 66.23 -44.75
CA ALA JA 133 56.40 65.57 -44.68
C ALA JA 133 56.73 65.35 -43.21
N CYS JA 134 56.92 64.10 -42.82
CA CYS JA 134 57.36 63.80 -41.48
C CYS JA 134 58.88 63.73 -41.43
N SER JA 135 59.45 64.13 -40.28
CA SER JA 135 60.90 64.11 -40.14
C SER JA 135 61.27 64.10 -38.66
N VAL JA 136 62.23 63.22 -38.34
CA VAL JA 136 62.83 63.21 -37.01
C VAL JA 136 63.74 64.41 -36.87
N SER JA 137 63.52 65.22 -35.83
CA SER JA 137 64.37 66.38 -35.69
C SER JA 137 65.52 66.11 -34.72
N GLN JA 138 66.45 67.05 -34.67
CA GLN JA 138 67.63 67.00 -33.82
C GLN JA 138 67.44 67.92 -32.63
N ALA JA 139 68.31 67.71 -31.63
CA ALA JA 139 68.24 68.29 -30.29
C ALA JA 139 66.93 67.97 -29.56
N GLN JA 140 66.22 66.93 -29.99
CA GLN JA 140 65.15 66.35 -29.21
C GLN JA 140 65.12 64.87 -29.52
N LYS JA 141 64.99 64.06 -28.46
CA LYS JA 141 65.27 62.64 -28.55
C LYS JA 141 64.13 61.87 -29.21
N ASP JA 142 62.96 61.88 -28.59
CA ASP JA 142 61.80 61.14 -29.06
C ASP JA 142 60.87 62.17 -29.68
N GLU JA 143 60.98 62.37 -31.00
CA GLU JA 143 60.45 63.59 -31.61
C GLU JA 143 60.15 63.33 -33.07
N LEU JA 144 58.91 63.59 -33.47
CA LEU JA 144 58.55 63.65 -34.88
C LEU JA 144 58.12 65.08 -35.18
N VAL JA 145 58.36 65.51 -36.42
CA VAL JA 145 57.94 66.83 -36.86
C VAL JA 145 57.22 66.69 -38.20
N LEU JA 146 55.98 67.14 -38.25
CA LEU JA 146 55.14 67.13 -39.45
C LEU JA 146 55.06 68.56 -39.96
N GLU JA 147 55.18 68.71 -41.27
CA GLU JA 147 55.27 70.03 -41.90
C GLU JA 147 54.43 70.07 -43.16
N GLY JA 148 53.65 71.12 -43.31
CA GLY JA 148 52.85 71.26 -44.50
C GLY JA 148 52.05 72.53 -44.53
N ASN JA 149 51.26 72.73 -45.59
CA ASN JA 149 50.55 73.98 -45.77
C ASN JA 149 49.10 73.87 -45.31
N ASP JA 150 48.48 72.72 -45.55
CA ASP JA 150 47.09 72.52 -45.19
C ASP JA 150 47.00 72.01 -43.76
N ILE JA 151 46.24 72.72 -42.91
CA ILE JA 151 46.10 72.27 -41.52
C ILE JA 151 45.30 70.98 -41.45
N GLU JA 152 44.39 70.77 -42.40
CA GLU JA 152 43.59 69.55 -42.47
C GLU JA 152 44.48 68.34 -42.68
N LEU JA 153 45.44 68.46 -43.59
CA LEU JA 153 46.27 67.31 -43.95
C LEU JA 153 47.33 67.03 -42.89
N VAL JA 154 47.95 68.08 -42.35
CA VAL JA 154 48.99 67.89 -41.34
C VAL JA 154 48.39 67.35 -40.05
N SER JA 155 47.24 67.89 -39.67
CA SER JA 155 46.55 67.41 -38.48
C SER JA 155 45.98 66.01 -38.65
N ASN JA 156 45.50 65.66 -39.84
CA ASN JA 156 45.00 64.32 -40.09
C ASN JA 156 46.13 63.30 -40.08
N SER JA 157 47.27 63.65 -40.68
CA SER JA 157 48.41 62.76 -40.65
C SER JA 157 49.01 62.65 -39.25
N ALA JA 158 48.83 63.67 -38.41
CA ALA JA 158 49.22 63.53 -37.01
C ALA JA 158 48.28 62.57 -36.28
N ALA JA 159 46.99 62.62 -36.60
CA ALA JA 159 46.04 61.70 -35.98
C ALA JA 159 46.26 60.27 -36.43
N LEU JA 160 46.77 60.07 -37.64
CA LEU JA 160 47.05 58.71 -38.09
C LEU JA 160 48.18 58.05 -37.29
N ILE JA 161 49.28 58.77 -37.04
CA ILE JA 161 50.34 58.20 -36.22
C ILE JA 161 50.05 58.28 -34.74
N GLN JA 162 49.06 59.08 -34.33
CA GLN JA 162 48.66 59.01 -32.93
C GLN JA 162 47.71 57.83 -32.68
N GLN JA 163 46.89 57.49 -33.67
CA GLN JA 163 46.00 56.35 -33.48
C GLN JA 163 46.58 55.05 -33.97
N ALA JA 164 47.73 55.09 -34.65
CA ALA JA 164 48.42 53.84 -34.98
C ALA JA 164 49.03 53.24 -33.73
N THR JA 165 49.46 54.08 -32.80
CA THR JA 165 50.08 53.64 -31.57
C THR JA 165 49.06 53.71 -30.44
N THR JA 166 48.14 52.77 -30.43
CA THR JA 166 47.18 52.64 -29.34
C THR JA 166 47.42 51.32 -28.63
N VAL JA 167 47.19 51.31 -27.32
CA VAL JA 167 47.45 50.14 -26.51
C VAL JA 167 46.16 49.34 -26.41
N LYS JA 168 46.18 48.12 -26.91
CA LYS JA 168 44.99 47.27 -26.97
C LYS JA 168 44.97 46.31 -25.81
N ASN JA 169 43.76 46.04 -25.31
CA ASN JA 169 43.45 44.99 -24.33
C ASN JA 169 44.16 45.22 -22.99
N LYS JA 170 44.49 46.47 -22.69
CA LYS JA 170 45.16 46.81 -21.45
C LYS JA 170 44.49 48.01 -20.80
N ASP JA 171 45.02 48.40 -19.65
CA ASP JA 171 44.65 49.62 -18.96
C ASP JA 171 45.49 50.74 -19.56
N ILE JA 172 44.85 51.66 -20.29
CA ILE JA 172 45.62 52.73 -20.89
C ILE JA 172 45.85 53.86 -19.89
N ARG JA 173 45.28 53.75 -18.70
CA ARG JA 173 45.62 54.68 -17.63
C ARG JA 173 47.03 54.42 -17.12
N LYS JA 174 47.51 53.19 -17.29
CA LYS JA 174 48.85 52.79 -16.86
C LYS JA 174 49.81 52.75 -18.04
N PHE JA 175 49.38 52.16 -19.14
CA PHE JA 175 50.23 51.99 -20.31
C PHE JA 175 50.11 53.25 -21.17
N LEU JA 176 50.73 54.32 -20.68
CA LEU JA 176 50.71 55.63 -21.34
C LEU JA 176 51.81 55.65 -22.39
N ASP JA 177 51.55 54.99 -23.50
CA ASP JA 177 52.55 54.84 -24.53
C ASP JA 177 51.99 55.30 -25.86
N GLY JA 178 52.89 55.61 -26.78
CA GLY JA 178 52.50 56.07 -28.09
C GLY JA 178 53.09 57.42 -28.45
N ILE JA 179 52.79 57.85 -29.66
CA ILE JA 179 53.21 59.15 -30.15
C ILE JA 179 52.04 60.10 -30.03
N TYR JA 180 52.27 61.27 -29.44
CA TYR JA 180 51.19 62.20 -29.13
C TYR JA 180 51.61 63.60 -29.54
N VAL JA 181 50.66 64.37 -30.05
CA VAL JA 181 50.93 65.73 -30.52
C VAL JA 181 51.21 66.64 -29.33
N SER JA 182 52.44 67.16 -29.28
CA SER JA 182 52.89 68.00 -28.17
C SER JA 182 52.74 69.48 -28.50
N GLU JA 183 53.11 69.90 -29.70
CA GLU JA 183 53.16 71.31 -30.04
C GLU JA 183 52.56 71.51 -31.43
N LYS JA 184 51.50 72.30 -31.49
CA LYS JA 184 50.88 72.71 -32.75
C LYS JA 184 51.41 74.09 -33.10
N GLY JA 185 52.40 74.14 -33.97
CA GLY JA 185 53.10 75.39 -34.27
C GLY JA 185 53.06 75.74 -35.72
N THR JA 186 54.04 76.52 -36.18
CA THR JA 186 54.18 76.93 -37.58
C THR JA 186 55.62 76.73 -38.02
N VAL JA 187 55.83 76.91 -39.33
CA VAL JA 187 57.14 76.64 -39.89
C VAL JA 187 58.03 77.85 -39.79
N GLN JA 188 57.49 79.04 -40.03
CA GLN JA 188 58.17 80.28 -39.71
C GLN JA 188 57.26 81.12 -38.84
N GLN JA 189 57.82 82.13 -38.18
CA GLN JA 189 57.06 82.85 -37.19
C GLN JA 189 56.80 84.29 -37.59
N ALA JA 190 56.22 85.04 -36.67
CA ALA JA 190 55.98 86.46 -36.89
C ALA JA 190 56.63 87.28 -35.78
N GLY KA 1 5.38 40.82 -3.62
CA GLY KA 1 4.71 41.43 -2.48
C GLY KA 1 3.28 41.80 -2.79
N ARG KA 2 3.04 43.08 -3.02
CA ARG KA 2 1.73 43.54 -3.47
C ARG KA 2 1.79 43.92 -4.95
N ARG KA 3 0.63 44.25 -5.53
CA ARG KA 3 0.51 44.48 -6.96
C ARG KA 3 1.19 45.78 -7.39
N PRO KA 4 1.51 45.92 -8.67
CA PRO KA 4 1.94 47.22 -9.18
C PRO KA 4 0.82 48.25 -9.09
N ALA KA 5 1.22 49.51 -9.00
CA ALA KA 5 0.25 50.58 -8.90
C ALA KA 5 -0.38 50.96 -10.24
N ARG KA 6 -0.01 50.28 -11.32
CA ARG KA 6 -0.71 50.44 -12.59
C ARG KA 6 -2.13 49.93 -12.49
N CYS KA 7 -2.34 48.94 -11.62
CA CYS KA 7 -3.64 48.31 -11.49
C CYS KA 7 -4.63 49.26 -10.86
N TYR KA 8 -4.25 49.88 -9.76
CA TYR KA 8 -5.11 50.81 -9.04
C TYR KA 8 -4.73 52.27 -9.30
N ARG KA 9 -4.68 52.72 -10.56
CA ARG KA 9 -4.19 54.08 -10.76
C ARG KA 9 -5.33 55.07 -10.92
N TYR KA 10 -6.39 54.69 -11.59
CA TYR KA 10 -7.43 55.64 -11.89
C TYR KA 10 -8.61 55.44 -10.96
N CYS KA 11 -9.35 56.53 -10.73
CA CYS KA 11 -10.46 56.53 -9.79
C CYS KA 11 -11.63 55.78 -10.44
N LYS KA 12 -11.58 54.46 -10.35
CA LYS KA 12 -12.45 53.57 -11.10
C LYS KA 12 -13.75 53.31 -10.37
N ASN KA 13 -13.68 53.00 -9.08
CA ASN KA 13 -14.85 52.64 -8.29
C ASN KA 13 -15.48 53.88 -7.65
N LYS KA 14 -16.60 53.65 -6.97
CA LYS KA 14 -17.10 54.60 -6.00
C LYS KA 14 -16.19 54.58 -4.79
N PRO KA 15 -16.16 55.65 -4.00
CA PRO KA 15 -15.35 55.63 -2.78
C PRO KA 15 -15.87 54.65 -1.74
N TYR KA 16 -14.97 53.77 -1.32
CA TYR KA 16 -15.28 52.58 -0.53
C TYR KA 16 -14.40 52.62 0.71
N PRO KA 17 -14.85 53.29 1.77
CA PRO KA 17 -13.99 53.50 2.92
C PRO KA 17 -14.11 52.39 3.95
N LYS KA 18 -13.18 52.41 4.89
CA LYS KA 18 -13.23 51.51 6.02
C LYS KA 18 -14.38 51.90 6.94
N SER KA 19 -15.40 51.07 7.01
CA SER KA 19 -16.63 51.51 7.63
C SER KA 19 -17.28 50.33 8.35
N ARG KA 20 -18.56 50.48 8.65
CA ARG KA 20 -19.34 49.46 9.32
C ARG KA 20 -19.46 48.19 8.48
N PHE KA 21 -19.41 48.33 7.16
CA PHE KA 21 -19.64 47.24 6.23
C PHE KA 21 -18.34 46.68 5.69
N CYS KA 22 -17.50 47.53 5.13
CA CYS KA 22 -16.12 47.15 4.77
C CYS KA 22 -15.31 47.08 6.04
N ARG KA 23 -15.06 45.88 6.54
CA ARG KA 23 -14.28 45.72 7.74
C ARG KA 23 -13.29 44.57 7.55
N GLY KA 24 -12.13 44.73 8.16
CA GLY KA 24 -11.01 43.84 7.88
C GLY KA 24 -9.94 44.48 7.05
N VAL KA 25 -9.81 45.79 7.10
CA VAL KA 25 -8.84 46.56 6.32
C VAL KA 25 -7.55 46.63 7.11
N PRO KA 26 -6.41 46.27 6.54
CA PRO KA 26 -5.14 46.49 7.23
C PRO KA 26 -4.80 47.96 7.32
N ASP KA 27 -3.97 48.29 8.31
CA ASP KA 27 -3.57 49.67 8.56
C ASP KA 27 -2.67 50.18 7.44
N ALA KA 28 -2.84 51.46 7.10
CA ALA KA 28 -2.09 52.07 6.02
C ALA KA 28 -0.64 52.32 6.44
N LYS KA 29 0.22 52.58 5.45
CA LYS KA 29 1.62 52.84 5.76
C LYS KA 29 1.83 54.25 6.26
N ILE KA 30 1.05 55.20 5.77
CA ILE KA 30 1.21 56.56 6.29
C ILE KA 30 0.29 56.75 7.49
N ARG KA 31 0.89 57.13 8.60
CA ARG KA 31 0.19 57.39 9.84
C ARG KA 31 0.58 58.73 10.44
N ILE KA 32 1.79 59.20 10.13
CA ILE KA 32 2.30 60.47 10.59
C ILE KA 32 2.17 61.44 9.43
N PHE KA 33 1.20 62.34 9.50
CA PHE KA 33 0.89 63.17 8.35
C PHE KA 33 1.54 64.54 8.40
N ASP KA 34 2.17 64.92 9.51
CA ASP KA 34 2.99 66.12 9.47
C ASP KA 34 4.19 65.98 10.37
N LEU KA 35 5.23 66.75 10.06
CA LEU KA 35 6.52 66.60 10.70
C LEU KA 35 7.30 67.90 10.56
N GLY KA 36 8.56 67.84 10.95
CA GLY KA 36 9.36 69.03 11.01
C GLY KA 36 9.17 69.66 12.37
N ARG KA 37 9.27 70.97 12.47
CA ARG KA 37 8.99 71.66 13.71
C ARG KA 37 7.51 72.03 13.63
N LYS KA 38 6.67 71.03 13.86
CA LYS KA 38 5.23 71.21 13.71
C LYS KA 38 4.61 71.86 14.93
N LYS KA 39 5.43 72.27 15.89
CA LYS KA 39 5.02 73.10 17.02
C LYS KA 39 5.69 74.46 16.84
N ALA KA 40 5.07 75.31 16.03
CA ALA KA 40 5.72 76.56 15.67
C ALA KA 40 4.68 77.60 15.34
N LYS KA 41 5.02 78.85 15.62
CA LYS KA 41 4.10 79.96 15.45
C LYS KA 41 4.02 80.37 13.99
N VAL KA 42 2.91 81.00 13.62
CA VAL KA 42 2.67 81.36 12.23
C VAL KA 42 3.54 82.52 11.80
N ASP KA 43 4.10 83.26 12.75
CA ASP KA 43 4.90 84.41 12.41
C ASP KA 43 6.27 84.01 11.87
N GLU KA 44 6.68 82.76 12.10
CA GLU KA 44 8.08 82.44 11.86
C GLU KA 44 8.31 81.50 10.68
N PHE KA 45 7.26 80.89 10.13
CA PHE KA 45 7.37 80.21 8.83
C PHE KA 45 6.33 80.81 7.91
N PRO KA 46 6.65 81.89 7.20
CA PRO KA 46 5.66 82.50 6.30
C PRO KA 46 5.51 81.77 4.98
N LEU KA 47 6.63 81.34 4.43
CA LEU KA 47 6.66 80.85 3.06
C LEU KA 47 6.10 79.45 2.98
N CYS KA 48 4.98 79.31 2.28
CA CYS KA 48 4.33 78.03 2.10
C CYS KA 48 4.48 77.57 0.65
N GLY KA 49 4.89 76.33 0.47
CA GLY KA 49 5.03 75.77 -0.86
C GLY KA 49 4.29 74.45 -0.97
N HIS KA 50 3.44 74.35 -1.98
CA HIS KA 50 2.53 73.22 -2.15
C HIS KA 50 2.98 72.32 -3.28
N MET KA 51 2.55 71.07 -3.22
CA MET KA 51 2.61 70.15 -4.36
C MET KA 51 1.18 69.96 -4.84
N VAL KA 52 0.88 70.44 -6.01
CA VAL KA 52 -0.49 70.45 -6.51
C VAL KA 52 -0.63 69.41 -7.60
N SER KA 53 -1.58 68.51 -7.44
CA SER KA 53 -1.82 67.47 -8.43
C SER KA 53 -2.43 68.05 -9.69
N ASP KA 54 -2.12 67.40 -10.81
CA ASP KA 54 -2.60 67.86 -12.10
C ASP KA 54 -3.34 66.74 -12.82
N GLU KA 55 -3.71 65.71 -12.08
CA GLU KA 55 -4.43 64.57 -12.64
C GLU KA 55 -5.42 64.05 -11.63
N TYR KA 56 -6.50 63.47 -12.12
CA TYR KA 56 -7.51 62.79 -11.30
C TYR KA 56 -7.13 61.32 -11.24
N GLU KA 57 -6.43 60.96 -10.16
CA GLU KA 57 -5.91 59.61 -9.99
C GLU KA 57 -5.99 59.20 -8.53
N GLN KA 58 -5.44 58.03 -8.24
CA GLN KA 58 -5.40 57.50 -6.89
C GLN KA 58 -3.94 57.32 -6.49
N LEU KA 59 -3.52 57.99 -5.43
CA LEU KA 59 -2.18 57.86 -4.88
C LEU KA 59 -2.23 56.92 -3.70
N SER KA 60 -1.39 55.90 -3.72
CA SER KA 60 -1.36 54.92 -2.65
C SER KA 60 -0.79 55.52 -1.38
N SER KA 61 -1.14 54.90 -0.26
CA SER KA 61 -0.59 55.33 1.03
C SER KA 61 0.90 55.05 1.12
N GLU KA 62 1.38 54.08 0.33
CA GLU KA 62 2.79 53.73 0.34
C GLU KA 62 3.58 54.75 -0.45
N ALA KA 63 2.98 55.29 -1.52
CA ALA KA 63 3.59 56.40 -2.24
C ALA KA 63 3.62 57.66 -1.40
N LEU KA 64 2.57 57.91 -0.61
CA LEU KA 64 2.50 59.07 0.26
C LEU KA 64 3.57 59.00 1.35
N GLU KA 65 3.71 57.84 1.98
CA GLU KA 65 4.73 57.63 2.99
C GLU KA 65 6.14 57.79 2.42
N ALA KA 66 6.37 57.22 1.24
CA ALA KA 66 7.68 57.31 0.60
C ALA KA 66 8.05 58.74 0.25
N ALA KA 67 7.10 59.50 -0.29
CA ALA KA 67 7.39 60.87 -0.67
C ALA KA 67 7.54 61.78 0.55
N ARG KA 68 6.81 61.47 1.63
CA ARG KA 68 6.97 62.22 2.87
C ARG KA 68 8.35 62.02 3.47
N ILE KA 69 8.86 60.78 3.46
CA ILE KA 69 10.22 60.52 3.92
C ILE KA 69 11.23 61.19 3.02
N CYS KA 70 10.99 61.15 1.70
CA CYS KA 70 11.92 61.76 0.75
C CYS KA 70 11.98 63.27 0.88
N ALA KA 71 10.86 63.92 1.21
CA ALA KA 71 10.88 65.36 1.41
C ALA KA 71 11.48 65.74 2.75
N ASN KA 72 11.18 64.94 3.79
CA ASN KA 72 11.79 65.15 5.10
C ASN KA 72 13.31 65.07 5.03
N LYS KA 73 13.84 64.14 4.25
CA LYS KA 73 15.27 63.91 4.23
C LYS KA 73 16.00 65.12 3.64
N TYR KA 74 15.45 65.69 2.56
CA TYR KA 74 16.05 66.88 1.97
C TYR KA 74 15.87 68.09 2.87
N MET KA 75 14.71 68.19 3.52
CA MET KA 75 14.48 69.31 4.42
C MET KA 75 15.40 69.28 5.63
N VAL KA 76 15.75 68.09 6.13
CA VAL KA 76 16.70 67.99 7.23
C VAL KA 76 18.12 68.26 6.76
N LYS KA 77 18.46 67.80 5.54
CA LYS KA 77 19.79 68.11 4.99
C LYS KA 77 19.96 69.59 4.69
N SER KA 78 18.85 70.29 4.42
CA SER KA 78 18.95 71.61 3.82
C SER KA 78 18.59 72.73 4.80
N CYS KA 79 17.65 72.47 5.70
CA CYS KA 79 17.10 73.49 6.59
C CYS KA 79 17.25 73.15 8.07
N GLY KA 80 17.78 71.99 8.39
CA GLY KA 80 17.87 71.55 9.76
C GLY KA 80 16.63 70.82 10.23
N LYS KA 81 16.68 70.33 11.46
CA LYS KA 81 15.57 69.55 12.00
C LYS KA 81 14.39 70.42 12.40
N ASP KA 82 14.58 71.73 12.51
CA ASP KA 82 13.56 72.63 13.06
C ASP KA 82 13.46 73.90 12.22
N GLY KA 83 13.49 73.75 10.91
CA GLY KA 83 13.46 74.90 10.05
C GLY KA 83 12.33 74.87 9.05
N PHE KA 84 11.42 73.93 9.23
CA PHE KA 84 10.39 73.66 8.24
C PHE KA 84 9.24 72.96 8.95
N HIS KA 85 8.16 72.74 8.20
CA HIS KA 85 7.01 71.97 8.68
C HIS KA 85 6.31 71.43 7.43
N ILE KA 86 6.47 70.14 7.18
CA ILE KA 86 5.76 69.43 6.12
C ILE KA 86 4.39 69.03 6.63
N ARG KA 87 3.37 69.15 5.78
CA ARG KA 87 2.00 68.73 6.10
C ARG KA 87 1.54 67.89 4.92
N VAL KA 88 1.26 66.61 5.15
CA VAL KA 88 0.70 65.77 4.10
C VAL KA 88 -0.82 65.97 4.10
N ARG KA 89 -1.34 66.61 3.06
CA ARG KA 89 -2.73 66.99 3.03
C ARG KA 89 -3.56 66.00 2.22
N LEU KA 90 -3.15 64.73 2.24
CA LEU KA 90 -3.96 63.66 1.69
C LEU KA 90 -4.01 62.54 2.71
N HIS KA 91 -5.21 62.14 3.07
CA HIS KA 91 -5.43 61.02 3.96
C HIS KA 91 -6.02 59.87 3.15
N PRO KA 92 -5.42 58.69 3.16
CA PRO KA 92 -5.92 57.62 2.31
C PRO KA 92 -7.08 56.85 2.91
N PHE KA 93 -8.29 57.07 2.37
CA PHE KA 93 -9.48 56.42 2.90
C PHE KA 93 -10.08 55.40 1.97
N HIS KA 94 -9.83 55.51 0.67
CA HIS KA 94 -10.43 54.59 -0.27
C HIS KA 94 -9.76 53.24 -0.17
N VAL KA 95 -10.49 52.28 0.34
CA VAL KA 95 -10.00 50.92 0.44
C VAL KA 95 -10.19 50.25 -0.90
N ILE KA 96 -9.13 49.65 -1.42
CA ILE KA 96 -9.16 49.02 -2.73
C ILE KA 96 -8.95 47.52 -2.56
N ARG KA 97 -9.49 46.73 -3.49
CA ARG KA 97 -9.72 45.30 -3.30
C ARG KA 97 -8.79 44.43 -4.13
N ILE KA 98 -8.73 43.14 -3.76
CA ILE KA 98 -7.85 42.15 -4.39
C ILE KA 98 -8.58 40.83 -4.59
N ASN KA 99 -8.66 40.37 -5.83
CA ASN KA 99 -9.18 39.04 -6.12
C ASN KA 99 -7.99 38.10 -6.33
N LYS KA 100 -7.70 37.32 -5.29
CA LYS KA 100 -6.50 36.50 -5.27
C LYS KA 100 -6.78 35.11 -5.82
N MET KA 101 -5.91 34.65 -6.71
CA MET KA 101 -6.05 33.38 -7.43
C MET KA 101 -5.06 32.38 -6.85
N LEU KA 102 -5.43 31.78 -5.72
CA LEU KA 102 -4.65 30.78 -4.98
C LEU KA 102 -3.23 31.24 -4.63
N GLN KA 111 -10.12 26.54 -7.92
CA GLN KA 111 -10.20 27.62 -8.89
C GLN KA 111 -11.64 27.92 -9.25
N THR KA 112 -12.25 28.85 -8.50
CA THR KA 112 -13.61 29.26 -8.79
C THR KA 112 -13.67 30.08 -10.07
N GLY KA 113 -12.66 30.90 -10.29
CA GLY KA 113 -12.54 31.65 -11.53
C GLY KA 113 -13.01 33.07 -11.37
N MET KA 114 -14.18 33.37 -11.89
CA MET KA 114 -14.73 34.70 -11.85
C MET KA 114 -16.05 34.75 -11.08
N ARG KA 115 -16.44 33.65 -10.43
CA ARG KA 115 -17.63 33.68 -9.59
C ARG KA 115 -17.24 34.02 -8.16
N GLY KA 116 -18.06 34.83 -7.52
CA GLY KA 116 -17.68 35.39 -6.24
C GLY KA 116 -16.46 36.27 -6.35
N ALA KA 117 -16.39 37.08 -7.40
CA ALA KA 117 -15.22 37.89 -7.68
C ALA KA 117 -15.44 39.25 -7.05
N PHE KA 118 -15.61 39.29 -5.74
CA PHE KA 118 -15.59 40.52 -4.99
C PHE KA 118 -14.43 40.39 -4.03
N GLY KA 119 -13.46 41.29 -4.14
CA GLY KA 119 -12.19 41.06 -3.52
C GLY KA 119 -12.18 41.34 -2.03
N LYS KA 120 -11.18 40.77 -1.37
CA LYS KA 120 -10.82 41.14 -0.02
C LYS KA 120 -10.19 42.52 -0.04
N PRO KA 121 -10.20 43.25 1.08
CA PRO KA 121 -9.53 44.55 1.10
C PRO KA 121 -8.01 44.40 1.03
N GLN KA 122 -7.41 45.02 0.03
CA GLN KA 122 -5.95 44.94 -0.07
C GLN KA 122 -5.26 46.01 0.75
N GLY KA 123 -5.55 47.26 0.45
CA GLY KA 123 -4.93 48.37 1.13
C GLY KA 123 -5.69 49.61 0.78
N THR KA 124 -5.24 50.71 1.33
CA THR KA 124 -5.91 51.98 1.09
C THR KA 124 -5.17 52.80 0.06
N VAL KA 125 -5.84 53.85 -0.40
CA VAL KA 125 -5.35 54.69 -1.47
C VAL KA 125 -6.01 56.04 -1.28
N ALA KA 126 -5.48 57.08 -1.90
CA ALA KA 126 -6.02 58.42 -1.76
C ALA KA 126 -6.56 58.91 -3.10
N ARG KA 127 -7.86 59.17 -3.16
CA ARG KA 127 -8.50 59.74 -4.34
C ARG KA 127 -8.07 61.19 -4.49
N VAL KA 128 -7.33 61.51 -5.55
CA VAL KA 128 -6.78 62.85 -5.70
C VAL KA 128 -7.41 63.49 -6.93
N HIS KA 129 -7.80 64.75 -6.79
CA HIS KA 129 -8.46 65.53 -7.83
C HIS KA 129 -7.47 66.44 -8.54
N ILE KA 130 -7.91 67.01 -9.64
CA ILE KA 130 -7.09 67.97 -10.37
C ILE KA 130 -7.06 69.28 -9.61
N GLY KA 131 -5.87 69.75 -9.28
CA GLY KA 131 -5.74 71.01 -8.59
C GLY KA 131 -5.80 70.88 -7.09
N GLN KA 132 -5.77 69.66 -6.58
CA GLN KA 132 -5.85 69.42 -5.16
C GLN KA 132 -4.44 69.24 -4.60
N VAL KA 133 -4.20 69.86 -3.46
CA VAL KA 133 -2.87 69.91 -2.85
C VAL KA 133 -2.52 68.56 -2.25
N ILE KA 134 -1.35 68.02 -2.62
CA ILE KA 134 -0.88 66.74 -2.07
C ILE KA 134 -0.06 66.99 -0.81
N MET KA 135 1.01 67.76 -0.90
CA MET KA 135 1.88 68.07 0.22
C MET KA 135 2.04 69.58 0.31
N SER KA 136 2.53 70.03 1.46
CA SER KA 136 2.73 71.45 1.70
C SER KA 136 3.83 71.62 2.73
N ILE KA 137 4.66 72.64 2.56
CA ILE KA 137 5.77 72.93 3.46
C ILE KA 137 5.76 74.41 3.80
N ARG KA 138 5.63 74.73 5.08
CA ARG KA 138 5.92 76.07 5.57
C ARG KA 138 7.33 76.11 6.13
N THR KA 139 8.06 77.16 5.77
CA THR KA 139 9.42 77.37 6.23
C THR KA 139 9.71 78.86 6.11
N LYS KA 140 10.90 79.26 6.57
CA LYS KA 140 11.36 80.64 6.47
C LYS KA 140 11.51 81.05 5.01
N LEU KA 141 11.46 82.36 4.78
CA LEU KA 141 11.40 82.84 3.41
C LEU KA 141 12.77 82.77 2.73
N GLN KA 142 13.83 82.52 3.50
CA GLN KA 142 15.15 82.30 2.93
C GLN KA 142 15.22 81.00 2.17
N ASN KA 143 14.48 79.98 2.64
CA ASN KA 143 14.58 78.63 2.13
C ASN KA 143 13.52 78.40 1.07
N LYS KA 144 13.50 79.26 0.06
CA LYS KA 144 12.50 79.15 -0.99
C LYS KA 144 12.86 78.09 -2.02
N GLU KA 145 14.12 78.04 -2.46
CA GLU KA 145 14.51 77.08 -3.47
C GLU KA 145 14.71 75.69 -2.88
N HIS KA 146 14.96 75.61 -1.58
CA HIS KA 146 15.11 74.32 -0.93
C HIS KA 146 13.80 73.57 -0.86
N VAL KA 147 12.69 74.29 -0.65
CA VAL KA 147 11.37 73.68 -0.69
C VAL KA 147 11.05 73.17 -2.09
N VAL KA 148 11.44 73.95 -3.10
CA VAL KA 148 11.19 73.56 -4.49
C VAL KA 148 11.95 72.29 -4.83
N GLU KA 149 13.19 72.18 -4.37
CA GLU KA 149 13.96 70.97 -4.63
C GLU KA 149 13.43 69.78 -3.82
N ALA KA 150 12.95 70.01 -2.62
CA ALA KA 150 12.39 68.93 -1.81
C ALA KA 150 11.10 68.37 -2.43
N LEU KA 151 10.20 69.24 -2.86
CA LEU KA 151 8.99 68.79 -3.52
C LEU KA 151 9.26 68.18 -4.89
N ARG KA 152 10.30 68.67 -5.58
CA ARG KA 152 10.70 68.09 -6.85
C ARG KA 152 11.21 66.66 -6.65
N ARG KA 153 11.92 66.41 -5.55
CA ARG KA 153 12.33 65.04 -5.26
C ARG KA 153 11.16 64.18 -4.80
N ALA KA 154 10.18 64.76 -4.13
CA ALA KA 154 9.06 63.96 -3.69
C ALA KA 154 8.12 63.60 -4.84
N LYS KA 155 8.16 64.35 -5.96
CA LYS KA 155 7.31 64.03 -7.10
C LYS KA 155 7.59 62.66 -7.71
N PHE KA 156 8.81 62.14 -7.54
CA PHE KA 156 9.16 60.91 -8.23
C PHE KA 156 8.55 59.70 -7.57
N LYS KA 157 8.11 59.84 -6.34
CA LYS KA 157 7.50 58.72 -5.66
C LYS KA 157 6.06 58.53 -6.10
N PHE KA 158 5.44 59.56 -6.71
CA PHE KA 158 4.05 59.48 -7.13
C PHE KA 158 3.94 59.18 -8.63
N PRO KA 159 2.82 58.58 -9.05
CA PRO KA 159 2.49 58.54 -10.47
C PRO KA 159 1.89 59.85 -10.94
N GLY KA 160 1.47 59.84 -12.20
CA GLY KA 160 0.75 60.98 -12.74
C GLY KA 160 1.67 62.14 -13.00
N ARG KA 161 1.16 63.34 -12.76
CA ARG KA 161 1.93 64.55 -12.94
C ARG KA 161 1.39 65.58 -11.98
N GLN KA 162 2.29 66.21 -11.25
CA GLN KA 162 1.88 67.24 -10.30
C GLN KA 162 2.80 68.43 -10.41
N LYS KA 163 2.24 69.61 -10.16
CA LYS KA 163 2.98 70.86 -10.23
C LYS KA 163 3.31 71.35 -8.83
N ILE KA 164 4.37 72.12 -8.73
CA ILE KA 164 4.82 72.66 -7.45
C ILE KA 164 4.55 74.16 -7.44
N HIS KA 165 3.81 74.59 -6.44
CA HIS KA 165 3.24 75.93 -6.39
C HIS KA 165 3.60 76.56 -5.07
N ILE KA 166 4.28 77.69 -5.12
CA ILE KA 166 4.52 78.46 -3.91
C ILE KA 166 3.40 79.46 -3.73
N SER KA 167 2.73 79.39 -2.58
CA SER KA 167 1.43 79.98 -2.39
C SER KA 167 1.51 81.48 -2.18
N LYS KA 168 0.37 82.13 -2.31
CA LYS KA 168 0.23 83.53 -1.95
C LYS KA 168 -0.08 83.71 -0.47
N LYS KA 169 -0.41 82.64 0.23
CA LYS KA 169 -0.85 82.72 1.60
C LYS KA 169 0.34 82.74 2.55
N TRP KA 170 0.05 83.06 3.80
CA TRP KA 170 1.06 83.09 4.86
C TRP KA 170 1.05 81.73 5.55
N GLY KA 171 1.95 80.85 5.14
CA GLY KA 171 2.07 79.57 5.80
C GLY KA 171 0.84 78.70 5.57
N PHE KA 172 0.42 78.02 6.62
CA PHE KA 172 -0.74 77.14 6.55
C PHE KA 172 -1.97 77.90 7.03
N THR KA 173 -2.17 79.07 6.45
CA THR KA 173 -3.32 79.91 6.77
C THR KA 173 -4.05 80.20 5.48
N LYS KA 174 -5.33 80.57 5.60
CA LYS KA 174 -6.16 80.87 4.46
C LYS KA 174 -6.08 82.34 4.08
N PHE KA 175 -5.07 83.05 4.55
CA PHE KA 175 -4.99 84.50 4.43
C PHE KA 175 -3.74 84.87 3.67
N ASN KA 176 -3.85 85.90 2.83
CA ASN KA 176 -2.76 86.31 1.96
C ASN KA 176 -1.63 86.92 2.76
N ALA KA 177 -0.41 86.72 2.27
CA ALA KA 177 0.78 87.04 3.05
C ALA KA 177 1.04 88.54 3.09
N ASP KA 178 0.51 89.28 2.10
CA ASP KA 178 0.76 90.72 2.07
C ASP KA 178 -0.18 91.46 3.02
N GLU KA 179 -1.22 90.80 3.50
CA GLU KA 179 -2.21 91.42 4.37
C GLU KA 179 -2.15 90.85 5.79
N PHE KA 180 -1.30 89.84 6.02
CA PHE KA 180 -1.27 89.13 7.30
C PHE KA 180 -0.73 90.01 8.42
N GLU KA 181 0.37 90.73 8.17
CA GLU KA 181 0.94 91.61 9.19
C GLU KA 181 0.01 92.78 9.51
N ASP KA 182 -0.69 93.29 8.51
CA ASP KA 182 -1.64 94.37 8.75
C ASP KA 182 -2.87 93.88 9.52
N MET KA 183 -3.30 92.65 9.27
CA MET KA 183 -4.45 92.13 9.99
C MET KA 183 -4.09 91.70 11.40
N VAL KA 184 -2.86 91.25 11.64
CA VAL KA 184 -2.43 90.93 12.99
C VAL KA 184 -2.23 92.21 13.78
N ALA KA 185 -1.80 93.29 13.11
CA ALA KA 185 -1.63 94.56 13.79
C ALA KA 185 -2.96 95.15 14.27
N GLU KA 186 -4.02 95.00 13.48
CA GLU KA 186 -5.33 95.54 13.86
C GLU KA 186 -6.16 94.54 14.66
N LYS KA 187 -5.54 93.46 15.15
CA LYS KA 187 -6.12 92.51 16.11
C LYS KA 187 -7.36 91.81 15.54
N ARG KA 188 -7.38 91.67 14.23
CA ARG KA 188 -8.36 90.86 13.53
C ARG KA 188 -7.95 89.40 13.52
N LEU KA 189 -6.67 89.13 13.77
CA LEU KA 189 -6.14 87.78 13.81
C LEU KA 189 -5.40 87.53 15.12
N ILE KA 190 -5.62 86.36 15.71
CA ILE KA 190 -4.91 85.93 16.92
C ILE KA 190 -3.98 84.77 16.60
N PRO KA 191 -2.69 84.85 16.95
CA PRO KA 191 -1.79 83.71 16.78
C PRO KA 191 -2.19 82.55 17.67
N ASP KA 192 -2.46 81.41 17.05
CA ASP KA 192 -3.06 80.27 17.72
C ASP KA 192 -2.25 79.02 17.40
N GLY KA 193 -0.94 79.10 17.57
CA GLY KA 193 -0.08 77.96 17.31
C GLY KA 193 0.29 77.88 15.85
N CYS KA 194 -0.07 76.77 15.20
CA CYS KA 194 0.26 76.61 13.79
C CYS KA 194 -0.77 77.27 12.90
N GLY KA 195 -1.85 77.77 13.50
CA GLY KA 195 -2.85 78.49 12.77
C GLY KA 195 -3.05 79.88 13.30
N VAL KA 196 -4.16 80.46 12.90
CA VAL KA 196 -4.54 81.80 13.32
C VAL KA 196 -6.05 81.76 13.53
N LYS KA 197 -6.57 82.64 14.36
CA LYS KA 197 -8.02 82.72 14.55
C LYS KA 197 -8.52 84.08 14.07
N TYR KA 198 -9.39 84.05 13.09
CA TYR KA 198 -10.01 85.26 12.56
C TYR KA 198 -11.03 85.75 13.58
N ILE KA 199 -10.91 87.01 13.97
CA ILE KA 199 -11.84 87.64 14.90
C ILE KA 199 -12.84 88.46 14.10
N PRO KA 200 -14.09 88.05 14.01
CA PRO KA 200 -15.07 88.89 13.32
C PRO KA 200 -15.52 90.03 14.20
N ASN KA 201 -16.27 90.94 13.62
CA ASN KA 201 -16.84 92.06 14.35
C ASN KA 201 -18.25 91.76 14.80
N ARG KA 202 -18.51 90.55 15.27
CA ARG KA 202 -19.86 90.01 15.27
C ARG KA 202 -20.29 89.56 16.67
N GLY KA 203 -19.37 89.23 17.55
CA GLY KA 203 -19.74 88.53 18.75
C GLY KA 203 -20.31 89.44 19.82
N PRO KA 204 -20.34 88.96 21.05
CA PRO KA 204 -20.57 89.86 22.17
C PRO KA 204 -19.40 90.83 22.33
N LEU KA 205 -19.71 91.98 22.90
CA LEU KA 205 -18.73 93.07 22.92
C LEU KA 205 -17.73 92.91 24.04
N ASP KA 206 -18.00 92.04 25.01
CA ASP KA 206 -17.02 91.75 26.05
C ASP KA 206 -15.83 90.98 25.50
N LYS KA 207 -16.02 90.19 24.45
CA LYS KA 207 -14.90 89.57 23.76
C LYS KA 207 -14.02 90.63 23.10
N TRP KA 208 -14.65 91.68 22.57
CA TRP KA 208 -13.91 92.81 22.00
C TRP KA 208 -13.12 93.54 23.07
N ARG KA 209 -13.72 93.73 24.25
CA ARG KA 209 -13.01 94.42 25.33
C ARG KA 209 -11.90 93.56 25.89
N ALA KA 210 -12.07 92.23 25.86
CA ALA KA 210 -11.00 91.34 26.29
C ALA KA 210 -9.86 91.34 25.29
N LEU KA 211 -10.16 91.56 24.00
CA LEU KA 211 -9.11 91.73 23.01
C LEU KA 211 -8.37 93.05 23.18
N HIS KA 212 -9.10 94.15 23.26
CA HIS KA 212 -8.46 95.46 23.18
C HIS KA 212 -8.06 96.00 24.55
N SER KA 213 -7.89 95.12 25.53
CA SER KA 213 -7.34 95.50 26.81
C SER KA 213 -6.35 94.44 27.28
N LYS LA 1 -34.55 96.21 50.73
CA LYS LA 1 -35.96 95.90 50.94
C LYS LA 1 -36.34 94.57 50.28
N GLU LA 2 -36.52 93.53 51.11
CA GLU LA 2 -36.73 92.19 50.60
C GLU LA 2 -38.21 91.91 50.41
N ASN LA 3 -38.56 91.43 49.23
CA ASN LA 3 -39.90 91.11 48.77
C ASN LA 3 -40.44 89.92 49.56
N PRO LA 4 -41.68 89.99 50.07
CA PRO LA 4 -42.24 88.86 50.82
C PRO LA 4 -42.40 87.57 50.03
N MET LA 5 -42.38 87.63 48.71
CA MET LA 5 -42.50 86.45 47.88
C MET LA 5 -41.17 85.82 47.54
N ARG LA 6 -40.11 86.16 48.29
CA ARG LA 6 -38.82 85.52 48.08
C ARG LA 6 -38.36 84.83 49.35
N GLU LA 7 -39.27 84.63 50.30
CA GLU LA 7 -38.96 83.99 51.58
C GLU LA 7 -38.57 82.55 51.32
N LEU LA 8 -37.34 82.19 51.68
CA LEU LA 8 -36.76 80.93 51.28
C LEU LA 8 -37.25 79.86 52.25
N ARG LA 9 -38.34 79.17 51.88
CA ARG LA 9 -38.99 78.18 52.71
C ARG LA 9 -38.40 76.80 52.46
N ILE LA 10 -39.05 75.77 52.99
CA ILE LA 10 -38.65 74.39 52.75
C ILE LA 10 -39.72 73.70 51.92
N ARG LA 11 -39.37 73.23 50.73
CA ARG LA 11 -40.33 72.48 49.93
C ARG LA 11 -40.61 71.12 50.54
N LYS LA 12 -39.58 70.29 50.67
CA LYS LA 12 -39.80 68.98 51.26
C LYS LA 12 -38.58 68.53 52.03
N LEU LA 13 -38.82 67.54 52.87
CA LEU LA 13 -37.79 66.82 53.61
C LEU LA 13 -37.85 65.39 53.11
N CYS LA 14 -36.76 64.91 52.55
CA CYS LA 14 -36.75 63.58 51.96
C CYS LA 14 -35.94 62.66 52.86
N LEU LA 15 -36.57 61.57 53.27
CA LEU LA 15 -35.95 60.52 54.06
C LEU LA 15 -35.83 59.27 53.23
N ASN LA 16 -34.68 58.60 53.27
CA ASN LA 16 -34.74 57.21 52.86
C ASN LA 16 -33.91 56.36 53.80
N ILE LA 17 -34.27 55.08 53.86
CA ILE LA 17 -33.48 54.05 54.51
C ILE LA 17 -33.21 53.01 53.44
N CYS LA 18 -31.94 52.77 53.13
CA CYS LA 18 -31.57 51.83 52.08
C CYS LA 18 -30.85 50.65 52.74
N VAL LA 19 -31.60 49.57 52.94
CA VAL LA 19 -31.07 48.46 53.73
C VAL LA 19 -30.40 47.43 52.84
N GLY LA 20 -30.74 47.40 51.55
CA GLY LA 20 -30.07 46.52 50.63
C GLY LA 20 -30.65 45.14 50.52
N GLU LA 21 -31.65 44.81 51.32
CA GLU LA 21 -32.18 43.46 51.43
C GLU LA 21 -33.69 43.59 51.56
N SER LA 22 -34.42 42.65 50.99
CA SER LA 22 -35.85 42.68 51.23
C SER LA 22 -36.18 41.83 52.46
N GLY LA 23 -37.48 41.63 52.69
CA GLY LA 23 -37.90 40.76 53.75
C GLY LA 23 -38.22 41.45 55.05
N ASP LA 24 -37.59 41.01 56.13
CA ASP LA 24 -38.00 41.45 57.47
C ASP LA 24 -37.27 42.74 57.86
N ARG LA 25 -36.04 42.90 57.38
CA ARG LA 25 -35.27 44.12 57.62
C ARG LA 25 -35.94 45.35 57.03
N LEU LA 26 -36.37 45.25 55.77
CA LEU LA 26 -36.99 46.38 55.08
C LEU LA 26 -38.35 46.73 55.66
N THR LA 27 -39.09 45.73 56.16
CA THR LA 27 -40.37 46.09 56.75
C THR LA 27 -40.20 46.66 58.15
N ARG LA 28 -39.12 46.31 58.85
CA ARG LA 28 -38.83 46.99 60.11
C ARG LA 28 -38.36 48.43 59.88
N ALA LA 29 -37.64 48.66 58.77
CA ALA LA 29 -37.30 50.03 58.41
C ALA LA 29 -38.52 50.84 58.02
N ALA LA 30 -39.51 50.20 57.39
CA ALA LA 30 -40.77 50.88 57.09
C ALA LA 30 -41.50 51.27 58.37
N LYS LA 31 -41.43 50.42 59.40
CA LYS LA 31 -42.00 50.79 60.68
C LYS LA 31 -41.28 51.97 61.31
N VAL LA 32 -39.95 52.04 61.13
CA VAL LA 32 -39.16 53.18 61.62
C VAL LA 32 -39.64 54.48 60.97
N LEU LA 33 -39.76 54.49 59.64
CA LEU LA 33 -40.19 55.70 58.93
C LEU LA 33 -41.63 56.08 59.27
N GLU LA 34 -42.52 55.10 59.45
CA GLU LA 34 -43.90 55.42 59.81
C GLU LA 34 -43.99 56.02 61.21
N GLN LA 35 -43.19 55.50 62.16
CA GLN LA 35 -43.21 56.08 63.49
C GLN LA 35 -42.55 57.46 63.51
N LEU LA 36 -41.60 57.68 62.62
CA LEU LA 36 -40.91 58.97 62.60
C LEU LA 36 -41.77 60.06 61.98
N THR LA 37 -42.45 59.75 60.89
CA THR LA 37 -43.16 60.78 60.14
C THR LA 37 -44.65 60.82 60.48
N GLY LA 38 -45.24 59.66 60.72
CA GLY LA 38 -46.65 59.59 60.99
C GLY LA 38 -47.43 59.39 59.71
N GLN LA 39 -46.75 58.88 58.69
CA GLN LA 39 -47.35 58.62 57.40
C GLN LA 39 -46.67 57.39 56.82
N THR LA 40 -47.40 56.65 56.00
CA THR LA 40 -46.91 55.35 55.56
C THR LA 40 -45.89 55.54 54.43
N PRO LA 41 -44.75 54.86 54.48
CA PRO LA 41 -43.71 55.10 53.47
C PRO LA 41 -43.83 54.19 52.26
N VAL LA 42 -43.13 54.57 51.20
CA VAL LA 42 -43.10 53.82 49.95
C VAL LA 42 -41.84 52.99 49.84
N PHE LA 43 -42.00 51.73 49.47
CA PHE LA 43 -40.88 50.84 49.20
C PHE LA 43 -40.37 51.10 47.80
N SER LA 44 -39.06 51.27 47.69
CA SER LA 44 -38.42 51.58 46.42
C SER LA 44 -37.59 50.40 45.96
N LYS LA 45 -37.79 49.99 44.70
CA LYS LA 45 -37.19 48.75 44.24
C LYS LA 45 -36.02 49.01 43.30
N ALA LA 46 -35.21 47.98 43.12
CA ALA LA 46 -33.97 48.07 42.39
C ALA LA 46 -34.19 48.31 40.91
N ARG LA 47 -33.17 48.84 40.25
CA ARG LA 47 -33.25 49.07 38.81
C ARG LA 47 -32.69 47.91 38.02
N TYR LA 48 -31.70 47.21 38.57
CA TYR LA 48 -30.98 46.17 37.84
C TYR LA 48 -30.22 45.29 38.84
N THR LA 49 -29.97 44.06 38.43
CA THR LA 49 -29.38 43.07 39.32
C THR LA 49 -27.89 43.30 39.48
N VAL LA 50 -27.45 43.54 40.71
CA VAL LA 50 -26.03 43.62 41.02
C VAL LA 50 -25.71 42.44 41.92
N ARG LA 51 -24.87 41.54 41.45
CA ARG LA 51 -24.53 40.37 42.23
C ARG LA 51 -23.46 40.66 43.27
N SER LA 52 -22.77 41.79 43.14
CA SER LA 52 -21.83 42.23 44.16
C SER LA 52 -22.55 42.65 45.44
N PHE LA 53 -23.61 43.45 45.30
CA PHE LA 53 -24.32 43.91 46.49
C PHE LA 53 -25.37 42.91 46.95
N GLY LA 54 -25.70 41.93 46.10
CA GLY LA 54 -26.69 40.94 46.47
C GLY LA 54 -28.11 41.39 46.24
N ILE LA 55 -28.32 42.24 45.24
CA ILE LA 55 -29.63 42.74 44.89
C ILE LA 55 -29.98 42.25 43.50
N ARG LA 56 -31.26 42.02 43.27
CA ARG LA 56 -31.75 41.60 41.97
C ARG LA 56 -32.70 42.66 41.44
N ARG LA 57 -33.01 42.59 40.16
CA ARG LA 57 -33.87 43.59 39.54
C ARG LA 57 -35.29 43.43 40.05
N ASN LA 58 -35.96 44.58 40.24
CA ASN LA 58 -37.34 44.68 40.72
C ASN LA 58 -37.50 44.07 42.11
N GLU LA 59 -36.43 44.09 42.89
CA GLU LA 59 -36.43 43.68 44.27
C GLU LA 59 -36.40 44.92 45.14
N LYS LA 60 -37.24 44.95 46.18
CA LYS LA 60 -37.38 46.11 47.04
C LYS LA 60 -36.12 46.27 47.90
N ILE LA 61 -35.29 47.25 47.57
CA ILE LA 61 -34.09 47.55 48.32
C ILE LA 61 -34.43 48.45 49.50
N ALA LA 62 -35.05 49.59 49.21
CA ALA LA 62 -35.14 50.68 50.15
C ALA LA 62 -36.58 51.09 50.40
N VAL LA 63 -36.73 51.94 51.40
CA VAL LA 63 -38.01 52.50 51.81
C VAL LA 63 -37.80 53.99 52.00
N HIS LA 64 -38.76 54.79 51.55
CA HIS LA 64 -38.56 56.23 51.63
C HIS LA 64 -39.88 56.94 51.82
N CYS LA 65 -39.78 58.24 52.06
CA CYS LA 65 -40.90 59.01 52.60
C CYS LA 65 -40.57 60.49 52.46
N THR LA 66 -41.45 61.26 51.83
CA THR LA 66 -41.28 62.71 51.77
C THR LA 66 -42.29 63.40 52.69
N VAL LA 67 -41.84 64.45 53.37
CA VAL LA 67 -42.64 65.19 54.32
C VAL LA 67 -42.68 66.65 53.87
N ARG LA 68 -43.86 67.27 53.91
CA ARG LA 68 -43.98 68.69 53.62
C ARG LA 68 -44.38 69.43 54.89
N GLY LA 69 -44.04 70.71 54.96
CA GLY LA 69 -44.66 71.60 55.91
C GLY LA 69 -44.05 71.68 57.29
N ALA LA 70 -44.89 71.96 58.29
CA ALA LA 70 -44.42 72.16 59.65
C ALA LA 70 -43.91 70.87 60.26
N LYS LA 71 -44.47 69.73 59.85
CA LYS LA 71 -43.93 68.45 60.26
C LYS LA 71 -42.52 68.24 59.72
N ALA LA 72 -42.27 68.71 58.50
CA ALA LA 72 -40.93 68.64 57.94
C ALA LA 72 -39.97 69.55 58.69
N GLU LA 73 -40.45 70.74 59.08
CA GLU LA 73 -39.66 71.66 59.90
C GLU LA 73 -39.30 71.03 61.24
N GLU LA 74 -40.23 70.30 61.84
CA GLU LA 74 -40.02 69.72 63.16
C GLU LA 74 -39.03 68.55 63.09
N ILE LA 75 -39.15 67.70 62.07
CA ILE LA 75 -38.22 66.60 61.92
C ILE LA 75 -36.84 67.12 61.54
N LEU LA 76 -36.77 68.22 60.80
CA LEU LA 76 -35.46 68.77 60.45
C LEU LA 76 -34.82 69.47 61.63
N GLU LA 77 -35.62 70.02 62.55
CA GLU LA 77 -35.10 70.49 63.82
C GLU LA 77 -34.50 69.36 64.64
N LYS LA 78 -35.19 68.21 64.69
CA LYS LA 78 -34.66 67.03 65.37
C LYS LA 78 -33.35 66.57 64.76
N GLY LA 79 -33.30 66.49 63.43
CA GLY LA 79 -32.10 65.98 62.76
C GLY LA 79 -30.92 66.91 62.88
N LEU LA 80 -31.16 68.22 62.83
CA LEU LA 80 -30.06 69.16 63.06
C LEU LA 80 -29.64 69.19 64.52
N LYS LA 81 -30.55 68.86 65.45
CA LYS LA 81 -30.11 68.70 66.83
C LYS LA 81 -29.18 67.51 66.98
N VAL LA 82 -29.43 66.44 66.24
CA VAL LA 82 -28.58 65.25 66.32
C VAL LA 82 -27.17 65.54 65.81
N ARG LA 83 -27.04 66.26 64.70
CA ARG LA 83 -25.73 66.61 64.15
C ARG LA 83 -25.17 67.89 64.74
N GLU LA 84 -25.60 68.26 65.95
CA GLU LA 84 -25.24 69.43 66.75
C GLU LA 84 -25.18 70.73 65.96
N TYR LA 85 -26.11 70.88 65.02
CA TYR LA 85 -26.39 72.11 64.27
C TYR LA 85 -25.17 72.57 63.47
N GLU LA 86 -24.44 71.60 62.93
CA GLU LA 86 -23.34 71.96 62.07
C GLU LA 86 -23.34 71.03 60.86
N LEU LA 87 -23.16 71.63 59.70
CA LEU LA 87 -23.02 70.92 58.45
C LEU LA 87 -21.71 71.34 57.83
N ARG LA 88 -21.26 70.60 56.84
CA ARG LA 88 -20.06 70.98 56.11
C ARG LA 88 -20.42 71.85 54.92
N LYS LA 89 -19.40 72.45 54.32
CA LYS LA 89 -19.59 73.21 53.09
C LYS LA 89 -20.06 72.33 51.95
N ASN LA 90 -19.60 71.08 51.92
CA ASN LA 90 -19.86 70.25 50.76
C ASN LA 90 -21.22 69.57 50.80
N ASN LA 91 -22.02 69.79 51.85
CA ASN LA 91 -23.34 69.21 51.90
C ASN LA 91 -24.29 69.89 50.93
N PHE LA 92 -24.01 71.14 50.60
CA PHE LA 92 -24.95 71.97 49.87
C PHE LA 92 -24.74 71.78 48.38
N SER LA 93 -25.81 71.45 47.67
CA SER LA 93 -25.71 71.24 46.25
C SER LA 93 -25.74 72.58 45.53
N ASP LA 94 -25.44 72.53 44.23
CA ASP LA 94 -25.38 73.74 43.43
C ASP LA 94 -26.77 74.32 43.17
N THR LA 95 -27.81 73.52 43.37
CA THR LA 95 -29.18 73.96 43.14
C THR LA 95 -29.85 74.45 44.41
N GLY LA 96 -29.14 74.56 45.52
CA GLY LA 96 -29.67 75.13 46.73
C GLY LA 96 -30.18 74.16 47.76
N ASN LA 97 -29.94 72.86 47.60
CA ASN LA 97 -30.45 71.87 48.53
C ASN LA 97 -29.31 71.32 49.37
N PHE LA 98 -29.65 70.83 50.55
CA PHE LA 98 -28.65 70.14 51.34
C PHE LA 98 -29.25 68.86 51.89
N GLY LA 99 -28.43 68.13 52.60
CA GLY LA 99 -28.85 66.90 53.24
C GLY LA 99 -27.72 66.37 54.07
N PHE LA 100 -28.07 65.44 54.94
CA PHE LA 100 -27.10 64.80 55.81
C PHE LA 100 -27.62 63.42 56.15
N GLY LA 101 -26.91 62.75 57.02
CA GLY LA 101 -27.30 61.41 57.39
C GLY LA 101 -27.00 61.19 58.85
N ILE LA 102 -27.83 60.37 59.50
CA ILE LA 102 -27.57 60.02 60.88
C ILE LA 102 -27.13 58.57 60.95
N GLN LA 103 -26.31 58.25 61.96
CA GLN LA 103 -25.87 56.87 62.13
C GLN LA 103 -27.01 55.97 62.57
N GLU LA 104 -27.92 56.47 63.40
CA GLU LA 104 -29.02 55.65 63.88
C GLU LA 104 -30.17 56.52 64.35
N HIS LA 105 -31.38 55.98 64.20
CA HIS LA 105 -32.62 56.73 64.38
C HIS LA 105 -32.99 56.89 65.83
N ILE LA 106 -32.26 56.26 66.74
CA ILE LA 106 -32.59 56.29 68.17
C ILE LA 106 -32.21 57.64 68.77
N ASP LA 107 -31.51 58.47 68.00
CA ASP LA 107 -31.21 59.84 68.41
C ASP LA 107 -32.38 60.77 68.17
N LEU LA 108 -33.34 60.36 67.34
CA LEU LA 108 -34.37 61.29 66.88
C LEU LA 108 -35.51 61.42 67.89
N GLY LA 109 -35.39 60.76 69.04
CA GLY LA 109 -36.43 60.83 70.04
C GLY LA 109 -37.23 59.55 70.05
N ILE LA 110 -36.92 58.68 69.09
CA ILE LA 110 -37.69 57.46 68.91
C ILE LA 110 -37.23 56.43 69.92
N LYS LA 111 -38.17 55.86 70.66
CA LYS LA 111 -37.84 54.80 71.60
C LYS LA 111 -37.43 53.54 70.84
N TYR LA 112 -36.51 52.80 71.45
CA TYR LA 112 -36.05 51.54 70.87
C TYR LA 112 -37.14 50.50 71.01
N ASP LA 113 -37.32 49.67 69.99
CA ASP LA 113 -38.22 48.53 70.07
C ASP LA 113 -37.40 47.29 69.79
N PRO LA 114 -37.37 46.29 70.68
CA PRO LA 114 -36.52 45.11 70.46
C PRO LA 114 -36.87 44.30 69.24
N SER LA 115 -38.12 44.36 68.78
CA SER LA 115 -38.47 43.70 67.53
C SER LA 115 -37.91 44.45 66.34
N ILE LA 116 -38.04 45.77 66.34
CA ILE LA 116 -37.71 46.57 65.17
C ILE LA 116 -36.20 46.69 65.00
N GLY LA 117 -35.52 47.21 66.01
CA GLY LA 117 -34.08 47.32 65.95
C GLY LA 117 -33.62 48.70 65.58
N ILE LA 118 -32.35 48.83 65.22
CA ILE LA 118 -31.69 50.11 64.98
C ILE LA 118 -31.43 50.29 63.48
N TYR LA 119 -31.92 51.41 62.95
CA TYR LA 119 -31.75 51.74 61.55
C TYR LA 119 -31.17 53.14 61.43
N GLY LA 120 -30.22 53.32 60.52
CA GLY LA 120 -29.78 54.64 60.17
C GLY LA 120 -30.54 55.16 58.98
N LEU LA 121 -30.55 56.47 58.80
CA LEU LA 121 -31.28 57.07 57.70
C LEU LA 121 -30.61 58.33 57.20
N ASP LA 122 -31.35 59.12 56.47
CA ASP LA 122 -30.78 60.00 55.47
C ASP LA 122 -31.72 61.17 55.20
N PHE LA 123 -31.41 62.33 55.78
CA PHE LA 123 -32.23 63.49 55.45
C PHE LA 123 -31.76 64.08 54.13
N TYR LA 124 -32.66 64.78 53.45
CA TYR LA 124 -32.26 65.63 52.35
C TYR LA 124 -33.30 66.74 52.24
N VAL LA 125 -32.87 67.99 52.29
CA VAL LA 125 -33.78 69.12 52.38
C VAL LA 125 -33.83 69.82 51.03
N VAL LA 126 -35.04 69.96 50.49
CA VAL LA 126 -35.24 70.64 49.21
C VAL LA 126 -35.73 72.04 49.56
N LEU LA 127 -34.84 73.00 49.43
CA LEU LA 127 -35.23 74.37 49.75
C LEU LA 127 -35.97 75.00 48.58
N GLY LA 128 -37.01 75.73 48.89
CA GLY LA 128 -37.83 76.31 47.88
C GLY LA 128 -38.10 77.76 48.15
N ARG LA 129 -39.09 78.27 47.45
CA ARG LA 129 -39.42 79.69 47.40
C ARG LA 129 -40.82 79.79 46.81
N PRO LA 130 -41.59 80.83 47.14
CA PRO LA 130 -42.95 80.95 46.59
C PRO LA 130 -42.98 81.07 45.08
N GLY LA 131 -43.57 80.07 44.43
CA GLY LA 131 -43.68 80.08 42.99
C GLY LA 131 -42.80 79.08 42.28
N PHE LA 132 -42.18 78.16 43.02
CA PHE LA 132 -41.45 77.07 42.39
C PHE LA 132 -42.36 76.00 41.84
N SER LA 133 -43.63 76.01 42.24
CA SER LA 133 -44.58 75.01 41.79
C SER LA 133 -45.14 75.30 40.41
N ILE LA 134 -44.67 76.36 39.76
CA ILE LA 134 -44.89 76.55 38.35
C ILE LA 134 -44.23 75.43 37.55
N ALA LA 135 -43.11 74.92 38.05
CA ALA LA 135 -42.33 73.97 37.27
C ALA LA 135 -42.97 72.59 37.25
N ASP LA 136 -43.82 72.27 38.22
CA ASP LA 136 -44.30 70.90 38.27
C ASP LA 136 -45.82 70.78 38.21
N LYS LA 137 -46.53 71.81 37.77
CA LYS LA 137 -47.95 71.71 37.53
C LYS LA 137 -48.22 71.25 36.11
N LYS LA 138 -49.49 71.37 35.70
CA LYS LA 138 -49.91 70.83 34.41
C LYS LA 138 -50.25 71.89 33.39
N ARG LA 139 -50.99 72.92 33.79
CA ARG LA 139 -51.74 73.72 32.82
C ARG LA 139 -50.84 74.71 32.09
N ARG LA 140 -49.94 75.39 32.79
CA ARG LA 140 -49.04 76.33 32.10
C ARG LA 140 -47.66 76.24 32.73
N THR LA 141 -46.87 75.26 32.32
CA THR LA 141 -45.62 75.05 33.04
C THR LA 141 -44.58 76.06 32.58
N GLY LA 142 -43.50 76.14 33.34
CA GLY LA 142 -42.45 77.08 33.01
C GLY LA 142 -41.23 76.91 33.89
N CYS LA 143 -40.08 77.34 33.40
CA CYS LA 143 -38.88 77.40 34.22
C CYS LA 143 -38.92 78.69 35.04
N ILE LA 144 -38.26 78.70 36.20
CA ILE LA 144 -38.59 79.71 37.20
C ILE LA 144 -37.68 80.92 37.20
N GLY LA 145 -36.84 81.11 36.20
CA GLY LA 145 -36.09 82.35 36.11
C GLY LA 145 -34.85 82.36 36.99
N ALA LA 146 -33.87 83.16 36.56
CA ALA LA 146 -32.55 83.13 37.18
C ALA LA 146 -32.51 83.91 38.49
N LYS LA 147 -33.38 84.92 38.63
CA LYS LA 147 -33.41 85.70 39.86
C LYS LA 147 -34.04 84.92 41.01
N HIS LA 148 -34.80 83.89 40.69
CA HIS LA 148 -35.64 83.24 41.67
C HIS LA 148 -35.03 81.92 42.10
N ARG LA 149 -34.01 81.45 41.39
CA ARG LA 149 -33.30 80.25 41.77
C ARG LA 149 -32.55 80.46 43.08
N ILE LA 150 -32.28 79.36 43.76
CA ILE LA 150 -31.53 79.37 45.00
C ILE LA 150 -30.12 78.85 44.71
N SER LA 151 -29.12 79.56 45.19
CA SER LA 151 -27.74 79.16 45.00
C SER LA 151 -27.27 78.34 46.19
N LYS LA 152 -26.02 77.90 46.12
CA LYS LA 152 -25.39 77.25 47.27
C LYS LA 152 -25.18 78.24 48.41
N GLU LA 153 -24.79 79.47 48.08
CA GLU LA 153 -24.51 80.47 49.11
C GLU LA 153 -25.77 80.93 49.80
N GLU LA 154 -26.85 81.08 49.04
CA GLU LA 154 -28.10 81.57 49.61
C GLU LA 154 -28.77 80.50 50.45
N ALA LA 155 -28.46 79.22 50.18
CA ALA LA 155 -28.96 78.16 51.05
C ALA LA 155 -28.11 78.05 52.31
N MET LA 156 -26.80 78.25 52.18
CA MET LA 156 -25.92 78.22 53.34
C MET LA 156 -26.22 79.32 54.32
N ARG LA 157 -26.42 80.55 53.83
CA ARG LA 157 -26.71 81.63 54.78
C ARG LA 157 -28.15 81.58 55.27
N TRP LA 158 -29.04 80.92 54.53
CA TRP LA 158 -30.35 80.57 55.07
C TRP LA 158 -30.23 79.67 56.29
N PHE LA 159 -29.49 78.56 56.13
CA PHE LA 159 -29.23 77.63 57.22
C PHE LA 159 -28.55 78.31 58.39
N GLN LA 160 -27.63 79.21 58.11
CA GLN LA 160 -26.84 79.83 59.16
C GLN LA 160 -27.64 80.90 59.89
N GLN LA 161 -28.59 81.52 59.22
CA GLN LA 161 -29.42 82.54 59.86
C GLN LA 161 -30.66 81.94 60.50
N LYS LA 162 -31.02 80.72 60.10
CA LYS LA 162 -32.25 80.11 60.59
C LYS LA 162 -32.02 79.36 61.89
N TYR LA 163 -31.13 78.37 61.88
CA TYR LA 163 -30.90 77.48 63.00
C TYR LA 163 -29.69 77.90 63.82
N ASP LA 164 -29.13 79.08 63.53
CA ASP LA 164 -27.85 79.57 64.06
C ASP LA 164 -26.73 78.56 63.81
N GLY LA 165 -26.81 77.85 62.69
CA GLY LA 165 -25.94 76.73 62.45
C GLY LA 165 -24.64 77.10 61.80
N ILE LA 166 -23.53 76.62 62.35
CA ILE LA 166 -22.23 76.91 61.78
C ILE LA 166 -21.96 75.95 60.63
N ILE LA 167 -21.16 76.41 59.68
CA ILE LA 167 -20.78 75.61 58.53
C ILE LA 167 -19.26 75.54 58.49
N LEU LA 168 -18.72 74.34 58.53
CA LEU LA 168 -17.30 74.13 58.67
C LEU LA 168 -16.72 73.52 57.41
N PRO LA 169 -15.55 73.98 56.98
CA PRO LA 169 -15.00 73.49 55.71
C PRO LA 169 -14.37 72.11 55.85
N GLY LA 170 -14.46 71.35 54.77
CA GLY LA 170 -13.88 70.02 54.75
C GLY LA 170 -14.23 69.22 53.50
N ALA NA 1 -50.54 22.35 -27.57
CA ALA NA 1 -50.56 23.56 -26.77
C ALA NA 1 -51.67 24.47 -27.23
N PRO NA 2 -52.44 25.04 -26.30
CA PRO NA 2 -53.57 25.89 -26.70
C PRO NA 2 -53.15 27.33 -26.91
N SER NA 3 -53.53 27.89 -28.04
CA SER NA 3 -53.40 29.31 -28.30
C SER NA 3 -54.71 29.96 -27.90
N ARG NA 4 -54.80 31.28 -28.07
CA ARG NA 4 -55.37 32.25 -27.11
C ARG NA 4 -56.68 31.74 -26.51
N ASN NA 5 -57.78 31.76 -27.22
CA ASN NA 5 -59.08 31.48 -26.62
C ASN NA 5 -59.80 30.48 -27.49
N GLY NA 6 -60.04 29.29 -26.96
CA GLY NA 6 -60.75 28.28 -27.70
C GLY NA 6 -61.43 27.33 -26.76
N MET NA 7 -62.21 26.43 -27.34
CA MET NA 7 -62.86 25.41 -26.54
C MET NA 7 -61.83 24.43 -26.01
N ILE NA 8 -61.90 24.18 -24.72
CA ILE NA 8 -61.25 23.03 -24.18
C ILE NA 8 -62.00 21.79 -24.66
N LEU NA 9 -61.33 20.97 -25.47
CA LEU NA 9 -62.06 19.98 -26.25
C LEU NA 9 -61.27 18.68 -26.34
N LYS NA 10 -62.01 17.58 -26.41
CA LYS NA 10 -61.48 16.23 -26.18
C LYS NA 10 -61.78 15.35 -27.38
N PRO NA 11 -60.87 15.25 -28.34
CA PRO NA 11 -61.06 14.29 -29.43
C PRO NA 11 -60.87 12.87 -28.95
N HIS NA 12 -61.80 11.99 -29.34
CA HIS NA 12 -61.74 10.60 -28.95
C HIS NA 12 -61.06 9.76 -30.03
N PHE NA 13 -59.85 10.17 -30.39
CA PHE NA 13 -59.10 9.48 -31.43
C PHE NA 13 -57.75 9.02 -30.90
N HIS NA 14 -57.69 8.69 -29.62
CA HIS NA 14 -56.47 8.20 -29.01
C HIS NA 14 -56.30 6.71 -29.18
N LYS NA 15 -57.29 6.02 -29.74
CA LYS NA 15 -57.10 4.63 -30.11
C LYS NA 15 -56.73 4.53 -31.59
N ASP NA 16 -56.63 3.29 -32.06
CA ASP NA 16 -56.37 3.02 -33.48
C ASP NA 16 -57.69 2.98 -34.21
N TRP NA 17 -58.25 4.16 -34.45
CA TRP NA 17 -59.61 4.24 -34.98
C TRP NA 17 -59.67 3.94 -36.46
N GLN NA 18 -58.55 3.99 -37.18
CA GLN NA 18 -58.61 3.85 -38.63
C GLN NA 18 -58.80 2.41 -39.07
N ARG NA 19 -58.54 1.45 -38.18
CA ARG NA 19 -58.85 0.07 -38.52
C ARG NA 19 -60.36 -0.15 -38.48
N ARG NA 20 -61.06 0.59 -37.63
CA ARG NA 20 -62.50 0.47 -37.48
C ARG NA 20 -63.16 1.76 -37.96
N VAL NA 21 -63.35 1.85 -39.27
CA VAL NA 21 -64.02 2.99 -39.89
C VAL NA 21 -65.10 2.42 -40.78
N ALA NA 22 -66.36 2.71 -40.47
CA ALA NA 22 -67.47 2.29 -41.32
C ALA NA 22 -67.69 3.39 -42.34
N THR NA 23 -67.40 3.10 -43.60
CA THR NA 23 -67.81 3.99 -44.65
C THR NA 23 -69.16 3.54 -45.21
N TRP NA 24 -69.84 4.46 -45.85
CA TRP NA 24 -71.24 4.27 -46.21
C TRP NA 24 -71.45 4.27 -47.71
N PHE NA 25 -70.48 3.75 -48.47
CA PHE NA 25 -70.70 3.62 -49.91
C PHE NA 25 -71.64 2.47 -50.25
N ASN NA 26 -71.91 1.60 -49.28
CA ASN NA 26 -72.98 0.61 -49.35
C ASN NA 26 -74.35 1.23 -49.53
N GLN NA 27 -74.54 2.49 -49.14
CA GLN NA 27 -75.85 3.04 -48.80
C GLN NA 27 -76.89 3.06 -49.91
N PRO NA 28 -76.63 3.58 -51.13
CA PRO NA 28 -77.70 3.48 -52.14
C PRO NA 28 -77.90 2.05 -52.62
N ALA NA 29 -76.87 1.21 -52.48
CA ALA NA 29 -77.02 -0.20 -52.78
C ALA NA 29 -77.86 -0.91 -51.72
N ARG NA 30 -77.74 -0.53 -50.44
CA ARG NA 30 -78.64 -1.09 -49.43
C ARG NA 30 -80.05 -0.59 -49.59
N LYS NA 31 -80.22 0.65 -50.04
CA LYS NA 31 -81.56 1.15 -50.29
C LYS NA 31 -82.23 0.40 -51.43
N ILE NA 32 -81.48 0.13 -52.50
CA ILE NA 32 -81.96 -0.70 -53.60
C ILE NA 32 -82.27 -2.11 -53.14
N ARG NA 33 -81.40 -2.69 -52.30
CA ARG NA 33 -81.54 -4.08 -51.88
C ARG NA 33 -82.74 -4.25 -50.97
N ARG NA 34 -82.90 -3.35 -50.00
CA ARG NA 34 -84.06 -3.35 -49.11
C ARG NA 34 -85.34 -3.13 -49.88
N ARG NA 35 -85.33 -2.24 -50.87
CA ARG NA 35 -86.52 -1.96 -51.65
C ARG NA 35 -86.94 -3.17 -52.48
N LYS NA 36 -85.98 -3.89 -53.05
CA LYS NA 36 -86.31 -5.09 -53.81
C LYS NA 36 -86.78 -6.23 -52.91
N ALA NA 37 -86.20 -6.36 -51.72
CA ALA NA 37 -86.68 -7.37 -50.77
C ALA NA 37 -88.08 -7.03 -50.29
N ARG NA 38 -88.37 -5.74 -50.15
CA ARG NA 38 -89.67 -5.27 -49.71
C ARG NA 38 -90.73 -5.57 -50.75
N GLN NA 39 -90.38 -5.39 -52.03
CA GLN NA 39 -91.31 -5.69 -53.09
C GLN NA 39 -91.46 -7.19 -53.33
N ALA NA 40 -90.41 -7.96 -53.03
CA ALA NA 40 -90.54 -9.41 -53.13
C ALA NA 40 -91.46 -9.96 -52.04
N ARG NA 41 -91.34 -9.42 -50.82
CA ARG NA 41 -92.27 -9.76 -49.76
C ARG NA 41 -93.70 -9.35 -50.12
N ALA NA 42 -93.86 -8.20 -50.77
CA ALA NA 42 -95.19 -7.75 -51.14
C ALA NA 42 -95.80 -8.61 -52.24
N ARG NA 43 -95.01 -9.00 -53.24
CA ARG NA 43 -95.52 -9.86 -54.29
C ARG NA 43 -95.77 -11.27 -53.80
N ARG NA 44 -95.09 -11.69 -52.73
CA ARG NA 44 -95.29 -13.04 -52.20
C ARG NA 44 -96.67 -13.18 -51.58
N ILE NA 45 -96.94 -12.41 -50.53
CA ILE NA 45 -98.26 -12.38 -49.90
C ILE NA 45 -99.19 -11.52 -50.75
N ALA NA 46 -100.05 -12.17 -51.54
CA ALA NA 46 -100.54 -11.48 -52.73
C ALA NA 46 -101.69 -10.52 -52.44
N PRO NA 47 -102.78 -10.89 -51.69
CA PRO NA 47 -103.73 -9.83 -51.34
C PRO NA 47 -103.42 -9.17 -50.01
N ARG NA 48 -102.59 -9.83 -49.19
CA ARG NA 48 -102.31 -9.45 -47.82
C ARG NA 48 -101.55 -8.14 -47.78
N PRO NA 49 -101.75 -7.32 -46.72
CA PRO NA 49 -101.16 -5.98 -46.70
C PRO NA 49 -99.63 -6.00 -46.66
N ALA NA 50 -99.05 -5.04 -47.39
CA ALA NA 50 -97.61 -5.06 -47.62
C ALA NA 50 -96.85 -4.66 -46.36
N ALA NA 51 -97.47 -3.88 -45.48
CA ALA NA 51 -96.86 -3.54 -44.21
C ALA NA 51 -96.77 -4.76 -43.32
N GLY NA 52 -97.91 -5.35 -42.99
CA GLY NA 52 -97.95 -6.51 -42.15
C GLY NA 52 -99.26 -6.57 -41.39
N PRO NA 53 -99.22 -7.03 -40.15
CA PRO NA 53 -100.43 -7.06 -39.34
C PRO NA 53 -100.75 -5.71 -38.73
N ILE NA 54 -101.99 -5.56 -38.27
CA ILE NA 54 -102.33 -4.37 -37.52
C ILE NA 54 -101.61 -4.37 -36.19
N ARG NA 55 -101.26 -3.19 -35.73
CA ARG NA 55 -100.58 -3.01 -34.49
C ARG NA 55 -101.38 -2.02 -33.66
N PRO NA 56 -101.37 -2.13 -32.34
CA PRO NA 56 -102.32 -1.36 -31.53
C PRO NA 56 -101.89 0.09 -31.30
N ILE NA 57 -102.90 0.89 -30.99
CA ILE NA 57 -102.71 2.21 -30.40
C ILE NA 57 -102.10 2.04 -29.02
N VAL NA 58 -101.05 2.79 -28.74
CA VAL NA 58 -100.19 2.60 -27.59
C VAL NA 58 -99.68 3.96 -27.14
N ARG NA 59 -99.77 4.24 -25.84
CA ARG NA 59 -99.15 5.44 -25.30
C ARG NA 59 -97.65 5.27 -25.20
N CYS NA 60 -96.95 6.34 -25.34
CA CYS NA 60 -95.54 6.26 -25.08
C CYS NA 60 -95.28 6.37 -23.59
N PRO NA 61 -94.29 5.67 -23.06
CA PRO NA 61 -93.90 5.89 -21.67
C PRO NA 61 -93.20 7.23 -21.52
N THR NA 62 -92.86 7.57 -20.26
CA THR NA 62 -92.07 8.74 -19.88
C THR NA 62 -92.80 10.06 -20.14
N VAL NA 63 -93.06 10.79 -19.05
CA VAL NA 63 -93.73 12.11 -19.02
C VAL NA 63 -93.33 13.05 -20.17
N ARG NA 64 -92.15 12.87 -20.78
CA ARG NA 64 -91.83 13.57 -22.02
C ARG NA 64 -92.80 13.22 -23.15
N TYR NA 65 -93.22 11.96 -23.23
CA TYR NA 65 -93.91 11.51 -24.43
C TYR NA 65 -95.31 10.96 -24.22
N HIS NA 66 -95.88 11.01 -23.01
CA HIS NA 66 -97.17 10.35 -22.83
C HIS NA 66 -98.34 11.05 -23.50
N THR NA 67 -98.12 12.23 -24.07
CA THR NA 67 -99.13 12.84 -24.93
C THR NA 67 -99.18 12.13 -26.27
N LYS NA 68 -98.06 11.56 -26.69
CA LYS NA 68 -97.94 10.99 -28.02
C LYS NA 68 -98.43 9.55 -28.04
N VAL NA 69 -98.81 9.11 -29.23
CA VAL NA 69 -99.38 7.80 -29.47
C VAL NA 69 -98.60 7.10 -30.57
N ARG NA 70 -98.18 5.86 -30.32
CA ARG NA 70 -97.40 5.05 -31.24
C ARG NA 70 -98.25 3.93 -31.80
N ALA NA 71 -97.56 3.07 -32.54
CA ALA NA 71 -98.04 1.74 -32.86
C ALA NA 71 -97.36 0.76 -31.90
N GLY NA 72 -98.13 -0.18 -31.39
CA GLY NA 72 -97.61 -1.10 -30.41
C GLY NA 72 -96.95 -2.31 -31.02
N ARG NA 73 -96.45 -3.18 -30.14
CA ARG NA 73 -95.91 -4.48 -30.53
C ARG NA 73 -97.02 -5.41 -30.99
N GLY NA 74 -98.04 -5.57 -30.17
CA GLY NA 74 -99.15 -6.44 -30.49
C GLY NA 74 -100.32 -6.17 -29.59
N PHE NA 75 -101.45 -6.77 -29.93
CA PHE NA 75 -102.65 -6.57 -29.14
C PHE NA 75 -102.61 -7.42 -27.89
N SER NA 76 -103.11 -6.86 -26.80
CA SER NA 76 -103.13 -7.51 -25.52
C SER NA 76 -104.08 -8.70 -25.54
N LEU NA 77 -103.85 -9.64 -24.62
CA LEU NA 77 -104.71 -10.81 -24.58
C LEU NA 77 -106.08 -10.48 -24.01
N GLU NA 78 -106.17 -9.42 -23.20
CA GLU NA 78 -107.47 -8.96 -22.76
C GLU NA 78 -108.24 -8.32 -23.90
N GLU NA 79 -107.55 -7.62 -24.80
CA GLU NA 79 -108.20 -7.02 -25.95
C GLU NA 79 -108.74 -8.08 -26.91
N LEU NA 80 -107.99 -9.18 -27.07
CA LEU NA 80 -108.47 -10.28 -27.88
C LEU NA 80 -109.57 -11.05 -27.18
N ARG NA 81 -109.51 -11.13 -25.86
CA ARG NA 81 -110.51 -11.84 -25.08
C ARG NA 81 -111.84 -11.09 -25.08
N VAL NA 82 -111.78 -9.76 -25.13
CA VAL NA 82 -113.00 -8.96 -25.18
C VAL NA 82 -113.53 -8.87 -26.61
N ALA NA 83 -112.64 -8.71 -27.60
CA ALA NA 83 -113.11 -8.58 -28.97
C ALA NA 83 -113.59 -9.91 -29.54
N GLY NA 84 -113.21 -11.03 -28.96
CA GLY NA 84 -113.71 -12.31 -29.40
C GLY NA 84 -112.86 -12.92 -30.50
N ILE NA 85 -111.56 -12.70 -30.43
CA ILE NA 85 -110.62 -13.28 -31.38
C ILE NA 85 -109.68 -14.18 -30.59
N HIS NA 86 -109.58 -15.44 -31.01
CA HIS NA 86 -108.69 -16.38 -30.34
C HIS NA 86 -107.25 -16.02 -30.68
N LYS NA 87 -106.38 -16.10 -29.67
CA LYS NA 87 -105.03 -15.54 -29.80
C LYS NA 87 -104.16 -16.35 -30.74
N LYS NA 88 -104.56 -17.59 -31.05
CA LYS NA 88 -103.85 -18.35 -32.05
C LYS NA 88 -104.44 -18.12 -33.43
N VAL NA 89 -105.70 -17.70 -33.49
CA VAL NA 89 -106.34 -17.41 -34.77
C VAL NA 89 -106.00 -16.00 -35.21
N ALA NA 90 -105.65 -15.14 -34.25
CA ALA NA 90 -105.28 -13.76 -34.54
C ALA NA 90 -104.02 -13.67 -35.38
N ARG NA 91 -103.07 -14.58 -35.16
CA ARG NA 91 -101.85 -14.59 -35.95
C ARG NA 91 -102.16 -15.03 -37.38
N THR NA 92 -103.22 -15.82 -37.57
CA THR NA 92 -103.58 -16.34 -38.88
C THR NA 92 -104.26 -15.31 -39.76
N ILE NA 93 -105.04 -14.40 -39.18
CA ILE NA 93 -105.74 -13.40 -39.96
C ILE NA 93 -105.07 -12.03 -39.83
N GLY NA 94 -103.77 -12.00 -39.53
CA GLY NA 94 -103.02 -10.77 -39.59
C GLY NA 94 -103.27 -9.78 -38.48
N ILE NA 95 -103.41 -10.28 -37.26
CA ILE NA 95 -103.52 -9.46 -36.08
C ILE NA 95 -102.28 -9.70 -35.25
N SER NA 96 -101.65 -8.62 -34.79
CA SER NA 96 -100.50 -8.78 -33.93
C SER NA 96 -100.94 -9.16 -32.53
N VAL NA 97 -100.20 -10.06 -31.89
CA VAL NA 97 -100.42 -10.44 -30.51
C VAL NA 97 -99.11 -10.21 -29.78
N ASP NA 98 -99.16 -9.63 -28.58
CA ASP NA 98 -98.12 -10.01 -27.64
C ASP NA 98 -98.70 -10.29 -26.28
N PRO NA 99 -98.30 -11.39 -25.65
CA PRO NA 99 -98.82 -11.73 -24.34
C PRO NA 99 -98.12 -11.03 -23.19
N ARG NA 100 -97.27 -10.04 -23.47
CA ARG NA 100 -96.63 -9.29 -22.40
C ARG NA 100 -97.43 -8.06 -22.01
N ARG NA 101 -98.20 -7.49 -22.93
CA ARG NA 101 -98.94 -6.27 -22.62
C ARG NA 101 -100.02 -6.47 -21.58
N ARG NA 102 -99.93 -5.66 -20.54
CA ARG NA 102 -100.94 -5.51 -19.52
C ARG NA 102 -102.02 -4.56 -20.04
N ASN NA 103 -103.08 -4.38 -19.25
CA ASN NA 103 -104.01 -3.28 -19.47
C ASN NA 103 -104.29 -2.71 -18.09
N LYS NA 104 -103.97 -1.43 -17.92
CA LYS NA 104 -104.27 -0.75 -16.67
C LYS NA 104 -105.48 0.16 -16.82
N SER NA 105 -105.48 0.95 -17.88
CA SER NA 105 -106.61 1.82 -18.18
C SER NA 105 -107.72 1.04 -18.87
N THR NA 106 -108.94 1.55 -18.77
CA THR NA 106 -110.04 1.00 -19.53
C THR NA 106 -110.20 1.75 -20.84
N GLU NA 107 -109.66 2.97 -20.92
CA GLU NA 107 -109.73 3.76 -22.13
C GLU NA 107 -108.90 3.16 -23.26
N SER NA 108 -107.65 2.80 -22.97
CA SER NA 108 -106.79 2.20 -23.99
C SER NA 108 -107.27 0.80 -24.36
N LEU NA 109 -107.76 0.06 -23.36
CA LEU NA 109 -108.37 -1.25 -23.59
C LEU NA 109 -109.53 -1.16 -24.57
N GLN NA 110 -110.47 -0.24 -24.32
CA GLN NA 110 -111.64 -0.16 -25.17
C GLN NA 110 -111.30 0.44 -26.52
N ALA NA 111 -110.29 1.31 -26.58
CA ALA NA 111 -109.80 1.81 -27.86
C ALA NA 111 -109.25 0.70 -28.73
N ASN NA 112 -108.47 -0.21 -28.17
CA ASN NA 112 -107.91 -1.27 -29.00
C ASN NA 112 -108.92 -2.37 -29.29
N VAL NA 113 -109.86 -2.61 -28.37
CA VAL NA 113 -110.99 -3.51 -28.66
C VAL NA 113 -111.79 -2.97 -29.84
N GLN NA 114 -112.07 -1.67 -29.84
CA GLN NA 114 -112.82 -1.07 -30.93
C GLN NA 114 -112.01 -1.05 -32.22
N ARG NA 115 -110.68 -0.97 -32.11
CA ARG NA 115 -109.84 -1.02 -33.31
C ARG NA 115 -109.85 -2.42 -33.92
N LEU NA 116 -109.85 -3.45 -33.09
CA LEU NA 116 -110.04 -4.81 -33.59
C LEU NA 116 -111.44 -5.01 -34.17
N LYS NA 117 -112.44 -4.33 -33.62
CA LYS NA 117 -113.77 -4.38 -34.21
C LYS NA 117 -113.81 -3.73 -35.59
N GLU NA 118 -113.06 -2.64 -35.76
CA GLU NA 118 -112.98 -1.99 -37.07
C GLU NA 118 -112.23 -2.85 -38.07
N TYR NA 119 -111.14 -3.47 -37.64
CA TYR NA 119 -110.34 -4.30 -38.53
C TYR NA 119 -111.07 -5.55 -38.97
N ARG NA 120 -111.77 -6.21 -38.04
CA ARG NA 120 -112.48 -7.43 -38.38
C ARG NA 120 -113.63 -7.16 -39.33
N SER NA 121 -114.16 -5.94 -39.33
CA SER NA 121 -115.14 -5.56 -40.33
C SER NA 121 -114.48 -5.18 -41.66
N LYS NA 122 -113.30 -4.56 -41.61
CA LYS NA 122 -112.60 -4.21 -42.85
C LYS NA 122 -111.96 -5.41 -43.53
N LEU NA 123 -111.82 -6.53 -42.84
CA LEU NA 123 -111.05 -7.66 -43.37
C LEU NA 123 -111.85 -8.35 -44.47
N VAL NA 124 -111.15 -8.91 -45.46
CA VAL NA 124 -111.75 -9.73 -46.50
C VAL NA 124 -111.03 -11.07 -46.42
N LEU NA 125 -111.71 -12.09 -45.91
CA LEU NA 125 -111.07 -13.40 -45.74
C LEU NA 125 -111.37 -14.26 -46.96
N PHE NA 126 -110.34 -14.79 -47.61
CA PHE NA 126 -110.57 -15.63 -48.77
C PHE NA 126 -110.83 -17.04 -48.28
N PRO NA 127 -111.65 -17.81 -49.00
CA PRO NA 127 -111.91 -19.19 -48.59
C PRO NA 127 -110.69 -20.08 -48.74
N ARG NA 128 -110.69 -21.16 -47.96
CA ARG NA 128 -109.60 -22.13 -48.02
C ARG NA 128 -109.57 -22.85 -49.35
N LYS NA 129 -110.73 -23.30 -49.83
CA LYS NA 129 -110.88 -23.71 -51.22
C LYS NA 129 -111.96 -22.86 -51.87
N PRO NA 130 -111.77 -22.39 -53.09
CA PRO NA 130 -112.82 -21.58 -53.75
C PRO NA 130 -114.09 -22.34 -54.07
N SER NA 131 -114.01 -23.65 -54.31
CA SER NA 131 -115.20 -24.40 -54.67
C SER NA 131 -116.11 -24.63 -53.46
N ALA NA 132 -115.53 -24.62 -52.25
CA ALA NA 132 -116.29 -24.83 -51.03
C ALA NA 132 -116.11 -23.65 -50.08
N PRO NA 133 -116.84 -22.55 -50.28
CA PRO NA 133 -116.80 -21.46 -49.30
C PRO NA 133 -117.48 -21.84 -48.01
N LYS NA 134 -116.97 -21.30 -46.91
CA LYS NA 134 -117.40 -21.66 -45.57
C LYS NA 134 -118.25 -20.55 -44.98
N LYS NA 135 -118.58 -20.70 -43.70
CA LYS NA 135 -119.44 -19.72 -43.04
C LYS NA 135 -118.67 -18.43 -42.75
N GLY NA 136 -117.49 -18.56 -42.16
CA GLY NA 136 -116.73 -17.39 -41.76
C GLY NA 136 -115.82 -16.84 -42.84
N ASP NA 137 -116.31 -16.79 -44.08
CA ASP NA 137 -115.56 -16.22 -45.19
C ASP NA 137 -116.46 -15.21 -45.89
N SER NA 138 -115.84 -14.19 -46.47
CA SER NA 138 -116.61 -13.12 -47.09
C SER NA 138 -117.09 -13.53 -48.47
N SER NA 139 -118.03 -12.74 -48.98
CA SER NA 139 -118.81 -13.04 -50.17
C SER NA 139 -117.94 -13.00 -51.43
N ALA NA 140 -118.43 -13.66 -52.48
CA ALA NA 140 -117.67 -13.77 -53.72
C ALA NA 140 -117.63 -12.44 -54.48
N GLU NA 141 -118.53 -11.52 -54.18
CA GLU NA 141 -118.43 -10.19 -54.78
C GLU NA 141 -117.25 -9.43 -54.21
N GLU NA 142 -116.96 -9.61 -52.93
CA GLU NA 142 -115.91 -8.83 -52.28
C GLU NA 142 -114.52 -9.36 -52.61
N LEU NA 143 -114.43 -10.60 -53.08
CA LEU NA 143 -113.12 -11.23 -53.28
C LEU NA 143 -112.43 -10.68 -54.51
N LYS NA 144 -113.19 -10.07 -55.42
CA LYS NA 144 -112.62 -9.61 -56.67
C LYS NA 144 -112.04 -8.20 -56.52
N LEU NA 145 -112.54 -7.43 -55.57
CA LEU NA 145 -112.08 -6.08 -55.34
C LEU NA 145 -110.87 -6.02 -54.42
N ALA NA 146 -110.43 -7.17 -53.89
CA ALA NA 146 -109.41 -7.18 -52.86
C ALA NA 146 -108.03 -6.94 -53.47
N THR NA 147 -107.27 -6.07 -52.82
CA THR NA 147 -105.96 -5.67 -53.29
C THR NA 147 -105.13 -5.28 -52.07
N GLN NA 148 -103.83 -5.12 -52.27
CA GLN NA 148 -102.94 -4.81 -51.17
C GLN NA 148 -103.14 -3.41 -50.65
N LEU NA 149 -102.87 -3.23 -49.37
CA LEU NA 149 -102.98 -1.94 -48.71
C LEU NA 149 -101.57 -1.37 -48.66
N THR NA 150 -101.36 -0.26 -49.36
CA THR NA 150 -100.07 0.40 -49.35
C THR NA 150 -99.95 1.27 -48.10
N GLY NA 151 -98.90 1.05 -47.33
CA GLY NA 151 -98.69 1.76 -46.09
C GLY NA 151 -99.13 0.96 -44.89
N PRO NA 152 -99.04 1.55 -43.70
CA PRO NA 152 -99.46 0.84 -42.48
C PRO NA 152 -100.97 0.65 -42.45
N VAL NA 153 -101.41 -0.45 -41.85
CA VAL NA 153 -102.81 -0.82 -41.96
C VAL NA 153 -103.60 -0.18 -40.81
N MET NA 154 -104.58 0.64 -41.18
CA MET NA 154 -105.29 1.61 -40.35
C MET NA 154 -104.28 2.49 -39.63
N PRO NA 155 -103.70 3.47 -40.31
CA PRO NA 155 -102.58 4.23 -39.74
C PRO NA 155 -103.00 5.08 -38.56
N ILE NA 156 -102.16 5.07 -37.53
CA ILE NA 156 -102.46 5.73 -36.26
C ILE NA 156 -102.13 7.21 -36.38
N ARG NA 157 -103.14 8.04 -36.25
CA ARG NA 157 -102.97 9.48 -36.22
C ARG NA 157 -103.18 9.95 -34.79
N ASN NA 158 -102.45 10.99 -34.40
CA ASN NA 158 -102.52 11.51 -33.06
C ASN NA 158 -103.60 12.58 -33.01
N VAL NA 159 -104.68 12.34 -32.27
CA VAL NA 159 -105.85 13.19 -32.37
C VAL NA 159 -105.84 14.25 -31.28
N PHE NA 160 -106.28 15.46 -31.64
CA PHE NA 160 -106.43 16.56 -30.70
C PHE NA 160 -107.88 16.99 -30.70
N LYS NA 161 -108.53 16.89 -29.54
CA LYS NA 161 -109.96 17.18 -29.49
C LYS NA 161 -110.21 18.68 -29.55
N LYS NA 162 -111.30 19.04 -30.20
CA LYS NA 162 -111.58 20.43 -30.52
C LYS NA 162 -112.51 21.02 -29.47
N GLU NA 163 -111.98 21.91 -28.66
CA GLU NA 163 -112.74 22.62 -27.65
C GLU NA 163 -113.29 23.89 -28.28
N LYS NA 164 -114.33 24.45 -27.66
CA LYS NA 164 -114.84 25.72 -28.14
C LYS NA 164 -114.65 26.78 -27.06
N ALA NA 165 -114.81 28.04 -27.47
CA ALA NA 165 -114.55 29.18 -26.61
C ALA NA 165 -115.62 29.27 -25.53
N ARG NA 166 -115.18 29.34 -24.28
CA ARG NA 166 -116.09 29.37 -23.13
C ARG NA 166 -116.07 30.73 -22.47
N VAL NA 167 -117.18 31.08 -21.86
CA VAL NA 167 -117.24 32.22 -20.95
C VAL NA 167 -116.64 31.77 -19.63
N ILE NA 168 -115.69 32.53 -19.12
CA ILE NA 168 -114.93 32.12 -17.94
C ILE NA 168 -115.78 32.37 -16.70
N THR NA 169 -115.92 31.33 -15.88
CA THR NA 169 -116.69 31.35 -14.65
C THR NA 169 -115.93 32.08 -13.55
N GLU NA 170 -116.54 32.15 -12.37
CA GLU NA 170 -115.85 32.79 -11.26
C GLU NA 170 -115.05 31.79 -10.44
N GLU NA 171 -115.40 30.52 -10.50
CA GLU NA 171 -114.59 29.48 -9.88
C GLU NA 171 -113.24 29.38 -10.58
N GLU NA 172 -113.22 29.55 -11.90
CA GLU NA 172 -111.98 29.42 -12.65
C GLU NA 172 -111.20 30.73 -12.65
N LYS NA 173 -111.92 31.84 -12.50
CA LYS NA 173 -111.25 33.14 -12.40
C LYS NA 173 -110.59 33.28 -11.05
N ASN NA 174 -111.25 32.79 -10.00
CA ASN NA 174 -110.83 33.02 -8.63
C ASN NA 174 -109.87 31.93 -8.17
N PHE NA 175 -109.64 30.94 -9.02
CA PHE NA 175 -108.65 29.89 -8.76
C PHE NA 175 -107.25 30.45 -8.82
N LYS NA 176 -106.38 29.96 -7.94
CA LYS NA 176 -105.00 30.40 -7.83
C LYS NA 176 -104.10 29.26 -8.26
N ALA NA 177 -103.50 29.36 -9.44
CA ALA NA 177 -102.79 28.23 -10.03
C ALA NA 177 -101.42 28.02 -9.42
N PHE NA 178 -100.64 29.09 -9.31
CA PHE NA 178 -99.27 28.97 -8.83
C PHE NA 178 -99.23 28.59 -7.35
N ALA NA 179 -100.10 29.19 -6.55
CA ALA NA 179 -100.21 28.84 -5.14
C ALA NA 179 -100.65 27.39 -4.96
N SER NA 180 -101.49 26.89 -5.87
CA SER NA 180 -101.92 25.49 -5.81
C SER NA 180 -100.76 24.55 -6.11
N LEU NA 181 -99.95 24.88 -7.11
CA LEU NA 181 -98.77 24.08 -7.41
C LEU NA 181 -97.77 24.07 -6.27
N ARG NA 182 -97.56 25.24 -5.64
CA ARG NA 182 -96.62 25.29 -4.52
C ARG NA 182 -97.13 24.53 -3.30
N MET NA 183 -98.43 24.61 -3.01
CA MET NA 183 -99.00 23.86 -1.90
C MET NA 183 -98.92 22.36 -2.15
N ALA NA 184 -99.09 21.91 -3.40
CA ALA NA 184 -98.95 20.49 -3.67
C ALA NA 184 -97.52 20.00 -3.56
N ARG NA 185 -96.55 20.79 -4.04
CA ARG NA 185 -95.13 20.50 -3.79
C ARG NA 185 -94.86 20.30 -2.30
N ALA NA 186 -95.31 21.25 -1.48
CA ALA NA 186 -95.02 21.19 -0.05
C ALA NA 186 -95.72 20.04 0.64
N ASN NA 187 -96.96 19.75 0.26
CA ASN NA 187 -97.68 18.68 0.93
C ASN NA 187 -97.13 17.32 0.56
N ALA NA 188 -96.71 17.15 -0.70
CA ALA NA 188 -96.02 15.91 -1.07
C ALA NA 188 -94.68 15.78 -0.38
N ARG NA 189 -93.98 16.89 -0.17
CA ARG NA 189 -92.66 16.85 0.46
C ARG NA 189 -92.77 16.60 1.95
N LEU NA 190 -93.88 16.99 2.56
CA LEU NA 190 -94.01 16.99 4.02
C LEU NA 190 -94.98 15.95 4.56
N PHE NA 191 -95.66 15.19 3.69
CA PHE NA 191 -96.71 14.27 4.12
C PHE NA 191 -96.20 13.23 5.13
N GLY NA 192 -95.01 12.70 4.91
CA GLY NA 192 -94.47 11.68 5.79
C GLY NA 192 -94.12 12.21 7.16
N ILE NA 193 -93.61 13.43 7.23
CA ILE NA 193 -93.22 13.97 8.53
C ILE NA 193 -94.45 14.43 9.30
N ARG NA 194 -95.45 14.96 8.59
CA ARG NA 194 -96.74 15.23 9.22
C ARG NA 194 -97.37 13.97 9.79
N ALA NA 195 -97.29 12.84 9.07
CA ALA NA 195 -97.87 11.60 9.56
C ALA NA 195 -97.09 11.04 10.75
N LYS NA 196 -95.76 11.13 10.69
CA LYS NA 196 -94.90 10.69 11.79
C LYS NA 196 -95.15 11.51 13.05
N ARG NA 197 -95.25 12.83 12.93
CA ARG NA 197 -95.51 13.67 14.10
C ARG NA 197 -96.93 13.50 14.60
N ALA NA 198 -97.86 13.15 13.72
CA ALA NA 198 -99.23 12.88 14.17
C ALA NA 198 -99.28 11.63 15.01
N LYS NA 199 -98.62 10.54 14.57
CA LYS NA 199 -98.56 9.32 15.38
C LYS NA 199 -97.82 9.54 16.68
N GLU NA 200 -96.73 10.32 16.65
CA GLU NA 200 -95.98 10.63 17.86
C GLU NA 200 -96.78 11.50 18.82
N ALA NA 201 -97.58 12.43 18.31
CA ALA NA 201 -98.36 13.30 19.19
C ALA NA 201 -99.56 12.56 19.77
N ALA NA 202 -100.11 11.61 19.01
CA ALA NA 202 -101.13 10.73 19.56
C ALA NA 202 -100.55 9.87 20.67
N GLU NA 203 -99.31 9.41 20.49
CA GLU NA 203 -98.61 8.68 21.55
C GLU NA 203 -98.39 9.56 22.78
N GLN NA 204 -98.04 10.84 22.57
CA GLN NA 204 -97.89 11.79 23.69
C GLN NA 204 -99.20 12.02 24.42
N ASP NA 205 -100.31 12.12 23.69
CA ASP NA 205 -101.57 12.43 24.34
C ASP NA 205 -102.16 11.22 25.05
N VAL NA 206 -101.95 10.02 24.49
CA VAL NA 206 -102.34 8.80 25.19
C VAL NA 206 -101.47 8.60 26.44
N GLU NA 207 -100.18 8.99 26.36
CA GLU NA 207 -99.34 8.97 27.54
C GLU NA 207 -99.77 10.02 28.57
N LYS NA 208 -100.35 11.14 28.12
CA LYS NA 208 -100.75 12.19 29.03
C LYS NA 208 -102.08 11.87 29.71
N LYS NA 209 -102.98 11.19 29.01
CA LYS NA 209 -104.31 10.92 29.57
C LYS NA 209 -104.26 9.82 30.63
N LYS NA 210 -103.44 8.80 30.42
CA LYS NA 210 -103.25 7.78 31.44
C LYS NA 210 -102.44 8.35 32.62
N VAL OA 1 26.87 86.33 -55.82
CA VAL OA 1 27.12 87.76 -55.87
C VAL OA 1 25.92 88.53 -56.44
N PHE OA 2 25.15 89.12 -55.52
CA PHE OA 2 23.83 89.63 -55.84
C PHE OA 2 23.91 91.08 -56.31
N ARG OA 3 22.98 91.46 -57.19
CA ARG OA 3 22.98 92.79 -57.80
C ARG OA 3 21.70 93.56 -57.54
N ARG OA 4 20.55 92.89 -57.64
CA ARG OA 4 19.29 93.52 -57.29
C ARG OA 4 18.96 93.24 -55.84
N PHE OA 5 18.61 94.29 -55.12
CA PHE OA 5 18.38 94.24 -53.68
C PHE OA 5 17.03 94.82 -53.37
N VAL OA 6 16.31 94.21 -52.42
CA VAL OA 6 15.06 94.80 -51.98
C VAL OA 6 15.42 96.03 -51.16
N GLU OA 7 15.34 97.18 -51.79
CA GLU OA 7 15.74 98.46 -51.22
C GLU OA 7 14.49 99.32 -51.18
N VAL OA 8 14.49 100.33 -50.32
CA VAL OA 8 13.39 101.28 -50.32
C VAL OA 8 13.47 102.12 -51.60
N GLY OA 9 12.56 101.87 -52.51
CA GLY OA 9 12.60 102.65 -53.73
C GLY OA 9 12.88 101.83 -54.96
N ARG OA 10 13.12 100.53 -54.81
CA ARG OA 10 13.43 99.75 -55.98
C ARG OA 10 12.17 99.44 -56.77
N VAL OA 11 12.20 99.77 -58.04
CA VAL OA 11 11.14 99.41 -58.97
C VAL OA 11 11.17 97.91 -59.19
N ALA OA 12 10.00 97.29 -59.18
CA ALA OA 12 9.90 95.86 -59.33
C ALA OA 12 8.78 95.55 -60.31
N TYR OA 13 9.06 94.64 -61.22
CA TYR OA 13 8.06 94.21 -62.18
C TYR OA 13 7.14 93.18 -61.55
N VAL OA 14 5.85 93.47 -61.52
CA VAL OA 14 4.89 92.55 -60.90
C VAL OA 14 4.52 91.49 -61.93
N SER OA 15 4.91 90.24 -61.66
CA SER OA 15 4.83 89.21 -62.68
C SER OA 15 3.45 88.59 -62.78
N PHE OA 16 2.82 88.31 -61.64
CA PHE OA 16 1.48 87.77 -61.62
C PHE OA 16 0.67 88.47 -60.55
N GLY OA 17 -0.56 88.02 -60.37
CA GLY OA 17 -1.45 88.62 -59.42
C GLY OA 17 -2.52 89.42 -60.13
N PRO OA 18 -3.23 90.27 -59.40
CA PRO OA 18 -4.13 91.21 -60.08
C PRO OA 18 -3.40 92.24 -60.91
N HIS OA 19 -2.32 92.81 -60.38
CA HIS OA 19 -1.61 93.88 -61.08
C HIS OA 19 -0.45 93.35 -61.90
N ALA OA 20 -0.72 92.34 -62.71
CA ALA OA 20 0.31 91.70 -63.50
C ALA OA 20 0.75 92.60 -64.64
N GLY OA 21 2.06 92.64 -64.88
CA GLY OA 21 2.58 93.43 -65.96
C GLY OA 21 2.61 94.91 -65.69
N LYS OA 22 2.63 95.29 -64.41
CA LYS OA 22 2.72 96.68 -64.03
C LYS OA 22 3.95 96.87 -63.18
N LEU OA 23 4.57 98.03 -63.28
CA LEU OA 23 5.70 98.37 -62.42
C LEU OA 23 5.22 98.92 -61.11
N VAL OA 24 6.03 98.75 -60.08
CA VAL OA 24 5.68 99.24 -58.76
C VAL OA 24 6.96 99.47 -57.99
N ALA OA 25 6.91 100.38 -57.03
CA ALA OA 25 8.10 100.71 -56.24
C ALA OA 25 7.90 100.32 -54.78
N ILE OA 26 8.97 99.82 -54.17
CA ILE OA 26 8.92 99.27 -52.83
C ILE OA 26 9.04 100.41 -51.84
N VAL OA 27 7.95 100.74 -51.16
CA VAL OA 27 7.99 101.81 -50.18
C VAL OA 27 8.60 101.34 -48.86
N ASP OA 28 8.10 100.23 -48.34
CA ASP OA 28 8.55 99.81 -47.03
C ASP OA 28 8.44 98.30 -46.95
N VAL OA 29 9.42 97.69 -46.30
CA VAL OA 29 9.45 96.24 -46.13
C VAL OA 29 8.70 95.91 -44.85
N ILE OA 30 7.56 95.26 -45.00
CA ILE OA 30 6.72 94.87 -43.87
C ILE OA 30 7.37 93.74 -43.10
N ASP OA 31 7.72 92.68 -43.81
CA ASP OA 31 7.97 91.41 -43.17
C ASP OA 31 9.03 90.70 -44.01
N GLN OA 32 9.21 89.41 -43.75
CA GLN OA 32 10.21 88.62 -44.45
C GLN OA 32 9.82 88.43 -45.91
N ASN OA 33 8.53 88.33 -46.19
CA ASN OA 33 8.06 87.92 -47.50
C ASN OA 33 6.86 88.73 -47.94
N ARG OA 34 6.76 89.95 -47.44
CA ARG OA 34 5.65 90.82 -47.79
C ARG OA 34 6.12 92.26 -47.61
N ALA OA 35 5.76 93.12 -48.56
CA ALA OA 35 6.25 94.48 -48.58
C ALA OA 35 5.16 95.46 -48.96
N LEU OA 36 5.26 96.67 -48.43
CA LEU OA 36 4.36 97.78 -48.75
C LEU OA 36 4.87 98.46 -50.01
N VAL OA 37 3.95 98.86 -50.89
CA VAL OA 37 4.16 98.90 -52.33
C VAL OA 37 3.24 99.93 -52.97
N ASP OA 38 3.76 100.68 -53.95
CA ASP OA 38 3.07 101.85 -54.45
C ASP OA 38 3.57 102.19 -55.84
N GLY OA 39 2.68 102.15 -56.82
CA GLY OA 39 2.99 102.70 -58.11
C GLY OA 39 1.97 103.72 -58.53
N PRO OA 40 2.32 105.00 -58.46
CA PRO OA 40 1.30 106.03 -58.75
C PRO OA 40 1.24 106.39 -60.22
N CYS OA 41 2.29 106.13 -60.97
CA CYS OA 41 2.27 106.47 -62.39
C CYS OA 41 2.05 105.23 -63.24
N THR OA 42 1.93 104.06 -62.61
CA THR OA 42 1.61 102.82 -63.30
C THR OA 42 0.29 102.22 -62.86
N ARG OA 43 -0.54 102.99 -62.13
CA ARG OA 43 -1.90 102.63 -61.74
C ARG OA 43 -1.94 101.38 -60.86
N VAL OA 44 -1.08 101.36 -59.84
CA VAL OA 44 -1.12 100.34 -58.80
C VAL OA 44 -1.28 101.07 -57.49
N ARG OA 45 -2.44 100.90 -56.87
CA ARG OA 45 -2.81 101.60 -55.64
C ARG OA 45 -1.89 101.17 -54.51
N ARG OA 46 -1.68 102.07 -53.54
CA ARG OA 46 -0.81 101.80 -52.39
C ARG OA 46 -1.33 100.63 -51.58
N GLN OA 47 -0.51 99.59 -51.43
CA GLN OA 47 -0.95 98.34 -50.83
C GLN OA 47 0.26 97.50 -50.45
N ALA OA 48 -0.02 96.38 -49.80
CA ALA OA 48 1.00 95.40 -49.47
C ALA OA 48 1.08 94.35 -50.56
N MET OA 49 2.26 93.80 -50.76
CA MET OA 49 2.41 92.85 -51.84
C MET OA 49 3.53 91.88 -51.50
N PRO OA 50 3.36 90.59 -51.75
CA PRO OA 50 4.43 89.63 -51.46
C PRO OA 50 5.62 89.82 -52.38
N PHE OA 51 6.76 89.26 -51.96
CA PHE OA 51 7.91 89.32 -52.84
C PHE OA 51 7.88 88.25 -53.90
N LYS OA 52 6.93 87.32 -53.84
CA LYS OA 52 6.91 86.22 -54.78
C LYS OA 52 6.38 86.66 -56.13
N CYS OA 53 5.57 87.71 -56.16
CA CYS OA 53 4.99 88.14 -57.42
C CYS OA 53 5.87 89.16 -58.13
N MET OA 54 6.54 90.01 -57.36
CA MET OA 54 7.37 91.03 -57.97
C MET OA 54 8.75 90.50 -58.31
N GLN OA 55 9.17 90.79 -59.54
CA GLN OA 55 10.51 90.52 -60.07
C GLN OA 55 11.25 91.83 -60.04
N LEU OA 56 12.26 91.96 -59.18
CA LEU OA 56 12.78 93.28 -58.91
C LEU OA 56 13.79 93.71 -59.98
N THR OA 57 13.62 94.94 -60.46
CA THR OA 57 14.30 95.47 -61.63
C THR OA 57 15.54 96.27 -61.22
N ASP OA 58 16.26 96.80 -62.20
CA ASP OA 58 17.47 97.55 -61.91
C ASP OA 58 17.23 99.06 -61.85
N PHE OA 59 16.20 99.49 -61.14
CA PHE OA 59 15.88 100.90 -61.04
C PHE OA 59 15.57 101.23 -59.60
N ILE OA 60 16.41 102.06 -58.98
CA ILE OA 60 16.14 102.52 -57.63
C ILE OA 60 15.96 104.03 -57.64
N LEU OA 61 14.76 104.49 -57.33
CA LEU OA 61 14.52 105.92 -57.19
C LEU OA 61 14.47 106.26 -55.70
N LYS OA 62 14.64 107.54 -55.38
CA LYS OA 62 14.98 107.91 -54.01
C LYS OA 62 13.85 108.67 -53.32
N PHE OA 63 13.36 108.10 -52.23
CA PHE OA 63 12.36 108.70 -51.35
C PHE OA 63 12.49 108.02 -49.99
N PRO OA 64 12.03 108.67 -48.91
CA PRO OA 64 12.18 108.08 -47.58
C PRO OA 64 11.32 106.84 -47.38
N HIS OA 65 11.57 106.15 -46.27
CA HIS OA 65 11.09 104.77 -46.19
C HIS OA 65 9.60 104.67 -45.92
N SER OA 66 8.93 105.77 -45.63
CA SER OA 66 7.49 105.76 -45.45
C SER OA 66 6.80 106.94 -46.11
N ALA OA 67 7.41 107.52 -47.14
CA ALA OA 67 6.89 108.75 -47.73
C ALA OA 67 5.59 108.47 -48.48
N ARG OA 68 4.73 109.47 -48.54
CA ARG OA 68 3.44 109.22 -49.12
C ARG OA 68 3.49 109.32 -50.64
N GLN OA 69 2.34 109.08 -51.27
CA GLN OA 69 2.26 108.78 -52.70
C GLN OA 69 2.69 109.95 -53.57
N LYS OA 70 2.56 111.16 -53.06
CA LYS OA 70 2.98 112.36 -53.78
C LYS OA 70 4.49 112.36 -54.02
N TYR OA 71 5.25 111.87 -53.03
CA TYR OA 71 6.69 111.92 -53.13
C TYR OA 71 7.25 110.76 -53.95
N VAL OA 72 6.60 109.60 -53.88
CA VAL OA 72 6.87 108.51 -54.80
C VAL OA 72 6.58 108.93 -56.22
N ARG OA 73 5.50 109.70 -56.43
CA ARG OA 73 5.15 110.18 -57.76
C ARG OA 73 6.17 111.17 -58.30
N LYS OA 74 6.62 112.09 -57.44
CA LYS OA 74 7.62 113.05 -57.87
C LYS OA 74 8.95 112.38 -58.18
N ALA OA 75 9.32 111.36 -57.41
CA ALA OA 75 10.55 110.64 -57.72
C ALA OA 75 10.41 109.77 -58.95
N TRP OA 76 9.21 109.23 -59.21
CA TRP OA 76 8.98 108.44 -60.41
C TRP OA 76 9.08 109.30 -61.66
N GLU OA 77 8.51 110.50 -61.60
CA GLU OA 77 8.57 111.40 -62.76
C GLU OA 77 9.95 112.02 -62.92
N LYS OA 78 10.64 112.31 -61.82
CA LYS OA 78 11.98 112.89 -61.89
C LYS OA 78 12.97 111.87 -62.42
N ALA OA 79 12.86 110.61 -61.99
CA ALA OA 79 13.77 109.59 -62.48
C ALA OA 79 13.38 109.15 -63.90
N ASP OA 80 12.14 109.42 -64.29
CA ASP OA 80 11.53 109.09 -65.58
C ASP OA 80 11.57 107.59 -65.83
N ILE OA 81 10.87 106.82 -65.01
CA ILE OA 81 10.94 105.36 -65.07
C ILE OA 81 10.17 104.83 -66.25
N ASN OA 82 9.05 105.46 -66.63
CA ASN OA 82 8.17 104.85 -67.63
C ASN OA 82 8.72 104.95 -69.04
N THR OA 83 9.75 105.78 -69.24
CA THR OA 83 10.45 105.77 -70.52
C THR OA 83 11.65 104.84 -70.49
N LYS OA 84 12.38 104.81 -69.37
CA LYS OA 84 13.53 103.92 -69.27
C LYS OA 84 13.12 102.46 -69.19
N TRP OA 85 11.89 102.19 -68.76
CA TRP OA 85 11.37 100.83 -68.79
C TRP OA 85 11.05 100.42 -70.22
N ALA OA 86 10.46 101.32 -71.00
CA ALA OA 86 10.17 101.02 -72.39
C ALA OA 86 11.42 100.94 -73.24
N ALA OA 87 12.52 101.55 -72.77
CA ALA OA 87 13.78 101.44 -73.50
C ALA OA 87 14.49 100.12 -73.20
N THR OA 88 14.10 99.44 -72.13
CA THR OA 88 14.80 98.24 -71.67
C THR OA 88 14.52 97.08 -72.63
N ARG OA 89 15.52 96.21 -72.81
CA ARG OA 89 15.31 94.98 -73.55
C ARG OA 89 14.37 94.02 -72.84
N TRP OA 90 14.18 94.17 -71.52
CA TRP OA 90 13.18 93.42 -70.77
C TRP OA 90 11.78 93.66 -71.34
N ALA OA 91 11.35 94.93 -71.29
CA ALA OA 91 9.99 95.27 -71.72
C ALA OA 91 9.84 95.22 -73.22
N LYS OA 92 10.93 95.31 -73.97
CA LYS OA 92 10.83 95.19 -75.42
C LYS OA 92 10.44 93.77 -75.83
N LYS OA 93 10.93 92.76 -75.12
CA LYS OA 93 10.43 91.43 -75.45
C LYS OA 93 9.19 91.05 -74.67
N ILE OA 94 8.84 91.78 -73.60
CA ILE OA 94 7.47 91.69 -73.09
C ILE OA 94 6.47 92.13 -74.16
N GLU OA 95 6.72 93.27 -74.81
CA GLU OA 95 5.78 93.75 -75.80
C GLU OA 95 5.91 92.99 -77.11
N ALA OA 96 7.06 92.37 -77.36
CA ALA OA 96 7.15 91.43 -78.48
C ALA OA 96 6.28 90.19 -78.25
N ARG OA 97 6.27 89.68 -77.02
CA ARG OA 97 5.43 88.54 -76.69
C ARG OA 97 3.96 88.91 -76.76
N GLU OA 98 3.63 90.16 -76.37
CA GLU OA 98 2.29 90.71 -76.58
C GLU OA 98 1.89 90.70 -78.05
N ARG OA 99 2.75 91.25 -78.92
CA ARG OA 99 2.46 91.33 -80.35
C ARG OA 99 2.34 89.96 -80.98
N LYS OA 100 3.09 88.99 -80.49
CA LYS OA 100 2.96 87.65 -81.05
C LYS OA 100 1.70 86.97 -80.57
N ALA OA 101 1.23 87.28 -79.36
CA ALA OA 101 -0.03 86.70 -78.91
C ALA OA 101 -1.24 87.34 -79.58
N LYS OA 102 -1.11 88.60 -80.02
CA LYS OA 102 -2.25 89.27 -80.65
C LYS OA 102 -2.34 89.01 -82.15
N MET OA 103 -1.43 88.22 -82.71
CA MET OA 103 -1.26 88.04 -84.15
C MET OA 103 -2.46 87.35 -84.79
N THR OA 104 -2.98 87.92 -85.86
CA THR OA 104 -4.16 87.38 -86.54
C THR OA 104 -3.72 86.27 -87.51
N ASP OA 105 -4.69 85.59 -88.11
CA ASP OA 105 -4.40 84.53 -89.09
C ASP OA 105 -3.70 85.08 -90.32
N PHE OA 106 -4.16 86.23 -90.83
CA PHE OA 106 -3.56 86.82 -92.01
C PHE OA 106 -2.17 87.38 -91.69
N ASP OA 107 -2.00 87.91 -90.48
CA ASP OA 107 -0.70 88.36 -90.03
C ASP OA 107 0.26 87.19 -89.90
N ARG OA 108 -0.25 86.06 -89.41
CA ARG OA 108 0.54 84.85 -89.28
C ARG OA 108 0.92 84.29 -90.64
N TYR OA 109 0.03 84.42 -91.63
CA TYR OA 109 0.36 84.09 -93.02
C TYR OA 109 1.51 84.94 -93.55
N LYS OA 110 1.44 86.24 -93.30
CA LYS OA 110 2.48 87.15 -93.79
C LYS OA 110 3.81 86.88 -93.10
N VAL OA 111 3.75 86.52 -91.82
CA VAL OA 111 4.91 86.06 -91.07
C VAL OA 111 5.52 84.81 -91.72
N MET OA 112 4.68 83.86 -92.12
CA MET OA 112 5.15 82.64 -92.78
C MET OA 112 5.87 82.94 -94.09
N LYS OA 113 5.23 83.76 -94.93
CA LYS OA 113 5.83 84.11 -96.22
C LYS OA 113 7.05 85.00 -96.08
N ALA OA 114 7.23 85.65 -94.94
CA ALA OA 114 8.42 86.46 -94.74
C ALA OA 114 9.57 85.63 -94.16
N LYS OA 115 9.27 84.77 -93.18
CA LYS OA 115 10.28 83.87 -92.63
C LYS OA 115 10.83 82.93 -93.68
N LYS OA 116 9.99 82.51 -94.62
CA LYS OA 116 10.43 81.60 -95.68
C LYS OA 116 11.57 82.19 -96.50
N MET OA 117 11.36 83.37 -97.09
CA MET OA 117 12.41 83.99 -97.89
C MET OA 117 13.56 84.51 -97.03
N ARG OA 118 13.26 85.00 -95.83
CA ARG OA 118 14.29 85.53 -94.94
C ARG OA 118 15.22 84.43 -94.45
N ASN OA 119 14.74 83.18 -94.44
CA ASN OA 119 15.62 82.08 -94.10
C ASN OA 119 16.33 81.52 -95.31
N ARG OA 120 15.69 81.60 -96.50
CA ARG OA 120 16.37 81.19 -97.73
C ARG OA 120 17.62 82.02 -97.99
N ILE OA 121 17.50 83.34 -97.83
CA ILE OA 121 18.62 84.22 -98.13
C ILE OA 121 19.75 84.03 -97.13
N ILE OA 122 19.42 83.88 -95.85
CA ILE OA 122 20.42 83.60 -94.82
C ILE OA 122 21.12 82.28 -95.07
N LYS OA 123 20.36 81.22 -95.38
CA LYS OA 123 20.95 79.89 -95.54
C LYS OA 123 21.87 79.84 -96.75
N ASN OA 124 21.52 80.56 -97.82
CA ASN OA 124 22.43 80.67 -98.96
C ASN OA 124 23.71 81.39 -98.59
N GLU OA 125 23.62 82.47 -97.80
CA GLU OA 125 24.83 83.21 -97.48
C GLU OA 125 25.68 82.47 -96.46
N VAL OA 126 25.05 81.70 -95.58
CA VAL OA 126 25.77 80.80 -94.69
C VAL OA 126 26.53 79.76 -95.49
N LYS OA 127 25.90 79.24 -96.56
CA LYS OA 127 26.58 78.25 -97.40
C LYS OA 127 27.76 78.87 -98.15
N LYS OA 128 27.63 80.13 -98.57
CA LYS OA 128 28.76 80.76 -99.26
C LYS OA 128 29.90 81.05 -98.28
N LEU OA 129 29.58 81.44 -97.04
CA LEU OA 129 30.62 81.56 -96.03
C LEU OA 129 31.28 80.22 -95.70
N GLN OA 130 30.50 79.13 -95.68
CA GLN OA 130 31.06 77.81 -95.38
C GLN OA 130 32.00 77.34 -96.48
N ARG OA 131 31.61 77.52 -97.75
CA ARG OA 131 32.50 77.11 -98.82
C ARG OA 131 33.71 78.03 -98.90
N ALA OA 132 33.59 79.31 -98.52
CA ALA OA 132 34.76 80.17 -98.51
C ALA OA 132 35.73 79.79 -97.39
N ALA OA 133 35.21 79.38 -96.24
CA ALA OA 133 36.08 78.95 -95.15
C ALA OA 133 36.76 77.63 -95.47
N LEU OA 134 36.03 76.70 -96.09
CA LEU OA 134 36.61 75.45 -96.58
C LEU OA 134 37.68 75.72 -97.63
N LEU OA 135 37.47 76.72 -98.49
CA LEU OA 135 38.44 77.06 -99.52
C LEU OA 135 39.68 77.71 -98.93
N LYS OA 136 39.51 78.47 -97.83
CA LYS OA 136 40.67 79.13 -97.21
C LYS OA 136 41.46 78.18 -96.34
N ALA OA 137 40.81 77.18 -95.74
CA ALA OA 137 41.51 76.29 -94.81
C ALA OA 137 42.51 75.40 -95.56
N SER OA 138 42.12 74.86 -96.70
CA SER OA 138 43.03 74.10 -97.54
C SER OA 138 43.95 75.04 -98.31
N GLY PA 1 -94.48 -37.67 -8.42
CA GLY PA 1 -93.51 -38.60 -8.95
C GLY PA 1 -92.27 -38.62 -8.10
N ALA PA 2 -91.36 -39.54 -8.41
CA ALA PA 2 -90.15 -39.68 -7.61
C ALA PA 2 -89.20 -38.52 -7.79
N TYR PA 3 -89.27 -37.82 -8.91
CA TYR PA 3 -88.23 -36.87 -9.24
C TYR PA 3 -88.29 -35.62 -8.37
N LYS PA 4 -89.47 -35.25 -7.88
CA LYS PA 4 -89.49 -34.10 -6.99
C LYS PA 4 -88.90 -34.45 -5.63
N TYR PA 5 -89.04 -35.71 -5.21
CA TYR PA 5 -88.36 -36.20 -4.01
C TYR PA 5 -86.85 -36.23 -4.19
N ILE PA 6 -86.37 -36.64 -5.36
CA ILE PA 6 -84.92 -36.69 -5.57
C ILE PA 6 -84.36 -35.27 -5.70
N GLN PA 7 -85.16 -34.35 -6.23
CA GLN PA 7 -84.74 -32.96 -6.35
C GLN PA 7 -84.56 -32.30 -4.99
N GLU PA 8 -85.59 -32.34 -4.16
CA GLU PA 8 -85.45 -31.77 -2.83
C GLU PA 8 -84.54 -32.59 -1.93
N LEU PA 9 -84.27 -33.86 -2.26
CA LEU PA 9 -83.27 -34.59 -1.50
C LEU PA 9 -81.85 -34.15 -1.87
N TRP PA 10 -81.64 -33.78 -3.13
CA TRP PA 10 -80.33 -33.28 -3.52
C TRP PA 10 -80.17 -31.79 -3.24
N ARG PA 11 -81.22 -31.12 -2.78
CA ARG PA 11 -80.98 -29.79 -2.23
C ARG PA 11 -80.49 -29.86 -0.79
N LYS PA 12 -80.62 -31.01 -0.15
CA LYS PA 12 -80.24 -31.14 1.26
C LYS PA 12 -78.84 -31.72 1.36
N LYS PA 13 -77.87 -31.01 0.78
CA LYS PA 13 -76.52 -31.57 0.68
C LYS PA 13 -75.78 -31.55 2.00
N GLN PA 14 -76.24 -30.76 2.96
CA GLN PA 14 -75.60 -30.71 4.26
C GLN PA 14 -76.06 -31.83 5.17
N SER PA 15 -77.07 -32.61 4.77
CA SER PA 15 -77.61 -33.62 5.66
C SER PA 15 -76.69 -34.83 5.73
N ASP PA 16 -76.99 -35.72 6.68
CA ASP PA 16 -76.14 -36.88 6.93
C ASP PA 16 -76.14 -37.88 5.79
N VAL PA 17 -77.32 -38.17 5.24
CA VAL PA 17 -77.44 -39.03 4.07
C VAL PA 17 -76.64 -38.47 2.91
N MET PA 18 -76.79 -37.18 2.64
CA MET PA 18 -76.21 -36.61 1.45
C MET PA 18 -74.73 -36.32 1.62
N ARG PA 19 -74.30 -35.98 2.84
CA ARG PA 19 -72.86 -35.89 3.08
C ARG PA 19 -72.20 -37.24 2.93
N PHE PA 20 -72.86 -38.30 3.41
CA PHE PA 20 -72.35 -39.65 3.23
C PHE PA 20 -72.23 -40.01 1.76
N LEU PA 21 -73.25 -39.69 0.97
CA LEU PA 21 -73.25 -40.09 -0.43
C LEU PA 21 -72.24 -39.28 -1.23
N LEU PA 22 -72.16 -37.98 -1.00
CA LEU PA 22 -71.18 -37.17 -1.70
C LEU PA 22 -69.75 -37.56 -1.34
N ARG PA 23 -69.52 -37.97 -0.09
CA ARG PA 23 -68.19 -38.37 0.32
C ARG PA 23 -67.78 -39.71 -0.29
N VAL PA 24 -68.67 -40.70 -0.28
CA VAL PA 24 -68.36 -42.00 -0.85
C VAL PA 24 -68.21 -41.91 -2.37
N ARG PA 25 -69.11 -41.19 -3.04
CA ARG PA 25 -69.00 -41.01 -4.48
C ARG PA 25 -67.77 -40.21 -4.86
N CYS PA 26 -67.37 -39.22 -4.05
CA CYS PA 26 -66.23 -38.41 -4.41
C CYS PA 26 -64.93 -39.19 -4.26
N TRP PA 27 -64.86 -40.06 -3.25
CA TRP PA 27 -63.80 -41.06 -3.18
C TRP PA 27 -63.74 -41.90 -4.45
N GLN PA 28 -64.87 -42.48 -4.83
CA GLN PA 28 -64.93 -43.41 -5.95
C GLN PA 28 -64.61 -42.73 -7.27
N TYR PA 29 -64.94 -41.44 -7.41
CA TYR PA 29 -64.68 -40.73 -8.65
C TYR PA 29 -63.24 -40.28 -8.70
N ARG PA 30 -62.64 -40.03 -7.54
CA ARG PA 30 -61.23 -39.68 -7.49
C ARG PA 30 -60.35 -40.88 -7.81
N GLN PA 31 -60.86 -42.09 -7.58
CA GLN PA 31 -60.05 -43.26 -7.92
C GLN PA 31 -59.96 -43.51 -9.42
N LEU PA 32 -60.88 -42.96 -10.20
CA LEU PA 32 -60.90 -43.19 -11.63
C LEU PA 32 -60.03 -42.18 -12.37
N SER PA 33 -60.20 -42.08 -13.68
CA SER PA 33 -59.35 -41.19 -14.45
C SER PA 33 -60.04 -39.85 -14.66
N ALA PA 34 -59.30 -38.92 -15.26
CA ALA PA 34 -59.74 -37.53 -15.35
C ALA PA 34 -60.89 -37.38 -16.34
N LEU PA 35 -61.06 -38.35 -17.22
CA LEU PA 35 -62.16 -38.37 -18.18
C LEU PA 35 -62.53 -39.82 -18.41
N HIS PA 36 -63.79 -40.15 -18.16
CA HIS PA 36 -64.26 -41.51 -18.38
C HIS PA 36 -65.77 -41.49 -18.49
N ARG PA 37 -66.29 -42.57 -19.04
CA ARG PA 37 -67.71 -42.63 -19.34
C ARG PA 37 -68.51 -43.25 -18.21
N ALA PA 38 -69.44 -42.50 -17.71
CA ALA PA 38 -70.49 -43.01 -16.88
C ALA PA 38 -71.46 -43.80 -17.73
N PRO PA 39 -71.85 -45.00 -17.34
CA PRO PA 39 -72.78 -45.78 -18.17
C PRO PA 39 -74.20 -45.28 -18.10
N ARG PA 40 -74.50 -44.42 -17.14
CA ARG PA 40 -75.82 -43.88 -16.89
C ARG PA 40 -75.62 -42.61 -16.07
N PRO PA 41 -76.63 -41.74 -16.00
CA PRO PA 41 -76.49 -40.56 -15.14
C PRO PA 41 -76.41 -40.92 -13.67
N THR PA 42 -75.59 -40.15 -12.95
CA THR PA 42 -75.53 -40.26 -11.51
C THR PA 42 -76.75 -39.61 -10.89
N ARG PA 43 -77.06 -38.40 -11.35
CA ARG PA 43 -78.28 -37.68 -11.05
C ARG PA 43 -79.22 -37.84 -12.23
N PRO PA 44 -80.20 -38.74 -12.19
CA PRO PA 44 -81.11 -38.88 -13.33
C PRO PA 44 -81.99 -37.66 -13.49
N ASP PA 45 -82.43 -37.13 -12.35
CA ASP PA 45 -83.30 -35.96 -12.29
C ASP PA 45 -82.66 -34.73 -12.91
N LYS PA 46 -81.41 -34.45 -12.53
CA LYS PA 46 -80.73 -33.26 -13.03
C LYS PA 46 -80.44 -33.39 -14.51
N ALA PA 47 -80.08 -34.59 -14.95
CA ALA PA 47 -79.84 -34.83 -16.37
C ALA PA 47 -81.10 -34.63 -17.18
N ARG PA 48 -82.25 -35.08 -16.66
CA ARG PA 48 -83.52 -34.87 -17.37
C ARG PA 48 -83.91 -33.40 -17.45
N ARG PA 49 -83.71 -32.65 -16.36
CA ARG PA 49 -83.91 -31.20 -16.40
C ARG PA 49 -83.04 -30.54 -17.45
N LEU PA 50 -81.82 -31.03 -17.63
CA LEU PA 50 -80.88 -30.32 -18.48
C LEU PA 50 -80.96 -30.73 -19.95
N GLY PA 51 -81.75 -31.74 -20.28
CA GLY PA 51 -82.03 -32.00 -21.68
C GLY PA 51 -81.98 -33.46 -22.08
N TYR PA 52 -81.34 -34.25 -21.23
CA TYR PA 52 -81.07 -35.65 -21.50
C TYR PA 52 -82.35 -36.48 -21.53
N LYS PA 53 -82.43 -37.39 -22.49
CA LYS PA 53 -83.49 -38.40 -22.54
C LYS PA 53 -82.78 -39.74 -22.50
N ALA PA 54 -83.36 -40.72 -21.83
CA ALA PA 54 -82.74 -42.03 -21.70
C ALA PA 54 -83.07 -42.88 -22.91
N LYS PA 55 -82.48 -42.51 -24.04
CA LYS PA 55 -82.63 -43.29 -25.25
C LYS PA 55 -81.24 -43.48 -25.85
N GLN PA 56 -81.18 -44.26 -26.93
CA GLN PA 56 -79.91 -44.59 -27.54
C GLN PA 56 -79.29 -43.38 -28.22
N GLY PA 57 -78.02 -43.17 -27.95
CA GLY PA 57 -77.28 -42.09 -28.55
C GLY PA 57 -77.06 -40.89 -27.67
N TYR PA 58 -77.65 -40.84 -26.48
CA TYR PA 58 -77.25 -39.86 -25.49
C TYR PA 58 -76.21 -40.53 -24.59
N VAL PA 59 -75.09 -39.84 -24.40
CA VAL PA 59 -73.90 -40.38 -23.75
C VAL PA 59 -73.60 -39.46 -22.57
N ILE PA 60 -73.09 -40.03 -21.49
CA ILE PA 60 -72.70 -39.23 -20.34
C ILE PA 60 -71.26 -39.57 -19.97
N TYR PA 61 -70.40 -38.55 -19.92
CA TYR PA 61 -69.04 -38.70 -19.42
C TYR PA 61 -68.92 -37.97 -18.10
N ARG PA 62 -68.20 -38.57 -17.16
CA ARG PA 62 -67.89 -37.95 -15.90
C ARG PA 62 -66.44 -37.51 -15.96
N ILE PA 63 -66.18 -36.21 -15.88
CA ILE PA 63 -64.81 -35.75 -15.99
C ILE PA 63 -64.52 -34.86 -14.77
N ARG PA 64 -63.24 -34.81 -14.36
CA ARG PA 64 -62.81 -34.00 -13.22
C ARG PA 64 -62.01 -32.81 -13.72
N VAL PA 65 -62.03 -31.75 -12.96
CA VAL PA 65 -61.21 -30.59 -13.23
C VAL PA 65 -60.43 -30.27 -11.97
N ARG PA 66 -59.12 -30.11 -12.12
CA ARG PA 66 -58.29 -29.78 -10.97
C ARG PA 66 -58.57 -28.35 -10.56
N ARG PA 67 -58.50 -28.09 -9.28
CA ARG PA 67 -59.30 -27.05 -8.67
C ARG PA 67 -58.45 -25.83 -8.34
N GLY PA 68 -59.09 -24.67 -8.29
CA GLY PA 68 -58.44 -23.44 -7.87
C GLY PA 68 -58.43 -22.39 -8.97
N GLY PA 69 -57.81 -21.26 -8.65
CA GLY PA 69 -57.63 -20.19 -9.61
C GLY PA 69 -56.54 -20.44 -10.64
N ARG PA 70 -56.36 -19.47 -11.54
CA ARG PA 70 -55.42 -19.59 -12.66
C ARG PA 70 -54.17 -18.78 -12.37
N LYS PA 71 -53.05 -19.44 -12.13
CA LYS PA 71 -51.83 -18.67 -11.94
C LYS PA 71 -51.21 -18.38 -13.28
N ARG PA 72 -50.44 -17.32 -13.33
CA ARG PA 72 -50.04 -16.80 -14.62
C ARG PA 72 -48.87 -17.61 -15.13
N PRO PA 73 -48.98 -18.24 -16.29
CA PRO PA 73 -47.91 -19.12 -16.76
C PRO PA 73 -46.73 -18.37 -17.35
N VAL PA 74 -45.95 -17.76 -16.46
CA VAL PA 74 -44.77 -17.00 -16.86
C VAL PA 74 -43.56 -17.55 -16.12
N PRO PA 75 -42.37 -17.53 -16.71
CA PRO PA 75 -41.15 -17.92 -15.99
C PRO PA 75 -40.87 -16.97 -14.85
N LYS PA 76 -39.95 -17.36 -13.98
CA LYS PA 76 -40.14 -17.55 -12.53
C LYS PA 76 -41.19 -16.58 -12.00
N GLY PA 77 -40.94 -15.29 -11.98
CA GLY PA 77 -41.95 -14.32 -11.60
C GLY PA 77 -42.30 -13.55 -12.83
N ALA PA 78 -41.70 -12.37 -12.97
CA ALA PA 78 -41.22 -11.85 -14.26
C ALA PA 78 -42.31 -11.69 -15.30
N THR PA 79 -43.25 -10.81 -15.03
CA THR PA 79 -44.05 -10.22 -16.08
C THR PA 79 -43.38 -8.92 -16.47
N TYR PA 80 -42.75 -8.89 -17.63
CA TYR PA 80 -41.86 -7.79 -18.01
C TYR PA 80 -42.72 -6.60 -18.40
N GLY PA 81 -43.12 -5.83 -17.41
CA GLY PA 81 -44.07 -4.75 -17.68
C GLY PA 81 -44.29 -3.91 -16.46
N LYS PA 82 -45.46 -3.35 -16.38
CA LYS PA 82 -45.75 -2.37 -15.37
C LYS PA 82 -46.36 -3.05 -14.15
N PRO PA 83 -46.26 -2.42 -12.95
CA PRO PA 83 -46.75 -3.06 -11.74
C PRO PA 83 -48.21 -3.49 -11.68
N VAL PA 84 -49.06 -3.01 -12.59
CA VAL PA 84 -50.41 -3.56 -12.72
C VAL PA 84 -50.34 -5.03 -13.10
N HIS PA 85 -49.50 -5.33 -14.09
CA HIS PA 85 -49.50 -6.66 -14.66
C HIS PA 85 -48.49 -7.56 -13.99
N HIS PA 86 -47.90 -7.12 -12.87
CA HIS PA 86 -47.00 -7.93 -12.07
C HIS PA 86 -47.72 -9.05 -11.33
N GLY PA 87 -49.04 -9.07 -11.37
CA GLY PA 87 -49.78 -10.12 -10.69
C GLY PA 87 -49.65 -11.45 -11.41
N VAL PA 88 -49.33 -12.48 -10.65
CA VAL PA 88 -49.20 -13.83 -11.14
C VAL PA 88 -50.04 -14.80 -10.31
N ASN PA 89 -50.04 -14.63 -8.99
CA ASN PA 89 -50.66 -15.64 -8.13
C ASN PA 89 -52.18 -15.56 -8.10
N GLN PA 90 -52.76 -14.46 -7.62
CA GLN PA 90 -54.16 -14.48 -7.22
C GLN PA 90 -55.13 -14.27 -8.36
N LEU PA 91 -54.75 -14.63 -9.58
CA LEU PA 91 -55.55 -14.33 -10.74
C LEU PA 91 -56.56 -15.44 -10.96
N LYS PA 92 -57.62 -15.12 -11.69
CA LYS PA 92 -58.73 -16.03 -11.85
C LYS PA 92 -59.11 -16.15 -13.33
N PHE PA 93 -59.59 -17.32 -13.69
CA PHE PA 93 -59.95 -17.59 -15.08
C PHE PA 93 -61.35 -17.08 -15.37
N ALA PA 94 -61.56 -16.63 -16.61
CA ALA PA 94 -62.80 -15.97 -16.97
C ALA PA 94 -63.92 -16.96 -17.19
N ARG PA 95 -63.60 -18.22 -17.42
CA ARG PA 95 -64.64 -19.24 -17.47
C ARG PA 95 -64.65 -20.05 -16.18
N SER PA 96 -65.82 -20.59 -15.87
CA SER PA 96 -65.98 -21.45 -14.71
C SER PA 96 -65.36 -22.81 -14.95
N LEU PA 97 -65.32 -23.63 -13.90
CA LEU PA 97 -64.70 -24.94 -14.02
C LEU PA 97 -65.62 -25.95 -14.68
N GLN PA 98 -66.92 -25.76 -14.55
CA GLN PA 98 -67.87 -26.61 -15.26
C GLN PA 98 -67.75 -26.44 -16.77
N SER PA 99 -67.45 -25.22 -17.23
CA SER PA 99 -67.26 -25.02 -18.66
C SER PA 99 -65.93 -25.61 -19.13
N VAL PA 100 -64.90 -25.60 -18.26
CA VAL PA 100 -63.65 -26.30 -18.56
C VAL PA 100 -63.88 -27.78 -18.65
N ALA PA 101 -64.76 -28.32 -17.80
CA ALA PA 101 -65.11 -29.73 -17.85
C ALA PA 101 -65.82 -30.09 -19.15
N GLU PA 102 -66.77 -29.25 -19.55
CA GLU PA 102 -67.50 -29.49 -20.79
C GLU PA 102 -66.58 -29.44 -22.00
N GLU PA 103 -65.63 -28.51 -22.00
CA GLU PA 103 -64.81 -28.40 -23.19
C GLU PA 103 -63.71 -29.47 -23.22
N ARG PA 104 -63.31 -29.99 -22.05
CA ARG PA 104 -62.42 -31.14 -22.08
C ARG PA 104 -63.13 -32.39 -22.57
N ALA PA 105 -64.36 -32.63 -22.09
CA ALA PA 105 -65.13 -33.77 -22.55
C ALA PA 105 -65.48 -33.67 -24.03
N GLY PA 106 -65.76 -32.45 -24.52
CA GLY PA 106 -66.11 -32.28 -25.90
C GLY PA 106 -64.92 -32.20 -26.83
N ARG PA 107 -63.74 -31.95 -26.30
CA ARG PA 107 -62.54 -32.02 -27.11
C ARG PA 107 -62.07 -33.46 -27.22
N HIS PA 108 -62.26 -34.26 -26.18
CA HIS PA 108 -61.89 -35.67 -26.25
C HIS PA 108 -62.83 -36.43 -27.18
N CYS PA 109 -64.10 -36.05 -27.20
CA CYS PA 109 -65.11 -36.69 -28.05
C CYS PA 109 -65.50 -35.71 -29.15
N GLY PA 110 -64.78 -35.79 -30.26
CA GLY PA 110 -64.96 -34.79 -31.31
C GLY PA 110 -66.21 -35.03 -32.13
N ALA PA 111 -66.67 -36.28 -32.17
CA ALA PA 111 -67.88 -36.59 -32.92
C ALA PA 111 -69.12 -36.18 -32.14
N LEU PA 112 -69.17 -36.55 -30.87
CA LEU PA 112 -70.29 -36.27 -29.99
C LEU PA 112 -70.44 -34.77 -29.77
N ARG PA 113 -71.66 -34.35 -29.46
CA ARG PA 113 -71.92 -32.93 -29.20
C ARG PA 113 -72.43 -32.73 -27.80
N VAL PA 114 -71.87 -31.73 -27.12
CA VAL PA 114 -72.15 -31.47 -25.71
C VAL PA 114 -73.53 -30.84 -25.60
N LEU PA 115 -74.42 -31.48 -24.87
CA LEU PA 115 -75.70 -30.85 -24.58
C LEU PA 115 -75.57 -29.91 -23.38
N ASN PA 116 -75.28 -30.46 -22.20
CA ASN PA 116 -75.20 -29.70 -20.97
C ASN PA 116 -74.46 -30.56 -19.94
N SER PA 117 -74.42 -30.11 -18.69
CA SER PA 117 -73.58 -30.74 -17.68
C SER PA 117 -74.01 -30.33 -16.28
N TYR PA 118 -73.55 -31.08 -15.28
CA TYR PA 118 -73.97 -30.85 -13.91
C TYR PA 118 -72.94 -31.32 -12.90
N TRP PA 119 -72.90 -30.62 -11.77
CA TRP PA 119 -72.05 -30.91 -10.62
C TRP PA 119 -72.47 -32.21 -9.95
N VAL PA 120 -71.52 -33.12 -9.75
CA VAL PA 120 -71.82 -34.30 -8.95
C VAL PA 120 -71.00 -34.38 -7.66
N GLY PA 121 -69.77 -33.89 -7.68
CA GLY PA 121 -68.98 -34.00 -6.46
C GLY PA 121 -67.85 -33.01 -6.46
N GLU PA 122 -67.27 -32.81 -5.28
CA GLU PA 122 -66.10 -31.96 -5.17
C GLU PA 122 -65.22 -32.42 -4.02
N ASP PA 123 -63.92 -32.22 -4.19
CA ASP PA 123 -62.89 -32.49 -3.20
C ASP PA 123 -62.22 -31.16 -2.88
N SER PA 124 -61.16 -31.17 -2.08
CA SER PA 124 -60.35 -29.97 -1.97
C SER PA 124 -59.54 -29.73 -3.22
N THR PA 125 -59.20 -30.78 -3.96
CA THR PA 125 -58.36 -30.61 -5.12
C THR PA 125 -59.08 -30.85 -6.43
N TYR PA 126 -60.30 -31.38 -6.42
CA TYR PA 126 -61.02 -31.67 -7.66
C TYR PA 126 -62.50 -31.40 -7.50
N LYS PA 127 -63.14 -31.00 -8.61
CA LYS PA 127 -64.57 -31.01 -8.79
C LYS PA 127 -64.93 -31.98 -9.90
N PHE PA 128 -66.09 -32.62 -9.78
CA PHE PA 128 -66.51 -33.67 -10.70
C PHE PA 128 -67.81 -33.28 -11.37
N PHE PA 129 -67.86 -33.45 -12.68
CA PHE PA 129 -69.01 -33.04 -13.47
C PHE PA 129 -69.37 -34.19 -14.39
N GLU PA 130 -70.65 -34.46 -14.55
CA GLU PA 130 -71.13 -35.33 -15.62
C GLU PA 130 -71.47 -34.43 -16.80
N VAL PA 131 -71.09 -34.83 -18.00
CA VAL PA 131 -71.37 -34.03 -19.18
C VAL PA 131 -72.27 -34.84 -20.10
N ILE PA 132 -73.38 -34.26 -20.51
CA ILE PA 132 -74.33 -34.93 -21.40
C ILE PA 132 -73.88 -34.73 -22.84
N LEU PA 133 -73.69 -35.84 -23.56
CA LEU PA 133 -73.13 -35.84 -24.89
C LEU PA 133 -74.03 -36.66 -25.81
N ILE PA 134 -74.10 -36.27 -27.09
CA ILE PA 134 -75.10 -36.76 -28.04
C ILE PA 134 -74.42 -37.07 -29.36
N ASP PA 135 -74.77 -38.21 -29.97
CA ASP PA 135 -74.53 -38.43 -31.41
C ASP PA 135 -75.43 -37.56 -32.25
N PRO PA 136 -74.89 -36.72 -33.13
CA PRO PA 136 -75.73 -36.12 -34.17
C PRO PA 136 -75.95 -37.02 -35.38
N PHE PA 137 -75.50 -38.26 -35.32
CA PHE PA 137 -75.57 -39.21 -36.43
C PHE PA 137 -76.23 -40.51 -36.05
N HIS PA 138 -76.84 -40.60 -34.87
CA HIS PA 138 -77.60 -41.79 -34.51
C HIS PA 138 -79.04 -41.58 -34.93
N LYS PA 139 -79.67 -42.63 -35.43
CA LYS PA 139 -81.00 -42.51 -36.00
C LYS PA 139 -82.10 -42.33 -34.96
N ALA PA 140 -81.76 -42.32 -33.67
CA ALA PA 140 -82.74 -41.94 -32.66
C ALA PA 140 -82.72 -40.43 -32.43
N ILE PA 141 -81.59 -39.79 -32.74
CA ILE PA 141 -81.46 -38.34 -32.63
C ILE PA 141 -81.75 -37.69 -33.97
N ARG PA 142 -81.26 -38.31 -35.03
CA ARG PA 142 -81.29 -37.70 -36.35
C ARG PA 142 -82.70 -37.76 -36.95
N ARG PA 143 -83.54 -38.66 -36.45
CA ARG PA 143 -84.91 -38.75 -36.94
C ARG PA 143 -85.91 -38.13 -35.99
N ASN PA 144 -85.46 -37.47 -34.94
CA ASN PA 144 -86.37 -36.88 -33.97
C ASN PA 144 -86.44 -35.39 -34.20
N PRO PA 145 -87.60 -34.81 -34.56
CA PRO PA 145 -87.65 -33.38 -34.84
C PRO PA 145 -87.44 -32.50 -33.62
N ASP PA 146 -87.67 -33.02 -32.41
CA ASP PA 146 -87.39 -32.24 -31.21
C ASP PA 146 -85.89 -32.03 -30.99
N THR PA 147 -85.07 -33.03 -31.30
CA THR PA 147 -83.66 -32.98 -30.94
C THR PA 147 -82.73 -32.92 -32.14
N GLN PA 148 -83.22 -32.62 -33.33
CA GLN PA 148 -82.32 -32.59 -34.47
C GLN PA 148 -81.81 -31.20 -34.78
N TRP PA 149 -81.94 -30.26 -33.84
CA TRP PA 149 -81.17 -29.03 -33.94
C TRP PA 149 -79.68 -29.31 -33.75
N ILE PA 150 -79.33 -30.34 -32.97
CA ILE PA 150 -77.94 -30.63 -32.66
C ILE PA 150 -77.27 -31.27 -33.86
N THR PA 151 -78.07 -31.84 -34.76
CA THR PA 151 -77.54 -32.52 -35.93
C THR PA 151 -77.02 -31.55 -36.99
N LYS PA 152 -77.24 -30.26 -36.81
CA LYS PA 152 -76.86 -29.27 -37.80
C LYS PA 152 -75.44 -28.79 -37.56
N PRO PA 153 -74.73 -28.33 -38.60
CA PRO PA 153 -73.33 -27.96 -38.40
C PRO PA 153 -73.12 -26.65 -37.66
N VAL PA 154 -74.19 -25.95 -37.27
CA VAL PA 154 -73.98 -24.69 -36.56
C VAL PA 154 -73.74 -24.99 -35.09
N HIS PA 155 -73.97 -26.22 -34.67
CA HIS PA 155 -73.80 -26.61 -33.29
C HIS PA 155 -72.60 -27.53 -33.10
N LYS PA 156 -71.66 -27.53 -34.04
CA LYS PA 156 -70.36 -28.13 -33.81
C LYS PA 156 -69.64 -27.36 -32.74
N HIS PA 157 -69.28 -28.06 -31.66
CA HIS PA 157 -68.44 -27.55 -30.57
C HIS PA 157 -69.05 -26.31 -29.92
N ARG PA 158 -70.22 -26.52 -29.33
CA ARG PA 158 -70.87 -25.47 -28.55
C ARG PA 158 -70.03 -25.13 -27.34
N GLU PA 159 -69.34 -26.14 -26.80
CA GLU PA 159 -68.56 -25.99 -25.59
C GLU PA 159 -67.29 -25.16 -25.81
N MET PA 160 -66.82 -25.04 -27.06
CA MET PA 160 -65.61 -24.27 -27.30
C MET PA 160 -65.93 -22.81 -27.54
N ARG PA 161 -67.12 -22.54 -28.05
CA ARG PA 161 -67.50 -21.19 -28.41
C ARG PA 161 -68.32 -20.52 -27.33
N GLY PA 162 -68.48 -21.16 -26.18
CA GLY PA 162 -69.29 -20.60 -25.13
C GLY PA 162 -70.76 -20.61 -25.43
N LEU PA 163 -71.33 -21.78 -25.70
CA LEU PA 163 -72.72 -21.87 -26.11
C LEU PA 163 -73.53 -22.82 -25.26
N THR PA 164 -72.89 -23.67 -24.47
CA THR PA 164 -73.59 -24.37 -23.42
C THR PA 164 -73.85 -23.40 -22.26
N SER PA 165 -74.70 -23.83 -21.32
CA SER PA 165 -75.16 -22.93 -20.27
C SER PA 165 -74.03 -22.54 -19.32
N ALA PA 166 -73.14 -23.50 -19.02
CA ALA PA 166 -71.95 -23.20 -18.24
C ALA PA 166 -71.00 -22.26 -18.99
N GLY PA 167 -71.03 -22.32 -20.32
CA GLY PA 167 -70.28 -21.35 -21.10
C GLY PA 167 -71.01 -20.02 -21.25
N ARG PA 168 -72.35 -20.06 -21.34
CA ARG PA 168 -73.14 -18.84 -21.42
C ARG PA 168 -73.00 -17.98 -20.18
N LYS PA 169 -72.76 -18.59 -19.02
CA LYS PA 169 -72.67 -17.80 -17.81
C LYS PA 169 -71.43 -16.92 -17.79
N SER PA 170 -70.35 -17.35 -18.44
CA SER PA 170 -69.11 -16.59 -18.35
C SER PA 170 -69.09 -15.40 -19.30
N ARG PA 171 -70.09 -15.28 -20.17
CA ARG PA 171 -70.07 -14.26 -21.22
C ARG PA 171 -70.69 -12.96 -20.76
N GLY PA 172 -71.43 -12.97 -19.68
CA GLY PA 172 -71.93 -11.74 -19.11
C GLY PA 172 -73.06 -11.15 -19.92
N LEU PA 173 -73.85 -12.02 -20.53
CA LEU PA 173 -74.92 -11.58 -21.40
C LEU PA 173 -76.28 -11.84 -20.75
N GLY PA 174 -77.14 -10.86 -20.88
CA GLY PA 174 -78.51 -10.93 -20.43
C GLY PA 174 -79.17 -9.63 -20.79
N LYS PA 175 -80.42 -9.49 -20.34
CA LYS PA 175 -81.19 -8.29 -20.62
C LYS PA 175 -81.08 -7.34 -19.44
N GLY PA 176 -81.07 -6.05 -19.74
CA GLY PA 176 -81.31 -5.07 -18.72
C GLY PA 176 -80.07 -4.29 -18.35
N HIS PA 177 -80.18 -3.59 -17.21
CA HIS PA 177 -79.23 -2.54 -16.88
C HIS PA 177 -77.94 -3.09 -16.33
N LYS PA 178 -77.91 -4.36 -15.99
CA LYS PA 178 -76.71 -4.97 -15.46
C LYS PA 178 -75.81 -5.49 -16.56
N PHE PA 179 -76.27 -5.49 -17.79
CA PHE PA 179 -75.69 -6.24 -18.88
C PHE PA 179 -75.49 -5.36 -20.09
N HIS PA 180 -75.00 -4.14 -19.86
CA HIS PA 180 -74.88 -3.19 -20.94
C HIS PA 180 -73.60 -3.39 -21.72
N HIS PA 181 -72.67 -4.14 -21.17
CA HIS PA 181 -71.40 -4.37 -21.82
C HIS PA 181 -71.49 -5.46 -22.87
N THR PA 182 -72.64 -6.12 -23.01
CA THR PA 182 -72.85 -7.10 -24.06
C THR PA 182 -74.08 -6.82 -24.90
N ILE PA 183 -74.61 -5.60 -24.90
CA ILE PA 183 -75.74 -5.32 -25.76
C ILE PA 183 -75.24 -5.20 -27.19
N GLY PA 184 -75.93 -5.85 -28.10
CA GLY PA 184 -75.31 -6.46 -29.25
C GLY PA 184 -75.23 -7.95 -29.03
N GLY PA 185 -74.47 -8.61 -29.88
CA GLY PA 185 -74.39 -10.05 -29.75
C GLY PA 185 -73.61 -10.53 -28.54
N SER PA 186 -72.62 -9.76 -28.12
CA SER PA 186 -71.65 -10.21 -27.14
C SER PA 186 -70.90 -8.98 -26.65
N ARG PA 187 -69.85 -9.23 -25.89
CA ARG PA 187 -69.03 -8.14 -25.38
C ARG PA 187 -68.14 -7.59 -26.48
N ARG PA 188 -67.69 -8.46 -27.38
CA ARG PA 188 -66.83 -8.06 -28.47
C ARG PA 188 -67.61 -7.30 -29.54
N ALA PA 189 -68.85 -7.72 -29.81
CA ALA PA 189 -69.72 -6.98 -30.72
C ALA PA 189 -70.12 -5.63 -30.14
N ALA PA 190 -70.27 -5.55 -28.82
CA ALA PA 190 -70.56 -4.27 -28.18
C ALA PA 190 -69.39 -3.31 -28.33
N TRP PA 191 -68.19 -3.76 -27.95
CA TRP PA 191 -66.98 -2.94 -28.08
C TRP PA 191 -66.74 -2.53 -29.52
N ARG PA 192 -67.09 -3.39 -30.46
CA ARG PA 192 -66.90 -3.09 -31.86
C ARG PA 192 -67.88 -2.04 -32.34
N ARG PA 193 -69.16 -2.19 -32.01
CA ARG PA 193 -70.19 -1.26 -32.44
C ARG PA 193 -69.99 0.12 -31.85
N ARG PA 194 -69.47 0.18 -30.63
CA ARG PA 194 -69.23 1.48 -30.01
C ARG PA 194 -67.98 2.14 -30.53
N ASN PA 195 -66.96 1.35 -30.87
CA ASN PA 195 -65.69 1.86 -31.40
C ASN PA 195 -65.62 1.78 -32.91
N THR PA 196 -66.58 2.38 -33.58
CA THR PA 196 -66.47 2.66 -35.01
C THR PA 196 -66.90 4.09 -35.25
N LEU PA 197 -66.13 4.80 -36.07
CA LEU PA 197 -66.65 5.99 -36.71
C LEU PA 197 -67.51 5.53 -37.85
N GLN PA 198 -68.79 5.85 -37.80
CA GLN PA 198 -69.55 5.79 -39.04
C GLN PA 198 -69.34 7.09 -39.76
N LEU PA 199 -68.54 7.05 -40.81
CA LEU PA 199 -68.34 8.21 -41.67
C LEU PA 199 -69.34 8.09 -42.82
N HIS PA 200 -70.44 8.82 -42.70
CA HIS PA 200 -71.50 8.82 -43.68
C HIS PA 200 -71.06 9.51 -44.96
N ARG PA 201 -71.85 9.35 -46.01
CA ARG PA 201 -71.53 9.97 -47.29
C ARG PA 201 -71.67 11.48 -47.20
N TYR PA 202 -72.80 11.95 -46.67
CA TYR PA 202 -73.07 13.39 -46.69
C TYR PA 202 -72.75 14.05 -45.36
N ARG PA 203 -72.36 13.26 -44.36
CA ARG PA 203 -71.87 13.73 -43.06
C ARG PA 203 -72.87 14.59 -42.31
N GLN QA 1 7.64 61.71 -81.61
CA GLN QA 1 6.46 61.49 -80.79
C GLN QA 1 6.81 60.85 -79.45
N VAL QA 2 8.09 60.90 -79.08
CA VAL QA 2 8.62 60.20 -77.92
C VAL QA 2 9.29 61.22 -77.01
N LEU QA 3 8.87 61.27 -75.74
CA LEU QA 3 9.61 62.04 -74.74
C LEU QA 3 10.90 61.33 -74.42
N VAL QA 4 12.02 62.01 -74.66
CA VAL QA 4 13.30 61.57 -74.15
C VAL QA 4 13.59 62.47 -72.96
N LEU QA 5 13.70 61.89 -71.78
CA LEU QA 5 13.90 62.63 -70.55
C LEU QA 5 15.29 62.34 -70.00
N ASP QA 6 16.01 63.40 -69.64
CA ASP QA 6 17.24 63.24 -68.90
C ASP QA 6 16.91 62.83 -67.47
N GLY QA 7 17.79 62.05 -66.87
CA GLY QA 7 17.54 61.62 -65.52
C GLY QA 7 18.34 62.40 -64.51
N ARG QA 8 19.34 63.15 -64.99
CA ARG QA 8 20.27 63.85 -64.11
C ARG QA 8 19.55 64.98 -63.38
N GLY QA 9 19.62 64.94 -62.06
CA GLY QA 9 19.10 66.03 -61.26
C GLY QA 9 17.65 65.91 -60.90
N HIS QA 10 17.01 64.80 -61.26
CA HIS QA 10 15.61 64.57 -60.96
C HIS QA 10 15.46 63.69 -59.74
N LEU QA 11 14.42 63.97 -58.95
CA LEU QA 11 14.07 63.19 -57.80
C LEU QA 11 13.31 61.94 -58.23
N LEU QA 12 13.47 60.87 -57.45
CA LEU QA 12 13.10 59.54 -57.90
C LEU QA 12 11.59 59.39 -58.05
N GLY QA 13 10.83 59.55 -56.97
CA GLY QA 13 9.40 59.39 -57.08
C GLY QA 13 8.70 60.57 -57.70
N ARG QA 14 9.31 61.75 -57.65
CA ARG QA 14 8.71 62.91 -58.27
C ARG QA 14 8.71 62.77 -59.78
N LEU QA 15 9.78 62.19 -60.32
CA LEU QA 15 9.82 61.89 -61.75
C LEU QA 15 9.01 60.66 -62.07
N ALA QA 16 8.94 59.70 -61.15
CA ALA QA 16 8.21 58.46 -61.43
C ALA QA 16 6.72 58.72 -61.50
N ALA QA 17 6.20 59.65 -60.68
CA ALA QA 17 4.77 59.97 -60.71
C ALA QA 17 4.39 60.65 -62.01
N ILE QA 18 5.27 61.49 -62.53
CA ILE QA 18 5.00 62.21 -63.77
C ILE QA 18 5.17 61.29 -64.97
N VAL QA 19 6.11 60.35 -64.89
CA VAL QA 19 6.33 59.41 -65.99
C VAL QA 19 5.18 58.41 -66.08
N ALA QA 20 4.67 57.95 -64.94
CA ALA QA 20 3.59 56.96 -64.94
C ALA QA 20 2.31 57.50 -65.54
N LYS QA 21 2.03 58.79 -65.31
CA LYS QA 21 0.77 59.35 -65.80
C LYS QA 21 0.85 59.66 -67.29
N GLN QA 22 2.04 59.96 -67.81
CA GLN QA 22 2.17 60.14 -69.24
C GLN QA 22 2.15 58.81 -69.95
N VAL QA 23 2.74 57.81 -69.32
CA VAL QA 23 2.79 56.47 -69.89
C VAL QA 23 1.40 55.83 -69.93
N LEU QA 24 0.54 56.15 -68.96
CA LEU QA 24 -0.85 55.71 -69.03
C LEU QA 24 -1.65 56.40 -70.11
N LEU QA 25 -1.26 57.60 -70.52
CA LEU QA 25 -1.94 58.37 -71.56
C LEU QA 25 -1.38 58.12 -72.94
N GLY QA 26 -0.79 56.94 -73.18
CA GLY QA 26 -0.36 56.56 -74.50
C GLY QA 26 0.93 57.19 -74.98
N ARG QA 27 1.58 58.00 -74.18
CA ARG QA 27 2.82 58.64 -74.56
C ARG QA 27 3.93 57.62 -74.46
N LYS QA 28 4.85 57.63 -75.43
CA LYS QA 28 6.07 56.83 -75.35
C LYS QA 28 7.10 57.65 -74.59
N VAL QA 29 7.56 57.11 -73.48
CA VAL QA 29 8.52 57.82 -72.63
C VAL QA 29 9.80 57.03 -72.55
N VAL QA 30 10.91 57.68 -72.88
CA VAL QA 30 12.25 57.13 -72.73
C VAL QA 30 12.96 57.94 -71.66
N VAL QA 31 13.33 57.29 -70.56
CA VAL QA 31 14.04 57.93 -69.45
C VAL QA 31 15.48 57.47 -69.52
N VAL QA 32 16.41 58.42 -69.52
CA VAL QA 32 17.79 58.13 -69.89
C VAL QA 32 18.71 58.82 -68.89
N ARG QA 33 19.93 58.28 -68.77
CA ARG QA 33 20.92 58.61 -67.74
C ARG QA 33 20.29 58.51 -66.35
N CYS QA 34 19.91 57.27 -66.01
CA CYS QA 34 19.15 57.02 -64.79
C CYS QA 34 20.00 56.87 -63.56
N GLU QA 35 21.33 56.82 -63.70
CA GLU QA 35 22.16 56.84 -62.52
C GLU QA 35 22.43 58.26 -62.05
N GLY QA 36 21.95 59.25 -62.81
CA GLY QA 36 21.99 60.64 -62.38
C GLY QA 36 20.77 61.06 -61.61
N ILE QA 37 19.80 60.16 -61.46
CA ILE QA 37 18.66 60.38 -60.58
C ILE QA 37 19.17 60.47 -59.15
N ASN QA 38 18.55 61.29 -58.33
CA ASN QA 38 18.97 61.36 -56.94
C ASN QA 38 17.77 61.46 -56.03
N ILE QA 39 17.88 60.89 -54.82
CA ILE QA 39 16.77 60.80 -53.88
C ILE QA 39 17.03 61.75 -52.73
N SER QA 40 15.98 62.38 -52.22
CA SER QA 40 16.07 63.20 -51.03
C SER QA 40 16.39 62.37 -49.80
N GLY QA 41 16.89 63.03 -48.76
CA GLY QA 41 17.39 62.36 -47.58
C GLY QA 41 18.83 61.93 -47.79
N ASN QA 42 19.58 61.84 -46.69
CA ASN QA 42 21.01 61.57 -46.84
C ASN QA 42 21.25 60.13 -47.29
N PHE QA 43 22.51 59.81 -47.54
CA PHE QA 43 22.80 58.59 -48.28
C PHE QA 43 22.56 57.34 -47.44
N TYR QA 44 22.82 57.41 -46.14
CA TYR QA 44 22.79 56.21 -45.33
C TYR QA 44 21.36 55.75 -45.10
N ARG QA 45 20.40 56.68 -45.04
CA ARG QA 45 19.00 56.29 -44.95
C ARG QA 45 18.54 55.56 -46.19
N ASN QA 46 18.90 56.06 -47.37
CA ASN QA 46 18.42 55.44 -48.60
C ASN QA 46 19.10 54.11 -48.83
N LYS QA 47 20.36 54.00 -48.42
CA LYS QA 47 21.02 52.71 -48.48
C LYS QA 47 20.38 51.71 -47.53
N LEU QA 48 20.06 52.14 -46.31
CA LEU QA 48 19.35 51.29 -45.35
C LEU QA 48 17.97 50.90 -45.84
N LYS QA 49 17.31 51.78 -46.57
CA LYS QA 49 16.00 51.51 -47.12
C LYS QA 49 16.07 50.46 -48.21
N TYR QA 50 17.10 50.52 -49.06
CA TYR QA 50 17.21 49.48 -50.09
C TYR QA 50 17.72 48.16 -49.50
N LEU QA 51 18.51 48.20 -48.43
CA LEU QA 51 18.91 46.96 -47.79
C LEU QA 51 17.74 46.29 -47.07
N ALA QA 52 16.82 47.09 -46.52
CA ALA QA 52 15.59 46.56 -45.97
C ALA QA 52 14.70 46.00 -47.06
N PHE QA 53 14.77 46.57 -48.26
CA PHE QA 53 14.15 45.96 -49.42
C PHE QA 53 14.79 44.60 -49.75
N LEU QA 54 16.10 44.48 -49.59
CA LEU QA 54 16.79 43.22 -49.86
C LEU QA 54 16.46 42.14 -48.85
N ARG QA 55 16.15 42.51 -47.61
CA ARG QA 55 15.87 41.49 -46.60
C ARG QA 55 14.53 40.81 -46.87
N LYS QA 56 13.65 41.47 -47.60
CA LYS QA 56 12.30 40.98 -47.85
C LYS QA 56 12.36 40.05 -49.04
N ARG QA 57 12.69 38.79 -48.79
CA ARG QA 57 12.67 37.73 -49.78
C ARG QA 57 11.74 36.64 -49.31
N MET QA 58 11.35 35.76 -50.22
CA MET QA 58 10.45 34.68 -49.89
C MET QA 58 11.22 33.60 -49.14
N ASN QA 59 10.65 33.14 -48.02
CA ASN QA 59 11.42 32.29 -47.10
C ASN QA 59 11.65 30.91 -47.69
N THR QA 60 10.61 30.28 -48.22
CA THR QA 60 10.74 28.89 -48.61
C THR QA 60 11.42 28.74 -49.96
N ASN QA 61 11.38 29.78 -50.79
CA ASN QA 61 12.03 29.73 -52.09
C ASN QA 61 12.29 31.15 -52.58
N PRO QA 62 13.48 31.71 -52.33
CA PRO QA 62 13.75 33.10 -52.75
C PRO QA 62 13.86 33.30 -54.24
N SER QA 63 14.00 32.22 -55.00
CA SER QA 63 14.00 32.34 -56.45
C SER QA 63 12.64 32.75 -56.97
N ARG QA 64 11.59 32.45 -56.20
CA ARG QA 64 10.24 32.92 -56.51
C ARG QA 64 10.02 34.36 -56.08
N GLY QA 65 10.80 34.85 -55.12
CA GLY QA 65 10.40 35.98 -54.30
C GLY QA 65 10.53 37.31 -54.98
N PRO QA 66 10.53 38.39 -54.20
CA PRO QA 66 10.71 39.73 -54.78
C PRO QA 66 12.06 39.84 -55.46
N TYR QA 67 12.06 40.36 -56.69
CA TYR QA 67 13.29 40.44 -57.45
C TYR QA 67 13.90 41.81 -57.22
N HIS QA 68 15.02 41.81 -56.54
CA HIS QA 68 15.71 43.04 -56.16
C HIS QA 68 16.61 43.38 -57.33
N PHE QA 69 16.21 44.32 -58.16
CA PHE QA 69 17.04 44.69 -59.31
C PHE QA 69 18.04 45.74 -58.89
N ARG QA 70 19.28 45.58 -59.33
CA ARG QA 70 20.38 46.34 -58.76
C ARG QA 70 20.81 47.50 -59.64
N ALA QA 71 20.40 47.54 -60.90
CA ALA QA 71 20.81 48.64 -61.76
C ALA QA 71 19.93 49.85 -61.53
N PRO QA 72 20.46 51.08 -61.65
CA PRO QA 72 19.64 52.28 -61.41
C PRO QA 72 18.48 52.43 -62.36
N SER QA 73 18.63 51.97 -63.61
CA SER QA 73 17.52 51.98 -64.55
C SER QA 73 16.42 51.02 -64.10
N ARG QA 74 16.78 49.89 -63.52
CA ARG QA 74 15.74 48.98 -63.10
C ARG QA 74 15.17 49.33 -61.73
N ILE QA 75 15.91 50.07 -60.91
CA ILE QA 75 15.32 50.69 -59.73
C ILE QA 75 14.27 51.71 -60.15
N PHE QA 76 14.59 52.54 -61.14
CA PHE QA 76 13.61 53.52 -61.63
C PHE QA 76 12.44 52.84 -62.32
N TRP QA 77 12.70 51.75 -63.04
CA TRP QA 77 11.63 51.02 -63.69
C TRP QA 77 10.68 50.41 -62.68
N ARG QA 78 11.20 49.84 -61.59
CA ARG QA 78 10.33 49.25 -60.59
C ARG QA 78 9.56 50.32 -59.81
N THR QA 79 10.14 51.52 -59.66
CA THR QA 79 9.39 52.56 -58.95
C THR QA 79 8.40 53.30 -59.86
N VAL QA 80 8.54 53.23 -61.18
CA VAL QA 80 7.43 53.63 -62.05
C VAL QA 80 6.41 52.50 -62.12
N ARG QA 81 6.87 51.25 -62.00
CA ARG QA 81 5.99 50.09 -61.99
C ARG QA 81 5.05 50.11 -60.80
N GLY QA 82 5.51 50.60 -59.65
CA GLY QA 82 4.68 50.62 -58.46
C GLY QA 82 3.57 51.65 -58.51
N MET QA 83 3.66 52.59 -59.44
CA MET QA 83 2.69 53.66 -59.64
C MET QA 83 1.80 53.39 -60.84
N LEU QA 84 1.67 52.14 -61.22
CA LEU QA 84 0.90 51.72 -62.38
C LEU QA 84 0.00 50.57 -61.96
N PRO QA 85 -1.11 50.36 -62.66
CA PRO QA 85 -1.92 49.15 -62.39
C PRO QA 85 -1.39 47.94 -63.15
N HIS QA 86 -0.21 47.45 -62.76
CA HIS QA 86 0.52 46.53 -63.63
C HIS QA 86 -0.04 45.11 -63.62
N LYS QA 87 -1.08 44.84 -62.84
CA LYS QA 87 -1.72 43.54 -62.92
C LYS QA 87 -2.82 43.51 -63.97
N THR QA 88 -3.22 44.66 -64.47
CA THR QA 88 -4.19 44.70 -65.55
C THR QA 88 -3.50 44.82 -66.89
N LYS QA 89 -4.28 44.76 -67.96
CA LYS QA 89 -3.71 44.80 -69.30
C LYS QA 89 -3.25 46.21 -69.67
N ARG QA 90 -3.93 47.25 -69.18
CA ARG QA 90 -3.53 48.59 -69.55
C ARG QA 90 -2.30 49.04 -68.79
N GLY QA 91 -2.08 48.53 -67.58
CA GLY QA 91 -0.83 48.82 -66.89
C GLY QA 91 0.36 48.10 -67.49
N GLN QA 92 0.14 46.92 -68.06
CA GLN QA 92 1.23 46.22 -68.71
C GLN QA 92 1.53 46.81 -70.07
N ALA QA 93 0.50 47.28 -70.78
CA ALA QA 93 0.72 48.06 -71.98
C ALA QA 93 1.43 49.36 -71.69
N ALA QA 94 1.12 49.97 -70.55
CA ALA QA 94 1.84 51.15 -70.08
C ALA QA 94 3.32 50.86 -69.86
N LEU QA 95 3.62 49.84 -69.05
CA LEU QA 95 5.01 49.43 -68.83
C LEU QA 95 5.73 49.04 -70.11
N ASP QA 96 5.00 48.56 -71.12
CA ASP QA 96 5.62 48.35 -72.43
C ASP QA 96 5.90 49.68 -73.13
N ARG QA 97 5.16 50.75 -72.81
CA ARG QA 97 5.44 52.04 -73.45
C ARG QA 97 6.62 52.75 -72.80
N LEU QA 98 7.11 52.25 -71.68
CA LEU QA 98 8.22 52.89 -70.97
C LEU QA 98 9.54 52.19 -71.23
N LYS QA 99 10.56 53.00 -71.55
CA LYS QA 99 11.89 52.49 -71.84
C LYS QA 99 12.87 53.30 -70.99
N VAL QA 100 13.81 52.62 -70.33
CA VAL QA 100 14.59 53.19 -69.25
C VAL QA 100 16.03 52.71 -69.38
N PHE QA 101 17.00 53.63 -69.34
CA PHE QA 101 18.40 53.31 -69.60
C PHE QA 101 19.34 53.82 -68.55
N ASP QA 102 20.36 53.02 -68.23
CA ASP QA 102 21.53 53.46 -67.49
C ASP QA 102 22.50 54.12 -68.46
N GLY QA 103 22.86 55.36 -68.16
CA GLY QA 103 23.63 56.11 -69.13
C GLY QA 103 22.75 56.47 -70.30
N ILE QA 104 23.36 56.72 -71.44
CA ILE QA 104 22.57 57.17 -72.57
C ILE QA 104 23.07 56.56 -73.88
N PRO QA 105 22.40 55.52 -74.36
CA PRO QA 105 22.91 54.72 -75.47
C PRO QA 105 22.68 55.40 -76.81
N PRO QA 106 23.42 54.99 -77.84
CA PRO QA 106 23.37 55.68 -79.15
C PRO QA 106 22.13 55.49 -79.99
N PRO QA 107 21.00 54.95 -79.52
CA PRO QA 107 19.75 55.37 -80.17
C PRO QA 107 19.26 56.73 -79.74
N TYR QA 108 19.74 57.25 -78.61
CA TYR QA 108 19.17 58.46 -78.02
C TYR QA 108 20.22 59.47 -77.57
N ASP QA 109 21.50 59.29 -77.92
CA ASP QA 109 22.48 60.28 -77.50
C ASP QA 109 22.48 61.49 -78.41
N LYS QA 110 22.10 61.31 -79.67
CA LYS QA 110 22.02 62.39 -80.63
C LYS QA 110 20.59 62.93 -80.72
N LYS QA 111 20.01 63.18 -79.55
CA LYS QA 111 18.63 63.63 -79.43
C LYS QA 111 18.55 64.58 -78.25
N LYS QA 112 18.00 65.76 -78.50
CA LYS QA 112 17.76 66.73 -77.44
C LYS QA 112 16.76 66.17 -76.47
N ARG QA 113 17.15 66.07 -75.20
CA ARG QA 113 16.32 65.38 -74.23
C ARG QA 113 15.77 66.35 -73.19
N MET QA 114 14.51 66.15 -72.83
CA MET QA 114 13.73 67.08 -72.04
C MET QA 114 14.09 66.99 -70.56
N VAL QA 115 13.43 67.85 -69.79
CA VAL QA 115 13.70 68.05 -68.36
C VAL QA 115 12.33 68.27 -67.73
N VAL QA 116 12.09 67.65 -66.58
CA VAL QA 116 10.86 67.87 -65.83
C VAL QA 116 11.17 68.72 -64.61
N PRO QA 117 10.88 70.02 -64.62
CA PRO QA 117 11.23 70.87 -63.48
C PRO QA 117 10.33 70.72 -62.28
N ALA QA 118 9.22 70.01 -62.39
CA ALA QA 118 8.38 69.72 -61.24
C ALA QA 118 8.83 68.46 -60.52
N ALA QA 119 9.99 67.93 -60.88
CA ALA QA 119 10.57 66.73 -60.30
C ALA QA 119 12.05 66.93 -60.07
N LEU QA 120 12.51 68.16 -60.14
CA LEU QA 120 13.92 68.45 -60.27
C LEU QA 120 14.45 68.91 -58.93
N LYS QA 121 15.68 68.53 -58.62
CA LYS QA 121 16.16 68.64 -57.24
C LYS QA 121 16.47 70.08 -56.86
N VAL QA 122 16.85 70.90 -57.85
CA VAL QA 122 17.09 72.32 -57.56
C VAL QA 122 15.78 73.05 -57.34
N VAL QA 123 14.68 72.49 -57.82
CA VAL QA 123 13.39 73.12 -57.63
C VAL QA 123 12.71 72.59 -56.38
N ARG QA 124 12.83 71.28 -56.12
CA ARG QA 124 11.92 70.68 -55.17
C ARG QA 124 12.50 70.46 -53.79
N LEU QA 125 13.80 70.69 -53.60
CA LEU QA 125 14.44 70.56 -52.31
C LEU QA 125 15.12 71.85 -51.86
N LYS QA 126 15.07 72.07 -50.56
CA LYS QA 126 15.83 73.13 -49.94
C LYS QA 126 17.32 72.84 -50.09
N PRO QA 127 18.14 73.87 -50.31
CA PRO QA 127 19.55 73.62 -50.63
C PRO QA 127 20.35 73.05 -49.47
N THR QA 128 19.87 73.16 -48.24
CA THR QA 128 20.59 72.60 -47.11
C THR QA 128 20.07 71.25 -46.69
N ARG QA 129 19.16 70.66 -47.48
CA ARG QA 129 18.74 69.30 -47.24
C ARG QA 129 19.68 68.35 -47.98
N LYS QA 130 19.81 67.15 -47.46
CA LYS QA 130 20.76 66.21 -48.04
C LYS QA 130 20.06 65.26 -48.99
N PHE QA 131 20.83 64.78 -49.96
CA PHE QA 131 20.32 63.91 -51.00
C PHE QA 131 21.34 62.82 -51.27
N ALA QA 132 20.92 61.82 -52.05
CA ALA QA 132 21.75 60.67 -52.37
C ALA QA 132 21.63 60.36 -53.85
N TYR QA 133 22.76 60.15 -54.53
CA TYR QA 133 22.72 59.77 -55.93
C TYR QA 133 22.36 58.31 -56.09
N LEU QA 134 21.68 57.97 -57.18
CA LEU QA 134 21.16 56.63 -57.36
C LEU QA 134 22.20 55.69 -57.95
N GLY QA 135 23.12 56.21 -58.76
CA GLY QA 135 24.17 55.36 -59.28
C GLY QA 135 25.14 54.91 -58.22
N ARG QA 136 25.47 55.81 -57.30
CA ARG QA 136 26.36 55.46 -56.20
C ARG QA 136 25.67 54.52 -55.22
N LEU QA 137 24.37 54.73 -54.98
CA LEU QA 137 23.57 53.82 -54.19
C LEU QA 137 23.49 52.43 -54.81
N ALA QA 138 23.31 52.35 -56.13
CA ALA QA 138 23.17 51.07 -56.79
C ALA QA 138 24.50 50.33 -56.86
N HIS QA 139 25.59 51.06 -57.13
CA HIS QA 139 26.93 50.49 -57.08
C HIS QA 139 27.24 49.93 -55.70
N GLU QA 140 26.79 50.63 -54.68
CA GLU QA 140 27.15 50.24 -53.33
C GLU QA 140 26.23 49.14 -52.82
N VAL QA 141 25.11 48.91 -53.49
CA VAL QA 141 24.22 47.82 -53.10
C VAL QA 141 24.27 46.66 -54.10
N GLY QA 142 25.13 46.73 -55.11
CA GLY QA 142 25.44 45.54 -55.88
C GLY QA 142 25.49 45.64 -57.39
N TRP QA 143 25.43 46.85 -57.95
CA TRP QA 143 25.45 47.06 -59.39
C TRP QA 143 26.89 47.14 -59.87
N LYS QA 144 27.15 46.60 -61.05
CA LYS QA 144 28.49 46.25 -61.45
C LYS QA 144 29.05 47.15 -62.53
N TYR QA 145 28.27 48.05 -63.10
CA TYR QA 145 28.70 48.73 -64.31
C TYR QA 145 28.77 50.22 -64.09
N GLN QA 146 29.32 50.64 -62.97
CA GLN QA 146 29.43 52.07 -62.74
C GLN QA 146 30.67 52.64 -63.41
N ALA QA 147 31.80 51.94 -63.31
CA ALA QA 147 33.02 52.40 -63.99
C ALA QA 147 32.88 52.29 -65.50
N VAL QA 148 32.14 51.29 -65.97
CA VAL QA 148 31.90 51.13 -67.40
C VAL QA 148 31.05 52.28 -67.93
N THR QA 149 29.95 52.57 -67.24
CA THR QA 149 29.07 53.66 -67.64
C THR QA 149 29.77 54.99 -67.51
N ALA QA 150 30.69 55.12 -66.54
CA ALA QA 150 31.45 56.34 -66.39
C ALA QA 150 32.41 56.56 -67.56
N THR QA 151 33.07 55.50 -68.03
CA THR QA 151 33.94 55.65 -69.20
C THR QA 151 33.15 55.91 -70.48
N LEU QA 152 31.97 55.29 -70.60
CA LEU QA 152 31.17 55.48 -71.79
C LEU QA 152 30.57 56.87 -71.85
N GLU QA 153 30.19 57.42 -70.70
CA GLU QA 153 29.72 58.80 -70.70
C GLU QA 153 30.87 59.78 -70.85
N GLU QA 154 32.07 59.41 -70.41
CA GLU QA 154 33.26 60.22 -70.71
C GLU QA 154 33.45 60.35 -72.21
N LYS QA 155 33.34 59.22 -72.93
CA LYS QA 155 33.44 59.21 -74.39
C LYS QA 155 32.38 60.07 -75.06
N ARG QA 156 31.12 59.94 -74.65
CA ARG QA 156 30.11 60.68 -75.39
C ARG QA 156 30.05 62.15 -74.96
N LYS QA 157 30.52 62.50 -73.77
CA LYS QA 157 30.59 63.92 -73.42
C LYS QA 157 31.69 64.61 -74.20
N GLU QA 158 32.78 63.90 -74.47
CA GLU QA 158 33.79 64.41 -75.40
C GLU QA 158 33.21 64.62 -76.80
N LYS QA 159 32.47 63.63 -77.29
CA LYS QA 159 31.95 63.69 -78.65
C LYS QA 159 30.87 64.76 -78.79
N ALA QA 160 30.05 64.93 -77.75
CA ALA QA 160 29.05 65.99 -77.72
C ALA QA 160 29.68 67.36 -77.61
N LYS QA 161 30.84 67.47 -76.95
CA LYS QA 161 31.56 68.75 -76.93
C LYS QA 161 32.04 69.14 -78.32
N ILE QA 162 32.51 68.17 -79.10
CA ILE QA 162 32.92 68.47 -80.47
C ILE QA 162 31.72 68.88 -81.34
N HIS QA 163 30.58 68.21 -81.14
CA HIS QA 163 29.34 68.60 -81.83
C HIS QA 163 28.91 70.03 -81.48
N TYR QA 164 28.93 70.37 -80.19
CA TYR QA 164 28.52 71.70 -79.77
C TYR QA 164 29.48 72.76 -80.26
N ARG QA 165 30.76 72.40 -80.41
CA ARG QA 165 31.73 73.28 -81.05
C ARG QA 165 31.36 73.60 -82.48
N LYS QA 166 31.02 72.56 -83.26
CA LYS QA 166 30.58 72.76 -84.64
C LYS QA 166 29.31 73.59 -84.72
N LYS QA 167 28.40 73.42 -83.75
CA LYS QA 167 27.13 74.12 -83.80
C LYS QA 167 27.27 75.59 -83.39
N LYS QA 168 28.17 75.89 -82.44
CA LYS QA 168 28.51 77.28 -82.13
C LYS QA 168 29.13 77.97 -83.33
N GLN QA 169 29.96 77.25 -84.08
CA GLN QA 169 30.56 77.85 -85.26
C GLN QA 169 29.51 78.11 -86.33
N LEU QA 170 28.56 77.20 -86.49
CA LEU QA 170 27.43 77.43 -87.39
C LEU QA 170 26.61 78.64 -86.98
N MET QA 171 26.46 78.86 -85.68
CA MET QA 171 25.67 80.00 -85.22
C MET QA 171 26.42 81.32 -85.42
N ARG QA 172 27.74 81.30 -85.28
CA ARG QA 172 28.53 82.49 -85.62
C ARG QA 172 28.47 82.80 -87.10
N LEU QA 173 28.49 81.75 -87.95
CA LEU QA 173 28.33 81.98 -89.38
C LEU QA 173 26.96 82.52 -89.72
N ARG QA 174 25.92 82.06 -89.03
CA ARG QA 174 24.58 82.59 -89.25
C ARG QA 174 24.48 84.06 -88.87
N LYS QA 175 25.09 84.45 -87.74
CA LYS QA 175 25.05 85.85 -87.33
C LYS QA 175 25.84 86.74 -88.27
N GLN QA 176 26.97 86.25 -88.79
CA GLN QA 176 27.75 87.11 -89.67
C GLN QA 176 27.14 87.18 -91.06
N ALA QA 177 26.42 86.13 -91.47
CA ALA QA 177 25.60 86.21 -92.67
C ALA QA 177 24.47 87.23 -92.52
N GLU QA 178 23.80 87.22 -91.36
CA GLU QA 178 22.76 88.22 -91.11
C GLU QA 178 23.31 89.63 -91.07
N LYS QA 179 24.56 89.79 -90.63
CA LYS QA 179 25.16 91.12 -90.58
C LYS QA 179 25.58 91.59 -91.97
N ASN QA 180 26.00 90.66 -92.84
CA ASN QA 180 26.31 91.03 -94.22
C ASN QA 180 25.05 91.40 -94.99
N VAL QA 181 23.96 90.69 -94.71
CA VAL QA 181 22.84 90.64 -95.66
C VAL QA 181 21.67 91.54 -95.24
N GLU QA 182 21.81 92.30 -94.15
CA GLU QA 182 20.71 93.11 -93.64
C GLU QA 182 20.30 94.27 -94.54
N LYS QA 183 21.03 94.50 -95.62
CA LYS QA 183 20.61 95.46 -96.63
C LYS QA 183 19.50 94.89 -97.50
N LYS QA 184 19.51 93.58 -97.68
CA LYS QA 184 18.61 92.94 -98.64
C LYS QA 184 17.63 91.96 -97.99
N ILE QA 185 17.55 91.93 -96.66
CA ILE QA 185 16.52 91.17 -95.95
C ILE QA 185 15.84 92.07 -94.95
N SER QA 186 15.96 93.39 -95.13
CA SER QA 186 15.54 94.32 -94.10
C SER QA 186 14.03 94.38 -93.98
N LYS QA 187 13.30 94.21 -95.09
CA LYS QA 187 11.84 94.27 -95.03
C LYS QA 187 11.27 93.03 -94.38
N PHE QA 188 11.88 91.88 -94.65
CA PHE QA 188 11.51 90.64 -93.99
C PHE QA 188 11.84 90.68 -92.51
N THR QA 189 12.94 91.34 -92.14
CA THR QA 189 13.26 91.50 -90.73
C THR QA 189 12.27 92.45 -90.06
N ASP QA 190 11.82 93.47 -90.79
CA ASP QA 190 10.94 94.47 -90.21
C ASP QA 190 9.55 93.92 -89.95
N VAL QA 191 9.06 93.03 -90.82
CA VAL QA 191 7.73 92.48 -90.54
C VAL QA 191 7.79 91.49 -89.37
N LEU QA 192 8.90 90.79 -89.20
CA LEU QA 192 9.08 89.94 -88.04
C LEU QA 192 9.26 90.75 -86.76
N LYS QA 193 9.77 91.98 -86.88
CA LYS QA 193 9.88 92.83 -85.71
C LYS QA 193 8.56 93.53 -85.39
N THR QA 194 7.70 93.75 -86.39
CA THR QA 194 6.39 94.31 -86.10
C THR QA 194 5.45 93.26 -85.55
N HIS QA 195 5.70 91.98 -85.86
CA HIS QA 195 4.86 90.95 -85.25
C HIS QA 195 5.53 90.22 -84.10
N GLY QA 196 6.48 90.84 -83.41
CA GLY QA 196 6.94 90.30 -82.15
C GLY QA 196 7.69 89.00 -82.22
N LEU QA 197 8.57 88.85 -83.19
CA LEU QA 197 9.36 87.63 -83.32
C LEU QA 197 10.83 87.89 -83.07
N LEU QA 198 11.27 89.13 -83.23
CA LEU QA 198 12.68 89.47 -83.18
C LEU QA 198 13.01 90.60 -82.21
N VAL QA 199 12.02 91.26 -81.63
CA VAL QA 199 12.33 92.32 -80.68
C VAL QA 199 12.81 91.69 -79.38
N VAL RA 1 -24.40 3.05 -93.27
CA VAL RA 1 -25.13 3.79 -92.25
C VAL RA 1 -24.73 5.26 -92.20
N ARG RA 2 -25.17 5.93 -91.14
CA ARG RA 2 -24.95 7.35 -90.96
C ARG RA 2 -23.66 7.56 -90.18
N TYR RA 3 -22.64 8.09 -90.85
CA TYR RA 3 -21.40 8.43 -90.16
C TYR RA 3 -21.52 9.85 -89.64
N SER RA 4 -20.47 10.30 -88.95
CA SER RA 4 -20.55 11.61 -88.30
C SER RA 4 -20.24 12.72 -89.29
N LEU RA 5 -19.49 12.42 -90.33
CA LEU RA 5 -19.01 13.42 -91.26
C LEU RA 5 -19.35 12.97 -92.67
N ASP RA 6 -19.94 13.86 -93.46
CA ASP RA 6 -20.04 13.55 -94.88
C ASP RA 6 -18.71 13.76 -95.58
N PRO RA 7 -18.38 12.93 -96.56
CA PRO RA 7 -17.27 13.24 -97.45
C PRO RA 7 -17.61 14.40 -98.36
N GLU RA 8 -16.55 15.06 -98.85
CA GLU RA 8 -16.74 16.24 -99.69
C GLU RA 8 -17.22 15.86 -101.08
N ASN RA 9 -16.73 14.73 -101.60
CA ASN RA 9 -17.18 14.19 -102.88
C ASN RA 9 -17.32 12.69 -102.74
N PRO RA 10 -18.55 12.19 -102.63
CA PRO RA 10 -18.77 10.83 -102.08
C PRO RA 10 -18.39 9.70 -103.01
N THR RA 11 -18.12 9.98 -104.29
CA THR RA 11 -17.65 8.92 -105.18
C THR RA 11 -16.13 8.82 -105.13
N LYS RA 12 -15.47 9.93 -104.80
CA LYS RA 12 -14.01 9.92 -104.68
C LYS RA 12 -13.55 9.23 -103.40
N SER RA 13 -14.47 8.93 -102.50
CA SER RA 13 -14.16 8.46 -101.16
C SER RA 13 -14.63 7.03 -100.94
N CYS RA 14 -14.11 6.41 -99.88
CA CYS RA 14 -14.61 5.13 -99.42
C CYS RA 14 -14.70 5.15 -97.91
N LYS RA 15 -15.24 4.08 -97.33
CA LYS RA 15 -15.58 4.05 -95.92
C LYS RA 15 -15.18 2.73 -95.28
N SER RA 16 -15.05 2.74 -93.96
CA SER RA 16 -15.10 1.53 -93.15
C SER RA 16 -15.48 1.90 -91.73
N ARG RA 17 -16.21 1.01 -91.08
CA ARG RA 17 -16.82 1.21 -89.78
C ARG RA 17 -16.45 0.00 -88.93
N GLY RA 18 -16.30 0.23 -87.64
CA GLY RA 18 -16.02 -0.86 -86.72
C GLY RA 18 -16.76 -0.61 -85.44
N SER RA 19 -17.61 -1.54 -85.05
CA SER RA 19 -18.43 -1.36 -83.87
C SER RA 19 -18.01 -2.30 -82.76
N ASN RA 20 -17.85 -1.73 -81.57
CA ASN RA 20 -17.83 -2.45 -80.30
C ASN RA 20 -16.60 -3.33 -80.20
N LEU RA 21 -15.46 -2.75 -80.59
CA LEU RA 21 -14.19 -3.45 -80.70
C LEU RA 21 -13.48 -3.48 -79.35
N ARG RA 22 -13.07 -4.67 -78.90
CA ARG RA 22 -12.44 -4.81 -77.59
C ARG RA 22 -10.96 -4.40 -77.68
N VAL RA 23 -10.71 -3.11 -77.86
CA VAL RA 23 -9.44 -2.49 -77.48
C VAL RA 23 -9.76 -1.28 -76.62
N HIS RA 24 -8.72 -0.77 -75.97
CA HIS RA 24 -8.88 0.37 -75.09
C HIS RA 24 -9.15 1.62 -75.91
N PHE RA 25 -10.14 2.39 -75.47
CA PHE RA 25 -10.51 3.62 -76.13
C PHE RA 25 -9.37 4.63 -76.13
N LYS RA 26 -8.65 4.75 -75.01
CA LYS RA 26 -7.68 5.84 -74.89
C LYS RA 26 -6.43 5.56 -75.68
N ASN RA 27 -6.08 4.28 -75.87
CA ASN RA 27 -4.94 3.95 -76.69
C ASN RA 27 -5.27 4.08 -78.16
N THR RA 28 -6.54 3.85 -78.52
CA THR RA 28 -6.92 3.83 -79.92
C THR RA 28 -7.26 5.21 -80.44
N ARG RA 29 -7.76 6.09 -79.57
CA ARG RA 29 -8.01 7.47 -79.99
C ARG RA 29 -6.72 8.17 -80.37
N GLU RA 30 -5.64 7.89 -79.66
CA GLU RA 30 -4.41 8.62 -79.92
C GLU RA 30 -3.64 8.00 -81.07
N THR RA 31 -3.78 6.68 -81.28
CA THR RA 31 -3.19 6.08 -82.46
C THR RA 31 -4.03 6.38 -83.70
N ALA RA 32 -5.26 6.87 -83.52
CA ALA RA 32 -6.01 7.38 -84.66
C ALA RA 32 -5.74 8.85 -84.91
N GLN RA 33 -5.45 9.63 -83.86
CA GLN RA 33 -5.03 11.01 -84.08
C GLN RA 33 -3.63 11.09 -84.65
N ALA RA 34 -2.81 10.07 -84.42
CA ALA RA 34 -1.48 10.06 -85.03
C ALA RA 34 -1.55 9.86 -86.52
N ILE RA 35 -2.56 9.12 -86.98
CA ILE RA 35 -2.67 8.73 -88.38
C ILE RA 35 -3.72 9.54 -89.12
N LYS RA 36 -4.10 10.71 -88.59
CA LYS RA 36 -5.39 11.30 -88.93
C LYS RA 36 -5.40 11.89 -90.33
N GLY RA 37 -4.26 12.35 -90.82
CA GLY RA 37 -4.27 12.91 -92.15
C GLY RA 37 -3.29 12.29 -93.11
N MET RA 38 -2.85 11.07 -92.84
CA MET RA 38 -1.76 10.49 -93.60
C MET RA 38 -2.23 10.00 -94.96
N HIS RA 39 -1.26 9.55 -95.75
CA HIS RA 39 -1.51 8.71 -96.90
C HIS RA 39 -1.64 7.28 -96.40
N ILE RA 40 -2.23 6.40 -97.22
CA ILE RA 40 -2.59 5.08 -96.74
C ILE RA 40 -1.35 4.19 -96.60
N ARG RA 41 -0.36 4.38 -97.47
CA ARG RA 41 0.85 3.58 -97.38
C ARG RA 41 1.70 4.04 -96.21
N LYS RA 42 1.76 5.36 -96.02
CA LYS RA 42 2.41 5.94 -94.85
C LYS RA 42 1.70 5.51 -93.58
N ALA RA 43 0.37 5.39 -93.64
CA ALA RA 43 -0.42 4.92 -92.52
C ALA RA 43 -0.06 3.49 -92.12
N THR RA 44 -0.09 2.57 -93.10
CA THR RA 44 0.20 1.17 -92.80
C THR RA 44 1.66 0.96 -92.39
N LYS RA 45 2.59 1.70 -93.00
CA LYS RA 45 3.99 1.58 -92.62
C LYS RA 45 4.23 2.12 -91.23
N TYR RA 46 3.54 3.20 -90.87
CA TYR RA 46 3.61 3.75 -89.52
C TYR RA 46 3.06 2.78 -88.49
N LEU RA 47 1.92 2.15 -88.79
CA LEU RA 47 1.31 1.21 -87.86
C LEU RA 47 2.15 -0.04 -87.67
N LYS RA 48 2.80 -0.52 -88.73
CA LYS RA 48 3.69 -1.66 -88.57
C LYS RA 48 4.96 -1.27 -87.84
N ASP RA 49 5.39 0.00 -87.93
CA ASP RA 49 6.51 0.44 -87.10
C ASP RA 49 6.11 0.59 -85.64
N VAL RA 50 4.85 0.92 -85.36
CA VAL RA 50 4.37 0.97 -83.98
C VAL RA 50 4.32 -0.44 -83.40
N THR RA 51 3.90 -1.40 -84.21
CA THR RA 51 3.86 -2.79 -83.78
C THR RA 51 5.27 -3.35 -83.54
N LEU RA 52 6.25 -2.80 -84.22
CA LEU RA 52 7.65 -3.22 -84.09
C LEU RA 52 8.46 -2.29 -83.20
N LYS RA 53 7.81 -1.30 -82.58
CA LYS RA 53 8.43 -0.32 -81.67
C LYS RA 53 9.54 0.46 -82.35
N LYS RA 54 9.29 0.89 -83.58
CA LYS RA 54 10.25 1.69 -84.34
C LYS RA 54 9.79 3.13 -84.50
N GLN RA 55 8.49 3.38 -84.47
CA GLN RA 55 7.92 4.72 -84.38
C GLN RA 55 6.79 4.66 -83.36
N CYS RA 56 6.50 5.78 -82.70
CA CYS RA 56 5.59 5.73 -81.57
C CYS RA 56 4.29 6.45 -81.85
N VAL RA 57 3.39 6.38 -80.87
CA VAL RA 57 2.17 7.17 -80.84
C VAL RA 57 2.31 8.20 -79.73
N PRO RA 58 2.26 9.50 -80.02
CA PRO RA 58 2.43 10.52 -78.97
C PRO RA 58 1.16 10.71 -78.17
N PHE RA 59 1.16 10.23 -76.92
CA PHE RA 59 -0.03 10.33 -76.08
C PHE RA 59 -0.12 11.76 -75.57
N ARG RA 60 -1.13 12.48 -76.04
CA ARG RA 60 -1.23 13.92 -75.86
C ARG RA 60 -2.30 14.32 -74.85
N ARG RA 61 -3.53 13.87 -75.06
CA ARG RA 61 -4.60 14.13 -74.12
C ARG RA 61 -4.57 13.11 -73.00
N TYR RA 62 -4.52 11.83 -73.36
CA TYR RA 62 -4.57 10.77 -72.36
C TYR RA 62 -3.15 10.33 -72.04
N ASN RA 63 -2.49 11.17 -71.24
CA ASN RA 63 -1.06 10.99 -70.99
C ASN RA 63 -0.71 10.96 -69.50
N GLY RA 64 -1.66 10.67 -68.64
CA GLY RA 64 -1.37 10.66 -67.23
C GLY RA 64 -0.58 9.43 -66.85
N GLY RA 65 0.69 9.62 -66.51
CA GLY RA 65 1.53 8.50 -66.14
C GLY RA 65 2.33 7.92 -67.27
N VAL RA 66 2.02 8.29 -68.51
CA VAL RA 66 2.68 7.75 -69.70
C VAL RA 66 4.13 8.23 -69.72
N GLY RA 67 5.04 7.28 -69.82
CA GLY RA 67 6.44 7.61 -69.74
C GLY RA 67 6.97 8.20 -71.03
N ARG RA 68 8.14 8.80 -70.92
CA ARG RA 68 8.71 9.53 -72.03
C ARG RA 68 9.49 8.58 -72.92
N CYS RA 69 9.70 8.98 -74.17
CA CYS RA 69 10.52 8.19 -75.08
C CYS RA 69 11.27 9.14 -75.99
N ALA RA 70 12.28 8.59 -76.68
CA ALA RA 70 13.04 9.40 -77.62
C ALA RA 70 12.31 9.56 -78.93
N GLN RA 71 11.42 8.62 -79.25
CA GLN RA 71 10.76 8.64 -80.54
C GLN RA 71 9.64 9.66 -80.61
N ALA RA 72 9.24 10.22 -79.47
CA ALA RA 72 8.13 11.17 -79.47
C ALA RA 72 8.55 12.54 -79.96
N LYS RA 73 9.84 12.77 -80.14
CA LYS RA 73 10.34 14.11 -80.44
C LYS RA 73 10.03 14.53 -81.87
N GLN RA 74 9.67 13.60 -82.74
CA GLN RA 74 9.28 13.96 -84.09
C GLN RA 74 7.90 14.58 -84.10
N TRP RA 75 7.12 14.32 -83.05
CA TRP RA 75 5.78 14.84 -82.97
C TRP RA 75 5.75 16.17 -82.22
N GLY RA 76 6.90 16.64 -81.77
CA GLY RA 76 6.96 17.87 -81.01
C GLY RA 76 6.37 17.67 -79.64
N TRP RA 77 6.66 16.51 -79.04
CA TRP RA 77 6.02 16.10 -77.82
C TRP RA 77 7.03 15.23 -77.10
N THR RA 78 6.90 15.11 -75.78
CA THR RA 78 7.84 14.29 -75.04
C THR RA 78 7.27 12.90 -74.78
N GLN RA 79 5.99 12.81 -74.49
CA GLN RA 79 5.36 11.55 -74.15
C GLN RA 79 4.92 10.78 -75.37
N GLY RA 80 4.98 9.46 -75.25
CA GLY RA 80 4.72 8.60 -76.36
C GLY RA 80 4.80 7.16 -75.95
N ARG RA 81 4.08 6.30 -76.66
CA ARG RA 81 3.91 4.93 -76.26
C ARG RA 81 3.57 4.16 -77.53
N TRP RA 82 3.58 2.83 -77.46
CA TRP RA 82 3.49 1.98 -78.64
C TRP RA 82 2.31 1.01 -78.56
N PRO RA 83 1.06 1.49 -78.71
CA PRO RA 83 -0.08 0.56 -78.60
C PRO RA 83 -0.20 -0.44 -79.74
N LYS RA 84 -0.11 -1.72 -79.36
CA LYS RA 84 0.03 -2.80 -80.34
C LYS RA 84 -1.33 -3.33 -80.78
N LYS RA 85 -2.24 -3.57 -79.82
CA LYS RA 85 -3.63 -3.87 -80.15
C LYS RA 85 -4.29 -2.75 -80.93
N SER RA 86 -4.01 -1.51 -80.55
CA SER RA 86 -4.62 -0.38 -81.22
C SER RA 86 -4.04 -0.19 -82.62
N ALA RA 87 -2.75 -0.51 -82.79
CA ALA RA 87 -2.19 -0.51 -84.14
C ALA RA 87 -2.82 -1.60 -84.99
N GLU RA 88 -3.02 -2.79 -84.41
CA GLU RA 88 -3.51 -3.92 -85.19
C GLU RA 88 -4.99 -3.81 -85.54
N PHE RA 89 -5.81 -3.23 -84.66
CA PHE RA 89 -7.24 -3.18 -84.98
C PHE RA 89 -7.51 -2.18 -86.08
N LEU RA 90 -6.96 -0.98 -85.98
CA LEU RA 90 -7.15 -0.09 -87.11
C LEU RA 90 -6.21 -0.37 -88.26
N LEU RA 91 -5.27 -1.31 -88.13
CA LEU RA 91 -4.58 -1.80 -89.30
C LEU RA 91 -5.45 -2.77 -90.09
N HIS RA 92 -6.19 -3.64 -89.39
CA HIS RA 92 -7.26 -4.42 -90.03
C HIS RA 92 -8.32 -3.52 -90.65
N MET RA 93 -8.61 -2.39 -90.02
CA MET RA 93 -9.65 -1.51 -90.56
C MET RA 93 -9.14 -0.75 -91.79
N LEU RA 94 -7.86 -0.40 -91.83
CA LEU RA 94 -7.26 0.14 -93.05
C LEU RA 94 -7.27 -0.87 -94.17
N LYS RA 95 -7.02 -2.14 -93.86
CA LYS RA 95 -7.13 -3.20 -94.85
C LYS RA 95 -8.56 -3.32 -95.39
N ASN RA 96 -9.55 -3.16 -94.51
CA ASN RA 96 -10.96 -3.21 -94.93
C ASN RA 96 -11.31 -2.04 -95.84
N ALA RA 97 -10.89 -0.82 -95.50
CA ALA RA 97 -11.23 0.33 -96.32
C ALA RA 97 -10.47 0.32 -97.64
N GLU RA 98 -9.25 -0.22 -97.65
CA GLU RA 98 -8.51 -0.44 -98.89
C GLU RA 98 -9.21 -1.47 -99.78
N SER RA 99 -9.81 -2.50 -99.17
CA SER RA 99 -10.63 -3.43 -99.93
C SER RA 99 -11.88 -2.78 -100.47
N ASN RA 100 -12.48 -1.86 -99.71
CA ASN RA 100 -13.68 -1.19 -100.19
C ASN RA 100 -13.36 -0.26 -101.35
N ALA RA 101 -12.20 0.39 -101.31
CA ALA RA 101 -11.79 1.22 -102.43
C ALA RA 101 -11.38 0.38 -103.63
N GLU RA 102 -10.92 -0.85 -103.38
CA GLU RA 102 -10.66 -1.76 -104.49
C GLU RA 102 -11.96 -2.20 -105.16
N LEU RA 103 -12.98 -2.49 -104.35
CA LEU RA 103 -14.29 -2.88 -104.90
C LEU RA 103 -14.96 -1.72 -105.62
N LYS RA 104 -14.86 -0.52 -105.07
CA LYS RA 104 -15.56 0.63 -105.61
C LYS RA 104 -14.83 1.21 -106.81
N GLY RA 105 -13.58 0.82 -107.02
CA GLY RA 105 -12.86 1.25 -108.20
C GLY RA 105 -12.18 2.59 -108.07
N LEU RA 106 -11.48 2.79 -106.95
CA LEU RA 106 -10.70 4.00 -106.74
C LEU RA 106 -9.23 3.68 -106.93
N ASP RA 107 -8.45 4.71 -107.21
CA ASP RA 107 -7.00 4.56 -107.24
C ASP RA 107 -6.50 4.36 -105.82
N VAL RA 108 -6.16 3.11 -105.50
CA VAL RA 108 -5.90 2.69 -104.13
C VAL RA 108 -4.62 3.32 -103.59
N ASP RA 109 -3.58 3.41 -104.41
CA ASP RA 109 -2.30 3.93 -103.96
C ASP RA 109 -2.24 5.45 -103.90
N SER RA 110 -3.37 6.15 -103.91
CA SER RA 110 -3.40 7.57 -103.63
C SER RA 110 -4.51 7.98 -102.68
N LEU RA 111 -4.81 7.16 -101.66
CA LEU RA 111 -5.87 7.47 -100.72
C LEU RA 111 -5.33 8.25 -99.54
N VAL RA 112 -6.08 9.23 -99.06
CA VAL RA 112 -5.78 9.97 -97.84
C VAL RA 112 -6.90 9.68 -96.85
N ILE RA 113 -6.54 9.25 -95.66
CA ILE RA 113 -7.51 9.19 -94.58
C ILE RA 113 -7.93 10.61 -94.19
N GLU RA 114 -9.18 10.96 -94.50
CA GLU RA 114 -9.65 12.33 -94.24
C GLU RA 114 -10.39 12.42 -92.91
N HIS RA 115 -11.16 11.41 -92.59
CA HIS RA 115 -11.89 11.35 -91.35
C HIS RA 115 -11.50 10.09 -90.60
N ILE RA 116 -11.36 10.20 -89.29
CA ILE RA 116 -11.28 9.05 -88.41
C ILE RA 116 -11.77 9.49 -87.04
N GLN RA 117 -12.60 8.67 -86.43
CA GLN RA 117 -13.24 8.99 -85.18
C GLN RA 117 -13.31 7.72 -84.35
N VAL RA 118 -12.95 7.84 -83.07
CA VAL RA 118 -13.04 6.74 -82.12
C VAL RA 118 -14.03 7.14 -81.04
N ASN RA 119 -15.14 6.41 -80.94
CA ASN RA 119 -16.11 6.64 -79.89
C ASN RA 119 -16.00 5.56 -78.83
N LYS RA 120 -16.55 5.83 -77.67
CA LYS RA 120 -16.67 4.78 -76.65
C LYS RA 120 -17.81 3.87 -77.02
N ALA RA 121 -17.67 2.61 -76.67
CA ALA RA 121 -18.70 1.59 -76.84
C ALA RA 121 -19.28 1.28 -75.47
N PRO RA 122 -20.39 0.53 -75.39
CA PRO RA 122 -20.86 0.09 -74.06
C PRO RA 122 -19.83 -0.78 -73.35
N LYS RA 123 -19.53 -0.41 -72.10
CA LYS RA 123 -18.50 -1.07 -71.33
C LYS RA 123 -18.92 -2.47 -70.91
N MET RA 124 -18.03 -3.43 -71.15
CA MET RA 124 -18.16 -4.79 -70.66
C MET RA 124 -17.97 -4.80 -69.15
N ARG RA 125 -18.44 -5.85 -68.48
CA ARG RA 125 -18.38 -5.83 -67.03
C ARG RA 125 -17.82 -7.12 -66.47
N ARG RA 126 -16.74 -7.00 -65.72
CA ARG RA 126 -16.22 -8.02 -64.84
C ARG RA 126 -16.13 -7.43 -63.44
N ARG RA 127 -15.54 -8.20 -62.52
CA ARG RA 127 -15.36 -7.77 -61.13
C ARG RA 127 -14.06 -8.24 -60.45
N THR RA 128 -13.38 -7.32 -59.74
CA THR RA 128 -12.14 -7.62 -59.04
C THR RA 128 -12.44 -7.73 -57.56
N TYR RA 129 -11.64 -8.50 -56.84
CA TYR RA 129 -11.87 -8.70 -55.42
C TYR RA 129 -10.87 -7.93 -54.60
N ARG RA 130 -11.37 -7.12 -53.68
CA ARG RA 130 -10.51 -6.24 -52.94
C ARG RA 130 -10.50 -6.68 -51.49
N ALA RA 131 -9.79 -5.92 -50.67
CA ALA RA 131 -9.61 -6.28 -49.27
C ALA RA 131 -10.91 -6.07 -48.51
N HIS RA 132 -11.01 -6.77 -47.39
CA HIS RA 132 -12.10 -6.66 -46.42
C HIS RA 132 -13.46 -7.04 -47.01
N GLY RA 133 -13.45 -8.05 -47.86
CA GLY RA 133 -14.68 -8.53 -48.42
C GLY RA 133 -15.39 -7.46 -49.19
N ARG RA 134 -14.69 -6.91 -50.16
CA ARG RA 134 -15.27 -5.91 -51.04
C ARG RA 134 -15.04 -6.30 -52.48
N ILE RA 135 -15.95 -5.88 -53.35
CA ILE RA 135 -15.89 -6.20 -54.78
C ILE RA 135 -16.10 -4.97 -55.65
N ASN RA 136 -15.06 -4.56 -56.34
CA ASN RA 136 -15.09 -3.38 -57.18
C ASN RA 136 -15.27 -3.77 -58.64
N PRO RA 137 -15.74 -2.85 -59.50
CA PRO RA 137 -15.81 -3.17 -60.92
C PRO RA 137 -14.44 -3.24 -61.57
N TYR RA 138 -14.39 -4.00 -62.67
CA TYR RA 138 -13.15 -4.25 -63.40
C TYR RA 138 -13.47 -4.16 -64.89
N MET RA 139 -14.08 -3.05 -65.29
CA MET RA 139 -14.78 -2.97 -66.57
C MET RA 139 -13.86 -2.69 -67.74
N SER RA 140 -14.12 -3.36 -68.85
CA SER RA 140 -13.48 -3.13 -70.13
C SER RA 140 -14.06 -1.89 -70.80
N SER RA 141 -13.21 -1.16 -71.51
CA SER RA 141 -13.61 0.06 -72.21
C SER RA 141 -13.35 -0.10 -73.69
N PRO RA 142 -14.29 -0.68 -74.43
CA PRO RA 142 -14.09 -0.89 -75.87
C PRO RA 142 -14.40 0.37 -76.66
N CYS RA 143 -14.37 0.24 -77.98
CA CYS RA 143 -14.53 1.43 -78.80
C CYS RA 143 -15.20 1.11 -80.13
N HIS RA 144 -15.86 2.14 -80.67
CA HIS RA 144 -16.31 2.15 -82.05
C HIS RA 144 -15.31 2.95 -82.86
N ILE RA 145 -14.99 2.51 -84.07
CA ILE RA 145 -14.06 3.25 -84.94
C ILE RA 145 -14.71 3.38 -86.30
N GLU RA 146 -14.65 4.57 -86.89
CA GLU RA 146 -15.04 4.73 -88.27
C GLU RA 146 -14.22 5.82 -88.94
N MET RA 147 -14.04 5.67 -90.25
CA MET RA 147 -13.07 6.43 -91.01
C MET RA 147 -13.50 6.53 -92.47
N ILE RA 148 -13.05 7.60 -93.13
CA ILE RA 148 -13.38 7.87 -94.53
C ILE RA 148 -12.09 8.18 -95.26
N LEU RA 149 -11.64 7.26 -96.09
CA LEU RA 149 -10.53 7.51 -96.99
C LEU RA 149 -11.03 8.28 -98.19
N THR RA 150 -10.14 9.05 -98.80
CA THR RA 150 -10.49 9.90 -99.93
C THR RA 150 -9.32 9.95 -100.89
N GLU RA 151 -9.60 9.79 -102.17
CA GLU RA 151 -8.61 10.05 -103.22
C GLU RA 151 -8.18 11.51 -103.21
N LYS RA 152 -6.88 11.72 -103.01
CA LYS RA 152 -6.22 12.97 -103.31
C LYS RA 152 -4.99 12.63 -104.14
N GLU RA 153 -4.83 13.33 -105.25
CA GLU RA 153 -3.74 13.05 -106.18
C GLU RA 153 -2.38 13.43 -105.60
N GLY SA 1 -34.06 60.47 -47.81
CA GLY SA 1 -35.23 59.67 -47.57
C GLY SA 1 -36.25 60.48 -46.82
N VAL SA 2 -37.42 59.90 -46.59
CA VAL SA 2 -38.52 60.59 -45.95
C VAL SA 2 -38.92 59.73 -44.75
N ASP SA 3 -39.20 60.36 -43.60
CA ASP SA 3 -39.66 59.55 -42.46
C ASP SA 3 -41.18 59.66 -42.31
N ILE SA 4 -41.84 58.84 -43.11
CA ILE SA 4 -43.23 58.46 -42.92
C ILE SA 4 -43.24 56.97 -42.65
N ARG SA 5 -44.00 56.54 -41.65
CA ARG SA 5 -44.34 55.14 -41.52
C ARG SA 5 -45.42 54.81 -42.53
N HIS SA 6 -45.14 53.83 -43.39
CA HIS SA 6 -46.08 53.37 -44.41
C HIS SA 6 -47.03 52.30 -43.86
N ASN SA 7 -47.20 52.31 -42.55
CA ASN SA 7 -47.86 51.23 -41.82
C ASN SA 7 -49.36 51.24 -42.08
N LYS SA 8 -49.96 52.42 -42.09
CA LYS SA 8 -51.41 52.57 -42.15
C LYS SA 8 -51.83 53.42 -43.34
N ASP SA 9 -51.02 53.42 -44.40
CA ASP SA 9 -51.37 54.25 -45.54
C ASP SA 9 -52.47 53.62 -46.37
N ARG SA 10 -52.51 52.30 -46.44
CA ARG SA 10 -53.60 51.61 -47.10
C ARG SA 10 -54.77 51.50 -46.13
N LYS SA 11 -55.92 52.02 -46.55
CA LYS SA 11 -57.12 51.97 -45.74
C LYS SA 11 -57.91 50.74 -46.17
N VAL SA 12 -58.22 49.86 -45.22
CA VAL SA 12 -58.68 48.53 -45.62
C VAL SA 12 -60.16 48.45 -45.90
N ARG SA 13 -60.88 49.57 -45.80
CA ARG SA 13 -62.32 49.71 -46.05
C ARG SA 13 -62.79 49.05 -47.34
N ARG SA 14 -64.05 48.66 -47.37
CA ARG SA 14 -64.52 47.81 -48.43
C ARG SA 14 -64.97 48.62 -49.64
N LYS SA 15 -64.41 48.29 -50.80
CA LYS SA 15 -64.54 49.05 -52.04
C LYS SA 15 -65.72 48.60 -52.88
N GLU SA 16 -66.07 47.33 -52.80
CA GLU SA 16 -67.01 46.64 -53.66
C GLU SA 16 -67.50 45.44 -52.87
N PRO SA 17 -68.67 44.87 -53.20
CA PRO SA 17 -69.10 43.68 -52.47
C PRO SA 17 -68.24 42.48 -52.80
N LYS SA 18 -68.05 41.62 -51.80
CA LYS SA 18 -67.37 40.37 -52.06
C LYS SA 18 -68.27 39.35 -52.74
N SER SA 19 -69.57 39.61 -52.78
CA SER SA 19 -70.47 38.70 -53.45
C SER SA 19 -70.35 38.86 -54.95
N GLN SA 20 -70.55 37.75 -55.66
CA GLN SA 20 -70.57 37.75 -57.10
C GLN SA 20 -71.98 37.72 -57.65
N ASP SA 21 -72.99 37.96 -56.80
CA ASP SA 21 -74.36 37.93 -57.29
C ASP SA 21 -74.66 39.18 -58.08
N ILE SA 22 -75.47 39.00 -59.12
CA ILE SA 22 -75.48 40.05 -60.12
C ILE SA 22 -76.51 41.13 -59.80
N TYR SA 23 -77.51 40.83 -58.97
CA TYR SA 23 -78.49 41.84 -58.63
C TYR SA 23 -77.95 42.85 -57.64
N LEU SA 24 -77.15 42.38 -56.67
CA LEU SA 24 -76.51 43.28 -55.73
C LEU SA 24 -75.50 44.16 -56.45
N ARG SA 25 -74.84 43.62 -57.46
CA ARG SA 25 -73.91 44.43 -58.22
C ARG SA 25 -74.62 45.39 -59.17
N LEU SA 26 -75.84 45.08 -59.58
CA LEU SA 26 -76.61 46.07 -60.34
C LEU SA 26 -77.10 47.22 -59.46
N LEU SA 27 -77.56 46.91 -58.23
CA LEU SA 27 -77.91 47.97 -57.29
C LEU SA 27 -76.68 48.80 -56.92
N VAL SA 28 -75.51 48.17 -56.85
CA VAL SA 28 -74.28 48.92 -56.63
C VAL SA 28 -73.97 49.81 -57.82
N LYS SA 29 -74.22 49.33 -59.05
CA LYS SA 29 -74.00 50.19 -60.22
C LYS SA 29 -74.93 51.37 -60.25
N LEU SA 30 -76.13 51.22 -59.68
CA LEU SA 30 -77.06 52.34 -59.64
C LEU SA 30 -76.65 53.35 -58.57
N TYR SA 31 -76.26 52.86 -57.40
CA TYR SA 31 -75.93 53.79 -56.33
C TYR SA 31 -74.52 54.34 -56.39
N ARG SA 32 -73.59 53.72 -57.13
CA ARG SA 32 -72.35 54.40 -57.48
C ARG SA 32 -72.63 55.66 -58.27
N PHE SA 33 -73.59 55.58 -59.20
CA PHE SA 33 -73.93 56.75 -60.00
C PHE SA 33 -74.66 57.78 -59.16
N LEU SA 34 -75.59 57.35 -58.31
CA LEU SA 34 -76.29 58.32 -57.47
C LEU SA 34 -75.40 58.91 -56.39
N ALA SA 35 -74.35 58.22 -55.99
CA ALA SA 35 -73.51 58.70 -54.90
C ALA SA 35 -72.52 59.74 -55.39
N ARG SA 36 -72.16 59.71 -56.67
CA ARG SA 36 -71.15 60.66 -57.11
C ARG SA 36 -71.76 61.85 -57.80
N ARG SA 37 -73.07 61.82 -58.02
CA ARG SA 37 -73.76 62.79 -58.85
C ARG SA 37 -74.89 63.48 -58.10
N THR SA 38 -75.30 62.98 -56.96
CA THR SA 38 -76.15 63.75 -56.07
C THR SA 38 -75.28 64.35 -54.98
N ASN SA 39 -75.71 65.49 -54.46
CA ASN SA 39 -75.09 66.08 -53.30
C ASN SA 39 -75.54 65.44 -51.99
N SER SA 40 -76.40 64.42 -52.05
CA SER SA 40 -76.98 63.88 -50.84
C SER SA 40 -76.01 62.94 -50.15
N THR SA 41 -76.13 62.85 -48.84
CA THR SA 41 -75.29 61.92 -48.10
C THR SA 41 -76.08 60.67 -47.73
N PHE SA 42 -77.34 60.58 -48.16
CA PHE SA 42 -78.07 59.34 -48.03
C PHE SA 42 -77.44 58.27 -48.92
N ASN SA 43 -77.13 58.65 -50.15
CA ASN SA 43 -76.72 57.68 -51.15
C ASN SA 43 -75.33 57.15 -50.87
N GLN SA 44 -74.49 57.93 -50.18
CA GLN SA 44 -73.20 57.42 -49.75
C GLN SA 44 -73.35 56.35 -48.68
N VAL SA 45 -74.24 56.56 -47.72
CA VAL SA 45 -74.49 55.59 -46.67
C VAL SA 45 -75.09 54.32 -47.24
N VAL SA 46 -76.01 54.46 -48.20
CA VAL SA 46 -76.64 53.28 -48.80
C VAL SA 46 -75.65 52.54 -49.70
N LEU SA 47 -74.80 53.27 -50.43
CA LEU SA 47 -73.76 52.63 -51.23
C LEU SA 47 -72.77 51.87 -50.36
N LYS SA 48 -72.35 52.49 -49.25
CA LYS SA 48 -71.48 51.84 -48.28
C LYS SA 48 -72.11 50.59 -47.70
N ARG SA 49 -73.40 50.64 -47.36
CA ARG SA 49 -74.04 49.48 -46.76
C ARG SA 49 -74.34 48.38 -47.75
N LEU SA 50 -74.49 48.69 -49.03
CA LEU SA 50 -74.60 47.63 -50.02
C LEU SA 50 -73.28 46.92 -50.26
N PHE SA 51 -72.16 47.48 -49.80
CA PHE SA 51 -70.92 46.74 -49.90
C PHE SA 51 -70.74 45.74 -48.77
N MET SA 52 -71.26 46.04 -47.57
CA MET SA 52 -70.81 45.39 -46.36
C MET SA 52 -71.24 43.93 -46.32
N SER SA 53 -70.64 43.19 -45.39
CA SER SA 53 -70.83 41.77 -45.26
C SER SA 53 -72.18 41.47 -44.61
N ARG SA 54 -72.54 40.19 -44.56
CA ARG SA 54 -73.80 39.76 -43.96
C ARG SA 54 -73.88 40.12 -42.49
N THR SA 55 -72.75 40.06 -41.78
CA THR SA 55 -72.75 40.33 -40.35
C THR SA 55 -72.77 41.81 -40.06
N ASN SA 56 -72.53 42.65 -41.09
CA ASN SA 56 -72.57 44.09 -40.90
C ASN SA 56 -73.87 44.69 -41.39
N ARG SA 57 -74.73 43.91 -42.04
CA ARG SA 57 -76.12 44.29 -42.29
C ARG SA 57 -77.01 43.24 -41.63
N PRO SA 58 -77.19 43.33 -40.32
CA PRO SA 58 -77.91 42.30 -39.57
C PRO SA 58 -79.40 42.37 -39.85
N PRO SA 59 -80.17 41.32 -39.55
CA PRO SA 59 -81.61 41.38 -39.81
C PRO SA 59 -82.31 42.34 -38.87
N LEU SA 60 -83.21 43.13 -39.43
CA LEU SA 60 -84.05 44.03 -38.65
C LEU SA 60 -85.42 43.41 -38.49
N SER SA 61 -85.83 43.22 -37.25
CA SER SA 61 -87.12 42.58 -37.03
C SER SA 61 -88.23 43.58 -37.28
N LEU SA 62 -89.46 43.08 -37.27
CA LEU SA 62 -90.58 43.92 -37.65
C LEU SA 62 -90.90 44.90 -36.54
N SER SA 63 -90.75 44.49 -35.29
CA SER SA 63 -91.16 45.35 -34.18
C SER SA 63 -90.17 46.48 -33.93
N ARG SA 64 -88.88 46.31 -34.29
CA ARG SA 64 -87.99 47.46 -34.25
C ARG SA 64 -88.37 48.50 -35.30
N MET SA 65 -88.87 48.03 -36.45
CA MET SA 65 -89.30 48.95 -37.47
C MET SA 65 -90.57 49.67 -37.06
N ILE SA 66 -91.52 48.94 -36.44
CA ILE SA 66 -92.70 49.58 -35.87
C ILE SA 66 -92.30 50.60 -34.82
N ARG SA 67 -91.39 50.22 -33.91
CA ARG SA 67 -91.03 51.08 -32.79
C ARG SA 67 -90.22 52.28 -33.22
N LYS SA 68 -89.31 52.13 -34.18
CA LYS SA 68 -88.56 53.29 -34.63
C LYS SA 68 -89.33 54.09 -35.66
N MET SA 69 -90.49 53.61 -36.11
CA MET SA 69 -91.35 54.45 -36.94
C MET SA 69 -92.54 55.01 -36.17
N LYS SA 70 -92.70 54.67 -34.88
CA LYS SA 70 -93.71 55.32 -34.05
C LYS SA 70 -93.24 56.64 -33.48
N LEU SA 71 -92.00 57.02 -33.74
CA LEU SA 71 -91.40 58.21 -33.15
C LEU SA 71 -92.06 59.46 -33.74
N PRO SA 72 -92.11 60.55 -32.96
CA PRO SA 72 -92.86 61.73 -33.42
C PRO SA 72 -92.18 62.44 -34.57
N GLY SA 73 -92.99 62.89 -35.51
CA GLY SA 73 -92.46 63.61 -36.65
C GLY SA 73 -92.22 62.76 -37.88
N ARG SA 74 -91.87 61.50 -37.69
CA ARG SA 74 -91.56 60.66 -38.83
C ARG SA 74 -92.76 59.84 -39.30
N GLU SA 75 -93.88 60.52 -39.52
CA GLU SA 75 -95.06 59.90 -40.12
C GLU SA 75 -95.06 60.27 -41.60
N ASN SA 76 -95.74 59.44 -42.42
CA ASN SA 76 -95.70 59.50 -43.89
C ASN SA 76 -94.27 59.44 -44.39
N LYS SA 77 -93.58 58.38 -44.02
CA LYS SA 77 -92.14 58.31 -44.15
C LYS SA 77 -91.77 56.87 -44.49
N THR SA 78 -90.79 56.67 -45.36
CA THR SA 78 -90.42 55.30 -45.72
C THR SA 78 -89.25 54.80 -44.88
N ALA SA 79 -89.35 53.56 -44.43
CA ALA SA 79 -88.37 52.96 -43.54
C ALA SA 79 -87.38 52.13 -44.35
N VAL SA 80 -86.21 52.69 -44.59
CA VAL SA 80 -85.26 52.12 -45.53
C VAL SA 80 -84.25 51.29 -44.76
N VAL SA 81 -84.20 50.00 -45.09
CA VAL SA 81 -83.34 49.03 -44.43
C VAL SA 81 -82.45 48.44 -45.52
N VAL SA 82 -81.16 48.27 -45.22
CA VAL SA 82 -80.31 47.66 -46.25
C VAL SA 82 -80.12 46.17 -45.94
N GLY SA 83 -80.56 45.71 -44.79
CA GLY SA 83 -80.53 44.27 -44.54
C GLY SA 83 -81.82 43.60 -44.93
N THR SA 84 -82.30 42.73 -44.06
CA THR SA 84 -83.58 42.05 -44.23
C THR SA 84 -84.58 42.48 -43.18
N VAL SA 85 -85.85 42.50 -43.55
CA VAL SA 85 -86.94 42.78 -42.63
C VAL SA 85 -87.55 41.42 -42.31
N THR SA 86 -87.34 40.96 -41.09
CA THR SA 86 -87.92 39.70 -40.66
C THR SA 86 -89.20 39.95 -39.88
N ASP SA 87 -90.06 38.93 -39.84
CA ASP SA 87 -91.29 39.01 -39.10
C ASP SA 87 -91.03 38.86 -37.61
N ASP SA 88 -91.79 39.58 -36.81
CA ASP SA 88 -91.74 39.45 -35.36
C ASP SA 88 -93.10 38.98 -34.91
N VAL SA 89 -93.14 37.79 -34.33
CA VAL SA 89 -94.43 37.17 -34.05
C VAL SA 89 -95.00 37.72 -32.75
N ARG SA 90 -94.17 38.38 -31.95
CA ARG SA 90 -94.60 38.90 -30.65
C ARG SA 90 -95.04 40.35 -30.77
N VAL SA 91 -95.83 40.59 -31.81
CA VAL SA 91 -96.55 41.85 -32.01
C VAL SA 91 -97.88 41.44 -32.60
N GLN SA 92 -98.93 42.21 -32.36
CA GLN SA 92 -100.23 41.84 -32.89
C GLN SA 92 -100.75 42.89 -33.88
N GLU SA 93 -100.78 44.15 -33.47
CA GLU SA 93 -101.15 45.21 -34.39
C GLU SA 93 -99.92 45.66 -35.17
N VAL SA 94 -100.14 45.94 -36.46
CA VAL SA 94 -99.08 46.37 -37.36
C VAL SA 94 -99.64 47.48 -38.26
N PRO SA 95 -98.98 48.63 -38.33
CA PRO SA 95 -99.53 49.73 -39.12
C PRO SA 95 -99.29 49.53 -40.60
N LYS SA 96 -99.78 50.48 -41.39
CA LYS SA 96 -99.37 50.56 -42.77
C LYS SA 96 -98.01 51.25 -42.83
N LEU SA 97 -97.07 50.62 -43.53
CA LEU SA 97 -95.69 51.08 -43.59
C LEU SA 97 -95.20 51.07 -45.03
N LYS SA 98 -94.18 51.87 -45.28
CA LYS SA 98 -93.53 51.95 -46.58
C LYS SA 98 -92.10 51.48 -46.37
N VAL SA 99 -91.74 50.34 -46.94
CA VAL SA 99 -90.54 49.61 -46.55
C VAL SA 99 -89.62 49.42 -47.76
N CYS SA 100 -88.33 49.70 -47.58
CA CYS SA 100 -87.30 49.26 -48.51
C CYS SA 100 -86.37 48.31 -47.79
N ALA SA 101 -86.18 47.13 -48.34
CA ALA SA 101 -85.24 46.17 -47.81
C ALA SA 101 -84.54 45.52 -48.99
N LEU SA 102 -83.43 44.86 -48.71
CA LEU SA 102 -82.86 43.99 -49.73
C LEU SA 102 -83.64 42.70 -49.84
N ARG SA 103 -84.22 42.26 -48.73
CA ARG SA 103 -84.99 41.03 -48.74
C ARG SA 103 -85.97 41.11 -47.59
N VAL SA 104 -87.17 40.58 -47.80
CA VAL SA 104 -88.19 40.55 -46.75
C VAL SA 104 -88.70 39.12 -46.68
N THR SA 105 -88.87 38.59 -45.47
CA THR SA 105 -89.37 37.24 -45.35
C THR SA 105 -90.86 37.20 -45.69
N SER SA 106 -91.35 36.00 -45.99
CA SER SA 106 -92.68 35.88 -46.56
C SER SA 106 -93.77 36.08 -45.50
N ARG SA 107 -93.48 35.74 -44.25
CA ARG SA 107 -94.34 36.14 -43.14
C ARG SA 107 -94.38 37.65 -43.01
N ALA SA 108 -93.23 38.30 -43.14
CA ALA SA 108 -93.19 39.75 -43.00
C ALA SA 108 -93.82 40.43 -44.20
N ARG SA 109 -93.67 39.88 -45.41
CA ARG SA 109 -94.38 40.44 -46.57
C ARG SA 109 -95.87 40.31 -46.43
N SER SA 110 -96.34 39.14 -45.98
CA SER SA 110 -97.76 38.91 -45.76
C SER SA 110 -98.32 39.87 -44.72
N ARG SA 111 -97.59 40.07 -43.63
CA ARG SA 111 -97.99 40.95 -42.55
C ARG SA 111 -98.07 42.40 -43.00
N ILE SA 112 -97.03 42.88 -43.68
CA ILE SA 112 -96.95 44.29 -44.08
C ILE SA 112 -97.99 44.60 -45.15
N LEU SA 113 -98.20 43.67 -46.10
CA LEU SA 113 -99.18 43.96 -47.13
C LEU SA 113 -100.61 43.80 -46.65
N LYS SA 114 -100.87 42.89 -45.70
CA LYS SA 114 -102.21 42.78 -45.15
C LYS SA 114 -102.54 43.98 -44.29
N ALA SA 115 -101.53 44.58 -43.66
CA ALA SA 115 -101.76 45.79 -42.88
C ALA SA 115 -101.92 47.04 -43.76
N GLY SA 116 -101.88 46.89 -45.08
CA GLY SA 116 -102.17 47.99 -45.98
C GLY SA 116 -100.96 48.79 -46.38
N GLY SA 117 -99.78 48.19 -46.26
CA GLY SA 117 -98.56 48.92 -46.51
C GLY SA 117 -98.02 48.73 -47.90
N LYS SA 118 -96.73 49.06 -48.09
CA LYS SA 118 -96.10 49.04 -49.39
C LYS SA 118 -94.66 48.65 -49.20
N ILE SA 119 -94.17 47.75 -50.06
CA ILE SA 119 -92.82 47.20 -49.94
C ILE SA 119 -92.10 47.55 -51.23
N LEU SA 120 -91.04 48.32 -51.11
CA LEU SA 120 -90.25 48.76 -52.25
C LEU SA 120 -88.89 48.07 -52.24
N THR SA 121 -88.25 48.09 -53.40
CA THR SA 121 -86.86 47.71 -53.51
C THR SA 121 -86.01 48.96 -53.73
N PHE SA 122 -84.72 48.78 -53.94
CA PHE SA 122 -83.84 49.94 -53.96
C PHE SA 122 -83.89 50.69 -55.28
N ASP SA 123 -84.19 50.00 -56.37
CA ASP SA 123 -84.42 50.72 -57.63
C ASP SA 123 -85.73 51.50 -57.58
N GLN SA 124 -86.74 50.94 -56.93
CA GLN SA 124 -87.97 51.69 -56.72
C GLN SA 124 -87.75 52.83 -55.73
N LEU SA 125 -86.85 52.64 -54.77
CA LEU SA 125 -86.50 53.71 -53.84
C LEU SA 125 -85.76 54.83 -54.56
N ALA SA 126 -84.94 54.49 -55.55
CA ALA SA 126 -84.22 55.51 -56.29
C ALA SA 126 -85.14 56.25 -57.26
N LEU SA 127 -86.14 55.56 -57.82
CA LEU SA 127 -87.10 56.26 -58.67
C LEU SA 127 -88.05 57.11 -57.83
N ASP SA 128 -88.38 56.66 -56.63
CA ASP SA 128 -89.29 57.42 -55.79
C ASP SA 128 -88.60 58.63 -55.18
N SER SA 129 -87.45 58.42 -54.54
CA SER SA 129 -86.67 59.51 -53.96
C SER SA 129 -85.22 59.33 -54.38
N PRO SA 130 -84.76 60.06 -55.40
CA PRO SA 130 -83.37 59.88 -55.86
C PRO SA 130 -82.33 60.41 -54.89
N LYS SA 131 -82.67 61.42 -54.09
CA LYS SA 131 -81.73 61.89 -53.08
C LYS SA 131 -82.02 61.26 -51.73
N GLY SA 132 -83.02 60.41 -51.65
CA GLY SA 132 -83.39 59.78 -50.40
C GLY SA 132 -84.12 60.69 -49.45
N ARG SA 133 -84.76 61.73 -49.98
CA ARG SA 133 -85.54 62.64 -49.17
C ARG SA 133 -86.79 61.95 -48.65
N GLY SA 134 -87.05 62.12 -47.36
CA GLY SA 134 -88.25 61.59 -46.77
C GLY SA 134 -88.13 60.12 -46.43
N THR SA 135 -86.99 59.69 -45.90
CA THR SA 135 -86.78 58.32 -45.50
C THR SA 135 -86.42 58.28 -44.02
N VAL SA 136 -86.41 57.09 -43.45
CA VAL SA 136 -85.82 56.83 -42.14
C VAL SA 136 -84.87 55.67 -42.30
N LEU SA 137 -83.57 55.94 -42.27
CA LEU SA 137 -82.58 54.91 -42.52
C LEU SA 137 -82.33 54.18 -41.21
N LEU SA 138 -82.68 52.90 -41.18
CA LEU SA 138 -82.59 52.06 -40.00
C LEU SA 138 -81.53 51.01 -40.22
N SER SA 139 -81.24 50.25 -39.17
CA SER SA 139 -80.40 49.07 -39.27
C SER SA 139 -80.77 48.14 -38.14
N GLY SA 140 -80.49 46.86 -38.35
CA GLY SA 140 -80.73 45.89 -37.30
C GLY SA 140 -79.68 45.96 -36.24
N PRO SA 141 -79.92 45.24 -35.14
CA PRO SA 141 -78.97 45.25 -34.02
C PRO SA 141 -77.66 44.56 -34.36
N ARG SA 142 -76.58 45.33 -34.36
CA ARG SA 142 -75.31 44.84 -34.90
C ARG SA 142 -74.62 43.90 -33.92
N LYS SA 143 -74.70 44.17 -32.63
CA LYS SA 143 -74.15 43.28 -31.63
C LYS SA 143 -75.07 42.13 -31.27
N GLY SA 144 -76.11 41.88 -32.07
CA GLY SA 144 -77.03 40.82 -31.76
C GLY SA 144 -76.48 39.43 -31.92
N ARG SA 145 -75.37 39.26 -32.63
CA ARG SA 145 -74.82 37.94 -32.82
C ARG SA 145 -74.28 37.39 -31.52
N GLU SA 146 -74.36 36.06 -31.39
CA GLU SA 146 -73.94 35.38 -30.17
C GLU SA 146 -72.44 35.47 -29.98
N VAL SA 147 -71.73 35.75 -31.05
CA VAL SA 147 -70.28 35.81 -31.05
C VAL SA 147 -69.77 36.95 -30.18
N TYR SA 148 -70.54 38.04 -30.11
CA TYR SA 148 -70.15 39.21 -29.34
C TYR SA 148 -70.30 39.02 -27.84
N ARG SA 149 -70.81 37.88 -27.40
CA ARG SA 149 -70.87 37.60 -25.97
C ARG SA 149 -69.60 36.93 -25.49
N HIS SA 150 -68.76 36.45 -26.40
CA HIS SA 150 -67.50 35.85 -26.03
C HIS SA 150 -66.37 36.85 -26.13
N PHE SA 151 -66.64 38.02 -26.71
CA PHE SA 151 -65.63 39.01 -26.99
C PHE SA 151 -65.35 39.85 -25.76
N GLY SA 152 -64.27 40.60 -25.84
CA GLY SA 152 -64.01 41.60 -24.83
C GLY SA 152 -62.90 41.23 -23.88
N LYS SA 153 -63.12 41.53 -22.61
CA LYS SA 153 -62.21 41.14 -21.56
C LYS SA 153 -62.30 39.63 -21.40
N ALA SA 154 -61.22 39.01 -20.95
CA ALA SA 154 -61.19 37.56 -20.94
C ALA SA 154 -62.03 37.01 -19.79
N PRO SA 155 -62.65 35.85 -19.96
CA PRO SA 155 -63.34 35.23 -18.82
C PRO SA 155 -62.35 34.59 -17.86
N GLY SA 156 -62.41 35.00 -16.61
CA GLY SA 156 -61.33 34.59 -15.74
C GLY SA 156 -60.37 35.71 -15.51
N THR SA 157 -60.91 36.87 -15.18
CA THR SA 157 -60.30 38.14 -15.12
C THR SA 157 -61.38 38.91 -14.38
N PRO SA 158 -61.01 39.75 -13.41
CA PRO SA 158 -62.01 40.39 -12.55
C PRO SA 158 -62.95 41.31 -13.32
N HIS SA 159 -64.25 41.10 -13.06
CA HIS SA 159 -65.35 41.93 -13.52
C HIS SA 159 -65.50 41.86 -15.04
N SER SA 160 -65.27 40.67 -15.58
CA SER SA 160 -65.49 40.40 -17.00
C SER SA 160 -66.63 39.39 -17.07
N HIS SA 161 -67.76 39.82 -17.62
CA HIS SA 161 -68.93 38.96 -17.71
C HIS SA 161 -68.98 38.35 -19.11
N THR SA 162 -67.85 37.80 -19.50
CA THR SA 162 -67.62 37.26 -20.82
C THR SA 162 -67.94 35.78 -20.84
N LYS SA 163 -68.73 35.37 -21.82
CA LYS SA 163 -69.14 33.99 -21.92
C LYS SA 163 -67.96 33.14 -22.40
N PRO SA 164 -67.58 32.09 -21.69
CA PRO SA 164 -66.49 31.25 -22.16
C PRO SA 164 -66.92 30.27 -23.23
N TYR SA 165 -65.92 29.71 -23.90
CA TYR SA 165 -66.14 28.69 -24.90
C TYR SA 165 -66.10 27.33 -24.22
N VAL SA 166 -67.26 26.84 -23.78
CA VAL SA 166 -67.35 25.52 -23.15
C VAL SA 166 -68.18 24.64 -24.07
N ARG SA 167 -67.80 23.37 -24.18
CA ARG SA 167 -68.45 22.50 -25.15
C ARG SA 167 -69.87 22.12 -24.73
N SER SA 168 -70.12 22.09 -23.42
CA SER SA 168 -71.45 21.78 -22.90
C SER SA 168 -71.61 22.49 -21.57
N LYS SA 169 -72.84 22.79 -21.17
CA LYS SA 169 -73.01 23.40 -19.86
C LYS SA 169 -73.65 22.42 -18.89
N GLY SA 170 -73.46 22.71 -17.60
CA GLY SA 170 -73.78 21.78 -16.54
C GLY SA 170 -72.96 22.14 -15.31
N ARG SA 171 -73.12 21.35 -14.25
CA ARG SA 171 -72.42 21.68 -13.01
C ARG SA 171 -70.94 21.39 -13.12
N LYS SA 172 -70.56 20.48 -14.00
CA LYS SA 172 -69.17 20.05 -13.99
C LYS SA 172 -68.45 20.50 -15.24
N PHE SA 173 -68.86 21.64 -15.79
CA PHE SA 173 -68.24 22.16 -17.01
C PHE SA 173 -67.87 23.61 -16.72
N GLU SA 174 -66.65 23.79 -16.21
CA GLU SA 174 -66.05 25.08 -15.86
C GLU SA 174 -66.89 25.82 -14.82
N ARG SA 175 -67.04 25.21 -13.67
CA ARG SA 175 -67.73 25.81 -12.54
C ARG SA 175 -66.91 25.87 -11.28
N ALA SA 176 -65.66 25.40 -11.27
CA ALA SA 176 -64.98 25.13 -10.02
C ALA SA 176 -63.91 26.10 -9.52
N ARG SA 177 -62.75 26.22 -10.19
CA ARG SA 177 -61.59 26.78 -9.50
C ARG SA 177 -61.47 28.28 -9.71
N GLY SA 178 -61.76 28.78 -10.89
CA GLY SA 178 -61.76 30.21 -11.04
C GLY SA 178 -63.09 30.86 -10.75
N ARG SA 179 -64.07 30.08 -10.29
CA ARG SA 179 -65.45 30.53 -10.18
C ARG SA 179 -66.03 30.33 -8.79
N ARG SA 180 -65.37 29.60 -7.91
CA ARG SA 180 -65.81 29.45 -6.53
C ARG SA 180 -64.79 30.06 -5.60
N ALA SA 181 -65.28 30.77 -4.60
CA ALA SA 181 -64.39 31.23 -3.53
C ALA SA 181 -63.90 30.06 -2.70
N SER SA 182 -64.69 28.98 -2.63
CA SER SA 182 -64.33 27.83 -1.84
C SER SA 182 -63.22 27.03 -2.51
N ARG SA 183 -63.23 27.00 -3.84
CA ARG SA 183 -62.23 26.27 -4.60
C ARG SA 183 -61.23 27.25 -5.17
N GLY SA 184 -60.24 27.61 -4.39
CA GLY SA 184 -59.31 28.58 -4.90
C GLY SA 184 -59.80 29.98 -4.65
N TYR SA 185 -60.51 30.53 -5.64
CA TYR SA 185 -60.67 31.96 -5.81
C TYR SA 185 -61.78 32.18 -6.82
N LYS SA 186 -62.39 33.37 -6.78
CA LYS SA 186 -63.13 33.77 -7.97
C LYS SA 186 -62.76 35.21 -8.31
N ASN SA 187 -62.94 35.55 -9.56
CA ASN SA 187 -62.56 36.86 -10.08
C ASN SA 187 -63.74 37.83 -10.08
N SER TA 1 -0.61 -32.60 -82.49
CA SER TA 1 -1.84 -31.87 -82.23
C SER TA 1 -2.21 -31.93 -80.75
N MET TA 2 -2.83 -33.03 -80.34
CA MET TA 2 -3.21 -33.19 -78.94
C MET TA 2 -3.02 -34.67 -78.59
N LEU TA 3 -2.03 -34.96 -77.75
CA LEU TA 3 -1.69 -36.34 -77.44
C LEU TA 3 -1.71 -36.57 -75.94
N ARG TA 4 -2.71 -36.03 -75.25
CA ARG TA 4 -2.81 -36.28 -73.82
C ARG TA 4 -3.75 -37.44 -73.50
N LEU TA 5 -4.73 -37.71 -74.37
CA LEU TA 5 -5.51 -38.94 -74.24
C LEU TA 5 -4.63 -40.14 -74.47
N GLN TA 6 -3.78 -40.08 -75.49
CA GLN TA 6 -2.91 -41.20 -75.78
C GLN TA 6 -1.83 -41.35 -74.73
N LYS TA 7 -1.38 -40.26 -74.11
CA LYS TA 7 -0.38 -40.41 -73.06
C LYS TA 7 -1.00 -40.94 -71.78
N ARG TA 8 -2.23 -40.54 -71.47
CA ARG TA 8 -2.93 -41.11 -70.32
C ARG TA 8 -3.22 -42.59 -70.50
N LEU TA 9 -3.72 -42.96 -71.68
CA LEU TA 9 -4.01 -44.37 -71.94
C LEU TA 9 -2.74 -45.20 -72.08
N ALA TA 10 -1.67 -44.60 -72.59
CA ALA TA 10 -0.41 -45.31 -72.67
C ALA TA 10 0.18 -45.54 -71.29
N SER TA 11 -0.04 -44.59 -70.38
CA SER TA 11 0.37 -44.75 -68.99
C SER TA 11 -0.41 -45.87 -68.32
N SER TA 12 -1.70 -46.00 -68.64
CA SER TA 12 -2.49 -47.03 -67.99
C SER TA 12 -2.30 -48.40 -68.63
N VAL TA 13 -1.92 -48.47 -69.91
CA VAL TA 13 -1.72 -49.76 -70.54
C VAL TA 13 -0.33 -50.30 -70.23
N LEU TA 14 0.68 -49.42 -70.27
CA LEU TA 14 2.04 -49.81 -69.90
C LEU TA 14 2.22 -50.16 -68.43
N ARG TA 15 1.26 -49.80 -67.57
CA ARG TA 15 1.35 -49.96 -66.11
C ARG TA 15 2.59 -49.26 -65.56
N CYS TA 16 2.66 -47.96 -65.78
CA CYS TA 16 3.74 -47.11 -65.31
C CYS TA 16 3.17 -45.71 -65.14
N GLY TA 17 4.05 -44.74 -64.98
CA GLY TA 17 3.61 -43.35 -64.98
C GLY TA 17 3.80 -42.73 -66.35
N LYS TA 18 3.08 -41.64 -66.59
CA LYS TA 18 3.23 -40.94 -67.86
C LYS TA 18 4.50 -40.09 -67.92
N LYS TA 19 5.23 -40.04 -66.81
CA LYS TA 19 6.63 -39.64 -66.79
C LYS TA 19 7.46 -40.55 -67.69
N LYS TA 20 7.09 -41.82 -67.80
CA LYS TA 20 7.81 -42.83 -68.56
C LYS TA 20 7.22 -43.14 -69.92
N VAL TA 21 6.09 -42.53 -70.28
CA VAL TA 21 5.49 -42.75 -71.59
C VAL TA 21 6.30 -41.93 -72.61
N TRP TA 22 6.80 -42.61 -73.62
CA TRP TA 22 7.50 -41.95 -74.72
C TRP TA 22 6.67 -42.03 -75.98
N LEU TA 23 5.95 -40.98 -76.31
CA LEU TA 23 5.25 -40.92 -77.59
C LEU TA 23 6.23 -40.43 -78.66
N ASP TA 24 6.21 -41.06 -79.82
CA ASP TA 24 7.18 -40.72 -80.87
C ASP TA 24 6.89 -39.33 -81.43
N PRO TA 25 7.89 -38.45 -81.53
CA PRO TA 25 7.63 -37.10 -82.06
C PRO TA 25 7.44 -37.07 -83.55
N ASN TA 26 7.99 -38.04 -84.28
CA ASN TA 26 7.86 -38.02 -85.73
C ASN TA 26 6.52 -38.58 -86.18
N GLU TA 27 6.02 -39.59 -85.47
CA GLU TA 27 4.74 -40.20 -85.79
C GLU TA 27 3.65 -39.64 -84.87
N THR TA 28 3.42 -38.34 -85.00
CA THR TA 28 2.38 -37.68 -84.21
C THR TA 28 1.00 -37.94 -84.81
N ASN TA 29 0.91 -37.94 -86.14
CA ASN TA 29 -0.39 -38.15 -86.78
C ASN TA 29 -0.79 -39.62 -86.81
N GLU TA 30 0.10 -40.53 -86.42
CA GLU TA 30 -0.30 -41.93 -86.35
C GLU TA 30 -0.71 -42.30 -84.93
N ILE TA 31 -0.20 -41.58 -83.94
CA ILE TA 31 -0.66 -41.75 -82.56
C ILE TA 31 -1.95 -40.98 -82.34
N ALA TA 32 -2.13 -39.88 -83.08
CA ALA TA 32 -3.24 -38.96 -82.83
C ALA TA 32 -4.58 -39.56 -83.18
N ASN TA 33 -4.62 -40.54 -84.07
CA ASN TA 33 -5.87 -41.21 -84.38
C ASN TA 33 -5.99 -42.59 -83.75
N ALA TA 34 -5.41 -42.79 -82.56
CA ALA TA 34 -5.54 -44.04 -81.84
C ALA TA 34 -6.84 -44.07 -81.05
N ASN TA 35 -6.94 -43.21 -80.05
CA ASN TA 35 -8.18 -42.84 -79.36
C ASN TA 35 -8.82 -44.01 -78.60
N SER TA 36 -8.09 -45.11 -78.40
CA SER TA 36 -8.58 -46.22 -77.60
C SER TA 36 -7.40 -47.04 -77.11
N ARG TA 37 -7.70 -48.04 -76.29
CA ARG TA 37 -6.66 -48.84 -75.67
C ARG TA 37 -6.20 -49.96 -76.60
N GLN TA 38 -7.09 -50.43 -77.47
CA GLN TA 38 -6.73 -51.46 -78.44
C GLN TA 38 -5.78 -50.92 -79.49
N GLN TA 39 -6.05 -49.71 -79.98
CA GLN TA 39 -5.16 -49.05 -80.93
C GLN TA 39 -3.82 -48.74 -80.29
N ILE TA 40 -3.82 -48.39 -79.01
CA ILE TA 40 -2.60 -48.05 -78.31
C ILE TA 40 -1.75 -49.28 -78.02
N ARG TA 41 -2.38 -50.43 -77.73
CA ARG TA 41 -1.62 -51.68 -77.65
C ARG TA 41 -0.92 -52.03 -78.97
N LYS TA 42 -1.56 -51.72 -80.09
CA LYS TA 42 -0.91 -51.90 -81.38
C LYS TA 42 0.25 -50.94 -81.55
N LEU TA 43 0.10 -49.70 -81.09
CA LEU TA 43 1.21 -48.74 -81.15
C LEU TA 43 2.36 -49.13 -80.24
N ILE TA 44 2.08 -49.84 -79.14
CA ILE TA 44 3.13 -50.37 -78.29
C ILE TA 44 3.87 -51.50 -79.02
N LYS TA 45 3.10 -52.40 -79.64
CA LYS TA 45 3.70 -53.52 -80.35
C LYS TA 45 4.51 -53.05 -81.56
N ASP TA 46 4.06 -51.98 -82.23
CA ASP TA 46 4.82 -51.45 -83.35
C ASP TA 46 6.04 -50.69 -82.89
N GLY TA 47 6.08 -50.26 -81.64
CA GLY TA 47 7.22 -49.56 -81.12
C GLY TA 47 7.15 -48.06 -81.28
N LEU TA 48 5.97 -47.53 -81.60
CA LEU TA 48 5.84 -46.08 -81.70
C LEU TA 48 5.76 -45.43 -80.33
N ILE TA 49 5.23 -46.12 -79.32
CA ILE TA 49 5.26 -45.60 -77.96
C ILE TA 49 6.01 -46.60 -77.08
N ILE TA 50 6.86 -46.10 -76.20
CA ILE TA 50 7.84 -46.91 -75.48
C ILE TA 50 7.78 -46.53 -74.00
N ARG TA 51 7.87 -47.53 -73.13
CA ARG TA 51 8.15 -47.29 -71.72
C ARG TA 51 9.60 -46.85 -71.57
N LYS TA 52 9.81 -45.62 -71.11
CA LYS TA 52 11.15 -45.15 -70.84
C LYS TA 52 11.72 -45.86 -69.62
N PRO TA 53 13.03 -46.05 -69.56
CA PRO TA 53 13.62 -46.71 -68.40
C PRO TA 53 13.64 -45.81 -67.17
N VAL TA 54 13.75 -46.47 -66.02
CA VAL TA 54 13.91 -45.80 -64.73
C VAL TA 54 15.18 -44.95 -64.76
N THR TA 55 15.07 -43.72 -64.26
CA THR TA 55 16.24 -42.88 -64.03
C THR TA 55 17.15 -43.55 -63.02
N VAL TA 56 18.45 -43.57 -63.29
CA VAL TA 56 19.36 -44.28 -62.43
C VAL TA 56 19.50 -43.55 -61.10
N HIS TA 57 19.38 -44.31 -60.02
CA HIS TA 57 19.76 -43.89 -58.69
C HIS TA 57 20.70 -45.00 -58.24
N SER TA 58 21.97 -44.83 -58.55
CA SER TA 58 23.00 -45.78 -58.19
C SER TA 58 23.20 -45.87 -56.68
N ARG TA 59 23.39 -47.09 -56.22
CA ARG TA 59 23.66 -47.41 -54.83
C ARG TA 59 25.16 -47.54 -54.58
N ALA TA 60 25.97 -47.36 -55.63
CA ALA TA 60 27.39 -47.75 -55.61
C ALA TA 60 28.21 -46.92 -54.65
N ARG TA 61 27.96 -45.61 -54.60
CA ARG TA 61 28.69 -44.72 -53.72
C ARG TA 61 28.40 -45.02 -52.26
N CYS TA 62 27.13 -45.30 -51.96
CA CYS TA 62 26.72 -45.78 -50.65
C CYS TA 62 27.43 -47.08 -50.27
N ARG TA 63 27.54 -48.02 -51.21
CA ARG TA 63 28.18 -49.30 -50.88
C ARG TA 63 29.67 -49.10 -50.61
N LYS TA 64 30.32 -48.25 -51.39
CA LYS TA 64 31.74 -47.97 -51.17
C LYS TA 64 31.96 -47.25 -49.85
N ASN TA 65 31.04 -46.38 -49.46
CA ASN TA 65 31.18 -45.70 -48.18
C ASN TA 65 30.87 -46.63 -47.01
N THR TA 66 29.94 -47.57 -47.17
CA THR TA 66 29.64 -48.49 -46.07
C THR TA 66 30.73 -49.54 -45.91
N LEU TA 67 31.43 -49.89 -46.98
CA LEU TA 67 32.63 -50.72 -46.82
C LEU TA 67 33.71 -50.01 -46.01
N ALA TA 68 33.87 -48.70 -46.22
CA ALA TA 68 34.81 -47.92 -45.45
C ALA TA 68 34.37 -47.78 -44.00
N ARG TA 69 33.06 -47.60 -43.78
CA ARG TA 69 32.49 -47.67 -42.44
C ARG TA 69 32.77 -49.00 -41.75
N ARG TA 70 32.67 -50.12 -42.48
CA ARG TA 70 32.98 -51.43 -41.91
C ARG TA 70 34.45 -51.56 -41.59
N LYS TA 71 35.33 -50.95 -42.38
CA LYS TA 71 36.74 -50.92 -42.02
C LYS TA 71 37.02 -50.06 -40.80
N GLY TA 72 36.08 -49.21 -40.41
CA GLY TA 72 36.20 -48.39 -39.24
C GLY TA 72 36.40 -46.94 -39.52
N ARG TA 73 35.99 -46.46 -40.69
CA ARG TA 73 36.31 -45.13 -41.13
C ARG TA 73 35.02 -44.34 -41.23
N HIS TA 74 35.14 -43.02 -41.15
CA HIS TA 74 34.03 -42.06 -41.03
C HIS TA 74 33.19 -42.29 -39.77
N MET TA 75 33.77 -42.90 -38.74
CA MET TA 75 33.02 -43.26 -37.54
C MET TA 75 33.71 -42.77 -36.26
N GLY TA 76 34.45 -41.67 -36.32
CA GLY TA 76 35.11 -41.14 -35.16
C GLY TA 76 34.22 -40.26 -34.32
N ILE TA 77 34.85 -39.25 -33.70
CA ILE TA 77 34.15 -38.39 -32.75
C ILE TA 77 33.44 -37.25 -33.46
N GLY TA 78 34.05 -36.72 -34.50
CA GLY TA 78 33.47 -35.61 -35.23
C GLY TA 78 32.33 -36.04 -36.10
N LYS TA 79 32.31 -37.29 -36.53
CA LYS TA 79 31.17 -37.77 -37.32
C LYS TA 79 30.26 -38.62 -36.45
N ARG TA 80 29.73 -37.99 -35.40
CA ARG TA 80 28.99 -38.73 -34.38
C ARG TA 80 28.08 -37.72 -33.68
N LYS TA 81 26.77 -37.87 -33.89
CA LYS TA 81 25.78 -36.85 -33.54
C LYS TA 81 24.81 -37.32 -32.47
N GLY TA 82 24.53 -38.60 -32.41
CA GLY TA 82 23.69 -39.10 -31.35
C GLY TA 82 24.52 -39.53 -30.18
N THR TA 83 23.85 -39.75 -29.06
CA THR TA 83 24.57 -40.14 -27.86
C THR TA 83 24.99 -41.59 -27.96
N ALA TA 84 25.78 -42.04 -26.99
CA ALA TA 84 26.24 -43.41 -26.99
C ALA TA 84 25.09 -44.38 -26.75
N ASN TA 85 24.05 -43.92 -26.05
CA ASN TA 85 22.85 -44.70 -25.84
C ASN TA 85 21.88 -44.57 -27.02
N ALA TA 86 22.01 -43.50 -27.80
CA ALA TA 86 21.16 -43.38 -28.98
C ALA TA 86 21.69 -44.21 -30.13
N ARG TA 87 23.01 -44.32 -30.23
CA ARG TA 87 23.62 -45.01 -31.36
C ARG TA 87 23.57 -46.52 -31.17
N MET TA 88 24.13 -47.02 -30.07
CA MET TA 88 24.04 -48.44 -29.70
C MET TA 88 23.58 -48.49 -28.26
N PRO TA 89 22.31 -48.77 -28.02
CA PRO TA 89 21.74 -48.58 -26.68
C PRO TA 89 22.23 -49.57 -25.65
N GLU TA 90 22.16 -49.14 -24.40
CA GLU TA 90 22.76 -49.89 -23.30
C GLU TA 90 21.90 -51.08 -22.91
N LYS TA 91 20.57 -50.95 -23.03
CA LYS TA 91 19.69 -52.07 -22.73
C LYS TA 91 19.90 -53.21 -23.71
N VAL TA 92 20.22 -52.91 -24.96
CA VAL TA 92 20.41 -53.94 -25.96
C VAL TA 92 21.75 -54.65 -25.74
N THR TA 93 22.75 -53.93 -25.23
CA THR TA 93 24.01 -54.55 -24.88
C THR TA 93 23.85 -55.45 -23.65
N TRP TA 94 23.06 -55.02 -22.69
CA TRP TA 94 22.72 -55.88 -21.55
C TRP TA 94 21.95 -57.12 -21.99
N MET TA 95 20.98 -56.95 -22.88
CA MET TA 95 20.23 -58.07 -23.44
C MET TA 95 21.13 -59.07 -24.13
N ARG TA 96 21.96 -58.60 -25.06
CA ARG TA 96 22.86 -59.50 -25.80
C ARG TA 96 23.81 -60.22 -24.86
N ARG TA 97 24.34 -59.52 -23.86
CA ARG TA 97 25.28 -60.16 -22.96
C ARG TA 97 24.60 -61.19 -22.08
N MET TA 98 23.35 -60.93 -21.66
CA MET TA 98 22.63 -61.94 -20.89
C MET TA 98 22.28 -63.14 -21.73
N ARG TA 99 21.81 -62.92 -22.97
CA ARG TA 99 21.52 -64.04 -23.86
C ARG TA 99 22.75 -64.86 -24.22
N ILE TA 100 23.93 -64.24 -24.28
CA ILE TA 100 25.15 -65.00 -24.58
C ILE TA 100 25.61 -65.79 -23.37
N LEU TA 101 25.68 -65.13 -22.20
CA LEU TA 101 26.29 -65.79 -21.05
C LEU TA 101 25.38 -66.84 -20.45
N ARG TA 102 24.06 -66.62 -20.44
CA ARG TA 102 23.16 -67.62 -19.88
C ARG TA 102 23.10 -68.86 -20.77
N ARG TA 103 23.19 -68.72 -22.09
CA ARG TA 103 23.21 -69.90 -22.94
C ARG TA 103 24.55 -70.61 -22.83
N LEU TA 104 25.62 -69.88 -22.46
CA LEU TA 104 26.91 -70.53 -22.27
C LEU TA 104 26.88 -71.40 -21.02
N LEU TA 105 26.33 -70.87 -19.93
CA LEU TA 105 26.13 -71.69 -18.73
C LEU TA 105 25.15 -72.83 -18.98
N ARG TA 106 24.15 -72.63 -19.82
CA ARG TA 106 23.15 -73.67 -20.04
C ARG TA 106 23.73 -74.80 -20.88
N ARG TA 107 24.56 -74.45 -21.87
CA ARG TA 107 25.39 -75.43 -22.57
C ARG TA 107 26.31 -76.17 -21.63
N TYR TA 108 26.92 -75.49 -20.67
CA TYR TA 108 27.86 -76.19 -19.81
C TYR TA 108 27.16 -77.07 -18.79
N ARG TA 109 25.93 -76.71 -18.39
CA ARG TA 109 25.20 -77.60 -17.50
C ARG TA 109 24.69 -78.82 -18.25
N GLU TA 110 24.18 -78.62 -19.47
CA GLU TA 110 23.58 -79.73 -20.20
C GLU TA 110 24.62 -80.69 -20.75
N SER TA 111 25.87 -80.29 -20.79
CA SER TA 111 26.94 -81.15 -21.23
C SER TA 111 27.72 -81.74 -20.06
N LYS TA 112 27.15 -81.71 -18.85
CA LYS TA 112 27.74 -82.25 -17.62
C LYS TA 112 29.08 -81.62 -17.29
N LYS TA 113 29.27 -80.36 -17.67
CA LYS TA 113 30.57 -79.73 -17.46
C LYS TA 113 30.56 -78.93 -16.16
N ILE TA 114 29.46 -78.24 -15.88
CA ILE TA 114 29.20 -77.67 -14.56
C ILE TA 114 27.96 -78.36 -14.01
N ASP TA 115 27.91 -78.53 -12.70
CA ASP TA 115 26.71 -79.13 -12.14
C ASP TA 115 25.67 -78.05 -11.85
N ARG TA 116 24.62 -78.44 -11.12
CA ARG TA 116 23.46 -77.57 -10.95
C ARG TA 116 23.77 -76.41 -10.02
N HIS TA 117 24.58 -76.66 -9.00
CA HIS TA 117 24.77 -75.69 -7.94
C HIS TA 117 25.75 -74.62 -8.37
N MET TA 118 26.82 -75.02 -9.03
CA MET TA 118 27.73 -74.08 -9.65
C MET TA 118 27.05 -73.30 -10.77
N TYR TA 119 26.14 -73.95 -11.51
CA TYR TA 119 25.30 -73.25 -12.48
C TYR TA 119 24.48 -72.15 -11.84
N HIS TA 120 23.83 -72.46 -10.72
CA HIS TA 120 22.87 -71.51 -10.14
C HIS TA 120 23.59 -70.31 -9.54
N SER TA 121 24.72 -70.55 -8.87
CA SER TA 121 25.52 -69.45 -8.34
C SER TA 121 26.09 -68.59 -9.47
N LEU TA 122 26.50 -69.22 -10.57
CA LEU TA 122 27.08 -68.46 -11.68
C LEU TA 122 26.01 -67.75 -12.49
N TYR TA 123 24.79 -68.28 -12.51
CA TYR TA 123 23.66 -67.59 -13.11
C TYR TA 123 23.39 -66.30 -12.38
N LEU TA 124 23.36 -66.36 -11.05
CA LEU TA 124 23.16 -65.15 -10.26
C LEU TA 124 24.31 -64.17 -10.42
N LYS TA 125 25.54 -64.66 -10.57
CA LYS TA 125 26.65 -63.73 -10.76
C LYS TA 125 26.67 -63.12 -12.17
N VAL TA 126 26.16 -63.84 -13.16
CA VAL TA 126 25.99 -63.24 -14.49
C VAL TA 126 24.95 -62.13 -14.44
N LYS TA 127 23.87 -62.37 -13.70
CA LYS TA 127 22.85 -61.35 -13.51
C LYS TA 127 23.38 -60.16 -12.72
N GLY TA 128 24.36 -60.39 -11.85
CA GLY TA 128 24.91 -59.33 -11.02
C GLY TA 128 26.13 -58.61 -11.54
N ASN TA 129 26.38 -58.69 -12.86
CA ASN TA 129 27.43 -57.94 -13.57
C ASN TA 129 28.82 -58.23 -13.02
N VAL TA 130 29.22 -59.49 -13.06
CA VAL TA 130 30.56 -59.85 -12.63
C VAL TA 130 31.37 -60.14 -13.88
N PHE TA 131 30.73 -60.74 -14.88
CA PHE TA 131 31.40 -61.22 -16.08
C PHE TA 131 31.03 -60.30 -17.22
N LYS TA 132 32.02 -59.83 -17.96
CA LYS TA 132 31.71 -58.85 -18.98
C LYS TA 132 31.71 -59.43 -20.39
N ASN TA 133 32.19 -60.67 -20.56
CA ASN TA 133 32.11 -61.34 -21.84
C ASN TA 133 32.12 -62.85 -21.59
N LYS TA 134 32.21 -63.62 -22.68
CA LYS TA 134 32.14 -65.07 -22.59
C LYS TA 134 33.49 -65.66 -22.19
N ARG TA 135 34.57 -64.98 -22.52
CA ARG TA 135 35.91 -65.51 -22.24
C ARG TA 135 36.24 -65.45 -20.76
N ILE TA 136 35.90 -64.35 -20.09
CA ILE TA 136 36.18 -64.26 -18.66
C ILE TA 136 35.28 -65.22 -17.87
N LEU TA 137 34.12 -65.56 -18.43
CA LEU TA 137 33.25 -66.52 -17.77
C LEU TA 137 33.78 -67.93 -17.93
N MET TA 138 34.32 -68.25 -19.12
CA MET TA 138 34.97 -69.54 -19.31
C MET TA 138 36.17 -69.70 -18.40
N GLU TA 139 37.00 -68.67 -18.27
CA GLU TA 139 38.17 -68.76 -17.39
C GLU TA 139 37.79 -68.87 -15.93
N HIS TA 140 36.73 -68.18 -15.52
CA HIS TA 140 36.24 -68.32 -14.15
C HIS TA 140 35.71 -69.73 -13.91
N ILE TA 141 35.06 -70.33 -14.92
CA ILE TA 141 34.61 -71.71 -14.80
C ILE TA 141 35.79 -72.66 -14.69
N HIS TA 142 36.86 -72.43 -15.45
CA HIS TA 142 37.97 -73.36 -15.40
C HIS TA 142 38.75 -73.24 -14.10
N LYS TA 143 38.79 -72.03 -13.53
CA LYS TA 143 39.44 -71.87 -12.23
C LYS TA 143 38.61 -72.52 -11.13
N LEU TA 144 37.28 -72.41 -11.21
CA LEU TA 144 36.44 -73.12 -10.26
C LEU TA 144 36.53 -74.63 -10.42
N LYS TA 145 36.73 -75.10 -11.65
CA LYS TA 145 36.93 -76.53 -11.88
C LYS TA 145 38.23 -77.03 -11.27
N ALA TA 146 39.30 -76.28 -11.44
CA ALA TA 146 40.58 -76.62 -10.80
C ALA TA 146 40.45 -76.66 -9.29
N ASP TA 147 39.73 -75.71 -8.71
CA ASP TA 147 39.59 -75.68 -7.25
C ASP TA 147 38.72 -76.82 -6.74
N LYS TA 148 37.59 -77.10 -7.40
CA LYS TA 148 36.78 -78.24 -6.96
C LYS TA 148 37.46 -79.57 -7.21
N ALA TA 149 38.31 -79.66 -8.23
CA ALA TA 149 39.08 -80.88 -8.45
C ALA TA 149 40.09 -81.11 -7.33
N ARG TA 150 40.81 -80.07 -6.91
CA ARG TA 150 41.78 -80.25 -5.83
C ARG TA 150 41.08 -80.51 -4.50
N LYS TA 151 39.96 -79.83 -4.23
CA LYS TA 151 39.25 -80.05 -2.98
C LYS TA 151 38.60 -81.43 -2.94
N LYS TA 152 38.12 -81.94 -4.07
CA LYS TA 152 37.53 -83.27 -4.06
C LYS TA 152 38.61 -84.35 -4.00
N LEU TA 153 39.79 -84.08 -4.56
CA LEU TA 153 40.90 -85.00 -4.42
C LEU TA 153 41.34 -85.12 -2.96
N LEU TA 154 41.51 -83.99 -2.29
CA LEU TA 154 41.86 -84.00 -0.87
C LEU TA 154 40.76 -84.63 -0.02
N ALA TA 155 39.50 -84.41 -0.36
CA ALA TA 155 38.41 -84.98 0.42
C ALA TA 155 38.30 -86.49 0.23
N ASP TA 156 38.58 -86.97 -0.98
CA ASP TA 156 38.54 -88.42 -1.20
C ASP TA 156 39.74 -89.11 -0.60
N GLN TA 157 40.90 -88.44 -0.56
CA GLN TA 157 42.04 -89.00 0.14
C GLN TA 157 41.80 -89.06 1.64
N ALA TA 158 41.14 -88.03 2.19
CA ALA TA 158 40.77 -88.03 3.60
C ALA TA 158 39.77 -89.13 3.91
N GLU TA 159 38.76 -89.30 3.05
CA GLU TA 159 37.76 -90.34 3.28
C GLU TA 159 38.36 -91.74 3.08
N ALA TA 160 39.37 -91.86 2.22
CA ALA TA 160 40.05 -93.14 2.03
C ALA TA 160 40.85 -93.52 3.27
N ARG TA 161 41.62 -92.56 3.82
CA ARG TA 161 42.32 -92.81 5.08
C ARG TA 161 41.35 -93.12 6.21
N ARG TA 162 40.18 -92.47 6.20
CA ARG TA 162 39.23 -92.67 7.29
C ARG TA 162 38.56 -94.03 7.20
N SER TA 163 38.24 -94.49 5.99
CA SER TA 163 37.68 -95.82 5.81
C SER TA 163 38.71 -96.90 6.11
N LYS TA 164 39.98 -96.64 5.77
CA LYS TA 164 41.10 -97.50 6.17
C LYS TA 164 41.15 -97.68 7.68
N THR TA 165 41.08 -96.56 8.42
CA THR TA 165 41.15 -96.62 9.87
C THR TA 165 39.95 -97.33 10.47
N LYS TA 166 38.75 -97.05 9.97
CA LYS TA 166 37.55 -97.63 10.57
C LYS TA 166 37.44 -99.12 10.27
N GLU TA 167 37.86 -99.55 9.08
CA GLU TA 167 37.90 -100.98 8.79
C GLU TA 167 38.98 -101.70 9.58
N ALA TA 168 40.12 -101.04 9.80
CA ALA TA 168 41.17 -101.66 10.62
C ALA TA 168 40.72 -101.82 12.07
N ARG TA 169 39.95 -100.85 12.58
CA ARG TA 169 39.45 -100.97 13.94
C ARG TA 169 38.34 -102.02 14.03
N LYS TA 170 37.54 -102.15 12.97
CA LYS TA 170 36.55 -103.22 12.91
C LYS TA 170 37.21 -104.59 12.93
N ARG TA 171 38.31 -104.75 12.18
CA ARG TA 171 39.06 -106.00 12.20
C ARG TA 171 39.68 -106.27 13.57
N ARG TA 172 40.19 -105.22 14.24
CA ARG TA 172 40.82 -105.42 15.55
C ARG TA 172 39.80 -105.83 16.60
N GLU TA 173 38.62 -105.18 16.61
CA GLU TA 173 37.58 -105.56 17.55
C GLU TA 173 37.02 -106.95 17.23
N GLU TA 174 36.95 -107.30 15.94
CA GLU TA 174 36.48 -108.63 15.58
C GLU TA 174 37.48 -109.71 15.99
N ARG TA 175 38.79 -109.41 15.90
CA ARG TA 175 39.78 -110.37 16.40
C ARG TA 175 39.71 -110.49 17.92
N LEU TA 176 39.42 -109.39 18.61
CA LEU TA 176 39.31 -109.48 20.07
C LEU TA 176 38.07 -110.25 20.52
N GLN TA 177 36.96 -110.12 19.80
CA GLN TA 177 35.78 -110.92 20.16
C GLN TA 177 35.84 -112.32 19.57
N ALA TA 178 36.77 -112.58 18.66
CA ALA TA 178 36.94 -113.94 18.17
C ALA TA 178 37.88 -114.72 19.09
N LYS TA 179 38.92 -114.07 19.59
CA LYS TA 179 39.82 -114.70 20.55
C LYS TA 179 39.10 -114.93 21.88
N LYS TA 180 38.28 -113.97 22.29
CA LYS TA 180 37.61 -114.07 23.58
C LYS TA 180 36.10 -114.01 23.40
N MET UA 1 -14.37 78.72 -31.83
CA MET UA 1 -14.32 79.54 -33.03
C MET UA 1 -13.43 78.87 -34.06
N LYS UA 2 -13.75 79.02 -35.33
CA LYS UA 2 -12.90 78.61 -36.44
C LYS UA 2 -12.28 79.87 -37.02
N ALA UA 3 -11.00 80.11 -36.75
CA ALA UA 3 -10.34 81.35 -37.17
C ALA UA 3 -10.07 81.32 -38.66
N SER UA 4 -11.14 81.55 -39.42
CA SER UA 4 -11.13 81.23 -40.85
C SER UA 4 -11.04 82.47 -41.71
N GLY UA 5 -10.31 82.35 -42.80
CA GLY UA 5 -10.16 83.44 -43.74
C GLY UA 5 -9.25 84.49 -43.12
N THR UA 6 -9.71 85.73 -43.12
CA THR UA 6 -9.07 86.76 -42.34
C THR UA 6 -10.03 87.19 -41.25
N LEU UA 7 -9.49 87.45 -40.08
CA LEU UA 7 -10.30 87.88 -38.97
C LEU UA 7 -10.71 89.32 -39.21
N ARG UA 8 -11.85 89.70 -38.66
CA ARG UA 8 -12.24 91.10 -38.64
C ARG UA 8 -12.28 91.52 -37.19
N GLU UA 9 -12.24 92.81 -36.93
CA GLU UA 9 -12.35 93.27 -35.56
C GLU UA 9 -13.64 94.01 -35.37
N TYR UA 10 -14.31 93.74 -34.25
CA TYR UA 10 -15.67 94.18 -34.01
C TYR UA 10 -15.74 94.99 -32.73
N LYS UA 11 -16.63 95.98 -32.71
CA LYS UA 11 -17.00 96.63 -31.47
C LYS UA 11 -18.38 96.11 -31.13
N VAL UA 12 -18.42 95.20 -30.17
CA VAL UA 12 -19.68 94.64 -29.71
C VAL UA 12 -19.96 95.22 -28.34
N VAL UA 13 -21.07 95.94 -28.19
CA VAL UA 13 -21.48 96.40 -26.87
C VAL UA 13 -22.76 95.66 -26.50
N GLY UA 14 -23.10 95.69 -25.22
CA GLY UA 14 -24.31 95.03 -24.78
C GLY UA 14 -24.53 95.25 -23.30
N ARG UA 15 -25.65 94.73 -22.82
CA ARG UA 15 -26.03 94.90 -21.43
C ARG UA 15 -26.98 93.79 -21.02
N CYS UA 16 -27.13 93.62 -19.71
CA CYS UA 16 -28.23 92.86 -19.15
C CYS UA 16 -29.52 93.60 -19.42
N LEU UA 17 -30.60 92.86 -19.65
CA LEU UA 17 -31.86 93.51 -19.92
C LEU UA 17 -32.46 94.01 -18.60
N PRO UA 18 -33.22 95.10 -18.62
CA PRO UA 18 -33.61 95.75 -17.37
C PRO UA 18 -34.65 94.94 -16.60
N THR UA 19 -34.51 94.99 -15.29
CA THR UA 19 -35.50 94.49 -14.35
C THR UA 19 -36.09 95.71 -13.65
N PRO UA 20 -37.12 95.59 -12.80
CA PRO UA 20 -37.42 96.72 -11.92
C PRO UA 20 -36.41 96.92 -10.80
N LYS UA 21 -35.52 95.95 -10.57
CA LYS UA 21 -34.45 96.15 -9.58
C LYS UA 21 -33.44 97.18 -10.06
N CYS UA 22 -32.77 96.92 -11.17
CA CYS UA 22 -31.92 97.92 -11.82
C CYS UA 22 -32.61 98.36 -13.11
N ARG UA 23 -32.96 99.64 -13.17
CA ARG UA 23 -33.81 100.13 -14.24
C ARG UA 23 -33.05 100.35 -15.54
N THR UA 24 -31.83 100.87 -15.46
CA THR UA 24 -31.01 101.14 -16.64
C THR UA 24 -29.63 100.51 -16.45
N PRO UA 25 -29.43 99.31 -16.99
CA PRO UA 25 -28.20 98.56 -16.74
C PRO UA 25 -27.04 99.13 -17.53
N PRO UA 26 -25.82 99.01 -17.01
CA PRO UA 26 -24.67 99.57 -17.71
C PRO UA 26 -24.27 98.74 -18.90
N LEU UA 27 -23.69 99.43 -19.87
CA LEU UA 27 -23.30 98.84 -21.15
C LEU UA 27 -21.83 98.44 -21.11
N TYR UA 28 -21.55 97.26 -21.64
CA TYR UA 28 -20.19 96.71 -21.62
C TYR UA 28 -19.75 96.48 -23.06
N ARG UA 29 -18.55 96.94 -23.37
CA ARG UA 29 -18.01 96.95 -24.72
C ARG UA 29 -16.79 96.03 -24.81
N MET UA 30 -16.63 95.34 -25.94
CA MET UA 30 -15.45 94.53 -26.14
C MET UA 30 -14.91 94.70 -27.55
N ARG UA 31 -13.70 94.18 -27.76
CA ARG UA 31 -13.04 94.10 -29.06
C ARG UA 31 -12.93 92.63 -29.42
N ILE UA 32 -13.77 92.18 -30.34
CA ILE UA 32 -13.83 90.78 -30.71
C ILE UA 32 -13.17 90.63 -32.07
N PHE UA 33 -12.23 89.70 -32.18
CA PHE UA 33 -11.62 89.32 -33.45
C PHE UA 33 -12.29 88.03 -33.90
N ALA UA 34 -12.95 88.08 -35.06
CA ALA UA 34 -13.88 87.03 -35.44
C ALA UA 34 -14.01 87.02 -36.95
N PRO UA 35 -14.35 85.87 -37.55
CA PRO UA 35 -14.64 85.85 -38.99
C PRO UA 35 -15.85 86.66 -39.42
N ASN UA 36 -16.94 86.65 -38.68
CA ASN UA 36 -18.13 87.41 -39.04
C ASN UA 36 -18.88 87.82 -37.79
N HIS UA 37 -19.99 88.54 -37.98
CA HIS UA 37 -20.65 89.17 -36.85
C HIS UA 37 -21.45 88.18 -36.01
N VAL UA 38 -21.82 87.04 -36.58
CA VAL UA 38 -22.56 86.03 -35.84
C VAL UA 38 -21.65 85.38 -34.79
N VAL UA 39 -20.47 84.94 -35.21
CA VAL UA 39 -19.53 84.37 -34.27
C VAL UA 39 -18.92 85.46 -33.39
N ALA UA 40 -18.99 86.73 -33.79
CA ALA UA 40 -18.53 87.82 -32.93
C ALA UA 40 -19.49 88.04 -31.78
N LYS UA 41 -20.80 87.96 -32.04
CA LYS UA 41 -21.78 88.04 -30.96
C LYS UA 41 -21.68 86.82 -30.03
N SER UA 42 -21.40 85.64 -30.59
CA SER UA 42 -21.19 84.47 -29.75
C SER UA 42 -19.94 84.58 -28.88
N ARG UA 43 -18.87 85.12 -29.45
CA ARG UA 43 -17.62 85.25 -28.71
C ARG UA 43 -17.71 86.35 -27.66
N PHE UA 44 -18.52 87.38 -27.95
CA PHE UA 44 -18.90 88.37 -26.96
C PHE UA 44 -19.57 87.73 -25.76
N TRP UA 45 -20.57 86.86 -26.00
CA TRP UA 45 -21.24 86.25 -24.85
C TRP UA 45 -20.33 85.30 -24.11
N TYR UA 46 -19.36 84.67 -24.79
CA TYR UA 46 -18.35 83.86 -24.13
C TYR UA 46 -17.59 84.65 -23.07
N PHE UA 47 -16.99 85.77 -23.49
CA PHE UA 47 -16.17 86.51 -22.56
C PHE UA 47 -17.00 87.24 -21.52
N VAL UA 48 -18.20 87.68 -21.88
CA VAL UA 48 -19.04 88.39 -20.92
C VAL UA 48 -19.58 87.45 -19.86
N SER UA 49 -19.91 86.22 -20.26
CA SER UA 49 -20.28 85.21 -19.28
C SER UA 49 -19.11 84.84 -18.38
N GLN UA 50 -17.88 84.97 -18.88
CA GLN UA 50 -16.75 84.76 -17.98
C GLN UA 50 -16.58 85.92 -17.00
N LEU UA 51 -16.75 87.15 -17.47
CA LEU UA 51 -16.42 88.32 -16.65
C LEU UA 51 -17.58 88.75 -15.75
N LYS UA 52 -18.81 88.60 -16.22
CA LYS UA 52 -19.98 89.01 -15.45
C LYS UA 52 -20.91 87.82 -15.25
N LYS UA 53 -21.91 88.00 -14.40
CA LYS UA 53 -23.01 87.05 -14.34
C LYS UA 53 -24.02 87.42 -15.42
N MET UA 54 -23.67 87.20 -16.69
CA MET UA 54 -24.52 87.69 -17.77
C MET UA 54 -24.57 86.64 -18.86
N LYS UA 55 -25.76 86.16 -19.16
CA LYS UA 55 -25.99 85.19 -20.21
C LYS UA 55 -26.73 85.86 -21.35
N LYS UA 56 -26.84 85.14 -22.45
CA LYS UA 56 -27.44 85.70 -23.66
C LYS UA 56 -28.92 85.94 -23.49
N SER UA 57 -29.59 85.08 -22.74
CA SER UA 57 -31.04 85.20 -22.63
C SER UA 57 -31.43 86.16 -21.52
N SER UA 58 -30.55 86.40 -20.56
CA SER UA 58 -30.74 87.47 -19.60
C SER UA 58 -30.02 88.75 -20.00
N GLY UA 59 -29.72 88.94 -21.27
CA GLY UA 59 -29.00 90.12 -21.71
C GLY UA 59 -29.30 90.40 -23.16
N GLU UA 60 -28.65 91.42 -23.74
CA GLU UA 60 -28.92 91.76 -25.13
C GLU UA 60 -27.69 92.44 -25.71
N ILE UA 61 -27.56 92.36 -27.02
CA ILE UA 61 -26.46 93.05 -27.71
C ILE UA 61 -26.99 94.31 -28.35
N VAL UA 62 -26.38 95.42 -27.99
CA VAL UA 62 -26.91 96.73 -28.30
C VAL UA 62 -26.31 97.25 -29.60
N TYR UA 63 -25.00 97.03 -29.80
CA TYR UA 63 -24.31 97.38 -31.03
C TYR UA 63 -23.32 96.28 -31.36
N CYS UA 64 -23.15 95.99 -32.64
CA CYS UA 64 -22.13 95.08 -33.15
C CYS UA 64 -21.79 95.52 -34.56
N GLY UA 65 -20.70 96.25 -34.70
CA GLY UA 65 -20.27 96.73 -36.00
C GLY UA 65 -18.79 96.49 -36.18
N GLN UA 66 -18.39 96.38 -37.44
CA GLN UA 66 -16.98 96.25 -37.74
C GLN UA 66 -16.27 97.57 -37.58
N VAL UA 67 -15.14 97.55 -36.88
CA VAL UA 67 -14.27 98.70 -36.77
C VAL UA 67 -13.09 98.50 -37.72
N PHE UA 68 -12.90 99.48 -38.61
CA PHE UA 68 -11.94 99.39 -39.68
C PHE UA 68 -10.60 99.91 -39.18
N GLU UA 69 -9.58 99.76 -40.00
CA GLU UA 69 -8.27 100.26 -39.61
C GLU UA 69 -8.21 101.75 -39.88
N LYS UA 70 -7.77 102.51 -38.88
CA LYS UA 70 -7.72 103.96 -39.06
C LYS UA 70 -6.51 104.39 -39.87
N SER UA 71 -5.54 103.50 -40.06
CA SER UA 71 -4.42 103.74 -40.96
C SER UA 71 -3.99 102.43 -41.60
N PRO UA 72 -4.70 101.97 -42.65
CA PRO UA 72 -4.34 100.68 -43.26
C PRO UA 72 -3.22 100.73 -44.28
N LEU UA 73 -2.48 101.83 -44.35
CA LEU UA 73 -1.33 101.88 -45.26
C LEU UA 73 -0.03 102.08 -44.51
N ARG UA 74 -0.09 102.17 -43.19
CA ARG UA 74 1.09 102.22 -42.37
C ARG UA 74 1.44 100.84 -41.84
N VAL UA 75 2.70 100.45 -42.01
CA VAL UA 75 3.18 99.22 -41.41
C VAL UA 75 3.46 99.52 -39.94
N LYS UA 76 2.85 98.72 -39.06
CA LYS UA 76 2.84 99.02 -37.64
C LYS UA 76 3.30 97.78 -36.90
N ASN UA 77 3.51 97.94 -35.60
CA ASN UA 77 4.07 96.90 -34.74
C ASN UA 77 3.02 96.59 -33.68
N PHE UA 78 2.50 95.37 -33.68
CA PHE UA 78 1.43 95.03 -32.76
C PHE UA 78 1.95 94.09 -31.70
N GLY UA 79 1.65 94.40 -30.45
CA GLY UA 79 1.91 93.48 -29.37
C GLY UA 79 0.61 92.88 -28.89
N ILE UA 80 0.52 91.57 -28.90
CA ILE UA 80 -0.72 90.87 -28.59
C ILE UA 80 -0.51 90.08 -27.33
N TRP UA 81 -1.36 90.27 -26.34
CA TRP UA 81 -1.28 89.52 -25.10
C TRP UA 81 -2.23 88.33 -25.14
N LEU UA 82 -1.69 87.14 -24.95
CA LEU UA 82 -2.39 85.90 -25.23
C LEU UA 82 -2.80 85.19 -23.95
N ARG UA 83 -3.57 84.13 -24.12
CA ARG UA 83 -3.97 83.22 -23.05
C ARG UA 83 -4.42 81.97 -23.77
N TYR UA 84 -3.70 80.87 -23.62
CA TYR UA 84 -4.07 79.68 -24.36
C TYR UA 84 -3.93 78.44 -23.50
N ASP UA 85 -4.81 77.47 -23.75
CA ASP UA 85 -4.77 76.16 -23.13
C ASP UA 85 -3.73 75.32 -23.86
N SER UA 86 -2.83 74.71 -23.09
CA SER UA 86 -1.89 73.76 -23.65
C SER UA 86 -2.47 72.36 -23.55
N ARG UA 87 -1.63 71.36 -23.75
CA ARG UA 87 -2.00 70.02 -23.31
C ARG UA 87 -1.96 69.94 -21.79
N SER UA 88 -1.15 70.77 -21.15
CA SER UA 88 -0.97 70.74 -19.71
C SER UA 88 -0.90 72.18 -19.21
N GLY UA 89 -1.96 72.63 -18.57
CA GLY UA 89 -1.99 73.97 -18.04
C GLY UA 89 -2.41 74.99 -19.08
N THR UA 90 -2.55 76.24 -18.63
CA THR UA 90 -2.82 77.35 -19.54
C THR UA 90 -1.73 78.38 -19.32
N HIS UA 91 -1.42 79.16 -20.35
CA HIS UA 91 -0.25 80.01 -20.30
C HIS UA 91 -0.56 81.40 -20.83
N ASN UA 92 0.21 82.36 -20.35
CA ASN UA 92 0.15 83.75 -20.79
C ASN UA 92 1.31 84.04 -21.73
N MET UA 93 1.03 84.82 -22.76
CA MET UA 93 2.04 85.17 -23.74
C MET UA 93 1.93 86.62 -24.11
N TYR UA 94 3.08 87.24 -24.34
CA TYR UA 94 3.19 88.48 -25.11
C TYR UA 94 3.87 88.09 -26.40
N ARG UA 95 3.47 88.73 -27.48
CA ARG UA 95 3.80 88.23 -28.80
C ARG UA 95 3.71 89.40 -29.77
N GLU UA 96 4.67 89.50 -30.67
CA GLU UA 96 4.77 90.66 -31.54
C GLU UA 96 4.70 90.29 -33.01
N TYR UA 97 3.90 91.06 -33.75
CA TYR UA 97 3.77 90.91 -35.18
C TYR UA 97 3.91 92.27 -35.80
N ARG UA 98 3.88 92.30 -37.11
CA ARG UA 98 4.16 93.50 -37.87
C ARG UA 98 3.31 93.43 -39.12
N ASP UA 99 2.11 94.00 -39.05
CA ASP UA 99 1.21 94.03 -40.19
C ASP UA 99 0.67 95.45 -40.32
N LEU UA 100 -0.17 95.65 -41.32
CA LEU UA 100 -0.81 96.94 -41.57
C LEU UA 100 -2.03 97.13 -40.69
N THR UA 101 -2.77 96.06 -40.43
CA THR UA 101 -4.02 96.15 -39.69
C THR UA 101 -3.98 95.30 -38.42
N THR UA 102 -4.83 95.66 -37.46
CA THR UA 102 -4.91 94.92 -36.21
C THR UA 102 -5.55 93.55 -36.44
N ALA UA 103 -6.57 93.50 -37.30
CA ALA UA 103 -7.19 92.24 -37.68
C ALA UA 103 -6.22 91.35 -38.43
N GLY UA 104 -5.34 91.95 -39.24
CA GLY UA 104 -4.32 91.19 -39.91
C GLY UA 104 -3.29 90.62 -38.96
N ALA UA 105 -2.90 91.40 -37.94
CA ALA UA 105 -1.97 90.89 -36.95
C ALA UA 105 -2.59 89.81 -36.08
N VAL UA 106 -3.89 89.88 -35.82
CA VAL UA 106 -4.48 88.84 -34.99
C VAL UA 106 -4.72 87.58 -35.80
N THR UA 107 -4.99 87.72 -37.11
CA THR UA 107 -5.03 86.55 -37.98
C THR UA 107 -3.67 85.86 -38.04
N GLN UA 108 -2.62 86.68 -38.17
CA GLN UA 108 -1.25 86.20 -38.13
C GLN UA 108 -0.90 85.55 -36.79
N CYS UA 109 -1.46 86.07 -35.69
CA CYS UA 109 -1.24 85.48 -34.37
C CYS UA 109 -1.89 84.12 -34.25
N TYR UA 110 -3.10 83.95 -34.78
CA TYR UA 110 -3.74 82.64 -34.72
C TYR UA 110 -3.02 81.61 -35.57
N ARG UA 111 -2.58 82.01 -36.78
CA ARG UA 111 -1.81 81.10 -37.61
C ARG UA 111 -0.49 80.72 -36.95
N ASP UA 112 0.11 81.67 -36.23
CA ASP UA 112 1.41 81.40 -35.62
C ASP UA 112 1.28 80.59 -34.33
N MET UA 113 0.21 80.79 -33.57
CA MET UA 113 -0.01 79.97 -32.38
C MET UA 113 -0.35 78.55 -32.75
N GLY UA 114 -1.14 78.37 -33.81
CA GLY UA 114 -1.34 77.03 -34.33
C GLY UA 114 -0.10 76.42 -34.93
N ALA UA 115 0.77 77.26 -35.50
CA ALA UA 115 2.01 76.78 -36.11
C ALA UA 115 2.98 76.31 -35.05
N ARG UA 116 3.31 77.18 -34.11
CA ARG UA 116 4.36 76.90 -33.15
C ARG UA 116 3.88 76.03 -32.01
N HIS UA 117 2.67 76.26 -31.50
CA HIS UA 117 2.27 75.58 -30.29
C HIS UA 117 1.19 74.54 -30.50
N ARG UA 118 0.82 74.28 -31.76
CA ARG UA 118 -0.26 73.37 -32.17
C ARG UA 118 -1.58 73.63 -31.43
N ALA UA 119 -1.83 74.89 -31.10
CA ALA UA 119 -2.98 75.28 -30.32
C ALA UA 119 -4.08 75.76 -31.26
N ARG UA 120 -5.29 75.28 -31.05
CA ARG UA 120 -6.38 75.59 -31.94
C ARG UA 120 -7.13 76.78 -31.39
N ALA UA 121 -8.08 77.30 -32.16
CA ALA UA 121 -8.61 78.63 -31.91
C ALA UA 121 -9.48 78.69 -30.66
N HIS UA 122 -10.00 77.55 -30.20
CA HIS UA 122 -10.85 77.54 -29.03
C HIS UA 122 -10.01 77.64 -27.75
N SER UA 123 -8.72 77.36 -27.84
CA SER UA 123 -7.84 77.51 -26.69
C SER UA 123 -7.46 78.96 -26.47
N ILE UA 124 -7.42 79.74 -27.54
CA ILE UA 124 -6.78 81.05 -27.52
C ILE UA 124 -7.78 82.13 -27.13
N GLN UA 125 -7.39 82.98 -26.18
CA GLN UA 125 -8.14 84.17 -25.81
C GLN UA 125 -7.26 85.38 -26.01
N ILE UA 126 -7.58 86.21 -26.99
CA ILE UA 126 -6.87 87.47 -27.18
C ILE UA 126 -7.36 88.43 -26.12
N MET UA 127 -6.47 88.90 -25.26
CA MET UA 127 -6.92 89.83 -24.24
C MET UA 127 -6.55 91.28 -24.51
N LYS UA 128 -5.48 91.54 -25.24
CA LYS UA 128 -5.07 92.92 -25.46
C LYS UA 128 -4.23 93.01 -26.72
N VAL UA 129 -4.70 93.80 -27.68
CA VAL UA 129 -3.94 94.12 -28.89
C VAL UA 129 -3.61 95.61 -28.78
N GLU UA 130 -2.33 95.94 -28.87
CA GLU UA 130 -1.88 97.31 -28.78
C GLU UA 130 -0.80 97.57 -29.82
N GLU UA 131 -1.04 98.54 -30.69
CA GLU UA 131 0.00 98.99 -31.61
C GLU UA 131 1.10 99.69 -30.81
N ILE UA 132 2.34 99.43 -31.18
CA ILE UA 132 3.48 99.67 -30.33
C ILE UA 132 4.56 100.36 -31.14
N ALA UA 133 5.16 101.39 -30.56
CA ALA UA 133 6.23 102.14 -31.19
C ALA UA 133 7.44 101.25 -31.39
N ALA UA 134 8.28 101.63 -32.35
CA ALA UA 134 9.38 100.76 -32.77
C ALA UA 134 10.48 100.68 -31.72
N SER UA 135 10.51 101.61 -30.78
CA SER UA 135 11.48 101.54 -29.70
C SER UA 135 11.01 100.63 -28.57
N LYS UA 136 9.70 100.36 -28.51
CA LYS UA 136 9.16 99.57 -27.42
C LYS UA 136 8.99 98.10 -27.76
N CYS UA 137 9.50 97.63 -28.90
CA CYS UA 137 9.33 96.25 -29.28
C CYS UA 137 10.33 95.35 -28.55
N ARG UA 138 9.87 94.15 -28.18
CA ARG UA 138 10.64 93.22 -27.37
C ARG UA 138 11.25 92.08 -28.18
N ARG UA 139 10.67 91.75 -29.29
CA ARG UA 139 11.07 90.54 -30.00
C ARG UA 139 12.02 90.88 -31.13
N PRO UA 140 13.10 90.11 -31.31
CA PRO UA 140 14.12 90.47 -32.31
C PRO UA 140 13.68 90.27 -33.75
N ALA UA 141 12.72 89.38 -33.99
CA ALA UA 141 12.24 89.15 -35.35
C ALA UA 141 11.45 90.34 -35.88
N VAL UA 142 10.86 91.11 -34.98
CA VAL UA 142 10.17 92.34 -35.32
C VAL UA 142 11.13 93.52 -35.32
N LYS UA 143 12.11 93.51 -34.40
CA LYS UA 143 13.05 94.61 -34.30
C LYS UA 143 14.06 94.63 -35.44
N GLN UA 144 14.26 93.52 -36.15
CA GLN UA 144 15.24 93.56 -37.22
C GLN UA 144 14.70 94.24 -38.46
N PHE UA 145 13.39 94.46 -38.53
CA PHE UA 145 12.82 95.21 -39.63
C PHE UA 145 12.74 96.69 -39.35
N HIS UA 146 13.24 97.13 -38.21
CA HIS UA 146 13.24 98.53 -37.85
C HIS UA 146 14.57 99.13 -38.26
N ASP UA 147 14.80 99.20 -39.57
CA ASP UA 147 16.02 99.75 -40.13
C ASP UA 147 15.61 100.69 -41.25
N SER UA 148 16.08 101.93 -41.17
CA SER UA 148 15.71 102.94 -42.15
C SER UA 148 16.32 102.63 -43.50
N LYS UA 149 17.56 102.17 -43.50
CA LYS UA 149 18.23 101.72 -44.71
C LYS UA 149 18.24 100.19 -44.79
N ILE UA 150 17.05 99.59 -44.89
CA ILE UA 150 16.98 98.14 -45.00
C ILE UA 150 17.28 97.75 -46.44
N LYS UA 151 17.95 96.60 -46.61
CA LYS UA 151 18.49 96.18 -47.90
C LYS UA 151 18.78 94.69 -47.83
N PHE UA 152 18.16 93.91 -48.73
CA PHE UA 152 18.43 92.49 -48.80
C PHE UA 152 18.08 91.97 -50.19
N PRO UA 153 18.82 91.00 -50.71
CA PRO UA 153 18.42 90.36 -51.97
C PRO UA 153 17.32 89.35 -51.73
N LEU UA 154 16.79 88.85 -52.82
CA LEU UA 154 15.92 87.68 -52.77
C LEU UA 154 16.78 86.52 -53.25
N PRO UA 155 17.45 85.80 -52.35
CA PRO UA 155 18.65 85.04 -52.72
C PRO UA 155 18.45 83.79 -53.59
N HIS UA 156 17.57 82.89 -53.21
CA HIS UA 156 17.43 81.61 -53.90
C HIS UA 156 16.00 81.46 -54.37
N ARG UA 157 15.70 82.06 -55.52
CA ARG UA 157 14.34 82.17 -56.03
C ARG UA 157 13.96 80.83 -56.64
N VAL UA 158 13.46 79.92 -55.80
CA VAL UA 158 12.87 78.69 -56.31
C VAL UA 158 11.67 79.07 -57.16
N LEU UA 159 11.62 78.57 -58.40
CA LEU UA 159 10.55 79.00 -59.26
C LEU UA 159 9.31 78.21 -58.93
N ARG UA 160 8.19 78.89 -59.00
CA ARG UA 160 6.89 78.26 -59.09
C ARG UA 160 6.52 78.22 -60.54
N ARG UA 161 5.26 77.90 -60.81
CA ARG UA 161 4.73 77.65 -62.15
C ARG UA 161 5.55 76.55 -62.81
N GLN UA 162 5.52 75.39 -62.17
CA GLN UA 162 6.40 74.30 -62.56
C GLN UA 162 5.76 73.43 -63.62
N HIS UA 163 4.44 73.44 -63.70
CA HIS UA 163 3.77 72.55 -64.63
C HIS UA 163 3.31 73.27 -65.89
N LYS UA 164 3.61 74.56 -66.04
CA LYS UA 164 3.21 75.22 -67.28
C LYS UA 164 4.13 74.82 -68.43
N PRO UA 165 5.46 74.81 -68.29
CA PRO UA 165 6.24 73.75 -68.95
C PRO UA 165 6.49 72.55 -68.07
N ARG UA 166 5.62 71.52 -68.04
CA ARG UA 166 5.96 70.23 -67.42
C ARG UA 166 7.21 69.72 -68.12
N PHE UA 167 7.29 69.73 -69.44
CA PHE UA 167 8.40 69.09 -70.09
C PHE UA 167 9.22 70.11 -70.83
N THR UA 168 10.11 70.78 -70.13
CA THR UA 168 10.92 71.83 -70.71
C THR UA 168 12.27 71.28 -71.07
N THR UA 169 13.07 72.10 -71.73
CA THR UA 169 14.35 71.63 -72.24
C THR UA 169 15.51 72.24 -71.48
N LYS UA 170 15.43 73.53 -71.19
CA LYS UA 170 16.43 74.20 -70.39
C LYS UA 170 16.17 73.95 -68.91
N ARG UA 171 17.24 73.76 -68.15
CA ARG UA 171 17.10 73.73 -66.71
C ARG UA 171 16.79 75.14 -66.22
N PRO UA 172 15.97 75.29 -65.17
CA PRO UA 172 15.58 76.63 -64.73
C PRO UA 172 16.72 77.37 -64.05
N ASN UA 173 16.70 78.69 -64.19
CA ASN UA 173 17.60 79.55 -63.44
C ASN UA 173 16.97 79.86 -62.09
N THR UA 174 17.78 80.17 -61.10
CA THR UA 174 17.27 80.54 -59.79
C THR UA 174 18.04 81.74 -59.26
N PHE UA 175 18.83 82.38 -60.13
CA PHE UA 175 19.54 83.59 -59.74
C PHE UA 175 18.90 84.75 -60.47
N PHE UA 176 18.28 85.66 -59.73
CA PHE UA 176 17.62 86.80 -60.34
C PHE UA 176 17.95 88.09 -59.61
N THR VA 1 -31.71 41.13 -8.32
CA THR VA 1 -33.15 41.29 -8.25
C THR VA 1 -33.53 41.90 -6.92
N ASN VA 2 -34.48 42.81 -6.97
CA ASN VA 2 -34.84 43.59 -5.82
C ASN VA 2 -36.04 42.98 -5.10
N THR VA 3 -36.14 43.25 -3.81
CA THR VA 3 -37.27 42.77 -3.05
C THR VA 3 -38.47 43.62 -3.40
N LYS VA 4 -39.64 42.99 -3.46
CA LYS VA 4 -40.82 43.65 -3.99
C LYS VA 4 -41.66 44.25 -2.88
N GLY VA 5 -40.99 44.75 -1.84
CA GLY VA 5 -41.69 45.29 -0.69
C GLY VA 5 -42.40 46.56 -1.02
N LYS VA 6 -43.44 46.84 -0.23
CA LYS VA 6 -44.23 48.06 -0.38
C LYS VA 6 -43.37 49.30 -0.25
N ARG VA 7 -42.54 49.35 0.78
CA ARG VA 7 -41.81 50.56 1.08
C ARG VA 7 -40.33 50.35 0.87
N ARG VA 8 -39.98 49.72 -0.24
CA ARG VA 8 -38.59 49.54 -0.61
C ARG VA 8 -38.15 50.73 -1.46
N GLY VA 9 -37.14 51.44 -0.99
CA GLY VA 9 -36.67 52.60 -1.72
C GLY VA 9 -37.43 53.85 -1.36
N THR VA 10 -38.05 53.87 -0.19
CA THR VA 10 -38.76 55.04 0.29
C THR VA 10 -38.05 55.57 1.52
N ARG VA 11 -36.71 55.61 1.43
CA ARG VA 11 -35.93 56.04 2.57
C ARG VA 11 -36.08 57.52 2.83
N TYR VA 12 -35.85 58.33 1.81
CA TYR VA 12 -35.94 59.77 1.92
C TYR VA 12 -37.29 60.29 1.48
N MET VA 13 -38.11 59.43 0.87
CA MET VA 13 -39.29 59.92 0.18
C MET VA 13 -40.46 60.05 1.13
N PHE VA 14 -40.74 59.02 1.92
CA PHE VA 14 -41.69 59.22 2.99
C PHE VA 14 -41.01 59.62 4.30
N SER VA 15 -39.76 60.06 4.26
CA SER VA 15 -39.18 60.66 5.44
C SER VA 15 -39.71 62.08 5.60
N ARG VA 16 -39.70 62.56 6.83
CA ARG VA 16 -40.16 63.91 7.09
C ARG VA 16 -39.08 64.93 6.70
N PRO VA 17 -39.45 66.19 6.47
CA PRO VA 17 -38.44 67.22 6.25
C PRO VA 17 -37.64 67.52 7.51
N PHE VA 18 -36.62 68.35 7.34
CA PHE VA 18 -35.74 68.67 8.44
C PHE VA 18 -36.34 69.75 9.32
N ARG VA 19 -36.38 69.47 10.62
CA ARG VA 19 -37.08 70.25 11.64
C ARG VA 19 -38.55 70.46 11.30
N LYS VA 20 -39.15 69.47 10.65
CA LYS VA 20 -40.59 69.44 10.41
C LYS VA 20 -41.18 68.11 10.83
N HIS VA 21 -40.49 67.43 11.73
CA HIS VA 21 -40.98 66.24 12.39
C HIS VA 21 -42.08 66.60 13.39
N GLY VA 22 -42.84 65.61 13.80
CA GLY VA 22 -43.72 65.79 14.93
C GLY VA 22 -45.21 65.85 14.63
N VAL VA 23 -45.89 66.76 15.32
CA VAL VA 23 -47.34 66.86 15.25
C VAL VA 23 -47.76 67.40 13.89
N VAL VA 24 -48.72 66.74 13.26
CA VAL VA 24 -49.25 67.23 11.99
C VAL VA 24 -50.11 68.45 12.26
N PRO VA 25 -49.89 69.56 11.55
CA PRO VA 25 -50.74 70.74 11.74
C PRO VA 25 -52.14 70.47 11.25
N LEU VA 26 -53.11 71.12 11.88
CA LEU VA 26 -54.49 70.65 11.72
C LEU VA 26 -55.22 71.20 10.52
N ALA VA 27 -54.68 72.21 9.83
CA ALA VA 27 -55.35 72.68 8.61
C ALA VA 27 -55.20 71.68 7.47
N THR VA 28 -54.26 70.75 7.60
CA THR VA 28 -54.26 69.57 6.75
C THR VA 28 -55.51 68.74 6.96
N TYR VA 29 -55.91 68.55 8.22
CA TYR VA 29 -57.02 67.67 8.54
C TYR VA 29 -58.35 68.32 8.24
N MET VA 30 -58.41 69.64 8.36
CA MET VA 30 -59.70 70.29 8.19
C MET VA 30 -59.87 70.91 6.82
N ARG VA 31 -59.27 70.33 5.80
CA ARG VA 31 -59.34 70.88 4.46
C ARG VA 31 -60.28 70.01 3.62
N ILE VA 32 -61.27 70.63 3.00
CA ILE VA 32 -62.40 69.89 2.46
C ILE VA 32 -62.22 69.62 0.97
N TYR VA 33 -62.49 68.37 0.58
CA TYR VA 33 -62.24 67.86 -0.76
C TYR VA 33 -63.59 67.46 -1.35
N LYS VA 34 -63.95 68.05 -2.49
CA LYS VA 34 -65.20 67.73 -3.17
C LYS VA 34 -64.95 66.65 -4.21
N LYS VA 35 -65.98 66.27 -4.94
CA LYS VA 35 -65.76 65.44 -6.12
C LYS VA 35 -65.22 66.28 -7.27
N GLY VA 36 -64.33 65.69 -8.06
CA GLY VA 36 -63.72 66.40 -9.14
C GLY VA 36 -62.65 67.36 -8.71
N ASP VA 37 -62.26 67.36 -7.45
CA ASP VA 37 -61.16 68.17 -6.96
C ASP VA 37 -59.86 67.53 -7.38
N ILE VA 38 -59.13 68.21 -8.24
CA ILE VA 38 -57.79 67.80 -8.63
C ILE VA 38 -56.84 68.02 -7.45
N VAL VA 39 -56.03 67.00 -7.16
CA VAL VA 39 -55.41 66.77 -5.85
C VAL VA 39 -54.09 66.02 -6.07
N ASP VA 40 -53.01 66.50 -5.46
CA ASP VA 40 -51.72 65.84 -5.62
C ASP VA 40 -51.31 65.07 -4.38
N ILE VA 41 -50.55 64.00 -4.60
CA ILE VA 41 -50.32 62.95 -3.62
C ILE VA 41 -48.89 63.02 -3.13
N LYS VA 42 -48.69 62.92 -1.83
CA LYS VA 42 -47.38 63.10 -1.24
C LYS VA 42 -47.41 62.41 0.12
N GLY VA 43 -46.81 61.23 0.20
CA GLY VA 43 -46.91 60.42 1.39
C GLY VA 43 -46.23 61.04 2.59
N MET VA 44 -47.02 61.27 3.63
CA MET VA 44 -46.54 61.83 4.87
C MET VA 44 -46.15 60.67 5.75
N GLY VA 45 -44.92 60.72 6.27
CA GLY VA 45 -44.40 59.59 7.00
C GLY VA 45 -44.94 59.39 8.40
N THR VA 46 -45.49 60.46 9.00
CA THR VA 46 -45.96 60.35 10.38
C THR VA 46 -47.24 59.54 10.45
N VAL VA 47 -47.99 59.48 9.37
CA VAL VA 47 -49.24 58.74 9.34
C VAL VA 47 -49.02 57.51 8.48
N GLN VA 48 -49.11 56.34 9.08
CA GLN VA 48 -48.78 55.13 8.33
C GLN VA 48 -50.01 54.51 7.71
N LYS VA 49 -51.19 54.77 8.26
CA LYS VA 49 -52.41 54.26 7.68
C LYS VA 49 -52.82 55.12 6.50
N GLY VA 50 -53.29 54.49 5.43
CA GLY VA 50 -53.80 55.24 4.30
C GLY VA 50 -52.75 55.84 3.42
N MET VA 51 -51.55 55.33 3.46
CA MET VA 51 -50.50 55.88 2.62
C MET VA 51 -50.73 55.49 1.16
N PRO VA 52 -50.26 56.29 0.21
CA PRO VA 52 -50.22 55.83 -1.16
C PRO VA 52 -49.08 54.86 -1.35
N HIS VA 53 -49.05 54.24 -2.52
CA HIS VA 53 -47.86 53.48 -2.86
C HIS VA 53 -46.81 54.43 -3.41
N LYS VA 54 -45.58 53.94 -3.52
CA LYS VA 54 -44.46 54.80 -3.89
C LYS VA 54 -44.49 55.22 -5.35
N CYS VA 55 -45.41 54.67 -6.14
CA CYS VA 55 -45.53 55.10 -7.52
C CYS VA 55 -46.59 56.17 -7.69
N TYR VA 56 -47.22 56.60 -6.60
CA TYR VA 56 -48.22 57.65 -6.68
C TYR VA 56 -47.76 58.94 -6.05
N HIS VA 57 -46.65 58.90 -5.33
CA HIS VA 57 -46.05 60.07 -4.75
C HIS VA 57 -45.58 60.99 -5.86
N GLY VA 58 -46.05 62.22 -5.85
CA GLY VA 58 -45.64 63.15 -6.88
C GLY VA 58 -46.60 63.18 -8.03
N LYS VA 59 -47.61 62.33 -7.97
CA LYS VA 59 -48.62 62.32 -9.01
C LYS VA 59 -49.81 63.17 -8.60
N THR VA 60 -50.66 63.45 -9.57
CA THR VA 60 -51.82 64.29 -9.38
C THR VA 60 -53.01 63.57 -10.00
N GLY VA 61 -54.12 63.56 -9.27
CA GLY VA 61 -55.33 62.99 -9.80
C GLY VA 61 -56.50 63.76 -9.24
N ARG VA 62 -57.71 63.25 -9.42
CA ARG VA 62 -58.89 63.95 -8.96
C ARG VA 62 -59.80 63.02 -8.17
N VAL VA 63 -60.59 63.61 -7.30
CA VAL VA 63 -61.35 62.88 -6.29
C VAL VA 63 -62.65 62.39 -6.90
N TYR VA 64 -62.95 61.10 -6.70
CA TYR VA 64 -64.25 60.56 -7.08
C TYR VA 64 -65.09 60.12 -5.89
N ASN VA 65 -64.45 59.77 -4.77
CA ASN VA 65 -65.12 59.29 -3.58
C ASN VA 65 -64.60 60.07 -2.39
N VAL VA 66 -65.48 60.37 -1.45
CA VAL VA 66 -65.10 61.04 -0.19
C VAL VA 66 -65.70 60.24 0.96
N THR VA 67 -64.83 59.74 1.84
CA THR VA 67 -65.28 58.97 3.00
C THR VA 67 -64.90 59.73 4.26
N GLN VA 68 -65.01 59.11 5.44
CA GLN VA 68 -64.76 59.81 6.70
C GLN VA 68 -63.33 60.35 6.80
N HIS VA 69 -62.33 59.53 6.52
CA HIS VA 69 -60.96 59.99 6.67
C HIS VA 69 -60.18 59.93 5.36
N ALA VA 70 -60.83 59.68 4.24
CA ALA VA 70 -60.07 59.44 3.02
C ALA VA 70 -60.82 59.99 1.83
N VAL VA 71 -60.10 60.06 0.71
CA VAL VA 71 -60.70 60.27 -0.59
C VAL VA 71 -60.19 59.20 -1.53
N GLY VA 72 -61.05 58.76 -2.45
CA GLY VA 72 -60.58 57.98 -3.57
C GLY VA 72 -60.23 58.92 -4.70
N ILE VA 73 -59.09 58.69 -5.33
CA ILE VA 73 -58.54 59.63 -6.28
C ILE VA 73 -58.10 58.87 -7.53
N VAL VA 74 -58.51 59.36 -8.70
CA VAL VA 74 -58.29 58.69 -9.97
C VAL VA 74 -56.98 59.18 -10.57
N VAL VA 75 -55.94 58.34 -10.51
CA VAL VA 75 -54.61 58.71 -10.97
C VAL VA 75 -54.21 57.83 -12.13
N ASN VA 76 -53.41 58.40 -13.02
CA ASN VA 76 -52.93 57.73 -14.22
C ASN VA 76 -51.57 57.14 -13.89
N LYS VA 77 -51.49 55.82 -14.00
CA LYS VA 77 -50.25 55.09 -13.84
C LYS VA 77 -49.85 54.52 -15.18
N GLN VA 78 -48.61 54.73 -15.58
CA GLN VA 78 -48.13 54.10 -16.80
C GLN VA 78 -47.54 52.74 -16.48
N VAL VA 79 -48.17 51.70 -17.01
CA VAL VA 79 -47.83 50.32 -16.67
C VAL VA 79 -47.19 49.73 -17.91
N LYS VA 80 -45.88 49.88 -17.99
CA LYS VA 80 -44.93 49.44 -19.02
C LYS VA 80 -45.21 50.15 -20.33
N GLY VA 81 -46.42 50.18 -20.84
CA GLY VA 81 -46.61 50.59 -22.22
C GLY VA 81 -47.91 51.23 -22.48
N LYS VA 82 -48.71 51.34 -21.44
CA LYS VA 82 -50.09 51.77 -21.48
C LYS VA 82 -50.32 52.57 -20.22
N ILE VA 83 -51.19 53.54 -20.29
CA ILE VA 83 -51.52 54.34 -19.12
C ILE VA 83 -52.85 53.88 -18.57
N LEU VA 84 -52.88 53.57 -17.29
CA LEU VA 84 -54.10 53.07 -16.65
C LEU VA 84 -54.62 54.13 -15.71
N ALA VA 85 -55.84 54.61 -15.98
CA ALA VA 85 -56.55 55.39 -14.99
C ALA VA 85 -56.95 54.47 -13.87
N LYS VA 86 -56.58 54.82 -12.65
CA LYS VA 86 -56.80 53.91 -11.55
C LYS VA 86 -56.92 54.67 -10.25
N ARG VA 87 -57.50 54.01 -9.27
CA ARG VA 87 -58.16 54.68 -8.17
C ARG VA 87 -57.75 54.11 -6.84
N ILE VA 88 -57.05 54.94 -6.06
CA ILE VA 88 -56.42 54.56 -4.81
C ILE VA 88 -57.14 55.25 -3.66
N ASN VA 89 -57.04 54.66 -2.48
CA ASN VA 89 -57.69 55.16 -1.28
C ASN VA 89 -56.62 55.78 -0.40
N VAL VA 90 -56.67 57.10 -0.24
CA VAL VA 90 -55.62 57.83 0.44
C VAL VA 90 -56.24 58.64 1.57
N ARG VA 91 -55.71 58.48 2.77
CA ARG VA 91 -56.11 59.28 3.91
C ARG VA 91 -55.63 60.71 3.72
N ILE VA 92 -56.28 61.66 4.41
CA ILE VA 92 -56.24 63.11 4.10
C ILE VA 92 -54.82 63.66 4.10
N GLU VA 93 -53.97 63.11 4.95
CA GLU VA 93 -52.69 63.72 5.30
C GLU VA 93 -51.68 63.58 4.19
N HIS VA 94 -51.89 62.66 3.26
CA HIS VA 94 -50.96 62.38 2.18
C HIS VA 94 -51.37 63.09 0.92
N ILE VA 95 -52.03 64.24 1.03
CA ILE VA 95 -52.78 64.84 -0.06
C ILE VA 95 -52.89 66.34 0.15
N LYS VA 96 -52.74 67.09 -0.94
CA LYS VA 96 -53.01 68.52 -0.98
C LYS VA 96 -53.93 68.80 -2.16
N HIS VA 97 -54.50 70.00 -2.16
CA HIS VA 97 -55.11 70.51 -3.38
C HIS VA 97 -54.02 70.85 -4.38
N SER VA 98 -54.25 70.50 -5.64
CA SER VA 98 -53.43 70.99 -6.72
C SER VA 98 -53.72 72.47 -6.94
N LYS VA 99 -52.66 73.24 -7.19
CA LYS VA 99 -52.80 74.61 -7.62
C LYS VA 99 -52.46 74.82 -9.08
N SER VA 100 -52.47 73.74 -9.87
CA SER VA 100 -52.29 73.88 -11.31
C SER VA 100 -53.60 74.28 -11.97
N ARG VA 101 -54.71 73.91 -11.36
CA ARG VA 101 -56.03 74.21 -11.90
C ARG VA 101 -56.46 75.63 -11.53
N ASP VA 102 -55.77 76.23 -10.56
CA ASP VA 102 -56.25 77.49 -9.98
C ASP VA 102 -55.98 78.68 -10.91
N SER VA 103 -54.82 78.71 -11.57
CA SER VA 103 -54.58 79.81 -12.51
C SER VA 103 -55.48 79.71 -13.73
N PHE VA 104 -55.85 78.50 -14.11
CA PHE VA 104 -56.85 78.31 -15.16
C PHE VA 104 -58.21 78.83 -14.73
N LEU VA 105 -58.63 78.51 -13.50
CA LEU VA 105 -59.93 79.01 -13.02
C LEU VA 105 -59.94 80.54 -12.89
N LYS VA 106 -58.82 81.12 -12.44
CA LYS VA 106 -58.69 82.57 -12.40
C LYS VA 106 -58.74 83.18 -13.80
N ARG VA 107 -58.16 82.51 -14.78
CA ARG VA 107 -58.15 83.05 -16.13
C ARG VA 107 -59.50 82.88 -16.81
N VAL VA 108 -60.23 81.82 -16.47
CA VAL VA 108 -61.63 81.68 -16.88
C VAL VA 108 -62.47 82.84 -16.35
N LYS VA 109 -62.34 83.14 -15.05
CA LYS VA 109 -63.13 84.20 -14.44
C LYS VA 109 -62.76 85.57 -15.00
N GLU VA 110 -61.46 85.80 -15.22
CA GLU VA 110 -61.00 87.06 -15.78
C GLU VA 110 -61.42 87.22 -17.24
N ASN VA 111 -61.51 86.11 -17.98
CA ASN VA 111 -61.97 86.22 -19.36
C ASN VA 111 -63.47 86.39 -19.43
N ASP VA 112 -64.22 85.86 -18.47
CA ASP VA 112 -65.64 86.17 -18.41
C ASP VA 112 -65.87 87.65 -18.13
N GLN VA 113 -65.08 88.21 -17.23
CA GLN VA 113 -65.17 89.65 -16.95
C GLN VA 113 -64.73 90.48 -18.15
N LYS VA 114 -63.72 90.03 -18.88
CA LYS VA 114 -63.24 90.76 -20.04
C LYS VA 114 -64.10 90.51 -21.28
N LYS VA 115 -64.98 89.52 -21.26
CA LYS VA 115 -65.83 89.24 -22.41
C LYS VA 115 -67.22 89.83 -22.23
N LYS VA 116 -67.71 89.92 -20.98
CA LYS VA 116 -68.96 90.65 -20.76
C LYS VA 116 -68.74 92.14 -20.94
N GLU VA 117 -67.72 92.69 -20.29
CA GLU VA 117 -67.23 94.01 -20.63
C GLU VA 117 -66.61 93.97 -22.02
N ALA VA 118 -66.62 95.14 -22.70
CA ALA VA 118 -66.15 95.32 -24.07
C ALA VA 118 -66.88 94.41 -25.05
N LYS VA 119 -68.15 94.13 -24.75
CA LYS VA 119 -69.12 93.57 -25.67
C LYS VA 119 -70.16 94.60 -26.06
N GLU VA 120 -70.72 95.29 -25.07
CA GLU VA 120 -71.53 96.47 -25.35
C GLU VA 120 -70.66 97.61 -25.89
N LYS VA 121 -69.38 97.63 -25.51
CA LYS VA 121 -68.46 98.65 -26.02
C LYS VA 121 -68.00 98.29 -27.43
N GLY VA 122 -67.75 97.01 -27.67
CA GLY VA 122 -67.49 96.52 -29.01
C GLY VA 122 -66.03 96.42 -29.40
N THR VA 123 -65.12 96.92 -28.58
CA THR VA 123 -63.69 96.78 -28.84
C THR VA 123 -63.29 95.32 -28.63
N TRP VA 124 -62.56 94.77 -29.60
CA TRP VA 124 -62.16 93.36 -29.57
C TRP VA 124 -60.94 93.25 -28.67
N VAL VA 125 -61.06 92.43 -27.62
CA VAL VA 125 -60.03 92.32 -26.59
C VAL VA 125 -59.45 90.91 -26.61
N GLN VA 126 -58.12 90.80 -26.63
CA GLN VA 126 -57.44 89.52 -26.74
C GLN VA 126 -57.65 88.69 -25.47
N LEU VA 127 -58.06 87.43 -25.65
CA LEU VA 127 -58.38 86.59 -24.49
C LEU VA 127 -57.50 85.34 -24.46
N LYS VA 128 -57.00 84.90 -25.61
CA LYS VA 128 -56.05 83.80 -25.61
C LYS VA 128 -54.72 84.28 -25.05
N ARG VA 129 -53.99 83.37 -24.41
CA ARG VA 129 -52.62 83.66 -24.04
C ARG VA 129 -51.77 83.68 -25.29
N GLN VA 130 -50.65 84.25 -25.20
CA GLN VA 130 -49.80 84.35 -26.36
C GLN VA 130 -48.39 84.06 -25.91
N PRO VA 131 -47.58 83.33 -26.68
CA PRO VA 131 -46.21 83.04 -26.23
C PRO VA 131 -45.37 84.30 -26.19
N ALA VA 132 -44.25 84.22 -25.50
CA ALA VA 132 -43.42 85.39 -25.27
C ALA VA 132 -42.83 85.84 -26.58
N PRO VA 133 -43.20 87.03 -27.05
CA PRO VA 133 -42.83 87.45 -28.39
C PRO VA 133 -41.36 87.81 -28.46
N PRO VA 134 -40.83 88.02 -29.67
CA PRO VA 134 -39.54 88.72 -29.77
C PRO VA 134 -39.70 90.12 -29.23
N ARG VA 135 -38.72 90.58 -28.45
CA ARG VA 135 -38.85 91.90 -27.85
C ARG VA 135 -38.64 92.99 -28.89
N GLU VA 136 -39.47 94.01 -28.82
CA GLU VA 136 -39.64 95.01 -29.87
C GLU VA 136 -38.47 95.99 -29.87
N ALA VA 137 -38.35 96.76 -30.96
CA ALA VA 137 -37.29 97.73 -31.14
C ALA VA 137 -37.33 98.81 -30.07
N HIS VA 138 -36.16 99.25 -29.63
CA HIS VA 138 -36.03 100.20 -28.55
C HIS VA 138 -34.72 100.91 -28.68
N PHE VA 139 -34.62 102.04 -28.01
CA PHE VA 139 -33.44 102.90 -28.02
C PHE VA 139 -32.70 102.66 -26.71
N VAL VA 140 -31.37 102.69 -26.77
CA VAL VA 140 -30.55 102.50 -25.59
C VAL VA 140 -29.74 103.77 -25.38
N ARG VA 141 -29.93 104.43 -24.25
CA ARG VA 141 -29.29 105.72 -23.98
C ARG VA 141 -27.98 105.48 -23.26
N THR VA 142 -26.87 105.79 -23.93
CA THR VA 142 -25.59 105.99 -23.27
C THR VA 142 -25.48 107.47 -22.87
N ASN VA 143 -26.27 107.82 -21.85
CA ASN VA 143 -26.35 109.19 -21.38
C ASN VA 143 -25.05 109.62 -20.71
N GLY VA 144 -24.23 110.34 -21.46
CA GLY VA 144 -22.95 110.73 -20.94
C GLY VA 144 -21.89 109.68 -21.21
N LYS VA 145 -21.71 108.78 -20.25
CA LYS VA 145 -20.60 107.84 -20.21
C LYS VA 145 -20.62 106.87 -21.38
N GLU VA 146 -19.45 106.43 -21.78
CA GLU VA 146 -19.24 105.39 -22.79
C GLU VA 146 -19.31 104.02 -22.15
N PRO VA 147 -19.54 102.96 -22.94
CA PRO VA 147 -19.57 101.61 -22.36
C PRO VA 147 -18.20 101.17 -21.84
N GLU VA 148 -18.23 100.50 -20.70
CA GLU VA 148 -17.01 100.06 -20.03
C GLU VA 148 -16.38 98.92 -20.82
N LEU VA 149 -15.08 99.04 -21.09
CA LEU VA 149 -14.37 98.08 -21.92
C LEU VA 149 -13.99 96.87 -21.08
N LEU VA 150 -14.39 95.69 -21.54
CA LEU VA 150 -14.11 94.46 -20.83
C LEU VA 150 -13.00 93.70 -21.53
N GLU VA 151 -12.11 93.19 -20.78
CA GLU VA 151 -10.86 92.54 -21.12
C GLU VA 151 -10.86 91.16 -20.52
N PRO VA 152 -10.47 90.12 -21.26
CA PRO VA 152 -10.21 88.83 -20.61
C PRO VA 152 -9.06 88.94 -19.63
N ILE VA 153 -9.27 88.41 -18.43
CA ILE VA 153 -8.27 88.50 -17.37
C ILE VA 153 -7.13 87.55 -17.69
N PRO VA 154 -5.88 87.89 -17.35
CA PRO VA 154 -4.79 86.93 -17.51
C PRO VA 154 -4.87 85.82 -16.48
N TYR VA 155 -4.15 84.75 -16.76
CA TYR VA 155 -4.22 83.56 -15.93
C TYR VA 155 -3.30 83.67 -14.73
N GLU VA 156 -3.76 83.14 -13.59
CA GLU VA 156 -2.91 82.98 -12.43
C GLU VA 156 -3.42 81.78 -11.65
N PHE VA 157 -2.51 80.89 -11.29
CA PHE VA 157 -2.87 79.55 -10.85
C PHE VA 157 -3.00 79.54 -9.33
N MET VA 158 -4.24 79.70 -8.85
CA MET VA 158 -4.50 79.84 -7.42
C MET VA 158 -4.29 78.53 -6.67
N ALA VA 159 -4.43 77.40 -7.35
CA ALA VA 159 -4.46 76.11 -6.69
C ALA VA 159 -3.09 75.72 -6.18
N GLN WA 1 31.00 -80.20 -62.56
CA GLN WA 1 30.32 -79.12 -63.26
C GLN WA 1 31.21 -78.49 -64.33
N LEU WA 2 30.59 -78.21 -65.48
CA LEU WA 2 31.31 -77.69 -66.65
C LEU WA 2 30.43 -76.60 -67.25
N LEU WA 3 30.99 -75.40 -67.32
CA LEU WA 3 30.33 -74.30 -68.01
C LEU WA 3 30.95 -74.09 -69.38
N LYS WA 4 30.12 -73.74 -70.36
CA LYS WA 4 30.56 -73.62 -71.73
C LYS WA 4 29.69 -72.64 -72.48
N PHE WA 5 30.13 -71.39 -72.58
CA PHE WA 5 29.29 -70.33 -73.12
C PHE WA 5 29.84 -69.92 -74.47
N THR WA 6 28.98 -69.79 -75.47
CA THR WA 6 29.41 -69.51 -76.83
C THR WA 6 28.99 -68.12 -77.27
N LEU WA 7 29.72 -67.61 -78.28
CA LEU WA 7 29.36 -66.37 -78.97
C LEU WA 7 29.44 -66.67 -80.45
N ASP WA 8 28.37 -67.23 -81.01
CA ASP WA 8 28.31 -67.44 -82.45
C ASP WA 8 27.99 -66.11 -83.11
N CYS WA 9 29.07 -65.39 -83.43
CA CYS WA 9 29.03 -64.08 -84.09
C CYS WA 9 29.34 -64.24 -85.57
N THR WA 10 28.35 -64.75 -86.30
CA THR WA 10 28.51 -65.02 -87.72
C THR WA 10 28.17 -63.81 -88.59
N HIS WA 11 27.01 -63.20 -88.37
CA HIS WA 11 26.54 -62.10 -89.23
C HIS WA 11 27.45 -60.87 -89.26
N PRO WA 12 28.09 -60.42 -88.15
CA PRO WA 12 29.12 -59.39 -88.31
C PRO WA 12 30.37 -59.87 -89.04
N VAL WA 13 30.59 -61.17 -89.18
CA VAL WA 13 31.69 -61.66 -89.99
C VAL WA 13 31.20 -61.98 -91.40
N GLU WA 14 29.95 -62.43 -91.52
CA GLU WA 14 29.38 -62.68 -92.85
C GLU WA 14 29.18 -61.40 -93.65
N ASP WA 15 29.00 -60.26 -92.96
CA ASP WA 15 29.20 -58.99 -93.65
C ASP WA 15 30.67 -58.57 -93.64
N GLY WA 16 31.40 -59.00 -92.62
CA GLY WA 16 32.82 -58.68 -92.53
C GLY WA 16 33.08 -57.36 -91.85
N ILE WA 17 32.23 -56.98 -90.91
CA ILE WA 17 32.42 -55.73 -90.17
C ILE WA 17 33.34 -55.94 -88.98
N MET WA 18 33.68 -57.19 -88.68
CA MET WA 18 34.64 -57.52 -87.63
C MET WA 18 35.24 -58.89 -87.92
N ASP WA 19 36.31 -59.21 -87.20
CA ASP WA 19 36.99 -60.49 -87.31
C ASP WA 19 37.14 -61.12 -85.94
N ALA WA 20 37.06 -62.45 -85.90
CA ALA WA 20 36.95 -63.15 -84.62
C ALA WA 20 38.31 -63.50 -84.02
N ALA WA 21 39.40 -63.38 -84.78
CA ALA WA 21 40.71 -63.59 -84.20
C ALA WA 21 41.10 -62.41 -83.32
N ASN WA 22 40.72 -61.20 -83.74
CA ASN WA 22 40.96 -60.00 -82.95
C ASN WA 22 40.17 -60.03 -81.65
N PHE WA 23 38.88 -60.40 -81.73
CA PHE WA 23 38.05 -60.53 -80.54
C PHE WA 23 38.48 -61.71 -79.68
N GLU WA 24 39.04 -62.76 -80.30
CA GLU WA 24 39.62 -63.87 -79.55
C GLU WA 24 40.81 -63.42 -78.71
N GLN WA 25 41.71 -62.64 -79.30
CA GLN WA 25 42.85 -62.13 -78.54
C GLN WA 25 42.42 -61.10 -77.50
N PHE WA 26 41.36 -60.33 -77.82
CA PHE WA 26 40.77 -59.40 -76.85
C PHE WA 26 40.27 -60.14 -75.62
N LEU WA 27 39.51 -61.21 -75.82
CA LEU WA 27 39.02 -61.99 -74.69
C LEU WA 27 40.17 -62.71 -73.98
N GLN WA 28 41.18 -63.13 -74.72
CA GLN WA 28 42.27 -63.88 -74.10
C GLN WA 28 43.15 -62.96 -73.26
N GLU WA 29 43.10 -61.66 -73.54
CA GLU WA 29 43.76 -60.68 -72.70
C GLU WA 29 42.88 -60.24 -71.53
N ARG WA 30 41.59 -59.97 -71.78
CA ARG WA 30 40.78 -59.23 -70.83
C ARG WA 30 40.00 -60.11 -69.85
N ILE WA 31 39.89 -61.41 -70.07
CA ILE WA 31 39.09 -62.25 -69.17
C ILE WA 31 39.79 -62.34 -67.83
N LYS WA 32 39.08 -61.95 -66.79
CA LYS WA 32 39.64 -61.80 -65.45
C LYS WA 32 39.15 -62.94 -64.57
N VAL WA 33 40.09 -63.64 -63.94
CA VAL WA 33 39.79 -64.76 -63.05
C VAL WA 33 40.41 -64.45 -61.70
N ASN WA 34 39.58 -64.43 -60.65
CA ASN WA 34 39.98 -64.07 -59.28
C ASN WA 34 40.63 -62.70 -59.21
N GLY WA 35 40.11 -61.76 -59.99
CA GLY WA 35 40.68 -60.42 -60.04
C GLY WA 35 41.97 -60.33 -60.82
N LYS WA 36 42.33 -61.38 -61.55
CA LYS WA 36 43.61 -61.43 -62.24
C LYS WA 36 43.33 -61.62 -63.72
N ALA WA 37 43.84 -60.71 -64.55
CA ALA WA 37 43.45 -60.65 -65.95
C ALA WA 37 44.37 -61.45 -66.85
N GLY WA 38 45.64 -61.63 -66.47
CA GLY WA 38 46.55 -62.38 -67.30
C GLY WA 38 46.47 -63.87 -67.01
N ASN WA 39 47.06 -64.66 -67.92
CA ASN WA 39 47.31 -66.10 -67.81
C ASN WA 39 46.03 -66.94 -67.85
N LEU WA 40 44.86 -66.29 -68.01
CA LEU WA 40 43.53 -66.92 -67.96
C LEU WA 40 43.31 -67.72 -66.68
N GLY WA 41 43.84 -67.23 -65.56
CA GLY WA 41 43.70 -67.91 -64.28
C GLY WA 41 44.37 -69.27 -64.23
N GLY WA 42 45.41 -69.46 -65.03
CA GLY WA 42 45.91 -70.79 -65.30
C GLY WA 42 45.24 -71.39 -66.52
N GLY WA 43 45.26 -72.71 -66.58
CA GLY WA 43 44.58 -73.42 -67.64
C GLY WA 43 43.15 -73.74 -67.27
N VAL WA 44 42.34 -72.70 -67.06
CA VAL WA 44 41.01 -72.86 -66.50
C VAL WA 44 39.94 -72.46 -67.51
N VAL WA 45 39.97 -71.21 -67.96
CA VAL WA 45 39.05 -70.75 -69.00
C VAL WA 45 39.72 -71.05 -70.34
N SER WA 46 39.56 -72.30 -70.77
CA SER WA 46 40.10 -72.76 -72.04
C SER WA 46 39.22 -72.21 -73.17
N LEU WA 47 39.58 -71.05 -73.66
CA LEU WA 47 38.84 -70.40 -74.74
C LEU WA 47 39.16 -71.09 -76.06
N GLU WA 48 38.13 -71.27 -76.90
CA GLU WA 48 38.31 -71.81 -78.24
C GLU WA 48 37.54 -70.96 -79.23
N ARG WA 49 37.83 -71.16 -80.52
CA ARG WA 49 37.18 -70.39 -81.57
C ARG WA 49 37.01 -71.25 -82.80
N SER WA 50 35.76 -71.60 -83.11
CA SER WA 50 35.41 -72.20 -84.38
C SER WA 50 35.12 -71.10 -85.39
N LYS WA 51 34.50 -71.47 -86.51
CA LYS WA 51 34.22 -70.51 -87.57
C LYS WA 51 33.14 -69.54 -87.10
N SER WA 52 33.59 -68.39 -86.55
CA SER WA 52 32.74 -67.34 -86.00
C SER WA 52 31.85 -67.86 -84.87
N LYS WA 53 32.42 -68.68 -83.99
CA LYS WA 53 31.74 -69.07 -82.76
C LYS WA 53 32.81 -69.27 -81.70
N ILE WA 54 33.10 -68.23 -80.94
CA ILE WA 54 34.06 -68.29 -79.85
C ILE WA 54 33.40 -69.03 -78.69
N THR WA 55 34.09 -70.02 -78.16
CA THR WA 55 33.59 -70.83 -77.06
C THR WA 55 34.47 -70.64 -75.84
N VAL WA 56 33.86 -70.28 -74.71
CA VAL WA 56 34.57 -70.04 -73.47
C VAL WA 56 34.17 -71.15 -72.50
N THR WA 57 35.04 -72.14 -72.35
CA THR WA 57 34.77 -73.28 -71.50
C THR WA 57 35.56 -73.12 -70.20
N SER WA 58 34.88 -73.28 -69.07
CA SER WA 58 35.46 -72.99 -67.76
C SER WA 58 35.17 -74.10 -66.76
N GLU WA 59 35.95 -74.11 -65.68
CA GLU WA 59 35.77 -75.05 -64.58
C GLU WA 59 35.41 -74.35 -63.27
N VAL WA 60 35.96 -73.17 -63.06
CA VAL WA 60 35.64 -72.34 -61.89
C VAL WA 60 34.23 -71.78 -62.05
N PRO WA 61 33.60 -71.23 -61.01
CA PRO WA 61 32.39 -70.44 -61.24
C PRO WA 61 32.68 -69.24 -62.12
N PHE WA 62 32.12 -69.28 -63.32
CA PHE WA 62 32.35 -68.25 -64.32
C PHE WA 62 31.01 -67.79 -64.86
N SER WA 63 30.74 -66.50 -64.77
CA SER WA 63 29.47 -65.95 -65.19
C SER WA 63 29.39 -65.86 -66.69
N LYS WA 64 28.19 -65.58 -67.18
CA LYS WA 64 27.94 -65.54 -68.61
C LYS WA 64 27.60 -64.12 -69.07
N ARG WA 65 26.90 -63.35 -68.23
CA ARG WA 65 26.74 -61.95 -68.57
C ARG WA 65 28.00 -61.16 -68.28
N TYR WA 66 29.00 -61.76 -67.64
CA TYR WA 66 30.35 -61.20 -67.70
C TYR WA 66 30.92 -61.31 -69.11
N LEU WA 67 30.62 -62.39 -69.79
CA LEU WA 67 31.05 -62.51 -71.17
C LEU WA 67 30.26 -61.56 -72.06
N LYS WA 68 29.02 -61.24 -71.67
CA LYS WA 68 28.27 -60.18 -72.36
C LYS WA 68 28.88 -58.80 -72.10
N TYR WA 69 29.33 -58.55 -70.87
CA TYR WA 69 30.05 -57.31 -70.53
C TYR WA 69 31.30 -57.14 -71.36
N LEU WA 70 32.09 -58.21 -71.49
CA LEU WA 70 33.32 -58.14 -72.27
C LEU WA 70 33.04 -57.98 -73.75
N THR WA 71 31.98 -58.62 -74.28
CA THR WA 71 31.74 -58.42 -75.70
C THR WA 71 31.15 -57.04 -76.00
N LYS WA 72 30.41 -56.45 -75.07
CA LYS WA 72 29.96 -55.07 -75.28
C LYS WA 72 31.12 -54.09 -75.16
N LYS WA 73 32.09 -54.40 -74.31
CA LYS WA 73 33.27 -53.53 -74.22
C LYS WA 73 34.11 -53.63 -75.49
N TYR WA 74 34.18 -54.82 -76.09
CA TYR WA 74 34.84 -54.97 -77.38
C TYR WA 74 34.14 -54.19 -78.47
N LEU WA 75 32.81 -54.26 -78.51
CA LEU WA 75 32.07 -53.54 -79.55
C LEU WA 75 32.17 -52.03 -79.35
N LYS WA 76 32.31 -51.58 -78.11
CA LYS WA 76 32.48 -50.15 -77.87
C LYS WA 76 33.88 -49.69 -78.26
N LYS WA 77 34.87 -50.57 -78.09
CA LYS WA 77 36.24 -50.24 -78.47
C LYS WA 77 36.36 -50.01 -79.96
N ASN WA 78 35.64 -50.79 -80.76
CA ASN WA 78 35.72 -50.74 -82.20
C ASN WA 78 34.51 -50.09 -82.85
N ASN WA 79 33.75 -49.32 -82.07
CA ASN WA 79 32.64 -48.48 -82.55
C ASN WA 79 31.54 -49.31 -83.21
N LEU WA 80 31.36 -50.53 -82.70
CA LEU WA 80 30.33 -51.44 -83.17
C LEU WA 80 29.20 -51.57 -82.17
N ARG WA 81 29.07 -50.62 -81.26
CA ARG WA 81 27.99 -50.70 -80.28
C ARG WA 81 26.72 -50.07 -80.85
N ASP WA 82 26.84 -49.42 -82.00
CA ASP WA 82 25.69 -48.75 -82.61
C ASP WA 82 25.05 -49.61 -83.68
N TRP WA 83 25.85 -50.47 -84.33
CA TRP WA 83 25.29 -51.39 -85.32
C TRP WA 83 24.99 -52.74 -84.70
N LEU WA 84 25.95 -53.29 -83.97
CA LEU WA 84 25.75 -54.61 -83.39
C LEU WA 84 25.01 -54.51 -82.07
N ARG WA 85 24.53 -55.67 -81.61
CA ARG WA 85 23.78 -55.77 -80.37
C ARG WA 85 23.87 -57.22 -79.90
N VAL WA 86 24.05 -57.40 -78.61
CA VAL WA 86 24.27 -58.73 -78.04
C VAL WA 86 22.93 -59.28 -77.55
N VAL WA 87 22.54 -60.43 -78.09
CA VAL WA 87 21.33 -61.13 -77.67
C VAL WA 87 21.73 -62.50 -77.18
N ALA WA 88 21.18 -62.91 -76.04
CA ALA WA 88 21.16 -64.31 -75.64
C ALA WA 88 20.32 -65.06 -76.65
N ASN WA 89 20.98 -65.80 -77.53
CA ASN WA 89 20.27 -66.62 -78.51
C ASN WA 89 19.51 -67.73 -77.82
N THR WA 90 20.20 -68.52 -77.02
CA THR WA 90 19.59 -69.38 -76.02
C THR WA 90 20.33 -69.15 -74.71
N LYS WA 91 20.10 -70.02 -73.75
CA LYS WA 91 21.04 -70.13 -72.67
C LYS WA 91 22.28 -70.88 -73.16
N GLU WA 92 23.38 -70.73 -72.40
CA GLU WA 92 24.71 -71.20 -72.79
C GLU WA 92 25.18 -70.60 -74.12
N SER WA 93 24.73 -69.38 -74.44
CA SER WA 93 25.00 -68.78 -75.75
C SER WA 93 24.70 -67.28 -75.75
N TYR WA 94 25.41 -66.56 -76.63
CA TYR WA 94 25.09 -65.19 -77.02
C TYR WA 94 25.22 -65.05 -78.53
N GLU WA 95 24.41 -64.16 -79.11
CA GLU WA 95 24.39 -63.92 -80.53
C GLU WA 95 24.59 -62.43 -80.79
N LEU WA 96 25.40 -62.09 -81.79
CA LEU WA 96 25.53 -60.70 -82.21
C LEU WA 96 24.59 -60.45 -83.37
N ARG WA 97 23.73 -59.43 -83.23
CA ARG WA 97 22.67 -59.16 -84.20
C ARG WA 97 22.69 -57.68 -84.55
N TYR WA 98 21.87 -57.31 -85.51
CA TYR WA 98 21.80 -55.95 -86.03
C TYR WA 98 20.64 -55.20 -85.41
N PHE WA 99 20.40 -54.00 -85.92
CA PHE WA 99 19.19 -53.23 -85.56
C PHE WA 99 18.26 -53.09 -86.75
N SER XA 1 57.74 22.84 -31.42
CA SER XA 1 57.80 23.44 -32.74
C SER XA 1 56.89 22.71 -33.72
N GLY XA 2 57.37 21.55 -34.19
CA GLY XA 2 56.57 20.68 -35.02
C GLY XA 2 55.43 20.07 -34.25
N ALA XA 3 54.24 20.08 -34.83
CA ALA XA 3 53.05 19.64 -34.13
C ALA XA 3 52.60 18.28 -34.65
N LYS XA 4 51.61 17.72 -33.97
CA LYS XA 4 51.08 16.40 -34.30
C LYS XA 4 50.18 16.50 -35.53
N PHE XA 5 50.39 15.60 -36.49
CA PHE XA 5 49.46 15.47 -37.59
C PHE XA 5 48.27 14.63 -37.15
N ARG XA 6 47.13 14.84 -37.78
CA ARG XA 6 45.98 14.02 -37.42
C ARG XA 6 46.10 12.65 -38.05
N ILE XA 7 45.82 11.64 -37.24
CA ILE XA 7 45.87 10.25 -37.66
C ILE XA 7 44.53 9.62 -37.33
N SER XA 8 44.33 8.40 -37.84
CA SER XA 8 43.07 7.72 -37.61
C SER XA 8 42.95 7.31 -36.15
N LEU XA 9 41.91 7.82 -35.51
CA LEU XA 9 41.69 7.63 -34.08
C LEU XA 9 40.48 6.74 -33.87
N GLY XA 10 40.73 5.50 -33.44
CA GLY XA 10 39.70 4.50 -33.33
C GLY XA 10 39.46 3.97 -31.93
N LEU XA 11 39.59 4.82 -30.94
CA LEU XA 11 39.23 4.50 -29.55
C LEU XA 11 38.22 5.52 -29.06
N PRO XA 12 36.93 5.27 -29.28
CA PRO XA 12 35.92 6.23 -28.81
C PRO XA 12 35.76 6.20 -27.30
N VAL XA 13 34.78 6.93 -26.78
CA VAL XA 13 34.49 6.84 -25.36
C VAL XA 13 33.78 5.53 -25.11
N GLY XA 14 34.35 4.71 -24.22
CA GLY XA 14 33.71 3.47 -23.84
C GLY XA 14 34.69 2.33 -23.95
N ALA XA 15 35.86 2.63 -24.50
CA ALA XA 15 36.88 1.62 -24.73
C ALA XA 15 37.60 1.28 -23.44
N VAL XA 16 37.82 -0.02 -23.23
CA VAL XA 16 38.74 -0.47 -22.18
C VAL XA 16 40.06 -0.89 -22.84
N ILE XA 17 41.01 0.04 -22.89
CA ILE XA 17 42.37 -0.27 -23.31
C ILE XA 17 43.12 -0.86 -22.12
N ASN XA 18 44.18 -1.63 -22.39
CA ASN XA 18 44.89 -2.16 -21.25
C ASN XA 18 45.99 -1.20 -20.83
N CYS XA 19 46.57 -1.43 -19.66
CA CYS XA 19 47.40 -0.42 -19.03
C CYS XA 19 48.85 -0.85 -19.09
N ALA XA 20 49.64 -0.18 -19.92
CA ALA XA 20 51.00 -0.63 -20.20
C ALA XA 20 52.01 0.12 -19.34
N ASP XA 21 51.81 0.08 -18.03
CA ASP XA 21 52.85 0.48 -17.08
C ASP XA 21 52.60 -0.24 -15.77
N ASN XA 22 53.45 0.06 -14.79
CA ASN XA 22 53.46 -0.68 -13.52
C ASN XA 22 52.82 0.10 -12.37
N THR XA 23 51.75 0.83 -12.65
CA THR XA 23 50.99 1.49 -11.59
C THR XA 23 50.22 0.47 -10.76
N GLY XA 24 49.83 -0.64 -11.36
CA GLY XA 24 49.05 -1.63 -10.66
C GLY XA 24 47.71 -1.84 -11.33
N ALA XA 25 47.39 -0.96 -12.27
CA ALA XA 25 46.19 -1.07 -13.05
C ALA XA 25 46.32 -2.16 -14.09
N LYS XA 26 45.18 -2.62 -14.58
CA LYS XA 26 45.12 -3.58 -15.68
C LYS XA 26 44.32 -3.05 -16.85
N ASN XA 27 43.19 -2.40 -16.59
CA ASN XA 27 42.37 -1.79 -17.60
C ASN XA 27 42.40 -0.29 -17.49
N LEU XA 28 41.93 0.36 -18.54
CA LEU XA 28 41.70 1.81 -18.55
C LEU XA 28 40.43 2.05 -19.39
N TYR XA 29 39.37 2.45 -18.72
CA TYR XA 29 38.10 2.75 -19.40
C TYR XA 29 38.05 4.23 -19.75
N ILE XA 30 38.03 4.54 -21.03
CA ILE XA 30 38.06 5.92 -21.51
C ILE XA 30 36.73 6.59 -21.28
N ILE XA 31 36.70 7.67 -20.51
CA ILE XA 31 35.40 8.29 -20.26
C ILE XA 31 35.25 9.58 -21.05
N SER XA 32 36.36 10.19 -21.47
CA SER XA 32 36.36 11.26 -22.45
C SER XA 32 37.78 11.47 -22.93
N VAL XA 33 37.90 12.30 -23.95
CA VAL XA 33 39.18 12.63 -24.57
C VAL XA 33 39.42 14.10 -24.33
N LYS XA 34 40.66 14.47 -24.06
CA LYS XA 34 40.99 15.84 -23.72
C LYS XA 34 41.29 16.65 -24.99
N GLY XA 35 40.45 17.63 -25.26
CA GLY XA 35 40.68 18.56 -26.35
C GLY XA 35 39.62 18.54 -27.42
N ILE XA 36 38.48 17.93 -27.14
CA ILE XA 36 37.45 17.73 -28.16
C ILE XA 36 36.31 18.70 -27.94
N LYS XA 37 36.05 19.52 -28.96
CA LYS XA 37 34.90 20.42 -28.97
C LYS XA 37 33.62 19.61 -29.12
N GLY XA 38 33.60 18.72 -30.10
CA GLY XA 38 32.51 17.81 -30.28
C GLY XA 38 31.56 18.25 -31.37
N ARG XA 39 30.54 17.41 -31.55
CA ARG XA 39 29.49 17.62 -32.54
C ARG XA 39 28.36 16.71 -32.11
N LEU XA 40 27.14 17.05 -32.53
CA LEU XA 40 25.95 16.33 -32.13
C LEU XA 40 26.03 14.88 -32.57
N ASN XA 41 25.94 13.97 -31.60
CA ASN XA 41 25.97 12.50 -31.76
C ASN XA 41 27.32 12.02 -32.28
N ARG XA 42 28.39 12.33 -31.56
CA ARG XA 42 29.68 11.69 -31.85
C ARG XA 42 30.27 11.26 -30.53
N LEU XA 43 30.80 10.09 -30.49
CA LEU XA 43 31.64 9.75 -29.37
C LEU XA 43 32.97 10.46 -29.53
N PRO XA 44 33.48 11.10 -28.48
CA PRO XA 44 34.87 11.56 -28.49
C PRO XA 44 35.81 10.37 -28.64
N ALA XA 45 36.68 10.44 -29.63
CA ALA XA 45 37.60 9.35 -29.90
C ALA XA 45 39.03 9.83 -29.74
N ALA XA 46 39.94 8.88 -29.52
CA ALA XA 46 41.33 9.15 -29.19
C ALA XA 46 42.22 8.22 -29.99
N GLY XA 47 43.31 8.75 -30.51
CA GLY XA 47 44.33 7.94 -31.13
C GLY XA 47 45.60 7.98 -30.32
N VAL XA 48 46.70 7.63 -30.98
CA VAL XA 48 48.00 7.59 -30.33
C VAL XA 48 48.46 8.98 -29.94
N GLY XA 49 48.87 9.14 -28.68
CA GLY XA 49 49.37 10.41 -28.22
C GLY XA 49 48.28 11.37 -27.84
N ASP XA 50 47.08 10.87 -27.59
CA ASP XA 50 45.99 11.69 -27.12
C ASP XA 50 45.87 11.58 -25.62
N MET XA 51 45.91 12.74 -24.96
CA MET XA 51 45.55 12.86 -23.56
C MET XA 51 44.09 12.51 -23.40
N VAL XA 52 43.78 11.63 -22.45
CA VAL XA 52 42.45 11.06 -22.37
C VAL XA 52 42.10 10.95 -20.89
N MET XA 53 40.82 11.02 -20.56
CA MET XA 53 40.39 10.82 -19.20
C MET XA 53 39.95 9.37 -19.06
N ALA XA 54 40.60 8.64 -18.17
CA ALA XA 54 40.35 7.21 -18.08
C ALA XA 54 39.79 6.86 -16.72
N THR XA 55 39.53 5.57 -16.56
CA THR XA 55 39.14 4.99 -15.27
C THR XA 55 39.70 3.59 -15.21
N VAL XA 56 40.48 3.32 -14.15
CA VAL XA 56 40.99 1.99 -13.89
C VAL XA 56 39.80 1.09 -13.57
N LYS XA 57 39.56 0.11 -14.43
CA LYS XA 57 38.36 -0.68 -14.29
C LYS XA 57 38.66 -1.99 -13.58
N LYS XA 58 39.92 -2.41 -13.59
CA LYS XA 58 40.43 -3.41 -12.68
C LYS XA 58 41.92 -3.17 -12.43
N GLY XA 59 42.38 -3.59 -11.27
CA GLY XA 59 43.74 -3.34 -10.85
C GLY XA 59 43.81 -3.23 -9.35
N LYS XA 60 44.68 -2.34 -8.88
CA LYS XA 60 44.77 -2.08 -7.46
C LYS XA 60 43.53 -1.32 -6.98
N PRO XA 61 43.06 -1.60 -5.78
CA PRO XA 61 41.86 -0.92 -5.30
C PRO XA 61 42.08 0.52 -4.86
N GLU XA 62 43.33 0.93 -4.70
CA GLU XA 62 43.61 2.34 -4.47
C GLU XA 62 43.45 3.14 -5.76
N LEU XA 63 43.53 2.46 -6.90
CA LEU XA 63 43.46 3.09 -8.20
C LEU XA 63 42.05 3.11 -8.76
N ARG XA 64 41.19 2.22 -8.31
CA ARG XA 64 39.87 2.12 -8.91
C ARG XA 64 38.95 3.19 -8.36
N LYS XA 65 37.83 3.38 -9.05
CA LYS XA 65 36.71 4.23 -8.64
C LYS XA 65 37.06 5.72 -8.61
N LYS XA 66 37.99 6.13 -9.46
CA LYS XA 66 38.23 7.56 -9.65
C LYS XA 66 38.72 7.79 -11.06
N VAL XA 67 38.69 9.07 -11.47
CA VAL XA 67 39.06 9.43 -12.84
C VAL XA 67 40.54 9.71 -12.90
N HIS XA 68 41.25 9.02 -13.80
CA HIS XA 68 42.64 9.30 -14.02
C HIS XA 68 42.84 9.93 -15.39
N PRO XA 69 43.74 10.90 -15.50
CA PRO XA 69 44.20 11.33 -16.81
C PRO XA 69 45.18 10.33 -17.38
N ALA XA 70 45.13 10.14 -18.70
CA ALA XA 70 45.86 9.06 -19.31
C ALA XA 70 46.30 9.46 -20.71
N VAL XA 71 47.27 8.72 -21.25
CA VAL XA 71 47.82 8.95 -22.58
C VAL XA 71 47.76 7.64 -23.35
N VAL XA 72 47.26 7.69 -24.59
CA VAL XA 72 47.14 6.50 -25.43
C VAL XA 72 48.45 6.27 -26.18
N ILE XA 73 48.92 5.04 -26.17
CA ILE XA 73 50.29 4.71 -26.59
C ILE XA 73 50.32 3.73 -27.76
N ARG XA 74 49.48 2.70 -27.73
CA ARG XA 74 49.35 1.79 -28.83
C ARG XA 74 47.90 1.76 -29.26
N GLN XA 75 47.67 1.65 -30.57
CA GLN XA 75 46.33 1.44 -31.02
C GLN XA 75 46.32 0.38 -32.12
N ARG XA 76 45.23 -0.37 -32.15
CA ARG XA 76 45.04 -1.44 -33.11
C ARG XA 76 44.43 -0.93 -34.40
N LYS XA 77 43.79 0.24 -34.36
CA LYS XA 77 43.33 0.91 -35.57
C LYS XA 77 44.51 1.45 -36.36
N SER XA 78 44.57 1.11 -37.64
CA SER XA 78 45.71 1.45 -38.47
C SER XA 78 45.72 2.93 -38.80
N TYR XA 79 46.89 3.54 -38.70
CA TYR XA 79 47.01 4.97 -38.92
C TYR XA 79 48.17 5.26 -39.84
N ARG XA 80 47.97 6.23 -40.72
CA ARG XA 80 48.94 6.55 -41.75
C ARG XA 80 49.94 7.58 -41.23
N ARG XA 81 51.21 7.19 -41.17
CA ARG XA 81 52.32 8.10 -40.97
C ARG XA 81 52.49 8.96 -42.22
N LYS XA 82 53.21 10.08 -42.09
CA LYS XA 82 53.30 11.02 -43.21
C LYS XA 82 54.20 10.52 -44.32
N ASP XA 83 55.11 9.59 -44.01
CA ASP XA 83 55.90 8.97 -45.07
C ASP XA 83 55.11 7.93 -45.85
N GLY XA 84 53.89 7.63 -45.43
CA GLY XA 84 52.98 6.81 -46.18
C GLY XA 84 52.96 5.37 -45.77
N VAL XA 85 53.13 5.10 -44.49
CA VAL XA 85 53.02 3.75 -43.97
C VAL XA 85 51.83 3.70 -43.02
N PHE XA 86 51.10 2.60 -43.08
CA PHE XA 86 49.98 2.34 -42.21
C PHE XA 86 50.49 1.43 -41.12
N LEU XA 87 50.38 1.88 -39.89
CA LEU XA 87 50.92 1.17 -38.75
C LEU XA 87 49.79 0.84 -37.79
N TYR XA 88 49.83 -0.36 -37.22
CA TYR XA 88 48.84 -0.72 -36.22
C TYR XA 88 49.48 -1.74 -35.30
N PHE XA 89 48.95 -1.85 -34.09
CA PHE XA 89 49.58 -2.67 -33.07
C PHE XA 89 48.76 -3.90 -32.75
N GLU XA 90 49.33 -4.74 -31.88
CA GLU XA 90 48.70 -5.98 -31.49
C GLU XA 90 47.60 -5.74 -30.47
N ASP XA 91 47.65 -4.62 -29.75
CA ASP XA 91 46.55 -4.23 -28.87
C ASP XA 91 46.53 -2.72 -28.67
N ASN XA 92 45.45 -2.26 -28.05
CA ASN XA 92 45.29 -0.90 -27.59
C ASN XA 92 45.91 -0.81 -26.20
N ALA XA 93 46.64 0.27 -25.92
CA ALA XA 93 47.26 0.41 -24.61
C ALA XA 93 47.42 1.88 -24.24
N GLY XA 94 47.72 2.11 -22.97
CA GLY XA 94 47.87 3.46 -22.46
C GLY XA 94 48.51 3.43 -21.10
N VAL XA 95 48.91 4.60 -20.61
CA VAL XA 95 49.51 4.74 -19.29
C VAL XA 95 48.80 5.84 -18.50
N ILE XA 96 48.77 5.68 -17.18
CA ILE XA 96 48.25 6.70 -16.28
C ILE XA 96 49.34 7.75 -16.08
N VAL XA 97 48.96 9.01 -16.22
CA VAL XA 97 49.85 10.14 -16.48
C VAL XA 97 49.13 11.39 -16.00
N ASN XA 98 49.79 12.24 -15.21
CA ASN XA 98 49.07 13.38 -14.65
C ASN XA 98 48.81 14.46 -15.71
N ASN XA 99 48.30 15.59 -15.23
CA ASN XA 99 47.83 16.66 -16.11
C ASN XA 99 48.98 17.38 -16.80
N LYS XA 100 50.18 17.34 -16.21
CA LYS XA 100 51.31 17.97 -16.89
C LYS XA 100 52.09 16.99 -17.74
N GLY XA 101 51.83 15.69 -17.61
CA GLY XA 101 52.45 14.74 -18.51
C GLY XA 101 53.35 13.72 -17.84
N GLU XA 102 53.57 13.86 -16.54
CA GLU XA 102 54.44 12.95 -15.82
C GLU XA 102 53.78 11.59 -15.66
N MET XA 103 54.56 10.52 -15.86
CA MET XA 103 54.03 9.20 -15.66
C MET XA 103 53.91 8.86 -14.18
N LYS XA 104 52.77 8.28 -13.83
CA LYS XA 104 52.54 7.81 -12.49
C LYS XA 104 53.31 6.52 -12.23
N GLY XA 105 53.53 5.73 -13.27
CA GLY XA 105 54.34 4.54 -13.15
C GLY XA 105 55.77 4.77 -13.57
N SER XA 106 56.57 3.71 -13.46
CA SER XA 106 58.01 3.82 -13.69
C SER XA 106 58.42 3.34 -15.08
N ALA XA 107 58.00 2.15 -15.47
CA ALA XA 107 58.40 1.57 -16.74
C ALA XA 107 57.18 1.25 -17.59
N ILE XA 108 57.41 1.16 -18.90
CA ILE XA 108 56.35 0.91 -19.88
C ILE XA 108 56.64 -0.41 -20.56
N THR XA 109 55.70 -1.35 -20.47
CA THR XA 109 55.81 -2.61 -21.19
C THR XA 109 55.30 -2.43 -22.62
N GLY XA 110 55.93 -3.15 -23.54
CA GLY XA 110 55.57 -3.05 -24.94
C GLY XA 110 56.13 -1.81 -25.59
N PRO XA 111 56.02 -1.70 -26.91
CA PRO XA 111 56.52 -0.50 -27.59
C PRO XA 111 55.56 0.67 -27.45
N VAL XA 112 56.11 1.86 -27.50
CA VAL XA 112 55.35 3.09 -27.53
C VAL XA 112 55.41 3.64 -28.93
N ALA XA 113 54.27 3.99 -29.50
CA ALA XA 113 54.30 4.57 -30.84
C ALA XA 113 54.90 5.96 -30.79
N LYS XA 114 55.63 6.33 -31.86
CA LYS XA 114 56.41 7.56 -31.81
C LYS XA 114 55.55 8.80 -31.99
N GLU XA 115 54.32 8.64 -32.48
CA GLU XA 115 53.36 9.74 -32.50
C GLU XA 115 53.04 10.19 -31.09
N CYS XA 116 53.09 9.28 -30.13
CA CYS XA 116 53.00 9.64 -28.72
C CYS XA 116 54.34 10.09 -28.17
N ALA XA 117 55.40 9.35 -28.49
CA ALA XA 117 56.67 9.53 -27.79
C ALA XA 117 57.39 10.80 -28.22
N ASP XA 118 57.04 11.35 -29.38
CA ASP XA 118 57.60 12.66 -29.72
C ASP XA 118 56.88 13.77 -28.97
N LEU XA 119 55.62 13.53 -28.61
CA LEU XA 119 54.78 14.57 -28.04
C LEU XA 119 54.79 14.53 -26.52
N TRP XA 120 55.23 13.42 -25.94
CA TRP XA 120 55.26 13.24 -24.50
C TRP XA 120 56.65 12.75 -24.11
N PRO XA 121 57.56 13.64 -23.66
CA PRO XA 121 58.95 13.21 -23.46
C PRO XA 121 59.18 12.30 -22.26
N ARG XA 122 58.35 12.37 -21.23
CA ARG XA 122 58.57 11.50 -20.08
C ARG XA 122 58.18 10.06 -20.38
N ILE XA 123 57.11 9.89 -21.14
CA ILE XA 123 56.72 8.57 -21.64
C ILE XA 123 57.80 8.01 -22.56
N ALA XA 124 58.41 8.86 -23.36
CA ALA XA 124 59.49 8.41 -24.23
C ALA XA 124 60.73 8.05 -23.45
N SER XA 125 60.94 8.70 -22.30
CA SER XA 125 62.06 8.33 -21.46
C SER XA 125 61.82 7.02 -20.76
N ASN XA 126 60.55 6.68 -20.51
CA ASN XA 126 60.24 5.40 -19.90
C ASN XA 126 59.96 4.33 -20.95
N ALA XA 127 59.94 4.71 -22.21
CA ALA XA 127 59.61 3.79 -23.29
C ALA XA 127 60.75 2.83 -23.55
N GLY XA 128 60.44 1.53 -23.57
CA GLY XA 128 61.42 0.50 -23.83
C GLY XA 128 61.88 0.51 -25.28
N SER XA 129 60.94 0.27 -26.19
CA SER XA 129 61.18 0.50 -27.61
C SER XA 129 60.17 1.51 -28.13
N ILE XA 130 60.46 2.11 -29.28
CA ILE XA 130 59.63 3.15 -29.84
C ILE XA 130 59.16 2.74 -31.23
N ALA XA 131 57.84 2.80 -31.43
CA ALA XA 131 57.10 2.43 -32.64
C ALA XA 131 57.27 0.97 -33.02
N MET YA 1 64.01 6.60 -48.58
CA MET YA 1 63.02 5.56 -48.83
C MET YA 1 63.63 4.16 -48.93
N LYS YA 2 63.96 3.58 -47.77
CA LYS YA 2 64.44 2.20 -47.72
C LYS YA 2 63.28 1.26 -48.05
N VAL YA 3 63.34 0.66 -49.23
CA VAL YA 3 62.37 -0.35 -49.62
C VAL YA 3 62.57 -1.60 -48.77
N GLU YA 4 61.52 -2.02 -48.08
CA GLU YA 4 61.63 -3.11 -47.15
C GLU YA 4 60.97 -4.36 -47.70
N LEU YA 5 61.25 -5.49 -47.06
CA LEU YA 5 60.76 -6.77 -47.55
C LEU YA 5 59.57 -7.23 -46.73
N CYS YA 6 58.72 -8.02 -47.36
CA CYS YA 6 57.56 -8.56 -46.67
C CYS YA 6 58.01 -9.59 -45.64
N SER YA 7 57.41 -9.53 -44.45
CA SER YA 7 57.75 -10.48 -43.41
C SER YA 7 57.21 -11.86 -43.73
N PHE YA 8 56.19 -11.94 -44.57
CA PHE YA 8 55.67 -13.22 -44.96
C PHE YA 8 56.27 -13.67 -46.29
N SER YA 9 56.07 -12.86 -47.34
CA SER YA 9 56.51 -13.22 -48.69
C SER YA 9 58.01 -13.13 -48.83
N GLY YA 10 58.57 -11.94 -48.69
CA GLY YA 10 59.89 -11.64 -49.17
C GLY YA 10 59.89 -10.75 -50.38
N TYR YA 11 58.74 -10.23 -50.76
CA TYR YA 11 58.61 -9.28 -51.85
C TYR YA 11 59.04 -7.90 -51.39
N LYS YA 12 59.41 -7.07 -52.34
CA LYS YA 12 60.04 -5.79 -52.09
C LYS YA 12 58.97 -4.69 -52.03
N ILE YA 13 58.66 -4.24 -50.82
CA ILE YA 13 57.59 -3.26 -50.61
C ILE YA 13 58.11 -1.87 -50.99
N TYR YA 14 57.26 -1.09 -51.64
CA TYR YA 14 57.55 0.25 -52.09
C TYR YA 14 56.86 1.28 -51.21
N PRO YA 15 57.35 2.57 -51.14
CA PRO YA 15 56.93 3.47 -50.05
C PRO YA 15 55.45 3.79 -49.89
N GLY YA 16 54.60 3.46 -50.85
CA GLY YA 16 53.17 3.69 -50.65
C GLY YA 16 52.43 2.46 -50.16
N HIS YA 17 52.92 1.28 -50.48
CA HIS YA 17 52.13 0.07 -50.36
C HIS YA 17 52.33 -0.60 -49.02
N GLY YA 18 51.41 -1.48 -48.71
CA GLY YA 18 51.57 -2.35 -47.58
C GLY YA 18 51.08 -1.76 -46.29
N ARG YA 19 51.32 -2.49 -45.22
CA ARG YA 19 50.74 -2.14 -43.93
C ARG YA 19 51.69 -2.68 -42.88
N ARG YA 20 52.21 -1.82 -42.02
CA ARG YA 20 53.26 -2.23 -41.10
C ARG YA 20 52.66 -2.59 -39.75
N TYR YA 21 53.19 -3.64 -39.14
CA TYR YA 21 52.57 -4.26 -37.97
C TYR YA 21 53.60 -4.46 -36.87
N ALA YA 22 53.22 -4.10 -35.65
CA ALA YA 22 54.10 -4.16 -34.49
C ALA YA 22 53.42 -4.94 -33.39
N ARG YA 23 54.08 -5.96 -32.87
CA ARG YA 23 53.54 -6.69 -31.75
C ARG YA 23 54.03 -6.08 -30.45
N THR YA 24 53.47 -6.58 -29.35
CA THR YA 24 53.78 -6.04 -28.04
C THR YA 24 55.15 -6.50 -27.55
N ASP YA 25 55.73 -7.51 -28.18
CA ASP YA 25 57.02 -8.03 -27.72
C ASP YA 25 58.18 -7.30 -28.39
N GLY YA 26 57.90 -6.28 -29.17
CA GLY YA 26 58.85 -5.78 -30.13
C GLY YA 26 58.47 -6.34 -31.50
N LYS YA 27 59.48 -6.53 -32.34
CA LYS YA 27 59.35 -7.28 -33.60
C LYS YA 27 58.30 -6.66 -34.53
N VAL YA 28 58.65 -5.50 -35.07
CA VAL YA 28 57.81 -4.87 -36.08
C VAL YA 28 57.89 -5.68 -37.38
N PHE YA 29 56.74 -6.01 -37.95
CA PHE YA 29 56.64 -6.76 -39.20
C PHE YA 29 56.06 -5.90 -40.30
N GLN YA 30 56.57 -6.06 -41.51
CA GLN YA 30 56.02 -5.40 -42.68
C GLN YA 30 55.34 -6.42 -43.56
N PHE YA 31 54.24 -6.02 -44.18
CA PHE YA 31 53.53 -6.87 -45.10
C PHE YA 31 53.27 -6.13 -46.39
N LEU YA 32 53.15 -6.86 -47.48
CA LEU YA 32 52.91 -6.23 -48.77
C LEU YA 32 51.43 -6.03 -49.00
N ASN YA 33 50.61 -6.97 -48.56
CA ASN YA 33 49.17 -6.88 -48.76
C ASN YA 33 48.48 -7.68 -47.67
N ALA YA 34 47.16 -7.61 -47.66
CA ALA YA 34 46.38 -8.33 -46.65
C ALA YA 34 46.28 -9.80 -46.96
N LYS YA 35 46.69 -10.22 -48.16
CA LYS YA 35 46.99 -11.61 -48.42
C LYS YA 35 48.06 -12.12 -47.47
N CYS YA 36 49.19 -11.41 -47.42
CA CYS YA 36 50.31 -11.83 -46.59
C CYS YA 36 50.05 -11.54 -45.12
N GLU YA 37 49.37 -10.43 -44.82
CA GLU YA 37 48.95 -10.13 -43.45
C GLU YA 37 48.02 -11.20 -42.91
N SER YA 38 47.02 -11.59 -43.70
CA SER YA 38 46.08 -12.62 -43.28
C SER YA 38 46.75 -13.98 -43.20
N ALA YA 39 47.76 -14.21 -44.04
CA ALA YA 39 48.49 -15.46 -43.96
C ALA YA 39 49.42 -15.49 -42.76
N PHE YA 40 49.92 -14.34 -42.33
CA PHE YA 40 50.79 -14.25 -41.17
C PHE YA 40 50.01 -14.40 -39.88
N LEU YA 41 48.88 -13.70 -39.78
CA LEU YA 41 48.11 -13.69 -38.55
C LEU YA 41 47.38 -15.01 -38.32
N SER YA 42 47.21 -15.80 -39.38
CA SER YA 42 46.70 -17.15 -39.23
C SER YA 42 47.77 -18.16 -38.81
N LYS YA 43 49.00 -17.69 -38.59
CA LYS YA 43 50.17 -18.45 -38.18
C LYS YA 43 50.51 -19.54 -39.18
N ARG YA 44 50.34 -19.24 -40.46
CA ARG YA 44 50.83 -20.10 -41.52
C ARG YA 44 52.32 -19.91 -41.71
N ASN YA 45 52.96 -20.92 -42.24
CA ASN YA 45 54.39 -20.91 -42.48
C ASN YA 45 54.66 -20.45 -43.91
N PRO YA 46 55.51 -19.44 -44.12
CA PRO YA 46 55.87 -19.05 -45.49
C PRO YA 46 56.61 -20.12 -46.24
N ARG YA 47 57.26 -21.05 -45.56
CA ARG YA 47 58.02 -22.11 -46.21
C ARG YA 47 57.13 -23.23 -46.74
N GLN YA 48 55.85 -23.19 -46.42
CA GLN YA 48 54.92 -24.21 -46.87
C GLN YA 48 53.97 -23.67 -47.92
N ILE YA 49 54.11 -22.38 -48.24
CA ILE YA 49 53.19 -21.71 -49.14
C ILE YA 49 53.92 -21.29 -50.40
N ASN YA 50 53.38 -21.72 -51.54
CA ASN YA 50 54.17 -21.98 -52.75
C ASN YA 50 54.76 -20.71 -53.36
N TRP YA 51 54.04 -19.61 -53.28
CA TRP YA 51 54.41 -18.42 -53.99
C TRP YA 51 55.34 -17.51 -53.21
N THR YA 52 55.68 -17.86 -51.97
CA THR YA 52 56.55 -17.00 -51.18
C THR YA 52 58.01 -17.22 -51.59
N VAL YA 53 58.87 -16.28 -51.16
CA VAL YA 53 60.29 -16.36 -51.49
C VAL YA 53 60.97 -17.44 -50.66
N LEU YA 54 60.49 -17.67 -49.43
CA LEU YA 54 61.13 -18.63 -48.55
C LEU YA 54 60.89 -20.07 -48.99
N TYR YA 55 59.68 -20.35 -49.47
CA TYR YA 55 59.38 -21.63 -50.11
C TYR YA 55 60.29 -21.89 -51.29
N ARG YA 56 60.49 -20.86 -52.08
CA ARG YA 56 61.20 -21.01 -53.34
C ARG YA 56 62.70 -21.04 -53.12
N ARG YA 57 63.17 -20.60 -51.96
CA ARG YA 57 64.56 -20.86 -51.59
C ARG YA 57 64.70 -22.24 -50.96
N LYS YA 58 63.68 -22.70 -50.23
CA LYS YA 58 63.73 -24.01 -49.60
C LYS YA 58 63.68 -25.13 -50.64
N HIS YA 59 62.80 -25.00 -51.62
CA HIS YA 59 62.60 -26.02 -52.63
C HIS YA 59 63.43 -25.80 -53.88
N LYS YA 60 64.40 -24.88 -53.83
CA LYS YA 60 65.46 -24.72 -54.83
C LYS YA 60 64.91 -24.39 -56.21
N LYS YA 61 63.98 -23.46 -56.25
CA LYS YA 61 63.37 -23.08 -57.51
C LYS YA 61 63.92 -21.75 -57.99
N GLY YA 62 64.18 -21.67 -59.29
CA GLY YA 62 64.83 -20.51 -59.88
C GLY YA 62 66.31 -20.73 -60.11
N GLN YA 63 67.13 -19.79 -59.63
CA GLN YA 63 68.60 -19.83 -59.65
C GLN YA 63 69.20 -19.92 -61.07
N GLN YA 79 108.51 -22.12 -51.50
CA GLN YA 79 108.88 -21.98 -50.11
C GLN YA 79 109.05 -20.52 -49.72
N ARG YA 80 109.58 -20.28 -48.51
CA ARG YA 80 109.73 -18.94 -47.97
C ARG YA 80 110.87 -18.95 -46.94
N ALA YA 81 111.52 -17.80 -46.80
CA ALA YA 81 112.75 -17.69 -46.01
C ALA YA 81 112.47 -17.79 -44.53
N ILE YA 82 113.47 -18.21 -43.76
CA ILE YA 82 113.35 -18.37 -42.32
C ILE YA 82 114.30 -17.38 -41.66
N THR YA 83 113.87 -16.79 -40.55
CA THR YA 83 114.71 -15.84 -39.83
C THR YA 83 115.92 -16.56 -39.22
N GLY YA 84 117.07 -16.37 -39.84
CA GLY YA 84 118.26 -17.12 -39.50
C GLY YA 84 118.90 -17.81 -40.68
N ALA YA 85 118.14 -18.13 -41.72
CA ALA YA 85 118.69 -18.72 -42.94
C ALA YA 85 117.77 -18.30 -44.09
N SER YA 86 118.24 -17.37 -44.92
CA SER YA 86 117.41 -16.84 -45.98
C SER YA 86 117.22 -17.87 -47.09
N LEU YA 87 116.36 -17.51 -48.06
CA LEU YA 87 115.82 -18.49 -49.00
C LEU YA 87 116.86 -19.05 -49.94
N ALA YA 88 117.88 -18.24 -50.28
CA ALA YA 88 118.98 -18.73 -51.10
C ALA YA 88 119.77 -19.82 -50.38
N ASP YA 89 119.93 -19.67 -49.07
CA ASP YA 89 120.64 -20.66 -48.28
C ASP YA 89 119.85 -21.98 -48.20
N ILE YA 90 118.52 -21.87 -48.09
CA ILE YA 90 117.69 -23.06 -47.98
C ILE YA 90 117.61 -23.78 -49.32
N MET YA 91 117.58 -23.03 -50.42
CA MET YA 91 117.61 -23.66 -51.72
C MET YA 91 119.00 -24.19 -52.07
N ALA YA 92 120.04 -23.65 -51.43
CA ALA YA 92 121.38 -24.22 -51.60
C ALA YA 92 121.51 -25.54 -50.87
N LYS YA 93 121.10 -25.58 -49.59
CA LYS YA 93 121.18 -26.82 -48.83
C LYS YA 93 120.16 -27.86 -49.31
N ARG YA 94 119.05 -27.39 -49.88
CA ARG YA 94 118.00 -28.29 -50.33
C ARG YA 94 118.39 -28.97 -51.64
N ASN YA 95 119.07 -28.25 -52.52
CA ASN YA 95 119.47 -28.80 -53.81
C ASN YA 95 120.88 -29.35 -53.80
N GLN YA 96 121.36 -29.79 -52.63
CA GLN YA 96 122.72 -30.30 -52.49
C GLN YA 96 122.84 -31.65 -53.19
N LYS YA 97 124.04 -31.91 -53.71
CA LYS YA 97 124.30 -33.15 -54.40
C LYS YA 97 124.29 -34.34 -53.43
N PRO YA 98 123.86 -35.51 -53.88
CA PRO YA 98 123.86 -36.68 -52.98
C PRO YA 98 125.25 -37.19 -52.66
N GLU YA 99 126.21 -36.99 -53.56
CA GLU YA 99 127.59 -37.36 -53.26
C GLU YA 99 128.21 -36.43 -52.23
N VAL YA 100 127.82 -35.15 -52.24
CA VAL YA 100 128.36 -34.20 -51.28
C VAL YA 100 127.77 -34.43 -49.90
N ARG YA 101 126.46 -34.69 -49.84
CA ARG YA 101 125.82 -35.11 -48.58
C ARG YA 101 126.44 -36.39 -48.07
N LYS YA 102 126.67 -37.36 -48.97
CA LYS YA 102 127.30 -38.62 -48.61
C LYS YA 102 128.72 -38.43 -48.09
N ALA YA 103 129.48 -37.51 -48.69
CA ALA YA 103 130.83 -37.23 -48.24
C ALA YA 103 130.84 -36.60 -46.86
N GLN YA 104 129.91 -35.69 -46.60
CA GLN YA 104 129.82 -35.09 -45.28
C GLN YA 104 129.36 -36.09 -44.23
N ARG YA 105 128.47 -37.03 -44.61
CA ARG YA 105 128.10 -38.13 -43.73
C ARG YA 105 129.29 -39.02 -43.40
N GLU YA 106 130.10 -39.34 -44.42
CA GLU YA 106 131.27 -40.19 -44.22
C GLU YA 106 132.29 -39.55 -43.30
N GLN YA 107 132.57 -38.26 -43.50
CA GLN YA 107 133.53 -37.58 -42.63
C GLN YA 107 132.98 -37.37 -41.23
N ALA YA 108 131.65 -37.23 -41.10
CA ALA YA 108 131.04 -37.13 -39.78
C ALA YA 108 131.15 -38.43 -39.00
N ILE YA 109 130.89 -39.56 -39.66
CA ILE YA 109 131.01 -40.84 -38.98
C ILE YA 109 132.48 -41.17 -38.70
N ARG YA 110 133.40 -40.70 -39.55
CA ARG YA 110 134.82 -40.91 -39.29
C ARG YA 110 135.30 -40.11 -38.08
N ALA YA 111 134.82 -38.86 -37.94
CA ALA YA 111 135.13 -38.07 -36.75
C ALA YA 111 134.52 -38.69 -35.50
N ALA YA 112 133.29 -39.18 -35.60
CA ALA YA 112 132.63 -39.85 -34.48
C ALA YA 112 133.36 -41.13 -34.08
N LYS YA 113 133.89 -41.87 -35.06
CA LYS YA 113 134.58 -43.11 -34.75
C LYS YA 113 135.97 -42.84 -34.16
N GLU YA 114 136.60 -41.72 -34.56
CA GLU YA 114 137.84 -41.32 -33.89
C GLU YA 114 137.57 -40.97 -32.44
N ALA YA 115 136.45 -40.28 -32.18
CA ALA YA 115 136.06 -39.99 -30.80
C ALA YA 115 135.75 -41.26 -30.03
N LYS YA 116 135.17 -42.27 -30.70
CA LYS YA 116 134.84 -43.52 -30.01
C LYS YA 116 136.08 -44.32 -29.66
N LYS YA 117 137.05 -44.38 -30.58
CA LYS YA 117 138.28 -45.09 -30.29
C LYS YA 117 139.14 -44.33 -29.29
N ALA YA 118 138.93 -43.01 -29.15
CA ALA YA 118 139.59 -42.29 -28.08
C ALA YA 118 138.89 -42.51 -26.74
N LYS YA 119 137.56 -42.65 -26.76
CA LYS YA 119 136.84 -42.85 -25.50
C LYS YA 119 136.97 -44.29 -25.00
N GLN YA 120 137.29 -45.23 -25.89
CA GLN YA 120 137.57 -46.59 -25.45
C GLN YA 120 138.97 -46.72 -24.87
N ALA YA 121 139.82 -45.72 -25.11
CA ALA YA 121 141.19 -45.72 -24.60
C ALA YA 121 141.21 -45.46 -23.10
N LYS ZA 1 -61.08 -72.76 -8.37
CA LYS ZA 1 -59.84 -72.81 -9.15
C LYS ZA 1 -58.84 -71.87 -8.45
N ILE ZA 2 -57.54 -72.03 -8.73
CA ILE ZA 2 -56.52 -71.30 -7.97
C ILE ZA 2 -55.81 -70.28 -8.86
N ARG ZA 3 -55.24 -69.26 -8.22
CA ARG ZA 3 -54.37 -68.28 -8.87
C ARG ZA 3 -52.93 -68.65 -8.56
N THR ZA 4 -52.22 -69.17 -9.56
CA THR ZA 4 -50.81 -69.52 -9.40
C THR ZA 4 -49.95 -68.26 -9.25
N SER ZA 5 -50.21 -67.33 -9.99
CA SER ZA 5 -49.38 -66.15 -10.07
C SER ZA 5 -49.92 -65.05 -9.16
N PRO ZA 6 -49.06 -64.13 -8.70
CA PRO ZA 6 -49.59 -62.93 -8.05
C PRO ZA 6 -50.06 -61.87 -9.03
N THR ZA 7 -50.08 -62.18 -10.33
CA THR ZA 7 -50.44 -61.19 -11.34
C THR ZA 7 -51.80 -61.52 -11.93
N PHE ZA 8 -52.42 -60.50 -12.51
CA PHE ZA 8 -53.67 -60.64 -13.27
C PHE ZA 8 -53.29 -60.19 -14.67
N ARG ZA 9 -53.17 -61.14 -15.59
CA ARG ZA 9 -53.05 -60.77 -16.99
C ARG ZA 9 -54.43 -60.61 -17.61
N ARG ZA 10 -54.49 -59.83 -18.68
CA ARG ZA 10 -55.73 -59.65 -19.40
C ARG ZA 10 -56.11 -60.96 -20.09
N PRO ZA 11 -57.28 -61.51 -19.81
CA PRO ZA 11 -57.63 -62.81 -20.36
C PRO ZA 11 -57.90 -62.73 -21.85
N LYS ZA 12 -57.56 -63.79 -22.55
CA LYS ZA 12 -57.54 -63.87 -24.00
C LYS ZA 12 -58.97 -64.07 -24.49
N THR ZA 13 -59.53 -63.01 -25.05
CA THR ZA 13 -60.88 -63.04 -25.59
C THR ZA 13 -60.86 -63.53 -27.03
N LEU ZA 14 -61.99 -64.11 -27.44
CA LEU ZA 14 -62.23 -64.40 -28.85
C LEU ZA 14 -62.32 -63.10 -29.62
N ARG ZA 15 -61.66 -63.03 -30.77
CA ARG ZA 15 -61.91 -61.95 -31.68
C ARG ZA 15 -62.02 -62.49 -33.10
N LEU ZA 16 -62.95 -61.91 -33.85
CA LEU ZA 16 -63.39 -62.43 -35.13
C LEU ZA 16 -62.62 -61.81 -36.28
N ARG ZA 17 -63.07 -62.13 -37.49
CA ARG ZA 17 -62.52 -61.56 -38.69
C ARG ZA 17 -63.49 -60.53 -39.27
N ARG ZA 18 -62.94 -59.67 -40.12
CA ARG ZA 18 -63.76 -58.80 -40.94
C ARG ZA 18 -64.64 -59.64 -41.85
N GLN ZA 19 -65.95 -59.56 -41.66
CA GLN ZA 19 -66.93 -60.08 -42.60
C GLN ZA 19 -67.70 -58.89 -43.13
N PRO ZA 20 -67.11 -58.10 -44.03
CA PRO ZA 20 -67.65 -56.78 -44.32
C PRO ZA 20 -68.95 -56.86 -45.11
N LYS ZA 21 -69.81 -55.87 -44.89
CA LYS ZA 21 -71.15 -55.94 -45.43
C LYS ZA 21 -71.20 -55.29 -46.80
N TYR ZA 22 -70.11 -54.64 -47.21
CA TYR ZA 22 -69.90 -54.11 -48.54
C TYR ZA 22 -68.41 -53.93 -48.72
N PRO ZA 23 -67.88 -54.20 -49.91
CA PRO ZA 23 -66.48 -53.88 -50.17
C PRO ZA 23 -66.27 -52.39 -50.26
N ARG ZA 24 -65.11 -51.94 -49.79
CA ARG ZA 24 -64.86 -50.51 -49.64
C ARG ZA 24 -64.72 -49.84 -51.00
N LYS ZA 25 -63.73 -50.27 -51.78
CA LYS ZA 25 -63.63 -49.94 -53.19
C LYS ZA 25 -64.35 -50.98 -54.02
N SER ZA 26 -64.91 -50.53 -55.15
CA SER ZA 26 -65.88 -51.33 -55.88
C SER ZA 26 -65.22 -52.49 -56.61
N ALA ZA 27 -64.12 -52.23 -57.31
CA ALA ZA 27 -63.33 -53.23 -57.99
C ALA ZA 27 -61.88 -52.98 -57.61
N PRO ZA 28 -61.02 -54.00 -57.69
CA PRO ZA 28 -59.60 -53.77 -57.41
C PRO ZA 28 -58.95 -52.87 -58.45
N ARG ZA 29 -57.88 -52.20 -58.03
CA ARG ZA 29 -57.14 -51.37 -58.95
C ARG ZA 29 -56.35 -52.25 -59.91
N ARG ZA 30 -56.37 -51.90 -61.19
CA ARG ZA 30 -55.60 -52.66 -62.16
C ARG ZA 30 -54.11 -52.45 -61.93
N ASN ZA 31 -53.31 -53.45 -62.26
CA ASN ZA 31 -51.87 -53.31 -62.18
C ASN ZA 31 -51.45 -52.29 -63.23
N LYS ZA 32 -50.96 -51.14 -62.77
CA LYS ZA 32 -50.49 -50.15 -63.72
C LYS ZA 32 -49.00 -50.28 -63.96
N LEU ZA 33 -48.38 -51.31 -63.41
CA LEU ZA 33 -47.01 -51.66 -63.76
C LEU ZA 33 -47.07 -52.98 -64.51
N ASP ZA 34 -47.30 -52.87 -65.82
CA ASP ZA 34 -47.50 -54.00 -66.72
C ASP ZA 34 -46.17 -54.65 -67.05
N HIS ZA 35 -46.18 -55.45 -68.12
CA HIS ZA 35 -44.93 -55.80 -68.76
C HIS ZA 35 -44.52 -54.72 -69.75
N TYR ZA 36 -45.50 -54.00 -70.30
CA TYR ZA 36 -45.20 -52.96 -71.27
C TYR ZA 36 -44.83 -51.67 -70.56
N ALA ZA 37 -45.44 -51.41 -69.41
CA ALA ZA 37 -45.16 -50.20 -68.65
C ALA ZA 37 -43.77 -50.24 -68.04
N ILE ZA 38 -43.21 -51.44 -67.90
CA ILE ZA 38 -42.04 -51.61 -67.06
C ILE ZA 38 -40.78 -51.70 -67.90
N ILE ZA 39 -40.93 -51.93 -69.20
CA ILE ZA 39 -39.81 -51.79 -70.14
C ILE ZA 39 -40.16 -50.66 -71.08
N LYS ZA 40 -39.44 -49.56 -70.97
CA LYS ZA 40 -39.71 -48.41 -71.81
C LYS ZA 40 -39.08 -48.61 -73.18
N PHE ZA 41 -37.77 -48.74 -73.22
CA PHE ZA 41 -37.01 -48.89 -74.45
C PHE ZA 41 -35.62 -49.45 -74.18
N PRO ZA 42 -35.00 -50.11 -75.15
CA PRO ZA 42 -33.59 -50.48 -75.01
C PRO ZA 42 -32.66 -49.30 -75.26
N LEU ZA 43 -31.41 -49.44 -74.83
CA LEU ZA 43 -30.39 -48.47 -75.18
C LEU ZA 43 -29.69 -48.83 -76.47
N THR ZA 44 -29.44 -47.83 -77.31
CA THR ZA 44 -28.83 -48.02 -78.61
C THR ZA 44 -27.45 -47.42 -78.61
N THR ZA 45 -26.88 -47.26 -77.44
CA THR ZA 45 -25.59 -46.64 -77.24
C THR ZA 45 -24.50 -47.57 -77.75
N GLU ZA 46 -23.44 -46.99 -78.31
CA GLU ZA 46 -22.26 -47.76 -78.72
C GLU ZA 46 -21.64 -48.51 -77.56
N SER ZA 47 -21.73 -47.97 -76.34
CA SER ZA 47 -21.36 -48.75 -75.16
C SER ZA 47 -22.36 -49.88 -74.92
N ALA ZA 48 -23.65 -49.60 -75.09
CA ALA ZA 48 -24.66 -50.62 -74.93
C ALA ZA 48 -24.62 -51.63 -76.06
N MET ZA 49 -24.25 -51.19 -77.27
CA MET ZA 49 -24.10 -52.13 -78.38
C MET ZA 49 -22.84 -52.97 -78.24
N LYS ZA 50 -21.78 -52.42 -77.65
CA LYS ZA 50 -20.62 -53.22 -77.29
C LYS ZA 50 -20.99 -54.31 -76.29
N LYS ZA 51 -21.76 -53.94 -75.28
CA LYS ZA 51 -22.26 -54.88 -74.28
C LYS ZA 51 -23.13 -55.97 -74.91
N ILE ZA 52 -23.99 -55.60 -75.86
CA ILE ZA 52 -24.85 -56.58 -76.56
C ILE ZA 52 -24.01 -57.54 -77.38
N GLU ZA 53 -23.06 -57.00 -78.16
CA GLU ZA 53 -22.30 -57.82 -79.08
C GLU ZA 53 -21.34 -58.76 -78.34
N ASP ZA 54 -20.78 -58.32 -77.22
CA ASP ZA 54 -19.81 -59.17 -76.55
C ASP ZA 54 -20.43 -59.98 -75.40
N ASN ZA 55 -20.99 -59.30 -74.40
CA ASN ZA 55 -21.31 -59.98 -73.15
C ASN ZA 55 -22.65 -60.68 -73.14
N ASN ZA 56 -23.32 -60.76 -74.30
CA ASN ZA 56 -24.57 -61.51 -74.50
C ASN ZA 56 -25.69 -61.01 -73.59
N THR ZA 57 -25.80 -59.69 -73.48
CA THR ZA 57 -26.86 -59.10 -72.68
C THR ZA 57 -27.66 -58.14 -73.55
N LEU ZA 58 -28.66 -57.53 -72.93
CA LEU ZA 58 -29.49 -56.50 -73.55
C LEU ZA 58 -29.63 -55.35 -72.57
N VAL ZA 59 -29.36 -54.13 -73.02
CA VAL ZA 59 -29.37 -52.98 -72.13
C VAL ZA 59 -30.67 -52.22 -72.37
N PHE ZA 60 -31.60 -52.33 -71.43
CA PHE ZA 60 -32.91 -51.71 -71.48
C PHE ZA 60 -33.00 -50.54 -70.52
N ILE ZA 61 -33.95 -49.65 -70.78
CA ILE ZA 61 -34.32 -48.60 -69.84
C ILE ZA 61 -35.69 -48.90 -69.28
N VAL ZA 62 -35.79 -48.90 -67.95
CA VAL ZA 62 -36.82 -49.56 -67.17
C VAL ZA 62 -37.44 -48.51 -66.25
N ASP ZA 63 -38.72 -48.70 -65.92
CA ASP ZA 63 -39.36 -47.91 -64.87
C ASP ZA 63 -38.64 -48.10 -63.54
N VAL ZA 64 -38.63 -47.03 -62.74
CA VAL ZA 64 -37.78 -46.99 -61.55
C VAL ZA 64 -38.38 -47.80 -60.41
N LYS ZA 65 -39.65 -48.19 -60.52
CA LYS ZA 65 -40.31 -48.95 -59.47
C LYS ZA 65 -40.14 -50.45 -59.63
N ALA ZA 66 -39.19 -50.90 -60.45
CA ALA ZA 66 -39.14 -52.31 -60.82
C ALA ZA 66 -38.09 -53.09 -60.02
N ASN ZA 67 -38.39 -54.36 -59.73
CA ASN ZA 67 -37.46 -55.31 -59.12
C ASN ZA 67 -36.67 -55.98 -60.24
N LYS ZA 68 -35.62 -56.71 -59.87
CA LYS ZA 68 -34.95 -57.57 -60.83
C LYS ZA 68 -35.85 -58.72 -61.23
N HIS ZA 69 -36.71 -59.17 -60.32
CA HIS ZA 69 -37.67 -60.22 -60.63
C HIS ZA 69 -38.70 -59.75 -61.66
N GLN ZA 70 -39.15 -58.50 -61.52
CA GLN ZA 70 -40.14 -57.98 -62.46
C GLN ZA 70 -39.53 -57.73 -63.84
N ILE ZA 71 -38.28 -57.27 -63.88
CA ILE ZA 71 -37.60 -57.07 -65.15
C ILE ZA 71 -37.34 -58.41 -65.83
N LYS ZA 72 -37.02 -59.44 -65.05
CA LYS ZA 72 -36.79 -60.76 -65.61
C LYS ZA 72 -38.07 -61.35 -66.17
N GLN ZA 73 -39.19 -61.22 -65.45
CA GLN ZA 73 -40.47 -61.68 -65.98
C GLN ZA 73 -40.94 -60.88 -67.19
N ALA ZA 74 -40.63 -59.59 -67.24
CA ALA ZA 74 -41.07 -58.79 -68.38
C ALA ZA 74 -40.25 -59.07 -69.62
N VAL ZA 75 -38.93 -59.28 -69.47
CA VAL ZA 75 -38.12 -59.62 -70.62
C VAL ZA 75 -38.46 -61.03 -71.09
N LYS ZA 76 -38.77 -61.93 -70.16
CA LYS ZA 76 -39.20 -63.27 -70.55
C LYS ZA 76 -40.53 -63.25 -71.29
N LYS ZA 77 -41.43 -62.32 -70.95
CA LYS ZA 77 -42.73 -62.37 -71.58
C LYS ZA 77 -42.78 -61.58 -72.88
N LEU ZA 78 -42.12 -60.43 -72.95
CA LEU ZA 78 -42.27 -59.57 -74.13
C LEU ZA 78 -41.51 -60.13 -75.33
N TYR ZA 79 -40.36 -60.73 -75.09
CA TYR ZA 79 -39.53 -61.15 -76.21
C TYR ZA 79 -39.29 -62.64 -76.27
N ASP ZA 80 -39.85 -63.40 -75.32
CA ASP ZA 80 -39.82 -64.86 -75.28
C ASP ZA 80 -38.39 -65.40 -75.23
N ILE ZA 81 -37.72 -65.10 -74.13
CA ILE ZA 81 -36.30 -65.39 -73.99
C ILE ZA 81 -35.99 -65.56 -72.50
N ASP ZA 82 -35.15 -66.53 -72.16
CA ASP ZA 82 -34.84 -66.73 -70.76
C ASP ZA 82 -33.55 -66.01 -70.38
N VAL ZA 83 -33.44 -65.70 -69.10
CA VAL ZA 83 -32.50 -64.70 -68.60
C VAL ZA 83 -31.62 -65.34 -67.54
N ALA ZA 84 -30.31 -65.12 -67.65
CA ALA ZA 84 -29.42 -65.58 -66.60
C ALA ZA 84 -29.51 -64.66 -65.38
N LYS ZA 85 -29.28 -63.38 -65.58
CA LYS ZA 85 -29.34 -62.43 -64.48
C LYS ZA 85 -29.70 -61.04 -64.99
N VAL ZA 86 -30.08 -60.18 -64.05
CA VAL ZA 86 -30.42 -58.79 -64.30
C VAL ZA 86 -29.61 -57.96 -63.32
N ASN ZA 87 -28.88 -56.97 -63.83
CA ASN ZA 87 -28.18 -56.01 -63.00
C ASN ZA 87 -28.82 -54.65 -63.25
N THR ZA 88 -29.12 -53.92 -62.18
CA THR ZA 88 -29.81 -52.65 -62.30
C THR ZA 88 -28.98 -51.52 -61.74
N LEU ZA 89 -29.01 -50.39 -62.42
CA LEU ZA 89 -28.49 -49.16 -61.85
C LEU ZA 89 -29.48 -48.06 -62.17
N ILE ZA 90 -29.53 -47.05 -61.31
CA ILE ZA 90 -30.34 -45.87 -61.58
C ILE ZA 90 -29.41 -44.75 -62.00
N ARG ZA 91 -29.72 -44.12 -63.12
CA ARG ZA 91 -28.88 -43.14 -63.76
C ARG ZA 91 -28.99 -41.81 -63.01
N PRO ZA 92 -28.06 -40.88 -63.23
CA PRO ZA 92 -28.27 -39.53 -62.68
C PRO ZA 92 -29.33 -38.77 -63.44
N ASP ZA 93 -29.69 -39.25 -64.62
CA ASP ZA 93 -30.88 -38.75 -65.29
C ASP ZA 93 -32.12 -39.07 -64.48
N GLY ZA 94 -32.16 -40.25 -63.88
CA GLY ZA 94 -33.27 -40.64 -63.04
C GLY ZA 94 -33.84 -41.97 -63.44
N GLU ZA 95 -33.58 -42.38 -64.68
CA GLU ZA 95 -34.06 -43.66 -65.18
C GLU ZA 95 -33.28 -44.81 -64.58
N LYS ZA 96 -33.95 -45.94 -64.48
CA LYS ZA 96 -33.31 -47.18 -64.09
C LYS ZA 96 -32.86 -47.88 -65.37
N LYS ZA 97 -31.64 -48.38 -65.36
CA LYS ZA 97 -31.09 -49.12 -66.47
C LYS ZA 97 -30.92 -50.57 -66.06
N ALA ZA 98 -31.31 -51.49 -66.94
CA ALA ZA 98 -31.20 -52.91 -66.61
C ALA ZA 98 -30.27 -53.56 -67.63
N TYR ZA 99 -29.29 -54.30 -67.14
CA TYR ZA 99 -28.40 -55.10 -67.99
C TYR ZA 99 -28.86 -56.55 -67.89
N VAL ZA 100 -29.62 -56.99 -68.88
CA VAL ZA 100 -30.31 -58.27 -68.84
C VAL ZA 100 -29.45 -59.31 -69.54
N ARG ZA 101 -28.75 -60.13 -68.76
CA ARG ZA 101 -27.87 -61.19 -69.28
C ARG ZA 101 -28.74 -62.34 -69.77
N LEU ZA 102 -28.38 -62.93 -70.90
CA LEU ZA 102 -29.21 -63.99 -71.44
C LEU ZA 102 -28.61 -65.36 -71.16
N ALA ZA 103 -29.49 -66.35 -71.08
CA ALA ZA 103 -29.06 -67.74 -71.06
C ALA ZA 103 -28.42 -68.07 -72.40
N PRO ZA 104 -27.30 -68.79 -72.41
CA PRO ZA 104 -26.40 -68.74 -73.57
C PRO ZA 104 -26.88 -69.54 -74.77
N ASP ZA 105 -28.07 -70.15 -74.72
CA ASP ZA 105 -28.64 -70.75 -75.92
C ASP ZA 105 -29.26 -69.70 -76.82
N TYR ZA 106 -29.40 -68.48 -76.33
CA TYR ZA 106 -29.88 -67.35 -77.10
C TYR ZA 106 -28.71 -66.42 -77.44
N ASP ZA 107 -28.73 -65.89 -78.66
CA ASP ZA 107 -27.83 -64.81 -79.03
C ASP ZA 107 -28.48 -63.48 -78.72
N ALA ZA 108 -27.73 -62.61 -78.07
CA ALA ZA 108 -28.23 -61.26 -77.85
C ALA ZA 108 -28.30 -60.48 -79.16
N LEU ZA 109 -27.43 -60.79 -80.10
CA LEU ZA 109 -27.45 -60.10 -81.38
C LEU ZA 109 -28.66 -60.50 -82.20
N ASP ZA 110 -29.09 -61.75 -82.08
CA ASP ZA 110 -30.28 -62.22 -82.80
C ASP ZA 110 -31.56 -61.59 -82.23
N VAL ZA 111 -31.67 -61.51 -80.91
CA VAL ZA 111 -32.86 -60.89 -80.33
C VAL ZA 111 -32.80 -59.38 -80.47
N ALA ZA 112 -31.60 -58.79 -80.55
CA ALA ZA 112 -31.52 -57.37 -80.83
C ALA ZA 112 -31.88 -57.06 -82.27
N ASN ZA 113 -31.56 -57.96 -83.21
CA ASN ZA 113 -32.03 -57.80 -84.57
C ASN ZA 113 -33.52 -58.09 -84.70
N LYS ZA 114 -34.04 -58.90 -83.78
CA LYS ZA 114 -35.48 -59.15 -83.75
C LYS ZA 114 -36.24 -57.89 -83.34
N ILE ZA 115 -35.79 -57.23 -82.27
CA ILE ZA 115 -36.56 -56.09 -81.75
C ILE ZA 115 -36.22 -54.82 -82.49
N GLY ZA 116 -35.12 -54.81 -83.24
CA GLY ZA 116 -34.87 -53.68 -84.10
C GLY ZA 116 -33.54 -52.99 -83.90
N ILE ZA 117 -32.99 -53.07 -82.68
CA ILE ZA 117 -31.77 -52.32 -82.37
C ILE ZA 117 -30.56 -52.94 -83.05
N ILE ZA 118 -29.86 -52.13 -83.82
CA ILE ZA 118 -28.62 -52.53 -84.44
C ILE ZA 118 -27.74 -51.29 -84.58
N MET AB 1 -76.32 4.02 -76.76
CA MET AB 1 -75.72 3.40 -75.60
C MET AB 1 -76.07 1.94 -75.51
N LYS AB 2 -75.34 1.24 -74.66
CA LYS AB 2 -75.73 -0.09 -74.24
C LYS AB 2 -76.28 0.00 -72.83
N PHE AB 3 -77.19 -0.92 -72.50
CA PHE AB 3 -77.88 -0.88 -71.22
C PHE AB 3 -77.72 -2.14 -70.41
N ASN AB 4 -77.15 -3.19 -70.99
CA ASN AB 4 -77.03 -4.47 -70.30
C ASN AB 4 -75.99 -4.32 -69.20
N PRO AB 5 -76.35 -4.58 -67.93
CA PRO AB 5 -75.36 -4.43 -66.86
C PRO AB 5 -74.30 -5.51 -66.82
N PHE AB 6 -74.33 -6.48 -67.73
CA PHE AB 6 -73.35 -7.55 -67.73
C PHE AB 6 -72.57 -7.65 -69.02
N VAL AB 7 -72.76 -6.72 -69.92
CA VAL AB 7 -71.86 -6.53 -71.04
C VAL AB 7 -70.85 -5.46 -70.62
N THR AB 8 -69.61 -5.62 -71.04
CA THR AB 8 -68.54 -4.74 -70.65
C THR AB 8 -68.40 -3.62 -71.66
N SER AB 9 -68.24 -2.39 -71.19
CA SER AB 9 -67.94 -1.25 -72.05
C SER AB 9 -66.57 -0.72 -71.69
N ASP AB 10 -65.74 -1.57 -71.08
CA ASP AB 10 -64.38 -1.24 -70.69
C ASP AB 10 -63.48 -1.51 -71.87
N ARG AB 11 -62.44 -0.68 -72.02
CA ARG AB 11 -61.53 -0.88 -73.14
C ARG AB 11 -60.66 -2.10 -72.94
N SER AB 12 -59.99 -2.18 -71.80
CA SER AB 12 -58.99 -3.22 -71.59
C SER AB 12 -59.62 -4.58 -71.43
N LYS AB 13 -60.83 -4.64 -70.86
CA LYS AB 13 -61.51 -5.93 -70.78
C LYS AB 13 -61.93 -6.44 -72.14
N ASN AB 14 -62.43 -5.57 -73.02
CA ASN AB 14 -62.80 -6.00 -74.37
C ASN AB 14 -61.59 -6.40 -75.20
N ARG AB 15 -60.48 -5.67 -75.06
CA ARG AB 15 -59.24 -6.07 -75.71
C ARG AB 15 -58.73 -7.41 -75.18
N LYS AB 16 -58.95 -7.68 -73.91
CA LYS AB 16 -58.48 -8.93 -73.35
C LYS AB 16 -59.37 -10.11 -73.76
N ARG AB 17 -60.67 -9.87 -73.97
CA ARG AB 17 -61.51 -10.92 -74.53
C ARG AB 17 -61.15 -11.19 -75.97
N HIS AB 18 -60.75 -10.15 -76.71
CA HIS AB 18 -60.36 -10.31 -78.11
C HIS AB 18 -59.08 -11.10 -78.25
N PHE AB 19 -57.99 -10.63 -77.63
CA PHE AB 19 -56.70 -11.25 -77.93
C PHE AB 19 -56.48 -12.53 -77.15
N ASN AB 20 -57.36 -12.87 -76.22
CA ASN AB 20 -57.25 -14.13 -75.51
C ASN AB 20 -58.49 -14.97 -75.74
N ALA AB 21 -59.09 -14.86 -76.92
CA ALA AB 21 -60.26 -15.64 -77.24
C ALA AB 21 -59.87 -17.06 -77.63
N PRO AB 22 -60.68 -18.05 -77.30
CA PRO AB 22 -60.46 -19.39 -77.82
C PRO AB 22 -60.80 -19.46 -79.31
N SER AB 23 -60.47 -20.62 -79.89
CA SER AB 23 -60.50 -20.78 -81.34
C SER AB 23 -61.92 -20.70 -81.91
N HIS AB 24 -62.92 -21.16 -81.15
CA HIS AB 24 -64.27 -21.10 -81.66
C HIS AB 24 -64.86 -19.70 -81.54
N ILE AB 25 -64.19 -18.80 -80.82
CA ILE AB 25 -64.57 -17.40 -80.86
C ILE AB 25 -63.71 -16.64 -81.86
N ARG AB 26 -62.49 -17.14 -82.14
CA ARG AB 26 -61.72 -16.68 -83.29
C ARG AB 26 -62.47 -16.87 -84.57
N ARG AB 27 -63.20 -17.98 -84.70
CA ARG AB 27 -63.96 -18.25 -85.92
C ARG AB 27 -65.08 -17.23 -86.10
N LYS AB 28 -65.74 -16.84 -85.01
CA LYS AB 28 -66.81 -15.87 -85.11
C LYS AB 28 -66.28 -14.47 -85.34
N ILE AB 29 -65.15 -14.12 -84.72
CA ILE AB 29 -64.55 -12.81 -84.90
C ILE AB 29 -64.01 -12.64 -86.31
N MET AB 30 -63.35 -13.67 -86.83
CA MET AB 30 -62.80 -13.63 -88.19
C MET AB 30 -63.88 -13.93 -89.21
N SER AB 31 -64.86 -13.04 -89.30
CA SER AB 31 -65.92 -13.17 -90.26
C SER AB 31 -65.86 -12.00 -91.23
N SER AB 32 -66.58 -12.13 -92.34
CA SER AB 32 -66.38 -11.30 -93.51
C SER AB 32 -67.69 -11.12 -94.24
N PRO AB 33 -67.87 -10.00 -94.94
CA PRO AB 33 -69.12 -9.79 -95.68
C PRO AB 33 -69.21 -10.64 -96.92
N LEU AB 34 -70.42 -11.07 -97.23
CA LEU AB 34 -70.72 -11.66 -98.52
C LEU AB 34 -70.83 -10.55 -99.54
N SER AB 35 -70.65 -10.90 -100.81
CA SER AB 35 -70.82 -9.89 -101.84
C SER AB 35 -72.29 -9.58 -102.03
N LYS AB 36 -72.56 -8.50 -102.77
CA LYS AB 36 -73.93 -8.01 -102.91
C LYS AB 36 -74.80 -8.99 -103.66
N GLU AB 37 -74.20 -9.81 -104.53
CA GLU AB 37 -74.93 -10.89 -105.17
C GLU AB 37 -75.32 -11.97 -104.16
N LEU AB 38 -74.37 -12.44 -103.35
CA LEU AB 38 -74.67 -13.47 -102.37
C LEU AB 38 -75.53 -12.93 -101.24
N ARG AB 39 -75.41 -11.64 -100.94
CA ARG AB 39 -76.24 -11.05 -99.89
C ARG AB 39 -77.66 -10.83 -100.38
N GLN AB 40 -77.83 -10.52 -101.66
CA GLN AB 40 -79.16 -10.50 -102.25
C GLN AB 40 -79.75 -11.90 -102.31
N LYS AB 41 -78.90 -12.91 -102.47
CA LYS AB 41 -79.41 -14.27 -102.66
C LYS AB 41 -79.77 -14.93 -101.33
N TYR AB 42 -78.79 -15.06 -100.44
CA TYR AB 42 -79.04 -15.82 -99.21
C TYR AB 42 -79.70 -15.00 -98.12
N ASN AB 43 -79.86 -13.68 -98.33
CA ASN AB 43 -80.39 -12.73 -97.35
C ASN AB 43 -79.57 -12.77 -96.07
N VAL AB 44 -78.26 -12.79 -96.23
CA VAL AB 44 -77.31 -12.91 -95.13
C VAL AB 44 -76.21 -11.88 -95.32
N ARG AB 45 -75.97 -11.08 -94.28
CA ARG AB 45 -75.04 -9.95 -94.35
C ARG AB 45 -73.60 -10.42 -94.39
N SER AB 46 -73.25 -11.42 -93.58
CA SER AB 46 -71.86 -11.82 -93.41
C SER AB 46 -71.78 -13.25 -92.89
N MET AB 47 -70.62 -13.88 -93.08
CA MET AB 47 -70.34 -15.25 -92.69
C MET AB 47 -68.90 -15.38 -92.25
N PRO AB 48 -68.63 -16.31 -91.32
CA PRO AB 48 -67.23 -16.62 -90.98
C PRO AB 48 -66.52 -17.31 -92.12
N ILE AB 49 -65.26 -16.90 -92.35
CA ILE AB 49 -64.55 -17.33 -93.53
C ILE AB 49 -63.98 -18.73 -93.33
N ARG AB 50 -63.79 -19.44 -94.43
CA ARG AB 50 -63.40 -20.83 -94.43
C ARG AB 50 -62.23 -20.99 -95.40
N LYS AB 51 -61.65 -22.19 -95.45
CA LYS AB 51 -60.40 -22.40 -96.16
C LYS AB 51 -60.61 -22.40 -97.67
N ASP AB 52 -61.75 -22.84 -98.16
CA ASP AB 52 -61.92 -22.98 -99.61
C ASP AB 52 -62.90 -21.96 -100.18
N ASP AB 53 -62.97 -20.77 -99.58
CA ASP AB 53 -63.82 -19.70 -100.10
C ASP AB 53 -63.04 -18.85 -101.09
N GLU AB 54 -63.76 -18.29 -102.06
CA GLU AB 54 -63.21 -17.30 -102.97
C GLU AB 54 -63.53 -15.90 -102.46
N VAL AB 55 -62.61 -14.97 -102.71
CA VAL AB 55 -62.37 -13.79 -101.89
C VAL AB 55 -61.79 -12.67 -102.74
N GLN AB 56 -62.28 -11.45 -102.54
CA GLN AB 56 -61.65 -10.24 -103.07
C GLN AB 56 -61.14 -9.39 -101.92
N VAL AB 57 -59.89 -8.93 -102.02
CA VAL AB 57 -59.34 -8.03 -101.02
C VAL AB 57 -59.80 -6.61 -101.36
N VAL AB 58 -60.29 -5.89 -100.37
CA VAL AB 58 -61.00 -4.64 -100.61
C VAL AB 58 -60.18 -3.43 -100.18
N ARG AB 59 -59.52 -3.50 -99.02
CA ARG AB 59 -58.62 -2.45 -98.58
C ARG AB 59 -57.19 -2.98 -98.63
N GLY AB 60 -56.24 -2.06 -98.65
CA GLY AB 60 -54.84 -2.41 -98.52
C GLY AB 60 -54.09 -2.28 -99.83
N HIS AB 61 -52.88 -2.83 -99.83
CA HIS AB 61 -52.04 -2.81 -101.03
C HIS AB 61 -52.51 -3.81 -102.07
N TYR AB 62 -52.96 -4.98 -101.63
CA TYR AB 62 -53.31 -6.06 -102.53
C TYR AB 62 -54.77 -6.03 -102.95
N LYS AB 63 -55.42 -4.89 -102.90
CA LYS AB 63 -56.82 -4.81 -103.24
C LYS AB 63 -57.02 -4.83 -104.75
N GLY AB 64 -58.21 -5.26 -105.15
CA GLY AB 64 -58.54 -5.27 -106.56
C GLY AB 64 -59.76 -6.13 -106.83
N GLN AB 65 -59.96 -6.45 -108.10
CA GLN AB 65 -61.09 -7.21 -108.58
C GLN AB 65 -60.77 -8.69 -108.66
N GLN AB 66 -59.53 -9.04 -108.32
CA GLN AB 66 -58.99 -10.38 -108.53
C GLN AB 66 -59.55 -11.31 -107.48
N ILE AB 67 -60.44 -12.21 -107.88
CA ILE AB 67 -61.03 -13.18 -106.98
C ILE AB 67 -60.01 -14.26 -106.68
N GLY AB 68 -59.60 -14.38 -105.42
CA GLY AB 68 -58.61 -15.34 -105.02
C GLY AB 68 -59.15 -16.30 -103.98
N LYS AB 69 -58.76 -17.56 -104.09
CA LYS AB 69 -59.13 -18.57 -103.12
C LYS AB 69 -58.37 -18.32 -101.82
N VAL AB 70 -59.04 -18.56 -100.70
CA VAL AB 70 -58.34 -18.58 -99.42
C VAL AB 70 -57.40 -19.78 -99.42
N VAL AB 71 -56.19 -19.60 -98.92
CA VAL AB 71 -55.28 -20.74 -98.87
C VAL AB 71 -55.44 -21.44 -97.53
N GLN AB 72 -55.29 -20.70 -96.42
CA GLN AB 72 -55.45 -21.31 -95.12
C GLN AB 72 -55.75 -20.23 -94.07
N VAL AB 73 -56.77 -20.47 -93.27
CA VAL AB 73 -57.27 -19.53 -92.28
C VAL AB 73 -56.45 -19.71 -91.01
N TYR AB 74 -55.78 -18.64 -90.58
CA TYR AB 74 -54.80 -18.73 -89.50
C TYR AB 74 -55.40 -18.01 -88.31
N ARG AB 75 -56.15 -18.74 -87.50
CA ARG AB 75 -56.92 -18.06 -86.46
C ARG AB 75 -56.08 -17.59 -85.29
N LYS AB 76 -54.83 -18.02 -85.21
CA LYS AB 76 -53.96 -17.56 -84.13
C LYS AB 76 -53.52 -16.12 -84.34
N LYS AB 77 -53.23 -15.75 -85.59
CA LYS AB 77 -52.77 -14.42 -85.96
C LYS AB 77 -53.88 -13.46 -86.34
N TYR AB 78 -55.14 -13.91 -86.29
CA TYR AB 78 -56.32 -13.19 -86.78
C TYR AB 78 -56.15 -12.73 -88.21
N VAL AB 79 -55.78 -13.70 -89.08
CA VAL AB 79 -55.33 -13.36 -90.42
C VAL AB 79 -55.70 -14.52 -91.33
N ILE AB 80 -55.79 -14.25 -92.63
CA ILE AB 80 -56.03 -15.30 -93.62
C ILE AB 80 -55.03 -15.11 -94.75
N TYR AB 81 -54.62 -16.21 -95.34
CA TYR AB 81 -53.73 -16.17 -96.49
C TYR AB 81 -54.50 -16.55 -97.74
N ILE AB 82 -54.48 -15.66 -98.72
CA ILE AB 82 -55.28 -15.78 -99.93
C ILE AB 82 -54.34 -16.17 -101.06
N GLU AB 83 -54.90 -16.72 -102.14
CA GLU AB 83 -54.19 -17.45 -103.20
C GLU AB 83 -53.03 -16.70 -103.84
N ARG AB 84 -53.26 -15.51 -104.35
CA ARG AB 84 -52.15 -14.76 -104.91
C ARG AB 84 -51.84 -13.48 -104.14
N VAL AB 85 -52.39 -13.31 -102.95
CA VAL AB 85 -52.00 -12.19 -102.10
C VAL AB 85 -50.70 -12.62 -101.44
N GLN AB 86 -49.58 -12.29 -102.08
CA GLN AB 86 -48.28 -12.78 -101.65
C GLN AB 86 -47.19 -11.85 -102.16
N ARG AB 87 -46.02 -11.95 -101.55
CA ARG AB 87 -44.90 -11.10 -101.91
C ARG AB 87 -43.64 -11.94 -101.92
N GLU AB 88 -42.57 -11.35 -102.44
CA GLU AB 88 -41.29 -12.04 -102.56
C GLU AB 88 -40.42 -11.74 -101.34
N LYS AB 89 -39.85 -12.79 -100.76
CA LYS AB 89 -38.88 -12.64 -99.67
C LYS AB 89 -37.53 -12.25 -100.27
N ALA AB 90 -36.51 -12.05 -99.41
CA ALA AB 90 -35.19 -11.67 -99.87
C ALA AB 90 -34.54 -12.74 -100.74
N ASN AB 91 -34.59 -14.00 -100.31
CA ASN AB 91 -33.91 -15.06 -101.02
C ASN AB 91 -34.62 -15.44 -102.31
N GLY AB 92 -35.87 -15.04 -102.46
CA GLY AB 92 -36.54 -15.22 -103.73
C GLY AB 92 -37.85 -15.96 -103.61
N THR AB 93 -38.04 -16.67 -102.49
CA THR AB 93 -39.26 -17.43 -102.27
C THR AB 93 -40.44 -16.49 -102.06
N THR AB 94 -41.64 -17.00 -102.29
CA THR AB 94 -42.83 -16.19 -102.09
C THR AB 94 -43.45 -16.49 -100.73
N VAL AB 95 -43.84 -15.42 -100.05
CA VAL AB 95 -44.46 -15.49 -98.74
C VAL AB 95 -45.89 -15.00 -98.88
N HIS AB 96 -46.83 -15.74 -98.31
CA HIS AB 96 -48.19 -15.24 -98.24
C HIS AB 96 -48.28 -14.05 -97.30
N VAL AB 97 -48.88 -12.98 -97.79
CA VAL AB 97 -49.22 -11.82 -96.97
C VAL AB 97 -50.61 -12.05 -96.40
N GLY AB 98 -50.75 -11.83 -95.10
CA GLY AB 98 -52.02 -12.06 -94.46
C GLY AB 98 -52.94 -10.86 -94.42
N ILE AB 99 -54.19 -11.08 -94.83
CA ILE AB 99 -55.23 -10.05 -94.82
C ILE AB 99 -56.11 -10.31 -93.61
N HIS AB 100 -56.61 -9.25 -92.98
CA HIS AB 100 -57.65 -9.47 -91.99
C HIS AB 100 -58.97 -9.74 -92.71
N PRO AB 101 -59.80 -10.66 -92.21
CA PRO AB 101 -61.02 -11.03 -92.96
C PRO AB 101 -62.04 -9.93 -93.14
N SER AB 102 -62.00 -8.88 -92.33
CA SER AB 102 -62.99 -7.83 -92.51
C SER AB 102 -62.67 -6.93 -93.70
N LYS AB 103 -61.45 -7.01 -94.22
CA LYS AB 103 -61.02 -6.23 -95.38
C LYS AB 103 -61.08 -7.08 -96.64
N VAL AB 104 -62.11 -7.91 -96.70
CA VAL AB 104 -62.23 -9.03 -97.62
C VAL AB 104 -63.71 -9.28 -97.83
N VAL AB 105 -64.13 -9.48 -99.06
CA VAL AB 105 -65.51 -9.86 -99.35
C VAL AB 105 -65.51 -11.27 -99.89
N ILE AB 106 -66.54 -12.05 -99.56
CA ILE AB 106 -66.69 -13.39 -100.09
C ILE AB 106 -67.45 -13.31 -101.39
N THR AB 107 -66.98 -14.01 -102.42
CA THR AB 107 -67.70 -14.06 -103.68
C THR AB 107 -68.25 -15.46 -104.01
N ARG AB 108 -67.65 -16.52 -103.47
CA ARG AB 108 -68.26 -17.85 -103.48
C ARG AB 108 -68.07 -18.50 -102.13
N LEU AB 109 -69.17 -18.99 -101.55
CA LEU AB 109 -69.14 -19.71 -100.30
C LEU AB 109 -68.87 -21.19 -100.55
N LYS AB 110 -68.13 -21.82 -99.65
CA LYS AB 110 -67.88 -23.25 -99.72
C LYS AB 110 -68.93 -23.95 -98.86
N LEU AB 111 -69.90 -24.59 -99.51
CA LEU AB 111 -71.16 -24.96 -98.87
C LEU AB 111 -71.17 -26.45 -98.53
N ASP AB 112 -70.81 -26.78 -97.30
CA ASP AB 112 -71.10 -28.09 -96.75
C ASP AB 112 -72.49 -28.09 -96.11
N LYS AB 113 -72.77 -29.13 -95.32
CA LYS AB 113 -74.08 -29.22 -94.68
C LYS AB 113 -74.20 -28.22 -93.55
N ASP AB 114 -73.14 -28.06 -92.75
CA ASP AB 114 -73.17 -27.12 -91.64
C ASP AB 114 -73.18 -25.69 -92.15
N ARG AB 115 -72.52 -25.42 -93.26
CA ARG AB 115 -72.50 -24.09 -93.84
C ARG AB 115 -73.88 -23.69 -94.33
N LYS AB 116 -74.58 -24.61 -94.99
CA LYS AB 116 -75.98 -24.40 -95.37
C LYS AB 116 -76.88 -24.21 -94.16
N LYS AB 117 -76.61 -24.96 -93.07
CA LYS AB 117 -77.38 -24.81 -91.85
C LYS AB 117 -77.23 -23.42 -91.23
N ILE AB 118 -75.98 -22.92 -91.17
CA ILE AB 118 -75.72 -21.60 -90.62
C ILE AB 118 -76.37 -20.52 -91.49
N LEU AB 119 -76.30 -20.68 -92.81
CA LEU AB 119 -76.94 -19.73 -93.71
C LEU AB 119 -78.45 -19.67 -93.55
N GLU AB 120 -79.11 -20.83 -93.48
CA GLU AB 120 -80.56 -20.84 -93.34
C GLU AB 120 -80.99 -20.31 -91.98
N ARG AB 121 -80.17 -20.55 -90.95
CA ARG AB 121 -80.48 -20.03 -89.63
C ARG AB 121 -80.36 -18.51 -89.57
N LYS AB 122 -79.33 -17.96 -90.21
CA LYS AB 122 -79.17 -16.51 -90.24
C LYS AB 122 -80.24 -15.84 -91.07
N ALA AB 123 -80.63 -16.46 -92.19
CA ALA AB 123 -81.74 -15.93 -92.98
C ALA AB 123 -83.04 -15.99 -92.22
N LYS AB 124 -83.24 -17.05 -91.44
CA LYS AB 124 -84.45 -17.21 -90.64
C LYS AB 124 -84.57 -16.13 -89.58
N SER AB 125 -83.51 -15.90 -88.82
CA SER AB 125 -83.57 -14.89 -87.77
C SER AB 125 -83.66 -13.48 -88.34
N ARG AB 126 -83.05 -13.25 -89.51
CA ARG AB 126 -83.20 -11.99 -90.22
C ARG AB 126 -84.65 -11.75 -90.62
N GLN AB 127 -85.32 -12.77 -91.15
CA GLN AB 127 -86.73 -12.63 -91.55
C GLN AB 127 -87.64 -12.45 -90.35
N VAL AB 128 -87.30 -13.07 -89.21
CA VAL AB 128 -88.10 -12.90 -88.00
C VAL AB 128 -87.97 -11.49 -87.45
N GLY AB 129 -86.75 -10.94 -87.48
CA GLY AB 129 -86.57 -9.55 -87.08
C GLY AB 129 -87.27 -8.59 -88.01
N LYS AB 130 -87.28 -8.89 -89.31
CA LYS AB 130 -88.02 -8.09 -90.28
C LYS AB 130 -89.51 -8.19 -90.07
N GLU AB 131 -89.99 -9.34 -89.60
CA GLU AB 131 -91.42 -9.51 -89.32
C GLU AB 131 -91.82 -8.77 -88.05
N LYS AB 132 -90.99 -8.80 -87.01
CA LYS AB 132 -91.28 -8.02 -85.80
C LYS AB 132 -91.20 -6.53 -86.08
N GLY AB 133 -90.33 -6.12 -87.01
CA GLY AB 133 -90.33 -4.74 -87.44
C GLY AB 133 -91.55 -4.39 -88.26
N LYS AB 134 -92.10 -5.36 -88.97
CA LYS AB 134 -93.32 -5.17 -89.76
C LYS AB 134 -94.54 -5.00 -88.86
N GLY BB 1 -5.67 -98.90 6.63
CA GLY BB 1 -5.64 -100.11 5.85
C GLY BB 1 -5.91 -99.84 4.38
N LYS BB 2 -5.38 -100.70 3.52
CA LYS BB 2 -5.55 -100.54 2.09
C LYS BB 2 -6.96 -100.94 1.71
N PHE BB 3 -7.65 -100.08 0.97
CA PHE BB 3 -9.09 -100.17 0.84
C PHE BB 3 -9.61 -100.31 -0.59
N MET BB 4 -8.73 -100.24 -1.59
CA MET BB 4 -9.18 -100.18 -2.98
C MET BB 4 -9.29 -101.60 -3.50
N LYS BB 5 -10.34 -102.28 -3.10
CA LYS BB 5 -10.52 -103.72 -3.24
C LYS BB 5 -11.53 -104.05 -4.32
N PRO BB 6 -11.55 -105.30 -4.82
CA PRO BB 6 -12.43 -105.63 -5.96
C PRO BB 6 -13.91 -105.70 -5.66
N GLY BB 7 -14.40 -105.21 -4.53
CA GLY BB 7 -15.83 -105.11 -4.38
C GLY BB 7 -16.36 -103.71 -4.25
N LYS BB 8 -15.50 -102.70 -4.29
CA LYS BB 8 -15.84 -101.34 -3.90
C LYS BB 8 -16.68 -100.64 -4.96
N VAL BB 9 -17.33 -99.59 -4.55
CA VAL BB 9 -18.00 -98.65 -5.44
C VAL BB 9 -17.09 -97.45 -5.55
N VAL BB 10 -17.06 -96.87 -6.75
CA VAL BB 10 -16.08 -95.85 -7.11
C VAL BB 10 -16.80 -94.81 -7.96
N LEU BB 11 -16.58 -93.53 -7.64
CA LEU BB 11 -16.98 -92.46 -8.55
C LEU BB 11 -15.84 -92.19 -9.52
N VAL BB 12 -16.13 -92.25 -10.80
CA VAL BB 12 -15.13 -91.94 -11.81
C VAL BB 12 -14.98 -90.42 -11.84
N LEU BB 13 -13.74 -89.96 -11.85
CA LEU BB 13 -13.43 -88.59 -11.51
C LEU BB 13 -12.91 -87.81 -12.69
N ALA BB 14 -12.45 -88.49 -13.74
CA ALA BB 14 -11.93 -87.82 -14.92
C ALA BB 14 -12.31 -88.64 -16.15
N GLY BB 15 -11.97 -88.12 -17.30
CA GLY BB 15 -12.18 -88.88 -18.51
C GLY BB 15 -13.47 -88.52 -19.22
N ARG BB 16 -14.01 -89.50 -19.95
CA ARG BB 16 -15.31 -89.31 -20.55
C ARG BB 16 -16.44 -89.62 -19.58
N TYR BB 17 -16.27 -90.62 -18.74
CA TYR BB 17 -17.31 -91.04 -17.81
C TYR BB 17 -17.20 -90.33 -16.47
N SER BB 18 -17.09 -89.01 -16.47
CA SER BB 18 -16.83 -88.28 -15.24
C SER BB 18 -18.09 -88.21 -14.38
N GLY BB 19 -17.95 -88.60 -13.13
CA GLY BB 19 -19.07 -88.61 -12.22
C GLY BB 19 -20.02 -89.75 -12.47
N ARG BB 20 -19.52 -90.83 -13.06
CA ARG BB 20 -20.28 -92.06 -13.22
C ARG BB 20 -19.84 -93.00 -12.13
N LYS BB 21 -20.75 -93.81 -11.62
CA LYS BB 21 -20.44 -94.72 -10.55
C LYS BB 21 -19.95 -96.04 -11.11
N ALA BB 22 -18.88 -96.58 -10.51
CA ALA BB 22 -18.24 -97.75 -11.06
C ALA BB 22 -17.89 -98.72 -9.94
N VAL BB 23 -17.86 -99.99 -10.28
CA VAL BB 23 -17.43 -101.04 -9.38
C VAL BB 23 -16.07 -101.54 -9.81
N ILE BB 24 -15.11 -101.54 -8.88
CA ILE BB 24 -13.81 -102.15 -9.11
C ILE BB 24 -14.00 -103.65 -9.31
N VAL BB 25 -13.37 -104.21 -10.34
CA VAL BB 25 -13.42 -105.64 -10.53
C VAL BB 25 -12.06 -106.29 -10.32
N LYS BB 26 -10.98 -105.52 -10.50
CA LYS BB 26 -9.62 -105.98 -10.37
C LYS BB 26 -8.76 -104.78 -10.03
N ASN BB 27 -8.06 -104.85 -8.91
CA ASN BB 27 -7.14 -103.78 -8.55
C ASN BB 27 -5.72 -104.23 -8.81
N ILE BB 28 -4.86 -103.27 -9.12
CA ILE BB 28 -3.43 -103.50 -9.25
C ILE BB 28 -2.79 -102.37 -8.44
N ASP BB 29 -2.46 -102.66 -7.18
CA ASP BB 29 -2.00 -101.61 -6.28
C ASP BB 29 -0.55 -101.24 -6.54
N ASP BB 30 0.29 -102.21 -6.87
CA ASP BB 30 1.65 -101.98 -7.35
C ASP BB 30 1.58 -102.24 -8.85
N GLY BB 31 1.69 -101.18 -9.64
CA GLY BB 31 1.31 -101.25 -11.04
C GLY BB 31 2.20 -102.15 -11.88
N THR BB 32 1.70 -102.48 -13.06
CA THR BB 32 2.36 -103.39 -13.97
C THR BB 32 3.52 -102.65 -14.64
N SER BB 33 4.40 -103.38 -15.32
CA SER BB 33 5.44 -102.74 -16.10
C SER BB 33 4.87 -102.07 -17.36
N ASP BB 34 3.65 -102.44 -17.74
CA ASP BB 34 3.01 -101.86 -18.91
C ASP BB 34 2.36 -100.52 -18.57
N ARG BB 35 1.68 -100.44 -17.43
CA ARG BB 35 1.13 -99.19 -16.89
C ARG BB 35 1.89 -98.87 -15.62
N PRO BB 36 2.81 -97.89 -15.66
CA PRO BB 36 3.76 -97.72 -14.54
C PRO BB 36 3.13 -97.21 -13.26
N TYR BB 37 1.99 -96.56 -13.38
CA TYR BB 37 1.22 -96.10 -12.24
C TYR BB 37 0.42 -97.24 -11.61
N SER BB 38 -0.20 -96.95 -10.47
CA SER BB 38 -1.15 -97.87 -9.86
C SER BB 38 -2.52 -97.65 -10.46
N HIS BB 39 -3.26 -98.73 -10.69
CA HIS BB 39 -4.49 -98.65 -11.46
C HIS BB 39 -5.42 -99.79 -11.09
N ALA BB 40 -6.67 -99.68 -11.54
CA ALA BB 40 -7.68 -100.68 -11.29
C ALA BB 40 -8.56 -100.83 -12.51
N LEU BB 41 -9.15 -102.01 -12.66
CA LEU BB 41 -10.16 -102.25 -13.68
C LEU BB 41 -11.52 -102.00 -13.06
N VAL BB 42 -12.34 -101.19 -13.70
CA VAL BB 42 -13.68 -100.95 -13.20
C VAL BB 42 -14.69 -101.37 -14.25
N ALA BB 43 -15.93 -101.53 -13.84
CA ALA BB 43 -17.05 -101.66 -14.76
C ALA BB 43 -18.18 -100.81 -14.20
N GLY BB 44 -18.46 -99.69 -14.83
CA GLY BB 44 -19.47 -98.79 -14.33
C GLY BB 44 -20.66 -98.70 -15.24
N ILE BB 45 -21.53 -97.72 -15.02
CA ILE BB 45 -22.74 -97.60 -15.81
C ILE BB 45 -22.75 -96.25 -16.50
N ASP BB 46 -22.82 -96.27 -17.83
CA ASP BB 46 -22.83 -95.03 -18.59
C ASP BB 46 -24.17 -94.35 -18.50
N ARG BB 47 -25.22 -95.03 -18.96
CA ARG BB 47 -26.55 -94.48 -18.96
C ARG BB 47 -27.31 -95.03 -17.78
N TYR BB 48 -27.75 -94.13 -16.91
CA TYR BB 48 -28.52 -94.51 -15.74
C TYR BB 48 -29.94 -94.83 -16.13
N PRO BB 49 -30.59 -95.76 -15.44
CA PRO BB 49 -32.01 -95.98 -15.67
C PRO BB 49 -32.82 -94.80 -15.17
N ARG BB 50 -33.88 -94.47 -15.88
CA ARG BB 50 -34.60 -93.28 -15.54
C ARG BB 50 -35.55 -93.55 -14.38
N LYS BB 51 -36.16 -92.48 -13.88
CA LYS BB 51 -37.02 -92.55 -12.71
C LYS BB 51 -38.31 -93.30 -13.01
N VAL BB 52 -38.49 -94.44 -12.36
CA VAL BB 52 -39.65 -95.27 -12.64
C VAL BB 52 -40.72 -95.02 -11.58
N THR BB 53 -41.98 -95.07 -12.00
CA THR BB 53 -43.09 -94.55 -11.22
C THR BB 53 -44.25 -95.52 -11.35
N ALA BB 54 -45.04 -95.66 -10.28
CA ALA BB 54 -46.32 -96.35 -10.35
C ALA BB 54 -47.25 -95.64 -11.33
N ALA BB 55 -48.26 -96.39 -11.77
CA ALA BB 55 -49.10 -96.04 -12.92
C ALA BB 55 -48.25 -95.74 -14.16
N MET BB 56 -47.25 -96.60 -14.39
CA MET BB 56 -46.63 -96.75 -15.71
C MET BB 56 -46.89 -98.16 -16.19
N GLY BB 57 -46.91 -98.31 -17.51
CA GLY BB 57 -47.01 -99.64 -18.07
C GLY BB 57 -45.74 -100.43 -17.83
N LYS BB 58 -45.89 -101.74 -17.67
CA LYS BB 58 -44.72 -102.57 -17.39
C LYS BB 58 -43.83 -102.70 -18.60
N LYS BB 59 -44.37 -102.50 -19.80
CA LYS BB 59 -43.54 -102.29 -20.97
C LYS BB 59 -42.74 -101.00 -20.84
N LYS BB 60 -43.37 -99.95 -20.33
CA LYS BB 60 -42.67 -98.68 -20.17
C LYS BB 60 -41.69 -98.73 -19.01
N ILE BB 61 -41.98 -99.53 -17.99
CA ILE BB 61 -41.03 -99.75 -16.90
C ILE BB 61 -39.81 -100.50 -17.42
N ALA BB 62 -40.04 -101.59 -18.17
CA ALA BB 62 -38.93 -102.42 -18.64
C ALA BB 62 -38.11 -101.68 -19.69
N LYS BB 63 -38.74 -100.84 -20.50
CA LYS BB 63 -38.02 -99.97 -21.41
C LYS BB 63 -37.26 -98.90 -20.66
N ARG BB 64 -37.85 -98.40 -19.59
CA ARG BB 64 -37.32 -97.24 -18.87
C ARG BB 64 -36.12 -97.65 -18.02
N SER BB 65 -36.24 -98.77 -17.32
CA SER BB 65 -35.20 -99.30 -16.46
C SER BB 65 -34.16 -100.06 -17.26
N LYS BB 66 -33.17 -99.37 -17.84
CA LYS BB 66 -32.29 -99.98 -18.82
C LYS BB 66 -30.91 -99.37 -18.70
N ILE BB 67 -29.96 -100.12 -18.16
CA ILE BB 67 -28.60 -99.69 -17.91
C ILE BB 67 -27.75 -99.90 -19.15
N LYS BB 68 -26.96 -98.90 -19.52
CA LYS BB 68 -25.82 -99.04 -20.43
C LYS BB 68 -24.56 -99.04 -19.57
N SER BB 69 -23.65 -99.97 -19.82
CA SER BB 69 -22.49 -100.09 -18.96
C SER BB 69 -21.21 -99.67 -19.71
N PHE BB 70 -20.13 -99.51 -18.95
CA PHE BB 70 -18.80 -99.36 -19.54
C PHE BB 70 -17.84 -100.25 -18.80
N VAL BB 71 -16.66 -100.43 -19.38
CA VAL BB 71 -15.59 -101.19 -18.77
C VAL BB 71 -14.27 -100.54 -19.16
N LYS BB 72 -13.40 -100.31 -18.18
CA LYS BB 72 -12.35 -99.32 -18.36
C LYS BB 72 -11.27 -99.53 -17.30
N VAL BB 73 -10.03 -99.28 -17.68
CA VAL BB 73 -8.91 -99.21 -16.74
C VAL BB 73 -8.74 -97.76 -16.33
N TYR BB 74 -8.57 -97.49 -15.04
CA TYR BB 74 -8.31 -96.14 -14.57
C TYR BB 74 -7.14 -96.10 -13.61
N ASN BB 75 -6.40 -94.99 -13.64
CA ASN BB 75 -5.62 -94.51 -12.51
C ASN BB 75 -6.42 -94.47 -11.23
N TYR BB 76 -5.73 -94.66 -10.12
CA TYR BB 76 -6.36 -94.49 -8.83
C TYR BB 76 -6.73 -93.05 -8.56
N ASN BB 77 -5.95 -92.10 -9.06
CA ASN BB 77 -6.29 -90.71 -8.82
C ASN BB 77 -7.13 -90.13 -9.94
N HIS BB 78 -7.77 -91.00 -10.71
CA HIS BB 78 -8.90 -90.60 -11.53
C HIS BB 78 -10.18 -91.23 -11.03
N LEU BB 79 -10.17 -91.69 -9.79
CA LEU BB 79 -11.28 -92.39 -9.17
C LEU BB 79 -11.51 -91.81 -7.78
N MET BB 80 -12.74 -91.93 -7.29
CA MET BB 80 -13.10 -91.44 -5.97
C MET BB 80 -13.75 -92.55 -5.19
N PRO BB 81 -13.06 -93.19 -4.27
CA PRO BB 81 -13.63 -94.34 -3.55
C PRO BB 81 -14.63 -93.91 -2.48
N THR BB 82 -15.60 -94.79 -2.23
CA THR BB 82 -16.65 -94.49 -1.29
C THR BB 82 -16.75 -95.60 -0.25
N ARG BB 83 -17.64 -95.40 0.72
CA ARG BB 83 -17.84 -96.44 1.73
C ARG BB 83 -18.74 -97.54 1.21
N TYR BB 84 -19.43 -97.31 0.10
CA TYR BB 84 -20.31 -98.31 -0.47
C TYR BB 84 -19.50 -99.40 -1.16
N SER BB 85 -20.09 -100.58 -1.26
CA SER BB 85 -19.45 -101.70 -1.93
C SER BB 85 -20.56 -102.62 -2.46
N VAL BB 86 -20.54 -102.85 -3.76
CA VAL BB 86 -21.50 -103.71 -4.45
C VAL BB 86 -20.87 -105.08 -4.68
N ASP BB 87 -21.55 -106.11 -4.17
CA ASP BB 87 -21.00 -107.46 -4.22
C ASP BB 87 -21.58 -108.24 -5.39
N ILE BB 88 -21.29 -107.78 -6.60
CA ILE BB 88 -21.87 -108.31 -7.84
C ILE BB 88 -20.84 -109.31 -8.39
N PRO BB 89 -21.26 -110.40 -9.08
CA PRO BB 89 -20.27 -111.40 -9.51
C PRO BB 89 -19.24 -110.93 -10.54
N LEU BB 90 -19.67 -110.58 -11.76
CA LEU BB 90 -18.80 -110.14 -12.86
C LEU BB 90 -17.60 -111.04 -13.10
N ASP BB 91 -17.83 -112.24 -13.64
CA ASP BB 91 -16.84 -113.31 -13.74
C ASP BB 91 -15.53 -112.87 -14.42
N LYS BB 92 -14.43 -113.46 -13.96
CA LYS BB 92 -13.07 -113.06 -14.26
C LYS BB 92 -12.69 -113.28 -15.72
N THR BB 93 -13.30 -114.26 -16.38
CA THR BB 93 -12.94 -114.57 -17.76
C THR BB 93 -13.44 -113.51 -18.73
N VAL BB 94 -14.63 -112.95 -18.47
CA VAL BB 94 -15.25 -112.08 -19.45
C VAL BB 94 -14.83 -110.64 -19.22
N VAL BB 95 -14.78 -110.21 -17.97
CA VAL BB 95 -14.31 -108.86 -17.63
C VAL BB 95 -12.87 -108.95 -17.17
N ASN BB 96 -11.95 -108.44 -17.98
CA ASN BB 96 -10.54 -108.74 -17.84
C ASN BB 96 -9.74 -107.59 -18.44
N LYS BB 97 -8.43 -107.56 -18.18
CA LYS BB 97 -7.57 -106.57 -18.80
C LYS BB 97 -7.06 -107.03 -20.16
N ASP BB 98 -7.30 -108.28 -20.51
CA ASP BB 98 -6.95 -108.77 -21.84
C ASP BB 98 -8.04 -108.40 -22.84
N VAL BB 99 -9.16 -107.88 -22.35
CA VAL BB 99 -10.32 -107.48 -23.12
C VAL BB 99 -10.02 -106.31 -24.04
N PHE BB 100 -9.13 -105.41 -23.63
CA PHE BB 100 -9.02 -104.11 -24.28
C PHE BB 100 -8.34 -104.19 -25.63
N ARG BB 101 -7.67 -105.29 -25.94
CA ARG BB 101 -7.03 -105.41 -27.24
C ARG BB 101 -8.00 -105.88 -28.31
N ASP BB 102 -9.12 -106.50 -27.91
CA ASP BB 102 -10.08 -106.99 -28.90
C ASP BB 102 -11.42 -106.28 -28.70
N PRO BB 103 -11.95 -105.56 -29.70
CA PRO BB 103 -13.23 -104.86 -29.51
C PRO BB 103 -14.46 -105.75 -29.42
N ALA BB 104 -14.42 -106.95 -30.01
CA ALA BB 104 -15.54 -107.87 -29.89
C ALA BB 104 -15.62 -108.46 -28.49
N LEU BB 105 -14.47 -108.85 -27.91
CA LEU BB 105 -14.45 -109.25 -26.51
C LEU BB 105 -14.77 -108.09 -25.58
N LYS BB 106 -14.56 -106.86 -26.03
CA LYS BB 106 -14.97 -105.73 -25.21
C LYS BB 106 -16.48 -105.56 -25.23
N ARG BB 107 -17.11 -105.87 -26.37
CA ARG BB 107 -18.57 -105.92 -26.40
C ARG BB 107 -19.10 -107.03 -25.50
N LYS BB 108 -18.41 -108.16 -25.45
CA LYS BB 108 -18.87 -109.25 -24.57
C LYS BB 108 -18.68 -108.90 -23.09
N ALA BB 109 -17.58 -108.23 -22.75
CA ALA BB 109 -17.37 -107.76 -21.38
C ALA BB 109 -18.40 -106.74 -20.96
N ARG BB 110 -18.68 -105.76 -21.83
CA ARG BB 110 -19.66 -104.73 -21.55
C ARG BB 110 -21.07 -105.31 -21.45
N ARG BB 111 -21.35 -106.36 -22.23
CA ARG BB 111 -22.63 -107.05 -22.16
C ARG BB 111 -22.79 -107.80 -20.84
N GLU BB 112 -21.75 -108.51 -20.42
CA GLU BB 112 -21.76 -109.22 -19.14
C GLU BB 112 -21.93 -108.28 -17.98
N ALA BB 113 -21.35 -107.08 -18.07
CA ALA BB 113 -21.59 -106.07 -17.04
C ALA BB 113 -23.04 -105.60 -17.04
N LYS BB 114 -23.60 -105.33 -18.22
CA LYS BB 114 -24.97 -104.83 -18.35
C LYS BB 114 -26.00 -105.78 -17.75
N VAL BB 115 -25.84 -107.09 -17.98
CA VAL BB 115 -26.84 -108.07 -17.52
C VAL BB 115 -26.87 -108.14 -16.00
N LYS BB 116 -25.70 -108.20 -15.36
CA LYS BB 116 -25.66 -108.32 -13.92
C LYS BB 116 -26.10 -107.03 -13.24
N PHE BB 117 -25.79 -105.87 -13.84
CA PHE BB 117 -26.30 -104.63 -13.27
C PHE BB 117 -27.81 -104.54 -13.39
N GLU BB 118 -28.39 -104.97 -14.53
CA GLU BB 118 -29.84 -104.89 -14.68
C GLU BB 118 -30.57 -105.81 -13.71
N GLU BB 119 -30.01 -107.01 -13.44
CA GLU BB 119 -30.74 -107.88 -12.52
C GLU BB 119 -30.61 -107.42 -11.06
N ARG BB 120 -29.42 -106.94 -10.64
CA ARG BB 120 -29.36 -106.43 -9.28
C ARG BB 120 -30.00 -105.05 -9.16
N TYR BB 121 -30.24 -104.37 -10.27
CA TYR BB 121 -31.07 -103.18 -10.23
C TYR BB 121 -32.53 -103.54 -10.03
N LYS BB 122 -32.99 -104.60 -10.68
CA LYS BB 122 -34.41 -104.94 -10.59
C LYS BB 122 -34.72 -105.71 -9.32
N THR BB 123 -33.71 -106.09 -8.53
CA THR BB 123 -34.05 -106.52 -7.18
C THR BB 123 -34.36 -105.34 -6.27
N GLY BB 124 -33.95 -104.14 -6.64
CA GLY BB 124 -34.17 -102.98 -5.79
C GLY BB 124 -33.12 -102.86 -4.71
N LYS BB 125 -32.01 -103.55 -4.91
CA LYS BB 125 -30.88 -103.53 -3.98
C LYS BB 125 -29.80 -102.67 -4.58
N ASN BB 126 -28.87 -102.22 -3.72
CA ASN BB 126 -27.73 -101.34 -4.08
C ASN BB 126 -28.21 -100.08 -4.79
N LYS BB 127 -29.25 -99.45 -4.24
CA LYS BB 127 -29.95 -98.42 -5.00
C LYS BB 127 -29.32 -97.04 -4.90
N TRP BB 128 -28.29 -96.85 -4.08
CA TRP BB 128 -27.48 -95.65 -4.20
C TRP BB 128 -26.67 -95.69 -5.49
N PHE BB 129 -26.17 -96.88 -5.82
CA PHE BB 129 -25.26 -97.07 -6.94
C PHE BB 129 -25.97 -96.83 -8.27
N PHE BB 130 -27.27 -97.07 -8.31
CA PHE BB 130 -28.01 -96.97 -9.56
C PHE BB 130 -28.70 -95.64 -9.74
N GLN BB 131 -28.30 -94.63 -9.00
CA GLN BB 131 -28.80 -93.27 -9.18
C GLN BB 131 -27.67 -92.37 -9.62
N LYS BB 132 -27.96 -91.39 -10.47
CA LYS BB 132 -26.89 -90.57 -10.99
C LYS BB 132 -26.44 -89.56 -9.94
N LEU BB 133 -25.17 -89.19 -9.99
CA LEU BB 133 -24.66 -88.21 -9.05
C LEU BB 133 -25.07 -86.82 -9.52
N ARG BB 134 -25.48 -85.98 -8.59
CA ARG BB 134 -26.04 -84.68 -8.92
C ARG BB 134 -24.98 -83.61 -8.72
N PHE BB 135 -24.38 -83.15 -9.81
CA PHE BB 135 -23.35 -82.14 -9.73
C PHE BB 135 -23.48 -81.13 -10.86
N MET CB 1 57.59 43.67 82.57
CA MET CB 1 57.10 44.29 83.78
C MET CB 1 58.01 45.36 84.34
N LEU CB 2 57.67 46.62 84.05
CA LEU CB 2 58.33 47.75 84.68
C LEU CB 2 57.75 47.89 86.08
N MET CB 3 58.51 47.41 87.06
CA MET CB 3 58.12 47.46 88.46
C MET CB 3 58.92 48.55 89.17
N PRO CB 4 58.27 49.29 90.07
CA PRO CB 4 59.02 50.19 90.96
C PRO CB 4 59.92 49.38 91.89
N LYS CB 5 61.02 50.02 92.34
CA LYS CB 5 62.11 49.29 92.96
C LYS CB 5 61.74 48.80 94.36
N LYS CB 6 60.86 49.51 95.05
CA LYS CB 6 60.46 49.09 96.39
C LYS CB 6 59.59 47.84 96.31
N ASN CB 7 58.87 47.67 95.20
CA ASN CB 7 58.03 46.49 95.03
C ASN CB 7 58.86 45.23 94.87
N ARG CB 8 59.85 45.26 93.97
CA ARG CB 8 60.64 44.07 93.69
C ARG CB 8 61.54 43.70 94.87
N ILE CB 9 61.86 44.69 95.72
CA ILE CB 9 62.60 44.40 96.94
C ILE CB 9 61.70 43.77 97.99
N ALA CB 10 60.51 44.36 98.21
CA ALA CB 10 59.63 43.92 99.31
C ALA CB 10 59.08 42.53 99.05
N ILE CB 11 58.98 42.13 97.79
CA ILE CB 11 58.57 40.77 97.47
C ILE CB 11 59.70 39.79 97.76
N TYR CB 12 60.94 40.15 97.41
CA TYR CB 12 62.06 39.22 97.57
C TYR CB 12 62.45 39.07 99.03
N GLU CB 13 62.38 40.17 99.79
CA GLU CB 13 62.69 40.14 101.22
C GLU CB 13 61.58 39.44 101.99
N LEU CB 14 60.36 39.44 101.46
CA LEU CB 14 59.31 38.57 101.99
C LEU CB 14 59.60 37.12 101.63
N LEU CB 15 60.18 36.90 100.45
CA LEU CB 15 60.53 35.55 100.04
C LEU CB 15 61.74 35.04 100.81
N PHE CB 16 62.50 35.95 101.41
CA PHE CB 16 63.67 35.50 102.17
C PHE CB 16 63.32 35.28 103.64
N LYS CB 17 62.50 36.15 104.22
CA LYS CB 17 62.19 36.02 105.64
C LYS CB 17 61.29 34.81 105.91
N GLU CB 18 60.53 34.39 104.90
CA GLU CB 18 59.88 33.08 104.87
C GLU CB 18 60.06 32.58 103.45
N GLY CB 19 60.63 31.39 103.31
CA GLY CB 19 61.04 30.85 102.03
C GLY CB 19 59.93 30.57 101.04
N VAL CB 20 58.72 30.35 101.54
CA VAL CB 20 57.59 30.09 100.67
C VAL CB 20 56.80 31.39 100.51
N MET CB 21 56.13 31.53 99.37
CA MET CB 21 55.20 32.63 99.18
C MET CB 21 54.11 32.21 98.20
N VAL CB 22 52.87 32.58 98.53
CA VAL CB 22 51.72 32.27 97.70
C VAL CB 22 51.16 33.56 97.11
N ALA CB 23 50.31 33.40 96.11
CA ALA CB 23 49.51 34.48 95.55
C ALA CB 23 48.33 33.87 94.82
N LYS CB 24 47.16 34.49 94.96
CA LYS CB 24 46.00 34.06 94.19
C LYS CB 24 46.14 34.60 92.77
N LYS CB 25 45.80 33.77 91.78
CA LYS CB 25 45.92 34.20 90.39
C LYS CB 25 44.81 35.18 90.06
N ASP CB 26 45.06 36.46 90.32
CA ASP CB 26 44.08 37.51 90.03
C ASP CB 26 44.84 38.78 89.75
N VAL CB 27 44.71 39.26 88.50
CA VAL CB 27 45.25 40.56 88.12
C VAL CB 27 44.57 41.68 88.89
N HIS CB 28 43.28 41.53 89.16
CA HIS CB 28 42.49 42.63 89.68
C HIS CB 28 42.34 42.51 91.19
N MET CB 29 43.50 42.40 91.85
CA MET CB 29 43.63 42.55 93.29
C MET CB 29 44.53 43.77 93.53
N PRO CB 30 44.07 44.75 94.29
CA PRO CB 30 44.94 45.91 94.56
C PRO CB 30 46.12 45.60 95.47
N LYS CB 31 45.95 44.72 96.45
CA LYS CB 31 47.02 44.40 97.38
C LYS CB 31 47.10 42.90 97.58
N HIS CB 32 48.33 42.42 97.74
CA HIS CB 32 48.58 41.02 98.06
C HIS CB 32 48.05 40.69 99.45
N PRO CB 33 47.26 39.62 99.59
CA PRO CB 33 46.45 39.46 100.80
C PRO CB 33 47.23 39.08 102.04
N GLU CB 34 48.51 38.70 101.89
CA GLU CB 34 49.34 38.48 103.06
C GLU CB 34 50.25 39.69 103.32
N LEU CB 35 50.87 40.22 102.27
CA LEU CB 35 51.77 41.38 102.40
C LEU CB 35 50.94 42.60 102.00
N ALA CB 36 50.21 43.14 102.96
CA ALA CB 36 49.26 44.21 102.71
C ALA CB 36 49.79 45.59 103.04
N ASP CB 37 50.90 45.67 103.79
CA ASP CB 37 51.34 46.94 104.35
C ASP CB 37 51.90 47.87 103.27
N LYS CB 38 52.59 47.30 102.28
CA LYS CB 38 53.07 48.09 101.15
C LYS CB 38 51.96 48.20 100.11
N ASN CB 39 52.28 48.88 99.00
CA ASN CB 39 51.35 48.88 97.87
C ASN CB 39 51.21 47.48 97.28
N VAL CB 40 52.29 47.00 96.64
CA VAL CB 40 52.52 45.65 96.05
C VAL CB 40 51.28 44.99 95.43
N PRO CB 41 50.83 45.44 94.26
CA PRO CB 41 49.68 44.79 93.61
C PRO CB 41 50.00 43.35 93.24
N ASN CB 42 48.95 42.52 93.22
CA ASN CB 42 49.08 41.07 93.10
C ASN CB 42 49.57 40.69 91.71
N LEU CB 43 49.33 41.55 90.70
CA LEU CB 43 49.88 41.28 89.38
C LEU CB 43 51.39 41.49 89.35
N HIS CB 44 51.91 42.32 90.26
CA HIS CB 44 53.36 42.43 90.38
C HIS CB 44 53.94 41.22 91.12
N VAL CB 45 53.18 40.66 92.06
CA VAL CB 45 53.63 39.47 92.77
C VAL CB 45 53.64 38.27 91.83
N MET CB 46 52.64 38.19 90.95
CA MET CB 46 52.53 37.08 90.00
C MET CB 46 53.68 37.05 89.01
N LYS CB 47 54.09 38.22 88.52
CA LYS CB 47 55.01 38.24 87.39
C LYS CB 47 56.46 38.30 87.84
N ALA CB 48 56.72 38.83 89.04
CA ALA CB 48 58.09 38.84 89.55
C ALA CB 48 58.54 37.42 89.87
N MET CB 49 57.64 36.62 90.42
CA MET CB 49 57.95 35.22 90.68
C MET CB 49 57.94 34.41 89.39
N GLN CB 50 57.23 34.90 88.37
CA GLN CB 50 57.23 34.25 87.07
C GLN CB 50 58.58 34.43 86.39
N SER CB 51 59.34 35.46 86.78
CA SER CB 51 60.71 35.63 86.30
C SER CB 51 61.67 34.68 87.02
N LEU CB 52 61.50 34.54 88.34
CA LEU CB 52 62.36 33.65 89.13
C LEU CB 52 62.12 32.19 88.76
N LYS CB 53 60.89 31.88 88.36
CA LYS CB 53 60.54 30.53 87.94
C LYS CB 53 61.24 30.17 86.65
N SER CB 54 61.34 31.13 85.73
CA SER CB 54 61.81 30.84 84.39
C SER CB 54 63.32 30.63 84.34
N ARG CB 55 64.06 31.17 85.32
CA ARG CB 55 65.50 31.04 85.34
C ARG CB 55 65.96 30.11 86.45
N GLY CB 56 65.04 29.31 86.97
CA GLY CB 56 65.43 28.22 87.84
C GLY CB 56 65.87 28.61 89.23
N TYR CB 57 65.21 29.58 89.85
CA TYR CB 57 65.54 29.95 91.22
C TYR CB 57 64.42 29.61 92.19
N VAL CB 58 63.17 29.67 91.75
CA VAL CB 58 62.02 29.33 92.59
C VAL CB 58 61.30 28.15 91.97
N LYS CB 59 60.67 27.34 92.80
CA LYS CB 59 59.96 26.15 92.38
C LYS CB 59 58.47 26.48 92.28
N GLU CB 60 57.77 25.83 91.37
CA GLU CB 60 56.38 26.16 91.06
C GLU CB 60 55.43 25.02 91.39
N GLN CB 61 54.32 25.37 92.04
CA GLN CB 61 53.22 24.44 92.26
C GLN CB 61 51.92 25.22 92.26
N PHE CB 62 50.84 24.62 91.76
CA PHE CB 62 49.59 25.33 91.51
C PHE CB 62 48.42 24.46 91.98
N ALA CB 63 47.52 25.04 92.78
CA ALA CB 63 46.34 24.33 93.31
C ALA CB 63 45.11 25.23 93.25
N TRP CB 64 44.28 24.96 92.25
CA TRP CB 64 42.98 25.47 91.86
C TRP CB 64 42.92 26.92 91.41
N ARG CB 65 43.56 27.83 92.14
CA ARG CB 65 43.68 29.25 91.76
C ARG CB 65 44.93 29.87 92.35
N HIS CB 66 45.64 29.16 93.22
CA HIS CB 66 46.72 29.72 94.02
C HIS CB 66 48.05 29.16 93.55
N PHE CB 67 49.01 30.06 93.38
CA PHE CB 67 50.38 29.63 93.15
C PHE CB 67 51.02 29.22 94.47
N TYR CB 68 52.05 28.39 94.37
CA TYR CB 68 52.79 27.97 95.55
C TYR CB 68 54.26 27.93 95.20
N TRP CB 69 54.99 28.96 95.63
CA TRP CB 69 56.38 29.15 95.20
C TRP CB 69 57.33 28.72 96.30
N TYR CB 70 58.18 27.75 95.98
CA TYR CB 70 59.22 27.25 96.87
C TYR CB 70 60.56 27.81 96.44
N LEU CB 71 61.23 28.52 97.34
CA LEU CB 71 62.54 29.08 97.05
C LEU CB 71 63.60 27.98 97.16
N THR CB 72 64.29 27.71 96.07
CA THR CB 72 65.25 26.63 96.01
C THR CB 72 66.59 27.07 96.60
N ASN CB 73 67.54 26.11 96.66
CA ASN CB 73 68.88 26.39 97.16
C ASN CB 73 69.63 27.33 96.24
N GLU CB 74 69.38 27.25 94.93
CA GLU CB 74 69.97 28.21 94.01
C GLU CB 74 69.28 29.55 94.16
N GLY CB 75 68.03 29.56 94.62
CA GLY CB 75 67.36 30.81 94.90
C GLY CB 75 67.83 31.45 96.19
N ILE CB 76 68.46 30.66 97.06
CA ILE CB 76 69.05 31.22 98.29
C ILE CB 76 70.23 32.11 97.94
N GLN CB 77 71.08 31.64 97.02
CA GLN CB 77 72.29 32.38 96.68
C GLN CB 77 71.99 33.66 95.90
N TYR CB 78 71.00 33.61 95.01
CA TYR CB 78 70.75 34.77 94.15
C TYR CB 78 70.13 35.93 94.93
N LEU CB 79 69.19 35.64 95.83
CA LEU CB 79 68.56 36.71 96.57
C LEU CB 79 69.52 37.33 97.58
N ARG CB 80 70.39 36.52 98.19
CA ARG CB 80 71.41 37.05 99.08
C ARG CB 80 72.47 37.82 98.30
N ASP CB 81 72.71 37.44 97.03
CA ASP CB 81 73.58 38.25 96.17
C ASP CB 81 72.85 39.50 95.70
N TYR CB 82 71.52 39.53 95.86
CA TYR CB 82 70.75 40.71 95.45
C TYR CB 82 70.49 41.63 96.64
N LEU CB 83 70.07 41.06 97.77
CA LEU CB 83 69.71 41.84 98.96
C LEU CB 83 70.91 42.16 99.84
N HIS CB 84 72.07 41.54 99.58
CA HIS CB 84 73.32 41.74 100.30
C HIS CB 84 73.19 41.41 101.79
N LEU CB 85 72.78 40.18 102.08
CA LEU CB 85 72.58 39.74 103.45
C LEU CB 85 73.76 38.91 103.93
N PRO CB 86 74.02 38.92 105.24
CA PRO CB 86 75.10 38.10 105.80
C PRO CB 86 74.75 36.62 105.74
N PRO CB 87 75.74 35.74 105.57
CA PRO CB 87 75.45 34.31 105.40
C PRO CB 87 75.03 33.58 106.67
N GLU CB 88 75.02 34.26 107.82
CA GLU CB 88 74.60 33.59 109.06
C GLU CB 88 73.09 33.39 109.08
N ILE CB 89 72.33 34.45 108.79
CA ILE CB 89 70.87 34.37 108.84
C ILE CB 89 70.32 33.62 107.63
N VAL CB 90 69.28 32.83 107.88
CA VAL CB 90 68.73 31.90 106.89
C VAL CB 90 67.25 32.23 106.71
N PRO CB 91 66.58 31.69 105.69
CA PRO CB 91 65.11 31.72 105.71
C PRO CB 91 64.52 30.89 106.84
N ALA CB 92 63.28 31.17 107.21
CA ALA CB 92 62.71 30.53 108.39
C ALA CB 92 62.26 29.10 108.10
N THR CB 93 62.15 28.73 106.83
CA THR CB 93 61.78 27.37 106.49
C THR CB 93 62.97 26.41 106.62
N LEU CB 94 64.19 26.94 106.62
CA LEU CB 94 65.37 26.13 106.91
C LEU CB 94 65.65 26.08 108.40
N ARG CB 95 65.25 27.13 109.11
CA ARG CB 95 65.40 27.15 110.56
C ARG CB 95 64.38 26.22 111.18
N ARG CB 96 64.82 25.46 112.18
CA ARG CB 96 63.92 24.58 112.91
C ARG CB 96 63.37 25.33 114.12
N PRO DB 1 -60.74 22.77 -52.30
CA PRO DB 1 -59.87 23.40 -53.28
C PRO DB 1 -58.48 23.63 -52.73
N SER DB 2 -57.57 22.71 -53.05
CA SER DB 2 -56.19 22.80 -52.60
C SER DB 2 -55.45 23.92 -53.30
N ARG DB 3 -55.97 24.37 -54.44
CA ARG DB 3 -55.35 25.45 -55.21
C ARG DB 3 -55.61 26.81 -54.58
N LEU DB 4 -56.47 26.89 -53.58
CA LEU DB 4 -56.76 28.14 -52.91
C LEU DB 4 -56.04 28.27 -51.58
N ARG DB 5 -55.20 27.31 -51.24
CA ARG DB 5 -54.62 27.28 -49.91
C ARG DB 5 -53.22 27.88 -49.88
N LYS DB 6 -52.61 27.79 -48.71
CA LYS DB 6 -51.40 28.53 -48.39
C LYS DB 6 -50.15 27.73 -48.71
N THR DB 7 -50.28 26.41 -48.81
CA THR DB 7 -49.19 25.57 -49.30
C THR DB 7 -48.87 25.83 -50.76
N ARG DB 8 -49.80 26.46 -51.49
CA ARG DB 8 -49.56 26.80 -52.87
C ARG DB 8 -48.77 28.08 -52.97
N LYS DB 9 -48.69 28.82 -51.87
CA LYS DB 9 -47.96 30.07 -51.88
C LYS DB 9 -46.64 29.93 -51.15
N LEU DB 10 -46.47 28.88 -50.36
CA LEU DB 10 -45.23 28.72 -49.62
C LEU DB 10 -44.17 27.92 -50.37
N ARG DB 11 -44.43 27.53 -51.61
CA ARG DB 11 -43.41 26.84 -52.40
C ARG DB 11 -42.30 27.79 -52.81
N GLY DB 12 -41.08 27.47 -52.40
CA GLY DB 12 -39.92 28.28 -52.69
C GLY DB 12 -39.44 28.88 -51.41
N HIS DB 13 -40.37 29.11 -50.50
CA HIS DB 13 -40.10 29.69 -49.21
C HIS DB 13 -39.76 28.58 -48.25
N VAL DB 14 -38.58 28.69 -47.61
CA VAL DB 14 -37.89 27.52 -47.09
C VAL DB 14 -38.63 26.91 -45.91
N SER DB 15 -38.92 27.70 -44.87
CA SER DB 15 -39.44 27.16 -43.63
C SER DB 15 -40.93 26.86 -43.67
N HIS DB 16 -41.60 27.20 -44.78
CA HIS DB 16 -43.01 26.94 -45.03
C HIS DB 16 -43.90 27.59 -43.97
N GLY DB 17 -43.59 28.84 -43.62
CA GLY DB 17 -44.45 29.60 -42.74
C GLY DB 17 -44.28 29.32 -41.28
N HIS DB 18 -43.28 28.54 -40.89
CA HIS DB 18 -43.14 28.11 -39.49
C HIS DB 18 -41.87 28.60 -38.84
N GLY DB 19 -41.19 29.56 -39.45
CA GLY DB 19 -40.09 30.16 -38.77
C GLY DB 19 -38.81 29.41 -38.97
N ARG DB 20 -37.73 30.14 -38.87
CA ARG DB 20 -36.41 29.63 -39.16
C ARG DB 20 -35.60 29.40 -37.90
N ILE DB 21 -35.85 30.19 -36.85
CA ILE DB 21 -35.16 30.02 -35.57
C ILE DB 21 -35.72 28.83 -34.81
N GLY DB 22 -37.00 28.89 -34.49
CA GLY DB 22 -37.68 27.82 -33.81
C GLY DB 22 -38.50 27.07 -34.84
N LYS DB 23 -38.14 25.83 -35.05
CA LYS DB 23 -38.62 25.04 -36.16
C LYS DB 23 -40.08 24.64 -35.98
N HIS DB 24 -40.66 24.05 -37.02
CA HIS DB 24 -41.89 23.28 -36.82
C HIS DB 24 -41.48 21.91 -36.30
N ARG DB 25 -41.21 21.86 -35.01
CA ARG DB 25 -40.97 20.65 -34.28
C ARG DB 25 -42.31 20.03 -33.93
N LYS DB 26 -42.28 18.74 -33.56
CA LYS DB 26 -43.47 17.91 -33.67
C LYS DB 26 -44.51 18.26 -32.61
N HIS DB 27 -44.18 18.08 -31.34
CA HIS DB 27 -45.09 18.42 -30.24
C HIS DB 27 -44.33 19.16 -29.15
N PRO DB 28 -44.17 20.48 -29.28
CA PRO DB 28 -43.26 21.19 -28.38
C PRO DB 28 -43.86 21.61 -27.04
N GLY DB 29 -45.16 21.53 -26.87
CA GLY DB 29 -45.69 21.85 -25.55
C GLY DB 29 -46.39 20.70 -24.88
N GLY DB 30 -46.34 19.54 -25.51
CA GLY DB 30 -47.10 18.38 -25.10
C GLY DB 30 -48.28 18.13 -26.02
N ARG DB 31 -48.95 17.01 -25.78
CA ARG DB 31 -50.08 16.62 -26.61
C ARG DB 31 -51.39 16.91 -25.90
N GLY DB 32 -52.34 17.49 -26.63
CA GLY DB 32 -53.67 17.72 -26.13
C GLY DB 32 -53.76 18.81 -25.11
N ASN DB 33 -54.33 18.48 -23.96
CA ASN DB 33 -54.56 19.44 -22.88
C ASN DB 33 -53.51 19.25 -21.79
N ALA DB 34 -52.32 18.86 -22.21
CA ALA DB 34 -51.20 18.63 -21.32
C ALA DB 34 -50.73 19.92 -20.67
N GLY DB 35 -50.59 19.90 -19.35
CA GLY DB 35 -49.96 20.97 -18.63
C GLY DB 35 -50.86 22.10 -18.20
N GLY DB 36 -52.14 21.81 -18.00
CA GLY DB 36 -53.07 22.85 -17.58
C GLY DB 36 -52.86 23.30 -16.16
N MET DB 37 -52.24 22.46 -15.34
CA MET DB 37 -51.87 22.80 -13.97
C MET DB 37 -50.46 23.35 -13.90
N HIS DB 38 -49.65 23.12 -14.93
CA HIS DB 38 -48.22 23.37 -14.83
C HIS DB 38 -47.66 24.43 -15.76
N HIS DB 39 -47.69 24.22 -17.07
CA HIS DB 39 -47.01 25.17 -17.94
C HIS DB 39 -47.95 25.83 -18.94
N HIS DB 40 -49.22 25.44 -18.94
CA HIS DB 40 -50.30 26.11 -19.64
C HIS DB 40 -51.30 26.65 -18.64
N ARG DB 41 -50.83 26.85 -17.40
CA ARG DB 41 -51.64 27.34 -16.29
C ARG DB 41 -52.28 28.69 -16.57
N ILE DB 42 -51.54 29.59 -17.22
CA ILE DB 42 -52.01 30.95 -17.45
C ILE DB 42 -53.15 30.96 -18.46
N ASN DB 43 -53.08 30.10 -19.48
CA ASN DB 43 -54.17 29.99 -20.46
C ASN DB 43 -55.42 29.39 -19.82
N PHE DB 44 -55.26 28.35 -19.00
CA PHE DB 44 -56.45 27.76 -18.41
C PHE DB 44 -57.01 28.62 -17.30
N ASP DB 45 -56.26 29.59 -16.79
CA ASP DB 45 -56.85 30.52 -15.85
C ASP DB 45 -57.48 31.69 -16.59
N LYS DB 46 -56.88 32.10 -17.71
CA LYS DB 46 -57.28 33.32 -18.39
C LYS DB 46 -58.47 33.10 -19.30
N TYR DB 47 -58.66 31.90 -19.80
CA TYR DB 47 -59.73 31.68 -20.76
C TYR DB 47 -60.66 30.55 -20.39
N HIS DB 48 -60.25 29.64 -19.53
CA HIS DB 48 -61.11 28.54 -19.07
C HIS DB 48 -61.17 28.51 -17.55
N PRO DB 49 -61.74 29.54 -16.92
CA PRO DB 49 -61.80 29.55 -15.45
C PRO DB 49 -62.83 28.54 -14.97
N GLY DB 50 -62.64 28.02 -13.78
CA GLY DB 50 -63.53 27.00 -13.28
C GLY DB 50 -63.21 25.60 -13.72
N TYR DB 51 -62.11 25.37 -14.43
CA TYR DB 51 -61.94 24.12 -15.16
C TYR DB 51 -61.57 22.96 -14.23
N PHE DB 52 -60.79 23.23 -13.19
CA PHE DB 52 -60.28 22.16 -12.35
C PHE DB 52 -61.03 22.09 -11.04
N GLY DB 53 -61.46 20.89 -10.67
CA GLY DB 53 -62.16 20.73 -9.42
C GLY DB 53 -63.54 20.11 -9.59
N LYS DB 54 -64.23 19.99 -8.47
CA LYS DB 54 -65.57 19.41 -8.42
C LYS DB 54 -66.51 20.32 -7.66
N VAL DB 55 -67.76 20.38 -8.12
CA VAL DB 55 -68.77 21.13 -7.40
C VAL DB 55 -70.12 20.42 -7.57
N GLY DB 56 -70.82 20.25 -6.48
CA GLY DB 56 -72.16 19.72 -6.54
C GLY DB 56 -72.24 18.22 -6.40
N MET DB 57 -73.47 17.73 -6.54
CA MET DB 57 -73.81 16.34 -6.30
C MET DB 57 -73.80 15.51 -7.57
N ARG DB 58 -73.48 14.23 -7.41
CA ARG DB 58 -73.52 13.27 -8.51
C ARG DB 58 -74.90 12.63 -8.52
N HIS DB 59 -75.49 12.54 -9.71
CA HIS DB 59 -76.76 11.87 -9.90
C HIS DB 59 -76.51 10.69 -10.83
N TYR DB 60 -76.60 9.47 -10.28
CA TYR DB 60 -75.92 8.33 -10.90
C TYR DB 60 -76.60 7.89 -12.19
N HIS DB 61 -77.91 7.72 -12.18
CA HIS DB 61 -78.60 7.30 -13.37
C HIS DB 61 -79.59 8.39 -13.72
N LEU DB 62 -79.09 9.41 -14.41
CA LEU DB 62 -79.91 10.54 -14.77
C LEU DB 62 -80.62 10.23 -16.07
N LYS DB 63 -81.90 10.54 -16.09
CA LYS DB 63 -82.77 10.34 -17.23
C LYS DB 63 -83.29 11.70 -17.65
N ARG DB 64 -82.94 12.14 -18.85
CA ARG DB 64 -83.29 13.49 -19.28
C ARG DB 64 -84.75 13.65 -19.66
N ASN DB 65 -85.57 12.61 -19.51
CA ASN DB 65 -86.98 12.75 -19.84
C ASN DB 65 -87.78 13.12 -18.60
N GLN DB 66 -87.25 12.83 -17.42
CA GLN DB 66 -87.93 13.19 -16.19
C GLN DB 66 -87.92 14.69 -15.98
N SER DB 67 -86.77 15.31 -16.22
CA SER DB 67 -86.59 16.73 -16.06
C SER DB 67 -87.12 17.53 -17.24
N PHE DB 68 -87.70 16.86 -18.24
CA PHE DB 68 -88.26 17.48 -19.43
C PHE DB 68 -89.43 18.38 -19.10
N CYS DB 69 -89.29 19.65 -19.40
CA CYS DB 69 -90.30 20.65 -19.18
C CYS DB 69 -89.99 21.83 -20.08
N PRO DB 70 -90.38 21.80 -21.36
CA PRO DB 70 -90.07 22.92 -22.25
C PRO DB 70 -91.03 24.07 -21.97
N THR DB 71 -90.53 25.29 -22.06
CA THR DB 71 -91.32 26.42 -21.64
C THR DB 71 -91.69 27.29 -22.84
N VAL DB 72 -92.74 28.08 -22.65
CA VAL DB 72 -93.16 29.07 -23.61
C VAL DB 72 -93.48 30.35 -22.84
N ASN DB 73 -93.14 31.48 -23.42
CA ASN DB 73 -93.43 32.74 -22.78
C ASN DB 73 -94.82 33.21 -23.13
N LEU DB 74 -95.35 34.14 -22.33
CA LEU DB 74 -96.60 34.79 -22.70
C LEU DB 74 -96.42 35.75 -23.86
N ASP DB 75 -95.18 36.10 -24.17
CA ASP DB 75 -94.89 37.02 -25.27
C ASP DB 75 -95.32 36.43 -26.60
N LYS DB 76 -95.09 35.13 -26.80
CA LYS DB 76 -95.55 34.45 -27.99
C LYS DB 76 -96.44 33.27 -27.60
N LEU DB 77 -97.40 33.59 -26.73
CA LEU DB 77 -98.45 32.64 -26.33
C LEU DB 77 -99.45 32.42 -27.45
N TRP DB 78 -99.84 33.49 -28.14
CA TRP DB 78 -100.89 33.41 -29.14
C TRP DB 78 -100.44 32.82 -30.46
N THR DB 79 -99.14 32.53 -30.62
CA THR DB 79 -98.68 31.91 -31.85
C THR DB 79 -98.96 30.41 -31.87
N LEU DB 80 -99.38 29.86 -30.73
CA LEU DB 80 -99.75 28.45 -30.66
C LEU DB 80 -101.06 28.20 -31.38
N VAL DB 81 -101.98 29.10 -31.25
CA VAL DB 81 -103.36 28.94 -31.69
C VAL DB 81 -103.56 29.87 -32.87
N SER DB 82 -104.35 29.44 -33.86
CA SER DB 82 -104.39 30.10 -35.17
C SER DB 82 -104.97 31.50 -35.09
N GLU DB 83 -104.81 32.25 -36.17
CA GLU DB 83 -104.99 33.69 -36.08
C GLU DB 83 -106.46 34.08 -36.13
N GLN DB 84 -107.31 33.26 -36.75
CA GLN DB 84 -108.73 33.53 -36.69
C GLN DB 84 -109.32 33.28 -35.32
N THR DB 85 -108.66 32.50 -34.45
CA THR DB 85 -109.10 32.41 -33.06
C THR DB 85 -108.94 33.75 -32.36
N ARG DB 86 -107.79 34.39 -32.55
CA ARG DB 86 -107.54 35.70 -31.97
C ARG DB 86 -108.49 36.75 -32.55
N VAL DB 87 -108.72 36.71 -33.86
CA VAL DB 87 -109.65 37.65 -34.50
C VAL DB 87 -111.07 37.44 -33.97
N ASN DB 88 -111.56 36.20 -33.98
CA ASN DB 88 -112.92 35.93 -33.56
C ASN DB 88 -113.09 36.07 -32.06
N ALA DB 89 -112.00 36.04 -31.29
CA ALA DB 89 -112.10 36.29 -29.86
C ALA DB 89 -112.14 37.79 -29.58
N ALA DB 90 -111.39 38.57 -30.36
CA ALA DB 90 -111.46 40.03 -30.20
C ALA DB 90 -112.72 40.60 -30.84
N LYS DB 91 -113.45 39.80 -31.60
CA LYS DB 91 -114.65 40.28 -32.26
C LYS DB 91 -115.91 40.05 -31.43
N ASN DB 92 -115.97 38.94 -30.69
CA ASN DB 92 -117.23 38.51 -30.07
C ASN DB 92 -117.59 39.39 -28.86
N LYS DB 93 -118.88 39.72 -28.77
CA LYS DB 93 -119.37 40.53 -27.65
C LYS DB 93 -119.80 39.63 -26.49
N THR DB 94 -119.83 38.32 -26.71
CA THR DB 94 -120.38 37.38 -25.74
C THR DB 94 -119.48 37.24 -24.52
N GLY DB 95 -118.17 37.26 -24.72
CA GLY DB 95 -117.26 37.10 -23.60
C GLY DB 95 -116.72 35.69 -23.52
N ALA DB 96 -116.57 35.06 -24.68
CA ALA DB 96 -116.10 33.69 -24.77
C ALA DB 96 -114.61 33.72 -25.08
N ALA DB 97 -113.80 33.34 -24.12
CA ALA DB 97 -112.36 33.31 -24.29
C ALA DB 97 -111.94 32.05 -25.01
N PRO DB 98 -110.97 32.11 -25.91
CA PRO DB 98 -110.47 30.88 -26.52
C PRO DB 98 -109.60 30.11 -25.55
N ILE DB 99 -109.49 28.81 -25.78
CA ILE DB 99 -108.78 27.93 -24.88
C ILE DB 99 -107.46 27.53 -25.53
N ILE DB 100 -106.35 27.89 -24.89
CA ILE DB 100 -105.03 27.57 -25.40
C ILE DB 100 -104.54 26.39 -24.59
N ASP DB 101 -104.59 25.21 -25.20
CA ASP DB 101 -103.95 24.04 -24.62
C ASP DB 101 -102.48 24.08 -25.02
N VAL DB 102 -101.64 24.64 -24.15
CA VAL DB 102 -100.21 24.78 -24.36
C VAL DB 102 -99.54 23.41 -24.51
N VAL DB 103 -100.08 22.39 -23.86
CA VAL DB 103 -99.49 21.06 -23.89
C VAL DB 103 -99.65 20.42 -25.27
N ARG DB 104 -100.74 20.75 -25.97
CA ARG DB 104 -100.94 20.30 -27.34
C ARG DB 104 -99.83 20.78 -28.27
N SER DB 105 -99.38 22.01 -28.06
CA SER DB 105 -98.39 22.61 -28.94
C SER DB 105 -96.97 22.27 -28.53
N GLY DB 106 -96.79 21.49 -27.47
CA GLY DB 106 -95.50 20.93 -27.16
C GLY DB 106 -94.72 21.62 -26.05
N TYR DB 107 -95.42 22.29 -25.14
CA TYR DB 107 -94.79 23.01 -24.04
C TYR DB 107 -95.48 22.61 -22.75
N TYR DB 108 -94.76 22.72 -21.64
CA TYR DB 108 -95.30 22.27 -20.35
C TYR DB 108 -95.48 23.42 -19.37
N LYS DB 109 -94.50 24.31 -19.27
CA LYS DB 109 -94.60 25.43 -18.36
C LYS DB 109 -94.81 26.73 -19.13
N VAL DB 110 -95.70 27.56 -18.63
CA VAL DB 110 -95.86 28.91 -19.15
C VAL DB 110 -95.02 29.81 -18.26
N LEU DB 111 -94.18 30.62 -18.87
CA LEU DB 111 -93.42 31.65 -18.20
C LEU DB 111 -93.94 33.01 -18.65
N GLY DB 112 -93.93 33.99 -17.77
CA GLY DB 112 -94.52 35.23 -18.22
C GLY DB 112 -93.62 36.40 -18.53
N LYS DB 113 -93.21 36.55 -19.78
CA LYS DB 113 -92.23 37.57 -20.15
C LYS DB 113 -92.86 38.80 -20.80
N GLY DB 114 -93.56 38.63 -21.89
CA GLY DB 114 -93.93 39.80 -22.65
C GLY DB 114 -95.24 40.41 -22.24
N LYS DB 115 -95.60 41.47 -22.96
CA LYS DB 115 -96.92 42.06 -22.86
C LYS DB 115 -97.93 41.17 -23.56
N LEU DB 116 -99.08 41.00 -22.95
CA LEU DB 116 -100.11 40.15 -23.46
C LEU DB 116 -101.30 40.99 -23.88
N PRO DB 117 -101.93 40.71 -25.02
CA PRO DB 117 -103.01 41.57 -25.50
C PRO DB 117 -104.27 41.45 -24.66
N LYS DB 118 -105.13 42.47 -24.77
CA LYS DB 118 -106.17 42.71 -23.78
C LYS DB 118 -107.45 41.95 -24.13
N GLN DB 119 -107.33 40.63 -24.15
CA GLN DB 119 -108.49 39.78 -24.40
C GLN DB 119 -108.32 38.46 -23.67
N PRO DB 120 -109.39 37.92 -23.09
CA PRO DB 120 -109.24 36.80 -22.15
C PRO DB 120 -108.82 35.51 -22.83
N VAL DB 121 -108.14 34.66 -22.06
CA VAL DB 121 -107.71 33.35 -22.52
C VAL DB 121 -108.08 32.33 -21.46
N ILE DB 122 -108.00 31.06 -21.87
CA ILE DB 122 -107.98 29.95 -20.94
C ILE DB 122 -106.71 29.18 -21.27
N VAL DB 123 -105.69 29.29 -20.44
CA VAL DB 123 -104.41 28.65 -20.73
C VAL DB 123 -104.35 27.33 -19.99
N LYS DB 124 -104.44 26.23 -20.73
CA LYS DB 124 -104.34 24.88 -20.18
C LYS DB 124 -102.89 24.44 -20.25
N ALA DB 125 -102.14 24.69 -19.19
CA ALA DB 125 -100.75 24.27 -19.14
C ALA DB 125 -100.54 23.37 -17.95
N LYS DB 126 -99.33 22.85 -17.86
CA LYS DB 126 -99.00 21.84 -16.87
C LYS DB 126 -98.38 22.48 -15.64
N PHE DB 127 -97.56 23.51 -15.85
CA PHE DB 127 -97.03 24.35 -14.80
C PHE DB 127 -97.20 25.79 -15.22
N PHE DB 128 -97.19 26.68 -14.23
CA PHE DB 128 -97.30 28.11 -14.45
C PHE DB 128 -96.27 28.84 -13.62
N SER DB 129 -95.81 29.94 -14.15
CA SER DB 129 -95.00 30.87 -13.40
C SER DB 129 -95.93 31.73 -12.56
N ARG DB 130 -95.37 32.45 -11.58
CA ARG DB 130 -96.23 33.31 -10.77
C ARG DB 130 -96.62 34.55 -11.55
N ARG DB 131 -95.64 35.17 -12.21
CA ARG DB 131 -95.88 36.35 -13.03
C ARG DB 131 -96.78 36.01 -14.21
N ALA DB 132 -96.64 34.81 -14.76
CA ALA DB 132 -97.46 34.38 -15.89
C ALA DB 132 -98.93 34.29 -15.50
N GLU DB 133 -99.20 33.69 -14.34
CA GLU DB 133 -100.55 33.61 -13.83
C GLU DB 133 -101.10 35.00 -13.55
N GLU DB 134 -100.28 35.90 -12.98
CA GLU DB 134 -100.75 37.25 -12.70
C GLU DB 134 -101.10 38.01 -13.97
N LYS DB 135 -100.36 37.79 -15.07
CA LYS DB 135 -100.70 38.47 -16.32
C LYS DB 135 -101.97 37.91 -16.92
N ILE DB 136 -102.14 36.58 -16.89
CA ILE DB 136 -103.34 35.96 -17.46
C ILE DB 136 -104.58 36.36 -16.67
N LYS DB 137 -104.45 36.56 -15.36
CA LYS DB 137 -105.58 37.08 -14.60
C LYS DB 137 -105.78 38.57 -14.88
N GLY DB 138 -104.69 39.32 -15.03
CA GLY DB 138 -104.82 40.76 -15.18
C GLY DB 138 -105.36 41.18 -16.53
N VAL DB 139 -105.20 40.31 -17.53
CA VAL DB 139 -105.91 40.49 -18.80
C VAL DB 139 -107.39 40.18 -18.61
N GLY DB 140 -107.69 39.34 -17.64
CA GLY DB 140 -108.95 38.64 -17.58
C GLY DB 140 -108.63 37.29 -18.16
N GLY DB 141 -109.00 36.22 -17.51
CA GLY DB 141 -108.54 34.93 -17.96
C GLY DB 141 -108.27 33.99 -16.83
N ALA DB 142 -108.03 32.75 -17.19
CA ALA DB 142 -107.85 31.71 -16.21
C ALA DB 142 -106.60 30.92 -16.52
N CYS DB 143 -106.14 30.17 -15.53
CA CYS DB 143 -105.01 29.28 -15.67
C CYS DB 143 -105.48 27.89 -15.26
N VAL DB 144 -105.94 27.14 -16.25
CA VAL DB 144 -106.38 25.76 -16.02
C VAL DB 144 -105.15 24.87 -15.95
N LEU DB 145 -105.05 24.09 -14.90
CA LEU DB 145 -103.97 23.12 -14.79
C LEU DB 145 -104.34 21.83 -15.51
N VAL DB 146 -103.32 21.05 -15.82
CA VAL DB 146 -103.48 19.81 -16.53
C VAL DB 146 -102.42 18.86 -15.98
N ALA DB 147 -102.60 17.56 -16.22
CA ALA DB 147 -101.65 16.61 -15.69
C ALA DB 147 -100.92 15.81 -16.76
N ALA EB 1 -23.48 27.34 -19.48
CA ALA EB 1 -24.48 27.78 -20.44
C ALA EB 1 -25.36 28.86 -19.85
N LYS EB 2 -24.75 29.98 -19.47
CA LYS EB 2 -25.52 31.08 -18.93
C LYS EB 2 -26.13 31.89 -20.06
N SER EB 3 -26.85 32.95 -19.69
CA SER EB 3 -27.57 33.76 -20.67
C SER EB 3 -27.76 35.15 -20.11
N LYS EB 4 -28.68 35.89 -20.73
CA LYS EB 4 -28.92 37.25 -20.30
C LYS EB 4 -30.11 37.30 -19.36
N ASN EB 5 -30.00 38.12 -18.33
CA ASN EB 5 -30.89 38.04 -17.17
C ASN EB 5 -32.11 38.93 -17.32
N HIS EB 6 -31.93 40.11 -17.92
CA HIS EB 6 -32.96 41.13 -17.98
C HIS EB 6 -32.47 42.24 -18.90
N THR EB 7 -33.37 42.79 -19.70
CA THR EB 7 -33.07 44.06 -20.34
C THR EB 7 -34.38 44.81 -20.52
N THR EB 8 -34.27 46.13 -20.64
CA THR EB 8 -35.38 47.00 -20.95
C THR EB 8 -35.03 47.76 -22.21
N HIS EB 9 -34.30 47.08 -23.10
CA HIS EB 9 -33.54 47.78 -24.12
C HIS EB 9 -34.42 48.29 -25.25
N ASN EB 10 -35.10 47.38 -25.94
CA ASN EB 10 -35.88 47.74 -27.10
C ASN EB 10 -37.22 48.36 -26.72
N GLN EB 11 -37.58 48.32 -25.44
CA GLN EB 11 -38.98 48.25 -25.03
C GLN EB 11 -39.73 49.55 -25.25
N SER EB 12 -39.07 50.68 -25.10
CA SER EB 12 -39.74 51.96 -25.31
C SER EB 12 -40.02 52.21 -26.77
N ARG EB 13 -39.27 51.58 -27.67
CA ARG EB 13 -39.56 51.67 -29.09
C ARG EB 13 -40.80 50.86 -29.44
N LYS EB 14 -40.94 49.69 -28.82
CA LYS EB 14 -42.14 48.89 -29.05
C LYS EB 14 -43.36 49.53 -28.43
N TRP EB 15 -43.20 50.19 -27.29
CA TRP EB 15 -44.32 50.85 -26.63
C TRP EB 15 -44.88 51.98 -27.48
N HIS EB 16 -44.02 52.77 -28.09
CA HIS EB 16 -44.48 53.90 -28.88
C HIS EB 16 -44.69 53.56 -30.35
N ARG EB 17 -44.43 52.31 -30.75
CA ARG EB 17 -44.91 51.85 -32.06
C ARG EB 17 -46.41 52.04 -32.22
N ASN EB 18 -47.20 51.51 -31.29
CA ASN EB 18 -48.63 51.77 -31.35
C ASN EB 18 -49.05 52.86 -30.39
N GLY EB 19 -48.10 53.65 -29.93
CA GLY EB 19 -48.35 54.79 -29.06
C GLY EB 19 -48.55 54.39 -27.63
N ILE EB 20 -48.29 55.29 -26.70
CA ILE EB 20 -48.74 55.05 -25.33
C ILE EB 20 -50.02 55.83 -25.14
N LYS EB 21 -51.14 55.14 -25.30
CA LYS EB 21 -52.43 55.82 -25.32
C LYS EB 21 -52.90 56.12 -23.91
N LYS EB 22 -53.31 57.37 -23.70
CA LYS EB 22 -53.94 57.75 -22.46
C LYS EB 22 -55.29 57.05 -22.33
N PRO EB 23 -55.73 56.75 -21.10
CA PRO EB 23 -57.02 56.06 -20.95
C PRO EB 23 -58.17 56.93 -21.41
N ARG EB 24 -59.16 56.30 -22.01
CA ARG EB 24 -60.12 57.01 -22.85
C ARG EB 24 -61.05 57.86 -22.00
N SER EB 25 -61.06 59.15 -22.27
CA SER EB 25 -61.94 60.07 -21.57
C SER EB 25 -63.37 59.89 -22.04
N GLN EB 26 -64.28 59.84 -21.08
CA GLN EB 26 -65.70 59.63 -21.34
C GLN EB 26 -66.46 60.30 -20.21
N ARG EB 27 -67.47 61.11 -20.53
CA ARG EB 27 -68.23 61.70 -19.45
C ARG EB 27 -69.15 60.65 -18.87
N TYR EB 28 -69.63 60.90 -17.65
CA TYR EB 28 -70.29 59.91 -16.82
C TYR EB 28 -69.41 58.70 -16.56
N GLU EB 29 -68.44 58.82 -15.66
CA GLU EB 29 -67.85 57.62 -15.09
C GLU EB 29 -68.87 56.83 -14.28
N SER EB 30 -68.51 55.59 -13.99
CA SER EB 30 -69.36 54.73 -13.21
C SER EB 30 -69.27 55.07 -11.73
N LEU EB 31 -70.04 54.34 -10.93
CA LEU EB 31 -70.12 54.56 -9.50
C LEU EB 31 -69.73 53.32 -8.71
N LYS EB 32 -68.82 52.52 -9.26
CA LYS EB 32 -68.12 51.50 -8.50
C LYS EB 32 -67.11 52.17 -7.60
N GLY EB 33 -66.96 51.67 -6.39
CA GLY EB 33 -65.97 52.21 -5.48
C GLY EB 33 -66.43 53.43 -4.74
N VAL EB 34 -67.66 53.85 -4.98
CA VAL EB 34 -68.28 54.96 -4.27
C VAL EB 34 -69.05 54.36 -3.10
N ASP EB 35 -68.94 54.99 -1.94
CA ASP EB 35 -69.33 54.41 -0.66
C ASP EB 35 -70.81 54.06 -0.57
N PRO EB 36 -71.17 52.97 0.12
CA PRO EB 36 -72.54 52.44 0.02
C PRO EB 36 -73.65 53.28 0.62
N LYS EB 37 -73.40 54.01 1.71
CA LYS EB 37 -74.48 54.78 2.35
C LYS EB 37 -74.85 55.98 1.49
N PHE EB 38 -73.85 56.65 0.94
CA PHE EB 38 -74.04 57.71 -0.04
C PHE EB 38 -74.76 57.21 -1.28
N LEU EB 39 -74.45 56.00 -1.74
CA LEU EB 39 -75.01 55.54 -2.99
C LEU EB 39 -76.44 55.06 -2.80
N ARG EB 40 -76.76 54.51 -1.61
CA ARG EB 40 -78.15 54.31 -1.24
C ARG EB 40 -78.94 55.61 -1.27
N ASN EB 41 -78.43 56.65 -0.60
CA ASN EB 41 -79.12 57.94 -0.59
C ASN EB 41 -79.32 58.48 -1.99
N MET EB 42 -78.32 58.32 -2.85
CA MET EB 42 -78.42 58.84 -4.21
C MET EB 42 -79.44 58.05 -5.02
N ARG EB 43 -79.53 56.74 -4.77
CA ARG EB 43 -80.59 55.93 -5.36
C ARG EB 43 -81.97 56.37 -4.91
N PHE EB 44 -82.14 56.73 -3.64
CA PHE EB 44 -83.46 57.19 -3.21
C PHE EB 44 -83.77 58.58 -3.77
N ALA EB 45 -82.76 59.43 -3.91
CA ALA EB 45 -82.97 60.75 -4.49
C ALA EB 45 -83.26 60.67 -5.98
N LYS EB 46 -82.71 59.68 -6.67
CA LYS EB 46 -83.07 59.44 -8.07
C LYS EB 46 -84.44 58.80 -8.19
N LYS EB 47 -84.78 57.92 -7.25
CA LYS EB 47 -86.06 57.23 -7.25
C LYS EB 47 -87.22 58.19 -7.08
N HIS EB 48 -87.13 59.09 -6.10
CA HIS EB 48 -88.25 59.95 -5.80
C HIS EB 48 -88.23 61.27 -6.56
N ASN EB 49 -87.53 61.36 -7.70
CA ASN EB 49 -87.56 62.57 -8.51
C ASN EB 49 -88.92 62.83 -9.10
N LYS EB 50 -89.71 61.78 -9.30
CA LYS EB 50 -91.03 61.92 -9.93
C LYS EB 50 -92.03 62.57 -9.00
N LYS EB 51 -91.72 62.62 -7.70
CA LYS EB 51 -92.62 63.20 -6.71
C LYS EB 51 -92.77 64.70 -6.91
N GLY EB 52 -91.66 65.40 -7.15
CA GLY EB 52 -91.71 66.81 -7.45
C GLY EB 52 -91.69 67.12 -8.94
N LEU EB 53 -92.55 66.45 -9.69
CA LEU EB 53 -92.63 66.62 -11.14
C LEU EB 53 -93.51 67.80 -11.52
N LYS EB 54 -94.61 68.00 -10.80
CA LYS EB 54 -95.55 69.05 -11.17
C LYS EB 54 -95.01 70.44 -10.84
N LYS EB 55 -94.36 70.59 -9.68
CA LYS EB 55 -93.85 71.90 -9.29
C LYS EB 55 -92.64 72.29 -10.13
N MET EB 56 -91.83 71.31 -10.51
CA MET EB 56 -90.71 71.57 -11.41
C MET EB 56 -91.19 72.05 -12.77
N GLN EB 57 -92.21 71.39 -13.32
CA GLN EB 57 -92.76 71.77 -14.62
C GLN EB 57 -93.45 73.12 -14.55
N ALA EB 58 -94.21 73.37 -13.48
CA ALA EB 58 -94.89 74.65 -13.32
C ALA EB 58 -93.91 75.79 -13.16
N ASN EB 59 -92.82 75.55 -12.44
CA ASN EB 59 -91.85 76.62 -12.22
C ASN EB 59 -91.03 76.86 -13.49
N ASN EB 60 -90.78 75.82 -14.28
CA ASN EB 60 -90.18 76.03 -15.60
C ASN EB 60 -91.09 76.81 -16.52
N ALA EB 61 -92.40 76.54 -16.48
CA ALA EB 61 -93.36 77.28 -17.30
C ALA EB 61 -93.44 78.76 -16.89
N LYS EB 62 -93.41 79.03 -15.59
CA LYS EB 62 -93.42 80.42 -15.16
C LYS EB 62 -92.10 81.11 -15.47
N ALA EB 63 -91.00 80.36 -15.51
CA ALA EB 63 -89.74 80.91 -16.00
C ALA EB 63 -89.83 81.27 -17.48
N MET EB 64 -90.45 80.40 -18.28
CA MET EB 64 -90.71 80.70 -19.70
C MET EB 64 -91.55 81.96 -19.85
N ALA EB 65 -92.55 82.13 -18.98
CA ALA EB 65 -93.40 83.31 -19.04
C ALA EB 65 -92.63 84.57 -18.69
N ALA EB 66 -91.72 84.49 -17.70
CA ALA EB 66 -90.92 85.66 -17.35
C ALA EB 66 -89.91 86.01 -18.45
N ARG EB 67 -89.34 84.99 -19.11
CA ARG EB 67 -88.46 85.23 -20.26
C ARG EB 67 -89.21 85.87 -21.41
N ALA EB 68 -90.41 85.36 -21.71
CA ALA EB 68 -91.20 85.89 -22.83
C ALA EB 68 -91.68 87.30 -22.54
N GLU EB 69 -92.03 87.59 -21.28
CA GLU EB 69 -92.40 88.95 -20.92
C GLU EB 69 -91.19 89.89 -20.93
N ALA EB 70 -90.00 89.38 -20.62
CA ALA EB 70 -88.80 90.22 -20.72
C ALA EB 70 -88.46 90.56 -22.16
N ILE EB 71 -88.58 89.59 -23.06
CA ILE EB 71 -88.37 89.85 -24.48
C ILE EB 71 -89.47 90.75 -25.05
N LYS EB 72 -90.71 90.60 -24.56
CA LYS EB 72 -91.80 91.47 -24.98
C LYS EB 72 -91.61 92.89 -24.46
N ALA EB 73 -91.01 93.04 -23.27
CA ALA EB 73 -90.68 94.35 -22.75
C ALA EB 73 -89.43 94.91 -23.42
N LEU EB 74 -88.62 94.04 -24.03
CA LEU EB 74 -87.43 94.50 -24.74
C LEU EB 74 -87.83 95.17 -26.05
N VAL EB 75 -88.57 94.46 -26.89
CA VAL EB 75 -89.10 95.00 -28.13
C VAL EB 75 -90.62 95.06 -28.04
N VAL EB 88 -57.29 99.58 -45.07
CA VAL EB 88 -55.93 100.09 -44.91
C VAL EB 88 -55.75 101.37 -45.70
N SER EB 89 -56.67 101.62 -46.61
CA SER EB 89 -56.62 102.79 -47.48
C SER EB 89 -58.00 102.99 -48.08
N ARG EB 90 -58.13 104.06 -48.86
CA ARG EB 90 -59.38 104.29 -49.60
C ARG EB 90 -59.40 103.48 -50.89
N LYS EB 91 -58.24 103.38 -51.55
CA LYS EB 91 -58.16 102.68 -52.83
C LYS EB 91 -58.41 101.20 -52.69
N LEU EB 92 -57.77 100.55 -51.71
CA LEU EB 92 -57.91 99.10 -51.60
C LEU EB 92 -59.27 98.72 -51.06
N HIS EB 93 -59.83 99.55 -50.18
CA HIS EB 93 -61.19 99.32 -49.71
C HIS EB 93 -62.20 99.50 -50.83
N ARG EB 94 -62.01 100.51 -51.67
CA ARG EB 94 -62.97 100.77 -52.74
C ARG EB 94 -62.84 99.74 -53.86
N LEU EB 95 -61.63 99.26 -54.13
CA LEU EB 95 -61.47 98.24 -55.17
C LEU EB 95 -61.92 96.88 -54.67
N ALA EB 96 -61.75 96.59 -53.38
CA ALA EB 96 -62.30 95.36 -52.83
C ALA EB 96 -63.82 95.44 -52.73
N TYR EB 97 -64.35 96.66 -52.67
CA TYR EB 97 -65.80 96.84 -52.75
C TYR EB 97 -66.31 96.57 -54.15
N ILE EB 98 -65.63 97.11 -55.16
CA ILE EB 98 -66.00 96.86 -56.56
C ILE EB 98 -65.80 95.39 -56.93
N ALA EB 99 -64.82 94.73 -56.32
CA ALA EB 99 -64.34 93.45 -56.82
C ALA EB 99 -65.30 92.31 -56.54
N HIS EB 100 -65.85 92.22 -55.33
CA HIS EB 100 -66.58 91.01 -55.00
C HIS EB 100 -68.06 91.18 -55.35
N PRO EB 101 -68.71 90.11 -55.83
CA PRO EB 101 -69.96 90.29 -56.58
C PRO EB 101 -71.19 90.67 -55.76
N LYS EB 102 -71.23 90.29 -54.49
CA LYS EB 102 -72.40 90.54 -53.65
C LYS EB 102 -72.64 92.04 -53.46
N LEU EB 103 -71.57 92.80 -53.26
CA LEU EB 103 -71.74 94.23 -53.02
C LEU EB 103 -71.18 95.05 -54.16
N GLY EB 104 -70.53 94.42 -55.12
CA GLY EB 104 -69.91 95.20 -56.18
C GLY EB 104 -70.56 95.09 -57.54
N ARG EB 105 -71.80 94.61 -57.59
CA ARG EB 105 -72.43 94.34 -58.87
C ARG EB 105 -72.84 95.62 -59.58
N ARG EB 106 -73.41 96.56 -58.82
CA ARG EB 106 -73.85 97.82 -59.41
C ARG EB 106 -72.67 98.69 -59.80
N ALA EB 107 -71.55 98.60 -59.08
CA ALA EB 107 -70.36 99.38 -59.44
C ALA EB 107 -69.74 98.87 -60.73
N ARG EB 108 -69.70 97.55 -60.92
CA ARG EB 108 -69.17 97.00 -62.16
C ARG EB 108 -70.13 97.27 -63.32
N ALA EB 109 -71.44 97.28 -63.06
CA ALA EB 109 -72.39 97.66 -64.10
C ALA EB 109 -72.26 99.14 -64.46
N ARG EB 110 -71.97 99.99 -63.46
CA ARG EB 110 -71.81 101.42 -63.73
C ARG EB 110 -70.54 101.70 -64.52
N ILE EB 111 -69.46 100.95 -64.23
CA ILE EB 111 -68.26 101.04 -65.05
C ILE EB 111 -68.52 100.51 -66.45
N ALA EB 112 -69.34 99.46 -66.57
CA ALA EB 112 -69.67 98.90 -67.88
C ALA EB 112 -70.46 99.90 -68.73
N ARG EB 113 -71.39 100.62 -68.12
CA ARG EB 113 -72.11 101.67 -68.84
C ARG EB 113 -71.28 102.94 -68.96
N GLY EB 114 -70.17 103.04 -68.22
CA GLY EB 114 -69.29 104.18 -68.37
C GLY EB 114 -68.27 104.04 -69.48
N LEU EB 115 -67.91 102.80 -69.82
CA LEU EB 115 -67.01 102.59 -70.96
C LEU EB 115 -67.70 102.87 -72.29
N ARG EB 116 -69.03 102.88 -72.31
CA ARG EB 116 -69.77 103.24 -73.50
C ARG EB 116 -69.82 104.75 -73.72
N SER FB 1 -0.73 -77.17 24.07
CA SER FB 1 0.46 -77.99 23.84
C SER FB 1 0.79 -78.05 22.35
N LEU FB 2 0.75 -76.89 21.70
CA LEU FB 2 1.20 -76.80 20.31
C LEU FB 2 2.71 -76.93 20.21
N GLU FB 3 3.42 -76.54 21.27
CA GLU FB 3 4.86 -76.78 21.35
C GLU FB 3 5.17 -78.26 21.36
N SER FB 4 4.33 -79.05 22.02
CA SER FB 4 4.48 -80.50 22.02
C SER FB 4 4.31 -81.06 20.62
N ILE FB 5 3.34 -80.55 19.86
CA ILE FB 5 3.10 -81.03 18.51
C ILE FB 5 4.25 -80.65 17.59
N ASN FB 6 4.81 -79.45 17.76
CA ASN FB 6 5.92 -79.04 16.91
C ASN FB 6 7.20 -79.81 17.25
N SER FB 7 7.38 -80.13 18.54
CA SER FB 7 8.55 -80.93 18.93
C SER FB 7 8.44 -82.37 18.47
N ARG FB 8 7.24 -82.95 18.53
CA ARG FB 8 7.05 -84.31 18.02
C ARG FB 8 7.20 -84.35 16.51
N LEU FB 9 6.77 -83.30 15.81
CA LEU FB 9 7.01 -83.20 14.38
C LEU FB 9 8.49 -83.13 14.06
N GLN FB 10 9.23 -82.33 14.83
CA GLN FB 10 10.68 -82.21 14.64
C GLN FB 10 11.38 -83.55 14.85
N LEU FB 11 10.93 -84.31 15.84
CA LEU FB 11 11.51 -85.62 16.10
C LEU FB 11 11.14 -86.62 15.01
N VAL FB 12 9.95 -86.50 14.43
CA VAL FB 12 9.55 -87.38 13.33
C VAL FB 12 10.34 -87.08 12.07
N MET FB 13 10.56 -85.80 11.77
CA MET FB 13 11.39 -85.43 10.63
C MET FB 13 12.82 -85.90 10.81
N LYS FB 14 13.34 -85.82 12.03
CA LYS FB 14 14.72 -86.21 12.28
C LYS FB 14 14.90 -87.72 12.22
N SER FB 15 13.92 -88.46 12.74
CA SER FB 15 14.02 -89.91 12.85
C SER FB 15 13.24 -90.67 11.77
N GLY FB 16 11.95 -90.40 11.65
CA GLY FB 16 11.06 -91.31 10.96
C GLY FB 16 10.89 -91.06 9.48
N LYS FB 17 9.91 -91.75 8.91
CA LYS FB 17 9.53 -91.64 7.51
C LYS FB 17 8.26 -90.81 7.38
N TYR FB 18 8.24 -89.95 6.37
CA TYR FB 18 7.11 -89.05 6.18
C TYR FB 18 6.95 -88.76 4.70
N VAL FB 19 5.85 -88.08 4.38
CA VAL FB 19 5.57 -87.61 3.02
C VAL FB 19 5.01 -86.20 3.15
N LEU FB 20 5.66 -85.25 2.50
CA LEU FB 20 5.19 -83.88 2.47
C LEU FB 20 4.43 -83.62 1.19
N GLY FB 21 3.26 -83.02 1.32
CA GLY FB 21 2.45 -82.70 0.16
C GLY FB 21 1.13 -83.44 0.15
N TYR FB 22 0.34 -83.16 -0.88
CA TYR FB 22 -1.02 -83.69 -0.95
C TYR FB 22 -1.11 -84.87 -1.91
N LYS FB 23 -0.54 -84.71 -3.10
CA LYS FB 23 -0.69 -85.70 -4.16
C LYS FB 23 0.03 -87.00 -3.80
N GLN FB 24 1.02 -86.90 -2.92
CA GLN FB 24 1.85 -88.03 -2.55
C GLN FB 24 1.37 -88.66 -1.25
N SER FB 25 0.94 -87.83 -0.31
CA SER FB 25 0.31 -88.36 0.90
C SER FB 25 -1.04 -88.99 0.60
N LEU FB 26 -1.69 -88.56 -0.48
CA LEU FB 26 -2.94 -89.18 -0.90
C LEU FB 26 -2.70 -90.60 -1.36
N LYS FB 27 -1.59 -90.84 -2.05
CA LYS FB 27 -1.19 -92.19 -2.44
C LYS FB 27 -0.78 -93.00 -1.22
N MET FB 28 -0.22 -92.34 -0.21
CA MET FB 28 0.15 -93.09 0.99
C MET FB 28 -1.07 -93.49 1.81
N ILE FB 29 -2.09 -92.64 1.88
CA ILE FB 29 -3.36 -93.06 2.47
C ILE FB 29 -4.00 -94.16 1.64
N ARG FB 30 -3.82 -94.09 0.33
CA ARG FB 30 -4.45 -95.06 -0.56
C ARG FB 30 -3.77 -96.42 -0.46
N GLN FB 31 -2.47 -96.44 -0.14
CA GLN FB 31 -1.77 -97.71 0.01
C GLN FB 31 -1.82 -98.23 1.44
N GLY FB 32 -2.46 -97.49 2.34
CA GLY FB 32 -2.57 -97.94 3.71
C GLY FB 32 -1.28 -97.79 4.47
N LYS FB 33 -0.38 -96.95 3.98
CA LYS FB 33 0.90 -96.73 4.64
C LYS FB 33 0.85 -95.57 5.61
N ALA FB 34 -0.08 -94.65 5.43
CA ALA FB 34 -0.16 -93.46 6.26
C ALA FB 34 -0.78 -93.78 7.59
N LYS FB 35 -0.09 -93.44 8.68
CA LYS FB 35 -0.59 -93.71 10.01
C LYS FB 35 -1.14 -92.46 10.69
N LEU FB 36 -0.78 -91.28 10.20
CA LEU FB 36 -1.33 -90.03 10.69
C LEU FB 36 -1.26 -89.03 9.56
N VAL FB 37 -2.33 -88.26 9.37
CA VAL FB 37 -2.36 -87.22 8.36
C VAL FB 37 -2.55 -85.88 9.04
N ILE FB 38 -1.66 -84.95 8.78
CA ILE FB 38 -1.68 -83.65 9.45
C ILE FB 38 -1.99 -82.58 8.43
N LEU FB 39 -3.00 -81.75 8.72
CA LEU FB 39 -3.54 -80.78 7.78
C LEU FB 39 -3.34 -79.39 8.34
N ALA FB 40 -2.94 -78.45 7.47
CA ALA FB 40 -2.95 -77.05 7.81
C ALA FB 40 -4.39 -76.55 7.89
N ASN FB 41 -4.59 -75.38 8.51
CA ASN FB 41 -5.96 -74.91 8.66
C ASN FB 41 -6.39 -74.02 7.49
N ASN FB 42 -5.51 -73.73 6.56
CA ASN FB 42 -5.91 -73.08 5.32
C ASN FB 42 -5.84 -73.99 4.10
N CYS FB 43 -5.87 -75.31 4.29
CA CYS FB 43 -6.11 -76.18 3.17
C CYS FB 43 -7.56 -75.98 2.72
N PRO FB 44 -7.83 -76.12 1.42
CA PRO FB 44 -9.22 -75.96 0.95
C PRO FB 44 -10.10 -77.03 1.55
N ALA FB 45 -11.32 -76.64 1.92
CA ALA FB 45 -12.20 -77.55 2.64
C ALA FB 45 -12.67 -78.70 1.77
N LEU FB 46 -12.61 -78.53 0.45
CA LEU FB 46 -12.77 -79.66 -0.46
C LEU FB 46 -11.66 -80.68 -0.24
N ARG FB 47 -10.42 -80.22 -0.20
CA ARG FB 47 -9.30 -81.13 0.02
C ARG FB 47 -9.22 -81.57 1.48
N LYS FB 48 -9.76 -80.76 2.39
CA LYS FB 48 -9.81 -81.17 3.79
C LYS FB 48 -10.78 -82.33 4.00
N SER FB 49 -12.01 -82.19 3.52
CA SER FB 49 -12.95 -83.29 3.63
C SER FB 49 -12.59 -84.45 2.71
N GLU FB 50 -11.83 -84.19 1.65
CA GLU FB 50 -11.28 -85.26 0.82
C GLU FB 50 -10.30 -86.13 1.60
N ILE FB 51 -9.32 -85.50 2.27
CA ILE FB 51 -8.38 -86.18 3.15
C ILE FB 51 -9.10 -86.93 4.26
N GLU FB 52 -10.09 -86.29 4.88
CA GLU FB 52 -10.76 -86.92 6.02
C GLU FB 52 -11.62 -88.10 5.58
N TYR FB 53 -12.17 -88.05 4.36
CA TYR FB 53 -12.92 -89.21 3.86
C TYR FB 53 -11.98 -90.35 3.53
N TYR FB 54 -10.82 -90.06 2.93
CA TYR FB 54 -9.86 -91.13 2.66
C TYR FB 54 -9.29 -91.72 3.93
N ALA FB 55 -9.12 -90.92 4.97
CA ALA FB 55 -8.65 -91.46 6.23
C ALA FB 55 -9.76 -92.12 7.02
N MET FB 56 -11.01 -91.82 6.71
CA MET FB 56 -12.11 -92.62 7.21
C MET FB 56 -12.13 -93.99 6.57
N LEU FB 57 -11.82 -94.05 5.28
CA LEU FB 57 -11.78 -95.33 4.58
C LEU FB 57 -10.57 -96.15 4.97
N ALA FB 58 -9.43 -95.49 5.13
CA ALA FB 58 -8.18 -96.20 5.43
C ALA FB 58 -7.93 -96.35 6.92
N LYS FB 59 -8.78 -95.76 7.76
CA LYS FB 59 -8.72 -95.83 9.23
C LYS FB 59 -7.40 -95.25 9.75
N THR FB 60 -7.20 -94.01 9.37
CA THR FB 60 -6.01 -93.23 9.67
C THR FB 60 -6.44 -92.01 10.48
N GLY FB 61 -5.62 -91.62 11.45
CA GLY FB 61 -5.90 -90.42 12.19
C GLY FB 61 -5.70 -89.17 11.36
N VAL FB 62 -6.52 -88.15 11.64
CA VAL FB 62 -6.36 -86.84 11.03
C VAL FB 62 -6.12 -85.85 12.15
N HIS FB 63 -4.99 -85.16 12.09
CA HIS FB 63 -4.71 -84.10 13.03
C HIS FB 63 -4.80 -82.76 12.33
N HIS FB 64 -5.64 -81.87 12.83
CA HIS FB 64 -5.77 -80.55 12.25
C HIS FB 64 -4.80 -79.62 12.95
N TYR FB 65 -3.70 -79.30 12.26
CA TYR FB 65 -2.66 -78.46 12.83
C TYR FB 65 -3.20 -77.05 12.99
N SER FB 66 -2.70 -76.34 14.01
CA SER FB 66 -3.27 -75.05 14.35
C SER FB 66 -2.91 -73.98 13.33
N GLY FB 67 -1.67 -73.95 12.88
CA GLY FB 67 -1.24 -72.90 11.99
C GLY FB 67 -1.65 -73.14 10.56
N ASN FB 68 -1.26 -72.21 9.70
CA ASN FB 68 -1.50 -72.39 8.27
C ASN FB 68 -0.35 -73.13 7.63
N ASN FB 69 -0.35 -73.16 6.29
CA ASN FB 69 0.62 -74.00 5.58
C ASN FB 69 2.04 -73.43 5.65
N ILE FB 70 2.16 -72.14 5.92
CA ILE FB 70 3.47 -71.56 6.19
C ILE FB 70 4.00 -72.06 7.53
N GLU FB 71 3.12 -72.17 8.53
CA GLU FB 71 3.55 -72.61 9.84
C GLU FB 71 3.83 -74.11 9.89
N LEU FB 72 3.14 -74.91 9.08
CA LEU FB 72 3.45 -76.34 9.06
C LEU FB 72 4.70 -76.60 8.24
N GLY FB 73 4.99 -75.72 7.28
CA GLY FB 73 6.26 -75.79 6.59
C GLY FB 73 7.42 -75.42 7.49
N THR FB 74 7.20 -74.43 8.35
CA THR FB 74 8.21 -74.10 9.35
C THR FB 74 8.37 -75.22 10.36
N ALA FB 75 7.26 -75.83 10.77
CA ALA FB 75 7.30 -76.87 11.80
C ALA FB 75 7.88 -78.17 11.27
N CYS FB 76 7.80 -78.38 9.95
CA CYS FB 76 8.47 -79.54 9.35
C CYS FB 76 9.95 -79.27 9.10
N GLY FB 77 10.43 -78.08 9.44
CA GLY FB 77 11.80 -77.72 9.19
C GLY FB 77 12.08 -77.30 7.77
N LYS FB 78 11.06 -76.90 7.03
CA LYS FB 78 11.20 -76.65 5.61
C LYS FB 78 11.17 -75.17 5.33
N TYR FB 79 11.56 -74.79 4.12
CA TYR FB 79 11.49 -73.38 3.75
C TYR FB 79 10.38 -73.14 2.74
N TYR FB 80 9.55 -74.15 2.52
CA TYR FB 80 8.37 -73.99 1.70
C TYR FB 80 7.13 -74.25 2.53
N ARG FB 81 5.96 -74.09 1.92
CA ARG FB 81 4.74 -74.25 2.69
C ARG FB 81 4.05 -75.55 2.34
N VAL FB 82 3.34 -76.12 3.31
CA VAL FB 82 2.76 -77.45 3.14
C VAL FB 82 1.46 -77.57 3.93
N CYS FB 83 0.41 -78.03 3.26
CA CYS FB 83 -0.85 -78.33 3.90
C CYS FB 83 -0.93 -79.75 4.42
N THR FB 84 -0.72 -80.74 3.55
CA THR FB 84 -0.97 -82.11 3.94
C THR FB 84 0.35 -82.81 4.22
N LEU FB 85 0.35 -83.63 5.27
CA LEU FB 85 1.52 -84.33 5.76
C LEU FB 85 1.10 -85.70 6.25
N SER FB 86 1.56 -86.75 5.60
CA SER FB 86 1.31 -88.10 6.07
C SER FB 86 2.57 -88.61 6.76
N ILE FB 87 2.41 -89.16 7.94
CA ILE FB 87 3.50 -89.76 8.70
C ILE FB 87 3.41 -91.26 8.48
N ILE FB 88 4.43 -91.83 7.83
CA ILE FB 88 4.43 -93.26 7.56
C ILE FB 88 4.94 -94.03 8.76
N ASP FB 89 6.21 -93.80 9.13
CA ASP FB 89 6.77 -94.30 10.37
C ASP FB 89 7.12 -93.14 11.28
N PRO FB 90 6.66 -93.14 12.53
CA PRO FB 90 7.22 -92.19 13.50
C PRO FB 90 8.68 -92.46 13.78
N GLY FB 91 9.09 -93.72 13.66
CA GLY FB 91 10.46 -94.13 13.80
C GLY FB 91 10.84 -94.25 15.25
N ASP FB 92 11.17 -93.11 15.86
CA ASP FB 92 11.44 -93.01 17.29
C ASP FB 92 10.74 -91.74 17.77
N SER FB 93 9.46 -91.87 18.07
CA SER FB 93 8.65 -90.74 18.49
C SER FB 93 7.46 -91.30 19.23
N ASP FB 94 6.52 -90.42 19.56
CA ASP FB 94 5.32 -90.81 20.29
C ASP FB 94 4.13 -90.05 19.73
N ILE FB 95 4.17 -89.78 18.42
CA ILE FB 95 3.20 -88.85 17.82
C ILE FB 95 1.88 -89.55 17.53
N ILE FB 96 1.91 -90.84 17.17
CA ILE FB 96 0.68 -91.54 16.87
C ILE FB 96 0.09 -92.16 18.12
N ARG FB 97 0.83 -92.08 19.24
CA ARG FB 97 0.32 -92.63 20.48
C ARG FB 97 -0.48 -91.59 21.26
N SER FB 98 -0.55 -90.37 20.76
CA SER FB 98 -1.30 -89.31 21.42
C SER FB 98 -2.46 -88.83 20.54
N ASN GB 1 27.46 -17.42 -102.37
CA ASN GB 1 27.73 -16.15 -101.72
C ASN GB 1 26.63 -15.87 -100.70
N GLU GB 2 25.52 -16.59 -100.82
CA GLU GB 2 24.49 -16.55 -99.78
C GLU GB 2 24.70 -17.66 -98.77
N VAL GB 3 24.67 -18.92 -99.21
CA VAL GB 3 24.78 -20.04 -98.29
C VAL GB 3 26.22 -20.22 -97.83
N VAL GB 4 26.49 -19.76 -96.60
CA VAL GB 4 27.82 -19.79 -96.02
C VAL GB 4 27.72 -20.50 -94.68
N THR GB 5 28.62 -21.43 -94.43
CA THR GB 5 28.82 -22.01 -93.11
C THR GB 5 30.22 -21.64 -92.64
N ARG GB 6 30.35 -21.40 -91.34
CA ARG GB 6 31.60 -20.88 -90.78
C ARG GB 6 31.62 -21.02 -89.26
N GLU GB 7 32.83 -21.18 -88.74
CA GLU GB 7 33.06 -21.45 -87.33
C GLU GB 7 33.27 -20.16 -86.55
N TYR GB 8 32.66 -20.10 -85.37
CA TYR GB 8 32.90 -19.01 -84.46
C TYR GB 8 33.14 -19.57 -83.08
N THR GB 9 33.91 -18.86 -82.27
CA THR GB 9 33.81 -19.05 -80.83
C THR GB 9 33.19 -17.80 -80.24
N ILE GB 10 32.18 -18.02 -79.41
CA ILE GB 10 31.49 -16.93 -78.71
C ILE GB 10 31.99 -16.92 -77.28
N ASN GB 11 32.61 -15.81 -76.86
CA ASN GB 11 32.89 -15.59 -75.46
C ASN GB 11 31.56 -15.30 -74.77
N ILE GB 12 30.93 -16.32 -74.23
CA ILE GB 12 29.68 -16.14 -73.50
C ILE GB 12 29.92 -15.39 -72.21
N HIS GB 13 31.09 -15.56 -71.61
CA HIS GB 13 31.39 -15.04 -70.28
C HIS GB 13 31.34 -13.52 -70.22
N LYS GB 14 31.59 -12.83 -71.34
CA LYS GB 14 31.49 -11.38 -71.33
C LYS GB 14 30.21 -10.87 -71.95
N ARG GB 15 29.25 -11.75 -72.21
CA ARG GB 15 27.91 -11.37 -72.64
C ARG GB 15 26.90 -11.71 -71.56
N ILE GB 16 27.33 -12.49 -70.58
CA ILE GB 16 26.47 -13.00 -69.53
C ILE GB 16 26.79 -12.29 -68.22
N HIS GB 17 27.62 -11.26 -68.29
CA HIS GB 17 28.20 -10.68 -67.08
C HIS GB 17 27.21 -9.78 -66.36
N GLY GB 18 26.96 -10.10 -65.10
CA GLY GB 18 26.14 -9.26 -64.27
C GLY GB 18 24.73 -9.76 -64.06
N VAL GB 19 24.23 -10.59 -64.97
CA VAL GB 19 22.85 -11.03 -64.86
C VAL GB 19 22.71 -12.02 -63.71
N GLY GB 20 21.48 -12.11 -63.18
CA GLY GB 20 21.26 -12.89 -61.99
C GLY GB 20 21.32 -14.38 -62.26
N PHE GB 21 21.30 -15.18 -61.19
CA PHE GB 21 21.59 -16.60 -61.30
C PHE GB 21 20.53 -17.36 -62.08
N LYS GB 22 19.27 -16.96 -61.95
CA LYS GB 22 18.20 -17.66 -62.66
C LYS GB 22 18.05 -17.24 -64.10
N LYS GB 23 18.94 -16.40 -64.61
CA LYS GB 23 18.79 -15.84 -65.94
C LYS GB 23 20.12 -15.80 -66.64
N ARG GB 24 20.89 -16.89 -66.58
CA ARG GB 24 22.17 -16.90 -67.29
C ARG GB 24 22.13 -17.79 -68.52
N ALA GB 25 21.60 -18.99 -68.39
CA ALA GB 25 21.36 -19.81 -69.58
C ALA GB 25 20.29 -19.24 -70.53
N PRO GB 26 19.16 -18.67 -70.06
CA PRO GB 26 18.31 -17.94 -71.04
C PRO GB 26 18.97 -16.74 -71.69
N ARG GB 27 19.72 -15.92 -70.95
CA ARG GB 27 20.43 -14.82 -71.58
C ARG GB 27 21.53 -15.30 -72.49
N ALA GB 28 22.18 -16.42 -72.17
CA ALA GB 28 23.19 -16.96 -73.07
C ALA GB 28 22.58 -17.37 -74.39
N LEU GB 29 21.37 -17.93 -74.35
CA LEU GB 29 20.65 -18.23 -75.58
C LEU GB 29 20.30 -16.94 -76.34
N LYS GB 30 19.89 -15.89 -75.62
CA LYS GB 30 19.53 -14.64 -76.27
C LYS GB 30 20.73 -13.95 -76.91
N GLU GB 31 21.92 -14.06 -76.32
CA GLU GB 31 23.08 -13.44 -76.96
C GLU GB 31 23.69 -14.31 -78.04
N ILE GB 32 23.49 -15.63 -78.02
CA ILE GB 32 23.87 -16.42 -79.19
C ILE GB 32 22.97 -16.07 -80.36
N ARG GB 33 21.68 -15.86 -80.11
CA ARG GB 33 20.76 -15.46 -81.16
C ARG GB 33 21.05 -14.04 -81.65
N LYS GB 34 21.41 -13.12 -80.75
CA LYS GB 34 21.85 -11.79 -81.19
C LYS GB 34 23.17 -11.83 -81.94
N PHE GB 35 24.07 -12.73 -81.55
CA PHE GB 35 25.33 -12.93 -82.27
C PHE GB 35 25.08 -13.39 -83.68
N ALA GB 36 24.18 -14.36 -83.85
CA ALA GB 36 23.88 -14.87 -85.17
C ALA GB 36 23.14 -13.86 -86.02
N MET GB 37 22.35 -12.98 -85.37
CA MET GB 37 21.75 -11.89 -86.12
C MET GB 37 22.78 -10.85 -86.51
N LYS GB 38 23.85 -10.70 -85.73
CA LYS GB 38 24.82 -9.65 -86.03
C LYS GB 38 25.78 -10.08 -87.14
N GLU GB 39 26.39 -11.26 -87.00
CA GLU GB 39 27.37 -11.67 -88.00
C GLU GB 39 26.73 -12.06 -89.32
N MET GB 40 25.46 -12.43 -89.31
CA MET GB 40 24.71 -12.71 -90.53
C MET GB 40 23.39 -11.96 -90.46
N GLY GB 41 23.13 -11.10 -91.43
CA GLY GB 41 21.95 -10.27 -91.34
C GLY GB 41 20.63 -10.96 -91.60
N THR GB 42 20.38 -12.07 -90.92
CA THR GB 42 19.14 -12.82 -91.05
C THR GB 42 18.41 -12.72 -89.73
N PRO GB 43 17.20 -12.16 -89.71
CA PRO GB 43 16.45 -12.11 -88.44
C PRO GB 43 15.93 -13.46 -88.00
N ASP GB 44 15.73 -14.40 -88.93
CA ASP GB 44 15.29 -15.72 -88.54
C ASP GB 44 16.48 -16.61 -88.21
N VAL GB 45 16.77 -16.72 -86.92
CA VAL GB 45 17.86 -17.53 -86.40
C VAL GB 45 17.27 -18.73 -85.68
N ARG GB 46 17.62 -19.93 -86.13
CA ARG GB 46 17.13 -21.16 -85.52
C ARG GB 46 18.30 -21.90 -84.92
N ILE GB 47 18.29 -21.99 -83.59
CA ILE GB 47 19.43 -22.56 -82.89
C ILE GB 47 19.16 -24.02 -82.51
N ASP GB 48 20.14 -24.88 -82.78
CA ASP GB 48 20.00 -26.32 -82.69
C ASP GB 48 19.80 -26.78 -81.25
N THR GB 49 19.22 -27.96 -81.09
CA THR GB 49 18.90 -28.46 -79.75
C THR GB 49 20.14 -29.04 -79.06
N ARG GB 50 21.14 -29.46 -79.82
CA ARG GB 50 22.38 -29.91 -79.20
C ARG GB 50 23.16 -28.74 -78.63
N LEU GB 51 23.02 -27.57 -79.24
CA LEU GB 51 23.58 -26.35 -78.66
C LEU GB 51 22.79 -25.91 -77.43
N ASN GB 52 21.48 -26.16 -77.41
CA ASN GB 52 20.69 -25.92 -76.21
C ASN GB 52 21.18 -26.78 -75.06
N LYS GB 53 21.47 -28.05 -75.33
CA LYS GB 53 22.02 -28.93 -74.32
C LYS GB 53 23.42 -28.49 -73.90
N ALA GB 54 24.20 -27.97 -74.85
CA ALA GB 54 25.57 -27.54 -74.56
C ALA GB 54 25.62 -26.33 -73.66
N VAL GB 55 24.72 -25.37 -73.86
CA VAL GB 55 24.69 -24.20 -72.99
C VAL GB 55 24.17 -24.57 -71.62
N TRP GB 56 23.12 -25.37 -71.56
CA TRP GB 56 22.54 -25.83 -70.31
C TRP GB 56 23.27 -27.03 -69.70
N ALA GB 57 24.53 -27.27 -70.07
CA ALA GB 57 25.22 -28.50 -69.68
C ALA GB 57 25.53 -28.51 -68.19
N LYS GB 58 25.80 -27.35 -67.61
CA LYS GB 58 26.03 -27.31 -66.19
C LYS GB 58 24.73 -26.99 -65.46
N GLY GB 59 24.13 -25.86 -65.77
CA GLY GB 59 22.90 -25.49 -65.10
C GLY GB 59 22.39 -24.16 -65.62
N ILE GB 60 21.55 -23.53 -64.82
CA ILE GB 60 21.06 -22.21 -65.18
C ILE GB 60 22.02 -21.14 -64.67
N ARG GB 61 22.89 -21.49 -63.73
CA ARG GB 61 23.84 -20.51 -63.21
C ARG GB 61 25.13 -20.55 -63.98
N ASN GB 62 25.78 -21.71 -63.96
CA ASN GB 62 27.10 -21.88 -64.54
C ASN GB 62 26.94 -22.19 -66.02
N VAL GB 63 27.38 -21.27 -66.86
CA VAL GB 63 27.25 -21.42 -68.30
C VAL GB 63 28.69 -21.45 -68.77
N PRO GB 64 29.05 -22.23 -69.80
CA PRO GB 64 30.44 -22.24 -70.26
C PRO GB 64 30.93 -20.89 -70.74
N TYR GB 65 32.23 -20.63 -70.54
CA TYR GB 65 32.76 -19.30 -70.79
C TYR GB 65 32.87 -19.02 -72.27
N ARG GB 66 33.52 -19.90 -73.02
CA ARG GB 66 33.46 -19.85 -74.46
C ARG GB 66 32.67 -21.05 -74.95
N ILE GB 67 32.17 -20.93 -76.16
CA ILE GB 67 31.53 -22.06 -76.84
C ILE GB 67 31.91 -21.95 -78.30
N ARG GB 68 32.11 -23.09 -78.95
CA ARG GB 68 32.44 -23.07 -80.36
C ARG GB 68 31.18 -23.37 -81.14
N VAL GB 69 30.91 -22.54 -82.14
CA VAL GB 69 29.61 -22.47 -82.81
C VAL GB 69 29.83 -22.42 -84.31
N ARG GB 70 29.16 -23.30 -85.05
CA ARG GB 70 29.18 -23.28 -86.51
C ARG GB 70 27.91 -22.56 -86.96
N LEU GB 71 28.07 -21.50 -87.73
CA LEU GB 71 27.00 -20.57 -88.05
C LEU GB 71 26.73 -20.64 -89.54
N SER GB 72 25.56 -21.16 -89.91
CA SER GB 72 25.28 -21.52 -91.30
C SER GB 72 24.09 -20.75 -91.82
N ARG GB 73 24.32 -19.89 -92.81
CA ARG GB 73 23.23 -19.23 -93.52
C ARG GB 73 22.71 -20.16 -94.61
N LYS GB 74 21.39 -20.20 -94.77
CA LYS GB 74 20.75 -21.16 -95.67
C LYS GB 74 19.63 -20.50 -96.43
N ARG GB 75 19.31 -21.07 -97.59
CA ARG GB 75 18.11 -20.66 -98.31
C ARG GB 75 16.90 -21.27 -97.65
N ASN GB 76 15.82 -20.50 -97.60
CA ASN GB 76 14.67 -20.89 -96.79
C ASN GB 76 13.84 -21.92 -97.54
N GLU GB 77 13.40 -22.94 -96.81
CA GLU GB 77 12.45 -23.93 -97.32
C GLU GB 77 11.07 -23.27 -97.34
N ASP GB 78 10.07 -23.95 -97.88
CA ASP GB 78 8.68 -23.47 -97.99
C ASP GB 78 8.09 -23.31 -96.58
N GLU GB 79 6.86 -22.80 -96.46
CA GLU GB 79 6.43 -21.78 -95.48
C GLU GB 79 7.16 -20.47 -95.77
N ASP GB 80 6.92 -19.97 -96.98
CA ASP GB 80 7.56 -18.76 -97.49
C ASP GB 80 7.10 -17.56 -96.67
N SER GB 81 8.05 -16.67 -96.39
CA SER GB 81 7.98 -15.83 -95.20
C SER GB 81 8.48 -14.44 -95.56
N PRO GB 82 8.45 -13.45 -94.65
CA PRO GB 82 9.22 -12.22 -94.91
C PRO GB 82 10.72 -12.44 -95.00
N ASN GB 83 11.26 -13.45 -94.33
CA ASN GB 83 12.70 -13.68 -94.32
C ASN GB 83 13.08 -14.63 -95.45
N LYS GB 84 13.94 -14.17 -96.35
CA LYS GB 84 14.35 -14.98 -97.49
C LYS GB 84 15.32 -16.08 -97.07
N LEU GB 85 16.03 -15.89 -95.98
CA LEU GB 85 17.08 -16.81 -95.55
C LEU GB 85 17.00 -17.03 -94.04
N TYR GB 86 17.49 -18.19 -93.60
CA TYR GB 86 17.54 -18.48 -92.17
C TYR GB 86 18.93 -18.95 -91.79
N THR GB 87 19.32 -18.62 -90.57
CA THR GB 87 20.61 -19.01 -90.02
C THR GB 87 20.41 -20.14 -89.02
N LEU GB 88 21.05 -21.27 -89.28
CA LEU GB 88 21.09 -22.39 -88.35
C LEU GB 88 22.35 -22.29 -87.52
N VAL GB 89 22.21 -22.46 -86.21
CA VAL GB 89 23.32 -22.28 -85.27
C VAL GB 89 23.62 -23.63 -84.64
N THR GB 90 24.78 -24.18 -84.94
CA THR GB 90 25.14 -25.55 -84.58
C THR GB 90 26.22 -25.52 -83.52
N TYR GB 91 26.39 -26.64 -82.82
CA TYR GB 91 27.40 -26.75 -81.78
C TYR GB 91 28.59 -27.59 -82.21
N VAL GB 92 29.78 -27.11 -81.86
CA VAL GB 92 31.04 -27.74 -82.23
C VAL GB 92 31.81 -28.13 -80.96
N PRO GB 93 31.91 -29.43 -80.65
CA PRO GB 93 32.68 -29.83 -79.47
C PRO GB 93 34.16 -29.63 -79.68
N VAL GB 94 34.79 -28.90 -78.75
CA VAL GB 94 36.16 -28.44 -78.88
C VAL GB 94 36.83 -28.61 -77.52
N THR GB 95 38.01 -29.24 -77.54
CA THR GB 95 38.72 -29.54 -76.30
C THR GB 95 39.24 -28.26 -75.65
N THR GB 96 39.83 -27.36 -76.44
CA THR GB 96 40.35 -26.14 -75.87
C THR GB 96 40.18 -24.99 -76.86
N PHE GB 97 39.83 -23.83 -76.32
CA PHE GB 97 39.55 -22.64 -77.10
C PHE GB 97 40.79 -21.79 -77.26
N LYS GB 98 41.91 -22.39 -77.66
CA LYS GB 98 43.19 -21.71 -77.68
C LYS GB 98 43.62 -21.53 -79.13
N ASN GB 99 43.82 -20.27 -79.50
CA ASN GB 99 44.26 -19.85 -80.83
C ASN GB 99 43.27 -20.30 -81.90
N LEU GB 100 41.98 -20.19 -81.59
CA LEU GB 100 40.88 -20.54 -82.48
C LEU GB 100 40.40 -19.28 -83.20
N GLN GB 101 40.74 -19.16 -84.47
CA GLN GB 101 40.29 -18.07 -85.31
C GLN GB 101 38.89 -18.39 -85.81
N THR GB 102 38.24 -17.40 -86.41
CA THR GB 102 36.93 -17.66 -87.02
C THR GB 102 37.20 -18.33 -88.36
N VAL GB 103 37.06 -19.64 -88.38
CA VAL GB 103 37.40 -20.45 -89.55
C VAL GB 103 36.19 -20.48 -90.48
N ASN GB 104 36.43 -20.18 -91.75
CA ASN GB 104 35.43 -20.27 -92.82
C ASN GB 104 35.47 -21.69 -93.36
N VAL GB 105 34.62 -22.57 -92.82
CA VAL GB 105 34.62 -23.96 -93.25
C VAL GB 105 34.01 -24.09 -94.65
N ASP GB 106 34.53 -25.05 -95.41
CA ASP GB 106 34.25 -25.14 -96.84
C ASP GB 106 33.30 -26.27 -97.17
N GLU GB 107 32.38 -25.98 -98.09
CA GLU GB 107 31.27 -26.86 -98.42
C GLU GB 107 31.64 -27.85 -99.52
N ALA HB 1 -43.96 47.22 -99.76
CA ALA HB 1 -45.20 47.65 -99.11
C ALA HB 1 -45.69 46.63 -98.11
N ALA HB 2 -45.22 46.74 -96.87
CA ALA HB 2 -45.80 45.94 -95.80
C ALA HB 2 -46.88 46.74 -95.11
N LEU HB 3 -47.70 46.04 -94.31
CA LEU HB 3 -48.82 46.67 -93.63
C LEU HB 3 -48.28 47.50 -92.48
N ARG HB 4 -48.62 48.80 -92.46
CA ARG HB 4 -48.14 49.73 -91.45
C ARG HB 4 -49.09 49.81 -90.28
N PRO HB 5 -48.57 50.01 -89.07
CA PRO HB 5 -49.43 50.25 -87.92
C PRO HB 5 -50.05 51.65 -87.99
N LEU HB 6 -50.99 51.90 -87.08
CA LEU HB 6 -51.67 53.18 -87.07
C LEU HB 6 -50.73 54.31 -86.70
N VAL HB 7 -50.21 54.27 -85.48
CA VAL HB 7 -49.21 55.20 -85.01
C VAL HB 7 -47.99 54.38 -84.61
N LYS HB 8 -46.81 54.93 -84.82
CA LYS HB 8 -45.56 54.23 -84.52
C LYS HB 8 -44.84 54.98 -83.40
N PRO HB 9 -45.06 54.57 -82.16
CA PRO HB 9 -44.31 55.15 -81.05
C PRO HB 9 -42.88 54.63 -81.01
N LYS HB 10 -42.07 55.29 -80.19
CA LYS HB 10 -40.72 54.82 -79.96
C LYS HB 10 -40.73 53.84 -78.79
N ILE HB 11 -40.55 52.56 -79.08
CA ILE HB 11 -40.55 51.57 -78.02
C ILE HB 11 -39.24 51.66 -77.26
N VAL HB 12 -39.30 52.13 -76.04
CA VAL HB 12 -38.15 52.17 -75.16
C VAL HB 12 -38.26 51.05 -74.13
N LYS HB 13 -37.18 50.29 -73.98
CA LYS HB 13 -37.15 49.17 -73.06
C LYS HB 13 -36.11 49.45 -72.01
N LYS HB 14 -36.50 49.28 -70.75
CA LYS HB 14 -35.62 49.63 -69.64
C LYS HB 14 -34.48 48.63 -69.52
N ARG HB 15 -34.68 47.42 -70.02
CA ARG HB 15 -33.65 46.41 -70.04
C ARG HB 15 -33.95 45.47 -71.19
N THR HB 16 -32.92 45.06 -71.92
CA THR HB 16 -33.07 44.09 -72.99
C THR HB 16 -32.51 42.73 -72.64
N LYS HB 17 -31.64 42.64 -71.64
CA LYS HB 17 -31.09 41.35 -71.25
C LYS HB 17 -32.13 40.55 -70.47
N LYS HB 18 -31.92 39.24 -70.44
CA LYS HB 18 -32.72 38.38 -69.59
C LYS HB 18 -32.21 38.46 -68.16
N PHE HB 19 -33.13 38.52 -67.22
CA PHE HB 19 -32.78 38.33 -65.81
C PHE HB 19 -32.47 36.85 -65.64
N ILE HB 20 -31.19 36.50 -65.76
CA ILE HB 20 -30.80 35.11 -65.59
C ILE HB 20 -30.80 34.77 -64.12
N ARG HB 21 -30.91 33.49 -63.82
CA ARG HB 21 -31.01 33.02 -62.45
C ARG HB 21 -29.63 33.04 -61.81
N HIS HB 22 -29.62 33.12 -60.50
CA HIS HB 22 -28.39 33.11 -59.74
C HIS HB 22 -27.75 31.72 -59.76
N GLN HB 23 -26.46 31.68 -60.12
CA GLN HB 23 -25.65 30.48 -60.25
C GLN HB 23 -26.19 29.48 -61.27
N SER HB 24 -26.76 29.97 -62.36
CA SER HB 24 -27.14 29.08 -63.44
C SER HB 24 -26.04 28.95 -64.47
N ASP HB 25 -24.99 29.77 -64.34
CA ASP HB 25 -23.81 29.61 -65.17
C ASP HB 25 -22.96 28.45 -64.68
N ARG HB 26 -22.95 28.20 -63.38
CA ARG HB 26 -22.10 27.18 -62.78
C ARG HB 26 -22.63 25.77 -63.02
N TYR HB 27 -23.94 25.62 -63.02
CA TYR HB 27 -24.55 24.30 -62.97
C TYR HB 27 -25.43 24.06 -64.18
N VAL HB 28 -25.71 22.78 -64.45
CA VAL HB 28 -26.63 22.42 -65.50
C VAL HB 28 -27.97 21.99 -64.90
N LYS HB 29 -27.95 21.57 -63.63
CA LYS HB 29 -29.19 21.34 -62.90
C LYS HB 29 -29.94 22.62 -62.63
N ILE HB 30 -29.25 23.74 -62.66
CA ILE HB 30 -29.86 25.04 -62.48
C ILE HB 30 -30.13 25.64 -63.86
N LYS HB 31 -31.41 25.83 -64.19
CA LYS HB 31 -31.83 26.40 -65.46
C LYS HB 31 -31.75 27.93 -65.38
N ARG HB 32 -32.02 28.58 -66.50
CA ARG HB 32 -31.87 30.03 -66.56
C ARG HB 32 -33.11 30.78 -66.08
N ASN HB 33 -34.23 30.09 -65.85
CA ASN HB 33 -35.48 30.72 -65.44
C ASN HB 33 -35.34 31.32 -64.06
N TRP HB 34 -35.86 32.54 -63.90
CA TRP HB 34 -35.65 33.30 -62.68
C TRP HB 34 -36.31 32.65 -61.48
N ARG HB 35 -35.50 32.34 -60.47
CA ARG HB 35 -35.97 32.02 -59.13
C ARG HB 35 -35.34 33.02 -58.19
N LYS HB 36 -36.16 33.63 -57.33
CA LYS HB 36 -35.67 34.59 -56.35
C LYS HB 36 -34.78 33.90 -55.34
N PRO HB 37 -33.55 34.37 -55.14
CA PRO HB 37 -32.73 33.91 -54.02
C PRO HB 37 -33.42 34.13 -52.68
N ARG HB 38 -33.39 33.11 -51.83
CA ARG HB 38 -33.95 33.26 -50.50
C ARG HB 38 -32.97 32.76 -49.47
N GLY HB 39 -31.71 32.95 -49.70
CA GLY HB 39 -30.72 32.54 -48.74
C GLY HB 39 -30.46 33.61 -47.74
N ILE HB 40 -29.99 33.17 -46.59
CA ILE HB 40 -29.79 34.11 -45.50
C ILE HB 40 -28.49 34.89 -45.70
N ASP HB 41 -27.54 34.33 -46.43
CA ASP HB 41 -26.25 34.94 -46.69
C ASP HB 41 -26.02 35.07 -48.18
N ASN HB 42 -27.02 35.53 -48.90
CA ASN HB 42 -26.93 35.55 -50.35
C ASN HB 42 -26.71 36.95 -50.87
N ARG HB 43 -25.72 37.07 -51.76
CA ARG HB 43 -25.23 38.27 -52.41
C ARG HB 43 -26.27 38.97 -53.28
N VAL HB 44 -27.03 38.19 -54.04
CA VAL HB 44 -27.99 38.75 -54.98
C VAL HB 44 -29.21 39.25 -54.25
N ARG HB 45 -29.63 38.54 -53.21
CA ARG HB 45 -30.87 38.85 -52.52
C ARG HB 45 -30.76 40.16 -51.76
N ARG HB 46 -29.57 40.52 -51.34
CA ARG HB 46 -29.36 41.75 -50.62
C ARG HB 46 -28.53 42.76 -51.40
N ARG HB 47 -28.46 42.61 -52.72
CA ARG HB 47 -28.12 43.70 -53.66
C ARG HB 47 -26.69 44.18 -53.49
N PHE HB 48 -25.74 43.25 -53.39
CA PHE HB 48 -24.35 43.65 -53.38
C PHE HB 48 -23.97 44.23 -54.72
N LYS HB 49 -22.89 45.00 -54.72
CA LYS HB 49 -22.48 45.71 -55.92
C LYS HB 49 -21.85 44.72 -56.89
N GLY HB 50 -22.30 44.78 -58.15
CA GLY HB 50 -21.72 43.97 -59.20
C GLY HB 50 -22.22 42.54 -59.23
N GLN HB 51 -23.45 42.30 -58.79
CA GLN HB 51 -24.04 40.98 -58.77
C GLN HB 51 -25.09 40.87 -59.87
N ILE HB 52 -25.68 39.68 -59.95
CA ILE HB 52 -26.87 39.44 -60.76
C ILE HB 52 -28.01 40.30 -60.24
N LEU HB 53 -28.76 40.89 -61.16
CA LEU HB 53 -29.84 41.81 -60.83
C LEU HB 53 -31.12 41.04 -60.53
N MET HB 54 -32.09 41.74 -59.95
CA MET HB 54 -33.34 41.09 -59.65
C MET HB 54 -34.48 41.81 -60.36
N PRO HB 55 -35.51 41.10 -60.79
CA PRO HB 55 -36.67 41.74 -61.40
C PRO HB 55 -37.57 42.50 -60.46
N ASN HB 56 -37.62 43.81 -60.66
CA ASN HB 56 -38.52 44.68 -59.92
C ASN HB 56 -39.69 45.08 -60.80
N ILE HB 57 -40.67 45.73 -60.20
CA ILE HB 57 -41.69 46.37 -61.03
C ILE HB 57 -41.15 47.64 -61.66
N GLY HB 58 -39.97 48.12 -61.23
CA GLY HB 58 -39.41 49.31 -61.81
C GLY HB 58 -38.94 49.15 -63.25
N TYR HB 59 -38.73 47.92 -63.68
CA TYR HB 59 -38.31 47.66 -65.05
C TYR HB 59 -39.47 47.57 -66.02
N GLY HB 60 -40.69 47.87 -65.60
CA GLY HB 60 -41.84 47.57 -66.41
C GLY HB 60 -41.97 48.48 -67.62
N SER HB 61 -42.45 47.91 -68.72
CA SER HB 61 -42.63 48.60 -69.98
C SER HB 61 -43.68 49.68 -69.87
N ASN HB 62 -43.53 50.70 -70.71
CA ASN HB 62 -44.54 51.73 -70.89
C ASN HB 62 -45.83 51.09 -71.37
N LYS HB 63 -46.96 51.55 -70.84
CA LYS HB 63 -48.23 50.91 -71.12
C LYS HB 63 -48.68 51.18 -72.55
N LYS HB 64 -48.16 52.24 -73.16
CA LYS HB 64 -48.42 52.48 -74.58
C LYS HB 64 -47.73 51.46 -75.46
N THR HB 65 -46.53 51.04 -75.08
CA THR HB 65 -45.70 50.21 -75.93
C THR HB 65 -45.42 48.83 -75.35
N LYS HB 66 -46.30 48.33 -74.49
CA LYS HB 66 -46.13 47.03 -73.86
C LYS HB 66 -46.81 45.98 -74.72
N HIS HB 67 -46.19 44.80 -74.80
CA HIS HB 67 -46.58 43.64 -75.63
C HIS HB 67 -46.47 43.94 -77.11
N MET HB 68 -45.76 45.00 -77.46
CA MET HB 68 -45.77 45.57 -78.79
C MET HB 68 -44.54 45.11 -79.56
N LEU HB 69 -44.76 44.65 -80.78
CA LEU HB 69 -43.74 44.10 -81.64
C LEU HB 69 -42.82 45.20 -82.12
N PRO HB 70 -41.65 44.87 -82.67
CA PRO HB 70 -40.82 45.94 -83.25
C PRO HB 70 -41.40 46.55 -84.51
N SER HB 71 -42.39 45.90 -85.14
CA SER HB 71 -43.06 46.50 -86.27
C SER HB 71 -44.04 47.57 -85.84
N GLY HB 72 -44.63 47.43 -84.66
CA GLY HB 72 -45.56 48.41 -84.15
C GLY HB 72 -46.90 47.80 -83.80
N PHE HB 73 -47.09 46.57 -84.23
CA PHE HB 73 -48.33 45.84 -84.00
C PHE HB 73 -48.26 45.08 -82.69
N ARG HB 74 -49.42 44.55 -82.30
CA ARG HB 74 -49.56 43.62 -81.18
C ARG HB 74 -49.98 42.27 -81.74
N LYS HB 75 -49.51 41.18 -81.15
CA LYS HB 75 -49.87 39.88 -81.69
C LYS HB 75 -51.27 39.47 -81.27
N PHE HB 76 -51.87 38.63 -82.09
CA PHE HB 76 -53.04 37.84 -81.70
C PHE HB 76 -52.94 36.52 -82.43
N LEU HB 77 -53.07 35.43 -81.70
CA LEU HB 77 -52.80 34.11 -82.25
C LEU HB 77 -54.08 33.49 -82.79
N VAL HB 78 -53.99 32.92 -84.00
CA VAL HB 78 -55.13 32.59 -84.83
C VAL HB 78 -55.00 31.14 -85.28
N HIS HB 79 -56.08 30.37 -85.14
CA HIS HB 79 -56.06 28.97 -85.51
C HIS HB 79 -56.80 28.66 -86.80
N ASN HB 80 -57.78 29.47 -87.18
CA ASN HB 80 -58.52 29.23 -88.40
C ASN HB 80 -59.03 30.55 -88.95
N VAL HB 81 -59.75 30.46 -90.07
CA VAL HB 81 -60.09 31.63 -90.86
C VAL HB 81 -61.16 32.45 -90.14
N LYS HB 82 -62.01 31.78 -89.35
CA LYS HB 82 -63.08 32.48 -88.64
C LYS HB 82 -62.54 33.37 -87.53
N GLU HB 83 -61.39 33.03 -86.96
CA GLU HB 83 -60.80 33.89 -85.96
C GLU HB 83 -60.08 35.09 -86.55
N LEU HB 84 -59.94 35.15 -87.88
CA LEU HB 84 -59.37 36.35 -88.50
C LEU HB 84 -60.33 37.50 -88.54
N GLU HB 85 -61.61 37.28 -88.89
CA GLU HB 85 -62.54 38.40 -89.07
C GLU HB 85 -62.92 39.06 -87.76
N VAL HB 86 -62.53 38.46 -86.63
CA VAL HB 86 -62.42 39.16 -85.37
C VAL HB 86 -61.54 40.40 -85.51
N LEU HB 87 -60.43 40.26 -86.22
CA LEU HB 87 -59.46 41.34 -86.36
C LEU HB 87 -59.66 42.23 -87.57
N LEU HB 88 -60.81 42.19 -88.27
CA LEU HB 88 -60.93 43.06 -89.44
C LEU HB 88 -61.12 44.50 -89.03
N MET HB 89 -61.62 44.71 -87.82
CA MET HB 89 -61.90 46.05 -87.33
C MET HB 89 -60.78 46.54 -86.43
N CYS HB 90 -60.04 45.64 -85.81
CA CYS HB 90 -58.87 46.02 -85.02
C CYS HB 90 -57.62 45.77 -85.86
N ASN HB 91 -57.54 46.54 -86.94
CA ASN HB 91 -56.74 46.20 -88.10
C ASN HB 91 -55.35 46.83 -88.02
N LYS HB 92 -55.31 48.16 -87.92
CA LYS HB 92 -54.05 48.89 -87.88
C LYS HB 92 -53.30 48.69 -86.58
N SER HB 93 -53.95 48.18 -85.55
CA SER HB 93 -53.34 48.18 -84.23
C SER HB 93 -52.77 46.82 -83.88
N TYR HB 94 -53.51 45.76 -84.11
CA TYR HB 94 -53.12 44.41 -83.71
C TYR HB 94 -52.90 43.60 -84.98
N CYS HB 95 -52.05 42.58 -84.91
CA CYS HB 95 -51.78 41.76 -86.06
C CYS HB 95 -52.01 40.29 -85.75
N ALA HB 96 -51.95 39.47 -86.77
CA ALA HB 96 -52.28 38.06 -86.63
C ALA HB 96 -51.03 37.22 -86.49
N GLU HB 97 -51.25 35.95 -86.15
CA GLU HB 97 -50.18 34.99 -85.93
C GLU HB 97 -50.78 33.61 -86.02
N ILE HB 98 -50.33 32.83 -86.97
CA ILE HB 98 -50.90 31.51 -87.18
C ILE HB 98 -50.20 30.53 -86.25
N ALA HB 99 -50.97 29.69 -85.57
CA ALA HB 99 -50.45 28.78 -84.57
C ALA HB 99 -49.57 27.71 -85.22
N HIS HB 100 -48.78 27.05 -84.38
CA HIS HB 100 -47.75 26.16 -84.91
C HIS HB 100 -48.33 24.90 -85.50
N ASN HB 101 -49.36 24.35 -84.86
CA ASN HB 101 -49.83 23.03 -85.28
C ASN HB 101 -50.89 23.11 -86.35
N VAL HB 102 -51.11 24.29 -86.95
CA VAL HB 102 -52.01 24.41 -88.09
C VAL HB 102 -51.33 23.85 -89.33
N SER HB 103 -52.06 23.03 -90.07
CA SER HB 103 -51.63 22.44 -91.34
C SER HB 103 -51.32 23.51 -92.39
N SER HB 104 -50.54 23.11 -93.40
CA SER HB 104 -50.15 24.05 -94.44
C SER HB 104 -51.31 24.35 -95.38
N LYS HB 105 -52.23 23.40 -95.56
CA LYS HB 105 -53.41 23.65 -96.39
C LYS HB 105 -54.35 24.64 -95.72
N ASN HB 106 -54.27 24.79 -94.41
CA ASN HB 106 -55.11 25.74 -93.72
C ASN HB 106 -54.40 27.06 -93.49
N ARG HB 107 -53.07 27.04 -93.39
CA ARG HB 107 -52.29 28.27 -93.40
C ARG HB 107 -52.44 28.99 -94.72
N LYS HB 108 -52.55 28.24 -95.81
CA LYS HB 108 -52.74 28.83 -97.13
C LYS HB 108 -54.03 29.65 -97.19
N ALA HB 109 -55.11 29.11 -96.64
CA ALA HB 109 -56.38 29.81 -96.60
C ALA HB 109 -56.35 31.00 -95.64
N ILE HB 110 -55.72 30.83 -94.47
CA ILE HB 110 -55.62 31.92 -93.50
C ILE HB 110 -54.81 33.08 -94.07
N VAL HB 111 -53.69 32.80 -94.74
CA VAL HB 111 -52.85 33.86 -95.29
C VAL HB 111 -53.54 34.55 -96.45
N GLU HB 112 -54.28 33.80 -97.29
CA GLU HB 112 -54.99 34.41 -98.40
C GLU HB 112 -56.12 35.33 -97.91
N ARG HB 113 -56.86 34.87 -96.90
CA ARG HB 113 -57.94 35.69 -96.35
C ARG HB 113 -57.40 36.91 -95.60
N ALA HB 114 -56.29 36.76 -94.88
CA ALA HB 114 -55.74 37.89 -94.14
C ALA HB 114 -55.12 38.92 -95.06
N ALA HB 115 -54.61 38.48 -96.22
CA ALA HB 115 -54.20 39.44 -97.24
C ALA HB 115 -55.40 40.19 -97.79
N GLN HB 116 -56.54 39.51 -97.94
CA GLN HB 116 -57.75 40.19 -98.41
C GLN HB 116 -58.25 41.23 -97.40
N LEU HB 117 -58.27 40.89 -96.12
CA LEU HB 117 -58.77 41.81 -95.11
C LEU HB 117 -57.75 42.84 -94.64
N ALA HB 118 -56.59 42.95 -95.31
CA ALA HB 118 -55.49 43.86 -94.97
C ALA HB 118 -54.98 43.67 -93.56
N ILE HB 119 -54.97 42.45 -93.08
CA ILE HB 119 -54.41 42.10 -91.78
C ILE HB 119 -52.98 41.64 -91.98
N ARG HB 120 -52.07 42.16 -91.16
CA ARG HB 120 -50.69 41.69 -91.22
C ARG HB 120 -50.58 40.35 -90.52
N VAL HB 121 -49.83 39.43 -91.11
CA VAL HB 121 -49.49 38.14 -90.52
C VAL HB 121 -48.02 38.20 -90.14
N THR HB 122 -47.70 37.77 -88.91
CA THR HB 122 -46.30 37.72 -88.50
C THR HB 122 -45.53 36.62 -89.23
N ASN HB 123 -46.16 35.48 -89.47
CA ASN HB 123 -45.51 34.34 -90.13
C ASN HB 123 -46.26 33.94 -91.40
N PRO HB 124 -46.16 34.75 -92.46
CA PRO HB 124 -46.99 34.50 -93.63
C PRO HB 124 -46.46 33.43 -94.56
N ASN HB 125 -45.21 33.02 -94.41
CA ASN HB 125 -44.58 32.03 -95.29
C ASN HB 125 -44.10 30.86 -94.45
N ALA HB 126 -45.00 30.35 -93.62
CA ALA HB 126 -44.63 29.50 -92.50
C ALA HB 126 -44.37 28.06 -92.89
N ARG HB 127 -45.11 27.49 -93.84
CA ARG HB 127 -44.75 26.13 -94.24
C ARG HB 127 -44.29 26.07 -95.69
N LEU HB 128 -45.16 26.52 -96.59
CA LEU HB 128 -44.99 26.50 -98.05
C LEU HB 128 -44.68 25.12 -98.61
N SER IB 1 -5.68 70.85 -96.87
CA SER IB 1 -4.48 70.05 -97.11
C SER IB 1 -3.72 69.81 -95.80
N GLY IB 2 -4.43 69.88 -94.69
CA GLY IB 2 -3.81 69.65 -93.40
C GLY IB 2 -4.83 69.16 -92.39
N ARG IB 3 -4.50 69.34 -91.13
CA ARG IB 3 -5.30 68.80 -90.05
C ARG IB 3 -6.36 69.82 -89.64
N LEU IB 4 -7.62 69.39 -89.63
CA LEU IB 4 -8.75 70.23 -89.26
C LEU IB 4 -9.35 69.80 -87.94
N TRP IB 5 -8.56 69.13 -87.10
CA TRP IB 5 -9.06 68.71 -85.79
C TRP IB 5 -7.96 68.83 -84.76
N CYS IB 6 -8.36 68.77 -83.51
CA CYS IB 6 -7.41 68.90 -82.40
C CYS IB 6 -7.20 67.51 -81.81
N LYS IB 7 -6.07 67.35 -81.14
CA LYS IB 7 -5.66 66.04 -80.68
C LYS IB 7 -6.07 65.83 -79.22
N ALA IB 8 -6.96 64.88 -78.97
CA ALA IB 8 -7.41 64.56 -77.62
C ALA IB 8 -7.16 63.10 -77.32
N ILE IB 9 -6.93 62.79 -76.06
CA ILE IB 9 -6.72 61.42 -75.60
C ILE IB 9 -7.90 61.01 -74.74
N PHE IB 10 -8.52 59.89 -75.07
CA PHE IB 10 -9.54 59.30 -74.20
C PHE IB 10 -8.85 58.74 -72.98
N ALA IB 11 -8.90 59.48 -71.88
CA ALA IB 11 -8.18 59.08 -70.68
C ALA IB 11 -8.92 57.97 -69.96
N GLY IB 12 -10.17 58.20 -69.59
CA GLY IB 12 -10.96 57.16 -68.95
C GLY IB 12 -12.41 57.58 -68.92
N TYR IB 13 -13.20 56.80 -68.20
CA TYR IB 13 -14.61 57.13 -68.07
C TYR IB 13 -14.81 58.02 -66.85
N LYS IB 14 -16.00 58.60 -66.75
CA LYS IB 14 -16.35 59.35 -65.55
C LYS IB 14 -16.55 58.38 -64.40
N ARG IB 15 -15.76 58.52 -63.34
CA ARG IB 15 -15.75 57.47 -62.35
C ARG IB 15 -15.60 58.05 -60.95
N GLY IB 16 -16.14 57.33 -59.97
CA GLY IB 16 -15.66 57.37 -58.62
C GLY IB 16 -14.52 56.37 -58.51
N LEU IB 17 -14.10 56.12 -57.28
CA LEU IB 17 -12.95 55.22 -57.16
C LEU IB 17 -13.35 53.78 -57.46
N ARG IB 18 -14.49 53.34 -56.96
CA ARG IB 18 -14.87 51.95 -57.06
C ARG IB 18 -16.12 51.79 -57.91
N ASN IB 19 -16.39 52.78 -58.76
CA ASN IB 19 -17.53 52.82 -59.67
C ASN IB 19 -17.12 53.62 -60.88
N GLN IB 20 -17.36 53.11 -62.08
CA GLN IB 20 -17.21 53.94 -63.26
C GLN IB 20 -18.55 54.05 -63.96
N ARG IB 21 -18.81 55.24 -64.47
CA ARG IB 21 -20.09 55.58 -65.10
C ARG IB 21 -19.75 55.90 -66.54
N GLU IB 22 -19.77 54.85 -67.36
CA GLU IB 22 -19.20 54.85 -68.68
C GLU IB 22 -20.02 55.57 -69.73
N HIS IB 23 -21.16 56.17 -69.39
CA HIS IB 23 -21.86 56.97 -70.37
C HIS IB 23 -21.16 58.30 -70.61
N THR IB 24 -20.43 58.79 -69.62
CA THR IB 24 -19.65 60.00 -69.75
C THR IB 24 -18.17 59.64 -69.88
N ALA IB 25 -17.50 60.28 -70.81
CA ALA IB 25 -16.09 60.03 -71.10
C ALA IB 25 -15.27 61.19 -70.55
N LEU IB 26 -14.00 60.94 -70.28
CA LEU IB 26 -13.08 62.00 -69.88
C LEU IB 26 -12.03 62.15 -70.96
N LEU IB 27 -11.81 63.38 -71.40
CA LEU IB 27 -10.94 63.69 -72.51
C LEU IB 27 -9.86 64.66 -72.10
N LYS IB 28 -8.66 64.46 -72.63
CA LYS IB 28 -7.53 65.31 -72.36
C LYS IB 28 -7.08 65.94 -73.66
N ILE IB 29 -7.58 67.12 -73.98
CA ILE IB 29 -7.22 67.79 -75.22
C ILE IB 29 -5.80 68.32 -75.08
N GLU IB 30 -5.02 68.21 -76.14
CA GLU IB 30 -3.62 68.62 -76.09
C GLU IB 30 -3.49 70.13 -76.02
N GLY IB 31 -2.66 70.60 -75.11
CA GLY IB 31 -2.34 72.01 -75.06
C GLY IB 31 -3.18 72.83 -74.11
N VAL IB 32 -4.32 72.30 -73.66
CA VAL IB 32 -5.12 73.00 -72.67
C VAL IB 32 -4.96 72.33 -71.32
N TYR IB 33 -4.40 73.06 -70.35
CA TYR IB 33 -4.12 72.48 -69.04
C TYR IB 33 -4.60 73.40 -67.94
N ALA IB 34 -5.75 74.03 -68.15
CA ALA IB 34 -6.40 74.86 -67.15
C ALA IB 34 -7.85 75.00 -67.57
N ARG IB 35 -8.69 75.46 -66.64
CA ARG IB 35 -10.10 75.65 -66.97
C ARG IB 35 -10.33 76.95 -67.71
N ASP IB 36 -9.34 77.85 -67.73
CA ASP IB 36 -9.49 79.07 -68.50
C ASP IB 36 -9.45 78.77 -70.00
N GLU IB 37 -8.73 77.73 -70.40
CA GLU IB 37 -8.57 77.48 -71.82
C GLU IB 37 -9.55 76.44 -72.33
N THR IB 38 -10.29 75.79 -71.44
CA THR IB 38 -11.22 74.78 -71.89
C THR IB 38 -12.56 75.36 -72.33
N GLU IB 39 -12.73 76.68 -72.25
CA GLU IB 39 -14.00 77.30 -72.62
C GLU IB 39 -14.20 77.30 -74.13
N PHE IB 40 -13.11 77.13 -74.88
CA PHE IB 40 -13.19 77.05 -76.33
C PHE IB 40 -13.92 75.80 -76.78
N TYR IB 41 -13.62 74.68 -76.14
CA TYR IB 41 -13.95 73.37 -76.69
C TYR IB 41 -15.35 72.89 -76.31
N LEU IB 42 -16.07 73.62 -75.49
CA LEU IB 42 -17.35 73.15 -74.99
C LEU IB 42 -18.39 73.19 -76.10
N GLY IB 43 -19.00 72.06 -76.38
CA GLY IB 43 -19.97 71.96 -77.43
C GLY IB 43 -19.40 71.61 -78.79
N LYS IB 44 -18.07 71.60 -78.93
CA LYS IB 44 -17.45 71.10 -80.14
C LYS IB 44 -17.66 69.60 -80.24
N ARG IB 45 -17.72 69.10 -81.46
CA ARG IB 45 -18.02 67.71 -81.73
C ARG IB 45 -16.74 66.90 -81.72
N CYS IB 46 -16.72 65.84 -80.93
CA CYS IB 46 -15.58 64.94 -80.84
C CYS IB 46 -15.87 63.59 -81.47
N ALA IB 47 -14.82 62.90 -81.89
CA ALA IB 47 -14.97 61.71 -82.73
C ALA IB 47 -13.93 60.67 -82.39
N TYR IB 48 -14.34 59.42 -82.23
CA TYR IB 48 -13.39 58.33 -82.08
C TYR IB 48 -13.33 57.53 -83.37
N VAL IB 49 -12.29 57.77 -84.14
CA VAL IB 49 -12.11 57.11 -85.41
C VAL IB 49 -11.30 55.84 -85.17
N TYR IB 50 -11.74 54.74 -85.77
CA TYR IB 50 -11.08 53.46 -85.63
C TYR IB 50 -11.38 52.69 -86.90
N LYS IB 51 -10.53 51.72 -87.23
CA LYS IB 51 -10.74 50.92 -88.42
C LYS IB 51 -10.85 49.45 -88.04
N ALA IB 52 -11.81 48.77 -88.66
CA ALA IB 52 -12.13 47.39 -88.33
C ALA IB 52 -11.97 46.51 -89.57
N LYS IB 53 -12.47 45.29 -89.47
CA LYS IB 53 -12.23 44.29 -90.50
C LYS IB 53 -13.09 44.54 -91.73
N ASN IB 54 -14.39 44.66 -91.53
CA ASN IB 54 -15.33 44.68 -92.63
C ASN IB 54 -15.52 46.10 -93.16
N ASN IB 55 -15.82 46.20 -94.45
CA ASN IB 55 -16.16 47.48 -95.05
C ASN IB 55 -17.51 47.95 -94.57
N THR IB 56 -17.56 49.24 -94.24
CA THR IB 56 -18.80 49.94 -93.92
C THR IB 56 -18.90 51.14 -94.83
N VAL IB 57 -20.11 51.68 -94.96
CA VAL IB 57 -20.32 52.77 -95.91
C VAL IB 57 -19.71 54.06 -95.38
N THR IB 58 -19.25 54.88 -96.31
CA THR IB 58 -18.74 56.20 -96.02
C THR IB 58 -19.66 57.21 -96.69
N PRO IB 59 -20.14 58.21 -95.95
CA PRO IB 59 -20.88 59.30 -96.59
C PRO IB 59 -19.98 60.10 -97.52
N GLY IB 60 -20.35 60.16 -98.79
CA GLY IB 60 -19.53 60.83 -99.77
C GLY IB 60 -18.26 60.07 -100.06
N GLY IB 61 -18.39 58.83 -100.50
CA GLY IB 61 -17.22 58.05 -100.84
C GLY IB 61 -17.55 56.58 -100.96
N LYS IB 62 -16.50 55.81 -101.17
CA LYS IB 62 -16.57 54.38 -101.29
C LYS IB 62 -16.47 53.73 -99.92
N PRO IB 63 -16.90 52.48 -99.76
CA PRO IB 63 -16.75 51.82 -98.47
C PRO IB 63 -15.30 51.55 -98.08
N ASN IB 64 -14.91 52.09 -96.93
CA ASN IB 64 -13.61 51.87 -96.31
C ASN IB 64 -13.80 50.99 -95.09
N LYS IB 65 -12.69 50.80 -94.36
CA LYS IB 65 -12.77 50.07 -93.11
C LYS IB 65 -12.82 50.98 -91.90
N THR IB 66 -12.62 52.28 -92.08
CA THR IB 66 -12.70 53.22 -90.97
C THR IB 66 -14.15 53.39 -90.52
N ARG IB 67 -14.33 53.40 -89.19
CA ARG IB 67 -15.62 53.67 -88.57
C ARG IB 67 -15.44 54.84 -87.62
N VAL IB 68 -16.55 55.31 -87.03
CA VAL IB 68 -16.50 56.35 -86.01
C VAL IB 68 -17.54 56.08 -84.93
N ILE IB 69 -17.36 56.75 -83.80
CA ILE IB 69 -18.40 57.00 -82.81
C ILE IB 69 -18.32 58.51 -82.60
N TRP IB 70 -19.43 59.22 -82.81
CA TRP IB 70 -19.37 60.66 -82.68
C TRP IB 70 -19.82 61.09 -81.28
N GLY IB 71 -19.29 62.20 -80.85
CA GLY IB 71 -19.51 62.64 -79.49
C GLY IB 71 -19.78 64.09 -79.47
N LYS IB 72 -19.57 64.69 -78.31
CA LYS IB 72 -19.88 66.09 -78.06
C LYS IB 72 -19.17 66.43 -76.77
N VAL IB 73 -18.30 67.42 -76.80
CA VAL IB 73 -17.62 67.87 -75.59
C VAL IB 73 -18.62 68.63 -74.74
N THR IB 74 -18.94 68.10 -73.55
CA THR IB 74 -20.10 68.59 -72.81
C THR IB 74 -19.72 69.69 -71.82
N ARG IB 75 -18.86 69.39 -70.86
CA ARG IB 75 -18.49 70.39 -69.87
C ARG IB 75 -17.09 70.09 -69.39
N ALA IB 76 -16.48 71.04 -68.71
CA ALA IB 76 -15.14 70.86 -68.21
C ALA IB 76 -15.12 69.92 -67.02
N HIS IB 77 -14.07 69.13 -66.95
CA HIS IB 77 -13.85 68.23 -65.83
C HIS IB 77 -12.65 68.71 -65.06
N GLY IB 78 -12.77 68.67 -63.75
CA GLY IB 78 -11.63 68.91 -62.91
C GLY IB 78 -11.22 70.35 -62.95
N ASN IB 79 -9.94 70.55 -62.72
CA ASN IB 79 -9.40 71.87 -62.53
C ASN IB 79 -8.23 72.14 -63.48
N SER IB 80 -7.96 71.25 -64.43
CA SER IB 80 -6.73 71.22 -65.19
C SER IB 80 -6.89 70.91 -66.67
N GLY IB 81 -7.94 71.43 -67.32
CA GLY IB 81 -8.04 71.26 -68.75
C GLY IB 81 -8.45 69.88 -69.21
N MET IB 82 -8.88 69.02 -68.30
CA MET IB 82 -9.60 67.83 -68.67
C MET IB 82 -11.03 68.24 -68.99
N VAL IB 83 -11.78 67.37 -69.64
CA VAL IB 83 -13.10 67.75 -70.11
C VAL IB 83 -13.95 66.49 -70.21
N ARG IB 84 -15.26 66.66 -70.17
CA ARG IB 84 -16.14 65.52 -70.36
C ARG IB 84 -16.70 65.51 -71.77
N ALA IB 85 -16.93 64.32 -72.29
CA ALA IB 85 -17.55 64.17 -73.60
C ALA IB 85 -18.53 63.02 -73.51
N LYS IB 86 -19.57 63.08 -74.31
CA LYS IB 86 -20.66 62.13 -74.26
C LYS IB 86 -20.98 61.68 -75.68
N PHE IB 87 -20.84 60.39 -75.94
CA PHE IB 87 -20.95 59.92 -77.31
C PHE IB 87 -22.27 59.20 -77.50
N ARG IB 88 -22.59 58.89 -78.75
CA ARG IB 88 -23.89 58.30 -79.07
C ARG IB 88 -23.95 56.84 -78.62
N SER IB 89 -22.88 56.11 -78.89
CA SER IB 89 -22.59 54.84 -78.24
C SER IB 89 -21.46 55.09 -77.26
N ASN IB 90 -21.53 54.47 -76.08
CA ASN IB 90 -20.45 54.64 -75.10
C ASN IB 90 -19.16 54.08 -75.67
N LEU IB 91 -18.06 54.72 -75.32
CA LEU IB 91 -16.78 54.34 -75.90
C LEU IB 91 -16.32 53.00 -75.36
N PRO IB 92 -15.66 52.21 -76.18
CA PRO IB 92 -15.03 50.99 -75.68
C PRO IB 92 -13.82 51.31 -74.83
N ALA IB 93 -13.44 50.35 -74.01
CA ALA IB 93 -12.23 50.53 -73.22
C ALA IB 93 -11.00 50.04 -73.96
N LYS IB 94 -11.20 49.48 -75.15
CA LYS IB 94 -10.15 49.37 -76.15
C LYS IB 94 -9.47 50.71 -76.39
N ALA IB 95 -10.23 51.81 -76.36
CA ALA IB 95 -9.80 53.14 -76.74
C ALA IB 95 -9.13 53.93 -75.63
N ILE IB 96 -8.80 53.34 -74.48
CA ILE IB 96 -8.16 54.09 -73.39
C ILE IB 96 -6.77 54.50 -73.81
N GLY IB 97 -6.50 55.80 -73.75
CA GLY IB 97 -5.16 56.26 -74.03
C GLY IB 97 -4.90 56.36 -75.51
N HIS IB 98 -5.94 56.35 -76.32
CA HIS IB 98 -5.80 56.47 -77.75
C HIS IB 98 -6.41 57.77 -78.21
N ARG IB 99 -6.19 58.09 -79.47
CA ARG IB 99 -6.51 59.39 -80.01
C ARG IB 99 -7.97 59.48 -80.38
N ILE IB 100 -8.62 60.54 -79.93
CA ILE IB 100 -9.88 60.93 -80.52
C ILE IB 100 -9.73 62.35 -81.03
N ARG IB 101 -10.57 62.70 -82.00
CA ARG IB 101 -10.46 63.94 -82.74
C ARG IB 101 -11.50 64.89 -82.17
N VAL IB 102 -11.10 66.04 -81.69
CA VAL IB 102 -12.06 67.07 -81.28
C VAL IB 102 -12.13 68.13 -82.38
N MET IB 103 -13.24 68.16 -83.09
CA MET IB 103 -13.37 68.98 -84.29
C MET IB 103 -13.61 70.43 -83.90
N LEU IB 104 -13.32 71.33 -84.83
CA LEU IB 104 -13.54 72.74 -84.64
C LEU IB 104 -14.96 73.15 -85.00
N TYR IB 105 -15.64 72.35 -85.81
CA TYR IB 105 -16.77 72.87 -86.59
C TYR IB 105 -18.06 73.27 -85.90
N PRO IB 106 -18.45 72.85 -84.67
CA PRO IB 106 -19.57 73.58 -84.06
C PRO IB 106 -19.12 74.90 -83.47
N SER IB 107 -18.73 75.85 -84.33
CA SER IB 107 -17.90 76.96 -83.90
C SER IB 107 -18.73 78.08 -83.31
N ARG IB 108 -18.10 78.83 -82.42
CA ARG IB 108 -18.71 79.92 -81.67
C ARG IB 108 -17.84 81.17 -81.80
N ILE IB 109 -17.20 81.31 -82.94
CA ILE IB 109 -16.31 82.43 -83.19
C ILE IB 109 -16.85 83.31 -84.30
N VAL JB 1 9.14 -49.32 -54.18
CA VAL JB 1 8.22 -49.62 -53.09
C VAL JB 1 6.81 -49.18 -53.46
N GLN JB 2 5.92 -50.15 -53.56
CA GLN JB 2 4.53 -49.92 -53.94
C GLN JB 2 3.76 -49.50 -52.70
N ARG JB 3 3.39 -48.22 -52.67
CA ARG JB 3 2.41 -47.77 -51.69
C ARG JB 3 1.03 -48.23 -52.13
N LEU JB 4 0.13 -48.39 -51.16
CA LEU JB 4 -1.14 -49.04 -51.46
C LEU JB 4 -2.27 -48.55 -50.55
N THR JB 5 -3.46 -48.57 -51.13
CA THR JB 5 -4.66 -47.92 -50.65
C THR JB 5 -5.68 -48.95 -50.15
N TYR JB 6 -6.69 -48.47 -49.45
CA TYR JB 6 -7.78 -49.34 -49.02
C TYR JB 6 -8.64 -49.75 -50.19
N ARG JB 7 -9.50 -50.74 -49.97
CA ARG JB 7 -10.38 -51.22 -51.02
C ARG JB 7 -11.86 -51.05 -50.68
N ARG JB 8 -12.17 -50.82 -49.42
CA ARG JB 8 -13.51 -50.46 -48.99
C ARG JB 8 -13.55 -48.94 -48.93
N ARG JB 9 -14.75 -48.37 -48.76
CA ARG JB 9 -14.82 -46.93 -48.55
C ARG JB 9 -14.70 -46.51 -47.10
N LEU JB 10 -14.23 -47.37 -46.20
CA LEU JB 10 -13.95 -46.89 -44.86
C LEU JB 10 -12.49 -46.52 -44.84
N SER JB 11 -12.16 -45.32 -44.35
CA SER JB 11 -10.80 -44.84 -44.46
C SER JB 11 -10.14 -44.68 -43.10
N TYR JB 12 -10.76 -45.17 -42.05
CA TYR JB 12 -10.27 -44.93 -40.71
C TYR JB 12 -9.86 -46.24 -40.10
N ASN JB 13 -8.79 -46.22 -39.31
CA ASN JB 13 -8.18 -47.45 -38.83
C ASN JB 13 -8.96 -47.99 -37.65
N THR JB 14 -10.13 -48.56 -37.89
CA THR JB 14 -10.95 -49.04 -36.81
C THR JB 14 -10.74 -50.54 -36.68
N ALA JB 15 -11.47 -51.17 -35.75
CA ALA JB 15 -11.41 -52.62 -35.61
C ALA JB 15 -12.11 -53.32 -36.76
N SER JB 16 -13.01 -52.62 -37.45
CA SER JB 16 -13.63 -53.19 -38.63
C SER JB 16 -12.70 -53.11 -39.84
N ASN JB 17 -11.84 -52.10 -39.87
CA ASN JB 17 -11.00 -51.78 -41.02
C ASN JB 17 -9.58 -52.33 -40.86
N LYS JB 18 -9.45 -53.60 -40.52
CA LYS JB 18 -8.12 -54.15 -40.28
C LYS JB 18 -7.75 -55.10 -41.39
N THR JB 19 -6.48 -55.05 -41.77
CA THR JB 19 -6.00 -55.62 -43.02
C THR JB 19 -4.75 -56.45 -42.77
N ARG JB 20 -4.36 -57.19 -43.81
CA ARG JB 20 -3.02 -57.75 -43.92
C ARG JB 20 -2.55 -57.51 -45.34
N LEU JB 21 -1.34 -57.95 -45.66
CA LEU JB 21 -0.81 -57.77 -47.00
C LEU JB 21 -0.68 -59.11 -47.72
N SER JB 22 -0.97 -59.12 -49.01
CA SER JB 22 -0.80 -60.32 -49.81
C SER JB 22 -0.21 -59.97 -51.17
N ARG JB 23 0.77 -60.76 -51.59
CA ARG JB 23 1.20 -60.74 -52.96
C ARG JB 23 0.29 -61.62 -53.80
N THR JB 24 -0.24 -61.07 -54.88
CA THR JB 24 -1.18 -61.78 -55.71
C THR JB 24 -0.42 -62.59 -56.75
N PRO JB 25 -1.09 -63.52 -57.44
CA PRO JB 25 -0.44 -64.17 -58.59
C PRO JB 25 -0.22 -63.28 -59.79
N GLY JB 26 -0.80 -62.10 -59.82
CA GLY JB 26 -0.39 -61.09 -60.76
C GLY JB 26 0.72 -60.20 -60.26
N ASN JB 27 1.42 -60.63 -59.21
CA ASN JB 27 2.69 -60.10 -58.73
C ASN JB 27 2.54 -58.65 -58.29
N ARG JB 28 1.58 -58.37 -57.42
CA ARG JB 28 1.42 -57.06 -56.83
C ARG JB 28 0.89 -57.24 -55.40
N ILE JB 29 1.33 -56.36 -54.51
CA ILE JB 29 0.90 -56.43 -53.13
C ILE JB 29 -0.44 -55.71 -53.00
N VAL JB 30 -1.38 -56.33 -52.30
CA VAL JB 30 -2.72 -55.75 -52.16
C VAL JB 30 -3.15 -55.99 -50.73
N TYR JB 31 -4.17 -55.27 -50.29
CA TYR JB 31 -4.75 -55.56 -48.98
C TYR JB 31 -5.71 -56.73 -49.04
N LEU JB 32 -5.75 -57.48 -47.94
CA LEU JB 32 -6.82 -58.41 -47.62
C LEU JB 32 -7.32 -58.09 -46.23
N TYR JB 33 -8.62 -57.83 -46.13
CA TYR JB 33 -9.23 -57.40 -44.88
C TYR JB 33 -9.42 -58.61 -43.97
N THR JB 34 -8.70 -58.62 -42.85
CA THR JB 34 -8.75 -59.74 -41.93
C THR JB 34 -10.01 -59.72 -41.08
N LYS JB 35 -10.32 -60.87 -40.51
CA LYS JB 35 -11.47 -60.99 -39.62
C LYS JB 35 -11.03 -60.71 -38.19
N LYS JB 36 -11.99 -60.35 -37.34
CA LYS JB 36 -11.66 -60.11 -35.94
C LYS JB 36 -11.34 -61.44 -35.27
N VAL JB 37 -10.44 -61.39 -34.29
CA VAL JB 37 -9.85 -62.60 -33.71
C VAL JB 37 -10.86 -63.20 -32.74
N GLY JB 38 -11.26 -64.44 -32.99
CA GLY JB 38 -12.12 -65.13 -32.08
C GLY JB 38 -11.39 -65.63 -30.84
N LYS JB 39 -12.15 -65.88 -29.79
CA LYS JB 39 -11.60 -66.39 -28.55
C LYS JB 39 -12.33 -67.63 -28.06
N ALA JB 40 -11.55 -68.54 -27.50
CA ALA JB 40 -12.03 -69.79 -26.95
C ALA JB 40 -12.87 -69.51 -25.70
N PRO JB 41 -13.78 -70.42 -25.32
CA PRO JB 41 -14.66 -70.13 -24.19
C PRO JB 41 -13.93 -70.12 -22.86
N LYS JB 42 -14.41 -69.27 -21.95
CA LYS JB 42 -13.98 -69.28 -20.57
C LYS JB 42 -14.88 -70.24 -19.80
N SER JB 43 -14.38 -70.74 -18.66
CA SER JB 43 -15.09 -71.78 -17.95
C SER JB 43 -16.29 -71.22 -17.20
N ALA JB 44 -17.27 -72.09 -16.99
CA ALA JB 44 -18.48 -71.70 -16.28
C ALA JB 44 -18.27 -71.60 -14.79
N CYS JB 45 -17.16 -72.12 -14.28
CA CYS JB 45 -16.83 -71.97 -12.86
C CYS JB 45 -16.61 -70.51 -12.50
N GLY JB 46 -15.73 -69.84 -13.24
CA GLY JB 46 -15.46 -68.44 -13.01
C GLY JB 46 -14.27 -68.18 -12.11
N VAL JB 47 -13.46 -69.19 -11.85
CA VAL JB 47 -12.28 -69.01 -11.00
C VAL JB 47 -11.03 -69.29 -11.82
N CYS JB 48 -11.19 -69.97 -12.94
CA CYS JB 48 -10.04 -70.27 -13.78
C CYS JB 48 -9.75 -69.12 -14.72
N PRO JB 49 -8.53 -68.57 -14.74
CA PRO JB 49 -8.26 -67.42 -15.60
C PRO JB 49 -8.08 -67.81 -17.05
N GLY JB 50 -7.72 -69.06 -17.32
CA GLY JB 50 -7.48 -69.49 -18.67
C GLY JB 50 -8.75 -69.90 -19.37
N ARG JB 51 -8.59 -70.47 -20.56
CA ARG JB 51 -9.73 -70.79 -21.40
C ARG JB 51 -9.80 -72.28 -21.68
N LEU JB 52 -10.81 -72.66 -22.43
CA LEU JB 52 -11.17 -74.07 -22.56
C LEU JB 52 -10.46 -74.70 -23.73
N ARG JB 53 -9.96 -75.91 -23.48
CA ARG JB 53 -9.16 -76.64 -24.46
C ARG JB 53 -10.05 -77.54 -25.29
N GLY JB 54 -9.66 -77.72 -26.54
CA GLY JB 54 -10.38 -78.61 -27.41
C GLY JB 54 -11.52 -77.96 -28.15
N VAL JB 55 -11.69 -76.66 -27.97
CA VAL JB 55 -12.77 -75.90 -28.59
C VAL JB 55 -12.16 -74.84 -29.49
N ARG JB 56 -12.69 -74.72 -30.71
CA ARG JB 56 -12.12 -73.79 -31.68
C ARG JB 56 -12.40 -72.35 -31.28
N ALA JB 57 -11.34 -71.57 -31.18
CA ALA JB 57 -11.42 -70.16 -30.90
C ALA JB 57 -11.78 -69.40 -32.16
N VAL JB 58 -13.07 -69.13 -32.38
CA VAL JB 58 -13.53 -68.38 -33.54
C VAL JB 58 -14.78 -67.63 -33.12
N ARG JB 59 -15.02 -66.51 -33.79
CA ARG JB 59 -16.15 -65.58 -33.72
C ARG JB 59 -17.51 -66.28 -33.60
N PRO JB 60 -18.48 -65.70 -32.89
CA PRO JB 60 -19.58 -66.52 -32.38
C PRO JB 60 -20.59 -66.94 -33.41
N LYS JB 61 -20.68 -66.25 -34.54
CA LYS JB 61 -21.66 -66.61 -35.54
C LYS JB 61 -21.09 -67.63 -36.52
N VAL JB 62 -19.77 -67.83 -36.48
CA VAL JB 62 -19.10 -68.92 -37.17
C VAL JB 62 -19.39 -70.25 -36.47
N LEU JB 63 -19.86 -70.21 -35.24
CA LEU JB 63 -20.22 -71.42 -34.52
C LEU JB 63 -21.49 -72.07 -35.04
N MET JB 64 -22.23 -71.40 -35.94
CA MET JB 64 -23.29 -72.10 -36.68
C MET JB 64 -22.70 -73.04 -37.70
N ARG JB 65 -21.49 -72.74 -38.18
CA ARG JB 65 -20.93 -73.47 -39.31
C ARG JB 65 -20.22 -74.72 -38.86
N LEU JB 66 -19.74 -74.72 -37.62
CA LEU JB 66 -18.90 -75.79 -37.13
C LEU JB 66 -19.74 -77.03 -36.87
N SER JB 67 -19.09 -78.18 -36.93
CA SER JB 67 -19.70 -79.40 -36.46
C SER JB 67 -19.79 -79.40 -34.95
N LYS JB 68 -20.47 -80.41 -34.41
CA LYS JB 68 -20.71 -80.44 -32.97
C LYS JB 68 -19.43 -80.67 -32.19
N THR JB 69 -18.58 -81.57 -32.67
CA THR JB 69 -17.39 -81.93 -31.93
C THR JB 69 -16.33 -80.83 -31.97
N LYS JB 70 -16.46 -79.89 -32.90
CA LYS JB 70 -15.58 -78.73 -32.89
C LYS JB 70 -15.85 -77.81 -31.71
N LYS JB 71 -17.04 -77.89 -31.12
CA LYS JB 71 -17.49 -76.86 -30.20
C LYS JB 71 -17.54 -77.34 -28.77
N HIS JB 72 -17.26 -78.60 -28.50
CA HIS JB 72 -17.22 -79.08 -27.14
C HIS JB 72 -16.16 -80.16 -27.01
N VAL JB 73 -15.99 -80.65 -25.80
CA VAL JB 73 -15.16 -81.82 -25.55
C VAL JB 73 -16.08 -82.86 -24.95
N SER JB 74 -15.73 -84.13 -25.12
CA SER JB 74 -16.68 -85.18 -24.76
C SER JB 74 -16.52 -85.60 -23.30
N ARG JB 75 -17.11 -84.82 -22.41
CA ARG JB 75 -17.10 -85.02 -20.97
C ARG JB 75 -18.37 -84.35 -20.47
N ALA JB 76 -18.80 -84.72 -19.26
CA ALA JB 76 -19.81 -83.95 -18.56
C ALA JB 76 -19.33 -82.52 -18.39
N TYR JB 77 -20.21 -81.56 -18.70
CA TYR JB 77 -19.90 -80.13 -18.78
C TYR JB 77 -18.80 -79.85 -19.79
N GLY JB 78 -18.73 -80.66 -20.84
CA GLY JB 78 -17.64 -80.56 -21.77
C GLY JB 78 -17.80 -79.41 -22.74
N GLY JB 79 -16.80 -78.55 -22.84
CA GLY JB 79 -16.92 -77.37 -23.67
C GLY JB 79 -17.63 -76.22 -23.00
N SER JB 80 -18.04 -76.39 -21.74
CA SER JB 80 -18.63 -75.35 -20.92
C SER JB 80 -17.85 -75.11 -19.63
N MET JB 81 -17.25 -76.16 -19.10
CA MET JB 81 -16.52 -76.09 -17.85
C MET JB 81 -15.25 -76.93 -17.99
N CYS JB 82 -14.21 -76.54 -17.27
CA CYS JB 82 -12.91 -77.18 -17.40
C CYS JB 82 -12.86 -78.47 -16.59
N ALA JB 83 -11.80 -79.25 -16.82
CA ALA JB 83 -11.71 -80.58 -16.23
C ALA JB 83 -11.46 -80.54 -14.72
N LYS JB 84 -10.64 -79.58 -14.27
CA LYS JB 84 -10.30 -79.46 -12.87
C LYS JB 84 -11.50 -79.09 -12.03
N CYS JB 85 -12.29 -78.13 -12.50
CA CYS JB 85 -13.49 -77.75 -11.78
C CYS JB 85 -14.59 -78.78 -11.89
N VAL JB 86 -14.61 -79.59 -12.97
CA VAL JB 86 -15.55 -80.69 -13.03
C VAL JB 86 -15.23 -81.75 -11.99
N ARG JB 87 -13.94 -82.09 -11.82
CA ARG JB 87 -13.66 -83.15 -10.86
C ARG JB 87 -13.79 -82.66 -9.42
N ASP JB 88 -13.48 -81.39 -9.16
CA ASP JB 88 -13.76 -80.87 -7.82
C ASP JB 88 -15.25 -80.69 -7.57
N ARG JB 89 -16.03 -80.42 -8.62
CA ARG JB 89 -17.48 -80.31 -8.46
C ARG JB 89 -18.09 -81.68 -8.20
N ILE JB 90 -17.54 -82.73 -8.80
CA ILE JB 90 -17.95 -84.11 -8.51
C ILE JB 90 -17.62 -84.49 -7.07
N LYS JB 91 -16.39 -84.21 -6.65
CA LYS JB 91 -15.96 -84.52 -5.29
C LYS JB 91 -16.79 -83.77 -4.26
N ARG JB 92 -17.07 -82.50 -4.53
CA ARG JB 92 -17.88 -81.69 -3.62
C ARG JB 92 -19.30 -82.23 -3.54
N ALA JB 93 -19.90 -82.55 -4.69
CA ALA JB 93 -21.26 -83.07 -4.71
C ALA JB 93 -21.37 -84.40 -4.00
N PHE JB 94 -20.30 -85.18 -4.00
CA PHE JB 94 -20.29 -86.42 -3.25
C PHE JB 94 -20.15 -86.18 -1.75
N LEU JB 95 -19.18 -85.37 -1.37
CA LEU JB 95 -18.81 -85.25 0.04
C LEU JB 95 -19.81 -84.43 0.84
N ILE JB 96 -20.48 -83.44 0.22
CA ILE JB 96 -21.55 -82.73 0.92
C ILE JB 96 -22.68 -83.70 1.27
N GLU JB 97 -23.04 -84.57 0.33
CA GLU JB 97 -24.14 -85.49 0.55
C GLU JB 97 -23.77 -86.58 1.56
N GLU JB 98 -22.50 -87.02 1.56
CA GLU JB 98 -22.06 -87.96 2.58
C GLU JB 98 -22.05 -87.32 3.97
N GLN JB 99 -21.71 -86.04 4.05
CA GLN JB 99 -21.82 -85.31 5.31
C GLN JB 99 -23.27 -85.17 5.75
N LYS JB 100 -24.19 -84.98 4.80
CA LYS JB 100 -25.61 -84.91 5.13
C LYS JB 100 -26.13 -86.24 5.66
N ILE JB 101 -25.64 -87.36 5.12
CA ILE JB 101 -25.92 -88.68 5.68
C ILE JB 101 -25.39 -88.80 7.11
N VAL JB 102 -24.19 -88.28 7.37
CA VAL JB 102 -23.60 -88.35 8.71
C VAL JB 102 -24.40 -87.51 9.70
N VAL JB 103 -24.87 -86.34 9.27
CA VAL JB 103 -25.72 -85.50 10.13
C VAL JB 103 -27.08 -86.17 10.38
N LYS JB 104 -27.61 -86.85 9.36
CA LYS JB 104 -28.83 -87.64 9.52
C LYS JB 104 -28.67 -88.74 10.57
N VAL JB 105 -27.54 -89.44 10.54
CA VAL JB 105 -27.30 -90.53 11.47
C VAL JB 105 -27.11 -89.99 12.89
N LEU JB 106 -26.41 -88.87 13.04
CA LEU JB 106 -26.24 -88.29 14.37
C LEU JB 106 -27.56 -87.69 14.89
N LYS JB 107 -28.44 -87.28 13.98
CA LYS JB 107 -29.79 -86.86 14.36
C LYS JB 107 -30.60 -88.03 14.90
N ALA JB 108 -30.52 -89.17 14.22
CA ALA JB 108 -31.22 -90.38 14.70
C ALA JB 108 -30.65 -90.86 16.03
N GLN JB 109 -29.34 -90.74 16.22
CA GLN JB 109 -28.76 -91.13 17.51
C GLN JB 109 -29.07 -90.12 18.60
N ALA JB 110 -29.27 -88.85 18.25
CA ALA JB 110 -29.71 -87.87 19.24
C ALA JB 110 -31.18 -88.10 19.59
N GLN JB 111 -31.94 -88.69 18.68
CA GLN JB 111 -33.26 -89.21 19.05
C GLN JB 111 -33.13 -90.45 19.92
N SER JB 112 -32.05 -91.22 19.75
CA SER JB 112 -31.89 -92.45 20.52
C SER JB 112 -31.48 -92.17 21.97
N GLN JB 113 -30.59 -91.19 22.18
CA GLN JB 113 -30.15 -90.90 23.55
C GLN JB 113 -31.23 -90.15 24.33
N LYS JB 114 -31.97 -89.27 23.67
CA LYS JB 114 -33.02 -88.52 24.34
C LYS JB 114 -34.29 -89.37 24.47
N ALA KB 1 -56.56 -48.46 -87.50
CA ALA KB 1 -57.56 -47.51 -87.97
C ALA KB 1 -57.81 -46.44 -86.92
N LYS KB 2 -58.69 -45.49 -87.25
CA LYS KB 2 -59.08 -44.46 -86.30
C LYS KB 2 -59.95 -45.12 -85.24
N ILE KB 3 -59.35 -45.43 -84.10
CA ILE KB 3 -60.02 -46.18 -83.03
C ILE KB 3 -60.95 -45.20 -82.32
N LYS KB 4 -62.22 -45.21 -82.70
CA LYS KB 4 -63.23 -44.36 -82.10
C LYS KB 4 -63.87 -45.14 -80.95
N ALA KB 5 -64.34 -44.40 -79.94
CA ALA KB 5 -64.85 -45.06 -78.76
C ALA KB 5 -66.24 -45.63 -78.95
N ARG KB 6 -67.02 -45.08 -79.89
CA ARG KB 6 -68.43 -45.48 -80.05
C ARG KB 6 -68.54 -46.90 -80.58
N ASP KB 7 -67.66 -47.26 -81.51
CA ASP KB 7 -67.58 -48.65 -81.96
C ASP KB 7 -66.56 -49.44 -81.15
N LEU KB 8 -66.23 -48.97 -79.95
CA LEU KB 8 -65.65 -49.84 -78.94
C LEU KB 8 -66.67 -50.25 -77.91
N ARG KB 9 -67.78 -49.51 -77.78
CA ARG KB 9 -68.67 -49.71 -76.64
C ARG KB 9 -69.52 -50.95 -76.78
N GLY KB 10 -69.89 -51.32 -78.00
CA GLY KB 10 -70.68 -52.52 -78.18
C GLY KB 10 -69.88 -53.80 -78.01
N LYS KB 11 -68.57 -53.72 -78.20
CA LYS KB 11 -67.74 -54.90 -78.25
C LYS KB 11 -67.55 -55.52 -76.87
N LYS KB 12 -67.00 -56.73 -76.86
CA LYS KB 12 -66.95 -57.52 -75.65
C LYS KB 12 -65.68 -57.20 -74.87
N LYS KB 13 -65.57 -57.77 -73.66
CA LYS KB 13 -64.40 -57.56 -72.82
C LYS KB 13 -63.13 -58.15 -73.44
N GLU KB 14 -63.26 -59.33 -74.04
CA GLU KB 14 -62.08 -60.02 -74.58
C GLU KB 14 -61.50 -59.30 -75.79
N GLU KB 15 -62.34 -58.73 -76.65
CA GLU KB 15 -61.81 -58.08 -77.84
C GLU KB 15 -61.25 -56.71 -77.48
N LEU KB 16 -61.80 -56.05 -76.45
CA LEU KB 16 -61.18 -54.84 -75.92
C LEU KB 16 -59.80 -55.11 -75.34
N LEU KB 17 -59.64 -56.20 -74.59
CA LEU KB 17 -58.31 -56.49 -74.05
C LEU KB 17 -57.32 -56.93 -75.14
N LYS KB 18 -57.80 -57.64 -76.16
CA LYS KB 18 -56.90 -58.02 -77.26
C LYS KB 18 -56.48 -56.81 -78.07
N GLN KB 19 -57.40 -55.86 -78.30
CA GLN KB 19 -57.05 -54.62 -78.96
C GLN KB 19 -56.12 -53.76 -78.13
N LEU KB 20 -56.30 -53.80 -76.81
CA LEU KB 20 -55.38 -53.12 -75.90
C LEU KB 20 -53.98 -53.69 -76.02
N ASP KB 21 -53.84 -55.02 -76.06
CA ASP KB 21 -52.53 -55.62 -76.15
C ASP KB 21 -51.87 -55.36 -77.50
N ASP KB 22 -52.68 -55.36 -78.56
CA ASP KB 22 -52.21 -54.98 -79.90
C ASP KB 22 -51.62 -53.58 -79.90
N LEU KB 23 -52.32 -52.64 -79.27
CA LEU KB 23 -51.84 -51.26 -79.21
C LEU KB 23 -50.63 -51.12 -78.29
N LYS KB 24 -50.53 -51.93 -77.24
CA LYS KB 24 -49.37 -51.84 -76.35
C LYS KB 24 -48.10 -52.33 -77.06
N VAL KB 25 -48.21 -53.42 -77.82
CA VAL KB 25 -47.08 -53.89 -78.64
C VAL KB 25 -46.72 -52.86 -79.69
N GLU KB 26 -47.74 -52.21 -80.27
CA GLU KB 26 -47.51 -51.17 -81.26
C GLU KB 26 -46.79 -49.95 -80.67
N LEU KB 27 -47.09 -49.60 -79.43
CA LEU KB 27 -46.42 -48.46 -78.80
C LEU KB 27 -44.98 -48.80 -78.43
N SER KB 28 -44.75 -50.04 -77.99
CA SER KB 28 -43.39 -50.51 -77.73
C SER KB 28 -42.52 -50.41 -78.97
N GLN KB 29 -43.04 -50.81 -80.12
CA GLN KB 29 -42.24 -50.76 -81.35
C GLN KB 29 -41.95 -49.32 -81.78
N LEU KB 30 -42.89 -48.40 -81.52
CA LEU KB 30 -42.66 -47.00 -81.87
C LEU KB 30 -41.64 -46.36 -80.94
N ARG KB 31 -41.58 -46.80 -79.69
CA ARG KB 31 -40.54 -46.28 -78.81
C ARG KB 31 -39.17 -46.82 -79.20
N VAL KB 32 -39.11 -48.07 -79.67
CA VAL KB 32 -37.87 -48.59 -80.24
C VAL KB 32 -37.45 -47.76 -81.45
N ALA KB 33 -38.41 -47.37 -82.28
CA ALA KB 33 -38.08 -46.55 -83.45
C ALA KB 33 -37.67 -45.14 -83.05
N LYS KB 34 -38.15 -44.66 -81.90
CA LYS KB 34 -37.70 -43.35 -81.42
C LYS KB 34 -36.27 -43.41 -80.92
N VAL KB 35 -35.88 -44.53 -80.31
CA VAL KB 35 -34.56 -44.59 -79.68
C VAL KB 35 -33.49 -44.99 -80.69
N THR KB 36 -33.82 -45.88 -81.63
CA THR KB 36 -32.86 -46.21 -82.70
C THR KB 36 -32.69 -45.04 -83.66
N GLY KB 37 -33.76 -44.31 -83.92
CA GLY KB 37 -33.72 -43.26 -84.91
C GLY KB 37 -34.49 -43.67 -86.13
N GLY KB 38 -35.73 -43.24 -86.24
CA GLY KB 38 -36.62 -43.67 -87.28
C GLY KB 38 -37.20 -42.51 -88.07
N ALA KB 39 -38.33 -42.79 -88.71
CA ALA KB 39 -38.99 -41.81 -89.54
C ALA KB 39 -39.65 -40.74 -88.68
N ALA KB 40 -40.10 -39.67 -89.34
CA ALA KB 40 -40.94 -38.71 -88.65
C ALA KB 40 -42.36 -39.22 -88.51
N SER KB 41 -42.77 -40.12 -89.41
CA SER KB 41 -44.14 -40.62 -89.41
C SER KB 41 -44.42 -41.51 -88.21
N LYS KB 42 -43.45 -42.34 -87.82
CA LYS KB 42 -43.59 -43.13 -86.60
C LYS KB 42 -43.62 -42.24 -85.36
N LEU KB 43 -42.81 -41.19 -85.38
CA LEU KB 43 -42.76 -40.28 -84.25
C LEU KB 43 -44.03 -39.48 -84.10
N SER KB 44 -44.78 -39.26 -85.17
CA SER KB 44 -46.09 -38.65 -84.97
C SER KB 44 -47.16 -39.71 -84.74
N LYS KB 45 -46.86 -40.97 -85.04
CA LYS KB 45 -47.81 -42.05 -84.81
C LYS KB 45 -47.88 -42.43 -83.33
N ILE KB 46 -46.83 -42.09 -82.57
CA ILE KB 46 -46.79 -42.46 -81.16
C ILE KB 46 -47.90 -41.77 -80.36
N ARG KB 47 -48.32 -40.57 -80.77
CA ARG KB 47 -49.39 -39.88 -80.05
C ARG KB 47 -50.75 -40.48 -80.38
N VAL KB 48 -50.93 -40.92 -81.63
CA VAL KB 48 -52.12 -41.64 -82.03
C VAL KB 48 -52.28 -42.91 -81.22
N VAL KB 49 -51.18 -43.65 -81.03
CA VAL KB 49 -51.28 -44.90 -80.28
C VAL KB 49 -51.52 -44.65 -78.79
N ARG KB 50 -50.92 -43.59 -78.22
CA ARG KB 50 -51.16 -43.26 -76.81
C ARG KB 50 -52.60 -42.84 -76.56
N LYS KB 51 -53.18 -42.05 -77.47
CA LYS KB 51 -54.55 -41.63 -77.26
C LYS KB 51 -55.55 -42.75 -77.57
N SER KB 52 -55.21 -43.67 -78.48
CA SER KB 52 -56.07 -44.82 -78.70
C SER KB 52 -56.05 -45.79 -77.51
N ILE KB 53 -54.90 -45.93 -76.85
CA ILE KB 53 -54.81 -46.73 -75.63
C ILE KB 53 -55.64 -46.12 -74.51
N ALA KB 54 -55.55 -44.79 -74.36
CA ALA KB 54 -56.38 -44.09 -73.39
C ALA KB 54 -57.85 -44.28 -73.66
N ARG KB 55 -58.26 -44.23 -74.94
CA ARG KB 55 -59.65 -44.49 -75.32
C ARG KB 55 -60.11 -45.90 -74.95
N VAL KB 56 -59.30 -46.92 -75.27
CA VAL KB 56 -59.73 -48.30 -75.02
C VAL KB 56 -59.83 -48.59 -73.52
N LEU KB 57 -58.82 -48.18 -72.75
CA LEU KB 57 -58.88 -48.33 -71.29
C LEU KB 57 -60.02 -47.54 -70.68
N THR KB 58 -60.35 -46.38 -71.26
CA THR KB 58 -61.47 -45.59 -70.78
C THR KB 58 -62.77 -46.35 -70.95
N VAL KB 59 -63.01 -46.91 -72.15
CA VAL KB 59 -64.23 -47.65 -72.44
C VAL KB 59 -64.35 -48.89 -71.55
N ILE KB 60 -63.22 -49.56 -71.31
CA ILE KB 60 -63.18 -50.69 -70.36
C ILE KB 60 -63.61 -50.26 -68.97
N ASN KB 61 -63.12 -49.10 -68.52
CA ASN KB 61 -63.49 -48.61 -67.19
C ASN KB 61 -64.94 -48.15 -67.11
N GLN KB 62 -65.46 -47.52 -68.19
CA GLN KB 62 -66.88 -47.20 -68.28
C GLN KB 62 -67.73 -48.44 -68.09
N THR KB 63 -67.49 -49.47 -68.90
CA THR KB 63 -68.35 -50.66 -68.87
C THR KB 63 -68.14 -51.47 -67.60
N GLN KB 64 -67.01 -51.28 -66.93
CA GLN KB 64 -66.81 -51.93 -65.64
C GLN KB 64 -67.62 -51.26 -64.55
N LYS KB 65 -67.47 -49.94 -64.41
CA LYS KB 65 -68.08 -49.29 -63.26
C LYS KB 65 -69.59 -49.15 -63.40
N GLU KB 66 -70.11 -48.98 -64.62
CA GLU KB 66 -71.56 -48.91 -64.71
C GLU KB 66 -72.22 -50.28 -64.54
N ASN KB 67 -71.51 -51.36 -64.85
CA ASN KB 67 -72.03 -52.68 -64.47
C ASN KB 67 -72.02 -52.89 -62.97
N LEU KB 68 -70.97 -52.40 -62.29
CA LEU KB 68 -70.93 -52.52 -60.83
C LEU KB 68 -72.02 -51.70 -60.16
N ARG KB 69 -72.32 -50.52 -60.69
CA ARG KB 69 -73.36 -49.74 -60.03
C ARG KB 69 -74.75 -50.15 -60.49
N LYS KB 70 -74.83 -50.92 -61.57
CA LYS KB 70 -76.04 -51.68 -61.84
C LYS KB 70 -76.18 -52.82 -60.84
N PHE KB 71 -75.07 -53.36 -60.35
CA PHE KB 71 -75.10 -54.47 -59.41
C PHE KB 71 -75.47 -54.02 -58.01
N TYR KB 72 -74.99 -52.86 -57.58
CA TYR KB 72 -75.25 -52.32 -56.26
C TYR KB 72 -76.36 -51.31 -56.23
N LYS KB 73 -77.38 -51.44 -57.09
CA LYS KB 73 -78.37 -50.37 -57.20
C LYS KB 73 -79.34 -50.39 -56.04
N GLY KB 74 -79.99 -51.52 -55.79
CA GLY KB 74 -80.98 -51.57 -54.73
C GLY KB 74 -80.38 -51.69 -53.36
N LYS KB 75 -79.10 -52.05 -53.27
CA LYS KB 75 -78.49 -52.43 -52.01
C LYS KB 75 -78.28 -51.21 -51.12
N LYS KB 76 -78.44 -51.43 -49.82
CA LYS KB 76 -78.40 -50.34 -48.87
C LYS KB 76 -76.96 -49.92 -48.60
N TYR KB 77 -76.06 -50.88 -48.55
CA TYR KB 77 -74.64 -50.61 -48.43
C TYR KB 77 -73.95 -50.90 -49.76
N LYS KB 78 -73.43 -49.86 -50.37
CA LYS KB 78 -72.72 -49.96 -51.64
C LYS KB 78 -71.32 -49.41 -51.43
N PRO KB 79 -70.36 -49.77 -52.30
CA PRO KB 79 -69.00 -49.25 -52.16
C PRO KB 79 -68.90 -47.74 -52.19
N LEU KB 80 -67.85 -47.22 -51.56
CA LEU KB 80 -67.66 -45.79 -51.41
C LEU KB 80 -67.41 -45.10 -52.73
N ASP KB 81 -66.92 -45.84 -53.71
CA ASP KB 81 -66.76 -45.30 -55.06
C ASP KB 81 -68.11 -45.08 -55.72
N LEU KB 82 -69.09 -45.91 -55.38
CA LEU KB 82 -70.40 -45.85 -56.02
C LEU KB 82 -71.37 -44.96 -55.27
N ARG KB 83 -71.05 -44.57 -54.05
CA ARG KB 83 -71.87 -43.63 -53.30
C ARG KB 83 -71.74 -42.24 -53.92
N PRO KB 84 -72.74 -41.37 -53.74
CA PRO KB 84 -72.66 -40.02 -54.32
C PRO KB 84 -71.60 -39.11 -53.71
N LYS KB 85 -70.63 -38.68 -54.51
CA LYS KB 85 -69.61 -37.74 -54.05
C LYS KB 85 -69.98 -36.35 -54.50
N LYS KB 86 -70.63 -35.63 -53.61
CA LYS KB 86 -70.63 -34.19 -53.58
C LYS KB 86 -69.77 -33.82 -52.39
N THR KB 87 -69.79 -32.54 -51.99
CA THR KB 87 -68.89 -32.11 -50.92
C THR KB 87 -69.20 -32.80 -49.60
N ARG KB 88 -68.18 -32.86 -48.74
CA ARG KB 88 -68.26 -33.61 -47.49
C ARG KB 88 -69.34 -33.06 -46.58
N ALA KB 89 -69.45 -31.74 -46.49
CA ALA KB 89 -70.46 -31.10 -45.67
C ALA KB 89 -71.86 -31.37 -46.22
N MET KB 90 -71.96 -31.58 -47.52
CA MET KB 90 -73.25 -31.80 -48.16
C MET KB 90 -73.66 -33.27 -48.05
N ARG KB 91 -72.75 -34.11 -47.57
CA ARG KB 91 -73.07 -35.51 -47.32
C ARG KB 91 -73.48 -35.76 -45.89
N ARG KB 92 -73.12 -34.89 -44.95
CA ARG KB 92 -73.51 -35.06 -43.56
C ARG KB 92 -74.80 -34.34 -43.23
N ARG KB 93 -75.55 -33.88 -44.22
CA ARG KB 93 -76.78 -33.17 -43.94
C ARG KB 93 -77.86 -34.13 -43.48
N LEU KB 94 -79.02 -33.58 -43.19
CA LEU KB 94 -80.16 -34.43 -42.99
C LEU KB 94 -80.66 -34.91 -44.34
N ASN KB 95 -81.50 -35.94 -44.33
CA ASN KB 95 -82.02 -36.45 -45.60
C ASN KB 95 -83.02 -35.47 -46.19
N LYS KB 96 -83.58 -35.85 -47.32
CA LYS KB 96 -84.73 -35.12 -47.81
C LYS KB 96 -85.95 -35.43 -46.94
N HIS KB 97 -85.95 -36.59 -46.30
CA HIS KB 97 -87.08 -37.02 -45.48
C HIS KB 97 -86.96 -36.54 -44.05
N GLU KB 98 -85.75 -36.59 -43.48
CA GLU KB 98 -85.54 -36.16 -42.10
C GLU KB 98 -85.72 -34.65 -41.96
N GLU KB 99 -85.52 -33.91 -43.03
CA GLU KB 99 -85.84 -32.49 -43.02
C GLU KB 99 -87.34 -32.24 -43.08
N SER KB 100 -88.11 -33.22 -43.54
CA SER KB 100 -89.54 -33.01 -43.68
C SER KB 100 -90.35 -33.55 -42.51
N LEU KB 101 -89.71 -34.11 -41.49
CA LEU KB 101 -90.41 -34.65 -40.34
C LEU KB 101 -90.78 -33.52 -39.40
N LYS KB 102 -92.05 -33.47 -39.01
CA LYS KB 102 -92.52 -32.59 -37.95
C LYS KB 102 -92.92 -33.42 -36.74
N THR KB 103 -93.01 -32.77 -35.60
CA THR KB 103 -93.58 -33.43 -34.44
C THR KB 103 -95.09 -33.47 -34.57
N LYS KB 104 -95.72 -34.23 -33.67
CA LYS KB 104 -97.18 -34.34 -33.67
C LYS KB 104 -97.83 -33.03 -33.26
N LYS KB 105 -97.22 -32.33 -32.30
CA LYS KB 105 -97.75 -31.08 -31.79
C LYS KB 105 -97.72 -30.00 -32.84
N GLN KB 106 -96.65 -29.97 -33.63
CA GLN KB 106 -96.49 -28.99 -34.68
C GLN KB 106 -97.43 -29.27 -35.84
N GLN KB 107 -97.64 -30.54 -36.16
CA GLN KB 107 -98.61 -30.89 -37.19
C GLN KB 107 -100.03 -30.59 -36.77
N ARG KB 108 -100.32 -30.72 -35.48
CA ARG KB 108 -101.64 -30.37 -34.99
C ARG KB 108 -101.86 -28.86 -35.05
N LYS KB 109 -100.82 -28.06 -34.79
CA LYS KB 109 -100.95 -26.61 -34.95
C LYS KB 109 -101.11 -26.22 -36.40
N GLU KB 110 -100.37 -26.87 -37.31
CA GLU KB 110 -100.50 -26.55 -38.73
C GLU KB 110 -101.84 -26.99 -39.29
N ARG KB 111 -102.43 -28.04 -38.71
CA ARG KB 111 -103.77 -28.44 -39.11
C ARG KB 111 -104.81 -27.47 -38.60
N LEU KB 112 -104.70 -27.04 -37.34
CA LEU KB 112 -105.73 -26.20 -36.75
C LEU KB 112 -105.65 -24.76 -37.23
N TYR KB 113 -104.46 -24.18 -37.30
CA TYR KB 113 -104.33 -22.74 -37.51
C TYR KB 113 -103.46 -22.47 -38.72
N PRO KB 114 -103.99 -22.63 -39.93
CA PRO KB 114 -103.20 -22.27 -41.12
C PRO KB 114 -103.19 -20.77 -41.31
N LEU KB 115 -102.16 -20.29 -42.00
CA LEU KB 115 -102.09 -18.86 -42.30
C LEU KB 115 -103.11 -18.59 -43.39
N ARG KB 116 -104.13 -17.80 -43.06
CA ARG KB 116 -105.23 -17.56 -43.97
C ARG KB 116 -104.81 -16.64 -45.12
N LYS KB 117 -105.64 -16.63 -46.16
CA LYS KB 117 -105.47 -15.72 -47.28
C LYS KB 117 -106.48 -14.60 -47.11
N TYR KB 118 -106.00 -13.40 -46.88
CA TYR KB 118 -106.89 -12.32 -46.50
C TYR KB 118 -106.42 -11.05 -47.20
N ALA KB 119 -107.34 -10.11 -47.36
CA ALA KB 119 -106.97 -8.74 -47.68
C ALA KB 119 -107.79 -7.81 -46.79
N VAL KB 120 -107.40 -6.55 -46.78
CA VAL KB 120 -108.13 -5.54 -46.03
C VAL KB 120 -108.57 -4.46 -47.01
N LYS KB 121 -109.63 -3.77 -46.65
CA LYS KB 121 -110.19 -2.77 -47.55
C LYS KB 121 -109.52 -1.43 -47.34
N ALA KB 122 -109.89 -0.47 -48.18
CA ALA KB 122 -109.43 0.90 -48.03
C ALA KB 122 -110.02 1.51 -46.77
N ALA LB 1 -114.50 26.40 -5.67
CA ALA LB 1 -113.22 25.84 -5.30
C ALA LB 1 -113.06 24.41 -5.81
N LEU LB 2 -112.77 24.26 -7.09
CA LEU LB 2 -112.47 22.96 -7.66
C LEU LB 2 -111.00 22.62 -7.47
N ARG LB 3 -110.65 21.43 -7.94
CA ARG LB 3 -109.32 20.85 -7.81
C ARG LB 3 -108.97 20.25 -9.18
N TYR LB 4 -108.11 20.93 -9.92
CA TYR LB 4 -107.67 20.41 -11.19
C TYR LB 4 -106.73 19.23 -10.98
N PRO LB 5 -106.63 18.31 -11.95
CA PRO LB 5 -105.56 17.32 -11.91
C PRO LB 5 -104.21 17.99 -12.12
N MET LB 6 -103.20 17.54 -11.40
CA MET LB 6 -101.94 18.26 -11.37
C MET LB 6 -100.79 17.33 -11.68
N ALA LB 7 -99.71 17.90 -12.21
CA ALA LB 7 -98.55 17.09 -12.55
C ALA LB 7 -97.73 16.74 -11.33
N VAL LB 8 -97.91 17.46 -10.24
CA VAL LB 8 -97.06 17.30 -9.08
C VAL LB 8 -97.96 17.24 -7.86
N GLY LB 9 -97.48 16.61 -6.81
CA GLY LB 9 -98.20 16.59 -5.57
C GLY LB 9 -98.39 15.16 -5.12
N LEU LB 10 -99.31 15.01 -4.17
CA LEU LB 10 -99.50 13.73 -3.53
C LEU LB 10 -100.33 12.80 -4.41
N ASN LB 11 -101.31 13.35 -5.12
CA ASN LB 11 -102.13 12.57 -6.03
C ASN LB 11 -101.98 13.10 -7.45
N LYS LB 12 -100.74 13.24 -7.88
CA LYS LB 12 -100.40 13.72 -9.20
C LYS LB 12 -100.80 12.71 -10.27
N GLY LB 13 -100.65 13.11 -11.53
CA GLY LB 13 -100.88 12.22 -12.64
C GLY LB 13 -102.19 12.49 -13.37
N HIS LB 14 -102.23 12.06 -14.62
CA HIS LB 14 -103.44 12.15 -15.44
C HIS LB 14 -104.48 11.18 -14.91
N LYS LB 15 -105.72 11.65 -14.77
CA LYS LB 15 -106.76 10.83 -14.18
C LYS LB 15 -107.25 9.81 -15.19
N VAL LB 16 -107.28 8.55 -14.78
CA VAL LB 16 -107.55 7.41 -15.64
C VAL LB 16 -108.29 6.36 -14.84
N THR LB 17 -109.39 5.85 -15.38
CA THR LB 17 -110.10 4.78 -14.71
C THR LB 17 -109.35 3.47 -14.91
N LYS LB 18 -109.43 2.59 -13.93
CA LYS LB 18 -108.58 1.42 -13.86
C LYS LB 18 -109.42 0.16 -14.01
N ASN LB 19 -108.92 -0.80 -14.77
CA ASN LB 19 -109.65 -2.05 -14.88
C ASN LB 19 -109.07 -3.09 -13.91
N VAL LB 20 -109.97 -3.95 -13.43
CA VAL LB 20 -109.58 -5.01 -12.52
C VAL LB 20 -109.52 -6.32 -13.29
N SER LB 21 -108.32 -6.67 -13.73
CA SER LB 21 -108.14 -7.91 -14.44
C SER LB 21 -107.68 -9.00 -13.48
N LYS LB 22 -107.67 -10.23 -13.98
CA LYS LB 22 -107.06 -11.31 -13.24
C LYS LB 22 -105.55 -11.09 -13.20
N PRO LB 23 -104.90 -11.35 -12.07
CA PRO LB 23 -103.44 -11.36 -12.05
C PRO LB 23 -102.89 -12.44 -12.96
N ARG LB 24 -101.69 -12.17 -13.48
CA ARG LB 24 -101.04 -13.09 -14.39
C ARG LB 24 -100.69 -14.38 -13.69
N HIS LB 25 -100.56 -15.45 -14.46
CA HIS LB 25 -100.23 -16.71 -13.84
C HIS LB 25 -98.74 -16.84 -13.61
N SER LB 26 -97.94 -15.91 -14.13
CA SER LB 26 -96.54 -15.89 -13.75
C SER LB 26 -96.36 -15.43 -12.31
N ARG LB 27 -97.35 -14.73 -11.76
CA ARG LB 27 -97.22 -14.14 -10.44
C ARG LB 27 -97.41 -15.14 -9.32
N ARG LB 28 -97.90 -16.33 -9.62
CA ARG LB 28 -98.09 -17.28 -8.53
C ARG LB 28 -96.88 -18.15 -8.27
N ARG LB 29 -95.71 -17.82 -8.79
CA ARG LB 29 -94.57 -18.69 -8.58
C ARG LB 29 -94.07 -18.52 -7.15
N GLY LB 30 -93.55 -19.61 -6.58
CA GLY LB 30 -93.14 -19.59 -5.20
C GLY LB 30 -94.26 -19.75 -4.21
N ARG LB 31 -95.51 -19.74 -4.66
CA ARG LB 31 -96.64 -20.01 -3.80
C ARG LB 31 -96.60 -21.49 -3.44
N LEU LB 32 -96.92 -21.80 -2.21
CA LEU LB 32 -96.69 -23.14 -1.68
C LEU LB 32 -97.89 -24.03 -2.01
N THR LB 33 -97.63 -25.05 -2.81
CA THR LB 33 -98.63 -26.07 -3.12
C THR LB 33 -98.67 -27.07 -1.96
N LYS LB 34 -99.81 -27.73 -1.79
CA LYS LB 34 -99.96 -28.67 -0.69
C LYS LB 34 -99.12 -29.92 -0.91
N HIS LB 35 -98.98 -30.36 -2.17
CA HIS LB 35 -98.18 -31.53 -2.45
C HIS LB 35 -96.70 -31.28 -2.29
N THR LB 36 -96.22 -30.09 -2.66
CA THR LB 36 -94.79 -29.80 -2.47
C THR LB 36 -94.47 -29.58 -1.01
N LYS LB 37 -95.44 -29.08 -0.24
CA LYS LB 37 -95.27 -29.03 1.21
C LYS LB 37 -95.17 -30.41 1.78
N PHE LB 38 -95.96 -31.35 1.25
CA PHE LB 38 -95.87 -32.74 1.67
C PHE LB 38 -94.50 -33.32 1.35
N VAL LB 39 -94.04 -33.13 0.11
CA VAL LB 39 -92.73 -33.63 -0.33
C VAL LB 39 -91.61 -33.04 0.52
N ARG LB 40 -91.73 -31.77 0.86
CA ARG LB 40 -90.64 -31.05 1.48
C ARG LB 40 -90.55 -31.35 2.98
N ASP LB 41 -91.71 -31.46 3.65
CA ASP LB 41 -91.69 -31.91 5.05
C ASP LB 41 -91.35 -33.40 5.15
N MET LB 42 -91.75 -34.17 4.16
CA MET LB 42 -91.35 -35.57 4.02
C MET LB 42 -89.83 -35.72 3.93
N ILE LB 43 -89.17 -34.83 3.23
CA ILE LB 43 -87.72 -34.93 3.12
C ILE LB 43 -87.02 -34.38 4.36
N ARG LB 44 -87.62 -33.39 5.05
CA ARG LB 44 -87.13 -33.05 6.39
C ARG LB 44 -87.20 -34.23 7.35
N GLU LB 45 -88.25 -35.06 7.23
CA GLU LB 45 -88.31 -36.28 8.00
C GLU LB 45 -87.21 -37.26 7.61
N VAL LB 46 -86.94 -37.38 6.32
CA VAL LB 46 -85.87 -38.27 5.85
C VAL LB 46 -84.49 -37.72 6.19
N CYS LB 47 -84.21 -36.47 5.83
CA CYS LB 47 -82.83 -36.00 5.92
C CYS LB 47 -82.54 -35.34 7.25
N GLY LB 48 -83.28 -34.31 7.61
CA GLY LB 48 -83.06 -33.61 8.86
C GLY LB 48 -82.58 -32.18 8.67
N PHE LB 49 -81.75 -31.75 9.61
CA PHE LB 49 -81.26 -30.38 9.58
C PHE LB 49 -79.76 -30.34 9.34
N ALA LB 50 -79.32 -29.21 8.82
CA ALA LB 50 -77.93 -28.93 8.55
C ALA LB 50 -77.20 -28.65 9.87
N PRO LB 51 -75.85 -28.72 9.88
CA PRO LB 51 -75.13 -28.40 11.13
C PRO LB 51 -75.30 -26.99 11.63
N TYR LB 52 -75.38 -25.99 10.75
CA TYR LB 52 -75.60 -24.63 11.21
C TYR LB 52 -77.01 -24.47 11.77
N GLU LB 53 -77.97 -25.18 11.18
CA GLU LB 53 -79.35 -25.14 11.66
C GLU LB 53 -79.44 -25.78 13.03
N ARG LB 54 -78.70 -26.86 13.27
CA ARG LB 54 -78.66 -27.48 14.58
C ARG LB 54 -78.01 -26.58 15.62
N ARG LB 55 -76.93 -25.89 15.24
CA ARG LB 55 -76.27 -24.98 16.17
C ARG LB 55 -77.18 -23.80 16.53
N ALA LB 56 -77.97 -23.33 15.56
CA ALA LB 56 -78.91 -22.27 15.85
C ALA LB 56 -80.10 -22.76 16.66
N MET LB 57 -80.49 -24.03 16.51
CA MET LB 57 -81.50 -24.61 17.38
C MET LB 57 -81.02 -24.67 18.82
N GLU LB 58 -79.75 -25.02 19.02
CA GLU LB 58 -79.20 -25.02 20.38
C GLU LB 58 -79.06 -23.61 20.94
N LEU LB 59 -78.82 -22.61 20.09
CA LEU LB 59 -78.85 -21.22 20.55
C LEU LB 59 -80.25 -20.76 20.91
N LEU LB 60 -81.27 -21.26 20.22
CA LEU LB 60 -82.63 -20.85 20.53
C LEU LB 60 -83.18 -21.59 21.73
N LYS LB 61 -82.61 -22.74 22.10
CA LYS LB 61 -83.06 -23.44 23.29
C LYS LB 61 -82.63 -22.74 24.57
N VAL LB 62 -81.49 -22.04 24.54
CA VAL LB 62 -80.98 -21.34 25.71
C VAL LB 62 -81.43 -19.89 25.66
N SER LB 63 -82.41 -19.60 24.80
CA SER LB 63 -83.10 -18.31 24.68
C SER LB 63 -82.12 -17.18 24.32
N LYS LB 64 -81.24 -17.47 23.37
CA LYS LB 64 -80.33 -16.49 22.82
C LYS LB 64 -80.77 -16.23 21.38
N ASP LB 65 -81.74 -15.34 21.23
CA ASP LB 65 -82.36 -15.14 19.92
C ASP LB 65 -81.58 -14.18 19.04
N LYS LB 66 -80.95 -13.17 19.64
CA LYS LB 66 -80.18 -12.21 18.85
C LYS LB 66 -78.88 -12.83 18.36
N ARG LB 67 -78.24 -13.66 19.19
CA ARG LB 67 -77.07 -14.39 18.76
C ARG LB 67 -77.43 -15.45 17.72
N ALA LB 68 -78.62 -16.04 17.82
CA ALA LB 68 -79.11 -16.93 16.79
C ALA LB 68 -79.29 -16.18 15.47
N LEU LB 69 -79.80 -14.95 15.50
CA LEU LB 69 -79.95 -14.18 14.29
C LEU LB 69 -78.60 -13.79 13.69
N LYS LB 70 -77.63 -13.45 14.53
CA LYS LB 70 -76.29 -13.11 14.04
C LYS LB 70 -75.62 -14.33 13.41
N PHE LB 71 -75.80 -15.50 14.01
CA PHE LB 71 -75.21 -16.72 13.48
C PHE LB 71 -75.83 -17.10 12.15
N ILE LB 72 -77.16 -17.12 12.08
CA ILE LB 72 -77.86 -17.46 10.85
C ILE LB 72 -77.60 -16.41 9.77
N LYS LB 73 -77.34 -15.17 10.17
CA LYS LB 73 -77.06 -14.14 9.18
C LYS LB 73 -75.65 -14.28 8.63
N LYS LB 74 -74.69 -14.72 9.44
CA LYS LB 74 -73.39 -14.98 8.87
C LYS LB 74 -73.39 -16.24 8.03
N ARG LB 75 -74.20 -17.22 8.39
CA ARG LB 75 -74.25 -18.46 7.62
C ARG LB 75 -74.98 -18.28 6.29
N VAL LB 76 -76.19 -17.72 6.30
CA VAL LB 76 -76.99 -17.71 5.08
C VAL LB 76 -76.92 -16.37 4.35
N GLY LB 77 -76.29 -15.36 4.92
CA GLY LB 77 -76.16 -14.13 4.17
C GLY LB 77 -76.97 -12.95 4.64
N THR LB 78 -78.09 -12.66 3.99
CA THR LB 78 -78.82 -11.44 4.27
C THR LB 78 -79.61 -11.55 5.57
N HIS LB 79 -80.20 -10.41 5.97
CA HIS LB 79 -80.97 -10.33 7.20
C HIS LB 79 -82.38 -10.84 6.99
N ILE LB 80 -82.93 -10.68 5.80
CA ILE LB 80 -84.27 -11.17 5.47
C ILE LB 80 -84.28 -12.69 5.51
N ARG LB 81 -83.29 -13.31 4.87
CA ARG LB 81 -83.22 -14.77 4.82
C ARG LB 81 -82.94 -15.35 6.20
N ALA LB 82 -82.14 -14.66 7.00
CA ALA LB 82 -81.83 -15.11 8.33
C ALA LB 82 -82.99 -14.96 9.28
N LYS LB 83 -83.78 -13.89 9.11
CA LYS LB 83 -84.97 -13.72 9.91
C LYS LB 83 -86.00 -14.81 9.59
N ARG LB 84 -86.15 -15.16 8.31
CA ARG LB 84 -87.07 -16.23 7.94
C ARG LB 84 -86.58 -17.59 8.45
N LYS LB 85 -85.27 -17.83 8.38
CA LYS LB 85 -84.73 -19.08 8.89
C LYS LB 85 -84.81 -19.17 10.41
N ARG LB 86 -84.61 -18.06 11.11
CA ARG LB 86 -84.73 -18.08 12.57
C ARG LB 86 -86.17 -18.32 12.99
N GLU LB 87 -87.14 -17.72 12.28
CA GLU LB 87 -88.53 -18.00 12.60
C GLU LB 87 -88.93 -19.42 12.24
N GLU LB 88 -88.35 -19.99 11.19
CA GLU LB 88 -88.63 -21.38 10.84
C GLU LB 88 -88.07 -22.33 11.88
N LEU LB 89 -86.85 -22.08 12.35
CA LEU LB 89 -86.26 -22.92 13.39
C LEU LB 89 -86.95 -22.75 14.73
N SER LB 90 -87.44 -21.54 15.03
CA SER LB 90 -88.25 -21.34 16.23
C SER LB 90 -89.56 -22.09 16.15
N SER LB 91 -90.18 -22.12 14.97
CA SER LB 91 -91.42 -22.85 14.79
C SER LB 91 -91.21 -24.35 14.94
N VAL LB 92 -90.13 -24.88 14.37
CA VAL LB 92 -89.92 -26.32 14.47
C VAL LB 92 -89.43 -26.70 15.86
N LEU LB 93 -88.78 -25.78 16.56
CA LEU LB 93 -88.37 -26.07 17.95
C LEU LB 93 -89.58 -26.05 18.88
N ALA LB 94 -90.52 -25.13 18.64
CA ALA LB 94 -91.79 -25.13 19.35
C ALA LB 94 -92.59 -26.39 19.06
N ALA LB 95 -92.56 -26.89 17.83
CA ALA LB 95 -93.28 -28.12 17.51
C ALA LB 95 -92.64 -29.33 18.18
N MET LB 96 -91.30 -29.37 18.24
CA MET LB 96 -90.63 -30.42 19.01
C MET LB 96 -90.97 -30.36 20.49
N ARG LB 97 -91.07 -29.14 21.03
CA ARG LB 97 -91.40 -28.97 22.44
C ARG LB 97 -92.82 -29.41 22.75
N LYS LB 98 -93.76 -29.11 21.84
CA LYS LB 98 -95.15 -29.52 22.06
C LYS LB 98 -95.32 -31.02 21.88
N ALA LB 99 -94.67 -31.61 20.87
CA ALA LB 99 -94.78 -33.05 20.69
C ALA LB 99 -94.01 -33.82 21.75
N ALA LB 100 -93.05 -33.17 22.42
CA ALA LB 100 -92.35 -33.82 23.51
C ALA LB 100 -93.08 -33.63 24.84
N ALA LB 101 -93.97 -32.63 24.91
CA ALA LB 101 -94.81 -32.48 26.10
C ALA LB 101 -95.90 -33.55 26.13
N LYS LB 102 -96.60 -33.72 25.01
CA LYS LB 102 -97.76 -34.61 24.95
C LYS LB 102 -97.96 -35.08 23.50
N THR MB 1 -9.96 -15.55 -34.97
CA THR MB 1 -10.15 -16.52 -36.03
C THR MB 1 -11.63 -16.86 -36.19
N LYS MB 2 -12.49 -15.90 -35.86
CA LYS MB 2 -13.92 -16.18 -35.79
C LYS MB 2 -14.57 -15.99 -37.15
N GLY MB 3 -13.84 -15.47 -38.12
CA GLY MB 3 -14.40 -15.08 -39.38
C GLY MB 3 -14.17 -16.07 -40.47
N THR MB 4 -13.13 -15.87 -41.29
CA THR MB 4 -12.94 -16.66 -42.49
C THR MB 4 -12.57 -18.09 -42.17
N SER MB 5 -11.62 -18.28 -41.26
CA SER MB 5 -11.07 -19.61 -41.03
C SER MB 5 -12.04 -20.50 -40.28
N SER MB 6 -12.96 -19.92 -39.53
CA SER MB 6 -13.97 -20.76 -38.89
C SER MB 6 -15.08 -21.17 -39.83
N PHE MB 7 -15.16 -20.56 -41.01
CA PHE MB 7 -16.15 -20.95 -42.00
C PHE MB 7 -15.72 -22.20 -42.75
N GLY MB 8 -14.47 -22.62 -42.60
CA GLY MB 8 -14.03 -23.81 -43.27
C GLY MB 8 -14.56 -25.07 -42.62
N LYS MB 9 -14.90 -24.98 -41.35
CA LYS MB 9 -15.38 -26.09 -40.57
C LYS MB 9 -16.85 -26.40 -40.79
N ARG MB 10 -17.48 -25.75 -41.75
CA ARG MB 10 -18.89 -25.95 -42.00
C ARG MB 10 -19.17 -27.06 -43.00
N ARG MB 11 -19.22 -28.31 -42.56
CA ARG MB 11 -19.56 -29.41 -43.45
C ARG MB 11 -20.82 -30.17 -43.03
N ASN MB 12 -20.98 -30.52 -41.76
CA ASN MB 12 -22.18 -31.22 -41.33
C ASN MB 12 -23.40 -30.30 -41.34
N LYS MB 13 -24.55 -30.81 -41.77
CA LYS MB 13 -25.74 -30.00 -42.06
C LYS MB 13 -26.78 -30.12 -40.94
N THR MB 14 -27.50 -29.02 -40.69
CA THR MB 14 -28.54 -29.02 -39.67
C THR MB 14 -29.93 -29.28 -40.25
N HIS MB 15 -30.20 -28.74 -41.42
CA HIS MB 15 -31.53 -28.87 -42.01
C HIS MB 15 -31.47 -29.68 -43.30
N THR MB 16 -32.56 -30.38 -43.57
CA THR MB 16 -32.77 -31.05 -44.84
C THR MB 16 -34.17 -30.72 -45.31
N LEU MB 17 -34.59 -31.35 -46.40
CA LEU MB 17 -35.88 -31.05 -47.01
C LEU MB 17 -36.99 -31.64 -46.16
N CYS MB 18 -37.98 -30.82 -45.80
CA CYS MB 18 -39.15 -31.39 -45.17
C CYS MB 18 -39.99 -32.13 -46.20
N ARG MB 19 -40.72 -33.12 -45.72
CA ARG MB 19 -41.48 -34.01 -46.57
C ARG MB 19 -42.98 -33.73 -46.48
N ARG MB 20 -43.34 -32.63 -45.84
CA ARG MB 20 -44.72 -32.14 -45.88
C ARG MB 20 -44.76 -30.82 -46.64
N CYS MB 21 -43.70 -30.01 -46.55
CA CYS MB 21 -43.72 -28.71 -47.21
C CYS MB 21 -42.59 -28.51 -48.20
N GLY MB 22 -41.67 -29.45 -48.37
CA GLY MB 22 -40.66 -29.36 -49.40
C GLY MB 22 -39.47 -28.48 -49.10
N SER MB 23 -39.60 -27.52 -48.20
CA SER MB 23 -38.52 -26.58 -47.96
C SER MB 23 -37.45 -27.20 -47.09
N LYS MB 24 -36.23 -26.69 -47.22
CA LYS MB 24 -35.04 -27.20 -46.56
C LYS MB 24 -34.98 -26.66 -45.13
N ALA MB 25 -35.95 -27.06 -44.31
CA ALA MB 25 -36.00 -26.52 -42.96
C ALA MB 25 -36.38 -27.58 -41.93
N TYR MB 26 -36.18 -28.83 -42.25
CA TYR MB 26 -36.41 -29.91 -41.31
C TYR MB 26 -35.14 -30.07 -40.49
N HIS MB 27 -35.17 -29.68 -39.22
CA HIS MB 27 -34.01 -29.82 -38.37
C HIS MB 27 -33.87 -31.29 -37.97
N LEU MB 28 -32.67 -31.83 -38.17
CA LEU MB 28 -32.46 -33.27 -38.09
C LEU MB 28 -32.32 -33.77 -36.67
N GLN MB 29 -31.91 -32.92 -35.74
CA GLN MB 29 -31.76 -33.39 -34.36
C GLN MB 29 -33.02 -33.11 -33.55
N LYS MB 30 -33.69 -31.99 -33.82
CA LYS MB 30 -34.96 -31.77 -33.14
C LYS MB 30 -36.08 -32.59 -33.77
N SER MB 31 -35.87 -33.09 -34.99
CA SER MB 31 -36.84 -33.85 -35.78
C SER MB 31 -38.16 -33.11 -35.90
N THR MB 32 -38.08 -31.82 -36.18
CA THR MB 32 -39.21 -30.96 -36.50
C THR MB 32 -38.79 -30.03 -37.61
N CYS MB 33 -39.74 -29.70 -38.47
CA CYS MB 33 -39.56 -28.69 -39.50
C CYS MB 33 -39.65 -27.31 -38.87
N GLY MB 34 -38.77 -26.41 -39.28
CA GLY MB 34 -38.86 -25.05 -38.78
C GLY MB 34 -39.72 -24.15 -39.65
N LYS MB 35 -40.22 -24.67 -40.76
CA LYS MB 35 -41.03 -23.86 -41.65
C LYS MB 35 -42.51 -24.13 -41.44
N CYS MB 36 -42.87 -25.40 -41.18
CA CYS MB 36 -44.27 -25.76 -40.97
C CYS MB 36 -44.51 -26.67 -39.77
N GLY MB 37 -43.48 -27.08 -39.05
CA GLY MB 37 -43.62 -27.93 -37.89
C GLY MB 37 -44.18 -29.29 -38.22
N TYR MB 38 -43.42 -30.15 -38.91
CA TYR MB 38 -44.05 -31.29 -39.58
C TYR MB 38 -44.65 -32.34 -38.64
N PRO MB 39 -43.98 -32.86 -37.61
CA PRO MB 39 -44.66 -33.94 -36.84
C PRO MB 39 -45.82 -33.45 -35.99
N ALA MB 40 -46.01 -32.14 -35.87
CA ALA MB 40 -47.25 -31.59 -35.40
C ALA MB 40 -48.31 -31.75 -36.48
N LYS MB 41 -49.54 -32.09 -36.06
CA LYS MB 41 -50.60 -32.35 -37.04
C LYS MB 41 -51.03 -31.08 -37.76
N ARG MB 42 -50.85 -29.93 -37.13
CA ARG MB 42 -51.34 -28.68 -37.69
C ARG MB 42 -50.21 -27.93 -38.37
N LYS MB 43 -50.59 -27.11 -39.35
CA LYS MB 43 -49.65 -26.26 -40.07
C LYS MB 43 -49.17 -25.15 -39.16
N ARG MB 44 -47.87 -24.88 -39.18
CA ARG MB 44 -47.31 -23.75 -38.44
C ARG MB 44 -47.54 -22.52 -39.27
N LYS MB 45 -48.44 -21.65 -38.82
CA LYS MB 45 -48.66 -20.37 -39.46
C LYS MB 45 -48.92 -19.33 -38.38
N TYR MB 46 -48.30 -18.17 -38.57
CA TYR MB 46 -48.38 -17.10 -37.60
C TYR MB 46 -48.82 -15.83 -38.29
N ASN MB 47 -49.39 -14.93 -37.50
CA ASN MB 47 -50.11 -13.80 -38.07
C ASN MB 47 -49.23 -12.56 -38.05
N TRP MB 48 -48.11 -12.62 -37.33
CA TRP MB 48 -47.07 -11.60 -37.45
C TRP MB 48 -46.28 -11.78 -38.73
N SER MB 49 -46.34 -12.96 -39.33
CA SER MB 49 -45.73 -13.17 -40.63
C SER MB 49 -46.85 -13.14 -41.66
N ALA MB 50 -47.24 -11.92 -42.04
CA ALA MB 50 -48.27 -11.75 -43.04
C ALA MB 50 -47.77 -12.12 -44.43
N LYS MB 51 -46.51 -11.82 -44.74
CA LYS MB 51 -45.95 -12.16 -46.03
C LYS MB 51 -45.68 -13.65 -46.14
N ALA MB 52 -45.30 -14.28 -45.04
CA ALA MB 52 -45.03 -15.71 -45.07
C ALA MB 52 -46.28 -16.54 -45.21
N LYS MB 53 -47.44 -16.02 -44.78
CA LYS MB 53 -48.70 -16.70 -45.05
C LYS MB 53 -48.98 -16.76 -46.54
N ARG MB 54 -48.86 -15.63 -47.23
CA ARG MB 54 -49.26 -15.57 -48.64
C ARG MB 54 -48.30 -16.32 -49.56
N ARG MB 55 -47.14 -16.72 -49.06
CA ARG MB 55 -46.27 -17.57 -49.87
C ARG MB 55 -46.81 -18.98 -49.92
N ASN MB 56 -47.60 -19.35 -48.93
CA ASN MB 56 -48.18 -20.69 -48.85
C ASN MB 56 -49.63 -20.55 -48.40
N THR MB 57 -50.52 -20.25 -49.33
CA THR MB 57 -51.95 -20.21 -49.09
C THR MB 57 -52.59 -21.18 -50.06
N THR MB 58 -53.92 -21.15 -50.13
CA THR MB 58 -54.61 -22.02 -51.06
C THR MB 58 -54.47 -21.56 -52.50
N GLY MB 59 -54.15 -20.29 -52.74
CA GLY MB 59 -54.00 -19.88 -54.12
C GLY MB 59 -52.67 -20.27 -54.72
N THR MB 60 -51.79 -20.87 -53.91
CA THR MB 60 -50.38 -20.94 -54.24
C THR MB 60 -50.07 -22.12 -55.14
N GLY MB 61 -50.69 -23.27 -54.88
CA GLY MB 61 -50.38 -24.46 -55.63
C GLY MB 61 -51.38 -24.73 -56.74
N ARG MB 62 -51.54 -26.02 -57.06
CA ARG MB 62 -52.39 -26.43 -58.16
C ARG MB 62 -53.86 -26.22 -57.84
N MET MB 63 -54.24 -26.53 -56.60
CA MET MB 63 -55.63 -26.82 -56.21
C MET MB 63 -56.26 -27.84 -57.13
N ARG MB 64 -55.71 -29.05 -57.16
CA ARG MB 64 -56.12 -30.01 -58.17
C ARG MB 64 -57.47 -30.63 -57.84
N HIS MB 65 -57.95 -30.46 -56.62
CA HIS MB 65 -59.30 -30.82 -56.25
C HIS MB 65 -60.22 -29.62 -56.14
N LEU MB 66 -59.69 -28.47 -55.71
CA LEU MB 66 -60.58 -27.39 -55.31
C LEU MB 66 -61.10 -26.61 -56.51
N LYS MB 67 -60.35 -26.58 -57.61
CA LYS MB 67 -60.83 -25.90 -58.80
C LYS MB 67 -61.97 -26.65 -59.47
N ILE MB 68 -61.96 -27.99 -59.42
CA ILE MB 68 -63.12 -28.71 -59.92
C ILE MB 68 -64.26 -28.66 -58.92
N VAL MB 69 -64.00 -28.38 -57.64
CA VAL MB 69 -65.08 -28.12 -56.69
C VAL MB 69 -65.80 -26.83 -57.05
N TYR MB 70 -65.05 -25.80 -57.44
CA TYR MB 70 -65.67 -24.55 -57.88
C TYR MB 70 -66.48 -24.75 -59.15
N ARG MB 71 -65.92 -25.51 -60.10
CA ARG MB 71 -66.63 -25.80 -61.35
C ARG MB 71 -67.89 -26.63 -61.13
N ARG MB 72 -67.84 -27.62 -60.23
CA ARG MB 72 -69.04 -28.40 -59.96
C ARG MB 72 -70.04 -27.62 -59.15
N PHE MB 73 -69.59 -26.65 -58.36
CA PHE MB 73 -70.52 -25.78 -57.65
C PHE MB 73 -71.36 -24.98 -58.60
N ARG MB 74 -70.78 -24.49 -59.69
CA ARG MB 74 -71.53 -23.55 -60.52
C ARG MB 74 -72.65 -24.23 -61.32
N HIS MB 75 -72.79 -25.55 -61.19
CA HIS MB 75 -73.94 -26.30 -61.71
C HIS MB 75 -74.64 -27.12 -60.62
N GLY MB 76 -74.40 -26.82 -59.36
CA GLY MB 76 -75.18 -27.41 -58.30
C GLY MB 76 -74.75 -28.79 -57.84
N PHE MB 77 -73.51 -29.19 -58.14
CA PHE MB 77 -72.92 -30.49 -57.78
C PHE MB 77 -73.77 -31.65 -58.26
N ARG MB 78 -73.94 -31.72 -59.57
CA ARG MB 78 -74.77 -32.75 -60.17
C ARG MB 78 -73.98 -34.05 -60.32
N GLU MB 79 -74.69 -35.17 -60.25
CA GLU MB 79 -74.09 -36.49 -60.16
C GLU MB 79 -74.93 -37.47 -60.96
N GLY MB 80 -74.28 -38.32 -61.74
CA GLY MB 80 -74.95 -39.42 -62.39
C GLY MB 80 -75.59 -39.10 -63.71
N THR MB 81 -76.08 -37.87 -63.89
CA THR MB 81 -76.67 -37.52 -65.17
C THR MB 81 -75.58 -37.32 -66.21
N THR MB 82 -75.97 -37.47 -67.47
CA THR MB 82 -75.16 -37.20 -68.63
C THR MB 82 -76.00 -36.34 -69.55
N PRO MB 83 -75.39 -35.54 -70.42
CA PRO MB 83 -76.19 -34.76 -71.37
C PRO MB 83 -76.82 -35.63 -72.44
N LYS MB 84 -77.78 -35.05 -73.13
CA LYS MB 84 -78.60 -35.75 -74.12
C LYS MB 84 -77.75 -36.17 -75.32
N PRO MB 85 -77.68 -37.45 -75.66
CA PRO MB 85 -76.81 -37.88 -76.77
C PRO MB 85 -77.31 -37.43 -78.13
N LYS MB 86 -76.45 -37.63 -79.12
CA LYS MB 86 -76.74 -37.17 -80.48
C LYS MB 86 -77.83 -38.01 -81.13
N PRO NB 1 -10.87 -76.05 -54.41
CA PRO NB 1 -10.43 -77.29 -55.05
C PRO NB 1 -10.08 -78.36 -54.06
N ARG NB 2 -10.33 -79.62 -54.42
CA ARG NB 2 -10.05 -80.74 -53.56
C ARG NB 2 -9.19 -81.74 -54.31
N LYS NB 3 -8.05 -82.11 -53.74
CA LYS NB 3 -7.15 -83.04 -54.39
C LYS NB 3 -7.47 -84.48 -53.98
N ILE NB 4 -7.58 -85.34 -54.96
CA ILE NB 4 -7.86 -86.75 -54.78
C ILE NB 4 -6.52 -87.48 -54.72
N GLU NB 5 -6.45 -88.54 -53.91
CA GLU NB 5 -5.25 -89.37 -53.84
C GLU NB 5 -5.41 -90.63 -54.68
N GLU NB 6 -6.60 -91.22 -54.64
CA GLU NB 6 -6.82 -92.54 -55.22
C GLU NB 6 -7.34 -92.42 -56.65
N ILE NB 7 -7.05 -93.43 -57.46
CA ILE NB 7 -7.54 -93.43 -58.84
C ILE NB 7 -9.02 -93.83 -58.89
N LYS NB 8 -9.44 -94.72 -57.98
CA LYS NB 8 -10.83 -95.16 -57.96
C LYS NB 8 -11.73 -94.07 -57.41
N ASP NB 9 -11.22 -93.26 -56.48
CA ASP NB 9 -12.02 -92.15 -55.97
C ASP NB 9 -12.19 -91.07 -57.03
N PHE NB 10 -11.19 -90.90 -57.90
CA PHE NB 10 -11.35 -90.05 -59.07
C PHE NB 10 -12.41 -90.61 -60.02
N LEU NB 11 -12.42 -91.92 -60.24
CA LEU NB 11 -13.40 -92.49 -61.16
C LEU NB 11 -14.81 -92.40 -60.59
N LEU NB 12 -14.95 -92.51 -59.26
CA LEU NB 12 -16.24 -92.30 -58.65
C LEU NB 12 -16.65 -90.83 -58.68
N THR NB 13 -15.66 -89.93 -58.68
CA THR NB 13 -15.95 -88.50 -58.82
C THR NB 13 -16.45 -88.16 -60.21
N ALA NB 14 -15.83 -88.72 -61.25
CA ALA NB 14 -16.22 -88.36 -62.61
C ALA NB 14 -17.51 -89.05 -63.06
N ARG NB 15 -17.97 -90.06 -62.32
CA ARG NB 15 -19.15 -90.82 -62.71
C ARG NB 15 -20.45 -90.20 -62.20
N ARG NB 16 -20.36 -89.06 -61.51
CA ARG NB 16 -21.53 -88.43 -60.91
C ARG NB 16 -22.38 -87.72 -61.97
N LYS NB 17 -23.48 -87.14 -61.48
CA LYS NB 17 -24.35 -86.35 -62.35
C LYS NB 17 -23.86 -84.90 -62.43
N ASP NB 18 -23.24 -84.39 -61.36
CA ASP NB 18 -22.83 -82.99 -61.35
C ASP NB 18 -21.62 -82.72 -62.22
N ALA NB 19 -20.87 -83.76 -62.59
CA ALA NB 19 -19.58 -83.60 -63.25
C ALA NB 19 -19.74 -83.12 -64.68
N LYS NB 20 -19.26 -81.91 -64.96
CA LYS NB 20 -19.42 -81.32 -66.27
C LYS NB 20 -18.37 -81.81 -67.23
N SER NB 21 -17.10 -81.64 -66.90
CA SER NB 21 -16.02 -81.95 -67.83
C SER NB 21 -14.84 -82.44 -67.02
N VAL NB 22 -13.96 -83.19 -67.69
CA VAL NB 22 -12.67 -83.55 -67.13
C VAL NB 22 -11.60 -83.05 -68.10
N LYS NB 23 -10.57 -82.41 -67.56
CA LYS NB 23 -9.53 -81.90 -68.43
C LYS NB 23 -8.17 -82.32 -67.91
N ILE NB 24 -7.22 -82.39 -68.85
CA ILE NB 24 -5.95 -83.09 -68.65
C ILE NB 24 -4.85 -82.09 -68.95
N LYS NB 25 -4.28 -81.48 -67.90
CA LYS NB 25 -3.16 -80.58 -68.07
C LYS NB 25 -1.88 -81.39 -68.00
N LYS NB 26 -1.26 -81.61 -69.15
CA LYS NB 26 -0.02 -82.36 -69.24
C LYS NB 26 1.14 -81.37 -69.18
N ASN NB 27 1.66 -81.19 -67.98
CA ASN NB 27 2.88 -80.43 -67.76
C ASN NB 27 4.03 -81.39 -67.50
N LYS NB 28 5.20 -80.84 -67.17
CA LYS NB 28 6.36 -81.70 -66.94
C LYS NB 28 6.28 -82.32 -65.56
N ASP NB 29 6.65 -83.61 -65.48
CA ASP NB 29 6.71 -84.41 -64.26
C ASP NB 29 5.36 -84.63 -63.57
N ASN NB 30 4.25 -84.29 -64.22
CA ASN NB 30 2.90 -84.48 -63.68
C ASN NB 30 1.91 -84.64 -64.82
N VAL NB 31 0.80 -85.30 -64.53
CA VAL NB 31 -0.40 -85.26 -65.34
C VAL NB 31 -1.55 -84.99 -64.38
N LYS NB 32 -2.22 -83.86 -64.53
CA LYS NB 32 -3.34 -83.50 -63.69
C LYS NB 32 -4.63 -83.78 -64.44
N PHE NB 33 -5.54 -84.52 -63.81
CA PHE NB 33 -6.89 -84.74 -64.34
C PHE NB 33 -7.84 -83.90 -63.50
N LYS NB 34 -8.42 -82.86 -64.08
CA LYS NB 34 -9.30 -81.95 -63.36
C LYS NB 34 -10.74 -82.15 -63.76
N VAL NB 35 -11.58 -82.67 -62.85
CA VAL NB 35 -12.99 -82.84 -63.14
C VAL NB 35 -13.79 -81.74 -62.44
N ARG NB 36 -14.61 -81.04 -63.23
CA ARG NB 36 -15.43 -79.94 -62.75
C ARG NB 36 -16.76 -80.51 -62.27
N CYS NB 37 -16.95 -80.52 -60.96
CA CYS NB 37 -18.24 -80.87 -60.39
C CYS NB 37 -18.99 -79.59 -60.03
N SER NB 38 -20.07 -79.75 -59.27
CA SER NB 38 -20.95 -78.60 -59.01
C SER NB 38 -20.35 -77.67 -57.97
N ARG NB 39 -19.52 -78.19 -57.08
CA ARG NB 39 -19.01 -77.38 -55.98
C ARG NB 39 -17.49 -77.24 -56.07
N TYR NB 40 -16.76 -78.33 -56.30
CA TYR NB 40 -15.31 -78.25 -56.30
C TYR NB 40 -14.73 -78.72 -57.62
N LEU NB 41 -13.50 -78.26 -57.85
CA LEU NB 41 -12.63 -78.74 -58.93
C LEU NB 41 -11.82 -79.85 -58.29
N TYR NB 42 -12.01 -81.07 -58.78
CA TYR NB 42 -11.30 -82.21 -58.23
C TYR NB 42 -10.13 -82.58 -59.12
N THR NB 43 -8.94 -82.65 -58.55
CA THR NB 43 -7.75 -82.97 -59.33
C THR NB 43 -7.16 -84.28 -58.89
N LEU NB 44 -6.59 -85.00 -59.85
CA LEU NB 44 -5.80 -86.18 -59.56
C LEU NB 44 -4.44 -85.96 -60.22
N VAL NB 45 -3.40 -85.79 -59.41
CA VAL NB 45 -2.08 -85.50 -59.94
C VAL NB 45 -1.31 -86.80 -60.09
N ILE NB 46 -1.15 -87.26 -61.33
CA ILE NB 46 -0.52 -88.54 -61.64
C ILE NB 46 0.90 -88.27 -62.11
N THR NB 47 1.87 -88.91 -61.46
CA THR NB 47 3.26 -88.67 -61.82
C THR NB 47 3.75 -89.65 -62.88
N ASP NB 48 3.05 -90.76 -63.09
CA ASP NB 48 3.45 -91.74 -64.08
C ASP NB 48 2.69 -91.53 -65.38
N LYS NB 49 3.43 -91.43 -66.49
CA LYS NB 49 2.82 -91.15 -67.78
C LYS NB 49 2.02 -92.33 -68.30
N GLU NB 50 2.50 -93.55 -68.06
CA GLU NB 50 1.79 -94.75 -68.49
C GLU NB 50 0.49 -94.93 -67.71
N LYS NB 51 0.51 -94.59 -66.43
CA LYS NB 51 -0.70 -94.67 -65.63
C LYS NB 51 -1.70 -93.61 -66.05
N ALA NB 52 -1.19 -92.45 -66.49
CA ALA NB 52 -2.04 -91.40 -67.05
C ALA NB 52 -2.68 -91.85 -68.36
N GLU NB 53 -1.92 -92.51 -69.22
CA GLU NB 53 -2.45 -92.98 -70.49
C GLU NB 53 -3.44 -94.13 -70.29
N LYS NB 54 -3.24 -94.94 -69.25
CA LYS NB 54 -4.21 -95.97 -68.91
C LYS NB 54 -5.48 -95.36 -68.32
N LEU NB 55 -5.34 -94.26 -67.58
CA LEU NB 55 -6.50 -93.59 -66.99
C LEU NB 55 -7.30 -92.86 -68.05
N LYS NB 56 -6.64 -92.36 -69.10
CA LYS NB 56 -7.27 -91.41 -70.01
C LYS NB 56 -8.37 -92.04 -70.84
N GLN NB 57 -8.26 -93.33 -71.13
CA GLN NB 57 -9.35 -94.01 -71.82
C GLN NB 57 -10.40 -94.52 -70.86
N SER NB 58 -10.12 -94.49 -69.55
CA SER NB 58 -11.03 -95.04 -68.56
C SER NB 58 -12.14 -94.09 -68.17
N LEU NB 59 -12.24 -92.93 -68.81
CA LEU NB 59 -13.28 -91.98 -68.46
C LEU NB 59 -14.61 -92.43 -69.09
N PRO NB 60 -15.74 -92.04 -68.50
CA PRO NB 60 -17.04 -92.33 -69.12
C PRO NB 60 -17.20 -91.58 -70.43
N PRO NB 61 -17.88 -92.16 -71.42
CA PRO NB 61 -17.95 -91.51 -72.73
C PRO NB 61 -18.88 -90.32 -72.76
N GLY NB 62 -19.74 -90.17 -71.75
CA GLY NB 62 -20.65 -89.04 -71.74
C GLY NB 62 -19.99 -87.76 -71.24
N LEU NB 63 -18.77 -87.88 -70.73
CA LEU NB 63 -18.11 -86.75 -70.10
C LEU NB 63 -17.23 -86.02 -71.11
N ALA NB 64 -17.17 -84.70 -71.01
CA ALA NB 64 -16.42 -83.88 -71.96
C ALA NB 64 -14.95 -83.87 -71.59
N VAL NB 65 -14.14 -84.57 -72.37
CA VAL NB 65 -12.70 -84.63 -72.13
C VAL NB 65 -12.03 -83.53 -72.93
N LYS NB 66 -11.15 -82.78 -72.28
CA LYS NB 66 -10.41 -81.71 -72.94
C LYS NB 66 -8.93 -81.92 -72.66
N GLU NB 67 -8.17 -82.24 -73.70
CA GLU NB 67 -6.72 -82.24 -73.58
C GLU NB 67 -6.25 -80.79 -73.56
N LEU NB 68 -5.62 -80.37 -72.48
CA LEU NB 68 -5.38 -78.97 -72.22
C LEU NB 68 -4.07 -78.54 -72.87
N LYS NB 69 -4.08 -77.36 -73.48
CA LYS NB 69 -2.89 -76.83 -74.15
C LYS NB 69 -2.88 -75.31 -74.20
N SER OB 1 -21.89 -36.25 -52.29
CA SER OB 1 -21.16 -37.32 -51.66
C SER OB 1 -21.34 -38.56 -52.49
N SER OB 2 -20.44 -39.53 -52.34
CA SER OB 2 -20.63 -40.81 -53.02
C SER OB 2 -21.68 -41.65 -52.32
N HIS OB 3 -21.97 -41.34 -51.05
CA HIS OB 3 -23.08 -41.99 -50.36
C HIS OB 3 -24.32 -41.12 -50.45
N LYS OB 4 -25.32 -41.57 -51.18
CA LYS OB 4 -26.54 -40.79 -51.32
C LYS OB 4 -27.73 -41.58 -50.83
N THR OB 5 -28.86 -40.91 -50.73
CA THR OB 5 -30.15 -41.55 -50.58
C THR OB 5 -30.86 -41.49 -51.92
N PHE OB 6 -31.98 -42.19 -52.03
CA PHE OB 6 -32.75 -42.13 -53.26
C PHE OB 6 -33.44 -40.78 -53.41
N ARG OB 7 -33.84 -40.16 -52.30
CA ARG OB 7 -34.52 -38.88 -52.32
C ARG OB 7 -33.61 -37.76 -52.81
N ILE OB 8 -32.39 -37.69 -52.28
CA ILE OB 8 -31.45 -36.66 -52.67
C ILE OB 8 -30.99 -36.87 -54.11
N LYS OB 9 -30.83 -38.14 -54.50
CA LYS OB 9 -30.41 -38.44 -55.86
C LYS OB 9 -31.48 -38.07 -56.87
N ARG OB 10 -32.75 -38.30 -56.53
CA ARG OB 10 -33.84 -37.91 -57.42
C ARG OB 10 -33.99 -36.39 -57.50
N PHE OB 11 -33.77 -35.71 -56.38
CA PHE OB 11 -33.70 -34.24 -56.34
C PHE OB 11 -32.63 -33.71 -57.28
N LEU OB 12 -31.42 -34.28 -57.22
CA LEU OB 12 -30.34 -33.84 -58.10
C LEU OB 12 -30.61 -34.20 -59.54
N ALA OB 13 -31.30 -35.32 -59.77
CA ALA OB 13 -31.66 -35.75 -61.11
C ALA OB 13 -32.58 -34.74 -61.79
N LYS OB 14 -33.53 -34.18 -61.04
CA LYS OB 14 -34.43 -33.18 -61.63
C LYS OB 14 -33.67 -31.91 -62.00
N LYS OB 15 -32.78 -31.46 -61.12
CA LYS OB 15 -32.05 -30.23 -61.36
C LYS OB 15 -31.03 -30.38 -62.47
N GLN OB 16 -30.59 -31.61 -62.74
CA GLN OB 16 -29.69 -31.84 -63.86
C GLN OB 16 -30.44 -31.84 -65.18
N LYS OB 17 -31.73 -32.12 -65.17
CA LYS OB 17 -32.50 -32.13 -66.41
C LYS OB 17 -33.18 -30.80 -66.67
N GLN OB 18 -33.36 -29.99 -65.62
CA GLN OB 18 -33.83 -28.63 -65.80
C GLN OB 18 -32.74 -27.71 -66.32
N ASN OB 19 -31.50 -28.17 -66.44
CA ASN OB 19 -30.38 -27.25 -66.57
C ASN OB 19 -30.02 -27.02 -68.04
N ARG OB 20 -30.88 -27.44 -68.97
CA ARG OB 20 -30.54 -27.35 -70.38
C ARG OB 20 -30.97 -26.00 -70.95
N PRO OB 21 -30.39 -25.56 -72.06
CA PRO OB 21 -30.88 -24.35 -72.72
C PRO OB 21 -32.22 -24.56 -73.39
N ILE OB 22 -32.75 -23.47 -73.96
CA ILE OB 22 -34.05 -23.51 -74.62
C ILE OB 22 -33.83 -24.10 -76.00
N PRO OB 23 -34.79 -24.82 -76.56
CA PRO OB 23 -34.68 -25.27 -77.94
C PRO OB 23 -34.84 -24.10 -78.91
N GLN OB 24 -34.17 -24.20 -80.05
CA GLN OB 24 -34.11 -23.04 -80.93
C GLN OB 24 -35.34 -22.90 -81.80
N TRP OB 25 -36.30 -23.80 -81.70
CA TRP OB 25 -37.57 -23.60 -82.36
C TRP OB 25 -38.56 -22.84 -81.49
N ILE OB 26 -38.24 -22.68 -80.20
CA ILE OB 26 -39.20 -22.09 -79.28
C ILE OB 26 -39.25 -20.58 -79.48
N TRP OB 27 -38.21 -19.99 -80.07
CA TRP OB 27 -38.19 -18.56 -80.31
C TRP OB 27 -38.65 -18.21 -81.72
N MET OB 28 -39.12 -19.20 -82.47
CA MET OB 28 -39.70 -18.94 -83.78
C MET OB 28 -41.23 -18.98 -83.72
N LYS OB 29 -41.77 -19.20 -82.53
CA LYS OB 29 -43.20 -19.13 -82.26
C LYS OB 29 -43.72 -17.70 -82.39
N THR OB 30 -45.04 -17.56 -82.29
CA THR OB 30 -45.71 -16.31 -82.58
C THR OB 30 -45.45 -15.26 -81.50
N GLY OB 31 -45.68 -15.61 -80.24
CA GLY OB 31 -45.56 -14.63 -79.19
C GLY OB 31 -44.34 -14.76 -78.29
N ASN OB 32 -43.17 -15.00 -78.85
CA ASN OB 32 -41.99 -15.24 -78.05
C ASN OB 32 -41.53 -13.98 -77.32
N LYS OB 33 -41.05 -14.19 -76.11
CA LYS OB 33 -40.41 -13.15 -75.32
C LYS OB 33 -39.16 -13.73 -74.66
N ILE OB 34 -38.91 -15.00 -74.92
CA ILE OB 34 -37.86 -15.77 -74.26
C ILE OB 34 -36.68 -15.86 -75.18
N ARG OB 35 -35.56 -15.30 -74.77
CA ARG OB 35 -34.35 -15.32 -75.59
C ARG OB 35 -33.42 -16.45 -75.17
N TYR OB 36 -33.46 -16.83 -73.90
CA TYR OB 36 -32.54 -17.80 -73.34
C TYR OB 36 -33.14 -18.33 -72.05
N ASN OB 37 -32.60 -19.45 -71.58
CA ASN OB 37 -33.01 -19.96 -70.28
C ASN OB 37 -32.33 -19.08 -69.24
N SER OB 38 -33.12 -18.36 -68.47
CA SER OB 38 -32.54 -17.47 -67.47
C SER OB 38 -32.47 -18.13 -66.11
N LYS OB 39 -32.79 -19.42 -66.04
CA LYS OB 39 -32.68 -20.19 -64.82
C LYS OB 39 -31.56 -21.22 -64.91
N ARG OB 40 -30.52 -20.93 -65.67
CA ARG OB 40 -29.39 -21.83 -65.80
C ARG OB 40 -28.56 -21.73 -64.53
N ARG OB 41 -28.33 -22.87 -63.90
CA ARG OB 41 -27.51 -22.97 -62.71
C ARG OB 41 -26.14 -23.48 -63.12
N HIS OB 42 -25.09 -22.84 -62.65
CA HIS OB 42 -23.76 -23.41 -62.77
C HIS OB 42 -23.29 -23.85 -61.41
N TRP OB 43 -22.52 -24.93 -61.38
CA TRP OB 43 -22.30 -25.62 -60.12
C TRP OB 43 -21.25 -24.92 -59.25
N ARG OB 44 -20.45 -24.04 -59.85
CA ARG OB 44 -19.53 -23.22 -59.08
C ARG OB 44 -20.21 -21.97 -58.55
N ARG OB 45 -21.04 -21.33 -59.37
CA ARG OB 45 -21.64 -20.05 -58.99
C ARG OB 45 -22.74 -20.24 -57.96
N THR OB 46 -23.79 -20.96 -58.31
CA THR OB 46 -24.95 -21.13 -57.45
C THR OB 46 -24.99 -22.56 -56.94
N LYS OB 47 -25.11 -22.73 -55.64
CA LYS OB 47 -24.93 -24.03 -55.04
C LYS OB 47 -26.24 -24.74 -54.70
N LEU OB 48 -27.31 -24.50 -55.47
CA LEU OB 48 -28.44 -25.44 -55.61
C LEU OB 48 -29.27 -25.63 -54.33
N GLY OB 49 -28.86 -25.05 -53.22
CA GLY OB 49 -29.53 -25.35 -51.98
C GLY OB 49 -28.78 -26.44 -51.25
N LEU OB 50 -29.51 -27.19 -50.42
CA LEU OB 50 -28.97 -28.14 -49.45
C LEU OB 50 -27.91 -27.47 -48.57
N ILE PB 1 61.19 56.51 -14.43
CA ILE PB 1 60.54 55.52 -15.27
C ILE PB 1 59.97 56.19 -16.51
N ILE PB 2 59.59 57.47 -16.38
CA ILE PB 2 58.98 58.24 -17.45
C ILE PB 2 59.14 59.72 -17.09
N GLU PB 3 59.28 60.55 -18.11
CA GLU PB 3 59.35 62.00 -17.92
C GLU PB 3 58.00 62.53 -17.45
N PRO PB 4 57.98 63.37 -16.41
CA PRO PB 4 56.69 63.85 -15.90
C PRO PB 4 55.95 64.81 -16.82
N SER PB 5 56.65 65.59 -17.65
CA SER PB 5 55.95 66.40 -18.64
C SER PB 5 55.38 65.52 -19.74
N LEU PB 6 56.12 64.49 -20.14
CA LEU PB 6 55.58 63.54 -21.11
C LEU PB 6 54.49 62.68 -20.49
N ARG PB 7 54.55 62.45 -19.18
CA ARG PB 7 53.46 61.76 -18.51
C ARG PB 7 52.20 62.62 -18.53
N GLN PB 8 52.32 63.94 -18.31
CA GLN PB 8 51.19 64.85 -18.45
C GLN PB 8 50.66 64.88 -19.88
N LEU PB 9 51.55 64.88 -20.86
CA LEU PB 9 51.14 64.93 -22.27
C LEU PB 9 50.51 63.62 -22.71
N ALA PB 10 50.77 62.53 -22.00
CA ALA PB 10 50.04 61.29 -22.23
C ALA PB 10 48.74 61.24 -21.45
N GLN PB 11 48.70 61.83 -20.25
CA GLN PB 11 47.48 61.91 -19.45
C GLN PB 11 46.40 62.73 -20.15
N LYS PB 12 46.81 63.74 -20.90
CA LYS PB 12 45.86 64.54 -21.69
C LYS PB 12 45.12 63.69 -22.72
N TYR PB 13 45.85 62.79 -23.37
CA TYR PB 13 45.30 62.04 -24.49
C TYR PB 13 44.78 60.69 -24.07
N ASN PB 14 44.98 60.30 -22.81
CA ASN PB 14 44.46 59.05 -22.30
C ASN PB 14 43.49 59.23 -21.13
N CYS PB 15 43.91 59.95 -20.10
CA CYS PB 15 43.24 59.83 -18.80
C CYS PB 15 42.27 60.98 -18.53
N ASP PB 16 42.63 62.19 -18.95
CA ASP PB 16 41.90 63.39 -18.51
C ASP PB 16 40.65 63.58 -19.36
N LYS PB 17 39.60 62.83 -19.02
CA LYS PB 17 38.40 62.76 -19.82
C LYS PB 17 37.17 62.76 -18.92
N MET PB 18 36.02 63.00 -19.52
CA MET PB 18 34.73 62.79 -18.87
C MET PB 18 34.13 61.51 -19.42
N ILE PB 19 33.37 60.80 -18.58
CA ILE PB 19 32.74 59.56 -18.99
C ILE PB 19 31.25 59.68 -18.75
N CYS PB 20 30.45 59.30 -19.74
CA CYS PB 20 29.01 59.30 -19.60
C CYS PB 20 28.56 58.18 -18.69
N ARG PB 21 27.55 58.46 -17.87
CA ARG PB 21 26.92 57.42 -17.08
C ARG PB 21 26.12 56.47 -17.93
N LYS PB 22 25.47 56.99 -18.97
CA LYS PB 22 24.52 56.19 -19.71
C LYS PB 22 25.23 55.22 -20.65
N CYS PB 23 26.17 55.73 -21.45
CA CYS PB 23 26.75 54.96 -22.54
C CYS PB 23 28.26 54.84 -22.47
N TYR PB 24 28.89 55.26 -21.37
CA TYR PB 24 30.33 55.11 -21.09
C TYR PB 24 31.20 55.81 -22.10
N ALA PB 25 30.67 56.79 -22.81
CA ALA PB 25 31.39 57.39 -23.93
C ALA PB 25 32.46 58.32 -23.41
N ARG PB 26 33.65 58.18 -23.96
CA ARG PB 26 34.79 59.01 -23.59
C ARG PB 26 34.59 60.41 -24.16
N LEU PB 27 34.50 61.40 -23.30
CA LEU PB 27 34.15 62.76 -23.68
C LEU PB 27 35.30 63.70 -23.32
N HIS PB 28 35.29 64.89 -23.92
CA HIS PB 28 36.33 65.86 -23.66
C HIS PB 28 36.15 66.41 -22.24
N PRO PB 29 37.23 66.85 -21.58
CA PRO PB 29 37.14 67.01 -20.11
C PRO PB 29 36.29 68.17 -19.63
N ARG PB 30 36.06 69.18 -20.46
CA ARG PB 30 35.21 70.29 -20.06
C ARG PB 30 33.83 70.15 -20.70
N ALA PB 31 33.22 68.99 -20.51
CA ALA PB 31 31.95 68.68 -21.15
C ALA PB 31 30.82 68.77 -20.15
N VAL PB 32 29.64 69.12 -20.66
CA VAL PB 32 28.42 69.16 -19.87
C VAL PB 32 27.44 68.11 -20.37
N ASN PB 33 27.35 67.90 -21.67
CA ASN PB 33 26.49 66.90 -22.27
C ASN PB 33 27.31 65.89 -23.05
N CYS PB 34 26.69 64.76 -23.33
CA CYS PB 34 27.28 63.70 -24.12
C CYS PB 34 27.00 63.93 -25.60
N ARG PB 35 27.83 63.32 -26.44
CA ARG PB 35 27.67 63.42 -27.88
C ARG PB 35 26.80 62.35 -28.48
N LYS PB 36 26.63 61.24 -27.79
CA LYS PB 36 26.00 60.09 -28.41
C LYS PB 36 24.51 60.28 -28.45
N LYS PB 37 23.92 59.99 -29.61
CA LYS PB 37 22.48 60.04 -29.73
C LYS PB 37 21.83 58.86 -29.01
N LYS PB 38 22.60 57.81 -28.74
CA LYS PB 38 22.09 56.61 -28.11
C LYS PB 38 21.78 56.81 -26.63
N CYS PB 39 22.18 57.93 -26.06
CA CYS PB 39 21.78 58.25 -24.69
C CYS PB 39 20.79 59.39 -24.64
N GLY PB 40 20.73 60.20 -25.71
CA GLY PB 40 19.84 61.32 -25.75
C GLY PB 40 20.49 62.56 -25.19
N HIS PB 41 21.79 62.68 -25.44
CA HIS PB 41 22.63 63.82 -25.05
C HIS PB 41 22.59 64.06 -23.54
N THR PB 42 22.77 62.98 -22.79
CA THR PB 42 22.61 62.97 -21.35
C THR PB 42 23.67 63.86 -20.70
N ASN PB 43 23.25 64.67 -19.73
CA ASN PB 43 24.23 65.47 -19.00
C ASN PB 43 24.65 64.83 -17.68
N ASN PB 44 24.31 63.57 -17.46
CA ASN PB 44 24.86 62.80 -16.34
C ASN PB 44 26.22 62.24 -16.75
N LEU PB 45 27.27 62.91 -16.32
CA LEU PB 45 28.63 62.52 -16.64
C LEU PB 45 29.40 62.33 -15.35
N ARG PB 46 30.52 61.61 -15.44
CA ARG PB 46 31.45 61.51 -14.33
C ARG PB 46 32.84 61.78 -14.87
N PRO PB 47 33.78 62.16 -14.01
CA PRO PB 47 35.18 62.14 -14.42
C PRO PB 47 35.67 60.72 -14.62
N LYS PB 48 36.59 60.56 -15.56
CA LYS PB 48 37.26 59.28 -15.69
C LYS PB 48 38.16 59.07 -14.48
N LYS PB 49 38.15 57.84 -13.96
CA LYS PB 49 38.83 57.53 -12.71
C LYS PB 49 40.33 57.63 -12.89
N LYS PB 50 41.01 58.07 -11.83
CA LYS PB 50 42.45 58.20 -11.86
C LYS PB 50 43.07 56.88 -11.41
N VAL PB 51 44.22 56.54 -12.01
CA VAL PB 51 44.83 55.25 -11.72
C VAL PB 51 45.69 55.37 -10.46
N LYS PB 52 45.79 54.27 -9.73
CA LYS PB 52 46.54 54.28 -8.48
C LYS PB 52 47.97 53.80 -8.68
N MET QB 1 19.07 -13.15 38.39
CA MET QB 1 18.73 -13.83 37.16
C MET QB 1 18.71 -15.32 37.43
N ARG QB 2 17.52 -15.92 37.40
CA ARG QB 2 17.44 -17.37 37.46
C ARG QB 2 18.12 -17.93 36.22
N ALA QB 3 18.88 -19.03 36.41
CA ALA QB 3 19.65 -19.59 35.31
C ALA QB 3 18.77 -20.16 34.23
N LYS QB 4 17.57 -20.57 34.58
CA LYS QB 4 16.60 -21.10 33.63
C LYS QB 4 16.11 -20.01 32.70
N TRP QB 5 15.84 -18.82 33.24
CA TRP QB 5 15.33 -17.76 32.38
C TRP QB 5 16.46 -17.11 31.60
N ARG QB 6 17.67 -17.26 32.10
CA ARG QB 6 18.85 -16.89 31.31
C ARG QB 6 19.03 -17.84 30.14
N LYS QB 7 18.75 -19.13 30.34
CA LYS QB 7 18.74 -20.10 29.25
C LYS QB 7 17.64 -19.80 28.25
N LYS QB 8 16.49 -19.34 28.74
CA LYS QB 8 15.37 -19.02 27.85
C LYS QB 8 15.67 -17.78 27.02
N ARG QB 9 16.30 -16.77 27.63
CA ARG QB 9 16.69 -15.57 26.89
C ARG QB 9 17.78 -15.87 25.87
N MET QB 10 18.70 -16.78 26.20
CA MET QB 10 19.68 -17.18 25.20
C MET QB 10 19.06 -17.96 24.06
N ARG QB 11 18.04 -18.77 24.32
CA ARG QB 11 17.40 -19.47 23.20
C ARG QB 11 16.62 -18.52 22.30
N ARG QB 12 15.96 -17.53 22.90
CA ARG QB 12 15.32 -16.48 22.13
C ARG QB 12 16.32 -15.69 21.29
N LEU QB 13 17.48 -15.42 21.85
CA LEU QB 13 18.45 -14.59 21.15
C LEU QB 13 19.11 -15.38 20.02
N LYS QB 14 19.34 -16.69 20.24
CA LYS QB 14 19.83 -17.55 19.16
C LYS QB 14 18.80 -17.70 18.06
N ARG QB 15 17.53 -17.69 18.41
CA ARG QB 15 16.48 -17.80 17.39
C ARG QB 15 16.39 -16.52 16.57
N LYS QB 16 16.58 -15.38 17.22
CA LYS QB 16 16.72 -14.10 16.50
C LYS QB 16 17.95 -14.09 15.61
N ARG QB 17 19.04 -14.73 16.04
CA ARG QB 17 20.26 -14.81 15.22
C ARG QB 17 20.08 -15.69 13.99
N ARG QB 18 19.44 -16.86 14.15
CA ARG QB 18 19.12 -17.70 13.00
C ARG QB 18 18.19 -17.00 12.04
N LYS QB 19 17.19 -16.27 12.55
CA LYS QB 19 16.27 -15.55 11.70
C LYS QB 19 16.97 -14.41 10.94
N MET QB 20 17.88 -13.69 11.62
CA MET QB 20 18.61 -12.61 10.94
C MET QB 20 19.66 -13.15 10.00
N ARG QB 21 20.13 -14.37 10.22
CA ARG QB 21 21.22 -14.85 9.40
C ARG QB 21 20.72 -15.62 8.19
N GLN QB 22 19.54 -16.22 8.30
CA GLN QB 22 18.99 -16.95 7.17
C GLN QB 22 18.24 -15.99 6.24
N ARG QB 23 18.08 -14.74 6.66
CA ARG QB 23 17.55 -13.73 5.75
C ARG QB 23 18.57 -13.38 4.68
N SER QB 24 19.86 -13.49 4.99
CA SER QB 24 20.88 -13.09 4.02
C SER QB 24 21.10 -14.16 2.97
N LYS QB 25 20.87 -15.44 3.30
CA LYS QB 25 21.12 -16.55 2.38
C LYS QB 25 20.21 -16.56 1.15
N VAL RB 1 -47.75 30.53 22.74
CA VAL RB 1 -48.52 31.68 23.18
C VAL RB 1 -49.52 31.26 24.21
N ASN RB 2 -50.26 32.22 24.73
CA ASN RB 2 -51.21 31.99 25.80
C ASN RB 2 -52.55 32.60 25.41
N VAL RB 3 -53.61 31.79 25.50
CA VAL RB 3 -54.97 32.29 25.37
C VAL RB 3 -55.74 31.84 26.61
N PRO RB 4 -56.69 32.62 27.10
CA PRO RB 4 -57.52 32.16 28.20
C PRO RB 4 -58.54 31.16 27.71
N LYS RB 5 -59.10 30.40 28.65
CA LYS RB 5 -60.01 29.34 28.25
C LYS RB 5 -61.43 29.86 28.10
N THR RB 6 -61.66 31.13 28.42
CA THR RB 6 -62.97 31.75 28.29
C THR RB 6 -62.80 33.02 27.50
N ARG RB 7 -63.68 33.23 26.54
CA ARG RB 7 -63.65 34.37 25.65
C ARG RB 7 -65.06 34.91 25.48
N ARG RB 8 -65.21 36.23 25.54
CA ARG RB 8 -66.49 36.84 25.24
C ARG RB 8 -66.43 37.39 23.83
N THR RB 9 -67.16 36.77 22.93
CA THR RB 9 -67.08 37.15 21.53
C THR RB 9 -68.38 36.81 20.84
N PHE RB 10 -68.44 37.07 19.54
CA PHE RB 10 -69.67 37.02 18.78
C PHE RB 10 -70.14 35.59 18.58
N CYS RB 11 -71.43 35.39 18.76
CA CYS RB 11 -72.10 34.13 18.48
C CYS RB 11 -72.96 34.32 17.25
N LYS RB 12 -72.81 33.42 16.27
CA LYS RB 12 -73.60 33.54 15.05
C LYS RB 12 -75.06 33.25 15.30
N LYS RB 13 -75.36 32.32 16.20
CA LYS RB 13 -76.74 31.89 16.35
C LYS RB 13 -77.53 32.85 17.22
N CYS RB 14 -76.91 33.37 18.26
CA CYS RB 14 -77.56 34.38 19.10
C CYS RB 14 -77.59 35.71 18.38
N GLY RB 15 -76.56 36.01 17.61
CA GLY RB 15 -76.38 37.31 17.03
C GLY RB 15 -75.86 38.34 18.00
N LYS RB 16 -75.33 37.91 19.14
CA LYS RB 16 -74.74 38.78 20.15
C LYS RB 16 -73.33 38.31 20.47
N HIS RB 17 -72.54 39.24 20.99
CA HIS RB 17 -71.39 38.89 21.80
C HIS RB 17 -71.85 38.20 23.06
N GLN RB 18 -71.32 37.01 23.30
CA GLN RB 18 -71.63 36.18 24.46
C GLN RB 18 -70.38 35.46 24.91
N PRO RB 19 -70.28 35.08 26.18
CA PRO RB 19 -69.10 34.34 26.63
C PRO RB 19 -69.03 32.93 26.04
N HIS RB 20 -67.87 32.61 25.50
CA HIS RB 20 -67.60 31.31 24.89
C HIS RB 20 -66.62 30.54 25.75
N LYS RB 21 -66.41 29.27 25.40
CA LYS RB 21 -65.47 28.40 26.08
C LYS RB 21 -64.42 27.94 25.07
N VAL RB 22 -63.17 28.05 25.41
CA VAL RB 22 -62.11 27.82 24.44
C VAL RB 22 -61.43 26.48 24.70
N THR RB 23 -61.34 25.67 23.64
CA THR RB 23 -60.52 24.47 23.61
C THR RB 23 -59.91 24.40 22.22
N GLN RB 24 -58.89 23.56 22.03
CA GLN RB 24 -58.28 23.51 20.71
C GLN RB 24 -58.71 22.29 19.92
N TYR RB 25 -58.68 22.44 18.60
CA TYR RB 25 -59.16 21.46 17.66
C TYR RB 25 -58.11 20.40 17.37
N LYS RB 26 -58.51 19.15 17.46
CA LYS RB 26 -57.75 18.01 16.99
C LYS RB 26 -58.51 17.37 15.83
N LYS RB 27 -57.76 16.80 14.89
CA LYS RB 27 -58.36 16.03 13.82
C LYS RB 27 -59.16 14.86 14.38
N GLY RB 28 -60.34 14.64 13.83
CA GLY RB 28 -61.09 13.45 14.15
C GLY RB 28 -60.45 12.23 13.54
N LYS RB 29 -60.96 11.07 13.91
CA LYS RB 29 -60.52 9.85 13.26
C LYS RB 29 -61.01 9.86 11.82
N ASP RB 30 -60.21 9.31 10.92
CA ASP RB 30 -60.61 9.23 9.53
C ASP RB 30 -61.70 8.17 9.39
N SER RB 31 -62.82 8.56 8.81
CA SER RB 31 -63.90 7.61 8.59
C SER RB 31 -63.53 6.69 7.45
N LEU RB 32 -63.78 5.40 7.65
CA LEU RB 32 -63.43 4.41 6.64
C LEU RB 32 -64.42 4.43 5.49
N TYR RB 33 -65.59 5.05 5.71
CA TYR RB 33 -66.71 5.02 4.78
C TYR RB 33 -66.96 6.37 4.13
N ALA RB 34 -65.99 7.27 4.16
CA ALA RB 34 -66.09 8.50 3.38
C ALA RB 34 -65.82 8.18 1.93
N GLN RB 35 -66.23 9.08 1.04
CA GLN RB 35 -66.22 8.79 -0.39
C GLN RB 35 -64.81 8.69 -0.93
N GLY RB 36 -63.93 9.59 -0.51
CA GLY RB 36 -62.56 9.52 -0.96
C GLY RB 36 -61.81 8.37 -0.33
N LYS RB 37 -62.18 7.97 0.87
CA LYS RB 37 -61.56 6.80 1.46
C LYS RB 37 -62.05 5.52 0.79
N ARG RB 38 -63.34 5.44 0.47
CA ARG RB 38 -63.87 4.32 -0.31
C ARG RB 38 -63.23 4.23 -1.69
N ARG RB 39 -63.06 5.37 -2.34
CA ARG RB 39 -62.42 5.44 -3.64
C ARG RB 39 -60.96 5.04 -3.56
N TYR RB 40 -60.28 5.41 -2.48
CA TYR RB 40 -58.88 5.05 -2.32
C TYR RB 40 -58.71 3.57 -2.02
N ASP RB 41 -59.63 3.00 -1.23
CA ASP RB 41 -59.59 1.57 -0.96
C ASP RB 41 -59.89 0.76 -2.21
N ARG RB 42 -60.76 1.26 -3.08
CA ARG RB 42 -61.07 0.49 -4.28
C ARG RB 42 -59.96 0.61 -5.31
N LYS RB 43 -59.39 1.81 -5.47
CA LYS RB 43 -58.27 2.00 -6.40
C LYS RB 43 -57.03 1.27 -5.93
N GLN RB 44 -56.86 1.16 -4.62
CA GLN RB 44 -55.60 0.71 -4.06
C GLN RB 44 -55.50 -0.81 -4.07
N SER RB 45 -56.62 -1.52 -4.10
CA SER RB 45 -56.60 -2.97 -3.93
C SER RB 45 -56.38 -3.67 -5.25
N GLY RB 46 -55.50 -4.65 -5.24
CA GLY RB 46 -55.23 -5.48 -6.39
C GLY RB 46 -53.75 -5.57 -6.66
N TYR RB 47 -53.42 -5.55 -7.95
CA TYR RB 47 -52.06 -5.34 -8.35
C TYR RB 47 -51.92 -3.97 -9.00
N GLY RB 48 -50.73 -3.41 -8.91
CA GLY RB 48 -50.54 -2.06 -9.38
C GLY RB 48 -49.63 -1.26 -8.49
N GLY RB 49 -49.57 -1.64 -7.23
CA GLY RB 49 -48.76 -0.94 -6.26
C GLY RB 49 -49.46 0.27 -5.71
N GLN RB 50 -48.68 1.25 -5.27
CA GLN RB 50 -49.22 2.50 -4.77
C GLN RB 50 -49.69 3.34 -5.96
N THR RB 51 -50.88 3.92 -5.84
CA THR RB 51 -51.58 4.45 -6.99
C THR RB 51 -51.78 5.95 -6.88
N LYS RB 52 -51.56 6.49 -5.71
CA LYS RB 52 -51.61 7.91 -5.43
C LYS RB 52 -50.37 8.36 -4.67
N PRO RB 53 -50.01 9.64 -4.76
CA PRO RB 53 -48.80 10.14 -4.12
C PRO RB 53 -48.80 10.03 -2.60
N ILE RB 54 -47.61 9.74 -2.07
CA ILE RB 54 -47.33 9.76 -0.64
C ILE RB 54 -46.40 10.93 -0.40
N PHE RB 55 -46.90 11.96 0.27
CA PHE RB 55 -46.10 13.17 0.49
C PHE RB 55 -44.97 12.90 1.49
N ARG RB 56 -43.78 13.39 1.17
CA ARG RB 56 -42.58 13.12 1.94
C ARG RB 56 -41.71 14.32 2.25
N LYS RB 57 -41.77 15.40 1.45
CA LYS RB 57 -40.88 16.54 1.60
C LYS RB 57 -41.47 17.55 2.57
N LYS RB 58 -41.62 17.17 3.83
CA LYS RB 58 -42.20 18.02 4.86
C LYS RB 58 -41.25 19.17 5.15
N ALA RB 59 -41.77 20.40 5.17
CA ALA RB 59 -40.89 21.55 5.20
C ALA RB 59 -41.14 22.46 6.39
N LYS RB 60 -42.36 22.54 6.88
CA LYS RB 60 -42.61 23.44 7.98
C LYS RB 60 -42.87 22.69 9.28
N THR RB 61 -42.55 23.36 10.38
CA THR RB 61 -42.32 22.70 11.66
C THR RB 61 -43.42 22.92 12.68
N THR RB 62 -44.43 23.70 12.36
CA THR RB 62 -45.52 23.97 13.28
C THR RB 62 -46.82 24.06 12.51
N LYS RB 63 -47.92 24.10 13.25
CA LYS RB 63 -49.26 24.17 12.70
C LYS RB 63 -49.90 25.50 13.04
N LYS RB 64 -50.84 25.93 12.19
CA LYS RB 64 -51.76 26.99 12.57
C LYS RB 64 -52.72 26.41 13.59
N ILE RB 65 -52.60 26.83 14.84
CA ILE RB 65 -53.43 26.23 15.87
C ILE RB 65 -54.84 26.80 15.80
N VAL RB 66 -55.81 25.94 16.04
CA VAL RB 66 -57.22 26.26 15.84
C VAL RB 66 -57.95 26.14 17.17
N LEU RB 67 -58.65 27.19 17.54
CA LEU RB 67 -59.45 27.19 18.75
C LEU RB 67 -60.84 26.68 18.39
N ARG RB 68 -61.56 26.22 19.40
CA ARG RB 68 -62.93 25.74 19.26
C ARG RB 68 -63.73 26.47 20.31
N LEU RB 69 -64.71 27.26 19.88
CA LEU RB 69 -65.37 28.22 20.75
C LEU RB 69 -66.81 27.79 20.95
N GLU RB 70 -67.07 27.17 22.09
CA GLU RB 70 -68.41 26.70 22.40
C GLU RB 70 -69.13 27.72 23.25
N CYS RB 71 -70.37 28.02 22.89
CA CYS RB 71 -71.14 29.03 23.59
C CYS RB 71 -71.62 28.49 24.94
N VAL RB 72 -71.42 29.29 25.99
CA VAL RB 72 -71.70 28.86 27.35
C VAL RB 72 -73.21 28.77 27.60
N GLU RB 73 -74.01 29.50 26.81
CA GLU RB 73 -75.45 29.57 27.03
C GLU RB 73 -76.11 28.21 26.83
N PRO RB 74 -77.00 27.78 27.74
CA PRO RB 74 -77.52 26.42 27.68
C PRO RB 74 -78.44 26.14 26.50
N ASN RB 75 -79.06 27.16 25.93
CA ASN RB 75 -79.91 26.94 24.76
C ASN RB 75 -79.07 26.82 23.49
N CYS RB 76 -78.03 27.62 23.37
CA CYS RB 76 -77.26 27.71 22.13
C CYS RB 76 -76.33 26.52 21.96
N ARG RB 77 -75.30 26.45 22.82
CA ARG RB 77 -74.26 25.41 22.81
C ARG RB 77 -73.61 25.22 21.44
N SER RB 78 -73.48 26.30 20.68
CA SER RB 78 -72.95 26.17 19.33
C SER RB 78 -71.47 26.49 19.30
N LYS RB 79 -70.80 25.97 18.29
CA LYS RB 79 -69.36 25.99 18.18
C LYS RB 79 -68.94 26.57 16.84
N ARG RB 80 -67.75 27.14 16.81
CA ARG RB 80 -67.10 27.44 15.54
C ARG RB 80 -65.60 27.41 15.76
N MET RB 81 -64.87 27.32 14.65
CA MET RB 81 -63.42 27.36 14.68
C MET RB 81 -62.95 28.79 14.59
N LEU RB 82 -61.73 29.04 15.06
CA LEU RB 82 -61.14 30.36 15.03
C LEU RB 82 -59.63 30.15 15.08
N ALA RB 83 -58.98 30.24 13.93
CA ALA RB 83 -57.57 29.90 13.83
C ALA RB 83 -56.70 31.09 14.16
N ILE RB 84 -55.54 30.82 14.72
CA ILE RB 84 -54.54 31.82 15.05
C ILE RB 84 -53.32 31.46 14.22
N LYS RB 85 -52.25 32.26 14.32
CA LYS RB 85 -51.06 32.07 13.51
C LYS RB 85 -50.28 30.84 13.95
N ARG RB 86 -49.18 30.61 13.25
CA ARG RB 86 -48.35 29.46 13.52
C ARG RB 86 -47.50 29.70 14.75
N CYS RB 87 -47.61 28.81 15.72
CA CYS RB 87 -46.77 28.94 16.91
C CYS RB 87 -46.24 27.57 17.30
N LYS RB 88 -45.07 27.57 17.95
CA LYS RB 88 -44.48 26.33 18.45
C LYS RB 88 -45.03 25.97 19.81
N HIS RB 89 -44.79 26.81 20.81
CA HIS RB 89 -45.32 26.58 22.14
C HIS RB 89 -46.68 27.22 22.31
N PHE RB 90 -47.62 26.45 22.85
CA PHE RB 90 -48.99 26.90 22.99
C PHE RB 90 -49.61 26.27 24.23
N GLU RB 91 -50.45 27.04 24.91
CA GLU RB 91 -51.13 26.58 26.11
C GLU RB 91 -52.40 27.40 26.29
N LEU RB 92 -53.30 26.92 27.12
CA LEU RB 92 -54.53 27.63 27.45
C LEU RB 92 -54.57 27.93 28.93
N GLY RB 93 -54.88 29.18 29.27
CA GLY RB 93 -55.25 29.56 30.62
C GLY RB 93 -54.21 29.35 31.68
N GLY RB 94 -52.94 29.51 31.34
CA GLY RB 94 -51.90 29.21 32.29
C GLY RB 94 -50.94 30.33 32.52
N ASP RB 95 -50.79 30.74 33.79
CA ASP RB 95 -49.76 31.67 34.26
C ASP RB 95 -49.81 33.01 33.54
N LYS RB 96 -50.90 33.75 33.75
CA LYS RB 96 -51.05 35.11 33.26
C LYS RB 96 -49.93 35.98 33.83
N LYS RB 97 -49.13 36.57 32.96
CA LYS RB 97 -47.81 37.05 33.35
C LYS RB 97 -47.87 38.41 34.03
N ARG RB 98 -46.84 38.67 34.84
CA ARG RB 98 -46.75 39.80 35.75
C ARG RB 98 -45.79 40.86 35.22
N LYS RB 99 -45.77 42.01 35.90
CA LYS RB 99 -44.88 43.12 35.55
C LYS RB 99 -44.10 43.57 36.78
N GLY RB 100 -42.79 43.69 36.63
CA GLY RB 100 -41.95 44.22 37.69
C GLY RB 100 -41.79 43.30 38.88
N GLN RB 101 -41.24 42.12 38.65
CA GLN RB 101 -41.14 41.09 39.66
C GLN RB 101 -39.71 40.58 39.72
N VAL RB 102 -39.37 39.96 40.84
CA VAL RB 102 -38.08 39.32 41.00
C VAL RB 102 -38.06 38.03 40.20
N ILE RB 103 -37.01 37.83 39.41
CA ILE RB 103 -36.87 36.65 38.58
C ILE RB 103 -35.95 35.67 39.28
N GLN RB 104 -36.47 34.50 39.63
CA GLN RB 104 -35.66 33.48 40.27
C GLN RB 104 -35.79 32.14 39.55
N ALA SB 1 23.21 -49.05 -6.63
CA ALA SB 1 23.52 -48.73 -5.25
C ALA SB 1 22.23 -48.44 -4.50
N LYS SB 2 22.36 -47.82 -3.33
CA LYS SB 2 21.24 -47.08 -2.75
C LYS SB 2 21.14 -45.74 -3.45
N ARG SB 3 19.96 -45.42 -3.94
CA ARG SB 3 19.91 -44.35 -4.94
C ARG SB 3 19.53 -43.01 -4.34
N THR SB 4 18.37 -42.92 -3.70
CA THR SB 4 17.95 -41.70 -3.04
C THR SB 4 18.05 -41.89 -1.53
N LYS SB 5 18.41 -40.82 -0.83
CA LYS SB 5 18.55 -40.88 0.62
C LYS SB 5 17.21 -41.05 1.32
N LYS SB 6 16.27 -40.13 1.12
CA LYS SB 6 15.08 -40.14 1.97
C LYS SB 6 13.82 -39.85 1.18
N VAL SB 7 13.87 -39.95 -0.14
CA VAL SB 7 12.61 -40.11 -0.87
C VAL SB 7 12.63 -41.52 -1.41
N GLY SB 8 11.47 -42.17 -1.39
CA GLY SB 8 11.44 -43.56 -1.75
C GLY SB 8 10.67 -43.72 -3.01
N ILE SB 9 9.42 -44.17 -2.89
CA ILE SB 9 8.55 -44.29 -4.05
C ILE SB 9 8.14 -42.91 -4.57
N VAL SB 10 8.23 -41.88 -3.73
CA VAL SB 10 7.78 -40.55 -4.10
C VAL SB 10 8.91 -39.76 -4.74
N GLY SB 11 9.97 -40.44 -5.17
CA GLY SB 11 10.94 -39.81 -6.01
C GLY SB 11 10.44 -39.60 -7.43
N LYS SB 12 9.30 -40.19 -7.77
CA LYS SB 12 8.74 -40.07 -9.11
C LYS SB 12 8.09 -38.72 -9.32
N TYR SB 13 7.78 -38.00 -8.23
CA TYR SB 13 7.13 -36.72 -8.36
C TYR SB 13 8.11 -35.57 -8.46
N GLY SB 14 9.39 -35.84 -8.25
CA GLY SB 14 10.37 -34.78 -8.36
C GLY SB 14 10.31 -33.76 -7.24
N THR SB 15 10.28 -32.49 -7.61
CA THR SB 15 10.28 -31.42 -6.64
C THR SB 15 8.86 -30.94 -6.37
N ARG SB 16 7.88 -31.54 -7.04
CA ARG SB 16 6.51 -31.07 -7.00
C ARG SB 16 5.85 -31.40 -5.66
N TYR SB 17 4.78 -30.68 -5.36
CA TYR SB 17 3.68 -30.94 -4.41
C TYR SB 17 3.97 -30.69 -2.94
N GLY SB 18 5.19 -30.40 -2.54
CA GLY SB 18 5.44 -30.20 -1.13
C GLY SB 18 6.11 -31.39 -0.48
N ALA SB 19 6.96 -31.08 0.50
CA ALA SB 19 7.71 -32.14 1.17
C ALA SB 19 6.81 -32.92 2.12
N SER SB 20 5.86 -32.25 2.76
CA SER SB 20 4.99 -32.96 3.69
C SER SB 20 3.89 -33.70 2.96
N LEU SB 21 3.47 -33.23 1.80
CA LEU SB 21 2.48 -34.01 1.05
C LEU SB 21 3.13 -35.23 0.41
N ARG SB 22 4.38 -35.13 -0.01
CA ARG SB 22 5.05 -36.31 -0.54
C ARG SB 22 5.45 -37.27 0.57
N LYS SB 23 5.81 -36.74 1.74
CA LYS SB 23 6.06 -37.60 2.90
C LYS SB 23 4.78 -38.27 3.38
N MET SB 24 3.63 -37.64 3.16
CA MET SB 24 2.35 -38.21 3.54
C MET SB 24 1.86 -39.21 2.50
N VAL SB 25 2.18 -38.98 1.24
CA VAL SB 25 1.83 -39.90 0.16
C VAL SB 25 2.72 -41.12 0.19
N LYS SB 26 3.92 -41.02 0.79
CA LYS SB 26 4.90 -42.11 0.73
C LYS SB 26 4.42 -43.38 1.40
N LYS SB 27 3.79 -43.26 2.57
CA LYS SB 27 3.36 -44.43 3.33
C LYS SB 27 2.21 -45.16 2.65
N ILE SB 28 1.22 -44.42 2.16
CA ILE SB 28 0.09 -45.00 1.42
C ILE SB 28 0.56 -45.57 0.09
N GLU SB 29 1.49 -44.89 -0.56
CA GLU SB 29 1.99 -45.32 -1.86
C GLU SB 29 2.81 -46.59 -1.74
N ILE SB 30 3.46 -46.80 -0.59
CA ILE SB 30 4.16 -48.06 -0.34
C ILE SB 30 3.18 -49.17 0.03
N SER SB 31 2.19 -48.85 0.86
CA SER SB 31 1.30 -49.89 1.35
C SER SB 31 0.27 -50.33 0.32
N GLN SB 32 0.07 -49.56 -0.74
CA GLN SB 32 -0.90 -50.00 -1.75
C GLN SB 32 -0.25 -50.78 -2.87
N HIS SB 33 1.05 -50.61 -3.09
CA HIS SB 33 1.71 -51.38 -4.13
C HIS SB 33 2.43 -52.59 -3.55
N ALA SB 34 2.31 -52.81 -2.26
CA ALA SB 34 2.91 -53.97 -1.63
C ALA SB 34 2.11 -55.21 -2.00
N LYS SB 35 2.75 -56.36 -1.89
CA LYS SB 35 2.10 -57.64 -2.09
C LYS SB 35 2.09 -58.37 -0.76
N TYR SB 36 0.93 -58.88 -0.38
CA TYR SB 36 0.68 -59.43 0.94
C TYR SB 36 0.55 -60.94 0.89
N THR SB 37 0.86 -61.59 1.99
CA THR SB 37 0.68 -63.03 2.07
C THR SB 37 -0.80 -63.35 2.15
N CYS SB 38 -1.26 -64.17 1.21
CA CYS SB 38 -2.67 -64.51 1.16
C CYS SB 38 -3.06 -65.35 2.36
N SER SB 39 -4.20 -65.03 2.98
CA SER SB 39 -4.61 -65.81 4.13
C SER SB 39 -5.34 -67.08 3.71
N PHE SB 40 -5.47 -67.29 2.41
CA PHE SB 40 -6.20 -68.45 1.90
C PHE SB 40 -5.25 -69.51 1.37
N CYS SB 41 -4.13 -69.10 0.80
CA CYS SB 41 -3.14 -70.06 0.29
C CYS SB 41 -1.75 -69.87 0.87
N GLY SB 42 -1.42 -68.68 1.34
CA GLY SB 42 -0.13 -68.48 1.94
C GLY SB 42 0.85 -67.80 1.01
N LYS SB 43 0.54 -67.78 -0.27
CA LYS SB 43 1.43 -67.16 -1.24
C LYS SB 43 1.36 -65.64 -1.12
N THR SB 44 2.53 -65.00 -1.22
CA THR SB 44 2.66 -63.55 -1.04
C THR SB 44 2.15 -62.86 -2.30
N LYS SB 45 0.81 -62.86 -2.44
CA LYS SB 45 0.21 -62.52 -3.71
C LYS SB 45 -1.01 -61.61 -3.62
N MET SB 46 -1.45 -61.20 -2.42
CA MET SB 46 -2.60 -60.30 -2.35
C MET SB 46 -2.15 -58.95 -2.86
N LYS SB 47 -2.61 -58.65 -4.05
CA LYS SB 47 -2.33 -57.42 -4.73
C LYS SB 47 -3.64 -56.66 -4.90
N ARG SB 48 -3.56 -55.34 -4.91
CA ARG SB 48 -4.74 -54.50 -5.07
C ARG SB 48 -5.12 -54.37 -6.53
N ARG SB 49 -6.39 -54.57 -6.84
CA ARG SB 49 -6.91 -54.25 -8.16
C ARG SB 49 -7.37 -52.81 -8.23
N ALA SB 50 -8.31 -52.43 -7.37
CA ALA SB 50 -8.81 -51.07 -7.31
C ALA SB 50 -9.05 -50.77 -5.83
N VAL SB 51 -9.77 -49.69 -5.57
CA VAL SB 51 -9.92 -49.15 -4.22
C VAL SB 51 -10.78 -50.10 -3.40
N GLY SB 52 -10.18 -50.75 -2.41
CA GLY SB 52 -10.95 -51.63 -1.57
C GLY SB 52 -11.19 -53.00 -2.13
N ILE SB 53 -10.54 -53.33 -3.24
CA ILE SB 53 -10.61 -54.65 -3.85
C ILE SB 53 -9.19 -55.19 -4.06
N TRP SB 54 -8.89 -56.27 -3.34
CA TRP SB 54 -7.58 -56.89 -3.27
C TRP SB 54 -7.71 -58.29 -3.85
N HIS SB 55 -6.64 -58.84 -4.38
CA HIS SB 55 -6.76 -60.05 -5.20
C HIS SB 55 -5.55 -60.96 -5.04
N CYS SB 56 -5.80 -62.26 -4.89
CA CYS SB 56 -4.72 -63.24 -4.92
C CYS SB 56 -4.57 -63.78 -6.33
N GLY SB 57 -3.35 -63.75 -6.86
CA GLY SB 57 -3.09 -64.30 -8.17
C GLY SB 57 -2.99 -65.81 -8.17
N SER SB 58 -2.93 -66.42 -7.00
CA SER SB 58 -2.83 -67.87 -6.92
C SER SB 58 -4.19 -68.53 -6.75
N CYS SB 59 -4.91 -68.15 -5.68
CA CYS SB 59 -6.25 -68.70 -5.45
C CYS SB 59 -7.27 -68.22 -6.47
N MET SB 60 -6.97 -67.10 -7.14
CA MET SB 60 -7.94 -66.28 -7.85
C MET SB 60 -9.11 -65.93 -6.95
N LYS SB 61 -8.81 -65.18 -5.89
CA LYS SB 61 -9.76 -64.89 -4.82
C LYS SB 61 -9.69 -63.43 -4.40
N THR SB 62 -10.79 -62.73 -4.61
CA THR SB 62 -10.87 -61.31 -4.36
C THR SB 62 -11.42 -61.06 -2.96
N VAL SB 63 -10.76 -60.18 -2.21
CA VAL SB 63 -11.16 -59.82 -0.86
C VAL SB 63 -11.46 -58.33 -0.84
N ALA SB 64 -12.53 -57.93 -0.16
CA ALA SB 64 -12.91 -56.53 -0.01
C ALA SB 64 -12.28 -55.98 1.25
N GLY SB 65 -11.22 -55.20 1.12
CA GLY SB 65 -10.53 -54.62 2.23
C GLY SB 65 -10.51 -53.11 2.18
N GLY SB 66 -9.46 -52.54 2.70
CA GLY SB 66 -9.37 -51.11 2.78
C GLY SB 66 -8.85 -50.53 1.50
N ALA SB 67 -8.79 -49.21 1.49
CA ALA SB 67 -8.48 -48.51 0.25
C ALA SB 67 -7.01 -48.60 -0.09
N TRP SB 68 -6.14 -48.40 0.89
CA TRP SB 68 -4.72 -48.39 0.64
C TRP SB 68 -4.03 -49.56 1.26
N THR SB 69 -4.66 -50.24 2.20
CA THR SB 69 -4.12 -51.42 2.83
C THR SB 69 -5.16 -52.53 2.76
N TYR SB 70 -4.68 -53.76 2.91
CA TYR SB 70 -5.55 -54.93 2.85
C TYR SB 70 -6.53 -54.95 4.01
N ASN SB 71 -6.04 -54.72 5.23
CA ASN SB 71 -6.89 -54.59 6.40
C ASN SB 71 -6.80 -53.17 6.91
N THR SB 72 -7.94 -52.53 7.13
CA THR SB 72 -7.94 -51.37 7.97
C THR SB 72 -8.00 -51.80 9.43
N THR SB 73 -7.53 -50.90 10.31
CA THR SB 73 -7.49 -51.21 11.73
C THR SB 73 -8.89 -51.28 12.32
N SER SB 74 -9.77 -50.40 11.87
CA SER SB 74 -11.13 -50.34 12.37
C SER SB 74 -11.90 -51.60 12.01
N ALA SB 75 -11.64 -52.15 10.83
CA ALA SB 75 -12.31 -53.39 10.43
C ALA SB 75 -11.84 -54.59 11.25
N VAL SB 76 -10.58 -54.61 11.65
CA VAL SB 76 -10.09 -55.68 12.51
C VAL SB 76 -10.69 -55.58 13.91
N THR SB 77 -10.80 -54.34 14.42
CA THR SB 77 -11.48 -54.17 15.71
C THR SB 77 -12.96 -54.50 15.62
N VAL SB 78 -13.59 -54.22 14.49
CA VAL SB 78 -14.99 -54.60 14.31
C VAL SB 78 -15.13 -56.11 14.24
N LYS SB 79 -14.20 -56.81 13.60
CA LYS SB 79 -14.28 -58.27 13.53
C LYS SB 79 -14.11 -58.92 14.89
N SER SB 80 -13.21 -58.39 15.71
CA SER SB 80 -13.07 -58.87 17.09
C SER SB 80 -14.32 -58.57 17.92
N ALA SB 81 -14.89 -57.37 17.76
CA ALA SB 81 -16.09 -57.01 18.52
C ALA SB 81 -17.29 -57.83 18.09
N ILE SB 82 -17.41 -58.12 16.81
CA ILE SB 82 -18.54 -58.89 16.30
C ILE SB 82 -18.43 -60.34 16.73
N ARG SB 83 -17.21 -60.90 16.79
CA ARG SB 83 -17.13 -62.27 17.30
C ARG SB 83 -17.41 -62.34 18.78
N ARG SB 84 -17.04 -61.31 19.55
CA ARG SB 84 -17.37 -61.32 20.97
C ARG SB 84 -18.87 -61.13 21.20
N LEU SB 85 -19.54 -60.28 20.41
CA LEU SB 85 -21.00 -60.13 20.55
C LEU SB 85 -21.75 -61.37 20.08
N LYS SB 86 -21.24 -62.02 19.04
CA LYS SB 86 -21.78 -63.30 18.57
C LYS SB 86 -21.69 -64.36 19.65
N GLU SB 87 -20.52 -64.49 20.29
CA GLU SB 87 -20.36 -65.47 21.35
C GLU SB 87 -21.11 -65.06 22.61
N LEU SB 88 -21.40 -63.78 22.79
CA LEU SB 88 -22.14 -63.35 23.96
C LEU SB 88 -23.63 -63.64 23.81
N LYS SB 89 -24.16 -63.49 22.60
CA LYS SB 89 -25.53 -63.93 22.34
C LYS SB 89 -25.63 -65.44 22.36
N ASP SB 90 -24.60 -66.13 21.86
CA ASP SB 90 -24.67 -67.57 21.70
C ASP SB 90 -24.40 -68.30 23.02
N GLN SB 91 -23.42 -67.81 23.78
CA GLN SB 91 -22.94 -68.39 25.06
C GLN SB 91 -22.53 -69.86 24.95
N SER TB 1 41.95 -72.37 89.66
CA SER TB 1 40.76 -72.32 88.83
C SER TB 1 40.92 -73.27 87.68
N GLY TB 2 42.17 -73.67 87.43
CA GLY TB 2 42.45 -74.51 86.28
C GLY TB 2 42.75 -75.94 86.69
N ALA TB 3 41.73 -76.80 86.54
CA ALA TB 3 41.76 -78.21 86.93
C ALA TB 3 42.23 -78.40 88.36
N LEU TB 4 41.66 -77.60 89.26
CA LEU TB 4 42.23 -77.41 90.59
C LEU TB 4 41.13 -77.73 91.59
N ASP TB 5 41.31 -78.82 92.34
CA ASP TB 5 40.20 -79.46 93.04
C ASP TB 5 39.75 -78.64 94.25
N VAL TB 6 40.62 -77.76 94.76
CA VAL TB 6 40.20 -76.87 95.84
C VAL TB 6 39.23 -75.83 95.31
N LEU TB 7 39.57 -75.22 94.17
CA LEU TB 7 38.80 -74.12 93.63
C LEU TB 7 37.65 -74.56 92.73
N GLN TB 8 37.28 -75.83 92.75
CA GLN TB 8 36.17 -76.26 91.91
C GLN TB 8 34.84 -75.75 92.46
N MET TB 9 33.86 -75.71 91.58
CA MET TB 9 32.52 -75.29 91.95
C MET TB 9 31.87 -76.36 92.82
N LYS TB 10 31.25 -75.92 93.90
CA LYS TB 10 30.81 -76.80 94.97
C LYS TB 10 29.30 -76.78 95.03
N GLU TB 11 28.74 -77.86 95.59
CA GLU TB 11 27.30 -78.11 95.60
C GLU TB 11 26.53 -77.08 96.43
N GLU TB 12 27.19 -76.47 97.42
CA GLU TB 12 26.54 -75.41 98.19
C GLU TB 12 26.38 -74.13 97.38
N ASP TB 13 27.25 -73.92 96.39
CA ASP TB 13 27.16 -72.72 95.58
C ASP TB 13 26.20 -72.89 94.42
N VAL TB 14 25.94 -74.14 94.01
CA VAL TB 14 25.07 -74.39 92.86
C VAL TB 14 23.62 -74.05 93.21
N LEU TB 15 23.18 -74.42 94.40
CA LEU TB 15 21.79 -74.21 94.76
C LEU TB 15 21.50 -72.73 95.03
N LYS TB 16 22.51 -71.96 95.42
CA LYS TB 16 22.32 -70.54 95.62
C LYS TB 16 22.25 -69.81 94.29
N PHE TB 17 22.93 -70.32 93.26
CA PHE TB 17 22.83 -69.74 91.92
C PHE TB 17 21.45 -69.98 91.32
N LEU TB 18 20.92 -71.19 91.51
CA LEU TB 18 19.63 -71.52 90.92
C LEU TB 18 18.51 -70.83 91.66
N ALA TB 19 18.69 -70.61 92.97
CA ALA TB 19 17.65 -69.93 93.75
C ALA TB 19 17.63 -68.44 93.45
N ALA TB 20 18.80 -67.82 93.29
CA ALA TB 20 18.84 -66.42 92.92
C ALA TB 20 18.46 -66.22 91.46
N GLY TB 21 18.74 -67.20 90.61
CA GLY TB 21 18.44 -67.08 89.21
C GLY TB 21 19.54 -66.43 88.40
N THR TB 22 20.80 -66.70 88.74
CA THR TB 22 21.90 -66.06 88.03
C THR TB 22 22.13 -66.71 86.67
N HIS TB 23 21.72 -67.97 86.53
CA HIS TB 23 21.83 -68.66 85.26
C HIS TB 23 20.79 -68.14 84.27
N LEU TB 24 19.72 -67.57 84.78
CA LEU TB 24 18.61 -67.08 83.99
C LEU TB 24 19.01 -65.74 83.37
N GLY TB 25 19.51 -65.78 82.14
CA GLY TB 25 19.98 -64.57 81.48
C GLY TB 25 18.86 -63.72 80.93
N GLY TB 26 19.20 -62.90 79.94
CA GLY TB 26 18.26 -62.00 79.32
C GLY TB 26 17.55 -62.62 78.12
N THR TB 27 16.80 -61.78 77.41
CA THR TB 27 16.09 -62.26 76.23
C THR TB 27 16.89 -61.99 74.96
N ASN TB 28 17.54 -60.83 74.88
CA ASN TB 28 18.39 -60.54 73.74
C ASN TB 28 19.78 -61.16 73.95
N LEU TB 29 20.70 -60.80 73.06
CA LEU TB 29 22.04 -61.38 73.11
C LEU TB 29 23.05 -60.47 72.44
N ASP TB 30 24.01 -59.98 73.22
CA ASP TB 30 25.19 -59.34 72.68
C ASP TB 30 26.10 -60.39 72.07
N PHE TB 31 26.72 -60.07 70.95
CA PHE TB 31 27.45 -61.08 70.18
C PHE TB 31 28.74 -61.51 70.85
N GLN TB 32 29.29 -60.66 71.72
CA GLN TB 32 30.46 -61.02 72.49
C GLN TB 32 30.11 -61.97 73.64
N MET TB 33 28.84 -61.97 74.06
CA MET TB 33 28.42 -62.81 75.17
C MET TB 33 27.91 -64.17 74.72
N GLU TB 34 28.34 -64.68 73.57
CA GLU TB 34 27.80 -65.92 73.05
C GLU TB 34 28.56 -67.15 73.54
N GLN TB 35 29.72 -66.95 74.16
CA GLN TB 35 30.45 -68.10 74.70
C GLN TB 35 30.08 -68.37 76.14
N TYR TB 36 29.03 -67.73 76.65
CA TYR TB 36 28.68 -67.95 78.04
C TYR TB 36 27.30 -68.54 78.19
N ILE TB 37 26.70 -68.99 77.09
CA ILE TB 37 25.34 -69.48 77.15
C ILE TB 37 25.26 -70.94 76.77
N TYR TB 38 24.59 -71.73 77.61
CA TYR TB 38 24.35 -73.14 77.32
C TYR TB 38 23.38 -73.27 76.16
N LYS TB 39 22.16 -72.76 76.32
CA LYS TB 39 21.11 -72.92 75.32
C LYS TB 39 20.05 -71.89 75.63
N ARG TB 40 19.27 -71.53 74.60
CA ARG TB 40 18.10 -70.69 74.76
C ARG TB 40 16.86 -71.55 74.93
N LYS TB 41 16.01 -71.17 75.87
CA LYS TB 41 14.82 -71.94 76.20
C LYS TB 41 13.77 -71.84 75.11
N SER TB 42 12.79 -72.73 75.18
CA SER TB 42 11.44 -72.39 74.78
C SER TB 42 10.86 -71.50 75.88
N ASP TB 43 10.25 -70.36 75.46
CA ASP TB 43 9.97 -69.06 76.13
C ASP TB 43 11.21 -68.17 76.01
N GLY TB 44 12.29 -68.66 75.38
CA GLY TB 44 13.30 -67.80 74.81
C GLY TB 44 14.14 -66.99 75.77
N ILE TB 45 14.59 -67.62 76.84
CA ILE TB 45 15.49 -66.98 77.79
C ILE TB 45 16.80 -67.74 77.75
N TYR TB 46 17.88 -67.04 77.45
CA TYR TB 46 19.19 -67.66 77.37
C TYR TB 46 19.69 -68.10 78.73
N ILE TB 47 20.13 -69.35 78.82
CA ILE TB 47 20.58 -69.95 80.07
C ILE TB 47 22.11 -69.84 80.10
N ILE TB 48 22.61 -69.18 81.13
CA ILE TB 48 24.04 -68.93 81.26
C ILE TB 48 24.70 -70.19 81.81
N ASN TB 49 25.85 -70.55 81.26
CA ASN TB 49 26.61 -71.70 81.75
C ASN TB 49 27.20 -71.38 83.10
N LEU TB 50 26.87 -72.19 84.11
CA LEU TB 50 27.33 -71.93 85.47
C LEU TB 50 28.80 -72.25 85.69
N LYS TB 51 29.33 -73.27 85.02
CA LYS TB 51 30.75 -73.55 85.13
C LYS TB 51 31.57 -72.45 84.48
N ARG TB 52 31.06 -71.89 83.38
CA ARG TB 52 31.70 -70.74 82.77
C ARG TB 52 31.32 -69.44 83.47
N THR TB 53 30.28 -69.45 84.31
CA THR TB 53 30.09 -68.37 85.26
C THR TB 53 31.16 -68.43 86.34
N TRP TB 54 31.45 -69.65 86.81
CA TRP TB 54 32.32 -69.84 87.96
C TRP TB 54 33.77 -69.59 87.61
N GLU TB 55 34.20 -69.92 86.38
CA GLU TB 55 35.59 -69.69 85.99
C GLU TB 55 35.89 -68.20 85.83
N LYS TB 56 34.91 -67.44 85.35
CA LYS TB 56 35.12 -65.99 85.21
C LYS TB 56 34.99 -65.30 86.56
N LEU TB 57 34.29 -65.92 87.50
CA LEU TB 57 34.24 -65.41 88.86
C LEU TB 57 35.58 -65.59 89.56
N LEU TB 58 36.23 -66.73 89.32
CA LEU TB 58 37.51 -66.97 89.95
C LEU TB 58 38.62 -66.13 89.32
N LEU TB 59 38.49 -65.84 88.03
CA LEU TB 59 39.48 -65.01 87.35
C LEU TB 59 39.36 -63.57 87.81
N ALA TB 60 38.16 -63.14 88.20
CA ALA TB 60 37.97 -61.80 88.74
C ALA TB 60 38.63 -61.67 90.10
N ALA TB 61 38.60 -62.75 90.88
CA ALA TB 61 39.27 -62.75 92.18
C ALA TB 61 40.79 -62.75 92.00
N ARG TB 62 41.28 -63.30 90.89
CA ARG TB 62 42.71 -63.26 90.61
C ARG TB 62 43.20 -61.84 90.39
N ALA TB 63 42.35 -60.98 89.81
CA ALA TB 63 42.76 -59.62 89.52
C ALA TB 63 42.59 -58.72 90.73
N ILE TB 64 41.70 -59.07 91.65
CA ILE TB 64 41.50 -58.26 92.85
C ILE TB 64 42.56 -58.58 93.89
N VAL TB 65 42.86 -59.87 94.09
CA VAL TB 65 43.80 -60.29 95.11
C VAL TB 65 45.21 -59.84 94.77
N ALA TB 66 45.52 -59.74 93.47
CA ALA TB 66 46.86 -59.36 93.04
C ALA TB 66 47.18 -57.88 93.30
N ILE TB 67 46.18 -57.06 93.61
CA ILE TB 67 46.44 -55.68 93.97
C ILE TB 67 46.84 -55.64 95.44
N GLU TB 68 48.08 -55.20 95.72
CA GLU TB 68 48.60 -55.30 97.09
C GLU TB 68 47.92 -54.30 98.01
N ASN TB 69 47.68 -53.09 97.53
CA ASN TB 69 46.84 -52.15 98.26
C ASN TB 69 45.39 -52.60 98.09
N PRO TB 70 44.70 -52.98 99.15
CA PRO TB 70 43.30 -53.41 98.98
C PRO TB 70 42.36 -52.25 98.73
N ALA TB 71 42.81 -51.02 99.00
CA ALA TB 71 41.88 -49.90 99.07
C ALA TB 71 41.59 -49.30 97.71
N ASP TB 72 42.53 -49.43 96.76
CA ASP TB 72 42.40 -48.73 95.48
C ASP TB 72 41.80 -49.60 94.39
N VAL TB 73 40.86 -50.46 94.72
CA VAL TB 73 40.02 -51.14 93.74
C VAL TB 73 38.62 -50.57 93.88
N SER TB 74 38.21 -49.74 92.93
CA SER TB 74 36.95 -49.02 93.01
C SER TB 74 35.80 -49.92 92.61
N VAL TB 75 34.72 -49.85 93.39
CA VAL TB 75 33.60 -50.78 93.27
C VAL TB 75 32.34 -49.93 93.11
N ILE TB 76 31.79 -49.90 91.91
CA ILE TB 76 30.83 -48.87 91.49
C ILE TB 76 29.48 -49.49 91.18
N SER TB 77 28.40 -48.82 91.60
CA SER TB 77 27.05 -49.13 91.15
C SER TB 77 26.28 -47.82 91.00
N SER TB 78 25.59 -47.65 89.87
CA SER TB 78 24.72 -46.48 89.71
C SER TB 78 23.26 -46.83 89.95
N ARG TB 79 22.83 -48.01 89.53
CA ARG TB 79 21.46 -48.45 89.81
C ARG TB 79 21.29 -48.73 91.28
N ASN TB 80 20.02 -48.78 91.71
CA ASN TB 80 19.70 -49.07 93.10
C ASN TB 80 20.08 -50.49 93.48
N THR TB 81 20.06 -51.41 92.52
CA THR TB 81 20.05 -52.85 92.81
C THR TB 81 21.36 -53.31 93.44
N GLY TB 82 22.47 -52.69 93.06
CA GLY TB 82 23.74 -53.09 93.61
C GLY TB 82 24.31 -52.16 94.65
N GLN TB 83 23.55 -51.14 95.10
CA GLN TB 83 24.10 -50.12 95.99
C GLN TB 83 24.42 -50.65 97.38
N ARG TB 84 23.53 -51.47 97.95
CA ARG TB 84 23.88 -52.16 99.19
C ARG TB 84 24.97 -53.19 98.94
N ALA TB 85 24.94 -53.83 97.77
CA ALA TB 85 25.84 -54.93 97.49
C ALA TB 85 27.27 -54.44 97.25
N VAL TB 86 27.44 -53.18 96.83
CA VAL TB 86 28.79 -52.67 96.67
C VAL TB 86 29.30 -52.06 97.96
N LEU TB 87 28.40 -51.60 98.82
CA LEU TB 87 28.84 -50.98 100.05
C LEU TB 87 29.25 -52.04 101.06
N LYS TB 88 28.51 -53.15 101.11
CA LYS TB 88 28.84 -54.20 102.06
C LYS TB 88 29.93 -55.11 101.52
N PHE TB 89 30.23 -55.00 100.22
CA PHE TB 89 31.42 -55.63 99.67
C PHE TB 89 32.68 -54.93 100.15
N ALA TB 90 32.73 -53.60 99.95
CA ALA TB 90 33.95 -52.86 100.19
C ALA TB 90 34.26 -52.72 101.67
N ALA TB 91 33.27 -52.94 102.54
CA ALA TB 91 33.55 -53.02 103.96
C ALA TB 91 34.26 -54.31 104.29
N ALA TB 92 33.74 -55.43 103.79
CA ALA TB 92 34.30 -56.75 104.08
C ALA TB 92 35.61 -56.99 103.35
N THR TB 93 35.71 -56.53 102.11
CA THR TB 93 36.94 -56.73 101.33
C THR TB 93 37.99 -55.69 101.68
N GLY TB 94 37.58 -54.44 101.86
CA GLY TB 94 38.54 -53.37 102.08
C GLY TB 94 38.69 -52.44 100.91
N ALA TB 95 37.72 -52.41 100.00
CA ALA TB 95 37.78 -51.62 98.77
C ALA TB 95 37.20 -50.24 99.00
N THR TB 96 37.11 -49.47 97.92
CA THR TB 96 36.56 -48.11 97.97
C THR TB 96 35.34 -48.04 97.08
N PRO TB 97 34.14 -47.82 97.61
CA PRO TB 97 32.94 -47.84 96.79
C PRO TB 97 32.58 -46.47 96.21
N ILE TB 98 31.79 -46.52 95.14
CA ILE TB 98 31.07 -45.37 94.60
C ILE TB 98 29.64 -45.80 94.43
N ALA TB 99 28.77 -45.42 95.35
CA ALA TB 99 27.38 -45.87 95.37
C ALA TB 99 26.50 -44.74 94.85
N GLY TB 100 26.17 -44.81 93.57
CA GLY TB 100 25.23 -43.87 92.96
C GLY TB 100 25.81 -42.51 92.61
N ARG TB 101 25.43 -42.01 91.43
CA ARG TB 101 25.83 -40.72 90.88
C ARG TB 101 27.34 -40.61 90.77
N PHE TB 102 27.91 -41.40 89.87
CA PHE TB 102 29.30 -41.30 89.49
C PHE TB 102 29.53 -39.94 88.85
N THR TB 103 30.31 -39.09 89.50
CA THR TB 103 30.58 -37.77 88.98
C THR TB 103 31.54 -37.87 87.80
N PRO TB 104 31.19 -37.30 86.64
CA PRO TB 104 32.07 -37.42 85.46
C PRO TB 104 33.34 -36.60 85.63
N GLY TB 105 34.47 -37.30 85.69
CA GLY TB 105 35.73 -36.66 85.93
C GLY TB 105 36.37 -37.01 87.25
N THR TB 106 35.85 -38.03 87.95
CA THR TB 106 36.48 -38.44 89.21
C THR TB 106 37.72 -39.30 88.96
N PHE TB 107 37.99 -39.67 87.72
CA PHE TB 107 39.23 -40.37 87.41
C PHE TB 107 40.17 -39.52 86.58
N THR TB 108 39.70 -38.40 86.02
CA THR TB 108 40.48 -37.59 85.10
C THR TB 108 40.80 -36.20 85.62
N ASN TB 109 39.91 -35.58 86.39
CA ASN TB 109 40.06 -34.18 86.78
C ASN TB 109 40.75 -34.07 88.13
N GLN TB 110 41.82 -33.28 88.21
CA GLN TB 110 42.64 -33.21 89.42
C GLN TB 110 41.97 -32.37 90.50
N ILE TB 111 41.36 -31.26 90.12
CA ILE TB 111 40.95 -30.25 91.08
C ILE TB 111 39.74 -30.72 91.89
N GLN TB 112 38.99 -31.69 91.36
CA GLN TB 112 37.84 -32.23 92.06
C GLN TB 112 38.23 -32.93 93.36
N THR TB 113 37.32 -32.90 94.33
CA THR TB 113 37.61 -33.50 95.63
C THR TB 113 37.62 -35.01 95.55
N ALA TB 114 36.77 -35.58 94.69
CA ALA TB 114 36.71 -37.03 94.56
C ALA TB 114 37.63 -37.54 93.46
N PHE TB 115 38.85 -37.03 93.41
CA PHE TB 115 39.80 -37.48 92.40
C PHE TB 115 40.57 -38.67 92.94
N ARG TB 116 40.15 -39.84 92.50
CA ARG TB 116 40.82 -41.09 92.82
C ARG TB 116 41.44 -41.65 91.56
N GLU TB 117 42.65 -42.17 91.68
CA GLU TB 117 43.32 -42.87 90.59
C GLU TB 117 43.55 -44.31 91.03
N PRO TB 118 42.56 -45.17 90.86
CA PRO TB 118 42.67 -46.55 91.36
C PRO TB 118 43.51 -47.41 90.43
N ARG TB 119 43.51 -48.70 90.73
CA ARG TB 119 44.18 -49.69 89.89
C ARG TB 119 43.24 -50.68 89.24
N LEU TB 120 41.99 -50.75 89.70
CA LEU TB 120 41.07 -51.75 89.18
C LEU TB 120 39.64 -51.31 89.45
N LEU TB 121 38.73 -51.63 88.54
CA LEU TB 121 37.31 -51.36 88.72
C LEU TB 121 36.53 -52.67 88.74
N VAL TB 122 35.44 -52.70 89.50
CA VAL TB 122 34.45 -53.76 89.43
C VAL TB 122 33.11 -53.05 89.21
N VAL TB 123 32.41 -53.42 88.15
CA VAL TB 123 31.22 -52.72 87.71
C VAL TB 123 30.00 -53.64 87.76
N THR TB 124 28.94 -53.15 88.40
CA THR TB 124 27.66 -53.84 88.51
C THR TB 124 26.98 -54.10 87.16
N ASP TB 125 26.85 -53.08 86.32
CA ASP TB 125 26.18 -53.22 85.04
C ASP TB 125 26.84 -52.32 84.01
N PRO TB 126 27.25 -52.85 82.86
CA PRO TB 126 28.01 -52.02 81.90
C PRO TB 126 27.21 -50.92 81.23
N ARG TB 127 25.91 -51.09 81.03
CA ARG TB 127 25.12 -50.01 80.44
C ARG TB 127 24.88 -48.90 81.46
N ALA TB 128 24.43 -49.25 82.67
CA ALA TB 128 24.13 -48.23 83.66
C ALA TB 128 25.40 -47.57 84.19
N ASP TB 129 26.54 -48.27 84.10
CA ASP TB 129 27.82 -47.69 84.48
C ASP TB 129 28.68 -47.49 83.25
N HIS TB 130 28.07 -46.97 82.18
CA HIS TB 130 28.81 -46.70 80.96
C HIS TB 130 29.82 -45.59 81.17
N GLN TB 131 29.57 -44.70 82.11
CA GLN TB 131 30.45 -43.57 82.36
C GLN TB 131 31.75 -43.98 83.04
N PRO TB 132 31.77 -44.83 84.15
CA PRO TB 132 33.08 -45.29 84.66
C PRO TB 132 33.90 -46.14 83.70
N LEU TB 133 33.28 -46.68 82.65
CA LEU TB 133 34.02 -47.41 81.64
C LEU TB 133 34.85 -46.47 80.78
N THR TB 134 34.35 -45.25 80.56
CA THR TB 134 35.05 -44.32 79.68
C THR TB 134 36.21 -43.62 80.38
N GLU TB 135 36.08 -43.28 81.66
CA GLU TB 135 37.26 -42.78 82.37
C GLU TB 135 38.28 -43.88 82.62
N ALA TB 136 37.86 -45.14 82.55
CA ALA TB 136 38.82 -46.24 82.50
C ALA TB 136 39.52 -46.35 81.15
N SER TB 137 39.23 -45.49 80.17
CA SER TB 137 39.95 -45.44 78.92
C SER TB 137 40.97 -44.30 78.87
N TYR TB 138 40.72 -43.21 79.57
CA TYR TB 138 41.69 -42.13 79.61
C TYR TB 138 42.76 -42.40 80.65
N VAL TB 139 42.44 -43.18 81.65
CA VAL TB 139 43.38 -43.66 82.66
C VAL TB 139 43.50 -45.17 82.46
N ASN TB 140 44.72 -45.67 82.56
CA ASN TB 140 45.02 -47.07 82.25
C ASN TB 140 44.42 -47.94 83.34
N LEU TB 141 43.12 -48.20 83.23
CA LEU TB 141 42.38 -48.90 84.26
C LEU TB 141 41.78 -50.17 83.70
N PRO TB 142 42.15 -51.33 84.22
CA PRO TB 142 41.37 -52.55 83.97
C PRO TB 142 39.97 -52.48 84.56
N THR TB 143 39.14 -53.41 84.11
CA THR TB 143 37.71 -53.35 84.41
C THR TB 143 37.13 -54.75 84.58
N ILE TB 144 36.51 -54.99 85.72
CA ILE TB 144 35.72 -56.18 85.94
C ILE TB 144 34.26 -55.77 85.87
N ALA TB 145 33.41 -56.63 85.30
CA ALA TB 145 32.04 -56.24 85.09
C ALA TB 145 31.11 -57.43 85.31
N LEU TB 146 29.94 -57.16 85.87
CA LEU TB 146 28.95 -58.20 86.12
C LEU TB 146 27.95 -58.20 84.97
N CYS TB 147 28.27 -58.90 83.89
CA CYS TB 147 27.61 -58.72 82.61
C CYS TB 147 26.47 -59.69 82.42
N ASN TB 148 25.46 -59.26 81.68
CA ASN TB 148 24.34 -60.11 81.31
C ASN TB 148 24.54 -60.54 79.85
N THR TB 149 23.58 -61.29 79.30
CA THR TB 149 23.71 -61.78 77.94
C THR TB 149 23.60 -60.64 76.92
N ASP TB 150 22.90 -59.57 77.29
CA ASP TB 150 22.72 -58.45 76.37
C ASP TB 150 23.80 -57.39 76.54
N SER TB 151 24.60 -57.50 77.60
CA SER TB 151 25.49 -56.41 78.00
C SER TB 151 26.63 -56.24 76.99
N PRO TB 152 26.94 -55.00 76.59
CA PRO TB 152 28.06 -54.76 75.67
C PRO TB 152 29.39 -54.87 76.39
N LEU TB 153 30.36 -55.45 75.70
CA LEU TB 153 31.67 -55.64 76.32
C LEU TB 153 32.66 -54.58 75.86
N ARG TB 154 32.16 -53.38 75.61
CA ARG TB 154 33.01 -52.24 75.31
C ARG TB 154 33.70 -51.78 76.58
N TYR TB 155 35.03 -51.76 76.55
CA TYR TB 155 35.94 -51.35 77.61
C TYR TB 155 35.79 -52.14 78.91
N VAL TB 156 35.17 -53.31 78.91
CA VAL TB 156 35.36 -54.22 80.03
C VAL TB 156 36.58 -55.07 79.71
N ASP TB 157 37.17 -55.64 80.74
CA ASP TB 157 38.42 -56.38 80.56
C ASP TB 157 38.37 -57.76 81.15
N ILE TB 158 37.52 -58.00 82.15
CA ILE TB 158 37.07 -59.35 82.40
C ILE TB 158 35.58 -59.28 82.77
N ALA TB 159 34.77 -60.08 82.08
CA ALA TB 159 33.34 -60.06 82.33
C ALA TB 159 32.93 -61.31 83.07
N ILE TB 160 32.07 -61.14 84.07
CA ILE TB 160 31.44 -62.25 84.77
C ILE TB 160 30.03 -62.39 84.21
N PRO TB 161 29.69 -63.49 83.54
CA PRO TB 161 28.35 -63.64 82.95
C PRO TB 161 27.30 -63.88 84.03
N CYS TB 162 26.40 -62.91 84.21
CA CYS TB 162 25.51 -62.92 85.35
C CYS TB 162 24.09 -62.61 84.90
N ASN TB 163 23.15 -62.76 85.82
CA ASN TB 163 21.86 -62.09 85.73
C ASN TB 163 21.98 -60.86 86.61
N ASN TB 164 22.37 -59.74 86.00
CA ASN TB 164 22.46 -58.52 86.79
C ASN TB 164 21.17 -57.72 86.79
N LYS TB 165 20.01 -58.38 86.62
CA LYS TB 165 18.75 -57.66 86.59
C LYS TB 165 17.94 -57.97 87.85
N GLY TB 166 17.95 -59.21 88.31
CA GLY TB 166 17.20 -59.56 89.51
C GLY TB 166 17.88 -59.02 90.75
N ALA TB 167 17.08 -58.72 91.77
CA ALA TB 167 17.61 -58.10 92.97
C ALA TB 167 18.42 -59.10 93.79
N HIS TB 168 18.03 -60.37 93.75
CA HIS TB 168 18.79 -61.38 94.46
C HIS TB 168 20.04 -61.75 93.68
N SER TB 169 19.96 -61.75 92.36
CA SER TB 169 21.05 -62.28 91.55
C SER TB 169 22.17 -61.26 91.39
N VAL TB 170 21.89 -59.98 91.61
CA VAL TB 170 22.96 -58.98 91.62
C VAL TB 170 23.82 -59.15 92.86
N GLY TB 171 23.18 -59.15 94.03
CA GLY TB 171 23.94 -59.13 95.27
C GLY TB 171 24.61 -60.46 95.58
N LEU TB 172 24.12 -61.54 94.98
CA LEU TB 172 24.73 -62.84 95.25
C LEU TB 172 26.02 -63.01 94.47
N MET TB 173 26.11 -62.39 93.29
CA MET TB 173 27.37 -62.46 92.56
C MET TB 173 28.41 -61.56 93.20
N TRP TB 174 27.98 -60.53 93.92
CA TRP TB 174 28.89 -59.80 94.78
C TRP TB 174 29.31 -60.66 95.97
N TRP TB 175 28.40 -61.52 96.44
CA TRP TB 175 28.67 -62.29 97.64
C TRP TB 175 29.62 -63.45 97.37
N MET TB 176 29.42 -64.16 96.26
CA MET TB 176 30.33 -65.23 95.86
C MET TB 176 31.72 -64.68 95.56
N LEU TB 177 31.78 -63.45 95.07
CA LEU TB 177 33.08 -62.83 94.85
C LEU TB 177 33.64 -62.25 96.13
N ALA TB 178 32.78 -61.94 97.11
CA ALA TB 178 33.27 -61.40 98.38
C ALA TB 178 33.95 -62.48 99.21
N ARG TB 179 33.51 -63.73 99.08
CA ARG TB 179 34.23 -64.82 99.73
C ARG TB 179 35.57 -65.03 99.03
N GLU TB 180 35.54 -65.03 97.71
CA GLU TB 180 36.67 -65.58 96.95
C GLU TB 180 37.83 -64.61 96.92
N VAL TB 181 37.57 -63.31 97.00
CA VAL TB 181 38.68 -62.37 97.15
C VAL TB 181 39.22 -62.40 98.57
N LEU TB 182 38.46 -62.99 99.50
CA LEU TB 182 38.94 -63.08 100.88
C LEU TB 182 39.40 -64.49 101.22
N ARG TB 183 38.87 -65.50 100.54
CA ARG TB 183 39.39 -66.86 100.72
C ARG TB 183 40.76 -67.04 100.10
N MET TB 184 41.13 -66.18 99.14
CA MET TB 184 42.39 -66.36 98.45
C MET TB 184 43.58 -65.73 99.16
N ARG TB 185 43.37 -65.06 100.28
CA ARG TB 185 44.47 -64.75 101.18
C ARG TB 185 44.14 -65.19 102.60
N GLY TB 186 44.98 -64.77 103.55
CA GLY TB 186 44.87 -65.21 104.92
C GLY TB 186 43.75 -64.57 105.71
N THR TB 187 42.52 -64.70 105.23
CA THR TB 187 41.38 -64.08 105.88
C THR TB 187 40.33 -65.10 106.30
N ILE TB 188 39.91 -65.96 105.37
CA ILE TB 188 38.90 -66.98 105.62
C ILE TB 188 39.49 -68.32 105.22
N SER TB 189 39.15 -69.38 105.94
CA SER TB 189 39.47 -70.73 105.54
C SER TB 189 38.31 -71.32 104.76
N ARG TB 190 38.64 -72.09 103.72
CA ARG TB 190 37.62 -72.68 102.86
C ARG TB 190 36.92 -73.86 103.48
N GLU TB 191 37.45 -74.40 104.57
CA GLU TB 191 36.83 -75.54 105.22
C GLU TB 191 35.55 -75.13 105.94
N HIS TB 192 35.53 -73.95 106.48
CA HIS TB 192 34.38 -73.44 107.19
C HIS TB 192 33.55 -72.54 106.29
N PRO TB 193 32.23 -72.51 106.48
CA PRO TB 193 31.41 -71.54 105.74
C PRO TB 193 31.63 -70.14 106.23
N TRP TB 194 31.20 -69.17 105.43
CA TRP TB 194 31.37 -67.79 105.78
C TRP TB 194 30.17 -67.32 106.59
N GLU TB 195 30.46 -66.68 107.73
CA GLU TB 195 29.42 -66.23 108.65
C GLU TB 195 28.53 -65.17 108.02
N VAL TB 196 29.10 -64.38 107.11
CA VAL TB 196 28.34 -63.34 106.44
C VAL TB 196 27.38 -63.97 105.45
N MET TB 197 26.22 -64.02 105.81
CA MET TB 197 24.97 -64.49 105.25
C MET TB 197 24.54 -63.59 104.10
N PRO TB 198 24.27 -64.18 102.92
CA PRO TB 198 24.24 -63.38 101.67
C PRO TB 198 23.06 -62.44 101.54
N ASP TB 199 22.10 -62.47 102.46
CA ASP TB 199 21.04 -61.48 102.46
C ASP TB 199 21.50 -60.11 102.92
N LEU TB 200 22.73 -60.00 103.43
CA LEU TB 200 23.31 -58.69 103.69
C LEU TB 200 23.55 -57.91 102.40
N TYR TB 201 23.73 -58.61 101.28
CA TYR TB 201 24.04 -57.93 100.04
C TYR TB 201 22.83 -57.68 99.15
N PHE TB 202 21.63 -57.98 99.62
CA PHE TB 202 20.46 -57.92 98.74
C PHE TB 202 19.77 -56.57 98.84
N TYR TB 203 19.36 -56.05 97.68
CA TYR TB 203 18.65 -54.77 97.65
C TYR TB 203 17.25 -54.93 98.20
N ARG TB 204 16.97 -54.19 99.27
CA ARG TB 204 15.69 -54.25 99.95
C ARG TB 204 14.80 -53.18 99.38
N ASP TB 205 13.70 -53.60 98.77
CA ASP TB 205 12.70 -52.67 98.27
C ASP TB 205 12.04 -51.96 99.44
N PRO TB 206 11.98 -50.62 99.43
CA PRO TB 206 11.22 -49.91 100.49
C PRO TB 206 9.72 -50.18 100.48
N GLU TB 207 9.19 -50.80 99.44
CA GLU TB 207 7.88 -51.44 99.58
C GLU TB 207 7.96 -52.63 100.53
N GLU TB 208 9.01 -53.45 100.40
CA GLU TB 208 9.16 -54.64 101.24
C GLU TB 208 9.79 -54.33 102.59
N ILE TB 209 10.44 -53.17 102.75
CA ILE TB 209 10.97 -52.80 104.06
C ILE TB 209 9.82 -52.44 105.00
N GLU TB 210 8.85 -51.69 104.50
CA GLU TB 210 7.68 -51.34 105.30
C GLU TB 210 6.78 -52.55 105.56
N LYS TB 211 6.85 -53.57 104.69
CA LYS TB 211 6.12 -54.81 104.93
C LYS TB 211 6.70 -55.56 106.11
N GLU TB 212 8.02 -55.68 106.16
CA GLU TB 212 8.69 -56.44 107.23
C GLU TB 212 8.67 -55.65 108.53
N GLU TB 213 8.58 -54.32 108.45
CA GLU TB 213 8.61 -53.50 109.66
C GLU TB 213 7.31 -53.63 110.45
N GLN TB 214 6.19 -53.92 109.78
CA GLN TB 214 4.97 -54.24 110.50
C GLN TB 214 5.05 -55.61 111.16
N ALA TB 215 5.73 -56.56 110.50
CA ALA TB 215 5.83 -57.90 111.04
C ALA TB 215 6.91 -58.02 112.11
N ALA TB 216 7.61 -56.93 112.40
CA ALA TB 216 8.57 -56.94 113.50
C ALA TB 216 7.87 -57.05 114.85
N ALA TB 217 7.15 -56.01 115.23
CA ALA TB 217 6.43 -56.02 116.50
C ALA TB 217 5.10 -56.75 116.37
N SER UB 1 -83.61 42.13 -69.26
CA SER UB 1 -83.00 43.42 -69.52
C SER UB 1 -81.63 43.23 -70.12
N ALA UB 2 -81.01 44.31 -70.59
CA ALA UB 2 -79.68 44.20 -71.15
C ALA UB 2 -78.63 44.04 -70.05
N HIS UB 3 -78.79 44.77 -68.96
CA HIS UB 3 -77.78 44.78 -67.91
C HIS UB 3 -77.73 43.47 -67.14
N LEU UB 4 -78.88 42.85 -66.91
CA LEU UB 4 -78.94 41.56 -66.21
C LEU UB 4 -78.19 40.49 -66.97
N GLN UB 5 -78.46 40.36 -68.26
CA GLN UB 5 -77.81 39.30 -69.02
C GLN UB 5 -76.42 39.70 -69.50
N TRP UB 6 -76.08 40.99 -69.49
CA TRP UB 6 -74.66 41.34 -69.57
C TRP UB 6 -73.91 40.85 -68.37
N MET UB 7 -74.49 40.96 -67.17
CA MET UB 7 -73.81 40.46 -65.98
C MET UB 7 -73.64 38.93 -66.00
N VAL UB 8 -74.34 38.23 -66.88
CA VAL UB 8 -74.11 36.81 -67.10
C VAL UB 8 -73.08 36.59 -68.20
N VAL UB 9 -73.19 37.33 -69.30
CA VAL UB 9 -72.43 37.04 -70.51
C VAL UB 9 -71.02 37.63 -70.45
N ARG UB 10 -70.80 38.62 -69.58
CA ARG UB 10 -69.57 39.41 -69.53
C ARG UB 10 -68.28 38.63 -69.32
N ASN UB 11 -68.37 37.38 -68.87
CA ASN UB 11 -67.17 36.60 -68.63
C ASN UB 11 -67.28 35.18 -69.17
N CYS UB 12 -68.48 34.63 -69.29
CA CYS UB 12 -68.66 33.23 -69.64
C CYS UB 12 -69.60 33.02 -70.82
N SER UB 13 -69.35 33.67 -71.95
CA SER UB 13 -70.07 33.30 -73.15
C SER UB 13 -69.23 32.37 -74.03
N SER UB 14 -69.91 31.70 -74.96
CA SER UB 14 -69.24 30.82 -75.90
C SER UB 14 -68.57 31.61 -77.02
N PHE UB 15 -68.89 32.89 -77.13
CA PHE UB 15 -68.29 33.73 -78.16
C PHE UB 15 -67.03 34.39 -77.65
N LEU UB 16 -66.74 34.22 -76.38
CA LEU UB 16 -65.71 35.00 -75.74
C LEU UB 16 -64.34 34.36 -75.96
N ILE UB 17 -63.37 35.18 -76.28
CA ILE UB 17 -62.06 34.69 -76.68
C ILE UB 17 -60.97 35.55 -76.05
N LYS UB 18 -60.27 34.98 -75.08
CA LYS UB 18 -59.25 35.68 -74.31
C LYS UB 18 -57.91 35.04 -74.60
N ARG UB 19 -57.03 35.76 -75.28
CA ARG UB 19 -55.63 35.37 -75.36
C ARG UB 19 -54.84 36.61 -75.75
N ASN UB 20 -53.53 36.57 -75.49
CA ASN UB 20 -52.59 37.63 -75.83
C ASN UB 20 -52.92 38.96 -75.16
N LYS UB 21 -53.46 38.87 -73.94
CA LYS UB 21 -53.92 40.02 -73.15
C LYS UB 21 -54.96 40.85 -73.91
N GLN UB 22 -55.79 40.17 -74.68
CA GLN UB 22 -56.83 40.77 -75.50
C GLN UB 22 -58.10 39.99 -75.26
N THR UB 23 -59.23 40.67 -75.41
CA THR UB 23 -60.51 40.00 -75.25
C THR UB 23 -61.41 40.38 -76.41
N TYR UB 24 -61.95 39.38 -77.10
CA TYR UB 24 -62.88 39.66 -78.19
C TYR UB 24 -64.15 38.88 -77.98
N SER UB 25 -65.04 39.04 -78.94
CA SER UB 25 -66.32 38.36 -78.93
C SER UB 25 -66.72 38.09 -80.38
N THR UB 26 -66.90 36.82 -80.71
CA THR UB 26 -67.09 36.37 -82.08
C THR UB 26 -68.56 36.22 -82.42
N GLU UB 27 -69.40 37.06 -81.83
CA GLU UB 27 -70.83 37.07 -81.97
C GLU UB 27 -71.27 37.36 -83.40
N PRO UB 28 -72.52 37.03 -83.76
CA PRO UB 28 -72.99 37.35 -85.12
C PRO UB 28 -73.11 38.83 -85.43
N ASN UB 29 -73.71 39.61 -84.55
CA ASN UB 29 -73.98 41.01 -84.88
C ASN UB 29 -73.15 41.97 -84.04
N ASN UB 30 -72.05 41.50 -83.48
CA ASN UB 30 -71.10 42.37 -82.82
C ASN UB 30 -70.22 43.01 -83.87
N LEU UB 31 -70.08 44.32 -83.77
CA LEU UB 31 -69.28 45.10 -84.69
C LEU UB 31 -68.41 46.04 -83.87
N LYS UB 32 -67.14 46.10 -84.26
CA LYS UB 32 -65.89 46.31 -83.51
C LYS UB 32 -65.45 45.05 -82.78
N ALA UB 33 -66.27 43.99 -82.75
CA ALA UB 33 -65.90 42.62 -82.36
C ALA UB 33 -65.31 42.52 -80.97
N ARG UB 34 -65.65 43.43 -80.07
CA ARG UB 34 -65.08 43.37 -78.73
C ARG UB 34 -66.14 43.03 -77.69
N ASN UB 35 -65.70 42.33 -76.65
CA ASN UB 35 -66.51 42.03 -75.49
C ASN UB 35 -66.83 43.34 -74.79
N SER UB 36 -68.05 43.82 -74.94
CA SER UB 36 -68.40 45.13 -74.43
C SER UB 36 -69.90 45.14 -74.26
N PHE UB 37 -70.40 46.06 -73.42
CA PHE UB 37 -71.84 46.17 -73.28
C PHE UB 37 -72.45 46.79 -74.52
N ARG UB 38 -71.86 47.88 -75.00
CA ARG UB 38 -72.45 48.71 -76.05
C ARG UB 38 -72.43 48.02 -77.39
N TYR UB 39 -71.48 47.11 -77.61
CA TYR UB 39 -71.23 46.50 -78.89
C TYR UB 39 -71.72 45.06 -78.95
N ASN UB 40 -72.18 44.51 -77.83
CA ASN UB 40 -72.71 43.16 -77.83
C ASN UB 40 -74.01 43.12 -78.61
N GLY UB 41 -74.15 42.07 -79.41
CA GLY UB 41 -75.26 41.96 -80.34
C GLY UB 41 -76.47 41.24 -79.78
N LEU UB 42 -76.24 40.24 -78.94
CA LEU UB 42 -77.32 39.35 -78.54
C LEU UB 42 -78.18 39.93 -77.44
N ILE UB 43 -77.70 40.97 -76.77
CA ILE UB 43 -78.24 41.33 -75.46
C ILE UB 43 -79.22 42.49 -75.57
N HIS UB 44 -79.02 43.37 -76.54
CA HIS UB 44 -79.87 44.55 -76.66
C HIS UB 44 -81.17 44.27 -77.39
N ARG UB 45 -82.07 45.24 -77.30
CA ARG UB 45 -83.31 45.21 -78.06
C ARG UB 45 -83.10 45.69 -79.48
N LYS UB 46 -82.34 46.75 -79.64
CA LYS UB 46 -82.04 47.32 -80.95
C LYS UB 46 -80.58 47.08 -81.26
N THR UB 47 -80.31 46.34 -82.33
CA THR UB 47 -79.00 45.83 -82.66
C THR UB 47 -78.74 46.00 -84.14
N VAL UB 48 -77.56 46.49 -84.48
CA VAL UB 48 -77.13 46.63 -85.87
C VAL UB 48 -76.02 45.62 -86.13
N GLY UB 49 -76.04 45.01 -87.30
CA GLY UB 49 -74.93 44.21 -87.76
C GLY UB 49 -74.64 44.54 -89.20
N VAL UB 50 -73.36 44.50 -89.59
CA VAL UB 50 -72.94 44.81 -90.95
C VAL UB 50 -72.10 43.61 -91.40
N GLU UB 51 -72.68 42.76 -92.22
CA GLU UB 51 -72.03 41.53 -92.65
C GLU UB 51 -71.67 41.61 -94.12
N PRO UB 52 -70.64 40.89 -94.56
CA PRO UB 52 -70.40 40.75 -95.99
C PRO UB 52 -71.50 39.93 -96.65
N ALA UB 53 -71.65 40.12 -97.95
CA ALA UB 53 -72.69 39.40 -98.67
C ALA UB 53 -72.35 37.92 -98.77
N ALA UB 54 -73.39 37.09 -98.85
CA ALA UB 54 -73.19 35.68 -99.12
C ALA UB 54 -72.65 35.47 -100.52
N ASP UB 55 -73.16 36.25 -101.47
CA ASP UB 55 -72.54 36.39 -102.78
C ASP UB 55 -71.25 37.20 -102.65
N GLY UB 56 -70.60 37.42 -103.79
CA GLY UB 56 -69.37 38.21 -103.76
C GLY UB 56 -69.62 39.66 -103.43
N LYS UB 57 -70.41 40.35 -104.24
CA LYS UB 57 -70.54 41.79 -104.15
C LYS UB 57 -71.68 42.16 -103.23
N GLY UB 58 -71.45 43.16 -102.39
CA GLY UB 58 -72.47 43.69 -101.53
C GLY UB 58 -72.17 43.53 -100.05
N VAL UB 59 -73.01 44.19 -99.27
CA VAL UB 59 -72.97 44.20 -97.81
C VAL UB 59 -74.40 44.16 -97.31
N VAL UB 60 -74.70 43.22 -96.41
CA VAL UB 60 -76.01 43.15 -95.80
C VAL UB 60 -75.96 43.90 -94.48
N VAL UB 61 -77.09 44.47 -94.09
CA VAL UB 61 -77.22 45.18 -92.83
C VAL UB 61 -78.34 44.51 -92.05
N VAL UB 62 -78.06 44.08 -90.85
CA VAL UB 62 -78.99 43.32 -90.02
C VAL UB 62 -79.58 44.26 -88.99
N MET UB 63 -80.90 44.28 -88.91
CA MET UB 63 -81.65 45.10 -87.97
C MET UB 63 -82.49 44.16 -87.13
N LYS UB 64 -82.47 44.34 -85.82
CA LYS UB 64 -83.34 43.55 -84.96
C LYS UB 64 -84.63 44.33 -84.76
N ARG UB 65 -85.75 43.78 -85.23
CA ARG UB 65 -87.04 44.42 -85.03
C ARG UB 65 -87.43 44.30 -83.57
N ARG UB 66 -88.24 45.24 -83.09
CA ARG UB 66 -88.43 45.35 -81.65
C ARG UB 66 -89.60 44.51 -81.15
N SER UB 67 -90.46 44.03 -82.04
CA SER UB 67 -91.73 43.47 -81.62
C SER UB 67 -91.57 42.06 -81.10
N GLY UB 68 -91.14 41.15 -81.96
CA GLY UB 68 -90.99 39.75 -81.57
C GLY UB 68 -89.61 39.42 -81.06
N GLN UB 69 -89.29 39.80 -79.82
CA GLN UB 69 -87.91 39.76 -79.39
C GLN UB 69 -87.46 38.36 -78.98
N ARG UB 70 -88.33 37.57 -78.37
CA ARG UB 70 -87.98 36.22 -77.97
C ARG UB 70 -88.15 35.19 -79.08
N LYS UB 71 -88.39 35.64 -80.30
CA LYS UB 71 -88.65 34.75 -81.44
C LYS UB 71 -87.48 34.85 -82.40
N PRO UB 72 -86.51 33.94 -82.32
CA PRO UB 72 -85.26 34.13 -83.07
C PRO UB 72 -85.38 34.01 -84.57
N ALA UB 73 -86.46 33.39 -85.07
CA ALA UB 73 -86.60 33.20 -86.51
C ALA UB 73 -87.05 34.48 -87.19
N THR UB 74 -87.83 35.30 -86.50
CA THR UB 74 -88.28 36.57 -87.04
C THR UB 74 -87.76 37.77 -86.25
N SER UB 75 -86.65 37.60 -85.54
CA SER UB 75 -86.13 38.70 -84.72
C SER UB 75 -85.37 39.69 -85.59
N TYR UB 76 -84.65 39.20 -86.59
CA TYR UB 76 -83.79 40.04 -87.39
C TYR UB 76 -84.36 40.23 -88.78
N VAL UB 77 -84.03 41.35 -89.40
CA VAL UB 77 -84.41 41.62 -90.78
C VAL UB 77 -83.19 42.15 -91.53
N ARG UB 78 -82.79 41.41 -92.58
CA ARG UB 78 -81.56 41.63 -93.30
C ARG UB 78 -81.84 42.39 -94.59
N THR UB 79 -80.91 43.24 -94.98
CA THR UB 79 -81.05 43.95 -96.25
C THR UB 79 -79.70 44.12 -96.94
N THR UB 80 -79.58 43.55 -98.13
CA THR UB 80 -78.35 43.65 -98.90
C THR UB 80 -78.30 44.99 -99.62
N ILE UB 81 -77.24 45.75 -99.37
CA ILE UB 81 -76.99 47.01 -100.04
C ILE UB 81 -75.85 46.76 -101.02
N ASN UB 82 -76.17 46.73 -102.31
CA ASN UB 82 -75.15 46.51 -103.34
C ASN UB 82 -75.13 47.72 -104.27
N LYS UB 83 -74.32 48.70 -103.87
CA LYS UB 83 -74.23 49.98 -104.56
C LYS UB 83 -72.76 50.36 -104.71
N ASN UB 84 -72.53 51.63 -105.04
CA ASN UB 84 -71.19 52.19 -104.95
C ASN UB 84 -70.77 52.35 -103.49
N ALA UB 85 -69.55 52.85 -103.30
CA ALA UB 85 -68.98 52.88 -101.95
C ALA UB 85 -69.56 54.02 -101.13
N ARG UB 86 -69.79 55.16 -101.76
CA ARG UB 86 -70.21 56.34 -101.01
C ARG UB 86 -71.68 56.24 -100.61
N ALA UB 87 -72.51 55.70 -101.49
CA ALA UB 87 -73.93 55.65 -101.19
C ALA UB 87 -74.32 54.42 -100.39
N THR UB 88 -73.46 53.39 -100.35
CA THR UB 88 -73.65 52.34 -99.35
C THR UB 88 -73.48 52.89 -97.94
N LEU UB 89 -72.42 53.68 -97.75
CA LEU UB 89 -72.16 54.32 -96.47
C LEU UB 89 -73.24 55.34 -96.14
N SER UB 90 -73.74 56.07 -97.14
CA SER UB 90 -74.84 56.99 -96.92
C SER UB 90 -76.12 56.26 -96.56
N SER UB 91 -76.36 55.08 -97.16
CA SER UB 91 -77.53 54.29 -96.81
C SER UB 91 -77.48 53.82 -95.37
N ILE UB 92 -76.32 53.35 -94.93
CA ILE UB 92 -76.22 52.86 -93.55
C ILE UB 92 -76.28 54.00 -92.54
N ARG UB 93 -75.73 55.16 -92.89
CA ARG UB 93 -75.83 56.33 -92.02
C ARG UB 93 -77.26 56.81 -91.90
N HIS UB 94 -78.02 56.76 -93.00
CA HIS UB 94 -79.42 57.12 -92.96
C HIS UB 94 -80.26 56.08 -92.22
N MET UB 95 -79.84 54.81 -92.24
CA MET UB 95 -80.53 53.80 -91.45
C MET UB 95 -80.38 54.09 -89.97
N ILE UB 96 -79.16 54.34 -89.52
CA ILE UB 96 -78.94 54.40 -88.08
C ILE UB 96 -79.30 55.76 -87.53
N ARG UB 97 -79.01 56.82 -88.27
CA ARG UB 97 -79.26 58.17 -87.75
C ARG UB 97 -80.75 58.50 -87.78
N LYS UB 98 -81.41 58.26 -88.91
CA LYS UB 98 -82.73 58.85 -89.11
C LYS UB 98 -83.85 57.95 -88.65
N ASN UB 99 -83.63 56.65 -88.53
CA ASN UB 99 -84.59 55.81 -87.83
C ASN UB 99 -84.39 55.83 -86.33
N LYS UB 100 -83.46 56.65 -85.84
CA LYS UB 100 -83.07 56.74 -84.42
C LYS UB 100 -82.61 55.39 -83.86
N TYR UB 101 -82.14 54.53 -84.73
CA TYR UB 101 -82.00 53.12 -84.39
C TYR UB 101 -80.61 52.94 -83.85
N HIS UB 102 -80.48 53.09 -82.53
CA HIS UB 102 -79.31 52.75 -81.72
C HIS UB 102 -78.13 53.59 -82.21
N PRO UB 103 -78.10 54.92 -81.93
CA PRO UB 103 -77.15 55.80 -82.64
C PRO UB 103 -75.75 55.78 -82.09
N ASP UB 104 -75.45 54.91 -81.12
CA ASP UB 104 -74.08 54.72 -80.66
C ASP UB 104 -73.25 54.06 -81.74
N LEU UB 105 -73.91 53.41 -82.70
CA LEU UB 105 -73.35 52.39 -83.55
C LEU UB 105 -73.19 52.85 -84.98
N ARG UB 106 -73.61 54.08 -85.29
CA ARG UB 106 -73.58 54.56 -86.66
C ARG UB 106 -72.17 54.68 -87.19
N MET UB 107 -71.26 55.16 -86.35
CA MET UB 107 -69.90 55.35 -86.84
C MET UB 107 -69.17 54.02 -86.91
N ALA UB 108 -69.42 53.12 -85.96
CA ALA UB 108 -68.85 51.79 -86.00
C ALA UB 108 -69.35 51.00 -87.22
N ALA UB 109 -70.61 51.21 -87.60
CA ALA UB 109 -71.15 50.52 -88.76
C ALA UB 109 -70.61 51.08 -90.06
N ILE UB 110 -70.39 52.40 -90.11
CA ILE UB 110 -69.78 52.98 -91.29
C ILE UB 110 -68.34 52.51 -91.45
N ARG UB 111 -67.59 52.43 -90.34
CA ARG UB 111 -66.23 51.91 -90.39
C ARG UB 111 -66.20 50.45 -90.82
N ARG UB 112 -67.16 49.66 -90.36
CA ARG UB 112 -67.15 48.23 -90.69
C ARG UB 112 -67.56 47.99 -92.14
N ALA UB 113 -68.61 48.69 -92.61
CA ALA UB 113 -69.00 48.58 -94.00
C ALA UB 113 -67.91 49.06 -94.94
N SER UB 114 -67.19 50.10 -94.53
CA SER UB 114 -66.05 50.56 -95.29
C SER UB 114 -64.95 49.51 -95.33
N ALA UB 115 -64.76 48.78 -94.23
CA ALA UB 115 -63.80 47.68 -94.20
C ALA UB 115 -64.21 46.52 -95.10
N ILE UB 116 -65.50 46.19 -95.14
CA ILE UB 116 -65.95 45.10 -96.00
C ILE UB 116 -65.84 45.49 -97.47
N LEU UB 117 -66.18 46.73 -97.81
CA LEU UB 117 -66.08 47.18 -99.19
C LEU UB 117 -64.64 47.31 -99.65
N ARG UB 118 -63.72 47.58 -98.73
CA ARG UB 118 -62.31 47.49 -99.08
C ARG UB 118 -61.89 46.03 -99.27
N SER UB 119 -62.49 45.12 -98.46
CA SER UB 119 -62.14 43.71 -98.52
C SER UB 119 -62.56 43.06 -99.84
N GLN UB 120 -63.74 43.42 -100.35
CA GLN UB 120 -64.22 42.75 -101.55
C GLN UB 120 -63.82 43.49 -102.83
N LYS UB 121 -63.06 44.57 -102.70
CA LYS UB 121 -62.40 45.21 -103.82
C LYS UB 121 -61.32 44.26 -104.37
N PRO UB 122 -61.03 44.32 -105.68
CA PRO UB 122 -59.96 43.47 -106.24
C PRO UB 122 -58.59 43.72 -105.63
N VAL UB 123 -57.89 42.62 -105.35
CA VAL UB 123 -56.66 42.69 -104.56
C VAL UB 123 -55.50 43.10 -105.46
N MET UB 124 -54.51 43.74 -104.86
CA MET UB 124 -53.42 44.35 -105.62
C MET UB 124 -52.22 43.43 -105.73
N ASP VB 1 23.40 95.55 -0.53
CA ASP VB 1 23.88 94.77 -1.67
C ASP VB 1 25.25 95.22 -2.16
N ARG VB 2 25.49 95.11 -3.46
CA ARG VB 2 26.78 95.52 -4.01
C ARG VB 2 26.79 96.99 -4.43
N ALA VB 3 25.62 97.52 -4.80
CA ALA VB 3 25.53 98.90 -5.27
C ALA VB 3 25.87 99.90 -4.17
N THR VB 4 25.47 99.58 -2.93
CA THR VB 4 25.84 100.43 -1.82
C THR VB 4 27.28 100.20 -1.38
N TRP VB 5 27.83 99.01 -1.66
CA TRP VB 5 29.25 98.76 -1.41
C TRP VB 5 30.13 99.60 -2.33
N LYS VB 6 29.64 99.85 -3.55
CA LYS VB 6 30.32 100.75 -4.49
C LYS VB 6 30.34 102.18 -3.95
N SER VB 7 29.19 102.66 -3.44
CA SER VB 7 29.13 103.99 -2.85
C SER VB 7 29.92 104.08 -1.55
N ASN VB 8 30.05 102.96 -0.82
CA ASN VB 8 30.93 102.90 0.33
C ASN VB 8 32.38 103.12 -0.09
N TYR VB 9 32.80 102.51 -1.21
CA TYR VB 9 34.17 102.75 -1.67
C TYR VB 9 34.36 104.20 -2.17
N PHE VB 10 33.32 104.80 -2.75
CA PHE VB 10 33.44 106.20 -3.16
C PHE VB 10 33.55 107.14 -1.95
N LEU VB 11 32.74 106.89 -0.91
CA LEU VB 11 32.83 107.71 0.30
C LEU VB 11 34.10 107.41 1.09
N LYS VB 12 34.75 106.28 0.82
CA LYS VB 12 36.11 106.08 1.33
C LYS VB 12 37.13 106.90 0.54
N ILE VB 13 37.08 106.82 -0.79
CA ILE VB 13 38.18 107.35 -1.61
C ILE VB 13 38.19 108.88 -1.62
N ILE VB 14 37.02 109.51 -1.41
CA ILE VB 14 37.04 110.97 -1.32
C ILE VB 14 37.73 111.44 -0.04
N GLN VB 15 37.51 110.71 1.08
CA GLN VB 15 38.19 111.03 2.33
C GLN VB 15 39.67 110.68 2.27
N LEU VB 16 40.01 109.64 1.50
CA LEU VB 16 41.40 109.22 1.46
C LEU VB 16 42.24 110.07 0.50
N LEU VB 17 41.60 110.71 -0.49
CA LEU VB 17 42.34 111.73 -1.24
C LEU VB 17 42.23 113.10 -0.59
N ASP VB 18 41.34 113.28 0.39
CA ASP VB 18 41.41 114.49 1.20
C ASP VB 18 42.51 114.40 2.26
N ASP VB 19 42.71 113.21 2.83
CA ASP VB 19 43.56 113.10 4.03
C ASP VB 19 45.04 113.15 3.67
N TYR VB 20 45.45 112.43 2.63
CA TYR VB 20 46.86 112.32 2.29
C TYR VB 20 47.08 112.75 0.85
N PRO VB 21 47.58 113.95 0.57
CA PRO VB 21 47.96 114.31 -0.81
C PRO VB 21 49.37 113.90 -1.16
N LYS VB 22 49.72 112.65 -0.86
CA LYS VB 22 51.05 112.10 -1.17
C LYS VB 22 50.91 110.59 -1.20
N CYS VB 23 51.01 110.02 -2.41
CA CYS VB 23 50.51 108.68 -2.69
C CYS VB 23 51.63 107.77 -3.14
N PHE VB 24 51.72 106.59 -2.51
CA PHE VB 24 52.66 105.54 -2.89
C PHE VB 24 51.97 104.61 -3.86
N ILE VB 25 52.17 104.85 -5.16
CA ILE VB 25 51.68 103.94 -6.19
C ILE VB 25 52.54 102.69 -6.14
N VAL VB 26 51.97 101.60 -5.65
CA VAL VB 26 52.66 100.34 -5.47
C VAL VB 26 52.07 99.30 -6.41
N GLY VB 27 52.87 98.30 -6.76
CA GLY VB 27 52.39 97.16 -7.52
C GLY VB 27 52.48 95.87 -6.72
N ALA VB 28 51.33 95.33 -6.31
CA ALA VB 28 51.29 94.13 -5.48
C ALA VB 28 51.34 92.91 -6.39
N ASP VB 29 52.54 92.48 -6.73
CA ASP VB 29 52.75 91.33 -7.60
C ASP VB 29 52.79 90.07 -6.74
N ASN VB 30 51.77 89.21 -6.92
CA ASN VB 30 51.57 87.84 -6.36
C ASN VB 30 52.12 87.64 -4.95
N VAL VB 31 51.79 88.56 -4.04
CA VAL VB 31 52.26 88.51 -2.66
C VAL VB 31 51.25 87.76 -1.81
N GLY VB 32 51.75 87.03 -0.80
CA GLY VB 32 50.89 86.20 0.03
C GLY VB 32 50.10 87.00 1.06
N SER VB 33 48.93 86.45 1.42
CA SER VB 33 48.01 87.16 2.30
C SER VB 33 48.48 87.17 3.75
N LYS VB 34 49.14 86.10 4.19
CA LYS VB 34 49.73 86.10 5.52
C LYS VB 34 50.85 87.12 5.62
N GLN VB 35 51.61 87.29 4.52
CA GLN VB 35 52.60 88.35 4.45
C GLN VB 35 51.94 89.73 4.47
N MET VB 36 50.79 89.87 3.82
CA MET VB 36 50.09 91.16 3.82
C MET VB 36 49.52 91.49 5.19
N GLN VB 37 49.09 90.48 5.95
CA GLN VB 37 48.67 90.76 7.33
C GLN VB 37 49.87 91.06 8.22
N GLN VB 38 51.04 90.48 7.92
CA GLN VB 38 52.26 90.91 8.58
C GLN VB 38 52.60 92.37 8.26
N ILE VB 39 52.33 92.80 7.03
CA ILE VB 39 52.51 94.19 6.63
C ILE VB 39 51.52 95.09 7.38
N ARG VB 40 50.28 94.64 7.52
CA ARG VB 40 49.28 95.40 8.26
C ARG VB 40 49.61 95.48 9.75
N MET VB 41 50.27 94.45 10.28
CA MET VB 41 50.83 94.55 11.62
C MET VB 41 51.99 95.54 11.66
N SER VB 42 52.73 95.67 10.55
CA SER VB 42 53.92 96.53 10.56
C SER VB 42 53.55 98.00 10.43
N LEU VB 43 53.02 98.40 9.27
CA LEU VB 43 52.75 99.81 8.99
C LEU VB 43 51.28 100.16 9.17
N ARG VB 44 50.77 100.11 10.40
CA ARG VB 44 49.32 100.32 10.59
C ARG VB 44 48.97 101.78 10.76
N GLY VB 45 49.63 102.48 11.69
CA GLY VB 45 49.22 103.82 12.04
C GLY VB 45 49.61 104.90 11.07
N LYS VB 46 50.91 104.99 10.77
CA LYS VB 46 51.42 106.09 9.95
C LYS VB 46 51.12 105.88 8.46
N ALA VB 47 50.85 104.63 8.06
CA ALA VB 47 50.56 104.29 6.68
C ALA VB 47 49.12 103.81 6.53
N VAL VB 48 48.47 104.27 5.46
CA VAL VB 48 47.07 103.93 5.17
C VAL VB 48 47.02 103.31 3.77
N VAL VB 49 46.82 101.99 3.71
CA VAL VB 49 46.98 101.21 2.48
C VAL VB 49 45.61 100.95 1.88
N LEU VB 50 45.52 101.06 0.55
CA LEU VB 50 44.27 100.82 -0.16
C LEU VB 50 44.52 99.98 -1.40
N MET VB 51 43.52 99.17 -1.76
CA MET VB 51 43.49 98.40 -3.00
C MET VB 51 42.14 98.64 -3.66
N GLY VB 52 41.86 97.90 -4.73
CA GLY VB 52 40.52 97.90 -5.29
C GLY VB 52 40.51 97.67 -6.79
N LYS VB 53 39.28 97.62 -7.32
CA LYS VB 53 39.02 97.69 -8.75
C LYS VB 53 39.55 99.00 -9.33
N ASN VB 54 40.43 98.91 -10.32
CA ASN VB 54 41.12 100.10 -10.80
C ASN VB 54 40.20 101.05 -11.57
N THR VB 55 39.13 100.51 -12.17
CA THR VB 55 38.22 101.35 -12.94
C THR VB 55 37.36 102.23 -12.04
N MET VB 56 37.07 101.75 -10.82
CA MET VB 56 36.36 102.60 -9.87
C MET VB 56 37.28 103.70 -9.33
N MET VB 57 38.58 103.40 -9.15
CA MET VB 57 39.54 104.46 -8.85
C MET VB 57 39.63 105.47 -9.99
N ARG VB 58 39.54 104.98 -11.24
CA ARG VB 58 39.56 105.85 -12.40
C ARG VB 58 38.36 106.81 -12.41
N LYS VB 59 37.15 106.28 -12.22
CA LYS VB 59 35.95 107.11 -12.12
C LYS VB 59 35.98 108.04 -10.91
N ALA VB 60 36.57 107.60 -9.80
CA ALA VB 60 36.66 108.44 -8.61
C ALA VB 60 37.58 109.62 -8.83
N ILE VB 61 38.69 109.41 -9.55
CA ILE VB 61 39.57 110.53 -9.90
C ILE VB 61 38.89 111.45 -10.92
N ARG VB 62 38.09 110.88 -11.84
CA ARG VB 62 37.25 111.70 -12.72
C ARG VB 62 36.26 112.56 -11.94
N GLY VB 63 35.79 112.06 -10.80
CA GLY VB 63 34.90 112.85 -9.96
C GLY VB 63 35.64 113.90 -9.15
N HIS VB 64 36.88 113.59 -8.73
CA HIS VB 64 37.72 114.59 -8.06
C HIS VB 64 38.10 115.75 -8.96
N LEU VB 65 38.22 115.51 -10.29
CA LEU VB 65 38.76 116.55 -11.17
C LEU VB 65 37.84 117.77 -11.35
N GLU VB 66 36.56 117.69 -10.98
CA GLU VB 66 35.73 118.90 -11.02
C GLU VB 66 35.91 119.72 -9.75
N ASN VB 67 36.59 119.18 -8.74
CA ASN VB 67 36.92 119.93 -7.53
C ASN VB 67 38.40 120.34 -7.50
N ASN VB 68 39.31 119.36 -7.61
CA ASN VB 68 40.74 119.62 -7.48
C ASN VB 68 41.47 119.28 -8.77
N PRO VB 69 42.22 120.21 -9.35
CA PRO VB 69 43.04 119.88 -10.54
C PRO VB 69 44.35 119.16 -10.22
N ALA VB 70 44.72 119.00 -8.94
CA ALA VB 70 46.07 118.56 -8.61
C ALA VB 70 46.27 117.06 -8.84
N LEU VB 71 45.18 116.32 -9.04
CA LEU VB 71 45.22 114.88 -9.22
C LEU VB 71 45.02 114.48 -10.69
N GLU VB 72 45.50 115.30 -11.63
CA GLU VB 72 45.02 115.21 -13.02
C GLU VB 72 45.71 114.08 -13.79
N LYS VB 73 46.93 113.71 -13.41
CA LYS VB 73 47.68 112.72 -14.18
C LYS VB 73 47.63 111.31 -13.59
N LEU VB 74 46.73 111.04 -12.64
CA LEU VB 74 46.70 109.71 -12.05
C LEU VB 74 45.92 108.71 -12.90
N LEU VB 75 45.26 109.20 -13.95
CA LEU VB 75 44.37 108.34 -14.74
C LEU VB 75 45.10 107.37 -15.67
N PRO VB 76 46.05 107.77 -16.53
CA PRO VB 76 46.71 106.74 -17.36
C PRO VB 76 47.78 105.97 -16.62
N HIS VB 77 48.22 106.44 -15.44
CA HIS VB 77 49.32 105.80 -14.73
C HIS VB 77 48.90 104.51 -14.02
N ILE VB 78 47.62 104.19 -13.96
CA ILE VB 78 47.16 102.99 -13.26
C ILE VB 78 47.00 101.84 -14.26
N ARG VB 79 48.03 101.00 -14.36
CA ARG VB 79 47.98 99.80 -15.19
C ARG VB 79 48.62 98.65 -14.41
N GLY VB 80 47.92 97.52 -14.38
CA GLY VB 80 48.39 96.38 -13.62
C GLY VB 80 47.75 96.30 -12.24
N ASN VB 81 48.29 95.41 -11.41
CA ASN VB 81 47.80 95.23 -10.05
C ASN VB 81 48.23 96.44 -9.24
N VAL VB 82 47.36 97.44 -9.19
CA VAL VB 82 47.70 98.74 -8.62
C VAL VB 82 46.78 99.03 -7.45
N GLY VB 83 47.37 99.13 -6.27
CA GLY VB 83 46.73 99.68 -5.10
C GLY VB 83 47.60 100.82 -4.62
N PHE VB 84 47.14 101.50 -3.57
CA PHE VB 84 47.84 102.70 -3.14
C PHE VB 84 48.08 102.67 -1.63
N VAL VB 85 49.19 103.28 -1.23
CA VAL VB 85 49.55 103.42 0.17
C VAL VB 85 49.62 104.91 0.49
N PHE VB 86 48.73 105.38 1.35
CA PHE VB 86 48.72 106.79 1.71
C PHE VB 86 49.40 107.00 3.05
N THR VB 87 50.40 107.89 3.08
CA THR VB 87 51.11 108.16 4.33
C THR VB 87 51.60 109.60 4.32
N LYS VB 88 52.00 110.08 5.49
CA LYS VB 88 52.18 111.50 5.76
C LYS VB 88 53.48 111.83 6.48
N GLU VB 89 54.04 110.89 7.23
CA GLU VB 89 55.14 111.22 8.14
C GLU VB 89 56.45 111.38 7.39
N ASP VB 90 56.77 110.45 6.49
CA ASP VB 90 57.96 110.57 5.68
C ASP VB 90 57.72 109.83 4.37
N LEU VB 91 58.55 110.13 3.35
CA LEU VB 91 58.37 109.48 2.06
C LEU VB 91 59.47 108.46 1.76
N THR VB 92 60.71 108.70 2.19
CA THR VB 92 61.79 107.80 1.81
C THR VB 92 61.88 106.60 2.76
N GLU VB 93 61.58 106.80 4.05
CA GLU VB 93 61.73 105.73 5.03
C GLU VB 93 60.65 104.67 4.88
N ILE VB 94 59.42 105.09 4.59
CA ILE VB 94 58.36 104.10 4.44
C ILE VB 94 58.48 103.39 3.11
N ARG VB 95 59.05 104.06 2.10
CA ARG VB 95 59.45 103.37 0.87
C ARG VB 95 60.53 102.33 1.15
N ASP VB 96 61.47 102.65 2.04
CA ASP VB 96 62.49 101.68 2.43
C ASP VB 96 61.89 100.50 3.19
N MET VB 97 60.88 100.76 4.01
CA MET VB 97 60.21 99.68 4.73
C MET VB 97 59.38 98.81 3.78
N LEU VB 98 58.76 99.43 2.76
CA LEU VB 98 58.05 98.67 1.73
C LEU VB 98 59.01 97.84 0.90
N LEU VB 99 60.23 98.33 0.69
CA LEU VB 99 61.25 97.51 0.04
C LEU VB 99 61.73 96.39 0.96
N ALA VB 100 61.73 96.63 2.27
CA ALA VB 100 62.37 95.70 3.20
C ALA VB 100 61.49 94.48 3.48
N ASN VB 101 60.18 94.69 3.66
CA ASN VB 101 59.31 93.60 4.10
C ASN VB 101 59.01 92.64 2.95
N LYS VB 102 59.89 91.67 2.76
CA LYS VB 102 59.73 90.65 1.74
C LYS VB 102 59.99 89.27 2.34
N VAL VB 103 58.93 88.49 2.48
CA VAL VB 103 59.00 87.14 3.04
C VAL VB 103 59.18 86.17 1.89
N PRO VB 104 60.21 85.30 1.91
CA PRO VB 104 60.52 84.45 0.75
C PRO VB 104 59.50 83.35 0.54
N ALA VB 105 58.83 83.39 -0.60
CA ALA VB 105 57.77 82.44 -0.91
C ALA VB 105 58.32 81.26 -1.71
N ALA VB 106 57.41 80.46 -2.25
CA ALA VB 106 57.80 79.35 -3.11
C ALA VB 106 58.07 79.84 -4.53
N ALA VB 107 58.97 79.13 -5.22
CA ALA VB 107 59.47 79.59 -6.51
C ALA VB 107 58.45 79.32 -7.61
N ARG VB 108 58.11 80.38 -8.34
CA ARG VB 108 57.17 80.30 -9.46
C ARG VB 108 57.88 79.69 -10.67
N ALA VB 109 57.19 78.81 -11.39
CA ALA VB 109 57.75 78.15 -12.57
C ALA VB 109 57.03 78.66 -13.82
N GLY VB 110 57.64 79.63 -14.48
CA GLY VB 110 57.09 80.13 -15.73
C GLY VB 110 57.17 81.63 -15.92
N ALA VB 111 57.14 82.39 -14.81
CA ALA VB 111 57.25 83.83 -14.90
C ALA VB 111 58.70 84.25 -15.15
N ILE VB 112 58.91 85.56 -15.30
CA ILE VB 112 60.25 86.04 -15.57
C ILE VB 112 61.08 86.02 -14.29
N ALA VB 113 62.40 86.06 -14.46
CA ALA VB 113 63.32 86.20 -13.35
C ALA VB 113 64.07 87.51 -13.50
N PRO VB 114 64.08 88.37 -12.47
CA PRO VB 114 64.71 89.69 -12.64
C PRO VB 114 66.24 89.67 -12.57
N CYS VB 115 66.83 88.76 -11.81
CA CYS VB 115 68.29 88.75 -11.62
C CYS VB 115 68.85 87.34 -11.77
N GLU VB 116 70.14 87.21 -11.47
CA GLU VB 116 70.86 85.96 -11.63
C GLU VB 116 70.52 84.98 -10.50
N VAL VB 117 70.46 83.69 -10.85
CA VAL VB 117 70.09 82.64 -9.90
C VAL VB 117 71.27 81.70 -9.72
N THR VB 118 71.67 81.49 -8.46
CA THR VB 118 72.82 80.67 -8.12
C THR VB 118 72.38 79.46 -7.32
N VAL VB 119 73.19 78.40 -7.39
CA VAL VB 119 73.06 77.24 -6.51
C VAL VB 119 74.38 77.06 -5.76
N PRO VB 120 74.43 77.39 -4.47
CA PRO VB 120 75.67 77.21 -3.71
C PRO VB 120 76.00 75.73 -3.49
N ALA VB 121 77.25 75.49 -3.13
CA ALA VB 121 77.76 74.14 -2.91
C ALA VB 121 77.27 73.65 -1.55
N GLN VB 122 76.20 72.84 -1.56
CA GLN VB 122 75.61 72.32 -0.34
C GLN VB 122 74.91 71.01 -0.68
N ASN VB 123 75.01 70.05 0.23
CA ASN VB 123 74.39 68.74 0.03
C ASN VB 123 72.87 68.82 0.10
N THR VB 124 72.21 67.81 -0.48
CA THR VB 124 70.76 67.78 -0.49
C THR VB 124 70.20 67.41 0.88
N GLY VB 125 70.85 66.48 1.57
CA GLY VB 125 70.38 66.02 2.87
C GLY VB 125 69.41 64.88 2.76
N LEU VB 126 69.65 63.98 1.80
CA LEU VB 126 68.79 62.83 1.56
C LEU VB 126 69.66 61.59 1.37
N GLY VB 127 69.00 60.47 1.09
CA GLY VB 127 69.70 59.23 0.87
C GLY VB 127 70.06 59.04 -0.60
N PRO VB 128 70.01 57.79 -1.08
CA PRO VB 128 70.20 57.55 -2.52
C PRO VB 128 68.95 57.80 -3.34
N GLU VB 129 68.94 58.84 -4.17
CA GLU VB 129 67.87 59.08 -5.11
C GLU VB 129 68.45 59.23 -6.52
N LYS VB 130 67.58 59.62 -7.45
CA LYS VB 130 67.96 59.70 -8.86
C LYS VB 130 68.74 60.99 -9.11
N THR VB 131 69.90 60.86 -9.74
CA THR VB 131 70.71 62.02 -10.10
C THR VB 131 70.46 62.50 -11.52
N SER VB 132 69.45 61.94 -12.22
CA SER VB 132 69.22 62.32 -13.61
C SER VB 132 68.51 63.66 -13.72
N PHE VB 133 67.84 64.10 -12.65
CA PHE VB 133 67.12 65.38 -12.72
C PHE VB 133 68.09 66.55 -12.63
N PHE VB 134 69.15 66.42 -11.83
CA PHE VB 134 70.13 67.49 -11.72
C PHE VB 134 71.05 67.52 -12.93
N GLN VB 135 71.32 66.35 -13.52
CA GLN VB 135 72.19 66.26 -14.68
C GLN VB 135 71.44 66.37 -16.00
N ALA VB 136 70.18 66.78 -15.98
CA ALA VB 136 69.43 66.97 -17.22
C ALA VB 136 69.90 68.22 -17.95
N LEU VB 137 69.84 69.37 -17.28
CA LEU VB 137 70.39 70.60 -17.86
C LEU VB 137 71.92 70.56 -17.82
N GLY VB 138 72.47 69.87 -16.83
CA GLY VB 138 73.91 69.70 -16.68
C GLY VB 138 74.44 70.44 -15.47
N ILE VB 139 74.56 69.72 -14.35
CA ILE VB 139 75.08 70.24 -13.09
C ILE VB 139 75.97 69.16 -12.49
N THR VB 140 77.17 69.55 -12.05
CA THR VB 140 78.13 68.60 -11.48
C THR VB 140 77.62 68.14 -10.12
N THR VB 141 76.98 66.97 -10.09
CA THR VB 141 76.45 66.37 -8.86
C THR VB 141 77.00 64.96 -8.73
N LYS VB 142 77.74 64.70 -7.66
CA LYS VB 142 78.28 63.37 -7.38
C LYS VB 142 77.72 62.84 -6.07
N ILE VB 143 77.65 61.52 -5.98
CA ILE VB 143 77.11 60.86 -4.78
C ILE VB 143 78.28 60.62 -3.85
N SER VB 144 78.46 61.54 -2.90
CA SER VB 144 79.52 61.46 -1.90
C SER VB 144 78.91 60.99 -0.58
N ARG VB 145 78.93 59.66 -0.38
CA ARG VB 145 78.41 58.96 0.79
C ARG VB 145 76.94 59.28 1.00
N GLY VB 146 76.09 58.80 0.08
CA GLY VB 146 74.66 58.95 0.20
C GLY VB 146 74.13 60.29 -0.25
N THR VB 147 74.53 61.36 0.44
CA THR VB 147 74.01 62.69 0.14
C THR VB 147 74.60 63.23 -1.16
N ILE VB 148 73.73 63.72 -2.04
CA ILE VB 148 74.15 64.28 -3.31
C ILE VB 148 74.72 65.67 -3.07
N GLU VB 149 75.95 65.90 -3.51
CA GLU VB 149 76.65 67.15 -3.29
C GLU VB 149 76.94 67.83 -4.62
N ILE VB 150 76.78 69.15 -4.65
CA ILE VB 150 77.08 69.97 -5.82
C ILE VB 150 78.49 70.52 -5.67
N LEU VB 151 79.33 70.25 -6.67
CA LEU VB 151 80.76 70.55 -6.54
C LEU VB 151 81.06 72.02 -6.76
N SER VB 152 80.62 72.59 -7.88
CA SER VB 152 80.97 73.95 -8.27
C SER VB 152 79.72 74.80 -8.42
N ASP VB 153 79.92 76.12 -8.36
CA ASP VB 153 78.85 77.07 -8.60
C ASP VB 153 78.74 77.37 -10.08
N VAL VB 154 77.67 76.90 -10.71
CA VAL VB 154 77.28 77.31 -12.06
C VAL VB 154 75.87 77.88 -11.97
N GLN VB 155 75.71 79.13 -12.40
CA GLN VB 155 74.42 79.83 -12.32
C GLN VB 155 73.46 79.24 -13.34
N LEU VB 156 72.18 79.12 -12.95
CA LEU VB 156 71.19 78.49 -13.80
C LEU VB 156 70.38 79.51 -14.60
N ILE VB 157 69.69 80.41 -13.90
CA ILE VB 157 68.80 81.38 -14.53
C ILE VB 157 69.44 82.76 -14.42
N LYS VB 158 69.66 83.40 -15.57
CA LYS VB 158 70.44 84.63 -15.67
C LYS VB 158 69.50 85.83 -15.80
N THR VB 159 70.09 86.98 -16.12
CA THR VB 159 69.34 88.23 -16.24
C THR VB 159 68.46 88.21 -17.48
N GLY VB 160 67.15 88.21 -17.26
CA GLY VB 160 66.19 88.21 -18.36
C GLY VB 160 65.97 86.85 -18.98
N ASP VB 161 65.62 85.86 -18.15
CA ASP VB 161 65.42 84.50 -18.64
C ASP VB 161 64.17 83.92 -17.99
N LYS VB 162 63.45 83.11 -18.76
CA LYS VB 162 62.23 82.46 -18.28
C LYS VB 162 62.59 81.31 -17.32
N VAL VB 163 61.74 81.10 -16.33
CA VAL VB 163 61.97 80.02 -15.36
C VAL VB 163 61.39 78.73 -15.92
N GLY VB 164 62.25 77.73 -16.09
CA GLY VB 164 61.78 76.41 -16.50
C GLY VB 164 61.18 75.64 -15.34
N ALA VB 165 60.49 74.56 -15.68
CA ALA VB 165 59.81 73.76 -14.67
C ALA VB 165 60.78 72.83 -13.95
N SER VB 166 61.65 72.13 -14.71
CA SER VB 166 62.55 71.15 -14.12
C SER VB 166 63.64 71.81 -13.29
N GLU VB 167 63.99 73.05 -13.63
CA GLU VB 167 64.94 73.79 -12.82
C GLU VB 167 64.28 74.43 -11.60
N ALA VB 168 62.96 74.56 -11.62
CA ALA VB 168 62.26 75.12 -10.45
C ALA VB 168 61.93 74.03 -9.45
N THR VB 169 61.68 72.80 -9.91
CA THR VB 169 61.38 71.71 -8.99
C THR VB 169 62.59 71.34 -8.13
N LEU VB 170 63.79 71.41 -8.70
CA LEU VB 170 64.99 71.16 -7.91
C LEU VB 170 65.24 72.27 -6.89
N LEU VB 171 64.92 73.51 -7.24
CA LEU VB 171 65.06 74.61 -6.28
C LEU VB 171 63.99 74.54 -5.20
N ASN VB 172 62.83 73.95 -5.51
CA ASN VB 172 61.83 73.69 -4.47
C ASN VB 172 62.28 72.57 -3.54
N MET VB 173 62.92 71.53 -4.09
CA MET VB 173 63.34 70.40 -3.27
C MET VB 173 64.56 70.74 -2.43
N LEU VB 174 65.41 71.65 -2.91
CA LEU VB 174 66.58 72.06 -2.12
C LEU VB 174 66.23 73.08 -1.05
N ASN VB 175 64.97 73.55 -0.99
CA ASN VB 175 64.46 74.49 0.01
C ASN VB 175 65.21 75.81 -0.01
N ILE VB 176 65.68 76.22 -1.19
CA ILE VB 176 66.41 77.48 -1.37
C ILE VB 176 65.63 78.27 -2.42
N SER VB 177 64.78 79.19 -1.96
CA SER VB 177 64.06 80.06 -2.87
C SER VB 177 65.03 81.06 -3.50
N PRO VB 178 64.88 81.36 -4.80
CA PRO VB 178 65.86 82.23 -5.47
C PRO VB 178 65.81 83.67 -5.00
N PHE VB 179 64.62 84.24 -4.84
CA PHE VB 179 64.47 85.61 -4.39
C PHE VB 179 63.24 85.75 -3.53
N SER VB 180 63.35 86.54 -2.45
CA SER VB 180 62.19 86.84 -1.62
C SER VB 180 61.29 87.84 -2.32
N PHE VB 181 60.05 87.43 -2.57
CA PHE VB 181 59.15 88.24 -3.36
C PHE VB 181 58.55 89.36 -2.51
N GLY VB 182 58.11 90.42 -3.19
CA GLY VB 182 57.51 91.55 -2.52
C GLY VB 182 56.97 92.55 -3.51
N LEU VB 183 56.16 93.48 -3.00
CA LEU VB 183 55.53 94.49 -3.83
C LEU VB 183 56.54 95.57 -4.21
N ILE VB 184 56.65 95.85 -5.51
CA ILE VB 184 57.66 96.77 -6.01
C ILE VB 184 56.98 98.06 -6.46
N ILE VB 185 57.54 99.19 -6.02
CA ILE VB 185 56.89 100.48 -6.20
C ILE VB 185 56.91 100.90 -7.68
N GLN VB 186 55.72 101.23 -8.18
CA GLN VB 186 55.51 101.49 -9.60
C GLN VB 186 55.79 102.94 -9.98
N GLN VB 187 55.04 103.86 -9.38
CA GLN VB 187 55.21 105.29 -9.62
C GLN VB 187 55.26 105.97 -8.26
N VAL VB 188 55.69 107.22 -8.25
CA VAL VB 188 55.75 108.01 -7.03
C VAL VB 188 54.89 109.25 -7.23
N PHE VB 189 54.00 109.52 -6.28
CA PHE VB 189 53.13 110.69 -6.35
C PHE VB 189 53.31 111.53 -5.09
N ASP VB 190 53.79 112.76 -5.26
CA ASP VB 190 54.14 113.66 -4.15
C ASP VB 190 53.57 115.05 -4.42
N ASN VB 191 52.40 115.35 -3.82
CA ASN VB 191 51.78 116.68 -3.81
C ASN VB 191 51.48 117.21 -5.20
N GLY VB 192 51.18 116.30 -6.12
CA GLY VB 192 50.96 116.68 -7.50
C GLY VB 192 52.23 116.79 -8.30
N SER VB 193 53.23 115.97 -7.97
CA SER VB 193 54.50 115.98 -8.69
C SER VB 193 54.93 114.55 -8.93
N ILE VB 194 54.93 114.14 -10.19
CA ILE VB 194 55.31 112.79 -10.59
C ILE VB 194 56.83 112.67 -10.58
N TYR VB 195 57.33 111.68 -9.85
CA TYR VB 195 58.75 111.33 -9.90
C TYR VB 195 58.85 109.86 -10.20
N ASN VB 196 59.94 109.46 -10.86
CA ASN VB 196 60.09 108.10 -11.36
C ASN VB 196 60.44 107.14 -10.23
N GLU WB 1 70.18 72.39 20.91
CA GLU WB 1 69.36 72.48 19.70
C GLU WB 1 67.92 72.80 20.03
N ILE WB 2 67.57 74.10 19.92
CA ILE WB 2 66.23 74.60 20.22
C ILE WB 2 65.27 74.11 19.14
N LYS WB 3 64.13 73.58 19.58
CA LYS WB 3 63.18 72.96 18.65
C LYS WB 3 61.76 73.22 19.14
N VAL WB 4 60.91 73.74 18.27
CA VAL WB 4 59.52 74.03 18.61
C VAL WB 4 58.60 73.04 17.91
N VAL WB 5 57.87 72.27 18.72
CA VAL WB 5 56.87 71.33 18.24
C VAL WB 5 55.57 71.64 18.98
N TYR WB 6 54.45 71.18 18.45
CA TYR WB 6 53.15 71.46 19.03
C TYR WB 6 52.63 70.25 19.80
N LEU WB 7 52.10 70.50 20.99
CA LEU WB 7 51.39 69.49 21.78
C LEU WB 7 50.16 70.16 22.39
N ARG WB 8 48.98 69.65 22.03
CA ARG WB 8 47.73 70.07 22.67
C ARG WB 8 47.37 68.99 23.68
N CYS WB 9 47.73 69.24 24.94
CA CYS WB 9 47.48 68.27 25.98
C CYS WB 9 46.01 68.24 26.37
N THR WB 10 45.62 67.17 27.07
CA THR WB 10 44.24 67.04 27.53
C THR WB 10 43.97 67.88 28.78
N GLY WB 11 45.00 68.44 29.40
CA GLY WB 11 44.82 69.26 30.57
C GLY WB 11 45.41 68.65 31.84
N GLY WB 12 44.71 68.83 32.97
CA GLY WB 12 45.18 68.23 34.20
C GLY WB 12 44.90 66.74 34.28
N GLU WB 13 43.87 66.28 33.57
CA GLU WB 13 43.54 64.87 33.54
C GLU WB 13 44.54 64.11 32.67
N VAL WB 14 45.05 63.02 33.19
CA VAL WB 14 46.02 62.19 32.46
C VAL WB 14 45.27 61.37 31.41
N GLY WB 15 45.59 61.59 30.14
CA GLY WB 15 44.93 60.86 29.07
C GLY WB 15 45.48 59.45 28.94
N ALA WB 16 44.60 58.51 28.62
CA ALA WB 16 45.00 57.12 28.47
C ALA WB 16 45.75 56.91 27.16
N THR WB 17 45.09 57.21 26.03
CA THR WB 17 45.71 57.07 24.72
C THR WB 17 46.49 58.34 24.41
N SER WB 18 47.82 58.25 24.45
CA SER WB 18 48.67 59.41 24.26
C SER WB 18 49.11 59.53 22.80
N ALA WB 19 49.52 60.74 22.44
CA ALA WB 19 50.06 61.04 21.12
C ALA WB 19 51.44 61.68 21.27
N LEU WB 20 52.26 61.11 22.15
CA LEU WB 20 53.55 61.67 22.53
C LEU WB 20 54.73 60.90 21.95
N ALA WB 21 54.53 59.64 21.57
CA ALA WB 21 55.64 58.81 21.13
C ALA WB 21 56.21 59.14 19.74
N PRO WB 22 55.42 59.45 18.68
CA PRO WB 22 56.08 59.80 17.41
C PRO WB 22 56.83 61.13 17.43
N LYS WB 23 56.39 62.09 18.26
CA LYS WB 23 57.04 63.40 18.29
C LYS WB 23 58.31 63.41 19.12
N ILE WB 24 58.29 62.77 20.29
CA ILE WB 24 59.34 62.96 21.27
C ILE WB 24 60.26 61.74 21.34
N GLY WB 25 59.74 60.58 20.92
CA GLY WB 25 60.45 59.31 20.94
C GLY WB 25 61.81 59.23 20.28
N PRO WB 26 61.91 59.60 18.99
CA PRO WB 26 63.25 59.59 18.35
C PRO WB 26 64.20 60.66 18.87
N LEU WB 27 63.71 61.65 19.63
CA LEU WB 27 64.61 62.67 20.19
C LEU WB 27 65.40 62.11 21.37
N GLY WB 28 64.78 61.23 22.14
CA GLY WB 28 65.52 60.52 23.17
C GLY WB 28 64.87 60.42 24.54
N LEU WB 29 64.12 61.44 24.94
CA LEU WB 29 63.56 61.45 26.27
C LEU WB 29 62.23 60.69 26.28
N SER WB 30 61.92 60.05 27.41
CA SER WB 30 60.76 59.19 27.49
C SER WB 30 59.47 60.02 27.48
N PRO WB 31 58.45 59.58 26.73
CA PRO WB 31 57.24 60.41 26.59
C PRO WB 31 56.32 60.37 27.80
N LYS WB 32 56.39 59.33 28.63
CA LYS WB 32 55.53 59.24 29.81
C LYS WB 32 55.91 60.29 30.84
N LYS WB 33 57.22 60.53 31.01
CA LYS WB 33 57.68 61.59 31.90
C LYS WB 33 57.28 62.96 31.36
N VAL WB 34 57.27 63.13 30.04
CA VAL WB 34 56.83 64.38 29.44
C VAL WB 34 55.35 64.61 29.70
N GLY WB 35 54.54 63.56 29.56
CA GLY WB 35 53.11 63.69 29.82
C GLY WB 35 52.80 63.96 31.28
N ASP WB 36 53.54 63.32 32.19
CA ASP WB 36 53.37 63.57 33.62
C ASP WB 36 53.81 64.98 33.99
N ASP WB 37 54.89 65.47 33.39
CA ASP WB 37 55.34 66.83 33.68
C ASP WB 37 54.41 67.89 33.10
N ILE WB 38 53.82 67.64 31.93
CA ILE WB 38 52.83 68.57 31.38
C ILE WB 38 51.57 68.58 32.24
N ALA WB 39 51.12 67.39 32.69
CA ALA WB 39 49.95 67.31 33.56
C ALA WB 39 50.21 67.94 34.93
N LYS WB 40 51.47 67.97 35.36
CA LYS WB 40 51.82 68.71 36.57
C LYS WB 40 51.89 70.21 36.31
N ALA WB 41 52.38 70.62 35.13
CA ALA WB 41 52.61 72.03 34.87
C ALA WB 41 51.32 72.78 34.56
N THR WB 42 50.33 72.10 33.96
CA THR WB 42 49.02 72.71 33.77
C THR WB 42 48.34 72.98 35.11
N GLY WB 43 48.05 71.92 35.86
CA GLY WB 43 47.64 72.06 37.25
C GLY WB 43 46.22 72.56 37.47
N ASP WB 44 45.99 73.85 37.20
CA ASP WB 44 44.70 74.45 37.54
C ASP WB 44 43.70 74.42 36.40
N TRP WB 45 44.12 74.01 35.19
CA TRP WB 45 43.19 73.94 34.07
C TRP WB 45 42.22 72.78 34.24
N LYS WB 46 42.74 71.55 34.27
CA LYS WB 46 42.09 70.32 34.76
C LYS WB 46 40.98 69.80 33.83
N GLY WB 47 40.55 70.61 32.86
CA GLY WB 47 39.47 70.19 31.98
C GLY WB 47 39.72 70.33 30.49
N LEU WB 48 40.62 71.24 30.10
CA LEU WB 48 40.57 71.75 28.74
C LEU WB 48 41.79 71.36 27.93
N ARG WB 49 41.68 71.55 26.62
CA ARG WB 49 42.77 71.24 25.70
C ARG WB 49 43.48 72.52 25.26
N ILE WB 50 44.77 72.59 25.57
CA ILE WB 50 45.57 73.80 25.37
C ILE WB 50 46.81 73.44 24.57
N THR WB 51 47.04 74.17 23.47
CA THR WB 51 48.25 73.97 22.65
C THR WB 51 49.43 74.59 23.39
N VAL WB 52 50.07 73.78 24.22
CA VAL WB 52 51.22 74.20 25.01
C VAL WB 52 52.49 73.89 24.22
N LYS WB 53 53.26 74.93 23.92
CA LYS WB 53 54.47 74.76 23.12
C LYS WB 53 55.64 74.35 24.00
N LEU WB 54 56.52 73.54 23.41
CA LEU WB 54 57.66 72.97 24.12
C LEU WB 54 58.96 73.38 23.42
N THR WB 55 59.75 74.24 24.07
CA THR WB 55 61.14 74.46 23.67
C THR WB 55 61.96 73.27 24.14
N ILE WB 56 62.68 72.64 23.23
CA ILE WB 56 63.34 71.37 23.48
C ILE WB 56 64.84 71.57 23.40
N GLN WB 57 65.58 70.94 24.31
CA GLN WB 57 67.02 70.85 24.25
C GLN WB 57 67.45 69.40 24.06
N ASN WB 58 68.77 69.18 24.04
CA ASN WB 58 69.29 67.82 23.94
C ASN WB 58 69.18 67.08 25.26
N ARG WB 59 69.23 67.81 26.38
CA ARG WB 59 69.16 67.18 27.69
C ARG WB 59 67.72 66.88 28.08
N GLN WB 60 66.88 67.91 28.13
CA GLN WB 60 65.50 67.74 28.54
C GLN WB 60 64.62 68.75 27.81
N ALA WB 61 63.31 68.51 27.87
CA ALA WB 61 62.33 69.37 27.24
C ALA WB 61 61.71 70.31 28.28
N GLN WB 62 61.19 71.44 27.78
CA GLN WB 62 60.65 72.49 28.64
C GLN WB 62 59.20 72.73 28.31
N ILE WB 63 58.44 73.21 29.29
CA ILE WB 63 56.99 73.33 29.18
C ILE WB 63 56.59 74.79 29.36
N GLU WB 64 56.01 75.36 28.32
CA GLU WB 64 55.58 76.76 28.33
C GLU WB 64 54.16 76.85 27.83
N VAL WB 65 53.23 77.10 28.75
CA VAL WB 65 51.80 77.18 28.47
C VAL WB 65 51.52 78.35 27.54
N VAL WB 66 50.84 78.08 26.43
CA VAL WB 66 50.46 79.08 25.45
C VAL WB 66 48.94 79.14 25.41
N PRO WB 67 48.34 80.21 25.95
CA PRO WB 67 46.87 80.27 26.02
C PRO WB 67 46.27 80.82 24.73
N SER WB 68 45.16 80.22 24.30
CA SER WB 68 44.37 80.70 23.19
C SER WB 68 43.18 81.51 23.70
N ALA WB 69 42.27 81.82 22.78
CA ALA WB 69 41.08 82.57 23.18
C ALA WB 69 40.06 81.67 23.88
N SER WB 70 39.74 80.52 23.25
CA SER WB 70 38.68 79.64 23.74
C SER WB 70 39.04 78.99 25.07
N ALA WB 71 40.33 78.69 25.29
CA ALA WB 71 40.74 78.11 26.56
C ALA WB 71 40.57 79.10 27.71
N LEU WB 72 40.90 80.37 27.46
CA LEU WB 72 40.64 81.42 28.45
C LEU WB 72 39.16 81.64 28.69
N ILE WB 73 38.33 81.51 27.65
CA ILE WB 73 36.90 81.71 27.81
C ILE WB 73 36.27 80.59 28.64
N ILE WB 74 36.67 79.33 28.38
CA ILE WB 74 36.14 78.23 29.18
C ILE WB 74 36.76 78.24 30.59
N LYS WB 75 37.96 78.81 30.74
CA LYS WB 75 38.52 79.06 32.07
C LYS WB 75 37.71 80.12 32.82
N ALA WB 76 37.16 81.10 32.09
CA ALA WB 76 36.46 82.21 32.73
C ALA WB 76 35.15 81.75 33.37
N LEU WB 77 34.49 80.76 32.78
CA LEU WB 77 33.33 80.13 33.40
C LEU WB 77 33.80 79.04 34.34
N LYS WB 78 33.40 79.11 35.61
CA LYS WB 78 33.83 78.16 36.63
C LYS WB 78 32.68 77.19 36.91
N GLU WB 79 32.72 76.02 36.26
CA GLU WB 79 31.74 74.98 36.49
C GLU WB 79 32.39 73.84 37.27
N PRO WB 80 31.62 73.05 38.02
CA PRO WB 80 32.20 71.86 38.68
C PRO WB 80 32.56 70.81 37.66
N PRO WB 81 33.81 70.35 37.64
CA PRO WB 81 34.20 69.31 36.67
C PRO WB 81 33.64 67.95 37.06
N ARG WB 82 33.25 67.18 36.04
CA ARG WB 82 32.65 65.88 36.26
C ARG WB 82 33.71 64.77 36.13
N ASP WB 83 33.22 63.53 36.13
CA ASP WB 83 34.10 62.37 36.09
C ASP WB 83 34.47 62.02 34.65
N ARG WB 84 35.03 60.83 34.48
CA ARG WB 84 35.46 60.37 33.16
C ARG WB 84 34.28 59.97 32.29
N LYS WB 85 33.11 59.73 32.90
CA LYS WB 85 31.95 59.24 32.16
C LYS WB 85 31.39 60.29 31.22
N LYS WB 86 31.51 61.57 31.59
CA LYS WB 86 31.26 62.73 30.72
C LYS WB 86 29.85 62.78 30.14
N GLN WB 87 28.86 63.01 31.02
CA GLN WB 87 27.43 63.12 30.71
C GLN WB 87 27.18 64.07 29.54
N LYS WB 88 26.27 63.63 28.66
CA LYS WB 88 25.98 64.34 27.42
C LYS WB 88 25.29 65.67 27.67
N ASN WB 89 25.29 66.51 26.62
CA ASN WB 89 24.78 67.89 26.62
C ASN WB 89 25.43 68.72 27.73
N ILE WB 90 26.75 68.82 27.69
CA ILE WB 90 27.54 69.46 28.74
C ILE WB 90 27.84 70.90 28.32
N LYS WB 91 27.07 71.39 27.34
CA LYS WB 91 27.21 72.74 26.81
C LYS WB 91 27.02 73.81 27.89
N HIS WB 92 27.80 74.87 27.81
CA HIS WB 92 27.96 75.81 28.91
C HIS WB 92 26.75 76.72 29.03
N SER WB 93 26.27 76.91 30.26
CA SER WB 93 25.21 77.85 30.57
C SER WB 93 25.65 78.72 31.74
N GLY WB 94 25.54 80.03 31.57
CA GLY WB 94 25.97 80.95 32.60
C GLY WB 94 26.12 82.35 32.02
N ASN WB 95 26.94 83.15 32.70
CA ASN WB 95 27.19 84.53 32.32
C ASN WB 95 28.68 84.82 32.46
N ILE WB 96 29.31 85.25 31.37
CA ILE WB 96 30.73 85.63 31.40
C ILE WB 96 30.83 87.07 31.87
N THR WB 97 31.64 87.31 32.90
CA THR WB 97 31.89 88.66 33.36
C THR WB 97 32.76 89.40 32.33
N PHE WB 98 32.37 90.65 32.03
CA PHE WB 98 33.05 91.39 30.97
C PHE WB 98 34.45 91.83 31.39
N ASP WB 99 34.70 91.96 32.69
CA ASP WB 99 36.06 92.34 33.12
C ASP WB 99 37.04 91.20 32.92
N GLU WB 100 36.57 89.95 32.99
CA GLU WB 100 37.39 88.81 32.61
C GLU WB 100 37.67 88.81 31.12
N ILE WB 101 36.71 89.30 30.32
CA ILE WB 101 36.93 89.49 28.89
C ILE WB 101 37.98 90.58 28.66
N VAL WB 102 37.97 91.62 29.51
CA VAL WB 102 38.98 92.68 29.43
C VAL WB 102 40.37 92.12 29.75
N ASN WB 103 40.43 91.21 30.74
CA ASN WB 103 41.71 90.58 31.08
C ASN WB 103 42.22 89.68 29.96
N ILE WB 104 41.32 88.90 29.34
CA ILE WB 104 41.65 88.13 28.13
C ILE WB 104 42.12 89.04 26.99
N ALA WB 105 41.46 90.18 26.79
CA ALA WB 105 41.79 91.05 25.66
C ALA WB 105 43.10 91.78 25.89
N ARG WB 106 43.44 92.07 27.15
CA ARG WB 106 44.74 92.64 27.44
C ARG WB 106 45.85 91.59 27.30
N GLN WB 107 45.56 90.33 27.62
CA GLN WB 107 46.53 89.27 27.33
C GLN WB 107 46.71 89.05 25.83
N MET WB 108 45.66 89.30 25.04
CA MET WB 108 45.76 89.10 23.60
C MET WB 108 46.41 90.30 22.91
N ARG WB 109 46.28 91.50 23.49
CA ARG WB 109 47.15 92.59 23.11
C ARG WB 109 48.61 92.29 23.48
N HIS WB 110 48.81 91.59 24.60
CA HIS WB 110 50.15 91.17 25.00
C HIS WB 110 50.71 90.12 24.05
N ARG WB 111 49.84 89.33 23.41
CA ARG WB 111 50.29 88.41 22.38
C ARG WB 111 50.45 89.09 21.02
N SER WB 112 49.90 90.30 20.85
CA SER WB 112 50.27 91.27 19.82
C SER WB 112 49.99 90.84 18.38
N LEU WB 113 48.82 90.26 18.10
CA LEU WB 113 48.43 89.99 16.72
C LEU WB 113 46.95 90.29 16.51
N ALA WB 114 46.64 91.56 16.24
CA ALA WB 114 45.29 92.07 15.98
C ALA WB 114 45.28 93.54 15.61
N ARG WB 115 44.09 94.07 15.36
CA ARG WB 115 43.81 95.50 15.42
C ARG WB 115 43.85 95.96 16.89
N GLU WB 116 43.84 97.28 17.09
CA GLU WB 116 43.66 97.88 18.42
C GLU WB 116 42.35 97.44 19.08
N LEU WB 117 42.25 97.78 20.37
CA LEU WB 117 41.31 97.27 21.37
C LEU WB 117 39.86 97.09 20.91
N SER WB 118 39.38 98.03 20.08
CA SER WB 118 38.01 97.98 19.56
C SER WB 118 37.76 96.74 18.71
N GLY WB 119 38.80 96.24 18.04
CA GLY WB 119 38.66 95.00 17.31
C GLY WB 119 38.87 93.77 18.18
N THR WB 120 39.74 93.88 19.20
CA THR WB 120 40.05 92.72 20.04
C THR WB 120 38.87 92.31 20.90
N ILE WB 121 38.14 93.29 21.46
CA ILE WB 121 36.97 92.98 22.29
C ILE WB 121 35.89 92.30 21.44
N LYS WB 122 35.68 92.82 20.22
CA LYS WB 122 34.74 92.24 19.26
C LYS WB 122 35.10 90.79 18.92
N GLU WB 123 36.35 90.55 18.52
CA GLU WB 123 36.70 89.20 18.09
C GLU WB 123 36.74 88.22 19.25
N ILE WB 124 37.08 88.70 20.46
CA ILE WB 124 37.13 87.77 21.58
C ILE WB 124 35.74 87.41 22.09
N LEU WB 125 34.81 88.37 22.13
CA LEU WB 125 33.44 87.99 22.50
C LEU WB 125 32.73 87.29 21.34
N GLY WB 126 33.25 87.42 20.11
CA GLY WB 126 32.77 86.59 19.02
C GLY WB 126 33.29 85.16 19.08
N THR WB 127 34.47 84.97 19.67
CA THR WB 127 34.91 83.61 20.01
C THR WB 127 34.12 83.07 21.19
N ALA WB 128 33.65 83.97 22.06
CA ALA WB 128 32.86 83.55 23.23
C ALA WB 128 31.52 82.95 22.82
N GLN WB 129 30.90 83.47 21.76
CA GLN WB 129 29.67 82.83 21.28
C GLN WB 129 29.97 81.58 20.47
N SER WB 130 31.19 81.45 19.95
CA SER WB 130 31.60 80.16 19.38
C SER WB 130 31.76 79.11 20.48
N VAL WB 131 32.15 79.55 21.69
CA VAL WB 131 32.08 78.68 22.85
C VAL WB 131 30.62 78.43 23.23
N GLY WB 132 29.78 79.46 23.10
CA GLY WB 132 28.36 79.30 23.35
C GLY WB 132 27.86 79.83 24.69
N CYS WB 133 28.26 81.05 25.04
CA CYS WB 133 27.72 81.71 26.23
C CYS WB 133 27.36 83.14 25.87
N ASN WB 134 26.74 83.85 26.82
CA ASN WB 134 26.26 85.20 26.59
C ASN WB 134 26.51 86.08 27.81
N VAL WB 135 26.86 87.35 27.57
CA VAL WB 135 27.04 88.33 28.63
C VAL WB 135 25.74 89.12 28.76
N ASP WB 136 24.80 88.58 29.56
CA ASP WB 136 23.49 89.17 29.83
C ASP WB 136 22.72 89.49 28.55
N GLY WB 137 22.87 88.64 27.55
CA GLY WB 137 22.44 88.92 26.20
C GLY WB 137 23.56 88.54 25.27
N ARG WB 138 23.22 88.28 24.01
CA ARG WB 138 24.16 87.67 23.09
C ARG WB 138 25.07 88.72 22.43
N HIS WB 139 25.81 88.28 21.42
CA HIS WB 139 26.75 89.14 20.71
C HIS WB 139 26.13 90.27 19.89
N PRO WB 140 24.94 90.14 19.26
CA PRO WB 140 24.30 91.35 18.70
C PRO WB 140 23.92 92.41 19.73
N HIS WB 141 23.74 92.04 21.00
CA HIS WB 141 23.55 93.06 22.03
C HIS WB 141 24.83 93.82 22.32
N ASP WB 142 25.97 93.12 22.32
CA ASP WB 142 27.25 93.77 22.55
C ASP WB 142 27.75 94.54 21.34
N ILE WB 143 27.27 94.22 20.14
CA ILE WB 143 27.52 95.09 18.98
C ILE WB 143 26.78 96.41 19.15
N ILE WB 144 25.52 96.36 19.63
CA ILE WB 144 24.75 97.57 19.86
C ILE WB 144 25.36 98.40 21.00
N ASP WB 145 25.89 97.72 22.03
CA ASP WB 145 26.61 98.43 23.08
C ASP WB 145 27.95 98.99 22.59
N ASP WB 146 28.53 98.38 21.56
CA ASP WB 146 29.74 98.92 20.96
C ASP WB 146 29.47 100.22 20.21
N ILE WB 147 28.26 100.36 19.68
CA ILE WB 147 27.87 101.56 18.94
C ILE WB 147 27.68 102.71 19.92
N ASN WB 148 28.53 103.74 19.79
CA ASN WB 148 28.49 105.02 20.52
C ASN WB 148 28.77 104.90 22.02
N SER WB 149 28.96 103.68 22.54
CA SER WB 149 29.15 103.48 23.98
C SER WB 149 30.21 102.42 24.22
N GLY WB 150 31.31 102.48 23.48
CA GLY WB 150 32.37 101.50 23.63
C GLY WB 150 33.11 101.66 24.94
N ALA WB 151 33.86 100.63 25.31
CA ALA WB 151 34.57 100.59 26.58
C ALA WB 151 36.07 100.66 26.33
N VAL WB 152 36.47 101.56 25.43
CA VAL WB 152 37.82 101.63 24.91
C VAL WB 152 38.56 102.75 25.65
N GLU WB 153 39.79 102.47 26.06
CA GLU WB 153 40.64 103.46 26.70
C GLU WB 153 41.02 104.56 25.72
N VAL XB 1 -49.57 -17.48 45.75
CA VAL XB 1 -50.32 -16.81 46.80
C VAL XB 1 -50.96 -17.83 47.73
N VAL XB 2 -50.82 -19.12 47.40
CA VAL XB 2 -51.48 -20.18 48.14
C VAL XB 2 -50.41 -21.11 48.70
N ASP XB 3 -50.65 -21.59 49.92
CA ASP XB 3 -49.71 -22.47 50.60
C ASP XB 3 -49.74 -23.85 49.94
N PRO XB 4 -48.64 -24.29 49.31
CA PRO XB 4 -48.72 -25.48 48.45
C PRO XB 4 -48.86 -26.78 49.21
N PHE XB 5 -48.65 -26.78 50.51
CA PHE XB 5 -48.78 -27.97 51.33
C PHE XB 5 -50.20 -28.23 51.78
N SER XB 6 -51.14 -27.33 51.47
CA SER XB 6 -52.55 -27.66 51.64
C SER XB 6 -53.03 -28.58 50.53
N LYS XB 7 -52.35 -28.55 49.38
CA LYS XB 7 -52.70 -29.38 48.24
C LYS XB 7 -52.22 -30.83 48.36
N LYS XB 8 -51.54 -31.18 49.45
CA LYS XB 8 -50.86 -32.46 49.52
C LYS XB 8 -51.71 -33.52 50.20
N ASP XB 9 -51.49 -34.77 49.79
CA ASP XB 9 -52.04 -35.92 50.50
C ASP XB 9 -50.88 -36.79 50.97
N TRP XB 10 -50.91 -37.17 52.24
CA TRP XB 10 -49.92 -38.10 52.77
C TRP XB 10 -50.28 -39.53 52.36
N TYR XB 11 -49.28 -40.39 52.38
CA TYR XB 11 -49.47 -41.78 51.95
C TYR XB 11 -48.58 -42.68 52.80
N ASP XB 12 -49.14 -43.79 53.25
CA ASP XB 12 -48.38 -44.77 54.02
C ASP XB 12 -47.46 -45.56 53.11
N VAL XB 13 -46.37 -46.06 53.67
CA VAL XB 13 -45.37 -46.82 52.93
C VAL XB 13 -45.24 -48.19 53.59
N LYS XB 14 -45.34 -49.24 52.79
CA LYS XB 14 -45.39 -50.60 53.32
C LYS XB 14 -44.21 -51.42 52.82
N ALA XB 15 -43.45 -51.94 53.72
CA ALA XB 15 -42.36 -52.87 53.45
C ALA XB 15 -42.89 -54.26 53.14
N PRO XB 16 -42.29 -54.99 52.21
CA PRO XB 16 -42.78 -56.33 51.87
C PRO XB 16 -42.55 -57.33 53.00
N ALA XB 17 -43.40 -58.36 53.02
CA ALA XB 17 -43.65 -59.10 54.25
C ALA XB 17 -42.59 -60.15 54.58
N MET XB 18 -41.45 -60.16 53.89
CA MET XB 18 -40.35 -61.00 54.38
C MET XB 18 -39.67 -60.38 55.59
N PHE XB 19 -39.89 -59.09 55.81
CA PHE XB 19 -39.31 -58.38 56.94
C PHE XB 19 -40.17 -58.57 58.19
N ASN XB 20 -39.85 -57.80 59.22
CA ASN XB 20 -40.62 -57.87 60.46
C ASN XB 20 -41.55 -56.67 60.58
N ILE XB 21 -41.02 -55.46 60.40
CA ILE XB 21 -41.81 -54.24 60.54
C ILE XB 21 -42.33 -53.81 59.17
N ARG XB 22 -43.62 -53.53 59.10
CA ARG XB 22 -44.33 -53.32 57.83
C ARG XB 22 -44.39 -51.86 57.41
N ASN XB 23 -45.02 -51.02 58.20
CA ASN XB 23 -45.21 -49.62 57.82
C ASN XB 23 -43.94 -48.81 58.09
N ILE XB 24 -43.25 -48.44 57.01
CA ILE XB 24 -42.01 -47.69 57.10
C ILE XB 24 -42.28 -46.27 57.58
N GLY XB 25 -43.08 -45.53 56.84
CA GLY XB 25 -43.34 -44.15 57.17
C GLY XB 25 -44.38 -43.59 56.23
N LYS XB 26 -44.43 -42.26 56.20
CA LYS XB 26 -45.39 -41.55 55.39
C LYS XB 26 -44.68 -40.72 54.32
N THR XB 27 -45.38 -40.48 53.21
CA THR XB 27 -44.85 -39.66 52.13
C THR XB 27 -46.01 -38.83 51.59
N LEU XB 28 -45.72 -37.62 51.13
CA LEU XB 28 -46.75 -36.69 50.70
C LEU XB 28 -46.71 -36.50 49.18
N VAL XB 29 -47.89 -36.32 48.58
CA VAL XB 29 -48.06 -36.17 47.13
C VAL XB 29 -49.11 -35.09 46.90
N THR XB 30 -48.88 -34.23 45.90
CA THR XB 30 -49.92 -33.35 45.41
C THR XB 30 -51.10 -34.13 44.84
N ARG XB 31 -52.31 -33.58 45.03
CA ARG XB 31 -53.51 -34.26 44.59
C ARG XB 31 -53.61 -34.28 43.06
N THR XB 32 -54.48 -35.15 42.56
CA THR XB 32 -54.62 -35.33 41.12
C THR XB 32 -55.27 -34.10 40.50
N GLN XB 33 -54.46 -33.30 39.82
CA GLN XB 33 -54.95 -32.10 39.16
C GLN XB 33 -54.57 -32.18 37.70
N GLY XB 34 -55.57 -32.32 36.83
CA GLY XB 34 -55.31 -32.32 35.42
C GLY XB 34 -54.80 -33.65 34.93
N THR XB 35 -53.77 -33.59 34.08
CA THR XB 35 -53.28 -34.80 33.43
C THR XB 35 -52.50 -35.66 34.42
N LYS XB 36 -51.76 -35.03 35.31
CA LYS XB 36 -50.92 -35.79 36.24
C LYS XB 36 -51.77 -36.42 37.34
N ILE XB 37 -51.54 -37.71 37.54
CA ILE XB 37 -52.20 -38.49 38.58
C ILE XB 37 -51.30 -38.41 39.81
N ALA XB 38 -51.90 -38.50 40.99
CA ALA XB 38 -51.11 -38.55 42.21
C ALA XB 38 -50.19 -39.77 42.24
N SER XB 39 -50.72 -40.94 41.90
CA SER XB 39 -49.95 -42.18 42.01
C SER XB 39 -48.85 -42.26 40.97
N ASP XB 40 -48.98 -41.51 39.88
CA ASP XB 40 -47.97 -41.55 38.83
C ASP XB 40 -46.68 -40.88 39.28
N GLY XB 41 -46.78 -39.82 40.07
CA GLY XB 41 -45.59 -39.21 40.64
C GLY XB 41 -45.11 -39.90 41.90
N LEU XB 42 -45.83 -40.92 42.34
CA LEU XB 42 -45.50 -41.64 43.56
C LEU XB 42 -44.91 -43.01 43.25
N LYS XB 43 -44.89 -43.40 41.97
CA LYS XB 43 -44.63 -44.79 41.62
C LYS XB 43 -43.14 -45.06 41.37
N GLY XB 44 -42.25 -44.19 41.83
CA GLY XB 44 -40.85 -44.46 41.61
C GLY XB 44 -39.92 -44.19 42.77
N ARG XB 45 -40.46 -43.85 43.92
CA ARG XB 45 -39.66 -43.31 45.01
C ARG XB 45 -38.86 -44.40 45.71
N VAL XB 46 -37.67 -44.02 46.17
CA VAL XB 46 -36.71 -44.96 46.74
C VAL XB 46 -36.51 -44.60 48.20
N PHE XB 47 -36.49 -45.62 49.05
CA PHE XB 47 -36.55 -45.48 50.50
C PHE XB 47 -35.27 -46.10 51.06
N GLU XB 48 -34.39 -45.25 51.58
CA GLU XB 48 -33.08 -45.69 52.06
C GLU XB 48 -33.20 -45.97 53.55
N VAL XB 49 -33.66 -47.17 53.89
CA VAL XB 49 -34.07 -47.46 55.26
C VAL XB 49 -33.07 -48.44 55.86
N SER XB 50 -32.68 -48.19 57.11
CA SER XB 50 -31.77 -49.08 57.80
C SER XB 50 -32.48 -50.37 58.18
N LEU XB 51 -31.70 -51.45 58.31
CA LEU XB 51 -32.31 -52.76 58.54
C LEU XB 51 -32.91 -52.86 59.93
N ALA XB 52 -32.45 -52.03 60.87
CA ALA XB 52 -33.02 -52.03 62.20
C ALA XB 52 -34.41 -51.42 62.22
N ASP XB 53 -34.82 -50.73 61.16
CA ASP XB 53 -36.17 -50.20 61.09
C ASP XB 53 -37.15 -51.15 60.41
N LEU XB 54 -36.67 -52.22 59.79
CA LEU XB 54 -37.56 -53.21 59.19
C LEU XB 54 -37.59 -54.49 60.00
N GLN XB 55 -36.47 -54.88 60.59
CA GLN XB 55 -36.48 -55.98 61.55
C GLN XB 55 -36.61 -55.44 62.96
N ASN XB 56 -37.08 -56.31 63.86
CA ASN XB 56 -37.38 -55.90 65.22
C ASN XB 56 -36.11 -55.61 66.00
N ASP XB 57 -35.10 -56.48 65.91
CA ASP XB 57 -33.84 -56.26 66.59
C ASP XB 57 -32.73 -56.95 65.79
N GLU XB 58 -32.09 -56.22 64.89
CA GLU XB 58 -30.95 -56.72 64.14
C GLU XB 58 -29.92 -55.61 63.95
N VAL XB 59 -28.97 -55.86 63.05
CA VAL XB 59 -27.83 -54.98 62.91
C VAL XB 59 -28.21 -53.72 62.14
N ALA XB 60 -27.60 -52.59 62.51
CA ALA XB 60 -28.05 -51.29 62.05
C ALA XB 60 -27.17 -50.67 60.99
N PHE XB 61 -26.00 -51.25 60.72
CA PHE XB 61 -25.08 -50.69 59.73
C PHE XB 61 -25.41 -51.09 58.31
N ARG XB 62 -26.57 -51.69 58.07
CA ARG XB 62 -26.98 -52.11 56.75
C ARG XB 62 -28.25 -51.37 56.35
N LYS XB 63 -28.35 -51.03 55.07
CA LYS XB 63 -29.49 -50.32 54.53
C LYS XB 63 -30.14 -51.14 53.42
N PHE XB 64 -31.32 -50.69 52.99
CA PHE XB 64 -32.16 -51.41 52.04
C PHE XB 64 -32.99 -50.44 51.22
N LYS XB 65 -32.76 -50.40 49.91
CA LYS XB 65 -33.55 -49.56 49.04
C LYS XB 65 -34.86 -50.23 48.70
N LEU XB 66 -35.93 -49.45 48.65
CA LEU XB 66 -37.26 -49.98 48.40
C LEU XB 66 -38.00 -49.04 47.46
N ILE XB 67 -38.52 -49.59 46.35
CA ILE XB 67 -39.21 -48.82 45.32
C ILE XB 67 -40.71 -49.03 45.42
N THR XB 68 -41.48 -47.93 45.34
CA THR XB 68 -42.94 -48.03 45.26
C THR XB 68 -43.29 -48.57 43.89
N GLU XB 69 -43.63 -49.85 43.85
CA GLU XB 69 -44.10 -50.42 42.59
C GLU XB 69 -45.59 -50.23 42.38
N ASP XB 70 -46.38 -50.12 43.45
CA ASP XB 70 -47.82 -50.01 43.29
C ASP XB 70 -48.40 -49.24 44.46
N VAL XB 71 -49.56 -48.62 44.23
CA VAL XB 71 -50.28 -47.84 45.23
C VAL XB 71 -51.66 -48.45 45.43
N GLN XB 72 -51.93 -48.93 46.65
CA GLN XB 72 -53.23 -49.52 46.95
C GLN XB 72 -54.28 -48.45 47.20
N GLY XB 73 -53.85 -47.28 47.66
CA GLY XB 73 -54.76 -46.27 48.13
C GLY XB 73 -54.47 -46.00 49.59
N LYS XB 74 -53.85 -44.84 49.85
CA LYS XB 74 -53.30 -44.44 51.16
C LYS XB 74 -52.25 -45.45 51.63
N ASN XB 75 -51.59 -46.09 50.67
CA ASN XB 75 -50.56 -47.11 50.88
C ASN XB 75 -49.63 -47.06 49.69
N CYS XB 76 -48.38 -47.41 49.92
CA CYS XB 76 -47.37 -47.48 48.86
C CYS XB 76 -46.66 -48.81 48.99
N LEU XB 77 -46.88 -49.70 48.04
CA LEU XB 77 -46.35 -51.05 48.08
C LEU XB 77 -44.91 -51.02 47.63
N THR XB 78 -43.99 -51.34 48.53
CA THR XB 78 -42.58 -51.29 48.17
C THR XB 78 -42.05 -52.69 47.87
N ASN XB 79 -41.02 -52.73 47.03
CA ASN XB 79 -40.33 -53.95 46.66
C ASN XB 79 -38.85 -53.68 46.79
N PHE XB 80 -38.07 -54.75 46.95
CA PHE XB 80 -36.63 -54.65 47.14
C PHE XB 80 -35.94 -54.02 45.94
N HIS XB 81 -35.19 -52.95 46.21
CA HIS XB 81 -34.45 -52.26 45.17
C HIS XB 81 -32.94 -52.33 45.37
N GLY XB 82 -32.45 -52.75 46.53
CA GLY XB 82 -31.02 -52.84 46.69
C GLY XB 82 -30.52 -52.63 48.10
N MET XB 83 -29.33 -53.17 48.37
CA MET XB 83 -28.70 -53.03 49.66
C MET XB 83 -27.50 -52.09 49.54
N ASP XB 84 -27.14 -51.43 50.65
CA ASP XB 84 -25.93 -50.64 50.71
C ASP XB 84 -25.45 -50.55 52.15
N LEU XB 85 -24.16 -50.74 52.36
CA LEU XB 85 -23.56 -50.57 53.67
C LEU XB 85 -23.38 -49.09 54.00
N THR XB 86 -23.54 -48.77 55.28
CA THR XB 86 -23.44 -47.39 55.74
C THR XB 86 -21.96 -46.99 55.83
N ARG XB 87 -21.67 -45.73 55.48
CA ARG XB 87 -20.31 -45.23 55.40
C ARG XB 87 -19.59 -45.24 56.76
N ASP XB 88 -20.37 -45.20 57.84
CA ASP XB 88 -19.85 -45.48 59.18
C ASP XB 88 -19.17 -46.84 59.21
N LYS XB 89 -19.82 -47.86 58.64
CA LYS XB 89 -19.28 -49.20 58.73
C LYS XB 89 -18.11 -49.39 57.79
N MET XB 90 -18.27 -48.99 56.53
CA MET XB 90 -17.30 -49.32 55.49
C MET XB 90 -15.98 -48.58 55.70
N CYS XB 91 -16.03 -47.36 56.21
CA CYS XB 91 -14.80 -46.62 56.44
C CYS XB 91 -14.11 -47.09 57.72
N SER XB 92 -14.88 -47.65 58.66
CA SER XB 92 -14.27 -48.23 59.84
C SER XB 92 -13.66 -49.58 59.53
N MET XB 93 -14.14 -50.22 58.46
CA MET XB 93 -13.66 -51.54 58.08
C MET XB 93 -12.28 -51.47 57.43
N VAL XB 94 -12.12 -50.58 56.45
CA VAL XB 94 -10.88 -50.45 55.68
C VAL XB 94 -9.83 -49.75 56.52
N LYS XB 95 -8.80 -50.50 56.92
CA LYS XB 95 -7.69 -49.87 57.64
C LYS XB 95 -6.39 -50.51 57.20
N LYS XB 96 -5.29 -49.86 57.57
CA LYS XB 96 -3.96 -50.15 57.07
C LYS XB 96 -3.44 -51.44 57.68
N TRP XB 97 -2.45 -52.03 57.00
CA TRP XB 97 -1.75 -53.27 57.37
C TRP XB 97 -2.72 -54.45 57.43
N GLN XB 98 -3.48 -54.61 56.35
CA GLN XB 98 -4.28 -55.78 56.02
C GLN XB 98 -4.67 -55.65 54.56
N THR XB 99 -4.92 -56.78 53.91
CA THR XB 99 -5.21 -56.78 52.47
C THR XB 99 -6.71 -56.61 52.28
N MET XB 100 -7.10 -55.68 51.40
CA MET XB 100 -8.48 -55.50 51.01
C MET XB 100 -8.81 -56.36 49.81
N ILE XB 101 -9.90 -57.11 49.87
CA ILE XB 101 -10.28 -58.04 48.81
C ILE XB 101 -11.73 -57.78 48.47
N GLU XB 102 -12.00 -57.41 47.23
CA GLU XB 102 -13.36 -57.20 46.75
C GLU XB 102 -13.63 -58.07 45.53
N ALA XB 103 -14.91 -58.35 45.30
CA ALA XB 103 -15.33 -59.15 44.16
C ALA XB 103 -16.75 -58.80 43.78
N HIS XB 104 -17.03 -58.74 42.49
CA HIS XB 104 -18.39 -58.52 42.01
C HIS XB 104 -18.81 -59.61 41.04
N VAL XB 105 -20.12 -59.78 40.90
CA VAL XB 105 -20.67 -60.77 39.99
C VAL XB 105 -22.05 -60.29 39.51
N ASP XB 106 -22.32 -60.50 38.23
CA ASP XB 106 -23.65 -60.33 37.66
C ASP XB 106 -24.35 -61.68 37.66
N VAL XB 107 -25.59 -61.70 38.15
CA VAL XB 107 -26.29 -62.95 38.39
C VAL XB 107 -27.77 -62.67 38.35
N LYS XB 108 -28.52 -63.61 37.80
CA LYS XB 108 -29.96 -63.46 37.62
C LYS XB 108 -30.68 -64.56 38.40
N THR XB 109 -31.70 -64.16 39.16
CA THR XB 109 -32.48 -65.09 39.96
C THR XB 109 -33.41 -65.91 39.06
N THR XB 110 -34.25 -66.74 39.69
CA THR XB 110 -35.14 -67.61 38.92
C THR XB 110 -36.24 -66.80 38.25
N ASP XB 111 -36.83 -65.86 38.97
CA ASP XB 111 -37.49 -64.75 38.31
C ASP XB 111 -36.44 -63.78 37.77
N GLY XB 112 -36.75 -63.17 36.63
CA GLY XB 112 -35.73 -62.46 35.87
C GLY XB 112 -35.21 -61.16 36.46
N TYR XB 113 -34.65 -61.23 37.67
CA TYR XB 113 -34.03 -60.11 38.35
C TYR XB 113 -32.51 -60.25 38.23
N LEU XB 114 -31.90 -59.42 37.39
CA LEU XB 114 -30.47 -59.50 37.15
C LEU XB 114 -29.76 -58.60 38.17
N LEU XB 115 -28.94 -59.21 39.02
CA LEU XB 115 -28.37 -58.58 40.20
C LEU XB 115 -26.86 -58.42 40.06
N ARG XB 116 -26.34 -57.32 40.60
CA ARG XB 116 -24.90 -57.07 40.68
C ARG XB 116 -24.56 -56.98 42.16
N LEU XB 117 -23.94 -58.01 42.69
CA LEU XB 117 -23.60 -58.06 44.11
C LEU XB 117 -22.11 -57.77 44.27
N PHE XB 118 -21.77 -56.98 45.29
CA PHE XB 118 -20.40 -56.57 45.56
C PHE XB 118 -20.00 -57.13 46.92
N CYS XB 119 -18.88 -57.85 46.96
CA CYS XB 119 -18.40 -58.43 48.20
C CYS XB 119 -17.13 -57.72 48.67
N VAL XB 120 -16.82 -57.89 49.95
CA VAL XB 120 -15.58 -57.36 50.52
C VAL XB 120 -15.15 -58.29 51.64
N GLY XB 121 -13.84 -58.39 51.86
CA GLY XB 121 -13.32 -59.22 52.92
C GLY XB 121 -11.88 -58.83 53.21
N PHE XB 122 -11.53 -58.85 54.49
CA PHE XB 122 -10.27 -58.31 54.97
C PHE XB 122 -9.52 -59.37 55.73
N THR XB 123 -8.25 -59.53 55.40
CA THR XB 123 -7.43 -60.58 55.98
C THR XB 123 -7.20 -60.34 57.45
N LYS XB 124 -7.44 -61.38 58.26
CA LYS XB 124 -7.50 -61.26 59.71
C LYS XB 124 -6.14 -61.54 60.35
N LYS XB 125 -5.70 -60.59 61.17
CA LYS XB 125 -4.51 -60.77 61.99
C LYS XB 125 -4.77 -61.86 63.03
N ARG XB 126 -3.85 -62.81 63.15
CA ARG XB 126 -4.12 -63.97 64.00
C ARG XB 126 -4.01 -63.61 65.48
N ASN XB 127 -4.30 -64.61 66.32
CA ASN XB 127 -4.43 -64.38 67.75
C ASN XB 127 -3.06 -64.21 68.39
N ASN XB 128 -2.08 -65.00 67.96
CA ASN XB 128 -0.71 -64.89 68.44
C ASN XB 128 0.21 -64.15 67.49
N GLN XB 129 -0.32 -63.33 66.59
CA GLN XB 129 0.49 -62.84 65.50
C GLN XB 129 1.35 -61.65 65.94
N ILE XB 130 2.66 -61.84 65.81
CA ILE XB 130 3.62 -60.78 66.07
C ILE XB 130 3.90 -59.93 64.84
N ARG XB 131 3.91 -60.52 63.64
CA ARG XB 131 4.06 -59.79 62.41
C ARG XB 131 2.93 -58.78 62.20
N LYS XB 132 3.32 -57.53 61.96
CA LYS XB 132 2.36 -56.44 61.83
C LYS XB 132 1.54 -56.50 60.55
N THR XB 133 2.08 -57.12 59.50
CA THR XB 133 1.61 -56.83 58.14
C THR XB 133 0.26 -57.47 57.85
N SER XB 134 0.16 -58.80 57.99
CA SER XB 134 -1.05 -59.59 57.69
C SER XB 134 -1.52 -59.42 56.25
N TYR XB 135 -0.60 -59.52 55.30
CA TYR XB 135 -0.88 -59.44 53.87
C TYR XB 135 -1.04 -60.82 53.26
N ALA XB 136 -1.64 -60.86 52.09
CA ALA XB 136 -1.78 -62.09 51.32
C ALA XB 136 -0.99 -61.98 50.04
N GLN XB 137 -0.60 -63.14 49.50
CA GLN XB 137 0.00 -63.23 48.17
C GLN XB 137 -1.00 -62.78 47.11
N HIS XB 138 -0.53 -62.54 45.90
CA HIS XB 138 -1.45 -62.15 44.85
C HIS XB 138 -2.25 -63.36 44.36
N GLN XB 139 -1.70 -64.57 44.51
CA GLN XB 139 -2.46 -65.75 44.15
C GLN XB 139 -3.40 -66.16 45.25
N GLN XB 140 -3.08 -65.82 46.50
CA GLN XB 140 -4.01 -66.10 47.59
C GLN XB 140 -5.21 -65.18 47.52
N VAL XB 141 -5.02 -63.94 47.11
CA VAL XB 141 -6.13 -63.02 46.92
C VAL XB 141 -7.00 -63.48 45.76
N ARG XB 142 -6.37 -63.97 44.70
CA ARG XB 142 -7.11 -64.33 43.49
C ARG XB 142 -7.89 -65.63 43.68
N GLN XB 143 -7.49 -66.46 44.64
CA GLN XB 143 -8.28 -67.64 44.98
C GLN XB 143 -9.43 -67.29 45.91
N ILE XB 144 -9.30 -66.21 46.67
CA ILE XB 144 -10.37 -65.79 47.57
C ILE XB 144 -11.53 -65.19 46.80
N ARG XB 145 -11.24 -64.27 45.87
CA ARG XB 145 -12.34 -63.62 45.16
C ARG XB 145 -12.93 -64.56 44.12
N LYS XB 146 -12.21 -65.63 43.78
CA LYS XB 146 -12.78 -66.70 42.98
C LYS XB 146 -13.76 -67.53 43.80
N LYS XB 147 -13.43 -67.76 45.08
CA LYS XB 147 -14.39 -68.41 45.97
C LYS XB 147 -15.52 -67.47 46.33
N MET XB 148 -15.26 -66.16 46.35
CA MET XB 148 -16.33 -65.19 46.52
C MET XB 148 -17.31 -65.24 45.36
N MET XB 149 -16.79 -65.23 44.13
CA MET XB 149 -17.66 -65.24 42.96
C MET XB 149 -18.37 -66.56 42.78
N GLU XB 150 -17.81 -67.65 43.31
CA GLU XB 150 -18.44 -68.95 43.15
C GLU XB 150 -19.63 -69.12 44.08
N ILE XB 151 -19.52 -68.60 45.31
CA ILE XB 151 -20.60 -68.69 46.27
C ILE XB 151 -21.76 -67.78 45.88
N MET XB 152 -21.44 -66.58 45.38
CA MET XB 152 -22.47 -65.58 45.16
C MET XB 152 -23.21 -65.80 43.85
N THR XB 153 -22.82 -66.82 43.08
CA THR XB 153 -23.73 -67.37 42.07
C THR XB 153 -24.55 -68.50 42.66
N ARG XB 154 -23.92 -69.31 43.51
CA ARG XB 154 -24.56 -70.50 44.05
C ARG XB 154 -25.68 -70.14 45.01
N GLU XB 155 -25.61 -68.96 45.61
CA GLU XB 155 -26.64 -68.52 46.55
C GLU XB 155 -27.76 -67.78 45.83
N VAL XB 156 -27.54 -67.39 44.58
CA VAL XB 156 -28.46 -66.46 43.94
C VAL XB 156 -29.17 -67.09 42.75
N GLN XB 157 -28.46 -67.92 41.98
CA GLN XB 157 -29.03 -68.53 40.77
C GLN XB 157 -30.21 -69.45 41.07
N THR XB 158 -30.10 -70.25 42.13
CA THR XB 158 -31.03 -71.35 42.33
C THR XB 158 -32.32 -70.95 43.02
N ASN XB 159 -32.57 -69.65 43.20
CA ASN XB 159 -33.71 -69.21 44.00
C ASN XB 159 -34.14 -67.82 43.58
N ASP XB 160 -35.30 -67.41 44.09
CA ASP XB 160 -35.96 -66.19 43.66
C ASP XB 160 -35.59 -65.00 44.55
N LEU XB 161 -36.32 -63.90 44.38
CA LEU XB 161 -35.98 -62.65 45.06
C LEU XB 161 -36.34 -62.72 46.54
N LYS XB 162 -37.40 -63.46 46.89
CA LYS XB 162 -37.82 -63.54 48.27
C LYS XB 162 -36.78 -64.28 49.13
N GLU XB 163 -36.00 -65.17 48.50
CA GLU XB 163 -35.04 -65.95 49.27
C GLU XB 163 -33.67 -65.30 49.27
N VAL XB 164 -33.35 -64.47 48.28
CA VAL XB 164 -32.04 -63.80 48.32
C VAL XB 164 -32.07 -62.66 49.32
N VAL XB 165 -33.23 -62.04 49.54
CA VAL XB 165 -33.35 -61.00 50.55
C VAL XB 165 -33.33 -61.63 51.94
N ASN XB 166 -33.80 -62.87 52.04
CA ASN XB 166 -33.70 -63.60 53.31
C ASN XB 166 -32.28 -64.08 53.56
N LYS XB 167 -31.39 -63.95 52.58
CA LYS XB 167 -29.97 -64.17 52.83
C LYS XB 167 -29.25 -62.83 53.02
N LEU XB 168 -29.93 -61.72 52.71
CA LEU XB 168 -29.30 -60.41 52.88
C LEU XB 168 -29.65 -59.78 54.23
N ILE XB 169 -30.76 -60.18 54.85
CA ILE XB 169 -31.12 -59.65 56.16
C ILE XB 169 -30.16 -60.19 57.22
N PRO XB 170 -29.76 -61.50 57.23
CA PRO XB 170 -28.56 -61.85 58.00
C PRO XB 170 -27.28 -61.58 57.21
N ASP XB 171 -26.16 -62.06 57.72
CA ASP XB 171 -24.90 -62.07 56.99
C ASP XB 171 -24.73 -63.35 56.17
N SER XB 172 -25.83 -63.91 55.65
CA SER XB 172 -25.87 -65.32 55.25
C SER XB 172 -24.96 -65.63 54.08
N ILE XB 173 -24.68 -64.64 53.23
CA ILE XB 173 -23.75 -64.87 52.13
C ILE XB 173 -22.32 -64.64 52.62
N GLY XB 174 -22.10 -63.62 53.45
CA GLY XB 174 -20.77 -63.36 53.96
C GLY XB 174 -20.35 -64.35 55.02
N LYS XB 175 -21.31 -65.02 55.64
CA LYS XB 175 -20.99 -66.08 56.61
C LYS XB 175 -20.40 -67.30 55.91
N ASP XB 176 -20.82 -67.56 54.69
CA ASP XB 176 -20.32 -68.71 53.94
C ASP XB 176 -18.94 -68.42 53.36
N ILE XB 177 -18.74 -67.20 52.86
CA ILE XB 177 -17.48 -66.82 52.24
C ILE XB 177 -16.35 -66.79 53.27
N GLU XB 178 -16.69 -66.39 54.50
CA GLU XB 178 -15.68 -66.32 55.55
C GLU XB 178 -15.22 -67.70 55.98
N LYS XB 179 -16.13 -68.67 55.98
CA LYS XB 179 -15.75 -70.04 56.30
C LYS XB 179 -15.00 -70.68 55.14
N ALA XB 180 -15.35 -70.30 53.91
CA ALA XB 180 -14.78 -70.95 52.73
C ALA XB 180 -13.32 -70.56 52.54
N CYS XB 181 -12.96 -69.35 52.93
CA CYS XB 181 -11.63 -68.84 52.68
C CYS XB 181 -10.67 -69.07 53.82
N GLN XB 182 -11.07 -69.82 54.85
CA GLN XB 182 -10.19 -70.08 55.99
C GLN XB 182 -8.97 -70.89 55.60
N SER XB 183 -9.13 -71.81 54.66
CA SER XB 183 -7.99 -72.61 54.22
C SER XB 183 -7.12 -71.87 53.22
N ILE XB 184 -7.53 -70.68 52.78
CA ILE XB 184 -6.69 -69.89 51.89
C ILE XB 184 -5.96 -68.82 52.70
N TYR XB 185 -6.72 -67.91 53.26
CA TYR XB 185 -6.14 -66.93 54.16
C TYR XB 185 -7.25 -66.56 55.13
N PRO XB 186 -7.03 -66.65 56.44
CA PRO XB 186 -8.09 -66.32 57.39
C PRO XB 186 -8.45 -64.85 57.35
N LEU XB 187 -9.66 -64.60 56.87
CA LEU XB 187 -10.21 -63.27 56.77
C LEU XB 187 -11.47 -63.18 57.60
N HIS XB 188 -11.83 -61.96 57.99
CA HIS XB 188 -12.85 -61.85 59.02
C HIS XB 188 -14.03 -60.99 58.63
N ASP XB 189 -13.79 -59.89 57.92
CA ASP XB 189 -14.75 -58.79 57.91
C ASP XB 189 -15.59 -58.86 56.64
N VAL XB 190 -16.22 -60.01 56.48
CA VAL XB 190 -16.79 -60.40 55.20
C VAL XB 190 -18.24 -59.95 55.15
N PHE XB 191 -18.52 -59.04 54.22
CA PHE XB 191 -19.87 -58.61 53.96
C PHE XB 191 -20.06 -58.50 52.46
N VAL XB 192 -21.21 -58.95 51.97
CA VAL XB 192 -21.69 -58.39 50.73
C VAL XB 192 -21.97 -56.93 51.08
N ARG XB 193 -21.38 -56.02 50.31
CA ARG XB 193 -21.42 -54.63 50.74
C ARG XB 193 -22.42 -53.81 49.93
N LYS XB 194 -22.79 -54.26 48.75
CA LYS XB 194 -23.82 -53.59 47.97
C LYS XB 194 -24.46 -54.60 47.05
N VAL XB 195 -25.79 -54.53 46.96
CA VAL XB 195 -26.57 -55.25 45.96
C VAL XB 195 -27.22 -54.22 45.06
N LYS XB 196 -27.10 -54.41 43.75
CA LYS XB 196 -27.53 -53.43 42.78
C LYS XB 196 -28.45 -54.07 41.77
N MET XB 197 -29.68 -53.57 41.66
CA MET XB 197 -30.64 -54.02 40.65
C MET XB 197 -30.25 -53.45 39.31
N LEU XB 198 -30.34 -54.27 38.26
CA LEU XB 198 -29.93 -53.86 36.93
C LEU XB 198 -31.07 -53.93 35.92
N LYS XB 199 -31.80 -55.04 35.90
CA LYS XB 199 -32.90 -55.26 34.96
C LYS XB 199 -34.05 -55.91 35.71
N LYS XB 200 -35.16 -55.18 35.86
CA LYS XB 200 -36.40 -55.80 36.26
C LYS XB 200 -37.15 -56.28 35.03
N PRO XB 201 -37.98 -57.31 35.16
CA PRO XB 201 -38.90 -57.68 34.08
C PRO XB 201 -40.10 -56.74 34.05
N LYS XB 202 -41.05 -57.07 33.18
CA LYS XB 202 -42.30 -56.34 33.12
C LYS XB 202 -43.07 -56.54 34.43
N PHE XB 203 -43.66 -55.47 34.95
CA PHE XB 203 -44.25 -55.49 36.28
C PHE XB 203 -45.55 -56.27 36.33
N GLU XB 204 -45.58 -57.27 37.20
CA GLU XB 204 -46.77 -58.06 37.47
C GLU XB 204 -47.12 -57.88 38.94
N LEU XB 205 -48.31 -57.36 39.20
CA LEU XB 205 -48.79 -57.05 40.54
C LEU XB 205 -49.02 -58.31 41.38
N GLY XB 206 -49.20 -59.46 40.72
CA GLY XB 206 -49.48 -60.68 41.47
C GLY XB 206 -48.26 -61.20 42.19
N LYS XB 207 -47.08 -60.91 41.64
CA LYS XB 207 -45.84 -61.15 42.37
C LYS XB 207 -45.75 -60.23 43.58
N LEU XB 208 -46.28 -59.01 43.46
CA LEU XB 208 -46.08 -58.01 44.50
C LEU XB 208 -46.99 -58.26 45.69
N MET XB 209 -48.24 -58.68 45.43
CA MET XB 209 -49.12 -59.08 46.53
C MET XB 209 -48.63 -60.36 47.19
N GLU XB 210 -47.93 -61.21 46.43
CA GLU XB 210 -47.26 -62.36 47.00
C GLU XB 210 -46.15 -61.95 47.97
N LEU XB 211 -45.48 -60.83 47.68
CA LEU XB 211 -44.48 -60.30 48.60
C LEU XB 211 -45.14 -59.65 49.79
N HIS XB 212 -46.25 -58.96 49.58
CA HIS XB 212 -46.97 -58.25 50.63
C HIS XB 212 -48.07 -59.13 51.21
N GLY XB 213 -47.67 -60.35 51.61
CA GLY XB 213 -48.60 -61.31 52.17
C GLY XB 213 -49.56 -61.88 51.15
N LYS YB 1 55.76 -21.46 95.08
CA LYS YB 1 56.98 -21.88 94.42
C LYS YB 1 57.16 -23.38 94.51
N GLU YB 2 57.07 -23.91 95.73
CA GLU YB 2 57.24 -25.33 95.97
C GLU YB 2 56.02 -26.09 95.45
N TRP YB 3 56.26 -26.97 94.47
CA TRP YB 3 55.21 -27.76 93.86
C TRP YB 3 54.70 -28.81 94.85
N LEU YB 4 53.46 -28.67 95.26
CA LEU YB 4 52.77 -29.69 96.02
C LEU YB 4 52.12 -30.65 95.04
N PRO YB 5 52.51 -31.92 94.99
CA PRO YB 5 51.97 -32.83 93.97
C PRO YB 5 50.53 -33.21 94.22
N VAL YB 6 49.78 -33.35 93.12
CA VAL YB 6 48.34 -33.58 93.19
C VAL YB 6 48.05 -35.03 92.82
N THR YB 7 48.66 -35.51 91.75
CA THR YB 7 48.41 -36.85 91.26
C THR YB 7 49.27 -37.88 91.97
N LYS YB 8 48.95 -39.15 91.72
CA LYS YB 8 49.72 -40.25 92.28
C LYS YB 8 51.11 -40.33 91.64
N LEU YB 9 51.21 -40.05 90.35
CA LEU YB 9 52.46 -40.28 89.65
C LEU YB 9 53.48 -39.20 89.95
N GLY YB 10 53.02 -37.96 90.15
CA GLY YB 10 53.93 -36.90 90.52
C GLY YB 10 54.43 -37.03 91.94
N ARG YB 11 53.71 -37.79 92.76
CA ARG YB 11 54.15 -38.03 94.14
C ARG YB 11 55.38 -38.94 94.16
N LEU YB 12 55.45 -39.88 93.22
CA LEU YB 12 56.62 -40.75 93.14
C LEU YB 12 57.75 -40.09 92.39
N VAL YB 13 57.44 -39.14 91.51
CA VAL YB 13 58.49 -38.38 90.83
C VAL YB 13 59.21 -37.47 91.81
N LYS YB 14 58.44 -36.87 92.73
CA LYS YB 14 59.01 -35.97 93.73
C LYS YB 14 59.88 -36.73 94.72
N ASP YB 15 59.60 -38.01 94.93
CA ASP YB 15 60.36 -38.84 95.85
C ASP YB 15 61.58 -39.50 95.20
N MET YB 16 61.90 -39.10 93.97
CA MET YB 16 63.03 -39.62 93.18
C MET YB 16 62.98 -41.15 93.02
N LYS YB 17 61.78 -41.73 93.00
CA LYS YB 17 61.73 -43.18 92.95
C LYS YB 17 61.69 -43.71 91.52
N ILE YB 18 60.79 -43.21 90.69
CA ILE YB 18 60.81 -43.51 89.26
C ILE YB 18 61.94 -42.69 88.62
N LYS YB 19 62.92 -43.38 88.03
CA LYS YB 19 64.20 -42.74 87.79
C LYS YB 19 64.25 -42.01 86.45
N SER YB 20 63.31 -42.29 85.55
CA SER YB 20 63.29 -41.61 84.27
C SER YB 20 61.85 -41.42 83.82
N LEU YB 21 61.66 -40.52 82.86
CA LEU YB 21 60.37 -40.46 82.18
C LEU YB 21 60.27 -41.48 81.06
N GLU YB 22 61.33 -42.26 80.83
CA GLU YB 22 61.25 -43.44 79.98
C GLU YB 22 60.38 -44.52 80.61
N GLU YB 23 60.27 -44.51 81.94
CA GLU YB 23 59.47 -45.52 82.63
C GLU YB 23 58.00 -45.12 82.66
N ILE YB 24 57.69 -43.84 82.45
CA ILE YB 24 56.31 -43.43 82.27
C ILE YB 24 55.82 -43.90 80.90
N TYR YB 25 56.71 -43.87 79.90
CA TYR YB 25 56.34 -44.21 78.54
C TYR YB 25 56.10 -45.70 78.37
N LEU YB 26 56.78 -46.51 79.16
CA LEU YB 26 56.63 -47.96 79.05
C LEU YB 26 55.27 -48.40 79.56
N PHE YB 27 54.68 -47.62 80.44
CA PHE YB 27 53.38 -47.94 80.99
C PHE YB 27 52.30 -46.98 80.52
N SER YB 28 52.67 -46.01 79.68
CA SER YB 28 51.74 -45.13 78.95
C SER YB 28 50.88 -44.31 79.89
N LEU YB 29 51.46 -43.92 81.02
CA LEU YB 29 50.72 -43.20 82.05
C LEU YB 29 50.47 -41.76 81.61
N PRO YB 30 49.27 -41.25 81.84
CA PRO YB 30 48.99 -39.85 81.51
C PRO YB 30 49.68 -38.90 82.47
N ILE YB 31 50.63 -38.14 81.94
CA ILE YB 31 51.32 -37.12 82.72
C ILE YB 31 50.42 -35.89 82.79
N LYS YB 32 49.85 -35.65 83.96
CA LYS YB 32 48.93 -34.53 84.11
C LYS YB 32 49.50 -33.46 85.03
N GLU YB 33 50.71 -33.68 85.55
CA GLU YB 33 51.44 -32.63 86.25
C GLU YB 33 52.58 -32.13 85.38
N SER YB 34 52.69 -30.81 85.24
CA SER YB 34 53.71 -30.24 84.38
C SER YB 34 55.09 -30.28 85.01
N GLU YB 35 55.16 -30.33 86.34
CA GLU YB 35 56.43 -30.37 87.05
C GLU YB 35 57.13 -31.72 86.95
N ILE YB 36 56.45 -32.74 86.42
CA ILE YB 36 57.10 -34.03 86.17
C ILE YB 36 58.11 -33.88 85.03
N ILE YB 37 57.79 -33.06 84.03
CA ILE YB 37 58.64 -32.95 82.86
C ILE YB 37 59.86 -32.09 83.18
N ASP YB 38 59.66 -31.02 83.96
CA ASP YB 38 60.80 -30.18 84.33
C ASP YB 38 61.64 -30.84 85.42
N PHE YB 39 61.14 -31.91 86.03
CA PHE YB 39 61.94 -32.68 86.97
C PHE YB 39 63.05 -33.42 86.24
N PHE YB 40 62.69 -34.21 85.23
CA PHE YB 40 63.69 -35.02 84.53
C PHE YB 40 64.41 -34.19 83.47
N LEU YB 41 63.69 -33.30 82.80
CA LEU YB 41 64.22 -32.56 81.65
C LEU YB 41 64.34 -31.07 81.89
N GLY YB 42 64.76 -30.64 83.07
CA GLY YB 42 64.70 -29.21 83.39
C GLY YB 42 65.73 -28.37 82.67
N ALA YB 43 66.87 -28.96 82.32
CA ALA YB 43 67.96 -28.15 81.80
C ALA YB 43 67.90 -28.06 80.28
N SER YB 44 67.79 -29.20 79.60
CA SER YB 44 67.96 -29.28 78.16
C SER YB 44 66.73 -28.84 77.38
N LEU YB 45 65.62 -28.59 78.05
CA LEU YB 45 64.35 -28.39 77.38
C LEU YB 45 64.24 -26.95 76.89
N LYS YB 46 63.86 -26.77 75.62
CA LYS YB 46 63.92 -25.47 75.00
C LYS YB 46 62.58 -25.15 74.34
N ASP YB 47 62.17 -23.89 74.43
CA ASP YB 47 60.97 -23.34 73.81
C ASP YB 47 61.32 -22.53 72.58
N GLU YB 48 60.52 -22.68 71.52
CA GLU YB 48 60.43 -21.68 70.48
C GLU YB 48 58.95 -21.51 70.14
N VAL YB 49 58.50 -20.27 70.05
CA VAL YB 49 57.13 -19.94 69.68
C VAL YB 49 56.97 -20.13 68.18
N LEU YB 50 55.99 -20.91 67.76
CA LEU YB 50 55.73 -21.09 66.34
C LEU YB 50 54.99 -19.89 65.76
N LYS YB 51 53.84 -19.56 66.34
CA LYS YB 51 52.95 -18.54 65.78
C LYS YB 51 51.95 -18.13 66.86
N ILE YB 52 51.56 -16.87 66.84
CA ILE YB 52 50.39 -16.39 67.58
C ILE YB 52 49.28 -16.22 66.55
N MET YB 53 48.10 -16.76 66.84
CA MET YB 53 47.01 -16.77 65.88
C MET YB 53 45.81 -16.00 66.42
N PRO YB 54 45.57 -14.77 65.98
CA PRO YB 54 44.43 -14.01 66.51
C PRO YB 54 43.08 -14.45 65.96
N VAL YB 55 42.48 -15.48 66.56
CA VAL YB 55 41.12 -15.88 66.22
C VAL YB 55 40.14 -15.03 67.01
N GLN YB 56 38.87 -15.04 66.60
CA GLN YB 56 37.86 -14.21 67.24
C GLN YB 56 36.45 -14.70 66.94
N LYS YB 57 35.52 -14.48 67.87
CA LYS YB 57 34.12 -14.80 67.66
C LYS YB 57 33.31 -13.52 67.64
N GLN YB 58 32.30 -13.48 66.78
CA GLN YB 58 31.42 -12.34 66.64
C GLN YB 58 30.38 -12.35 67.74
N THR YB 59 30.18 -11.20 68.39
CA THR YB 59 29.14 -11.02 69.38
C THR YB 59 28.26 -9.84 68.96
N ARG YB 60 27.34 -9.44 69.86
CA ARG YB 60 26.47 -8.31 69.51
C ARG YB 60 27.20 -6.99 69.63
N ALA YB 61 28.15 -6.87 70.54
CA ALA YB 61 28.95 -5.64 70.67
C ALA YB 61 30.33 -5.82 70.07
N GLY YB 62 30.38 -5.99 68.76
CA GLY YB 62 31.66 -6.16 68.09
C GLY YB 62 32.06 -7.61 68.11
N GLN YB 63 33.37 -7.88 67.97
CA GLN YB 63 33.83 -9.26 68.04
C GLN YB 63 34.99 -9.38 69.02
N ARG YB 64 35.16 -10.59 69.55
CA ARG YB 64 35.97 -10.85 70.73
C ARG YB 64 37.26 -11.58 70.34
N THR YB 65 38.35 -10.83 70.24
CA THR YB 65 39.63 -11.36 69.79
C THR YB 65 40.35 -12.04 70.94
N ARG YB 66 40.71 -13.30 70.75
CA ARG YB 66 41.51 -14.03 71.72
C ARG YB 66 42.60 -14.77 70.98
N PHE YB 67 43.82 -14.64 71.47
CA PHE YB 67 45.02 -15.06 70.76
C PHE YB 67 45.32 -16.53 71.04
N LYS YB 68 45.82 -17.21 70.02
CA LYS YB 68 46.07 -18.65 70.04
C LYS YB 68 47.56 -18.86 69.80
N ALA YB 69 48.24 -19.53 70.72
CA ALA YB 69 49.69 -19.64 70.67
C ALA YB 69 50.13 -21.07 70.44
N PHE YB 70 51.02 -21.27 69.48
CA PHE YB 70 51.57 -22.59 69.17
C PHE YB 70 52.99 -22.66 69.72
N VAL YB 71 53.27 -23.65 70.54
CA VAL YB 71 54.58 -23.81 71.17
C VAL YB 71 55.09 -25.22 70.93
N ALA YB 72 56.25 -25.32 70.30
CA ALA YB 72 56.98 -26.58 70.21
C ALA YB 72 58.07 -26.57 71.27
N ILE YB 73 58.24 -27.69 71.95
CA ILE YB 73 59.21 -27.80 73.02
C ILE YB 73 60.02 -29.04 72.75
N GLY YB 74 61.19 -29.14 73.39
CA GLY YB 74 61.94 -30.37 73.30
C GLY YB 74 63.41 -30.16 73.54
N ASP YB 75 64.03 -31.08 74.27
CA ASP YB 75 65.48 -31.17 74.27
C ASP YB 75 65.93 -31.64 72.90
N TYR YB 76 67.17 -31.33 72.54
CA TYR YB 76 67.58 -31.73 71.20
C TYR YB 76 68.04 -33.18 71.10
N ASN YB 77 67.64 -34.03 72.03
CA ASN YB 77 68.00 -35.44 71.99
C ASN YB 77 66.83 -36.26 72.51
N GLY YB 78 65.89 -36.60 71.64
CA GLY YB 78 64.87 -37.58 72.00
C GLY YB 78 63.41 -37.19 72.16
N HIS YB 79 63.09 -35.97 72.58
CA HIS YB 79 61.72 -35.65 72.98
C HIS YB 79 61.23 -34.36 72.33
N VAL YB 80 59.93 -34.32 72.04
CA VAL YB 80 59.25 -33.12 71.57
C VAL YB 80 57.83 -33.09 72.09
N GLY YB 81 57.38 -31.89 72.44
CA GLY YB 81 55.97 -31.64 72.67
C GLY YB 81 55.52 -30.50 71.80
N LEU YB 82 54.20 -30.40 71.65
CA LEU YB 82 53.58 -29.40 70.80
C LEU YB 82 52.30 -28.96 71.50
N GLY YB 83 52.33 -27.77 72.09
CA GLY YB 83 51.22 -27.26 72.86
C GLY YB 83 50.50 -26.14 72.12
N VAL YB 84 49.17 -26.11 72.29
CA VAL YB 84 48.29 -25.15 71.62
C VAL YB 84 47.37 -24.59 72.68
N LYS YB 85 47.44 -23.29 72.93
CA LYS YB 85 46.61 -22.65 73.94
C LYS YB 85 46.05 -21.34 73.42
N CYS YB 86 44.74 -21.18 73.52
CA CYS YB 86 44.06 -19.96 73.14
C CYS YB 86 43.51 -19.25 74.36
N SER YB 87 43.91 -18.00 74.54
CA SER YB 87 43.42 -17.19 75.66
C SER YB 87 43.29 -15.75 75.23
N LYS YB 88 42.90 -14.91 76.18
CA LYS YB 88 42.53 -13.53 75.86
C LYS YB 88 43.73 -12.66 75.52
N GLU YB 89 44.83 -12.83 76.25
CA GLU YB 89 46.04 -12.07 76.05
C GLU YB 89 47.15 -13.01 75.60
N VAL YB 90 48.24 -12.46 75.09
CA VAL YB 90 49.23 -13.31 74.45
C VAL YB 90 50.18 -13.91 75.49
N ALA YB 91 50.40 -13.22 76.60
CA ALA YB 91 51.35 -13.71 77.60
C ALA YB 91 50.76 -14.86 78.40
N THR YB 92 49.43 -14.93 78.49
CA THR YB 92 48.79 -16.11 79.05
C THR YB 92 48.67 -17.20 77.99
N ALA YB 93 48.57 -16.80 76.72
CA ALA YB 93 48.50 -17.77 75.64
C ALA YB 93 49.83 -18.50 75.47
N ILE YB 94 50.95 -17.76 75.51
CA ILE YB 94 52.25 -18.37 75.31
C ILE YB 94 52.62 -19.22 76.53
N ARG YB 95 52.33 -18.71 77.73
CA ARG YB 95 52.70 -19.43 78.95
C ARG YB 95 51.87 -20.69 79.13
N GLY YB 96 50.58 -20.62 78.81
CA GLY YB 96 49.73 -21.79 78.94
C GLY YB 96 49.98 -22.84 77.88
N ALA YB 97 50.61 -22.45 76.76
CA ALA YB 97 50.92 -23.42 75.72
C ALA YB 97 52.20 -24.18 76.02
N ILE YB 98 53.11 -23.55 76.78
CA ILE YB 98 54.32 -24.23 77.20
C ILE YB 98 53.98 -25.37 78.16
N ILE YB 99 52.98 -25.14 79.02
CA ILE YB 99 52.52 -26.18 79.93
C ILE YB 99 51.85 -27.31 79.15
N LEU YB 100 51.09 -26.96 78.12
CA LEU YB 100 50.52 -27.99 77.26
C LEU YB 100 51.57 -28.61 76.35
N ALA YB 101 52.69 -27.91 76.12
CA ALA YB 101 53.77 -28.52 75.37
C ALA YB 101 54.50 -29.56 76.21
N LYS YB 102 54.60 -29.33 77.52
CA LYS YB 102 55.29 -30.29 78.38
C LYS YB 102 54.43 -31.52 78.66
N LEU YB 103 53.12 -31.33 78.87
CA LEU YB 103 52.24 -32.46 79.14
C LEU YB 103 52.12 -33.41 77.96
N SER YB 104 52.39 -32.93 76.76
CA SER YB 104 52.31 -33.78 75.59
C SER YB 104 53.66 -34.03 74.94
N ILE YB 105 54.73 -34.25 75.71
CA ILE YB 105 55.96 -34.67 75.07
C ILE YB 105 55.88 -36.16 74.79
N VAL YB 106 56.42 -36.56 73.65
CA VAL YB 106 56.46 -37.96 73.26
C VAL YB 106 57.93 -38.29 73.04
N PRO YB 107 58.33 -39.55 73.08
CA PRO YB 107 59.68 -39.90 72.65
C PRO YB 107 59.71 -40.16 71.16
N VAL YB 108 60.72 -39.65 70.49
CA VAL YB 108 60.90 -39.98 69.09
C VAL YB 108 61.82 -41.19 69.03
N ARG YB 109 61.44 -42.13 68.19
CA ARG YB 109 62.34 -43.20 67.80
C ARG YB 109 63.15 -42.71 66.63
N ARG YB 110 64.45 -42.63 66.79
CA ARG YB 110 65.34 -42.29 65.69
C ARG YB 110 66.13 -43.52 65.31
N GLY YB 111 66.29 -43.71 64.00
CA GLY YB 111 66.92 -44.90 63.48
C GLY YB 111 68.10 -44.58 62.59
N TYR YB 112 68.33 -45.40 61.56
CA TYR YB 112 69.50 -45.24 60.72
C TYR YB 112 69.11 -45.19 59.25
N TRP YB 113 70.11 -44.99 58.41
CA TRP YB 113 70.00 -45.11 56.97
C TRP YB 113 71.14 -46.00 56.49
N GLY YB 114 70.83 -47.21 56.08
CA GLY YB 114 71.87 -48.05 55.51
C GLY YB 114 72.80 -48.57 56.56
N ASN YB 115 74.01 -48.03 56.60
CA ASN YB 115 75.01 -48.46 57.57
C ASN YB 115 74.60 -48.05 58.98
N LYS YB 116 74.78 -48.97 59.93
CA LYS YB 116 74.20 -48.79 61.24
C LYS YB 116 75.20 -48.37 62.30
N ILE YB 117 76.37 -47.85 61.92
CA ILE YB 117 77.35 -47.48 62.93
C ILE YB 117 77.04 -46.07 63.47
N GLY YB 118 77.26 -45.90 64.77
CA GLY YB 118 77.14 -44.59 65.40
C GLY YB 118 75.81 -44.39 66.08
N LYS YB 119 75.61 -43.16 66.52
CA LYS YB 119 74.31 -42.78 67.06
C LYS YB 119 73.28 -42.68 65.94
N PRO YB 120 72.02 -42.98 66.24
CA PRO YB 120 70.95 -42.77 65.24
C PRO YB 120 70.76 -41.29 64.98
N HIS YB 121 70.41 -40.98 63.74
CA HIS YB 121 70.37 -39.60 63.26
C HIS YB 121 69.09 -39.26 62.53
N THR YB 122 68.41 -40.25 61.97
CA THR YB 122 67.26 -40.02 61.12
C THR YB 122 66.07 -40.81 61.61
N VAL YB 123 64.96 -40.65 60.89
CA VAL YB 123 63.75 -41.44 61.09
C VAL YB 123 64.04 -42.88 60.70
N PRO YB 124 63.58 -43.88 61.45
CA PRO YB 124 63.94 -45.27 61.08
C PRO YB 124 63.28 -45.75 59.80
N CYS YB 125 61.98 -45.51 59.64
CA CYS YB 125 61.23 -45.97 58.49
C CYS YB 125 60.41 -44.81 57.97
N LYS YB 126 59.66 -45.04 56.90
CA LYS YB 126 58.78 -43.98 56.38
C LYS YB 126 57.55 -43.91 57.27
N VAL YB 127 57.51 -42.87 58.07
CA VAL YB 127 56.36 -42.62 58.93
C VAL YB 127 55.56 -41.47 58.36
N THR YB 128 54.28 -41.42 58.71
CA THR YB 128 53.41 -40.37 58.21
C THR YB 128 52.50 -39.90 59.33
N GLY YB 129 52.01 -38.68 59.18
CA GLY YB 129 51.09 -38.13 60.14
C GLY YB 129 50.18 -37.14 59.44
N ARG YB 130 48.98 -37.00 59.97
CA ARG YB 130 48.05 -36.08 59.35
C ARG YB 130 47.02 -35.60 60.37
N CYS YB 131 46.60 -34.35 60.19
CA CYS YB 131 45.36 -33.86 60.78
C CYS YB 131 44.87 -32.73 59.90
N GLY YB 132 43.56 -32.58 59.83
CA GLY YB 132 42.99 -31.71 58.82
C GLY YB 132 43.24 -32.31 57.47
N SER YB 133 43.50 -31.46 56.47
CA SER YB 133 43.87 -31.98 55.17
C SER YB 133 45.36 -32.13 55.03
N VAL YB 134 46.13 -31.71 56.03
CA VAL YB 134 47.58 -31.64 55.88
C VAL YB 134 48.15 -33.02 56.11
N LEU YB 135 48.92 -33.51 55.14
CA LEU YB 135 49.60 -34.79 55.22
C LEU YB 135 51.10 -34.57 55.17
N VAL YB 136 51.82 -35.05 56.18
CA VAL YB 136 53.26 -34.86 56.28
C VAL YB 136 53.91 -36.23 56.40
N ARG YB 137 54.85 -36.52 55.51
CA ARG YB 137 55.56 -37.80 55.50
C ARG YB 137 57.02 -37.55 55.84
N LEU YB 138 57.66 -38.52 56.48
CA LEU YB 138 59.05 -38.39 56.88
C LEU YB 138 59.86 -39.56 56.35
N ILE YB 139 60.87 -39.28 55.54
CA ILE YB 139 61.63 -40.32 54.85
C ILE YB 139 62.96 -40.48 55.58
N PRO YB 140 63.49 -41.69 55.73
CA PRO YB 140 64.87 -41.84 56.17
C PRO YB 140 65.86 -41.27 55.15
N ALA YB 141 66.82 -40.51 55.64
CA ALA YB 141 67.78 -39.80 54.82
C ALA YB 141 69.20 -40.21 55.21
N PRO YB 142 70.14 -40.18 54.27
CA PRO YB 142 71.54 -40.43 54.63
C PRO YB 142 72.11 -39.33 55.50
N ARG YB 143 73.27 -39.63 56.09
CA ARG YB 143 73.88 -38.74 57.07
C ARG YB 143 74.33 -37.44 56.44
N GLY YB 144 74.35 -36.38 57.24
CA GLY YB 144 74.79 -35.08 56.79
C GLY YB 144 73.83 -34.34 55.89
N THR YB 145 72.64 -34.90 55.64
CA THR YB 145 71.70 -34.27 54.73
C THR YB 145 71.01 -33.09 55.40
N GLY YB 146 70.64 -33.25 56.67
CA GLY YB 146 69.82 -32.26 57.34
C GLY YB 146 68.36 -32.49 57.05
N ILE YB 147 67.52 -31.74 57.76
CA ILE YB 147 66.08 -31.81 57.52
C ILE YB 147 65.79 -31.05 56.24
N VAL YB 148 65.38 -31.76 55.19
CA VAL YB 148 65.01 -31.13 53.94
C VAL YB 148 63.51 -30.88 54.02
N SER YB 149 63.10 -29.73 54.54
CA SER YB 149 61.68 -29.53 54.72
C SER YB 149 61.33 -28.06 54.72
N ALA YB 150 60.02 -27.81 54.86
CA ALA YB 150 59.46 -26.52 55.18
C ALA YB 150 60.02 -26.01 56.51
N PRO YB 151 60.04 -24.69 56.73
CA PRO YB 151 60.61 -24.16 57.98
C PRO YB 151 59.87 -24.57 59.25
N VAL YB 152 58.61 -24.96 59.12
CA VAL YB 152 57.77 -25.25 60.28
C VAL YB 152 58.03 -26.65 60.86
N PRO YB 153 58.07 -27.75 60.09
CA PRO YB 153 58.49 -29.00 60.74
C PRO YB 153 59.98 -29.11 60.91
N LYS YB 154 60.76 -28.29 60.18
CA LYS YB 154 62.20 -28.22 60.41
C LYS YB 154 62.49 -27.70 61.80
N LYS YB 155 61.60 -26.88 62.34
CA LYS YB 155 61.74 -26.42 63.71
C LYS YB 155 61.40 -27.51 64.71
N LEU YB 156 60.46 -28.41 64.37
CA LEU YB 156 60.08 -29.46 65.29
C LEU YB 156 60.97 -30.69 65.17
N LEU YB 157 61.50 -30.95 63.97
CA LEU YB 157 62.41 -32.08 63.82
C LEU YB 157 63.79 -31.73 64.35
N MET YB 158 64.13 -30.45 64.39
CA MET YB 158 65.38 -30.03 65.02
C MET YB 158 65.27 -30.20 66.53
N MET YB 159 64.07 -30.04 67.07
CA MET YB 159 63.86 -30.29 68.49
C MET YB 159 63.67 -31.78 68.77
N ALA YB 160 63.48 -32.58 67.74
CA ALA YB 160 63.31 -34.01 67.99
C ALA YB 160 64.65 -34.70 68.16
N GLY YB 161 65.68 -34.19 67.50
CA GLY YB 161 66.94 -34.89 67.47
C GLY YB 161 67.01 -35.78 66.26
N ILE YB 162 66.14 -35.50 65.30
CA ILE YB 162 66.19 -36.12 64.00
C ILE YB 162 67.10 -35.23 63.16
N ASP YB 163 68.34 -35.68 62.99
CA ASP YB 163 69.35 -34.83 62.36
C ASP YB 163 69.18 -34.79 60.86
N ASP YB 164 68.54 -35.79 60.29
CA ASP YB 164 68.44 -35.99 58.84
C ASP YB 164 67.04 -36.44 58.49
N CYS YB 165 66.42 -35.78 57.51
CA CYS YB 165 65.06 -36.16 57.11
C CYS YB 165 64.69 -35.64 55.73
N TYR YB 166 64.21 -36.52 54.85
CA TYR YB 166 63.48 -36.04 53.68
C TYR YB 166 62.00 -36.02 53.99
N THR YB 167 61.30 -35.02 53.47
CA THR YB 167 59.89 -34.86 53.79
C THR YB 167 59.05 -34.78 52.52
N SER YB 168 57.74 -34.80 52.74
CA SER YB 168 56.74 -34.57 51.73
C SER YB 168 55.59 -33.82 52.38
N ALA YB 169 54.79 -33.14 51.56
CA ALA YB 169 53.64 -32.45 52.10
C ALA YB 169 52.49 -32.55 51.10
N ARG YB 170 51.29 -32.60 51.66
CA ARG YB 170 50.07 -32.78 50.89
C ARG YB 170 48.99 -32.05 51.65
N GLY YB 171 48.28 -31.16 50.97
CA GLY YB 171 47.22 -30.42 51.61
C GLY YB 171 47.62 -29.01 51.90
N CYS YB 172 46.69 -28.29 52.54
CA CYS YB 172 46.85 -26.87 52.81
C CYS YB 172 47.80 -26.69 53.98
N THR YB 173 49.10 -26.75 53.67
CA THR YB 173 50.11 -26.68 54.72
C THR YB 173 50.27 -25.28 55.29
N ALA YB 174 49.62 -24.28 54.69
CA ALA YB 174 49.73 -22.90 55.19
C ALA YB 174 49.00 -22.73 56.51
N THR YB 175 47.97 -23.54 56.76
CA THR YB 175 47.30 -23.51 58.06
C THR YB 175 48.19 -24.18 59.09
N LEU YB 176 48.71 -23.41 60.03
CA LEU YB 176 49.90 -23.83 60.76
C LEU YB 176 49.53 -24.78 61.90
N GLY YB 177 48.30 -24.68 62.38
CA GLY YB 177 47.86 -25.57 63.43
C GLY YB 177 47.75 -27.01 62.97
N ASN YB 178 47.42 -27.19 61.70
CA ASN YB 178 47.30 -28.55 61.17
C ASN YB 178 48.61 -29.03 60.60
N PHE YB 179 49.50 -28.11 60.23
CA PHE YB 179 50.76 -28.51 59.62
C PHE YB 179 51.78 -28.85 60.69
N ALA YB 180 51.65 -28.24 61.87
CA ALA YB 180 52.53 -28.58 62.97
C ALA YB 180 52.03 -29.79 63.74
N LYS YB 181 50.71 -29.98 63.81
CA LYS YB 181 50.19 -31.17 64.47
C LYS YB 181 50.30 -32.41 63.61
N ALA YB 182 50.50 -32.26 62.30
CA ALA YB 182 50.68 -33.43 61.45
C ALA YB 182 52.12 -33.91 61.46
N THR YB 183 53.07 -32.98 61.53
CA THR YB 183 54.46 -33.38 61.67
C THR YB 183 54.80 -33.76 63.09
N PHE YB 184 53.92 -33.47 64.03
CA PHE YB 184 54.04 -34.03 65.37
C PHE YB 184 53.37 -35.39 65.46
N ASP YB 185 52.33 -35.61 64.64
CA ASP YB 185 51.69 -36.92 64.60
C ASP YB 185 52.55 -37.92 63.84
N ALA YB 186 53.43 -37.44 62.96
CA ALA YB 186 54.30 -38.33 62.22
C ALA YB 186 55.37 -38.92 63.14
N ILE YB 187 55.96 -38.09 64.01
CA ILE YB 187 57.02 -38.58 64.89
C ILE YB 187 56.45 -39.34 66.08
N SER YB 188 55.18 -39.14 66.39
CA SER YB 188 54.58 -39.88 67.50
C SER YB 188 54.36 -41.34 67.14
N LYS YB 189 54.23 -41.63 65.84
CA LYS YB 189 54.05 -43.00 65.38
C LYS YB 189 55.36 -43.72 65.15
N THR YB 190 56.50 -43.09 65.43
CA THR YB 190 57.78 -43.77 65.30
C THR YB 190 57.93 -44.86 66.35
N TYR YB 191 57.44 -44.61 67.56
CA TYR YB 191 57.38 -45.64 68.58
C TYR YB 191 56.07 -46.41 68.60
N SER YB 192 55.23 -46.23 67.59
CA SER YB 192 54.05 -47.08 67.45
C SER YB 192 54.13 -47.98 66.23
N TYR YB 193 55.28 -48.02 65.55
CA TYR YB 193 55.43 -48.81 64.35
C TYR YB 193 56.24 -50.07 64.66
N LEU YB 194 55.83 -51.20 64.07
CA LEU YB 194 56.37 -52.52 64.42
C LEU YB 194 57.44 -52.91 63.42
N THR YB 195 58.68 -52.72 63.83
CA THR YB 195 59.88 -53.07 63.10
C THR YB 195 60.31 -54.48 63.51
N PRO YB 196 60.93 -55.26 62.62
CA PRO YB 196 61.47 -56.57 63.01
C PRO YB 196 62.53 -56.56 64.10
N ASP YB 197 63.12 -55.40 64.43
CA ASP YB 197 63.94 -55.29 65.63
C ASP YB 197 63.12 -55.50 66.88
N LEU YB 198 61.85 -55.11 66.82
CA LEU YB 198 60.93 -55.24 67.94
C LEU YB 198 60.08 -56.49 67.89
N TRP YB 199 60.57 -57.59 67.32
CA TRP YB 199 59.80 -58.82 67.39
C TRP YB 199 60.08 -59.62 68.64
N LYS YB 200 61.11 -59.25 69.38
CA LYS YB 200 61.43 -59.91 70.64
C LYS YB 200 60.29 -59.71 71.62
N GLU YB 201 59.95 -60.76 72.36
CA GLU YB 201 58.78 -60.73 73.22
C GLU YB 201 59.01 -59.80 74.39
N THR YB 202 57.93 -59.21 74.88
CA THR YB 202 58.02 -58.23 75.94
C THR YB 202 57.91 -58.90 77.29
N VAL YB 203 59.01 -58.93 78.02
CA VAL YB 203 58.99 -59.33 79.42
C VAL YB 203 58.54 -58.14 80.24
N PHE YB 204 57.32 -58.22 80.78
CA PHE YB 204 56.69 -57.07 81.41
C PHE YB 204 57.34 -56.86 82.77
N THR YB 205 58.05 -55.74 82.90
CA THR YB 205 58.55 -55.35 84.20
C THR YB 205 57.43 -54.79 85.07
N LYS YB 206 57.77 -54.42 86.29
CA LYS YB 206 56.77 -54.08 87.27
C LYS YB 206 56.37 -52.62 87.15
N SER YB 207 55.08 -52.35 87.30
CA SER YB 207 54.55 -50.99 87.12
C SER YB 207 54.96 -50.10 88.29
N PRO YB 208 55.17 -48.80 88.05
CA PRO YB 208 55.54 -47.91 89.16
C PRO YB 208 54.40 -47.64 90.13
N TYR YB 209 53.15 -47.89 89.75
CA TYR YB 209 52.07 -47.91 90.73
C TYR YB 209 52.09 -49.21 91.51
N GLN YB 210 52.78 -50.23 91.00
CA GLN YB 210 52.88 -51.50 91.69
C GLN YB 210 54.24 -51.66 92.36
N GLU YB 211 55.26 -51.00 91.81
CA GLU YB 211 56.58 -50.98 92.42
C GLU YB 211 56.54 -50.36 93.81
N PHE YB 212 55.71 -49.33 93.99
CA PHE YB 212 55.72 -48.56 95.23
C PHE YB 212 54.33 -48.45 95.84
N THR YB 213 53.61 -49.56 95.91
CA THR YB 213 52.33 -49.57 96.61
C THR YB 213 52.52 -49.46 98.11
N ASP YB 214 53.70 -49.80 98.62
CA ASP YB 214 53.94 -49.71 100.06
C ASP YB 214 54.30 -48.30 100.48
N HIS YB 215 54.60 -47.43 99.52
CA HIS YB 215 54.99 -46.06 99.87
C HIS YB 215 53.89 -45.06 99.56
N LEU YB 216 53.04 -45.37 98.58
CA LEU YB 216 51.94 -44.49 98.22
C LEU YB 216 50.85 -44.47 99.27
N VAL YB 217 50.82 -45.46 100.15
CA VAL YB 217 49.80 -45.50 101.19
C VAL YB 217 50.17 -44.60 102.36
N LYS YB 218 51.44 -44.20 102.46
CA LYS YB 218 51.88 -43.54 103.67
C LYS YB 218 52.43 -42.15 103.43
N THR YB 219 52.86 -41.83 102.20
CA THR YB 219 53.34 -40.47 101.96
C THR YB 219 52.19 -39.51 101.73
N HIS YB 220 51.01 -40.03 101.39
CA HIS YB 220 49.80 -39.23 101.31
C HIS YB 220 48.60 -40.15 101.49
N THR YB 221 47.42 -39.61 101.20
CA THR YB 221 46.17 -40.34 101.40
C THR YB 221 45.99 -41.41 100.33
N MET ZB 1 32.53 32.89 118.30
CA MET ZB 1 33.46 33.48 117.34
C MET ZB 1 32.86 34.80 116.86
N ALA ZB 2 33.73 35.78 116.55
CA ALA ZB 2 33.25 37.13 116.25
C ALA ZB 2 32.58 37.20 114.89
N VAL ZB 3 32.87 36.25 114.00
CA VAL ZB 3 32.19 36.23 112.71
C VAL ZB 3 30.89 35.42 112.79
N GLN ZB 4 30.91 34.33 113.58
CA GLN ZB 4 29.75 33.50 113.91
C GLN ZB 4 29.06 32.96 112.65
N ILE ZB 5 29.75 32.09 111.91
CA ILE ZB 5 29.13 31.54 110.72
C ILE ZB 5 28.18 30.42 111.10
N SER ZB 6 27.20 30.15 110.23
CA SER ZB 6 26.21 29.14 110.50
C SER ZB 6 26.81 27.74 110.41
N LYS ZB 7 26.09 26.77 110.98
CA LYS ZB 7 26.62 25.41 111.00
C LYS ZB 7 26.43 24.72 109.67
N LYS ZB 8 25.55 25.25 108.82
CA LYS ZB 8 25.47 24.80 107.43
C LYS ZB 8 26.74 25.15 106.69
N ARG ZB 9 27.16 26.42 106.77
CA ARG ZB 9 28.32 26.86 106.03
C ARG ZB 9 29.62 26.41 106.68
N LYS ZB 10 29.57 25.97 107.95
CA LYS ZB 10 30.79 25.60 108.64
C LYS ZB 10 31.23 24.19 108.26
N PHE ZB 11 30.28 23.27 108.13
CA PHE ZB 11 30.62 21.92 107.71
C PHE ZB 11 30.92 21.84 106.23
N VAL ZB 12 30.37 22.76 105.45
CA VAL ZB 12 30.73 22.85 104.04
C VAL ZB 12 32.16 23.36 103.88
N ALA ZB 13 32.52 24.40 104.65
CA ALA ZB 13 33.83 25.02 104.48
C ALA ZB 13 34.96 24.15 105.03
N ASP ZB 14 34.64 23.27 105.98
CA ASP ZB 14 35.63 22.26 106.38
C ASP ZB 14 35.78 21.19 105.31
N GLY ZB 15 34.76 21.03 104.46
CA GLY ZB 15 34.87 20.06 103.38
C GLY ZB 15 35.59 20.63 102.17
N ILE ZB 16 35.40 21.94 101.91
CA ILE ZB 16 36.16 22.62 100.87
C ILE ZB 16 37.63 22.70 101.28
N PHE ZB 17 37.89 22.78 102.59
CA PHE ZB 17 39.25 22.71 103.11
C PHE ZB 17 39.89 21.37 102.80
N LYS ZB 18 39.18 20.28 103.11
CA LYS ZB 18 39.70 18.94 102.82
C LYS ZB 18 39.73 18.64 101.33
N ALA ZB 19 38.96 19.40 100.55
CA ALA ZB 19 38.99 19.23 99.10
C ALA ZB 19 40.23 19.90 98.50
N GLU ZB 20 40.58 21.09 98.96
CA GLU ZB 20 41.71 21.78 98.38
C GLU ZB 20 43.02 21.26 98.98
N LEU ZB 21 42.96 20.71 100.19
CA LEU ZB 21 44.15 20.17 100.81
C LEU ZB 21 44.56 18.86 100.17
N ASN ZB 22 43.58 18.02 99.82
CA ASN ZB 22 43.88 16.77 99.13
C ASN ZB 22 44.35 17.06 97.71
N GLU ZB 23 43.81 18.10 97.08
CA GLU ZB 23 44.20 18.41 95.71
C GLU ZB 23 45.59 19.03 95.65
N PHE ZB 24 45.93 19.88 96.62
CA PHE ZB 24 47.26 20.48 96.63
C PHE ZB 24 48.35 19.47 96.95
N LEU ZB 25 48.09 18.57 97.90
CA LEU ZB 25 49.10 17.58 98.25
C LEU ZB 25 49.17 16.46 97.22
N THR ZB 26 48.22 16.40 96.30
CA THR ZB 26 48.35 15.50 95.15
C THR ZB 26 49.18 16.16 94.06
N ARG ZB 27 49.18 17.51 94.01
CA ARG ZB 27 50.02 18.22 93.05
C ARG ZB 27 51.50 18.08 93.39
N GLU ZB 28 51.84 18.11 94.68
CA GLU ZB 28 53.23 18.33 95.05
C GLU ZB 28 53.88 17.04 95.54
N LEU ZB 29 53.13 16.18 96.22
CA LEU ZB 29 53.68 14.96 96.82
C LEU ZB 29 53.32 13.71 96.04
N ALA ZB 30 53.02 13.82 94.75
CA ALA ZB 30 52.59 12.64 93.98
C ALA ZB 30 53.74 11.67 93.77
N GLU ZB 31 54.95 12.21 93.62
CA GLU ZB 31 56.13 11.37 93.41
C GLU ZB 31 56.62 10.74 94.71
N ASP ZB 32 56.01 11.12 95.83
CA ASP ZB 32 56.47 10.68 97.14
C ASP ZB 32 55.55 9.65 97.78
N GLY ZB 33 54.60 9.11 97.04
CA GLY ZB 33 53.73 8.05 97.54
C GLY ZB 33 52.61 8.55 98.44
N TYR ZB 34 51.96 9.62 98.02
CA TYR ZB 34 50.97 10.30 98.86
C TYR ZB 34 49.68 9.48 98.97
N SER ZB 35 49.10 9.45 100.16
CA SER ZB 35 47.98 8.57 100.46
C SER ZB 35 46.81 9.26 101.15
N GLY ZB 36 46.79 10.58 101.22
CA GLY ZB 36 45.68 11.31 101.80
C GLY ZB 36 46.11 12.10 103.02
N VAL ZB 37 45.13 12.80 103.59
CA VAL ZB 37 45.30 13.49 104.86
C VAL ZB 37 44.21 13.07 105.82
N GLU ZB 38 44.46 13.32 107.09
CA GLU ZB 38 43.45 13.19 108.14
C GLU ZB 38 43.67 14.34 109.11
N VAL ZB 39 43.01 15.46 108.87
CA VAL ZB 39 43.22 16.68 109.65
C VAL ZB 39 42.32 16.59 110.87
N ARG ZB 40 42.93 16.75 112.04
CA ARG ZB 40 42.18 16.81 113.31
C ARG ZB 40 42.18 18.25 113.78
N VAL ZB 41 41.05 18.93 113.60
CA VAL ZB 41 40.93 20.33 114.00
C VAL ZB 41 40.51 20.33 115.48
N THR ZB 42 41.37 20.93 116.30
CA THR ZB 42 41.09 21.15 117.70
C THR ZB 42 41.01 22.65 117.94
N PRO ZB 43 40.53 23.11 119.10
CA PRO ZB 43 40.77 24.49 119.48
C PRO ZB 43 42.26 24.76 119.69
N THR ZB 44 42.76 25.78 118.97
CA THR ZB 44 44.07 26.41 119.02
C THR ZB 44 45.16 25.54 118.36
N ARG ZB 45 44.85 24.29 118.05
CA ARG ZB 45 45.81 23.42 117.38
C ARG ZB 45 45.18 22.73 116.18
N THR ZB 46 46.03 22.36 115.22
CA THR ZB 46 45.62 21.62 114.03
C THR ZB 46 46.55 20.42 113.89
N GLU ZB 47 46.10 19.27 114.39
CA GLU ZB 47 46.82 18.03 114.14
C GLU ZB 47 46.46 17.51 112.76
N ILE ZB 48 47.32 17.80 111.80
CA ILE ZB 48 47.02 17.58 110.39
C ILE ZB 48 48.04 16.60 109.80
N ILE ZB 49 47.65 15.34 109.75
CA ILE ZB 49 48.57 14.26 109.42
C ILE ZB 49 48.59 14.02 107.92
N ILE ZB 50 49.77 14.21 107.32
CA ILE ZB 50 50.02 13.71 105.97
C ILE ZB 50 50.32 12.22 106.08
N LEU ZB 51 49.65 11.42 105.27
CA LEU ZB 51 49.85 9.98 105.25
C LEU ZB 51 50.47 9.62 103.90
N ALA ZB 52 51.58 8.91 103.91
CA ALA ZB 52 52.28 8.57 102.69
C ALA ZB 52 53.06 7.28 102.88
N THR ZB 53 53.58 6.77 101.76
CA THR ZB 53 54.43 5.58 101.82
C THR ZB 53 55.89 5.96 102.02
N ARG ZB 54 56.43 6.79 101.14
CA ARG ZB 54 57.84 7.19 101.24
C ARG ZB 54 57.95 8.36 102.21
N THR ZB 55 58.08 8.02 103.49
CA THR ZB 55 58.10 9.02 104.56
C THR ZB 55 59.40 9.80 104.57
N GLN ZB 56 60.46 9.28 103.94
CA GLN ZB 56 61.74 9.98 103.94
C GLN ZB 56 61.73 11.12 102.93
N ASN ZB 57 60.97 10.98 101.84
CA ASN ZB 57 60.95 12.01 100.81
C ASN ZB 57 60.00 13.14 101.17
N VAL ZB 58 59.07 12.88 102.07
CA VAL ZB 58 58.15 13.95 102.47
C VAL ZB 58 58.76 14.77 103.60
N LEU ZB 59 59.78 14.24 104.30
CA LEU ZB 59 60.44 15.02 105.33
C LEU ZB 59 61.58 15.85 104.77
N GLY ZB 60 62.36 15.29 103.84
CA GLY ZB 60 63.33 16.07 103.10
C GLY ZB 60 64.63 16.33 103.85
N GLU ZB 61 65.38 17.31 103.36
CA GLU ZB 61 66.70 17.63 103.89
C GLU ZB 61 66.58 18.41 105.19
N LYS ZB 62 66.75 17.72 106.32
CA LYS ZB 62 66.62 18.25 107.68
C LYS ZB 62 65.23 18.84 107.93
N GLY ZB 63 64.19 18.04 107.68
CA GLY ZB 63 62.81 18.45 107.97
C GLY ZB 63 62.27 19.56 107.10
N ARG ZB 64 62.91 19.86 105.97
CA ARG ZB 64 62.67 21.13 105.28
C ARG ZB 64 61.33 21.17 104.55
N ARG ZB 65 61.01 20.12 103.80
CA ARG ZB 65 59.81 20.14 102.98
C ARG ZB 65 58.56 19.95 103.83
N ILE ZB 66 58.69 19.37 105.02
CA ILE ZB 66 57.60 19.46 105.99
C ILE ZB 66 57.41 20.91 106.41
N ARG ZB 67 58.52 21.61 106.71
CA ARG ZB 67 58.44 22.97 107.21
C ARG ZB 67 57.98 23.95 106.13
N GLU ZB 68 58.17 23.60 104.86
CA GLU ZB 68 57.53 24.37 103.80
C GLU ZB 68 56.02 24.14 103.83
N LEU ZB 69 55.59 22.89 103.98
CA LEU ZB 69 54.17 22.57 103.95
C LEU ZB 69 53.46 23.01 105.22
N THR ZB 70 54.19 23.18 106.32
CA THR ZB 70 53.59 23.82 107.49
C THR ZB 70 53.40 25.30 107.25
N ALA ZB 71 54.25 25.89 106.40
CA ALA ZB 71 54.14 27.30 106.11
C ALA ZB 71 53.24 27.56 104.90
N VAL ZB 72 53.01 26.52 104.09
CA VAL ZB 72 52.08 26.65 102.97
C VAL ZB 72 50.64 26.78 103.47
N VAL ZB 73 50.23 25.84 104.33
CA VAL ZB 73 48.84 25.82 104.81
C VAL ZB 73 48.59 26.97 105.76
N GLN ZB 74 49.65 27.40 106.47
CA GLN ZB 74 49.54 28.55 107.36
C GLN ZB 74 49.30 29.84 106.58
N LYS ZB 75 49.92 29.98 105.41
CA LYS ZB 75 49.78 31.21 104.63
C LYS ZB 75 48.44 31.28 103.92
N ARG ZB 76 48.02 30.18 103.28
CA ARG ZB 76 46.89 30.25 102.36
C ARG ZB 76 45.57 30.37 103.09
N PHE ZB 77 45.34 29.49 104.08
CA PHE ZB 77 44.04 29.48 104.74
C PHE ZB 77 43.94 30.51 105.86
N GLY ZB 78 44.97 31.32 106.06
CA GLY ZB 78 44.92 32.40 107.03
C GLY ZB 78 45.06 31.96 108.48
N PHE ZB 79 45.82 30.88 108.73
CA PHE ZB 79 45.96 30.34 110.06
C PHE ZB 79 46.82 31.24 110.95
N PRO ZB 80 46.53 31.27 112.25
CA PRO ZB 80 47.47 31.90 113.19
C PRO ZB 80 48.76 31.11 113.27
N GLU ZB 81 49.82 31.83 113.65
CA GLU ZB 81 51.16 31.26 113.66
C GLU ZB 81 51.29 30.24 114.79
N GLY ZB 82 51.69 29.02 114.43
CA GLY ZB 82 51.80 27.95 115.40
C GLY ZB 82 50.53 27.16 115.62
N SER ZB 83 49.43 27.57 115.01
CA SER ZB 83 48.17 26.84 115.14
C SER ZB 83 48.16 25.55 114.35
N VAL ZB 84 48.98 25.46 113.31
CA VAL ZB 84 49.00 24.32 112.40
C VAL ZB 84 50.39 23.68 112.45
N GLU ZB 85 50.41 22.35 112.53
CA GLU ZB 85 51.65 21.59 112.55
C GLU ZB 85 51.40 20.23 111.93
N LEU ZB 86 52.27 19.84 110.99
CA LEU ZB 86 52.02 18.75 110.07
C LEU ZB 86 52.86 17.52 110.40
N TYR ZB 87 52.23 16.35 110.33
CA TYR ZB 87 52.83 15.09 110.73
C TYR ZB 87 52.84 14.16 109.54
N ALA ZB 88 53.97 13.50 109.29
CA ALA ZB 88 54.10 12.51 108.21
C ALA ZB 88 54.08 11.12 108.82
N GLU ZB 89 53.22 10.24 108.32
CA GLU ZB 89 53.11 8.88 108.83
C GLU ZB 89 53.26 7.85 107.70
N LYS ZB 90 53.53 6.62 108.08
CA LYS ZB 90 53.71 5.53 107.13
C LYS ZB 90 52.43 4.71 107.00
N VAL ZB 91 52.14 4.22 105.80
CA VAL ZB 91 50.98 3.38 105.56
C VAL ZB 91 51.36 1.93 105.80
N ALA ZB 92 50.60 1.24 106.65
CA ALA ZB 92 50.75 -0.20 106.78
C ALA ZB 92 50.11 -0.90 105.58
N THR ZB 93 50.77 -1.96 105.10
CA THR ZB 93 50.50 -2.72 103.87
C THR ZB 93 50.18 -1.80 102.69
N ARG ZB 94 51.19 -1.06 102.23
CA ARG ZB 94 51.04 0.03 101.26
C ARG ZB 94 50.56 -0.43 99.88
N GLY ZB 95 50.47 -1.73 99.62
CA GLY ZB 95 49.86 -2.19 98.39
C GLY ZB 95 48.36 -1.95 98.36
N LEU ZB 96 47.73 -1.90 99.53
CA LEU ZB 96 46.28 -1.76 99.57
C LEU ZB 96 45.79 -0.33 99.42
N CYS ZB 97 46.69 0.64 99.26
CA CYS ZB 97 46.28 2.02 99.02
C CYS ZB 97 46.32 2.28 97.51
N ALA ZB 98 45.16 2.47 96.89
CA ALA ZB 98 45.12 2.50 95.43
C ALA ZB 98 45.57 3.86 94.89
N ILE ZB 99 45.37 4.93 95.64
CA ILE ZB 99 45.93 6.21 95.21
C ILE ZB 99 47.44 6.21 95.37
N ALA ZB 100 47.97 5.33 96.21
CA ALA ZB 100 49.41 5.09 96.23
C ALA ZB 100 49.82 4.18 95.08
N GLN ZB 101 48.89 3.37 94.57
CA GLN ZB 101 49.23 2.50 93.45
C GLN ZB 101 48.98 3.21 92.11
N ALA ZB 102 48.00 4.11 92.09
CA ALA ZB 102 47.72 4.83 90.85
C ALA ZB 102 48.82 5.85 90.55
N GLU ZB 103 49.49 6.35 91.59
CA GLU ZB 103 50.66 7.18 91.35
C GLU ZB 103 51.85 6.30 90.98
N SER ZB 104 51.90 5.08 91.51
CA SER ZB 104 53.03 4.20 91.28
C SER ZB 104 53.10 3.74 89.84
N LEU ZB 105 51.95 3.69 89.15
CA LEU ZB 105 51.95 3.26 87.76
C LEU ZB 105 52.19 4.43 86.83
N ARG ZB 106 51.78 5.64 87.20
CA ARG ZB 106 51.91 6.76 86.28
C ARG ZB 106 53.33 7.33 86.27
N TYR ZB 107 54.21 6.84 87.14
CA TYR ZB 107 55.63 7.14 86.94
C TYR ZB 107 56.30 6.04 86.14
N LYS ZB 108 55.70 4.85 86.10
CA LYS ZB 108 56.21 3.79 85.24
C LYS ZB 108 55.91 4.09 83.77
N LEU ZB 109 54.70 4.57 83.49
CA LEU ZB 109 54.35 4.92 82.12
C LEU ZB 109 55.05 6.19 81.68
N LEU ZB 110 55.39 7.05 82.63
CA LEU ZB 110 56.23 8.20 82.33
C LEU ZB 110 57.68 7.78 82.19
N GLY ZB 111 58.07 6.69 82.88
CA GLY ZB 111 59.45 6.25 82.83
C GLY ZB 111 59.80 5.53 81.54
N GLY ZB 112 58.80 5.07 80.82
CA GLY ZB 112 59.02 4.43 79.54
C GLY ZB 112 58.80 2.93 79.60
N LEU ZB 113 58.20 2.48 80.70
CA LEU ZB 113 57.95 1.05 80.88
C LEU ZB 113 56.68 0.65 80.15
N ALA ZB 114 56.64 -0.59 79.67
CA ALA ZB 114 55.59 -1.03 78.76
C ALA ZB 114 54.25 -1.16 79.46
N VAL ZB 115 53.18 -0.95 78.70
CA VAL ZB 115 51.84 -0.83 79.29
C VAL ZB 115 51.34 -2.19 79.76
N ARG ZB 116 51.66 -3.25 78.99
CA ARG ZB 116 51.36 -4.61 79.46
C ARG ZB 116 52.21 -4.97 80.66
N ARG ZB 117 53.48 -4.55 80.63
CA ARG ZB 117 54.46 -5.02 81.61
C ARG ZB 117 54.29 -4.31 82.95
N ALA ZB 118 54.04 -3.00 82.90
CA ALA ZB 118 53.97 -2.22 84.13
C ALA ZB 118 52.68 -2.50 84.91
N CYS ZB 119 51.61 -2.87 84.20
CA CYS ZB 119 50.33 -3.07 84.88
C CYS ZB 119 50.26 -4.42 85.57
N TYR ZB 120 51.05 -5.38 85.10
CA TYR ZB 120 51.10 -6.68 85.78
C TYR ZB 120 51.80 -6.56 87.12
N GLY ZB 121 52.92 -5.83 87.16
CA GLY ZB 121 53.66 -5.70 88.40
C GLY ZB 121 52.93 -4.87 89.43
N VAL ZB 122 52.12 -3.91 88.96
CA VAL ZB 122 51.15 -3.25 89.83
C VAL ZB 122 50.15 -4.27 90.37
N LEU ZB 123 49.63 -5.12 89.48
CA LEU ZB 123 48.61 -6.08 89.86
C LEU ZB 123 49.18 -7.22 90.70
N ARG ZB 124 50.43 -7.60 90.44
CA ARG ZB 124 51.04 -8.68 91.21
C ARG ZB 124 51.39 -8.22 92.61
N PHE ZB 125 51.85 -6.96 92.76
CA PHE ZB 125 52.29 -6.48 94.07
C PHE ZB 125 51.10 -6.24 94.99
N ILE ZB 126 49.95 -5.88 94.44
CA ILE ZB 126 48.78 -5.67 95.28
C ILE ZB 126 48.01 -6.96 95.44
N MET ZB 127 48.49 -8.05 94.83
CA MET ZB 127 48.13 -9.38 95.29
C MET ZB 127 49.18 -9.91 96.24
N GLU ZB 128 50.44 -9.50 96.05
CA GLU ZB 128 51.50 -9.87 96.97
C GLU ZB 128 51.30 -9.20 98.32
N SER ZB 129 50.78 -7.97 98.32
CA SER ZB 129 50.39 -7.34 99.58
C SER ZB 129 49.14 -8.00 100.14
N GLY ZB 130 48.29 -8.52 99.27
CA GLY ZB 130 47.18 -9.34 99.70
C GLY ZB 130 45.88 -8.58 99.71
N ALA ZB 131 45.13 -8.70 98.62
CA ALA ZB 131 43.82 -8.09 98.50
C ALA ZB 131 42.85 -9.13 97.97
N LYS ZB 132 41.57 -8.91 98.26
CA LYS ZB 132 40.53 -9.85 97.85
C LYS ZB 132 40.34 -9.82 96.34
N GLY ZB 133 40.63 -8.68 95.73
CA GLY ZB 133 40.67 -8.60 94.29
C GLY ZB 133 41.07 -7.22 93.84
N CYS ZB 134 41.40 -7.10 92.56
CA CYS ZB 134 41.84 -5.81 92.05
C CYS ZB 134 41.52 -5.72 90.56
N GLU ZB 135 41.62 -4.49 90.03
CA GLU ZB 135 41.15 -4.23 88.66
C GLU ZB 135 41.86 -2.97 88.15
N VAL ZB 136 42.88 -3.16 87.33
CA VAL ZB 136 43.67 -2.06 86.79
C VAL ZB 136 43.24 -1.83 85.34
N VAL ZB 137 42.77 -0.62 85.05
CA VAL ZB 137 42.30 -0.24 83.73
C VAL ZB 137 43.12 0.95 83.26
N VAL ZB 138 43.74 0.83 82.09
CA VAL ZB 138 44.50 1.93 81.50
C VAL ZB 138 43.91 2.20 80.12
N SER ZB 139 43.26 3.33 79.97
CA SER ZB 139 42.57 3.70 78.75
C SER ZB 139 43.18 4.95 78.14
N GLY ZB 140 43.27 4.96 76.83
CA GLY ZB 140 43.91 6.06 76.12
C GLY ZB 140 44.49 5.54 74.82
N LYS ZB 141 45.24 6.41 74.14
CA LYS ZB 141 45.79 6.03 72.83
C LYS ZB 141 47.00 5.14 73.05
N LEU ZB 142 46.82 3.87 72.68
CA LEU ZB 142 47.88 2.88 72.71
C LEU ZB 142 48.05 2.35 71.29
N ARG ZB 143 49.29 1.95 70.98
CA ARG ZB 143 49.77 1.38 69.72
C ARG ZB 143 49.21 2.03 68.45
N GLY ZB 144 49.07 3.34 68.45
CA GLY ZB 144 48.60 4.07 67.28
C GLY ZB 144 47.86 5.32 67.68
N GLN ZB 145 46.85 5.65 66.87
CA GLN ZB 145 46.00 6.80 67.10
C GLN ZB 145 44.71 6.44 67.84
N ARG ZB 146 44.12 5.29 67.52
CA ARG ZB 146 42.87 4.88 68.12
C ARG ZB 146 43.06 4.49 69.59
N ALA ZB 147 42.06 4.81 70.42
CA ALA ZB 147 42.14 4.61 71.86
C ALA ZB 147 41.71 3.19 72.22
N LYS ZB 148 42.71 2.36 72.52
CA LYS ZB 148 42.44 1.05 73.11
C LYS ZB 148 42.24 1.22 74.61
N SER ZB 149 41.50 0.29 75.22
CA SER ZB 149 41.23 0.32 76.64
C SER ZB 149 41.63 -1.00 77.27
N MET ZB 150 42.84 -1.07 77.80
CA MET ZB 150 43.30 -2.30 78.43
C MET ZB 150 42.68 -2.45 79.81
N LYS ZB 151 42.53 -3.70 80.22
CA LYS ZB 151 41.85 -4.00 81.48
C LYS ZB 151 42.51 -5.24 82.08
N PHE ZB 152 42.84 -5.17 83.37
CA PHE ZB 152 43.67 -6.18 84.03
C PHE ZB 152 42.97 -6.59 85.32
N VAL ZB 153 42.35 -7.77 85.30
CA VAL ZB 153 41.43 -8.20 86.35
C VAL ZB 153 41.87 -9.54 86.90
N ASP ZB 154 41.94 -9.64 88.22
CA ASP ZB 154 41.89 -10.92 88.91
C ASP ZB 154 41.28 -10.72 90.28
N GLY ZB 155 40.80 -11.80 90.85
CA GLY ZB 155 40.30 -11.78 92.19
C GLY ZB 155 38.87 -11.30 92.29
N LEU ZB 156 38.28 -11.60 93.43
CA LEU ZB 156 36.94 -11.18 93.80
C LEU ZB 156 36.86 -9.66 93.88
N MET ZB 157 36.06 -9.05 93.00
CA MET ZB 157 35.84 -7.61 92.97
C MET ZB 157 34.38 -7.32 92.72
N ILE ZB 158 33.72 -6.67 93.69
CA ILE ZB 158 32.29 -6.41 93.61
C ILE ZB 158 32.07 -5.00 93.09
N HIS ZB 159 30.86 -4.77 92.56
CA HIS ZB 159 30.54 -3.53 91.88
C HIS ZB 159 29.37 -2.79 92.51
N SER ZB 160 28.29 -3.52 92.81
CA SER ZB 160 27.04 -2.87 93.17
C SER ZB 160 26.87 -2.78 94.68
N GLY ZB 161 25.88 -2.00 95.09
CA GLY ZB 161 25.47 -1.94 96.48
C GLY ZB 161 26.39 -1.13 97.34
N ASP ZB 162 25.88 -0.78 98.51
CA ASP ZB 162 26.59 -0.09 99.58
C ASP ZB 162 27.95 -0.67 100.00
N PRO ZB 163 28.21 -2.00 99.96
CA PRO ZB 163 29.59 -2.44 100.22
C PRO ZB 163 30.65 -1.99 99.22
N VAL ZB 164 30.29 -1.33 98.11
CA VAL ZB 164 31.32 -0.77 97.25
C VAL ZB 164 31.89 0.50 97.88
N ASN ZB 165 31.18 1.05 98.87
CA ASN ZB 165 31.58 2.35 99.41
C ASN ZB 165 32.78 2.22 100.34
N TYR ZB 166 33.01 1.03 100.88
CA TYR ZB 166 34.03 0.86 101.90
C TYR ZB 166 34.82 -0.43 101.78
N TYR ZB 167 34.61 -1.22 100.72
CA TYR ZB 167 35.46 -2.37 100.43
C TYR ZB 167 36.40 -2.16 99.26
N VAL ZB 168 36.08 -1.30 98.30
CA VAL ZB 168 36.94 -1.10 97.15
C VAL ZB 168 37.63 0.24 97.31
N ASP ZB 169 38.77 0.40 96.65
CA ASP ZB 169 39.55 1.62 96.73
C ASP ZB 169 39.67 2.19 95.32
N THR ZB 170 38.79 3.13 94.98
CA THR ZB 170 38.68 3.64 93.63
C THR ZB 170 39.64 4.82 93.45
N ALA ZB 171 40.46 4.74 92.40
CA ALA ZB 171 41.43 5.79 92.12
C ALA ZB 171 41.47 6.05 90.62
N VAL ZB 172 41.61 7.33 90.27
CA VAL ZB 172 41.83 7.76 88.89
C VAL ZB 172 42.98 8.74 88.89
N ARG ZB 173 44.02 8.44 88.10
CA ARG ZB 173 45.06 9.42 87.86
C ARG ZB 173 45.33 9.52 86.37
N HIS ZB 174 45.69 10.72 85.94
CA HIS ZB 174 46.00 10.99 84.54
C HIS ZB 174 47.51 11.07 84.37
N VAL ZB 175 48.04 10.30 83.43
CA VAL ZB 175 49.45 10.37 83.09
C VAL ZB 175 49.59 11.00 81.71
N LEU ZB 176 50.56 11.89 81.57
CA LEU ZB 176 50.69 12.75 80.40
C LEU ZB 176 51.86 12.26 79.56
N LEU ZB 177 51.58 11.30 78.68
CA LEU ZB 177 52.58 10.82 77.74
C LEU ZB 177 52.74 11.81 76.58
N ARG ZB 178 53.63 11.48 75.65
CA ARG ZB 178 54.00 12.44 74.61
C ARG ZB 178 52.92 12.57 73.54
N GLN ZB 179 52.34 11.46 73.10
CA GLN ZB 179 51.41 11.50 71.99
C GLN ZB 179 50.03 11.95 72.44
N GLY ZB 180 49.73 11.80 73.72
CA GLY ZB 180 48.43 12.20 74.24
C GLY ZB 180 48.31 12.10 75.74
N VAL ZB 181 47.18 11.60 76.24
CA VAL ZB 181 46.97 11.36 77.66
C VAL ZB 181 46.44 9.95 77.83
N LEU ZB 182 47.04 9.21 78.76
CA LEU ZB 182 46.49 7.94 79.24
C LEU ZB 182 45.84 8.16 80.59
N GLY ZB 183 44.64 7.60 80.76
CA GLY ZB 183 44.01 7.59 82.07
C GLY ZB 183 44.21 6.24 82.73
N ILE ZB 184 44.37 6.27 84.05
CA ILE ZB 184 44.66 5.07 84.82
C ILE ZB 184 43.62 4.93 85.92
N LYS ZB 185 42.89 3.83 85.90
CA LYS ZB 185 41.96 3.51 86.97
C LYS ZB 185 42.47 2.30 87.72
N VAL ZB 186 42.76 2.48 89.00
CA VAL ZB 186 43.20 1.41 89.88
C VAL ZB 186 42.10 1.21 90.90
N LYS ZB 187 41.66 -0.03 91.06
CA LYS ZB 187 40.63 -0.39 92.02
C LYS ZB 187 41.12 -1.61 92.78
N ILE ZB 188 41.00 -1.59 94.10
CA ILE ZB 188 41.52 -2.63 94.97
C ILE ZB 188 40.43 -3.00 95.95
N MET ZB 189 39.98 -4.25 95.93
CA MET ZB 189 39.02 -4.70 96.94
C MET ZB 189 39.76 -5.17 98.18
N LEU ZB 190 39.41 -4.58 99.32
CA LEU ZB 190 40.12 -4.84 100.56
C LEU ZB 190 39.58 -6.10 101.22
N PRO ZB 191 40.41 -6.82 101.96
CA PRO ZB 191 39.92 -7.98 102.72
C PRO ZB 191 39.27 -7.57 104.03
N TRP ZB 192 38.58 -8.53 104.62
CA TRP ZB 192 37.94 -8.31 105.91
C TRP ZB 192 38.86 -8.74 107.05
N ASP ZB 193 38.90 -7.93 108.10
CA ASP ZB 193 39.56 -8.30 109.33
C ASP ZB 193 38.69 -7.86 110.51
N PRO ZB 194 38.62 -8.66 111.58
CA PRO ZB 194 37.85 -8.21 112.75
C PRO ZB 194 38.50 -7.06 113.49
N SER ZB 195 39.82 -6.90 113.36
CA SER ZB 195 40.51 -5.81 114.06
C SER ZB 195 40.26 -4.48 113.35
N GLY ZB 196 40.25 -4.48 112.03
CA GLY ZB 196 39.94 -3.28 111.28
C GLY ZB 196 41.12 -2.48 110.79
N LYS ZB 197 42.27 -3.12 110.57
CA LYS ZB 197 43.46 -2.36 110.18
C LYS ZB 197 43.84 -2.63 108.72
N ILE ZB 198 43.75 -3.87 108.27
CA ILE ZB 198 44.02 -4.11 106.85
C ILE ZB 198 42.80 -3.74 106.01
N GLY ZB 199 41.60 -3.77 106.60
CA GLY ZB 199 40.39 -3.42 105.88
C GLY ZB 199 39.29 -3.04 106.85
N PRO ZB 200 38.05 -2.99 106.37
CA PRO ZB 200 36.94 -2.62 107.24
C PRO ZB 200 36.51 -3.75 108.18
N LYS ZB 201 35.83 -3.38 109.25
CA LYS ZB 201 35.47 -4.34 110.29
C LYS ZB 201 34.23 -5.13 109.89
N LYS ZB 202 33.34 -4.54 109.10
CA LYS ZB 202 32.04 -5.11 108.86
C LYS ZB 202 32.15 -6.26 107.87
N PRO ZB 203 31.43 -7.35 108.09
CA PRO ZB 203 31.45 -8.46 107.12
C PRO ZB 203 30.63 -8.13 105.88
N LEU ZB 204 30.88 -8.91 104.83
CA LEU ZB 204 30.07 -8.84 103.62
C LEU ZB 204 28.65 -9.30 103.93
N PRO ZB 205 27.64 -8.67 103.32
CA PRO ZB 205 26.25 -9.06 103.56
C PRO ZB 205 25.89 -10.43 103.02
N ASP ZB 206 26.72 -11.00 102.14
CA ASP ZB 206 26.50 -12.33 101.60
C ASP ZB 206 27.12 -13.40 102.47
N HIS ZB 207 28.07 -13.04 103.33
CA HIS ZB 207 28.88 -13.98 104.10
C HIS ZB 207 28.14 -14.39 105.36
N VAL ZB 208 27.83 -15.68 105.46
CA VAL ZB 208 27.27 -16.26 106.68
C VAL ZB 208 28.39 -17.10 107.31
N SER ZB 209 28.90 -16.63 108.44
CA SER ZB 209 29.93 -17.35 109.18
C SER ZB 209 29.26 -18.08 110.33
N ILE ZB 210 29.47 -19.39 110.42
CA ILE ZB 210 28.86 -20.22 111.46
C ILE ZB 210 29.97 -20.87 112.26
N VAL ZB 211 29.82 -20.89 113.59
CA VAL ZB 211 30.85 -21.47 114.45
C VAL ZB 211 30.73 -22.99 114.45
N GLU ZB 212 31.84 -23.65 114.78
CA GLU ZB 212 31.95 -25.10 114.70
C GLU ZB 212 31.27 -25.76 115.92
N PRO ZB 213 30.56 -26.86 115.71
CA PRO ZB 213 29.87 -27.51 116.83
C PRO ZB 213 30.85 -28.23 117.74
N LYS ZB 214 30.71 -28.00 119.04
CA LYS ZB 214 31.64 -28.57 120.00
C LYS ZB 214 31.23 -30.00 120.35
N ASP ZB 215 32.23 -30.89 120.31
CA ASP ZB 215 31.98 -32.32 120.31
C ASP ZB 215 31.67 -32.81 121.72
N GLU ZB 216 30.38 -32.84 122.08
CA GLU ZB 216 29.96 -33.25 123.40
C GLU ZB 216 29.56 -34.72 123.37
N ILE ZB 217 29.59 -35.36 124.53
CA ILE ZB 217 29.18 -36.74 124.67
C ILE ZB 217 27.94 -36.76 125.56
N LEU ZB 218 26.84 -37.29 125.03
CA LEU ZB 218 25.59 -37.33 125.78
C LEU ZB 218 25.70 -38.36 126.91
N PRO ZB 219 25.28 -38.01 128.13
CA PRO ZB 219 25.47 -38.92 129.28
C PRO ZB 219 24.41 -40.00 129.31
N THR ZB 220 24.85 -41.26 129.37
CA THR ZB 220 23.93 -42.39 129.38
C THR ZB 220 23.44 -42.71 130.78
N THR ZB 221 24.10 -42.16 131.80
CA THR ZB 221 23.70 -42.46 133.16
C THR ZB 221 23.49 -41.19 133.95
N PRO ZB 222 22.32 -41.01 134.58
CA PRO ZB 222 22.09 -39.83 135.41
C PRO ZB 222 22.97 -39.85 136.65
N ILE ZB 223 23.76 -38.78 136.80
CA ILE ZB 223 24.69 -38.63 137.92
C ILE ZB 223 24.49 -37.24 138.53
N SER ZB 224 25.34 -36.90 139.50
CA SER ZB 224 25.38 -35.57 140.07
C SER ZB 224 26.83 -35.20 140.37
N GLU ZB 225 27.07 -33.90 140.57
CA GLU ZB 225 28.42 -33.36 140.74
C GLU ZB 225 28.40 -32.43 141.96
N GLN ZB 226 27.92 -32.97 143.08
CA GLN ZB 226 27.75 -32.20 144.32
C GLN ZB 226 29.08 -31.76 144.89
N LYS ZB 227 29.27 -30.45 145.03
CA LYS ZB 227 30.49 -29.91 145.62
C LYS ZB 227 30.17 -28.59 146.28
N GLY ZB 228 30.87 -28.30 147.38
CA GLY ZB 228 30.75 -27.02 148.06
C GLY ZB 228 29.45 -26.84 148.83
N ALA AC 1 77.69 -35.63 0.04
CA ALA AC 1 78.32 -34.50 -0.65
C ALA AC 1 78.02 -34.56 -2.13
N ARG AC 2 78.81 -33.83 -2.93
CA ARG AC 2 78.82 -34.03 -4.37
C ARG AC 2 79.98 -34.90 -4.83
N GLY AC 3 80.76 -35.43 -3.89
CA GLY AC 3 81.84 -36.33 -4.21
C GLY AC 3 82.48 -36.86 -2.94
N PRO AC 4 83.65 -37.47 -3.06
CA PRO AC 4 84.32 -38.00 -1.87
C PRO AC 4 84.97 -36.90 -1.04
N LYS AC 5 84.97 -37.12 0.28
CA LYS AC 5 85.48 -36.15 1.23
C LYS AC 5 87.01 -36.12 1.18
N LYS AC 6 87.59 -34.99 1.58
CA LYS AC 6 89.03 -34.84 1.58
C LYS AC 6 89.61 -34.43 2.93
N HIS AC 7 88.84 -33.80 3.79
CA HIS AC 7 89.30 -33.36 5.08
C HIS AC 7 88.83 -34.31 6.16
N LEU AC 8 89.44 -34.19 7.32
CA LEU AC 8 89.10 -34.96 8.50
C LEU AC 8 89.13 -34.02 9.69
N LYS AC 9 88.01 -33.88 10.38
CA LYS AC 9 87.98 -33.04 11.55
C LYS AC 9 88.68 -33.74 12.70
N ARG AC 10 89.26 -32.92 13.60
CA ARG AC 10 90.02 -33.45 14.73
C ARG AC 10 89.11 -34.21 15.68
N VAL AC 11 87.88 -33.74 15.84
CA VAL AC 11 86.94 -34.36 16.76
C VAL AC 11 86.42 -35.66 16.18
N ALA AC 12 86.27 -35.74 14.86
CA ALA AC 12 85.81 -36.96 14.21
C ALA AC 12 86.94 -37.93 13.91
N ALA AC 13 88.17 -37.61 14.31
CA ALA AC 13 89.29 -38.52 14.14
C ALA AC 13 89.11 -39.72 15.08
N PRO AC 14 89.65 -40.89 14.72
CA PRO AC 14 89.55 -42.04 15.62
C PRO AC 14 90.36 -41.85 16.90
N LYS AC 15 89.82 -42.40 17.98
CA LYS AC 15 90.30 -42.09 19.32
C LYS AC 15 91.64 -42.76 19.60
N HIS AC 16 91.93 -43.88 18.95
CA HIS AC 16 93.18 -44.58 19.21
C HIS AC 16 94.40 -43.89 18.61
N TRP AC 17 94.21 -42.83 17.82
CA TRP AC 17 95.33 -41.98 17.45
C TRP AC 17 95.81 -41.16 18.62
N MET AC 18 94.90 -40.85 19.55
CA MET AC 18 95.13 -40.01 20.72
C MET AC 18 95.63 -38.62 20.35
N LEU AC 19 95.00 -38.04 19.34
CA LEU AC 19 95.21 -36.63 19.03
C LEU AC 19 94.51 -35.76 20.06
N ASP AC 20 94.94 -34.51 20.17
CA ASP AC 20 94.35 -33.63 21.17
C ASP AC 20 93.44 -32.58 20.52
N LYS AC 21 92.66 -31.91 21.37
CA LYS AC 21 91.57 -31.07 20.90
C LYS AC 21 92.02 -29.66 20.51
N LEU AC 22 92.92 -29.05 21.29
CA LEU AC 22 93.13 -27.62 21.22
C LEU AC 22 94.14 -27.20 20.15
N THR AC 23 94.83 -28.14 19.51
CA THR AC 23 95.83 -27.77 18.52
C THR AC 23 95.19 -27.27 17.22
N GLY AC 24 94.26 -28.02 16.65
CA GLY AC 24 93.71 -27.58 15.39
C GLY AC 24 92.35 -28.18 15.11
N VAL AC 25 91.70 -27.60 14.09
CA VAL AC 25 90.40 -28.07 13.67
C VAL AC 25 90.53 -29.41 12.95
N PHE AC 26 91.58 -29.58 12.18
CA PHE AC 26 91.70 -30.73 11.30
C PHE AC 26 92.71 -31.72 11.85
N ALA AC 27 92.39 -32.99 11.66
CA ALA AC 27 93.28 -34.13 11.84
C ALA AC 27 93.82 -34.47 10.46
N PRO AC 28 94.92 -35.23 10.37
CA PRO AC 28 95.36 -35.64 9.02
C PRO AC 28 94.43 -36.70 8.46
N ARG AC 29 93.80 -36.39 7.35
CA ARG AC 29 92.98 -37.36 6.66
C ARG AC 29 93.91 -38.40 6.05
N PRO AC 30 93.78 -39.68 6.42
CA PRO AC 30 94.64 -40.71 5.83
C PRO AC 30 94.40 -40.83 4.34
N SER AC 31 95.49 -40.98 3.60
CA SER AC 31 95.36 -41.22 2.17
C SER AC 31 94.75 -42.60 1.97
N THR AC 32 94.11 -42.77 0.82
CA THR AC 32 93.64 -44.09 0.45
C THR AC 32 94.83 -45.02 0.26
N GLY AC 33 94.64 -46.29 0.56
CA GLY AC 33 95.74 -47.21 0.58
C GLY AC 33 95.32 -48.61 0.92
N PRO AC 34 96.22 -49.40 1.50
CA PRO AC 34 95.92 -50.79 1.80
C PRO AC 34 95.13 -50.99 3.09
N HIS AC 35 95.05 -49.99 3.95
CA HIS AC 35 94.40 -50.12 5.23
C HIS AC 35 93.25 -49.14 5.33
N LYS AC 36 92.30 -49.45 6.21
CA LYS AC 36 91.09 -48.67 6.33
C LYS AC 36 91.35 -47.32 6.98
N LEU AC 37 90.32 -46.48 7.01
CA LEU AC 37 90.45 -45.15 7.58
C LEU AC 37 90.62 -45.21 9.09
N ARG AC 38 89.78 -45.99 9.75
CA ARG AC 38 89.74 -46.03 11.20
C ARG AC 38 90.56 -47.16 11.78
N GLU AC 39 91.30 -47.89 10.96
CA GLU AC 39 92.20 -48.90 11.50
C GLU AC 39 93.66 -48.51 11.33
N CYS AC 40 93.96 -47.66 10.36
CA CYS AC 40 95.33 -47.28 10.11
C CYS AC 40 95.79 -46.25 11.13
N LEU AC 41 97.10 -46.04 11.17
CA LEU AC 41 97.66 -44.86 11.81
C LEU AC 41 98.55 -44.24 10.75
N PRO AC 42 98.42 -42.94 10.47
CA PRO AC 42 99.17 -42.34 9.38
C PRO AC 42 100.65 -42.27 9.68
N LEU AC 43 101.43 -41.85 8.68
CA LEU AC 43 102.86 -41.70 8.91
C LEU AC 43 103.13 -40.48 9.77
N ILE AC 44 102.30 -39.43 9.64
CA ILE AC 44 102.59 -38.16 10.30
C ILE AC 44 102.29 -38.24 11.80
N ILE AC 45 101.32 -39.06 12.20
CA ILE AC 45 101.04 -39.18 13.63
C ILE AC 45 102.09 -40.04 14.30
N PHE AC 46 102.58 -41.06 13.61
CA PHE AC 46 103.63 -41.91 14.16
C PHE AC 46 104.97 -41.17 14.23
N LEU AC 47 105.12 -40.10 13.46
CA LEU AC 47 106.41 -39.44 13.37
C LEU AC 47 106.43 -38.14 14.19
N ARG AC 48 105.25 -37.59 14.48
CA ARG AC 48 105.16 -36.33 15.22
C ARG AC 48 104.56 -36.53 16.61
N ASN AC 49 103.64 -37.49 16.75
CA ASN AC 49 102.86 -37.60 17.97
C ASN AC 49 103.17 -38.86 18.77
N ARG AC 50 103.98 -39.77 18.25
CA ARG AC 50 104.37 -40.97 18.99
C ARG AC 50 105.86 -40.98 19.28
N LEU AC 51 106.70 -40.82 18.25
CA LEU AC 51 108.14 -40.84 18.45
C LEU AC 51 108.67 -39.46 18.81
N LYS AC 52 107.94 -38.42 18.38
CA LYS AC 52 108.24 -37.00 18.63
C LYS AC 52 109.58 -36.59 18.05
N TYR AC 53 110.01 -37.28 16.98
CA TYR AC 53 111.16 -36.85 16.20
C TYR AC 53 110.93 -35.50 15.56
N ALA AC 54 109.76 -35.29 14.97
CA ALA AC 54 109.42 -34.04 14.30
C ALA AC 54 108.43 -33.26 15.15
N LEU AC 55 108.48 -31.94 15.03
CA LEU AC 55 107.62 -31.10 15.85
C LEU AC 55 106.33 -30.74 15.13
N THR AC 56 106.42 -30.34 13.87
CA THR AC 56 105.29 -29.88 13.08
C THR AC 56 105.13 -30.73 11.84
N GLY AC 57 104.13 -30.37 11.03
CA GLY AC 57 103.86 -31.13 9.81
C GLY AC 57 104.82 -30.83 8.69
N ASP AC 58 105.47 -29.67 8.74
CA ASP AC 58 106.52 -29.36 7.76
C ASP AC 58 107.76 -30.20 8.01
N GLU AC 59 108.09 -30.42 9.29
CA GLU AC 59 109.24 -31.24 9.64
C GLU AC 59 109.03 -32.69 9.23
N VAL AC 60 107.79 -33.18 9.34
CA VAL AC 60 107.45 -34.53 8.88
C VAL AC 60 107.65 -34.65 7.38
N LYS AC 61 107.29 -33.59 6.64
CA LYS AC 61 107.51 -33.59 5.20
C LYS AC 61 109.00 -33.52 4.89
N LYS AC 62 109.78 -32.86 5.74
CA LYS AC 62 111.23 -32.80 5.55
C LYS AC 62 111.88 -34.14 5.83
N ILE AC 63 111.27 -34.96 6.68
CA ILE AC 63 111.86 -36.25 7.00
C ILE AC 63 111.63 -37.24 5.86
N CYS AC 64 110.40 -37.33 5.37
CA CYS AC 64 110.08 -38.36 4.40
C CYS AC 64 110.64 -38.04 3.02
N MET AC 65 110.81 -36.75 2.71
CA MET AC 65 111.28 -36.38 1.38
C MET AC 65 112.79 -36.51 1.20
N GLN AC 66 113.55 -36.87 2.23
CA GLN AC 66 114.90 -37.33 2.00
C GLN AC 66 114.99 -38.83 1.79
N ARG AC 67 113.85 -39.50 1.59
CA ARG AC 67 113.75 -40.95 1.36
C ARG AC 67 114.36 -41.71 2.54
N PHE AC 68 113.88 -41.39 3.73
CA PHE AC 68 114.38 -41.98 4.97
C PHE AC 68 113.49 -43.10 5.46
N ILE AC 69 112.17 -42.90 5.45
CA ILE AC 69 111.25 -43.88 6.01
C ILE AC 69 110.84 -44.89 4.94
N LYS AC 70 110.87 -46.16 5.29
CA LYS AC 70 110.60 -47.25 4.36
C LYS AC 70 109.56 -48.17 5.00
N ILE AC 71 108.30 -48.00 4.62
CA ILE AC 71 107.20 -48.78 5.16
C ILE AC 71 107.09 -50.08 4.38
N ASP AC 72 106.97 -51.19 5.12
CA ASP AC 72 106.84 -52.61 4.68
C ASP AC 72 107.63 -52.95 3.41
N GLY AC 73 108.86 -52.48 3.35
CA GLY AC 73 109.77 -52.84 2.28
C GLY AC 73 109.83 -51.90 1.10
N LYS AC 74 109.29 -50.70 1.21
CA LYS AC 74 109.37 -49.73 0.12
C LYS AC 74 109.14 -48.33 0.66
N VAL AC 75 109.94 -47.38 0.20
CA VAL AC 75 109.82 -46.00 0.66
C VAL AC 75 108.51 -45.39 0.16
N ARG AC 76 107.66 -44.98 1.10
CA ARG AC 76 106.49 -44.18 0.79
C ARG AC 76 106.75 -42.77 1.26
N THR AC 77 106.60 -41.80 0.37
CA THR AC 77 106.96 -40.43 0.66
C THR AC 77 105.78 -39.56 1.05
N ASP AC 78 104.57 -40.14 1.19
CA ASP AC 78 103.39 -39.36 1.54
C ASP AC 78 103.23 -39.37 3.05
N ILE AC 79 102.99 -38.18 3.64
CA ILE AC 79 103.02 -38.06 5.09
C ILE AC 79 101.79 -38.66 5.73
N THR AC 80 100.70 -38.84 4.98
CA THR AC 80 99.50 -39.45 5.52
C THR AC 80 99.23 -40.82 4.93
N TYR AC 81 100.28 -41.61 4.70
CA TYR AC 81 100.12 -42.96 4.19
C TYR AC 81 99.48 -43.84 5.26
N PRO AC 82 98.49 -44.64 4.93
CA PRO AC 82 97.85 -45.49 5.94
C PRO AC 82 98.75 -46.66 6.31
N ALA AC 83 99.37 -46.56 7.48
CA ALA AC 83 100.15 -47.65 8.03
C ALA AC 83 99.30 -48.37 9.07
N GLY AC 84 98.88 -49.58 8.75
CA GLY AC 84 97.95 -50.31 9.56
C GLY AC 84 98.61 -51.37 10.40
N PHE AC 85 97.85 -52.43 10.69
CA PHE AC 85 98.33 -53.49 11.55
C PHE AC 85 99.35 -54.34 10.82
N MET AC 86 100.37 -54.81 11.57
CA MET AC 86 101.50 -55.62 11.12
C MET AC 86 102.42 -54.95 10.09
N ASP AC 87 102.28 -53.65 9.85
CA ASP AC 87 103.20 -52.99 8.93
C ASP AC 87 104.57 -52.82 9.56
N VAL AC 88 105.59 -52.78 8.73
CA VAL AC 88 106.96 -52.64 9.19
C VAL AC 88 107.46 -51.28 8.73
N ILE AC 89 107.51 -50.33 9.65
CA ILE AC 89 108.11 -49.03 9.38
C ILE AC 89 109.59 -49.13 9.74
N SER AC 90 110.43 -48.88 8.75
CA SER AC 90 111.88 -49.02 8.88
C SER AC 90 112.55 -47.68 8.66
N ILE AC 91 113.60 -47.40 9.42
CA ILE AC 91 114.42 -46.20 9.25
C ILE AC 91 115.86 -46.64 9.11
N ASP AC 92 116.52 -46.20 8.03
CA ASP AC 92 117.90 -46.57 7.76
C ASP AC 92 118.87 -45.92 8.73
N LYS AC 93 118.71 -44.60 8.97
CA LYS AC 93 119.75 -43.85 9.67
C LYS AC 93 119.81 -44.19 11.16
N THR AC 94 118.64 -44.34 11.80
CA THR AC 94 118.67 -44.68 13.21
C THR AC 94 118.87 -46.17 13.40
N GLY AC 95 118.54 -46.97 12.40
CA GLY AC 95 118.58 -48.41 12.55
C GLY AC 95 117.47 -48.95 13.42
N GLU AC 96 116.37 -48.21 13.57
CA GLU AC 96 115.24 -48.63 14.37
C GLU AC 96 114.16 -49.16 13.46
N ASN AC 97 113.72 -50.39 13.71
CA ASN AC 97 112.64 -51.02 12.96
C ASN AC 97 111.44 -51.19 13.87
N PHE AC 98 110.25 -51.00 13.31
CA PHE AC 98 109.02 -50.89 14.06
C PHE AC 98 107.96 -51.83 13.49
N ARG AC 99 107.16 -52.41 14.37
CA ARG AC 99 106.03 -53.23 13.98
C ARG AC 99 104.77 -52.70 14.67
N LEU AC 100 103.75 -52.40 13.88
CA LEU AC 100 102.58 -51.69 14.39
C LEU AC 100 101.61 -52.70 15.00
N ILE AC 101 101.87 -53.07 16.24
CA ILE AC 101 101.03 -54.00 16.98
C ILE AC 101 100.15 -53.16 17.90
N TYR AC 102 98.90 -53.60 18.10
CA TYR AC 102 98.05 -52.95 19.08
C TYR AC 102 98.60 -53.16 20.48
N ASP AC 103 98.41 -52.15 21.33
CA ASP AC 103 98.69 -52.26 22.74
C ASP AC 103 97.55 -53.06 23.39
N THR AC 104 97.61 -53.25 24.71
CA THR AC 104 96.51 -53.93 25.37
C THR AC 104 95.25 -53.07 25.37
N LYS AC 105 95.41 -51.75 25.38
CA LYS AC 105 94.31 -50.83 25.11
C LYS AC 105 94.05 -50.75 23.61
N GLY AC 106 93.25 -49.75 23.22
CA GLY AC 106 92.88 -49.65 21.81
C GLY AC 106 94.02 -49.13 20.95
N ARG AC 107 94.91 -48.34 21.52
CA ARG AC 107 95.93 -47.63 20.76
C ARG AC 107 96.99 -48.59 20.23
N PHE AC 108 97.72 -48.11 19.24
CA PHE AC 108 98.92 -48.80 18.77
C PHE AC 108 100.04 -48.67 19.80
N ALA AC 109 101.09 -49.45 19.60
CA ALA AC 109 102.21 -49.49 20.52
C ALA AC 109 103.49 -49.07 19.82
N VAL AC 110 104.30 -48.29 20.52
CA VAL AC 110 105.64 -48.00 20.04
C VAL AC 110 106.45 -49.25 20.27
N HIS AC 111 106.62 -50.04 19.24
CA HIS AC 111 107.14 -51.39 19.34
C HIS AC 111 108.39 -51.48 18.49
N ARG AC 112 109.51 -51.81 19.12
CA ARG AC 112 110.76 -51.98 18.40
C ARG AC 112 110.99 -53.45 18.10
N ILE AC 113 111.53 -53.73 16.92
CA ILE AC 113 111.89 -55.08 16.51
C ILE AC 113 113.32 -55.08 15.99
N THR AC 114 113.86 -56.28 15.85
CA THR AC 114 115.21 -56.48 15.39
C THR AC 114 115.26 -56.30 13.88
N PRO AC 115 116.45 -56.06 13.31
CA PRO AC 115 116.59 -56.13 11.85
C PRO AC 115 116.36 -57.51 11.28
N GLU AC 116 116.50 -58.57 12.08
CA GLU AC 116 116.19 -59.91 11.60
C GLU AC 116 114.69 -60.11 11.50
N GLU AC 117 113.92 -59.46 12.38
CA GLU AC 117 112.48 -59.67 12.38
C GLU AC 117 111.78 -58.79 11.36
N ALA AC 118 112.37 -57.65 11.01
CA ALA AC 118 111.71 -56.67 10.16
C ALA AC 118 111.67 -57.07 8.69
N LYS AC 119 112.23 -58.23 8.33
CA LYS AC 119 112.28 -58.61 6.92
C LYS AC 119 111.08 -59.47 6.53
N TYR AC 120 110.30 -59.95 7.51
CA TYR AC 120 109.08 -60.71 7.24
C TYR AC 120 107.94 -60.08 8.03
N LYS AC 121 106.71 -60.40 7.64
CA LYS AC 121 105.55 -59.98 8.41
C LYS AC 121 104.43 -60.99 8.20
N LEU AC 122 103.34 -60.78 8.91
CA LEU AC 122 102.24 -61.72 9.01
C LEU AC 122 100.96 -61.06 8.54
N CYS AC 123 100.20 -61.76 7.70
CA CYS AC 123 99.01 -61.17 7.11
C CYS AC 123 97.89 -62.19 7.03
N LYS AC 124 96.68 -61.76 7.29
CA LYS AC 124 95.49 -62.59 7.14
C LYS AC 124 94.93 -62.42 5.74
N VAL AC 125 94.64 -63.50 5.11
CA VAL AC 125 93.98 -63.44 3.82
C VAL AC 125 92.50 -63.21 4.06
N ARG AC 126 91.82 -62.67 3.07
CA ARG AC 126 90.40 -62.37 3.17
C ARG AC 126 89.56 -63.21 2.24
N LYS AC 127 90.05 -63.50 1.03
CA LYS AC 127 89.32 -64.33 0.10
C LYS AC 127 90.28 -64.92 -0.92
N ILE AC 128 89.92 -66.06 -1.46
CA ILE AC 128 90.73 -66.76 -2.46
C ILE AC 128 90.02 -66.61 -3.80
N PHE AC 129 90.57 -65.75 -4.64
CA PHE AC 129 90.05 -65.45 -5.97
C PHE AC 129 90.72 -66.39 -6.96
N VAL AC 130 89.94 -67.11 -7.75
CA VAL AC 130 90.50 -68.07 -8.68
C VAL AC 130 90.57 -67.43 -10.06
N GLY AC 131 91.76 -66.97 -10.43
CA GLY AC 131 91.92 -66.04 -11.54
C GLY AC 131 91.74 -66.66 -12.91
N THR AC 132 92.07 -65.85 -13.91
CA THR AC 132 91.47 -65.97 -15.23
C THR AC 132 91.96 -67.15 -16.05
N LYS AC 133 92.94 -67.91 -15.59
CA LYS AC 133 93.38 -69.11 -16.31
C LYS AC 133 93.59 -70.25 -15.32
N GLY AC 134 92.69 -70.36 -14.34
CA GLY AC 134 92.86 -71.32 -13.27
C GLY AC 134 94.02 -70.97 -12.37
N ILE AC 135 94.28 -69.69 -12.16
CA ILE AC 135 95.42 -69.20 -11.41
C ILE AC 135 94.90 -68.69 -10.06
N PRO AC 136 95.07 -69.44 -8.98
CA PRO AC 136 94.50 -69.02 -7.70
C PRO AC 136 95.23 -67.82 -7.12
N HIS AC 137 94.49 -66.98 -6.41
CA HIS AC 137 95.02 -65.77 -5.79
C HIS AC 137 94.67 -65.76 -4.31
N LEU AC 138 95.30 -64.85 -3.58
CA LEU AC 138 94.91 -64.48 -2.24
C LEU AC 138 94.64 -62.98 -2.22
N VAL AC 139 93.77 -62.55 -1.30
CA VAL AC 139 93.56 -61.14 -1.03
C VAL AC 139 93.77 -60.95 0.47
N THR AC 140 94.85 -60.29 0.84
CA THR AC 140 95.14 -60.15 2.26
C THR AC 140 94.59 -58.82 2.79
N HIS AC 141 94.83 -58.58 4.09
CA HIS AC 141 94.20 -57.44 4.76
C HIS AC 141 94.82 -56.12 4.34
N ASP AC 142 96.03 -56.14 3.79
CA ASP AC 142 96.64 -54.94 3.24
C ASP AC 142 96.72 -55.01 1.73
N ALA AC 143 95.71 -55.61 1.11
CA ALA AC 143 95.45 -55.66 -0.32
C ALA AC 143 96.55 -56.33 -1.13
N ARG AC 144 97.37 -57.19 -0.52
CA ARG AC 144 98.39 -57.91 -1.27
C ARG AC 144 97.74 -59.06 -2.05
N THR AC 145 98.01 -59.11 -3.35
CA THR AC 145 97.45 -60.14 -4.23
C THR AC 145 98.54 -61.16 -4.51
N ILE AC 146 98.64 -62.14 -3.62
CA ILE AC 146 99.62 -63.20 -3.79
C ILE AC 146 99.00 -64.34 -4.57
N ARG AC 147 99.64 -64.73 -5.66
CA ARG AC 147 99.07 -65.71 -6.57
C ARG AC 147 99.97 -66.93 -6.66
N TYR AC 148 99.41 -67.99 -7.24
CA TYR AC 148 99.83 -69.37 -7.02
C TYR AC 148 100.13 -69.69 -5.54
N PRO AC 149 99.10 -69.72 -4.68
CA PRO AC 149 99.39 -69.98 -3.27
C PRO AC 149 99.35 -71.46 -2.93
N ASP AC 150 99.68 -71.80 -1.69
CA ASP AC 150 99.53 -73.16 -1.21
C ASP AC 150 98.03 -73.45 -1.07
N PRO AC 151 97.53 -74.57 -1.63
CA PRO AC 151 96.09 -74.85 -1.52
C PRO AC 151 95.59 -75.17 -0.11
N LEU AC 152 96.47 -75.38 0.87
CA LEU AC 152 95.98 -75.51 2.23
C LEU AC 152 95.72 -74.16 2.88
N ILE AC 153 96.07 -73.06 2.23
CA ILE AC 153 95.74 -71.75 2.75
C ILE AC 153 94.30 -71.41 2.36
N LYS AC 154 93.46 -71.18 3.36
CA LYS AC 154 92.04 -70.92 3.17
C LYS AC 154 91.71 -69.60 3.85
N VAL AC 155 90.39 -69.31 3.95
CA VAL AC 155 89.88 -67.94 4.04
C VAL AC 155 90.31 -67.21 5.30
N ASN AC 156 90.20 -67.85 6.47
CA ASN AC 156 90.51 -67.18 7.72
C ASN AC 156 91.94 -67.45 8.19
N ASP AC 157 92.77 -68.02 7.33
CA ASP AC 157 94.13 -68.35 7.74
C ASP AC 157 95.05 -67.15 7.55
N THR AC 158 96.17 -67.18 8.24
CA THR AC 158 97.16 -66.12 8.08
C THR AC 158 98.42 -66.70 7.47
N ILE AC 159 99.22 -65.83 6.84
CA ILE AC 159 100.39 -66.23 6.07
C ILE AC 159 101.57 -65.39 6.49
N GLN AC 160 102.77 -65.97 6.35
CA GLN AC 160 104.02 -65.31 6.71
C GLN AC 160 104.73 -64.93 5.41
N ILE AC 161 104.66 -63.65 5.05
CA ILE AC 161 105.19 -63.19 3.78
C ILE AC 161 106.59 -62.63 3.97
N ASP AC 162 107.35 -62.51 2.89
CA ASP AC 162 108.71 -62.00 2.91
C ASP AC 162 108.72 -60.62 2.26
N LEU AC 163 109.24 -59.63 2.99
CA LEU AC 163 109.13 -58.25 2.53
C LEU AC 163 110.07 -57.93 1.37
N GLU AC 164 111.09 -58.76 1.16
CA GLU AC 164 112.03 -58.48 0.08
C GLU AC 164 111.53 -58.99 -1.26
N THR AC 165 110.71 -60.05 -1.23
CA THR AC 165 110.28 -60.69 -2.47
C THR AC 165 108.77 -60.81 -2.61
N GLY AC 166 108.01 -60.58 -1.55
CA GLY AC 166 106.56 -60.58 -1.64
C GLY AC 166 105.91 -61.92 -1.81
N LYS AC 167 106.50 -62.97 -1.25
CA LYS AC 167 105.98 -64.32 -1.43
C LYS AC 167 105.80 -64.97 -0.07
N ILE AC 168 105.09 -66.10 -0.07
CA ILE AC 168 104.66 -66.73 1.18
C ILE AC 168 105.72 -67.74 1.63
N THR AC 169 106.02 -67.74 2.93
CA THR AC 169 106.94 -68.72 3.48
C THR AC 169 106.19 -69.82 4.21
N ASP AC 170 105.41 -69.45 5.24
CA ASP AC 170 104.60 -70.37 6.02
C ASP AC 170 103.22 -69.79 6.22
N PHE AC 171 102.42 -70.48 7.02
CA PHE AC 171 101.04 -70.10 7.26
C PHE AC 171 100.53 -70.81 8.51
N ILE AC 172 99.66 -70.14 9.26
CA ILE AC 172 98.93 -70.75 10.36
C ILE AC 172 97.48 -70.91 9.93
N LYS AC 173 96.93 -72.11 10.10
CA LYS AC 173 95.54 -72.33 9.79
C LYS AC 173 94.67 -71.92 10.98
N PHE AC 174 93.52 -71.33 10.69
CA PHE AC 174 92.59 -70.94 11.74
C PHE AC 174 91.95 -72.19 12.35
N ASP AC 175 92.47 -72.62 13.50
CA ASP AC 175 91.97 -73.81 14.17
C ASP AC 175 91.73 -73.47 15.63
N THR AC 176 91.23 -74.45 16.38
CA THR AC 176 90.97 -74.24 17.79
C THR AC 176 92.18 -74.67 18.62
N GLY AC 177 92.72 -73.73 19.39
CA GLY AC 177 93.91 -73.93 20.17
C GLY AC 177 95.07 -73.04 19.76
N ASN AC 178 94.98 -72.42 18.59
CA ASN AC 178 96.02 -71.51 18.15
C ASN AC 178 95.82 -70.13 18.75
N LEU AC 179 96.84 -69.28 18.65
CA LEU AC 179 96.76 -67.95 19.24
C LEU AC 179 95.82 -67.05 18.45
N CYS AC 180 95.55 -65.88 19.03
CA CYS AC 180 94.57 -64.96 18.47
C CYS AC 180 94.88 -63.55 18.94
N MET AC 181 95.42 -62.72 18.04
CA MET AC 181 95.38 -61.29 18.23
C MET AC 181 94.03 -60.76 17.79
N VAL AC 182 93.40 -59.94 18.62
CA VAL AC 182 92.06 -59.43 18.33
C VAL AC 182 92.22 -58.02 17.75
N THR AC 183 92.01 -57.90 16.45
CA THR AC 183 92.17 -56.64 15.74
C THR AC 183 90.81 -55.99 15.44
N GLY AC 184 90.10 -55.60 16.47
CA GLY AC 184 88.93 -54.77 16.29
C GLY AC 184 87.90 -54.98 17.38
N GLY AC 185 87.13 -53.94 17.63
CA GLY AC 185 86.01 -54.02 18.53
C GLY AC 185 86.34 -53.57 19.94
N ALA AC 186 85.55 -54.08 20.89
CA ALA AC 186 85.74 -53.73 22.29
C ALA AC 186 86.94 -54.45 22.90
N ASN AC 187 87.31 -55.61 22.38
CA ASN AC 187 88.46 -56.36 22.88
C ASN AC 187 89.69 -56.16 22.02
N LEU AC 188 89.89 -54.95 21.51
CA LEU AC 188 91.02 -54.64 20.64
C LEU AC 188 92.33 -54.73 21.42
N GLY AC 189 93.21 -55.61 20.96
CA GLY AC 189 94.54 -55.75 21.54
C GLY AC 189 94.75 -56.99 22.39
N ARG AC 190 93.72 -57.78 22.62
CA ARG AC 190 93.83 -58.97 23.45
C ARG AC 190 94.58 -60.08 22.70
N ILE AC 191 95.24 -60.94 23.46
CA ILE AC 191 95.98 -62.07 22.90
C ILE AC 191 95.61 -63.33 23.70
N GLY AC 192 95.19 -64.37 23.00
CA GLY AC 192 94.84 -65.60 23.69
C GLY AC 192 94.62 -66.74 22.72
N VAL AC 193 94.37 -67.92 23.28
CA VAL AC 193 94.15 -69.10 22.45
C VAL AC 193 92.70 -69.14 22.00
N ILE AC 194 92.45 -69.79 20.88
CA ILE AC 194 91.10 -69.94 20.37
C ILE AC 194 90.48 -71.18 20.99
N THR AC 195 89.47 -71.00 21.84
CA THR AC 195 88.97 -72.17 22.54
C THR AC 195 87.70 -72.74 21.92
N ASN AC 196 87.03 -71.98 21.05
CA ASN AC 196 85.74 -72.42 20.54
C ASN AC 196 85.40 -71.67 19.27
N ARG AC 197 84.54 -72.28 18.46
CA ARG AC 197 84.08 -71.73 17.20
C ARG AC 197 82.58 -71.96 17.10
N GLU AC 198 81.82 -70.87 16.95
CA GLU AC 198 80.37 -70.95 16.80
C GLU AC 198 79.99 -70.56 15.38
N ARG AC 199 79.43 -71.51 14.63
CA ARG AC 199 78.94 -71.21 13.30
C ARG AC 199 77.53 -70.68 13.35
N HIS AC 200 77.29 -69.57 12.66
CA HIS AC 200 75.93 -69.09 12.46
C HIS AC 200 75.69 -69.00 10.96
N PRO AC 201 74.64 -69.63 10.44
CA PRO AC 201 74.37 -69.52 9.01
C PRO AC 201 73.79 -68.16 8.69
N GLY AC 202 74.35 -67.52 7.67
CA GLY AC 202 73.89 -66.21 7.30
C GLY AC 202 74.50 -65.11 8.15
N SER AC 203 74.20 -65.15 9.45
CA SER AC 203 74.76 -64.17 10.38
C SER AC 203 76.23 -64.47 10.63
N PHE AC 204 76.89 -63.60 11.38
CA PHE AC 204 78.35 -63.67 11.38
C PHE AC 204 78.88 -64.50 12.56
N ASP AC 205 80.06 -65.10 12.37
CA ASP AC 205 80.68 -65.98 13.35
C ASP AC 205 81.25 -65.21 14.52
N VAL AC 206 81.02 -65.71 15.73
CA VAL AC 206 81.68 -65.21 16.93
C VAL AC 206 82.60 -66.30 17.46
N VAL AC 207 83.74 -65.89 18.00
CA VAL AC 207 84.82 -66.81 18.37
C VAL AC 207 85.18 -66.58 19.83
N HIS AC 208 85.24 -67.66 20.62
CA HIS AC 208 85.63 -67.59 22.01
C HIS AC 208 87.14 -67.71 22.16
N VAL AC 209 87.76 -66.70 22.76
CA VAL AC 209 89.20 -66.63 22.92
C VAL AC 209 89.53 -66.64 24.40
N LYS AC 210 90.44 -67.52 24.80
CA LYS AC 210 90.84 -67.65 26.20
C LYS AC 210 92.19 -66.99 26.41
N ASP AC 211 92.23 -66.00 27.31
CA ASP AC 211 93.44 -65.23 27.57
C ASP AC 211 94.43 -66.08 28.37
N ALA AC 212 95.66 -65.54 28.50
CA ALA AC 212 96.75 -66.32 29.07
C ALA AC 212 96.61 -66.49 30.58
N ASN AC 213 95.82 -65.63 31.23
CA ASN AC 213 95.61 -65.69 32.67
C ASN AC 213 94.37 -66.48 33.04
N GLY AC 214 93.51 -66.78 32.07
CA GLY AC 214 92.25 -67.46 32.32
C GLY AC 214 91.02 -66.67 31.96
N ASN AC 215 91.14 -65.43 31.48
CA ASN AC 215 90.01 -64.61 31.08
C ASN AC 215 89.37 -65.18 29.83
N SER AC 216 88.10 -65.56 29.93
CA SER AC 216 87.35 -65.96 28.76
C SER AC 216 86.57 -64.77 28.19
N PHE AC 217 86.65 -64.62 26.88
CA PHE AC 217 85.96 -63.53 26.20
C PHE AC 217 85.67 -63.97 24.78
N ALA AC 218 84.79 -63.21 24.12
CA ALA AC 218 84.45 -63.47 22.73
C ALA AC 218 84.59 -62.18 21.93
N THR AC 219 84.53 -62.33 20.60
CA THR AC 219 84.67 -61.32 19.57
C THR AC 219 84.26 -61.99 18.27
N ARG AC 220 83.58 -61.25 17.39
CA ARG AC 220 83.23 -61.75 16.08
C ARG AC 220 84.47 -61.98 15.22
N LEU AC 221 84.34 -62.86 14.22
CA LEU AC 221 85.48 -63.48 13.58
C LEU AC 221 86.22 -62.54 12.63
N SER AC 222 85.62 -61.39 12.32
CA SER AC 222 86.23 -60.44 11.39
C SER AC 222 87.37 -59.70 12.07
N ASN AC 223 87.31 -59.63 13.40
CA ASN AC 223 88.25 -58.87 14.21
C ASN AC 223 89.32 -59.75 14.81
N ILE AC 224 89.61 -60.90 14.19
CA ILE AC 224 90.47 -61.91 14.79
C ILE AC 224 91.54 -62.33 13.80
N PHE AC 225 92.77 -62.44 14.32
CA PHE AC 225 93.98 -62.59 13.53
C PHE AC 225 94.92 -63.53 14.27
N VAL AC 226 95.16 -64.72 13.74
CA VAL AC 226 95.98 -65.69 14.46
C VAL AC 226 97.45 -65.33 14.27
N ILE AC 227 98.25 -65.57 15.31
CA ILE AC 227 99.63 -65.10 15.34
C ILE AC 227 100.60 -66.20 15.75
N GLY AC 228 100.16 -67.45 15.68
CA GLY AC 228 101.03 -68.55 16.03
C GLY AC 228 100.25 -69.81 16.35
N LYS AC 229 101.00 -70.88 16.61
CA LYS AC 229 100.42 -72.14 17.04
C LYS AC 229 100.56 -72.32 18.54
N GLY AC 230 99.51 -72.83 19.18
CA GLY AC 230 99.54 -73.04 20.61
C GLY AC 230 99.53 -71.74 21.37
N ASN AC 231 100.55 -71.52 22.19
CA ASN AC 231 100.77 -70.24 22.87
C ASN AC 231 102.03 -69.57 22.34
N LYS AC 232 102.68 -70.17 21.37
CA LYS AC 232 103.98 -69.70 20.89
C LYS AC 232 103.78 -68.82 19.66
N PRO AC 233 104.05 -67.54 19.76
CA PRO AC 233 103.84 -66.64 18.63
C PRO AC 233 104.90 -66.80 17.57
N TRP AC 234 104.59 -66.31 16.38
CA TRP AC 234 105.60 -66.17 15.34
C TRP AC 234 106.11 -64.75 15.24
N ILE AC 235 105.78 -63.92 16.23
CA ILE AC 235 106.08 -62.49 16.21
C ILE AC 235 106.59 -62.10 17.59
N SER AC 236 107.13 -60.88 17.65
CA SER AC 236 107.42 -60.27 18.94
C SER AC 236 106.11 -59.79 19.58
N LEU AC 237 106.16 -59.53 20.88
CA LEU AC 237 105.03 -58.98 21.60
C LEU AC 237 105.45 -57.72 22.36
N PRO AC 238 104.59 -56.71 22.42
CA PRO AC 238 104.86 -55.54 23.26
C PRO AC 238 104.67 -55.86 24.72
N ARG AC 239 105.04 -54.89 25.56
CA ARG AC 239 104.80 -55.03 26.99
C ARG AC 239 103.31 -55.02 27.28
N GLY AC 240 102.91 -55.78 28.29
CA GLY AC 240 101.50 -55.95 28.56
C GLY AC 240 101.02 -57.27 27.99
N LYS AC 241 101.57 -57.62 26.81
CA LYS AC 241 101.44 -58.94 26.18
C LYS AC 241 99.99 -59.29 25.83
N GLY AC 242 99.14 -58.28 25.69
CA GLY AC 242 97.76 -58.49 25.28
C GLY AC 242 96.90 -59.20 26.29
N ILE AC 243 96.62 -58.55 27.42
CA ILE AC 243 95.94 -59.17 28.53
C ILE AC 243 94.67 -58.42 28.94
N ARG AC 244 94.77 -57.10 29.12
CA ARG AC 244 93.75 -56.26 29.78
C ARG AC 244 93.41 -56.80 31.18
N LEU AC 245 94.40 -56.65 32.04
CA LEU AC 245 94.19 -56.67 33.48
C LEU AC 245 93.20 -55.58 33.90
N THR AC 246 92.56 -55.80 35.06
CA THR AC 246 91.42 -54.99 35.50
C THR AC 246 91.86 -53.57 35.88
N ILE AC 247 90.86 -52.71 36.10
CA ILE AC 247 91.14 -51.30 36.38
C ILE AC 247 91.65 -51.11 37.80
N ALA AC 248 91.28 -52.03 38.70
CA ALA AC 248 91.85 -52.01 40.04
C ALA AC 248 93.28 -52.52 40.03
N GLU AC 249 93.62 -53.35 39.03
CA GLU AC 249 94.95 -53.93 38.94
C GLU AC 249 95.91 -52.97 38.25
N GLU AC 250 95.43 -52.20 37.28
CA GLU AC 250 96.28 -51.19 36.65
C GLU AC 250 96.61 -50.07 37.64
N ARG AC 251 95.63 -49.67 38.44
CA ARG AC 251 95.87 -48.71 39.52
C ARG AC 251 96.84 -49.28 40.55
N ASP AC 252 96.78 -50.59 40.78
CA ASP AC 252 97.70 -51.25 41.69
C ASP AC 252 99.11 -51.30 41.11
N LYS AC 253 99.22 -51.58 39.82
CA LYS AC 253 100.54 -51.70 39.19
C LYS AC 253 101.15 -50.33 38.93
N ARG AC 254 100.32 -49.30 38.83
CA ARG AC 254 100.84 -47.95 38.71
C ARG AC 254 101.41 -47.47 40.03
N LEU AC 255 100.73 -47.77 41.13
CA LEU AC 255 101.03 -47.14 42.41
C LEU AC 255 102.11 -47.91 43.17
N ALA AC 256 102.07 -49.23 43.10
CA ALA AC 256 103.08 -50.04 43.79
C ALA AC 256 104.44 -49.93 43.11
N ALA AC 257 104.45 -49.67 41.80
CA ALA AC 257 105.70 -49.44 41.11
C ALA AC 257 106.19 -48.01 41.29
N LYS AC 258 105.29 -47.09 41.62
CA LYS AC 258 105.70 -45.71 41.82
C LYS AC 258 106.31 -45.52 43.20
N GLN AC 259 105.81 -46.24 44.21
CA GLN AC 259 106.35 -46.12 45.55
C GLN AC 259 107.68 -46.86 45.67
N SER AC 260 107.93 -47.83 44.79
CA SER AC 260 109.25 -48.45 44.74
C SER AC 260 110.27 -47.48 44.18
N SER AC 261 109.85 -46.64 43.22
CA SER AC 261 110.75 -45.63 42.66
C SER AC 261 111.02 -44.53 43.67
N GLY AC 262 109.98 -43.83 44.10
CA GLY AC 262 110.10 -42.80 45.12
C GLY AC 262 110.83 -41.55 44.66
N THR BC 1 -29.96 6.53 116.81
CA THR BC 1 -30.17 5.50 115.81
C THR BC 1 -29.00 4.48 115.81
N PRO BC 2 -28.92 3.67 116.88
CA PRO BC 2 -27.68 2.90 117.10
C PRO BC 2 -27.54 1.69 116.20
N ASP BC 3 -28.65 1.09 115.77
CA ASP BC 3 -28.57 -0.06 114.89
C ASP BC 3 -28.82 0.36 113.43
N ILE BC 4 -29.93 1.03 113.17
CA ILE BC 4 -30.35 1.37 111.82
C ILE BC 4 -29.74 2.72 111.45
N LYS BC 5 -29.60 2.98 110.16
CA LYS BC 5 -28.89 4.15 109.67
C LYS BC 5 -29.73 4.93 108.67
N LEU BC 6 -29.43 6.22 108.55
CA LEU BC 6 -30.08 7.08 107.57
C LEU BC 6 -28.98 7.78 106.78
N PHE BC 7 -28.77 7.30 105.55
CA PHE BC 7 -27.71 7.78 104.67
C PHE BC 7 -28.01 9.21 104.24
N GLY BC 8 -27.31 10.18 104.83
CA GLY BC 8 -27.81 11.54 104.75
C GLY BC 8 -29.08 11.59 105.56
N LYS BC 9 -30.22 11.58 104.88
CA LYS BC 9 -31.51 11.31 105.49
C LYS BC 9 -32.23 10.11 104.90
N TRP BC 10 -31.55 9.26 104.12
CA TRP BC 10 -32.23 8.22 103.37
C TRP BC 10 -31.91 6.84 103.91
N SER BC 11 -32.88 5.94 103.79
CA SER BC 11 -32.93 4.71 104.55
C SER BC 11 -31.95 3.66 104.05
N THR BC 12 -31.63 2.72 104.93
CA THR BC 12 -30.86 1.54 104.56
C THR BC 12 -31.71 0.54 103.80
N ASP BC 13 -32.79 0.08 104.43
CA ASP BC 13 -33.53 -1.05 103.93
C ASP BC 13 -34.58 -0.61 102.90
N ASP BC 14 -35.44 -1.57 102.54
CA ASP BC 14 -36.49 -1.44 101.53
C ASP BC 14 -35.88 -1.05 100.18
N VAL BC 15 -34.68 -1.56 99.91
CA VAL BC 15 -33.94 -1.28 98.68
C VAL BC 15 -33.76 -2.63 97.99
N GLN BC 16 -34.68 -2.98 97.10
CA GLN BC 16 -34.65 -4.28 96.45
C GLN BC 16 -33.86 -4.18 95.15
N ILE BC 17 -32.81 -4.98 95.04
CA ILE BC 17 -32.07 -5.10 93.80
C ILE BC 17 -32.82 -6.11 92.93
N ASN BC 18 -33.38 -5.63 91.82
CA ASN BC 18 -34.31 -6.46 91.05
C ASN BC 18 -33.57 -7.56 90.30
N ASP BC 19 -32.48 -7.21 89.64
CA ASP BC 19 -31.69 -8.21 88.93
C ASP BC 19 -30.86 -8.98 89.94
N ILE BC 20 -31.02 -10.31 89.95
CA ILE BC 20 -30.26 -11.14 90.86
C ILE BC 20 -28.84 -11.36 90.31
N SER BC 21 -28.62 -10.96 89.06
CA SER BC 21 -27.28 -11.01 88.48
C SER BC 21 -26.34 -10.00 89.14
N LEU BC 22 -26.90 -8.89 89.63
CA LEU BC 22 -26.11 -7.80 90.20
C LEU BC 22 -26.26 -7.71 91.70
N GLN BC 23 -26.63 -8.81 92.36
CA GLN BC 23 -26.89 -8.78 93.79
C GLN BC 23 -25.60 -8.62 94.58
N ASP BC 24 -24.52 -9.28 94.12
CA ASP BC 24 -23.26 -9.22 94.83
C ASP BC 24 -22.53 -7.91 94.55
N TYR BC 25 -22.86 -7.26 93.43
CA TYR BC 25 -22.04 -6.15 92.95
C TYR BC 25 -22.72 -4.80 93.09
N ILE BC 26 -23.83 -4.72 93.80
CA ILE BC 26 -24.42 -3.46 94.22
C ILE BC 26 -24.46 -3.50 95.74
N ALA BC 27 -23.59 -2.70 96.37
CA ALA BC 27 -23.33 -2.80 97.80
C ALA BC 27 -24.05 -1.68 98.54
N VAL BC 28 -25.33 -1.90 98.81
CA VAL BC 28 -26.20 -0.82 99.27
C VAL BC 28 -26.88 -1.13 100.59
N LYS BC 29 -27.06 -2.39 100.95
CA LYS BC 29 -28.10 -2.77 101.89
C LYS BC 29 -27.52 -3.58 103.04
N GLU BC 30 -27.82 -3.10 104.25
CA GLU BC 30 -27.77 -3.83 105.53
C GLU BC 30 -26.33 -4.03 106.02
N LYS BC 31 -25.30 -3.81 105.20
CA LYS BC 31 -23.96 -3.75 105.76
C LYS BC 31 -23.21 -2.53 105.24
N TYR BC 32 -23.40 -2.23 103.96
CA TYR BC 32 -22.56 -1.22 103.33
C TYR BC 32 -23.20 0.15 103.40
N ALA BC 33 -24.44 0.22 103.91
CA ALA BC 33 -25.07 1.51 104.17
C ALA BC 33 -24.34 2.24 105.28
N LYS BC 34 -23.99 3.50 105.00
CA LYS BC 34 -23.20 4.31 105.90
C LYS BC 34 -23.84 5.69 105.98
N TYR BC 35 -23.11 6.65 106.53
CA TYR BC 35 -23.66 8.00 106.61
C TYR BC 35 -23.24 8.85 105.43
N LEU BC 36 -22.00 8.72 104.98
CA LEU BC 36 -21.54 9.56 103.89
C LEU BC 36 -21.16 8.71 102.70
N PRO BC 37 -21.26 9.27 101.50
CA PRO BC 37 -20.62 8.63 100.35
C PRO BC 37 -19.13 8.86 100.31
N HIS BC 38 -18.59 9.70 101.18
CA HIS BC 38 -17.15 9.86 101.30
C HIS BC 38 -16.59 8.73 102.15
N SER BC 39 -15.35 8.32 101.86
CA SER BC 39 -14.62 7.43 102.73
C SER BC 39 -13.14 7.59 102.46
N ALA BC 40 -12.32 6.93 103.27
CA ALA BC 40 -10.88 7.01 103.10
C ALA BC 40 -10.43 6.23 101.87
N GLY BC 41 -10.85 4.98 101.76
CA GLY BC 41 -10.54 4.25 100.55
C GLY BC 41 -10.14 2.79 100.74
N ARG BC 42 -8.94 2.45 100.24
CA ARG BC 42 -8.29 1.14 100.20
C ARG BC 42 -8.92 0.21 99.15
N TYR BC 43 -10.04 0.60 98.53
CA TYR BC 43 -10.79 -0.27 97.63
C TYR BC 43 -10.07 -0.55 96.31
N ALA BC 44 -9.09 0.25 95.93
CA ALA BC 44 -8.37 0.08 94.68
C ALA BC 44 -7.08 -0.71 94.84
N ALA BC 45 -6.89 -1.38 95.98
CA ALA BC 45 -5.62 -2.07 96.23
C ALA BC 45 -5.65 -3.51 95.71
N LYS BC 46 -6.68 -4.26 96.06
CA LYS BC 46 -6.88 -5.59 95.51
C LYS BC 46 -8.04 -5.52 94.51
N ARG BC 47 -8.07 -6.48 93.58
CA ARG BC 47 -8.91 -6.49 92.39
C ARG BC 47 -10.40 -6.38 92.65
N PHE BC 48 -10.99 -7.38 93.31
CA PHE BC 48 -12.43 -7.37 93.52
C PHE BC 48 -12.85 -6.62 94.77
N ARG BC 49 -11.95 -5.84 95.37
CA ARG BC 49 -12.33 -4.98 96.49
C ARG BC 49 -13.09 -3.75 95.99
N LYS BC 50 -13.05 -3.52 94.68
CA LYS BC 50 -13.86 -2.49 94.02
C LYS BC 50 -15.35 -2.79 94.18
N ALA BC 51 -15.72 -4.07 94.25
CA ALA BC 51 -17.12 -4.45 94.25
C ALA BC 51 -17.77 -4.19 95.61
N GLN BC 52 -17.02 -4.39 96.69
CA GLN BC 52 -17.54 -4.22 98.04
C GLN BC 52 -17.69 -2.77 98.45
N CYS BC 53 -17.21 -1.84 97.65
CA CYS BC 53 -17.41 -0.42 97.92
C CYS BC 53 -18.88 -0.06 97.75
N PRO BC 54 -19.44 0.81 98.60
CA PRO BC 54 -20.85 1.17 98.43
C PRO BC 54 -21.10 1.99 97.19
N ILE BC 55 -22.29 1.82 96.61
CA ILE BC 55 -22.55 2.30 95.25
C ILE BC 55 -22.67 3.80 95.19
N VAL BC 56 -23.03 4.45 96.30
CA VAL BC 56 -23.16 5.89 96.25
C VAL BC 56 -21.78 6.53 96.35
N GLU BC 57 -20.82 5.82 96.96
CA GLU BC 57 -19.43 6.26 96.92
C GLU BC 57 -18.89 6.18 95.51
N ARG BC 58 -19.30 5.17 94.75
CA ARG BC 58 -18.79 5.01 93.39
C ARG BC 58 -19.45 6.02 92.46
N LEU BC 59 -20.69 6.41 92.75
CA LEU BC 59 -21.31 7.51 92.03
C LEU BC 59 -20.63 8.83 92.36
N THR BC 60 -20.20 8.98 93.62
CA THR BC 60 -19.43 10.15 94.02
C THR BC 60 -18.05 10.15 93.36
N ASN BC 61 -17.42 8.97 93.30
CA ASN BC 61 -16.07 8.88 92.73
C ASN BC 61 -16.06 9.12 91.24
N SER BC 62 -17.06 8.58 90.53
CA SER BC 62 -17.09 8.72 89.08
C SER BC 62 -17.49 10.12 88.65
N MET BC 63 -18.08 10.90 89.56
CA MET BC 63 -18.65 12.18 89.17
C MET BC 63 -17.57 13.24 89.00
N MET BC 64 -16.45 13.11 89.69
CA MET BC 64 -15.40 14.11 89.56
C MET BC 64 -14.50 13.78 88.37
N MET BC 65 -14.73 14.47 87.24
CA MET BC 65 -13.99 14.18 86.02
C MET BC 65 -13.76 15.46 85.23
N HIS BC 66 -13.00 15.30 84.14
CA HIS BC 66 -12.62 16.35 83.19
C HIS BC 66 -11.76 17.43 83.81
N GLY BC 67 -10.64 17.02 84.41
CA GLY BC 67 -9.50 17.89 84.59
C GLY BC 67 -9.64 18.95 85.63
N ARG BC 68 -10.59 19.86 85.41
CA ARG BC 68 -10.86 20.93 86.36
C ARG BC 68 -11.53 20.42 87.62
N ASN BC 69 -12.07 19.20 87.60
CA ASN BC 69 -12.75 18.66 88.76
C ASN BC 69 -12.07 17.45 89.37
N ASN BC 70 -10.81 17.19 89.06
CA ASN BC 70 -10.13 16.05 89.67
C ASN BC 70 -9.80 16.34 91.12
N GLY BC 71 -10.15 15.41 92.00
CA GLY BC 71 -9.88 15.54 93.41
C GLY BC 71 -10.71 16.60 94.07
N LYS BC 72 -12.00 16.61 93.77
CA LYS BC 72 -12.95 17.49 94.44
C LYS BC 72 -14.10 16.60 94.89
N LYS BC 73 -13.89 15.90 96.00
CA LYS BC 73 -14.89 14.92 96.43
C LYS BC 73 -15.81 15.51 97.49
N LEU BC 74 -15.32 16.51 98.23
CA LEU BC 74 -16.21 17.34 99.04
C LEU BC 74 -17.21 18.05 98.16
N MET BC 75 -16.77 18.41 96.95
CA MET BC 75 -17.57 19.20 96.05
C MET BC 75 -18.62 18.34 95.35
N THR BC 76 -18.42 17.03 95.32
CA THR BC 76 -19.37 16.17 94.63
C THR BC 76 -20.14 15.23 95.55
N VAL BC 77 -19.78 15.14 96.84
CA VAL BC 77 -20.74 14.63 97.82
C VAL BC 77 -21.94 15.56 97.90
N ARG BC 78 -21.69 16.87 97.80
CA ARG BC 78 -22.73 17.89 97.79
C ARG BC 78 -23.66 17.74 96.59
N ILE BC 79 -23.14 17.26 95.47
CA ILE BC 79 -23.95 17.09 94.27
C ILE BC 79 -24.88 15.90 94.42
N VAL BC 80 -24.36 14.79 94.93
CA VAL BC 80 -25.18 13.59 95.11
C VAL BC 80 -26.15 13.78 96.27
N LYS BC 81 -25.78 14.61 97.25
CA LYS BC 81 -26.72 14.99 98.29
C LYS BC 81 -27.86 15.82 97.73
N HIS BC 82 -27.53 16.82 96.92
CA HIS BC 82 -28.56 17.70 96.39
C HIS BC 82 -29.34 17.04 95.25
N ALA BC 83 -28.80 15.99 94.65
CA ALA BC 83 -29.56 15.27 93.64
C ALA BC 83 -30.59 14.37 94.27
N PHE BC 84 -30.26 13.79 95.43
CA PHE BC 84 -31.19 12.88 96.10
C PHE BC 84 -32.32 13.66 96.73
N GLU BC 85 -32.10 14.95 96.97
CA GLU BC 85 -33.20 15.86 97.25
C GLU BC 85 -34.18 15.88 96.09
N ILE BC 86 -33.65 16.04 94.88
CA ILE BC 86 -34.50 16.28 93.72
C ILE BC 86 -35.19 15.01 93.27
N ILE BC 87 -34.55 13.86 93.45
CA ILE BC 87 -35.09 12.60 92.96
C ILE BC 87 -36.33 12.19 93.76
N HIS BC 88 -36.32 12.44 95.07
CA HIS BC 88 -37.49 12.10 95.87
C HIS BC 88 -38.64 13.06 95.63
N LEU BC 89 -38.33 14.34 95.36
CA LEU BC 89 -39.39 15.33 95.19
C LEU BC 89 -40.05 15.21 93.82
N LEU BC 90 -39.38 14.56 92.87
CA LEU BC 90 -39.97 14.39 91.54
C LEU BC 90 -40.61 13.02 91.39
N THR BC 91 -39.90 11.97 91.78
CA THR BC 91 -40.44 10.61 91.63
C THR BC 91 -41.44 10.28 92.72
N GLY BC 92 -41.13 10.61 93.97
CA GLY BC 92 -41.96 10.21 95.09
C GLY BC 92 -41.54 8.87 95.63
N GLU BC 93 -40.25 8.56 95.53
CA GLU BC 93 -39.72 7.28 95.98
C GLU BC 93 -38.41 7.51 96.71
N ASN BC 94 -37.81 6.42 97.15
CA ASN BC 94 -36.48 6.40 97.73
C ASN BC 94 -35.47 6.77 96.65
N PRO BC 95 -34.56 7.73 96.89
CA PRO BC 95 -33.50 8.01 95.92
C PRO BC 95 -32.55 6.86 95.65
N LEU BC 96 -32.35 6.00 96.65
CA LEU BC 96 -31.43 4.89 96.49
C LEU BC 96 -32.07 3.76 95.71
N GLN BC 97 -33.40 3.62 95.78
CA GLN BC 97 -34.07 2.64 94.96
C GLN BC 97 -34.11 3.08 93.50
N VAL BC 98 -34.22 4.40 93.26
CA VAL BC 98 -34.18 4.93 91.91
C VAL BC 98 -32.78 4.77 91.33
N LEU BC 99 -31.75 4.83 92.18
CA LEU BC 99 -30.38 4.61 91.73
C LEU BC 99 -30.17 3.15 91.35
N VAL BC 100 -30.67 2.22 92.18
CA VAL BC 100 -30.46 0.80 91.92
C VAL BC 100 -31.24 0.38 90.69
N ASN BC 101 -32.41 0.98 90.48
CA ASN BC 101 -33.16 0.74 89.26
C ASN BC 101 -32.48 1.40 88.06
N ALA BC 102 -31.63 2.40 88.31
CA ALA BC 102 -30.91 3.03 87.21
C ALA BC 102 -29.70 2.21 86.78
N ILE BC 103 -29.04 1.55 87.74
CA ILE BC 103 -27.89 0.71 87.40
C ILE BC 103 -28.35 -0.53 86.66
N ILE BC 104 -29.53 -1.05 87.01
CA ILE BC 104 -30.05 -2.26 86.35
C ILE BC 104 -30.43 -1.97 84.90
N ASN BC 105 -31.12 -0.85 84.66
CA ASN BC 105 -31.62 -0.59 83.31
C ASN BC 105 -30.53 -0.05 82.39
N SER BC 106 -29.59 0.73 82.94
CA SER BC 106 -28.54 1.29 82.11
C SER BC 106 -27.31 0.41 82.00
N GLY BC 107 -27.34 -0.81 82.52
CA GLY BC 107 -26.23 -1.70 82.39
C GLY BC 107 -26.33 -2.59 81.16
N PRO BC 108 -25.30 -2.55 80.30
CA PRO BC 108 -25.35 -3.31 79.04
C PRO BC 108 -25.09 -4.78 79.29
N ARG BC 109 -25.89 -5.64 78.66
CA ARG BC 109 -25.78 -7.07 78.96
C ARG BC 109 -24.82 -7.77 78.02
N GLU BC 110 -24.53 -7.17 76.86
CA GLU BC 110 -23.52 -7.71 75.96
C GLU BC 110 -22.74 -6.57 75.31
N ASP BC 111 -21.53 -6.89 74.89
CA ASP BC 111 -20.68 -5.96 74.17
C ASP BC 111 -19.95 -6.76 73.10
N SER BC 112 -19.15 -6.08 72.28
CA SER BC 112 -18.42 -6.73 71.20
C SER BC 112 -16.94 -6.43 71.32
N THR BC 113 -16.13 -7.27 70.70
CA THR BC 113 -14.69 -7.24 70.88
C THR BC 113 -14.01 -8.02 69.76
N ARG BC 114 -12.72 -7.73 69.57
CA ARG BC 114 -11.89 -8.38 68.55
C ARG BC 114 -11.39 -9.71 69.09
N ILE BC 115 -11.49 -10.76 68.29
CA ILE BC 115 -10.91 -12.05 68.67
C ILE BC 115 -9.82 -12.43 67.67
N ARG BC 122 -13.35 -6.90 62.12
CA ARG BC 122 -14.13 -8.02 62.62
C ARG BC 122 -14.23 -7.98 64.15
N ARG BC 123 -15.44 -8.17 64.67
CA ARG BC 123 -15.70 -8.21 66.10
C ARG BC 123 -16.66 -9.35 66.40
N GLN BC 124 -16.50 -9.98 67.57
CA GLN BC 124 -17.43 -10.99 68.05
C GLN BC 124 -18.17 -10.48 69.27
N ALA BC 125 -19.40 -10.92 69.43
CA ALA BC 125 -20.19 -10.54 70.59
C ALA BC 125 -19.87 -11.44 71.77
N VAL BC 126 -19.78 -10.83 72.95
CA VAL BC 126 -19.53 -11.51 74.21
C VAL BC 126 -20.42 -10.88 75.27
N ASP BC 127 -20.83 -11.66 76.25
CA ASP BC 127 -21.59 -11.10 77.36
C ASP BC 127 -20.61 -10.54 78.39
N VAL BC 128 -21.05 -9.51 79.12
CA VAL BC 128 -20.13 -8.80 79.99
C VAL BC 128 -20.30 -9.33 81.41
N SER BC 129 -19.27 -9.14 82.23
CA SER BC 129 -19.24 -9.53 83.63
C SER BC 129 -20.23 -8.66 84.42
N PRO BC 130 -20.75 -9.17 85.54
CA PRO BC 130 -21.60 -8.32 86.37
C PRO BC 130 -20.85 -7.15 87.02
N LEU BC 131 -19.55 -7.27 87.22
CA LEU BC 131 -18.80 -6.12 87.73
C LEU BC 131 -18.50 -5.14 86.59
N ARG BC 132 -18.33 -5.65 85.37
CA ARG BC 132 -18.21 -4.79 84.20
C ARG BC 132 -19.50 -3.99 83.99
N ARG BC 133 -20.64 -4.61 84.28
CA ARG BC 133 -21.92 -3.99 83.98
C ARG BC 133 -22.26 -2.91 85.01
N VAL BC 134 -21.80 -3.07 86.24
CA VAL BC 134 -21.95 -2.00 87.22
C VAL BC 134 -20.97 -0.87 86.91
N ASN BC 135 -19.74 -1.22 86.55
CA ASN BC 135 -18.73 -0.23 86.17
C ASN BC 135 -19.14 0.57 84.96
N GLN BC 136 -19.81 -0.07 84.01
CA GLN BC 136 -20.24 0.63 82.80
C GLN BC 136 -21.43 1.53 83.10
N ALA BC 137 -22.39 1.04 83.91
CA ALA BC 137 -23.63 1.78 84.10
C ALA BC 137 -23.43 3.00 84.98
N ILE BC 138 -22.50 2.94 85.94
CA ILE BC 138 -22.14 4.12 86.72
C ILE BC 138 -21.50 5.17 85.80
N TRP BC 139 -20.72 4.71 84.81
CA TRP BC 139 -20.00 5.61 83.93
C TRP BC 139 -20.95 6.34 82.97
N LEU BC 140 -22.00 5.67 82.52
CA LEU BC 140 -22.84 6.19 81.45
C LEU BC 140 -23.72 7.34 81.91
N LEU BC 141 -24.45 7.14 83.01
CA LEU BC 141 -25.35 8.19 83.49
C LEU BC 141 -24.59 9.36 84.11
N CYS BC 142 -23.39 9.12 84.61
CA CYS BC 142 -22.53 10.22 85.01
C CYS BC 142 -22.10 11.06 83.82
N THR BC 143 -21.77 10.42 82.71
CA THR BC 143 -21.35 11.15 81.51
C THR BC 143 -22.54 11.89 80.89
N GLY BC 144 -23.73 11.29 80.98
CA GLY BC 144 -24.91 11.97 80.47
C GLY BC 144 -25.34 13.12 81.35
N ALA BC 145 -25.10 13.01 82.66
CA ALA BC 145 -25.37 14.13 83.55
C ALA BC 145 -24.41 15.29 83.30
N ARG BC 146 -23.21 14.97 82.84
CA ARG BC 146 -22.22 16.01 82.59
C ARG BC 146 -22.42 16.62 81.22
N GLU BC 147 -22.84 15.81 80.24
CA GLU BC 147 -23.09 16.33 78.90
C GLU BC 147 -24.32 17.24 78.89
N ALA BC 148 -25.30 16.94 79.74
CA ALA BC 148 -26.50 17.76 79.77
C ALA BC 148 -26.31 19.02 80.59
N ALA BC 149 -25.29 19.03 81.45
CA ALA BC 149 -25.07 20.20 82.30
C ALA BC 149 -24.11 21.19 81.68
N PHE BC 150 -23.23 20.73 80.78
CA PHE BC 150 -22.22 21.60 80.21
C PHE BC 150 -22.85 22.59 79.25
N ARG BC 151 -22.54 23.89 79.46
CA ARG BC 151 -23.09 25.02 78.73
C ARG BC 151 -24.61 25.07 78.84
N ASN BC 152 -25.11 25.08 80.07
CA ASN BC 152 -26.55 25.11 80.30
C ASN BC 152 -26.80 25.76 81.65
N ILE BC 153 -27.98 26.37 81.79
CA ILE BC 153 -28.39 26.95 83.07
C ILE BC 153 -28.75 25.84 84.04
N LYS BC 154 -29.24 24.71 83.53
CA LYS BC 154 -29.57 23.56 84.37
C LYS BC 154 -28.33 22.99 85.04
N THR BC 155 -28.38 22.89 86.36
CA THR BC 155 -27.18 22.64 87.14
C THR BC 155 -26.87 21.14 87.18
N ILE BC 156 -25.74 20.82 87.83
CA ILE BC 156 -25.21 19.46 87.76
C ILE BC 156 -26.01 18.53 88.66
N ALA BC 157 -26.61 19.05 89.73
CA ALA BC 157 -27.42 18.20 90.59
C ALA BC 157 -28.82 18.03 90.02
N GLU BC 158 -29.23 18.95 89.14
CA GLU BC 158 -30.51 18.77 88.45
C GLU BC 158 -30.36 17.77 87.32
N CYS BC 159 -29.24 17.82 86.60
CA CYS BC 159 -29.01 16.88 85.49
C CYS BC 159 -28.79 15.47 86.01
N LEU BC 160 -28.08 15.34 87.14
CA LEU BC 160 -27.84 14.01 87.69
C LEU BC 160 -29.09 13.46 88.35
N ALA BC 161 -30.06 14.33 88.65
CA ALA BC 161 -31.37 13.84 89.02
C ALA BC 161 -32.17 13.41 87.80
N ASP BC 162 -32.10 14.20 86.73
CA ASP BC 162 -32.90 13.91 85.54
C ASP BC 162 -32.40 12.66 84.81
N GLU BC 163 -31.12 12.32 84.98
CA GLU BC 163 -30.60 11.12 84.31
C GLU BC 163 -30.92 9.86 85.09
N LEU BC 164 -30.84 9.92 86.43
CA LEU BC 164 -31.14 8.75 87.24
C LEU BC 164 -32.62 8.42 87.23
N ILE BC 165 -33.48 9.41 86.97
CA ILE BC 165 -34.91 9.16 86.86
C ILE BC 165 -35.24 8.59 85.49
N ASN BC 166 -34.63 9.15 84.44
CA ASN BC 166 -34.92 8.67 83.08
C ASN BC 166 -34.27 7.33 82.80
N ALA BC 167 -33.21 6.98 83.55
CA ALA BC 167 -32.61 5.66 83.37
C ALA BC 167 -33.43 4.59 84.08
N ALA BC 168 -33.93 4.89 85.28
CA ALA BC 168 -34.76 3.92 85.99
C ALA BC 168 -36.11 3.77 85.31
N LYS BC 169 -36.57 4.81 84.63
CA LYS BC 169 -37.76 4.69 83.81
C LYS BC 169 -37.48 3.91 82.53
N GLY BC 170 -36.25 3.98 82.04
CA GLY BC 170 -35.94 3.43 80.73
C GLY BC 170 -36.58 4.28 79.66
N SER BC 171 -36.44 5.59 79.81
CA SER BC 171 -37.24 6.54 79.05
C SER BC 171 -36.74 6.72 77.63
N SER BC 172 -35.47 6.41 77.38
CA SER BC 172 -34.73 6.66 76.13
C SER BC 172 -34.65 8.14 75.76
N ASN BC 173 -35.05 9.04 76.66
CA ASN BC 173 -34.64 10.43 76.68
C ASN BC 173 -33.37 10.59 77.49
N SER BC 174 -32.83 9.49 77.99
CA SER BC 174 -31.59 9.50 78.74
C SER BC 174 -30.42 9.14 77.85
N TYR BC 175 -29.27 9.75 78.15
CA TYR BC 175 -28.01 9.30 77.56
C TYR BC 175 -27.66 7.88 78.01
N ALA BC 176 -28.09 7.52 79.22
CA ALA BC 176 -27.64 6.27 79.83
C ALA BC 176 -28.32 5.07 79.18
N ILE BC 177 -29.62 5.14 78.93
CA ILE BC 177 -30.32 4.03 78.31
C ILE BC 177 -29.96 3.93 76.83
N LYS BC 178 -29.79 5.08 76.18
CA LYS BC 178 -29.60 5.09 74.73
C LYS BC 178 -28.24 4.54 74.33
N LYS BC 179 -27.17 4.92 75.04
CA LYS BC 179 -25.86 4.39 74.74
C LYS BC 179 -25.74 2.93 75.15
N LYS BC 180 -26.50 2.53 76.17
CA LYS BC 180 -26.67 1.11 76.47
C LYS BC 180 -27.40 0.41 75.34
N ASP BC 181 -28.38 1.09 74.74
CA ASP BC 181 -29.14 0.49 73.66
C ASP BC 181 -28.34 0.44 72.37
N GLU BC 182 -27.27 1.23 72.28
CA GLU BC 182 -26.46 1.25 71.07
C GLU BC 182 -25.37 0.20 71.13
N LEU BC 183 -24.82 -0.06 72.32
CA LEU BC 183 -23.81 -1.11 72.47
C LEU BC 183 -24.42 -2.49 72.31
N GLU BC 184 -25.59 -2.69 72.90
CA GLU BC 184 -26.25 -3.99 72.85
C GLU BC 184 -26.77 -4.29 71.44
N ARG BC 185 -27.08 -3.25 70.66
CA ARG BC 185 -27.57 -3.43 69.30
C ARG BC 185 -26.43 -3.70 68.32
N VAL BC 186 -25.31 -2.99 68.48
CA VAL BC 186 -24.14 -3.26 67.65
C VAL BC 186 -23.61 -4.66 67.93
N ALA BC 187 -23.68 -5.08 69.19
CA ALA BC 187 -23.22 -6.42 69.55
C ALA BC 187 -24.19 -7.48 69.05
N LYS BC 188 -25.45 -7.13 68.84
CA LYS BC 188 -26.40 -8.10 68.31
C LYS BC 188 -26.10 -8.41 66.86
N SER BC 189 -25.50 -7.45 66.13
CA SER BC 189 -25.16 -7.67 64.74
C SER BC 189 -24.03 -8.67 64.57
N ASN BC 190 -22.93 -8.47 65.27
CA ASN BC 190 -21.73 -9.27 65.03
C ASN BC 190 -21.64 -10.44 65.99
N ARG BC 191 -22.54 -11.40 65.84
CA ARG BC 191 -22.47 -12.63 66.61
C ARG BC 191 -22.76 -13.83 65.72
N MET CC 1 84.31 1.35 -44.95
CA MET CC 1 84.32 -0.11 -44.86
C MET CC 1 85.72 -0.62 -45.12
N LYS CC 2 86.51 -0.73 -44.05
CA LYS CC 2 87.94 -0.95 -44.18
C LYS CC 2 88.24 -2.38 -44.60
N LEU CC 3 89.40 -2.55 -45.24
CA LEU CC 3 89.84 -3.84 -45.76
C LEU CC 3 91.21 -4.15 -45.18
N ASN CC 4 91.29 -5.20 -44.39
CA ASN CC 4 92.56 -5.68 -43.84
C ASN CC 4 93.15 -6.67 -44.84
N ILE CC 5 93.68 -6.13 -45.94
CA ILE CC 5 94.19 -6.96 -47.02
C ILE CC 5 95.54 -7.53 -46.62
N SER CC 6 95.69 -8.85 -46.69
CA SER CC 6 96.92 -9.51 -46.30
C SER CC 6 97.40 -10.39 -47.45
N PHE CC 7 98.71 -10.61 -47.51
CA PHE CC 7 99.30 -11.44 -48.54
C PHE CC 7 100.07 -12.57 -47.87
N PRO CC 8 99.67 -13.83 -48.04
CA PRO CC 8 100.26 -14.92 -47.24
C PRO CC 8 101.59 -15.46 -47.75
N ALA CC 9 101.86 -15.34 -49.05
CA ALA CC 9 103.09 -15.87 -49.62
C ALA CC 9 104.31 -15.03 -49.31
N THR CC 10 104.12 -13.81 -48.78
CA THR CC 10 105.20 -13.08 -48.14
C THR CC 10 104.94 -12.80 -46.68
N GLY CC 11 103.73 -13.08 -46.19
CA GLY CC 11 103.40 -12.91 -44.79
C GLY CC 11 103.20 -11.48 -44.34
N CYS CC 12 103.04 -10.55 -45.28
CA CYS CC 12 102.96 -9.13 -44.95
C CYS CC 12 101.53 -8.65 -45.19
N GLN CC 13 101.18 -7.55 -44.53
CA GLN CC 13 99.79 -7.11 -44.49
C GLN CC 13 99.70 -5.63 -44.19
N LYS CC 14 98.51 -5.07 -44.41
CA LYS CC 14 98.28 -3.64 -44.49
C LYS CC 14 96.77 -3.42 -44.52
N LEU CC 15 96.33 -2.19 -44.23
CA LEU CC 15 94.90 -1.87 -44.21
C LEU CC 15 94.62 -0.79 -45.24
N ILE CC 16 93.91 -1.14 -46.30
CA ILE CC 16 93.61 -0.23 -47.40
C ILE CC 16 92.10 -0.09 -47.55
N GLU CC 17 91.59 1.12 -47.38
CA GLU CC 17 90.15 1.35 -47.19
C GLU CC 17 89.49 1.82 -48.50
N VAL CC 18 88.25 1.39 -48.70
CA VAL CC 18 87.52 1.64 -49.95
C VAL CC 18 86.20 2.32 -49.62
N ASP CC 19 85.86 3.38 -50.38
CA ASP CC 19 84.64 4.15 -50.18
C ASP CC 19 83.89 4.29 -51.51
N ASP CC 20 83.67 3.17 -52.19
CA ASP CC 20 82.84 3.17 -53.38
C ASP CC 20 82.05 1.87 -53.41
N GLU CC 21 80.72 1.99 -53.50
CA GLU CC 21 79.88 0.79 -53.51
C GLU CC 21 79.90 0.11 -54.86
N ARG CC 22 80.38 0.78 -55.92
CA ARG CC 22 80.62 0.08 -57.17
C ARG CC 22 81.90 -0.74 -57.09
N LYS CC 23 82.88 -0.24 -56.35
CA LYS CC 23 84.07 -1.03 -56.05
C LYS CC 23 83.72 -2.18 -55.12
N LEU CC 24 82.73 -1.96 -54.24
CA LEU CC 24 82.35 -2.99 -53.30
C LEU CC 24 81.10 -3.76 -53.70
N ARG CC 25 80.58 -3.55 -54.91
CA ARG CC 25 79.45 -4.35 -55.38
C ARG CC 25 79.86 -5.80 -55.58
N THR CC 26 81.10 -6.02 -56.00
CA THR CC 26 81.58 -7.39 -56.16
C THR CC 26 81.82 -8.04 -54.81
N PHE CC 27 82.11 -7.24 -53.78
CA PHE CC 27 82.28 -7.80 -52.45
C PHE CC 27 80.95 -7.97 -51.71
N TYR CC 28 79.94 -7.19 -52.04
CA TYR CC 28 78.63 -7.35 -51.42
C TYR CC 28 77.96 -8.63 -51.91
N GLU CC 29 77.10 -9.18 -51.05
CA GLU CC 29 76.30 -10.40 -51.30
C GLU CC 29 77.20 -11.59 -51.62
N LYS CC 30 78.25 -11.77 -50.83
CA LYS CC 30 79.18 -12.88 -50.98
C LYS CC 30 79.41 -13.51 -49.62
N ARG CC 31 79.49 -14.83 -49.60
CA ARG CC 31 79.81 -15.51 -48.35
C ARG CC 31 81.29 -15.34 -48.01
N MET CC 32 81.68 -15.94 -46.90
CA MET CC 32 83.10 -16.03 -46.56
C MET CC 32 83.77 -17.05 -47.48
N ALA CC 33 85.04 -16.79 -47.79
CA ALA CC 33 85.96 -17.70 -48.46
C ALA CC 33 85.54 -18.04 -49.88
N THR CC 34 84.98 -17.06 -50.60
CA THR CC 34 84.76 -17.17 -52.03
C THR CC 34 85.80 -16.33 -52.76
N GLU CC 35 86.60 -16.97 -53.60
CA GLU CC 35 87.70 -16.30 -54.29
C GLU CC 35 87.14 -15.31 -55.30
N VAL CC 36 87.27 -14.02 -54.98
CA VAL CC 36 86.74 -12.94 -55.79
C VAL CC 36 87.89 -12.25 -56.51
N ALA CC 37 87.77 -12.16 -57.84
CA ALA CC 37 88.72 -11.38 -58.61
C ALA CC 37 88.50 -9.89 -58.36
N ALA CC 38 89.50 -9.26 -57.75
CA ALA CC 38 89.39 -7.86 -57.32
C ALA CC 38 89.89 -6.89 -58.37
N ASP CC 39 89.75 -7.22 -59.66
CA ASP CC 39 90.17 -6.29 -60.71
C ASP CC 39 89.29 -5.05 -60.78
N ALA CC 40 88.08 -5.11 -60.23
CA ALA CC 40 87.20 -3.95 -60.23
C ALA CC 40 87.46 -3.06 -59.00
N LEU CC 41 88.37 -3.45 -58.13
CA LEU CC 41 88.53 -2.74 -56.86
C LEU CC 41 89.34 -1.46 -57.04
N GLY CC 42 90.11 -1.39 -58.12
CA GLY CC 42 90.85 -0.18 -58.41
C GLY CC 42 91.46 -0.25 -59.79
N GLU CC 43 92.52 0.54 -59.97
CA GLU CC 43 93.38 0.34 -61.14
C GLU CC 43 94.62 -0.47 -60.76
N GLU CC 44 95.08 -0.36 -59.51
CA GLU CC 44 96.27 -1.08 -59.08
C GLU CC 44 95.97 -2.57 -58.92
N TRP CC 45 94.72 -2.91 -58.65
CA TRP CC 45 94.33 -4.31 -58.53
C TRP CC 45 93.82 -4.81 -59.87
N LYS CC 46 94.48 -5.83 -60.40
CA LYS CC 46 94.04 -6.53 -61.61
C LYS CC 46 94.66 -7.92 -61.58
N GLY CC 47 93.85 -8.94 -61.78
CA GLY CC 47 94.34 -10.30 -61.63
C GLY CC 47 94.60 -10.69 -60.20
N TYR CC 48 94.03 -9.96 -59.25
CA TYR CC 48 94.16 -10.26 -57.82
C TYR CC 48 92.90 -11.01 -57.38
N VAL CC 49 92.88 -12.31 -57.61
CA VAL CC 49 91.78 -13.15 -57.16
C VAL CC 49 91.93 -13.31 -55.65
N VAL CC 50 91.13 -12.56 -54.90
CA VAL CC 50 91.35 -12.35 -53.48
C VAL CC 50 90.31 -13.17 -52.71
N ARG CC 51 90.68 -13.63 -51.53
CA ARG CC 51 89.78 -14.44 -50.72
C ARG CC 51 89.15 -13.58 -49.63
N ILE CC 52 87.83 -13.72 -49.48
CA ILE CC 52 87.08 -12.89 -48.55
C ILE CC 52 86.88 -13.65 -47.24
N SER CC 53 87.80 -13.45 -46.29
CA SER CC 53 87.81 -14.26 -45.08
C SER CC 53 86.97 -13.66 -43.96
N GLY CC 54 86.29 -12.55 -44.19
CA GLY CC 54 85.35 -12.02 -43.22
C GLY CC 54 85.98 -11.17 -42.13
N GLY CC 55 85.21 -10.27 -41.54
CA GLY CC 55 85.67 -9.45 -40.45
C GLY CC 55 84.58 -9.10 -39.45
N ASN CC 56 84.85 -8.04 -38.70
CA ASN CC 56 84.02 -7.67 -37.57
C ASN CC 56 82.89 -6.72 -37.97
N ASP CC 57 81.78 -6.82 -37.24
CA ASP CC 57 80.67 -5.89 -37.42
C ASP CC 57 81.02 -4.55 -36.80
N LYS CC 58 80.23 -3.52 -37.12
CA LYS CC 58 80.52 -2.15 -36.71
C LYS CC 58 80.29 -1.92 -35.22
N GLN CC 59 79.61 -2.85 -34.54
CA GLN CC 59 79.60 -2.89 -33.08
C GLN CC 59 80.61 -3.89 -32.54
N GLY CC 60 81.55 -4.34 -33.37
CA GLY CC 60 82.66 -5.15 -32.91
C GLY CC 60 82.52 -6.64 -33.10
N PHE CC 61 81.31 -7.13 -33.30
CA PHE CC 61 81.08 -8.57 -33.24
C PHE CC 61 81.61 -9.24 -34.50
N PRO CC 62 82.34 -10.34 -34.37
CA PRO CC 62 82.99 -10.93 -35.53
C PRO CC 62 82.01 -11.69 -36.39
N MET CC 63 82.51 -12.10 -37.55
CA MET CC 63 81.75 -12.96 -38.44
C MET CC 63 82.00 -14.42 -38.08
N LYS CC 64 81.21 -15.31 -38.67
CA LYS CC 64 81.42 -16.74 -38.46
C LYS CC 64 81.17 -17.46 -39.77
N GLN CC 65 82.01 -18.43 -40.07
CA GLN CC 65 81.80 -19.27 -41.24
C GLN CC 65 80.59 -20.17 -41.03
N GLY CC 66 79.68 -20.16 -42.00
CA GLY CC 66 78.55 -21.05 -41.97
C GLY CC 66 77.53 -20.67 -40.92
N VAL CC 67 77.03 -19.45 -41.00
CA VAL CC 67 75.88 -19.04 -40.22
C VAL CC 67 74.82 -18.37 -41.10
N LEU CC 68 75.23 -17.78 -42.22
CA LEU CC 68 74.42 -17.60 -43.44
C LEU CC 68 73.25 -16.62 -43.22
N THR CC 69 73.53 -15.50 -42.57
CA THR CC 69 72.66 -14.33 -42.64
C THR CC 69 73.54 -13.15 -42.98
N HIS CC 70 72.96 -11.96 -42.99
CA HIS CC 70 73.80 -10.76 -42.95
C HIS CC 70 73.58 -9.91 -41.72
N GLY CC 71 72.78 -10.39 -40.78
CA GLY CC 71 72.65 -9.71 -39.51
C GLY CC 71 73.40 -10.43 -38.40
N ARG CC 72 72.99 -10.14 -37.17
CA ARG CC 72 73.69 -10.60 -35.98
C ARG CC 72 72.89 -11.66 -35.25
N VAL CC 73 73.52 -12.81 -35.01
CA VAL CC 73 72.84 -14.00 -34.49
C VAL CC 73 73.59 -14.46 -33.25
N ARG CC 74 72.84 -14.86 -32.21
CA ARG CC 74 73.42 -15.38 -30.98
C ARG CC 74 73.50 -16.90 -31.06
N LEU CC 75 74.59 -17.46 -30.53
CA LEU CC 75 74.85 -18.90 -30.62
C LEU CC 75 75.51 -19.42 -29.35
N LEU CC 76 75.14 -20.63 -28.96
CA LEU CC 76 75.95 -21.38 -28.01
C LEU CC 76 77.24 -21.82 -28.69
N LEU CC 77 78.36 -21.42 -28.11
CA LEU CC 77 79.65 -21.75 -28.65
C LEU CC 77 80.40 -22.62 -27.66
N SER CC 78 80.96 -23.71 -28.16
CA SER CC 78 81.70 -24.69 -27.39
C SER CC 78 83.18 -24.60 -27.73
N LYS CC 79 83.97 -25.50 -27.15
CA LYS CC 79 85.38 -25.61 -27.50
C LYS CC 79 85.51 -26.17 -28.91
N GLY CC 80 86.19 -25.43 -29.77
CA GLY CC 80 86.29 -25.81 -31.17
C GLY CC 80 85.51 -24.95 -32.12
N HIS CC 81 84.90 -23.88 -31.65
CA HIS CC 81 84.17 -22.94 -32.49
C HIS CC 81 84.97 -21.67 -32.69
N SER CC 82 84.60 -20.93 -33.73
CA SER CC 82 85.10 -19.57 -33.90
C SER CC 82 84.45 -18.65 -32.88
N CYS CC 83 85.04 -17.46 -32.73
CA CYS CC 83 84.54 -16.34 -31.92
C CYS CC 83 84.43 -16.69 -30.44
N TYR CC 84 85.11 -17.74 -29.98
CA TYR CC 84 84.96 -18.15 -28.59
C TYR CC 84 86.20 -18.85 -28.08
N ARG CC 85 86.56 -18.56 -26.83
CA ARG CC 85 87.64 -19.24 -26.15
C ARG CC 85 87.14 -19.73 -24.79
N PRO CC 86 87.07 -21.03 -24.55
CA PRO CC 86 86.50 -21.53 -23.29
C PRO CC 86 87.44 -21.34 -22.11
N ARG CC 87 86.88 -20.92 -20.97
CA ARG CC 87 87.69 -20.60 -19.80
C ARG CC 87 87.72 -21.76 -18.82
N ARG CC 88 86.58 -22.37 -18.55
CA ARG CC 88 86.53 -23.62 -17.82
C ARG CC 88 86.44 -24.77 -18.80
N THR CC 89 86.70 -25.98 -18.30
CA THR CC 89 86.69 -27.15 -19.16
C THR CC 89 85.26 -27.54 -19.50
N GLY CC 90 84.97 -27.65 -20.79
CA GLY CC 90 83.62 -27.94 -21.22
C GLY CC 90 82.67 -26.79 -21.12
N GLU CC 91 83.20 -25.58 -20.96
CA GLU CC 91 82.34 -24.41 -20.83
C GLU CC 91 81.75 -24.04 -22.18
N ARG CC 92 80.48 -23.67 -22.15
CA ARG CC 92 79.71 -23.34 -23.34
C ARG CC 92 79.02 -22.03 -23.04
N LYS CC 93 78.80 -21.20 -24.06
CA LYS CC 93 78.35 -19.84 -23.76
C LYS CC 93 77.67 -19.23 -24.98
N ARG CC 94 76.62 -18.44 -24.73
CA ARG CC 94 76.05 -17.59 -25.76
C ARG CC 94 76.98 -16.41 -26.04
N LYS CC 95 77.56 -16.38 -27.22
CA LYS CC 95 78.22 -15.20 -27.74
C LYS CC 95 77.41 -14.69 -28.92
N SER CC 96 77.66 -13.47 -29.32
CA SER CC 96 76.91 -12.87 -30.41
C SER CC 96 77.82 -12.69 -31.62
N VAL CC 97 77.45 -13.28 -32.74
CA VAL CC 97 78.29 -13.25 -33.93
C VAL CC 97 77.52 -12.61 -35.08
N ARG CC 98 78.21 -12.25 -36.16
CA ARG CC 98 77.57 -11.68 -37.34
C ARG CC 98 77.46 -12.75 -38.42
N GLY CC 99 76.36 -12.69 -39.18
CA GLY CC 99 76.20 -13.53 -40.35
C GLY CC 99 77.27 -13.28 -41.40
N CYS CC 100 77.54 -14.34 -42.18
CA CYS CC 100 78.70 -14.34 -43.06
C CYS CC 100 78.47 -13.61 -44.38
N ILE CC 101 77.22 -13.32 -44.75
CA ILE CC 101 76.98 -12.59 -45.99
C ILE CC 101 77.39 -11.14 -45.84
N VAL CC 102 78.33 -10.72 -46.68
CA VAL CC 102 78.97 -9.42 -46.58
C VAL CC 102 78.06 -8.37 -47.19
N ASP CC 103 77.66 -7.40 -46.38
CA ASP CC 103 76.93 -6.23 -46.85
C ASP CC 103 77.59 -4.99 -46.27
N ALA CC 104 76.96 -3.84 -46.50
CA ALA CC 104 77.53 -2.55 -46.09
C ALA CC 104 77.51 -2.37 -44.58
N ASN CC 105 76.75 -3.21 -43.87
CA ASN CC 105 76.66 -3.14 -42.42
C ASN CC 105 77.86 -3.83 -41.78
N LEU CC 106 79.05 -3.24 -41.96
CA LEU CC 106 80.30 -3.81 -41.50
C LEU CC 106 81.31 -2.74 -41.15
N SER CC 107 82.40 -3.15 -40.49
CA SER CC 107 83.45 -2.21 -40.14
C SER CC 107 84.74 -2.54 -40.86
N VAL CC 108 85.16 -3.80 -40.82
CA VAL CC 108 86.40 -4.28 -41.41
C VAL CC 108 86.14 -5.62 -42.09
N LEU CC 109 86.66 -5.78 -43.30
CA LEU CC 109 86.78 -7.08 -43.95
C LEU CC 109 88.24 -7.51 -43.92
N ASN CC 110 88.49 -8.80 -44.10
CA ASN CC 110 89.84 -9.33 -44.08
C ASN CC 110 90.10 -10.09 -45.37
N LEU CC 111 90.72 -9.42 -46.33
CA LEU CC 111 90.95 -9.97 -47.66
C LEU CC 111 92.32 -10.62 -47.70
N VAL CC 112 92.42 -11.77 -48.35
CA VAL CC 112 93.67 -12.52 -48.46
C VAL CC 112 93.92 -12.80 -49.93
N ILE CC 113 95.04 -12.32 -50.45
CA ILE CC 113 95.33 -12.44 -51.87
C ILE CC 113 95.81 -13.85 -52.16
N VAL CC 114 95.08 -14.54 -53.04
CA VAL CC 114 95.38 -15.91 -53.41
C VAL CC 114 96.23 -15.90 -54.67
N LYS CC 115 95.82 -15.09 -55.65
CA LYS CC 115 96.49 -15.00 -56.94
C LYS CC 115 97.16 -13.64 -57.07
N LYS CC 116 98.49 -13.62 -57.04
CA LYS CC 116 99.25 -12.39 -57.22
C LYS CC 116 99.10 -11.95 -58.67
N GLY CC 117 98.70 -10.69 -58.86
CA GLY CC 117 98.37 -10.18 -60.18
C GLY CC 117 99.59 -9.90 -61.04
N GLU CC 118 99.37 -9.16 -62.13
CA GLU CC 118 100.49 -8.74 -62.97
C GLU CC 118 101.33 -7.68 -62.28
N LYS CC 119 100.67 -6.69 -61.69
CA LYS CC 119 101.37 -5.60 -61.03
C LYS CC 119 101.94 -6.06 -59.69
N ASP CC 120 102.73 -5.19 -59.08
CA ASP CC 120 103.32 -5.45 -57.78
C ASP CC 120 102.80 -4.39 -56.81
N ILE CC 121 101.87 -4.79 -55.94
CA ILE CC 121 101.27 -3.89 -54.96
C ILE CC 121 102.34 -3.62 -53.90
N PRO CC 122 102.51 -2.36 -53.45
CA PRO CC 122 103.68 -2.05 -52.62
C PRO CC 122 103.62 -2.59 -51.20
N GLY CC 123 102.48 -2.50 -50.54
CA GLY CC 123 102.45 -2.84 -49.12
C GLY CC 123 102.44 -4.33 -48.87
N LEU CC 124 102.14 -5.12 -49.90
CA LEU CC 124 101.88 -6.54 -49.71
C LEU CC 124 102.89 -7.40 -50.48
N THR CC 125 103.07 -7.16 -51.79
CA THR CC 125 103.92 -8.04 -52.58
C THR CC 125 105.37 -7.58 -52.62
N ASP CC 126 105.64 -6.30 -52.39
CA ASP CC 126 107.02 -5.83 -52.45
C ASP CC 126 107.78 -6.21 -51.18
N THR CC 127 107.14 -6.07 -50.02
CA THR CC 127 107.74 -6.44 -48.74
C THR CC 127 107.77 -7.97 -48.65
N THR CC 128 108.96 -8.52 -48.43
CA THR CC 128 109.08 -9.93 -48.11
C THR CC 128 109.43 -10.11 -46.64
N VAL CC 129 108.54 -10.76 -45.91
CA VAL CC 129 108.75 -11.07 -44.50
C VAL CC 129 109.07 -12.56 -44.41
N PRO CC 130 110.12 -12.96 -43.71
CA PRO CC 130 110.46 -14.38 -43.62
C PRO CC 130 109.55 -15.15 -42.68
N ARG CC 131 109.85 -16.45 -42.52
CA ARG CC 131 109.26 -17.22 -41.44
C ARG CC 131 109.78 -16.72 -40.10
N ARG CC 132 109.02 -17.04 -39.05
CA ARG CC 132 109.38 -16.58 -37.71
C ARG CC 132 110.28 -17.60 -37.01
N LEU CC 133 109.92 -18.88 -37.08
CA LEU CC 133 110.72 -19.97 -36.53
C LEU CC 133 110.90 -21.05 -37.58
N GLY CC 134 111.84 -21.96 -37.31
CA GLY CC 134 112.13 -23.05 -38.21
C GLY CC 134 111.64 -24.35 -37.63
N PRO CC 135 111.77 -25.46 -38.37
CA PRO CC 135 111.23 -26.74 -37.91
C PRO CC 135 111.89 -27.30 -36.66
N LYS CC 136 111.08 -27.84 -35.76
CA LYS CC 136 111.53 -28.42 -34.49
C LYS CC 136 111.49 -29.94 -34.50
N ARG CC 137 110.43 -30.53 -35.06
CA ARG CC 137 110.35 -31.98 -35.19
C ARG CC 137 111.37 -32.45 -36.22
N ALA CC 138 111.98 -33.61 -35.96
CA ALA CC 138 113.10 -34.08 -36.77
C ALA CC 138 112.65 -34.43 -38.18
N SER CC 139 111.41 -34.91 -38.33
CA SER CC 139 110.92 -35.29 -39.64
C SER CC 139 110.62 -34.06 -40.49
N ARG CC 140 110.25 -32.95 -39.85
CA ARG CC 140 109.99 -31.73 -40.60
C ARG CC 140 111.28 -31.09 -41.09
N ILE CC 141 112.40 -31.39 -40.44
CA ILE CC 141 113.70 -31.03 -40.98
C ILE CC 141 113.98 -31.84 -42.25
N ARG CC 142 113.54 -33.11 -42.25
CA ARG CC 142 113.78 -33.97 -43.42
C ARG CC 142 112.94 -33.53 -44.61
N LYS CC 143 111.81 -32.88 -44.37
CA LYS CC 143 110.97 -32.43 -45.47
C LYS CC 143 111.48 -31.10 -46.04
N LEU CC 144 112.09 -30.27 -45.19
CA LEU CC 144 112.50 -28.93 -45.62
C LEU CC 144 113.70 -29.00 -46.55
N PHE CC 145 114.50 -30.06 -46.45
CA PHE CC 145 115.73 -30.18 -47.23
C PHE CC 145 115.75 -31.41 -48.12
N ASN CC 146 114.64 -32.16 -48.15
CA ASN CC 146 114.51 -33.46 -48.83
C ASN CC 146 115.61 -34.43 -48.40
N LEU CC 147 115.55 -34.82 -47.12
CA LEU CC 147 116.61 -35.64 -46.55
C LEU CC 147 116.22 -37.11 -46.51
N SER CC 148 117.22 -37.97 -46.29
CA SER CC 148 116.98 -39.39 -46.14
C SER CC 148 116.68 -39.72 -44.68
N LYS CC 149 116.75 -41.01 -44.36
CA LYS CC 149 116.49 -41.44 -42.99
C LYS CC 149 117.77 -41.51 -42.17
N GLU CC 150 118.88 -41.96 -42.78
CA GLU CC 150 120.08 -42.25 -42.01
C GLU CC 150 121.05 -41.07 -42.00
N ASP CC 151 120.78 -40.04 -42.77
CA ASP CC 151 121.65 -38.87 -42.75
C ASP CC 151 121.45 -38.07 -41.46
N ASP CC 152 122.41 -37.22 -41.17
CA ASP CC 152 122.39 -36.47 -39.92
C ASP CC 152 121.35 -35.35 -40.01
N VAL CC 153 120.47 -35.32 -39.02
CA VAL CC 153 119.44 -34.29 -38.93
C VAL CC 153 119.92 -33.14 -38.06
N ARG CC 154 120.88 -33.42 -37.17
CA ARG CC 154 121.37 -32.43 -36.22
C ARG CC 154 122.11 -31.29 -36.89
N GLN CC 155 122.78 -31.58 -38.01
CA GLN CC 155 123.58 -30.55 -38.67
C GLN CC 155 122.70 -29.58 -39.42
N TYR CC 156 121.62 -30.07 -40.03
CA TYR CC 156 120.81 -29.24 -40.91
C TYR CC 156 119.70 -28.50 -40.17
N VAL CC 157 119.76 -28.41 -38.84
CA VAL CC 157 118.78 -27.63 -38.11
C VAL CC 157 119.10 -26.15 -38.29
N VAL CC 158 118.06 -25.34 -38.34
CA VAL CC 158 118.24 -23.91 -38.48
C VAL CC 158 118.36 -23.29 -37.11
N ARG CC 159 119.45 -22.54 -36.90
CA ARG CC 159 119.69 -21.81 -35.67
C ARG CC 159 119.68 -20.32 -35.97
N LYS CC 160 119.20 -19.54 -35.02
CA LYS CC 160 118.87 -18.14 -35.28
C LYS CC 160 119.88 -17.22 -34.60
N PRO CC 161 120.44 -16.25 -35.30
CA PRO CC 161 121.40 -15.33 -34.68
C PRO CC 161 120.72 -14.20 -33.93
N LEU CC 162 121.23 -13.95 -32.73
CA LEU CC 162 120.69 -12.98 -31.78
C LEU CC 162 121.61 -11.77 -31.74
N ASN CC 163 121.02 -10.56 -31.77
CA ASN CC 163 121.84 -9.36 -31.89
C ASN CC 163 121.10 -8.15 -31.32
N LYS CC 164 121.53 -7.68 -30.17
CA LYS CC 164 121.09 -6.39 -29.65
C LYS CC 164 122.21 -5.80 -28.80
N GLU CC 165 122.05 -4.53 -28.46
CA GLU CC 165 123.10 -3.78 -27.76
C GLU CC 165 123.26 -4.29 -26.33
N GLY CC 166 124.43 -4.04 -25.76
CA GLY CC 166 124.71 -4.49 -24.41
C GLY CC 166 125.16 -5.94 -24.35
N LYS CC 167 124.36 -6.84 -24.90
CA LYS CC 167 124.70 -8.25 -24.98
C LYS CC 167 125.46 -8.56 -26.26
N LYS CC 168 126.19 -9.68 -26.22
CA LYS CC 168 127.01 -10.11 -27.33
C LYS CC 168 126.16 -10.86 -28.36
N PRO CC 169 126.64 -11.00 -29.59
CA PRO CC 169 125.93 -11.83 -30.56
C PRO CC 169 126.00 -13.31 -30.21
N ARG CC 170 124.84 -13.96 -30.23
CA ARG CC 170 124.70 -15.38 -29.97
C ARG CC 170 123.87 -15.99 -31.09
N THR CC 171 123.95 -17.30 -31.22
CA THR CC 171 123.20 -18.02 -32.25
C THR CC 171 122.55 -19.23 -31.60
N LYS CC 172 121.23 -19.15 -31.39
CA LYS CC 172 120.50 -20.10 -30.55
C LYS CC 172 119.82 -21.13 -31.44
N ALA CC 173 119.91 -22.41 -31.03
CA ALA CC 173 119.30 -23.52 -31.75
C ALA CC 173 118.11 -24.07 -30.99
N PRO CC 174 117.14 -24.65 -31.69
CA PRO CC 174 116.07 -25.38 -31.00
C PRO CC 174 116.52 -26.73 -30.48
N LYS CC 175 115.68 -27.30 -29.61
CA LYS CC 175 115.78 -28.71 -29.27
C LYS CC 175 115.04 -29.54 -30.31
N ILE CC 176 115.76 -30.38 -31.05
CA ILE CC 176 115.11 -31.23 -32.05
C ILE CC 176 114.32 -32.31 -31.34
N GLN CC 177 113.03 -32.41 -31.67
CA GLN CC 177 112.12 -33.30 -30.99
C GLN CC 177 111.85 -34.52 -31.87
N ARG CC 178 111.66 -35.66 -31.21
CA ARG CC 178 111.55 -36.98 -31.85
C ARG CC 178 112.77 -37.32 -32.70
N LEU CC 179 113.94 -36.91 -32.22
CA LEU CC 179 115.24 -37.39 -32.67
C LEU CC 179 115.58 -38.66 -31.90
N VAL CC 180 116.06 -39.68 -32.61
CA VAL CC 180 116.43 -40.93 -31.97
C VAL CC 180 117.84 -40.81 -31.40
N THR CC 181 117.93 -40.67 -30.10
CA THR CC 181 119.16 -40.68 -29.34
C THR CC 181 119.34 -42.04 -28.67
N PRO CC 182 120.57 -42.42 -28.25
CA PRO CC 182 120.73 -43.68 -27.49
C PRO CC 182 119.98 -43.79 -26.17
N ARG CC 183 119.44 -42.69 -25.65
CA ARG CC 183 118.51 -42.79 -24.52
C ARG CC 183 117.17 -43.35 -24.96
N VAL CC 184 116.72 -42.98 -26.17
CA VAL CC 184 115.43 -43.44 -26.69
C VAL CC 184 115.48 -44.94 -26.95
N LEU CC 185 116.60 -45.42 -27.50
CA LEU CC 185 116.78 -46.85 -27.70
C LEU CC 185 116.92 -47.59 -26.37
N GLN CC 186 117.59 -46.98 -25.40
CA GLN CC 186 117.72 -47.60 -24.09
C GLN CC 186 116.38 -47.65 -23.36
N HIS CC 187 115.55 -46.64 -23.58
CA HIS CC 187 114.15 -46.72 -23.16
C HIS CC 187 113.45 -47.88 -23.85
N LYS CC 188 113.61 -48.00 -25.17
CA LYS CC 188 112.95 -49.07 -25.92
C LYS CC 188 113.53 -50.43 -25.58
N ARG CC 189 114.84 -50.50 -25.31
CA ARG CC 189 115.43 -51.76 -24.86
C ARG CC 189 114.93 -52.16 -23.49
N ARG CC 190 114.47 -51.18 -22.69
CA ARG CC 190 114.01 -51.49 -21.35
C ARG CC 190 112.64 -52.16 -21.37
N ARG CC 191 111.65 -51.55 -22.04
CA ARG CC 191 110.29 -52.09 -21.94
C ARG CC 191 110.09 -53.30 -22.85
N ILE CC 192 111.09 -53.68 -23.63
CA ILE CC 192 111.05 -55.01 -24.24
C ILE CC 192 111.78 -56.01 -23.36
N ALA CC 193 112.68 -55.55 -22.50
CA ALA CC 193 113.35 -56.47 -21.56
C ALA CC 193 112.49 -56.74 -20.35
N LEU CC 194 111.56 -55.82 -20.05
CA LEU CC 194 110.60 -56.08 -18.99
C LEU CC 194 109.60 -57.13 -19.42
N LYS CC 195 109.37 -57.24 -20.73
CA LYS CC 195 108.52 -58.30 -21.26
C LYS CC 195 109.22 -59.65 -21.17
N LYS CC 196 110.55 -59.66 -21.26
CA LYS CC 196 111.31 -60.86 -20.97
C LYS CC 196 111.19 -61.23 -19.50
N GLN CC 197 111.19 -60.22 -18.63
CA GLN CC 197 111.23 -60.45 -17.19
C GLN CC 197 109.91 -61.02 -16.69
N ARG CC 198 108.80 -60.67 -17.32
CA ARG CC 198 107.51 -61.16 -16.89
C ARG CC 198 107.29 -62.61 -17.31
N THR CC 199 107.69 -62.96 -18.54
CA THR CC 199 107.48 -64.32 -19.03
C THR CC 199 108.37 -65.32 -18.30
N LYS CC 200 109.54 -64.86 -17.84
CA LYS CC 200 110.35 -65.67 -16.95
C LYS CC 200 109.67 -65.80 -15.59
N LYS CC 201 108.99 -64.75 -15.15
CA LYS CC 201 108.32 -64.76 -13.85
C LYS CC 201 107.09 -65.66 -13.87
N ASN CC 202 106.39 -65.69 -15.01
CA ASN CC 202 105.21 -66.55 -15.12
C ASN CC 202 105.60 -68.03 -15.13
N LYS CC 203 106.69 -68.36 -15.82
CA LYS CC 203 107.05 -69.77 -16.00
C LYS CC 203 107.63 -70.35 -14.71
N GLU CC 204 108.48 -69.59 -14.01
CA GLU CC 204 109.11 -70.11 -12.81
C GLU CC 204 108.11 -70.25 -11.67
N GLU CC 205 107.07 -69.41 -11.65
CA GLU CC 205 106.12 -69.46 -10.55
C GLU CC 205 105.00 -70.45 -10.84
N ALA CC 206 104.80 -70.81 -12.11
CA ALA CC 206 103.89 -71.89 -12.44
C ALA CC 206 104.57 -73.24 -12.32
N ALA CC 207 105.88 -73.30 -12.60
CA ALA CC 207 106.64 -74.52 -12.33
C ALA CC 207 106.73 -74.78 -10.83
N GLU CC 208 106.91 -73.72 -10.04
CA GLU CC 208 106.96 -73.85 -8.60
C GLU CC 208 105.62 -74.27 -8.03
N TYR CC 209 104.53 -73.95 -8.73
CA TYR CC 209 103.21 -74.32 -8.26
C TYR CC 209 102.82 -75.73 -8.72
N ALA CC 210 103.25 -76.12 -9.92
CA ALA CC 210 102.87 -77.42 -10.47
C ALA CC 210 103.55 -78.55 -9.70
N LYS CC 211 104.80 -78.35 -9.28
CA LYS CC 211 105.45 -79.31 -8.40
C LYS CC 211 104.80 -79.32 -7.03
N LEU CC 212 104.36 -78.14 -6.57
CA LEU CC 212 103.67 -78.05 -5.30
C LEU CC 212 102.31 -78.72 -5.37
N LEU CC 213 101.55 -78.48 -6.44
CA LEU CC 213 100.20 -79.03 -6.57
C LEU CC 213 100.25 -80.54 -6.78
N ALA CC 214 101.36 -81.04 -7.36
CA ALA CC 214 101.58 -82.47 -7.41
C ALA CC 214 101.85 -83.05 -6.03
N LYS CC 215 102.58 -82.30 -5.21
CA LYS CC 215 102.85 -82.72 -3.83
C LYS CC 215 101.57 -82.69 -3.00
N ARG CC 216 100.68 -81.75 -3.30
CA ARG CC 216 99.38 -81.72 -2.63
C ARG CC 216 98.50 -82.87 -3.12
N MET CC 217 98.77 -83.38 -4.32
CA MET CC 217 98.00 -84.50 -4.84
C MET CC 217 98.48 -85.82 -4.26
N LYS CC 218 99.78 -85.96 -4.02
CA LYS CC 218 100.32 -87.23 -3.52
C LYS CC 218 99.89 -87.51 -2.08
N GLU CC 219 99.82 -86.47 -1.24
CA GLU CC 219 99.44 -86.68 0.15
C GLU CC 219 97.94 -86.92 0.28
N ALA CC 220 97.12 -86.14 -0.46
CA ALA CC 220 95.68 -86.22 -0.29
C ALA CC 220 95.11 -87.49 -0.90
N LYS CC 221 95.81 -88.06 -1.88
CA LYS CC 221 95.41 -89.36 -2.41
C LYS CC 221 95.78 -90.48 -1.42
N GLU CC 222 96.87 -90.29 -0.68
CA GLU CC 222 97.19 -91.19 0.43
C GLU CC 222 96.18 -91.04 1.55
N LYS CC 223 95.61 -89.85 1.70
CA LYS CC 223 94.57 -89.61 2.69
C LYS CC 223 93.28 -90.33 2.32
N ARG CC 224 93.10 -90.63 1.03
CA ARG CC 224 91.99 -91.50 0.62
C ARG CC 224 92.37 -92.96 0.74
N GLN CC 225 93.64 -93.30 0.49
CA GLN CC 225 94.11 -94.67 0.74
C GLN CC 225 94.06 -95.01 2.22
N GLU CC 226 94.25 -94.01 3.09
CA GLU CC 226 94.08 -94.23 4.51
C GLU CC 226 92.60 -94.24 4.88
N GLN CC 227 91.76 -93.66 4.02
CA GLN CC 227 90.32 -93.63 4.29
C GLN CC 227 89.63 -94.91 3.82
N ILE CC 228 90.08 -95.47 2.69
CA ILE CC 228 89.49 -96.71 2.19
C ILE CC 228 89.93 -97.89 3.04
N ALA CC 229 91.19 -97.88 3.50
CA ALA CC 229 91.69 -98.97 4.32
C ALA CC 229 91.04 -99.00 5.69
N LYS CC 230 90.58 -97.83 6.17
CA LYS CC 230 89.78 -97.80 7.39
C LYS CC 230 88.42 -98.46 7.15
N ARG CC 231 87.90 -98.35 5.93
CA ARG CC 231 86.63 -99.02 5.61
C ARG CC 231 86.87 -100.48 5.25
N ARG CC 232 88.04 -100.79 4.67
CA ARG CC 232 88.40 -102.19 4.46
C ARG CC 232 88.65 -102.92 5.77
N ARG CC 233 89.00 -102.17 6.82
CA ARG CC 233 89.11 -102.76 8.15
C ARG CC 233 87.73 -102.93 8.80
N LEU CC 234 86.87 -101.92 8.69
CA LEU CC 234 85.61 -101.95 9.43
C LEU CC 234 84.53 -102.74 8.69
N SER CC 235 84.71 -102.99 7.39
CA SER CC 235 83.80 -103.90 6.71
C SER CC 235 84.09 -105.34 7.10
N SER CC 236 85.33 -105.64 7.48
CA SER CC 236 85.66 -106.96 7.98
C SER CC 236 85.50 -107.03 9.51
N LEU CC 237 85.39 -105.88 10.15
CA LEU CC 237 85.21 -105.83 11.60
C LEU CC 237 83.74 -105.98 11.95
N VAL DC 1 34.49 -59.28 37.01
CA VAL DC 1 34.77 -60.47 37.79
C VAL DC 1 36.16 -60.44 38.39
N ARG DC 2 36.54 -61.54 39.02
CA ARG DC 2 37.89 -61.71 39.57
C ARG DC 2 38.91 -61.87 38.46
N MET DC 3 39.88 -60.97 38.42
CA MET DC 3 40.92 -60.98 37.40
C MET DC 3 42.24 -61.50 37.97
N ASN DC 4 42.69 -60.91 39.06
CA ASN DC 4 43.97 -61.22 39.67
C ASN DC 4 43.71 -61.90 41.00
N VAL DC 5 44.16 -63.15 41.13
CA VAL DC 5 43.82 -63.96 42.28
C VAL DC 5 44.75 -63.67 43.44
N LEU DC 6 46.03 -63.44 43.14
CA LEU DC 6 47.00 -63.07 44.17
C LEU DC 6 46.70 -61.67 44.71
N ALA DC 7 45.97 -60.86 43.96
CA ALA DC 7 45.59 -59.54 44.45
C ALA DC 7 44.42 -59.62 45.42
N ASP DC 8 43.56 -60.64 45.28
CA ASP DC 8 42.49 -60.83 46.25
C ASP DC 8 43.03 -61.38 47.55
N ALA DC 9 44.13 -62.15 47.49
CA ALA DC 9 44.61 -62.86 48.67
C ALA DC 9 45.38 -61.93 49.59
N LEU DC 10 46.10 -60.97 49.04
CA LEU DC 10 46.96 -60.14 49.88
C LEU DC 10 46.17 -59.04 50.55
N LYS DC 11 45.10 -58.55 49.91
CA LYS DC 11 44.24 -57.57 50.57
C LYS DC 11 43.33 -58.27 51.57
N SER DC 12 43.13 -59.58 51.41
CA SER DC 12 42.34 -60.33 52.36
C SER DC 12 43.08 -60.56 53.66
N ILE DC 13 44.39 -60.81 53.60
CA ILE DC 13 45.15 -61.01 54.83
C ILE DC 13 45.56 -59.67 55.42
N ASN DC 14 45.49 -58.61 54.63
CA ASN DC 14 45.84 -57.29 55.16
C ASN DC 14 44.72 -56.73 56.00
N ASN DC 15 43.48 -57.09 55.67
CA ASN DC 15 42.34 -56.63 56.45
C ASN DC 15 42.18 -57.45 57.72
N ALA DC 16 42.76 -58.64 57.76
CA ALA DC 16 42.71 -59.46 58.96
C ALA DC 16 43.81 -59.09 59.93
N GLU DC 17 44.90 -58.52 59.43
CA GLU DC 17 45.93 -57.98 60.30
C GLU DC 17 45.46 -56.72 61.00
N LYS DC 18 44.67 -55.89 60.31
CA LYS DC 18 44.25 -54.61 60.89
C LYS DC 18 43.17 -54.82 61.96
N ARG DC 19 42.30 -55.79 61.76
CA ARG DC 19 41.28 -56.13 62.74
C ARG DC 19 41.84 -57.05 63.83
N GLY DC 20 43.06 -57.55 63.65
CA GLY DC 20 43.69 -58.33 64.71
C GLY DC 20 43.26 -59.78 64.74
N LYS DC 21 43.02 -60.36 63.58
CA LYS DC 21 42.60 -61.75 63.49
C LYS DC 21 43.76 -62.68 63.76
N ARG DC 22 43.46 -63.86 64.29
CA ARG DC 22 44.51 -64.83 64.52
C ARG DC 22 44.73 -65.72 63.31
N GLN DC 23 43.67 -65.95 62.53
CA GLN DC 23 43.80 -66.64 61.25
C GLN DC 23 42.71 -66.18 60.29
N VAL DC 24 43.03 -66.24 58.99
CA VAL DC 24 42.11 -65.81 57.95
C VAL DC 24 42.04 -66.89 56.88
N LEU DC 25 40.86 -67.06 56.29
CA LEU DC 25 40.65 -67.92 55.14
C LEU DC 25 40.75 -67.08 53.87
N ILE DC 26 41.54 -67.54 52.90
CA ILE DC 26 41.56 -66.92 51.59
C ILE DC 26 41.08 -67.97 50.57
N ARG DC 27 40.20 -67.55 49.67
CA ARG DC 27 39.38 -68.54 49.00
C ARG DC 27 40.01 -69.30 47.82
N PRO DC 28 40.77 -68.71 46.90
CA PRO DC 28 41.45 -69.57 45.92
C PRO DC 28 42.87 -69.91 46.37
N CYS DC 29 43.29 -71.13 46.09
CA CYS DC 29 44.67 -71.57 46.32
C CYS DC 29 45.37 -71.59 44.97
N SER DC 30 45.91 -70.45 44.57
CA SER DC 30 46.79 -70.42 43.42
C SER DC 30 48.15 -70.95 43.85
N LYS DC 31 48.93 -71.40 42.88
CA LYS DC 31 50.31 -71.80 43.10
C LYS DC 31 51.14 -70.58 43.49
N VAL DC 32 50.79 -69.44 42.91
CA VAL DC 32 51.55 -68.20 43.15
C VAL DC 32 51.30 -67.72 44.57
N ILE DC 33 50.09 -67.95 45.09
CA ILE DC 33 49.79 -67.56 46.47
C ILE DC 33 50.58 -68.43 47.44
N VAL DC 34 50.68 -69.72 47.15
CA VAL DC 34 51.40 -70.63 48.03
C VAL DC 34 52.89 -70.34 48.02
N ARG DC 35 53.43 -70.03 46.84
CA ARG DC 35 54.84 -69.68 46.76
C ARG DC 35 55.08 -68.25 47.26
N PHE DC 36 54.02 -67.43 47.32
CA PHE DC 36 54.12 -66.14 48.00
C PHE DC 36 54.28 -66.34 49.50
N LEU DC 37 53.38 -67.14 50.10
CA LEU DC 37 53.25 -67.17 51.55
C LEU DC 37 54.45 -67.82 52.22
N THR DC 38 55.18 -68.67 51.49
CA THR DC 38 56.40 -69.22 52.07
C THR DC 38 57.48 -68.16 52.16
N VAL DC 39 57.45 -67.17 51.27
CA VAL DC 39 58.42 -66.08 51.36
C VAL DC 39 58.13 -65.23 52.59
N MET DC 40 56.85 -65.05 52.93
CA MET DC 40 56.54 -64.37 54.19
C MET DC 40 56.70 -65.31 55.37
N MET DC 41 56.72 -66.61 55.12
CA MET DC 41 56.93 -67.58 56.20
C MET DC 41 58.40 -67.68 56.58
N LYS DC 42 59.28 -67.80 55.58
CA LYS DC 42 60.70 -68.01 55.87
C LYS DC 42 61.36 -66.77 56.45
N HIS DC 43 60.79 -65.59 56.18
CA HIS DC 43 61.18 -64.37 56.88
C HIS DC 43 60.43 -64.21 58.19
N GLY DC 44 59.43 -65.05 58.44
CA GLY DC 44 58.78 -65.07 59.73
C GLY DC 44 57.78 -63.98 59.98
N TYR DC 45 57.11 -63.46 58.94
CA TYR DC 45 56.08 -62.46 59.22
C TYR DC 45 54.76 -63.13 59.57
N ILE DC 46 54.42 -64.23 58.90
CA ILE DC 46 53.20 -64.95 59.16
C ILE DC 46 53.53 -66.27 59.82
N GLY DC 47 52.50 -66.96 60.26
CA GLY DC 47 52.67 -68.24 60.93
C GLY DC 47 52.88 -69.36 59.94
N GLU DC 48 52.16 -70.45 60.17
CA GLU DC 48 52.16 -71.55 59.20
C GLU DC 48 50.76 -71.67 58.61
N PHE DC 49 50.70 -71.59 57.29
CA PHE DC 49 49.44 -71.79 56.60
C PHE DC 49 49.29 -73.26 56.24
N GLU DC 50 48.18 -73.54 55.56
CA GLU DC 50 47.91 -74.86 55.02
C GLU DC 50 46.93 -74.68 53.88
N ILE DC 51 46.95 -75.58 52.91
CA ILE DC 51 46.01 -75.50 51.80
C ILE DC 51 45.00 -76.62 51.95
N ILE DC 52 43.74 -76.33 51.65
CA ILE DC 52 42.63 -77.27 51.83
C ILE DC 52 42.24 -77.79 50.47
N ASP DC 53 42.27 -79.11 50.31
CA ASP DC 53 42.02 -79.70 49.01
C ASP DC 53 40.56 -80.12 48.90
N ASP DC 54 39.79 -79.33 48.17
CA ASP DC 54 38.67 -79.80 47.38
C ASP DC 54 39.17 -79.99 45.95
N HIS DC 55 38.34 -80.53 45.07
CA HIS DC 55 38.79 -80.75 43.70
C HIS DC 55 38.39 -79.55 42.84
N ARG DC 56 38.71 -78.38 43.36
CA ARG DC 56 38.35 -77.07 42.83
C ARG DC 56 39.63 -76.26 42.97
N ALA DC 57 39.56 -74.95 42.88
CA ALA DC 57 40.65 -74.15 43.43
C ALA DC 57 40.57 -74.23 44.95
N GLY DC 58 41.64 -74.68 45.58
CA GLY DC 58 41.60 -74.97 47.00
C GLY DC 58 41.50 -73.73 47.86
N LYS DC 59 41.37 -73.95 49.16
CA LYS DC 59 41.30 -72.88 50.13
C LYS DC 59 42.51 -72.93 51.04
N ILE DC 60 42.88 -71.78 51.60
CA ILE DC 60 44.07 -71.64 52.43
C ILE DC 60 43.69 -70.91 53.71
N VAL DC 61 43.95 -71.52 54.86
CA VAL DC 61 43.69 -70.92 56.16
C VAL DC 61 45.03 -70.58 56.79
N VAL DC 62 45.35 -69.28 56.87
CA VAL DC 62 46.70 -68.81 57.19
C VAL DC 62 46.75 -68.38 58.65
N ASN DC 63 47.62 -68.99 59.44
CA ASN DC 63 47.90 -68.53 60.79
C ASN DC 63 48.57 -67.17 60.72
N LEU DC 64 48.03 -66.19 61.46
CA LEU DC 64 48.62 -64.86 61.44
C LEU DC 64 49.20 -64.52 62.80
N THR DC 65 50.38 -63.93 62.78
CA THR DC 65 50.97 -63.28 63.94
C THR DC 65 50.63 -61.80 63.86
N GLY DC 66 51.23 -61.00 64.73
CA GLY DC 66 50.98 -59.58 64.68
C GLY DC 66 52.13 -58.83 64.05
N ARG DC 67 52.90 -59.52 63.21
CA ARG DC 67 54.16 -58.99 62.73
C ARG DC 67 54.06 -58.33 61.36
N LEU DC 68 52.94 -58.49 60.67
CA LEU DC 68 52.79 -58.01 59.29
C LEU DC 68 52.16 -56.62 59.30
N ASN DC 69 52.88 -55.63 58.80
CA ASN DC 69 52.30 -54.30 58.68
C ASN DC 69 51.41 -54.19 57.46
N LYS DC 70 51.98 -54.38 56.28
CA LYS DC 70 51.19 -54.33 55.07
C LYS DC 70 51.66 -55.40 54.10
N CYS DC 71 50.72 -56.14 53.55
CA CYS DC 71 50.96 -57.10 52.49
C CYS DC 71 50.29 -56.60 51.21
N GLY DC 72 51.09 -56.22 50.22
CA GLY DC 72 50.58 -55.57 49.03
C GLY DC 72 51.02 -56.26 47.77
N VAL DC 73 50.29 -55.98 46.69
CA VAL DC 73 50.54 -56.54 45.38
C VAL DC 73 50.76 -55.39 44.38
N ILE DC 74 51.78 -55.52 43.56
CA ILE DC 74 52.02 -54.61 42.46
C ILE DC 74 51.42 -55.26 41.22
N SER DC 75 50.36 -54.68 40.72
CA SER DC 75 49.67 -55.11 39.51
C SER DC 75 49.65 -53.96 38.53
N PRO DC 76 50.14 -54.13 37.29
CA PRO DC 76 50.60 -55.32 36.59
C PRO DC 76 52.00 -55.77 36.99
N ARG DC 77 52.35 -57.00 36.66
CA ARG DC 77 53.68 -57.52 36.92
C ARG DC 77 54.65 -56.86 35.96
N PHE DC 78 55.25 -55.74 36.37
CA PHE DC 78 56.17 -55.02 35.51
C PHE DC 78 57.46 -55.79 35.33
N ASP DC 79 58.09 -55.62 34.18
CA ASP DC 79 59.42 -56.17 33.97
C ASP DC 79 60.48 -55.34 34.69
N VAL DC 80 61.24 -56.00 35.56
CA VAL DC 80 62.19 -55.33 36.45
C VAL DC 80 63.58 -55.91 36.21
N GLN DC 81 64.47 -55.09 35.67
CA GLN DC 81 65.86 -55.50 35.55
C GLN DC 81 66.58 -55.39 36.89
N LEU DC 82 67.87 -55.73 36.88
CA LEU DC 82 68.70 -55.45 38.05
C LEU DC 82 69.05 -53.99 38.17
N LYS DC 83 69.17 -53.27 37.05
CA LYS DC 83 69.47 -51.85 37.11
C LYS DC 83 68.31 -51.07 37.73
N ASP DC 84 67.09 -51.46 37.38
CA ASP DC 84 65.91 -50.74 37.83
C ASP DC 84 65.41 -51.19 39.20
N LEU DC 85 66.02 -52.23 39.78
CA LEU DC 85 65.49 -52.80 41.02
C LEU DC 85 65.76 -51.89 42.21
N GLU DC 86 66.81 -51.07 42.13
CA GLU DC 86 67.10 -50.11 43.18
C GLU DC 86 66.02 -49.04 43.29
N LYS DC 87 65.46 -48.64 42.16
CA LYS DC 87 64.48 -47.55 42.18
C LYS DC 87 63.14 -48.03 42.72
N TRP DC 88 62.84 -49.32 42.62
CA TRP DC 88 61.58 -49.84 43.12
C TRP DC 88 61.59 -49.94 44.63
N GLN DC 89 62.65 -50.52 45.20
CA GLN DC 89 62.75 -50.67 46.64
C GLN DC 89 62.91 -49.35 47.36
N ASN DC 90 63.31 -48.29 46.66
CA ASN DC 90 63.32 -46.97 47.24
C ASN DC 90 61.90 -46.48 47.55
N ASN DC 91 61.03 -46.45 46.53
CA ASN DC 91 59.73 -45.82 46.68
C ASN DC 91 58.61 -46.81 46.98
N LEU DC 92 58.90 -48.00 47.46
CA LEU DC 92 57.86 -48.97 47.75
C LEU DC 92 58.07 -49.64 49.10
N LEU DC 93 59.25 -49.53 49.68
CA LEU DC 93 59.60 -50.10 50.97
C LEU DC 93 59.85 -48.97 51.97
N PRO DC 94 59.53 -49.18 53.25
CA PRO DC 94 59.66 -48.08 54.22
C PRO DC 94 61.09 -47.76 54.59
N SER DC 95 61.97 -48.75 54.64
CA SER DC 95 63.36 -48.47 55.01
C SER DC 95 64.27 -49.40 54.24
N ARG DC 96 65.56 -49.08 54.25
CA ARG DC 96 66.58 -49.94 53.67
C ARG DC 96 66.96 -51.07 54.60
N GLN DC 97 66.41 -51.08 55.82
CA GLN DC 97 66.75 -52.06 56.84
C GLN DC 97 65.87 -53.30 56.79
N PHE DC 98 64.55 -53.15 56.75
CA PHE DC 98 63.64 -54.28 56.72
C PHE DC 98 62.69 -54.14 55.55
N GLY DC 99 61.77 -55.08 55.43
CA GLY DC 99 60.80 -55.06 54.37
C GLY DC 99 61.33 -55.70 53.11
N PHE DC 100 60.46 -56.41 52.41
CA PHE DC 100 60.87 -57.19 51.26
C PHE DC 100 59.91 -56.98 50.10
N ILE DC 101 60.48 -56.77 48.92
CA ILE DC 101 59.78 -56.86 47.66
C ILE DC 101 59.99 -58.29 47.17
N VAL DC 102 58.91 -58.98 46.84
CA VAL DC 102 58.99 -60.31 46.25
C VAL DC 102 58.72 -60.15 44.76
N LEU DC 103 59.41 -60.95 43.94
CA LEU DC 103 59.31 -60.86 42.49
C LEU DC 103 59.66 -62.21 41.91
N THR DC 104 58.90 -62.63 40.90
CA THR DC 104 59.18 -63.90 40.26
C THR DC 104 60.30 -63.75 39.24
N THR DC 105 61.26 -64.66 39.30
CA THR DC 105 62.33 -64.73 38.33
C THR DC 105 62.26 -66.09 37.68
N SER DC 106 63.18 -66.37 36.76
CA SER DC 106 63.25 -67.72 36.22
C SER DC 106 63.76 -68.72 37.26
N ALA DC 107 64.50 -68.23 38.26
CA ALA DC 107 64.90 -69.07 39.37
C ALA DC 107 63.73 -69.40 40.28
N GLY DC 108 62.71 -68.55 40.28
CA GLY DC 108 61.51 -68.84 41.04
C GLY DC 108 61.06 -67.62 41.82
N ILE DC 109 60.04 -67.85 42.65
CA ILE DC 109 59.46 -66.75 43.44
C ILE DC 109 60.29 -66.57 44.70
N MET DC 110 60.78 -65.35 44.92
CA MET DC 110 61.74 -65.07 45.97
C MET DC 110 61.76 -63.58 46.21
N ASP DC 111 62.37 -63.18 47.34
CA ASP DC 111 62.40 -61.76 47.67
C ASP DC 111 63.45 -61.01 46.86
N HIS DC 112 63.55 -59.71 47.08
CA HIS DC 112 64.41 -58.89 46.21
C HIS DC 112 65.87 -59.04 46.57
N GLU DC 113 66.18 -59.48 47.79
CA GLU DC 113 67.58 -59.59 48.20
C GLU DC 113 68.23 -60.83 47.62
N GLU DC 114 67.46 -61.91 47.49
CA GLU DC 114 67.97 -63.14 46.89
C GLU DC 114 68.18 -62.97 45.40
N ALA DC 115 67.47 -62.02 44.78
CA ALA DC 115 67.71 -61.71 43.38
C ALA DC 115 69.07 -61.06 43.19
N ARG DC 116 69.48 -60.20 44.11
CA ARG DC 116 70.84 -59.67 44.08
C ARG DC 116 71.86 -60.76 44.38
N ARG DC 117 71.48 -61.75 45.20
CA ARG DC 117 72.35 -62.89 45.44
C ARG DC 117 72.53 -63.74 44.19
N LYS DC 118 71.41 -64.05 43.53
CA LYS DC 118 71.47 -64.97 42.40
C LYS DC 118 71.73 -64.26 41.08
N HIS DC 119 71.72 -62.92 41.07
CA HIS DC 119 71.93 -62.07 39.90
C HIS DC 119 70.93 -62.42 38.81
N THR DC 120 69.64 -62.23 39.08
CA THR DC 120 68.56 -62.63 38.20
C THR DC 120 67.36 -61.73 38.46
N GLY DC 121 66.96 -60.95 37.46
CA GLY DC 121 65.79 -60.11 37.58
C GLY DC 121 64.53 -60.82 37.12
N GLY DC 122 63.43 -60.09 37.11
CA GLY DC 122 62.19 -60.68 36.68
C GLY DC 122 61.03 -59.73 36.77
N LYS DC 123 59.90 -60.22 37.28
CA LYS DC 123 58.64 -59.50 37.28
C LYS DC 123 58.12 -59.36 38.70
N ILE DC 124 57.73 -58.15 39.09
CA ILE DC 124 57.40 -57.89 40.49
C ILE DC 124 56.00 -58.42 40.80
N LEU DC 125 55.92 -59.26 41.85
CA LEU DC 125 54.67 -59.89 42.25
C LEU DC 125 53.97 -59.12 43.36
N GLY DC 126 54.75 -58.50 44.24
CA GLY DC 126 54.17 -57.72 45.32
C GLY DC 126 55.24 -57.26 46.27
N PHE DC 127 54.86 -56.92 47.49
CA PHE DC 127 55.80 -56.54 48.52
C PHE DC 127 55.16 -56.84 49.86
N PHE DC 128 55.99 -56.93 50.89
CA PHE DC 128 55.47 -57.05 52.24
C PHE DC 128 56.47 -56.48 53.22
N PHE DC 129 55.95 -55.79 54.23
CA PHE DC 129 56.75 -55.23 55.31
C PHE DC 129 55.92 -55.19 56.59
N GLY EC 1 -11.09 13.11 142.19
CA GLY EC 1 -10.02 12.59 143.01
C GLY EC 1 -8.90 11.97 142.21
N PRO EC 2 -9.06 10.71 141.82
CA PRO EC 2 -8.11 10.09 140.90
C PRO EC 2 -8.25 10.69 139.50
N LEU EC 3 -7.22 11.39 139.05
CA LEU EC 3 -7.24 12.00 137.72
C LEU EC 3 -7.08 10.90 136.68
N GLN EC 4 -8.15 10.65 135.93
CA GLN EC 4 -8.18 9.54 134.97
C GLN EC 4 -7.92 10.02 133.54
N SER EC 5 -6.71 10.54 133.34
CA SER EC 5 -6.34 11.17 132.07
C SER EC 5 -5.84 10.13 131.08
N VAL EC 6 -6.35 10.20 129.84
CA VAL EC 6 -5.91 9.33 128.76
C VAL EC 6 -5.62 10.18 127.52
N GLN EC 7 -4.35 10.29 127.16
CA GLN EC 7 -3.96 11.04 125.96
C GLN EC 7 -3.66 10.09 124.82
N VAL EC 8 -4.50 10.12 123.77
CA VAL EC 8 -4.40 9.20 122.64
C VAL EC 8 -4.48 10.00 121.35
N PHE EC 9 -3.54 9.75 120.43
CA PHE EC 9 -3.55 10.41 119.13
C PHE EC 9 -4.26 9.56 118.09
N GLY EC 10 -4.39 10.14 116.89
CA GLY EC 10 -4.91 9.46 115.73
C GLY EC 10 -4.33 10.09 114.48
N ARG EC 11 -3.71 9.30 113.62
CA ARG EC 11 -2.96 9.83 112.49
C ARG EC 11 -3.66 9.45 111.18
N LYS EC 12 -3.99 10.47 110.40
CA LYS EC 12 -4.20 10.34 108.97
C LYS EC 12 -2.84 10.69 108.34
N LYS EC 13 -2.82 10.94 107.04
CA LYS EC 13 -1.72 11.24 106.11
C LYS EC 13 -0.61 12.06 106.78
N THR EC 14 -0.87 13.29 107.21
CA THR EC 14 0.08 14.08 107.98
C THR EC 14 -0.56 14.67 109.23
N ALA EC 15 -1.87 14.88 109.19
CA ALA EC 15 -2.58 15.50 110.30
C ALA EC 15 -2.60 14.62 111.52
N THR EC 16 -2.09 15.16 112.63
CA THR EC 16 -2.03 14.47 113.91
C THR EC 16 -2.97 15.16 114.88
N ALA EC 17 -3.79 14.38 115.57
CA ALA EC 17 -4.81 14.90 116.46
C ALA EC 17 -4.86 14.03 117.70
N VAL EC 18 -4.58 14.63 118.85
CA VAL EC 18 -4.47 13.92 120.12
C VAL EC 18 -5.75 14.17 120.88
N ALA EC 19 -6.42 13.10 121.31
CA ALA EC 19 -7.61 13.25 122.13
C ALA EC 19 -7.25 13.05 123.60
N HIS EC 20 -8.03 13.70 124.47
CA HIS EC 20 -7.73 13.69 125.90
C HIS EC 20 -9.02 13.31 126.65
N CYS EC 21 -9.11 12.06 127.06
CA CYS EC 21 -10.24 11.60 127.85
C CYS EC 21 -9.97 11.74 129.34
N LYS EC 22 -11.01 12.14 130.07
CA LYS EC 22 -10.98 12.17 131.53
C LYS EC 22 -12.30 11.68 132.06
N ARG EC 23 -12.36 11.49 133.38
CA ARG EC 23 -13.64 11.37 134.05
C ARG EC 23 -14.37 12.71 133.98
N GLY EC 24 -15.58 12.70 133.45
CA GLY EC 24 -16.31 13.95 133.34
C GLY EC 24 -17.73 13.69 132.89
N ASN EC 25 -18.31 14.71 132.28
CA ASN EC 25 -19.63 14.60 131.70
C ASN EC 25 -19.53 14.60 130.19
N GLY EC 26 -20.64 14.31 129.53
CA GLY EC 26 -20.62 14.04 128.11
C GLY EC 26 -20.46 15.23 127.19
N LEU EC 27 -19.27 15.82 127.16
CA LEU EC 27 -18.93 16.83 126.16
C LEU EC 27 -17.70 16.38 125.37
N ILE EC 28 -17.73 16.63 124.06
CA ILE EC 28 -16.59 16.40 123.18
C ILE EC 28 -16.39 17.67 122.37
N LYS EC 29 -15.16 18.18 122.35
CA LYS EC 29 -14.88 19.36 121.56
C LYS EC 29 -13.43 19.35 121.10
N VAL EC 30 -13.20 19.98 119.95
CA VAL EC 30 -11.97 19.85 119.19
C VAL EC 30 -11.41 21.25 118.94
N ASN EC 31 -10.19 21.49 119.41
CA ASN EC 31 -9.50 22.78 119.34
C ASN EC 31 -10.33 23.91 119.95
N GLY EC 32 -11.02 23.59 121.04
CA GLY EC 32 -11.79 24.60 121.75
C GLY EC 32 -13.19 24.86 121.21
N ARG EC 33 -13.66 24.02 120.28
CA ARG EC 33 -14.99 24.25 119.72
C ARG EC 33 -15.63 22.92 119.41
N PRO EC 34 -16.95 22.79 119.56
CA PRO EC 34 -17.58 21.45 119.51
C PRO EC 34 -17.65 20.88 118.09
N LEU EC 35 -18.22 19.69 118.02
CA LEU EC 35 -18.24 18.93 116.77
C LEU EC 35 -19.18 19.52 115.72
N GLU EC 36 -20.12 20.36 116.13
CA GLU EC 36 -21.07 20.92 115.17
C GLU EC 36 -20.42 21.93 114.24
N MET EC 37 -19.37 22.61 114.71
CA MET EC 37 -18.58 23.51 113.88
C MET EC 37 -17.13 23.01 113.81
N ILE EC 38 -16.92 22.05 112.91
CA ILE EC 38 -15.61 21.64 112.43
C ILE EC 38 -15.77 21.53 110.92
N GLU EC 39 -15.00 22.27 110.20
CA GLU EC 39 -15.27 22.42 108.78
C GLU EC 39 -14.52 21.36 107.97
N PRO EC 40 -15.05 20.93 106.81
CA PRO EC 40 -16.34 21.24 106.18
C PRO EC 40 -17.51 20.53 106.84
N ARG EC 41 -18.69 21.16 106.78
CA ARG EC 41 -19.87 20.60 107.41
C ARG EC 41 -20.52 19.49 106.60
N THR EC 42 -20.02 19.20 105.39
CA THR EC 42 -20.49 18.02 104.68
C THR EC 42 -20.03 16.75 105.37
N LEU EC 43 -18.84 16.78 105.93
CA LEU EC 43 -18.28 15.72 106.76
C LEU EC 43 -18.71 15.88 108.20
N GLN EC 44 -20.02 16.04 108.41
CA GLN EC 44 -20.58 16.20 109.74
C GLN EC 44 -20.76 14.85 110.43
N TYR EC 45 -21.42 13.91 109.75
CA TYR EC 45 -21.65 12.60 110.35
C TYR EC 45 -20.36 11.79 110.44
N LYS EC 46 -19.32 12.17 109.68
CA LYS EC 46 -17.99 11.58 109.84
C LYS EC 46 -17.45 11.77 111.26
N LEU EC 47 -17.84 12.86 111.92
CA LEU EC 47 -17.46 13.06 113.30
C LEU EC 47 -18.51 12.48 114.24
N LEU EC 48 -19.68 12.15 113.71
CA LEU EC 48 -20.73 11.55 114.52
C LEU EC 48 -20.75 10.03 114.43
N GLU EC 49 -20.02 9.45 113.47
CA GLU EC 49 -19.80 8.01 113.35
C GLU EC 49 -19.19 7.34 114.59
N PRO EC 50 -18.26 7.96 115.35
CA PRO EC 50 -17.96 7.37 116.66
C PRO EC 50 -19.09 7.51 117.67
N VAL EC 51 -19.88 8.58 117.57
CA VAL EC 51 -20.90 8.83 118.59
C VAL EC 51 -22.17 8.04 118.29
N LEU EC 52 -22.67 8.12 117.06
CA LEU EC 52 -23.99 7.58 116.75
C LEU EC 52 -24.00 6.06 116.76
N LEU EC 53 -22.86 5.44 116.46
CA LEU EC 53 -22.83 3.98 116.38
C LEU EC 53 -22.74 3.36 117.77
N LEU EC 54 -22.10 4.06 118.70
CA LEU EC 54 -21.98 3.55 120.06
C LEU EC 54 -23.15 3.95 120.94
N GLY EC 55 -23.78 5.09 120.65
CA GLY EC 55 -24.76 5.65 121.56
C GLY EC 55 -24.11 6.63 122.51
N LYS EC 56 -24.95 7.41 123.19
CA LYS EC 56 -24.45 8.43 124.08
C LYS EC 56 -24.21 7.91 125.49
N GLU EC 57 -24.64 6.69 125.78
CA GLU EC 57 -24.40 6.10 127.09
C GLU EC 57 -22.92 5.77 127.29
N ARG EC 58 -22.26 5.36 126.21
CA ARG EC 58 -20.82 5.10 126.27
C ARG EC 58 -20.04 6.41 126.43
N PHE EC 59 -20.58 7.50 125.89
CA PHE EC 59 -19.94 8.80 125.97
C PHE EC 59 -20.50 9.69 127.07
N ALA EC 60 -21.24 9.13 128.03
CA ALA EC 60 -21.88 9.96 129.04
C ALA EC 60 -20.89 10.38 130.11
N GLY EC 61 -20.06 9.46 130.58
CA GLY EC 61 -19.18 9.71 131.69
C GLY EC 61 -17.77 10.15 131.33
N VAL EC 62 -17.53 10.51 130.07
CA VAL EC 62 -16.21 10.94 129.64
C VAL EC 62 -16.33 12.31 128.98
N ASP EC 63 -15.39 13.20 129.29
CA ASP EC 63 -15.23 14.42 128.51
C ASP EC 63 -13.96 14.32 127.67
N ILE EC 64 -14.03 14.81 126.43
CA ILE EC 64 -12.94 14.64 125.45
C ILE EC 64 -12.57 16.02 124.89
N ARG EC 65 -11.29 16.36 124.96
CA ARG EC 65 -10.74 17.54 124.30
C ARG EC 65 -9.64 17.12 123.33
N VAL EC 66 -9.61 17.75 122.17
CA VAL EC 66 -8.78 17.32 121.04
C VAL EC 66 -7.94 18.51 120.58
N ARG EC 67 -6.63 18.31 120.46
CA ARG EC 67 -5.77 19.32 119.83
C ARG EC 67 -5.21 18.78 118.52
N VAL EC 68 -5.26 19.60 117.47
CA VAL EC 68 -5.01 19.15 116.11
C VAL EC 68 -4.02 20.09 115.43
N LYS EC 69 -3.04 19.52 114.75
CA LYS EC 69 -2.24 20.29 113.81
C LYS EC 69 -1.75 19.38 112.71
N GLY EC 70 -1.26 19.99 111.64
CA GLY EC 70 -0.77 19.27 110.48
C GLY EC 70 -1.88 18.92 109.49
N GLY EC 71 -1.46 18.58 108.28
CA GLY EC 71 -2.37 18.07 107.28
C GLY EC 71 -3.27 19.13 106.66
N GLY EC 72 -4.32 18.65 106.00
CA GLY EC 72 -5.32 19.49 105.41
C GLY EC 72 -6.67 19.31 106.10
N HIS EC 73 -7.72 19.77 105.42
CA HIS EC 73 -9.04 19.81 106.02
C HIS EC 73 -9.61 18.42 106.24
N VAL EC 74 -9.48 17.55 105.24
CA VAL EC 74 -10.10 16.23 105.35
C VAL EC 74 -9.22 15.31 106.19
N ALA EC 75 -7.90 15.53 106.15
CA ALA EC 75 -6.99 14.71 106.93
C ALA EC 75 -7.13 14.99 108.43
N GLN EC 76 -7.46 16.23 108.80
CA GLN EC 76 -7.69 16.53 110.20
C GLN EC 76 -8.98 15.92 110.71
N ILE EC 77 -10.01 15.84 109.84
CA ILE EC 77 -11.27 15.23 110.24
C ILE EC 77 -11.10 13.73 110.43
N TYR EC 78 -10.36 13.09 109.54
CA TYR EC 78 -10.15 11.65 109.70
C TYR EC 78 -9.12 11.36 110.78
N ALA EC 79 -8.39 12.38 111.24
CA ALA EC 79 -7.58 12.22 112.44
C ALA EC 79 -8.44 12.27 113.70
N ILE EC 80 -9.38 13.22 113.77
CA ILE EC 80 -10.21 13.34 114.97
C ILE EC 80 -11.32 12.30 114.96
N ARG EC 81 -11.68 11.78 113.79
CA ARG EC 81 -12.58 10.63 113.73
C ARG EC 81 -11.92 9.41 114.33
N GLN EC 82 -10.62 9.26 114.10
CA GLN EC 82 -9.89 8.11 114.61
C GLN EC 82 -9.58 8.28 116.09
N SER EC 83 -9.26 9.50 116.53
CA SER EC 83 -8.75 9.71 117.88
C SER EC 83 -9.84 9.57 118.93
N ILE EC 84 -11.05 10.07 118.65
CA ILE EC 84 -12.09 10.05 119.69
C ILE EC 84 -12.81 8.71 119.69
N SER EC 85 -12.36 7.76 118.88
CA SER EC 85 -12.74 6.37 119.07
C SER EC 85 -11.60 5.58 119.70
N LYS EC 86 -10.35 5.88 119.30
CA LYS EC 86 -9.19 5.23 119.90
C LYS EC 86 -9.06 5.59 121.37
N ALA EC 87 -9.40 6.83 121.74
CA ALA EC 87 -9.24 7.24 123.12
C ALA EC 87 -10.32 6.67 124.01
N LEU EC 88 -11.54 6.48 123.46
CA LEU EC 88 -12.61 5.90 124.27
C LEU EC 88 -12.34 4.43 124.58
N VAL EC 89 -11.80 3.70 123.60
CA VAL EC 89 -11.45 2.30 123.82
C VAL EC 89 -10.25 2.20 124.77
N ALA EC 90 -9.28 3.10 124.62
CA ALA EC 90 -8.12 3.07 125.50
C ALA EC 90 -8.47 3.54 126.90
N TYR EC 91 -9.46 4.42 127.02
CA TYR EC 91 -9.99 4.75 128.34
C TYR EC 91 -10.70 3.55 128.95
N TYR EC 92 -11.57 2.90 128.17
CA TYR EC 92 -12.34 1.79 128.70
C TYR EC 92 -11.51 0.53 128.88
N GLN EC 93 -10.32 0.46 128.29
CA GLN EC 93 -9.45 -0.67 128.59
C GLN EC 93 -8.89 -0.55 130.01
N LYS EC 94 -8.61 0.67 130.44
CA LYS EC 94 -7.91 0.88 131.71
C LYS EC 94 -8.89 1.06 132.87
N TYR EC 95 -10.00 1.74 132.63
CA TYR EC 95 -10.83 2.21 133.74
C TYR EC 95 -12.17 1.52 133.87
N VAL EC 96 -12.62 0.75 132.87
CA VAL EC 96 -13.71 -0.18 133.11
C VAL EC 96 -13.20 -1.56 132.69
N ASP EC 97 -14.07 -2.56 132.72
CA ASP EC 97 -13.71 -3.91 132.34
C ASP EC 97 -13.38 -4.02 130.85
N GLU EC 98 -12.92 -5.21 130.45
CA GLU EC 98 -12.60 -5.44 129.06
C GLU EC 98 -13.85 -5.81 128.25
N ALA EC 99 -14.91 -6.25 128.92
CA ALA EC 99 -16.14 -6.61 128.20
C ALA EC 99 -16.78 -5.40 127.55
N SER EC 100 -16.71 -4.24 128.19
CA SER EC 100 -17.10 -3.01 127.50
C SER EC 100 -16.10 -2.64 126.42
N LYS EC 101 -14.82 -2.95 126.65
CA LYS EC 101 -13.78 -2.64 125.66
C LYS EC 101 -13.87 -3.58 124.47
N LYS EC 102 -14.51 -4.75 124.66
CA LYS EC 102 -14.61 -5.72 123.58
C LYS EC 102 -15.86 -5.47 122.72
N GLU EC 103 -16.96 -5.01 123.34
CA GLU EC 103 -18.17 -4.75 122.57
C GLU EC 103 -18.02 -3.52 121.70
N ILE EC 104 -17.23 -2.55 122.14
CA ILE EC 104 -17.03 -1.33 121.37
C ILE EC 104 -16.04 -1.58 120.23
N LYS EC 105 -15.08 -2.48 120.45
CA LYS EC 105 -14.17 -2.87 119.39
C LYS EC 105 -14.88 -3.65 118.30
N ASP EC 106 -15.95 -4.37 118.66
CA ASP EC 106 -16.75 -5.06 117.66
C ASP EC 106 -17.55 -4.08 116.81
N ILE EC 107 -18.16 -3.08 117.44
CA ILE EC 107 -19.11 -2.23 116.74
C ILE EC 107 -18.38 -1.23 115.83
N LEU EC 108 -17.25 -0.69 116.30
CA LEU EC 108 -16.58 0.37 115.55
C LEU EC 108 -15.84 -0.16 114.32
N ILE EC 109 -15.21 -1.34 114.44
CA ILE EC 109 -14.42 -1.86 113.34
C ILE EC 109 -15.33 -2.41 112.24
N GLN EC 110 -16.48 -2.99 112.63
CA GLN EC 110 -17.43 -3.51 111.65
C GLN EC 110 -18.10 -2.40 110.85
N TYR EC 111 -18.00 -1.16 111.31
CA TYR EC 111 -18.32 -0.04 110.44
C TYR EC 111 -17.12 0.31 109.58
N ASP EC 112 -15.96 0.50 110.20
CA ASP EC 112 -14.77 0.96 109.50
C ASP EC 112 -13.54 0.60 110.35
N ARG EC 113 -12.53 0.02 109.68
CA ARG EC 113 -11.27 -0.26 110.35
C ARG EC 113 -10.48 1.02 110.61
N THR EC 114 -10.82 2.11 109.92
CA THR EC 114 -10.05 3.35 110.01
C THR EC 114 -10.30 4.06 111.34
N LEU EC 115 -11.39 3.72 112.03
CA LEU EC 115 -11.67 4.30 113.36
C LEU EC 115 -10.61 3.94 114.38
N LEU EC 116 -9.98 2.78 114.25
CA LEU EC 116 -8.91 2.36 115.15
C LEU EC 116 -7.56 2.23 114.43
N VAL EC 117 -7.52 1.52 113.31
CA VAL EC 117 -6.27 1.24 112.63
C VAL EC 117 -5.99 2.36 111.63
N ALA EC 118 -4.75 2.85 111.61
CA ALA EC 118 -4.39 3.95 110.75
C ALA EC 118 -4.13 3.49 109.31
N ASP EC 119 -4.30 4.41 108.37
CA ASP EC 119 -3.91 4.19 106.98
C ASP EC 119 -2.43 4.51 106.80
N PRO EC 120 -1.60 3.56 106.36
CA PRO EC 120 -0.18 3.86 106.15
C PRO EC 120 0.15 4.60 104.88
N ARG EC 121 -0.84 5.08 104.14
CA ARG EC 121 -0.61 5.67 102.84
C ARG EC 121 -0.13 7.11 102.98
N ARG EC 122 1.05 7.41 102.45
CA ARG EC 122 1.59 8.76 102.44
C ARG EC 122 2.11 9.07 101.05
N CYS EC 123 2.46 10.34 100.85
CA CYS EC 123 2.78 10.85 99.53
C CYS EC 123 4.13 10.35 99.05
N GLU EC 124 4.12 9.57 97.96
CA GLU EC 124 5.35 9.09 97.34
C GLU EC 124 6.10 10.26 96.69
N SER EC 125 7.42 10.19 96.73
CA SER EC 125 8.27 11.32 96.38
C SER EC 125 8.25 11.60 94.88
N LYS EC 126 8.49 12.85 94.51
CA LYS EC 126 8.62 13.19 93.10
C LYS EC 126 9.95 12.68 92.57
N LYS EC 127 9.93 12.13 91.37
CA LYS EC 127 11.13 11.69 90.69
C LYS EC 127 11.47 12.66 89.58
N PHE EC 128 12.77 12.79 89.30
CA PHE EC 128 13.22 13.67 88.23
C PHE EC 128 12.85 13.08 86.88
N GLY EC 129 12.63 13.96 85.91
CA GLY EC 129 12.11 13.53 84.64
C GLY EC 129 10.61 13.37 84.61
N GLY EC 130 9.90 13.95 85.56
CA GLY EC 130 8.46 13.89 85.60
C GLY EC 130 7.88 14.80 86.66
N PRO EC 131 6.65 15.28 86.42
CA PRO EC 131 6.03 16.19 87.39
C PRO EC 131 5.52 15.51 88.66
N GLY EC 132 5.58 14.19 88.76
CA GLY EC 132 5.04 13.50 89.90
C GLY EC 132 5.84 12.25 90.25
N ALA EC 133 5.20 11.40 91.06
CA ALA EC 133 5.84 10.15 91.48
C ALA EC 133 5.88 9.15 90.34
N ARG EC 134 4.81 9.10 89.55
CA ARG EC 134 4.77 8.16 88.45
C ARG EC 134 4.84 8.86 87.10
N ALA EC 135 4.09 9.95 86.92
CA ALA EC 135 3.94 10.57 85.63
C ALA EC 135 5.24 11.23 85.16
N ARG EC 136 5.50 11.11 83.87
CA ARG EC 136 6.71 11.58 83.23
C ARG EC 136 6.39 12.79 82.38
N TYR EC 137 7.43 13.54 82.01
CA TYR EC 137 7.24 14.57 81.02
C TYR EC 137 7.04 13.94 79.64
N GLN EC 138 6.57 14.75 78.70
CA GLN EC 138 6.10 14.22 77.43
C GLN EC 138 7.26 13.92 76.49
N LYS EC 139 7.39 12.65 76.10
CA LYS EC 139 8.42 12.28 75.14
C LYS EC 139 7.99 12.71 73.74
N SER EC 140 8.89 13.41 73.06
CA SER EC 140 8.66 13.93 71.72
C SER EC 140 9.63 13.23 70.80
N TYR EC 141 9.10 12.49 69.85
CA TYR EC 141 9.89 12.10 68.70
C TYR EC 141 9.77 13.19 67.66
N ARG EC 142 10.73 13.21 66.72
CA ARG EC 142 10.68 14.01 65.49
C ARG EC 142 10.62 15.53 65.67
N GLY FC 1 46.59 -42.80 37.53
CA GLY FC 1 45.83 -43.33 36.42
C GLY FC 1 44.70 -44.24 36.86
N LYS FC 2 43.86 -44.68 35.92
CA LYS FC 2 42.73 -45.54 36.29
C LYS FC 2 42.85 -46.89 35.60
N CYS FC 3 43.12 -46.90 34.31
CA CYS FC 3 43.36 -48.15 33.59
C CYS FC 3 44.85 -48.53 33.70
N ARG FC 4 45.13 -49.59 34.43
CA ARG FC 4 46.50 -49.90 34.81
C ARG FC 4 47.10 -51.04 34.01
N GLY FC 5 46.52 -51.42 32.88
CA GLY FC 5 46.97 -52.61 32.20
C GLY FC 5 48.34 -52.45 31.57
N LEU FC 6 48.96 -53.57 31.26
CA LEU FC 6 50.38 -53.57 30.96
C LEU FC 6 50.65 -53.08 29.55
N ARG FC 7 49.65 -53.10 28.69
CA ARG FC 7 49.80 -52.58 27.33
C ARG FC 7 48.75 -51.51 27.01
N THR FC 8 48.57 -50.58 27.94
CA THR FC 8 47.64 -49.47 27.76
C THR FC 8 48.36 -48.14 27.55
N ALA FC 9 49.55 -48.16 26.93
CA ALA FC 9 50.32 -46.93 26.87
C ALA FC 9 49.80 -45.99 25.81
N ARG FC 10 48.97 -46.48 24.89
CA ARG FC 10 48.33 -45.56 23.96
C ARG FC 10 47.04 -45.00 24.54
N LYS FC 11 46.45 -45.71 25.50
CA LYS FC 11 45.27 -45.18 26.18
C LYS FC 11 45.68 -44.08 27.16
N LEU FC 12 46.88 -44.19 27.72
CA LEU FC 12 47.32 -43.23 28.73
C LEU FC 12 47.95 -42.01 28.08
N ARG FC 13 48.82 -42.22 27.09
CA ARG FC 13 49.52 -41.10 26.46
C ARG FC 13 48.55 -40.25 25.67
N SER FC 14 47.54 -40.86 25.08
CA SER FC 14 46.54 -40.10 24.34
C SER FC 14 45.44 -39.58 25.27
N HIS FC 15 45.54 -39.86 26.56
CA HIS FC 15 44.63 -39.21 27.50
C HIS FC 15 45.30 -38.04 28.20
N ARG FC 16 46.62 -38.11 28.41
CA ARG FC 16 47.31 -36.89 28.79
C ARG FC 16 47.35 -35.91 27.63
N ARG FC 17 47.42 -36.41 26.40
CA ARG FC 17 47.49 -35.52 25.26
C ARG FC 17 46.17 -34.81 25.04
N ASP FC 18 45.06 -35.47 25.35
CA ASP FC 18 43.76 -34.82 25.26
C ASP FC 18 43.55 -33.84 26.40
N GLN FC 19 43.93 -34.25 27.61
CA GLN FC 19 43.57 -33.49 28.80
C GLN FC 19 44.58 -32.42 29.16
N LYS FC 20 45.71 -32.34 28.45
CA LYS FC 20 46.56 -31.18 28.59
C LYS FC 20 45.88 -29.93 28.03
N TRP FC 21 44.99 -30.08 27.05
CA TRP FC 21 44.35 -28.93 26.45
C TRP FC 21 43.37 -28.24 27.37
N HIS FC 22 42.99 -28.86 28.48
CA HIS FC 22 42.14 -28.23 29.46
C HIS FC 22 42.92 -27.45 30.50
N ASP FC 23 44.25 -27.47 30.40
CA ASP FC 23 45.10 -26.65 31.24
C ASP FC 23 45.17 -25.26 30.63
N LYS FC 24 44.99 -24.22 31.46
CA LYS FC 24 44.91 -22.87 30.93
C LYS FC 24 46.28 -22.35 30.51
N GLN FC 25 47.32 -22.71 31.25
CA GLN FC 25 48.66 -22.22 30.92
C GLN FC 25 49.22 -22.95 29.71
N TYR FC 26 48.79 -24.19 29.49
CA TYR FC 26 49.30 -24.98 28.38
C TYR FC 26 48.71 -24.52 27.07
N LYS FC 27 47.38 -24.34 27.04
CA LYS FC 27 46.66 -24.07 25.80
C LYS FC 27 47.02 -22.71 25.24
N LYS FC 28 47.27 -21.74 26.13
CA LYS FC 28 47.69 -20.41 25.73
C LYS FC 28 49.03 -20.43 25.02
N ALA FC 29 49.91 -21.35 25.41
CA ALA FC 29 51.22 -21.44 24.76
C ALA FC 29 51.13 -22.20 23.43
N HIS FC 30 50.28 -23.22 23.37
CA HIS FC 30 50.31 -24.16 22.24
C HIS FC 30 49.21 -23.93 21.21
N LEU FC 31 48.25 -23.06 21.47
CA LEU FC 31 47.42 -22.53 20.40
C LEU FC 31 48.03 -21.22 19.89
N GLY FC 32 47.87 -20.97 18.61
CA GLY FC 32 48.38 -19.73 18.05
C GLY FC 32 47.46 -18.55 18.21
N THR FC 33 46.34 -18.72 18.92
CA THR FC 33 45.41 -17.62 19.11
C THR FC 33 45.98 -16.58 20.05
N ALA FC 34 46.76 -17.00 21.04
CA ALA FC 34 47.24 -16.05 22.04
C ALA FC 34 48.53 -15.38 21.59
N LEU FC 35 49.30 -16.05 20.73
CA LEU FC 35 50.50 -15.43 20.20
C LEU FC 35 50.14 -14.43 19.12
N LYS FC 36 49.04 -14.68 18.41
CA LYS FC 36 48.50 -13.71 17.46
C LYS FC 36 47.87 -12.53 18.20
N ALA FC 37 47.28 -12.78 19.37
CA ALA FC 37 46.60 -11.73 20.10
C ALA FC 37 47.57 -10.86 20.88
N ASN FC 38 48.75 -11.39 21.15
CA ASN FC 38 49.81 -10.66 21.84
C ASN FC 38 50.30 -9.52 20.95
N PRO FC 39 50.25 -8.27 21.40
CA PRO FC 39 50.71 -7.16 20.54
C PRO FC 39 52.18 -7.19 20.27
N PHE FC 40 53.00 -7.79 21.12
CA PHE FC 40 54.40 -7.94 20.78
C PHE FC 40 54.60 -9.08 19.78
N GLY FC 41 54.15 -10.28 20.13
CA GLY FC 41 54.28 -11.41 19.24
C GLY FC 41 55.42 -12.33 19.64
N GLY FC 42 55.53 -12.61 20.93
CA GLY FC 42 56.56 -13.48 21.40
C GLY FC 42 57.87 -12.75 21.53
N ALA FC 43 57.76 -11.44 21.67
CA ALA FC 43 58.89 -10.57 21.92
C ALA FC 43 58.76 -10.02 23.33
N SER FC 44 59.87 -9.54 23.87
CA SER FC 44 59.86 -9.02 25.23
C SER FC 44 59.72 -7.51 25.26
N HIS FC 45 60.19 -6.83 24.23
CA HIS FC 45 60.18 -5.38 24.16
C HIS FC 45 59.67 -4.96 22.78
N ALA FC 46 59.30 -3.69 22.65
CA ALA FC 46 58.89 -3.18 21.36
C ALA FC 46 59.06 -1.67 21.34
N LYS FC 47 59.71 -1.17 20.29
CA LYS FC 47 59.71 0.26 20.06
C LYS FC 47 58.40 0.67 19.40
N GLY FC 48 57.94 1.85 19.79
CA GLY FC 48 56.69 2.37 19.26
C GLY FC 48 56.65 3.88 19.35
N ILE FC 49 55.93 4.51 18.46
CA ILE FC 49 55.85 5.97 18.44
C ILE FC 49 54.67 6.42 19.29
N VAL FC 50 54.95 7.32 20.24
CA VAL FC 50 53.90 7.97 21.02
C VAL FC 50 53.02 8.80 20.08
N LEU FC 51 51.71 8.69 20.25
CA LEU FC 51 50.82 9.55 19.50
C LEU FC 51 49.95 10.45 20.37
N GLU FC 52 49.72 10.11 21.64
CA GLU FC 52 49.15 11.02 22.62
C GLU FC 52 49.43 10.49 24.02
N LYS FC 53 49.34 11.39 25.01
CA LYS FC 53 49.53 11.03 26.41
C LYS FC 53 48.16 10.96 27.08
N VAL FC 54 47.86 9.82 27.71
CA VAL FC 54 46.51 9.48 28.14
C VAL FC 54 46.49 9.35 29.65
N GLY FC 55 45.50 9.95 30.30
CA GLY FC 55 45.30 9.77 31.72
C GLY FC 55 44.32 8.67 32.02
N VAL FC 56 44.76 7.65 32.75
CA VAL FC 56 43.90 6.51 33.07
C VAL FC 56 43.46 6.59 34.52
N GLU FC 57 42.16 6.64 34.74
CA GLU FC 57 41.59 6.58 36.08
C GLU FC 57 41.88 5.23 36.71
N ALA FC 58 42.20 5.25 38.00
CA ALA FC 58 42.46 4.00 38.69
C ALA FC 58 41.16 3.29 39.02
N LYS FC 59 41.30 2.07 39.53
CA LYS FC 59 40.19 1.19 39.83
C LYS FC 59 39.54 1.58 41.15
N GLN FC 60 38.91 0.60 41.79
CA GLN FC 60 38.24 0.72 43.08
C GLN FC 60 39.33 0.81 44.17
N PRO FC 61 39.02 0.77 45.47
CA PRO FC 61 39.23 1.95 46.34
C PRO FC 61 40.23 3.02 45.93
N ASN FC 62 41.40 2.66 45.40
CA ASN FC 62 42.43 3.60 44.98
C ASN FC 62 41.89 4.64 43.99
N SER FC 63 42.15 5.91 44.30
CA SER FC 63 41.56 7.01 43.56
C SER FC 63 42.69 7.87 43.03
N ALA FC 64 43.09 7.63 41.78
CA ALA FC 64 44.20 8.37 41.22
C ALA FC 64 44.10 8.37 39.71
N ILE FC 65 44.88 9.25 39.10
CA ILE FC 65 45.05 9.31 37.65
C ILE FC 65 46.39 8.66 37.34
N ARG FC 66 46.35 7.59 36.55
CA ARG FC 66 47.58 6.94 36.13
C ARG FC 66 48.01 7.49 34.78
N LYS FC 67 49.24 7.98 34.73
CA LYS FC 67 49.73 8.73 33.57
C LYS FC 67 50.31 7.77 32.55
N CYS FC 68 49.51 7.43 31.54
CA CYS FC 68 49.85 6.43 30.54
C CYS FC 68 50.10 7.11 29.21
N VAL FC 69 50.47 6.30 28.22
CA VAL FC 69 50.85 6.79 26.89
C VAL FC 69 50.29 5.84 25.83
N ARG FC 70 49.50 6.39 24.92
CA ARG FC 70 48.97 5.67 23.77
C ARG FC 70 50.09 5.44 22.75
N VAL FC 71 50.57 4.21 22.64
CA VAL FC 71 51.70 3.86 21.79
C VAL FC 71 51.20 3.09 20.57
N GLN FC 72 51.70 3.43 19.39
CA GLN FC 72 51.52 2.61 18.19
C GLN FC 72 52.86 1.97 17.85
N LEU FC 73 52.87 0.64 17.73
CA LEU FC 73 54.11 -0.09 17.55
C LEU FC 73 54.65 0.07 16.13
N ILE FC 74 55.93 -0.24 15.97
CA ILE FC 74 56.59 -0.15 14.68
C ILE FC 74 56.43 -1.44 13.91
N LYS FC 75 56.62 -2.58 14.60
CA LYS FC 75 56.70 -3.86 13.95
C LYS FC 75 55.34 -4.36 13.47
N ASN FC 76 54.26 -3.89 14.09
CA ASN FC 76 52.92 -4.36 13.79
C ASN FC 76 51.99 -3.24 13.35
N GLY FC 77 52.21 -2.03 13.85
CA GLY FC 77 51.26 -0.96 13.72
C GLY FC 77 50.15 -1.01 14.74
N LYS FC 78 50.19 -1.94 15.67
CA LYS FC 78 49.15 -2.08 16.68
C LYS FC 78 49.23 -0.96 17.71
N LYS FC 79 48.07 -0.54 18.20
CA LYS FC 79 47.97 0.57 19.13
C LYS FC 79 47.75 0.06 20.54
N ILE FC 80 48.39 0.71 21.50
CA ILE FC 80 48.65 0.22 22.84
C ILE FC 80 48.61 1.41 23.79
N THR FC 81 47.95 1.26 24.94
CA THR FC 81 48.22 2.19 26.04
C THR FC 81 49.31 1.56 26.89
N ALA FC 82 50.48 2.18 26.85
CA ALA FC 82 51.57 1.78 27.74
C ALA FC 82 51.66 2.74 28.91
N PHE FC 83 52.23 2.26 30.01
CA PHE FC 83 52.29 3.01 31.26
C PHE FC 83 53.65 3.68 31.39
N VAL FC 84 53.69 4.78 32.13
CA VAL FC 84 54.94 5.49 32.41
C VAL FC 84 55.17 5.43 33.92
N PRO FC 85 56.17 4.69 34.40
CA PRO FC 85 56.22 4.35 35.83
C PRO FC 85 56.42 5.48 36.82
N ASN FC 86 57.56 6.16 36.82
CA ASN FC 86 57.94 6.90 38.01
C ASN FC 86 57.27 8.28 38.06
N ASP FC 87 57.56 9.01 39.14
CA ASP FC 87 56.89 10.28 39.41
C ASP FC 87 57.41 11.36 38.48
N GLY FC 88 56.49 11.97 37.74
CA GLY FC 88 56.84 13.06 36.86
C GLY FC 88 57.56 12.68 35.59
N CYS FC 89 57.60 11.38 35.28
CA CYS FC 89 58.29 10.94 34.07
C CYS FC 89 57.42 11.05 32.83
N LEU FC 90 56.20 11.55 32.95
CA LEU FC 90 55.41 11.84 31.77
C LEU FC 90 55.91 13.11 31.08
N ASN FC 91 56.54 14.01 31.83
CA ASN FC 91 57.01 15.27 31.27
C ASN FC 91 58.23 15.09 30.38
N PHE FC 92 58.96 13.99 30.55
CA PHE FC 92 60.07 13.72 29.65
C PHE FC 92 59.56 13.32 28.28
N ILE FC 93 58.45 12.61 28.24
CA ILE FC 93 57.91 12.09 26.99
C ILE FC 93 57.19 13.19 26.24
N GLU FC 94 57.75 13.58 25.11
CA GLU FC 94 57.02 14.37 24.15
C GLU FC 94 56.27 13.44 23.20
N GLU FC 95 55.31 14.03 22.50
CA GLU FC 95 54.59 13.32 21.44
C GLU FC 95 55.55 13.01 20.29
N ASN FC 96 55.25 11.94 19.55
CA ASN FC 96 55.99 11.50 18.36
C ASN FC 96 57.42 11.10 18.69
N ASP FC 97 57.57 10.36 19.79
CA ASP FC 97 58.86 9.83 20.21
C ASP FC 97 58.84 8.32 20.14
N GLU FC 98 59.92 7.73 19.63
CA GLU FC 98 60.06 6.29 19.71
C GLU FC 98 60.42 5.88 21.13
N VAL FC 99 59.50 5.17 21.77
CA VAL FC 99 59.69 4.70 23.14
C VAL FC 99 59.80 3.19 23.12
N LEU FC 100 60.65 2.65 23.97
CA LEU FC 100 60.78 1.22 24.13
C LEU FC 100 59.82 0.78 25.22
N VAL FC 101 59.04 -0.27 24.95
CA VAL FC 101 57.92 -0.66 25.79
C VAL FC 101 58.10 -2.12 26.19
N ALA FC 102 58.08 -2.40 27.49
CA ALA FC 102 58.21 -3.74 28.03
C ALA FC 102 56.84 -4.26 28.44
N GLY FC 103 56.84 -5.41 29.12
CA GLY FC 103 55.65 -5.87 29.79
C GLY FC 103 55.46 -5.14 31.09
N PHE FC 104 54.64 -5.72 31.96
CA PHE FC 104 54.53 -5.17 33.30
C PHE FC 104 55.00 -6.19 34.32
N GLY FC 105 55.19 -7.42 33.87
CA GLY FC 105 55.69 -8.45 34.75
C GLY FC 105 54.68 -9.50 35.11
N ARG FC 106 53.51 -9.46 34.49
CA ARG FC 106 52.39 -10.31 34.85
C ARG FC 106 51.90 -11.09 33.62
N LYS FC 107 52.65 -11.01 32.52
CA LYS FC 107 52.52 -11.88 31.33
C LYS FC 107 51.17 -11.73 30.67
N GLY FC 108 50.85 -10.51 30.26
CA GLY FC 108 49.57 -10.25 29.64
C GLY FC 108 48.45 -10.22 30.64
N HIS FC 109 48.51 -9.29 31.58
CA HIS FC 109 47.47 -9.15 32.59
C HIS FC 109 47.53 -7.72 33.08
N ALA FC 110 46.37 -7.14 33.39
CA ALA FC 110 46.35 -5.82 33.98
C ALA FC 110 46.84 -5.87 35.43
N VAL FC 111 47.63 -4.88 35.80
CA VAL FC 111 48.41 -4.94 37.03
C VAL FC 111 47.98 -3.81 37.97
N GLY FC 112 47.48 -4.18 39.13
CA GLY FC 112 47.17 -3.24 40.18
C GLY FC 112 46.00 -2.35 39.89
N ASP FC 113 46.20 -1.04 40.10
CA ASP FC 113 45.15 -0.04 39.96
C ASP FC 113 44.70 0.13 38.52
N ILE FC 114 45.56 -0.17 37.56
CA ILE FC 114 45.34 0.35 36.21
C ILE FC 114 44.43 -0.61 35.45
N PRO FC 115 43.29 -0.14 34.93
CA PRO FC 115 42.42 -1.02 34.14
C PRO FC 115 42.90 -1.14 32.71
N GLY FC 116 43.31 -2.34 32.32
CA GLY FC 116 43.65 -2.61 30.94
C GLY FC 116 44.90 -1.94 30.43
N VAL FC 117 45.99 -1.97 31.19
CA VAL FC 117 47.31 -1.59 30.71
C VAL FC 117 48.23 -2.76 31.04
N ARG FC 118 48.86 -3.33 30.03
CA ARG FC 118 49.68 -4.52 30.18
C ARG FC 118 51.16 -4.20 30.03
N PHE FC 119 51.52 -2.94 29.79
CA PHE FC 119 52.79 -2.55 29.20
C PHE FC 119 53.30 -1.30 29.87
N LYS FC 120 54.62 -1.21 30.05
CA LYS FC 120 55.20 0.00 30.62
C LYS FC 120 56.35 0.48 29.74
N VAL FC 121 56.70 1.76 29.91
CA VAL FC 121 57.68 2.42 29.04
C VAL FC 121 59.06 2.38 29.69
N VAL FC 122 60.04 1.85 28.97
CA VAL FC 122 61.40 1.70 29.51
C VAL FC 122 62.28 2.88 29.10
N LYS FC 123 62.38 3.13 27.80
CA LYS FC 123 63.28 4.14 27.27
C LYS FC 123 62.49 5.18 26.48
N VAL FC 124 63.00 6.40 26.48
CA VAL FC 124 62.35 7.53 25.82
C VAL FC 124 63.37 8.19 24.89
N ALA FC 125 63.21 7.96 23.58
CA ALA FC 125 64.12 8.46 22.54
C ALA FC 125 65.57 8.04 22.79
N ASN FC 126 65.78 6.72 22.92
CA ASN FC 126 67.08 6.08 23.12
C ASN FC 126 67.79 6.54 24.39
N VAL FC 127 67.05 7.05 25.36
CA VAL FC 127 67.56 7.33 26.69
C VAL FC 127 66.58 6.70 27.68
N SER FC 128 67.11 5.92 28.62
CA SER FC 128 66.29 5.23 29.59
C SER FC 128 65.53 6.21 30.48
N LEU FC 129 64.37 5.78 30.93
CA LEU FC 129 63.54 6.63 31.76
C LEU FC 129 64.06 6.65 33.20
N LEU FC 130 64.87 5.66 33.58
CA LEU FC 130 65.51 5.68 34.89
C LEU FC 130 66.55 6.79 34.97
N ALA FC 131 67.39 6.91 33.94
CA ALA FC 131 68.44 7.93 33.94
C ALA FC 131 67.87 9.32 33.77
N LEU FC 132 66.71 9.44 33.10
CA LEU FC 132 66.00 10.70 33.09
C LEU FC 132 65.46 11.02 34.47
N TYR FC 133 64.96 10.01 35.17
CA TYR FC 133 64.42 10.21 36.51
C TYR FC 133 65.54 10.55 37.50
N LYS FC 134 66.62 9.79 37.46
CA LYS FC 134 67.74 10.05 38.37
C LYS FC 134 68.48 11.33 38.00
N GLY FC 135 68.70 11.57 36.72
CA GLY FC 135 69.46 12.71 36.29
C GLY FC 135 70.82 12.37 35.74
N LYS FC 136 71.07 11.10 35.45
CA LYS FC 136 72.36 10.69 34.94
C LYS FC 136 72.53 11.13 33.49
N LYS FC 137 71.51 10.94 32.68
CA LYS FC 137 71.46 11.46 31.33
C LYS FC 137 70.41 12.55 31.25
N GLU FC 138 70.42 13.29 30.15
CA GLU FC 138 69.48 14.36 29.90
C GLU FC 138 68.79 14.08 28.56
N ARG FC 139 67.58 14.61 28.41
CA ARG FC 139 66.85 14.45 27.17
C ARG FC 139 67.56 15.20 26.04
N PRO FC 140 67.90 14.51 24.94
CA PRO FC 140 68.82 15.10 23.95
C PRO FC 140 68.20 16.19 23.10
N ARG FC 141 68.56 17.43 23.38
CA ARG FC 141 68.11 18.58 22.61
C ARG FC 141 69.27 19.53 22.34
N PHE GC 1 1.02 74.39 64.43
CA PHE GC 1 0.76 75.81 64.23
C PHE GC 1 0.97 76.60 65.51
N ARG GC 2 0.56 76.04 66.65
CA ARG GC 2 0.70 76.74 67.91
C ARG GC 2 1.99 76.28 68.61
N LYS GC 3 2.24 76.82 69.80
CA LYS GC 3 3.42 76.43 70.56
C LYS GC 3 3.23 75.06 71.20
N PHE GC 4 4.25 74.22 71.07
CA PHE GC 4 4.34 72.95 71.77
C PHE GC 4 4.42 73.18 73.28
N THR GC 5 3.77 72.30 74.03
CA THR GC 5 3.83 72.36 75.49
C THR GC 5 4.09 70.96 76.03
N TYR GC 6 5.28 70.75 76.59
CA TYR GC 6 5.53 69.58 77.44
C TYR GC 6 4.78 69.88 78.74
N ARG GC 7 4.48 68.85 79.54
CA ARG GC 7 3.13 68.55 80.10
C ARG GC 7 2.27 69.81 80.15
N GLY GC 8 2.69 70.88 80.83
CA GLY GC 8 2.02 72.15 80.72
C GLY GC 8 2.95 73.32 80.57
N VAL GC 9 4.19 73.06 80.27
CA VAL GC 9 5.29 74.03 80.36
C VAL GC 9 5.84 74.31 78.97
N ASP GC 10 5.96 75.59 78.63
CA ASP GC 10 6.57 76.02 77.38
C ASP GC 10 8.10 75.91 77.48
N LEU GC 11 8.78 76.00 76.32
CA LEU GC 11 10.20 75.69 76.23
C LEU GC 11 11.06 76.70 76.98
N ASP GC 12 10.67 77.98 76.96
CA ASP GC 12 11.48 78.98 77.64
C ASP GC 12 11.37 78.83 79.15
N GLN GC 13 10.23 78.34 79.62
CA GLN GC 13 10.14 77.94 81.02
C GLN GC 13 10.83 76.58 81.22
N LEU GC 14 10.82 75.72 80.21
CA LEU GC 14 11.57 74.46 80.28
C LEU GC 14 13.08 74.70 80.32
N LEU GC 15 13.58 75.59 79.45
CA LEU GC 15 15.01 75.86 79.42
C LEU GC 15 15.46 76.63 80.66
N ASP GC 16 14.57 77.42 81.24
CA ASP GC 16 14.84 78.10 82.50
C ASP GC 16 14.17 77.35 83.65
N MET GC 17 14.64 76.13 83.88
CA MET GC 17 14.04 75.29 84.91
C MET GC 17 15.12 74.46 85.60
N SER GC 18 15.07 74.45 86.92
CA SER GC 18 15.97 73.67 87.74
C SER GC 18 15.64 72.18 87.63
N TYR GC 19 16.55 71.34 88.12
CA TYR GC 19 16.41 69.90 87.94
C TYR GC 19 15.30 69.33 88.80
N GLU GC 20 15.20 69.75 90.06
CA GLU GC 20 14.16 69.20 90.94
C GLU GC 20 12.78 69.70 90.55
N GLN GC 21 12.71 70.83 89.87
CA GLN GC 21 11.44 71.26 89.29
C GLN GC 21 11.13 70.43 88.05
N LEU GC 22 12.17 69.85 87.43
CA LEU GC 22 11.99 69.13 86.17
C LEU GC 22 11.77 67.64 86.41
N MET GC 23 12.29 67.10 87.51
CA MET GC 23 12.06 65.70 87.86
C MET GC 23 10.57 65.43 88.10
N GLN GC 24 9.90 66.39 88.72
CA GLN GC 24 8.48 66.24 89.03
C GLN GC 24 7.63 66.37 87.78
N LEU GC 25 8.22 66.87 86.69
CA LEU GC 25 7.45 67.16 85.49
C LEU GC 25 7.23 65.90 84.66
N TYR GC 26 8.30 65.29 84.14
CA TYR GC 26 8.11 64.08 83.37
C TYR GC 26 8.30 62.82 84.21
N SER GC 27 8.32 61.69 83.50
CA SER GC 27 7.77 60.44 83.98
C SER GC 27 8.68 59.76 84.99
N ALA GC 28 8.25 58.56 85.40
CA ALA GC 28 8.83 57.91 86.56
C ALA GC 28 10.20 57.31 86.24
N ARG GC 29 10.32 56.63 85.10
CA ARG GC 29 11.63 56.12 84.68
C ARG GC 29 12.55 57.26 84.31
N GLN GC 30 11.98 58.36 83.83
CA GLN GC 30 12.80 59.44 83.33
C GLN GC 30 13.27 60.36 84.46
N ARG GC 31 12.73 60.17 85.67
CA ARG GC 31 13.18 60.98 86.80
C ARG GC 31 14.03 60.18 87.77
N ARG GC 32 13.90 58.85 87.74
CA ARG GC 32 14.70 58.04 88.63
C ARG GC 32 16.14 57.98 88.14
N ARG GC 33 16.33 58.20 86.84
CA ARG GC 33 17.66 58.50 86.32
C ARG GC 33 18.15 59.84 86.86
N LEU GC 34 17.24 60.80 87.00
CA LEU GC 34 17.63 62.15 87.42
C LEU GC 34 17.84 62.20 88.93
N SER GC 35 16.98 61.54 89.70
CA SER GC 35 17.10 61.58 91.16
C SER GC 35 18.33 60.83 91.64
N ARG GC 36 18.84 59.90 90.82
CA ARG GC 36 20.06 59.21 91.17
C ARG GC 36 21.28 60.00 90.73
N GLY GC 37 21.20 60.67 89.60
CA GLY GC 37 22.25 61.61 89.26
C GLY GC 37 22.90 61.28 87.92
N LEU GC 38 23.45 62.31 87.29
CA LEU GC 38 24.17 62.15 86.03
C LEU GC 38 25.61 61.80 86.31
N ARG GC 39 26.22 61.01 85.43
CA ARG GC 39 27.63 60.70 85.61
C ARG GC 39 28.51 61.69 84.84
N ARG GC 40 29.82 61.57 85.04
CA ARG GC 40 30.76 62.56 84.52
C ARG GC 40 30.92 62.45 83.01
N LYS GC 41 30.59 61.29 82.44
CA LYS GC 41 30.66 61.11 81.01
C LYS GC 41 29.46 61.77 80.33
N GLN GC 42 28.35 61.85 81.06
CA GLN GC 42 27.13 62.41 80.49
C GLN GC 42 27.03 63.91 80.73
N HIS GC 43 27.71 64.42 81.77
CA HIS GC 43 27.87 65.87 81.89
C HIS GC 43 28.78 66.40 80.79
N SER GC 44 29.80 65.62 80.41
CA SER GC 44 30.75 66.07 79.38
C SER GC 44 30.09 66.14 78.01
N LEU GC 45 29.03 65.38 77.80
CA LEU GC 45 28.28 65.52 76.55
C LEU GC 45 27.52 66.83 76.51
N LEU GC 46 26.85 67.19 77.61
CA LEU GC 46 26.13 68.46 77.66
C LEU GC 46 27.09 69.64 77.66
N LYS GC 47 28.32 69.43 78.13
CA LYS GC 47 29.36 70.45 77.93
C LYS GC 47 29.68 70.60 76.45
N ARG GC 48 29.61 69.50 75.70
CA ARG GC 48 29.92 69.57 74.28
C ARG GC 48 28.72 70.03 73.47
N LEU GC 49 27.51 69.71 73.96
CA LEU GC 49 26.30 70.14 73.27
C LEU GC 49 26.08 71.64 73.37
N ARG GC 50 26.43 72.23 74.52
CA ARG GC 50 26.41 73.68 74.67
C ARG GC 50 27.42 74.36 73.76
N LYS GC 51 28.66 73.87 73.76
CA LYS GC 51 29.73 74.54 73.04
C LYS GC 51 29.58 74.39 71.54
N ALA GC 52 28.92 73.31 71.10
CA ALA GC 52 28.65 73.15 69.68
C ALA GC 52 27.55 74.11 69.22
N LYS GC 53 26.61 74.44 70.11
CA LYS GC 53 25.54 75.35 69.73
C LYS GC 53 26.01 76.80 69.73
N LYS GC 54 26.92 77.16 70.64
CA LYS GC 54 27.36 78.55 70.75
C LYS GC 54 28.26 78.94 69.57
N GLU GC 55 29.05 78.00 69.07
CA GLU GC 55 29.91 78.30 67.92
C GLU GC 55 29.10 78.34 66.63
N ALA GC 56 27.89 77.81 66.65
CA ALA GC 56 27.09 77.70 65.44
C ALA GC 56 26.51 79.06 65.07
N PRO GC 57 26.51 79.42 63.78
CA PRO GC 57 25.92 80.70 63.36
C PRO GC 57 24.42 80.71 63.55
N PRO GC 58 23.80 81.90 63.67
CA PRO GC 58 22.36 81.95 63.97
C PRO GC 58 21.48 81.46 62.83
N MET GC 59 21.80 81.79 61.59
CA MET GC 59 21.06 81.29 60.44
C MET GC 59 21.71 80.06 59.84
N GLU GC 60 22.00 79.05 60.66
CA GLU GC 60 22.65 77.82 60.23
C GLU GC 60 22.48 76.77 61.32
N LYS GC 61 22.14 75.55 60.89
CA LYS GC 61 22.05 74.40 61.77
C LYS GC 61 23.41 74.11 62.41
N PRO GC 62 23.43 73.62 63.65
CA PRO GC 62 24.72 73.41 64.34
C PRO GC 62 25.50 72.24 63.77
N GLU GC 63 26.71 72.07 64.30
CA GLU GC 63 27.52 70.94 63.91
C GLU GC 63 27.02 69.67 64.59
N VAL GC 64 27.63 68.55 64.21
CA VAL GC 64 27.22 67.25 64.70
C VAL GC 64 28.23 66.75 65.73
N VAL GC 65 27.74 66.42 66.92
CA VAL GC 65 28.56 65.76 67.92
C VAL GC 65 28.22 64.28 67.84
N LYS GC 66 29.23 63.43 67.98
CA LYS GC 66 29.04 62.00 67.93
C LYS GC 66 29.01 61.43 69.34
N THR GC 67 28.10 60.51 69.58
CA THR GC 67 27.95 59.92 70.90
C THR GC 67 28.02 58.41 70.80
N HIS GC 68 28.49 57.77 71.86
CA HIS GC 68 28.10 56.39 72.13
C HIS GC 68 26.99 56.28 73.15
N LEU GC 69 26.47 57.41 73.62
CA LEU GC 69 25.48 57.42 74.71
C LEU GC 69 24.09 57.17 74.13
N ARG GC 70 23.56 55.99 74.45
CA ARG GC 70 22.21 55.66 74.00
C ARG GC 70 21.20 55.83 75.14
N ASP GC 71 21.68 55.79 76.38
CA ASP GC 71 20.83 56.06 77.55
C ASP GC 71 21.05 57.49 78.03
N MET GC 72 20.47 58.42 77.29
CA MET GC 72 20.52 59.82 77.67
C MET GC 72 19.18 60.46 77.36
N ILE GC 73 18.51 60.95 78.40
CA ILE GC 73 17.23 61.65 78.24
C ILE GC 73 17.47 62.92 77.44
N ILE GC 74 16.66 63.12 76.40
CA ILE GC 74 16.72 64.37 75.66
C ILE GC 74 16.11 65.46 76.52
N LEU GC 75 16.98 66.25 77.14
CA LEU GC 75 16.62 67.30 78.06
C LEU GC 75 16.15 68.53 77.29
N PRO GC 76 15.37 69.42 77.92
CA PRO GC 76 14.98 70.65 77.21
C PRO GC 76 16.12 71.63 77.01
N GLU GC 77 17.22 71.49 77.76
CA GLU GC 77 18.43 72.25 77.43
C GLU GC 77 19.07 71.71 76.16
N MET GC 78 18.83 70.42 75.88
CA MET GC 78 19.50 69.74 74.78
C MET GC 78 18.84 70.02 73.44
N VAL GC 79 17.59 70.52 73.45
CA VAL GC 79 16.74 70.55 72.27
C VAL GC 79 17.29 71.53 71.22
N GLY GC 80 17.43 71.03 69.99
CA GLY GC 80 17.82 71.84 68.87
C GLY GC 80 19.28 71.67 68.51
N SER GC 81 19.80 70.45 68.68
CA SER GC 81 21.20 70.19 68.42
C SER GC 81 21.30 69.00 67.50
N MET GC 82 22.36 68.94 66.71
CA MET GC 82 22.62 67.82 65.82
C MET GC 82 23.49 66.81 66.55
N VAL GC 83 22.98 65.60 66.74
CA VAL GC 83 23.64 64.57 67.53
C VAL GC 83 23.67 63.28 66.73
N GLY GC 84 24.82 62.59 66.76
CA GLY GC 84 24.97 61.34 66.05
C GLY GC 84 25.06 60.13 66.96
N VAL GC 85 23.99 59.34 67.03
CA VAL GC 85 23.90 58.26 68.00
C VAL GC 85 24.39 56.96 67.37
N TYR GC 86 25.18 56.21 68.13
CA TYR GC 86 25.88 55.04 67.62
C TYR GC 86 25.04 53.78 67.77
N ASN GC 87 24.82 53.08 66.65
CA ASN GC 87 24.10 51.82 66.63
C ASN GC 87 24.93 50.67 67.14
N GLY GC 88 26.22 50.70 66.85
CA GLY GC 88 27.05 49.53 66.88
C GLY GC 88 27.90 49.58 65.63
N LYS GC 89 27.36 50.21 64.60
CA LYS GC 89 28.04 50.30 63.32
C LYS GC 89 28.29 51.75 62.93
N THR GC 90 27.23 52.55 62.85
CA THR GC 90 27.30 53.91 62.35
C THR GC 90 26.70 54.88 63.34
N PHE GC 91 26.95 56.17 63.10
CA PHE GC 91 26.36 57.27 63.86
C PHE GC 91 25.23 57.83 63.01
N ASN GC 92 23.99 57.64 63.45
CA ASN GC 92 22.87 58.13 62.67
C ASN GC 92 22.60 59.60 62.97
N GLN GC 93 22.35 60.36 61.91
CA GLN GC 93 22.18 61.81 62.02
C GLN GC 93 20.82 62.12 62.65
N VAL GC 94 20.85 62.56 63.90
CA VAL GC 94 19.63 62.85 64.64
C VAL GC 94 19.63 64.34 64.97
N GLU GC 95 18.70 65.08 64.38
CA GLU GC 95 18.28 66.35 64.96
C GLU GC 95 17.20 66.03 65.97
N ILE GC 96 17.10 66.83 67.01
CA ILE GC 96 16.13 66.59 68.07
C ILE GC 96 15.16 67.77 68.11
N LYS GC 97 13.94 67.49 67.69
CA LYS GC 97 12.82 68.40 67.65
C LYS GC 97 12.27 68.60 69.07
N PRO GC 98 11.41 69.60 69.30
CA PRO GC 98 10.89 69.82 70.66
C PRO GC 98 10.03 68.72 71.25
N GLU GC 99 9.52 67.78 70.45
CA GLU GC 99 8.74 66.70 71.04
C GLU GC 99 9.60 65.51 71.42
N MET GC 100 10.92 65.64 71.36
CA MET GC 100 11.82 64.54 71.72
C MET GC 100 12.02 64.40 73.21
N ILE GC 101 11.39 65.25 74.03
CA ILE GC 101 11.77 65.37 75.42
C ILE GC 101 11.29 64.16 76.21
N GLY GC 102 12.21 63.60 77.00
CA GLY GC 102 11.86 62.46 77.82
C GLY GC 102 12.06 61.13 77.12
N HIS GC 103 12.76 61.14 75.99
CA HIS GC 103 13.07 59.92 75.28
C HIS GC 103 14.57 59.80 75.14
N TYR GC 104 15.05 58.57 75.20
CA TYR GC 104 16.48 58.30 75.17
C TYR GC 104 17.05 58.54 73.79
N LEU GC 105 18.36 58.73 73.72
CA LEU GC 105 19.02 58.92 72.42
C LEU GC 105 19.01 57.64 71.60
N GLY GC 106 18.89 56.48 72.24
CA GLY GC 106 18.95 55.24 71.52
C GLY GC 106 17.68 54.90 70.77
N GLU GC 107 16.59 55.60 71.06
CA GLU GC 107 15.32 55.30 70.41
C GLU GC 107 15.29 55.82 68.98
N PHE GC 108 16.19 56.74 68.64
CA PHE GC 108 16.13 57.44 67.37
C PHE GC 108 17.26 57.04 66.44
N SER GC 109 17.88 55.90 66.69
CA SER GC 109 18.84 55.28 65.78
C SER GC 109 18.75 53.79 66.04
N ILE GC 110 17.97 53.07 65.25
CA ILE GC 110 17.69 51.66 65.52
C ILE GC 110 18.93 50.84 65.22
N THR GC 111 19.12 49.80 66.01
CA THR GC 111 20.33 49.01 65.99
C THR GC 111 20.26 47.92 64.92
N TYR GC 112 19.05 47.54 64.52
CA TYR GC 112 18.87 46.48 63.55
C TYR GC 112 18.36 47.06 62.23
N LYS GC 113 18.59 46.31 61.18
CA LYS GC 113 17.88 46.59 59.94
C LYS GC 113 16.59 45.79 59.91
N PRO GC 114 15.44 46.42 59.69
CA PRO GC 114 14.18 45.68 59.68
C PRO GC 114 14.12 44.75 58.48
N VAL GC 115 13.60 43.56 58.70
CA VAL GC 115 13.81 42.45 57.78
C VAL GC 115 12.92 42.59 56.56
N LYS GC 116 13.37 41.99 55.46
CA LYS GC 116 12.57 41.77 54.27
C LYS GC 116 12.82 40.34 53.86
N HIS GC 117 11.84 39.47 54.06
CA HIS GC 117 12.06 38.04 53.90
C HIS GC 117 12.16 37.65 52.43
N GLY GC 118 11.35 38.27 51.59
CA GLY GC 118 11.42 38.03 50.16
C GLY GC 118 12.35 39.00 49.45
N ARG GC 119 13.58 38.58 49.20
CA ARG GC 119 14.54 39.39 48.46
C ARG GC 119 14.37 39.36 46.94
N PRO GC 120 14.15 38.19 46.27
CA PRO GC 120 13.96 38.39 44.83
C PRO GC 120 12.54 38.82 44.46
N PHE HC 1 4.38 -45.43 -116.72
CA PHE HC 1 3.08 -46.02 -116.50
C PHE HC 1 2.00 -44.94 -116.44
N LEU HC 2 2.35 -43.83 -115.79
CA LEU HC 2 1.54 -42.63 -115.81
C LEU HC 2 2.35 -41.39 -116.13
N GLU HC 3 3.63 -41.39 -115.81
CA GLU HC 3 4.38 -40.15 -115.81
C GLU HC 3 4.84 -39.76 -117.21
N VAL HC 4 4.74 -40.65 -118.19
CA VAL HC 4 5.27 -40.37 -119.52
C VAL HC 4 4.21 -40.13 -120.59
N ILE HC 5 3.24 -41.02 -120.76
CA ILE HC 5 2.28 -40.92 -121.84
C ILE HC 5 1.26 -39.83 -121.56
N LYS HC 6 0.88 -39.70 -120.30
CA LYS HC 6 -0.09 -38.68 -119.89
C LYS HC 6 0.37 -37.24 -120.16
N PRO HC 7 1.63 -36.83 -119.93
CA PRO HC 7 1.99 -35.45 -120.31
C PRO HC 7 1.99 -35.18 -121.80
N PHE HC 8 2.19 -36.18 -122.66
CA PHE HC 8 2.17 -35.84 -124.08
C PHE HC 8 0.77 -35.87 -124.66
N CYS HC 9 -0.10 -36.72 -124.14
CA CYS HC 9 -1.40 -36.96 -124.75
C CYS HC 9 -2.42 -36.00 -124.14
N VAL HC 10 -2.52 -34.81 -124.74
CA VAL HC 10 -3.34 -33.73 -124.21
C VAL HC 10 -4.17 -33.17 -125.35
N ILE HC 11 -4.17 -33.89 -126.47
CA ILE HC 11 -4.69 -33.37 -127.73
C ILE HC 11 -6.20 -33.22 -127.67
N LEU HC 12 -6.67 -31.97 -127.86
CA LEU HC 12 -8.05 -31.54 -128.00
C LEU HC 12 -8.91 -31.88 -126.78
N PRO HC 13 -8.73 -31.17 -125.64
CA PRO HC 13 -9.52 -31.48 -124.45
C PRO HC 13 -10.87 -30.78 -124.42
N GLU HC 14 -11.53 -30.84 -123.27
CA GLU HC 14 -12.82 -30.20 -123.06
C GLU HC 14 -12.67 -28.96 -122.18
N ILE HC 15 -13.64 -28.06 -122.29
CA ILE HC 15 -13.63 -26.81 -121.54
C ILE HC 15 -14.43 -26.98 -120.26
N GLN HC 16 -13.79 -26.67 -119.14
CA GLN HC 16 -14.34 -26.77 -117.80
C GLN HC 16 -15.44 -25.73 -117.60
N LYS HC 17 -16.32 -25.98 -116.61
CA LYS HC 17 -17.57 -25.23 -116.50
C LYS HC 17 -17.33 -23.77 -116.09
N PRO HC 18 -18.21 -22.84 -116.51
CA PRO HC 18 -17.98 -21.42 -116.24
C PRO HC 18 -18.35 -20.97 -114.84
N GLU HC 19 -18.37 -19.65 -114.69
CA GLU HC 19 -18.70 -18.96 -113.46
C GLU HC 19 -20.16 -18.53 -113.43
N ARG HC 20 -21.05 -19.37 -113.95
CA ARG HC 20 -22.48 -19.11 -113.93
C ARG HC 20 -23.11 -20.14 -113.01
N LYS HC 21 -22.47 -20.32 -111.84
CA LYS HC 21 -22.54 -21.50 -110.99
C LYS HC 21 -23.95 -21.98 -110.61
N ILE HC 22 -24.68 -21.16 -109.85
CA ILE HC 22 -25.98 -21.55 -109.33
C ILE HC 22 -27.07 -21.23 -110.37
N GLN HC 23 -27.85 -22.24 -110.73
CA GLN HC 23 -29.02 -22.04 -111.57
C GLN HC 23 -29.93 -23.25 -111.41
N PHE HC 24 -31.21 -23.03 -111.65
CA PHE HC 24 -32.17 -24.12 -111.64
C PHE HC 24 -32.33 -24.78 -112.99
N LYS HC 25 -32.75 -24.03 -113.99
CA LYS HC 25 -33.37 -24.64 -115.15
C LYS HC 25 -32.53 -24.57 -116.41
N GLU HC 26 -31.47 -23.76 -116.44
CA GLU HC 26 -30.59 -23.87 -117.59
C GLU HC 26 -29.70 -25.10 -117.47
N LYS HC 27 -29.56 -25.63 -116.24
CA LYS HC 27 -29.14 -27.01 -116.03
C LYS HC 27 -29.92 -27.98 -116.91
N VAL HC 28 -31.25 -27.88 -116.87
CA VAL HC 28 -32.10 -28.79 -117.63
C VAL HC 28 -32.00 -28.49 -119.11
N LEU HC 29 -31.66 -27.26 -119.48
CA LEU HC 29 -31.40 -26.97 -120.88
C LEU HC 29 -30.17 -27.70 -121.39
N TRP HC 30 -29.11 -27.74 -120.59
CA TRP HC 30 -27.94 -28.52 -120.99
C TRP HC 30 -28.23 -30.00 -121.01
N THR HC 31 -29.21 -30.48 -120.24
CA THR HC 31 -29.65 -31.86 -120.43
C THR HC 31 -30.34 -32.03 -121.77
N ALA HC 32 -31.31 -31.16 -122.03
CA ALA HC 32 -32.25 -31.40 -123.10
C ALA HC 32 -31.59 -31.29 -124.45
N ILE HC 33 -30.54 -30.49 -124.55
CA ILE HC 33 -29.83 -30.40 -125.82
C ILE HC 33 -29.13 -31.71 -126.15
N THR HC 34 -28.56 -32.38 -125.15
CA THR HC 34 -28.02 -33.72 -125.36
C THR HC 34 -29.12 -34.71 -125.68
N LEU HC 35 -30.29 -34.51 -125.11
CA LEU HC 35 -31.40 -35.38 -125.50
C LEU HC 35 -31.89 -35.09 -126.92
N PHE HC 36 -31.70 -33.88 -127.41
CA PHE HC 36 -31.92 -33.63 -128.84
C PHE HC 36 -30.89 -34.37 -129.66
N ILE HC 37 -29.67 -34.45 -129.14
CA ILE HC 37 -28.61 -35.15 -129.86
C ILE HC 37 -28.91 -36.63 -129.94
N PHE HC 38 -29.49 -37.19 -128.90
CA PHE HC 38 -29.83 -38.59 -128.98
C PHE HC 38 -31.29 -38.85 -129.30
N LEU HC 39 -32.01 -37.82 -129.68
CA LEU HC 39 -32.92 -37.98 -130.80
C LEU HC 39 -32.11 -38.27 -132.05
N VAL HC 40 -31.15 -37.40 -132.34
CA VAL HC 40 -30.53 -37.38 -133.67
C VAL HC 40 -29.52 -38.50 -133.81
N CYS HC 41 -28.71 -38.70 -132.77
CA CYS HC 41 -27.63 -39.67 -132.81
C CYS HC 41 -28.08 -41.08 -133.19
N CYS HC 42 -29.26 -41.50 -132.78
CA CYS HC 42 -29.77 -42.75 -133.31
C CYS HC 42 -30.42 -42.55 -134.66
N GLN HC 43 -29.56 -42.50 -135.69
CA GLN HC 43 -29.96 -42.29 -137.06
C GLN HC 43 -29.03 -43.10 -137.98
N ILE HC 44 -29.47 -43.34 -139.21
CA ILE HC 44 -28.74 -44.17 -140.17
C ILE HC 44 -27.34 -43.72 -140.63
N PRO HC 45 -26.43 -44.69 -140.77
CA PRO HC 45 -25.03 -44.62 -141.23
C PRO HC 45 -24.98 -44.45 -142.75
N LEU HC 46 -23.83 -44.05 -143.28
CA LEU HC 46 -23.66 -43.78 -144.72
C LEU HC 46 -23.03 -44.86 -145.62
N PHE HC 47 -22.87 -46.09 -145.14
CA PHE HC 47 -22.20 -47.07 -145.97
C PHE HC 47 -23.10 -48.24 -146.28
N GLY HC 48 -23.07 -48.64 -147.55
CA GLY HC 48 -24.02 -49.58 -148.11
C GLY HC 48 -23.63 -51.03 -148.06
N ILE HC 49 -22.63 -51.40 -147.26
CA ILE HC 49 -22.41 -52.81 -147.02
C ILE HC 49 -23.53 -53.28 -146.09
N MET HC 50 -24.50 -53.99 -146.65
CA MET HC 50 -25.71 -54.38 -145.92
C MET HC 50 -25.54 -55.81 -145.43
N SER HC 51 -24.87 -55.98 -144.29
CA SER HC 51 -24.55 -57.30 -143.78
C SER HC 51 -25.78 -57.92 -143.12
N SER HC 52 -25.82 -59.24 -143.09
CA SER HC 52 -27.09 -59.93 -142.86
C SER HC 52 -27.55 -59.86 -141.42
N ASP HC 53 -26.80 -60.50 -140.53
CA ASP HC 53 -26.99 -60.26 -139.10
C ASP HC 53 -26.63 -58.83 -138.80
N SER HC 54 -27.43 -58.19 -137.96
CA SER HC 54 -27.24 -56.77 -137.68
C SER HC 54 -25.98 -56.55 -136.84
N ALA HC 55 -25.99 -57.06 -135.63
CA ALA HC 55 -24.80 -57.13 -134.81
C ALA HC 55 -24.70 -58.54 -134.25
N ASP HC 56 -23.50 -58.93 -133.89
CA ASP HC 56 -23.40 -60.23 -133.27
C ASP HC 56 -23.77 -60.14 -131.79
N PRO HC 57 -23.26 -59.16 -130.94
CA PRO HC 57 -23.81 -59.03 -129.58
C PRO HC 57 -25.08 -58.20 -129.50
N PHE HC 58 -26.00 -58.44 -130.45
CA PHE HC 58 -27.08 -57.50 -130.73
C PHE HC 58 -28.09 -57.45 -129.59
N TYR HC 59 -28.40 -58.61 -128.99
CA TYR HC 59 -29.34 -58.64 -127.87
C TYR HC 59 -28.85 -58.10 -126.52
N TRP HC 60 -27.72 -58.61 -126.04
CA TRP HC 60 -27.13 -58.12 -124.79
C TRP HC 60 -26.55 -56.74 -125.09
N MET HC 61 -25.92 -56.71 -126.26
CA MET HC 61 -25.30 -55.53 -126.83
C MET HC 61 -26.39 -54.51 -127.08
N ARG HC 62 -27.51 -54.99 -127.61
CA ARG HC 62 -28.67 -54.14 -127.87
C ARG HC 62 -29.20 -53.60 -126.56
N VAL HC 63 -29.24 -54.43 -125.52
CA VAL HC 63 -29.73 -53.97 -124.23
C VAL HC 63 -28.88 -52.79 -123.78
N ILE HC 64 -27.56 -52.89 -123.90
CA ILE HC 64 -26.78 -51.71 -123.53
C ILE HC 64 -27.04 -50.49 -124.44
N LEU HC 65 -27.05 -50.67 -125.76
CA LEU HC 65 -27.31 -49.53 -126.67
C LEU HC 65 -28.00 -50.16 -127.86
N ALA HC 66 -29.08 -49.61 -128.37
CA ALA HC 66 -29.72 -50.47 -129.35
C ALA HC 66 -29.60 -50.05 -130.81
N SER HC 67 -28.53 -49.38 -131.23
CA SER HC 67 -28.45 -49.05 -132.66
C SER HC 67 -27.56 -50.06 -133.35
N ASN HC 68 -27.96 -51.33 -133.31
CA ASN HC 68 -27.17 -52.43 -133.84
C ASN HC 68 -27.21 -52.43 -135.37
N ARG HC 69 -26.02 -52.30 -135.99
CA ARG HC 69 -25.84 -51.98 -137.40
C ARG HC 69 -26.67 -50.74 -137.74
N GLY HC 70 -26.67 -49.80 -136.81
CA GLY HC 70 -27.51 -48.67 -136.96
C GLY HC 70 -26.65 -47.46 -136.82
N THR HC 71 -27.10 -46.56 -135.99
CA THR HC 71 -26.80 -45.15 -136.15
C THR HC 71 -25.47 -44.79 -135.48
N LEU HC 72 -25.27 -43.50 -135.27
CA LEU HC 72 -24.10 -42.94 -134.62
C LEU HC 72 -24.06 -43.21 -133.12
N MET HC 73 -24.98 -44.01 -132.60
CA MET HC 73 -24.91 -44.48 -131.22
C MET HC 73 -23.78 -45.48 -131.05
N GLU HC 74 -24.88 -47.15 -132.95
CA GLU HC 74 -23.58 -47.80 -133.09
C GLU HC 74 -23.53 -49.09 -132.30
N LEU HC 75 -24.66 -49.79 -132.33
CA LEU HC 75 -24.84 -51.12 -131.78
C LEU HC 75 -24.61 -51.17 -130.27
N GLY HC 76 -24.59 -50.03 -129.60
CA GLY HC 76 -24.23 -49.98 -128.20
C GLY HC 76 -23.42 -48.76 -127.79
N ILE HC 77 -23.49 -48.45 -126.49
CA ILE HC 77 -22.63 -47.46 -125.86
C ILE HC 77 -21.49 -48.25 -125.24
N SER HC 78 -21.50 -49.56 -125.51
CA SER HC 78 -20.49 -50.56 -125.21
C SER HC 78 -19.04 -50.08 -125.36
N PRO HC 79 -18.68 -49.25 -126.35
CA PRO HC 79 -17.39 -48.54 -126.24
C PRO HC 79 -17.24 -47.75 -124.96
N ILE HC 80 -18.14 -46.80 -124.67
CA ILE HC 80 -17.96 -45.94 -123.51
C ILE HC 80 -18.14 -46.71 -122.23
N VAL HC 81 -19.08 -47.66 -122.21
CA VAL HC 81 -19.34 -48.42 -121.01
C VAL HC 81 -18.16 -49.34 -120.68
N THR HC 82 -17.75 -50.19 -121.63
CA THR HC 82 -16.66 -51.13 -121.37
C THR HC 82 -15.36 -50.40 -121.09
N SER HC 83 -15.10 -49.35 -121.87
CA SER HC 83 -13.89 -48.58 -121.69
C SER HC 83 -13.92 -47.80 -120.40
N GLY HC 84 -15.09 -47.49 -119.85
CA GLY HC 84 -15.13 -46.78 -118.60
C GLY HC 84 -14.88 -47.77 -117.48
N LEU HC 85 -15.51 -48.93 -117.61
CA LEU HC 85 -15.47 -49.94 -116.56
C LEU HC 85 -14.08 -50.49 -116.35
N ILE HC 86 -13.39 -50.90 -117.43
CA ILE HC 86 -12.08 -51.47 -117.19
C ILE HC 86 -11.08 -50.40 -116.81
N MET HC 87 -11.35 -49.15 -117.17
CA MET HC 87 -10.53 -48.04 -116.71
C MET HC 87 -10.66 -47.85 -115.21
N GLN HC 88 -11.89 -47.88 -114.71
CA GLN HC 88 -12.09 -47.74 -113.28
C GLN HC 88 -11.58 -48.98 -112.53
N LEU HC 89 -11.63 -50.13 -113.19
CA LEU HC 89 -10.98 -51.33 -112.66
C LEU HC 89 -9.49 -51.10 -112.48
N LEU HC 90 -8.79 -50.82 -113.57
CA LEU HC 90 -7.35 -50.71 -113.54
C LEU HC 90 -6.84 -49.45 -112.84
N ALA HC 91 -7.73 -48.53 -112.50
CA ALA HC 91 -7.43 -47.53 -111.50
C ALA HC 91 -7.59 -48.09 -110.10
N GLY HC 92 -8.69 -48.78 -109.85
CA GLY HC 92 -8.96 -49.31 -108.52
C GLY HC 92 -8.12 -50.53 -108.20
N ALA HC 93 -8.14 -51.51 -109.10
CA ALA HC 93 -7.15 -52.57 -109.02
C ALA HC 93 -5.81 -51.97 -109.34
N LYS HC 94 -4.83 -52.27 -108.50
CA LYS HC 94 -3.55 -51.58 -108.58
C LYS HC 94 -2.57 -52.26 -109.51
N ILE HC 95 -3.09 -52.90 -110.55
CA ILE HC 95 -2.25 -53.24 -111.70
C ILE HC 95 -1.65 -51.97 -112.28
N ILE HC 96 -2.44 -50.91 -112.33
CA ILE HC 96 -1.96 -49.58 -112.69
C ILE HC 96 -2.27 -48.66 -111.52
N GLU HC 97 -1.34 -47.75 -111.24
CA GLU HC 97 -1.39 -46.81 -110.13
C GLU HC 97 -2.55 -45.82 -110.29
N VAL HC 98 -2.44 -43.84 -107.28
CA VAL HC 98 -3.50 -42.85 -107.24
C VAL HC 98 -2.91 -41.49 -107.54
N GLY HC 99 -3.56 -40.74 -108.43
CA GLY HC 99 -3.23 -39.35 -108.65
C GLY HC 99 -4.27 -38.45 -108.00
N ASP HC 100 -3.81 -37.61 -107.06
CA ASP HC 100 -4.68 -36.65 -106.39
C ASP HC 100 -4.17 -35.21 -106.50
N THR HC 101 -3.14 -34.96 -107.29
CA THR HC 101 -2.88 -33.60 -107.69
C THR HC 101 -3.83 -33.26 -108.84
N PRO HC 102 -4.23 -31.98 -108.97
CA PRO HC 102 -5.19 -31.63 -110.04
C PRO HC 102 -4.63 -31.79 -111.45
N LYS HC 103 -3.31 -31.69 -111.60
CA LYS HC 103 -2.68 -32.11 -112.85
C LYS HC 103 -2.90 -33.58 -113.11
N ASP HC 104 -1.42 -34.80 -112.78
CA ASP HC 104 -1.53 -36.22 -113.08
C ASP HC 104 -2.96 -36.72 -113.11
N ARG HC 105 -3.85 -36.16 -112.28
CA ARG HC 105 -5.25 -36.57 -112.36
C ARG HC 105 -5.91 -35.98 -113.61
N ALA HC 106 -5.50 -34.77 -114.02
CA ALA HC 106 -6.03 -34.19 -115.25
C ALA HC 106 -5.57 -34.97 -116.47
N LEU HC 107 -4.27 -35.29 -116.54
CA LEU HC 107 -3.78 -36.13 -117.62
C LEU HC 107 -4.25 -37.57 -117.48
N PHE HC 108 -4.65 -37.99 -116.28
CA PHE HC 108 -5.29 -39.27 -116.09
C PHE HC 108 -6.64 -39.31 -116.78
N ASN HC 109 -7.42 -38.22 -116.65
CA ASN HC 109 -8.62 -38.04 -117.47
C ASN HC 109 -8.29 -37.99 -118.95
N GLY HC 110 -7.16 -37.38 -119.30
CA GLY HC 110 -6.75 -37.34 -120.69
C GLY HC 110 -6.48 -38.71 -121.27
N ALA HC 111 -5.77 -39.55 -120.52
CA ALA HC 111 -5.49 -40.90 -120.97
C ALA HC 111 -6.75 -41.75 -120.95
N GLN HC 112 -7.67 -41.42 -120.04
CA GLN HC 112 -9.00 -42.02 -120.04
C GLN HC 112 -9.70 -41.77 -121.37
N LYS HC 113 -9.73 -40.50 -121.78
CA LYS HC 113 -10.20 -40.12 -123.10
C LYS HC 113 -9.47 -40.87 -124.20
N LEU HC 114 -8.15 -41.05 -124.04
CA LEU HC 114 -7.33 -41.67 -125.07
C LEU HC 114 -7.73 -43.12 -125.31
N PHE HC 115 -7.72 -43.93 -124.25
CA PHE HC 115 -8.10 -45.32 -124.39
C PHE HC 115 -9.56 -45.45 -124.80
N GLY HC 116 -10.43 -44.54 -124.35
CA GLY HC 116 -11.82 -44.57 -124.76
C GLY HC 116 -12.01 -44.37 -126.25
N MET HC 117 -11.37 -43.35 -126.81
CA MET HC 117 -11.51 -43.09 -128.23
C MET HC 117 -10.83 -44.17 -129.08
N ILE HC 118 -9.70 -44.71 -128.60
CA ILE HC 118 -9.04 -45.78 -129.33
C ILE HC 118 -9.91 -47.02 -129.37
N ILE HC 119 -10.60 -47.30 -128.27
CA ILE HC 119 -11.51 -48.44 -128.24
C ILE HC 119 -12.75 -48.19 -129.11
N THR HC 120 -13.21 -46.94 -129.22
CA THR HC 120 -14.27 -46.64 -130.18
C THR HC 120 -13.83 -46.94 -131.59
N ILE HC 121 -12.61 -46.54 -131.93
CA ILE HC 121 -12.05 -46.82 -133.24
C ILE HC 121 -11.94 -48.32 -133.48
N GLY HC 122 -11.55 -49.05 -132.42
CA GLY HC 122 -11.47 -50.49 -132.53
C GLY HC 122 -12.82 -51.13 -132.79
N GLN HC 123 -13.86 -50.68 -132.10
CA GLN HC 123 -15.18 -51.22 -132.34
C GLN HC 123 -15.70 -50.86 -133.73
N SER HC 124 -15.38 -49.66 -134.20
CA SER HC 124 -15.80 -49.23 -135.53
C SER HC 124 -15.20 -50.12 -136.60
N ILE HC 125 -13.88 -50.30 -136.52
CA ILE HC 125 -13.16 -51.16 -137.47
C ILE HC 125 -13.67 -52.59 -137.39
N VAL HC 126 -13.96 -53.06 -136.18
CA VAL HC 126 -14.31 -54.47 -136.08
C VAL HC 126 -15.77 -54.73 -136.41
N TYR HC 127 -16.64 -53.72 -136.38
CA TYR HC 127 -17.97 -54.00 -136.90
C TYR HC 127 -18.01 -53.86 -138.41
N VAL HC 128 -17.30 -52.88 -138.96
CA VAL HC 128 -17.35 -52.73 -140.41
C VAL HC 128 -16.58 -53.82 -141.15
N MET HC 129 -15.84 -54.66 -140.42
CA MET HC 129 -15.12 -55.74 -141.05
C MET HC 129 -15.57 -57.05 -140.44
N SER HC 130 -15.12 -55.12 -147.17
CA SER HC 130 -14.83 -55.10 -148.59
C SER HC 130 -13.88 -53.96 -148.92
N GLY HC 142 -13.97 -53.47 -150.15
CA GLY HC 142 -13.17 -52.37 -150.62
C GLY HC 142 -13.76 -50.99 -150.36
N ILE HC 143 -14.88 -50.92 -149.64
CA ILE HC 143 -15.57 -49.66 -149.39
C ILE HC 143 -15.21 -49.10 -148.01
N CYS HC 144 -14.09 -49.55 -147.45
CA CYS HC 144 -13.74 -49.37 -146.05
C CYS HC 144 -13.37 -47.94 -145.67
N LEU HC 145 -13.39 -47.01 -146.62
CA LEU HC 145 -12.99 -45.64 -146.35
C LEU HC 145 -14.04 -44.95 -145.51
N LEU HC 146 -13.60 -43.98 -144.70
CA LEU HC 146 -14.44 -42.94 -144.08
C LEU HC 146 -15.42 -43.44 -143.02
N ILE HC 147 -15.54 -44.77 -142.87
CA ILE HC 147 -16.28 -45.34 -141.75
C ILE HC 147 -15.57 -44.98 -140.46
N THR HC 148 -14.26 -45.14 -140.48
CA THR HC 148 -13.40 -44.87 -139.35
C THR HC 148 -13.47 -43.41 -138.96
N ILE HC 149 -13.56 -42.53 -139.94
CA ILE HC 149 -13.62 -41.09 -139.68
C ILE HC 149 -14.94 -40.75 -138.99
N GLN HC 150 -16.02 -41.30 -139.51
CA GLN HC 150 -17.34 -41.18 -138.90
C GLN HC 150 -17.35 -41.69 -137.48
N LEU HC 151 -16.84 -42.88 -137.24
CA LEU HC 151 -16.96 -43.41 -135.89
C LEU HC 151 -16.25 -42.60 -134.82
N PHE HC 152 -15.02 -42.19 -135.08
CA PHE HC 152 -14.32 -41.38 -134.09
C PHE HC 152 -14.99 -40.04 -133.87
N VAL HC 153 -15.50 -39.45 -134.95
CA VAL HC 153 -16.18 -38.17 -134.83
C VAL HC 153 -17.36 -38.39 -133.91
N ALA HC 154 -18.06 -39.50 -134.12
CA ALA HC 154 -19.18 -39.84 -133.27
C ALA HC 154 -18.76 -40.56 -131.99
N GLY HC 155 -17.49 -40.89 -131.84
CA GLY HC 155 -17.02 -41.31 -130.54
C GLY HC 155 -16.65 -40.11 -129.72
N LEU HC 156 -15.96 -39.17 -130.35
CA LEU HC 156 -15.56 -37.93 -129.67
C LEU HC 156 -16.76 -37.12 -129.23
N ILE HC 157 -17.85 -37.20 -129.97
CA ILE HC 157 -19.05 -36.48 -129.61
C ILE HC 157 -19.66 -37.05 -128.33
N VAL HC 158 -19.75 -38.37 -128.21
CA VAL HC 158 -20.31 -38.96 -127.00
C VAL HC 158 -19.38 -38.72 -125.82
N LEU HC 159 -18.08 -38.68 -126.08
CA LEU HC 159 -17.10 -38.30 -125.07
C LEU HC 159 -17.36 -36.91 -124.52
N LEU HC 160 -17.50 -35.93 -125.42
CA LEU HC 160 -17.69 -34.56 -124.99
C LEU HC 160 -19.04 -34.39 -124.30
N LEU HC 161 -20.05 -35.10 -124.77
CA LEU HC 161 -21.36 -34.94 -124.15
C LEU HC 161 -21.42 -35.58 -122.79
N ASP HC 162 -20.64 -36.64 -122.58
CA ASP HC 162 -20.62 -37.23 -121.25
C ASP HC 162 -19.78 -36.40 -120.29
N GLU HC 163 -18.61 -35.92 -120.71
CA GLU HC 163 -17.81 -35.13 -119.79
C GLU HC 163 -18.29 -33.70 -119.65
N LEU HC 164 -19.20 -33.25 -120.49
CA LEU HC 164 -19.88 -31.99 -120.21
C LEU HC 164 -21.18 -32.22 -119.48
N LEU HC 165 -21.45 -33.45 -119.08
CA LEU HC 165 -22.49 -33.76 -118.13
C LEU HC 165 -21.93 -34.57 -116.98
N GLN HC 166 -20.70 -34.28 -116.59
CA GLN HC 166 -20.25 -34.59 -115.24
C GLN HC 166 -19.77 -33.34 -114.54
N LYS HC 167 -18.82 -32.62 -115.14
CA LYS HC 167 -18.49 -31.26 -114.73
C LYS HC 167 -19.21 -30.34 -115.70
N GLY HC 168 -20.42 -29.95 -115.32
CA GLY HC 168 -21.31 -29.21 -116.18
C GLY HC 168 -22.65 -29.17 -115.49
N TYR HC 169 -23.70 -29.59 -116.20
CA TYR HC 169 -24.94 -29.94 -115.53
C TYR HC 169 -24.74 -31.08 -114.54
N GLY HC 170 -24.01 -32.12 -114.95
CA GLY HC 170 -24.31 -33.51 -114.64
C GLY HC 170 -24.89 -33.95 -113.31
N LEU HC 171 -26.09 -34.54 -113.36
CA LEU HC 171 -26.75 -35.10 -112.19
C LEU HC 171 -26.84 -36.61 -112.22
N GLY HC 172 -27.46 -37.19 -113.25
CA GLY HC 172 -27.44 -38.63 -113.31
C GLY HC 172 -26.06 -39.06 -113.75
N SER HC 173 -25.78 -38.76 -115.01
CA SER HC 173 -24.49 -38.80 -115.67
C SER HC 173 -24.77 -38.23 -117.04
N GLY HC 174 -23.81 -38.27 -117.93
CA GLY HC 174 -24.23 -38.21 -119.31
C GLY HC 174 -24.70 -39.60 -119.67
N ILE HC 175 -23.98 -40.59 -119.15
CA ILE HC 175 -24.03 -41.97 -119.62
C ILE HC 175 -25.37 -42.61 -119.29
N SER HC 176 -25.68 -42.63 -118.00
CA SER HC 176 -26.78 -43.43 -117.50
C SER HC 176 -28.12 -42.91 -117.98
N LEU HC 177 -28.25 -41.60 -118.18
CA LEU HC 177 -29.51 -41.11 -118.68
C LEU HC 177 -29.65 -41.33 -120.19
N PHE HC 178 -28.51 -41.42 -120.91
CA PHE HC 178 -28.57 -41.89 -122.30
C PHE HC 178 -29.10 -43.29 -122.37
N ILE HC 179 -28.58 -44.16 -121.52
CA ILE HC 179 -29.04 -45.54 -121.47
C ILE HC 179 -30.51 -45.61 -121.10
N ALA HC 180 -30.92 -44.74 -120.18
CA ALA HC 180 -32.30 -44.73 -119.72
C ALA HC 180 -33.25 -44.30 -120.81
N THR HC 181 -32.96 -43.19 -121.48
CA THR HC 181 -33.84 -42.70 -122.54
C THR HC 181 -33.86 -43.64 -123.73
N ASN HC 182 -32.72 -44.25 -124.07
CA ASN HC 182 -32.73 -45.21 -125.15
C ASN HC 182 -33.47 -46.46 -124.76
N ILE HC 183 -33.52 -46.74 -123.47
CA ILE HC 183 -34.36 -47.85 -123.05
C ILE HC 183 -35.83 -47.48 -123.05
N CYS HC 184 -36.16 -46.22 -122.76
CA CYS HC 184 -37.52 -45.73 -122.94
C CYS HC 184 -37.98 -45.91 -124.37
N GLU HC 185 -37.08 -45.61 -125.31
CA GLU HC 185 -37.38 -45.79 -126.72
C GLU HC 185 -37.57 -47.26 -127.06
N THR HC 186 -36.73 -48.14 -126.52
CA THR HC 186 -36.85 -49.55 -126.87
C THR HC 186 -38.09 -50.18 -126.27
N ILE HC 187 -38.64 -49.60 -125.21
CA ILE HC 187 -39.99 -50.00 -124.85
C ILE HC 187 -40.99 -49.36 -125.80
N VAL HC 188 -40.70 -48.17 -126.26
CA VAL HC 188 -41.69 -47.35 -126.95
C VAL HC 188 -41.91 -47.84 -128.39
N TRP HC 189 -40.87 -48.36 -129.05
CA TRP HC 189 -41.08 -49.04 -130.34
C TRP HC 189 -41.94 -50.27 -130.15
N LYS HC 190 -41.83 -50.91 -129.00
CA LYS HC 190 -42.77 -51.96 -128.66
C LYS HC 190 -44.09 -51.41 -128.20
N ALA HC 191 -44.19 -50.12 -127.87
CA ALA HC 191 -45.46 -49.59 -127.41
C ALA HC 191 -46.40 -49.27 -128.56
N PHE HC 192 -45.99 -48.45 -129.52
CA PHE HC 192 -46.72 -48.34 -130.79
C PHE HC 192 -45.78 -48.88 -131.86
N SER HC 193 -46.29 -49.74 -132.73
CA SER HC 193 -45.47 -50.43 -133.71
C SER HC 193 -46.13 -50.32 -135.07
N PRO HC 194 -45.69 -49.44 -135.93
CA PRO HC 194 -46.39 -49.23 -137.19
C PRO HC 194 -46.25 -50.34 -138.20
N THR HC 195 -45.04 -50.84 -138.44
CA THR HC 195 -44.87 -51.80 -139.52
C THR HC 195 -44.77 -53.23 -139.01
N THR HC 196 -45.12 -54.14 -139.89
CA THR HC 196 -44.83 -55.56 -139.78
C THR HC 196 -44.67 -56.05 -141.21
N VAL HC 197 -43.58 -56.75 -141.49
CA VAL HC 197 -43.52 -57.45 -142.75
C VAL HC 197 -44.52 -58.59 -142.69
N ASN HC 198 -45.28 -58.77 -143.77
CA ASN HC 198 -46.44 -59.65 -143.70
C ASN HC 198 -45.98 -61.10 -143.65
N THR HC 199 -46.46 -61.79 -142.63
CA THR HC 199 -46.33 -63.22 -142.46
C THR HC 199 -47.46 -63.89 -143.21
N GLY HC 200 -47.73 -65.14 -142.86
CA GLY HC 200 -48.82 -65.93 -143.41
C GLY HC 200 -50.20 -65.30 -143.35
N ARG HC 201 -50.39 -64.33 -142.47
CA ARG HC 201 -51.58 -63.49 -142.37
C ARG HC 201 -51.23 -62.30 -141.49
N GLY HC 202 -51.93 -61.18 -141.70
CA GLY HC 202 -51.90 -60.09 -140.73
C GLY HC 202 -50.74 -59.12 -140.81
N MET HC 203 -50.69 -58.33 -141.87
CA MET HC 203 -49.68 -57.29 -141.99
C MET HC 203 -49.91 -56.18 -140.98
N GLU HC 204 -48.80 -55.49 -140.64
CA GLU HC 204 -48.77 -54.14 -140.07
C GLU HC 204 -49.31 -54.09 -138.63
N PHE HC 205 -48.94 -55.09 -137.82
CA PHE HC 205 -49.36 -55.12 -136.42
C PHE HC 205 -48.40 -55.98 -135.61
N GLU HC 206 -47.43 -55.35 -134.92
CA GLU HC 206 -46.36 -56.09 -134.25
C GLU HC 206 -46.22 -55.68 -132.79
N GLY HC 207 -47.07 -56.21 -131.92
CA GLY HC 207 -46.89 -56.04 -130.49
C GLY HC 207 -47.18 -54.67 -129.94
N ALA HC 208 -47.86 -53.83 -130.69
CA ALA HC 208 -48.38 -52.59 -130.15
C ALA HC 208 -49.73 -52.82 -129.51
N ILE HC 209 -50.14 -51.87 -128.70
CA ILE HC 209 -51.52 -51.89 -128.26
C ILE HC 209 -52.42 -51.37 -129.38
N ILE HC 210 -51.90 -50.49 -130.23
CA ILE HC 210 -52.62 -50.11 -131.44
C ILE HC 210 -52.78 -51.33 -132.34
N ALA HC 211 -51.72 -52.14 -132.43
CA ALA HC 211 -51.79 -53.42 -133.11
C ALA HC 211 -52.88 -54.30 -132.52
N LEU HC 212 -52.98 -54.34 -131.21
CA LEU HC 212 -54.04 -55.10 -130.57
C LEU HC 212 -55.26 -54.25 -130.31
N PHE HC 213 -55.41 -53.18 -131.09
CA PHE HC 213 -56.66 -52.48 -131.25
C PHE HC 213 -57.07 -52.40 -132.71
N HIS HC 214 -56.12 -52.41 -133.64
CA HIS HC 214 -56.45 -52.56 -135.06
C HIS HC 214 -56.83 -54.00 -135.37
N LEU HC 215 -56.27 -54.93 -134.61
CA LEU HC 215 -56.58 -56.34 -134.77
C LEU HC 215 -58.03 -56.64 -134.43
N LEU HC 216 -58.62 -55.87 -133.52
CA LEU HC 216 -60.04 -56.05 -133.27
C LEU HC 216 -60.88 -55.45 -134.38
N ALA HC 217 -60.36 -54.47 -135.09
CA ALA HC 217 -61.12 -53.88 -136.18
C ALA HC 217 -61.10 -54.75 -137.43
N THR HC 218 -60.02 -55.49 -137.68
CA THR HC 218 -60.00 -56.31 -138.88
C THR HC 218 -60.78 -57.59 -138.70
N ARG HC 219 -60.32 -58.46 -137.80
CA ARG HC 219 -60.74 -59.86 -137.83
C ARG HC 219 -61.98 -60.11 -137.00
N THR HC 220 -62.82 -61.01 -137.50
CA THR HC 220 -63.90 -61.55 -136.73
C THR HC 220 -63.39 -62.74 -135.93
N ASP HC 221 -64.31 -63.40 -135.22
CA ASP HC 221 -64.03 -64.45 -134.23
C ASP HC 221 -63.04 -63.94 -133.18
N LYS HC 222 -63.57 -63.06 -132.34
CA LYS HC 222 -62.80 -62.32 -131.34
C LYS HC 222 -62.10 -63.20 -130.31
N VAL HC 223 -62.46 -64.49 -130.19
CA VAL HC 223 -61.69 -65.40 -129.34
C VAL HC 223 -60.29 -65.59 -129.90
N ARG HC 224 -60.20 -65.90 -131.20
CA ARG HC 224 -58.90 -65.96 -131.85
C ARG HC 224 -58.37 -64.58 -132.20
N ALA HC 225 -59.06 -63.51 -131.83
CA ALA HC 225 -58.42 -62.20 -131.72
C ALA HC 225 -57.83 -61.98 -130.36
N LEU HC 226 -58.40 -62.56 -129.32
CA LEU HC 226 -57.77 -62.50 -128.00
C LEU HC 226 -56.51 -63.34 -127.96
N ARG HC 227 -56.55 -64.50 -128.62
CA ARG HC 227 -55.46 -65.45 -128.50
C ARG HC 227 -54.18 -64.92 -129.14
N GLU HC 228 -54.31 -64.26 -130.29
CA GLU HC 228 -53.17 -63.61 -130.90
C GLU HC 228 -52.74 -62.37 -130.16
N ALA HC 229 -53.63 -61.76 -129.39
CA ALA HC 229 -53.24 -60.59 -128.64
C ALA HC 229 -52.46 -60.95 -127.39
N PHE HC 230 -52.80 -62.05 -126.75
CA PHE HC 230 -52.18 -62.36 -125.47
C PHE HC 230 -51.09 -63.41 -125.55
N TYR HC 231 -51.09 -64.27 -126.55
CA TYR HC 231 -50.04 -65.26 -126.68
C TYR HC 231 -49.33 -65.07 -128.02
N ARG HC 232 -48.90 -63.86 -128.32
CA ARG HC 232 -48.10 -63.58 -129.51
C ARG HC 232 -46.64 -63.87 -129.23
N GLN HC 233 -46.01 -64.71 -130.05
CA GLN HC 233 -44.65 -65.15 -129.75
C GLN HC 233 -43.57 -64.39 -130.51
N ASN HC 234 -43.62 -64.37 -131.84
CA ASN HC 234 -42.49 -63.88 -132.61
C ASN HC 234 -42.34 -62.38 -132.55
N LEU HC 235 -43.42 -61.69 -132.35
CA LEU HC 235 -43.44 -60.24 -132.23
C LEU HC 235 -43.58 -59.98 -130.74
N PRO HC 236 -43.50 -58.74 -130.26
CA PRO HC 236 -43.85 -58.48 -128.86
C PRO HC 236 -45.29 -58.82 -128.53
N ASN HC 237 -45.52 -58.99 -127.24
CA ASN HC 237 -46.76 -59.57 -126.72
C ASN HC 237 -47.33 -58.60 -125.70
N LEU HC 238 -48.61 -58.74 -125.42
CA LEU HC 238 -49.20 -57.89 -124.41
C LEU HC 238 -49.19 -58.56 -123.05
N MET HC 239 -49.13 -59.89 -123.00
CA MET HC 239 -48.74 -60.57 -121.78
C MET HC 239 -47.33 -60.19 -121.39
N ASN HC 240 -46.45 -60.07 -122.40
CA ASN HC 240 -45.13 -59.50 -122.20
C ASN HC 240 -45.22 -58.11 -121.60
N LEU HC 241 -46.16 -57.30 -122.07
CA LEU HC 241 -46.25 -55.96 -121.54
C LEU HC 241 -46.80 -55.92 -120.12
N ILE HC 242 -47.69 -56.85 -119.77
CA ILE HC 242 -48.14 -56.96 -118.38
C ILE HC 242 -46.98 -57.35 -117.47
N ALA HC 243 -46.18 -58.31 -117.91
CA ALA HC 243 -45.03 -58.69 -117.11
C ALA HC 243 -43.99 -57.58 -117.02
N THR HC 244 -43.84 -56.82 -118.10
CA THR HC 244 -42.99 -55.65 -118.10
C THR HC 244 -43.47 -54.61 -117.10
N ILE HC 245 -44.77 -54.37 -117.03
CA ILE HC 245 -45.26 -53.41 -116.06
C ILE HC 245 -45.07 -53.93 -114.64
N PHE HC 246 -45.31 -55.22 -114.48
CA PHE HC 246 -45.23 -55.88 -113.19
C PHE HC 246 -43.83 -55.76 -112.61
N VAL HC 247 -42.82 -55.95 -113.45
CA VAL HC 247 -41.44 -55.83 -113.01
C VAL HC 247 -41.17 -54.40 -112.56
N PHE HC 248 -41.70 -53.42 -113.27
CA PHE HC 248 -41.49 -52.04 -112.86
C PHE HC 248 -42.09 -51.83 -111.48
N ALA HC 249 -43.28 -52.34 -111.25
CA ALA HC 249 -43.85 -52.15 -109.94
C ALA HC 249 -43.01 -52.82 -108.87
N VAL HC 250 -42.56 -54.06 -109.08
CA VAL HC 250 -41.77 -54.68 -108.01
C VAL HC 250 -40.43 -54.01 -107.71
N VAL HC 251 -39.76 -53.56 -108.74
CA VAL HC 251 -38.46 -52.92 -108.58
C VAL HC 251 -38.61 -51.59 -107.83
N ILE HC 252 -39.72 -50.86 -108.01
CA ILE HC 252 -39.86 -49.70 -107.16
C ILE HC 252 -40.34 -50.09 -105.78
N TYR HC 253 -40.89 -51.29 -105.64
CA TYR HC 253 -41.10 -51.81 -104.30
C TYR HC 253 -39.77 -52.05 -103.62
N PHE HC 254 -38.77 -52.49 -104.35
CA PHE HC 254 -37.50 -52.74 -103.72
C PHE HC 254 -36.56 -51.55 -103.71
N GLN HC 255 -36.87 -50.46 -104.39
CA GLN HC 255 -35.99 -49.30 -104.23
C GLN HC 255 -36.19 -48.68 -102.86
N GLY HC 256 -37.43 -48.69 -102.39
CA GLY HC 256 -37.70 -48.12 -101.09
C GLY HC 256 -37.15 -48.91 -99.93
N PHE HC 257 -36.57 -50.08 -100.18
CA PHE HC 257 -35.82 -50.72 -99.12
C PHE HC 257 -34.61 -49.90 -98.71
N ARG HC 258 -34.68 -49.33 -97.53
CA ARG HC 258 -33.63 -48.50 -97.03
C ARG HC 258 -33.49 -48.70 -95.53
N VAL HC 259 -32.27 -48.51 -95.08
CA VAL HC 259 -31.90 -48.57 -93.67
C VAL HC 259 -31.82 -47.15 -93.17
N ASP HC 260 -32.51 -46.85 -92.09
CA ASP HC 260 -32.46 -45.52 -91.50
C ASP HC 260 -31.46 -45.47 -90.36
N LEU HC 261 -30.70 -44.39 -90.32
CA LEU HC 261 -29.80 -44.11 -89.21
C LEU HC 261 -29.98 -42.66 -88.78
N PRO HC 262 -30.55 -42.41 -87.62
CA PRO HC 262 -30.71 -41.03 -87.15
C PRO HC 262 -29.37 -40.48 -86.68
N ILE HC 263 -29.24 -39.17 -86.77
CA ILE HC 263 -27.98 -38.50 -86.43
C ILE HC 263 -28.26 -37.21 -85.65
N LYS HC 264 -27.89 -37.16 -84.36
CA LYS HC 264 -27.60 -35.87 -83.74
C LYS HC 264 -26.53 -35.19 -84.57
N SER HC 265 -26.86 -34.07 -85.17
CA SER HC 265 -25.78 -33.28 -85.73
C SER HC 265 -24.88 -32.80 -84.60
N ALA HC 266 -23.61 -32.62 -84.92
CA ALA HC 266 -22.75 -31.98 -83.95
C ALA HC 266 -23.16 -30.54 -83.78
N ARG HC 267 -22.90 -30.01 -82.59
CA ARG HC 267 -23.04 -28.61 -82.17
C ARG HC 267 -24.41 -27.99 -82.45
N TYR HC 268 -25.46 -28.78 -82.67
CA TYR HC 268 -26.80 -28.24 -82.75
C TYR HC 268 -27.77 -29.19 -82.07
N ARG HC 269 -28.67 -28.63 -81.30
CA ARG HC 269 -29.54 -29.41 -80.43
C ARG HC 269 -30.58 -30.13 -81.26
N GLY HC 270 -30.35 -31.42 -81.50
CA GLY HC 270 -31.39 -32.35 -81.84
C GLY HC 270 -32.08 -32.14 -83.17
N GLN HC 271 -31.33 -31.92 -84.25
CA GLN HC 271 -31.92 -32.05 -85.56
C GLN HC 271 -31.60 -33.44 -86.10
N TYR HC 272 -32.59 -34.09 -86.68
CA TYR HC 272 -32.48 -35.51 -86.97
C TYR HC 272 -32.67 -35.74 -88.45
N ASN HC 273 -31.65 -35.47 -89.23
CA ASN HC 273 -31.68 -35.72 -90.65
C ASN HC 273 -31.06 -37.08 -90.87
N THR HC 274 -31.89 -38.11 -90.82
CA THR HC 274 -31.42 -39.48 -90.70
C THR HC 274 -30.79 -39.91 -92.01
N TYR HC 275 -29.56 -40.35 -91.95
CA TYR HC 275 -28.88 -40.84 -93.11
C TYR HC 275 -29.44 -42.20 -93.51
N PRO HC 276 -29.84 -42.38 -94.75
CA PRO HC 276 -30.36 -43.68 -95.17
C PRO HC 276 -29.32 -44.47 -95.94
N ILE HC 277 -29.55 -45.76 -96.05
CA ILE HC 277 -28.77 -46.64 -96.91
C ILE HC 277 -29.76 -47.48 -97.68
N LYS HC 278 -29.98 -47.15 -98.94
CA LYS HC 278 -30.87 -47.93 -99.78
C LYS HC 278 -30.15 -49.17 -100.26
N LEU HC 279 -30.91 -50.23 -100.51
CA LEU HC 279 -30.32 -51.51 -100.85
C LEU HC 279 -29.71 -51.49 -102.24
N PHE HC 280 -30.03 -50.49 -103.04
CA PHE HC 280 -29.49 -50.43 -104.39
C PHE HC 280 -27.95 -50.43 -104.43
N TYR HC 281 -27.30 -49.77 -103.47
CA TYR HC 281 -25.83 -49.72 -103.39
C TYR HC 281 -25.21 -49.20 -104.68
N THR HC 282 -25.86 -48.18 -105.19
CA THR HC 282 -25.55 -47.44 -106.43
C THR HC 282 -26.36 -48.03 -107.58
N SER HC 283 -27.33 -48.91 -107.30
CA SER HC 283 -28.21 -49.58 -108.27
C SER HC 283 -27.43 -50.39 -109.31
N ASN HC 284 -26.18 -50.68 -108.97
CA ASN HC 284 -25.39 -51.73 -109.56
C ASN HC 284 -25.09 -51.47 -111.02
N ILE HC 285 -25.20 -50.21 -111.42
CA ILE HC 285 -24.79 -49.71 -112.73
C ILE HC 285 -23.34 -50.12 -113.00
N PRO HC 286 -22.45 -50.20 -112.03
CA PRO HC 286 -21.34 -51.13 -112.22
C PRO HC 286 -21.80 -52.57 -112.44
N ILE HC 287 -22.46 -53.14 -111.44
CA ILE HC 287 -22.48 -54.58 -111.24
C ILE HC 287 -23.30 -55.31 -112.30
N ILE HC 288 -24.36 -54.69 -112.80
CA ILE HC 288 -25.05 -55.29 -113.92
C ILE HC 288 -24.24 -55.11 -115.17
N LEU HC 289 -23.63 -53.95 -115.34
CA LEU HC 289 -22.85 -53.77 -116.54
C LEU HC 289 -21.55 -54.54 -116.43
N GLN HC 290 -21.12 -54.80 -115.20
CA GLN HC 290 -20.14 -55.86 -114.97
C GLN HC 290 -20.65 -57.19 -115.48
N SER HC 291 -21.92 -57.51 -115.22
CA SER HC 291 -22.46 -58.77 -115.71
C SER HC 291 -22.67 -58.78 -117.21
N ALA HC 292 -22.81 -57.62 -117.82
CA ALA HC 292 -23.15 -57.53 -119.22
C ALA HC 292 -21.93 -57.46 -120.11
N LEU HC 293 -20.95 -56.68 -119.73
CA LEU HC 293 -19.97 -56.33 -120.73
C LEU HC 293 -18.87 -57.36 -120.88
N VAL HC 294 -18.69 -58.23 -119.89
CA VAL HC 294 -17.80 -59.36 -120.14
C VAL HC 294 -18.43 -60.31 -121.14
N SER HC 295 -19.74 -60.53 -121.06
CA SER HC 295 -20.41 -61.36 -122.04
C SER HC 295 -20.71 -60.58 -123.30
N ASN HC 296 -20.35 -59.31 -123.35
CA ASN HC 296 -20.32 -58.61 -124.61
C ASN HC 296 -18.95 -58.63 -125.27
N LEU HC 297 -17.88 -58.64 -124.48
CA LEU HC 297 -16.57 -58.58 -125.11
C LEU HC 297 -16.18 -59.89 -125.76
N TYR HC 298 -16.66 -61.03 -125.27
CA TYR HC 298 -16.37 -62.25 -126.03
C TYR HC 298 -17.23 -62.35 -127.27
N VAL HC 299 -18.49 -61.94 -127.19
CA VAL HC 299 -19.31 -62.02 -128.39
C VAL HC 299 -18.90 -60.91 -129.37
N ILE HC 300 -18.09 -59.94 -128.92
CA ILE HC 300 -17.22 -59.23 -129.85
C ILE HC 300 -16.14 -60.17 -130.38
N SER HC 301 -15.39 -60.81 -129.50
CA SER HC 301 -14.22 -61.51 -129.98
C SER HC 301 -14.48 -62.94 -130.38
N GLN HC 302 -15.73 -63.36 -130.61
CA GLN HC 302 -15.92 -64.61 -131.34
C GLN HC 302 -15.69 -64.42 -132.82
N MET HC 303 -15.62 -63.17 -133.26
CA MET HC 303 -15.33 -62.88 -134.66
C MET HC 303 -13.90 -63.29 -134.98
N LEU HC 304 -12.99 -63.15 -134.02
CA LEU HC 304 -11.68 -63.74 -134.15
C LEU HC 304 -11.67 -65.24 -133.92
N SER HC 305 -12.81 -65.84 -133.57
CA SER HC 305 -12.84 -67.29 -133.46
C SER HC 305 -13.33 -67.93 -134.76
N ALA HC 306 -13.87 -67.14 -135.68
CA ALA HC 306 -14.27 -67.69 -136.96
C ALA HC 306 -13.09 -68.11 -137.80
N ARG HC 307 -11.96 -67.42 -137.67
CA ARG HC 307 -10.78 -67.80 -138.43
C ARG HC 307 -10.00 -68.90 -137.74
N PHE HC 308 -9.40 -68.57 -136.60
CA PHE HC 308 -8.19 -69.22 -136.13
C PHE HC 308 -8.52 -70.42 -135.24
N PRO HC 333 -16.65 -68.27 -131.29
CA PRO HC 333 -17.72 -68.79 -132.14
C PRO HC 333 -19.08 -68.66 -131.47
N VAL HC 334 -20.15 -68.75 -132.25
CA VAL HC 334 -21.49 -68.67 -131.70
C VAL HC 334 -21.99 -70.03 -131.24
N GLY HC 335 -21.13 -71.04 -131.24
CA GLY HC 335 -21.57 -72.35 -130.84
C GLY HC 335 -21.07 -72.74 -129.46
N GLY HC 336 -19.95 -73.46 -129.44
CA GLY HC 336 -19.44 -74.06 -128.22
C GLY HC 336 -19.02 -73.08 -127.16
N LEU HC 337 -18.62 -71.86 -127.56
CA LEU HC 337 -18.32 -70.84 -126.56
C LEU HC 337 -19.59 -70.24 -125.97
N CYS HC 338 -20.75 -70.41 -126.62
CA CYS HC 338 -21.97 -69.77 -126.14
C CYS HC 338 -22.57 -70.46 -124.92
N HIS HC 339 -22.20 -71.73 -124.68
CA HIS HC 339 -22.86 -72.50 -123.63
C HIS HC 339 -22.51 -72.00 -122.23
N TYR HC 340 -21.46 -71.21 -122.12
CA TYR HC 340 -21.22 -70.50 -120.88
C TYR HC 340 -21.09 -69.02 -121.17
N LEU HC 341 -21.89 -68.52 -122.07
CA LEU HC 341 -21.67 -67.14 -122.40
C LEU HC 341 -22.91 -66.28 -122.20
N SER HC 342 -24.09 -66.85 -122.28
CA SER HC 342 -25.30 -66.09 -122.56
C SER HC 342 -26.47 -66.68 -121.77
N PRO HC 343 -27.65 -66.06 -121.74
CA PRO HC 343 -28.82 -66.76 -121.23
C PRO HC 343 -29.28 -67.79 -122.21
N PRO HC 344 -30.11 -68.76 -121.79
CA PRO HC 344 -30.63 -69.77 -122.72
C PRO HC 344 -31.88 -69.36 -123.49
N GLU HC 345 -32.39 -68.14 -123.31
CA GLU HC 345 -33.34 -67.47 -124.21
C GLU HC 345 -34.72 -68.10 -124.34
N SER HC 346 -34.99 -69.20 -123.65
CA SER HC 346 -36.18 -70.00 -123.89
C SER HC 346 -37.20 -69.82 -122.77
N PHE HC 347 -38.46 -69.58 -123.14
CA PHE HC 347 -39.54 -69.49 -122.17
C PHE HC 347 -39.80 -70.84 -121.55
N GLY HC 348 -39.50 -71.91 -122.27
CA GLY HC 348 -39.52 -73.23 -121.69
C GLY HC 348 -38.46 -73.35 -120.64
N SER HC 349 -38.86 -73.43 -119.37
CA SER HC 349 -37.94 -73.50 -118.25
C SER HC 349 -37.17 -74.80 -118.21
N VAL HC 350 -37.63 -75.82 -118.93
CA VAL HC 350 -36.97 -77.12 -118.93
C VAL HC 350 -36.46 -77.27 -120.36
N LEU HC 351 -35.95 -76.17 -120.92
CA LEU HC 351 -35.37 -76.26 -122.25
C LEU HC 351 -34.13 -77.15 -122.21
N GLU HC 352 -33.67 -77.51 -123.40
CA GLU HC 352 -32.84 -78.69 -123.64
C GLU HC 352 -31.45 -78.65 -123.00
N ASP HC 353 -31.12 -77.63 -122.22
CA ASP HC 353 -29.88 -77.74 -121.47
C ASP HC 353 -30.03 -77.07 -120.11
N PRO HC 354 -30.06 -77.87 -119.02
CA PRO HC 354 -30.01 -77.26 -117.68
C PRO HC 354 -28.65 -76.75 -117.29
N VAL HC 355 -27.58 -77.20 -117.95
CA VAL HC 355 -26.24 -76.72 -117.63
C VAL HC 355 -26.13 -75.24 -117.91
N HIS HC 356 -26.63 -74.82 -119.08
CA HIS HC 356 -26.55 -73.42 -119.45
C HIS HC 356 -27.39 -72.56 -118.54
N ALA HC 357 -28.57 -73.06 -118.16
CA ALA HC 357 -29.45 -72.29 -117.28
C ALA HC 357 -28.83 -72.11 -115.90
N VAL HC 358 -28.34 -73.21 -115.31
CA VAL HC 358 -27.78 -73.16 -113.97
C VAL HC 358 -26.55 -72.27 -113.93
N VAL HC 359 -25.64 -72.46 -114.88
CA VAL HC 359 -24.42 -71.67 -114.88
C VAL HC 359 -24.72 -70.22 -115.20
N TYR HC 360 -25.72 -69.96 -116.05
CA TYR HC 360 -26.04 -68.57 -116.34
C TYR HC 360 -26.61 -67.87 -115.13
N ILE HC 361 -27.51 -68.52 -114.41
CA ILE HC 361 -28.11 -67.86 -113.26
C ILE HC 361 -27.10 -67.70 -112.12
N VAL HC 362 -26.28 -68.73 -111.89
CA VAL HC 362 -25.30 -68.68 -110.83
C VAL HC 362 -24.24 -67.64 -111.14
N PHE HC 363 -23.87 -67.53 -112.41
CA PHE HC 363 -22.93 -66.48 -112.78
C PHE HC 363 -23.55 -65.11 -112.62
N MET HC 364 -24.84 -64.96 -112.91
CA MET HC 364 -25.46 -63.66 -112.77
C MET HC 364 -25.49 -63.20 -111.31
N LEU HC 365 -25.96 -64.10 -110.43
CA LEU HC 365 -26.03 -63.80 -109.00
C LEU HC 365 -24.64 -63.55 -108.42
N GLY HC 366 -23.71 -64.45 -108.67
CA GLY HC 366 -22.38 -64.31 -108.14
C GLY HC 366 -21.64 -63.13 -108.71
N SER HC 367 -21.94 -62.76 -109.95
CA SER HC 367 -21.23 -61.66 -110.57
C SER HC 367 -21.66 -60.35 -109.98
N CYS HC 368 -22.96 -60.15 -109.81
CA CYS HC 368 -23.38 -58.91 -109.20
C CYS HC 368 -23.00 -58.82 -107.72
N ALA HC 369 -23.04 -59.94 -106.98
CA ALA HC 369 -22.63 -59.89 -105.57
C ALA HC 369 -21.14 -59.62 -105.43
N PHE HC 370 -20.33 -60.30 -106.24
CA PHE HC 370 -18.90 -60.14 -106.17
C PHE HC 370 -18.48 -58.75 -106.61
N PHE HC 371 -19.18 -58.20 -107.58
CA PHE HC 371 -18.81 -56.87 -108.02
C PHE HC 371 -19.37 -55.79 -107.13
N SER HC 372 -20.35 -56.12 -106.29
CA SER HC 372 -20.63 -55.23 -105.18
C SER HC 372 -19.46 -55.19 -104.22
N LYS HC 373 -19.14 -56.36 -103.62
CA LYS HC 373 -18.11 -56.46 -102.59
C LYS HC 373 -16.73 -56.04 -103.08
N THR HC 374 -16.53 -55.97 -104.39
CA THR HC 374 -15.37 -55.27 -104.89
C THR HC 374 -15.66 -53.85 -105.32
N TRP HC 375 -16.92 -53.50 -105.55
CA TRP HC 375 -17.09 -52.18 -106.15
C TRP HC 375 -17.05 -51.06 -105.14
N ILE HC 376 -17.63 -51.28 -103.95
CA ILE HC 376 -17.86 -50.23 -102.96
C ILE HC 376 -16.59 -49.57 -102.50
N GLU HC 377 -15.47 -50.24 -102.63
CA GLU HC 377 -14.20 -49.72 -102.17
C GLU HC 377 -13.65 -48.61 -103.04
N VAL HC 378 -14.28 -48.29 -104.16
CA VAL HC 378 -13.68 -47.31 -105.04
C VAL HC 378 -14.59 -46.12 -105.23
N SER HC 379 -15.82 -46.35 -105.69
CA SER HC 379 -16.76 -45.24 -105.85
C SER HC 379 -17.54 -45.07 -104.58
N GLY HC 380 -16.83 -44.68 -103.53
CA GLY HC 380 -17.43 -44.10 -102.36
C GLY HC 380 -18.27 -45.08 -101.58
N SER HC 381 -18.81 -44.54 -100.49
CA SER HC 381 -19.81 -45.18 -99.65
C SER HC 381 -19.36 -46.52 -99.09
N SER HC 382 -18.07 -46.75 -98.99
CA SER HC 382 -17.58 -47.81 -98.11
C SER HC 382 -17.48 -47.24 -96.71
N ALA HC 383 -16.97 -48.06 -95.77
CA ALA HC 383 -17.07 -47.73 -94.36
C ALA HC 383 -16.31 -46.45 -94.02
N LYS HC 384 -15.04 -46.39 -94.42
CA LYS HC 384 -14.26 -45.17 -94.22
C LYS HC 384 -14.79 -44.01 -95.04
N ASP HC 385 -15.38 -44.28 -96.20
CA ASP HC 385 -15.93 -43.22 -97.03
C ASP HC 385 -17.06 -42.51 -96.32
N VAL HC 386 -18.00 -43.28 -95.80
CA VAL HC 386 -19.14 -42.72 -95.09
C VAL HC 386 -18.69 -42.00 -93.85
N ALA HC 387 -17.71 -42.59 -93.14
CA ALA HC 387 -17.24 -41.99 -91.90
C ALA HC 387 -16.61 -40.63 -92.14
N LYS HC 388 -15.74 -40.53 -93.14
CA LYS HC 388 -15.11 -39.26 -93.39
C LYS HC 388 -16.02 -38.26 -94.06
N GLN HC 389 -17.07 -38.72 -94.75
CA GLN HC 389 -18.03 -37.73 -95.21
C GLN HC 389 -18.86 -37.19 -94.07
N LEU HC 390 -19.20 -38.02 -93.10
CA LEU HC 390 -20.05 -37.52 -92.02
C LEU HC 390 -19.30 -36.64 -91.04
N LYS HC 391 -18.08 -37.03 -90.69
CA LYS HC 391 -17.21 -36.11 -89.95
C LYS HC 391 -16.96 -34.86 -90.74
N GLU HC 392 -16.82 -35.00 -92.06
CA GLU HC 392 -16.60 -33.86 -92.92
C GLU HC 392 -17.84 -32.98 -93.03
N GLN HC 393 -19.02 -33.51 -92.73
CA GLN HC 393 -20.21 -32.66 -92.67
C GLN HC 393 -20.86 -32.67 -91.29
N GLN HC 394 -20.10 -33.04 -90.26
CA GLN HC 394 -20.41 -32.74 -88.87
C GLN HC 394 -21.70 -33.43 -88.41
N MET HC 395 -21.69 -34.74 -88.55
CA MET HC 395 -22.86 -35.56 -88.25
C MET HC 395 -22.37 -36.78 -87.50
N VAL HC 396 -22.80 -36.94 -86.26
CA VAL HC 396 -22.26 -37.96 -85.38
C VAL HC 396 -23.38 -38.83 -84.85
N MET HC 397 -23.19 -40.14 -84.92
CA MET HC 397 -24.16 -41.06 -84.35
C MET HC 397 -24.25 -40.91 -82.85
N ARG HC 398 -25.49 -40.94 -82.39
CA ARG HC 398 -25.86 -40.79 -80.99
C ARG HC 398 -25.39 -41.89 -80.05
N GLY HC 399 -25.46 -43.12 -80.52
CA GLY HC 399 -25.14 -44.27 -79.69
C GLY HC 399 -23.75 -44.32 -79.12
N HIS HC 400 -22.75 -43.94 -79.91
CA HIS HC 400 -21.36 -44.00 -79.49
C HIS HC 400 -20.49 -42.86 -80.04
N ARG HC 401 -19.18 -42.98 -79.79
CA ARG HC 401 -18.15 -42.02 -80.19
C ARG HC 401 -18.03 -41.89 -81.70
N GLU HC 402 -17.50 -40.77 -82.17
CA GLU HC 402 -17.47 -40.52 -83.61
C GLU HC 402 -16.74 -41.55 -84.47
N THR HC 403 -15.56 -42.00 -84.08
CA THR HC 403 -14.93 -43.03 -84.90
C THR HC 403 -15.20 -44.43 -84.40
N SER HC 404 -16.34 -44.64 -83.76
CA SER HC 404 -16.94 -45.94 -83.68
C SER HC 404 -18.10 -46.05 -84.63
N MET HC 405 -18.42 -44.95 -85.34
CA MET HC 405 -19.45 -44.95 -86.36
C MET HC 405 -19.18 -45.98 -87.44
N VAL HC 406 -17.90 -46.13 -87.78
CA VAL HC 406 -17.42 -47.22 -88.59
C VAL HC 406 -17.97 -48.54 -88.10
N HIS HC 407 -17.68 -48.89 -86.86
CA HIS HC 407 -18.22 -50.12 -86.34
C HIS HC 407 -19.72 -50.04 -86.06
N GLU HC 408 -20.28 -48.84 -86.06
CA GLU HC 408 -21.74 -48.74 -86.04
C GLU HC 408 -22.32 -49.24 -87.36
N LEU HC 409 -21.71 -48.88 -88.49
CA LEU HC 409 -22.31 -49.17 -89.78
C LEU HC 409 -21.52 -50.13 -90.65
N ASN HC 410 -20.34 -50.58 -90.21
CA ASN HC 410 -19.63 -51.59 -90.98
C ASN HC 410 -20.38 -52.90 -91.02
N ARG HC 411 -21.29 -53.12 -90.10
CA ARG HC 411 -22.16 -54.28 -90.16
C ARG HC 411 -23.42 -54.00 -90.96
N TYR HC 412 -23.44 -53.46 -92.23
CA TYR HC 412 -24.51 -53.39 -93.20
C TYR HC 412 -24.01 -53.27 -94.63
N ILE HC 413 -23.06 -52.38 -94.86
CA ILE HC 413 -22.73 -51.97 -96.22
C ILE HC 413 -22.19 -53.09 -97.12
N PRO HC 414 -21.28 -53.97 -96.66
CA PRO HC 414 -20.88 -55.07 -97.57
C PRO HC 414 -22.01 -56.01 -97.94
N THR HC 415 -22.82 -56.41 -96.96
CA THR HC 415 -23.95 -57.27 -97.29
C THR HC 415 -24.95 -56.52 -98.15
N ALA HC 416 -25.19 -55.25 -97.84
CA ALA HC 416 -26.05 -54.45 -98.71
C ALA HC 416 -25.31 -53.98 -99.94
N ALA HC 417 -24.03 -54.30 -100.05
CA ALA HC 417 -23.47 -54.43 -101.38
C ALA HC 417 -23.86 -55.76 -101.98
N ALA HC 418 -23.50 -56.84 -101.29
CA ALA HC 418 -23.41 -58.16 -101.90
C ALA HC 418 -24.78 -58.70 -102.23
N PHE HC 419 -25.65 -58.80 -101.23
CA PHE HC 419 -27.05 -59.04 -101.48
C PHE HC 419 -27.64 -58.01 -102.43
N GLY HC 420 -27.20 -56.76 -102.28
CA GLY HC 420 -27.61 -55.72 -103.20
C GLY HC 420 -27.08 -55.93 -104.59
N GLY HC 421 -25.94 -56.59 -104.71
CA GLY HC 421 -25.59 -57.13 -105.99
C GLY HC 421 -26.52 -58.27 -106.37
N LEU HC 422 -26.61 -59.26 -105.48
CA LEU HC 422 -27.07 -60.60 -105.83
C LEU HC 422 -28.49 -60.60 -106.29
N CYS HC 423 -29.39 -60.09 -105.46
CA CYS HC 423 -30.78 -60.06 -105.83
C CYS HC 423 -31.12 -58.89 -106.72
N ILE HC 424 -30.16 -58.42 -107.52
CA ILE HC 424 -30.53 -57.79 -108.77
C ILE HC 424 -30.41 -58.78 -109.90
N GLY HC 425 -29.29 -59.51 -109.94
CA GLY HC 425 -29.02 -60.39 -111.06
C GLY HC 425 -30.01 -61.53 -111.15
N ALA HC 426 -30.30 -62.16 -110.00
CA ALA HC 426 -31.39 -63.13 -109.94
C ALA HC 426 -32.70 -62.49 -110.30
N LEU HC 427 -32.88 -61.23 -109.94
CA LEU HC 427 -34.02 -60.45 -110.40
C LEU HC 427 -34.04 -60.34 -111.91
N SER HC 428 -32.88 -60.12 -112.52
CA SER HC 428 -32.83 -60.14 -113.98
C SER HC 428 -32.98 -61.53 -114.54
N VAL HC 429 -32.72 -62.56 -113.72
CA VAL HC 429 -33.14 -63.91 -114.06
C VAL HC 429 -34.64 -63.94 -114.25
N LEU HC 430 -35.38 -63.34 -113.32
CA LEU HC 430 -36.81 -63.22 -113.50
C LEU HC 430 -37.19 -62.23 -114.59
N ALA HC 431 -36.24 -61.52 -115.16
CA ALA HC 431 -36.52 -60.72 -116.31
C ALA HC 431 -36.38 -61.50 -117.61
N ASP HC 432 -35.62 -62.60 -117.53
CA ASP HC 432 -35.39 -63.51 -118.65
C ASP HC 432 -36.21 -64.80 -118.58
N PHE HC 433 -36.36 -65.34 -117.37
CA PHE HC 433 -37.06 -66.61 -117.18
C PHE HC 433 -38.50 -66.47 -117.63
N LEU HC 434 -39.03 -65.28 -117.43
CA LEU HC 434 -40.35 -64.94 -117.91
C LEU HC 434 -40.11 -63.78 -118.85
N GLY HC 435 -40.65 -63.85 -120.06
CA GLY HC 435 -40.46 -62.79 -121.03
C GLY HC 435 -41.46 -61.65 -120.93
N ALA HC 436 -41.80 -60.26 -119.22
CA ALA HC 436 -42.63 -59.06 -119.01
C ALA HC 436 -41.80 -57.79 -119.20
N ILE HC 437 -40.60 -57.99 -119.74
CA ILE HC 437 -39.63 -56.94 -119.94
C ILE HC 437 -39.53 -56.54 -121.40
N GLY HC 438 -39.61 -55.25 -121.68
CA GLY HC 438 -39.49 -54.82 -123.05
C GLY HC 438 -38.10 -55.17 -123.55
N SER HC 439 -37.37 -56.54 -121.63
CA SER HC 439 -36.07 -56.72 -122.26
C SER HC 439 -35.02 -57.39 -121.39
N GLY HC 440 -35.33 -57.57 -120.12
CA GLY HC 440 -34.40 -58.19 -119.19
C GLY HC 440 -33.37 -57.30 -118.53
N THR HC 441 -32.52 -57.95 -117.74
CA THR HC 441 -31.43 -57.29 -117.02
C THR HC 441 -31.36 -55.83 -117.36
N GLY HC 442 -31.20 -55.52 -118.65
CA GLY HC 442 -30.96 -54.16 -119.06
C GLY HC 442 -32.12 -53.25 -118.76
N ILE HC 443 -33.34 -53.78 -118.80
CA ILE HC 443 -34.49 -52.92 -118.54
C ILE HC 443 -34.64 -52.65 -117.06
N LEU HC 444 -34.43 -53.69 -116.23
CA LEU HC 444 -34.28 -53.53 -114.79
C LEU HC 444 -33.32 -52.42 -114.44
N LEU HC 445 -32.23 -52.37 -115.17
CA LEU HC 445 -31.18 -51.48 -114.76
C LEU HC 445 -31.24 -50.11 -115.39
N ALA HC 446 -31.85 -49.99 -116.55
CA ALA HC 446 -32.08 -48.65 -117.07
C ALA HC 446 -33.24 -47.99 -116.35
N VAL HC 447 -34.21 -48.76 -115.86
CA VAL HC 447 -35.17 -48.06 -115.04
C VAL HC 447 -34.58 -47.76 -113.68
N THR HC 448 -33.58 -48.53 -113.24
CA THR HC 448 -32.84 -48.16 -112.04
C THR HC 448 -32.09 -46.85 -112.22
N ILE HC 449 -31.54 -46.66 -113.41
CA ILE HC 449 -31.02 -45.35 -113.83
C ILE HC 449 -32.08 -44.28 -113.64
N ILE HC 450 -33.29 -44.53 -114.16
CA ILE HC 450 -34.38 -43.56 -114.02
C ILE HC 450 -34.69 -43.29 -112.54
N TYR HC 451 -34.61 -44.31 -111.71
CA TYR HC 451 -35.03 -44.14 -110.33
C TYR HC 451 -34.03 -43.29 -109.55
N GLN HC 452 -32.75 -43.52 -109.79
CA GLN HC 452 -31.73 -42.65 -109.25
C GLN HC 452 -31.91 -41.26 -109.91
N TYR HC 453 -32.30 -41.26 -111.17
CA TYR HC 453 -32.45 -40.03 -111.96
C TYR HC 453 -33.49 -39.10 -111.35
N PHE HC 454 -34.58 -39.69 -110.86
CA PHE HC 454 -35.63 -38.93 -110.20
C PHE HC 454 -35.05 -38.27 -108.96
N GLU HC 455 -34.20 -38.98 -108.20
CA GLU HC 455 -33.61 -38.40 -107.02
C GLU HC 455 -32.76 -37.21 -107.43
N ILE HC 456 -31.97 -37.38 -108.49
CA ILE HC 456 -31.12 -36.28 -108.91
C ILE HC 456 -31.94 -35.06 -109.30
N PHE HC 457 -33.01 -35.26 -110.05
CA PHE HC 457 -33.80 -34.09 -110.43
C PHE HC 457 -34.49 -33.42 -109.25
N VAL HC 458 -34.99 -34.24 -108.34
CA VAL HC 458 -35.71 -33.77 -107.17
C VAL HC 458 -34.78 -32.96 -106.31
N LYS HC 459 -33.54 -33.41 -106.23
CA LYS HC 459 -32.55 -32.73 -105.39
C LYS HC 459 -32.65 -31.21 -105.49
N GLU HC 460 -32.66 -30.67 -106.68
CA GLU HC 460 -32.74 -29.23 -106.81
C GLU HC 460 -34.17 -28.70 -106.71
N GLN HC 461 -35.15 -29.60 -106.57
CA GLN HC 461 -36.55 -29.30 -106.26
C GLN HC 461 -37.18 -28.35 -107.29
N PHE IC 1 -14.79 -74.66 -94.46
CA PHE IC 1 -14.96 -74.15 -95.82
C PHE IC 1 -16.44 -73.95 -96.14
N VAL IC 2 -17.28 -74.47 -95.26
CA VAL IC 2 -18.72 -74.43 -95.44
C VAL IC 2 -19.37 -73.26 -94.71
N GLU IC 3 -18.80 -72.78 -93.61
CA GLU IC 3 -19.41 -71.81 -92.73
C GLU IC 3 -19.57 -70.36 -93.21
N PRO IC 4 -18.71 -69.80 -94.08
CA PRO IC 4 -19.06 -68.48 -94.63
C PRO IC 4 -20.34 -68.45 -95.43
N SER IC 5 -20.77 -69.58 -95.97
CA SER IC 5 -22.11 -69.66 -96.53
C SER IC 5 -23.17 -69.42 -95.47
N ARG IC 6 -23.01 -70.07 -94.31
CA ARG IC 6 -23.91 -69.85 -93.19
C ARG IC 6 -23.88 -68.40 -92.73
N GLN IC 7 -22.68 -67.82 -92.75
CA GLN IC 7 -22.51 -66.44 -92.34
C GLN IC 7 -23.27 -65.50 -93.26
N PHE IC 8 -23.14 -65.68 -94.57
CA PHE IC 8 -23.83 -64.74 -95.42
C PHE IC 8 -25.33 -64.99 -95.45
N VAL IC 9 -25.76 -66.25 -95.33
CA VAL IC 9 -27.19 -66.47 -95.38
C VAL IC 9 -27.86 -65.99 -94.11
N LYS IC 10 -27.16 -66.00 -92.97
CA LYS IC 10 -27.75 -65.43 -91.79
C LYS IC 10 -27.58 -63.93 -91.81
N ASP IC 11 -26.56 -63.47 -92.52
CA ASP IC 11 -26.24 -62.07 -92.59
C ASP IC 11 -27.27 -61.34 -93.42
N SER IC 12 -27.82 -62.00 -94.43
CA SER IC 12 -28.90 -61.43 -95.21
C SER IC 12 -30.14 -61.22 -94.37
N ILE IC 13 -30.51 -62.26 -93.62
CA ILE IC 13 -31.76 -62.25 -92.88
C ILE IC 13 -31.66 -61.30 -91.70
N ARG IC 14 -30.44 -60.90 -91.33
CA ARG IC 14 -30.31 -59.74 -90.48
C ARG IC 14 -30.86 -58.50 -91.16
N LEU IC 15 -30.23 -58.03 -92.22
CA LEU IC 15 -30.54 -56.70 -92.71
C LEU IC 15 -31.83 -56.63 -93.51
N VAL IC 16 -32.50 -57.76 -93.74
CA VAL IC 16 -33.81 -57.61 -94.35
C VAL IC 16 -34.78 -56.97 -93.37
N LYS IC 17 -34.67 -57.27 -92.09
CA LYS IC 17 -35.65 -56.76 -91.15
C LYS IC 17 -35.34 -55.35 -90.71
N ARG IC 18 -34.08 -54.95 -90.80
CA ARG IC 18 -33.69 -53.62 -90.37
C ARG IC 18 -34.16 -52.57 -91.36
N CYS IC 19 -34.44 -52.96 -92.59
CA CYS IC 19 -34.93 -52.01 -93.56
C CYS IC 19 -36.36 -51.63 -93.26
N THR IC 20 -36.77 -50.51 -93.85
CA THR IC 20 -38.13 -50.00 -93.71
C THR IC 20 -39.11 -50.84 -94.52
N LYS IC 21 -38.94 -50.83 -95.85
CA LYS IC 21 -39.79 -51.59 -96.77
C LYS IC 21 -41.28 -51.37 -96.49
N PRO IC 22 -41.75 -50.16 -96.75
CA PRO IC 22 -43.15 -49.77 -96.51
C PRO IC 22 -44.16 -50.25 -97.55
N ASP IC 23 -45.30 -49.56 -97.58
CA ASP IC 23 -46.40 -49.87 -98.49
C ASP IC 23 -46.25 -49.26 -99.88
N ARG IC 24 -47.36 -48.84 -100.47
CA ARG IC 24 -47.36 -48.26 -101.80
C ARG IC 24 -47.79 -46.80 -101.80
N LYS IC 25 -46.81 -45.90 -101.88
CA LYS IC 25 -47.04 -44.47 -101.91
C LYS IC 25 -45.75 -43.83 -102.38
N GLU IC 26 -44.66 -44.24 -101.74
CA GLU IC 26 -43.39 -44.43 -102.41
C GLU IC 26 -43.58 -45.20 -103.71
N PHE IC 27 -43.91 -46.49 -103.61
CA PHE IC 27 -44.11 -47.30 -104.80
C PHE IC 27 -44.97 -46.58 -105.82
N GLN IC 28 -46.06 -45.97 -105.35
CA GLN IC 28 -46.95 -45.22 -106.22
C GLN IC 28 -46.23 -44.05 -106.87
N LYS IC 29 -45.45 -43.32 -106.08
CA LYS IC 29 -44.79 -42.11 -106.58
C LYS IC 29 -43.75 -42.44 -107.62
N ILE IC 30 -42.80 -43.31 -107.27
CA ILE IC 30 -41.77 -43.62 -108.26
C ILE IC 30 -42.35 -44.41 -109.42
N ALA IC 31 -43.43 -45.17 -109.17
CA ALA IC 31 -44.09 -45.95 -110.21
C ALA IC 31 -44.62 -45.05 -111.32
N MET IC 32 -45.63 -44.23 -110.99
CA MET IC 32 -46.25 -43.41 -112.02
C MET IC 32 -45.30 -42.32 -112.51
N ALA IC 33 -44.59 -41.66 -111.59
CA ALA IC 33 -43.69 -40.59 -111.97
C ALA IC 33 -42.54 -41.09 -112.83
N THR IC 34 -42.12 -42.34 -112.66
CA THR IC 34 -40.97 -42.72 -113.44
C THR IC 34 -41.34 -43.51 -114.68
N ALA IC 35 -42.56 -44.03 -114.78
CA ALA IC 35 -43.04 -44.38 -116.10
C ALA IC 35 -43.24 -43.13 -116.95
N ILE IC 36 -43.68 -42.04 -116.32
CA ILE IC 36 -43.75 -40.75 -117.02
C ILE IC 36 -42.36 -40.31 -117.45
N GLY IC 37 -41.39 -40.43 -116.56
CA GLY IC 37 -40.02 -40.12 -116.93
C GLY IC 37 -39.48 -41.02 -118.02
N PHE IC 38 -39.92 -42.27 -118.05
CA PHE IC 38 -39.57 -43.17 -119.13
C PHE IC 38 -40.08 -42.66 -120.46
N ALA IC 39 -41.37 -42.34 -120.51
CA ALA IC 39 -41.96 -41.92 -121.77
C ALA IC 39 -41.49 -40.54 -122.18
N ILE IC 40 -40.92 -39.77 -121.25
CA ILE IC 40 -40.16 -38.59 -121.64
C ILE IC 40 -38.99 -38.99 -122.52
N MET IC 41 -38.29 -40.04 -122.16
CA MET IC 41 -37.25 -40.54 -123.05
C MET IC 41 -37.82 -41.41 -124.15
N GLY IC 42 -39.12 -41.68 -124.12
CA GLY IC 42 -39.68 -42.75 -124.92
C GLY IC 42 -40.15 -42.39 -126.31
N PHE IC 43 -40.95 -41.31 -126.44
CA PHE IC 43 -41.56 -40.99 -127.72
C PHE IC 43 -40.54 -40.56 -128.76
N ILE IC 44 -39.35 -40.16 -128.31
CA ILE IC 44 -38.16 -39.96 -129.10
C ILE IC 44 -37.92 -41.06 -130.13
N GLY IC 45 -38.21 -42.32 -129.77
CA GLY IC 45 -38.20 -43.38 -130.75
C GLY IC 45 -39.30 -43.25 -131.79
N PHE IC 46 -40.46 -42.74 -131.39
CA PHE IC 46 -41.48 -42.50 -132.42
C PHE IC 46 -41.11 -41.32 -133.29
N PHE IC 47 -40.18 -40.50 -132.86
CA PHE IC 47 -39.81 -39.42 -133.75
C PHE IC 47 -38.60 -39.75 -134.60
N VAL IC 48 -37.75 -40.68 -134.17
CA VAL IC 48 -36.85 -41.25 -135.17
C VAL IC 48 -37.61 -42.20 -136.10
N LYS IC 49 -38.74 -42.74 -135.65
CA LYS IC 49 -39.68 -43.41 -136.55
C LYS IC 49 -40.19 -42.45 -137.61
N LEU IC 50 -40.74 -41.31 -137.17
CA LEU IC 50 -41.35 -40.37 -138.11
C LEU IC 50 -40.31 -39.71 -139.01
N ILE IC 51 -39.04 -39.74 -138.66
CA ILE IC 51 -38.06 -39.02 -139.44
C ILE IC 51 -37.13 -39.95 -140.22
N HIS IC 52 -36.40 -40.83 -139.55
CA HIS IC 52 -35.13 -41.27 -140.11
C HIS IC 52 -35.27 -42.45 -141.07
N ILE IC 53 -36.43 -43.10 -141.12
CA ILE IC 53 -36.73 -43.99 -142.23
C ILE IC 53 -37.23 -43.25 -143.48
N PRO IC 54 -38.13 -42.25 -143.41
CA PRO IC 54 -38.41 -41.50 -144.65
C PRO IC 54 -37.24 -40.69 -145.17
N ILE IC 55 -36.35 -40.19 -144.32
CA ILE IC 55 -35.21 -39.52 -144.90
C ILE IC 55 -34.18 -40.55 -145.36
N ASN IC 56 -34.28 -41.79 -144.89
CA ASN IC 56 -33.48 -42.85 -145.50
C ASN IC 56 -34.02 -43.22 -146.87
N ASN IC 57 -35.33 -43.05 -147.08
CA ASN IC 57 -35.87 -43.12 -148.42
C ASN IC 57 -35.30 -41.99 -149.29
N ILE IC 58 -35.16 -40.81 -148.72
CA ILE IC 58 -34.50 -39.70 -149.42
C ILE IC 58 -33.05 -40.05 -149.73
N ILE IC 59 -32.41 -40.76 -148.79
CA ILE IC 59 -31.02 -41.15 -148.93
C ILE IC 59 -30.83 -42.14 -150.06
N VAL IC 60 -31.58 -43.24 -150.04
CA VAL IC 60 -31.33 -44.31 -151.01
C VAL IC 60 -31.90 -43.93 -152.37
N GLY IC 61 -33.01 -43.18 -152.40
CA GLY IC 61 -33.64 -42.85 -153.67
C GLY IC 61 -32.83 -41.87 -154.49
N GLY IC 62 -31.99 -41.06 -153.84
CA GLY IC 62 -31.18 -40.10 -154.54
C GLY IC 62 -29.69 -40.31 -154.36
N VAL JC 1 -16.26 -27.30 -120.00
CA VAL JC 1 -16.84 -26.45 -121.02
C VAL JC 1 -16.95 -25.07 -120.42
N GLY JC 2 -15.84 -24.33 -120.46
CA GLY JC 2 -15.89 -22.95 -120.03
C GLY JC 2 -16.84 -22.29 -121.02
N PRO JC 3 -16.75 -22.71 -122.29
CA PRO JC 3 -17.45 -22.37 -123.53
C PRO JC 3 -18.41 -23.48 -123.97
N VAL JC 4 -19.41 -23.07 -124.75
CA VAL JC 4 -20.42 -23.97 -125.28
C VAL JC 4 -20.21 -24.45 -126.74
N PRO JC 5 -19.13 -23.99 -127.41
CA PRO JC 5 -18.81 -24.44 -128.77
C PRO JC 5 -18.59 -25.93 -128.94
N VAL JC 6 -18.11 -26.62 -127.91
CA VAL JC 6 -17.90 -28.06 -128.01
C VAL JC 6 -19.25 -28.66 -128.34
N LEU JC 7 -20.31 -28.17 -127.71
CA LEU JC 7 -21.63 -28.66 -128.05
C LEU JC 7 -21.99 -28.27 -129.48
N VAL JC 8 -21.74 -27.01 -129.78
CA VAL JC 8 -22.01 -26.44 -131.07
C VAL JC 8 -21.16 -27.21 -132.05
N MET JC 9 -19.97 -27.59 -131.62
CA MET JC 9 -19.09 -28.38 -132.47
C MET JC 9 -19.75 -29.71 -132.82
N SER JC 10 -20.37 -30.35 -131.83
CA SER JC 10 -21.06 -31.61 -132.03
C SER JC 10 -22.23 -31.42 -133.00
N LEU JC 11 -22.94 -30.31 -132.85
CA LEU JC 11 -24.07 -29.99 -133.73
C LEU JC 11 -23.58 -29.82 -135.16
N LEU JC 12 -22.43 -29.17 -135.32
CA LEU JC 12 -21.81 -28.96 -136.62
C LEU JC 12 -21.49 -30.32 -137.22
N PHE JC 13 -20.95 -31.22 -136.41
CA PHE JC 13 -20.61 -32.54 -136.89
C PHE JC 13 -21.87 -33.27 -137.35
N ILE JC 14 -22.96 -33.18 -136.59
CA ILE JC 14 -24.18 -33.87 -137.03
C ILE JC 14 -24.71 -33.27 -138.34
N ALA JC 15 -24.61 -31.94 -138.47
CA ALA JC 15 -25.05 -31.27 -139.68
C ALA JC 15 -24.23 -31.74 -140.86
N SER JC 16 -22.93 -31.88 -140.65
CA SER JC 16 -22.03 -32.33 -141.68
C SER JC 16 -22.50 -33.71 -142.05
N VAL JC 17 -22.89 -34.50 -141.05
CA VAL JC 17 -23.39 -35.83 -141.40
C VAL JC 17 -24.77 -35.72 -142.06
N PHE JC 18 -25.65 -34.94 -141.44
CA PHE JC 18 -27.01 -34.68 -141.86
C PHE JC 18 -27.09 -34.20 -143.30
N MET JC 19 -26.35 -33.13 -143.60
CA MET JC 19 -26.39 -32.53 -144.92
C MET JC 19 -25.62 -33.37 -145.92
N LEU JC 20 -24.45 -33.89 -145.51
CA LEU JC 20 -23.58 -34.62 -146.42
C LEU JC 20 -24.15 -35.99 -146.72
N HIS JC 21 -25.11 -36.41 -145.89
CA HIS JC 21 -25.79 -37.67 -146.14
C HIS JC 21 -26.69 -37.56 -147.34
N ILE JC 22 -27.53 -36.53 -147.37
CA ILE JC 22 -28.43 -36.34 -148.50
C ILE JC 22 -27.75 -35.61 -149.65
N TRP JC 23 -26.56 -35.03 -149.41
CA TRP JC 23 -25.91 -34.24 -150.45
C TRP JC 23 -25.43 -35.11 -151.60
N GLY JC 24 -24.84 -36.25 -151.29
CA GLY JC 24 -24.53 -37.20 -152.34
C GLY JC 24 -25.78 -37.87 -152.87
N LYS JC 25 -26.82 -37.95 -152.04
CA LYS JC 25 -28.06 -38.58 -152.47
C LYS JC 25 -28.87 -37.65 -153.35
N TYR JC 26 -28.45 -36.39 -153.44
CA TYR JC 26 -29.05 -35.44 -154.38
C TYR JC 26 -28.98 -35.94 -155.81
N THR JC 27 -27.79 -36.37 -156.25
CA THR JC 27 -27.63 -36.78 -157.64
C THR JC 27 -28.25 -38.15 -157.89
N ARG JC 28 -28.50 -38.91 -156.83
CA ARG JC 28 -29.14 -40.20 -156.97
C ARG JC 28 -30.64 -40.10 -156.73
N SER JC 29 -31.34 -41.20 -157.02
CA SER JC 29 -32.76 -41.31 -156.72
C SER JC 29 -33.15 -42.77 -156.64
ZN ZN KC . -0.91 -27.62 50.61
MG MG LC . -45.39 2.30 -54.42
MG MG MC . -42.64 13.86 -24.19
MG MG NC . -44.58 9.85 -21.05
MG MG OC . -50.07 1.50 -15.99
MG MG PC . -61.58 2.27 -21.86
MG MG QC . -55.35 -11.43 -32.35
MG MG RC . -60.86 -27.01 -37.79
MG MG SC . -77.75 -19.02 -34.64
MG MG TC . -78.86 -19.95 -29.39
MG MG UC . -75.87 17.91 -28.23
MG MG VC . -84.49 -2.34 -25.52
MG MG WC . -91.70 -1.17 -40.91
MG MG XC . -94.64 -32.94 -26.81
MG MG YC . -93.12 -38.02 -20.21
MG MG ZC . -73.59 -5.77 -87.95
MG MG AD . -66.18 2.18 -84.27
MG MG BD . -60.19 2.06 -84.60
MG MG CD . -74.77 -15.20 -11.55
MG MG DD . -54.21 -7.93 -1.98
MG MG ED . -59.71 -1.19 -16.49
MG MG FD . -58.41 -2.36 -20.64
MG MG GD . -81.37 3.80 -3.46
MG MG HD . -84.20 -19.31 -21.12
MG MG ID . -53.77 12.98 -59.39
MG MG JD . -42.60 -1.60 -60.01
MG MG KD . -48.66 3.88 -84.82
MG MG LD . -38.85 7.26 -88.88
MG MG MD . -38.37 4.47 -85.71
MG MG ND . -34.18 3.99 -80.84
MG MG OD . -19.80 18.20 -79.14
MG MG PD . -9.47 24.47 -82.94
MG MG QD . -41.17 46.67 -50.38
MG MG RD . -39.93 35.67 -46.83
MG MG SD . -1.36 -13.61 -54.54
MG MG TD . 9.27 -17.00 -58.61
MG MG UD . 13.64 -27.49 -50.58
MG MG VD . -4.84 -39.17 -55.93
MG MG WD . -11.74 -33.14 -68.15
MG MG XD . -8.85 -12.90 -69.59
MG MG YD . -32.17 -48.57 -35.90
MG MG ZD . -19.41 -50.72 -38.45
MG MG AE . 7.23 -79.45 -14.80
MG MG BE . -15.02 -44.26 -56.75
MG MG CE . -4.39 -20.45 -57.28
MG MG DE . -17.38 -22.53 -53.33
MG MG EE . -14.66 -12.57 -47.53
MG MG FE . 32.46 -3.80 -36.55
MG MG GE . 16.17 -10.75 -28.66
MG MG HE . 21.55 -21.16 -11.98
MG MG IE . 12.79 -8.60 0.25
MG MG JE . 1.62 -19.98 -13.16
MG MG KE . -7.07 -11.29 -28.18
MG MG LE . -23.28 -9.54 16.55
MG MG ME . -13.70 -16.57 5.18
MG MG NE . -14.02 -2.12 3.00
MG MG OE . 3.99 -3.17 14.04
MG MG PE . 15.13 -1.00 -0.70
MG MG QE . -7.30 -13.11 12.14
MG MG RE . 4.53 4.74 -59.86
MG MG SE . -11.04 30.71 -40.50
MG MG TE . -35.34 20.54 -19.20
MG MG UE . -27.25 21.63 -14.83
MG MG VE . -40.00 8.28 -21.43
MG MG WE . -34.08 2.18 -16.77
MG MG XE . -33.87 -3.34 -10.23
MG MG YE . -26.68 -9.53 -7.58
MG MG ZE . -36.25 -0.51 0.47
MG MG AF . -40.54 1.13 -20.48
MG MG BF . -31.50 56.97 -3.89
MG MG CF . -33.14 58.13 -13.01
MG MG DF . -48.50 48.96 20.86
MG MG EF . -57.51 63.81 26.92
MG MG FF . -51.79 58.79 26.20
MG MG GF . -68.21 48.89 11.24
MG MG HF . -13.11 -1.12 -14.49
MG MG IF . -14.75 -6.01 -15.71
MG MG JF . -13.41 -10.70 -13.32
MG MG KF . -6.14 -0.08 -18.19
MG MG LF . -24.07 20.42 -37.90
MG MG MF . -17.84 29.19 -27.89
MG MG NF . -21.77 30.42 -32.33
MG MG OF . -3.30 27.22 -24.80
MG MG PF . 28.46 56.95 2.09
MG MG QF . -20.55 35.70 -23.87
MG MG RF . -4.16 17.35 -40.11
MG MG SF . -9.47 14.44 -40.27
MG MG TF . 43.36 42.40 -18.62
MG MG UF . 21.42 8.81 -24.37
MG MG VF . 22.38 4.25 -21.79
MG MG WF . 21.71 1.84 -15.51
MG MG XF . 0.37 8.08 -37.39
MG MG YF . 3.20 20.18 -30.72
MG MG ZF . 19.30 26.90 -29.79
MG MG AG . 21.10 44.41 -28.84
MG MG BG . 2.34 16.00 -39.84
MG MG CG . 7.77 -0.22 -35.90
MG MG DG . 2.29 2.51 -22.36
MG MG EG . -4.85 -5.99 3.45
MG MG FG . 2.77 -4.86 -37.14
MG MG GG . 1.72 -0.88 -48.05
MG MG HG . 36.96 49.64 -46.22
MG MG IG . 36.71 55.87 -44.27
MG MG JG . 31.22 60.22 -35.90
MG MG KG . 35.99 -36.05 -58.75
MG MG LG . -6.21 55.92 -91.56
MG MG MG . -25.59 58.59 -38.64
MG MG NG . -30.01 25.25 -32.82
MG MG OG . -34.37 29.30 -29.11
MG MG PG . -35.81 25.23 -41.13
MG MG QG . -87.70 0.17 -2.71
MG MG RG . -36.89 1.64 -75.67
MG MG SG . -36.62 1.11 -66.86
MG MG TG . -40.10 -0.72 -65.11
MG MG UG . -38.88 4.33 -73.48
MG MG VG . -38.61 16.47 -60.70
MG MG WG . -18.32 16.08 -48.34
MG MG XG . -9.05 26.71 -48.13
MG MG YG . 1.16 16.69 -46.26
MG MG ZG . 1.63 0.81 -64.30
MG MG AH . -31.29 35.23 -36.42
MG MG BH . -58.03 30.16 -32.57
MG MG CH . -6.00 -3.69 6.91
MG MG DH . -22.68 14.76 -32.82
MG MG EH . -4.56 -36.51 -53.70
MG MG FH . 4.89 -18.92 -65.26
MG MG GH . -39.48 0.21 -66.00
MG MG HH . -45.58 3.40 -84.06
MG MG IH . -31.27 -4.74 -23.04
MG MG JH . -35.26 21.97 -24.55
MG MG KH . -32.89 34.63 -22.53
MG MG LH . -20.37 63.20 -4.34
MG MG MH . 5.17 41.46 -13.06
MG MG NH . 23.99 37.76 -56.88
MG MG OH . -42.05 27.75 -31.83
MG MG PH . -51.77 18.48 -38.69
MG MG QH . -70.11 32.34 -40.23
MG MG RH . -43.44 11.03 -39.44
MG MG SH . -38.50 5.27 -36.73
MG MG TH . -23.03 31.41 -45.94
MG MG UH . -1.69 -11.52 -27.80
MG MG VH . -14.74 6.58 -14.64
MG MG WH . -22.46 9.86 -32.55
MG MG XH . -41.38 49.31 -45.20
MG MG YH . -32.45 16.58 -58.29
MG MG ZH . -19.34 73.01 -59.82
MG MG AI . -37.84 56.44 -52.16
MG MG BI . -65.46 -53.11 -38.18
MG MG CI . -25.92 23.25 -40.53
MG MG DI . 0.49 11.41 -61.39
MG MG EI . -27.46 50.80 -42.72
MG MG FI . -35.84 48.16 -38.93
MG MG GI . -54.99 -23.92 -36.56
MG MG HI . -72.27 3.22 -62.69
MG MG II . -78.97 -6.91 -75.18
MG MG JI . -75.89 -7.19 -84.81
MG MG KI . -71.15 7.89 -91.86
MG MG LI . -66.87 10.70 -95.19
MG MG MI . 19.38 -47.77 -18.29
MG MG NI . -12.34 -23.00 -20.81
MG MG OI . -16.76 -27.73 -16.50
MG MG PI . -21.67 -29.23 -32.07
MG MG QI . -27.46 -84.88 -21.45
MG MG RI . -60.35 -11.40 -19.67
MG MG SI . -55.94 -8.60 -17.10
MG MG TI . -90.71 -17.78 -21.43
MG MG UI . -87.36 -21.28 -16.95
MG MG VI . -68.34 -23.41 -45.06
MG MG WI . -84.39 2.56 -27.61
MG MG XI . -54.89 17.02 -9.71
MG MG YI . -21.41 42.61 -21.86
MG MG ZI . -15.15 20.09 -38.70
MG MG AJ . -43.96 22.36 -10.95
MG MG BJ . -8.02 51.76 -41.59
MG MG CJ . -8.13 58.44 -52.33
MG MG DJ . -11.01 45.07 -61.68
MG MG EJ . -10.74 37.40 -58.95
MG MG FJ . -38.79 64.51 -59.82
MG MG GJ . -26.61 61.08 -61.17
MG MG HJ . -34.07 -22.38 -17.06
MG MG IJ . 1.27 -66.37 -50.02
MG MG JJ . 3.36 -68.94 -68.29
MG MG KJ . -20.71 -63.54 -59.08
MG MG LJ . -23.18 -48.92 -38.68
MG MG MJ . -31.57 -46.00 -40.07
MG MG NJ . -42.80 -35.84 -25.01
MG MG OJ . -35.86 -7.71 -4.08
MG MG PJ . 36.90 -6.95 -35.94
MG MG QJ . 36.53 -11.04 -47.98
MG MG RJ . -0.05 -0.57 -71.00
MG MG SJ . 8.55 -28.97 -22.63
MG MG TJ . 5.63 -33.24 -20.34
MG MG UJ . 39.81 -5.75 -50.23
MG MG VJ . 38.11 -2.98 -53.72
MG MG WJ . 41.81 0.69 -53.20
MG MG XJ . 59.68 44.59 -13.51
MG MG YJ . -41.18 5.49 -69.53
MG MG ZJ . -27.87 25.48 -76.29
MG MG AK . -15.86 48.95 -10.74
MG MG BK . -48.45 29.09 -32.24
MG MG CK . -50.52 47.35 -42.27
MG MG DK . -47.19 30.12 -40.45
MG MG EK . -57.74 109.92 33.24
MG MG FK . -54.44 87.03 19.43
MG MG GK . -51.68 74.40 48.65
MG MG HK . -39.97 91.79 37.49
MG MG IK . -44.11 89.02 37.31
MG MG JK . -27.26 87.18 16.59
MG MG KK . -22.75 61.72 -34.98
MG MG LK . -62.67 -35.96 -77.16
MG MG MK . -40.79 -32.91 -69.34
MG MG NK . -66.08 -33.66 -80.50
MG MG OK . -50.33 15.05 -72.16
MG MG PK . 43.67 -0.22 -58.40
MG MG QK . 38.75 -9.54 56.14
MG MG RK . 43.52 -31.12 41.72
MG MG SK . 54.07 -18.31 39.91
MG MG TK . 73.59 -9.39 22.85
MG MG UK . 70.20 -13.22 -0.39
MG MG VK . 79.73 -16.35 -3.97
MG MG WK . 80.27 -29.48 1.42
MG MG XK . 76.56 -29.07 8.90
MG MG YK . 56.86 -25.61 6.67
MG MG ZK . 57.97 -43.78 34.02
MG MG AL . 86.68 -18.28 9.53
MG MG BL . 73.50 -28.79 -4.36
MG MG CL . 72.35 -24.92 -9.86
MG MG DL . 87.19 0.40 44.14
MG MG EL . 59.00 -6.70 51.25
MG MG FL . 55.77 -26.89 35.71
MG MG GL . 57.36 -33.19 42.66
MG MG HL . 45.21 -42.80 44.07
MG MG IL . 28.97 -29.93 41.55
MG MG JL . 26.45 -25.59 43.64
MG MG KL . 37.51 -23.34 33.70
MG MG LL . 24.16 -42.29 37.36
MG MG ML . 21.89 -34.12 30.63
MG MG NL . 28.14 -57.15 30.04
MG MG OL . 45.88 -67.57 34.56
MG MG PL . -9.61 -48.42 43.59
MG MG QL . 12.70 -39.96 38.59
MG MG RL . 28.80 -44.20 22.42
MG MG SL . 5.77 -38.05 26.19
MG MG TL . 1.57 -35.27 24.43
MG MG UL . -2.68 -33.89 17.05
MG MG VL . -6.05 -17.24 36.24
MG MG WL . 80.67 -23.38 -3.41
MG MG XL . 70.78 -29.18 14.94
MG MG YL . 61.34 -24.51 8.98
MG MG ZL . 64.06 -19.73 11.27
MG MG AM . 70.12 -12.23 7.79
MG MG BM . 32.51 -17.04 50.69
MG MG CM . 46.12 32.73 58.20
MG MG DM . 99.71 -22.64 6.72
MG MG EM . 98.51 -6.84 36.94
MG MG FM . 97.96 -5.62 33.08
MG MG GM . 60.87 -8.93 58.82
MG MG HM . 61.88 5.71 52.29
MG MG IM . 23.84 -36.41 37.95
MG MG JM . 26.72 -8.51 94.04
MG MG KM . 20.79 -4.40 94.16
MG MG LM . 79.15 -41.97 22.46
MG MG MM . 1.85 -5.05 83.36
MG MG NM . 5.18 5.41 72.59
MG MG OM . -5.42 2.87 75.06
MG MG PM . -1.35 23.74 71.00
MG MG QM . 16.27 26.39 81.94
MG MG RM . 17.26 38.75 81.73
MG MG SM . 27.04 40.82 76.35
MG MG TM . 40.09 26.93 77.92
MG MG UM . 32.72 10.19 70.81
MG MG VM . 30.99 11.20 66.48
MG MG WM . 18.90 31.60 73.20
MG MG XM . -12.52 37.72 84.25
MG MG YM . -15.39 39.46 78.39
MG MG ZM . 19.47 -24.64 52.86
MG MG AN . 11.41 -10.42 46.76
MG MG BN . 9.19 -16.23 46.85
MG MG CN . 5.84 -10.66 46.68
MG MG DN . 3.33 -18.33 52.18
MG MG EN . 56.97 -1.59 49.92
MG MG FN . 104.41 -23.95 1.04
MG MG GN . 1.25 24.73 65.57
MG MG HN . 31.89 44.05 75.93
MG MG IN . -6.63 -7.68 35.82
MG MG JN . -1.21 -13.57 31.03
MG MG KN . -11.70 -23.91 35.61
MG MG LN . -3.03 -20.02 38.64
MG MG MN . 13.54 -20.58 49.22
MG MG NN . 15.44 -21.78 53.34
MG MG ON . 41.34 -5.59 45.46
MG MG PN . -6.37 33.46 103.18
MG MG QN . -3.44 15.06 -69.39
MG MG RN . -7.43 -8.39 -54.29
MG MG SN . 22.00 11.30 -29.57
MG MG TN . -47.81 21.07 -35.01
MG MG UN . -27.01 37.63 -42.52
ZN ZN VN . -12.43 -73.77 -13.82
MG MG WN . -13.85 -81.25 -29.12
ZN ZN XN . -42.08 -28.76 -43.31
MG MG YN . -26.36 -30.37 -34.41
ZN ZN ZN . 26.05 59.38 -23.30
ZN ZN AO . -74.89 31.44 21.59
ZN ZN BO . -4.89 -67.18 -2.60
MG MG CO . -24.95 23.71 83.68
#